data_7AJI
#
_entry.id   7AJI
#
_cell.length_a   1.00
_cell.length_b   1.00
_cell.length_c   1.00
_cell.angle_alpha   90.00
_cell.angle_beta   90.00
_cell.angle_gamma   90.00
#
_symmetry.space_group_name_H-M   'P 1'
#
loop_
_entity.id
_entity.type
_entity.pdbx_description
1 polymer 'ATP synthase protein 8'
2 polymer 'ATP synthase subunit alpha, mitochondrial'
3 polymer 'ATP synthase subunit beta, mitochondrial'
4 polymer 'ATP synthase subunit gamma, mitochondrial'
5 polymer 'ATP synthase subunit delta, mitochondrial'
6 polymer 'ATP synthase subunit epsilon, mitochondrial'
7 polymer 'ATPase inhibitor, mitochondrial'
8 polymer 'ATP synthase F(0) complex subunit C2, mitochondrial'
9 polymer 'ATP synthase subunit O, mitochondrial'
10 polymer 'ATP synthase subunit a'
11 polymer 'ATP synthase F(0) complex subunit B1, mitochondrial'
12 polymer 'ATP synthase subunit d, mitochondrial'
13 polymer 'ATP synthase subunit e, mitochondrial'
14 polymer 'ATP synthase subunit f, mitochondrial'
15 polymer 'ATP synthase subunit g, mitochondrial'
16 polymer 'ATP synthase-coupling factor 6, mitochondrial'
17 polymer 'ATP synthase subunit ATP5MPL, mitochondrial'
18 polymer 'ATP synthase membrane subunit DAPIT, mitochondrial'
19 non-polymer CARDIOLIPIN
20 non-polymer 1,2-DIPALMITOYL-PHOSPHATIDYL-GLYCEROLE
21 water water
#
loop_
_entity_poly.entity_id
_entity_poly.type
_entity_poly.pdbx_seq_one_letter_code
_entity_poly.pdbx_strand_id
1 'polypeptide(L)' MPQLDTSTWLTMILSMFLTLFIIFQLKVSKHNFYHNPELTPTKMLKQNTPWETKWTKIYLPLLLPL 8,A8
2 'polypeptide(L)'
;EKTGTAEVSSILEERILGADTSVDLEETGRVLSIGDGIARVHGLRNVQAEEMVEFSSGLKGMSLNLEPDNVGVVVFGNDK
LIKEGDIVKRTGAIVDVPVGEELLGRVVDALGNAIDGKGPIGSKARRRVGLKAPGIIPRISVREPMQTGIKAVDSLVPIG
RGQRELIIGDRQTGKTSIAIDTIINQKRFNDGTDEKKKLYCIYVAIGQKRSTVAQLVKRLTDADAMKYTIVVSATASDAA
PLQYLAPYSGCSMGEYFRDNGKHALIIYDDLSKQAVAYRQMSLLLRRPPGREAYPGDVFYLHSRLLERAAKMNDAFGGGS
LTALPVIETQAGDVSAYIPTNVISITDGQIFLETELFYKGIRPAINVGLSVSRVGSAAQTRAMKQVAGTMKLELAQYREV
AAFAQFGSDLDAATQQLLSRGVRLTELLKQGQYSPMAIEEQVAVIYAGVRGYLDKLEPSKITKFENAFLSHVISQHQALL
GKIRTDGKISEESDAKLKEIVTNFLAGFEA
;
A,B,C,AA,AB,AC
3 'polypeptide(L)'
;AAQASPSPKAGATTGRIVAVIGAVVDVQFDEGLPPILNALEVQGRETRLVLEVAQHLGESTVRTIAMDGTEGLVRGQKVL
DSGAPIRIPVGPETLGRIMNVIGEPIDERGPIKTKQFAAIHAEAPEFVEMSVEQEILVTGIKVVDLLAPYAKGGKIGLFG
GAGVGKTVLIMELINNVAKAHGGYSVFAGVGERTREGNDLYHEMIESGVINLKDATSKVALVYGQMNEPPGARARVALTG
LTVAEYFRDQEGQDVLLFIDNIFRFTQAGSEVSALLGRIPSAVGYQPTLATDMGTMQERITTTKKGSITSVQAIYVPADD
LTDPAPATTFAHLDATTVLSRAIAELGIYPAVDPLDSTSRIMDPNIVGSEHYDVARGVQKILQDYKSLQDIIAILGMDEL
SEEDKLTVSRARKIQRFLSQPFQVAEVFTGHLGKLVPLKETIKGFQQILAGEYDHLPEQAFYMVGPIEEAVAKADKLAEE
HS
;
D,E,F,AD,AE,AF
4 'polypeptide(L)'
;ATLKDITRRLKSIKNIQKITKSMKMVAAAKYARAERELKPARVYGVGSLALYEKADIKTPEDKKKHLIIGVSSDRGLCGA
IHSSVAKQMKSEAANLAAAGKEVKIIGVGDKIRSILHRTHSDQFLVTFKEVGRRPPTFGDASVIALELLNSGYEFDEGSI
IFNRFRSVISYKTEEKPIFSLDTISSAESMSIYDDIDADVLRNYQEYSLANIIYYSLKESTTSEQSARMTAMDNASKNAS
EMIDKLTLTFNRTRQAVITKELIEIISGAAALD
;
G,AG
5 'polypeptide(L)'
;AEAAAAQAPAAGPGQMSFTFASPTQVFFNSANVRQVDVPTQTGAFGILAAHVPTLQVLRPGLVVVHAEDGTTSKYFVSSG
SVTVNADSSVQLLAEEAVTLDMLDLGAAKANLEKAQSELLGAADEATRAEIQIRIEANEALVKALE
;
H,AH
6 'polypeptide(L)' VAYWRQAGLSYIRYSQICAKAVRDALKTEFKANAMKTSGSTIKIVKVKKE I,AI
7 'polypeptide(L)' GSESGDNVRSSAGAVRDAGGAFGKREQAEEERYFRARAKEQLAALKKHHENEISHHAKEIHHHHHH J,AJ
8 'polypeptide(L)' DIDTAAKFIGAGAATVGVAGSGAGIGTVFGSLIIGYARNPSL(M3L)QQLFSYAILGFALSEAMGLFCLMVAFLILFAM K,L,M,N,O,P,Q,R,AK,AL,AM,AN,AO,AP,AQ,AR
9 'polypeptide(L)'
;FAKLVRPPVQIYGIEGRYATALYSAASKQNKLEQVEKELLRVGQILKEPKMAASLLNPYVKRSVKVKSLSDMTAKEKFSP
LTSNLINLLAENGRLTNTPAVISAFSTMMSVHRGEVPCTVTTASALDEATLTELKTVLKSFLSKGQVLKLEVKIDPSIMG
GMIVRIGEKYVDMSAKTKIQKLSRAMREIL
;
S,AS
10 'polypeptide(L)'
;MNENLFTSFITPVILGLPLVTLIVLFPSLLFPTSNRLVSNRFVTLQQWMLQLVSKQMMSIHNSKGQTWTLMLMSLILFIG
STNLLGLLPHSFTPTTQLSMNLGMAIPLWAGAVITGFRNKTKASLAHFLPQGTPTPLIPMLVIIETISLFIQPMALAVRL
TANITAGHLLIHLIGGATLALMSISTTTALITFTILILLTILEFAVAMIQAYVFTLLVSLYLHDNT
;
a,Aa
11 'polypeptide(L)'
;PVPPLPEHGGKVRFGLIPEEFFQFLYPKTGVTGPYVLGTGLILYLLSKEIYVITPETFSAISTIGFLVYIVKKYGASVGE
FADKLNEQKIAQLEEVKQASIKQIQDAIDMEKSQQALVQKRHYLFDVQRNNIAMALEVTYRERLHRVYREVKNRLDYHIS
VQNMMRQKEQEHMINWVEKRVVQSISAQQEKETIAKCIADLKLLSKKAQAQPVM
;
b,Ab
12 'polypeptide(L)'
;AGRKLALKTIDWVAFGEIIPRNQKAVANSLKSWNETLTSRLATLPEKPPAIDWAYYKANVAKAGLVDDFEKKFNALKVPI
PEDKYTAQVDAEEKEDVKSCAEFLTQSKTRIQEYEKELEKMRNIIPFDQMTIEDLNEVFPETKLDKKKYPYWPHRPIETL
;
d,Ad
13 'polypeptide(L)' VPPVQVSPLIKLGRYSALFLGMAYGAKRYNYLKPRAEEERRLAAEEKKKRDEQKRIERELAEAQEDTILK e,Ae
14 'polypeptide(L)'
;ASVVPLKEKKLLEVKLGELPSWILMRDFTPSGIAGAFQRGYYRYYNKYVNVKKGSIAGLSMVLAAYVFLNYCRSYKELKH
ERLRKYH
;
f,Af
15 'polypeptide(L)'
;AEFVRNLAEKAPALVNAAVTYSKPRLATFWYYAKVELVPPTPAEIPTAIQSLKKIINSAKTGSFKQLTVKEALLNGLVAT
EVWMWFYVGEIIGKRGIIGYDV
;
g,Ag
16 'polypeptide(L)' NKELDPVQKLFVDKIREYRTKRQTSGGPVDAGPEYQQDLDRELFKLKQMYGKADMNTFPNFTFEDPKFEVVEKPQS h,Ah
17 'polypeptide(L)' MLQSLIKKVWIPMKPYYTQAYQEIWVGTGLMAYIVYKIRSADKRSKALKASSAAPAHGHH j,Aj
18 'polypeptide(L)' AGPEADAQFHFTGIKKYFNSYTLTGRMNCVLATYGSIALIVLYFKLRSKKTPAVKAT k,Ak
#
loop_
_chem_comp.id
_chem_comp.type
_chem_comp.name
_chem_comp.formula
CDL non-polymer CARDIOLIPIN 'C81 H156 O17 P2 -2'
LHG non-polymer 1,2-DIPALMITOYL-PHOSPHATIDYL-GLYCEROLE 'C38 H75 O10 P'
#
# COMPACT_ATOMS: atom_id res chain seq x y z
N MET A 1 -55.60 5.33 45.52
CA MET A 1 -54.47 6.30 45.51
C MET A 1 -53.73 6.25 44.18
N PRO A 2 -53.77 7.37 43.43
CA PRO A 2 -53.14 7.36 42.11
C PRO A 2 -51.76 6.72 42.11
N GLN A 3 -51.03 6.85 43.21
CA GLN A 3 -49.71 6.26 43.32
C GLN A 3 -49.76 4.75 43.51
N LEU A 4 -50.94 4.16 43.67
CA LEU A 4 -51.05 2.75 44.01
C LEU A 4 -51.77 1.91 42.98
N ASP A 5 -52.20 2.49 41.85
CA ASP A 5 -52.77 1.70 40.76
C ASP A 5 -51.63 0.96 40.07
N THR A 6 -51.19 -0.13 40.70
CA THR A 6 -50.01 -0.84 40.22
C THR A 6 -50.11 -1.19 38.74
N SER A 7 -51.31 -1.16 38.17
CA SER A 7 -51.46 -1.45 36.75
C SER A 7 -50.48 -0.65 35.92
N THR A 8 -50.31 0.63 36.25
CA THR A 8 -49.46 1.51 35.47
C THR A 8 -47.98 1.31 35.75
N TRP A 9 -47.63 0.72 36.90
CA TRP A 9 -46.28 0.85 37.39
C TRP A 9 -45.25 0.50 36.32
N LEU A 10 -45.42 -0.66 35.68
CA LEU A 10 -44.44 -1.15 34.67
C LEU A 10 -44.07 -0.04 33.70
N THR A 11 -45.04 0.63 33.08
CA THR A 11 -44.77 1.67 32.04
C THR A 11 -43.98 2.81 32.67
N MET A 12 -44.33 3.23 33.90
CA MET A 12 -43.64 4.34 34.60
C MET A 12 -42.19 3.92 34.84
N ILE A 13 -41.96 2.68 35.27
CA ILE A 13 -40.57 2.16 35.56
C ILE A 13 -39.77 2.15 34.26
N LEU A 14 -40.34 1.66 33.16
CA LEU A 14 -39.61 1.55 31.87
C LEU A 14 -39.26 2.95 31.37
N SER A 15 -40.18 3.91 31.47
CA SER A 15 -39.96 5.30 30.99
C SER A 15 -38.84 5.95 31.82
N MET A 16 -38.87 5.79 33.14
CA MET A 16 -37.85 6.40 34.05
C MET A 16 -36.49 5.77 33.74
N PHE A 17 -36.42 4.44 33.59
CA PHE A 17 -35.14 3.72 33.34
C PHE A 17 -34.56 4.16 32.00
N LEU A 18 -35.38 4.28 30.95
CA LEU A 18 -34.88 4.66 29.61
C LEU A 18 -34.29 6.06 29.67
N THR A 19 -34.99 7.01 30.30
CA THR A 19 -34.52 8.41 30.42
C THR A 19 -33.23 8.45 31.25
N LEU A 20 -33.20 7.77 32.40
CA LEU A 20 -32.03 7.81 33.31
C LEU A 20 -30.80 7.14 32.68
N PHE A 21 -30.95 6.00 32.00
CA PHE A 21 -29.80 5.22 31.47
C PHE A 21 -29.59 5.45 29.96
N ILE A 22 -30.59 5.24 29.13
CA ILE A 22 -30.42 5.35 27.66
C ILE A 22 -30.20 6.81 27.25
N ILE A 23 -30.90 7.78 27.85
CA ILE A 23 -30.88 9.19 27.36
C ILE A 23 -29.97 10.16 28.13
N PHE A 24 -30.00 10.21 29.47
CA PHE A 24 -29.25 11.24 30.25
C PHE A 24 -27.75 10.89 30.31
N GLN A 25 -27.38 9.62 30.33
CA GLN A 25 -26.00 9.16 30.30
C GLN A 25 -25.29 9.72 29.08
N LEU A 26 -25.89 9.53 27.91
CA LEU A 26 -25.31 10.08 26.69
C LEU A 26 -25.15 11.59 26.83
N LYS A 27 -26.26 12.29 27.01
CA LYS A 27 -26.23 13.74 26.90
C LYS A 27 -25.24 14.37 27.86
N VAL A 28 -24.93 13.69 28.96
CA VAL A 28 -23.90 14.22 29.84
C VAL A 28 -22.52 13.78 29.39
N SER A 29 -22.40 12.55 28.87
CA SER A 29 -21.10 12.10 28.40
C SER A 29 -20.55 12.96 27.28
N LYS A 30 -21.42 13.71 26.60
CA LYS A 30 -21.01 14.51 25.46
C LYS A 30 -20.60 15.92 25.86
N HIS A 31 -20.12 16.11 27.09
CA HIS A 31 -19.52 17.37 27.49
C HIS A 31 -18.01 17.17 27.63
N ASN A 32 -17.27 18.29 27.55
CA ASN A 32 -15.85 18.23 27.26
C ASN A 32 -14.96 18.12 28.49
N PHE A 33 -15.00 19.12 29.38
CA PHE A 33 -14.02 19.27 30.45
C PHE A 33 -12.62 18.87 29.99
N TYR A 34 -12.16 19.50 28.92
CA TYR A 34 -10.81 19.24 28.44
C TYR A 34 -9.79 19.70 29.46
N HIS A 35 -8.68 18.98 29.55
CA HIS A 35 -7.57 19.45 30.36
C HIS A 35 -7.19 20.85 29.91
N ASN A 36 -7.17 21.78 30.84
CA ASN A 36 -6.74 23.12 30.51
C ASN A 36 -5.29 23.05 30.04
N PRO A 37 -4.94 23.68 28.93
CA PRO A 37 -3.62 23.43 28.34
C PRO A 37 -2.49 23.80 29.28
N GLU A 38 -1.42 23.01 29.22
CA GLU A 38 -0.27 23.23 30.09
C GLU A 38 0.48 24.49 29.65
N LEU A 39 1.59 24.75 30.35
CA LEU A 39 2.39 25.94 30.12
C LEU A 39 3.87 25.65 29.90
N THR A 40 4.37 24.52 30.40
CA THR A 40 5.80 24.22 30.31
C THR A 40 6.17 23.82 28.88
N PRO A 41 7.47 23.91 28.54
CA PRO A 41 7.91 23.47 27.21
C PRO A 41 7.55 22.02 26.92
N VAL B 8 103.25 51.78 23.85
CA VAL B 8 103.36 52.25 25.23
C VAL B 8 104.54 53.19 25.35
N SER B 9 105.74 52.60 25.29
CA SER B 9 106.97 53.38 25.34
C SER B 9 106.85 54.66 24.51
N SER B 10 106.55 54.50 23.23
CA SER B 10 106.38 55.67 22.36
C SER B 10 105.37 56.64 22.96
N ILE B 11 104.35 56.12 23.62
CA ILE B 11 103.39 57.00 24.28
C ILE B 11 104.01 57.67 25.49
N LEU B 12 104.82 56.92 26.25
CA LEU B 12 105.50 57.51 27.39
C LEU B 12 106.34 58.71 26.98
N GLU B 13 106.87 58.69 25.75
CA GLU B 13 107.67 59.84 25.32
C GLU B 13 106.87 61.13 25.41
N GLU B 14 105.69 61.19 24.79
CA GLU B 14 104.93 62.43 24.82
C GLU B 14 104.26 62.63 26.18
N ARG B 15 104.04 61.54 26.92
CA ARG B 15 103.58 61.70 28.30
C ARG B 15 104.59 62.50 29.10
N ILE B 16 105.88 62.24 28.90
CA ILE B 16 106.92 63.04 29.54
C ILE B 16 106.94 64.44 28.95
N LEU B 17 106.92 64.55 27.62
CA LEU B 17 107.01 65.86 26.97
C LEU B 17 105.83 66.74 27.38
N GLY B 18 104.63 66.18 27.41
CA GLY B 18 103.45 66.97 27.72
C GLY B 18 103.36 67.34 29.18
N ALA B 19 104.32 68.13 29.65
CA ALA B 19 104.38 68.58 31.03
C ALA B 19 104.54 70.09 31.08
N ASP B 20 104.71 70.63 32.29
CA ASP B 20 104.93 72.05 32.52
C ASP B 20 106.07 72.17 33.52
N THR B 21 107.29 72.28 33.00
CA THR B 21 108.48 72.31 33.85
C THR B 21 108.74 73.70 34.44
N SER B 22 108.05 74.73 33.97
CA SER B 22 108.38 76.09 34.39
C SER B 22 108.17 76.27 35.88
N VAL B 23 108.91 77.21 36.45
CA VAL B 23 108.82 77.54 37.86
C VAL B 23 108.31 78.96 37.99
N ASP B 24 108.11 79.43 39.23
CA ASP B 24 107.57 80.76 39.43
C ASP B 24 107.98 81.29 40.80
N LEU B 25 107.90 82.61 40.94
CA LEU B 25 108.11 83.27 42.22
C LEU B 25 106.76 83.34 42.92
N GLU B 26 106.58 82.49 43.93
CA GLU B 26 105.31 82.33 44.60
C GLU B 26 105.47 82.64 46.08
N GLU B 27 104.37 83.08 46.70
CA GLU B 27 104.39 83.31 48.13
C GLU B 27 104.46 81.98 48.87
N THR B 28 104.58 82.05 50.18
CA THR B 28 104.82 80.82 50.93
C THR B 28 104.72 81.09 52.42
N GLY B 29 104.22 80.09 53.15
CA GLY B 29 104.28 80.11 54.59
C GLY B 29 104.54 78.70 55.08
N ARG B 30 105.08 78.60 56.29
CA ARG B 30 105.54 77.33 56.83
C ARG B 30 104.57 76.85 57.90
N VAL B 31 104.32 75.55 57.93
CA VAL B 31 103.39 75.00 58.90
C VAL B 31 103.95 75.16 60.30
N LEU B 32 103.15 75.71 61.21
CA LEU B 32 103.51 75.71 62.62
C LEU B 32 103.07 74.42 63.30
N SER B 33 101.88 73.95 62.97
CA SER B 33 101.25 72.87 63.69
C SER B 33 100.44 72.03 62.71
N ILE B 34 100.03 70.86 63.15
CA ILE B 34 99.20 69.98 62.35
C ILE B 34 98.62 68.94 63.29
N GLY B 35 97.44 68.43 62.97
CA GLY B 35 96.82 67.41 63.79
C GLY B 35 95.32 67.45 63.67
N ASP B 36 94.70 66.29 63.57
CA ASP B 36 93.26 66.17 63.37
C ASP B 36 92.84 66.66 61.99
N GLY B 37 93.79 66.94 61.10
CA GLY B 37 93.47 67.39 59.77
C GLY B 37 93.41 68.89 59.61
N ILE B 38 94.11 69.66 60.45
CA ILE B 38 94.01 71.11 60.46
C ILE B 38 95.42 71.67 60.60
N ALA B 39 95.97 72.19 59.51
CA ALA B 39 97.26 72.84 59.58
C ALA B 39 97.10 74.28 60.05
N ARG B 40 98.08 74.76 60.79
CA ARG B 40 98.11 76.16 61.22
C ARG B 40 99.33 76.80 60.55
N VAL B 41 99.14 77.22 59.30
CA VAL B 41 100.26 77.78 58.56
C VAL B 41 100.61 79.15 59.14
N HIS B 42 101.89 79.48 59.10
CA HIS B 42 102.37 80.78 59.53
C HIS B 42 103.04 81.46 58.36
N GLY B 43 102.63 82.69 58.07
CA GLY B 43 103.04 83.37 56.87
C GLY B 43 101.85 83.56 55.97
N LEU B 44 102.05 83.44 54.66
CA LEU B 44 100.96 83.61 53.71
C LEU B 44 100.25 84.92 53.96
N ARG B 45 101.03 85.99 54.07
CA ARG B 45 100.46 87.27 54.48
C ARG B 45 99.41 87.77 53.51
N ASN B 46 99.44 87.33 52.26
CA ASN B 46 98.53 87.82 51.23
C ASN B 46 97.64 86.70 50.71
N VAL B 47 97.10 85.88 51.61
CA VAL B 47 96.27 84.75 51.24
C VAL B 47 94.81 85.13 51.44
N GLN B 48 94.02 84.98 50.39
CA GLN B 48 92.60 85.29 50.46
C GLN B 48 91.87 84.25 51.28
N ALA B 49 90.88 84.70 52.04
CA ALA B 49 90.04 83.77 52.77
C ALA B 49 89.38 82.79 51.80
N GLU B 50 89.31 81.53 52.20
CA GLU B 50 88.74 80.49 51.36
C GLU B 50 89.48 80.40 50.03
N GLU B 51 90.76 80.04 50.12
CA GLU B 51 91.67 79.94 48.98
C GLU B 51 92.38 78.61 49.03
N MET B 52 92.84 78.15 47.87
CA MET B 52 93.50 76.85 47.75
C MET B 52 95.00 77.01 47.85
N VAL B 53 95.58 76.52 48.94
CA VAL B 53 97.03 76.47 49.09
C VAL B 53 97.46 75.04 48.85
N GLU B 54 98.74 74.84 48.56
CA GLU B 54 99.29 73.52 48.31
C GLU B 54 100.45 73.26 49.26
N PHE B 55 100.43 72.11 49.92
CA PHE B 55 101.54 71.75 50.78
C PHE B 55 102.68 71.17 49.94
N SER B 56 103.86 71.12 50.54
CA SER B 56 105.02 70.65 49.80
C SER B 56 104.85 69.20 49.37
N SER B 57 104.31 68.36 50.25
CA SER B 57 104.19 66.94 49.94
C SER B 57 103.36 66.72 48.69
N GLY B 58 102.27 67.48 48.53
CA GLY B 58 101.44 67.36 47.34
C GLY B 58 99.97 67.53 47.61
N LEU B 59 99.57 67.56 48.89
CA LEU B 59 98.18 67.72 49.23
C LEU B 59 97.69 69.10 48.84
N LYS B 60 96.41 69.35 49.06
CA LYS B 60 95.80 70.66 48.94
C LYS B 60 95.34 71.12 50.31
N GLY B 61 94.86 72.35 50.37
CA GLY B 61 94.23 72.85 51.57
C GLY B 61 93.46 74.10 51.22
N MET B 62 92.49 74.42 52.07
CA MET B 62 91.60 75.54 51.80
C MET B 62 91.73 76.50 52.98
N SER B 63 92.42 77.61 52.78
CA SER B 63 92.83 78.44 53.90
C SER B 63 91.60 79.10 54.49
N LEU B 64 90.98 78.42 55.45
CA LEU B 64 89.63 78.74 55.86
C LEU B 64 89.55 79.77 56.97
N ASN B 65 90.53 79.84 57.86
CA ASN B 65 90.40 80.64 59.08
C ASN B 65 91.59 81.60 59.19
N LEU B 66 91.48 82.79 58.62
CA LEU B 66 92.56 83.76 58.64
C LEU B 66 92.60 84.43 60.01
N GLU B 67 93.39 83.90 60.90
CA GLU B 67 93.60 84.53 62.18
C GLU B 67 94.71 85.56 62.08
N PRO B 68 94.80 86.49 63.04
CA PRO B 68 95.74 87.61 62.87
C PRO B 68 97.18 87.17 62.69
N ASP B 69 97.60 86.09 63.35
CA ASP B 69 99.00 85.68 63.31
C ASP B 69 99.26 84.45 62.45
N ASN B 70 98.28 83.58 62.30
CA ASN B 70 98.43 82.37 61.50
C ASN B 70 97.15 82.17 60.71
N VAL B 71 97.23 81.32 59.69
CA VAL B 71 96.09 80.99 58.85
C VAL B 71 95.78 79.52 59.06
N GLY B 72 94.57 79.23 59.53
CA GLY B 72 94.12 77.87 59.71
C GLY B 72 93.64 77.27 58.41
N VAL B 73 94.43 76.34 57.88
CA VAL B 73 94.18 75.64 56.64
C VAL B 73 93.63 74.27 56.97
N VAL B 74 92.74 73.75 56.14
CA VAL B 74 92.14 72.44 56.33
C VAL B 74 92.64 71.55 55.20
N VAL B 75 93.30 70.45 55.55
CA VAL B 75 93.94 69.62 54.54
C VAL B 75 92.89 68.81 53.79
N PHE B 76 93.11 68.62 52.50
CA PHE B 76 92.24 67.78 51.67
C PHE B 76 92.77 66.36 51.62
N GLY B 77 93.00 65.77 52.78
CA GLY B 77 93.45 64.40 52.85
C GLY B 77 94.12 64.14 54.17
N ASN B 78 94.58 62.90 54.33
CA ASN B 78 95.32 62.55 55.53
C ASN B 78 96.53 63.45 55.67
N ASP B 79 96.71 64.00 56.85
CA ASP B 79 97.86 64.85 57.13
C ASP B 79 99.09 64.04 57.54
N LYS B 80 99.00 62.71 57.50
CA LYS B 80 100.18 61.88 57.70
C LYS B 80 101.36 62.38 56.88
N LEU B 81 101.09 62.99 55.72
CA LEU B 81 102.13 63.47 54.84
C LEU B 81 102.66 64.84 55.23
N ILE B 82 102.03 65.51 56.19
CA ILE B 82 102.40 66.87 56.57
C ILE B 82 103.12 66.82 57.91
N LYS B 83 104.07 67.73 58.07
CA LYS B 83 104.84 67.84 59.31
C LYS B 83 105.03 69.30 59.66
N GLU B 84 105.11 69.57 60.96
CA GLU B 84 105.48 70.90 61.43
C GLU B 84 106.78 71.31 60.80
N GLY B 85 106.75 72.34 59.96
CA GLY B 85 107.90 72.80 59.22
C GLY B 85 107.72 72.77 57.71
N ASP B 86 106.79 71.98 57.20
CA ASP B 86 106.59 71.91 55.77
C ASP B 86 106.27 73.30 55.21
N ILE B 87 106.31 73.39 53.88
CA ILE B 87 106.11 74.63 53.16
C ILE B 87 104.74 74.60 52.51
N VAL B 88 103.97 75.67 52.69
CA VAL B 88 102.67 75.82 52.08
C VAL B 88 102.75 76.98 51.10
N LYS B 89 102.54 76.70 49.83
CA LYS B 89 102.61 77.71 48.78
C LYS B 89 101.21 78.02 48.29
N ARG B 90 100.84 79.30 48.29
CA ARG B 90 99.51 79.67 47.88
C ARG B 90 99.40 79.68 46.36
N THR B 91 98.18 79.44 45.88
CA THR B 91 97.89 79.48 44.45
C THR B 91 97.14 80.71 44.01
N GLY B 92 96.48 81.41 44.92
CA GLY B 92 95.80 82.65 44.59
C GLY B 92 94.43 82.50 44.00
N ALA B 93 93.97 81.27 43.77
CA ALA B 93 92.70 81.02 43.11
C ALA B 93 91.73 80.37 44.08
N ILE B 94 90.57 81.00 44.27
CA ILE B 94 89.54 80.39 45.07
C ILE B 94 89.22 79.02 44.50
N VAL B 95 88.65 78.17 45.35
CA VAL B 95 88.33 76.81 44.92
C VAL B 95 87.43 76.88 43.69
N ASP B 96 87.80 76.13 42.65
CA ASP B 96 86.99 76.04 41.45
C ASP B 96 87.05 74.61 40.92
N VAL B 97 86.11 74.30 40.03
CA VAL B 97 85.94 72.94 39.54
C VAL B 97 85.66 72.98 38.04
N PRO B 98 85.98 71.90 37.33
CA PRO B 98 85.63 71.83 35.92
C PRO B 98 84.13 71.70 35.74
N VAL B 99 83.67 72.12 34.56
CA VAL B 99 82.26 72.03 34.21
C VAL B 99 82.16 71.73 32.72
N GLY B 100 80.94 71.62 32.24
CA GLY B 100 80.69 71.39 30.83
C GLY B 100 79.86 70.14 30.63
N GLU B 101 79.71 69.77 29.38
CA GLU B 101 79.05 68.53 29.03
C GLU B 101 80.03 67.38 28.86
N GLU B 102 81.32 67.62 29.14
CA GLU B 102 82.29 66.53 29.13
C GLU B 102 82.13 65.63 30.34
N LEU B 103 81.54 66.15 31.42
CA LEU B 103 81.40 65.37 32.64
C LEU B 103 80.32 64.32 32.54
N LEU B 104 79.29 64.57 31.73
CA LEU B 104 78.17 63.64 31.64
C LEU B 104 78.67 62.23 31.36
N GLY B 105 78.23 61.28 32.18
CA GLY B 105 78.67 59.91 32.05
C GLY B 105 79.90 59.56 32.84
N ARG B 106 80.56 60.53 33.46
CA ARG B 106 81.75 60.30 34.26
C ARG B 106 81.39 60.20 35.72
N VAL B 107 82.38 59.85 36.54
CA VAL B 107 82.28 59.93 37.98
C VAL B 107 83.44 60.77 38.46
N VAL B 108 83.15 61.89 39.11
CA VAL B 108 84.16 62.82 39.56
C VAL B 108 84.09 62.89 41.07
N ASP B 109 85.20 63.25 41.69
CA ASP B 109 85.23 63.43 43.13
C ASP B 109 84.91 64.90 43.44
N ALA B 110 85.11 65.30 44.69
CA ALA B 110 84.64 66.62 45.10
C ALA B 110 85.29 67.74 44.29
N LEU B 111 86.51 67.52 43.79
CA LEU B 111 87.25 68.56 43.10
C LEU B 111 87.23 68.37 41.58
N GLY B 112 86.30 67.58 41.07
CA GLY B 112 86.24 67.35 39.64
C GLY B 112 87.43 66.61 39.07
N ASN B 113 87.86 65.55 39.74
CA ASN B 113 88.92 64.67 39.24
C ASN B 113 88.32 63.30 39.01
N ALA B 114 88.37 62.83 37.76
CA ALA B 114 87.78 61.55 37.44
C ALA B 114 88.34 60.46 38.33
N ILE B 115 87.49 59.88 39.18
CA ILE B 115 87.84 58.72 39.96
C ILE B 115 87.30 57.44 39.31
N ASP B 116 87.00 57.51 38.02
CA ASP B 116 86.41 56.40 37.29
C ASP B 116 87.43 55.63 36.47
N GLY B 117 88.70 55.97 36.56
CA GLY B 117 89.63 55.50 35.55
C GLY B 117 89.19 56.09 34.23
N LYS B 118 88.86 55.21 33.27
CA LYS B 118 88.09 55.62 32.11
C LYS B 118 88.58 56.91 31.48
N GLY B 119 89.88 57.20 31.59
CA GLY B 119 90.45 58.38 30.99
C GLY B 119 90.25 59.62 31.84
N PRO B 120 90.80 60.74 31.40
CA PRO B 120 90.62 62.00 32.13
C PRO B 120 89.45 62.81 31.62
N ILE B 121 89.08 63.82 32.41
CA ILE B 121 88.02 64.74 32.03
C ILE B 121 88.57 65.73 31.02
N GLY B 122 87.85 65.92 29.92
CA GLY B 122 88.30 66.82 28.88
C GLY B 122 87.60 68.17 28.92
N SER B 123 87.31 68.66 30.12
CA SER B 123 86.60 69.92 30.25
C SER B 123 87.49 71.08 29.83
N LYS B 124 86.86 72.12 29.28
CA LYS B 124 87.56 73.32 28.84
C LYS B 124 87.44 74.45 29.84
N ALA B 125 86.23 74.75 30.29
CA ALA B 125 85.95 75.91 31.13
C ALA B 125 85.71 75.47 32.56
N ARG B 126 86.38 76.11 33.51
CA ARG B 126 86.19 75.88 34.92
C ARG B 126 85.19 76.90 35.48
N ARG B 127 84.91 76.78 36.77
CA ARG B 127 83.94 77.67 37.39
C ARG B 127 84.11 77.62 38.89
N ARG B 128 83.89 78.75 39.55
CA ARG B 128 84.08 78.82 41.00
C ARG B 128 83.08 77.91 41.70
N VAL B 129 83.19 77.81 43.03
CA VAL B 129 82.21 77.07 43.82
C VAL B 129 81.47 77.94 44.81
N GLY B 130 81.91 79.18 45.01
CA GLY B 130 81.28 80.06 45.98
C GLY B 130 80.59 81.24 45.31
N LEU B 131 79.93 80.98 44.18
CA LEU B 131 79.18 82.03 43.52
C LEU B 131 77.90 82.32 44.27
N LYS B 132 77.28 83.45 43.93
CA LYS B 132 76.03 83.82 44.55
C LYS B 132 74.87 83.31 43.71
N ALA B 133 73.74 83.07 44.37
CA ALA B 133 72.55 82.64 43.67
C ALA B 133 72.00 83.78 42.83
N PRO B 134 71.25 83.47 41.77
CA PRO B 134 70.63 84.53 40.98
C PRO B 134 69.67 85.34 41.82
N GLY B 135 69.59 86.63 41.52
CA GLY B 135 68.83 87.53 42.35
C GLY B 135 67.33 87.31 42.32
N ILE B 136 66.57 88.36 42.58
CA ILE B 136 65.12 88.26 42.59
C ILE B 136 64.52 88.52 41.21
N ILE B 137 65.19 89.28 40.36
CA ILE B 137 64.68 89.61 39.04
C ILE B 137 64.94 88.47 38.06
N PRO B 138 66.13 87.87 38.03
CA PRO B 138 66.36 86.79 37.07
C PRO B 138 65.33 85.68 37.13
N ARG B 139 64.89 85.29 38.31
CA ARG B 139 63.99 84.15 38.42
C ARG B 139 62.61 84.49 37.81
N ILE B 140 61.92 83.44 37.39
CA ILE B 140 60.53 83.54 36.99
C ILE B 140 59.79 82.38 37.63
N SER B 141 58.49 82.56 37.86
CA SER B 141 57.73 81.61 38.65
C SER B 141 57.92 80.20 38.11
N VAL B 142 57.72 79.22 39.00
CA VAL B 142 57.89 77.81 38.66
C VAL B 142 56.65 77.34 37.93
N ARG B 143 56.82 76.88 36.70
CA ARG B 143 55.69 76.54 35.85
C ARG B 143 55.76 75.16 35.24
N GLU B 144 56.95 74.70 34.82
CA GLU B 144 57.02 73.40 34.17
C GLU B 144 57.10 72.28 35.21
N PRO B 145 56.62 71.09 34.87
CA PRO B 145 56.73 69.97 35.79
C PRO B 145 57.98 69.13 35.53
N MET B 146 58.45 68.50 36.58
CA MET B 146 59.55 67.55 36.52
C MET B 146 58.96 66.18 36.81
N GLN B 147 58.62 65.45 35.74
CA GLN B 147 58.04 64.13 35.92
C GLN B 147 59.05 63.23 36.63
N THR B 148 58.77 62.87 37.87
CA THR B 148 59.63 61.95 38.59
C THR B 148 59.34 60.50 38.26
N GLY B 149 58.23 60.20 37.61
CA GLY B 149 57.89 58.84 37.28
C GLY B 149 57.31 58.04 38.41
N ILE B 150 57.14 58.63 39.59
CA ILE B 150 56.57 57.95 40.74
C ILE B 150 55.16 58.50 40.92
N LYS B 151 54.18 57.60 41.01
CA LYS B 151 52.79 58.03 41.06
C LYS B 151 52.54 58.98 42.20
N ALA B 152 52.94 58.59 43.42
CA ALA B 152 52.64 59.41 44.59
C ALA B 152 53.30 60.77 44.48
N VAL B 153 54.58 60.79 44.16
CA VAL B 153 55.29 62.07 44.04
C VAL B 153 54.69 62.90 42.93
N ASP B 154 54.41 62.27 41.79
CA ASP B 154 54.06 63.00 40.58
C ASP B 154 52.61 63.46 40.55
N SER B 155 51.74 62.95 41.41
CA SER B 155 50.34 63.34 41.43
C SER B 155 49.93 64.10 42.66
N LEU B 156 50.35 63.68 43.85
CA LEU B 156 49.90 64.29 45.09
C LEU B 156 50.84 65.39 45.58
N VAL B 157 52.15 65.21 45.41
CA VAL B 157 53.13 66.19 45.85
C VAL B 157 54.01 66.54 44.66
N PRO B 158 53.53 67.36 43.73
CA PRO B 158 54.24 67.58 42.48
C PRO B 158 55.56 68.32 42.70
N ILE B 159 56.38 68.31 41.65
CA ILE B 159 57.71 68.92 41.71
C ILE B 159 57.97 69.66 40.41
N GLY B 160 57.86 70.98 40.44
CA GLY B 160 58.17 71.77 39.26
C GLY B 160 59.65 71.90 39.07
N ARG B 161 60.03 72.45 37.93
CA ARG B 161 61.44 72.61 37.59
C ARG B 161 61.92 73.96 38.07
N GLY B 162 62.86 73.95 39.01
CA GLY B 162 63.31 75.14 39.68
C GLY B 162 62.89 75.22 41.12
N GLN B 163 62.60 74.09 41.74
CA GLN B 163 62.01 74.04 43.06
C GLN B 163 62.85 73.12 43.94
N ARG B 164 63.07 73.53 45.19
CA ARG B 164 63.74 72.68 46.15
C ARG B 164 62.69 71.80 46.82
N GLU B 165 62.91 70.49 46.81
CA GLU B 165 61.93 69.55 47.35
C GLU B 165 62.66 68.57 48.24
N LEU B 166 62.79 68.92 49.52
CA LEU B 166 63.38 68.02 50.50
C LEU B 166 62.77 66.64 50.37
N ILE B 167 63.61 65.62 50.50
CA ILE B 167 63.17 64.23 50.57
C ILE B 167 63.61 63.75 51.95
N ILE B 168 62.71 63.83 52.91
CA ILE B 168 63.06 63.60 54.31
C ILE B 168 62.46 62.29 54.76
N GLY B 169 63.10 61.66 55.75
CA GLY B 169 62.60 60.41 56.25
C GLY B 169 63.68 59.67 57.00
N ASP B 170 63.25 58.63 57.71
CA ASP B 170 64.17 57.88 58.55
C ASP B 170 65.10 57.05 57.68
N ARG B 171 65.95 56.26 58.33
CA ARG B 171 66.91 55.42 57.63
C ARG B 171 66.21 54.22 57.00
N GLN B 172 66.73 53.81 55.85
CA GLN B 172 66.17 52.73 55.04
C GLN B 172 64.65 52.84 54.96
N THR B 173 64.18 53.92 54.35
CA THR B 173 62.80 54.04 53.93
C THR B 173 62.64 54.21 52.43
N GLY B 174 63.74 54.37 51.69
CA GLY B 174 63.65 54.46 50.25
C GLY B 174 63.77 55.87 49.72
N LYS B 175 64.71 56.64 50.25
CA LYS B 175 64.92 58.00 49.76
C LYS B 175 65.80 57.99 48.53
N THR B 176 66.96 57.35 48.62
CA THR B 176 67.81 57.18 47.44
C THR B 176 67.06 56.46 46.33
N SER B 177 66.14 55.54 46.68
CA SER B 177 65.37 54.88 45.65
C SER B 177 64.47 55.86 44.90
N ILE B 178 63.85 56.79 45.63
CA ILE B 178 63.05 57.81 44.96
C ILE B 178 63.94 58.65 44.05
N ALA B 179 65.11 59.04 44.54
CA ALA B 179 65.99 59.86 43.73
C ALA B 179 66.43 59.12 42.46
N ILE B 180 66.70 57.82 42.58
CA ILE B 180 67.20 57.07 41.42
C ILE B 180 66.06 56.75 40.45
N ASP B 181 64.85 56.54 40.95
CA ASP B 181 63.72 56.45 40.05
C ASP B 181 63.55 57.75 39.28
N THR B 182 63.72 58.87 39.96
CA THR B 182 63.67 60.16 39.27
C THR B 182 64.75 60.26 38.19
N ILE B 183 65.96 59.81 38.52
CA ILE B 183 67.03 59.89 37.53
C ILE B 183 66.73 59.03 36.33
N ILE B 184 66.24 57.81 36.56
CA ILE B 184 65.99 56.88 35.46
C ILE B 184 64.85 57.38 34.59
N ASN B 185 63.83 57.97 35.21
CA ASN B 185 62.66 58.38 34.44
C ASN B 185 63.03 59.34 33.32
N GLN B 186 64.03 60.18 33.53
CA GLN B 186 64.38 61.19 32.53
C GLN B 186 64.91 60.59 31.25
N LYS B 187 65.06 59.27 31.16
CA LYS B 187 65.61 58.68 29.95
C LYS B 187 64.70 58.94 28.76
N ARG B 188 63.39 58.86 28.96
CA ARG B 188 62.47 59.02 27.85
C ARG B 188 62.59 60.41 27.23
N PHE B 189 62.72 61.44 28.07
CA PHE B 189 62.94 62.78 27.54
C PHE B 189 64.33 62.90 26.91
N ASN B 190 65.34 62.40 27.60
CA ASN B 190 66.72 62.62 27.17
C ASN B 190 67.09 61.79 25.95
N ASP B 191 66.23 60.87 25.53
CA ASP B 191 66.39 60.18 24.26
C ASP B 191 65.59 60.85 23.16
N GLY B 192 64.52 61.55 23.51
CA GLY B 192 63.66 62.16 22.52
C GLY B 192 64.31 63.32 21.81
N THR B 193 63.49 64.26 21.33
CA THR B 193 63.96 65.35 20.48
C THR B 193 64.00 66.68 21.21
N ASP B 194 62.88 67.11 21.79
CA ASP B 194 62.78 68.46 22.33
C ASP B 194 63.87 68.71 23.37
N GLU B 195 64.46 69.88 23.30
CA GLU B 195 65.48 70.29 24.27
C GLU B 195 64.89 71.08 25.42
N LYS B 196 63.58 71.29 25.43
CA LYS B 196 62.88 71.94 26.53
C LYS B 196 62.32 70.93 27.52
N LYS B 197 62.69 69.66 27.39
CA LYS B 197 62.27 68.65 28.34
C LYS B 197 63.42 67.73 28.74
N LYS B 198 64.64 68.02 28.33
CA LYS B 198 65.79 67.19 28.65
C LYS B 198 66.35 67.64 30.00
N LEU B 199 66.42 66.72 30.94
CA LEU B 199 66.94 66.99 32.28
C LEU B 199 68.28 66.30 32.42
N TYR B 200 69.30 67.06 32.81
CA TYR B 200 70.66 66.54 32.95
C TYR B 200 70.92 66.25 34.42
N CYS B 201 70.38 65.15 34.89
CA CYS B 201 70.48 64.79 36.30
C CYS B 201 71.93 64.85 36.78
N ILE B 202 72.09 65.22 38.04
CA ILE B 202 73.36 65.11 38.74
C ILE B 202 73.07 64.39 40.05
N TYR B 203 74.06 63.70 40.58
CA TYR B 203 73.87 62.97 41.83
C TYR B 203 75.11 63.14 42.69
N VAL B 204 74.98 63.85 43.79
CA VAL B 204 76.09 64.06 44.72
C VAL B 204 75.96 63.04 45.84
N ALA B 205 76.99 62.22 46.01
CA ALA B 205 77.02 61.17 47.03
C ALA B 205 77.96 61.62 48.13
N ILE B 206 77.42 61.89 49.32
CA ILE B 206 78.19 62.38 50.45
C ILE B 206 78.09 61.36 51.56
N GLY B 207 79.24 61.00 52.13
CA GLY B 207 79.27 60.11 53.27
C GLY B 207 78.96 58.66 52.98
N GLN B 208 78.49 58.34 51.79
CA GLN B 208 78.26 56.95 51.43
C GLN B 208 79.58 56.23 51.25
N LYS B 209 79.55 54.91 51.40
CA LYS B 209 80.74 54.11 51.17
C LYS B 209 80.85 53.75 49.70
N ARG B 210 82.09 53.63 49.23
CA ARG B 210 82.32 53.50 47.80
C ARG B 210 81.58 52.30 47.22
N SER B 211 81.31 51.29 48.03
CA SER B 211 80.52 50.17 47.54
C SER B 211 79.12 50.62 47.15
N THR B 212 78.51 51.49 47.93
CA THR B 212 77.17 51.97 47.62
C THR B 212 77.17 52.78 46.34
N VAL B 213 78.12 53.68 46.18
CA VAL B 213 78.19 54.47 44.94
C VAL B 213 78.48 53.57 43.75
N ALA B 214 79.30 52.53 43.94
CA ALA B 214 79.56 51.61 42.84
C ALA B 214 78.30 50.88 42.42
N GLN B 215 77.56 50.36 43.39
CA GLN B 215 76.29 49.71 43.06
C GLN B 215 75.35 50.68 42.38
N LEU B 216 75.38 51.93 42.81
CA LEU B 216 74.48 52.92 42.22
C LEU B 216 74.82 53.17 40.76
N VAL B 217 76.10 53.39 40.47
CA VAL B 217 76.49 53.61 39.07
C VAL B 217 76.21 52.36 38.26
N LYS B 218 76.27 51.19 38.89
CA LYS B 218 75.88 49.98 38.18
C LYS B 218 74.40 50.02 37.81
N ARG B 219 73.54 50.43 38.75
CA ARG B 219 72.12 50.56 38.43
C ARG B 219 71.92 51.55 37.30
N LEU B 220 72.60 52.69 37.36
CA LEU B 220 72.40 53.70 36.34
C LEU B 220 72.87 53.20 34.97
N THR B 221 74.03 52.52 34.94
CA THR B 221 74.53 52.02 33.67
C THR B 221 73.61 50.95 33.09
N ASP B 222 73.08 50.06 33.94
CA ASP B 222 72.16 49.05 33.44
C ASP B 222 70.99 49.70 32.71
N ALA B 223 70.35 50.67 33.34
CA ALA B 223 69.29 51.40 32.68
C ALA B 223 69.79 52.40 31.67
N ASP B 224 71.09 52.39 31.39
CA ASP B 224 71.68 53.30 30.43
C ASP B 224 71.29 54.74 30.73
N ALA B 225 71.31 55.10 32.01
CA ALA B 225 70.99 56.44 32.45
C ALA B 225 72.21 57.25 32.81
N MET B 226 73.40 56.80 32.44
CA MET B 226 74.61 57.56 32.71
C MET B 226 74.97 58.53 31.59
N LYS B 227 74.50 58.30 30.37
CA LYS B 227 74.87 59.17 29.27
C LYS B 227 74.45 60.61 29.50
N TYR B 228 73.65 60.89 30.53
CA TYR B 228 73.28 62.26 30.85
C TYR B 228 73.39 62.58 32.33
N THR B 229 74.05 61.74 33.12
CA THR B 229 74.20 61.93 34.55
C THR B 229 75.65 62.16 34.90
N ILE B 230 75.90 63.10 35.80
CA ILE B 230 77.16 63.20 36.49
C ILE B 230 76.95 62.60 37.87
N VAL B 231 78.00 62.01 38.43
CA VAL B 231 77.94 61.44 39.77
C VAL B 231 79.16 61.95 40.53
N VAL B 232 79.00 63.07 41.24
CA VAL B 232 80.02 63.46 42.18
C VAL B 232 80.00 62.50 43.36
N SER B 233 81.11 62.44 44.08
CA SER B 233 81.19 61.48 45.18
C SER B 233 82.25 61.93 46.16
N ALA B 234 81.83 62.31 47.37
CA ALA B 234 82.73 62.52 48.49
C ALA B 234 82.38 61.45 49.51
N THR B 235 83.00 60.28 49.37
CA THR B 235 82.59 59.12 50.12
C THR B 235 83.19 59.15 51.53
N ALA B 236 82.78 58.17 52.34
CA ALA B 236 82.99 58.25 53.78
C ALA B 236 84.45 58.43 54.15
N SER B 237 85.37 57.88 53.35
CA SER B 237 86.77 57.93 53.71
C SER B 237 87.44 59.24 53.33
N ASP B 238 86.81 60.06 52.50
CA ASP B 238 87.42 61.30 52.05
C ASP B 238 87.34 62.35 53.14
N ALA B 239 88.46 63.02 53.40
CA ALA B 239 88.59 63.88 54.56
C ALA B 239 87.43 64.86 54.64
N ALA B 240 87.19 65.42 55.82
CA ALA B 240 86.01 66.25 56.01
C ALA B 240 85.85 67.34 54.96
N PRO B 241 86.89 68.07 54.56
CA PRO B 241 86.68 69.14 53.58
C PRO B 241 86.10 68.66 52.27
N LEU B 242 86.42 67.44 51.83
CA LEU B 242 85.89 66.97 50.56
C LEU B 242 84.44 66.56 50.66
N GLN B 243 83.93 66.29 51.85
CA GLN B 243 82.50 66.10 52.03
C GLN B 243 81.77 67.42 52.21
N TYR B 244 82.39 68.36 52.92
CA TYR B 244 81.81 69.68 53.06
C TYR B 244 81.72 70.41 51.76
N LEU B 245 82.53 70.03 50.77
CA LEU B 245 82.70 70.81 49.55
C LEU B 245 82.07 70.16 48.33
N ALA B 246 81.69 68.89 48.41
CA ALA B 246 81.10 68.23 47.25
C ALA B 246 79.79 68.86 46.82
N PRO B 247 78.86 69.19 47.71
CA PRO B 247 77.60 69.77 47.25
C PRO B 247 77.77 71.01 46.42
N TYR B 248 78.76 71.85 46.74
CA TYR B 248 78.97 73.03 45.93
C TYR B 248 79.61 72.72 44.59
N SER B 249 80.45 71.68 44.53
CA SER B 249 80.93 71.22 43.23
C SER B 249 79.76 70.77 42.36
N GLY B 250 78.87 69.97 42.92
CA GLY B 250 77.70 69.56 42.17
C GLY B 250 76.84 70.73 41.76
N CYS B 251 76.61 71.67 42.67
CA CYS B 251 75.75 72.79 42.36
C CYS B 251 76.37 73.70 41.31
N SER B 252 77.69 73.78 41.24
CA SER B 252 78.32 74.55 40.16
C SER B 252 78.27 73.82 38.84
N MET B 253 78.50 72.51 38.85
CA MET B 253 78.31 71.74 37.63
C MET B 253 76.89 71.90 37.09
N GLY B 254 75.91 72.02 38.00
CA GLY B 254 74.54 72.26 37.56
C GLY B 254 74.26 73.70 37.19
N GLU B 255 74.93 74.65 37.84
CA GLU B 255 74.75 76.05 37.48
C GLU B 255 75.24 76.31 36.08
N TYR B 256 76.25 75.57 35.63
CA TYR B 256 76.68 75.72 34.24
C TYR B 256 75.51 75.47 33.29
N PHE B 257 74.83 74.33 33.45
CA PHE B 257 73.66 74.07 32.63
C PHE B 257 72.60 75.14 32.83
N ARG B 258 72.30 75.46 34.09
CA ARG B 258 71.21 76.40 34.35
C ARG B 258 71.42 77.70 33.60
N ASP B 259 72.61 78.28 33.69
CA ASP B 259 72.84 79.53 33.00
C ASP B 259 73.18 79.33 31.53
N ASN B 260 73.30 78.09 31.06
CA ASN B 260 73.44 77.81 29.64
C ASN B 260 72.13 77.40 28.98
N GLY B 261 71.01 77.90 29.50
CA GLY B 261 69.74 77.64 28.86
C GLY B 261 69.33 76.19 28.82
N LYS B 262 69.92 75.35 29.67
CA LYS B 262 69.54 73.95 29.78
C LYS B 262 68.83 73.71 31.10
N HIS B 263 68.31 72.50 31.26
CA HIS B 263 67.59 72.12 32.47
C HIS B 263 68.37 71.03 33.17
N ALA B 264 68.63 71.23 34.45
CA ALA B 264 69.42 70.31 35.24
C ALA B 264 68.60 69.80 36.41
N LEU B 265 69.23 68.97 37.23
CA LEU B 265 68.60 68.40 38.41
C LEU B 265 69.68 67.82 39.30
N ILE B 266 69.77 68.25 40.55
CA ILE B 266 70.87 67.88 41.41
C ILE B 266 70.30 67.27 42.68
N ILE B 267 70.85 66.14 43.09
CA ILE B 267 70.31 65.35 44.19
C ILE B 267 71.41 65.22 45.23
N TYR B 268 71.19 65.77 46.41
CA TYR B 268 72.18 65.75 47.46
C TYR B 268 71.84 64.61 48.40
N ASP B 269 72.82 63.76 48.72
CA ASP B 269 72.50 62.52 49.42
C ASP B 269 73.69 62.10 50.29
N ASP B 270 73.66 62.41 51.60
CA ASP B 270 72.64 63.20 52.29
C ASP B 270 73.13 64.62 52.41
N LEU B 271 72.25 65.53 52.84
CA LEU B 271 72.69 66.83 53.30
C LEU B 271 72.91 66.87 54.80
N SER B 272 72.64 65.77 55.50
CA SER B 272 72.92 65.66 56.91
C SER B 272 74.26 65.00 57.20
N LYS B 273 74.98 64.57 56.16
CA LYS B 273 76.36 64.14 56.28
C LYS B 273 77.33 65.18 55.75
N GLN B 274 76.81 66.28 55.18
CA GLN B 274 77.65 67.43 54.91
C GLN B 274 77.72 68.34 56.12
N ALA B 275 76.61 68.51 56.83
CA ALA B 275 76.62 69.34 58.03
C ALA B 275 77.47 68.72 59.12
N VAL B 276 77.53 67.39 59.20
CA VAL B 276 78.42 66.74 60.15
C VAL B 276 79.87 67.01 59.80
N ALA B 277 80.23 66.93 58.52
CA ALA B 277 81.58 67.24 58.10
C ALA B 277 81.94 68.68 58.41
N TYR B 278 81.01 69.60 58.15
CA TYR B 278 81.29 71.00 58.47
C TYR B 278 81.42 71.20 59.96
N ARG B 279 80.64 70.48 60.76
CA ARG B 279 80.78 70.58 62.20
C ARG B 279 82.16 70.11 62.64
N GLN B 280 82.64 69.00 62.09
CA GLN B 280 83.99 68.58 62.43
C GLN B 280 85.00 69.65 62.07
N MET B 281 84.91 70.18 60.84
CA MET B 281 85.84 71.21 60.42
C MET B 281 85.84 72.38 61.39
N SER B 282 84.66 72.86 61.75
CA SER B 282 84.58 74.03 62.63
C SER B 282 85.09 73.71 64.02
N LEU B 283 84.61 72.64 64.62
CA LEU B 283 85.05 72.30 65.97
C LEU B 283 86.56 72.11 66.04
N LEU B 284 87.18 71.61 64.97
CA LEU B 284 88.63 71.48 64.99
C LEU B 284 89.31 72.83 64.77
N LEU B 285 88.73 73.69 63.95
CA LEU B 285 89.24 75.05 63.82
C LEU B 285 89.00 75.87 65.08
N ARG B 286 88.22 75.36 66.01
CA ARG B 286 87.95 75.98 67.29
C ARG B 286 86.93 77.10 67.21
N ARG B 287 86.15 77.16 66.14
CA ARG B 287 85.09 78.15 66.08
C ARG B 287 84.03 77.85 67.14
N PRO B 288 83.37 78.86 67.66
CA PRO B 288 82.40 78.64 68.75
C PRO B 288 81.32 77.65 68.32
N PRO B 289 80.95 76.72 69.19
CA PRO B 289 79.86 75.80 68.83
C PRO B 289 78.49 76.38 69.15
N GLY B 290 77.44 75.64 68.80
CA GLY B 290 76.08 76.10 69.04
C GLY B 290 75.19 74.95 69.48
N ARG B 291 73.95 74.92 69.00
CA ARG B 291 73.06 73.83 69.35
C ARG B 291 73.51 72.54 68.68
N GLU B 292 73.48 71.44 69.44
CA GLU B 292 73.94 70.14 68.96
C GLU B 292 75.38 70.18 68.49
N ALA B 293 76.13 71.22 68.87
CA ALA B 293 77.53 71.43 68.57
C ALA B 293 77.75 71.98 67.17
N TYR B 294 76.70 72.19 66.37
CA TYR B 294 76.89 72.78 65.07
C TYR B 294 77.30 74.24 65.21
N PRO B 295 78.10 74.74 64.30
CA PRO B 295 78.48 76.15 64.36
C PRO B 295 77.29 77.06 64.10
N GLY B 296 77.51 78.37 64.03
CA GLY B 296 76.42 79.26 63.70
C GLY B 296 76.13 79.39 62.22
N ASP B 297 76.94 78.76 61.37
CA ASP B 297 76.79 78.84 59.93
C ASP B 297 76.04 77.67 59.32
N VAL B 298 75.55 76.74 60.11
CA VAL B 298 74.98 75.53 59.56
C VAL B 298 73.60 75.84 58.97
N PHE B 299 73.17 77.09 59.04
CA PHE B 299 72.06 77.55 58.23
C PHE B 299 72.53 78.30 57.00
N TYR B 300 73.41 79.28 57.19
CA TYR B 300 74.03 79.93 56.05
C TYR B 300 74.63 78.89 55.11
N LEU B 301 75.26 77.86 55.67
CA LEU B 301 75.82 76.77 54.86
C LEU B 301 74.81 76.26 53.86
N HIS B 302 73.72 75.67 54.36
CA HIS B 302 72.74 75.08 53.47
C HIS B 302 72.03 76.14 52.65
N SER B 303 71.58 77.22 53.31
CA SER B 303 70.78 78.21 52.60
C SER B 303 71.50 78.71 51.36
N ARG B 304 72.78 79.05 51.48
CA ARG B 304 73.47 79.58 50.29
C ARG B 304 73.68 78.50 49.24
N LEU B 305 73.40 77.25 49.56
CA LEU B 305 73.50 76.16 48.60
C LEU B 305 72.17 75.90 47.91
N LEU B 306 71.11 75.69 48.70
CA LEU B 306 69.80 75.40 48.17
C LEU B 306 69.11 76.61 47.59
N GLU B 307 69.71 77.79 47.66
CA GLU B 307 69.16 78.97 47.02
C GLU B 307 69.73 79.21 45.64
N ARG B 308 70.61 78.33 45.17
CA ARG B 308 71.05 78.37 43.78
C ARG B 308 70.09 77.64 42.86
N ALA B 309 69.24 76.77 43.39
CA ALA B 309 68.25 76.09 42.59
C ALA B 309 67.19 77.10 42.18
N ALA B 310 67.30 77.59 40.95
CA ALA B 310 66.45 78.65 40.44
C ALA B 310 65.74 78.16 39.19
N LYS B 311 64.97 79.07 38.59
CA LYS B 311 64.38 78.85 37.26
C LYS B 311 64.54 80.17 36.52
N MET B 312 65.67 80.34 35.86
CA MET B 312 65.98 81.58 35.17
C MET B 312 64.82 81.96 34.26
N ASN B 313 64.68 83.25 33.98
CA ASN B 313 63.63 83.71 33.08
C ASN B 313 64.10 83.48 31.65
N ASP B 314 63.38 84.06 30.69
CA ASP B 314 63.71 83.90 29.29
C ASP B 314 64.68 84.95 28.77
N ALA B 315 65.06 85.91 29.61
CA ALA B 315 66.10 86.86 29.25
C ALA B 315 67.48 86.38 29.70
N PHE B 316 67.55 85.56 30.73
CA PHE B 316 68.78 84.97 31.19
C PHE B 316 69.02 83.57 30.61
N GLY B 317 68.15 83.11 29.72
CA GLY B 317 68.37 81.86 29.02
C GLY B 317 67.18 80.94 29.07
N GLY B 318 66.48 80.90 30.19
CA GLY B 318 65.41 79.95 30.39
C GLY B 318 65.82 78.66 31.06
N GLY B 319 67.05 78.60 31.58
CA GLY B 319 67.51 77.38 32.20
C GLY B 319 66.77 77.05 33.48
N SER B 320 67.35 76.21 34.32
CA SER B 320 66.67 75.72 35.50
C SER B 320 67.64 74.85 36.28
N LEU B 321 67.33 74.63 37.56
CA LEU B 321 68.12 73.72 38.38
C LEU B 321 67.23 73.27 39.54
N THR B 322 66.69 72.07 39.44
CA THR B 322 65.93 71.50 40.55
C THR B 322 66.89 71.12 41.66
N ALA B 323 66.37 70.69 42.80
CA ALA B 323 67.22 70.25 43.89
C ALA B 323 66.42 69.37 44.82
N LEU B 324 66.93 68.19 45.13
CA LEU B 324 66.23 67.20 45.94
C LEU B 324 67.12 66.77 47.09
N PRO B 325 67.39 67.66 48.03
CA PRO B 325 68.25 67.30 49.16
C PRO B 325 67.65 66.20 49.99
N VAL B 326 68.35 65.08 50.08
CA VAL B 326 67.93 63.97 50.92
C VAL B 326 68.41 64.23 52.34
N ILE B 327 67.48 64.19 53.29
CA ILE B 327 67.79 64.38 54.70
C ILE B 327 67.34 63.14 55.45
N GLU B 328 68.09 62.78 56.49
CA GLU B 328 67.79 61.63 57.33
C GLU B 328 67.46 62.12 58.73
N THR B 329 66.30 61.73 59.24
CA THR B 329 65.84 62.14 60.55
C THR B 329 65.87 60.97 61.51
N GLN B 330 66.33 61.20 62.73
CA GLN B 330 66.50 60.14 63.72
C GLN B 330 65.15 59.81 64.33
N ALA B 331 64.49 58.80 63.78
CA ALA B 331 63.22 58.30 64.31
C ALA B 331 62.15 59.39 64.25
N GLY B 332 61.94 59.93 63.06
CA GLY B 332 60.88 60.90 62.88
C GLY B 332 61.01 62.12 63.73
N ASP B 333 62.22 62.43 64.21
CA ASP B 333 62.48 63.65 64.96
C ASP B 333 62.74 64.76 63.95
N VAL B 334 61.64 65.24 63.36
CA VAL B 334 61.73 66.34 62.41
C VAL B 334 62.09 67.66 63.08
N SER B 335 62.09 67.69 64.41
CA SER B 335 62.38 68.91 65.14
C SER B 335 63.86 69.09 65.45
N ALA B 336 64.71 68.16 65.06
CA ALA B 336 66.13 68.28 65.33
C ALA B 336 66.67 69.52 64.63
N TYR B 337 67.95 69.82 64.80
CA TYR B 337 68.47 71.08 64.28
C TYR B 337 68.49 71.06 62.75
N ILE B 338 69.23 70.12 62.15
CA ILE B 338 69.38 70.14 60.70
C ILE B 338 68.05 69.90 59.98
N PRO B 339 67.20 68.97 60.39
CA PRO B 339 65.94 68.82 59.67
C PRO B 339 65.13 70.09 59.61
N THR B 340 65.09 70.87 60.69
CA THR B 340 64.34 72.12 60.65
C THR B 340 65.09 73.21 59.91
N ASN B 341 66.42 73.19 59.94
CA ASN B 341 67.18 74.14 59.15
C ASN B 341 66.91 73.96 57.67
N VAL B 342 66.83 72.71 57.22
CA VAL B 342 66.65 72.43 55.80
C VAL B 342 65.18 72.31 55.43
N ILE B 343 64.27 72.28 56.39
CA ILE B 343 62.85 72.29 56.08
C ILE B 343 62.32 73.70 55.89
N SER B 344 63.03 74.71 56.43
CA SER B 344 62.61 76.09 56.30
C SER B 344 63.35 76.81 55.19
N ILE B 345 64.07 76.08 54.34
CA ILE B 345 64.75 76.66 53.19
C ILE B 345 64.05 76.22 51.92
N THR B 346 63.56 74.99 51.92
CA THR B 346 63.06 74.36 50.72
C THR B 346 61.58 74.66 50.51
N ASP B 347 61.08 74.31 49.33
CA ASP B 347 59.72 74.60 48.91
C ASP B 347 58.78 73.43 49.12
N GLY B 348 59.19 72.42 49.86
CA GLY B 348 58.31 71.29 50.09
C GLY B 348 58.98 70.24 50.93
N GLN B 349 58.37 69.05 50.93
CA GLN B 349 58.97 67.89 51.59
C GLN B 349 58.23 66.62 51.22
N ILE B 350 58.97 65.56 50.92
CA ILE B 350 58.36 64.27 50.61
C ILE B 350 58.66 63.34 51.76
N PHE B 351 57.78 63.30 52.75
CA PHE B 351 58.07 62.57 53.96
C PHE B 351 57.91 61.08 53.73
N LEU B 352 58.89 60.30 54.18
CA LEU B 352 58.84 58.85 54.09
C LEU B 352 58.79 58.27 55.49
N GLU B 353 58.03 57.19 55.66
CA GLU B 353 57.83 56.59 56.97
C GLU B 353 57.98 55.08 56.86
N THR B 354 58.33 54.45 57.97
CA THR B 354 58.51 53.00 58.00
C THR B 354 57.24 52.25 58.31
N GLU B 355 56.34 52.83 59.11
CA GLU B 355 55.03 52.22 59.30
C GLU B 355 54.36 52.00 57.96
N LEU B 356 54.51 52.95 57.04
CA LEU B 356 53.97 52.78 55.70
C LEU B 356 54.81 51.84 54.86
N PHE B 357 56.13 51.85 55.05
CA PHE B 357 56.98 50.99 54.25
C PHE B 357 56.71 49.52 54.52
N TYR B 358 56.39 49.17 55.77
CA TYR B 358 56.17 47.77 56.11
C TYR B 358 54.71 47.36 56.05
N LYS B 359 53.79 48.31 56.03
CA LYS B 359 52.41 47.98 55.69
C LYS B 359 52.28 47.55 54.24
N GLY B 360 53.31 47.76 53.43
CA GLY B 360 53.27 47.43 52.02
C GLY B 360 53.08 48.62 51.11
N ILE B 361 53.03 49.84 51.63
CA ILE B 361 52.81 51.03 50.81
C ILE B 361 54.18 51.53 50.39
N ARG B 362 54.69 50.96 49.29
CA ARG B 362 56.00 51.30 48.79
C ARG B 362 55.87 51.92 47.39
N PRO B 363 56.38 53.13 47.14
CA PRO B 363 57.22 53.98 48.00
C PRO B 363 56.49 54.48 49.22
N ALA B 364 57.20 54.54 50.34
CA ALA B 364 56.56 54.79 51.63
C ALA B 364 56.34 56.27 51.85
N ILE B 365 55.69 56.94 50.92
CA ILE B 365 55.46 58.37 51.04
C ILE B 365 54.23 58.59 51.90
N ASN B 366 54.31 59.58 52.78
CA ASN B 366 53.29 59.85 53.77
C ASN B 366 52.58 61.12 53.33
N VAL B 367 51.55 60.96 52.50
CA VAL B 367 50.92 62.11 51.85
C VAL B 367 50.33 63.07 52.86
N GLY B 368 50.13 62.66 54.10
CA GLY B 368 49.62 63.58 55.10
C GLY B 368 50.60 64.69 55.40
N LEU B 369 51.88 64.34 55.56
CA LEU B 369 52.90 65.31 55.91
C LEU B 369 53.60 65.90 54.71
N SER B 370 53.63 65.20 53.59
CA SER B 370 54.30 65.69 52.40
C SER B 370 53.49 66.82 51.77
N VAL B 371 54.15 67.93 51.45
CA VAL B 371 53.52 69.06 50.80
C VAL B 371 54.47 69.60 49.74
N SER B 372 53.89 70.32 48.79
CA SER B 372 54.67 71.08 47.83
C SER B 372 54.06 72.47 47.71
N ARG B 373 54.88 73.50 47.88
CA ARG B 373 54.37 74.85 47.99
C ARG B 373 54.24 75.54 46.64
N VAL B 374 54.48 74.84 45.54
CA VAL B 374 54.00 75.31 44.24
C VAL B 374 52.62 74.77 43.95
N GLY B 375 52.39 73.49 44.20
CA GLY B 375 51.05 72.93 44.21
C GLY B 375 50.44 72.66 42.86
N SER B 376 49.30 73.28 42.58
CA SER B 376 48.59 73.02 41.34
C SER B 376 49.51 73.24 40.14
N ALA B 377 50.15 74.40 40.08
CA ALA B 377 51.19 74.58 39.09
C ALA B 377 52.24 73.49 39.26
N ALA B 378 53.08 73.33 38.25
CA ALA B 378 54.02 72.21 38.20
C ALA B 378 53.32 70.89 37.97
N GLN B 379 52.12 70.92 37.41
CA GLN B 379 51.42 69.73 36.95
C GLN B 379 50.90 69.99 35.55
N THR B 380 50.73 68.90 34.78
CA THR B 380 50.10 69.00 33.48
C THR B 380 48.59 68.97 33.64
N ARG B 381 47.90 69.68 32.74
CA ARG B 381 46.45 69.85 32.91
C ARG B 381 45.76 68.51 33.08
N ALA B 382 46.22 67.48 32.37
CA ALA B 382 45.63 66.16 32.53
C ALA B 382 45.85 65.63 33.94
N MET B 383 47.10 65.62 34.38
CA MET B 383 47.39 65.16 35.73
C MET B 383 46.73 66.06 36.75
N LYS B 384 46.58 67.34 36.43
CA LYS B 384 45.88 68.23 37.35
C LYS B 384 44.43 67.80 37.53
N GLN B 385 43.74 67.55 36.42
CA GLN B 385 42.36 67.13 36.48
C GLN B 385 42.19 65.87 37.30
N VAL B 386 43.07 64.89 37.08
CA VAL B 386 42.96 63.63 37.81
C VAL B 386 43.31 63.82 39.29
N ALA B 387 44.42 64.50 39.55
CA ALA B 387 44.99 64.55 40.88
C ALA B 387 44.22 65.45 41.83
N GLY B 388 43.50 66.46 41.33
CA GLY B 388 42.68 67.23 42.25
C GLY B 388 41.67 66.36 42.97
N THR B 389 40.89 65.60 42.20
CA THR B 389 39.93 64.70 42.80
C THR B 389 40.61 63.61 43.62
N MET B 390 41.74 63.09 43.13
CA MET B 390 42.42 62.05 43.89
C MET B 390 42.87 62.57 45.24
N LYS B 391 43.42 63.78 45.29
CA LYS B 391 43.90 64.36 46.53
C LYS B 391 42.75 64.59 47.50
N LEU B 392 41.64 65.14 47.01
CA LEU B 392 40.50 65.36 47.91
C LEU B 392 39.98 64.03 48.45
N GLU B 393 39.85 63.02 47.59
CA GLU B 393 39.35 61.74 48.05
C GLU B 393 40.29 61.12 49.08
N LEU B 394 41.60 61.22 48.86
CA LEU B 394 42.54 60.63 49.80
C LEU B 394 42.52 61.37 51.13
N ALA B 395 42.39 62.70 51.11
CA ALA B 395 42.28 63.43 52.37
C ALA B 395 41.03 63.00 53.13
N GLN B 396 39.90 62.88 52.42
CA GLN B 396 38.67 62.44 53.07
C GLN B 396 38.84 61.06 53.67
N TYR B 397 39.49 60.15 52.95
CA TYR B 397 39.71 58.81 53.49
C TYR B 397 40.62 58.86 54.70
N ARG B 398 41.69 59.65 54.66
CA ARG B 398 42.61 59.68 55.78
C ARG B 398 41.93 60.18 57.03
N GLU B 399 41.06 61.19 56.91
CA GLU B 399 40.46 61.77 58.10
C GLU B 399 39.55 60.80 58.85
N VAL B 400 39.17 59.68 58.25
CA VAL B 400 38.30 58.72 58.92
C VAL B 400 38.84 57.30 58.79
N ALA B 401 40.10 57.17 58.37
CA ALA B 401 40.70 55.84 58.30
C ALA B 401 40.81 55.20 59.67
N ALA B 402 40.68 55.97 60.75
CA ALA B 402 40.78 55.39 62.08
C ALA B 402 39.73 54.31 62.28
N PHE B 403 38.62 54.38 61.57
CA PHE B 403 37.54 53.42 61.71
C PHE B 403 37.82 52.11 60.98
N ALA B 404 38.80 52.11 60.08
CA ALA B 404 39.05 51.01 59.16
C ALA B 404 38.90 49.65 59.85
N GLN B 405 39.47 49.52 61.05
CA GLN B 405 39.47 48.21 61.70
C GLN B 405 38.06 47.74 62.02
N PHE B 406 37.08 48.64 62.02
CA PHE B 406 35.69 48.26 62.18
C PHE B 406 34.96 48.24 60.84
N GLY B 407 34.93 49.36 60.14
CA GLY B 407 34.39 49.38 58.79
C GLY B 407 32.90 49.14 58.80
N SER B 408 32.52 47.91 59.13
CA SER B 408 31.11 47.57 59.34
C SER B 408 30.60 48.34 60.53
N ASP B 409 29.32 48.20 60.85
CA ASP B 409 28.70 48.89 61.97
C ASP B 409 28.71 50.40 61.77
N LEU B 410 28.93 50.85 60.55
CA LEU B 410 29.08 52.27 60.27
C LEU B 410 28.27 52.65 59.05
N ASP B 411 28.10 53.96 58.88
CA ASP B 411 27.28 54.48 57.80
C ASP B 411 27.84 54.06 56.45
N ALA B 412 26.93 53.85 55.49
CA ALA B 412 27.35 53.48 54.15
C ALA B 412 28.19 54.56 53.49
N ALA B 413 28.08 55.81 53.94
CA ALA B 413 28.90 56.89 53.38
C ALA B 413 30.37 56.70 53.74
N THR B 414 30.66 56.48 55.03
CA THR B 414 32.04 56.22 55.41
C THR B 414 32.51 54.87 54.85
N GLN B 415 31.61 53.91 54.70
CA GLN B 415 32.00 52.67 54.04
C GLN B 415 32.44 52.93 52.61
N GLN B 416 31.73 53.79 51.89
CA GLN B 416 32.16 54.18 50.56
C GLN B 416 33.51 54.89 50.63
N LEU B 417 33.68 55.79 51.60
CA LEU B 417 34.94 56.53 51.68
C LEU B 417 36.11 55.57 51.88
N LEU B 418 35.94 54.58 52.76
CA LEU B 418 37.00 53.61 52.97
C LEU B 418 37.22 52.75 51.74
N SER B 419 36.13 52.33 51.07
CA SER B 419 36.28 51.49 49.89
C SER B 419 36.90 52.24 48.73
N ARG B 420 36.88 53.56 48.74
CA ARG B 420 37.58 54.34 47.72
C ARG B 420 39.02 54.62 48.11
N GLY B 421 39.23 54.96 49.39
CA GLY B 421 40.58 55.24 49.85
C GLY B 421 41.49 54.04 49.77
N VAL B 422 40.97 52.86 50.10
CA VAL B 422 41.78 51.66 50.02
C VAL B 422 42.22 51.41 48.58
N ARG B 423 41.30 51.57 47.64
CA ARG B 423 41.65 51.37 46.24
C ARG B 423 42.70 52.37 45.79
N LEU B 424 42.55 53.64 46.17
CA LEU B 424 43.52 54.64 45.75
C LEU B 424 44.89 54.37 46.38
N THR B 425 44.91 54.00 47.65
CA THR B 425 46.17 53.66 48.30
C THR B 425 46.85 52.50 47.58
N GLU B 426 46.08 51.49 47.19
CA GLU B 426 46.68 50.35 46.48
C GLU B 426 47.16 50.76 45.10
N LEU B 427 46.48 51.72 44.46
CA LEU B 427 46.95 52.18 43.16
C LEU B 427 48.25 52.94 43.27
N LEU B 428 48.45 53.68 44.35
CA LEU B 428 49.67 54.46 44.49
C LEU B 428 50.90 53.59 44.70
N LYS B 429 50.73 52.35 45.17
CA LYS B 429 51.88 51.47 45.34
C LYS B 429 52.58 51.28 44.00
N GLN B 430 53.91 51.29 44.03
CA GLN B 430 54.71 51.24 42.82
C GLN B 430 55.89 50.32 43.05
N GLY B 431 56.43 49.81 41.95
CA GLY B 431 57.61 48.98 42.00
C GLY B 431 58.87 49.83 42.13
N GLN B 432 60.01 49.16 41.99
CA GLN B 432 61.30 49.80 42.13
C GLN B 432 61.96 49.93 40.76
N TYR B 433 62.47 51.13 40.46
CA TYR B 433 63.08 51.42 39.18
C TYR B 433 62.12 51.12 38.03
N SER B 434 60.84 51.44 38.24
CA SER B 434 59.81 51.30 37.21
C SER B 434 59.00 52.58 37.14
N PRO B 435 59.61 53.69 36.75
CA PRO B 435 58.85 54.92 36.57
C PRO B 435 57.97 54.85 35.34
N MET B 436 56.88 55.62 35.37
CA MET B 436 55.87 55.59 34.33
C MET B 436 55.68 56.97 33.73
N ALA B 437 55.55 57.01 32.40
CA ALA B 437 55.26 58.27 31.75
C ALA B 437 53.97 58.86 32.31
N ILE B 438 53.80 60.17 32.12
CA ILE B 438 52.68 60.85 32.76
C ILE B 438 51.36 60.34 32.21
N GLU B 439 51.29 60.01 30.93
CA GLU B 439 50.04 59.55 30.34
C GLU B 439 49.58 58.24 30.96
N GLU B 440 50.51 57.32 31.22
CA GLU B 440 50.12 56.06 31.86
C GLU B 440 49.66 56.30 33.29
N GLN B 441 50.32 57.22 34.01
CA GLN B 441 49.85 57.57 35.34
C GLN B 441 48.44 58.14 35.28
N VAL B 442 48.18 59.01 34.33
CA VAL B 442 46.86 59.60 34.19
C VAL B 442 45.83 58.53 33.90
N ALA B 443 46.16 57.61 33.00
CA ALA B 443 45.21 56.53 32.68
C ALA B 443 44.89 55.71 33.91
N VAL B 444 45.91 55.30 34.67
CA VAL B 444 45.68 54.45 35.83
C VAL B 444 44.85 55.20 36.87
N ILE B 445 45.24 56.43 37.20
CA ILE B 445 44.54 57.15 38.24
C ILE B 445 43.16 57.59 37.79
N TYR B 446 42.93 57.71 36.49
CA TYR B 446 41.58 57.93 35.98
C TYR B 446 40.73 56.70 36.20
N ALA B 447 41.24 55.53 35.83
CA ALA B 447 40.53 54.30 36.12
C ALA B 447 40.32 54.12 37.62
N GLY B 448 41.11 54.77 38.44
CA GLY B 448 40.97 54.64 39.88
C GLY B 448 39.99 55.59 40.54
N VAL B 449 40.02 56.87 40.14
CA VAL B 449 39.23 57.90 40.83
C VAL B 449 37.80 58.02 40.30
N ARG B 450 37.50 57.42 39.16
CA ARG B 450 36.16 57.51 38.59
C ARG B 450 35.28 56.33 38.98
N GLY B 451 35.76 55.46 39.86
CA GLY B 451 34.94 54.39 40.38
C GLY B 451 34.99 53.09 39.61
N TYR B 452 35.91 52.96 38.65
CA TYR B 452 36.01 51.74 37.88
C TYR B 452 36.80 50.65 38.59
N LEU B 453 36.95 50.76 39.90
CA LEU B 453 37.50 49.67 40.69
C LEU B 453 36.76 49.43 42.00
N ASP B 454 35.82 50.28 42.39
CA ASP B 454 35.21 50.16 43.71
C ASP B 454 34.62 48.78 43.95
N LYS B 455 34.17 48.11 42.89
CA LYS B 455 33.60 46.78 43.00
C LYS B 455 34.65 45.70 42.86
N LEU B 456 35.93 46.06 42.77
CA LEU B 456 37.01 45.11 42.57
C LEU B 456 37.78 44.99 43.88
N GLU B 457 37.99 43.76 44.34
CA GLU B 457 38.55 43.56 45.67
C GLU B 457 39.94 44.17 45.76
N PRO B 458 40.29 44.79 46.89
CA PRO B 458 41.58 45.49 46.95
C PRO B 458 42.77 44.61 46.61
N SER B 459 42.76 43.36 47.04
CA SER B 459 43.94 42.51 46.91
C SER B 459 44.37 42.39 45.45
N LYS B 460 43.44 42.58 44.51
CA LYS B 460 43.74 42.39 43.11
C LYS B 460 44.10 43.68 42.39
N ILE B 461 43.96 44.83 43.03
CA ILE B 461 44.11 46.10 42.31
C ILE B 461 45.45 46.13 41.60
N THR B 462 46.52 45.80 42.32
CA THR B 462 47.85 45.84 41.70
C THR B 462 47.85 45.07 40.39
N LYS B 463 47.36 43.83 40.42
CA LYS B 463 47.26 43.06 39.19
C LYS B 463 46.64 43.90 38.09
N PHE B 464 45.39 44.35 38.32
CA PHE B 464 44.71 45.18 37.35
C PHE B 464 45.66 46.21 36.78
N GLU B 465 46.26 47.01 37.66
CA GLU B 465 47.13 48.08 37.22
C GLU B 465 48.06 47.59 36.13
N ASN B 466 48.91 46.61 36.47
CA ASN B 466 49.89 46.13 35.49
C ASN B 466 49.19 45.70 34.22
N ALA B 467 48.20 44.81 34.35
CA ALA B 467 47.48 44.34 33.18
C ALA B 467 47.02 45.52 32.35
N PHE B 468 46.37 46.49 33.00
CA PHE B 468 45.82 47.62 32.25
C PHE B 468 46.91 48.29 31.43
N LEU B 469 48.06 48.54 32.04
CA LEU B 469 49.14 49.18 31.29
C LEU B 469 49.51 48.34 30.08
N SER B 470 49.70 47.03 30.28
CA SER B 470 50.02 46.16 29.17
C SER B 470 48.92 46.20 28.12
N HIS B 471 47.68 46.35 28.55
CA HIS B 471 46.55 46.40 27.62
C HIS B 471 46.39 47.77 26.98
N VAL B 472 47.06 48.79 27.48
CA VAL B 472 46.96 50.14 26.91
C VAL B 472 48.16 50.48 26.07
N ILE B 473 49.37 50.19 26.56
CA ILE B 473 50.57 50.53 25.83
C ILE B 473 50.64 49.77 24.52
N SER B 474 50.34 48.48 24.55
CA SER B 474 50.42 47.64 23.36
C SER B 474 49.23 47.83 22.43
N GLN B 475 48.16 48.48 22.88
CA GLN B 475 46.93 48.57 22.11
C GLN B 475 46.60 49.98 21.68
N HIS B 476 46.57 50.93 22.60
CA HIS B 476 46.03 52.26 22.31
C HIS B 476 47.09 53.33 22.49
N GLN B 477 48.28 53.10 21.92
CA GLN B 477 49.32 54.12 22.00
C GLN B 477 48.86 55.43 21.39
N ALA B 478 47.93 55.39 20.44
CA ALA B 478 47.44 56.62 19.84
C ALA B 478 46.76 57.51 20.86
N LEU B 479 45.90 56.93 21.71
CA LEU B 479 45.23 57.71 22.73
C LEU B 479 46.23 58.32 23.70
N LEU B 480 47.22 57.53 24.13
CA LEU B 480 48.22 58.06 25.05
C LEU B 480 49.00 59.19 24.41
N GLY B 481 49.36 59.04 23.14
CA GLY B 481 50.02 60.14 22.45
C GLY B 481 49.15 61.38 22.39
N LYS B 482 47.84 61.19 22.19
CA LYS B 482 46.94 62.32 22.16
C LYS B 482 46.92 63.02 23.51
N ILE B 483 46.94 62.27 24.60
CA ILE B 483 46.97 62.89 25.92
C ILE B 483 48.31 63.59 26.16
N ARG B 484 49.40 62.99 25.71
CA ARG B 484 50.72 63.51 26.03
C ARG B 484 51.04 64.77 25.25
N THR B 485 50.77 64.79 23.95
CA THR B 485 51.17 65.92 23.12
C THR B 485 50.46 67.21 23.56
N ASP B 486 49.17 67.11 23.88
CA ASP B 486 48.42 68.18 24.54
C ASP B 486 48.02 67.65 25.90
N GLY B 487 48.64 68.17 26.96
CA GLY B 487 48.51 67.56 28.26
C GLY B 487 47.18 67.76 28.93
N LYS B 488 46.09 67.52 28.21
CA LYS B 488 44.75 67.68 28.76
C LYS B 488 43.87 66.55 28.26
N ILE B 489 42.74 66.37 28.92
CA ILE B 489 41.78 65.34 28.53
C ILE B 489 40.58 66.00 27.86
N SER B 490 40.63 66.12 26.54
CA SER B 490 39.48 66.62 25.80
C SER B 490 38.36 65.60 25.87
N GLU B 491 37.12 66.11 25.91
CA GLU B 491 35.95 65.26 26.12
C GLU B 491 36.03 63.98 25.30
N GLU B 492 36.54 64.07 24.07
CA GLU B 492 36.72 62.87 23.26
C GLU B 492 37.69 61.92 23.94
N SER B 493 38.82 62.44 24.43
CA SER B 493 39.79 61.60 25.12
C SER B 493 39.20 61.05 26.41
N ASP B 494 38.42 61.87 27.12
CA ASP B 494 37.77 61.39 28.34
C ASP B 494 36.87 60.20 28.05
N ALA B 495 35.99 60.34 27.06
CA ALA B 495 35.07 59.26 26.74
C ALA B 495 35.83 58.03 26.26
N LYS B 496 36.87 58.21 25.46
CA LYS B 496 37.64 57.07 24.99
C LYS B 496 38.29 56.34 26.16
N LEU B 497 38.83 57.09 27.13
CA LEU B 497 39.38 56.46 28.32
C LEU B 497 38.30 55.70 29.07
N LYS B 498 37.11 56.28 29.19
CA LYS B 498 36.04 55.59 29.89
C LYS B 498 35.71 54.28 29.19
N GLU B 499 35.63 54.30 27.87
CA GLU B 499 35.29 53.07 27.14
C GLU B 499 36.37 52.02 27.32
N ILE B 500 37.64 52.42 27.23
CA ILE B 500 38.71 51.45 27.38
C ILE B 500 38.68 50.84 28.78
N VAL B 501 38.53 51.69 29.80
CA VAL B 501 38.51 51.18 31.17
C VAL B 501 37.35 50.20 31.34
N THR B 502 36.16 50.60 30.90
CA THR B 502 34.98 49.76 31.11
C THR B 502 35.13 48.43 30.40
N ASN B 503 35.47 48.47 29.11
CA ASN B 503 35.53 47.23 28.34
C ASN B 503 36.63 46.32 28.88
N PHE B 504 37.79 46.88 29.23
CA PHE B 504 38.85 46.07 29.80
C PHE B 504 38.40 45.42 31.09
N LEU B 505 37.88 46.21 32.03
CA LEU B 505 37.44 45.63 33.29
C LEU B 505 36.44 44.52 33.04
N ALA B 506 35.55 44.71 32.06
CA ALA B 506 34.63 43.64 31.69
C ALA B 506 35.41 42.41 31.24
N GLY B 507 36.47 42.61 30.48
CA GLY B 507 37.29 41.50 30.02
C GLY B 507 38.30 41.04 31.05
N PHE B 508 37.91 41.03 32.32
CA PHE B 508 38.78 40.57 33.39
C PHE B 508 38.10 40.77 34.74
N LYS C 2 99.26 81.78 78.50
CA LYS C 2 98.36 82.75 79.10
C LYS C 2 98.52 84.11 78.44
N THR C 3 97.96 85.14 79.07
CA THR C 3 98.09 86.52 78.60
C THR C 3 97.45 87.43 79.63
N GLY C 4 97.50 88.74 79.40
CA GLY C 4 96.86 89.68 80.29
C GLY C 4 95.92 90.60 79.53
N THR C 5 95.03 91.23 80.28
CA THR C 5 94.05 92.15 79.70
C THR C 5 94.49 93.59 79.74
N ALA C 6 95.32 93.96 80.71
CA ALA C 6 96.00 95.26 80.71
C ALA C 6 97.37 95.19 80.07
N GLU C 7 97.74 94.05 79.51
CA GLU C 7 98.97 93.88 78.74
C GLU C 7 98.75 94.20 77.28
N VAL C 8 98.22 95.38 77.00
CA VAL C 8 98.04 95.82 75.64
C VAL C 8 99.13 96.83 75.32
N SER C 9 99.37 97.04 74.02
CA SER C 9 100.43 97.96 73.62
C SER C 9 100.14 99.37 74.11
N SER C 10 98.88 99.81 74.01
CA SER C 10 98.55 101.18 74.36
C SER C 10 98.80 101.49 75.82
N ILE C 11 98.94 100.47 76.66
CA ILE C 11 99.25 100.65 78.07
C ILE C 11 100.74 100.48 78.35
N LEU C 12 101.35 99.44 77.77
CA LEU C 12 102.77 99.23 77.98
C LEU C 12 103.59 100.38 77.42
N GLU C 13 103.15 100.98 76.33
CA GLU C 13 103.87 102.14 75.80
C GLU C 13 103.84 103.29 76.80
N GLU C 14 102.67 103.56 77.38
CA GLU C 14 102.59 104.63 78.37
C GLU C 14 103.48 104.34 79.56
N ARG C 15 103.50 103.08 80.00
CA ARG C 15 104.24 102.73 81.19
C ARG C 15 105.74 102.56 80.94
N ILE C 16 106.17 102.44 79.69
CA ILE C 16 107.58 102.26 79.40
C ILE C 16 108.32 103.59 79.46
N LEU C 17 107.81 104.59 78.76
CA LEU C 17 108.41 105.91 78.77
C LEU C 17 107.89 106.78 79.92
N GLY C 18 107.36 106.16 80.97
CA GLY C 18 107.00 106.86 82.19
C GLY C 18 105.92 107.91 82.04
N ALA C 19 105.17 107.91 80.94
CA ALA C 19 104.17 108.95 80.72
C ALA C 19 102.99 108.86 81.68
N ASP C 20 102.83 107.74 82.40
CA ASP C 20 101.68 107.59 83.27
C ASP C 20 101.68 108.60 84.41
N THR C 21 102.81 109.25 84.68
CA THR C 21 102.85 110.27 85.73
C THR C 21 101.92 111.43 85.43
N SER C 22 101.51 111.60 84.17
CA SER C 22 100.69 112.72 83.77
C SER C 22 99.20 112.45 83.91
N VAL C 23 98.77 111.24 83.56
CA VAL C 23 97.36 110.88 83.62
C VAL C 23 97.08 110.24 84.98
N ASP C 24 96.02 110.71 85.63
CA ASP C 24 95.65 110.14 86.92
C ASP C 24 95.12 108.72 86.74
N LEU C 25 95.54 107.83 87.64
CA LEU C 25 95.02 106.49 87.69
C LEU C 25 94.39 106.13 89.02
N GLU C 26 94.61 106.94 90.06
CA GLU C 26 93.96 106.69 91.33
C GLU C 26 92.50 107.10 91.31
N GLU C 27 92.10 108.01 90.43
CA GLU C 27 90.73 108.52 90.42
C GLU C 27 90.17 108.62 89.01
N THR C 28 90.74 107.94 88.03
CA THR C 28 90.30 108.08 86.66
C THR C 28 90.91 106.97 85.83
N GLY C 29 90.11 106.34 84.99
CA GLY C 29 90.56 105.25 84.16
C GLY C 29 90.20 105.47 82.70
N ARG C 30 90.60 104.51 81.88
CA ARG C 30 90.34 104.54 80.45
C ARG C 30 89.77 103.20 80.02
N VAL C 31 88.72 103.23 79.22
CA VAL C 31 88.01 102.01 78.85
C VAL C 31 88.88 101.20 77.90
N LEU C 32 89.48 100.13 78.40
CA LEU C 32 90.30 99.28 77.55
C LEU C 32 89.48 98.69 76.41
N SER C 33 88.30 98.15 76.72
CA SER C 33 87.53 97.42 75.72
C SER C 33 86.07 97.33 76.15
N ILE C 34 85.21 98.04 75.46
CA ILE C 34 83.76 97.93 75.65
C ILE C 34 83.25 96.81 74.75
N GLY C 35 82.44 95.92 75.31
CA GLY C 35 81.86 94.86 74.53
C GLY C 35 80.98 93.97 75.37
N ASP C 36 79.89 93.48 74.78
CA ASP C 36 78.96 92.60 75.49
C ASP C 36 78.40 93.28 76.74
N GLY C 37 78.19 94.59 76.65
CA GLY C 37 77.57 95.32 77.75
C GLY C 37 78.42 95.47 79.00
N ILE C 38 79.68 95.06 78.96
CA ILE C 38 80.60 95.21 80.09
C ILE C 38 81.86 95.87 79.57
N ALA C 39 82.36 96.86 80.30
CA ALA C 39 83.53 97.62 79.92
C ALA C 39 84.66 97.28 80.88
N ARG C 40 85.75 96.71 80.36
CA ARG C 40 86.96 96.59 81.14
C ARG C 40 87.62 97.95 81.17
N VAL C 41 87.89 98.48 82.36
CA VAL C 41 88.40 99.83 82.51
C VAL C 41 89.74 99.76 83.22
N HIS C 42 90.76 100.37 82.63
CA HIS C 42 92.10 100.35 83.19
C HIS C 42 92.33 101.60 84.01
N GLY C 43 92.68 101.43 85.28
CA GLY C 43 92.86 102.54 86.19
C GLY C 43 91.96 102.40 87.41
N LEU C 44 91.50 103.55 87.91
CA LEU C 44 90.56 103.58 89.01
C LEU C 44 91.07 102.80 90.21
N ARG C 45 92.32 103.06 90.60
CA ARG C 45 92.89 102.30 91.70
C ARG C 45 92.14 102.52 93.01
N ASN C 46 91.42 103.63 93.16
CA ASN C 46 90.71 103.93 94.39
C ASN C 46 89.20 103.76 94.25
N VAL C 47 88.77 102.79 93.45
CA VAL C 47 87.35 102.55 93.23
C VAL C 47 86.91 101.45 94.16
N GLN C 48 85.86 101.71 94.93
CA GLN C 48 85.28 100.70 95.80
C GLN C 48 84.43 99.76 94.97
N ALA C 49 84.39 98.49 95.39
CA ALA C 49 83.51 97.55 94.72
C ALA C 49 82.09 98.07 94.78
N GLU C 50 81.39 98.01 93.64
CA GLU C 50 80.03 98.46 93.48
C GLU C 50 79.89 99.98 93.55
N GLU C 51 80.99 100.72 93.49
CA GLU C 51 80.90 102.16 93.31
C GLU C 51 80.19 102.47 92.01
N MET C 52 79.73 103.71 91.87
CA MET C 52 78.99 104.16 90.70
C MET C 52 79.88 105.11 89.90
N VAL C 53 80.62 104.55 88.95
CA VAL C 53 81.49 105.35 88.11
C VAL C 53 80.69 105.96 86.97
N GLU C 54 81.20 107.06 86.41
CA GLU C 54 80.51 107.83 85.40
C GLU C 54 81.42 107.97 84.19
N PHE C 55 80.94 107.50 83.03
CA PHE C 55 81.76 107.49 81.83
C PHE C 55 81.92 108.90 81.30
N SER C 56 82.57 109.04 80.15
CA SER C 56 82.79 110.33 79.53
C SER C 56 81.69 110.73 78.56
N SER C 57 80.71 109.87 78.33
CA SER C 57 79.56 110.20 77.49
C SER C 57 78.32 110.52 78.31
N GLY C 58 78.47 110.69 79.62
CA GLY C 58 77.34 110.90 80.50
C GLY C 58 76.71 109.63 81.01
N LEU C 59 77.16 108.47 80.55
CA LEU C 59 76.59 107.22 81.01
C LEU C 59 77.01 106.98 82.46
N LYS C 60 76.59 105.84 83.01
CA LYS C 60 76.96 105.49 84.38
C LYS C 60 76.97 103.97 84.50
N GLY C 61 77.99 103.46 85.17
CA GLY C 61 78.06 102.04 85.47
C GLY C 61 78.51 101.82 86.90
N MET C 62 78.52 100.58 87.32
CA MET C 62 78.99 100.22 88.66
C MET C 62 80.06 99.15 88.55
N SER C 63 81.19 99.40 89.18
CA SER C 63 82.30 98.46 89.11
C SER C 63 81.94 97.16 89.79
N LEU C 64 81.96 96.06 89.04
CA LEU C 64 81.63 94.75 89.59
C LEU C 64 82.90 93.99 90.02
N ASN C 65 83.77 93.71 89.07
CA ASN C 65 84.96 92.92 89.31
C ASN C 65 86.14 93.86 89.48
N LEU C 66 86.79 93.80 90.62
CA LEU C 66 88.03 94.54 90.82
C LEU C 66 89.21 93.61 90.56
N GLU C 67 89.36 93.25 89.29
CA GLU C 67 90.48 92.41 88.92
C GLU C 67 91.78 93.15 89.20
N PRO C 68 92.88 92.43 89.41
CA PRO C 68 94.09 93.10 89.88
C PRO C 68 94.59 94.18 88.94
N ASP C 69 94.36 94.04 87.64
CA ASP C 69 94.91 94.98 86.67
C ASP C 69 93.88 95.92 86.08
N ASN C 70 92.61 95.54 86.02
CA ASN C 70 91.60 96.40 85.42
C ASN C 70 90.24 96.12 86.02
N VAL C 71 89.50 97.19 86.31
CA VAL C 71 88.14 97.07 86.81
C VAL C 71 87.23 96.55 85.71
N GLY C 72 86.08 96.03 86.11
CA GLY C 72 85.04 95.65 85.18
C GLY C 72 83.74 96.33 85.52
N VAL C 73 83.18 97.09 84.59
CA VAL C 73 82.09 98.01 84.87
C VAL C 73 80.90 97.64 84.01
N VAL C 74 79.74 97.50 84.61
CA VAL C 74 78.50 97.29 83.85
C VAL C 74 77.90 98.65 83.57
N VAL C 75 77.63 98.92 82.30
CA VAL C 75 77.12 100.22 81.87
C VAL C 75 75.60 100.21 81.98
N PHE C 76 75.07 101.13 82.79
CA PHE C 76 73.62 101.27 82.93
C PHE C 76 73.13 102.10 81.75
N GLY C 77 73.05 101.44 80.61
CA GLY C 77 72.63 102.12 79.40
C GLY C 77 73.06 101.32 78.20
N ASN C 78 73.20 102.01 77.09
CA ASN C 78 73.55 101.39 75.82
C ASN C 78 75.02 101.67 75.55
N ASP C 79 75.82 100.61 75.44
CA ASP C 79 77.25 100.77 75.24
C ASP C 79 77.61 101.35 73.88
N LYS C 80 76.64 101.42 72.98
CA LYS C 80 76.81 102.15 71.72
C LYS C 80 77.49 103.49 71.96
N LEU C 81 77.27 104.08 73.13
CA LEU C 81 77.77 105.40 73.46
C LEU C 81 79.20 105.39 73.98
N ILE C 82 79.75 104.22 74.29
CA ILE C 82 81.07 104.09 74.87
C ILE C 82 82.03 103.52 73.83
N LYS C 83 83.22 104.05 73.79
CA LYS C 83 84.26 103.60 72.87
C LYS C 83 85.53 103.38 73.66
N GLU C 84 86.30 102.36 73.27
CA GLU C 84 87.60 102.14 73.87
C GLU C 84 88.39 103.44 73.85
N GLY C 85 88.99 103.77 74.98
CA GLY C 85 89.74 104.99 75.15
C GLY C 85 89.02 106.08 75.91
N ASP C 86 87.71 105.95 76.10
CA ASP C 86 86.96 106.95 76.84
C ASP C 86 87.41 106.98 78.29
N ILE C 87 87.27 108.13 78.92
CA ILE C 87 87.77 108.38 80.27
C ILE C 87 86.63 108.18 81.25
N VAL C 88 86.85 107.35 82.26
CA VAL C 88 85.86 107.01 83.27
C VAL C 88 86.27 107.62 84.59
N LYS C 89 85.36 108.34 85.23
CA LYS C 89 85.65 109.06 86.46
C LYS C 89 84.87 108.48 87.62
N ARG C 90 85.50 108.44 88.80
CA ARG C 90 84.83 107.94 89.98
C ARG C 90 83.64 108.82 90.32
N THR C 91 82.88 108.36 91.32
CA THR C 91 81.90 109.21 91.98
C THR C 91 81.91 109.04 93.49
N GLY C 92 82.71 108.13 94.03
CA GLY C 92 82.88 108.04 95.47
C GLY C 92 81.60 107.81 96.22
N ALA C 93 80.72 106.95 95.72
CA ALA C 93 79.45 106.69 96.37
C ALA C 93 78.91 105.37 95.88
N ILE C 94 78.75 104.40 96.77
CA ILE C 94 78.15 103.14 96.38
C ILE C 94 76.87 103.43 95.64
N VAL C 95 76.58 102.62 94.63
CA VAL C 95 75.48 102.89 93.72
C VAL C 95 74.22 103.12 94.54
N ASP C 96 73.64 104.32 94.43
CA ASP C 96 72.51 104.70 95.24
C ASP C 96 71.53 105.49 94.39
N VAL C 97 70.38 105.80 94.98
CA VAL C 97 69.29 106.45 94.25
C VAL C 97 68.63 107.49 95.14
N PRO C 98 68.08 108.53 94.53
CA PRO C 98 67.36 109.53 95.31
C PRO C 98 66.12 108.91 95.93
N VAL C 99 65.73 109.43 97.09
CA VAL C 99 64.53 108.99 97.77
C VAL C 99 63.87 110.22 98.40
N GLY C 100 62.69 110.00 98.96
CA GLY C 100 61.94 111.04 99.63
C GLY C 100 60.52 111.09 99.13
N GLU C 101 59.78 112.09 99.60
CA GLU C 101 58.45 112.34 99.10
C GLU C 101 58.44 113.34 97.94
N GLU C 102 59.61 113.73 97.46
CA GLU C 102 59.70 114.55 96.26
C GLU C 102 59.62 113.71 94.99
N LEU C 103 59.57 112.39 95.14
CA LEU C 103 59.37 111.49 94.02
C LEU C 103 57.91 111.16 93.77
N LEU C 104 57.06 111.34 94.77
CA LEU C 104 55.67 110.95 94.64
C LEU C 104 55.01 111.62 93.45
N GLY C 105 54.34 110.83 92.62
CA GLY C 105 53.69 111.34 91.44
C GLY C 105 54.60 111.47 90.24
N ARG C 106 55.85 111.06 90.35
CA ARG C 106 56.80 111.14 89.25
C ARG C 106 57.03 109.74 88.69
N VAL C 107 57.37 109.70 87.40
CA VAL C 107 57.91 108.50 86.78
C VAL C 107 59.41 108.68 86.70
N VAL C 108 60.16 107.68 87.13
CA VAL C 108 61.61 107.74 87.15
C VAL C 108 62.16 106.46 86.56
N ASP C 109 63.22 106.57 85.77
CA ASP C 109 63.88 105.38 85.29
C ASP C 109 64.64 104.72 86.44
N ALA C 110 65.26 103.58 86.16
CA ALA C 110 65.80 102.75 87.23
C ALA C 110 66.81 103.48 88.11
N LEU C 111 67.26 104.66 87.72
CA LEU C 111 68.30 105.37 88.45
C LEU C 111 67.81 106.64 89.13
N GLY C 112 66.52 106.94 89.07
CA GLY C 112 66.00 108.15 89.67
C GLY C 112 66.03 109.37 88.78
N ASN C 113 66.14 109.19 87.46
CA ASN C 113 66.11 110.29 86.51
C ASN C 113 64.72 110.36 85.88
N ALA C 114 63.97 111.41 86.20
CA ALA C 114 62.59 111.49 85.75
C ALA C 114 62.51 111.39 84.24
N ILE C 115 61.56 110.59 83.74
CA ILE C 115 61.37 110.41 82.32
C ILE C 115 59.97 110.83 81.88
N ASP C 116 59.28 111.61 82.70
CA ASP C 116 58.00 112.20 82.31
C ASP C 116 58.15 113.66 81.89
N GLY C 117 59.37 114.17 81.84
CA GLY C 117 59.58 115.53 81.37
C GLY C 117 58.86 116.58 82.19
N LYS C 118 58.87 116.44 83.52
CA LYS C 118 58.26 117.41 84.42
C LYS C 118 59.29 118.05 85.34
N GLY C 119 60.56 118.04 84.96
CA GLY C 119 61.58 118.69 85.72
C GLY C 119 62.29 117.74 86.67
N PRO C 120 63.39 118.19 87.25
CA PRO C 120 64.20 117.30 88.09
C PRO C 120 63.48 116.89 89.36
N ILE C 121 63.85 115.72 89.87
CA ILE C 121 63.39 115.23 91.17
C ILE C 121 64.16 116.01 92.22
N GLY C 122 63.53 117.03 92.79
CA GLY C 122 64.20 117.84 93.79
C GLY C 122 64.23 117.18 95.15
N SER C 123 64.96 116.07 95.28
CA SER C 123 65.08 115.36 96.54
C SER C 123 66.39 115.70 97.22
N LYS C 124 66.51 115.27 98.48
CA LYS C 124 67.70 115.53 99.27
C LYS C 124 68.44 114.28 99.70
N ALA C 125 67.72 113.24 100.10
CA ALA C 125 68.34 112.02 100.60
C ALA C 125 68.62 111.04 99.46
N ARG C 126 69.80 110.45 99.50
CA ARG C 126 70.20 109.41 98.57
C ARG C 126 70.43 108.14 99.36
N ARG C 127 69.69 107.09 99.04
CA ARG C 127 69.77 105.82 99.75
C ARG C 127 70.41 104.78 98.85
N ARG C 128 71.24 103.94 99.44
CA ARG C 128 71.88 102.89 98.65
C ARG C 128 70.82 101.95 98.08
N VAL C 129 71.23 101.18 97.07
CA VAL C 129 70.40 100.08 96.59
C VAL C 129 70.91 98.74 97.10
N GLY C 130 72.20 98.63 97.41
CA GLY C 130 72.75 97.39 97.92
C GLY C 130 72.70 97.33 99.43
N LEU C 131 71.61 97.76 100.03
CA LEU C 131 71.47 97.71 101.47
C LEU C 131 71.12 96.31 101.92
N LYS C 132 71.23 96.10 103.23
CA LYS C 132 70.88 94.85 103.88
C LYS C 132 69.44 94.92 104.35
N ALA C 133 68.81 93.77 104.44
CA ALA C 133 67.44 93.72 104.93
C ALA C 133 67.43 93.77 106.45
N PRO C 134 66.31 94.15 107.06
CA PRO C 134 66.24 94.22 108.51
C PRO C 134 66.48 92.86 109.14
N GLY C 135 67.18 92.86 110.27
CA GLY C 135 67.54 91.62 110.92
C GLY C 135 66.36 90.88 111.52
N ILE C 136 66.64 90.00 112.47
CA ILE C 136 65.59 89.19 113.09
C ILE C 136 64.77 90.02 114.05
N ILE C 137 65.42 90.91 114.80
CA ILE C 137 64.81 91.56 115.95
C ILE C 137 63.91 92.72 115.55
N PRO C 138 64.33 93.58 114.61
CA PRO C 138 63.48 94.74 114.28
C PRO C 138 62.07 94.38 113.88
N ARG C 139 61.85 93.25 113.23
CA ARG C 139 60.53 92.89 112.76
C ARG C 139 59.64 92.44 113.90
N ILE C 140 58.33 92.53 113.67
CA ILE C 140 57.33 91.85 114.47
C ILE C 140 56.27 91.32 113.52
N SER C 141 55.31 90.58 114.08
CA SER C 141 54.30 89.94 113.25
C SER C 141 53.58 90.98 112.42
N VAL C 142 52.78 90.50 111.48
CA VAL C 142 52.04 91.34 110.55
C VAL C 142 50.61 91.48 111.08
N ARG C 143 50.22 92.71 111.42
CA ARG C 143 48.99 92.94 112.17
C ARG C 143 47.96 93.73 111.38
N GLU C 144 48.31 94.91 110.86
CA GLU C 144 47.33 95.70 110.15
C GLU C 144 46.95 95.02 108.84
N PRO C 145 45.78 95.30 108.30
CA PRO C 145 45.42 94.77 106.99
C PRO C 145 45.76 95.73 105.87
N MET C 146 46.08 95.21 104.70
CA MET C 146 46.32 96.00 103.50
C MET C 146 45.12 95.77 102.58
N GLN C 147 44.13 96.65 102.70
CA GLN C 147 42.89 96.46 101.96
C GLN C 147 43.16 96.48 100.46
N THR C 148 42.98 95.32 99.82
CA THR C 148 43.27 95.22 98.40
C THR C 148 42.20 95.89 97.56
N GLY C 149 40.96 95.90 98.01
CA GLY C 149 39.87 96.39 97.21
C GLY C 149 39.30 95.39 96.24
N ILE C 150 39.76 94.15 96.27
CA ILE C 150 39.23 93.08 95.44
C ILE C 150 38.55 92.08 96.36
N LYS C 151 37.37 91.62 95.96
CA LYS C 151 36.60 90.75 96.83
C LYS C 151 37.34 89.48 97.15
N ALA C 152 37.88 88.81 96.12
CA ALA C 152 38.52 87.52 96.33
C ALA C 152 39.75 87.67 97.21
N VAL C 153 40.60 88.64 96.91
CA VAL C 153 41.85 88.80 97.65
C VAL C 153 41.55 89.15 99.11
N ASP C 154 40.60 90.04 99.36
CA ASP C 154 40.31 90.46 100.72
C ASP C 154 39.57 89.40 101.51
N SER C 155 38.81 88.54 100.84
CA SER C 155 38.02 87.54 101.55
C SER C 155 38.80 86.25 101.79
N LEU C 156 39.41 85.69 100.76
CA LEU C 156 40.00 84.37 100.82
C LEU C 156 41.52 84.34 100.83
N VAL C 157 42.18 85.41 100.40
CA VAL C 157 43.63 85.48 100.39
C VAL C 157 44.04 86.79 101.05
N PRO C 158 43.69 87.00 102.31
CA PRO C 158 43.94 88.31 102.91
C PRO C 158 45.41 88.66 102.94
N ILE C 159 45.71 89.94 102.76
CA ILE C 159 47.08 90.44 102.74
C ILE C 159 47.26 91.36 103.93
N GLY C 160 48.32 91.12 104.69
CA GLY C 160 48.69 91.99 105.78
C GLY C 160 49.59 93.11 105.28
N ARG C 161 50.28 93.74 106.21
CA ARG C 161 51.24 94.79 105.88
C ARG C 161 52.63 94.30 106.26
N GLY C 162 53.55 94.36 105.30
CA GLY C 162 54.84 93.73 105.44
C GLY C 162 54.88 92.31 104.94
N GLN C 163 53.74 91.76 104.58
CA GLN C 163 53.69 90.41 104.02
C GLN C 163 54.05 90.46 102.54
N ARG C 164 54.91 89.57 102.11
CA ARG C 164 55.28 89.44 100.70
C ARG C 164 54.30 88.48 100.05
N GLU C 165 53.34 89.01 99.31
CA GLU C 165 52.43 88.18 98.54
C GLU C 165 53.12 87.80 97.25
N LEU C 166 52.42 87.12 96.35
CA LEU C 166 53.01 86.75 95.07
C LEU C 166 51.88 86.52 94.09
N ILE C 167 51.72 87.44 93.14
CA ILE C 167 50.71 87.30 92.10
C ILE C 167 51.38 86.50 90.98
N ILE C 168 51.06 85.22 90.89
CA ILE C 168 51.71 84.31 89.96
C ILE C 168 50.66 83.70 89.07
N GLY C 169 50.90 83.72 87.77
CA GLY C 169 49.96 83.13 86.85
C GLY C 169 50.27 83.45 85.40
N ASP C 170 49.83 82.59 84.49
CA ASP C 170 50.19 82.69 83.09
C ASP C 170 49.90 84.09 82.56
N ARG C 171 50.53 84.46 81.45
CA ARG C 171 50.42 85.82 80.95
C ARG C 171 49.01 86.11 80.48
N GLN C 172 48.68 87.40 80.44
CA GLN C 172 47.34 87.88 80.10
C GLN C 172 46.30 87.16 80.95
N THR C 173 46.39 87.39 82.26
CA THR C 173 45.50 86.74 83.20
C THR C 173 44.87 87.67 84.21
N GLY C 174 45.43 88.85 84.46
CA GLY C 174 44.84 89.75 85.42
C GLY C 174 45.75 90.05 86.58
N LYS C 175 47.06 90.09 86.31
CA LYS C 175 48.04 90.40 87.35
C LYS C 175 48.23 91.90 87.48
N THR C 176 48.59 92.55 86.37
CA THR C 176 48.66 94.01 86.38
C THR C 176 47.36 94.60 86.86
N SER C 177 46.23 93.97 86.53
CA SER C 177 44.94 94.50 86.95
C SER C 177 44.77 94.44 88.46
N ILE C 178 45.19 93.35 89.08
CA ILE C 178 45.13 93.27 90.54
C ILE C 178 46.04 94.33 91.16
N ALA C 179 47.21 94.54 90.57
CA ALA C 179 48.10 95.56 91.11
C ALA C 179 47.47 96.95 91.00
N ILE C 180 46.85 97.26 89.87
CA ILE C 180 46.26 98.58 89.69
C ILE C 180 45.07 98.75 90.62
N ASP C 181 44.28 97.71 90.84
CA ASP C 181 43.19 97.81 91.80
C ASP C 181 43.72 98.07 93.19
N THR C 182 44.80 97.39 93.59
CA THR C 182 45.37 97.64 94.90
C THR C 182 45.96 99.04 95.01
N ILE C 183 46.41 99.61 93.89
CA ILE C 183 47.02 100.93 93.96
C ILE C 183 45.97 102.03 93.94
N ILE C 184 44.84 101.81 93.28
CA ILE C 184 43.79 102.80 93.25
C ILE C 184 42.96 102.72 94.52
N ASN C 185 42.85 101.55 95.11
CA ASN C 185 42.01 101.37 96.28
C ASN C 185 42.55 102.08 97.50
N GLN C 186 43.80 102.52 97.48
CA GLN C 186 44.36 103.23 98.62
C GLN C 186 44.04 104.71 98.61
N LYS C 187 43.29 105.19 97.61
CA LYS C 187 42.94 106.59 97.58
C LYS C 187 42.11 106.97 98.80
N ARG C 188 41.17 106.10 99.19
CA ARG C 188 40.29 106.42 100.30
C ARG C 188 41.07 106.61 101.59
N PHE C 189 42.06 105.75 101.86
CA PHE C 189 42.84 105.88 103.08
C PHE C 189 43.77 107.08 103.02
N ASN C 190 44.24 107.45 101.83
CA ASN C 190 45.17 108.55 101.67
C ASN C 190 44.49 109.91 101.62
N ASP C 191 43.25 110.01 102.10
CA ASP C 191 42.52 111.27 102.16
C ASP C 191 41.97 111.48 103.56
N GLY C 192 42.82 111.23 104.56
CA GLY C 192 42.50 111.47 105.95
C GLY C 192 43.66 112.14 106.65
N THR C 193 43.85 111.78 107.90
CA THR C 193 44.96 112.31 108.68
C THR C 193 45.80 111.22 109.33
N ASP C 194 45.17 110.15 109.81
CA ASP C 194 45.90 109.11 110.52
C ASP C 194 46.99 108.52 109.65
N GLU C 195 48.25 108.74 110.02
CA GLU C 195 49.37 108.15 109.31
C GLU C 195 49.39 106.63 109.43
N LYS C 196 48.61 106.06 110.35
CA LYS C 196 48.58 104.61 110.50
C LYS C 196 47.90 103.92 109.34
N LYS C 197 47.14 104.64 108.53
CA LYS C 197 46.40 104.07 107.41
C LYS C 197 47.00 104.39 106.06
N LYS C 198 47.53 105.60 105.88
CA LYS C 198 48.01 106.00 104.57
C LYS C 198 49.05 105.02 104.07
N LEU C 199 48.90 104.60 102.82
CA LEU C 199 49.79 103.64 102.19
C LEU C 199 50.29 104.23 100.88
N TYR C 200 51.60 104.39 100.75
CA TYR C 200 52.21 104.96 99.56
C TYR C 200 52.68 103.85 98.64
N CYS C 201 52.25 103.90 97.40
CA CYS C 201 52.48 102.80 96.47
C CYS C 201 53.63 103.10 95.53
N ILE C 202 54.38 102.06 95.19
CA ILE C 202 55.48 102.10 94.25
C ILE C 202 55.23 101.02 93.23
N TYR C 203 55.37 101.33 91.96
CA TYR C 203 55.14 100.37 90.89
C TYR C 203 56.38 100.28 90.04
N VAL C 204 57.04 99.14 90.06
CA VAL C 204 58.25 98.91 89.29
C VAL C 204 57.85 98.11 88.06
N ALA C 205 58.10 98.66 86.88
CA ALA C 205 57.73 98.04 85.62
C ALA C 205 59.01 97.62 84.90
N ILE C 206 59.27 96.31 84.88
CA ILE C 206 60.53 95.75 84.42
C ILE C 206 60.26 95.03 83.11
N GLY C 207 61.00 95.39 82.07
CA GLY C 207 60.88 94.68 80.81
C GLY C 207 59.48 94.66 80.25
N GLN C 208 58.78 95.78 80.34
CA GLN C 208 57.41 95.89 79.84
C GLN C 208 57.32 96.94 78.76
N LYS C 209 56.48 96.70 77.77
CA LYS C 209 56.23 97.64 76.70
C LYS C 209 56.06 99.06 77.26
N ARG C 210 56.89 99.98 76.81
CA ARG C 210 56.81 101.35 77.34
C ARG C 210 55.44 101.96 77.07
N SER C 211 54.77 101.54 76.00
CA SER C 211 53.41 101.98 75.79
C SER C 211 52.51 101.55 76.94
N THR C 212 52.70 100.33 77.43
CA THR C 212 51.89 99.84 78.53
C THR C 212 52.10 100.67 79.79
N VAL C 213 53.35 100.99 80.10
CA VAL C 213 53.60 101.81 81.28
C VAL C 213 53.02 103.20 81.10
N ALA C 214 53.09 103.75 79.89
CA ALA C 214 52.49 105.06 79.65
C ALA C 214 50.99 105.02 79.87
N GLN C 215 50.33 104.00 79.35
CA GLN C 215 48.89 103.88 79.54
C GLN C 215 48.55 103.68 81.01
N LEU C 216 49.36 102.92 81.72
CA LEU C 216 49.14 102.71 83.14
C LEU C 216 49.24 104.02 83.91
N VAL C 217 50.25 104.82 83.62
CA VAL C 217 50.38 106.11 84.29
C VAL C 217 49.18 106.99 83.98
N LYS C 218 48.75 106.99 82.73
CA LYS C 218 47.57 107.79 82.39
C LYS C 218 46.34 107.30 83.14
N ARG C 219 46.15 105.99 83.22
CA ARG C 219 45.00 105.45 83.94
C ARG C 219 45.05 105.81 85.41
N LEU C 220 46.24 105.75 86.01
CA LEU C 220 46.36 106.15 87.42
C LEU C 220 45.99 107.61 87.60
N THR C 221 46.62 108.50 86.83
CA THR C 221 46.30 109.92 86.97
C THR C 221 44.84 110.21 86.66
N ASP C 222 44.18 109.34 85.88
CA ASP C 222 42.75 109.52 85.64
C ASP C 222 41.94 109.39 86.92
N ALA C 223 42.48 108.74 87.94
CA ALA C 223 41.78 108.52 89.21
C ALA C 223 42.53 109.17 90.37
N ASP C 224 43.33 110.19 90.08
CA ASP C 224 44.15 110.85 91.09
C ASP C 224 44.74 109.84 92.05
N ALA C 225 45.16 108.69 91.53
CA ALA C 225 45.94 107.72 92.28
C ALA C 225 47.42 107.87 92.01
N MET C 226 47.84 109.05 91.57
CA MET C 226 49.21 109.33 91.24
C MET C 226 49.85 110.32 92.20
N LYS C 227 49.04 111.07 92.94
CA LYS C 227 49.55 112.03 93.89
C LYS C 227 50.36 111.34 94.98
N TYR C 228 50.20 110.03 95.11
CA TYR C 228 50.86 109.27 96.16
C TYR C 228 51.56 108.03 95.65
N THR C 229 51.85 107.93 94.36
CA THR C 229 52.49 106.77 93.78
C THR C 229 53.79 107.16 93.11
N ILE C 230 54.75 106.25 93.16
CA ILE C 230 55.96 106.35 92.37
C ILE C 230 55.88 105.25 91.31
N VAL C 231 56.47 105.51 90.15
CA VAL C 231 56.48 104.55 89.06
C VAL C 231 57.91 104.46 88.54
N VAL C 232 58.62 103.43 88.93
CA VAL C 232 59.95 103.16 88.42
C VAL C 232 59.81 102.31 87.16
N SER C 233 60.58 102.61 86.13
CA SER C 233 60.30 102.10 84.80
C SER C 233 61.60 101.69 84.11
N ALA C 234 61.87 100.39 84.06
CA ALA C 234 62.96 99.82 83.27
C ALA C 234 62.31 98.90 82.25
N THR C 235 61.88 99.49 81.13
CA THR C 235 61.00 98.81 80.20
C THR C 235 61.80 97.86 79.31
N ALA C 236 61.16 97.33 78.26
CA ALA C 236 61.78 96.28 77.47
C ALA C 236 63.03 96.79 76.75
N SER C 237 62.98 98.01 76.22
CA SER C 237 64.12 98.51 75.46
C SER C 237 65.36 98.68 76.33
N ASP C 238 65.17 99.15 77.56
CA ASP C 238 66.30 99.53 78.40
C ASP C 238 67.28 98.38 78.58
N ALA C 239 68.56 98.71 78.47
CA ALA C 239 69.61 97.70 78.59
C ALA C 239 69.41 96.86 79.83
N ALA C 240 69.90 95.63 79.78
CA ALA C 240 69.64 94.68 80.86
C ALA C 240 70.05 95.20 82.22
N PRO C 241 71.18 95.87 82.41
CA PRO C 241 71.52 96.35 83.75
C PRO C 241 70.47 97.26 84.36
N LEU C 242 69.79 98.07 83.56
CA LEU C 242 68.73 98.90 84.11
C LEU C 242 67.54 98.05 84.56
N GLN C 243 67.16 97.06 83.76
CA GLN C 243 66.12 96.14 84.18
C GLN C 243 66.53 95.33 85.38
N TYR C 244 67.83 95.24 85.66
CA TYR C 244 68.29 94.49 86.82
C TYR C 244 68.35 95.36 88.07
N LEU C 245 68.57 96.67 87.92
CA LEU C 245 68.51 97.55 89.08
C LEU C 245 67.11 98.00 89.42
N ALA C 246 66.19 98.05 88.46
CA ALA C 246 64.89 98.65 88.74
C ALA C 246 64.26 98.14 90.02
N PRO C 247 64.22 96.84 90.29
CA PRO C 247 63.61 96.38 91.55
C PRO C 247 64.34 96.89 92.77
N TYR C 248 65.67 96.98 92.74
CA TYR C 248 66.38 97.48 93.90
C TYR C 248 66.17 98.97 94.08
N SER C 249 66.09 99.73 92.99
CA SER C 249 65.79 101.14 93.10
C SER C 249 64.41 101.34 93.72
N GLY C 250 63.42 100.59 93.26
CA GLY C 250 62.10 100.69 93.86
C GLY C 250 62.09 100.29 95.32
N CYS C 251 62.78 99.20 95.64
CA CYS C 251 62.78 98.72 97.02
C CYS C 251 63.47 99.72 97.93
N SER C 252 64.47 100.44 97.44
CA SER C 252 65.09 101.47 98.27
C SER C 252 64.19 102.69 98.43
N MET C 253 63.55 103.12 97.34
CA MET C 253 62.62 104.24 97.45
C MET C 253 61.49 103.92 98.42
N GLY C 254 61.14 102.64 98.56
CA GLY C 254 60.14 102.26 99.55
C GLY C 254 60.71 102.05 100.93
N GLU C 255 61.95 101.59 101.03
CA GLU C 255 62.59 101.46 102.32
C GLU C 255 62.73 102.82 103.00
N TYR C 256 62.87 103.87 102.22
CA TYR C 256 62.91 105.20 102.83
C TYR C 256 61.67 105.43 103.67
N PHE C 257 60.50 105.05 103.15
CA PHE C 257 59.28 105.16 103.92
C PHE C 257 59.29 104.18 105.09
N ARG C 258 59.62 102.93 104.82
CA ARG C 258 59.56 101.92 105.88
C ARG C 258 60.36 102.34 107.09
N ASP C 259 61.51 102.99 106.87
CA ASP C 259 62.37 103.39 107.97
C ASP C 259 61.89 104.64 108.69
N ASN C 260 60.85 105.32 108.18
CA ASN C 260 60.35 106.55 108.76
C ASN C 260 58.91 106.41 109.22
N GLY C 261 58.57 105.25 109.75
CA GLY C 261 57.27 105.09 110.36
C GLY C 261 56.08 105.19 109.42
N LYS C 262 56.30 105.16 108.12
CA LYS C 262 55.21 105.17 107.15
C LYS C 262 55.08 103.80 106.50
N HIS C 263 54.00 103.62 105.76
CA HIS C 263 53.66 102.34 105.17
C HIS C 263 53.67 102.45 103.66
N ALA C 264 54.35 101.52 102.99
CA ALA C 264 54.50 101.55 101.55
C ALA C 264 54.14 100.20 100.97
N LEU C 265 53.96 100.17 99.65
CA LEU C 265 53.48 98.98 98.94
C LEU C 265 54.16 98.94 97.58
N ILE C 266 55.12 98.04 97.40
CA ILE C 266 55.89 97.98 96.18
C ILE C 266 55.40 96.81 95.34
N ILE C 267 55.20 97.04 94.06
CA ILE C 267 54.69 96.05 93.13
C ILE C 267 55.73 95.86 92.04
N TYR C 268 56.46 94.75 92.08
CA TYR C 268 57.40 94.42 91.03
C TYR C 268 56.64 93.72 89.91
N ASP C 269 56.76 94.24 88.68
CA ASP C 269 56.00 93.75 87.55
C ASP C 269 56.95 93.66 86.36
N ASP C 270 57.67 92.54 86.22
CA ASP C 270 57.61 91.40 87.11
C ASP C 270 58.99 90.78 87.29
N LEU C 271 59.17 90.06 88.39
CA LEU C 271 60.50 89.56 88.74
C LEU C 271 61.03 88.56 87.72
N SER C 272 60.17 87.89 86.97
CA SER C 272 60.69 86.93 86.00
C SER C 272 61.55 87.64 84.96
N LYS C 273 61.17 88.85 84.56
CA LYS C 273 61.96 89.57 83.58
C LYS C 273 63.24 90.12 84.18
N GLN C 274 63.25 90.44 85.48
CA GLN C 274 64.53 90.68 86.12
C GLN C 274 65.42 89.46 86.02
N ALA C 275 64.87 88.29 86.28
CA ALA C 275 65.70 87.09 86.28
C ALA C 275 66.26 86.84 84.89
N VAL C 276 65.45 87.07 83.86
CA VAL C 276 65.94 86.94 82.49
C VAL C 276 67.05 87.93 82.21
N ALA C 277 66.88 89.19 82.65
CA ALA C 277 67.94 90.18 82.44
C ALA C 277 69.22 89.80 83.15
N TYR C 278 69.11 89.28 84.37
CA TYR C 278 70.30 88.89 85.11
C TYR C 278 70.98 87.70 84.45
N ARG C 279 70.20 86.77 83.91
CA ARG C 279 70.81 85.67 83.17
C ARG C 279 71.56 86.20 81.95
N GLN C 280 70.98 87.18 81.26
CA GLN C 280 71.71 87.78 80.15
C GLN C 280 73.04 88.34 80.63
N MET C 281 73.00 89.15 81.69
CA MET C 281 74.24 89.73 82.20
C MET C 281 75.27 88.66 82.50
N SER C 282 74.88 87.65 83.27
CA SER C 282 75.83 86.62 83.66
C SER C 282 76.40 85.91 82.45
N LEU C 283 75.55 85.40 81.58
CA LEU C 283 76.05 84.68 80.42
C LEU C 283 76.93 85.55 79.54
N LEU C 284 76.75 86.87 79.57
CA LEU C 284 77.67 87.72 78.84
C LEU C 284 78.95 88.00 79.61
N LEU C 285 78.97 87.76 80.92
CA LEU C 285 80.21 87.84 81.69
C LEU C 285 80.93 86.50 81.75
N ARG C 286 80.43 85.49 81.05
CA ARG C 286 81.01 84.16 80.91
C ARG C 286 80.77 83.30 82.14
N ARG C 287 80.02 83.76 83.13
CA ARG C 287 79.82 82.95 84.32
C ARG C 287 79.12 81.65 83.94
N PRO C 288 79.33 80.58 84.68
CA PRO C 288 78.74 79.29 84.32
C PRO C 288 77.22 79.36 84.35
N PRO C 289 76.55 78.69 83.42
CA PRO C 289 75.09 78.55 83.51
C PRO C 289 74.72 77.46 84.51
N GLY C 290 73.43 77.33 84.75
CA GLY C 290 72.93 76.39 85.71
C GLY C 290 71.75 75.60 85.18
N ARG C 291 70.63 75.67 85.89
CA ARG C 291 69.40 75.01 85.46
C ARG C 291 68.58 76.01 84.67
N GLU C 292 68.39 75.74 83.39
CA GLU C 292 67.76 76.62 82.42
C GLU C 292 68.70 77.74 82.00
N ALA C 293 69.99 77.63 82.30
CA ALA C 293 71.02 78.60 82.02
C ALA C 293 71.03 79.75 83.01
N TYR C 294 70.11 79.78 83.96
CA TYR C 294 70.16 80.81 84.99
C TYR C 294 71.41 80.63 85.83
N PRO C 295 72.08 81.71 86.22
CA PRO C 295 73.27 81.56 87.06
C PRO C 295 72.93 80.81 88.33
N GLY C 296 73.98 80.44 89.07
CA GLY C 296 73.76 79.75 90.32
C GLY C 296 73.01 80.59 91.34
N ASP C 297 73.20 81.90 91.29
CA ASP C 297 72.69 82.80 92.31
C ASP C 297 71.48 83.59 91.85
N VAL C 298 70.56 82.97 91.12
CA VAL C 298 69.34 83.66 90.74
C VAL C 298 68.32 83.50 91.87
N PHE C 299 68.78 82.98 93.01
CA PHE C 299 67.99 82.97 94.23
C PHE C 299 68.45 84.02 95.22
N TYR C 300 69.75 84.19 95.38
CA TYR C 300 70.23 85.33 96.13
C TYR C 300 69.95 86.63 95.44
N LEU C 301 69.53 86.58 94.18
CA LEU C 301 69.11 87.80 93.49
C LEU C 301 67.73 88.24 93.97
N HIS C 302 66.81 87.31 94.15
CA HIS C 302 65.47 87.68 94.61
C HIS C 302 65.43 87.83 96.12
N SER C 303 66.05 86.92 96.85
CA SER C 303 65.93 86.95 98.31
C SER C 303 66.47 88.25 98.88
N ARG C 304 67.62 88.71 98.40
CA ARG C 304 68.14 89.96 98.91
C ARG C 304 67.29 91.16 98.52
N LEU C 305 66.23 90.95 97.74
CA LEU C 305 65.30 91.99 97.35
C LEU C 305 63.97 91.88 98.07
N LEU C 306 63.43 90.67 98.14
CA LEU C 306 62.15 90.44 98.79
C LEU C 306 62.27 90.29 100.30
N GLU C 307 63.48 90.26 100.84
CA GLU C 307 63.65 90.22 102.29
C GLU C 307 63.61 91.59 102.92
N ARG C 308 63.62 92.65 102.12
CA ARG C 308 63.50 94.00 102.64
C ARG C 308 62.06 94.43 102.84
N ALA C 309 61.10 93.65 102.38
CA ALA C 309 59.68 93.97 102.54
C ALA C 309 59.22 93.48 103.90
N ALA C 310 59.71 94.16 104.92
CA ALA C 310 59.53 93.77 106.31
C ALA C 310 58.49 94.63 106.99
N LYS C 311 58.26 94.35 108.27
CA LYS C 311 57.30 95.07 109.10
C LYS C 311 58.02 95.46 110.38
N MET C 312 58.65 96.64 110.37
CA MET C 312 59.37 97.11 111.54
C MET C 312 58.44 97.11 112.74
N ASN C 313 58.99 97.16 113.93
CA ASN C 313 58.21 97.22 115.16
C ASN C 313 58.28 98.64 115.73
N ASP C 314 57.51 98.88 116.79
CA ASP C 314 57.40 100.23 117.32
C ASP C 314 58.76 100.79 117.71
N ALA C 315 59.70 99.93 118.11
CA ALA C 315 61.00 100.42 118.52
C ALA C 315 61.70 101.15 117.37
N PHE C 316 61.66 100.58 116.18
CA PHE C 316 62.36 101.15 115.04
C PHE C 316 61.52 102.15 114.25
N GLY C 317 60.24 102.27 114.55
CA GLY C 317 59.41 103.24 113.88
C GLY C 317 58.01 102.73 113.59
N GLY C 318 57.85 101.42 113.57
CA GLY C 318 56.56 100.86 113.23
C GLY C 318 56.23 100.94 111.77
N GLY C 319 57.22 101.16 110.92
CA GLY C 319 56.97 101.29 109.50
C GLY C 319 56.53 99.98 108.87
N SER C 320 56.68 99.87 107.55
CA SER C 320 56.25 98.68 106.83
C SER C 320 56.61 98.86 105.37
N LEU C 321 56.65 97.74 104.65
CA LEU C 321 56.81 97.78 103.20
C LEU C 321 56.25 96.46 102.67
N THR C 322 55.02 96.50 102.17
CA THR C 322 54.45 95.33 101.54
C THR C 322 55.06 95.16 100.16
N ALA C 323 55.09 93.92 99.68
CA ALA C 323 55.62 93.65 98.35
C ALA C 323 54.70 92.68 97.64
N LEU C 324 54.42 92.94 96.38
CA LEU C 324 53.55 92.08 95.57
C LEU C 324 54.24 91.73 94.28
N PRO C 325 55.33 90.96 94.36
CA PRO C 325 56.03 90.57 93.14
C PRO C 325 55.10 89.80 92.23
N VAL C 326 55.22 90.06 90.94
CA VAL C 326 54.46 89.35 89.92
C VAL C 326 55.39 88.37 89.24
N ILE C 327 54.83 87.25 88.81
CA ILE C 327 55.58 86.22 88.09
C ILE C 327 54.72 85.70 86.95
N GLU C 328 55.32 85.51 85.80
CA GLU C 328 54.62 85.02 84.61
C GLU C 328 55.07 83.59 84.38
N THR C 329 54.37 82.64 84.98
CA THR C 329 54.67 81.26 84.69
C THR C 329 54.47 80.99 83.20
N GLN C 330 55.12 79.94 82.72
CA GLN C 330 54.85 79.48 81.36
C GLN C 330 53.56 78.70 81.40
N ALA C 331 53.28 77.91 80.36
CA ALA C 331 51.93 77.44 80.11
C ALA C 331 51.17 77.12 81.40
N GLY C 332 51.69 76.20 82.20
CA GLY C 332 51.06 75.91 83.47
C GLY C 332 52.03 75.51 84.55
N ASP C 333 53.32 75.63 84.29
CA ASP C 333 54.35 75.10 85.18
C ASP C 333 54.57 76.07 86.32
N VAL C 334 54.15 75.69 87.52
CA VAL C 334 54.52 76.40 88.73
C VAL C 334 55.52 75.53 89.48
N SER C 335 56.26 74.72 88.73
CA SER C 335 57.38 73.97 89.26
C SER C 335 58.67 74.32 88.55
N ALA C 336 58.65 75.29 87.65
CA ALA C 336 59.86 75.68 86.95
C ALA C 336 60.84 76.27 87.94
N TYR C 337 62.01 76.69 87.44
CA TYR C 337 63.06 77.15 88.34
C TYR C 337 62.65 78.41 89.07
N ILE C 338 62.17 79.42 88.35
CA ILE C 338 61.96 80.73 88.97
C ILE C 338 60.65 80.79 89.75
N PRO C 339 59.55 80.27 89.24
CA PRO C 339 58.34 80.24 90.06
C PRO C 339 58.56 79.54 91.39
N THR C 340 59.33 78.47 91.40
CA THR C 340 59.63 77.79 92.65
C THR C 340 60.63 78.57 93.49
N ASN C 341 61.61 79.21 92.85
CA ASN C 341 62.57 80.01 93.59
C ASN C 341 61.89 81.16 94.31
N VAL C 342 60.80 81.68 93.77
CA VAL C 342 60.11 82.80 94.41
C VAL C 342 58.94 82.34 95.29
N ILE C 343 58.40 81.15 95.07
CA ILE C 343 57.35 80.65 95.95
C ILE C 343 57.89 80.32 97.31
N SER C 344 59.20 80.11 97.43
CA SER C 344 59.85 79.79 98.70
C SER C 344 60.52 80.99 99.32
N ILE C 345 60.26 82.19 98.81
CA ILE C 345 60.76 83.42 99.40
C ILE C 345 59.64 84.26 99.98
N THR C 346 58.42 84.12 99.48
CA THR C 346 57.29 84.95 99.87
C THR C 346 56.45 84.25 100.92
N ASP C 347 55.54 85.01 101.52
CA ASP C 347 54.67 84.53 102.59
C ASP C 347 53.28 84.17 102.10
N GLY C 348 53.07 84.10 100.80
CA GLY C 348 51.75 83.83 100.28
C GLY C 348 51.83 83.54 98.80
N GLN C 349 50.66 83.42 98.19
CA GLN C 349 50.57 83.20 96.74
C GLN C 349 49.18 83.60 96.29
N ILE C 350 49.08 84.05 95.05
CA ILE C 350 47.77 84.29 94.45
C ILE C 350 47.79 83.71 93.03
N PHE C 351 47.29 82.50 92.88
CA PHE C 351 47.33 81.82 91.59
C PHE C 351 46.18 82.32 90.73
N LEU C 352 46.51 82.80 89.55
CA LEU C 352 45.50 83.26 88.60
C LEU C 352 45.44 82.25 87.47
N GLU C 353 44.56 81.25 87.63
CA GLU C 353 44.40 80.24 86.60
C GLU C 353 43.87 80.85 85.32
N THR C 354 44.35 80.36 84.19
CA THR C 354 43.91 80.89 82.90
C THR C 354 42.63 80.23 82.41
N GLU C 355 42.38 78.98 82.77
CA GLU C 355 41.11 78.35 82.41
C GLU C 355 39.95 79.13 83.01
N LEU C 356 40.07 79.53 84.28
CA LEU C 356 39.04 80.37 84.87
C LEU C 356 38.89 81.68 84.11
N PHE C 357 40.01 82.27 83.70
CA PHE C 357 39.95 83.54 83.01
C PHE C 357 39.21 83.43 81.70
N TYR C 358 39.43 82.33 80.96
CA TYR C 358 38.68 82.13 79.73
C TYR C 358 37.19 82.03 80.01
N LYS C 359 36.82 81.31 81.07
CA LYS C 359 35.43 81.07 81.41
C LYS C 359 34.76 82.28 82.04
N GLY C 360 35.37 83.46 81.96
CA GLY C 360 34.73 84.67 82.39
C GLY C 360 34.76 84.94 83.88
N ILE C 361 35.48 84.16 84.65
CA ILE C 361 35.58 84.38 86.10
C ILE C 361 36.76 85.32 86.31
N ARG C 362 36.48 86.62 86.16
CA ARG C 362 37.50 87.65 86.29
C ARG C 362 37.21 88.49 87.52
N PRO C 363 38.11 88.61 88.50
CA PRO C 363 39.48 88.09 88.57
C PRO C 363 39.52 86.58 88.52
N ALA C 364 40.63 86.05 88.01
CA ALA C 364 40.77 84.62 87.81
C ALA C 364 41.36 83.92 89.03
N ILE C 365 41.36 84.59 90.19
CA ILE C 365 42.06 84.07 91.35
C ILE C 365 41.61 82.65 91.63
N ASN C 366 42.55 81.71 91.54
CA ASN C 366 42.28 80.32 91.85
C ASN C 366 42.36 80.15 93.35
N VAL C 367 41.29 79.71 93.97
CA VAL C 367 41.29 79.43 95.39
C VAL C 367 41.63 77.96 95.59
N GLY C 368 42.11 77.65 96.77
CA GLY C 368 42.64 76.32 97.03
C GLY C 368 44.12 76.27 96.82
N LEU C 369 44.58 76.73 95.66
CA LEU C 369 46.00 76.91 95.42
C LEU C 369 46.52 78.25 95.91
N SER C 370 45.65 79.15 96.32
CA SER C 370 46.02 80.47 96.78
C SER C 370 45.94 80.51 98.30
N VAL C 371 47.05 80.90 98.94
CA VAL C 371 47.10 80.99 100.39
C VAL C 371 47.75 82.31 100.76
N SER C 372 47.43 82.78 101.96
CA SER C 372 48.12 83.90 102.58
C SER C 372 48.42 83.48 104.01
N ARG C 373 49.59 82.87 104.20
CA ARG C 373 49.91 82.27 105.48
C ARG C 373 49.71 83.25 106.62
N VAL C 374 50.16 84.49 106.45
CA VAL C 374 50.21 85.45 107.54
C VAL C 374 49.01 86.38 107.57
N GLY C 375 48.21 86.44 106.51
CA GLY C 375 47.12 87.39 106.46
C GLY C 375 45.99 87.11 107.41
N SER C 376 45.85 85.86 107.86
CA SER C 376 44.75 85.53 108.78
C SER C 376 44.84 86.33 110.07
N ALA C 377 46.04 86.47 110.62
CA ALA C 377 46.21 87.26 111.83
C ALA C 377 45.93 88.74 111.60
N ALA C 378 45.97 89.21 110.35
CA ALA C 378 45.72 90.59 109.99
C ALA C 378 44.51 90.63 109.07
N GLN C 379 43.32 90.74 109.66
CA GLN C 379 42.10 90.82 108.88
C GLN C 379 41.02 91.44 109.75
N THR C 380 40.29 92.41 109.19
CA THR C 380 39.24 93.07 109.93
C THR C 380 38.24 92.04 110.44
N ARG C 381 37.84 92.18 111.71
CA ARG C 381 37.07 91.13 112.33
C ARG C 381 35.71 90.95 111.68
N ALA C 382 35.18 91.99 111.03
CA ALA C 382 33.96 91.80 110.25
C ALA C 382 34.22 90.87 109.08
N MET C 383 35.24 91.19 108.29
CA MET C 383 35.61 90.31 107.18
C MET C 383 35.98 88.93 107.68
N LYS C 384 36.48 88.82 108.91
CA LYS C 384 36.73 87.48 109.45
C LYS C 384 35.42 86.76 109.75
N GLN C 385 34.48 87.45 110.37
CA GLN C 385 33.18 86.85 110.66
C GLN C 385 32.53 86.31 109.41
N VAL C 386 32.77 86.97 108.28
CA VAL C 386 32.15 86.54 107.02
C VAL C 386 33.00 85.50 106.30
N ALA C 387 34.31 85.71 106.22
CA ALA C 387 35.17 84.81 105.46
C ALA C 387 35.28 83.46 106.13
N GLY C 388 35.25 83.42 107.47
CA GLY C 388 35.36 82.15 108.16
C GLY C 388 34.33 81.16 107.68
N THR C 389 33.17 81.63 107.26
CA THR C 389 32.18 80.76 106.67
C THR C 389 32.26 80.71 105.15
N MET C 390 32.69 81.79 104.50
CA MET C 390 32.76 81.75 103.04
C MET C 390 33.80 80.73 102.57
N LYS C 391 34.96 80.70 103.19
CA LYS C 391 35.98 79.72 102.83
C LYS C 391 35.49 78.31 103.06
N LEU C 392 34.77 78.09 104.17
CA LEU C 392 34.24 76.75 104.44
C LEU C 392 33.24 76.34 103.37
N GLU C 393 32.35 77.24 102.99
CA GLU C 393 31.36 76.91 101.99
C GLU C 393 32.02 76.58 100.66
N LEU C 394 33.00 77.39 100.24
CA LEU C 394 33.68 77.09 98.99
C LEU C 394 34.49 75.81 99.07
N ALA C 395 35.08 75.51 100.24
CA ALA C 395 35.82 74.26 100.40
C ALA C 395 34.89 73.06 100.22
N GLN C 396 33.70 73.14 100.82
CA GLN C 396 32.72 72.08 100.62
C GLN C 396 32.30 71.99 99.16
N TYR C 397 32.11 73.14 98.52
CA TYR C 397 31.68 73.13 97.12
C TYR C 397 32.72 72.47 96.23
N ARG C 398 33.99 72.74 96.47
CA ARG C 398 35.02 72.22 95.59
C ARG C 398 35.08 70.70 95.60
N GLU C 399 34.60 70.07 96.67
CA GLU C 399 34.54 68.61 96.69
C GLU C 399 33.41 68.09 95.82
N VAL C 400 32.24 68.72 95.88
CA VAL C 400 31.06 68.25 95.17
C VAL C 400 31.04 68.81 93.76
N ALA C 401 32.13 69.46 93.36
CA ALA C 401 32.26 69.96 92.00
C ALA C 401 32.84 68.93 91.04
N ALA C 402 33.16 67.74 91.53
CA ALA C 402 33.73 66.68 90.71
C ALA C 402 32.66 65.77 90.10
N PHE C 403 31.39 66.03 90.37
CA PHE C 403 30.32 65.20 89.83
C PHE C 403 29.38 66.04 88.97
N LEU C 410 21.42 64.10 91.88
CA LEU C 410 21.98 63.93 93.22
C LEU C 410 20.98 64.29 94.31
N ASP C 411 21.23 63.77 95.52
CA ASP C 411 20.41 64.12 96.66
C ASP C 411 20.48 65.63 96.89
N ALA C 412 19.50 66.14 97.64
CA ALA C 412 19.38 67.58 97.83
C ALA C 412 20.55 68.17 98.58
N ALA C 413 21.33 67.37 99.32
CA ALA C 413 22.47 67.92 100.04
C ALA C 413 23.53 68.46 99.08
N THR C 414 23.95 67.65 98.13
CA THR C 414 24.96 68.11 97.17
C THR C 414 24.39 69.16 96.23
N GLN C 415 23.10 69.09 95.91
CA GLN C 415 22.49 70.16 95.13
C GLN C 415 22.54 71.48 95.89
N GLN C 416 22.27 71.44 97.19
CA GLN C 416 22.39 72.63 98.00
C GLN C 416 23.81 73.16 98.01
N LEU C 417 24.78 72.27 98.17
CA LEU C 417 26.17 72.71 98.21
C LEU C 417 26.60 73.30 96.87
N LEU C 418 26.19 72.68 95.77
CA LEU C 418 26.49 73.22 94.45
C LEU C 418 25.86 74.59 94.27
N SER C 419 24.61 74.76 94.69
CA SER C 419 23.95 76.06 94.57
C SER C 419 24.72 77.11 95.35
N ARG C 420 25.11 76.78 96.58
CA ARG C 420 25.85 77.73 97.39
C ARG C 420 27.16 78.11 96.74
N GLY C 421 27.90 77.10 96.25
CA GLY C 421 29.18 77.40 95.63
C GLY C 421 29.04 78.26 94.40
N VAL C 422 28.07 77.94 93.54
CA VAL C 422 27.88 78.72 92.32
C VAL C 422 27.50 80.15 92.66
N ARG C 423 26.62 80.34 93.64
CA ARG C 423 26.24 81.69 94.04
C ARG C 423 27.45 82.46 94.54
N LEU C 424 28.27 81.83 95.38
CA LEU C 424 29.42 82.54 95.93
C LEU C 424 30.42 82.91 94.84
N THR C 425 30.74 81.96 93.95
CA THR C 425 31.68 82.28 92.89
C THR C 425 31.15 83.38 92.00
N GLU C 426 29.86 83.33 91.66
CA GLU C 426 29.29 84.41 90.85
C GLU C 426 29.37 85.74 91.58
N LEU C 427 29.30 85.72 92.92
CA LEU C 427 29.53 86.94 93.66
C LEU C 427 30.96 87.43 93.50
N LEU C 428 31.92 86.51 93.56
CA LEU C 428 33.32 86.90 93.66
C LEU C 428 33.85 87.56 92.39
N LYS C 429 33.14 87.50 91.28
CA LYS C 429 33.57 88.24 90.11
C LYS C 429 33.61 89.73 90.45
N GLN C 430 34.22 90.51 89.57
CA GLN C 430 34.35 91.94 89.80
C GLN C 430 34.76 92.61 88.51
N GLY C 431 34.53 93.91 88.44
CA GLY C 431 34.84 94.67 87.25
C GLY C 431 36.32 94.94 87.16
N GLN C 432 36.69 96.15 86.76
CA GLN C 432 38.09 96.51 86.66
C GLN C 432 38.24 97.97 87.03
N TYR C 433 39.29 98.27 87.79
CA TYR C 433 39.51 99.63 88.28
C TYR C 433 38.32 100.13 89.09
N SER C 434 37.60 99.20 89.72
CA SER C 434 36.43 99.52 90.54
C SER C 434 36.56 98.79 91.86
N PRO C 435 37.52 99.19 92.70
CA PRO C 435 37.65 98.58 94.02
C PRO C 435 36.61 99.12 94.99
N MET C 436 36.14 98.25 95.87
CA MET C 436 35.07 98.57 96.80
C MET C 436 35.59 98.51 98.24
N ALA C 437 35.23 99.51 99.03
CA ALA C 437 35.67 99.56 100.41
C ALA C 437 35.24 98.30 101.16
N ILE C 438 35.90 98.04 102.29
CA ILE C 438 35.70 96.77 102.97
C ILE C 438 34.28 96.65 103.51
N GLU C 439 33.64 97.76 103.86
CA GLU C 439 32.26 97.68 104.35
C GLU C 439 31.34 97.13 103.27
N GLU C 440 31.53 97.58 102.04
CA GLU C 440 30.72 97.08 100.94
C GLU C 440 30.98 95.60 100.71
N GLN C 441 32.24 95.17 100.84
CA GLN C 441 32.56 93.76 100.69
C GLN C 441 31.86 92.94 101.75
N VAL C 442 31.92 93.36 103.01
CA VAL C 442 31.26 92.58 104.04
C VAL C 442 29.76 92.54 103.78
N ALA C 443 29.17 93.67 103.37
CA ALA C 443 27.74 93.67 103.07
C ALA C 443 27.40 92.62 102.03
N VAL C 444 28.09 92.64 100.89
CA VAL C 444 27.71 91.75 99.80
C VAL C 444 28.02 90.30 100.13
N ILE C 445 29.21 90.04 100.69
CA ILE C 445 29.58 88.66 100.98
C ILE C 445 28.67 88.10 102.06
N TYR C 446 28.24 88.93 103.01
CA TYR C 446 27.30 88.47 104.02
C TYR C 446 25.96 88.15 103.40
N ALA C 447 25.45 89.04 102.54
CA ALA C 447 24.20 88.76 101.86
C ALA C 447 24.28 87.49 101.03
N GLY C 448 25.48 87.12 100.59
CA GLY C 448 25.63 85.91 99.79
C GLY C 448 25.74 84.64 100.60
N VAL C 449 26.63 84.64 101.60
CA VAL C 449 26.91 83.42 102.35
C VAL C 449 25.69 82.99 103.16
N ARG C 450 24.93 83.95 103.68
CA ARG C 450 23.78 83.66 104.53
C ARG C 450 22.57 83.16 103.74
N GLY C 451 22.76 82.78 102.48
CA GLY C 451 21.74 82.09 101.72
C GLY C 451 20.71 82.97 101.06
N TYR C 452 20.69 84.27 101.37
CA TYR C 452 19.64 85.11 100.81
C TYR C 452 19.65 85.09 99.30
N LEU C 453 20.80 84.82 98.69
CA LEU C 453 20.88 84.73 97.24
C LEU C 453 20.67 83.31 96.73
N ASP C 454 20.24 82.38 97.58
CA ASP C 454 19.99 81.03 97.10
C ASP C 454 18.85 81.00 96.08
N LYS C 455 17.90 81.93 96.20
CA LYS C 455 16.71 81.95 95.36
C LYS C 455 16.82 82.97 94.23
N LEU C 456 18.02 83.15 93.68
CA LEU C 456 18.23 83.93 92.47
C LEU C 456 18.89 83.06 91.41
N GLU C 457 18.47 83.24 90.17
CA GLU C 457 19.05 82.47 89.08
C GLU C 457 20.54 82.79 89.01
N PRO C 458 21.42 81.77 88.92
CA PRO C 458 22.86 82.02 89.02
C PRO C 458 23.35 83.21 88.21
N SER C 459 22.71 83.47 87.08
CA SER C 459 23.13 84.59 86.24
C SER C 459 22.74 85.94 86.81
N LYS C 460 21.73 85.99 87.67
CA LYS C 460 21.20 87.27 88.11
C LYS C 460 21.96 87.86 89.29
N ILE C 461 22.91 87.12 89.88
CA ILE C 461 23.71 87.68 90.96
C ILE C 461 24.57 88.82 90.44
N THR C 462 25.05 88.70 89.21
CA THR C 462 25.91 89.73 88.63
C THR C 462 25.23 91.09 88.56
N LYS C 463 23.89 91.12 88.54
CA LYS C 463 23.14 92.37 88.60
C LYS C 463 22.63 92.68 89.99
N PHE C 464 22.27 91.65 90.76
CA PHE C 464 21.95 91.86 92.15
C PHE C 464 23.04 92.67 92.82
N GLU C 465 24.25 92.09 92.87
CA GLU C 465 25.39 92.77 93.49
C GLU C 465 25.43 94.26 93.15
N ASN C 466 25.35 94.58 91.86
CA ASN C 466 25.44 95.98 91.45
C ASN C 466 24.34 96.80 92.09
N ALA C 467 23.09 96.34 91.99
CA ALA C 467 21.97 97.09 92.53
C ALA C 467 22.11 97.23 94.04
N PHE C 468 22.52 96.17 94.71
CA PHE C 468 22.67 96.18 96.16
C PHE C 468 23.71 97.21 96.58
N LEU C 469 24.85 97.24 95.90
CA LEU C 469 25.85 98.25 96.21
C LEU C 469 25.25 99.64 96.07
N SER C 470 24.61 99.91 94.94
CA SER C 470 24.03 101.24 94.73
C SER C 470 23.07 101.58 95.86
N HIS C 471 22.18 100.65 96.20
CA HIS C 471 21.15 100.93 97.18
C HIS C 471 21.74 101.18 98.56
N VAL C 472 22.65 100.32 99.01
CA VAL C 472 23.19 100.49 100.36
C VAL C 472 24.04 101.75 100.44
N ILE C 473 24.78 102.07 99.39
CA ILE C 473 25.55 103.30 99.40
C ILE C 473 24.62 104.50 99.47
N SER C 474 23.48 104.44 98.78
CA SER C 474 22.58 105.57 98.80
C SER C 474 21.90 105.73 100.15
N GLN C 475 21.39 104.64 100.71
CA GLN C 475 20.44 104.73 101.82
C GLN C 475 21.07 104.50 103.19
N HIS C 476 22.06 103.62 103.29
CA HIS C 476 22.48 103.13 104.60
C HIS C 476 23.92 103.50 104.93
N GLN C 477 24.29 104.75 104.68
CA GLN C 477 25.61 105.21 105.09
C GLN C 477 25.87 104.91 106.56
N ALA C 478 24.85 105.07 107.40
CA ALA C 478 25.06 104.94 108.84
C ALA C 478 25.51 103.53 109.21
N LEU C 479 24.87 102.51 108.64
CA LEU C 479 25.21 101.14 108.97
C LEU C 479 26.66 100.83 108.60
N LEU C 480 27.06 101.21 107.38
CA LEU C 480 28.44 100.98 106.96
C LEU C 480 29.41 101.75 107.83
N GLY C 481 29.06 102.98 108.21
CA GLY C 481 29.91 103.73 109.10
C GLY C 481 30.11 103.02 110.43
N LYS C 482 29.04 102.47 110.98
CA LYS C 482 29.17 101.74 112.24
C LYS C 482 30.03 100.50 112.07
N ILE C 483 29.82 99.77 110.97
CA ILE C 483 30.62 98.56 110.74
C ILE C 483 32.10 98.91 110.65
N ARG C 484 32.43 99.94 109.87
CA ARG C 484 33.83 100.32 109.72
C ARG C 484 34.41 100.77 111.05
N THR C 485 33.75 101.71 111.72
CA THR C 485 34.31 102.27 112.95
C THR C 485 34.49 101.20 114.02
N ASP C 486 33.49 100.35 114.20
CA ASP C 486 33.63 99.25 115.15
C ASP C 486 34.51 98.13 114.60
N GLY C 487 34.69 98.06 113.28
CA GLY C 487 35.50 97.03 112.66
C GLY C 487 34.89 95.65 112.67
N LYS C 488 33.83 95.43 113.45
CA LYS C 488 33.20 94.12 113.56
C LYS C 488 31.69 94.27 113.39
N ILE C 489 31.06 93.24 112.85
CA ILE C 489 29.61 93.25 112.69
C ILE C 489 29.00 93.02 114.07
N SER C 490 28.57 94.11 114.71
CA SER C 490 27.90 93.99 116.00
C SER C 490 26.57 93.27 115.82
N GLU C 491 26.16 92.53 116.86
CA GLU C 491 24.94 91.75 116.77
C GLU C 491 23.78 92.60 116.30
N GLU C 492 23.66 93.82 116.83
CA GLU C 492 22.64 94.73 116.31
C GLU C 492 22.90 95.06 114.85
N SER C 493 24.18 95.25 114.48
CA SER C 493 24.51 95.49 113.09
C SER C 493 24.17 94.29 112.22
N ASP C 494 24.36 93.09 112.75
CA ASP C 494 23.94 91.90 112.02
C ASP C 494 22.42 91.91 111.81
N ALA C 495 21.66 92.25 112.85
CA ALA C 495 20.21 92.31 112.72
C ALA C 495 19.82 93.31 111.64
N LYS C 496 20.45 94.47 111.65
CA LYS C 496 20.20 95.47 110.62
C LYS C 496 20.49 94.85 109.26
N LEU C 497 21.76 94.54 108.99
CA LEU C 497 22.14 94.00 107.69
C LEU C 497 21.13 92.97 107.23
N LYS C 498 20.66 92.13 108.16
CA LYS C 498 19.68 91.10 107.82
C LYS C 498 18.39 91.74 107.31
N GLU C 499 17.86 92.71 108.04
CA GLU C 499 16.55 93.25 107.64
C GLU C 499 16.68 94.08 106.36
N ILE C 500 17.79 94.80 106.20
CA ILE C 500 18.01 95.53 104.95
C ILE C 500 18.10 94.58 103.77
N VAL C 501 18.86 93.50 103.90
CA VAL C 501 18.99 92.59 102.76
C VAL C 501 17.64 91.96 102.45
N THR C 502 16.88 91.58 103.47
CA THR C 502 15.57 90.99 103.22
C THR C 502 14.67 91.98 102.49
N ASN C 503 14.60 93.21 102.97
CA ASN C 503 13.73 94.20 102.35
C ASN C 503 14.14 94.46 100.90
N PHE C 504 15.44 94.63 100.66
CA PHE C 504 15.88 94.88 99.28
C PHE C 504 15.56 93.69 98.39
N LEU C 505 15.82 92.47 98.88
CA LEU C 505 15.57 91.29 98.06
C LEU C 505 14.09 91.17 97.73
N ALA C 506 13.22 91.58 98.65
CA ALA C 506 11.78 91.44 98.44
C ALA C 506 11.37 91.79 97.01
N GLY C 507 11.71 93.00 96.56
CA GLY C 507 11.22 93.48 95.28
C GLY C 507 12.28 93.77 94.25
N PHE C 508 13.28 92.90 94.13
CA PHE C 508 14.32 93.11 93.12
C PHE C 508 13.86 92.67 91.75
N GLU C 509 13.60 91.37 91.59
CA GLU C 509 13.27 90.78 90.29
C GLU C 509 14.12 91.36 89.16
N VAL D 23 118.31 73.95 96.22
CA VAL D 23 117.49 72.84 96.66
C VAL D 23 117.47 71.78 95.57
N ASP D 24 117.20 70.53 95.97
CA ASP D 24 117.22 69.40 95.04
C ASP D 24 115.85 69.31 94.37
N LEU D 25 115.77 69.85 93.16
CA LEU D 25 114.53 69.80 92.40
C LEU D 25 114.37 68.49 91.64
N GLU D 26 115.31 67.56 91.76
CA GLU D 26 115.17 66.26 91.13
C GLU D 26 114.42 65.28 92.01
N GLU D 27 114.68 65.30 93.31
CA GLU D 27 114.10 64.35 94.24
C GLU D 27 113.10 65.02 95.18
N THR D 28 112.86 66.33 95.01
CA THR D 28 112.04 67.06 95.96
C THR D 28 111.63 68.41 95.41
N GLY D 29 110.33 68.70 95.42
CA GLY D 29 109.80 69.96 94.96
C GLY D 29 109.15 70.73 96.09
N ARG D 30 108.57 71.88 95.73
CA ARG D 30 107.91 72.75 96.68
C ARG D 30 106.52 73.09 96.18
N VAL D 31 105.54 73.08 97.08
CA VAL D 31 104.17 73.35 96.68
C VAL D 31 104.10 74.75 96.08
N LEU D 32 103.25 74.91 95.07
CA LEU D 32 102.99 76.19 94.42
C LEU D 32 101.63 76.75 94.80
N SER D 33 100.57 75.98 94.61
CA SER D 33 99.22 76.48 94.86
C SER D 33 98.35 75.31 95.31
N ILE D 34 98.27 75.12 96.62
CA ILE D 34 97.34 74.15 97.19
C ILE D 34 95.96 74.77 97.21
N GLY D 35 94.96 74.02 96.77
CA GLY D 35 93.60 74.49 96.89
C GLY D 35 92.56 73.44 96.56
N ASP D 36 91.59 73.26 97.45
CA ASP D 36 90.45 72.39 97.24
C ASP D 36 90.84 70.93 97.10
N GLY D 37 92.09 70.58 97.40
CA GLY D 37 92.55 69.20 97.44
C GLY D 37 93.67 68.88 96.49
N ILE D 38 93.94 69.75 95.52
CA ILE D 38 94.95 69.50 94.49
C ILE D 38 96.09 70.48 94.69
N ALA D 39 97.31 69.98 94.71
CA ALA D 39 98.50 70.79 94.89
C ALA D 39 99.34 70.76 93.63
N ARG D 40 99.66 71.93 93.09
CA ARG D 40 100.71 72.02 92.10
C ARG D 40 102.03 72.00 92.85
N VAL D 41 103.03 71.32 92.29
CA VAL D 41 104.32 71.18 92.95
C VAL D 41 105.40 71.51 91.93
N HIS D 42 106.19 72.53 92.22
CA HIS D 42 107.27 72.95 91.35
C HIS D 42 108.53 72.19 91.73
N GLY D 43 109.08 71.43 90.78
CA GLY D 43 110.23 70.58 91.03
C GLY D 43 109.88 69.12 90.75
N LEU D 44 110.44 68.23 91.55
CA LEU D 44 110.17 66.80 91.43
C LEU D 44 110.43 66.32 90.01
N ARG D 45 111.55 66.75 89.44
CA ARG D 45 111.83 66.43 88.05
C ARG D 45 111.93 64.93 87.80
N ASN D 46 112.16 64.13 88.83
CA ASN D 46 112.28 62.69 88.66
C ASN D 46 111.15 61.97 89.38
N VAL D 47 109.93 62.45 89.22
CA VAL D 47 108.76 61.85 89.85
C VAL D 47 108.00 61.05 88.80
N GLN D 48 107.69 59.81 89.11
CA GLN D 48 106.97 58.97 88.19
C GLN D 48 105.48 59.31 88.20
N ALA D 49 104.80 58.94 87.12
CA ALA D 49 103.35 59.13 87.09
C ALA D 49 102.68 58.16 88.05
N GLU D 50 101.67 58.67 88.75
CA GLU D 50 100.97 57.92 89.79
C GLU D 50 101.94 57.37 90.82
N GLU D 51 102.93 58.16 91.18
CA GLU D 51 103.84 57.86 92.27
C GLU D 51 103.44 58.65 93.50
N MET D 52 103.77 58.12 94.67
CA MET D 52 103.24 58.62 95.93
C MET D 52 104.27 59.55 96.56
N VAL D 53 103.99 60.83 96.58
CA VAL D 53 104.85 61.81 97.24
C VAL D 53 104.35 62.01 98.66
N GLU D 54 105.26 62.17 99.61
CA GLU D 54 104.91 62.46 100.98
C GLU D 54 105.10 63.95 101.25
N PHE D 55 104.05 64.61 101.69
CA PHE D 55 104.19 65.98 102.14
C PHE D 55 104.87 66.01 103.49
N SER D 56 105.38 67.18 103.85
CA SER D 56 106.15 67.30 105.09
C SER D 56 105.29 67.13 106.34
N SER D 57 103.97 67.19 106.21
CA SER D 57 103.06 67.14 107.36
C SER D 57 102.39 65.79 107.49
N GLY D 58 103.10 64.70 107.21
CA GLY D 58 102.56 63.36 107.36
C GLY D 58 101.60 62.93 106.27
N LEU D 59 101.04 63.86 105.51
CA LEU D 59 100.11 63.52 104.46
C LEU D 59 100.83 62.76 103.34
N LYS D 60 100.07 62.37 102.33
CA LYS D 60 100.61 61.70 101.17
C LYS D 60 99.85 62.17 99.94
N GLY D 61 100.47 62.00 98.78
CA GLY D 61 99.86 62.46 97.56
C GLY D 61 99.90 61.42 96.46
N MET D 62 99.70 61.84 95.22
CA MET D 62 99.83 60.94 94.09
C MET D 62 100.05 61.79 92.85
N SER D 63 101.25 61.80 92.31
CA SER D 63 101.56 62.70 91.20
C SER D 63 100.80 62.22 89.98
N LEU D 64 99.66 62.83 89.71
CA LEU D 64 98.81 62.44 88.59
C LEU D 64 99.18 63.19 87.31
N ASN D 65 99.17 64.52 87.36
CA ASN D 65 99.48 65.29 86.17
C ASN D 65 100.95 65.64 86.15
N LEU D 66 101.63 65.32 85.06
CA LEU D 66 103.04 65.66 84.89
C LEU D 66 103.11 66.68 83.77
N GLU D 67 102.97 67.94 84.12
CA GLU D 67 103.03 69.02 83.15
C GLU D 67 104.47 69.44 82.93
N PRO D 68 104.75 70.22 81.88
CA PRO D 68 106.13 70.60 81.60
C PRO D 68 106.79 71.41 82.68
N ASP D 69 106.01 72.05 83.54
CA ASP D 69 106.55 72.96 84.54
C ASP D 69 106.26 72.52 85.97
N ASN D 70 105.03 72.12 86.28
CA ASN D 70 104.67 71.75 87.64
C ASN D 70 103.85 70.46 87.62
N VAL D 71 103.86 69.76 88.76
CA VAL D 71 103.24 68.46 88.90
C VAL D 71 101.94 68.62 89.66
N GLY D 72 100.86 68.11 89.08
CA GLY D 72 99.58 68.12 89.76
C GLY D 72 99.42 66.89 90.62
N VAL D 73 99.50 67.09 91.94
CA VAL D 73 99.44 66.05 92.96
C VAL D 73 98.10 66.14 93.65
N VAL D 74 97.59 64.99 94.11
CA VAL D 74 96.33 64.91 94.83
C VAL D 74 96.61 64.45 96.25
N VAL D 75 96.14 65.22 97.22
CA VAL D 75 96.46 65.01 98.63
C VAL D 75 95.48 64.01 99.22
N PHE D 76 96.00 62.92 99.78
CA PHE D 76 95.17 61.89 100.41
C PHE D 76 94.77 62.37 101.80
N GLY D 77 93.90 63.37 101.82
CA GLY D 77 93.39 63.87 103.07
C GLY D 77 92.91 65.30 102.90
N ASN D 78 92.74 65.97 104.03
CA ASN D 78 92.39 67.38 104.04
C ASN D 78 93.66 68.20 104.01
N ASP D 79 93.70 69.20 103.13
CA ASP D 79 94.89 70.01 102.93
C ASP D 79 94.91 71.27 103.80
N LYS D 80 94.28 71.23 104.97
CA LYS D 80 94.46 72.33 105.90
C LYS D 80 95.95 72.55 106.18
N LEU D 81 96.70 71.46 106.33
CA LEU D 81 98.08 71.53 106.76
C LEU D 81 99.05 71.89 105.64
N ILE D 82 98.62 71.83 104.39
CA ILE D 82 99.48 72.15 103.26
C ILE D 82 99.42 73.64 103.00
N LYS D 83 100.58 74.26 102.88
CA LYS D 83 100.70 75.67 102.55
C LYS D 83 101.61 75.82 101.35
N GLU D 84 101.40 76.88 100.58
CA GLU D 84 102.38 77.20 99.55
C GLU D 84 103.75 77.35 100.19
N GLY D 85 104.74 76.72 99.59
CA GLY D 85 106.08 76.73 100.10
C GLY D 85 106.49 75.46 100.81
N ASP D 86 105.55 74.60 101.18
CA ASP D 86 105.91 73.33 101.79
C ASP D 86 106.77 72.51 100.84
N ILE D 87 107.43 71.50 101.40
CA ILE D 87 108.40 70.71 100.66
C ILE D 87 107.80 69.32 100.46
N VAL D 88 107.56 68.96 99.20
CA VAL D 88 107.05 67.66 98.81
C VAL D 88 108.23 66.81 98.38
N LYS D 89 108.31 65.60 98.92
CA LYS D 89 109.43 64.70 98.65
C LYS D 89 108.88 63.36 98.22
N ARG D 90 109.29 62.89 97.04
CA ARG D 90 108.75 61.65 96.51
C ARG D 90 109.21 60.46 97.33
N THR D 91 108.40 59.40 97.32
CA THR D 91 108.78 58.16 97.99
C THR D 91 109.58 57.24 97.08
N GLY D 92 109.29 57.25 95.79
CA GLY D 92 110.01 56.44 94.82
C GLY D 92 109.32 55.19 94.37
N ALA D 93 108.06 54.98 94.73
CA ALA D 93 107.36 53.75 94.38
C ALA D 93 105.91 54.06 94.04
N ILE D 94 105.44 53.51 92.91
CA ILE D 94 104.07 53.67 92.48
C ILE D 94 103.18 53.25 93.64
N VAL D 95 101.99 53.87 93.73
CA VAL D 95 101.13 53.62 94.88
C VAL D 95 100.98 52.13 95.11
N ASP D 96 100.92 51.75 96.38
CA ASP D 96 100.77 50.35 96.73
C ASP D 96 100.17 50.26 98.11
N VAL D 97 99.60 49.11 98.42
CA VAL D 97 98.88 48.89 99.66
C VAL D 97 99.37 47.60 100.29
N PRO D 98 99.33 47.47 101.62
CA PRO D 98 99.66 46.20 102.24
C PRO D 98 98.63 45.14 101.86
N VAL D 99 99.09 43.91 101.75
CA VAL D 99 98.22 42.76 101.51
C VAL D 99 98.72 41.61 102.36
N GLY D 100 97.87 40.61 102.51
CA GLY D 100 98.27 39.41 103.20
C GLY D 100 97.11 38.83 103.99
N GLU D 101 97.38 37.68 104.59
CA GLU D 101 96.43 37.07 105.50
C GLU D 101 96.25 37.91 106.76
N GLU D 102 97.17 38.83 107.02
CA GLU D 102 97.17 39.58 108.28
C GLU D 102 96.16 40.70 108.29
N LEU D 103 95.49 40.98 107.18
CA LEU D 103 94.44 42.00 107.15
C LEU D 103 93.08 41.45 107.56
N LEU D 104 92.91 40.14 107.56
CA LEU D 104 91.58 39.59 107.79
C LEU D 104 91.04 40.04 109.14
N GLY D 105 89.75 40.35 109.18
CA GLY D 105 89.14 40.83 110.39
C GLY D 105 89.66 42.16 110.84
N ARG D 106 89.98 43.05 109.92
CA ARG D 106 90.43 44.39 110.22
C ARG D 106 89.67 45.36 109.35
N VAL D 107 89.43 46.55 109.89
CA VAL D 107 88.92 47.66 109.11
C VAL D 107 90.13 48.53 108.76
N VAL D 108 90.33 48.78 107.48
CA VAL D 108 91.48 49.52 107.02
C VAL D 108 91.03 50.73 106.22
N ASP D 109 91.88 51.74 106.19
CA ASP D 109 91.65 52.91 105.38
C ASP D 109 91.93 52.59 103.92
N ALA D 110 91.59 53.53 103.04
CA ALA D 110 91.78 53.27 101.63
C ALA D 110 93.24 53.08 101.26
N LEU D 111 94.16 53.47 102.14
CA LEU D 111 95.59 53.27 101.91
C LEU D 111 96.11 51.99 102.53
N GLY D 112 95.46 51.49 103.57
CA GLY D 112 95.93 50.32 104.27
C GLY D 112 96.32 50.60 105.70
N ASN D 113 95.69 51.62 106.30
CA ASN D 113 95.96 52.02 107.68
C ASN D 113 94.74 51.65 108.52
N ALA D 114 94.94 50.72 109.46
CA ALA D 114 93.83 50.26 110.27
C ALA D 114 93.15 51.42 110.97
N ILE D 115 91.82 51.39 111.03
CA ILE D 115 91.06 52.45 111.66
C ILE D 115 90.08 51.88 112.67
N ASP D 116 90.28 50.62 113.07
CA ASP D 116 89.45 50.00 114.09
C ASP D 116 90.08 50.10 115.47
N GLY D 117 91.21 50.79 115.60
CA GLY D 117 91.86 50.91 116.89
C GLY D 117 92.30 49.59 117.47
N LYS D 118 92.58 48.60 116.63
CA LYS D 118 93.08 47.31 117.07
C LYS D 118 94.60 47.22 116.99
N GLY D 119 95.27 48.28 116.57
CA GLY D 119 96.71 48.31 116.57
C GLY D 119 97.30 48.30 115.17
N PRO D 120 98.61 48.11 115.08
CA PRO D 120 99.25 48.09 113.76
C PRO D 120 98.71 46.97 112.90
N ILE D 121 98.66 47.23 111.59
CA ILE D 121 98.09 46.25 110.68
C ILE D 121 99.03 45.05 110.55
N GLY D 122 100.33 45.29 110.42
CA GLY D 122 101.31 44.23 110.47
C GLY D 122 101.29 43.28 109.29
N SER D 123 101.68 43.77 108.12
CA SER D 123 101.70 42.97 106.90
C SER D 123 103.13 42.81 106.40
N LYS D 124 103.39 41.68 105.75
CA LYS D 124 104.72 41.34 105.25
C LYS D 124 104.82 41.44 103.74
N ALA D 125 103.91 42.15 103.09
CA ALA D 125 103.93 42.23 101.63
C ALA D 125 103.05 43.36 101.10
N ARG D 126 103.63 44.23 100.27
CA ARG D 126 102.88 45.28 99.61
C ARG D 126 102.46 44.81 98.22
N ARG D 127 101.64 45.62 97.57
CA ARG D 127 101.18 45.29 96.23
C ARG D 127 100.65 46.56 95.56
N ARG D 128 100.94 46.73 94.28
CA ARG D 128 100.50 47.93 93.58
C ARG D 128 98.99 47.93 93.41
N VAL D 129 98.42 49.12 93.27
CA VAL D 129 96.99 49.25 93.02
C VAL D 129 96.69 49.35 91.54
N GLY D 130 97.46 50.16 90.81
CA GLY D 130 97.27 50.30 89.39
C GLY D 130 97.99 49.20 88.63
N LEU D 131 97.57 47.96 88.85
CA LEU D 131 98.21 46.80 88.26
C LEU D 131 97.35 46.27 87.12
N LYS D 132 97.86 45.29 86.40
CA LYS D 132 97.25 44.80 85.18
C LYS D 132 96.49 43.50 85.44
N ALA D 133 95.32 43.39 84.86
CA ALA D 133 94.49 42.21 85.04
C ALA D 133 95.11 41.01 84.32
N PRO D 134 94.81 39.79 84.77
CA PRO D 134 95.39 38.61 84.13
C PRO D 134 94.95 38.51 82.68
N GLY D 135 95.87 38.07 81.83
CA GLY D 135 95.63 38.05 80.40
C GLY D 135 94.61 37.02 79.98
N ILE D 136 94.76 36.52 78.75
CA ILE D 136 93.78 35.59 78.21
C ILE D 136 94.07 34.16 78.65
N ILE D 137 95.33 33.81 78.82
CA ILE D 137 95.70 32.41 79.02
C ILE D 137 95.49 31.99 80.47
N PRO D 138 95.86 32.79 81.47
CA PRO D 138 95.71 32.31 82.85
C PRO D 138 94.30 31.88 83.19
N ARG D 139 93.30 32.61 82.71
CA ARG D 139 91.94 32.35 83.12
C ARG D 139 91.45 31.01 82.58
N ILE D 140 90.50 30.43 83.31
CA ILE D 140 89.78 29.24 82.86
C ILE D 140 88.31 29.48 83.13
N SER D 141 87.46 28.76 82.38
CA SER D 141 86.03 28.99 82.44
C SER D 141 85.52 28.94 83.87
N VAL D 142 84.37 29.55 84.13
CA VAL D 142 83.80 29.62 85.47
C VAL D 142 82.98 28.36 85.71
N ARG D 143 83.30 27.64 86.77
CA ARG D 143 82.75 26.31 86.98
C ARG D 143 82.15 26.09 88.36
N GLU D 144 82.73 26.66 89.41
CA GLU D 144 82.25 26.39 90.76
C GLU D 144 81.15 27.35 91.14
N PRO D 145 80.34 27.02 92.15
CA PRO D 145 79.32 27.95 92.62
C PRO D 145 79.79 28.80 93.79
N MET D 146 79.35 30.04 93.86
CA MET D 146 79.61 30.93 94.98
C MET D 146 78.29 31.11 95.72
N GLN D 147 78.06 30.24 96.70
CA GLN D 147 76.76 30.20 97.38
C GLN D 147 76.45 31.55 98.01
N THR D 148 75.42 32.22 97.50
CA THR D 148 74.98 33.48 98.06
C THR D 148 74.05 33.29 99.25
N GLY D 149 73.38 32.15 99.34
CA GLY D 149 72.48 31.92 100.45
C GLY D 149 71.13 32.57 100.30
N ILE D 150 70.85 33.18 99.16
CA ILE D 150 69.57 33.84 98.90
C ILE D 150 68.81 33.00 97.89
N LYS D 151 67.63 32.51 98.30
CA LYS D 151 66.90 31.56 97.48
C LYS D 151 66.65 32.10 96.09
N ALA D 152 66.52 33.41 95.94
CA ALA D 152 66.20 34.00 94.65
C ALA D 152 67.40 34.09 93.73
N VAL D 153 68.61 33.98 94.26
CA VAL D 153 69.83 34.10 93.47
C VAL D 153 70.42 32.75 93.14
N ASP D 154 70.56 31.88 94.14
CA ASP D 154 71.12 30.56 93.88
C ASP D 154 70.26 29.77 92.90
N SER D 155 68.95 30.03 92.90
CA SER D 155 68.06 29.25 92.04
C SER D 155 68.05 29.80 90.63
N LEU D 156 67.74 31.08 90.48
CA LEU D 156 67.42 31.67 89.18
C LEU D 156 68.60 32.39 88.55
N VAL D 157 69.23 33.31 89.27
CA VAL D 157 70.39 34.05 88.75
C VAL D 157 71.62 33.59 89.52
N PRO D 158 72.12 32.39 89.28
CA PRO D 158 73.25 31.89 90.06
C PRO D 158 74.52 32.64 89.75
N ILE D 159 75.46 32.54 90.67
CA ILE D 159 76.75 33.24 90.58
C ILE D 159 77.84 32.20 90.74
N GLY D 160 78.82 32.22 89.84
CA GLY D 160 79.93 31.30 89.91
C GLY D 160 81.19 32.01 90.39
N ARG D 161 82.16 31.24 90.87
CA ARG D 161 83.41 31.84 91.36
C ARG D 161 84.26 32.29 90.18
N GLY D 162 84.70 33.54 90.22
CA GLY D 162 85.36 34.15 89.09
C GLY D 162 84.46 34.96 88.21
N GLN D 163 83.24 35.26 88.64
CA GLN D 163 82.25 35.95 87.83
C GLN D 163 81.92 37.27 88.48
N ARG D 164 81.73 38.29 87.65
CA ARG D 164 81.38 39.62 88.11
C ARG D 164 79.89 39.83 87.89
N GLU D 165 79.18 40.20 88.95
CA GLU D 165 77.72 40.19 88.92
C GLU D 165 77.21 41.50 89.53
N LEU D 166 76.86 42.44 88.67
CA LEU D 166 76.34 43.74 89.10
C LEU D 166 75.19 43.55 90.08
N ILE D 167 74.90 44.56 90.88
CA ILE D 167 73.69 44.60 91.70
C ILE D 167 73.14 46.00 91.60
N ILE D 168 72.12 46.20 90.78
CA ILE D 168 71.70 47.53 90.36
C ILE D 168 70.27 47.75 90.81
N GLY D 169 70.03 48.87 91.48
CA GLY D 169 68.68 49.21 91.91
C GLY D 169 68.65 50.58 92.54
N ASP D 170 67.43 51.09 92.71
CA ASP D 170 67.24 52.43 93.25
C ASP D 170 67.68 52.46 94.71
N ARG D 171 67.50 53.60 95.35
CA ARG D 171 67.87 53.74 96.75
C ARG D 171 67.03 52.82 97.61
N GLN D 172 67.64 52.23 98.63
CA GLN D 172 66.93 51.47 99.64
C GLN D 172 66.05 50.41 99.01
N THR D 173 66.67 49.47 98.30
CA THR D 173 65.96 48.31 97.79
C THR D 173 66.60 47.00 98.24
N GLY D 174 67.57 47.06 99.14
CA GLY D 174 68.16 45.85 99.67
C GLY D 174 69.32 45.35 98.85
N LYS D 175 70.28 46.24 98.55
CA LYS D 175 71.48 45.84 97.83
C LYS D 175 72.58 45.43 98.79
N THR D 176 72.91 46.29 99.75
CA THR D 176 73.84 45.87 100.80
C THR D 176 73.30 44.67 101.57
N SER D 177 71.99 44.44 101.52
CA SER D 177 71.45 43.23 102.14
C SER D 177 71.91 41.98 101.38
N ILE D 178 71.91 42.03 100.05
CA ILE D 178 72.43 40.91 99.27
C ILE D 178 73.89 40.68 99.62
N ALA D 179 74.66 41.75 99.68
CA ALA D 179 76.08 41.63 99.94
C ALA D 179 76.34 41.03 101.32
N ILE D 180 75.63 41.52 102.33
CA ILE D 180 75.89 41.02 103.68
C ILE D 180 75.37 39.61 103.85
N ASP D 181 74.26 39.25 103.22
CA ASP D 181 73.84 37.86 103.25
C ASP D 181 74.90 36.97 102.62
N THR D 182 75.49 37.41 101.50
CA THR D 182 76.57 36.64 100.89
C THR D 182 77.75 36.52 101.83
N ILE D 183 78.13 37.60 102.50
CA ILE D 183 79.31 37.55 103.35
C ILE D 183 79.06 36.67 104.56
N ILE D 184 77.84 36.69 105.10
CA ILE D 184 77.53 35.87 106.27
C ILE D 184 77.47 34.41 105.87
N ASN D 185 76.90 34.11 104.71
CA ASN D 185 76.67 32.71 104.35
C ASN D 185 77.96 31.93 104.23
N GLN D 186 79.05 32.58 103.87
CA GLN D 186 80.30 31.85 103.69
C GLN D 186 80.84 31.30 105.00
N LYS D 187 80.17 31.52 106.13
CA LYS D 187 80.65 30.97 107.38
C LYS D 187 80.46 29.46 107.44
N ARG D 188 79.57 28.89 106.63
CA ARG D 188 79.42 27.45 106.60
C ARG D 188 80.71 26.77 106.17
N PHE D 189 81.34 27.32 105.14
CA PHE D 189 82.51 26.71 104.52
C PHE D 189 83.80 27.14 105.18
N ASN D 190 83.88 28.39 105.63
CA ASN D 190 85.12 28.91 106.20
C ASN D 190 85.45 28.27 107.53
N ASP D 191 84.54 27.52 108.14
CA ASP D 191 84.80 26.79 109.37
C ASP D 191 84.94 25.29 109.11
N GLY D 192 84.94 24.86 107.85
CA GLY D 192 85.07 23.47 107.52
C GLY D 192 86.51 23.05 107.31
N THR D 193 86.67 21.75 107.03
CA THR D 193 88.01 21.20 106.81
C THR D 193 88.54 21.56 105.43
N ASP D 194 87.67 21.60 104.43
CA ASP D 194 88.10 21.83 103.06
C ASP D 194 88.66 23.23 102.89
N GLU D 195 89.54 23.37 101.89
CA GLU D 195 90.13 24.66 101.56
C GLU D 195 89.80 25.12 100.15
N LYS D 196 89.29 24.25 99.29
CA LYS D 196 88.79 24.68 97.99
C LYS D 196 87.39 25.25 98.07
N LYS D 197 86.75 25.21 99.24
CA LYS D 197 85.44 25.81 99.43
C LYS D 197 85.50 27.12 100.21
N LYS D 198 86.63 27.42 100.85
CA LYS D 198 86.74 28.62 101.67
C LYS D 198 86.80 29.86 100.78
N LEU D 199 86.01 30.86 101.12
CA LEU D 199 85.86 32.07 100.31
C LEU D 199 85.99 33.27 101.23
N TYR D 200 87.17 33.86 101.29
CA TYR D 200 87.37 35.09 102.05
C TYR D 200 86.69 36.24 101.36
N CYS D 201 86.25 37.21 102.14
CA CYS D 201 85.45 38.31 101.62
C CYS D 201 86.11 39.65 101.92
N ILE D 202 85.89 40.60 101.02
CA ILE D 202 86.36 41.96 101.14
C ILE D 202 85.18 42.87 100.85
N TYR D 203 85.01 43.92 101.65
CA TYR D 203 83.90 44.83 101.48
C TYR D 203 84.45 46.24 101.38
N VAL D 204 84.37 46.84 100.20
CA VAL D 204 84.86 48.19 99.96
C VAL D 204 83.68 49.13 100.06
N ALA D 205 83.73 50.04 101.02
CA ALA D 205 82.66 50.99 101.28
C ALA D 205 83.10 52.35 100.78
N ILE D 206 82.56 52.76 99.63
CA ILE D 206 82.87 54.06 99.04
C ILE D 206 81.70 54.98 99.29
N GLY D 207 81.98 56.14 99.89
CA GLY D 207 80.98 57.19 99.96
C GLY D 207 79.86 56.96 100.94
N GLN D 208 79.95 55.95 101.80
CA GLN D 208 78.92 55.69 102.78
C GLN D 208 79.09 56.65 103.96
N LYS D 209 78.40 56.39 105.06
CA LYS D 209 78.64 57.07 106.32
C LYS D 209 79.55 56.23 107.19
N ARG D 210 80.27 56.89 108.10
CA ARG D 210 80.96 56.12 109.14
C ARG D 210 79.97 55.36 109.99
N SER D 211 78.79 55.93 110.22
CA SER D 211 77.78 55.23 110.99
C SER D 211 77.35 53.95 110.29
N THR D 212 77.14 54.02 108.98
CA THR D 212 76.69 52.83 108.25
C THR D 212 77.76 51.76 108.24
N VAL D 213 79.02 52.15 108.05
CA VAL D 213 80.09 51.15 108.05
C VAL D 213 80.25 50.55 109.44
N ALA D 214 80.13 51.36 110.49
CA ALA D 214 80.22 50.82 111.84
C ALA D 214 79.09 49.86 112.12
N GLN D 215 77.88 50.19 111.69
CA GLN D 215 76.75 49.30 111.87
C GLN D 215 76.97 48.00 111.10
N LEU D 216 77.52 48.11 109.90
CA LEU D 216 77.81 46.92 109.11
C LEU D 216 78.81 46.02 109.82
N VAL D 217 79.87 46.61 110.36
CA VAL D 217 80.87 45.82 111.06
C VAL D 217 80.28 45.18 112.31
N LYS D 218 79.40 45.90 112.99
CA LYS D 218 78.77 45.34 114.18
C LYS D 218 77.88 44.15 113.81
N ARG D 219 77.10 44.28 112.74
CA ARG D 219 76.25 43.17 112.34
C ARG D 219 77.04 42.02 111.75
N LEU D 220 78.24 42.27 111.23
CA LEU D 220 79.10 41.18 110.82
C LEU D 220 79.67 40.47 112.04
N THR D 221 80.14 41.24 113.02
CA THR D 221 80.69 40.64 114.23
C THR D 221 79.65 39.81 114.96
N ASP D 222 78.40 40.27 114.97
CA ASP D 222 77.35 39.49 115.61
C ASP D 222 77.18 38.13 114.97
N ALA D 223 77.61 37.95 113.72
CA ALA D 223 77.59 36.66 113.07
C ALA D 223 78.95 35.99 113.04
N ASP D 224 79.94 36.58 113.72
CA ASP D 224 81.31 36.07 113.70
C ASP D 224 81.78 35.84 112.28
N ALA D 225 81.43 36.76 111.39
CA ALA D 225 81.88 36.73 110.01
C ALA D 225 82.99 37.72 109.74
N MET D 226 83.59 38.29 110.77
CA MET D 226 84.73 39.16 110.58
C MET D 226 86.05 38.42 110.69
N LYS D 227 86.07 37.19 111.17
CA LYS D 227 87.32 36.46 111.26
C LYS D 227 87.88 36.12 109.89
N TYR D 228 87.10 36.30 108.82
CA TYR D 228 87.58 36.04 107.46
C TYR D 228 87.20 37.15 106.50
N THR D 229 86.97 38.36 106.98
CA THR D 229 86.57 39.47 106.14
C THR D 229 87.51 40.64 106.35
N ILE D 230 87.69 41.43 105.30
CA ILE D 230 88.34 42.72 105.37
C ILE D 230 87.28 43.77 105.08
N VAL D 231 87.53 44.99 105.54
CA VAL D 231 86.60 46.08 105.22
C VAL D 231 87.39 47.34 104.88
N VAL D 232 87.57 47.61 103.60
CA VAL D 232 88.22 48.85 103.19
C VAL D 232 87.18 49.96 103.24
N SER D 233 87.48 51.02 103.98
CA SER D 233 86.52 52.05 104.29
C SER D 233 87.00 53.38 103.74
N ALA D 234 86.29 53.91 102.75
CA ALA D 234 86.49 55.26 102.25
C ALA D 234 85.14 55.96 102.35
N THR D 235 84.86 56.51 103.52
CA THR D 235 83.54 57.02 103.82
C THR D 235 83.35 58.37 103.13
N ALA D 236 82.26 59.06 103.47
CA ALA D 236 81.90 60.27 102.75
C ALA D 236 82.90 61.39 103.01
N SER D 237 83.40 61.50 104.25
CA SER D 237 84.27 62.63 104.59
C SER D 237 85.64 62.51 103.94
N ASP D 238 86.16 61.30 103.78
CA ASP D 238 87.52 61.13 103.29
C ASP D 238 87.69 61.79 101.93
N ALA D 239 88.83 62.47 101.77
CA ALA D 239 89.05 63.27 100.58
C ALA D 239 88.75 62.48 99.33
N ALA D 240 88.37 63.18 98.26
CA ALA D 240 87.97 62.51 97.03
C ALA D 240 88.98 61.49 96.55
N PRO D 241 90.29 61.74 96.57
CA PRO D 241 91.22 60.72 96.09
C PRO D 241 91.09 59.39 96.82
N LEU D 242 90.83 59.40 98.12
CA LEU D 242 90.69 58.13 98.82
C LEU D 242 89.46 57.38 98.36
N GLN D 243 88.36 58.09 98.10
CA GLN D 243 87.19 57.42 97.55
C GLN D 243 87.47 56.87 96.16
N TYR D 244 88.24 57.60 95.36
CA TYR D 244 88.60 57.12 94.04
C TYR D 244 89.53 55.92 94.09
N LEU D 245 90.30 55.78 95.17
CA LEU D 245 91.31 54.73 95.26
C LEU D 245 90.88 53.54 96.09
N ALA D 246 89.77 53.64 96.83
CA ALA D 246 89.36 52.49 97.64
C ALA D 246 89.12 51.25 96.82
N PRO D 247 88.36 51.29 95.73
CA PRO D 247 88.09 50.04 95.00
C PRO D 247 89.35 49.36 94.52
N TYR D 248 90.37 50.10 94.09
CA TYR D 248 91.60 49.48 93.64
C TYR D 248 92.36 48.88 94.81
N SER D 249 92.36 49.54 95.96
CA SER D 249 92.99 48.95 97.13
C SER D 249 92.33 47.63 97.50
N GLY D 250 91.01 47.62 97.52
CA GLY D 250 90.33 46.38 97.83
C GLY D 250 90.61 45.31 96.80
N CYS D 251 90.60 45.67 95.52
CA CYS D 251 90.83 44.69 94.48
C CYS D 251 92.23 44.12 94.56
N SER D 252 93.21 44.91 95.03
CA SER D 252 94.56 44.39 95.20
C SER D 252 94.66 43.46 96.40
N MET D 253 94.05 43.87 97.51
CA MET D 253 94.00 42.97 98.67
C MET D 253 93.35 41.65 98.31
N GLY D 254 92.40 41.65 97.36
CA GLY D 254 91.81 40.41 96.92
C GLY D 254 92.62 39.68 95.88
N GLU D 255 93.33 40.40 95.02
CA GLU D 255 94.20 39.76 94.05
C GLU D 255 95.32 39.00 94.75
N TYR D 256 95.70 39.43 95.96
CA TYR D 256 96.68 38.65 96.69
C TYR D 256 96.17 37.23 96.93
N PHE D 257 94.94 37.09 97.42
CA PHE D 257 94.38 35.77 97.62
C PHE D 257 94.19 35.04 96.29
N ARG D 258 93.73 35.75 95.27
CA ARG D 258 93.48 35.10 94.00
C ARG D 258 94.76 34.48 93.44
N ASP D 259 95.86 35.22 93.49
CA ASP D 259 97.11 34.70 92.95
C ASP D 259 97.57 33.46 93.69
N ASN D 260 97.45 33.47 95.01
CA ASN D 260 98.01 32.42 95.85
C ASN D 260 97.10 31.22 96.00
N GLY D 261 96.16 31.02 95.08
CA GLY D 261 95.39 29.80 95.08
C GLY D 261 94.27 29.74 96.09
N LYS D 262 93.95 30.84 96.75
CA LYS D 262 92.82 30.91 97.67
C LYS D 262 91.73 31.75 97.03
N HIS D 263 90.50 31.25 97.07
CA HIS D 263 89.39 32.00 96.50
C HIS D 263 89.10 33.23 97.34
N ALA D 264 88.43 34.20 96.71
CA ALA D 264 88.15 35.46 97.38
C ALA D 264 86.85 36.02 96.83
N LEU D 265 86.48 37.19 97.33
CA LEU D 265 85.26 37.88 96.93
C LEU D 265 85.48 39.35 97.20
N ILE D 266 84.68 40.19 96.56
CA ILE D 266 84.82 41.63 96.78
C ILE D 266 83.52 42.30 96.39
N ILE D 267 83.10 43.27 97.19
CA ILE D 267 81.80 43.90 97.08
C ILE D 267 82.01 45.41 97.11
N TYR D 268 82.11 46.03 95.94
CA TYR D 268 82.20 47.47 95.89
C TYR D 268 80.82 48.05 96.14
N ASP D 269 80.73 49.01 97.06
CA ASP D 269 79.43 49.42 97.58
C ASP D 269 79.49 50.88 98.01
N ASP D 270 79.12 51.81 97.12
CA ASP D 270 78.69 51.58 95.73
C ASP D 270 79.82 51.94 94.81
N LEU D 271 79.63 51.71 93.52
CA LEU D 271 80.60 52.13 92.52
C LEU D 271 80.31 53.51 91.98
N SER D 272 79.04 53.88 91.83
CA SER D 272 78.70 55.20 91.34
C SER D 272 79.38 56.29 92.16
N LYS D 273 79.53 56.06 93.47
CA LYS D 273 80.21 57.05 94.30
C LYS D 273 81.68 57.16 93.95
N GLN D 274 82.30 56.07 93.50
CA GLN D 274 83.66 56.19 92.99
C GLN D 274 83.70 57.03 91.73
N ALA D 275 82.71 56.89 90.86
CA ALA D 275 82.69 57.71 89.66
C ALA D 275 82.53 59.18 90.02
N VAL D 276 81.73 59.49 91.02
CA VAL D 276 81.59 60.88 91.46
C VAL D 276 82.91 61.39 92.03
N ALA D 277 83.57 60.59 92.87
CA ALA D 277 84.84 61.02 93.43
C ALA D 277 85.86 61.26 92.34
N TYR D 278 85.93 60.38 91.36
CA TYR D 278 86.84 60.59 90.24
C TYR D 278 86.49 61.84 89.46
N ARG D 279 85.20 62.09 89.24
CA ARG D 279 84.82 63.29 88.51
C ARG D 279 85.29 64.53 89.24
N GLN D 280 85.12 64.58 90.56
CA GLN D 280 85.61 65.72 91.30
C GLN D 280 87.13 65.84 91.15
N MET D 281 87.83 64.74 91.39
CA MET D 281 89.28 64.76 91.38
C MET D 281 89.82 65.16 90.02
N SER D 282 89.07 64.90 88.95
CA SER D 282 89.51 65.21 87.60
C SER D 282 89.05 66.56 87.10
N LEU D 283 87.98 67.12 87.67
CA LEU D 283 87.60 68.48 87.37
C LEU D 283 88.41 69.49 88.15
N LEU D 284 89.02 69.08 89.26
CA LEU D 284 89.89 69.97 90.00
C LEU D 284 91.32 69.99 89.47
N LEU D 285 91.72 68.97 88.72
CA LEU D 285 92.98 68.99 87.98
C LEU D 285 92.87 69.75 86.68
N ARG D 286 91.72 70.36 86.41
CA ARG D 286 91.47 71.16 85.21
C ARG D 286 91.34 70.31 83.96
N ARG D 287 91.28 68.99 84.08
CA ARG D 287 91.01 68.18 82.92
C ARG D 287 89.59 68.46 82.42
N PRO D 288 89.36 68.55 81.12
CA PRO D 288 88.06 68.95 80.64
C PRO D 288 87.01 67.90 80.95
N PRO D 289 85.74 68.28 81.04
CA PRO D 289 84.69 67.29 81.33
C PRO D 289 84.15 66.61 80.10
N GLY D 290 83.26 65.64 80.30
CA GLY D 290 82.62 64.91 79.22
C GLY D 290 81.12 64.91 79.34
N ARG D 291 80.51 63.73 79.39
CA ARG D 291 79.08 63.62 79.56
C ARG D 291 78.71 63.70 81.04
N GLU D 292 77.64 64.42 81.34
CA GLU D 292 77.24 64.68 82.72
C GLU D 292 78.39 65.20 83.56
N ALA D 293 79.39 65.81 82.94
CA ALA D 293 80.57 66.37 83.55
C ALA D 293 81.57 65.30 83.95
N TYR D 294 81.27 64.03 83.79
CA TYR D 294 82.25 63.01 84.07
C TYR D 294 83.41 63.13 83.08
N PRO D 295 84.63 62.79 83.49
CA PRO D 295 85.71 62.72 82.53
C PRO D 295 85.39 61.71 81.45
N GLY D 296 86.18 61.70 80.39
CA GLY D 296 85.92 60.76 79.33
C GLY D 296 86.16 59.32 79.71
N ASP D 297 86.92 59.08 80.78
CA ASP D 297 87.45 57.77 81.08
C ASP D 297 86.61 56.96 82.06
N VAL D 298 85.46 57.46 82.51
CA VAL D 298 84.73 56.75 83.55
C VAL D 298 84.38 55.34 83.10
N PHE D 299 84.61 55.02 81.83
CA PHE D 299 84.56 53.62 81.44
C PHE D 299 85.88 52.93 81.79
N TYR D 300 86.98 53.38 81.21
CA TYR D 300 88.27 52.81 81.54
C TYR D 300 88.55 52.83 83.03
N LEU D 301 87.80 53.60 83.80
CA LEU D 301 87.96 53.57 85.25
C LEU D 301 87.37 52.30 85.85
N HIS D 302 86.18 51.91 85.41
CA HIS D 302 85.49 50.74 85.96
C HIS D 302 85.93 49.46 85.29
N SER D 303 86.23 49.49 83.99
CA SER D 303 86.69 48.29 83.30
C SER D 303 88.06 47.86 83.82
N ARG D 304 89.00 48.79 83.86
CA ARG D 304 90.30 48.54 84.46
C ARG D 304 90.17 47.79 85.79
N LEU D 305 89.14 48.10 86.56
CA LEU D 305 88.91 47.53 87.88
C LEU D 305 88.26 46.16 87.81
N LEU D 306 87.14 46.06 87.10
CA LEU D 306 86.37 44.83 87.10
C LEU D 306 87.05 43.72 86.32
N GLU D 307 87.82 44.05 85.29
CA GLU D 307 88.49 43.00 84.54
C GLU D 307 89.51 42.25 85.38
N ARG D 308 89.73 42.64 86.64
CA ARG D 308 90.65 41.90 87.49
C ARG D 308 90.00 40.71 88.17
N ALA D 309 88.67 40.64 88.17
CA ALA D 309 87.96 39.52 88.76
C ALA D 309 88.10 38.32 87.83
N ALA D 310 89.06 37.45 88.12
CA ALA D 310 89.41 36.34 87.25
C ALA D 310 89.12 35.02 87.93
N LYS D 311 89.36 33.94 87.18
CA LYS D 311 89.33 32.58 87.71
C LYS D 311 90.54 31.89 87.10
N MET D 312 91.67 31.96 87.79
CA MET D 312 92.91 31.45 87.23
C MET D 312 92.82 29.94 87.05
N ASN D 313 93.53 29.44 86.05
CA ASN D 313 93.51 28.01 85.75
C ASN D 313 94.33 27.29 86.82
N ASP D 314 94.56 26.00 86.61
CA ASP D 314 95.24 25.19 87.60
C ASP D 314 96.76 25.28 87.50
N ALA D 315 97.28 25.87 86.44
CA ALA D 315 98.71 26.15 86.37
C ALA D 315 99.07 27.46 87.05
N PHE D 316 98.08 28.27 87.41
CA PHE D 316 98.29 29.53 88.10
C PHE D 316 97.71 29.52 89.51
N GLY D 317 97.37 28.36 90.03
CA GLY D 317 96.92 28.25 91.40
C GLY D 317 95.49 27.81 91.55
N GLY D 318 94.62 28.32 90.68
CA GLY D 318 93.20 28.05 90.80
C GLY D 318 92.45 29.00 91.70
N GLY D 319 93.02 30.17 91.98
CA GLY D 319 92.34 31.14 92.81
C GLY D 319 91.13 31.72 92.11
N SER D 320 90.64 32.85 92.58
CA SER D 320 89.49 33.50 91.96
C SER D 320 89.25 34.81 92.69
N LEU D 321 88.45 35.67 92.08
CA LEU D 321 88.04 36.91 92.74
C LEU D 321 86.68 37.28 92.17
N THR D 322 85.63 36.90 92.88
CA THR D 322 84.30 37.30 92.48
C THR D 322 84.06 38.75 92.85
N ALA D 323 83.56 39.54 91.91
CA ALA D 323 83.27 40.95 92.15
C ALA D 323 81.77 41.18 92.11
N LEU D 324 81.28 41.99 93.04
CA LEU D 324 79.85 42.30 93.13
C LEU D 324 79.64 43.80 93.17
N PRO D 325 79.98 44.51 92.10
CA PRO D 325 79.77 45.95 92.08
C PRO D 325 78.32 46.29 92.33
N VAL D 326 78.09 47.35 93.10
CA VAL D 326 76.75 47.80 93.45
C VAL D 326 76.58 49.20 92.91
N ILE D 327 75.63 49.37 92.00
CA ILE D 327 75.31 50.68 91.44
C ILE D 327 73.96 51.10 91.98
N GLU D 328 73.71 52.41 91.98
CA GLU D 328 72.40 52.96 92.32
C GLU D 328 71.89 53.81 91.15
N THR D 329 70.81 53.36 90.54
CA THR D 329 70.18 54.13 89.50
C THR D 329 69.31 55.23 90.09
N GLN D 330 69.18 56.33 89.36
CA GLN D 330 68.42 57.48 89.81
C GLN D 330 67.01 57.39 89.25
N ALA D 331 66.06 57.04 90.10
CA ALA D 331 64.66 56.90 89.70
C ALA D 331 64.46 55.70 88.77
N GLY D 332 65.11 54.58 89.10
CA GLY D 332 64.98 53.41 88.27
C GLY D 332 65.38 53.66 86.83
N ASP D 333 66.48 54.38 86.63
CA ASP D 333 66.95 54.78 85.31
C ASP D 333 68.19 53.94 84.99
N VAL D 334 67.94 52.75 84.43
CA VAL D 334 69.04 51.89 84.01
C VAL D 334 69.73 52.40 82.76
N SER D 335 69.09 53.31 82.04
CA SER D 335 69.64 53.89 80.83
C SER D 335 70.40 55.18 81.09
N ALA D 336 70.91 55.38 82.29
CA ALA D 336 71.71 56.55 82.59
C ALA D 336 73.11 56.32 82.04
N TYR D 337 74.06 57.17 82.44
CA TYR D 337 75.40 57.04 81.89
C TYR D 337 76.18 55.93 82.58
N ILE D 338 76.36 56.02 83.90
CA ILE D 338 77.22 55.09 84.61
C ILE D 338 76.57 53.73 84.77
N PRO D 339 75.26 53.64 85.02
CA PRO D 339 74.65 52.31 85.04
C PRO D 339 74.85 51.56 83.74
N THR D 340 74.78 52.21 82.59
CA THR D 340 75.04 51.52 81.33
C THR D 340 76.52 51.38 81.04
N ASN D 341 77.37 52.17 81.70
CA ASN D 341 78.80 51.92 81.59
C ASN D 341 79.20 50.65 82.32
N VAL D 342 78.55 50.36 83.44
CA VAL D 342 78.91 49.17 84.19
C VAL D 342 78.12 47.94 83.72
N ILE D 343 76.88 48.11 83.27
CA ILE D 343 76.10 46.96 82.83
C ILE D 343 76.77 46.25 81.67
N SER D 344 77.55 46.97 80.88
CA SER D 344 78.23 46.38 79.74
C SER D 344 79.62 45.86 80.09
N ILE D 345 79.97 45.84 81.37
CA ILE D 345 81.30 45.42 81.80
C ILE D 345 81.21 44.10 82.54
N THR D 346 80.06 43.85 83.16
CA THR D 346 79.87 42.72 84.06
C THR D 346 79.24 41.54 83.32
N ASP D 347 79.20 40.41 84.01
CA ASP D 347 78.75 39.15 83.42
C ASP D 347 77.29 38.85 83.73
N GLY D 348 76.55 39.82 84.26
CA GLY D 348 75.16 39.60 84.53
C GLY D 348 74.55 40.81 85.18
N GLN D 349 73.44 40.59 85.88
CA GLN D 349 72.78 41.66 86.62
C GLN D 349 71.95 41.04 87.72
N ILE D 350 71.63 41.85 88.72
CA ILE D 350 70.61 41.50 89.69
C ILE D 350 69.74 42.73 89.87
N PHE D 351 68.65 42.83 89.12
CA PHE D 351 67.89 44.07 89.08
C PHE D 351 66.97 44.12 90.28
N LEU D 352 67.38 44.84 91.30
CA LEU D 352 66.51 45.11 92.44
C LEU D 352 65.50 46.16 92.02
N GLU D 353 64.22 45.82 92.04
CA GLU D 353 63.16 46.74 91.69
C GLU D 353 62.54 47.31 92.96
N THR D 354 62.29 48.61 92.96
CA THR D 354 61.64 49.25 94.10
C THR D 354 60.13 49.15 94.03
N GLU D 355 59.58 48.59 92.95
CA GLU D 355 58.18 48.25 92.87
C GLU D 355 57.87 46.88 93.45
N LEU D 356 58.67 45.87 93.12
CA LEU D 356 58.57 44.58 93.78
C LEU D 356 58.90 44.67 95.26
N PHE D 357 59.61 45.69 95.68
CA PHE D 357 60.04 45.80 97.06
C PHE D 357 58.92 46.18 98.00
N TYR D 358 57.83 46.72 97.46
CA TYR D 358 56.64 47.05 98.23
C TYR D 358 55.52 46.04 98.01
N LYS D 359 55.26 45.67 96.76
CA LYS D 359 54.19 44.72 96.45
C LYS D 359 54.37 43.43 97.21
N GLY D 360 55.51 43.27 97.88
CA GLY D 360 55.69 42.19 98.83
C GLY D 360 57.02 41.49 98.69
N ILE D 361 57.51 41.39 97.46
CA ILE D 361 58.71 40.60 97.20
C ILE D 361 59.90 41.25 97.87
N ARG D 362 60.45 40.58 98.89
CA ARG D 362 61.76 40.95 99.42
C ARG D 362 62.51 39.62 99.53
N PRO D 363 63.76 39.53 99.04
CA PRO D 363 64.53 40.58 98.38
C PRO D 363 63.93 40.90 97.03
N ALA D 364 64.04 42.15 96.61
CA ALA D 364 63.28 42.64 95.48
C ALA D 364 63.83 42.17 94.14
N ILE D 365 64.71 41.18 94.13
CA ILE D 365 65.35 40.72 92.90
C ILE D 365 64.30 40.56 91.83
N ASN D 366 64.49 41.25 90.71
CA ASN D 366 63.57 41.17 89.58
C ASN D 366 64.06 40.09 88.64
N VAL D 367 63.33 38.98 88.59
CA VAL D 367 63.70 37.91 87.68
C VAL D 367 63.14 38.22 86.29
N GLY D 368 63.70 37.57 85.28
CA GLY D 368 63.36 37.84 83.91
C GLY D 368 64.24 38.94 83.34
N LEU D 369 64.54 39.94 84.15
CA LEU D 369 65.55 40.95 83.81
C LEU D 369 66.91 40.63 84.38
N SER D 370 66.99 39.77 85.39
CA SER D 370 68.25 39.43 86.02
C SER D 370 68.86 38.24 85.30
N VAL D 371 69.90 38.48 84.51
CA VAL D 371 70.57 37.44 83.78
C VAL D 371 71.89 37.14 84.46
N SER D 372 72.46 35.98 84.14
CA SER D 372 73.81 35.61 84.58
C SER D 372 74.50 34.95 83.39
N ARG D 373 75.19 35.77 82.59
CA ARG D 373 75.74 35.33 81.32
C ARG D 373 76.60 34.08 81.46
N VAL D 374 77.03 33.74 82.67
CA VAL D 374 77.60 32.43 82.93
C VAL D 374 76.48 31.51 83.37
N GLY D 375 75.85 31.85 84.50
CA GLY D 375 74.64 31.19 84.90
C GLY D 375 74.76 29.70 85.19
N SER D 376 74.13 28.88 84.36
CA SER D 376 73.82 27.52 84.75
C SER D 376 75.08 26.72 85.08
N ALA D 377 76.14 26.89 84.29
CA ALA D 377 77.35 26.11 84.53
C ALA D 377 77.86 26.28 85.95
N ALA D 378 77.60 27.43 86.56
CA ALA D 378 78.07 27.67 87.92
C ALA D 378 77.30 26.83 88.93
N GLN D 379 76.01 26.60 88.68
CA GLN D 379 75.14 26.03 89.70
C GLN D 379 75.62 24.64 90.11
N THR D 380 75.00 24.13 91.17
CA THR D 380 75.23 22.78 91.67
C THR D 380 74.11 21.87 91.21
N ARG D 381 74.47 20.66 90.78
CA ARG D 381 73.50 19.78 90.13
C ARG D 381 72.24 19.63 90.97
N ALA D 382 72.40 19.46 92.28
CA ALA D 382 71.23 19.31 93.14
C ALA D 382 70.25 20.45 92.94
N MET D 383 70.76 21.68 93.01
CA MET D 383 69.88 22.83 92.87
C MET D 383 69.46 23.03 91.42
N LYS D 384 70.29 22.58 90.47
CA LYS D 384 69.92 22.70 89.06
C LYS D 384 68.68 21.89 88.75
N GLN D 385 68.58 20.69 89.33
CA GLN D 385 67.44 19.82 89.06
C GLN D 385 66.12 20.56 89.24
N VAL D 386 65.99 21.29 90.34
CA VAL D 386 64.73 21.97 90.65
C VAL D 386 64.66 23.35 90.02
N ALA D 387 65.79 24.07 89.97
CA ALA D 387 65.77 25.41 89.42
C ALA D 387 65.41 25.41 87.94
N GLY D 388 65.82 24.37 87.20
CA GLY D 388 65.44 24.30 85.80
C GLY D 388 63.93 24.35 85.62
N THR D 389 63.21 23.56 86.41
CA THR D 389 61.76 23.54 86.32
C THR D 389 61.16 24.83 86.86
N MET D 390 61.73 25.36 87.94
CA MET D 390 61.20 26.59 88.53
C MET D 390 61.29 27.75 87.55
N LYS D 391 62.38 27.81 86.78
CA LYS D 391 62.51 28.86 85.78
C LYS D 391 61.32 28.87 84.84
N LEU D 392 60.98 27.72 84.27
CA LEU D 392 59.89 27.64 83.31
C LEU D 392 58.56 27.95 83.98
N GLU D 393 58.33 27.39 85.17
CA GLU D 393 57.04 27.62 85.83
C GLU D 393 56.85 29.10 86.13
N LEU D 394 57.88 29.77 86.64
CA LEU D 394 57.77 31.18 86.94
C LEU D 394 57.66 32.01 85.67
N ALA D 395 58.35 31.61 84.60
CA ALA D 395 58.22 32.36 83.36
C ALA D 395 56.79 32.33 82.86
N GLN D 396 56.19 31.14 82.84
CA GLN D 396 54.79 31.04 82.44
C GLN D 396 53.91 31.87 83.35
N TYR D 397 54.14 31.79 84.65
CA TYR D 397 53.32 32.55 85.59
C TYR D 397 53.41 34.04 85.30
N ARG D 398 54.61 34.56 85.11
CA ARG D 398 54.79 35.98 84.84
C ARG D 398 54.20 36.38 83.49
N GLU D 399 54.06 35.43 82.57
CA GLU D 399 53.31 35.75 81.35
C GLU D 399 51.84 36.00 81.66
N VAL D 400 51.29 35.30 82.65
CA VAL D 400 49.88 35.42 82.99
C VAL D 400 49.71 35.77 84.46
N ALA D 401 50.67 36.51 85.01
CA ALA D 401 50.54 37.02 86.37
C ALA D 401 49.91 38.40 86.43
N ALA D 402 49.45 38.91 85.30
CA ALA D 402 48.96 40.28 85.17
C ALA D 402 47.45 40.35 85.30
N PHE D 403 46.88 39.57 86.21
CA PHE D 403 45.45 39.34 86.28
C PHE D 403 44.83 39.55 87.65
N ALA D 404 45.25 40.58 88.38
CA ALA D 404 44.34 41.16 89.36
C ALA D 404 43.12 41.74 88.67
N GLN D 405 43.23 42.00 87.35
CA GLN D 405 42.13 42.54 86.58
C GLN D 405 40.91 41.61 86.58
N PHE D 406 41.13 40.30 86.55
CA PHE D 406 40.03 39.35 86.47
C PHE D 406 40.35 38.10 87.29
N LEU D 410 38.40 31.13 86.29
CA LEU D 410 39.43 31.02 85.26
C LEU D 410 39.61 29.58 84.81
N ASP D 411 40.29 29.41 83.68
CA ASP D 411 40.51 28.08 83.11
C ASP D 411 41.18 27.18 84.14
N ALA D 412 41.10 25.87 83.94
CA ALA D 412 41.75 24.94 84.86
C ALA D 412 43.27 25.12 84.84
N ALA D 413 43.86 25.07 83.65
CA ALA D 413 45.31 25.17 83.55
C ALA D 413 45.81 26.55 83.95
N THR D 414 45.11 27.60 83.49
CA THR D 414 45.52 28.95 83.88
C THR D 414 45.39 29.17 85.37
N GLN D 415 44.31 28.66 85.96
CA GLN D 415 44.16 28.79 87.40
C GLN D 415 45.27 28.05 88.13
N GLN D 416 45.62 26.85 87.67
CA GLN D 416 46.70 26.12 88.28
C GLN D 416 48.02 26.88 88.15
N LEU D 417 48.26 27.48 86.98
CA LEU D 417 49.50 28.22 86.77
C LEU D 417 49.57 29.41 87.71
N LEU D 418 48.48 30.17 87.84
CA LEU D 418 48.48 31.30 88.76
C LEU D 418 48.74 30.85 90.18
N SER D 419 48.10 29.76 90.61
CA SER D 419 48.31 29.27 91.97
C SER D 419 49.76 28.84 92.18
N ARG D 420 50.31 28.10 91.23
CA ARG D 420 51.68 27.62 91.36
C ARG D 420 52.67 28.78 91.37
N GLY D 421 52.44 29.76 90.52
CA GLY D 421 53.29 30.93 90.52
C GLY D 421 53.25 31.66 91.86
N VAL D 422 52.06 31.81 92.43
CA VAL D 422 51.97 32.46 93.73
C VAL D 422 52.75 31.67 94.77
N ARG D 423 52.61 30.33 94.75
CA ARG D 423 53.33 29.51 95.71
C ARG D 423 54.83 29.73 95.59
N LEU D 424 55.35 29.64 94.37
CA LEU D 424 56.79 29.76 94.17
C LEU D 424 57.28 31.15 94.55
N THR D 425 56.55 32.20 94.16
CA THR D 425 56.92 33.54 94.55
C THR D 425 57.01 33.68 96.06
N GLU D 426 56.00 33.19 96.77
CA GLU D 426 56.03 33.27 98.22
C GLU D 426 57.22 32.49 98.78
N LEU D 427 57.62 31.42 98.10
CA LEU D 427 58.81 30.69 98.56
C LEU D 427 60.07 31.52 98.40
N LEU D 428 60.18 32.26 97.30
CA LEU D 428 61.41 33.00 97.05
C LEU D 428 61.68 34.01 98.15
N LYS D 429 60.64 34.64 98.69
CA LYS D 429 60.83 35.63 99.75
C LYS D 429 61.73 35.07 100.84
N GLN D 430 62.43 35.96 101.54
CA GLN D 430 63.38 35.54 102.53
C GLN D 430 63.53 36.63 103.59
N GLY D 431 64.02 36.22 104.76
CA GLY D 431 64.25 37.14 105.85
C GLY D 431 65.42 38.04 105.58
N GLN D 432 66.09 38.53 106.62
CA GLN D 432 67.23 39.41 106.47
C GLN D 432 68.37 38.92 107.33
N TYR D 433 69.57 38.87 106.75
CA TYR D 433 70.75 38.35 107.44
C TYR D 433 70.51 36.95 107.96
N SER D 434 69.71 36.18 107.23
CA SER D 434 69.44 34.78 107.55
C SER D 434 69.62 33.93 106.31
N PRO D 435 70.85 33.87 105.78
CA PRO D 435 71.11 32.98 104.65
C PRO D 435 70.86 31.53 105.04
N MET D 436 70.43 30.74 104.07
CA MET D 436 70.11 29.34 104.31
C MET D 436 70.97 28.46 103.41
N ALA D 437 71.46 27.35 103.98
CA ALA D 437 72.35 26.46 103.26
C ALA D 437 71.73 26.01 101.94
N ILE D 438 72.56 25.50 101.03
CA ILE D 438 72.03 25.11 99.72
C ILE D 438 71.16 23.87 99.83
N GLU D 439 71.50 22.94 100.73
CA GLU D 439 70.66 21.76 100.90
C GLU D 439 69.25 22.14 101.34
N GLU D 440 69.14 23.09 102.26
CA GLU D 440 67.82 23.54 102.71
C GLU D 440 67.08 24.25 101.58
N GLN D 441 67.79 25.06 100.80
CA GLN D 441 67.16 25.71 99.66
C GLN D 441 66.61 24.67 98.69
N VAL D 442 67.39 23.62 98.42
CA VAL D 442 66.92 22.57 97.53
C VAL D 442 65.69 21.89 98.12
N ALA D 443 65.73 21.61 99.43
CA ALA D 443 64.57 21.00 100.06
C ALA D 443 63.32 21.83 99.83
N VAL D 444 63.39 23.12 100.15
CA VAL D 444 62.20 23.97 100.06
C VAL D 444 61.75 24.11 98.61
N ILE D 445 62.69 24.35 97.70
CA ILE D 445 62.33 24.56 96.31
C ILE D 445 61.73 23.30 95.72
N TYR D 446 62.30 22.14 96.07
CA TYR D 446 61.76 20.87 95.60
C TYR D 446 60.35 20.66 96.12
N ALA D 447 60.12 20.98 97.40
CA ALA D 447 58.77 20.91 97.92
C ALA D 447 57.83 21.74 97.07
N GLY D 448 58.21 22.99 96.80
CA GLY D 448 57.32 23.89 96.08
C GLY D 448 57.06 23.46 94.65
N VAL D 449 58.11 23.05 93.94
CA VAL D 449 58.00 22.79 92.50
C VAL D 449 57.46 21.41 92.18
N ARG D 450 57.26 20.57 93.20
CA ARG D 450 56.75 19.23 93.01
C ARG D 450 55.24 19.13 93.28
N GLY D 451 54.58 20.27 93.45
CA GLY D 451 53.14 20.26 93.63
C GLY D 451 52.67 19.96 95.02
N TYR D 452 53.56 19.83 96.00
CA TYR D 452 53.19 19.56 97.38
C TYR D 452 52.89 20.84 98.15
N LEU D 453 52.54 21.92 97.45
CA LEU D 453 52.05 23.14 98.09
C LEU D 453 50.78 23.69 97.48
N ASP D 454 50.37 23.25 96.31
CA ASP D 454 49.35 23.95 95.55
C ASP D 454 48.00 23.94 96.22
N LYS D 455 47.85 23.44 97.45
CA LYS D 455 46.60 23.52 98.17
C LYS D 455 46.64 24.48 99.36
N LEU D 456 47.83 24.87 99.82
CA LEU D 456 47.93 25.75 100.98
C LEU D 456 47.52 27.18 100.63
N GLU D 457 47.08 27.90 101.65
CA GLU D 457 46.70 29.29 101.46
C GLU D 457 47.92 30.09 101.00
N PRO D 458 47.77 31.01 100.05
CA PRO D 458 48.94 31.75 99.57
C PRO D 458 49.74 32.43 100.67
N SER D 459 49.07 32.97 101.67
CA SER D 459 49.77 33.64 102.77
C SER D 459 50.26 32.68 103.83
N LYS D 460 49.86 31.41 103.78
CA LYS D 460 50.36 30.44 104.74
C LYS D 460 51.79 30.02 104.43
N ILE D 461 52.17 30.01 103.16
CA ILE D 461 53.44 29.44 102.72
C ILE D 461 54.52 29.86 103.69
N THR D 462 54.64 31.17 103.93
CA THR D 462 55.70 31.68 104.78
C THR D 462 55.86 30.84 106.03
N LYS D 463 54.83 30.82 106.89
CA LYS D 463 54.97 30.07 108.13
C LYS D 463 55.36 28.65 107.84
N PHE D 464 54.61 27.98 106.96
CA PHE D 464 54.96 26.62 106.57
C PHE D 464 56.45 26.55 106.29
N GLU D 465 56.89 27.33 105.29
CA GLU D 465 58.29 27.34 104.91
C GLU D 465 59.15 27.38 106.15
N ASN D 466 59.01 28.43 106.94
CA ASN D 466 59.83 28.55 108.14
C ASN D 466 59.77 27.27 108.95
N ALA D 467 58.57 26.89 109.39
CA ALA D 467 58.42 25.70 110.21
C ALA D 467 59.07 24.50 109.54
N PHE D 468 58.81 24.33 108.24
CA PHE D 468 59.35 23.19 107.53
C PHE D 468 60.85 23.08 107.78
N LEU D 469 61.57 24.18 107.60
CA LEU D 469 63.01 24.17 107.80
C LEU D 469 63.36 23.45 109.10
N SER D 470 62.82 23.95 110.20
CA SER D 470 63.20 23.40 111.50
C SER D 470 63.05 21.88 111.49
N HIS D 471 61.91 21.40 111.01
CA HIS D 471 61.70 19.95 110.98
C HIS D 471 62.83 19.25 110.25
N VAL D 472 63.11 19.67 109.02
CA VAL D 472 64.15 19.00 108.26
C VAL D 472 65.51 19.28 108.86
N ILE D 473 65.65 20.43 109.54
CA ILE D 473 66.90 20.70 110.22
C ILE D 473 67.04 19.79 111.43
N SER D 474 65.92 19.43 112.05
CA SER D 474 65.98 18.66 113.29
C SER D 474 66.19 17.18 113.03
N GLN D 475 65.26 16.54 112.33
CA GLN D 475 65.24 15.09 112.23
C GLN D 475 66.09 14.57 111.08
N HIS D 476 65.98 15.18 109.91
CA HIS D 476 66.53 14.61 108.67
C HIS D 476 67.87 15.23 108.29
N GLN D 477 68.71 15.54 109.25
CA GLN D 477 70.05 16.01 108.92
C GLN D 477 70.78 15.01 108.02
N ALA D 478 70.42 13.73 108.10
CA ALA D 478 71.06 12.74 107.24
C ALA D 478 70.74 12.99 105.78
N LEU D 479 69.48 13.28 105.45
CA LEU D 479 69.12 13.49 104.06
C LEU D 479 69.78 14.74 103.50
N LEU D 480 69.73 15.84 104.26
CA LEU D 480 70.39 17.06 103.82
C LEU D 480 71.88 16.83 103.65
N GLY D 481 72.50 16.10 104.58
CA GLY D 481 73.91 15.78 104.43
C GLY D 481 74.18 14.96 103.17
N LYS D 482 73.28 14.04 102.86
CA LYS D 482 73.44 13.22 101.65
C LYS D 482 73.38 14.11 100.40
N ILE D 483 72.40 14.99 100.33
CA ILE D 483 72.32 15.89 99.17
C ILE D 483 73.55 16.76 99.10
N ARG D 484 73.99 17.31 100.23
CA ARG D 484 75.12 18.22 100.22
C ARG D 484 76.39 17.50 99.76
N THR D 485 76.62 16.29 100.27
CA THR D 485 77.85 15.58 99.94
C THR D 485 77.84 15.08 98.51
N ASP D 486 76.74 14.47 98.08
CA ASP D 486 76.67 13.93 96.73
C ASP D 486 76.36 15.00 95.68
N GLY D 487 75.89 16.17 96.09
CA GLY D 487 75.67 17.27 95.18
C GLY D 487 74.49 17.12 94.26
N LYS D 488 73.74 16.02 94.35
CA LYS D 488 72.59 15.82 93.48
C LYS D 488 71.53 15.05 94.24
N ILE D 489 70.29 15.21 93.79
CA ILE D 489 69.15 14.52 94.39
C ILE D 489 69.08 13.11 93.83
N SER D 490 69.73 12.16 94.51
CA SER D 490 69.64 10.77 94.12
C SER D 490 68.19 10.33 94.07
N GLU D 491 67.94 9.23 93.36
CA GLU D 491 66.59 8.69 93.34
C GLU D 491 66.16 8.25 94.73
N GLU D 492 67.05 7.62 95.48
CA GLU D 492 66.76 7.35 96.89
C GLU D 492 66.57 8.65 97.66
N SER D 493 67.44 9.63 97.39
CA SER D 493 67.29 10.93 98.04
C SER D 493 65.95 11.54 97.68
N ASP D 494 65.55 11.46 96.41
CA ASP D 494 64.27 12.00 95.99
C ASP D 494 63.12 11.30 96.71
N ALA D 495 63.19 9.98 96.83
CA ALA D 495 62.13 9.24 97.50
C ALA D 495 62.01 9.67 98.95
N LYS D 496 63.13 9.73 99.66
CA LYS D 496 63.09 10.12 101.06
C LYS D 496 62.58 11.56 101.21
N LEU D 497 63.03 12.45 100.32
CA LEU D 497 62.58 13.84 100.38
C LEU D 497 61.08 13.94 100.18
N LYS D 498 60.56 13.21 99.18
CA LYS D 498 59.12 13.23 98.93
C LYS D 498 58.36 12.69 100.12
N GLU D 499 58.86 11.61 100.73
CA GLU D 499 58.21 11.07 101.90
C GLU D 499 58.16 12.09 103.02
N ILE D 500 59.27 12.79 103.26
CA ILE D 500 59.29 13.80 104.31
C ILE D 500 58.28 14.89 104.00
N VAL D 501 58.27 15.36 102.75
CA VAL D 501 57.40 16.48 102.40
C VAL D 501 55.94 16.09 102.62
N THR D 502 55.56 14.89 102.19
CA THR D 502 54.15 14.49 102.32
C THR D 502 53.81 14.24 103.78
N ASN D 503 54.67 13.53 104.51
CA ASN D 503 54.39 13.25 105.92
C ASN D 503 54.35 14.52 106.76
N PHE D 504 55.00 15.58 106.30
CA PHE D 504 54.92 16.86 107.01
C PHE D 504 53.68 17.64 106.59
N LEU D 505 53.42 17.75 105.29
CA LEU D 505 52.26 18.47 104.81
C LEU D 505 50.99 17.92 105.45
N ALA D 506 50.84 16.59 105.46
CA ALA D 506 49.72 16.00 106.18
C ALA D 506 49.83 16.29 107.67
N GLY D 507 51.07 16.36 108.19
CA GLY D 507 51.30 16.74 109.56
C GLY D 507 51.30 18.23 109.79
N PHE D 508 51.01 19.02 108.76
CA PHE D 508 50.91 20.47 108.89
C PHE D 508 49.49 20.87 109.27
N THR E 13 115.77 58.92 65.32
CA THR E 13 116.00 60.09 66.18
C THR E 13 115.74 59.72 67.63
N THR E 14 115.69 60.73 68.51
CA THR E 14 115.48 60.49 69.92
C THR E 14 114.99 61.76 70.59
N GLY E 15 113.78 61.73 71.13
CA GLY E 15 113.21 62.83 71.85
C GLY E 15 113.08 62.54 73.33
N ARG E 16 112.39 63.44 74.02
CA ARG E 16 112.20 63.33 75.46
C ARG E 16 110.74 63.54 75.78
N ILE E 17 110.28 62.88 76.84
CA ILE E 17 108.92 63.11 77.32
C ILE E 17 108.90 64.42 78.09
N VAL E 18 107.99 65.31 77.73
CA VAL E 18 107.84 66.57 78.44
C VAL E 18 106.60 66.58 79.31
N ALA E 19 105.53 65.88 78.94
CA ALA E 19 104.35 65.86 79.79
C ALA E 19 103.66 64.51 79.70
N VAL E 20 103.04 64.10 80.80
CA VAL E 20 102.29 62.85 80.86
C VAL E 20 100.97 63.09 81.55
N ILE E 21 99.92 63.36 80.79
CA ILE E 21 98.61 63.68 81.35
C ILE E 21 97.68 62.52 81.01
N GLY E 22 97.21 61.83 82.03
CA GLY E 22 96.34 60.69 81.78
C GLY E 22 97.07 59.66 80.95
N ALA E 23 96.51 59.35 79.80
CA ALA E 23 97.13 58.43 78.84
C ALA E 23 97.53 59.17 77.56
N VAL E 24 98.04 60.38 77.72
CA VAL E 24 98.51 61.19 76.60
C VAL E 24 99.87 61.76 76.98
N VAL E 25 100.88 61.47 76.17
CA VAL E 25 102.26 61.85 76.45
C VAL E 25 102.71 62.85 75.41
N ASP E 26 103.19 64.00 75.85
CA ASP E 26 103.77 64.99 74.95
C ASP E 26 105.27 64.85 75.00
N VAL E 27 105.87 64.68 73.83
CA VAL E 27 107.29 64.36 73.67
C VAL E 27 107.92 65.49 72.87
N GLN E 28 109.04 66.00 73.36
CA GLN E 28 109.74 67.11 72.69
C GLN E 28 110.95 66.58 71.95
N PHE E 29 111.08 66.97 70.69
CA PHE E 29 112.17 66.54 69.82
C PHE E 29 113.08 67.71 69.51
N ASP E 30 114.39 67.44 69.50
CA ASP E 30 115.37 68.41 69.01
C ASP E 30 115.83 68.12 67.60
N GLU E 31 115.85 66.84 67.22
CA GLU E 31 116.12 66.43 65.85
C GLU E 31 114.85 66.58 65.02
N GLY E 32 114.82 66.02 63.82
CA GLY E 32 113.61 66.10 63.01
C GLY E 32 112.44 65.39 63.67
N LEU E 33 111.29 66.04 63.63
CA LEU E 33 110.08 65.45 64.20
C LEU E 33 109.70 64.19 63.43
N PRO E 34 109.02 63.25 64.08
CA PRO E 34 108.48 62.11 63.37
C PRO E 34 107.11 62.42 62.80
N PRO E 35 106.81 61.99 61.59
CA PRO E 35 105.49 62.30 61.01
C PRO E 35 104.38 61.77 61.89
N ILE E 36 103.16 62.18 61.57
CA ILE E 36 102.00 61.70 62.30
C ILE E 36 101.81 60.21 62.03
N LEU E 37 101.30 59.50 63.02
CA LEU E 37 101.03 58.07 63.04
C LEU E 37 102.28 57.23 63.24
N ASN E 38 103.47 57.82 63.32
CA ASN E 38 104.64 57.00 63.58
C ASN E 38 104.49 56.29 64.92
N ALA E 39 105.40 55.38 65.19
CA ALA E 39 105.46 54.66 66.45
C ALA E 39 106.74 55.06 67.17
N LEU E 40 106.62 55.39 68.45
CA LEU E 40 107.74 55.78 69.27
C LEU E 40 107.88 54.76 70.40
N GLU E 41 109.10 54.31 70.64
CA GLU E 41 109.38 53.34 71.69
C GLU E 41 109.96 54.09 72.88
N VAL E 42 109.28 54.03 74.01
CA VAL E 42 109.78 54.65 75.23
C VAL E 42 110.83 53.74 75.83
N GLN E 43 112.02 54.27 76.07
CA GLN E 43 113.14 53.47 76.54
C GLN E 43 113.06 53.27 78.04
N GLY E 44 113.64 52.17 78.50
CA GLY E 44 113.70 51.88 79.92
C GLY E 44 112.43 51.32 80.49
N ARG E 45 111.59 50.72 79.68
CA ARG E 45 110.32 50.14 80.12
C ARG E 45 110.44 48.62 80.07
N GLU E 46 110.05 47.97 81.16
CA GLU E 46 110.16 46.51 81.22
C GLU E 46 109.29 45.85 80.18
N THR E 47 108.08 46.36 79.98
CA THR E 47 107.20 45.92 78.90
C THR E 47 107.19 46.99 77.82
N ARG E 48 107.38 46.57 76.57
CA ARG E 48 107.45 47.50 75.46
C ARG E 48 106.27 48.47 75.49
N LEU E 49 106.56 49.75 75.64
CA LEU E 49 105.56 50.80 75.58
C LEU E 49 105.72 51.55 74.27
N VAL E 50 104.67 51.58 73.48
CA VAL E 50 104.68 52.18 72.14
C VAL E 50 103.67 53.31 72.15
N LEU E 51 104.12 54.51 71.83
CA LEU E 51 103.26 55.66 71.63
C LEU E 51 103.03 55.87 70.16
N GLU E 52 101.86 56.40 69.81
CA GLU E 52 101.58 56.83 68.45
C GLU E 52 101.44 58.33 68.40
N VAL E 53 102.19 58.96 67.52
CA VAL E 53 102.07 60.40 67.31
C VAL E 53 100.69 60.71 66.74
N ALA E 54 100.07 61.77 67.23
CA ALA E 54 98.76 62.17 66.76
C ALA E 54 98.63 63.67 66.53
N GLN E 55 99.66 64.46 66.81
CA GLN E 55 99.62 65.89 66.60
C GLN E 55 101.04 66.42 66.51
N HIS E 56 101.16 67.68 66.12
CA HIS E 56 102.41 68.43 66.16
C HIS E 56 102.10 69.75 66.83
N LEU E 57 102.28 69.82 68.14
CA LEU E 57 101.85 70.97 68.91
C LEU E 57 102.62 72.23 68.58
N GLY E 58 103.58 72.20 67.67
CA GLY E 58 104.37 73.37 67.41
C GLY E 58 105.44 73.53 68.47
N GLU E 59 106.54 74.19 68.13
CA GLU E 59 107.70 74.30 69.02
C GLU E 59 108.43 72.97 69.14
N SER E 60 108.50 72.22 68.05
CA SER E 60 109.25 70.97 68.00
C SER E 60 108.75 69.97 69.04
N THR E 61 107.45 69.95 69.25
CA THR E 61 106.80 69.02 70.16
C THR E 61 105.83 68.14 69.38
N VAL E 62 105.53 66.97 69.93
CA VAL E 62 104.49 66.10 69.41
C VAL E 62 103.67 65.62 70.59
N ARG E 63 102.44 65.24 70.31
CA ARG E 63 101.55 64.66 71.31
C ARG E 63 101.17 63.27 70.85
N THR E 64 101.21 62.30 71.77
CA THR E 64 101.14 60.91 71.41
C THR E 64 100.20 60.18 72.35
N ILE E 65 99.43 59.25 71.82
CA ILE E 65 98.58 58.40 72.64
C ILE E 65 99.33 57.10 72.91
N ALA E 66 99.34 56.67 74.16
CA ALA E 66 100.12 55.52 74.58
C ALA E 66 99.29 54.26 74.52
N MET E 67 99.90 53.17 74.05
CA MET E 67 99.24 51.89 73.89
C MET E 67 99.33 51.00 75.12
N ASP E 68 99.93 51.48 76.19
CA ASP E 68 100.00 50.73 77.44
C ASP E 68 99.92 51.71 78.59
N GLY E 69 99.71 51.18 79.79
CA GLY E 69 99.59 52.05 80.95
C GLY E 69 100.81 52.95 81.09
N THR E 70 100.56 54.21 81.42
CA THR E 70 101.63 55.19 81.59
C THR E 70 102.13 55.28 83.03
N GLU E 71 101.97 54.21 83.81
CA GLU E 71 102.53 54.21 85.15
C GLU E 71 104.04 54.08 85.08
N GLY E 72 104.73 54.92 85.84
CA GLY E 72 106.17 54.88 85.88
C GLY E 72 106.87 55.79 84.89
N LEU E 73 106.16 56.38 83.95
CA LEU E 73 106.81 57.31 83.04
C LEU E 73 107.34 58.51 83.83
N VAL E 74 108.55 58.93 83.51
CA VAL E 74 109.22 60.03 84.19
C VAL E 74 109.49 61.12 83.18
N ARG E 75 109.13 62.36 83.53
CA ARG E 75 109.42 63.47 82.66
C ARG E 75 110.90 63.51 82.32
N GLY E 76 111.20 63.33 81.04
CA GLY E 76 112.57 63.32 80.57
C GLY E 76 113.04 62.00 80.01
N GLN E 77 112.24 60.94 80.12
CA GLN E 77 112.63 59.66 79.56
C GLN E 77 112.90 59.80 78.07
N LYS E 78 113.93 59.12 77.60
CA LYS E 78 114.28 59.17 76.19
C LYS E 78 113.37 58.26 75.39
N VAL E 79 112.99 58.73 74.19
CA VAL E 79 112.01 58.06 73.36
C VAL E 79 112.57 57.95 71.95
N LEU E 80 112.58 56.73 71.41
CA LEU E 80 113.17 56.45 70.09
C LEU E 80 112.10 56.43 69.03
N ASP E 81 112.29 57.21 67.97
CA ASP E 81 111.37 57.19 66.85
C ASP E 81 111.62 55.95 65.99
N SER E 82 110.62 55.08 65.89
CA SER E 82 110.77 53.87 65.10
C SER E 82 111.07 54.18 63.65
N GLY E 83 110.24 55.01 63.02
CA GLY E 83 110.43 55.37 61.63
C GLY E 83 109.19 55.18 60.79
N ALA E 84 108.40 54.15 61.10
CA ALA E 84 107.19 53.85 60.34
C ALA E 84 106.08 53.50 61.33
N PRO E 85 104.83 53.60 60.90
CA PRO E 85 103.73 53.34 61.83
C PRO E 85 103.85 51.99 62.49
N ILE E 86 102.99 51.70 63.45
CA ILE E 86 103.02 50.40 64.12
C ILE E 86 103.01 49.32 63.05
N ARG E 87 104.04 48.48 63.05
CA ARG E 87 104.17 47.38 62.12
C ARG E 87 103.95 46.07 62.85
N ILE E 88 103.16 45.19 62.27
CA ILE E 88 102.78 43.94 62.91
C ILE E 88 103.10 42.78 61.99
N PRO E 89 103.36 41.58 62.51
CA PRO E 89 103.57 40.43 61.63
C PRO E 89 102.28 40.07 60.89
N VAL E 90 102.44 39.54 59.68
CA VAL E 90 101.32 39.00 58.94
C VAL E 90 101.82 37.80 58.13
N GLY E 91 100.88 37.03 57.61
CA GLY E 91 101.20 35.81 56.91
C GLY E 91 100.43 34.64 57.48
N PRO E 92 100.65 33.46 56.94
CA PRO E 92 99.96 32.28 57.48
C PRO E 92 100.62 31.77 58.75
N GLU E 93 101.59 32.52 59.28
CA GLU E 93 102.22 32.20 60.54
C GLU E 93 101.56 32.89 61.72
N THR E 94 100.54 33.72 61.46
CA THR E 94 99.74 34.33 62.51
C THR E 94 98.38 33.66 62.65
N LEU E 95 98.26 32.41 62.22
CA LEU E 95 97.01 31.68 62.28
C LEU E 95 96.99 30.85 63.56
N GLY E 96 95.96 31.04 64.38
CA GLY E 96 95.92 30.41 65.67
C GLY E 96 96.80 31.06 66.69
N ARG E 97 97.23 32.30 66.45
CA ARG E 97 98.08 33.03 67.37
C ARG E 97 97.36 34.30 67.80
N ILE E 98 97.10 34.42 69.11
CA ILE E 98 96.51 35.64 69.62
C ILE E 98 97.55 36.75 69.55
N MET E 99 97.11 37.99 69.39
CA MET E 99 98.02 39.10 69.21
C MET E 99 97.53 40.31 69.98
N ASN E 100 98.47 41.17 70.34
CA ASN E 100 98.18 42.46 70.95
C ASN E 100 97.77 43.45 69.87
N VAL E 101 97.52 44.69 70.29
CA VAL E 101 97.32 45.76 69.34
C VAL E 101 98.56 46.00 68.50
N ILE E 102 99.73 45.68 69.04
CA ILE E 102 101.00 45.90 68.36
C ILE E 102 101.60 44.60 67.84
N GLY E 103 100.76 43.57 67.64
CA GLY E 103 101.24 42.32 67.10
C GLY E 103 102.42 41.77 67.86
N GLU E 104 102.18 41.34 69.10
CA GLU E 104 103.16 40.60 69.85
C GLU E 104 102.38 39.53 70.60
N PRO E 105 102.78 38.27 70.51
CA PRO E 105 101.93 37.19 71.00
C PRO E 105 101.61 37.34 72.47
N ILE E 106 100.36 37.08 72.83
CA ILE E 106 99.93 37.04 74.21
C ILE E 106 99.39 35.66 74.58
N ASP E 107 99.79 34.63 73.84
CA ASP E 107 99.38 33.26 74.13
C ASP E 107 100.51 32.43 74.71
N GLU E 108 101.62 33.06 75.10
CA GLU E 108 102.74 32.35 75.71
C GLU E 108 103.11 31.13 74.88
N ARG E 109 103.45 31.38 73.62
CA ARG E 109 103.90 30.33 72.73
C ARG E 109 105.07 30.75 71.87
N GLY E 110 105.73 31.87 72.20
CA GLY E 110 106.93 32.25 71.51
C GLY E 110 106.66 33.16 70.33
N PRO E 111 107.68 33.88 69.87
CA PRO E 111 107.49 34.89 68.83
C PRO E 111 106.73 34.37 67.62
N ILE E 112 106.22 35.29 66.82
CA ILE E 112 105.51 34.97 65.59
C ILE E 112 106.55 35.06 64.48
N LYS E 113 107.05 33.91 64.05
CA LYS E 113 108.10 33.86 63.02
C LYS E 113 107.44 34.07 61.67
N THR E 114 107.58 35.27 61.12
CA THR E 114 106.98 35.64 59.85
C THR E 114 108.04 36.22 58.93
N LYS E 115 107.62 36.54 57.70
CA LYS E 115 108.48 37.19 56.74
C LYS E 115 107.99 38.56 56.31
N GLN E 116 106.71 38.86 56.49
CA GLN E 116 106.13 40.13 56.09
C GLN E 116 105.57 40.86 57.29
N PHE E 117 105.96 42.12 57.43
CA PHE E 117 105.39 43.04 58.40
C PHE E 117 104.53 44.04 57.65
N ALA E 118 103.38 44.38 58.21
CA ALA E 118 102.48 45.34 57.60
C ALA E 118 102.18 46.46 58.58
N ALA E 119 101.99 47.66 58.04
CA ALA E 119 101.71 48.84 58.85
C ALA E 119 100.20 49.03 58.95
N ILE E 120 99.70 49.25 60.16
CA ILE E 120 98.26 49.16 60.37
C ILE E 120 97.52 50.29 59.68
N HIS E 121 98.16 51.45 59.52
CA HIS E 121 97.50 52.62 58.94
C HIS E 121 97.73 52.62 57.43
N ALA E 122 96.81 51.99 56.70
CA ALA E 122 96.86 51.92 55.25
C ALA E 122 95.74 52.78 54.68
N GLU E 123 95.56 52.70 53.37
CA GLU E 123 94.54 53.47 52.67
C GLU E 123 93.44 52.55 52.17
N ALA E 124 92.27 53.14 51.94
CA ALA E 124 91.15 52.37 51.44
C ALA E 124 91.32 52.07 49.96
N PRO E 125 90.74 50.98 49.48
CA PRO E 125 90.75 50.74 48.04
C PRO E 125 90.03 51.86 47.29
N GLU E 126 90.56 52.23 46.14
CA GLU E 126 89.99 53.31 45.37
C GLU E 126 88.74 52.85 44.65
N PHE E 127 87.98 53.80 44.13
CA PHE E 127 86.70 53.48 43.52
C PHE E 127 86.86 52.52 42.34
N VAL E 128 87.97 52.61 41.61
CA VAL E 128 88.14 51.75 40.45
C VAL E 128 88.28 50.29 40.85
N GLU E 129 88.64 50.01 42.10
CA GLU E 129 88.88 48.65 42.55
C GLU E 129 87.64 47.98 43.14
N MET E 130 86.56 48.71 43.33
CA MET E 130 85.41 48.14 44.01
C MET E 130 84.78 47.03 43.18
N SER E 131 84.28 46.01 43.85
CA SER E 131 83.60 44.89 43.23
C SER E 131 82.10 45.06 43.43
N VAL E 132 81.35 45.00 42.33
CA VAL E 132 79.93 45.33 42.34
C VAL E 132 79.03 44.10 42.38
N GLU E 133 79.60 42.92 42.56
CA GLU E 133 78.84 41.68 42.58
C GLU E 133 78.36 41.39 44.00
N GLN E 134 77.23 40.70 44.09
CA GLN E 134 76.67 40.35 45.39
C GLN E 134 75.76 39.14 45.22
N GLU E 135 75.89 38.18 46.13
CA GLU E 135 75.09 36.97 46.08
C GLU E 135 74.89 36.44 47.49
N ILE E 136 73.68 35.93 47.75
CA ILE E 136 73.23 35.59 49.09
C ILE E 136 74.20 34.65 49.78
N LEU E 137 74.25 34.73 51.11
CA LEU E 137 75.02 33.83 51.95
C LEU E 137 74.05 33.08 52.85
N VAL E 138 74.33 31.81 53.10
CA VAL E 138 73.44 30.94 53.85
C VAL E 138 74.06 30.72 55.22
N THR E 139 73.50 31.36 56.24
CA THR E 139 73.96 31.23 57.61
C THR E 139 73.21 30.16 58.39
N GLY E 140 72.20 29.53 57.80
CA GLY E 140 71.45 28.53 58.52
C GLY E 140 70.70 29.08 59.72
N ILE E 141 70.22 30.31 59.63
CA ILE E 141 69.40 30.91 60.67
C ILE E 141 68.13 31.42 60.02
N LYS E 142 66.97 31.02 60.55
CA LYS E 142 65.72 31.29 59.88
C LYS E 142 65.53 32.78 59.64
N VAL E 143 65.49 33.57 60.72
CA VAL E 143 65.15 34.99 60.57
C VAL E 143 66.17 35.70 59.69
N VAL E 144 67.45 35.44 59.94
CA VAL E 144 68.49 36.13 59.18
C VAL E 144 68.41 35.76 57.71
N ASP E 145 68.34 34.46 57.42
CA ASP E 145 68.31 34.02 56.03
C ASP E 145 67.03 34.42 55.33
N LEU E 146 65.97 34.73 56.07
CA LEU E 146 64.70 35.06 55.43
C LEU E 146 64.55 36.56 55.21
N LEU E 147 64.54 37.35 56.28
CA LEU E 147 64.19 38.75 56.17
C LEU E 147 65.39 39.67 55.92
N ALA E 148 66.60 39.17 56.09
CA ALA E 148 67.79 39.99 55.98
C ALA E 148 68.94 39.16 55.42
N PRO E 149 68.80 38.60 54.23
CA PRO E 149 69.85 37.70 53.73
C PRO E 149 71.20 38.40 53.67
N TYR E 150 72.24 37.68 54.05
CA TYR E 150 73.58 38.24 54.15
C TYR E 150 74.31 38.09 52.83
N ALA E 151 74.72 39.21 52.26
CA ALA E 151 75.50 39.17 51.04
C ALA E 151 76.85 38.56 51.32
N LYS E 152 77.31 37.70 50.42
CA LYS E 152 78.65 37.16 50.54
C LYS E 152 79.66 38.26 50.25
N GLY E 153 80.68 38.35 51.08
CA GLY E 153 81.68 39.39 50.90
C GLY E 153 81.08 40.78 51.01
N GLY E 154 80.26 40.99 52.03
CA GLY E 154 79.66 42.29 52.26
C GLY E 154 79.56 42.63 53.73
N LYS E 155 79.74 43.90 54.09
CA LYS E 155 79.76 44.29 55.48
C LYS E 155 78.42 44.03 56.14
N ILE E 156 78.45 43.49 57.35
CA ILE E 156 77.28 43.04 58.08
C ILE E 156 77.39 43.54 59.51
N GLY E 157 76.28 43.97 60.08
CA GLY E 157 76.28 44.54 61.42
C GLY E 157 75.22 43.89 62.28
N LEU E 158 75.54 43.73 63.56
CA LEU E 158 74.65 43.10 64.53
C LEU E 158 74.39 44.12 65.64
N PHE E 159 73.42 44.98 65.43
CA PHE E 159 73.16 46.04 66.39
C PHE E 159 72.49 45.44 67.62
N GLY E 160 72.10 46.28 68.56
CA GLY E 160 71.39 45.82 69.73
C GLY E 160 72.13 46.14 71.01
N GLY E 161 71.39 46.35 72.09
CA GLY E 161 71.98 46.84 73.32
C GLY E 161 72.83 45.78 73.99
N ALA E 162 72.85 45.77 75.31
CA ALA E 162 73.59 44.78 76.06
C ALA E 162 72.68 43.63 76.45
N GLY E 163 73.23 42.42 76.42
CA GLY E 163 72.51 41.26 76.89
C GLY E 163 71.38 40.79 76.01
N VAL E 164 71.43 41.12 74.72
CA VAL E 164 70.37 40.71 73.81
C VAL E 164 70.79 39.46 73.05
N GLY E 165 72.09 39.26 72.86
CA GLY E 165 72.56 38.09 72.15
C GLY E 165 73.54 38.34 71.03
N LYS E 166 74.22 39.48 71.03
CA LYS E 166 75.19 39.75 69.98
C LYS E 166 76.31 38.72 69.99
N THR E 167 76.90 38.46 71.15
CA THR E 167 78.04 37.56 71.21
C THR E 167 77.61 36.14 70.88
N VAL E 168 76.46 35.70 71.37
CA VAL E 168 76.00 34.36 71.02
C VAL E 168 75.77 34.26 69.52
N LEU E 169 75.21 35.30 68.92
CA LEU E 169 74.96 35.24 67.49
C LEU E 169 76.26 35.18 66.70
N ILE E 170 77.27 35.95 67.09
CA ILE E 170 78.56 35.84 66.41
C ILE E 170 79.19 34.49 66.69
N MET E 171 78.98 33.92 67.86
CA MET E 171 79.49 32.58 68.09
C MET E 171 78.86 31.60 67.12
N GLU E 172 77.57 31.76 66.86
CA GLU E 172 76.89 30.90 65.89
C GLU E 172 77.45 31.11 64.50
N LEU E 173 77.65 32.36 64.10
CA LEU E 173 78.17 32.61 62.77
C LEU E 173 79.57 32.04 62.61
N ILE E 174 80.39 32.12 63.66
CA ILE E 174 81.71 31.50 63.62
C ILE E 174 81.57 30.00 63.49
N ASN E 175 80.70 29.41 64.29
CA ASN E 175 80.54 27.95 64.29
C ASN E 175 80.09 27.45 62.93
N ASN E 176 79.14 28.14 62.30
CA ASN E 176 78.61 27.68 61.03
C ASN E 176 79.54 28.05 59.88
N VAL E 177 79.72 29.34 59.63
CA VAL E 177 80.40 29.77 58.41
C VAL E 177 81.88 29.44 58.46
N ALA E 178 82.52 29.62 59.62
CA ALA E 178 83.97 29.50 59.68
C ALA E 178 84.44 28.15 59.14
N LYS E 179 84.05 27.07 59.82
CA LYS E 179 84.52 25.75 59.41
C LYS E 179 84.10 25.42 57.98
N ALA E 180 82.85 25.72 57.64
CA ALA E 180 82.34 25.47 56.30
C ALA E 180 82.88 26.45 55.26
N HIS E 181 83.85 27.26 55.64
CA HIS E 181 84.43 28.27 54.76
C HIS E 181 85.87 27.89 54.45
N GLY E 182 86.21 27.89 53.16
CA GLY E 182 87.53 27.47 52.75
C GLY E 182 88.61 28.40 53.24
N GLY E 183 88.60 29.64 52.78
CA GLY E 183 89.65 30.59 53.08
C GLY E 183 89.81 30.84 54.57
N TYR E 184 90.80 31.66 54.92
CA TYR E 184 91.18 31.87 56.30
C TYR E 184 90.08 32.67 57.00
N SER E 185 90.33 33.04 58.25
CA SER E 185 89.39 33.83 59.02
C SER E 185 90.16 34.58 60.09
N VAL E 186 89.55 35.65 60.59
CA VAL E 186 90.17 36.49 61.60
C VAL E 186 89.10 36.95 62.57
N PHE E 187 89.43 36.98 63.85
CA PHE E 187 88.52 37.50 64.88
C PHE E 187 89.27 38.55 65.67
N ALA E 188 88.82 39.80 65.60
CA ALA E 188 89.51 40.93 66.21
C ALA E 188 88.62 41.49 67.32
N GLY E 189 88.73 40.90 68.50
CA GLY E 189 87.97 41.39 69.64
C GLY E 189 88.47 42.75 70.06
N VAL E 190 87.59 43.74 70.06
CA VAL E 190 87.92 45.11 70.42
C VAL E 190 87.15 45.44 71.67
N GLY E 191 87.85 45.63 72.78
CA GLY E 191 87.23 46.16 73.97
C GLY E 191 86.04 45.36 74.45
N GLU E 192 86.16 44.04 74.53
CA GLU E 192 85.13 43.20 75.11
C GLU E 192 85.74 42.30 76.18
N ARG E 193 84.86 41.65 76.94
CA ARG E 193 85.28 40.97 78.16
C ARG E 193 86.43 40.01 77.89
N THR E 194 87.42 40.02 78.78
CA THR E 194 88.53 39.10 78.62
C THR E 194 88.13 37.66 78.86
N ARG E 195 87.04 37.43 79.58
CA ARG E 195 86.54 36.08 79.76
C ARG E 195 86.14 35.48 78.42
N GLU E 196 85.40 36.24 77.61
CA GLU E 196 85.00 35.76 76.31
C GLU E 196 86.21 35.48 75.45
N GLY E 197 87.31 36.16 75.70
CA GLY E 197 88.53 35.87 74.98
C GLY E 197 88.92 34.41 75.07
N ASN E 198 89.19 33.90 76.27
CA ASN E 198 89.60 32.51 76.32
C ASN E 198 88.42 31.58 76.12
N ASP E 199 87.19 32.02 76.35
CA ASP E 199 86.07 31.16 75.99
C ASP E 199 86.09 30.85 74.51
N LEU E 200 86.27 31.88 73.69
CA LEU E 200 86.41 31.67 72.26
C LEU E 200 87.65 30.86 71.93
N TYR E 201 88.77 31.15 72.59
CA TYR E 201 90.00 30.42 72.33
C TYR E 201 89.81 28.93 72.55
N HIS E 202 89.26 28.55 73.71
CA HIS E 202 89.06 27.14 74.02
C HIS E 202 88.02 26.52 73.09
N GLU E 203 86.94 27.24 72.80
CA GLU E 203 85.94 26.69 71.89
C GLU E 203 86.55 26.39 70.53
N MET E 204 87.41 27.29 70.04
CA MET E 204 88.02 27.09 68.73
C MET E 204 89.03 25.94 68.78
N ILE E 205 89.80 25.84 69.86
CA ILE E 205 90.71 24.71 69.98
C ILE E 205 89.92 23.39 69.95
N GLU E 206 88.81 23.34 70.67
CA GLU E 206 87.97 22.14 70.65
C GLU E 206 87.48 21.84 69.25
N SER E 207 86.97 22.86 68.55
CA SER E 207 86.50 22.66 67.19
C SER E 207 87.63 22.23 66.26
N GLY E 208 88.87 22.49 66.63
CA GLY E 208 90.00 22.15 65.79
C GLY E 208 90.41 23.22 64.81
N VAL E 209 89.66 24.32 64.70
CA VAL E 209 90.05 25.38 63.77
C VAL E 209 91.41 25.94 64.16
N ILE E 210 91.74 25.91 65.45
CA ILE E 210 93.07 26.26 65.94
C ILE E 210 93.72 24.97 66.44
N ASN E 211 94.90 24.67 65.92
CA ASN E 211 95.67 23.51 66.36
C ASN E 211 96.99 23.98 66.92
N LEU E 212 97.37 23.45 68.07
CA LEU E 212 98.62 23.79 68.72
C LEU E 212 99.72 22.78 68.42
N LYS E 213 99.49 21.88 67.47
CA LYS E 213 100.48 20.87 67.07
C LYS E 213 100.94 21.05 65.64
N ASP E 214 100.00 21.20 64.70
CA ASP E 214 100.31 21.37 63.29
C ASP E 214 100.00 22.79 62.83
N ALA E 215 100.46 23.12 61.64
CA ALA E 215 100.14 24.39 61.00
C ALA E 215 98.92 24.23 60.10
N THR E 216 97.82 23.81 60.72
CA THR E 216 96.54 23.64 60.04
C THR E 216 95.46 24.55 60.62
N SER E 217 95.85 25.57 61.37
CA SER E 217 94.88 26.50 61.92
C SER E 217 94.25 27.30 60.80
N LYS E 218 93.03 27.76 61.05
CA LYS E 218 92.30 28.54 60.07
C LYS E 218 91.92 29.93 60.55
N VAL E 219 92.01 30.21 61.84
CA VAL E 219 91.52 31.45 62.40
C VAL E 219 92.67 32.15 63.10
N ALA E 220 92.94 33.39 62.71
CA ALA E 220 93.81 34.26 63.47
C ALA E 220 92.99 35.05 64.47
N LEU E 221 93.62 35.43 65.57
CA LEU E 221 92.94 36.14 66.63
C LEU E 221 93.71 37.41 66.98
N VAL E 222 92.97 38.45 67.31
CA VAL E 222 93.53 39.72 67.78
C VAL E 222 92.66 40.17 68.93
N TYR E 223 93.27 40.71 69.98
CA TYR E 223 92.54 40.99 71.21
C TYR E 223 93.02 42.30 71.82
N GLY E 224 92.09 43.23 71.99
CA GLY E 224 92.34 44.46 72.72
C GLY E 224 91.34 44.59 73.84
N GLN E 225 91.07 43.48 74.53
CA GLN E 225 89.97 43.40 75.47
C GLN E 225 90.00 44.57 76.44
N MET E 226 88.87 44.87 77.05
CA MET E 226 88.60 46.16 77.64
C MET E 226 89.41 46.47 78.83
N ASN E 227 90.39 45.69 79.28
CA ASN E 227 91.26 46.13 80.35
C ASN E 227 92.42 46.98 79.84
N GLU E 228 92.59 47.09 78.53
CA GLU E 228 93.68 47.86 77.94
C GLU E 228 93.37 49.34 77.96
N PRO E 229 94.38 50.20 77.89
CA PRO E 229 94.13 51.63 77.91
C PRO E 229 93.37 52.07 76.66
N PRO E 230 92.70 53.21 76.70
CA PRO E 230 91.92 53.63 75.55
C PRO E 230 92.75 53.77 74.29
N GLY E 231 94.03 54.13 74.42
CA GLY E 231 94.86 54.24 73.24
C GLY E 231 94.99 52.93 72.50
N ALA E 232 94.96 51.81 73.21
CA ALA E 232 95.14 50.49 72.63
C ALA E 232 93.83 49.80 72.29
N ARG E 233 92.70 50.46 72.49
CA ARG E 233 91.43 49.95 72.01
C ARG E 233 90.96 50.64 70.75
N ALA E 234 91.49 51.82 70.46
CA ALA E 234 91.17 52.50 69.20
C ALA E 234 92.00 51.97 68.05
N ARG E 235 92.98 51.11 68.30
CA ARG E 235 93.88 50.62 67.27
C ARG E 235 93.85 49.12 67.06
N VAL E 236 93.43 48.34 68.05
CA VAL E 236 93.39 46.89 67.85
C VAL E 236 92.46 46.55 66.70
N ALA E 237 91.41 47.36 66.48
CA ALA E 237 90.58 47.16 65.31
C ALA E 237 91.43 47.23 64.05
N LEU E 238 92.35 48.19 63.97
CA LEU E 238 93.19 48.31 62.79
C LEU E 238 94.17 47.16 62.70
N THR E 239 94.61 46.59 63.82
CA THR E 239 95.49 45.43 63.75
C THR E 239 94.78 44.23 63.15
N GLY E 240 93.61 43.89 63.68
CA GLY E 240 92.86 42.80 63.08
C GLY E 240 92.53 43.07 61.63
N LEU E 241 92.14 44.31 61.33
CA LEU E 241 91.82 44.67 59.97
C LEU E 241 93.03 44.54 59.06
N THR E 242 94.22 44.83 59.57
CA THR E 242 95.42 44.68 58.77
C THR E 242 95.72 43.23 58.47
N VAL E 243 95.58 42.36 59.47
CA VAL E 243 95.80 40.94 59.21
C VAL E 243 94.85 40.45 58.13
N ALA E 244 93.58 40.79 58.26
CA ALA E 244 92.61 40.33 57.26
C ALA E 244 92.87 40.96 55.90
N GLU E 245 93.31 42.21 55.88
CA GLU E 245 93.62 42.86 54.62
C GLU E 245 94.76 42.16 53.91
N TYR E 246 95.76 41.71 54.66
CA TYR E 246 96.83 40.93 54.04
C TYR E 246 96.28 39.62 53.49
N PHE E 247 95.47 38.90 54.27
CA PHE E 247 94.94 37.65 53.76
C PHE E 247 94.08 37.84 52.53
N ARG E 248 93.49 39.03 52.37
CA ARG E 248 92.72 39.30 51.16
C ARG E 248 93.64 39.61 49.99
N ASP E 249 94.51 40.59 50.14
CA ASP E 249 95.31 41.07 49.00
C ASP E 249 96.43 40.11 48.65
N GLN E 250 97.38 39.93 49.56
CA GLN E 250 98.60 39.21 49.21
C GLN E 250 98.35 37.72 49.00
N GLU E 251 97.53 37.11 49.85
CA GLU E 251 97.26 35.68 49.72
C GLU E 251 96.21 35.37 48.67
N GLY E 252 95.57 36.38 48.09
CA GLY E 252 94.62 36.12 47.03
C GLY E 252 93.51 35.17 47.45
N GLN E 253 93.04 35.30 48.68
CA GLN E 253 92.09 34.39 49.28
C GLN E 253 90.77 35.12 49.52
N ASP E 254 89.82 34.40 50.08
CA ASP E 254 88.61 34.99 50.63
C ASP E 254 88.67 34.84 52.14
N VAL E 255 88.20 35.85 52.86
CA VAL E 255 88.42 35.97 54.29
C VAL E 255 87.11 36.24 54.99
N LEU E 256 86.99 35.76 56.21
CA LEU E 256 85.96 36.17 57.14
C LEU E 256 86.61 37.05 58.19
N LEU E 257 85.96 38.15 58.54
CA LEU E 257 86.51 39.09 59.51
C LEU E 257 85.43 39.39 60.53
N PHE E 258 85.57 38.86 61.74
CA PHE E 258 84.63 39.11 62.81
C PHE E 258 85.21 40.17 63.72
N ILE E 259 84.40 41.15 64.08
CA ILE E 259 84.81 42.21 65.00
C ILE E 259 83.75 42.33 66.07
N ASP E 260 84.17 42.53 67.31
CA ASP E 260 83.23 42.55 68.42
C ASP E 260 83.88 43.19 69.63
N ASN E 261 83.38 44.32 70.11
CA ASN E 261 82.45 45.21 69.42
C ASN E 261 83.24 46.07 68.47
N ILE E 262 82.54 46.86 67.66
CA ILE E 262 83.17 47.93 66.91
C ILE E 262 82.63 49.29 67.36
N PHE E 263 81.95 49.31 68.50
CA PHE E 263 81.60 50.55 69.17
C PHE E 263 82.60 50.92 70.24
N ARG E 264 83.32 49.94 70.80
CA ARG E 264 84.40 50.26 71.71
C ARG E 264 85.53 50.99 71.01
N PHE E 265 85.57 50.93 69.69
CA PHE E 265 86.56 51.70 68.94
C PHE E 265 86.24 53.20 68.99
N THR E 266 84.99 53.58 68.72
CA THR E 266 84.63 54.98 68.79
C THR E 266 84.62 55.48 70.22
N GLN E 267 84.20 54.63 71.15
CA GLN E 267 84.25 55.00 72.56
C GLN E 267 85.69 55.22 73.01
N ALA E 268 86.59 54.34 72.60
CA ALA E 268 87.99 54.48 72.98
C ALA E 268 88.59 55.74 72.37
N GLY E 269 88.16 56.13 71.18
CA GLY E 269 88.58 57.41 70.65
C GLY E 269 88.03 58.56 71.46
N SER E 270 86.74 58.49 71.82
CA SER E 270 86.12 59.54 72.62
C SER E 270 86.81 59.72 73.95
N GLU E 271 87.36 58.65 74.51
CA GLU E 271 87.96 58.75 75.83
C GLU E 271 89.18 59.67 75.81
N VAL E 272 89.98 59.62 74.74
CA VAL E 272 91.21 60.40 74.67
C VAL E 272 91.04 61.69 73.88
N SER E 273 89.93 61.88 73.16
CA SER E 273 89.81 63.07 72.34
C SER E 273 89.95 64.34 73.18
N ALA E 274 89.30 64.37 74.34
CA ALA E 274 89.29 65.59 75.13
C ALA E 274 90.69 66.00 75.55
N LEU E 275 91.52 65.02 75.94
CA LEU E 275 92.89 65.33 76.35
C LEU E 275 93.72 65.85 75.20
N LEU E 276 93.40 65.47 73.98
CA LEU E 276 94.05 66.02 72.80
C LEU E 276 93.60 67.41 72.50
N GLY E 277 92.83 68.05 73.36
CA GLY E 277 92.42 69.42 73.15
C GLY E 277 91.48 69.56 71.97
N ARG E 278 90.29 68.99 72.08
CA ARG E 278 89.27 69.08 71.06
C ARG E 278 87.95 69.42 71.70
N ILE E 279 87.20 70.33 71.09
CA ILE E 279 85.88 70.61 71.64
C ILE E 279 85.03 69.35 71.52
N PRO E 280 84.19 69.02 72.49
CA PRO E 280 83.40 67.79 72.38
C PRO E 280 82.11 68.00 71.60
N SER E 281 81.85 67.06 70.70
CA SER E 281 80.72 67.13 69.78
C SER E 281 79.44 66.71 70.45
N ALA E 282 78.43 66.35 69.66
CA ALA E 282 77.05 66.28 70.10
C ALA E 282 76.87 65.67 71.48
N VAL E 283 77.24 64.40 71.66
CA VAL E 283 76.88 63.67 72.86
C VAL E 283 78.14 63.30 73.63
N GLY E 284 79.14 64.16 73.58
CA GLY E 284 80.42 63.87 74.18
C GLY E 284 81.36 63.10 73.29
N TYR E 285 80.91 62.65 72.13
CA TYR E 285 81.79 61.98 71.19
C TYR E 285 82.77 62.98 70.60
N GLN E 286 83.89 62.47 70.12
CA GLN E 286 84.91 63.33 69.57
C GLN E 286 84.34 64.07 68.36
N PRO E 287 84.85 65.25 68.04
CA PRO E 287 84.31 65.96 66.88
C PRO E 287 84.50 65.18 65.59
N THR E 288 85.52 64.32 65.52
CA THR E 288 85.91 63.63 64.30
C THR E 288 85.37 62.21 64.27
N LEU E 289 84.15 61.99 64.75
CA LEU E 289 83.63 60.63 64.84
C LEU E 289 83.41 60.03 63.45
N ALA E 290 82.72 60.76 62.57
CA ALA E 290 82.30 60.18 61.31
C ALA E 290 83.50 59.80 60.45
N THR E 291 84.49 60.67 60.35
CA THR E 291 85.62 60.39 59.48
C THR E 291 86.59 59.40 60.08
N ASP E 292 86.77 59.41 61.40
CA ASP E 292 87.58 58.38 62.03
C ASP E 292 86.96 57.00 61.83
N MET E 293 85.63 56.93 61.80
CA MET E 293 84.99 55.67 61.48
C MET E 293 85.04 55.35 59.99
N GLY E 294 85.00 56.37 59.14
CA GLY E 294 85.08 56.12 57.72
C GLY E 294 86.43 55.61 57.27
N THR E 295 87.51 56.18 57.82
CA THR E 295 88.85 55.73 57.43
C THR E 295 89.14 54.31 57.87
N MET E 296 88.33 53.74 58.76
CA MET E 296 88.48 52.35 59.17
C MET E 296 87.49 51.44 58.47
N GLN E 297 86.22 51.78 58.51
CA GLN E 297 85.21 50.96 57.88
C GLN E 297 85.28 50.99 56.40
N GLU E 298 86.24 51.65 55.77
CA GLU E 298 86.38 51.57 54.32
C GLU E 298 87.68 50.89 53.91
N ARG E 299 88.36 50.24 54.84
CA ARG E 299 89.39 49.27 54.50
C ARG E 299 88.87 47.85 54.63
N ILE E 300 87.57 47.68 54.81
CA ILE E 300 86.96 46.36 55.01
C ILE E 300 86.15 45.92 53.80
N THR E 301 85.90 46.80 52.84
CA THR E 301 85.06 46.44 51.70
C THR E 301 85.74 45.36 50.86
N THR E 302 84.92 44.55 50.22
CA THR E 302 85.40 43.61 49.23
C THR E 302 85.89 44.35 48.00
N THR E 303 86.97 43.88 47.40
CA THR E 303 87.51 44.51 46.20
C THR E 303 87.66 43.49 45.09
N LYS E 304 88.32 43.88 44.00
CA LYS E 304 88.56 42.99 42.88
C LYS E 304 89.73 42.04 43.12
N LYS E 305 90.55 42.30 44.13
CA LYS E 305 91.66 41.40 44.45
C LYS E 305 91.26 40.29 45.40
N GLY E 306 90.28 40.53 46.26
CA GLY E 306 89.85 39.50 47.19
C GLY E 306 88.54 39.89 47.83
N SER E 307 88.03 39.00 48.67
CA SER E 307 86.72 39.14 49.27
C SER E 307 86.85 39.06 50.79
N ILE E 308 86.17 39.95 51.50
CA ILE E 308 86.10 39.92 52.95
C ILE E 308 84.64 39.95 53.36
N THR E 309 84.19 38.93 54.07
CA THR E 309 82.87 38.92 54.68
C THR E 309 83.04 39.36 56.12
N SER E 310 82.63 40.58 56.42
CA SER E 310 82.90 41.19 57.72
C SER E 310 81.63 41.21 58.53
N VAL E 311 81.66 40.62 59.72
CA VAL E 311 80.55 40.63 60.65
C VAL E 311 80.98 41.41 61.87
N GLN E 312 80.28 42.50 62.15
CA GLN E 312 80.66 43.42 63.22
C GLN E 312 79.54 43.50 64.24
N ALA E 313 79.87 43.27 65.50
CA ALA E 313 78.90 43.40 66.58
C ALA E 313 78.95 44.83 67.08
N ILE E 314 77.89 45.59 66.83
CA ILE E 314 77.85 47.00 67.18
C ILE E 314 76.99 47.16 68.42
N TYR E 315 77.60 47.59 69.50
CA TYR E 315 76.86 47.97 70.69
C TYR E 315 75.91 49.09 70.35
N VAL E 316 74.96 49.35 71.25
CA VAL E 316 74.03 50.46 71.09
C VAL E 316 73.70 50.99 72.48
N PRO E 317 74.29 52.08 72.92
CA PRO E 317 74.15 52.49 74.32
C PRO E 317 72.70 52.69 74.71
N ALA E 318 72.26 51.98 75.73
CA ALA E 318 70.91 52.11 76.25
C ALA E 318 69.87 51.80 75.18
N ASP E 319 70.21 50.93 74.24
CA ASP E 319 69.28 50.50 73.20
C ASP E 319 68.73 51.67 72.42
N ASP E 320 69.53 52.72 72.26
CA ASP E 320 69.15 53.91 71.52
C ASP E 320 69.85 53.85 70.16
N LEU E 321 69.09 53.50 69.13
CA LEU E 321 69.64 53.43 67.78
C LEU E 321 69.85 54.80 67.17
N THR E 322 69.41 55.87 67.83
CA THR E 322 69.63 57.22 67.37
C THR E 322 70.95 57.80 67.84
N ASP E 323 71.66 57.10 68.72
CA ASP E 323 72.90 57.61 69.24
C ASP E 323 73.88 57.82 68.09
N PRO E 324 74.76 58.83 68.17
CA PRO E 324 75.66 59.09 67.04
C PRO E 324 76.50 57.90 66.63
N ALA E 325 76.91 57.03 67.53
CA ALA E 325 77.76 55.92 67.12
C ALA E 325 77.02 54.98 66.17
N PRO E 326 75.97 54.28 66.62
CA PRO E 326 75.23 53.43 65.68
C PRO E 326 74.59 54.22 64.55
N ALA E 327 74.11 55.44 64.84
CA ALA E 327 73.47 56.22 63.79
C ALA E 327 74.43 56.47 62.65
N THR E 328 75.71 56.68 62.95
CA THR E 328 76.71 56.82 61.89
C THR E 328 77.02 55.48 61.27
N THR E 329 77.19 54.45 62.09
CA THR E 329 77.61 53.15 61.55
C THR E 329 76.59 52.57 60.59
N PHE E 330 75.33 53.00 60.66
CA PHE E 330 74.32 52.43 59.79
C PHE E 330 74.63 52.64 58.32
N ALA E 331 75.42 53.63 57.98
CA ALA E 331 75.72 53.93 56.59
C ALA E 331 76.82 53.07 56.01
N HIS E 332 77.48 52.25 56.83
CA HIS E 332 78.65 51.48 56.42
C HIS E 332 78.37 49.99 56.38
N LEU E 333 77.13 49.59 56.15
CA LEU E 333 76.76 48.19 56.21
C LEU E 333 75.90 47.83 55.01
N ASP E 334 75.95 46.55 54.64
CA ASP E 334 75.01 45.98 53.68
C ASP E 334 73.78 45.43 54.39
N ALA E 335 73.99 44.50 55.31
CA ALA E 335 72.92 43.87 56.07
C ALA E 335 73.04 44.28 57.52
N THR E 336 71.95 44.81 58.07
CA THR E 336 71.92 45.25 59.47
C THR E 336 70.82 44.49 60.18
N THR E 337 71.20 43.65 61.14
CA THR E 337 70.23 42.85 61.88
C THR E 337 70.15 43.40 63.29
N VAL E 338 69.05 44.11 63.58
CA VAL E 338 68.93 44.90 64.79
C VAL E 338 68.27 44.05 65.86
N LEU E 339 69.08 43.41 66.70
CA LEU E 339 68.55 42.69 67.84
C LEU E 339 67.79 43.65 68.74
N SER E 340 66.68 43.18 69.30
CA SER E 340 65.80 44.00 70.12
C SER E 340 65.62 43.32 71.46
N ARG E 341 65.57 44.13 72.52
CA ARG E 341 65.31 43.56 73.84
C ARG E 341 63.83 43.32 74.06
N ALA E 342 62.96 44.09 73.42
CA ALA E 342 61.54 43.83 73.53
C ALA E 342 61.18 42.44 73.05
N ILE E 343 61.93 41.92 72.08
CA ILE E 343 61.69 40.59 71.55
C ILE E 343 62.52 39.53 72.24
N ALA E 344 63.63 39.90 72.88
CA ALA E 344 64.41 38.95 73.62
C ALA E 344 63.76 38.58 74.94
N GLU E 345 62.93 39.44 75.49
CA GLU E 345 62.25 39.16 76.75
C GLU E 345 60.95 38.38 76.55
N LEU E 346 60.60 38.09 75.31
CA LEU E 346 59.53 37.14 75.02
C LEU E 346 60.07 35.74 74.82
N GLY E 347 61.37 35.54 74.98
CA GLY E 347 61.96 34.23 74.75
C GLY E 347 62.26 33.92 73.31
N ILE E 348 62.14 34.90 72.41
CA ILE E 348 62.36 34.65 70.98
C ILE E 348 63.84 34.91 70.74
N TYR E 349 64.64 33.90 71.02
CA TYR E 349 66.07 33.98 70.72
C TYR E 349 66.37 33.24 69.43
N PRO E 350 67.07 33.82 68.45
CA PRO E 350 67.72 35.13 68.42
C PRO E 350 66.73 36.26 68.52
N ALA E 351 67.14 37.34 69.16
CA ALA E 351 66.24 38.44 69.45
C ALA E 351 65.96 39.32 68.25
N VAL E 352 66.39 38.91 67.05
CA VAL E 352 66.36 39.81 65.91
C VAL E 352 65.00 40.46 65.80
N ASP E 353 64.99 41.72 65.38
CA ASP E 353 63.76 42.44 65.11
C ASP E 353 63.42 42.25 63.64
N PRO E 354 62.34 41.56 63.29
CA PRO E 354 62.06 41.30 61.87
C PRO E 354 61.76 42.56 61.07
N LEU E 355 61.45 43.67 61.72
CA LEU E 355 61.12 44.90 61.03
C LEU E 355 62.27 45.89 60.95
N ASP E 356 63.10 45.99 61.99
CA ASP E 356 64.26 46.87 61.89
C ASP E 356 65.35 46.27 61.02
N SER E 357 65.43 44.95 60.94
CA SER E 357 66.46 44.31 60.14
C SER E 357 66.30 44.67 58.68
N THR E 358 67.41 44.79 57.96
CA THR E 358 67.38 45.18 56.57
C THR E 358 68.56 44.54 55.86
N SER E 359 68.45 44.43 54.53
CA SER E 359 69.55 43.94 53.73
C SER E 359 69.50 44.59 52.36
N ARG E 360 70.67 44.66 51.73
CA ARG E 360 70.75 45.25 50.40
C ARG E 360 70.36 44.27 49.31
N ILE E 361 70.48 42.97 49.58
CA ILE E 361 70.19 41.95 48.59
C ILE E 361 68.78 41.38 48.77
N MET E 362 67.90 42.13 49.41
CA MET E 362 66.47 41.80 49.43
C MET E 362 65.77 42.51 48.28
N ASP E 363 66.13 42.12 47.07
CA ASP E 363 65.46 42.56 45.87
C ASP E 363 65.10 41.30 45.09
N PRO E 364 63.90 41.21 44.51
CA PRO E 364 63.50 39.94 43.89
C PRO E 364 64.48 39.47 42.83
N ASN E 365 65.21 40.38 42.19
CA ASN E 365 66.19 39.98 41.20
C ASN E 365 67.34 39.17 41.81
N ILE E 366 67.53 39.23 43.12
CA ILE E 366 68.66 38.58 43.77
C ILE E 366 68.24 37.46 44.71
N VAL E 367 66.95 37.32 45.00
CA VAL E 367 66.47 36.23 45.85
C VAL E 367 65.28 35.54 45.19
N GLY E 368 64.71 36.16 44.18
CA GLY E 368 63.61 35.58 43.45
C GLY E 368 62.26 35.92 44.04
N SER E 369 61.22 35.70 43.24
CA SER E 369 59.89 36.13 43.63
C SER E 369 59.39 35.37 44.85
N GLU E 370 59.65 34.06 44.92
CA GLU E 370 59.13 33.28 46.03
C GLU E 370 59.67 33.81 47.35
N HIS E 371 61.01 33.93 47.46
CA HIS E 371 61.61 34.35 48.71
C HIS E 371 61.23 35.79 49.03
N TYR E 372 61.29 36.67 48.05
CA TYR E 372 60.98 38.07 48.30
C TYR E 372 59.55 38.23 48.80
N ASP E 373 58.60 37.56 48.16
CA ASP E 373 57.21 37.74 48.55
C ASP E 373 56.89 37.04 49.85
N VAL E 374 57.56 35.93 50.17
CA VAL E 374 57.39 35.34 51.49
C VAL E 374 57.86 36.31 52.56
N ALA E 375 59.04 36.92 52.35
CA ALA E 375 59.56 37.86 53.33
C ALA E 375 58.64 39.06 53.49
N ARG E 376 58.16 39.61 52.39
CA ARG E 376 57.30 40.78 52.50
C ARG E 376 55.95 40.44 53.11
N GLY E 377 55.43 39.23 52.87
CA GLY E 377 54.25 38.83 53.58
C GLY E 377 54.48 38.73 55.07
N VAL E 378 55.62 38.18 55.48
CA VAL E 378 55.93 38.09 56.89
C VAL E 378 55.98 39.47 57.52
N GLN E 379 56.66 40.40 56.87
CA GLN E 379 56.77 41.74 57.42
C GLN E 379 55.40 42.42 57.49
N LYS E 380 54.60 42.29 56.44
CA LYS E 380 53.28 42.88 56.45
C LYS E 380 52.44 42.35 57.60
N ILE E 381 52.47 41.04 57.82
CA ILE E 381 51.63 40.48 58.88
C ILE E 381 52.13 40.91 60.24
N LEU E 382 53.45 40.98 60.44
CA LEU E 382 53.94 41.43 61.73
C LEU E 382 53.55 42.87 62.01
N GLN E 383 53.64 43.72 60.98
CA GLN E 383 53.23 45.11 61.18
C GLN E 383 51.73 45.23 61.46
N ASP E 384 50.92 44.44 60.76
CA ASP E 384 49.48 44.49 61.02
C ASP E 384 49.18 44.01 62.44
N TYR E 385 49.90 43.01 62.91
CA TYR E 385 49.75 42.57 64.30
C TYR E 385 50.10 43.69 65.26
N LYS E 386 51.18 44.42 64.98
CA LYS E 386 51.53 45.56 65.81
C LYS E 386 50.41 46.58 65.83
N SER E 387 49.80 46.83 64.68
CA SER E 387 48.69 47.78 64.64
C SER E 387 47.52 47.30 65.49
N LEU E 388 47.19 46.00 65.41
CA LEU E 388 46.06 45.48 66.17
C LEU E 388 46.30 45.53 67.67
N GLN E 389 47.55 45.35 68.11
CA GLN E 389 47.81 45.31 69.55
C GLN E 389 47.24 46.54 70.24
N ASP E 390 47.29 47.69 69.58
CA ASP E 390 46.72 48.90 70.16
C ASP E 390 45.25 48.71 70.52
N ILE E 391 44.51 48.02 69.66
CA ILE E 391 43.09 47.79 69.91
C ILE E 391 42.89 46.71 70.96
N ILE E 392 43.57 45.58 70.79
CA ILE E 392 43.45 44.51 71.77
C ILE E 392 43.74 45.02 73.17
N ALA E 393 44.51 46.11 73.28
CA ALA E 393 44.80 46.67 74.59
C ALA E 393 43.54 47.20 75.28
N ILE E 394 42.58 47.69 74.50
CA ILE E 394 41.37 48.27 75.05
C ILE E 394 40.25 47.24 75.01
N LEU E 395 39.92 46.76 73.82
CA LEU E 395 38.83 45.80 73.67
C LEU E 395 39.02 44.59 74.55
N GLY E 396 40.17 43.96 74.46
CA GLY E 396 40.28 42.57 74.78
C GLY E 396 40.07 41.73 73.54
N MET E 397 40.71 40.57 73.52
CA MET E 397 40.76 39.81 72.28
C MET E 397 39.39 39.33 71.83
N ASP E 398 38.44 39.13 72.74
CA ASP E 398 37.16 38.55 72.36
C ASP E 398 36.40 39.49 71.44
N GLU E 399 36.32 40.77 71.78
CA GLU E 399 35.54 41.71 71.00
C GLU E 399 36.12 42.00 69.63
N LEU E 400 37.24 41.39 69.27
CA LEU E 400 37.86 41.63 67.97
C LEU E 400 36.95 41.17 66.85
N SER E 401 37.34 41.43 65.61
CA SER E 401 36.66 40.85 64.46
C SER E 401 36.92 39.35 64.41
N GLU E 402 36.37 38.70 63.40
CA GLU E 402 36.61 37.28 63.17
C GLU E 402 37.69 37.02 62.15
N GLU E 403 37.88 37.94 61.21
CA GLU E 403 39.02 37.84 60.29
C GLU E 403 40.31 38.33 60.92
N ASP E 404 40.22 39.11 62.00
CA ASP E 404 41.42 39.63 62.64
C ASP E 404 42.09 38.57 63.51
N LYS E 405 41.33 37.95 64.40
CA LYS E 405 41.86 36.91 65.27
C LYS E 405 42.71 35.95 64.44
N LEU E 406 42.30 35.73 63.19
CA LEU E 406 43.13 34.92 62.30
C LEU E 406 44.49 35.54 62.10
N THR E 407 44.53 36.85 61.82
CA THR E 407 45.82 37.50 61.56
C THR E 407 46.68 37.55 62.82
N VAL E 408 46.07 37.76 63.98
CA VAL E 408 46.84 37.76 65.21
C VAL E 408 47.40 36.38 65.48
N SER E 409 46.60 35.33 65.27
CA SER E 409 47.11 33.98 65.48
C SER E 409 48.24 33.66 64.51
N ARG E 410 48.09 34.06 63.24
CA ARG E 410 49.14 33.82 62.27
C ARG E 410 50.41 34.59 62.63
N ALA E 411 50.26 35.84 63.07
CA ALA E 411 51.41 36.62 63.45
C ALA E 411 52.12 36.02 64.65
N ARG E 412 51.37 35.54 65.64
CA ARG E 412 51.99 34.87 66.77
C ARG E 412 52.72 33.62 66.32
N LYS E 413 52.11 32.84 65.43
CA LYS E 413 52.77 31.65 64.94
C LYS E 413 54.08 31.99 64.24
N ILE E 414 54.06 33.01 63.38
CA ILE E 414 55.26 33.40 62.66
C ILE E 414 56.31 33.91 63.63
N GLN E 415 55.89 34.73 64.59
CA GLN E 415 56.82 35.31 65.55
C GLN E 415 57.54 34.23 66.34
N ARG E 416 56.79 33.22 66.78
CA ARG E 416 57.43 32.10 67.47
C ARG E 416 58.28 31.29 66.52
N PHE E 417 57.87 31.17 65.26
CA PHE E 417 58.60 30.30 64.33
C PHE E 417 59.97 30.85 64.00
N LEU E 418 60.19 32.15 64.13
CA LEU E 418 61.47 32.75 63.81
C LEU E 418 62.54 32.47 64.85
N SER E 419 62.16 32.00 66.03
CA SER E 419 63.14 31.57 67.02
C SER E 419 63.83 30.29 66.55
N GLN E 420 64.89 29.92 67.23
CA GLN E 420 65.67 28.78 66.79
C GLN E 420 66.68 28.37 67.85
N PRO E 421 66.88 27.07 68.09
CA PRO E 421 67.88 26.67 69.09
C PRO E 421 69.27 26.59 68.49
N PHE E 422 70.18 27.43 68.98
CA PHE E 422 71.52 27.52 68.44
C PHE E 422 72.41 26.42 68.96
N GLN E 423 73.48 26.13 68.20
CA GLN E 423 74.40 25.09 68.60
C GLN E 423 75.23 25.50 69.80
N VAL E 424 75.47 26.81 69.98
CA VAL E 424 76.22 27.27 71.14
C VAL E 424 75.32 27.55 72.34
N ALA E 425 74.01 27.59 72.14
CA ALA E 425 73.06 27.82 73.22
C ALA E 425 72.59 26.53 73.86
N GLU E 426 73.29 25.41 73.60
CA GLU E 426 72.94 24.16 74.26
C GLU E 426 73.05 24.27 75.76
N VAL E 427 73.85 25.20 76.27
CA VAL E 427 74.02 25.35 77.71
C VAL E 427 72.99 26.29 78.32
N PHE E 428 72.38 27.17 77.53
CA PHE E 428 71.34 28.05 78.06
C PHE E 428 69.99 27.34 78.10
N THR E 429 69.51 26.90 76.95
CA THR E 429 68.18 26.29 76.88
C THR E 429 68.19 24.78 77.08
N GLY E 430 69.35 24.13 76.96
CA GLY E 430 69.39 22.70 77.01
C GLY E 430 68.89 22.00 75.76
N HIS E 431 68.70 22.75 74.67
CA HIS E 431 68.18 22.19 73.43
C HIS E 431 69.32 21.68 72.57
N LEU E 432 69.00 21.23 71.36
CA LEU E 432 69.98 20.76 70.41
C LEU E 432 70.05 21.74 69.25
N GLY E 433 71.26 22.04 68.80
CA GLY E 433 71.41 23.02 67.73
C GLY E 433 70.69 22.59 66.47
N LYS E 434 70.13 23.56 65.77
CA LYS E 434 69.40 23.31 64.53
C LYS E 434 69.91 24.24 63.44
N LEU E 435 70.02 23.69 62.23
CA LEU E 435 70.25 24.47 61.03
C LEU E 435 69.08 24.28 60.08
N VAL E 436 68.81 25.29 59.27
CA VAL E 436 67.65 25.25 58.39
C VAL E 436 68.06 25.75 57.01
N PRO E 437 68.13 24.89 55.99
CA PRO E 437 68.46 25.37 54.65
C PRO E 437 67.42 26.36 54.17
N LEU E 438 67.87 27.33 53.38
CA LEU E 438 67.02 28.45 53.00
C LEU E 438 65.68 27.98 52.44
N LYS E 439 65.73 27.01 51.52
CA LYS E 439 64.49 26.55 50.90
C LYS E 439 63.49 26.10 51.94
N GLU E 440 63.96 25.47 53.02
CA GLU E 440 63.04 24.99 54.03
C GLU E 440 62.43 26.15 54.81
N THR E 441 63.21 27.18 55.12
CA THR E 441 62.62 28.34 55.76
C THR E 441 61.52 28.94 54.90
N ILE E 442 61.78 29.06 53.60
CA ILE E 442 60.77 29.62 52.71
C ILE E 442 59.53 28.73 52.71
N LYS E 443 59.73 27.41 52.64
CA LYS E 443 58.58 26.50 52.66
C LYS E 443 57.75 26.70 53.92
N GLY E 444 58.42 26.73 55.07
CA GLY E 444 57.70 26.81 56.32
C GLY E 444 56.91 28.09 56.43
N PHE E 445 57.51 29.22 56.04
CA PHE E 445 56.79 30.48 56.18
C PHE E 445 55.69 30.61 55.14
N GLN E 446 55.89 30.08 53.93
CA GLN E 446 54.79 30.02 52.97
C GLN E 446 53.62 29.26 53.57
N GLN E 447 53.89 28.09 54.14
CA GLN E 447 52.80 27.30 54.69
C GLN E 447 52.09 28.03 55.83
N ILE E 448 52.87 28.65 56.72
CA ILE E 448 52.24 29.33 57.85
C ILE E 448 51.36 30.48 57.36
N LEU E 449 51.87 31.28 56.42
CA LEU E 449 51.09 32.41 55.91
C LEU E 449 49.85 31.93 55.18
N ALA E 450 49.96 30.84 54.42
CA ALA E 450 48.82 30.35 53.66
C ALA E 450 47.74 29.76 54.56
N GLY E 451 48.07 29.45 55.81
CA GLY E 451 47.11 28.89 56.74
C GLY E 451 47.13 27.39 56.83
N GLU E 452 48.09 26.71 56.22
CA GLU E 452 48.11 25.26 56.24
C GLU E 452 48.35 24.70 57.63
N TYR E 453 48.82 25.53 58.57
CA TYR E 453 49.03 25.09 59.94
C TYR E 453 48.16 25.86 60.92
N ASP E 454 47.04 26.41 60.44
CA ASP E 454 46.20 27.25 61.30
C ASP E 454 45.55 26.46 62.42
N HIS E 455 45.60 25.12 62.37
CA HIS E 455 45.00 24.30 63.42
C HIS E 455 45.94 24.00 64.57
N LEU E 456 47.25 24.13 64.37
CA LEU E 456 48.20 23.76 65.39
C LEU E 456 48.28 24.83 66.48
N PRO E 457 48.69 24.45 67.67
CA PRO E 457 48.91 25.46 68.72
C PRO E 457 50.14 26.30 68.43
N GLU E 458 50.19 27.47 69.08
CA GLU E 458 51.32 28.38 68.89
C GLU E 458 52.59 27.81 69.48
N GLN E 459 52.52 27.25 70.68
CA GLN E 459 53.70 26.74 71.36
C GLN E 459 54.30 25.56 70.61
N ALA E 460 53.69 25.14 69.51
CA ALA E 460 54.28 24.12 68.65
C ALA E 460 55.45 24.68 67.84
N PHE E 461 55.51 25.99 67.63
CA PHE E 461 56.52 26.61 66.78
C PHE E 461 57.65 27.25 67.57
N TYR E 462 57.67 27.08 68.88
CA TYR E 462 58.66 27.75 69.72
C TYR E 462 59.93 26.90 69.80
N MET E 463 61.04 27.47 69.31
CA MET E 463 62.35 26.83 69.43
C MET E 463 62.41 25.51 68.67
N VAL E 464 62.01 25.55 67.41
CA VAL E 464 62.08 24.39 66.52
C VAL E 464 62.75 24.81 65.23
N GLY E 465 63.41 23.85 64.59
CA GLY E 465 64.01 24.09 63.30
C GLY E 465 62.95 23.97 62.22
N PRO E 466 63.22 23.22 61.16
CA PRO E 466 62.27 23.17 60.05
C PRO E 466 60.84 22.90 60.50
N ILE E 467 59.87 23.23 59.65
CA ILE E 467 58.47 23.18 60.06
C ILE E 467 58.04 21.76 60.44
N GLU E 468 58.64 20.75 59.80
CA GLU E 468 58.29 19.38 60.15
C GLU E 468 58.51 19.13 61.63
N GLU E 469 59.57 19.71 62.20
CA GLU E 469 59.74 19.63 63.64
C GLU E 469 58.59 20.33 64.36
N ALA E 470 58.02 21.35 63.74
CA ALA E 470 56.85 22.00 64.35
C ALA E 470 55.70 21.04 64.45
N VAL E 471 55.43 20.26 63.40
CA VAL E 471 54.31 19.33 63.46
C VAL E 471 54.61 18.20 64.45
N ALA E 472 55.83 17.72 64.48
CA ALA E 472 56.20 16.69 65.45
C ALA E 472 56.02 17.20 66.89
N LYS E 473 56.42 18.44 67.14
CA LYS E 473 56.25 19.03 68.46
C LYS E 473 54.78 19.20 68.79
N ALA E 474 53.96 19.56 67.80
CA ALA E 474 52.53 19.67 68.03
C ALA E 474 51.96 18.33 68.47
N ASP E 475 52.36 17.25 67.79
CA ASP E 475 51.96 15.93 68.21
C ASP E 475 52.37 15.70 69.66
N LYS E 476 53.67 15.72 69.93
CA LYS E 476 54.16 15.39 71.27
C LYS E 476 53.54 16.27 72.35
N LEU E 477 53.11 17.48 72.00
CA LEU E 477 52.42 18.32 72.97
C LEU E 477 50.98 17.87 73.17
N ALA E 478 50.33 17.40 72.10
CA ALA E 478 48.95 16.96 72.22
C ALA E 478 48.84 15.61 72.91
N GLU E 479 49.88 14.78 72.82
CA GLU E 479 49.84 13.49 73.49
C GLU E 479 49.76 13.67 75.00
N GLU E 480 50.67 14.45 75.57
CA GLU E 480 50.72 14.64 77.01
C GLU E 480 49.56 15.49 77.52
N HIS E 481 48.78 16.11 76.64
CA HIS E 481 47.70 17.01 77.03
C HIS E 481 46.89 16.45 78.19
N THR F 13 88.49 107.85 58.44
CA THR F 13 89.47 106.98 59.07
C THR F 13 89.51 105.60 58.42
N THR F 14 90.71 105.10 58.18
CA THR F 14 90.93 103.86 57.45
C THR F 14 91.65 102.87 58.36
N GLY F 15 90.94 101.82 58.75
CA GLY F 15 91.55 100.71 59.43
C GLY F 15 91.94 99.63 58.44
N ARG F 16 92.49 98.55 58.96
CA ARG F 16 92.89 97.42 58.15
C ARG F 16 92.32 96.15 58.74
N ILE F 17 91.86 95.25 57.86
CA ILE F 17 91.41 93.96 58.33
C ILE F 17 92.58 93.22 58.94
N VAL F 18 92.33 92.50 60.03
CA VAL F 18 93.35 91.65 60.62
C VAL F 18 92.89 90.22 60.83
N ALA F 19 91.60 89.93 60.81
CA ALA F 19 91.18 88.53 60.86
C ALA F 19 89.90 88.36 60.09
N VAL F 20 89.74 87.20 59.46
CA VAL F 20 88.49 86.85 58.81
C VAL F 20 88.11 85.44 59.19
N ILE F 21 87.31 85.30 60.24
CA ILE F 21 86.93 83.99 60.75
C ILE F 21 85.48 83.78 60.37
N GLY F 22 85.25 82.96 59.35
CA GLY F 22 83.90 82.76 58.89
C GLY F 22 83.32 84.07 58.40
N ALA F 23 82.16 84.45 58.96
CA ALA F 23 81.52 85.70 58.62
C ALA F 23 81.76 86.77 59.66
N VAL F 24 82.80 86.63 60.47
CA VAL F 24 83.16 87.61 61.48
C VAL F 24 84.53 88.16 61.12
N VAL F 25 84.58 89.44 60.78
CA VAL F 25 85.82 90.09 60.43
C VAL F 25 86.31 90.85 61.65
N ASP F 26 87.60 91.13 61.69
CA ASP F 26 88.19 91.89 62.78
C ASP F 26 89.15 92.89 62.18
N VAL F 27 88.88 94.18 62.43
CA VAL F 27 89.60 95.28 61.81
C VAL F 27 90.44 95.97 62.86
N GLN F 28 91.56 96.55 62.43
CA GLN F 28 92.50 97.20 63.35
C GLN F 28 92.68 98.65 62.95
N PHE F 29 91.86 99.52 63.52
CA PHE F 29 92.07 100.95 63.37
C PHE F 29 93.21 101.40 64.25
N ASP F 30 93.79 102.56 63.92
CA ASP F 30 94.81 103.17 64.75
C ASP F 30 94.42 104.55 65.25
N GLU F 31 94.07 105.47 64.35
CA GLU F 31 93.90 106.87 64.74
C GLU F 31 92.73 107.02 65.71
N GLY F 32 91.60 106.38 65.41
CA GLY F 32 90.43 106.49 66.27
C GLY F 32 89.36 105.50 65.89
N LEU F 33 88.86 104.76 66.88
CA LEU F 33 87.96 103.67 66.62
C LEU F 33 86.55 104.18 66.28
N PRO F 34 85.76 103.37 65.60
CA PRO F 34 84.37 103.72 65.36
C PRO F 34 83.49 103.18 66.48
N PRO F 35 82.56 103.97 67.00
CA PRO F 35 81.68 103.47 68.05
C PRO F 35 80.86 102.30 67.55
N ILE F 36 80.50 101.42 68.48
CA ILE F 36 79.77 100.20 68.15
C ILE F 36 78.58 100.53 67.25
N LEU F 37 78.25 99.63 66.34
CA LEU F 37 77.16 99.70 65.38
C LEU F 37 77.49 100.55 64.17
N ASN F 38 78.67 101.15 64.08
CA ASN F 38 79.04 101.89 62.89
C ASN F 38 79.21 100.95 61.71
N ALA F 39 78.91 101.47 60.52
CA ALA F 39 79.05 100.71 59.29
C ALA F 39 80.39 101.06 58.66
N LEU F 40 81.17 100.03 58.34
CA LEU F 40 82.45 100.17 57.65
C LEU F 40 82.33 99.61 56.25
N GLU F 41 82.94 100.27 55.29
CA GLU F 41 82.97 99.80 53.91
C GLU F 41 84.31 99.16 53.63
N VAL F 42 84.30 97.92 53.16
CA VAL F 42 85.54 97.22 52.85
C VAL F 42 86.00 97.65 51.47
N GLN F 43 87.18 98.26 51.41
CA GLN F 43 87.71 98.76 50.15
C GLN F 43 88.33 97.63 49.35
N GLY F 44 88.13 97.66 48.04
CA GLY F 44 88.76 96.70 47.15
C GLY F 44 87.85 95.59 46.66
N ARG F 45 86.60 95.56 47.09
CA ARG F 45 85.63 94.64 46.53
C ARG F 45 84.91 95.30 45.34
N GLU F 46 84.24 94.47 44.55
CA GLU F 46 83.35 94.98 43.51
C GLU F 46 81.90 95.02 43.96
N THR F 47 81.46 94.03 44.72
CA THR F 47 80.19 94.13 45.41
C THR F 47 80.39 94.87 46.73
N ARG F 48 79.47 95.76 47.04
CA ARG F 48 79.59 96.57 48.24
C ARG F 48 79.51 95.67 49.45
N LEU F 49 80.64 95.45 50.12
CA LEU F 49 80.68 94.71 51.38
C LEU F 49 80.68 95.72 52.52
N VAL F 50 79.73 95.55 53.44
CA VAL F 50 79.55 96.47 54.57
C VAL F 50 79.64 95.65 55.85
N LEU F 51 80.58 96.01 56.71
CA LEU F 51 80.68 95.41 58.03
C LEU F 51 80.01 96.32 59.04
N GLU F 52 79.59 95.75 60.16
CA GLU F 52 78.97 96.51 61.23
C GLU F 52 79.68 96.15 62.52
N VAL F 53 80.23 97.15 63.21
CA VAL F 53 80.97 96.86 64.43
C VAL F 53 80.05 96.20 65.44
N ALA F 54 80.63 95.35 66.30
CA ALA F 54 79.87 94.75 67.37
C ALA F 54 80.62 94.72 68.69
N GLN F 55 81.92 94.96 68.72
CA GLN F 55 82.67 94.95 69.97
C GLN F 55 83.91 95.81 69.80
N HIS F 56 84.55 96.10 70.92
CA HIS F 56 85.90 96.63 70.95
C HIS F 56 86.73 95.66 71.76
N LEU F 57 87.84 95.18 71.17
CA LEU F 57 88.65 94.15 71.79
C LEU F 57 89.97 94.69 72.32
N GLY F 58 90.06 96.01 72.52
CA GLY F 58 91.31 96.60 72.96
C GLY F 58 92.36 96.49 71.89
N GLU F 59 93.48 97.18 72.05
CA GLU F 59 94.52 97.21 71.03
C GLU F 59 94.00 97.83 69.74
N SER F 60 93.07 98.77 69.86
CA SER F 60 92.57 99.52 68.72
C SER F 60 92.07 98.60 67.62
N THR F 61 91.34 97.56 68.02
CA THR F 61 90.75 96.62 67.09
C THR F 61 89.28 96.45 67.42
N VAL F 62 88.46 96.26 66.40
CA VAL F 62 87.02 96.13 66.55
C VAL F 62 86.57 94.90 65.79
N ARG F 63 85.67 94.14 66.41
CA ARG F 63 85.16 92.91 65.81
C ARG F 63 83.85 93.24 65.10
N THR F 64 83.86 93.15 63.78
CA THR F 64 82.72 93.53 62.96
C THR F 64 82.05 92.29 62.40
N ILE F 65 80.74 92.33 62.31
CA ILE F 65 79.95 91.27 61.67
C ILE F 65 79.69 91.71 60.24
N ALA F 66 79.98 90.85 59.29
CA ALA F 66 79.92 91.19 57.88
C ALA F 66 78.50 91.01 57.35
N MET F 67 78.11 91.89 56.43
CA MET F 67 76.76 91.90 55.86
C MET F 67 76.70 91.26 54.49
N ASP F 68 77.74 90.53 54.09
CA ASP F 68 77.77 89.86 52.80
C ASP F 68 78.93 88.87 52.81
N GLY F 69 78.96 88.01 51.80
CA GLY F 69 79.96 86.96 51.74
C GLY F 69 81.36 87.48 51.90
N THR F 70 82.14 86.86 52.79
CA THR F 70 83.49 87.32 53.12
C THR F 70 84.54 86.36 52.59
N GLU F 71 84.36 85.85 51.39
CA GLU F 71 85.39 85.07 50.71
C GLU F 71 86.13 86.00 49.77
N GLY F 72 87.46 85.93 49.80
CA GLY F 72 88.29 86.85 49.05
C GLY F 72 88.88 87.96 49.88
N LEU F 73 88.49 88.11 51.13
CA LEU F 73 89.09 89.13 51.96
C LEU F 73 90.52 88.75 52.33
N VAL F 74 91.42 89.73 52.31
CA VAL F 74 92.83 89.53 52.56
C VAL F 74 93.21 90.28 53.81
N ARG F 75 93.87 89.61 54.74
CA ARG F 75 94.44 90.30 55.88
C ARG F 75 95.23 91.50 55.39
N GLY F 76 94.78 92.69 55.75
CA GLY F 76 95.44 93.91 55.34
C GLY F 76 94.64 94.78 54.40
N GLN F 77 93.51 94.31 53.87
CA GLN F 77 92.68 95.19 53.07
C GLN F 77 92.34 96.43 53.86
N LYS F 78 91.94 97.50 53.20
CA LYS F 78 91.61 98.76 53.85
C LYS F 78 90.11 98.84 54.06
N VAL F 79 89.71 99.16 55.28
CA VAL F 79 88.31 99.28 55.66
C VAL F 79 88.07 100.72 56.09
N LEU F 80 87.15 101.39 55.40
CA LEU F 80 86.92 102.80 55.59
C LEU F 80 85.69 103.01 56.44
N ASP F 81 85.83 103.75 57.54
CA ASP F 81 84.73 103.94 58.48
C ASP F 81 83.77 104.99 57.94
N SER F 82 82.51 104.61 57.75
CA SER F 82 81.54 105.52 57.18
C SER F 82 81.27 106.69 58.12
N GLY F 83 81.01 106.42 59.38
CA GLY F 83 80.81 107.46 60.37
C GLY F 83 79.57 107.28 61.21
N ALA F 84 78.51 106.72 60.62
CA ALA F 84 77.25 106.51 61.32
C ALA F 84 76.74 105.12 60.95
N PRO F 85 75.83 104.57 61.75
CA PRO F 85 75.37 103.21 61.50
C PRO F 85 74.84 103.06 60.09
N ILE F 86 74.53 101.83 59.71
CA ILE F 86 74.07 101.53 58.37
C ILE F 86 73.00 102.54 58.01
N ARG F 87 73.19 103.24 56.90
CA ARG F 87 72.29 104.32 56.48
C ARG F 87 71.56 103.91 55.21
N ILE F 88 70.29 104.28 55.13
CA ILE F 88 69.46 103.87 53.99
C ILE F 88 68.67 105.07 53.51
N PRO F 89 68.24 105.06 52.25
CA PRO F 89 67.32 106.09 51.77
C PRO F 89 65.91 105.85 52.25
N VAL F 90 65.21 106.92 52.62
CA VAL F 90 63.92 106.78 53.27
C VAL F 90 62.85 107.70 52.70
N GLY F 91 63.10 108.32 51.57
CA GLY F 91 62.12 109.22 51.00
C GLY F 91 60.83 108.51 50.68
N PRO F 92 59.88 109.22 50.05
CA PRO F 92 58.72 108.53 49.46
C PRO F 92 59.07 107.76 48.21
N GLU F 93 60.27 107.95 47.67
CA GLU F 93 60.69 107.25 46.47
C GLU F 93 61.13 105.82 46.75
N THR F 94 61.19 105.43 48.02
CA THR F 94 61.40 104.03 48.40
C THR F 94 60.13 103.23 48.37
N LEU F 95 59.08 103.75 47.72
CA LEU F 95 57.80 103.07 47.65
C LEU F 95 57.72 102.33 46.33
N GLY F 96 57.29 101.07 46.39
CA GLY F 96 57.26 100.25 45.21
C GLY F 96 58.60 99.71 44.78
N ARG F 97 59.62 99.87 45.61
CA ARG F 97 60.96 99.40 45.32
C ARG F 97 61.31 98.24 46.23
N ILE F 98 62.31 97.48 45.81
CA ILE F 98 62.92 96.44 46.65
C ILE F 98 64.32 96.89 46.98
N MET F 99 64.70 96.80 48.24
CA MET F 99 66.05 97.16 48.65
C MET F 99 66.51 96.18 49.71
N ASN F 100 67.77 95.76 49.60
CA ASN F 100 68.33 94.84 50.58
C ASN F 100 68.68 95.60 51.85
N VAL F 101 69.27 94.89 52.81
CA VAL F 101 69.38 95.42 54.16
C VAL F 101 70.10 96.76 54.18
N ILE F 102 71.18 96.90 53.39
CA ILE F 102 71.99 98.12 53.44
C ILE F 102 71.38 99.25 52.63
N GLY F 103 70.20 99.04 52.04
CA GLY F 103 69.53 100.09 51.30
C GLY F 103 69.84 100.14 49.83
N GLU F 104 70.48 99.13 49.27
CA GLU F 104 70.81 99.11 47.86
C GLU F 104 69.68 98.46 47.07
N PRO F 105 69.10 99.12 46.08
CA PRO F 105 67.98 98.51 45.37
C PRO F 105 68.39 97.21 44.70
N ILE F 106 67.49 96.24 44.69
CA ILE F 106 67.72 94.97 43.99
C ILE F 106 66.56 94.66 43.08
N ASP F 107 65.89 95.69 42.59
CA ASP F 107 64.80 95.54 41.63
C ASP F 107 65.26 95.80 40.20
N GLU F 108 66.54 96.07 39.99
CA GLU F 108 67.06 96.36 38.66
C GLU F 108 66.23 97.44 37.98
N ARG F 109 65.97 98.51 38.73
CA ARG F 109 65.27 99.67 38.20
C ARG F 109 66.05 100.96 38.39
N GLY F 110 67.25 100.90 38.97
CA GLY F 110 68.08 102.07 39.12
C GLY F 110 68.24 102.48 40.57
N PRO F 111 68.96 103.59 40.79
CA PRO F 111 69.15 104.05 42.16
C PRO F 111 67.85 104.53 42.78
N ILE F 112 67.80 104.43 44.12
CA ILE F 112 66.66 104.95 44.88
C ILE F 112 66.98 106.41 45.17
N LYS F 113 66.55 107.28 44.26
CA LYS F 113 66.89 108.70 44.35
C LYS F 113 66.06 109.35 45.44
N THR F 114 66.69 109.60 46.58
CA THR F 114 66.05 110.25 47.72
C THR F 114 66.97 111.32 48.26
N LYS F 115 66.38 112.33 48.88
CA LYS F 115 67.18 113.39 49.48
C LYS F 115 67.46 113.16 50.96
N GLN F 116 66.74 112.25 51.61
CA GLN F 116 66.95 111.92 53.00
C GLN F 116 67.72 110.61 53.14
N PHE F 117 68.38 110.47 54.28
CA PHE F 117 68.97 109.21 54.69
C PHE F 117 68.72 109.03 56.18
N ALA F 118 68.53 107.79 56.59
CA ALA F 118 68.25 107.47 57.98
C ALA F 118 69.10 106.31 58.43
N ALA F 119 69.58 106.38 59.67
CA ALA F 119 70.34 105.28 60.25
C ALA F 119 69.38 104.24 60.79
N ILE F 120 69.71 102.96 60.56
CA ILE F 120 68.78 101.90 60.96
C ILE F 120 68.79 101.67 62.46
N HIS F 121 69.75 102.23 63.19
CA HIS F 121 69.86 102.04 64.64
C HIS F 121 69.50 103.34 65.34
N ALA F 122 68.20 103.54 65.57
CA ALA F 122 67.69 104.70 66.28
C ALA F 122 66.88 104.24 67.48
N GLU F 123 67.06 104.92 68.60
CA GLU F 123 66.46 104.49 69.85
C GLU F 123 64.94 104.68 69.82
N ALA F 124 64.25 103.94 70.67
CA ALA F 124 62.81 103.94 70.67
C ALA F 124 62.28 105.30 71.14
N PRO F 125 61.03 105.62 70.80
CA PRO F 125 60.47 106.91 71.22
C PRO F 125 60.49 107.05 72.73
N GLU F 126 60.84 108.23 73.21
CA GLU F 126 60.93 108.47 74.63
C GLU F 126 59.55 108.36 75.27
N PHE F 127 59.54 108.33 76.60
CA PHE F 127 58.30 108.09 77.32
C PHE F 127 57.29 109.21 77.11
N VAL F 128 57.76 110.44 77.00
CA VAL F 128 56.85 111.57 76.81
C VAL F 128 56.15 111.49 75.46
N GLU F 129 56.84 110.99 74.43
CA GLU F 129 56.25 110.90 73.11
C GLU F 129 55.09 109.93 73.07
N MET F 130 55.15 108.86 73.86
CA MET F 130 54.17 107.79 73.73
C MET F 130 52.76 108.31 73.92
N SER F 131 51.85 107.83 73.08
CA SER F 131 50.45 108.24 73.14
C SER F 131 49.69 107.30 74.06
N VAL F 132 48.86 107.88 74.94
CA VAL F 132 48.29 107.17 76.07
C VAL F 132 46.91 106.61 75.78
N GLU F 133 46.35 106.85 74.60
CA GLU F 133 45.00 106.43 74.26
C GLU F 133 45.07 105.25 73.29
N GLN F 134 44.52 104.12 73.71
CA GLN F 134 44.52 102.92 72.88
C GLN F 134 43.37 103.00 71.90
N GLU F 135 43.69 103.28 70.64
CA GLU F 135 42.68 103.42 69.60
C GLU F 135 42.47 102.06 68.92
N ILE F 136 41.68 102.05 67.85
CA ILE F 136 41.42 100.86 67.07
C ILE F 136 41.68 101.18 65.61
N LEU F 137 42.45 100.33 64.94
CA LEU F 137 42.77 100.52 63.53
C LEU F 137 41.70 99.83 62.70
N VAL F 138 40.98 100.60 61.91
CA VAL F 138 39.88 100.07 61.10
C VAL F 138 40.49 99.50 59.83
N THR F 139 40.61 98.17 59.78
CA THR F 139 41.20 97.53 58.61
C THR F 139 40.22 97.36 57.47
N GLY F 140 38.92 97.44 57.73
CA GLY F 140 37.94 97.23 56.70
C GLY F 140 37.60 95.79 56.42
N ILE F 141 38.04 94.86 57.27
CA ILE F 141 37.74 93.44 57.14
C ILE F 141 36.80 93.06 58.28
N LYS F 142 35.68 92.43 57.93
CA LYS F 142 34.63 92.21 58.93
C LYS F 142 35.14 91.37 60.09
N VAL F 143 35.71 90.20 59.79
CA VAL F 143 36.11 89.29 60.87
C VAL F 143 37.21 89.91 61.72
N VAL F 144 38.25 90.41 61.08
CA VAL F 144 39.37 91.00 61.80
C VAL F 144 38.90 92.21 62.60
N ASP F 145 38.09 93.06 61.97
CA ASP F 145 37.68 94.30 62.63
C ASP F 145 36.62 94.08 63.68
N LEU F 146 36.00 92.91 63.73
CA LEU F 146 34.93 92.65 64.69
C LEU F 146 35.43 91.84 65.88
N LEU F 147 36.02 90.68 65.63
CA LEU F 147 36.36 89.76 66.71
C LEU F 147 37.76 89.98 67.25
N ALA F 148 38.71 90.37 66.41
CA ALA F 148 40.10 90.57 66.80
C ALA F 148 40.56 91.92 66.28
N PRO F 149 40.01 93.00 66.81
CA PRO F 149 40.34 94.32 66.26
C PRO F 149 41.83 94.61 66.35
N TYR F 150 42.36 95.20 65.29
CA TYR F 150 43.75 95.61 65.26
C TYR F 150 43.87 96.98 65.89
N ALA F 151 44.87 97.14 66.75
CA ALA F 151 45.06 98.40 67.48
C ALA F 151 46.17 99.20 66.83
N LYS F 152 46.00 100.52 66.81
CA LYS F 152 47.05 101.39 66.30
C LYS F 152 48.31 101.23 67.13
N GLY F 153 49.44 101.08 66.46
CA GLY F 153 50.69 100.87 67.18
C GLY F 153 50.67 99.62 68.01
N GLY F 154 50.08 98.55 67.51
CA GLY F 154 50.06 97.28 68.19
C GLY F 154 50.74 96.23 67.33
N LYS F 155 51.36 95.27 67.99
CA LYS F 155 52.15 94.26 67.30
C LYS F 155 51.32 93.02 67.02
N ILE F 156 50.39 93.16 66.08
CA ILE F 156 49.52 92.05 65.71
C ILE F 156 50.39 90.86 65.31
N GLY F 157 49.84 89.66 65.40
CA GLY F 157 50.57 88.48 65.04
C GLY F 157 49.74 87.53 64.22
N LEU F 158 50.21 87.17 63.04
CA LEU F 158 49.42 86.46 62.04
C LEU F 158 49.88 85.01 61.99
N PHE F 159 49.12 84.14 62.62
CA PHE F 159 49.46 82.72 62.64
C PHE F 159 49.02 82.08 61.32
N GLY F 160 49.04 80.77 61.26
CA GLY F 160 48.61 80.08 60.05
C GLY F 160 49.73 79.92 59.06
N GLY F 161 49.62 78.88 58.24
CA GLY F 161 50.63 78.50 57.28
C GLY F 161 50.33 78.98 55.89
N ALA F 162 50.85 78.26 54.91
CA ALA F 162 50.65 78.59 53.51
C ALA F 162 49.43 77.87 52.96
N GLY F 163 48.94 78.33 51.81
CA GLY F 163 47.77 77.75 51.19
C GLY F 163 46.45 78.24 51.75
N VAL F 164 46.48 79.11 52.76
CA VAL F 164 45.27 79.58 53.43
C VAL F 164 45.03 81.06 53.22
N GLY F 165 45.72 81.67 52.27
CA GLY F 165 45.48 83.06 51.97
C GLY F 165 46.14 83.99 52.96
N LYS F 166 47.46 83.88 53.10
CA LYS F 166 48.24 84.77 53.93
C LYS F 166 48.84 85.93 53.15
N THR F 167 49.21 85.71 51.89
CA THR F 167 49.67 86.81 51.07
C THR F 167 48.51 87.69 50.62
N VAL F 168 47.38 87.07 50.29
CA VAL F 168 46.23 87.85 49.86
C VAL F 168 45.76 88.75 50.99
N LEU F 169 45.75 88.22 52.22
CA LEU F 169 45.37 89.05 53.36
C LEU F 169 46.35 90.21 53.54
N ILE F 170 47.63 89.96 53.33
CA ILE F 170 48.62 91.02 53.42
C ILE F 170 48.34 92.12 52.40
N MET F 171 48.13 91.73 51.14
CA MET F 171 47.86 92.74 50.13
C MET F 171 46.57 93.48 50.41
N GLU F 172 45.56 92.78 50.89
CA GLU F 172 44.30 93.44 51.22
C GLU F 172 44.49 94.43 52.36
N LEU F 173 45.22 94.06 53.40
CA LEU F 173 45.44 95.00 54.48
C LEU F 173 46.17 96.22 53.96
N ILE F 174 47.16 96.02 53.08
CA ILE F 174 47.89 97.15 52.52
C ILE F 174 46.95 98.07 51.77
N ASN F 175 46.13 97.50 50.89
CA ASN F 175 45.23 98.31 50.07
C ASN F 175 44.24 99.05 50.94
N ASN F 176 43.61 98.34 51.88
CA ASN F 176 42.59 98.94 52.71
C ASN F 176 43.18 100.07 53.56
N VAL F 177 44.37 99.88 54.10
CA VAL F 177 44.97 100.95 54.89
C VAL F 177 45.33 102.12 54.00
N ALA F 178 45.79 101.86 52.78
CA ALA F 178 46.14 102.96 51.89
C ALA F 178 44.91 103.75 51.50
N LYS F 179 43.76 103.10 51.37
CA LYS F 179 42.54 103.81 51.00
C LYS F 179 41.91 104.51 52.20
N ALA F 180 41.55 103.74 53.22
CA ALA F 180 40.85 104.28 54.37
C ALA F 180 41.67 105.34 55.11
N HIS F 181 42.80 104.94 55.69
CA HIS F 181 43.57 105.84 56.53
C HIS F 181 44.56 106.69 55.76
N GLY F 182 44.70 106.48 54.46
CA GLY F 182 45.63 107.28 53.69
C GLY F 182 47.06 107.16 54.17
N GLY F 183 47.46 105.97 54.60
CA GLY F 183 48.80 105.73 55.09
C GLY F 183 49.47 104.63 54.30
N TYR F 184 50.77 104.78 54.06
CA TYR F 184 51.51 103.85 53.23
C TYR F 184 51.83 102.60 54.06
N SER F 185 52.72 101.76 53.56
CA SER F 185 53.01 100.50 54.21
C SER F 185 54.47 100.14 53.95
N VAL F 186 54.91 99.03 54.54
CA VAL F 186 56.25 98.50 54.36
C VAL F 186 56.15 96.99 54.45
N PHE F 187 57.20 96.30 54.03
CA PHE F 187 57.20 94.85 54.06
C PHE F 187 58.65 94.39 54.23
N ALA F 188 59.02 94.06 55.47
CA ALA F 188 60.38 93.63 55.79
C ALA F 188 60.43 92.12 55.76
N GLY F 189 60.90 91.57 54.65
CA GLY F 189 61.03 90.14 54.47
C GLY F 189 62.30 89.59 55.06
N VAL F 190 62.31 89.37 56.37
CA VAL F 190 63.41 88.68 57.02
C VAL F 190 63.47 87.25 56.51
N GLY F 191 64.66 86.79 56.12
CA GLY F 191 64.79 85.41 55.73
C GLY F 191 63.74 85.03 54.71
N GLU F 192 63.68 85.77 53.60
CA GLU F 192 62.63 85.63 52.60
C GLU F 192 63.17 84.78 51.45
N ARG F 193 62.67 83.55 51.33
CA ARG F 193 63.04 82.71 50.21
C ARG F 193 63.03 83.51 48.92
N THR F 194 64.08 83.33 48.11
CA THR F 194 64.18 84.11 46.89
C THR F 194 63.01 83.82 45.96
N ARG F 195 62.63 82.56 45.84
CA ARG F 195 61.49 82.21 45.00
C ARG F 195 60.21 82.88 45.49
N GLU F 196 59.94 82.79 46.79
CA GLU F 196 58.76 83.43 47.32
C GLU F 196 58.88 84.95 47.30
N GLY F 197 60.09 85.48 47.38
CA GLY F 197 60.25 86.92 47.25
C GLY F 197 59.85 87.40 45.87
N ASN F 198 60.31 86.71 44.83
CA ASN F 198 59.92 87.07 43.48
C ASN F 198 58.40 86.88 43.29
N ASP F 199 57.85 85.80 43.83
CA ASP F 199 56.43 85.57 43.68
C ASP F 199 55.63 86.67 44.35
N LEU F 200 56.03 87.11 45.54
CA LEU F 200 55.32 88.20 46.21
C LEU F 200 55.44 89.49 45.41
N TYR F 201 56.63 89.76 44.88
CA TYR F 201 56.78 90.96 44.05
C TYR F 201 55.79 90.96 42.90
N HIS F 202 55.68 89.83 42.20
CA HIS F 202 54.80 89.79 41.04
C HIS F 202 53.33 89.74 41.45
N GLU F 203 53.00 89.13 42.58
CA GLU F 203 51.63 89.20 43.09
C GLU F 203 51.24 90.64 43.36
N MET F 204 52.11 91.41 43.99
CA MET F 204 51.79 92.81 44.24
C MET F 204 51.67 93.59 42.93
N ILE F 205 52.57 93.34 41.99
CA ILE F 205 52.45 94.02 40.70
C ILE F 205 51.12 93.72 40.05
N GLU F 206 50.67 92.46 40.14
CA GLU F 206 49.35 92.12 39.62
C GLU F 206 48.26 92.91 40.34
N SER F 207 48.12 92.68 41.65
CA SER F 207 47.03 93.27 42.42
C SER F 207 47.06 94.79 42.38
N GLY F 208 48.20 95.40 42.09
CA GLY F 208 48.27 96.82 41.89
C GLY F 208 48.71 97.64 43.08
N VAL F 209 49.14 97.01 44.16
CA VAL F 209 49.69 97.78 45.28
C VAL F 209 51.03 98.39 44.88
N ILE F 210 51.84 97.66 44.12
CA ILE F 210 53.05 98.18 43.51
C ILE F 210 52.74 98.54 42.06
N ASN F 211 53.10 99.75 41.67
CA ASN F 211 52.83 100.24 40.31
C ASN F 211 54.14 100.74 39.73
N LEU F 212 54.53 100.17 38.58
CA LEU F 212 55.81 100.49 37.98
C LEU F 212 55.75 101.68 37.02
N LYS F 213 54.57 102.23 36.76
CA LYS F 213 54.40 103.20 35.69
C LYS F 213 54.29 104.63 36.16
N ASP F 214 53.64 104.88 37.30
CA ASP F 214 53.24 106.22 37.67
C ASP F 214 53.74 106.68 39.04
N ALA F 215 54.42 105.82 39.80
CA ALA F 215 54.92 106.20 41.12
C ALA F 215 53.77 106.45 42.10
N THR F 216 52.83 105.52 42.14
CA THR F 216 51.72 105.54 43.08
C THR F 216 51.61 104.20 43.77
N SER F 217 52.74 103.70 44.26
CA SER F 217 52.81 102.43 44.94
C SER F 217 52.57 102.63 46.43
N LYS F 218 52.06 101.58 47.09
CA LYS F 218 51.71 101.64 48.50
C LYS F 218 52.57 100.75 49.37
N VAL F 219 53.61 100.14 48.83
CA VAL F 219 54.46 99.23 49.58
C VAL F 219 55.90 99.57 49.30
N ALA F 220 56.74 99.50 50.34
CA ALA F 220 58.17 99.69 50.21
C ALA F 220 58.83 98.39 50.62
N LEU F 221 58.96 97.47 49.68
CA LEU F 221 59.49 96.15 50.01
C LEU F 221 60.93 96.26 50.46
N VAL F 222 61.30 95.39 51.40
CA VAL F 222 62.69 95.24 51.84
C VAL F 222 62.90 93.74 52.00
N TYR F 223 64.02 93.23 51.51
CA TYR F 223 64.23 91.78 51.46
C TYR F 223 65.61 91.45 52.00
N GLY F 224 65.66 90.69 53.09
CA GLY F 224 66.90 90.06 53.46
C GLY F 224 66.79 88.59 53.09
N GLN F 225 67.40 88.19 51.97
CA GLN F 225 67.19 86.86 51.47
C GLN F 225 67.67 85.83 52.49
N MET F 226 67.34 84.58 52.21
CA MET F 226 67.68 83.50 53.12
C MET F 226 69.11 83.02 52.95
N ASN F 227 69.84 83.52 51.95
CA ASN F 227 71.21 83.13 51.74
C ASN F 227 72.21 84.18 52.18
N GLU F 228 71.77 85.42 52.36
CA GLU F 228 72.67 86.47 52.81
C GLU F 228 73.15 86.15 54.23
N PRO F 229 74.41 86.44 54.55
CA PRO F 229 74.98 85.95 55.81
C PRO F 229 74.13 86.32 57.00
N PRO F 230 74.29 85.64 58.13
CA PRO F 230 73.39 85.89 59.28
C PRO F 230 73.41 87.32 59.76
N GLY F 231 74.55 87.99 59.69
CA GLY F 231 74.61 89.36 60.16
C GLY F 231 73.70 90.29 59.39
N ALA F 232 73.27 89.90 58.19
CA ALA F 232 72.44 90.74 57.35
C ALA F 232 71.01 90.23 57.26
N ARG F 233 70.64 89.25 58.07
CA ARG F 233 69.25 88.89 58.27
C ARG F 233 68.70 89.37 59.59
N ALA F 234 69.56 89.69 60.55
CA ALA F 234 69.10 90.29 61.79
C ALA F 234 68.74 91.75 61.60
N ARG F 235 69.41 92.44 60.67
CA ARG F 235 69.22 93.87 60.48
C ARG F 235 68.34 94.19 59.29
N VAL F 236 67.60 93.21 58.76
CA VAL F 236 66.68 93.48 57.66
C VAL F 236 65.28 93.75 58.15
N ALA F 237 65.05 93.75 59.46
CA ALA F 237 63.82 94.26 60.03
C ALA F 237 64.00 95.67 60.56
N LEU F 238 65.22 96.02 60.97
CA LEU F 238 65.50 97.40 61.33
C LEU F 238 65.45 98.30 60.11
N THR F 239 65.81 97.78 58.94
CA THR F 239 65.67 98.57 57.72
C THR F 239 64.21 98.91 57.45
N GLY F 240 63.33 97.92 57.57
CA GLY F 240 61.92 98.19 57.41
C GLY F 240 61.41 99.14 58.47
N LEU F 241 61.87 98.96 59.71
CA LEU F 241 61.46 99.87 60.77
C LEU F 241 61.86 101.30 60.45
N THR F 242 63.03 101.48 59.84
CA THR F 242 63.47 102.85 59.54
C THR F 242 62.69 103.44 58.38
N VAL F 243 62.43 102.63 57.35
CA VAL F 243 61.63 103.13 56.24
C VAL F 243 60.26 103.56 56.74
N ALA F 244 59.68 102.80 57.67
CA ALA F 244 58.37 103.15 58.21
C ALA F 244 58.45 104.29 59.22
N GLU F 245 59.54 104.37 59.99
CA GLU F 245 59.70 105.47 60.91
C GLU F 245 59.77 106.79 60.17
N TYR F 246 60.37 106.79 58.98
CA TYR F 246 60.36 108.03 58.20
C TYR F 246 58.93 108.48 57.95
N PHE F 247 58.07 107.58 57.48
CA PHE F 247 56.70 107.98 57.21
C PHE F 247 56.03 108.48 58.48
N ARG F 248 56.11 107.69 59.56
CA ARG F 248 55.45 108.10 60.80
C ARG F 248 55.91 109.48 61.24
N ASP F 249 57.22 109.72 61.27
CA ASP F 249 57.73 110.95 61.84
C ASP F 249 57.61 112.12 60.86
N GLN F 250 58.22 112.01 59.69
CA GLN F 250 58.31 113.11 58.76
C GLN F 250 57.02 113.32 57.95
N GLU F 251 56.03 112.44 58.08
CA GLU F 251 54.77 112.64 57.38
C GLU F 251 53.55 112.40 58.25
N GLY F 252 53.72 112.08 59.53
CA GLY F 252 52.61 111.94 60.45
C GLY F 252 51.42 111.18 59.89
N GLN F 253 51.60 109.88 59.63
CA GLN F 253 50.50 109.09 59.11
C GLN F 253 50.64 107.66 59.60
N ASP F 254 49.52 106.95 59.60
CA ASP F 254 49.54 105.55 59.99
C ASP F 254 50.31 104.73 58.97
N VAL F 255 50.84 103.60 59.44
CA VAL F 255 51.69 102.76 58.61
C VAL F 255 51.45 101.31 59.01
N LEU F 256 51.58 100.41 58.05
CA LEU F 256 51.69 98.99 58.33
C LEU F 256 53.14 98.59 58.25
N LEU F 257 53.43 97.41 58.79
CA LEU F 257 54.79 96.89 58.73
C LEU F 257 54.67 95.38 58.89
N PHE F 258 54.79 94.66 57.77
CA PHE F 258 54.70 93.21 57.79
C PHE F 258 56.10 92.64 57.91
N ILE F 259 56.34 91.88 58.97
CA ILE F 259 57.64 91.25 59.16
C ILE F 259 57.46 89.75 58.98
N ASP F 260 57.63 89.27 57.75
CA ASP F 260 57.57 87.85 57.46
C ASP F 260 58.98 87.35 57.22
N ASN F 261 59.55 86.57 58.14
CA ASN F 261 58.91 86.02 59.35
C ASN F 261 59.58 86.62 60.57
N ILE F 262 58.96 86.47 61.74
CA ILE F 262 59.53 86.97 62.98
C ILE F 262 60.16 85.87 63.81
N PHE F 263 60.21 84.65 63.32
CA PHE F 263 61.03 83.62 63.92
C PHE F 263 62.40 83.52 63.27
N ARG F 264 62.58 84.12 62.10
CA ARG F 264 63.88 84.20 61.49
C ARG F 264 64.65 85.43 61.91
N PHE F 265 63.98 86.41 62.53
CA PHE F 265 64.69 87.47 63.21
C PHE F 265 65.44 86.92 64.42
N THR F 266 64.76 86.11 65.24
CA THR F 266 65.45 85.51 66.38
C THR F 266 66.50 84.51 65.92
N GLN F 267 66.23 83.78 64.85
CA GLN F 267 67.22 82.84 64.34
C GLN F 267 68.47 83.57 63.88
N ALA F 268 68.30 84.67 63.14
CA ALA F 268 69.46 85.42 62.69
C ALA F 268 70.22 85.99 63.88
N GLY F 269 69.50 86.52 64.86
CA GLY F 269 70.17 87.02 66.05
C GLY F 269 70.94 85.93 66.76
N SER F 270 70.36 84.74 66.87
CA SER F 270 71.03 83.65 67.55
C SER F 270 72.30 83.25 66.83
N GLU F 271 72.24 83.16 65.51
CA GLU F 271 73.44 82.84 64.75
C GLU F 271 74.52 83.90 64.96
N VAL F 272 74.15 85.18 64.90
CA VAL F 272 75.14 86.23 65.10
C VAL F 272 75.75 86.14 66.48
N SER F 273 74.91 85.96 67.51
CA SER F 273 75.45 85.88 68.86
C SER F 273 76.38 84.70 69.01
N ALA F 274 76.04 83.56 68.41
CA ALA F 274 76.94 82.41 68.47
C ALA F 274 78.27 82.75 67.82
N LEU F 275 78.24 83.44 66.67
CA LEU F 275 79.48 83.77 65.98
C LEU F 275 80.37 84.65 66.85
N LEU F 276 79.81 85.63 67.53
CA LEU F 276 80.60 86.47 68.41
C LEU F 276 81.06 85.73 69.66
N GLY F 277 80.78 84.43 69.78
CA GLY F 277 81.30 83.64 70.87
C GLY F 277 80.50 83.69 72.15
N ARG F 278 79.39 84.41 72.20
CA ARG F 278 78.63 84.53 73.42
C ARG F 278 78.04 83.19 73.83
N ILE F 279 77.98 82.96 75.14
CA ILE F 279 77.45 81.70 75.64
C ILE F 279 75.98 81.56 75.24
N PRO F 280 75.54 80.44 74.69
CA PRO F 280 74.13 80.29 74.40
C PRO F 280 73.28 80.24 75.66
N SER F 281 72.05 80.69 75.53
CA SER F 281 71.07 80.79 76.60
C SER F 281 70.20 79.54 76.64
N ALA F 282 69.02 79.66 77.24
CA ALA F 282 68.19 78.52 77.60
C ALA F 282 68.18 77.38 76.60
N VAL F 283 67.74 77.64 75.37
CA VAL F 283 67.53 76.56 74.41
C VAL F 283 68.46 76.73 73.23
N GLY F 284 69.62 77.31 73.45
CA GLY F 284 70.52 77.64 72.37
C GLY F 284 70.33 79.02 71.80
N TYR F 285 69.31 79.75 72.23
CA TYR F 285 69.13 81.10 71.75
C TYR F 285 70.17 82.02 72.37
N GLN F 286 70.24 83.23 71.84
CA GLN F 286 71.26 84.15 72.30
C GLN F 286 70.96 84.58 73.73
N PRO F 287 71.99 84.94 74.50
CA PRO F 287 71.74 85.43 75.86
C PRO F 287 70.93 86.70 75.88
N THR F 288 70.93 87.47 74.80
CA THR F 288 70.22 88.76 74.74
C THR F 288 68.90 88.65 74.01
N LEU F 289 68.25 87.48 74.03
CA LEU F 289 67.05 87.29 73.22
C LEU F 289 66.01 88.34 73.56
N ALA F 290 65.70 88.48 74.85
CA ALA F 290 64.63 89.38 75.27
C ALA F 290 64.93 90.82 74.87
N THR F 291 66.15 91.28 75.10
CA THR F 291 66.49 92.65 74.76
C THR F 291 66.65 92.86 73.27
N ASP F 292 67.14 91.85 72.54
CA ASP F 292 67.21 91.97 71.10
C ASP F 292 65.83 92.14 70.50
N MET F 293 64.85 91.39 71.00
CA MET F 293 63.48 91.59 70.55
C MET F 293 62.91 92.90 71.05
N GLY F 294 63.27 93.31 72.26
CA GLY F 294 62.72 94.55 72.80
C GLY F 294 63.17 95.78 72.05
N THR F 295 64.45 95.86 71.72
CA THR F 295 64.97 97.05 71.03
C THR F 295 64.52 97.13 69.58
N MET F 296 63.67 96.23 69.13
CA MET F 296 63.07 96.29 67.80
C MET F 296 61.55 96.33 67.84
N GLN F 297 60.93 95.67 68.81
CA GLN F 297 59.49 95.75 68.97
C GLN F 297 59.07 97.00 69.72
N GLU F 298 60.01 97.85 70.11
CA GLU F 298 59.71 99.02 70.91
C GLU F 298 59.71 100.30 70.10
N ARG F 299 60.16 100.25 68.85
CA ARG F 299 59.95 101.36 67.93
C ARG F 299 58.61 101.24 67.22
N ILE F 300 57.93 100.12 67.35
CA ILE F 300 56.61 99.93 66.73
C ILE F 300 55.60 100.39 67.77
N THR F 301 55.38 101.70 67.81
CA THR F 301 54.44 102.27 68.76
C THR F 301 53.83 103.52 68.16
N THR F 302 52.73 103.95 68.75
CA THR F 302 51.99 105.11 68.29
C THR F 302 52.42 106.31 69.12
N THR F 303 53.24 107.17 68.52
CA THR F 303 53.58 108.43 69.14
C THR F 303 52.51 109.45 68.78
N LYS F 304 52.78 110.74 69.03
CA LYS F 304 51.82 111.78 68.71
C LYS F 304 51.89 112.20 67.25
N LYS F 305 53.01 111.99 66.58
CA LYS F 305 53.12 112.34 65.16
C LYS F 305 52.31 111.38 64.30
N GLY F 306 52.42 110.09 64.56
CA GLY F 306 51.77 109.09 63.75
C GLY F 306 51.75 107.77 64.49
N SER F 307 51.79 106.68 63.73
CA SER F 307 51.74 105.36 64.35
C SER F 307 52.27 104.33 63.37
N ILE F 308 52.81 103.24 63.90
CA ILE F 308 53.31 102.13 63.09
C ILE F 308 52.64 100.87 63.62
N THR F 309 51.54 100.47 63.00
CA THR F 309 51.02 99.14 63.26
C THR F 309 52.03 98.13 62.72
N SER F 310 51.81 96.87 63.00
CA SER F 310 52.75 95.84 62.54
C SER F 310 52.08 94.48 62.58
N VAL F 311 52.08 93.78 61.46
CA VAL F 311 51.49 92.46 61.36
C VAL F 311 52.63 91.49 61.12
N GLN F 312 53.02 90.78 62.17
CA GLN F 312 54.21 89.94 62.16
C GLN F 312 53.81 88.48 62.07
N ALA F 313 54.23 87.81 61.01
CA ALA F 313 54.02 86.38 60.92
C ALA F 313 54.86 85.67 61.96
N ILE F 314 54.30 84.63 62.57
CA ILE F 314 54.95 83.92 63.66
C ILE F 314 54.99 82.44 63.32
N TYR F 315 56.16 81.84 63.46
CA TYR F 315 56.34 80.40 63.38
C TYR F 315 56.61 79.89 64.78
N VAL F 316 55.88 78.88 65.21
CA VAL F 316 56.01 78.35 66.57
C VAL F 316 56.75 77.02 66.49
N PRO F 317 58.04 76.97 66.82
CA PRO F 317 58.84 75.78 66.50
C PRO F 317 58.38 74.57 67.30
N ALA F 318 58.06 73.49 66.57
CA ALA F 318 57.63 72.24 67.19
C ALA F 318 56.34 72.41 67.97
N ASP F 319 55.53 73.41 67.63
CA ASP F 319 54.31 73.73 68.36
C ASP F 319 54.58 74.00 69.83
N ASP F 320 55.79 74.48 70.15
CA ASP F 320 56.14 74.84 71.51
C ASP F 320 55.78 76.29 71.70
N LEU F 321 54.67 76.55 72.37
CA LEU F 321 54.34 77.92 72.73
C LEU F 321 55.09 78.37 73.97
N THR F 322 55.83 77.48 74.61
CA THR F 322 56.75 77.85 75.68
C THR F 322 58.15 78.13 75.17
N ASP F 323 58.44 77.85 73.91
CA ASP F 323 59.79 77.99 73.41
C ASP F 323 60.24 79.43 73.58
N PRO F 324 61.50 79.68 73.91
CA PRO F 324 61.90 81.06 74.23
C PRO F 324 61.62 82.06 73.13
N ALA F 325 61.64 81.67 71.85
CA ALA F 325 61.38 82.64 70.78
C ALA F 325 59.90 83.01 70.70
N PRO F 326 58.98 82.07 70.52
CA PRO F 326 57.56 82.43 70.57
C PRO F 326 57.07 82.81 71.96
N ALA F 327 57.86 82.57 73.00
CA ALA F 327 57.52 83.05 74.33
C ALA F 327 58.01 84.47 74.56
N THR F 328 59.03 84.91 73.83
CA THR F 328 59.48 86.28 73.90
C THR F 328 58.73 87.17 72.93
N THR F 329 58.22 86.59 71.84
CA THR F 329 57.41 87.38 70.92
C THR F 329 56.05 87.67 71.51
N PHE F 330 55.41 86.68 72.12
CA PHE F 330 54.05 86.86 72.62
C PHE F 330 53.98 87.89 73.72
N ALA F 331 55.09 88.23 74.34
CA ALA F 331 55.06 89.27 75.36
C ALA F 331 54.82 90.64 74.75
N HIS F 332 54.86 90.75 73.43
CA HIS F 332 54.66 92.02 72.75
C HIS F 332 53.38 92.08 71.93
N LEU F 333 52.91 90.94 71.42
CA LEU F 333 51.75 90.95 70.55
C LEU F 333 50.55 91.58 71.22
N ASP F 334 49.83 92.42 70.47
CA ASP F 334 48.61 93.05 70.95
C ASP F 334 47.38 92.51 70.22
N ALA F 335 47.51 91.39 69.53
CA ALA F 335 46.39 90.84 68.76
C ALA F 335 46.78 89.44 68.33
N THR F 336 45.99 88.87 67.43
CA THR F 336 46.31 87.60 66.83
C THR F 336 45.32 87.35 65.71
N THR F 337 45.73 86.61 64.70
CA THR F 337 44.87 86.35 63.54
C THR F 337 45.22 84.95 63.03
N VAL F 338 44.47 83.96 63.50
CA VAL F 338 44.84 82.56 63.25
C VAL F 338 44.14 82.15 61.96
N LEU F 339 44.78 82.47 60.85
CA LEU F 339 44.37 81.86 59.59
C LEU F 339 44.41 80.35 59.74
N SER F 340 43.35 79.68 59.30
CA SER F 340 43.25 78.24 59.44
C SER F 340 42.86 77.63 58.12
N ARG F 341 43.30 76.38 57.91
CA ARG F 341 42.94 75.68 56.70
C ARG F 341 41.52 75.14 56.77
N ALA F 342 41.08 74.71 57.95
CA ALA F 342 39.77 74.10 58.07
C ALA F 342 38.67 75.06 57.68
N ILE F 343 38.91 76.37 57.80
CA ILE F 343 37.92 77.36 57.40
C ILE F 343 38.06 77.75 55.93
N ALA F 344 39.11 77.30 55.26
CA ALA F 344 39.27 77.54 53.83
C ALA F 344 38.58 76.50 52.98
N GLU F 345 38.39 75.28 53.50
CA GLU F 345 37.63 74.28 52.78
C GLU F 345 36.19 74.73 52.58
N LEU F 346 35.58 75.31 53.61
CA LEU F 346 34.24 75.84 53.47
C LEU F 346 34.17 76.97 52.45
N GLY F 347 35.32 77.54 52.08
CA GLY F 347 35.36 78.66 51.17
C GLY F 347 35.22 80.01 51.82
N ILE F 348 35.02 80.06 53.15
CA ILE F 348 34.93 81.33 53.86
C ILE F 348 36.30 82.00 53.78
N TYR F 349 36.39 83.07 52.99
CA TYR F 349 37.63 83.79 52.80
C TYR F 349 37.44 85.24 53.23
N PRO F 350 38.31 85.80 54.07
CA PRO F 350 39.58 85.24 54.55
C PRO F 350 39.36 84.07 55.48
N ALA F 351 40.34 83.19 55.57
CA ALA F 351 40.20 82.00 56.38
C ALA F 351 40.27 82.29 57.87
N VAL F 352 40.36 83.56 58.26
CA VAL F 352 40.58 83.95 59.64
C VAL F 352 39.64 83.17 60.55
N ASP F 353 40.19 82.47 61.51
CA ASP F 353 39.39 81.75 62.49
C ASP F 353 38.79 82.74 63.47
N PRO F 354 37.50 82.65 63.79
CA PRO F 354 36.90 83.63 64.70
C PRO F 354 37.08 83.27 66.17
N LEU F 355 37.25 81.98 66.46
CA LEU F 355 37.29 81.52 67.84
C LEU F 355 38.70 81.46 68.41
N ASP F 356 39.73 81.46 67.56
CA ASP F 356 41.12 81.53 68.03
C ASP F 356 41.66 82.93 68.04
N SER F 357 41.26 83.77 67.09
CA SER F 357 41.77 85.12 66.99
C SER F 357 41.51 85.90 68.27
N THR F 358 42.58 86.24 68.99
CA THR F 358 42.48 86.98 70.23
C THR F 358 42.65 88.46 69.93
N SER F 359 42.46 89.31 70.94
CA SER F 359 42.93 90.68 70.86
C SER F 359 42.90 91.34 72.22
N ARG F 360 44.01 91.95 72.62
CA ARG F 360 44.08 92.55 73.95
C ARG F 360 43.12 93.71 74.11
N ILE F 361 42.76 94.38 73.01
CA ILE F 361 41.88 95.55 73.11
C ILE F 361 40.41 95.19 72.99
N MET F 362 40.08 93.91 72.92
CA MET F 362 38.67 93.53 72.91
C MET F 362 38.12 93.66 74.32
N ASP F 363 38.05 94.90 74.81
CA ASP F 363 37.56 95.19 76.14
C ASP F 363 36.61 96.37 76.04
N PRO F 364 35.48 96.35 76.76
CA PRO F 364 34.49 97.41 76.61
C PRO F 364 35.00 98.79 77.00
N ASN F 365 36.10 98.87 77.76
CA ASN F 365 36.65 100.18 78.07
C ASN F 365 37.24 100.86 76.85
N ILE F 366 37.58 100.10 75.81
CA ILE F 366 38.31 100.63 74.66
C ILE F 366 37.45 100.67 73.42
N VAL F 367 36.97 99.50 72.97
CA VAL F 367 36.17 99.46 71.74
C VAL F 367 34.82 100.11 71.96
N GLY F 368 34.24 99.94 73.14
CA GLY F 368 32.91 100.44 73.42
C GLY F 368 31.99 99.32 73.83
N SER F 369 30.94 99.63 74.59
CA SER F 369 30.05 98.59 75.09
C SER F 369 29.34 97.87 73.95
N GLU F 370 28.89 98.62 72.94
CA GLU F 370 28.18 98.01 71.83
C GLU F 370 29.06 97.03 71.09
N HIS F 371 30.25 97.47 70.69
CA HIS F 371 31.20 96.61 70.00
C HIS F 371 31.47 95.35 70.81
N TYR F 372 31.73 95.51 72.11
CA TYR F 372 32.11 94.37 72.93
C TYR F 372 30.95 93.40 73.11
N ASP F 373 29.75 93.91 73.37
CA ASP F 373 28.60 93.02 73.53
C ASP F 373 28.34 92.25 72.24
N VAL F 374 28.43 92.94 71.10
CA VAL F 374 28.18 92.26 69.82
C VAL F 374 29.23 91.18 69.58
N ALA F 375 30.50 91.52 69.78
CA ALA F 375 31.57 90.57 69.51
C ALA F 375 31.48 89.37 70.44
N ARG F 376 31.21 89.61 71.73
CA ARG F 376 31.10 88.51 72.67
C ARG F 376 29.89 87.64 72.36
N GLY F 377 28.79 88.25 71.93
CA GLY F 377 27.64 87.45 71.53
C GLY F 377 27.94 86.59 70.32
N VAL F 378 28.66 87.14 69.34
CA VAL F 378 29.05 86.35 68.18
C VAL F 378 29.92 85.19 68.61
N GLN F 379 30.87 85.45 69.50
CA GLN F 379 31.73 84.38 69.97
C GLN F 379 30.92 83.28 70.67
N LYS F 380 29.99 83.68 71.53
CA LYS F 380 29.20 82.70 72.27
C LYS F 380 28.34 81.87 71.34
N ILE F 381 27.69 82.51 70.36
CA ILE F 381 26.85 81.76 69.45
C ILE F 381 27.69 80.81 68.61
N LEU F 382 28.88 81.24 68.19
CA LEU F 382 29.72 80.37 67.39
C LEU F 382 30.24 79.20 68.21
N GLN F 383 30.57 79.43 69.48
CA GLN F 383 30.97 78.33 70.35
C GLN F 383 29.82 77.33 70.53
N ASP F 384 28.62 77.84 70.77
CA ASP F 384 27.47 76.95 70.94
C ASP F 384 27.20 76.15 69.68
N TYR F 385 27.33 76.78 68.52
CA TYR F 385 27.14 76.04 67.28
C TYR F 385 28.23 75.01 67.08
N LYS F 386 29.47 75.33 67.43
CA LYS F 386 30.53 74.34 67.32
C LYS F 386 30.23 73.14 68.20
N SER F 387 29.69 73.38 69.39
CA SER F 387 29.32 72.27 70.27
C SER F 387 28.17 71.45 69.68
N LEU F 388 27.09 72.12 69.26
CA LEU F 388 25.97 71.40 68.67
C LEU F 388 26.37 70.65 67.42
N GLN F 389 27.44 71.09 66.75
CA GLN F 389 27.93 70.36 65.60
C GLN F 389 28.25 68.92 65.96
N ASP F 390 28.86 68.72 67.13
CA ASP F 390 29.19 67.37 67.56
C ASP F 390 27.93 66.53 67.75
N ILE F 391 26.93 67.08 68.42
CA ILE F 391 25.71 66.32 68.66
C ILE F 391 25.03 65.98 67.34
N ILE F 392 24.98 66.94 66.42
CA ILE F 392 24.36 66.67 65.12
C ILE F 392 25.12 65.58 64.38
N ALA F 393 26.45 65.67 64.37
CA ALA F 393 27.24 64.68 63.66
C ALA F 393 27.06 63.29 64.24
N ILE F 394 27.04 63.19 65.57
CA ILE F 394 26.96 61.89 66.21
C ILE F 394 25.58 61.28 66.05
N LEU F 395 24.56 61.97 66.56
CA LEU F 395 23.21 61.42 66.64
C LEU F 395 22.38 61.79 65.41
N GLY F 396 22.21 63.07 65.17
CA GLY F 396 21.47 63.55 64.02
C GLY F 396 20.68 64.80 64.36
N MET F 397 20.25 65.51 63.31
CA MET F 397 19.52 66.75 63.51
C MET F 397 18.26 66.53 64.34
N ASP F 398 17.65 65.34 64.23
CA ASP F 398 16.47 65.04 65.02
C ASP F 398 16.73 65.23 66.51
N GLU F 399 17.96 64.95 66.95
CA GLU F 399 18.28 65.00 68.36
C GLU F 399 18.14 66.42 68.94
N LEU F 400 18.07 67.43 68.08
CA LEU F 400 18.07 68.81 68.53
C LEU F 400 16.67 69.40 68.52
N SER F 401 16.38 70.20 69.54
CA SER F 401 15.15 70.99 69.59
C SER F 401 15.30 72.25 68.73
N GLU F 402 14.21 73.00 68.61
CA GLU F 402 14.26 74.26 67.88
C GLU F 402 14.97 75.35 68.66
N GLU F 403 14.97 75.27 69.99
CA GLU F 403 15.75 76.23 70.78
C GLU F 403 17.22 76.19 70.43
N ASP F 404 17.68 75.07 69.87
CA ASP F 404 19.04 74.93 69.38
C ASP F 404 19.13 75.11 67.87
N LYS F 405 18.11 74.70 67.12
CA LYS F 405 18.15 74.87 65.68
C LYS F 405 18.16 76.34 65.29
N LEU F 406 17.52 77.20 66.08
CA LEU F 406 17.59 78.62 65.79
C LEU F 406 19.02 79.14 65.94
N THR F 407 19.71 78.74 67.01
CA THR F 407 21.10 79.13 67.16
C THR F 407 21.95 78.56 66.04
N VAL F 408 21.65 77.34 65.60
CA VAL F 408 22.41 76.75 64.49
C VAL F 408 22.23 77.58 63.23
N SER F 409 20.98 77.97 62.93
CA SER F 409 20.74 78.78 61.75
C SER F 409 21.44 80.13 61.85
N ARG F 410 21.36 80.76 63.02
CA ARG F 410 22.05 82.04 63.21
C ARG F 410 23.55 81.89 63.06
N ALA F 411 24.11 80.80 63.60
CA ALA F 411 25.55 80.59 63.51
C ALA F 411 25.97 80.35 62.08
N ARG F 412 25.20 79.60 61.31
CA ARG F 412 25.54 79.42 59.90
C ARG F 412 25.50 80.76 59.17
N LYS F 413 24.49 81.56 59.46
CA LYS F 413 24.40 82.88 58.83
C LYS F 413 25.60 83.75 59.20
N ILE F 414 26.04 83.69 60.46
CA ILE F 414 27.17 84.51 60.88
C ILE F 414 28.46 84.03 60.23
N GLN F 415 28.70 82.71 60.27
CA GLN F 415 29.87 82.15 59.59
C GLN F 415 29.90 82.57 58.13
N ARG F 416 28.74 82.64 57.49
CA ARG F 416 28.69 83.15 56.12
C ARG F 416 29.07 84.62 56.08
N PHE F 417 28.44 85.43 56.93
CA PHE F 417 28.60 86.87 56.83
C PHE F 417 30.01 87.31 57.14
N LEU F 418 30.80 86.50 57.83
CA LEU F 418 32.17 86.89 58.12
C LEU F 418 33.03 86.92 56.87
N SER F 419 32.73 86.07 55.89
CA SER F 419 33.46 86.11 54.63
C SER F 419 33.23 87.44 53.93
N GLN F 420 34.27 87.93 53.27
CA GLN F 420 34.24 89.21 52.60
C GLN F 420 34.95 89.07 51.26
N PRO F 421 34.50 89.79 50.22
CA PRO F 421 35.25 89.80 48.97
C PRO F 421 36.32 90.87 48.94
N PHE F 422 37.59 90.46 48.88
CA PHE F 422 38.69 91.40 48.84
C PHE F 422 38.79 92.02 47.45
N GLN F 423 39.31 93.24 47.41
CA GLN F 423 39.49 93.91 46.12
C GLN F 423 40.61 93.26 45.32
N VAL F 424 41.72 92.94 45.97
CA VAL F 424 42.84 92.35 45.25
C VAL F 424 42.48 90.96 44.74
N ALA F 425 41.59 90.26 45.44
CA ALA F 425 41.21 88.90 45.05
C ALA F 425 40.18 88.88 43.92
N GLU F 426 39.98 90.00 43.24
CA GLU F 426 39.03 90.02 42.12
C GLU F 426 39.37 88.96 41.08
N VAL F 427 40.66 88.65 40.92
CA VAL F 427 41.06 87.65 39.93
C VAL F 427 40.44 86.30 40.22
N PHE F 428 40.22 85.98 41.51
CA PHE F 428 39.67 84.67 41.84
C PHE F 428 38.16 84.65 41.68
N THR F 429 37.44 85.47 42.45
CA THR F 429 36.00 85.36 42.55
C THR F 429 35.25 86.31 41.64
N GLY F 430 35.92 87.33 41.10
CA GLY F 430 35.26 88.28 40.22
C GLY F 430 34.46 89.34 40.96
N HIS F 431 33.96 89.00 42.15
CA HIS F 431 33.21 89.94 42.98
C HIS F 431 34.02 91.21 43.21
N LEU F 432 33.35 92.27 43.62
CA LEU F 432 33.99 93.56 43.82
C LEU F 432 34.47 93.71 45.25
N GLY F 433 35.63 94.35 45.42
CA GLY F 433 36.15 94.55 46.76
C GLY F 433 35.25 95.45 47.58
N LYS F 434 34.90 95.00 48.78
CA LYS F 434 34.02 95.75 49.66
C LYS F 434 34.79 96.14 50.92
N LEU F 435 35.02 97.45 51.09
CA LEU F 435 35.69 97.98 52.27
C LEU F 435 34.62 98.43 53.24
N VAL F 436 34.00 97.47 53.93
CA VAL F 436 32.89 97.76 54.83
C VAL F 436 33.42 98.49 56.05
N PRO F 437 32.95 99.70 56.35
CA PRO F 437 33.42 100.40 57.55
C PRO F 437 32.97 99.70 58.82
N LEU F 438 33.58 100.09 59.93
CA LEU F 438 33.36 99.40 61.20
C LEU F 438 31.90 99.43 61.60
N LYS F 439 31.26 100.58 61.49
CA LYS F 439 29.89 100.72 61.94
C LYS F 439 28.98 99.74 61.20
N GLU F 440 29.18 99.60 59.90
CA GLU F 440 28.34 98.70 59.12
C GLU F 440 28.51 97.25 59.56
N THR F 441 29.75 96.84 59.86
CA THR F 441 29.96 95.49 60.37
C THR F 441 29.21 95.29 61.68
N ILE F 442 29.34 96.26 62.60
CA ILE F 442 28.68 96.13 63.89
C ILE F 442 27.18 96.02 63.71
N LYS F 443 26.60 96.90 62.89
CA LYS F 443 25.16 96.86 62.70
C LYS F 443 24.73 95.54 62.08
N GLY F 444 25.45 95.08 61.05
CA GLY F 444 25.08 93.85 60.41
C GLY F 444 25.05 92.68 61.37
N PHE F 445 26.07 92.57 62.22
CA PHE F 445 26.13 91.42 63.11
C PHE F 445 25.14 91.56 64.27
N GLN F 446 25.00 92.76 64.81
CA GLN F 446 24.02 92.99 65.85
C GLN F 446 22.61 92.68 65.37
N GLN F 447 22.36 92.84 64.06
CA GLN F 447 21.04 92.54 63.53
C GLN F 447 20.89 91.07 63.21
N ILE F 448 21.89 90.45 62.59
CA ILE F 448 21.80 89.02 62.33
C ILE F 448 21.63 88.26 63.62
N LEU F 449 22.18 88.76 64.72
CA LEU F 449 21.97 88.11 66.01
C LEU F 449 20.58 88.36 66.56
N ALA F 450 20.02 89.53 66.31
CA ALA F 450 18.67 89.84 66.77
C ALA F 450 17.60 89.16 65.96
N GLY F 451 17.95 88.18 65.12
CA GLY F 451 16.98 87.42 64.38
C GLY F 451 16.32 88.17 63.26
N GLU F 452 16.72 89.41 62.99
CA GLU F 452 16.01 90.22 62.02
C GLU F 452 16.08 89.62 60.62
N TYR F 453 16.98 88.68 60.36
CA TYR F 453 17.15 88.11 59.04
C TYR F 453 17.18 86.59 59.09
N ASP F 454 16.41 85.99 59.99
CA ASP F 454 16.44 84.54 60.13
C ASP F 454 15.78 83.82 58.95
N HIS F 455 15.12 84.54 58.05
CA HIS F 455 14.43 83.90 56.93
C HIS F 455 15.24 83.91 55.64
N LEU F 456 16.12 84.89 55.45
CA LEU F 456 16.87 84.95 54.20
C LEU F 456 17.73 83.70 54.05
N PRO F 457 17.87 83.16 52.85
CA PRO F 457 18.79 82.03 52.67
C PRO F 457 20.21 82.42 53.02
N GLU F 458 20.95 81.47 53.60
CA GLU F 458 22.31 81.73 54.03
C GLU F 458 23.15 82.35 52.92
N GLN F 459 22.96 81.86 51.69
CA GLN F 459 23.74 82.34 50.56
C GLN F 459 23.45 83.81 50.28
N ALA F 460 22.49 84.39 51.00
CA ALA F 460 22.29 85.83 50.91
C ALA F 460 23.51 86.58 51.41
N PHE F 461 24.14 86.10 52.48
CA PHE F 461 25.27 86.79 53.09
C PHE F 461 26.61 86.35 52.53
N TYR F 462 26.72 85.10 52.07
CA TYR F 462 28.00 84.58 51.61
C TYR F 462 28.68 85.54 50.65
N MET F 463 29.86 86.00 51.04
CA MET F 463 30.70 86.87 50.20
C MET F 463 29.96 88.15 49.84
N VAL F 464 29.66 88.95 50.87
CA VAL F 464 29.08 90.27 50.69
C VAL F 464 29.80 91.24 51.62
N GLY F 465 29.49 92.52 51.45
CA GLY F 465 30.05 93.55 52.30
C GLY F 465 29.12 93.86 53.45
N PRO F 466 28.40 94.98 53.40
CA PRO F 466 27.45 95.27 54.47
C PRO F 466 26.29 94.29 54.49
N ILE F 467 25.35 94.47 55.40
CA ILE F 467 24.18 93.59 55.44
C ILE F 467 23.18 93.96 54.36
N GLU F 468 23.15 95.22 53.96
CA GLU F 468 22.21 95.66 52.93
C GLU F 468 22.46 94.93 51.62
N GLU F 469 23.73 94.75 51.27
CA GLU F 469 24.06 93.94 50.10
C GLU F 469 23.57 92.52 50.26
N ALA F 470 23.59 91.99 51.49
CA ALA F 470 23.05 90.65 51.72
C ALA F 470 21.55 90.62 51.46
N VAL F 471 20.83 91.65 51.89
CA VAL F 471 19.41 91.74 51.60
C VAL F 471 19.17 91.74 50.09
N ALA F 472 19.94 92.57 49.37
CA ALA F 472 19.77 92.65 47.92
C ALA F 472 20.05 91.31 47.26
N LYS F 473 21.10 90.62 47.71
CA LYS F 473 21.42 89.32 47.15
C LYS F 473 20.30 88.31 47.43
N ALA F 474 19.73 88.35 48.63
CA ALA F 474 18.62 87.46 48.93
C ALA F 474 17.45 87.72 47.99
N ASP F 475 17.13 88.99 47.76
CA ASP F 475 16.06 89.31 46.82
C ASP F 475 16.37 88.79 45.43
N LYS F 476 17.62 88.97 44.98
CA LYS F 476 17.97 88.55 43.62
C LYS F 476 17.86 87.04 43.47
N LEU F 477 18.50 86.28 44.35
CA LEU F 477 18.53 84.84 44.17
C LEU F 477 17.23 84.16 44.56
N ALA F 478 16.30 84.90 45.16
CA ALA F 478 15.02 84.34 45.59
C ALA F 478 13.94 84.44 44.52
N GLU F 479 14.26 84.94 43.34
CA GLU F 479 13.28 85.10 42.28
C GLU F 479 13.69 84.31 41.04
N THR G 13 100.64 88.76 110.56
CA THR G 13 101.13 89.74 109.62
C THR G 13 99.98 90.41 108.88
N THR G 14 100.29 91.33 107.99
CA THR G 14 99.31 92.16 107.32
C THR G 14 99.41 91.96 105.81
N GLY G 15 98.26 91.77 105.16
CA GLY G 15 98.19 91.64 103.74
C GLY G 15 97.32 92.74 103.14
N ARG G 16 97.29 92.79 101.81
CA ARG G 16 96.55 93.82 101.09
C ARG G 16 95.58 93.16 100.13
N ILE G 17 94.35 93.64 100.10
CA ILE G 17 93.38 93.13 99.14
C ILE G 17 93.88 93.46 97.75
N VAL G 18 94.08 92.43 96.93
CA VAL G 18 94.63 92.61 95.60
C VAL G 18 93.51 92.57 94.57
N ALA G 19 92.44 91.84 94.86
CA ALA G 19 91.32 91.81 93.94
C ALA G 19 90.05 91.46 94.69
N VAL G 20 88.90 91.81 94.10
CA VAL G 20 87.60 91.57 94.70
C VAL G 20 86.62 91.23 93.59
N ILE G 21 85.89 90.14 93.74
CA ILE G 21 84.94 89.68 92.73
C ILE G 21 83.70 89.20 93.48
N GLY G 22 82.64 90.00 93.46
CA GLY G 22 81.44 89.60 94.17
C GLY G 22 81.71 89.35 95.62
N ALA G 23 81.72 88.09 96.04
CA ALA G 23 81.98 87.70 97.42
C ALA G 23 83.19 86.78 97.50
N VAL G 24 84.23 87.10 96.73
CA VAL G 24 85.50 86.37 96.77
C VAL G 24 86.61 87.40 96.64
N VAL G 25 87.49 87.44 97.64
CA VAL G 25 88.50 88.48 97.75
C VAL G 25 89.87 87.82 97.69
N ASP G 26 90.69 88.26 96.74
CA ASP G 26 92.09 87.83 96.66
C ASP G 26 92.93 88.81 97.46
N VAL G 27 93.69 88.28 98.42
CA VAL G 27 94.54 89.06 99.29
C VAL G 27 95.98 88.67 99.02
N GLN G 28 96.90 89.61 99.26
CA GLN G 28 98.31 89.40 98.96
C GLN G 28 99.12 89.65 100.22
N PHE G 29 99.76 88.61 100.72
CA PHE G 29 100.55 88.69 101.95
C PHE G 29 102.03 88.77 101.57
N ASP G 30 102.63 89.94 101.83
CA ASP G 30 104.06 90.08 101.59
C ASP G 30 104.87 89.16 102.50
N GLU G 31 104.48 89.05 103.76
CA GLU G 31 105.13 88.17 104.72
C GLU G 31 104.49 86.78 104.60
N GLY G 32 104.75 85.91 105.57
CA GLY G 32 104.23 84.56 105.49
C GLY G 32 102.72 84.53 105.36
N LEU G 33 102.23 83.54 104.61
CA LEU G 33 100.82 83.37 104.33
C LEU G 33 100.12 82.71 105.51
N PRO G 34 98.79 82.80 105.55
CA PRO G 34 98.03 82.08 106.58
C PRO G 34 97.58 80.73 106.06
N PRO G 35 97.57 79.71 106.89
CA PRO G 35 97.07 78.41 106.44
C PRO G 35 95.64 78.52 105.93
N ILE G 36 95.17 77.44 105.33
CA ILE G 36 93.82 77.44 104.79
C ILE G 36 92.80 77.36 105.91
N LEU G 37 91.66 78.01 105.71
CA LEU G 37 90.55 78.12 106.65
C LEU G 37 90.78 79.19 107.72
N ASN G 38 91.89 79.92 107.71
CA ASN G 38 92.07 81.00 108.66
C ASN G 38 91.06 82.10 108.41
N ALA G 39 90.72 82.81 109.48
CA ALA G 39 89.84 83.96 109.40
C ALA G 39 90.69 85.21 109.39
N LEU G 40 90.52 86.03 108.36
CA LEU G 40 91.23 87.28 108.21
C LEU G 40 90.26 88.42 108.49
N GLU G 41 90.72 89.42 109.22
CA GLU G 41 89.88 90.56 109.59
C GLU G 41 90.25 91.74 108.69
N VAL G 42 89.28 92.24 107.95
CA VAL G 42 89.54 93.39 107.08
C VAL G 42 89.60 94.63 107.94
N GLN G 43 90.50 95.55 107.56
CA GLN G 43 90.76 96.75 108.34
C GLN G 43 90.13 97.96 107.68
N GLY G 44 89.40 98.75 108.46
CA GLY G 44 88.82 99.97 107.97
C GLY G 44 87.38 99.81 107.51
N ARG G 45 86.54 99.23 108.36
CA ARG G 45 85.15 98.99 108.04
C ARG G 45 84.27 99.45 109.19
N GLU G 46 83.03 99.82 108.86
CA GLU G 46 82.07 100.17 109.89
C GLU G 46 81.76 98.98 110.79
N THR G 47 81.80 97.78 110.23
CA THR G 47 81.48 96.55 110.93
C THR G 47 82.66 95.60 110.81
N ARG G 48 82.45 94.34 111.19
CA ARG G 48 83.50 93.33 111.17
C ARG G 48 83.29 92.43 109.96
N LEU G 49 84.13 92.61 108.94
CA LEU G 49 84.13 91.73 107.78
C LEU G 49 85.20 90.67 108.00
N VAL G 50 84.81 89.41 107.97
CA VAL G 50 85.70 88.29 108.24
C VAL G 50 85.83 87.51 106.95
N LEU G 51 86.94 87.68 106.24
CA LEU G 51 87.24 86.80 105.14
C LEU G 51 87.72 85.47 105.69
N GLU G 52 87.60 84.43 104.89
CA GLU G 52 88.10 83.12 105.31
C GLU G 52 88.85 82.49 104.15
N VAL G 53 90.09 82.08 104.39
CA VAL G 53 90.90 81.56 103.30
C VAL G 53 90.30 80.28 102.74
N ALA G 54 90.49 80.07 101.44
CA ALA G 54 90.07 78.84 100.78
C ALA G 54 91.11 78.26 99.84
N GLN G 55 92.05 79.05 99.33
CA GLN G 55 93.06 78.54 98.42
C GLN G 55 94.31 79.40 98.53
N HIS G 56 95.43 78.82 98.11
CA HIS G 56 96.67 79.54 97.91
C HIS G 56 96.98 79.55 96.43
N LEU G 57 97.01 80.73 95.84
CA LEU G 57 97.22 80.87 94.40
C LEU G 57 98.69 80.97 94.03
N GLY G 58 99.58 80.82 94.98
CA GLY G 58 100.98 81.08 94.70
C GLY G 58 101.21 82.56 94.56
N GLU G 59 102.47 82.92 94.34
CA GLU G 59 102.85 84.32 94.30
C GLU G 59 102.39 85.04 95.57
N SER G 60 102.37 84.30 96.68
CA SER G 60 102.02 84.80 98.00
C SER G 60 100.55 85.13 98.15
N THR G 61 99.76 85.04 97.08
CA THR G 61 98.35 85.37 97.15
C THR G 61 97.56 84.29 97.86
N VAL G 62 96.41 84.66 98.39
CA VAL G 62 95.41 83.72 98.87
C VAL G 62 94.06 84.20 98.37
N ARG G 63 93.12 83.27 98.25
CA ARG G 63 91.77 83.56 97.81
C ARG G 63 90.83 83.25 98.96
N THR G 64 89.90 84.15 99.25
CA THR G 64 89.13 84.11 100.47
C THR G 64 87.67 84.36 100.18
N ILE G 65 86.81 83.84 101.04
CA ILE G 65 85.36 84.01 100.95
C ILE G 65 84.94 84.97 102.05
N ALA G 66 84.25 86.04 101.67
CA ALA G 66 83.89 87.09 102.60
C ALA G 66 82.56 86.78 103.27
N MET G 67 82.52 86.94 104.59
CA MET G 67 81.37 86.55 105.40
C MET G 67 80.34 87.68 105.54
N ASP G 68 80.52 88.79 104.84
CA ASP G 68 79.53 89.85 104.81
C ASP G 68 79.62 90.52 103.44
N GLY G 69 79.02 91.70 103.31
CA GLY G 69 79.03 92.37 102.03
C GLY G 69 80.40 92.94 101.74
N THR G 70 80.87 92.75 100.51
CA THR G 70 82.13 93.32 100.07
C THR G 70 81.98 94.70 99.47
N GLU G 71 80.77 95.27 99.49
CA GLU G 71 80.61 96.64 99.00
C GLU G 71 81.51 97.56 99.78
N GLY G 72 82.25 98.40 99.07
CA GLY G 72 83.15 99.33 99.71
C GLY G 72 84.58 98.87 99.82
N LEU G 73 84.87 97.59 99.62
CA LEU G 73 86.25 97.13 99.66
C LEU G 73 87.03 97.80 98.52
N VAL G 74 88.19 98.34 98.86
CA VAL G 74 89.02 99.07 97.92
C VAL G 74 90.29 98.28 97.68
N ARG G 75 90.63 98.07 96.41
CA ARG G 75 91.89 97.42 96.08
C ARG G 75 93.02 98.11 96.83
N GLY G 76 93.67 97.39 97.73
CA GLY G 76 94.71 97.97 98.56
C GLY G 76 94.38 98.05 100.03
N GLN G 77 93.17 97.72 100.46
CA GLN G 77 92.85 97.72 101.87
C GLN G 77 93.80 96.79 102.62
N LYS G 78 93.78 96.89 103.95
CA LYS G 78 94.63 96.08 104.79
C LYS G 78 93.82 94.98 105.47
N VAL G 79 94.44 93.83 105.64
CA VAL G 79 93.80 92.65 106.19
C VAL G 79 94.75 92.01 107.18
N LEU G 80 94.26 91.72 108.39
CA LEU G 80 95.07 91.14 109.44
C LEU G 80 94.73 89.67 109.61
N ASP G 81 95.75 88.83 109.61
CA ASP G 81 95.55 87.40 109.78
C ASP G 81 95.21 87.11 111.23
N SER G 82 93.94 86.83 111.50
CA SER G 82 93.52 86.57 112.88
C SER G 82 94.20 85.34 113.47
N GLY G 83 94.76 84.48 112.62
CA GLY G 83 95.65 83.42 113.08
C GLY G 83 94.97 82.11 113.39
N ALA G 84 93.66 82.08 113.51
CA ALA G 84 92.94 80.85 113.79
C ALA G 84 91.63 80.86 113.02
N PRO G 85 91.04 79.70 112.77
CA PRO G 85 89.76 79.66 112.05
C PRO G 85 88.73 80.49 112.76
N ILE G 86 87.56 80.65 112.14
CA ILE G 86 86.48 81.33 112.82
C ILE G 86 86.25 80.66 114.15
N ARG G 87 86.33 81.42 115.23
CA ARG G 87 86.12 80.92 116.57
C ARG G 87 84.84 81.52 117.12
N ILE G 88 83.94 80.68 117.58
CA ILE G 88 82.62 81.11 118.02
C ILE G 88 82.50 80.83 119.51
N PRO G 89 81.64 81.56 120.21
CA PRO G 89 81.44 81.29 121.65
C PRO G 89 80.48 80.13 121.83
N VAL G 90 80.95 79.08 122.49
CA VAL G 90 80.13 77.92 122.79
C VAL G 90 79.98 77.84 124.30
N GLY G 91 79.21 76.87 124.78
CA GLY G 91 79.02 76.69 126.19
C GLY G 91 77.55 76.59 126.54
N PRO G 92 77.25 76.52 127.83
CA PRO G 92 75.86 76.60 128.26
C PRO G 92 75.33 78.02 128.37
N GLU G 93 76.17 79.02 128.08
CA GLU G 93 75.76 80.41 128.10
C GLU G 93 75.33 80.91 126.73
N THR G 94 75.38 80.06 125.70
CA THR G 94 74.78 80.40 124.42
C THR G 94 73.30 80.08 124.37
N LEU G 95 72.82 79.20 125.25
CA LEU G 95 71.42 78.83 125.22
C LEU G 95 70.53 80.05 125.38
N GLY G 96 69.47 80.10 124.58
CA GLY G 96 68.53 81.19 124.63
C GLY G 96 68.95 82.43 123.88
N ARG G 97 70.09 82.40 123.21
CA ARG G 97 70.60 83.54 122.47
C ARG G 97 70.43 83.29 120.98
N ILE G 98 70.88 84.25 120.18
CA ILE G 98 70.92 84.13 118.74
C ILE G 98 72.33 84.50 118.29
N MET G 99 72.80 83.83 117.25
CA MET G 99 74.14 84.05 116.74
C MET G 99 74.08 84.10 115.23
N ASN G 100 75.02 84.81 114.63
CA ASN G 100 75.20 84.75 113.20
C ASN G 100 76.40 83.86 112.90
N VAL G 101 76.81 83.81 111.64
CA VAL G 101 77.83 82.85 111.23
C VAL G 101 79.10 83.02 112.06
N ILE G 102 79.58 84.25 112.20
CA ILE G 102 80.88 84.50 112.80
C ILE G 102 80.78 84.52 114.32
N GLY G 103 79.62 84.17 114.85
CA GLY G 103 79.47 84.00 116.28
C GLY G 103 79.04 85.21 117.05
N GLU G 104 78.87 86.35 116.43
CA GLU G 104 78.38 87.52 117.13
C GLU G 104 76.91 87.30 117.51
N PRO G 105 76.43 87.96 118.56
CA PRO G 105 75.00 87.91 118.84
C PRO G 105 74.24 88.92 118.00
N ILE G 106 73.01 88.56 117.66
CA ILE G 106 72.14 89.44 116.89
C ILE G 106 70.78 89.55 117.56
N ASP G 107 70.72 89.30 118.86
CA ASP G 107 69.50 89.48 119.62
C ASP G 107 69.46 90.80 120.40
N GLU G 108 70.53 91.61 120.31
CA GLU G 108 70.58 92.89 121.00
C GLU G 108 70.43 92.70 122.51
N ARG G 109 71.31 91.87 123.07
CA ARG G 109 71.26 91.58 124.50
C ARG G 109 72.63 91.53 125.15
N GLY G 110 73.70 91.89 124.44
CA GLY G 110 75.01 91.95 125.03
C GLY G 110 75.83 90.72 124.70
N PRO G 111 77.16 90.85 124.76
CA PRO G 111 78.02 89.77 124.28
C PRO G 111 77.76 88.47 125.04
N ILE G 112 77.86 87.36 124.33
CA ILE G 112 77.82 86.06 124.96
C ILE G 112 79.08 85.89 125.79
N LYS G 113 78.93 85.66 127.09
CA LYS G 113 80.05 85.58 128.02
C LYS G 113 80.36 84.10 128.25
N THR G 114 81.28 83.56 127.45
CA THR G 114 81.69 82.17 127.57
C THR G 114 83.21 82.10 127.60
N LYS G 115 83.71 81.14 128.37
CA LYS G 115 85.14 80.87 128.44
C LYS G 115 85.59 79.82 127.44
N GLN G 116 84.66 79.14 126.78
CA GLN G 116 84.97 78.08 125.83
C GLN G 116 84.69 78.60 124.42
N PHE G 117 85.76 78.84 123.66
CA PHE G 117 85.67 79.23 122.27
C PHE G 117 86.01 78.03 121.39
N ALA G 118 85.24 77.82 120.33
CA ALA G 118 85.39 76.65 119.48
C ALA G 118 85.58 77.06 118.04
N ALA G 119 86.49 76.38 117.33
CA ALA G 119 86.70 76.62 115.91
C ALA G 119 85.72 75.78 115.11
N ILE G 120 85.12 76.39 114.09
CA ILE G 120 83.97 75.78 113.43
C ILE G 120 84.41 74.77 112.37
N HIS G 121 85.70 74.47 112.31
CA HIS G 121 86.22 73.60 111.27
C HIS G 121 86.93 72.38 111.83
N ALA G 122 86.34 71.73 112.82
CA ALA G 122 86.92 70.51 113.34
C ALA G 122 86.61 69.34 112.41
N GLU G 123 87.28 68.22 112.66
CA GLU G 123 87.19 67.05 111.81
C GLU G 123 86.14 66.07 112.33
N ALA G 124 85.75 65.14 111.47
CA ALA G 124 84.67 64.23 111.79
C ALA G 124 85.10 63.23 112.86
N PRO G 125 84.16 62.71 113.65
CA PRO G 125 84.54 61.70 114.65
C PRO G 125 85.17 60.49 113.99
N GLU G 126 86.18 59.93 114.65
CA GLU G 126 86.85 58.77 114.12
C GLU G 126 85.89 57.59 114.06
N PHE G 127 86.35 56.52 113.40
CA PHE G 127 85.50 55.35 113.24
C PHE G 127 85.26 54.63 114.56
N VAL G 128 86.19 54.75 115.50
CA VAL G 128 86.16 53.98 116.72
C VAL G 128 85.27 54.65 117.76
N GLU G 129 84.54 55.68 117.35
CA GLU G 129 83.64 56.40 118.24
C GLU G 129 82.17 56.15 117.98
N MET G 130 81.81 55.77 116.76
CA MET G 130 80.40 55.69 116.40
C MET G 130 79.66 54.72 117.31
N SER G 131 78.45 55.11 117.70
CA SER G 131 77.54 54.25 118.44
C SER G 131 76.53 53.66 117.47
N VAL G 132 76.19 52.39 117.69
CA VAL G 132 75.45 51.60 116.71
C VAL G 132 74.04 51.29 117.16
N GLU G 133 73.63 51.73 118.35
CA GLU G 133 72.31 51.41 118.84
C GLU G 133 71.26 52.27 118.18
N GLN G 134 70.21 51.63 117.68
CA GLN G 134 69.08 52.30 117.07
C GLN G 134 67.82 52.00 117.86
N GLU G 135 67.10 53.04 118.24
CA GLU G 135 65.90 52.92 119.05
C GLU G 135 64.86 53.90 118.55
N ILE G 136 63.62 53.44 118.45
CA ILE G 136 62.60 54.25 117.80
C ILE G 136 62.34 55.53 118.59
N LEU G 137 62.05 56.59 117.86
CA LEU G 137 61.62 57.86 118.41
C LEU G 137 60.19 58.11 117.95
N VAL G 138 59.29 58.34 118.90
CA VAL G 138 57.87 58.49 118.60
C VAL G 138 57.56 59.97 118.52
N THR G 139 57.12 60.42 117.35
CA THR G 139 56.83 61.82 117.11
C THR G 139 55.36 62.16 117.23
N GLY G 140 54.47 61.18 117.12
CA GLY G 140 53.05 61.43 117.15
C GLY G 140 52.42 61.56 115.78
N ILE G 141 53.21 61.82 114.74
CA ILE G 141 52.67 61.88 113.39
C ILE G 141 52.38 60.46 112.92
N LYS G 142 51.19 60.26 112.38
CA LYS G 142 50.77 58.92 111.99
C LYS G 142 51.69 58.34 110.91
N VAL G 143 51.78 59.02 109.78
CA VAL G 143 52.51 58.46 108.64
C VAL G 143 53.97 58.23 109.00
N VAL G 144 54.60 59.20 109.64
CA VAL G 144 56.01 59.07 109.98
C VAL G 144 56.21 57.94 110.98
N ASP G 145 55.35 57.85 111.99
CA ASP G 145 55.50 56.81 113.00
C ASP G 145 55.18 55.44 112.46
N LEU G 146 54.49 55.34 111.33
CA LEU G 146 54.07 54.05 110.82
C LEU G 146 54.96 53.54 109.71
N LEU G 147 55.17 54.33 108.66
CA LEU G 147 55.89 53.84 107.49
C LEU G 147 57.39 54.11 107.58
N ALA G 148 57.80 55.25 108.13
CA ALA G 148 59.20 55.66 108.18
C ALA G 148 59.54 56.13 109.58
N PRO G 149 59.52 55.23 110.56
CA PRO G 149 59.77 55.66 111.94
C PRO G 149 61.14 56.30 112.08
N TYR G 150 61.21 57.29 112.95
CA TYR G 150 62.45 58.03 113.20
C TYR G 150 63.24 57.35 114.32
N ALA G 151 64.55 57.51 114.26
CA ALA G 151 65.46 56.83 115.18
C ALA G 151 66.13 57.84 116.09
N LYS G 152 66.16 57.54 117.38
CA LYS G 152 66.84 58.41 118.32
C LYS G 152 68.30 58.53 117.92
N GLY G 153 68.81 59.75 117.93
CA GLY G 153 70.21 59.96 117.61
C GLY G 153 70.57 59.48 116.22
N GLY G 154 69.76 59.84 115.23
CA GLY G 154 70.02 59.44 113.87
C GLY G 154 69.55 60.46 112.86
N LYS G 155 70.41 60.79 111.90
CA LYS G 155 70.09 61.85 110.96
C LYS G 155 68.78 61.58 110.25
N ILE G 156 68.01 62.64 110.06
CA ILE G 156 66.68 62.57 109.45
C ILE G 156 66.61 63.66 108.40
N GLY G 157 65.75 63.46 107.42
CA GLY G 157 65.64 64.41 106.32
C GLY G 157 64.20 64.59 105.92
N LEU G 158 63.86 65.81 105.53
CA LEU G 158 62.51 66.17 105.11
C LEU G 158 62.61 66.78 103.72
N PHE G 159 62.61 65.93 102.70
CA PHE G 159 62.70 66.45 101.35
C PHE G 159 61.38 67.09 100.96
N GLY G 160 61.30 67.60 99.74
CA GLY G 160 60.09 68.24 99.28
C GLY G 160 60.33 69.60 98.67
N GLY G 161 59.57 69.92 97.63
CA GLY G 161 59.81 71.13 96.88
C GLY G 161 59.47 72.37 97.68
N ALA G 162 59.08 73.44 97.00
CA ALA G 162 58.69 74.67 97.66
C ALA G 162 57.21 74.63 98.02
N GLY G 163 56.89 75.03 99.24
CA GLY G 163 55.51 75.11 99.67
C GLY G 163 54.80 73.78 99.79
N VAL G 164 55.44 72.77 100.39
CA VAL G 164 54.79 71.50 100.63
C VAL G 164 54.69 71.15 102.11
N GLY G 165 55.44 71.80 103.00
CA GLY G 165 55.24 71.58 104.42
C GLY G 165 56.48 71.26 105.21
N LYS G 166 57.67 71.47 104.65
CA LYS G 166 58.88 71.17 105.42
C LYS G 166 58.95 72.03 106.66
N THR G 167 58.66 73.31 106.55
CA THR G 167 58.74 74.19 107.70
C THR G 167 57.65 73.87 108.70
N VAL G 168 56.40 73.73 108.24
CA VAL G 168 55.34 73.34 109.15
C VAL G 168 55.65 72.02 109.80
N LEU G 169 56.29 71.10 109.08
CA LEU G 169 56.56 69.79 109.64
C LEU G 169 57.66 69.84 110.68
N ILE G 170 58.72 70.64 110.45
CA ILE G 170 59.73 70.75 111.50
C ILE G 170 59.18 71.51 112.68
N MET G 171 58.26 72.46 112.47
CA MET G 171 57.63 73.11 113.61
C MET G 171 56.82 72.12 114.41
N GLU G 172 56.09 71.24 113.73
CA GLU G 172 55.34 70.21 114.44
C GLU G 172 56.28 69.30 115.21
N LEU G 173 57.40 68.92 114.60
CA LEU G 173 58.36 68.07 115.29
C LEU G 173 58.97 68.77 116.49
N ILE G 174 59.25 70.07 116.36
CA ILE G 174 59.75 70.84 117.48
C ILE G 174 58.73 70.81 118.61
N ASN G 175 57.47 71.07 118.28
CA ASN G 175 56.43 71.06 119.31
C ASN G 175 56.33 69.69 119.98
N ASN G 176 56.39 68.62 119.20
CA ASN G 176 56.15 67.29 119.73
C ASN G 176 57.35 66.73 120.51
N VAL G 177 58.57 67.07 120.11
CA VAL G 177 59.76 66.48 120.68
C VAL G 177 60.58 67.50 121.48
N ALA G 178 60.91 68.62 120.87
CA ALA G 178 61.73 69.62 121.55
C ALA G 178 61.05 70.21 122.77
N LYS G 179 59.82 69.84 123.08
CA LYS G 179 59.20 70.19 124.35
C LYS G 179 59.48 69.13 125.41
N ALA G 180 59.36 67.86 125.04
CA ALA G 180 59.54 66.75 125.96
C ALA G 180 61.00 66.33 126.09
N HIS G 181 61.90 66.92 125.32
CA HIS G 181 63.29 66.52 125.35
C HIS G 181 63.99 67.17 126.54
N GLY G 182 64.56 66.33 127.41
CA GLY G 182 65.28 66.86 128.55
C GLY G 182 66.55 67.59 128.15
N GLY G 183 67.30 67.04 127.21
CA GLY G 183 68.55 67.63 126.81
C GLY G 183 68.39 68.98 126.16
N TYR G 184 69.48 69.53 125.65
CA TYR G 184 69.47 70.85 125.04
C TYR G 184 68.94 70.74 123.61
N SER G 185 69.09 71.80 122.82
CA SER G 185 68.59 71.80 121.45
C SER G 185 69.23 72.96 120.70
N VAL G 186 69.27 72.83 119.39
CA VAL G 186 69.85 73.86 118.53
C VAL G 186 68.99 73.97 117.28
N PHE G 187 68.80 75.19 116.80
CA PHE G 187 68.10 75.45 115.56
C PHE G 187 68.98 76.32 114.67
N ALA G 188 69.55 75.72 113.62
CA ALA G 188 70.45 76.43 112.73
C ALA G 188 69.71 76.76 111.44
N GLY G 189 68.96 77.86 111.48
CA GLY G 189 68.23 78.28 110.30
C GLY G 189 69.14 78.81 109.22
N VAL G 190 69.30 78.05 108.14
CA VAL G 190 70.15 78.42 107.02
C VAL G 190 69.27 78.90 105.88
N GLY G 191 69.66 80.02 105.29
CA GLY G 191 69.02 80.52 104.08
C GLY G 191 67.52 80.34 104.01
N GLU G 192 66.79 80.80 105.02
CA GLU G 192 65.34 80.72 105.01
C GLU G 192 64.75 82.02 105.54
N ARG G 193 63.44 82.17 105.32
CA ARG G 193 62.76 83.43 105.60
C ARG G 193 63.19 84.02 106.92
N THR G 194 63.38 85.34 106.93
CA THR G 194 63.75 86.02 108.17
C THR G 194 62.57 86.16 109.11
N ARG G 195 61.38 86.40 108.56
CA ARG G 195 60.20 86.50 109.40
C ARG G 195 59.91 85.17 110.07
N GLU G 196 60.31 84.06 109.47
CA GLU G 196 60.13 82.76 110.11
C GLU G 196 61.08 82.61 111.30
N GLY G 197 62.32 83.07 111.16
CA GLY G 197 63.21 83.07 112.30
C GLY G 197 62.69 83.94 113.43
N ASN G 198 62.15 85.11 113.09
CA ASN G 198 61.55 85.96 114.11
C ASN G 198 60.36 85.28 114.76
N ASP G 199 59.52 84.61 113.97
CA ASP G 199 58.36 83.92 114.52
C ASP G 199 58.80 82.82 115.46
N LEU G 200 59.82 82.05 115.08
CA LEU G 200 60.30 80.99 115.96
C LEU G 200 60.84 81.58 117.26
N TYR G 201 61.63 82.64 117.17
CA TYR G 201 62.16 83.26 118.37
C TYR G 201 61.04 83.70 119.31
N HIS G 202 60.07 84.45 118.78
CA HIS G 202 59.03 84.98 119.65
C HIS G 202 58.11 83.89 120.17
N GLU G 203 57.81 82.89 119.35
CA GLU G 203 57.01 81.77 119.82
C GLU G 203 57.72 81.04 120.95
N MET G 204 59.03 80.81 120.82
CA MET G 204 59.75 80.15 121.89
C MET G 204 59.78 81.01 123.14
N ILE G 205 59.99 82.31 123.00
CA ILE G 205 59.94 83.18 124.17
C ILE G 205 58.61 83.03 124.89
N GLU G 206 57.52 83.13 124.14
CA GLU G 206 56.19 83.10 124.73
C GLU G 206 55.66 81.69 124.93
N SER G 207 56.51 80.67 124.77
CA SER G 207 56.14 79.30 125.06
C SER G 207 56.99 78.69 126.17
N GLY G 208 57.83 79.48 126.83
CA GLY G 208 58.58 79.01 127.96
C GLY G 208 59.88 78.30 127.64
N VAL G 209 60.19 78.09 126.36
CA VAL G 209 61.45 77.42 126.01
C VAL G 209 62.63 78.37 126.04
N ILE G 210 62.39 79.67 126.08
CA ILE G 210 63.45 80.66 126.26
C ILE G 210 63.02 81.61 127.36
N ASN G 211 63.98 82.04 128.17
CA ASN G 211 63.73 83.00 129.24
C ASN G 211 64.68 84.17 129.04
N LEU G 212 64.12 85.35 128.80
CA LEU G 212 64.96 86.52 128.52
C LEU G 212 65.72 86.97 129.75
N LYS G 213 65.14 86.78 130.94
CA LYS G 213 65.70 87.25 132.20
C LYS G 213 65.84 86.08 133.17
N ASP G 214 66.42 85.00 132.67
CA ASP G 214 66.72 83.82 133.46
C ASP G 214 67.96 83.18 132.87
N ALA G 215 68.22 81.92 133.24
CA ALA G 215 69.32 81.16 132.66
C ALA G 215 68.90 79.77 132.24
N THR G 216 67.60 79.51 132.16
CA THR G 216 67.08 78.16 131.96
C THR G 216 66.53 77.94 130.56
N SER G 217 66.93 78.75 129.59
CA SER G 217 66.52 78.50 128.22
C SER G 217 67.13 77.21 127.73
N LYS G 218 66.38 76.49 126.90
CA LYS G 218 66.78 75.17 126.44
C LYS G 218 66.83 75.11 124.92
N VAL G 219 67.22 76.21 124.29
CA VAL G 219 67.37 76.23 122.84
C VAL G 219 68.41 77.27 122.45
N ALA G 220 69.37 76.87 121.63
CA ALA G 220 70.27 77.80 120.99
C ALA G 220 69.77 78.04 119.57
N LEU G 221 69.97 79.24 119.06
CA LEU G 221 69.52 79.61 117.74
C LEU G 221 70.68 80.19 116.96
N VAL G 222 70.80 79.79 115.70
CA VAL G 222 71.78 80.35 114.79
C VAL G 222 71.06 80.68 113.50
N TYR G 223 71.44 81.76 112.85
CA TYR G 223 70.64 82.23 111.72
C TYR G 223 71.53 82.83 110.63
N GLY G 224 71.49 82.20 109.46
CA GLY G 224 72.13 82.73 108.27
C GLY G 224 71.09 83.00 107.20
N GLN G 225 69.98 83.65 107.60
CA GLN G 225 68.78 83.67 106.79
C GLN G 225 69.05 84.21 105.39
N MET G 226 68.07 84.07 104.51
CA MET G 226 68.30 84.12 103.07
C MET G 226 68.73 85.49 102.56
N ASN G 227 68.89 86.49 103.40
CA ASN G 227 69.39 87.77 102.92
C ASN G 227 70.91 87.86 102.99
N GLU G 228 71.58 86.87 103.55
CA GLU G 228 73.02 86.91 103.74
C GLU G 228 73.76 86.52 102.46
N PRO G 229 74.92 87.09 102.21
CA PRO G 229 75.67 86.76 101.00
C PRO G 229 76.15 85.33 101.04
N PRO G 230 76.44 84.74 99.89
CA PRO G 230 76.73 83.29 99.87
C PRO G 230 77.84 82.86 100.80
N GLY G 231 78.90 83.66 100.93
CA GLY G 231 79.96 83.29 101.84
C GLY G 231 79.46 83.05 103.25
N ALA G 232 78.42 83.77 103.65
CA ALA G 232 77.89 83.69 105.00
C ALA G 232 76.75 82.69 105.14
N ARG G 233 76.25 82.13 104.03
CA ARG G 233 75.27 81.07 104.09
C ARG G 233 75.89 79.68 104.02
N ALA G 234 77.15 79.59 103.62
CA ALA G 234 77.81 78.31 103.48
C ALA G 234 78.47 77.85 104.77
N ARG G 235 78.43 78.64 105.82
CA ARG G 235 79.06 78.26 107.08
C ARG G 235 78.10 78.18 108.25
N VAL G 236 77.07 79.02 108.29
CA VAL G 236 76.15 79.01 109.43
C VAL G 236 75.73 77.59 109.76
N ALA G 237 75.64 76.73 108.74
CA ALA G 237 75.45 75.31 109.02
C ALA G 237 76.56 74.80 109.92
N LEU G 238 77.81 75.12 109.59
CA LEU G 238 78.93 74.68 110.43
C LEU G 238 78.87 75.30 111.82
N THR G 239 78.31 76.50 111.95
CA THR G 239 78.17 77.07 113.28
C THR G 239 77.19 76.28 114.12
N GLY G 240 76.04 75.90 113.55
CA GLY G 240 75.15 75.00 114.28
C GLY G 240 75.82 73.69 114.61
N LEU G 241 76.55 73.14 113.64
CA LEU G 241 77.35 71.95 113.89
C LEU G 241 78.23 72.12 115.11
N THR G 242 78.90 73.26 115.22
CA THR G 242 79.85 73.47 116.30
C THR G 242 79.15 73.57 117.64
N VAL G 243 78.05 74.30 117.71
CA VAL G 243 77.35 74.41 118.98
C VAL G 243 76.84 73.04 119.43
N ALA G 244 76.26 72.28 118.50
CA ALA G 244 75.80 70.94 118.87
C ALA G 244 76.96 70.02 119.22
N GLU G 245 78.07 70.12 118.50
CA GLU G 245 79.26 69.36 118.82
C GLU G 245 79.69 69.62 120.25
N TYR G 246 79.68 70.88 120.67
CA TYR G 246 80.04 71.16 122.05
C TYR G 246 79.04 70.53 123.02
N PHE G 247 77.75 70.78 122.82
CA PHE G 247 76.78 70.25 123.76
C PHE G 247 76.80 68.73 123.81
N ARG G 248 77.38 68.07 122.81
CA ARG G 248 77.44 66.61 122.82
C ARG G 248 78.76 66.11 123.41
N ASP G 249 79.87 66.47 122.78
CA ASP G 249 81.14 65.83 123.12
C ASP G 249 81.54 66.11 124.56
N GLN G 250 81.46 67.36 124.99
CA GLN G 250 81.93 67.74 126.32
C GLN G 250 80.81 67.68 127.36
N GLU G 251 79.70 68.38 127.12
CA GLU G 251 78.59 68.28 128.06
C GLU G 251 78.07 66.86 128.16
N GLY G 252 78.26 66.05 127.12
CA GLY G 252 77.79 64.68 127.15
C GLY G 252 76.29 64.60 127.37
N GLN G 253 75.50 65.04 126.40
CA GLN G 253 74.07 65.16 126.59
C GLN G 253 73.35 64.92 125.28
N ASP G 254 72.17 64.33 125.37
CA ASP G 254 71.31 64.18 124.20
C ASP G 254 70.95 65.55 123.66
N VAL G 255 71.06 65.72 122.34
CA VAL G 255 70.85 67.00 121.70
C VAL G 255 69.91 66.79 120.52
N LEU G 256 69.15 67.82 120.18
CA LEU G 256 68.46 67.89 118.90
C LEU G 256 69.04 69.03 118.09
N LEU G 257 69.09 68.83 116.78
CA LEU G 257 69.72 69.79 115.88
C LEU G 257 68.81 69.93 114.68
N PHE G 258 68.05 71.02 114.62
CA PHE G 258 67.11 71.25 113.54
C PHE G 258 67.76 72.19 112.53
N ILE G 259 67.91 71.72 111.30
CA ILE G 259 68.49 72.52 110.24
C ILE G 259 67.42 72.72 109.17
N ASP G 260 67.20 73.97 108.79
CA ASP G 260 66.21 74.32 107.79
C ASP G 260 66.60 75.68 107.23
N ASN G 261 67.11 75.74 106.00
CA ASN G 261 67.16 74.69 104.98
C ASN G 261 68.59 74.29 104.71
N ILE G 262 68.89 72.99 104.67
CA ILE G 262 70.25 72.53 104.49
C ILE G 262 70.55 72.24 103.02
N PHE G 263 69.73 72.73 102.11
CA PHE G 263 70.11 72.79 100.71
C PHE G 263 70.71 74.13 100.33
N ARG G 264 70.44 75.18 101.10
CA ARG G 264 71.11 76.43 100.86
C ARG G 264 72.60 76.34 101.13
N PHE G 265 73.03 75.30 101.83
CA PHE G 265 74.47 75.08 102.00
C PHE G 265 75.13 74.76 100.66
N THR G 266 74.60 73.78 99.94
CA THR G 266 75.18 73.43 98.65
C THR G 266 74.89 74.50 97.62
N GLN G 267 73.72 75.13 97.69
CA GLN G 267 73.43 76.22 96.77
C GLN G 267 74.41 77.36 96.96
N ALA G 268 74.69 77.74 98.21
CA ALA G 268 75.66 78.79 98.46
C ALA G 268 77.06 78.36 98.02
N GLY G 269 77.40 77.09 98.22
CA GLY G 269 78.67 76.61 97.71
C GLY G 269 78.79 76.80 96.22
N SER G 270 77.72 76.47 95.48
CA SER G 270 77.75 76.62 94.04
C SER G 270 77.77 78.08 93.61
N GLU G 271 77.12 78.95 94.39
CA GLU G 271 77.13 80.37 94.07
C GLU G 271 78.54 80.94 94.12
N VAL G 272 79.32 80.53 95.13
CA VAL G 272 80.66 81.07 95.35
C VAL G 272 81.73 80.11 94.83
N SER G 273 81.39 79.24 93.89
CA SER G 273 82.36 78.35 93.29
C SER G 273 82.65 78.68 91.84
N ALA G 274 81.82 79.50 91.20
CA ALA G 274 82.18 80.02 89.89
C ALA G 274 83.25 81.08 90.03
N LEU G 275 83.21 81.86 91.11
CA LEU G 275 84.17 82.93 91.31
C LEU G 275 85.54 82.36 91.64
N LEU G 276 85.61 81.27 92.39
CA LEU G 276 86.87 80.61 92.65
C LEU G 276 87.47 79.98 91.40
N GLY G 277 86.83 80.12 90.25
CA GLY G 277 87.42 79.64 89.01
C GLY G 277 87.57 78.14 88.92
N ARG G 278 86.54 77.39 89.30
CA ARG G 278 86.54 75.94 89.17
C ARG G 278 85.64 75.53 88.02
N ILE G 279 86.07 74.53 87.26
CA ILE G 279 85.19 74.05 86.18
C ILE G 279 83.90 73.56 86.80
N PRO G 280 82.74 73.84 86.22
CA PRO G 280 81.48 73.46 86.87
C PRO G 280 81.16 71.98 86.68
N SER G 281 80.39 71.47 87.61
CA SER G 281 80.04 70.06 87.70
C SER G 281 78.74 69.81 86.95
N ALA G 282 78.06 68.72 87.29
CA ALA G 282 76.91 68.22 86.53
C ALA G 282 75.95 69.32 86.09
N VAL G 283 75.33 70.02 87.03
CA VAL G 283 74.24 70.94 86.71
C VAL G 283 74.66 72.35 87.06
N GLY G 284 75.93 72.66 86.89
CA GLY G 284 76.47 73.91 87.34
C GLY G 284 76.89 73.92 88.78
N TYR G 285 76.71 72.81 89.48
CA TYR G 285 77.13 72.72 90.86
C TYR G 285 78.64 72.68 90.95
N GLN G 286 79.15 72.90 92.15
CA GLN G 286 80.58 72.86 92.36
C GLN G 286 81.09 71.46 92.05
N PRO G 287 82.32 71.33 91.55
CA PRO G 287 82.90 69.99 91.41
C PRO G 287 83.06 69.30 92.74
N THR G 288 83.05 70.04 93.84
CA THR G 288 83.29 69.50 95.17
C THR G 288 82.00 69.33 95.97
N LEU G 289 80.90 68.92 95.34
CA LEU G 289 79.64 68.86 96.06
C LEU G 289 79.64 67.74 97.10
N ALA G 290 79.94 66.53 96.66
CA ALA G 290 79.78 65.38 97.54
C ALA G 290 80.67 65.49 98.77
N THR G 291 81.92 65.91 98.58
CA THR G 291 82.84 65.98 99.71
C THR G 291 82.57 67.19 100.60
N ASP G 292 82.24 68.33 100.02
CA ASP G 292 81.85 69.48 100.84
C ASP G 292 80.66 69.13 101.71
N MET G 293 79.73 68.33 101.18
CA MET G 293 78.59 67.93 101.98
C MET G 293 78.94 66.84 102.98
N GLY G 294 79.88 65.95 102.64
CA GLY G 294 80.27 64.92 103.58
C GLY G 294 81.00 65.47 104.78
N THR G 295 81.93 66.41 104.56
CA THR G 295 82.70 66.93 105.69
C THR G 295 81.83 67.63 106.71
N MET G 296 80.64 68.08 106.31
CA MET G 296 79.73 68.77 107.23
C MET G 296 78.62 67.87 107.74
N GLN G 297 78.16 66.91 106.94
CA GLN G 297 77.14 65.98 107.39
C GLN G 297 77.70 64.83 108.22
N GLU G 298 79.01 64.63 108.19
CA GLU G 298 79.62 63.53 108.91
C GLU G 298 80.01 63.90 110.32
N ARG G 299 79.81 65.14 110.72
CA ARG G 299 80.01 65.55 112.11
C ARG G 299 78.75 65.42 112.94
N ILE G 300 77.60 65.20 112.29
CA ILE G 300 76.34 65.00 113.00
C ILE G 300 76.21 63.49 113.19
N THR G 301 76.84 62.99 114.24
CA THR G 301 76.80 61.56 114.49
C THR G 301 76.68 61.31 115.98
N THR G 302 76.18 60.12 116.31
CA THR G 302 75.93 59.74 117.69
C THR G 302 77.13 58.95 118.23
N THR G 303 78.20 59.69 118.49
CA THR G 303 79.40 59.07 119.01
C THR G 303 79.12 58.45 120.38
N LYS G 304 80.10 57.77 120.96
CA LYS G 304 79.87 57.14 122.25
C LYS G 304 79.71 58.15 123.37
N LYS G 305 80.20 59.38 123.19
CA LYS G 305 80.13 60.38 124.25
C LYS G 305 78.73 60.94 124.42
N GLY G 306 78.04 61.20 123.32
CA GLY G 306 76.69 61.73 123.39
C GLY G 306 76.03 61.67 122.05
N SER G 307 74.70 61.77 122.05
CA SER G 307 73.89 61.51 120.88
C SER G 307 73.26 62.79 120.36
N ILE G 308 73.23 62.93 119.04
CA ILE G 308 72.55 64.03 118.35
C ILE G 308 71.44 63.45 117.51
N THR G 309 70.22 63.97 117.71
CA THR G 309 69.11 63.72 116.81
C THR G 309 68.99 64.90 115.88
N SER G 310 69.32 64.69 114.61
CA SER G 310 69.36 65.77 113.65
C SER G 310 68.14 65.66 112.74
N VAL G 311 67.38 66.75 112.67
CA VAL G 311 66.24 66.82 111.75
C VAL G 311 66.54 67.92 110.75
N GLN G 312 66.70 67.54 109.49
CA GLN G 312 67.15 68.45 108.45
C GLN G 312 66.05 68.59 107.41
N ALA G 313 65.76 69.83 107.03
CA ALA G 313 64.74 70.08 106.02
C ALA G 313 65.45 70.31 104.70
N ILE G 314 65.78 69.21 104.03
CA ILE G 314 66.38 69.31 102.72
C ILE G 314 65.36 69.84 101.72
N TYR G 315 65.86 70.50 100.70
CA TYR G 315 65.06 71.11 99.65
C TYR G 315 65.22 70.30 98.37
N VAL G 316 64.32 70.50 97.42
CA VAL G 316 64.38 69.77 96.16
C VAL G 316 64.08 70.74 95.02
N PRO G 317 65.08 71.17 94.25
CA PRO G 317 64.83 72.21 93.27
C PRO G 317 63.93 71.73 92.14
N ALA G 318 62.98 72.57 91.77
CA ALA G 318 62.06 72.26 90.68
C ALA G 318 61.43 70.89 90.87
N ASP G 319 61.10 70.57 92.12
CA ASP G 319 60.43 69.31 92.44
C ASP G 319 61.12 68.12 91.78
N ASP G 320 62.46 68.11 91.85
CA ASP G 320 63.28 67.11 91.16
C ASP G 320 64.14 66.37 92.17
N LEU G 321 63.76 65.14 92.51
CA LEU G 321 64.54 64.31 93.42
C LEU G 321 65.78 63.73 92.78
N THR G 322 65.97 63.92 91.48
CA THR G 322 67.17 63.46 90.80
C THR G 322 68.25 64.54 90.76
N ASP G 323 67.97 65.73 91.27
CA ASP G 323 68.95 66.79 91.27
C ASP G 323 70.18 66.35 92.06
N PRO G 324 71.37 66.81 91.68
CA PRO G 324 72.58 66.35 92.40
C PRO G 324 72.56 66.65 93.89
N ALA G 325 71.92 67.72 94.33
CA ALA G 325 71.99 68.07 95.74
C ALA G 325 71.25 67.03 96.59
N PRO G 326 69.93 66.89 96.46
CA PRO G 326 69.25 65.82 97.18
C PRO G 326 69.75 64.44 96.81
N ALA G 327 70.15 64.24 95.56
CA ALA G 327 70.67 62.94 95.16
C ALA G 327 71.87 62.55 96.00
N THR G 328 72.75 63.49 96.31
CA THR G 328 73.86 63.16 97.18
C THR G 328 73.41 63.08 98.63
N THR G 329 72.51 63.97 99.05
CA THR G 329 72.13 64.00 100.46
C THR G 329 71.37 62.76 100.90
N PHE G 330 70.83 61.99 99.96
CA PHE G 330 70.10 60.79 100.35
C PHE G 330 70.99 59.78 101.06
N ALA G 331 72.31 59.86 100.88
CA ALA G 331 73.20 58.86 101.44
C ALA G 331 73.58 59.13 102.88
N HIS G 332 73.28 60.32 103.41
CA HIS G 332 73.71 60.71 104.74
C HIS G 332 72.58 60.71 105.75
N LEU G 333 71.45 60.09 105.44
CA LEU G 333 70.27 60.13 106.28
C LEU G 333 69.92 58.74 106.77
N ASP G 334 69.30 58.67 107.94
CA ASP G 334 68.80 57.43 108.49
C ASP G 334 67.28 57.34 108.44
N ALA G 335 66.60 58.37 107.97
CA ALA G 335 65.17 58.29 107.73
C ALA G 335 64.73 59.43 106.84
N THR G 336 64.27 59.14 105.64
CA THR G 336 63.87 60.17 104.69
C THR G 336 62.35 60.24 104.62
N THR G 337 61.83 61.46 104.64
CA THR G 337 60.39 61.72 104.62
C THR G 337 60.11 62.61 103.42
N VAL G 338 59.89 62.01 102.26
CA VAL G 338 59.80 62.78 101.03
C VAL G 338 58.40 63.36 100.87
N LEU G 339 58.22 64.59 101.34
CA LEU G 339 56.96 65.29 101.10
C LEU G 339 56.76 65.47 99.60
N SER G 340 55.51 65.36 99.17
CA SER G 340 55.17 65.41 97.75
C SER G 340 54.18 66.54 97.49
N ARG G 341 54.24 67.09 96.28
CA ARG G 341 53.29 68.11 95.89
C ARG G 341 52.05 67.51 95.24
N ALA G 342 52.19 66.39 94.56
CA ALA G 342 51.02 65.71 94.02
C ALA G 342 50.03 65.38 95.13
N ILE G 343 50.55 64.86 96.24
CA ILE G 343 49.71 64.52 97.38
C ILE G 343 49.18 65.79 98.03
N ALA G 344 50.05 66.78 98.22
CA ALA G 344 49.61 68.01 98.87
C ALA G 344 48.47 68.67 98.12
N GLU G 345 48.45 68.54 96.79
CA GLU G 345 47.36 69.12 96.02
C GLU G 345 46.05 68.39 96.25
N LEU G 346 46.06 67.23 96.90
CA LEU G 346 44.84 66.56 97.31
C LEU G 346 44.37 66.98 98.69
N GLY G 347 45.15 67.78 99.40
CA GLY G 347 44.81 68.14 100.75
C GLY G 347 45.20 67.13 101.80
N ILE G 348 46.04 66.16 101.45
CA ILE G 348 46.50 65.15 102.40
C ILE G 348 47.73 65.75 103.08
N TYR G 349 47.50 66.53 104.12
CA TYR G 349 48.60 67.14 104.86
C TYR G 349 48.81 66.41 106.18
N PRO G 350 50.04 66.05 106.56
CA PRO G 350 51.31 66.34 105.90
C PRO G 350 51.40 65.59 104.59
N ALA G 351 52.05 66.19 103.62
CA ALA G 351 52.05 65.66 102.27
C ALA G 351 52.96 64.46 102.10
N VAL G 352 53.45 63.89 103.19
CA VAL G 352 54.45 62.83 103.12
C VAL G 352 54.04 61.83 102.06
N ASP G 353 55.01 61.34 101.30
CA ASP G 353 54.76 60.35 100.28
C ASP G 353 55.00 58.98 100.88
N PRO G 354 53.96 58.14 101.05
CA PRO G 354 54.16 56.90 101.81
C PRO G 354 54.96 55.83 101.08
N LEU G 355 55.40 56.09 99.84
CA LEU G 355 56.19 55.11 99.09
C LEU G 355 57.61 55.56 98.82
N ASP G 356 57.92 56.83 98.97
CA ASP G 356 59.32 57.27 99.01
C ASP G 356 59.86 57.30 100.43
N SER G 357 59.02 57.61 101.40
CA SER G 357 59.46 57.62 102.79
C SER G 357 60.03 56.26 103.18
N THR G 358 61.13 56.28 103.90
CA THR G 358 61.80 55.04 104.27
C THR G 358 62.74 55.30 105.42
N SER G 359 62.87 54.31 106.30
CA SER G 359 63.71 54.42 107.48
C SER G 359 64.55 53.17 107.64
N ARG G 360 65.68 53.32 108.31
CA ARG G 360 66.60 52.21 108.52
C ARG G 360 66.27 51.39 109.76
N ILE G 361 65.33 51.82 110.59
CA ILE G 361 64.89 51.05 111.73
C ILE G 361 63.55 50.38 111.48
N MET G 362 63.17 50.20 110.22
CA MET G 362 62.02 49.36 109.90
C MET G 362 62.45 47.93 109.68
N ASP G 363 63.15 47.41 110.67
CA ASP G 363 63.48 46.01 110.78
C ASP G 363 62.48 45.34 111.71
N PRO G 364 61.94 44.17 111.39
CA PRO G 364 60.92 43.59 112.27
C PRO G 364 61.39 43.44 113.69
N ASN G 365 62.70 43.29 113.90
CA ASN G 365 63.23 43.16 115.26
C ASN G 365 63.13 44.47 116.01
N ILE G 366 63.42 45.60 115.36
CA ILE G 366 63.56 46.87 116.06
C ILE G 366 62.23 47.56 116.34
N VAL G 367 61.15 47.11 115.71
CA VAL G 367 59.82 47.68 115.93
C VAL G 367 58.77 46.63 116.20
N GLY G 368 59.16 45.36 116.33
CA GLY G 368 58.21 44.30 116.55
C GLY G 368 57.62 43.78 115.26
N SER G 369 57.04 42.59 115.34
CA SER G 369 56.46 41.97 114.17
C SER G 369 55.13 42.60 113.77
N GLU G 370 54.34 43.06 114.74
CA GLU G 370 53.03 43.61 114.43
C GLU G 370 53.15 44.95 113.72
N HIS G 371 54.00 45.83 114.23
CA HIS G 371 54.20 47.13 113.59
C HIS G 371 54.73 46.96 112.18
N TYR G 372 55.71 46.07 112.02
CA TYR G 372 56.28 45.84 110.70
C TYR G 372 55.23 45.26 109.75
N ASP G 373 54.43 44.31 110.24
CA ASP G 373 53.41 43.71 109.38
C ASP G 373 52.40 44.76 108.93
N VAL G 374 51.99 45.63 109.85
CA VAL G 374 51.02 46.66 109.48
C VAL G 374 51.61 47.62 108.46
N ALA G 375 52.84 48.06 108.69
CA ALA G 375 53.47 48.98 107.75
C ALA G 375 53.60 48.35 106.38
N ARG G 376 54.01 47.10 106.32
CA ARG G 376 54.18 46.44 105.03
C ARG G 376 52.83 46.22 104.34
N GLY G 377 51.79 45.90 105.10
CA GLY G 377 50.48 45.81 104.50
C GLY G 377 50.03 47.12 103.90
N VAL G 378 50.22 48.22 104.63
CA VAL G 378 49.82 49.52 104.13
C VAL G 378 50.58 49.85 102.85
N GLN G 379 51.89 49.63 102.85
CA GLN G 379 52.67 49.94 101.66
C GLN G 379 52.25 49.07 100.49
N LYS G 380 51.98 47.79 100.75
CA LYS G 380 51.57 46.89 99.68
C LYS G 380 50.27 47.37 99.05
N ILE G 381 49.29 47.75 99.86
CA ILE G 381 48.00 48.15 99.30
C ILE G 381 48.14 49.48 98.57
N LEU G 382 48.93 50.40 99.12
CA LEU G 382 49.14 51.69 98.45
C LEU G 382 49.86 51.49 97.11
N GLN G 383 50.79 50.56 97.04
CA GLN G 383 51.47 50.28 95.77
C GLN G 383 50.51 49.65 94.76
N ASP G 384 49.66 48.74 95.22
CA ASP G 384 48.65 48.18 94.31
C ASP G 384 47.79 49.29 93.73
N TYR G 385 47.33 50.20 94.58
CA TYR G 385 46.53 51.32 94.09
C TYR G 385 47.31 52.18 93.12
N LYS G 386 48.58 52.46 93.44
CA LYS G 386 49.39 53.29 92.55
C LYS G 386 49.56 52.63 91.19
N SER G 387 49.55 51.31 91.14
CA SER G 387 49.63 50.62 89.86
C SER G 387 48.31 50.68 89.11
N LEU G 388 47.18 50.53 89.81
CA LEU G 388 45.89 50.62 89.13
C LEU G 388 45.59 52.04 88.67
N GLN G 389 46.29 53.04 89.22
CA GLN G 389 46.00 54.43 88.88
C GLN G 389 45.98 54.66 87.37
N ASP G 390 46.90 54.02 86.64
CA ASP G 390 47.01 54.30 85.21
C ASP G 390 45.73 53.92 84.47
N ILE G 391 45.09 52.83 84.89
CA ILE G 391 43.86 52.38 84.25
C ILE G 391 42.66 53.14 84.79
N ILE G 392 42.54 53.23 86.12
CA ILE G 392 41.43 53.97 86.70
C ILE G 392 41.29 55.34 86.07
N ALA G 393 42.42 55.94 85.67
CA ALA G 393 42.38 57.29 85.12
C ALA G 393 41.61 57.33 83.81
N ILE G 394 41.82 56.36 82.94
CA ILE G 394 41.23 56.41 81.60
C ILE G 394 39.92 55.65 81.55
N LEU G 395 39.97 54.33 81.77
CA LEU G 395 38.78 53.52 81.58
C LEU G 395 37.71 53.86 82.60
N GLY G 396 38.08 53.88 83.88
CA GLY G 396 37.14 54.16 84.94
C GLY G 396 37.01 53.00 85.90
N MET G 397 36.61 53.29 87.14
CA MET G 397 36.59 52.26 88.17
C MET G 397 35.60 51.15 87.84
N ASP G 398 34.68 51.38 86.92
CA ASP G 398 33.70 50.36 86.56
C ASP G 398 34.31 49.20 85.79
N GLU G 399 35.52 49.36 85.27
CA GLU G 399 36.17 48.32 84.47
C GLU G 399 37.27 47.62 85.25
N LEU G 400 37.04 47.36 86.53
CA LEU G 400 37.93 46.59 87.36
C LEU G 400 37.16 45.44 88.00
N SER G 401 37.86 44.35 88.28
CA SER G 401 37.26 43.23 89.02
C SER G 401 36.94 43.69 90.43
N GLU G 402 36.39 42.80 91.25
CA GLU G 402 35.91 43.23 92.55
C GLU G 402 37.02 43.33 93.59
N GLU G 403 37.96 42.39 93.60
CA GLU G 403 39.08 42.52 94.53
C GLU G 403 39.87 43.79 94.25
N ASP G 404 39.98 44.18 92.99
CA ASP G 404 40.64 45.45 92.67
C ASP G 404 39.86 46.63 93.24
N LYS G 405 38.53 46.58 93.16
CA LYS G 405 37.74 47.65 93.76
C LYS G 405 37.93 47.70 95.25
N LEU G 406 38.07 46.53 95.88
CA LEU G 406 38.33 46.50 97.32
C LEU G 406 39.66 47.17 97.63
N THR G 407 40.70 46.86 96.86
CA THR G 407 41.99 47.50 97.11
C THR G 407 41.92 48.99 96.87
N VAL G 408 41.22 49.43 95.83
CA VAL G 408 41.12 50.87 95.57
C VAL G 408 40.41 51.56 96.72
N SER G 409 39.29 51.00 97.18
CA SER G 409 38.55 51.65 98.27
C SER G 409 39.41 51.69 99.53
N ARG G 410 40.05 50.58 99.87
CA ARG G 410 40.89 50.55 101.06
C ARG G 410 42.05 51.53 100.93
N ALA G 411 42.66 51.60 99.75
CA ALA G 411 43.82 52.46 99.56
C ALA G 411 43.42 53.92 99.67
N ARG G 412 42.25 54.28 99.14
CA ARG G 412 41.78 55.65 99.32
C ARG G 412 41.50 55.94 100.79
N LYS G 413 40.93 54.97 101.50
CA LYS G 413 40.71 55.16 102.93
C LYS G 413 42.03 55.38 103.65
N ILE G 414 43.06 54.61 103.29
CA ILE G 414 44.34 54.71 103.98
C ILE G 414 45.04 56.02 103.65
N GLN G 415 45.05 56.41 102.38
CA GLN G 415 45.58 57.72 102.01
C GLN G 415 44.93 58.80 102.84
N ARG G 416 43.60 58.76 102.95
CA ARG G 416 42.94 59.76 103.76
C ARG G 416 43.38 59.66 105.21
N PHE G 417 43.49 58.44 105.74
CA PHE G 417 43.74 58.29 107.16
C PHE G 417 45.11 58.80 107.55
N LEU G 418 46.12 58.60 106.70
CA LEU G 418 47.46 59.08 107.02
C LEU G 418 47.48 60.58 107.22
N SER G 419 46.51 61.31 106.68
CA SER G 419 46.41 62.74 106.93
C SER G 419 46.10 62.98 108.40
N GLN G 420 46.59 64.11 108.92
CA GLN G 420 46.44 64.42 110.32
C GLN G 420 46.50 65.93 110.49
N PRO G 421 45.79 66.50 111.47
CA PRO G 421 45.92 67.93 111.74
C PRO G 421 46.95 68.24 112.82
N PHE G 422 47.80 69.22 112.59
CA PHE G 422 48.88 69.56 113.51
C PHE G 422 48.47 70.72 114.40
N GLN G 423 49.07 70.78 115.59
CA GLN G 423 48.82 71.91 116.48
C GLN G 423 49.25 73.21 115.82
N VAL G 424 50.43 73.20 115.20
CA VAL G 424 50.94 74.40 114.54
C VAL G 424 50.07 74.82 113.38
N ALA G 425 49.20 73.93 112.89
CA ALA G 425 48.28 74.25 111.83
C ALA G 425 46.89 74.56 112.35
N GLU G 426 46.74 74.79 113.66
CA GLU G 426 45.46 75.21 114.19
C GLU G 426 45.05 76.58 113.68
N VAL G 427 45.98 77.35 113.12
CA VAL G 427 45.66 78.67 112.60
C VAL G 427 45.30 78.62 111.12
N PHE G 428 45.92 77.74 110.35
CA PHE G 428 45.52 77.59 108.95
C PHE G 428 44.11 77.04 108.84
N THR G 429 43.84 75.94 109.52
CA THR G 429 42.65 75.13 109.26
C THR G 429 41.65 75.09 110.38
N GLY G 430 42.00 75.53 111.59
CA GLY G 430 41.10 75.44 112.72
C GLY G 430 40.94 74.07 113.33
N HIS G 431 41.23 73.01 112.56
CA HIS G 431 41.22 71.66 113.12
C HIS G 431 42.10 71.62 114.36
N LEU G 432 41.54 71.10 115.46
CA LEU G 432 42.32 70.95 116.67
C LEU G 432 43.46 69.97 116.43
N GLY G 433 44.64 70.33 116.89
CA GLY G 433 45.79 69.47 116.70
C GLY G 433 45.65 68.16 117.44
N LYS G 434 46.23 67.10 116.87
CA LYS G 434 46.13 65.77 117.43
C LYS G 434 47.50 65.10 117.43
N LEU G 435 47.79 64.37 118.50
CA LEU G 435 48.87 63.40 118.54
C LEU G 435 48.26 62.01 118.62
N VAL G 436 48.83 61.08 117.88
CA VAL G 436 48.34 59.71 117.82
C VAL G 436 49.41 58.80 118.43
N PRO G 437 49.20 58.31 119.66
CA PRO G 437 50.16 57.37 120.23
C PRO G 437 50.30 56.13 119.36
N LEU G 438 51.52 55.60 119.30
CA LEU G 438 51.84 54.60 118.30
C LEU G 438 50.84 53.45 118.31
N LYS G 439 50.36 53.06 119.49
CA LYS G 439 49.43 51.95 119.58
C LYS G 439 48.16 52.25 118.79
N GLU G 440 47.67 53.49 118.87
CA GLU G 440 46.46 53.85 118.13
C GLU G 440 46.71 53.81 116.62
N THR G 441 47.88 54.27 116.18
CA THR G 441 48.22 54.17 114.77
C THR G 441 48.15 52.72 114.30
N ILE G 442 48.81 51.83 115.04
CA ILE G 442 48.87 50.43 114.63
C ILE G 442 47.47 49.83 114.63
N LYS G 443 46.68 50.09 115.67
CA LYS G 443 45.33 49.55 115.72
C LYS G 443 44.49 50.07 114.56
N GLY G 444 44.57 51.36 114.29
CA GLY G 444 43.76 51.93 113.23
C GLY G 444 44.08 51.31 111.89
N PHE G 445 45.35 51.15 111.58
CA PHE G 445 45.66 50.62 110.26
C PHE G 445 45.45 49.12 110.19
N GLN G 446 45.63 48.39 111.29
CA GLN G 446 45.20 47.00 111.33
C GLN G 446 43.73 46.88 110.97
N GLN G 447 42.90 47.69 111.63
CA GLN G 447 41.46 47.60 111.41
C GLN G 447 41.09 48.00 110.00
N ILE G 448 41.71 49.05 109.46
CA ILE G 448 41.37 49.47 108.10
C ILE G 448 41.78 48.40 107.11
N LEU G 449 42.94 47.78 107.30
CA LEU G 449 43.38 46.76 106.36
C LEU G 449 42.58 45.48 106.47
N ALA G 450 42.00 45.21 107.64
CA ALA G 450 41.21 44.02 107.85
C ALA G 450 39.79 44.16 107.30
N GLY G 451 39.53 45.17 106.48
CA GLY G 451 38.20 45.34 105.94
C GLY G 451 37.15 45.57 106.99
N GLU G 452 37.55 45.98 108.20
CA GLU G 452 36.61 46.17 109.29
C GLU G 452 35.86 47.49 109.18
N TYR G 453 36.26 48.40 108.30
CA TYR G 453 35.63 49.70 108.18
C TYR G 453 35.16 49.96 106.77
N ASP G 454 34.72 48.92 106.06
CA ASP G 454 34.25 49.07 104.69
C ASP G 454 32.80 49.54 104.62
N HIS G 455 32.25 50.03 105.72
CA HIS G 455 30.89 50.57 105.73
C HIS G 455 30.87 52.07 105.98
N LEU G 456 31.97 52.75 105.70
CA LEU G 456 32.14 54.17 105.98
C LEU G 456 32.52 54.90 104.70
N PRO G 457 32.24 56.20 104.61
CA PRO G 457 32.70 56.98 103.47
C PRO G 457 34.19 57.27 103.57
N GLU G 458 34.75 57.73 102.45
CA GLU G 458 36.16 58.10 102.44
C GLU G 458 36.41 59.31 103.33
N GLN G 459 35.64 60.36 103.15
CA GLN G 459 35.87 61.61 103.86
C GLN G 459 35.62 61.48 105.36
N ALA G 460 35.29 60.31 105.87
CA ALA G 460 35.21 60.13 107.31
C ALA G 460 36.58 60.05 107.95
N PHE G 461 37.61 59.68 107.19
CA PHE G 461 38.97 59.54 107.70
C PHE G 461 39.82 60.76 107.43
N TYR G 462 39.29 61.81 106.81
CA TYR G 462 40.12 62.92 106.38
C TYR G 462 40.39 63.84 107.56
N MET G 463 41.66 64.01 107.90
CA MET G 463 42.11 64.93 108.94
C MET G 463 41.46 64.57 110.28
N VAL G 464 41.82 63.38 110.76
CA VAL G 464 41.41 62.93 112.09
C VAL G 464 42.59 62.24 112.76
N GLY G 465 42.58 62.26 114.07
CA GLY G 465 43.57 61.56 114.85
C GLY G 465 43.23 60.10 114.97
N PRO G 466 43.23 59.55 116.17
CA PRO G 466 42.98 58.11 116.31
C PRO G 466 41.71 57.68 115.61
N ILE G 467 41.56 56.38 115.35
CA ILE G 467 40.51 55.91 114.46
C ILE G 467 39.12 56.10 115.08
N GLU G 468 39.02 56.07 116.41
CA GLU G 468 37.72 56.26 117.03
C GLU G 468 37.12 57.59 116.62
N GLU G 469 37.95 58.63 116.54
CA GLU G 469 37.49 59.91 116.04
C GLU G 469 37.05 59.79 114.59
N ALA G 470 37.70 58.92 113.82
CA ALA G 470 37.26 58.71 112.44
C ALA G 470 35.86 58.13 112.39
N VAL G 471 35.57 57.17 113.27
CA VAL G 471 34.22 56.59 113.30
C VAL G 471 33.20 57.64 113.75
N ALA G 472 33.54 58.42 114.78
CA ALA G 472 32.61 59.44 115.25
C ALA G 472 32.33 60.48 114.18
N LYS G 473 33.36 60.91 113.45
CA LYS G 473 33.15 61.82 112.34
C LYS G 473 32.33 61.17 111.25
N ALA G 474 32.48 59.87 111.04
CA ALA G 474 31.64 59.16 110.07
C ALA G 474 30.19 59.24 110.48
N ASP G 475 29.92 59.07 111.78
CA ASP G 475 28.55 59.16 112.27
C ASP G 475 28.00 60.57 112.06
N LYS G 476 28.75 61.58 112.46
CA LYS G 476 28.28 62.95 112.28
C LYS G 476 28.02 63.24 110.81
N LEU G 477 28.89 62.75 109.93
CA LEU G 477 28.71 62.99 108.49
C LEU G 477 27.52 62.21 107.94
N ALA G 478 27.19 61.07 108.56
CA ALA G 478 26.05 60.29 108.09
C ALA G 478 24.74 61.06 108.30
N GLU G 479 24.60 61.73 109.44
CA GLU G 479 23.41 62.52 109.72
C GLU G 479 23.76 64.00 109.80
N ALA H 1 60.20 61.86 83.91
CA ALA H 1 61.21 60.80 83.60
C ALA H 1 62.11 61.25 82.46
N THR H 2 62.93 60.33 81.97
CA THR H 2 63.79 60.63 80.84
C THR H 2 62.94 61.10 79.66
N LEU H 3 63.59 61.75 78.69
CA LEU H 3 62.85 62.24 77.54
C LEU H 3 62.18 61.10 76.79
N LYS H 4 62.88 59.98 76.61
CA LYS H 4 62.32 58.91 75.80
C LYS H 4 61.18 58.20 76.52
N ASP H 5 61.22 58.11 77.85
CA ASP H 5 60.07 57.56 78.56
C ASP H 5 58.83 58.41 78.32
N ILE H 6 58.99 59.74 78.38
CA ILE H 6 57.85 60.61 78.14
C ILE H 6 57.36 60.48 76.71
N THR H 7 58.29 60.34 75.76
CA THR H 7 57.86 60.17 74.38
C THR H 7 57.07 58.88 74.20
N ARG H 8 57.53 57.79 74.81
CA ARG H 8 56.81 56.52 74.70
C ARG H 8 55.43 56.64 75.33
N ARG H 9 55.34 57.29 76.49
CA ARG H 9 54.04 57.44 77.12
C ARG H 9 53.10 58.28 76.27
N LEU H 10 53.60 59.36 75.68
CA LEU H 10 52.77 60.13 74.75
C LEU H 10 52.24 59.27 73.63
N LYS H 11 53.12 58.51 72.99
CA LYS H 11 52.66 57.70 71.87
C LYS H 11 51.57 56.74 72.31
N SER H 12 51.75 56.09 73.45
CA SER H 12 50.75 55.15 73.93
C SER H 12 49.42 55.84 74.17
N ILE H 13 49.43 56.98 74.88
CA ILE H 13 48.18 57.63 75.23
C ILE H 13 47.50 58.15 73.98
N LYS H 14 48.26 58.66 73.01
CA LYS H 14 47.64 59.12 71.78
C LYS H 14 46.97 57.99 71.04
N ASN H 15 47.62 56.82 70.99
CA ASN H 15 46.99 55.67 70.35
C ASN H 15 45.67 55.33 71.04
N ILE H 16 45.69 55.27 72.38
CA ILE H 16 44.48 54.90 73.12
C ILE H 16 43.39 55.94 72.92
N GLN H 17 43.76 57.22 72.88
CA GLN H 17 42.76 58.26 72.68
C GLN H 17 42.12 58.16 71.31
N LYS H 18 42.92 57.90 70.28
CA LYS H 18 42.34 57.73 68.95
C LYS H 18 41.42 56.52 68.91
N ILE H 19 41.82 55.42 69.56
CA ILE H 19 40.98 54.23 69.56
C ILE H 19 39.66 54.51 70.25
N THR H 20 39.69 55.22 71.37
CA THR H 20 38.43 55.48 72.08
C THR H 20 37.54 56.42 71.29
N LYS H 21 38.10 57.40 70.57
CA LYS H 21 37.22 58.20 69.70
C LYS H 21 36.60 57.35 68.61
N SER H 22 37.40 56.49 67.98
CA SER H 22 36.85 55.56 67.00
C SER H 22 35.68 54.78 67.57
N MET H 23 35.86 54.24 68.77
CA MET H 23 34.85 53.35 69.33
C MET H 23 33.64 54.12 69.85
N LYS H 24 33.82 55.38 70.24
CA LYS H 24 32.66 56.22 70.51
C LYS H 24 31.85 56.43 69.25
N MET H 25 32.50 56.67 68.12
CA MET H 25 31.74 56.83 66.88
C MET H 25 30.98 55.56 66.53
N VAL H 26 31.65 54.41 66.64
CA VAL H 26 30.99 53.15 66.31
C VAL H 26 29.80 52.92 67.23
N ALA H 27 29.99 53.12 68.53
CA ALA H 27 28.91 52.88 69.47
C ALA H 27 27.77 53.85 69.24
N ALA H 28 28.06 55.10 68.87
CA ALA H 28 26.99 56.04 68.60
C ALA H 28 26.18 55.61 67.39
N ALA H 29 26.83 55.12 66.35
CA ALA H 29 26.08 54.61 65.20
C ALA H 29 25.19 53.45 65.63
N LYS H 30 25.76 52.49 66.36
CA LYS H 30 24.99 51.34 66.80
C LYS H 30 23.80 51.78 67.65
N TYR H 31 24.00 52.75 68.52
CA TYR H 31 22.93 53.20 69.40
C TYR H 31 21.84 53.92 68.61
N ALA H 32 22.23 54.72 67.62
CA ALA H 32 21.20 55.36 66.79
C ALA H 32 20.32 54.31 66.15
N ARG H 33 20.94 53.28 65.56
CA ARG H 33 20.15 52.21 64.97
C ARG H 33 19.28 51.52 66.02
N ALA H 34 19.85 51.24 67.18
CA ALA H 34 19.13 50.46 68.18
C ALA H 34 17.96 51.24 68.77
N GLU H 35 18.09 52.55 68.89
CA GLU H 35 16.96 53.35 69.36
C GLU H 35 15.88 53.47 68.29
N ARG H 36 16.28 53.74 67.04
CA ARG H 36 15.29 53.78 65.97
C ARG H 36 14.54 52.47 65.87
N GLU H 37 15.20 51.36 66.21
CA GLU H 37 14.56 50.06 66.16
C GLU H 37 13.81 49.70 67.43
N LEU H 38 14.17 50.29 68.57
CA LEU H 38 13.41 50.09 69.79
C LEU H 38 12.11 50.86 69.78
N LYS H 39 12.02 51.92 68.98
CA LYS H 39 10.82 52.76 69.04
C LYS H 39 9.52 51.96 68.95
N PRO H 40 9.36 51.02 68.03
CA PRO H 40 8.11 50.24 67.99
C PRO H 40 8.07 49.08 68.99
N ALA H 41 9.21 48.47 69.25
CA ALA H 41 9.24 47.36 70.19
C ALA H 41 8.77 47.78 71.57
N ARG H 42 8.88 49.06 71.92
CA ARG H 42 8.35 49.51 73.19
C ARG H 42 6.84 49.38 73.21
N VAL H 43 6.18 49.80 72.12
CA VAL H 43 4.73 49.63 72.02
C VAL H 43 4.38 48.15 72.07
N TYR H 44 5.17 47.32 71.39
CA TYR H 44 4.91 45.88 71.42
C TYR H 44 4.95 45.33 72.84
N GLY H 45 6.03 45.61 73.57
CA GLY H 45 6.13 45.10 74.92
C GLY H 45 5.06 45.63 75.84
N VAL H 46 4.73 46.92 75.70
CA VAL H 46 3.68 47.50 76.54
C VAL H 46 2.35 46.82 76.25
N GLY H 47 2.05 46.59 74.97
CA GLY H 47 0.84 45.87 74.63
C GLY H 47 0.83 44.50 75.29
N SER H 48 1.96 43.80 75.29
CA SER H 48 1.99 42.50 75.94
C SER H 48 1.64 42.62 77.42
N LEU H 49 2.34 43.51 78.12
CA LEU H 49 2.14 43.63 79.56
C LEU H 49 0.78 44.20 79.93
N ALA H 50 0.02 44.72 78.95
CA ALA H 50 -1.26 45.34 79.26
C ALA H 50 -2.16 44.43 80.08
N LEU H 51 -2.15 43.12 79.80
CA LEU H 51 -3.06 42.23 80.52
C LEU H 51 -2.71 42.19 82.00
N TYR H 52 -1.49 41.77 82.32
CA TYR H 52 -1.09 41.70 83.71
C TYR H 52 -1.20 43.04 84.41
N GLU H 53 -1.15 44.13 83.64
CA GLU H 53 -1.48 45.42 84.23
C GLU H 53 -2.95 45.48 84.62
N LYS H 54 -3.84 45.14 83.69
CA LYS H 54 -5.27 45.29 83.93
C LYS H 54 -5.75 44.35 85.01
N ALA H 55 -5.63 43.05 84.76
CA ALA H 55 -5.94 42.06 85.79
C ALA H 55 -4.90 42.18 86.91
N ASP H 56 -5.38 42.30 88.14
CA ASP H 56 -4.50 42.45 89.30
C ASP H 56 -4.09 41.07 89.82
N ILE H 57 -3.35 40.33 88.98
CA ILE H 57 -2.92 39.01 89.39
C ILE H 57 -2.06 39.12 90.65
N LYS H 58 -2.07 38.06 91.44
CA LYS H 58 -1.21 37.94 92.60
C LYS H 58 -0.47 36.61 92.46
N THR H 59 0.28 36.20 93.46
CA THR H 59 1.04 34.96 93.37
C THR H 59 0.61 34.00 94.47
N PRO H 60 0.79 32.71 94.24
CA PRO H 60 0.32 31.71 95.20
C PRO H 60 1.25 31.54 96.40
N GLU H 61 1.02 32.33 97.44
CA GLU H 61 1.91 32.47 98.57
C GLU H 61 2.60 31.17 98.99
N ASP H 62 1.90 30.05 98.91
CA ASP H 62 2.43 28.77 99.38
C ASP H 62 3.30 28.07 98.36
N LYS H 63 3.52 28.65 97.17
CA LYS H 63 4.29 28.01 96.11
C LYS H 63 5.73 28.50 96.15
N LYS H 64 6.67 27.56 96.17
CA LYS H 64 8.07 27.87 96.45
C LYS H 64 8.82 28.35 95.21
N LYS H 65 8.94 27.48 94.20
CA LYS H 65 9.95 27.66 93.17
C LYS H 65 9.92 29.06 92.58
N HIS H 66 11.06 29.51 92.06
CA HIS H 66 11.19 30.86 91.56
C HIS H 66 12.32 30.93 90.55
N LEU H 67 12.18 31.85 89.59
CA LEU H 67 13.13 31.97 88.49
C LEU H 67 13.52 33.42 88.30
N ILE H 68 14.80 33.66 88.02
CA ILE H 68 15.32 34.99 87.76
C ILE H 68 16.07 34.94 86.43
N ILE H 69 15.66 35.79 85.49
CA ILE H 69 16.27 35.84 84.17
C ILE H 69 16.93 37.21 84.03
N GLY H 70 18.25 37.25 84.08
CA GLY H 70 18.99 38.48 83.98
C GLY H 70 19.51 38.70 82.57
N VAL H 71 19.13 39.81 81.97
CA VAL H 71 19.46 40.11 80.58
C VAL H 71 20.59 41.12 80.54
N SER H 72 21.62 40.79 79.77
CA SER H 72 22.75 41.68 79.57
C SER H 72 23.43 41.26 78.28
N SER H 73 24.65 41.73 78.05
CA SER H 73 25.44 41.34 76.89
C SER H 73 26.77 40.80 77.36
N ASP H 74 27.60 40.40 76.40
CA ASP H 74 28.89 39.82 76.72
C ASP H 74 30.05 40.77 76.48
N ARG H 75 29.84 41.87 75.75
CA ARG H 75 30.87 42.87 75.51
C ARG H 75 30.70 43.98 76.54
N GLY H 76 31.77 44.28 77.27
CA GLY H 76 31.63 44.97 78.53
C GLY H 76 32.48 46.20 78.77
N LEU H 77 32.66 47.04 77.77
CA LEU H 77 33.28 48.35 78.00
C LEU H 77 32.26 49.40 78.39
N CYS H 78 30.99 49.01 78.52
CA CYS H 78 29.94 49.93 78.95
C CYS H 78 30.00 50.24 80.44
N GLY H 79 30.50 49.30 81.24
CA GLY H 79 30.75 49.59 82.63
C GLY H 79 29.62 49.23 83.58
N ALA H 80 28.80 50.23 83.92
CA ALA H 80 27.90 50.08 85.06
C ALA H 80 26.88 48.97 84.85
N ILE H 81 26.36 48.82 83.63
CA ILE H 81 25.08 48.13 83.46
C ILE H 81 25.17 46.69 83.95
N HIS H 82 26.24 45.99 83.60
CA HIS H 82 26.35 44.59 84.03
C HIS H 82 26.41 44.51 85.54
N SER H 83 27.17 45.40 86.18
CA SER H 83 27.22 45.39 87.62
C SER H 83 25.85 45.66 88.22
N SER H 84 25.11 46.59 87.62
CA SER H 84 23.78 46.93 88.15
C SER H 84 22.87 45.72 88.13
N VAL H 85 22.78 45.05 86.98
CA VAL H 85 21.85 43.91 86.88
C VAL H 85 22.34 42.76 87.74
N ALA H 86 23.66 42.54 87.81
CA ALA H 86 24.17 41.46 88.65
C ALA H 86 23.88 41.73 90.12
N LYS H 87 24.02 42.98 90.55
CA LYS H 87 23.65 43.32 91.93
C LYS H 87 22.17 43.07 92.16
N GLN H 88 21.33 43.46 91.21
CA GLN H 88 19.90 43.23 91.39
C GLN H 88 19.61 41.74 91.52
N MET H 89 20.24 40.92 90.68
CA MET H 89 19.99 39.49 90.75
C MET H 89 20.48 38.93 92.08
N LYS H 90 21.66 39.35 92.52
CA LYS H 90 22.15 38.90 93.82
C LYS H 90 21.16 39.24 94.92
N SER H 91 20.65 40.49 94.92
CA SER H 91 19.73 40.91 95.95
C SER H 91 18.46 40.07 95.93
N GLU H 92 17.86 39.89 94.75
CA GLU H 92 16.61 39.14 94.68
C GLU H 92 16.82 37.69 95.08
N ALA H 93 17.90 37.06 94.61
CA ALA H 93 18.15 35.67 94.94
C ALA H 93 18.36 35.50 96.45
N ALA H 94 19.13 36.40 97.05
CA ALA H 94 19.30 36.33 98.50
C ALA H 94 17.99 36.52 99.23
N ASN H 95 17.17 37.47 98.79
CA ASN H 95 15.89 37.71 99.45
C ASN H 95 15.01 36.48 99.38
N LEU H 96 14.88 35.89 98.20
CA LEU H 96 13.99 34.73 98.05
C LEU H 96 14.53 33.53 98.82
N ALA H 97 15.80 33.19 98.62
CA ALA H 97 16.36 32.07 99.35
C ALA H 97 16.25 32.27 100.86
N ALA H 98 16.27 33.53 101.30
CA ALA H 98 15.99 33.81 102.70
C ALA H 98 14.57 33.44 103.07
N ALA H 99 13.65 33.54 102.12
CA ALA H 99 12.26 33.13 102.31
C ALA H 99 12.01 31.70 101.87
N GLY H 100 13.05 30.86 101.82
CA GLY H 100 12.87 29.47 101.47
C GLY H 100 12.14 29.28 100.16
N LYS H 101 12.77 29.65 99.04
CA LYS H 101 12.15 29.54 97.72
C LYS H 101 13.25 29.14 96.74
N GLU H 102 13.29 27.85 96.40
CA GLU H 102 14.31 27.35 95.49
C GLU H 102 14.36 28.21 94.24
N VAL H 103 15.49 28.91 94.07
CA VAL H 103 15.66 29.85 92.97
C VAL H 103 16.47 29.18 91.87
N LYS H 104 16.23 29.61 90.64
CA LYS H 104 17.09 29.22 89.53
C LYS H 104 17.25 30.40 88.60
N ILE H 105 18.41 30.48 87.94
CA ILE H 105 18.84 31.67 87.23
C ILE H 105 19.11 31.34 85.77
N ILE H 106 18.69 32.24 84.89
CA ILE H 106 19.02 32.24 83.47
C ILE H 106 19.75 33.53 83.18
N GLY H 107 21.03 33.44 82.84
CA GLY H 107 21.79 34.64 82.53
C GLY H 107 22.01 34.82 81.04
N VAL H 108 21.29 35.74 80.41
CA VAL H 108 21.47 36.01 78.99
C VAL H 108 22.63 36.99 78.82
N GLY H 109 23.84 36.48 78.68
CA GLY H 109 25.01 37.32 78.53
C GLY H 109 26.20 36.82 79.32
N ASP H 110 27.36 36.73 78.69
CA ASP H 110 28.52 36.18 79.37
C ASP H 110 28.88 36.98 80.62
N LYS H 111 28.60 38.28 80.63
CA LYS H 111 29.00 39.07 81.78
C LYS H 111 28.29 38.61 83.05
N ILE H 112 26.99 38.33 82.96
CA ILE H 112 26.26 37.85 84.13
C ILE H 112 26.77 36.48 84.55
N ARG H 113 26.97 35.58 83.59
CA ARG H 113 27.50 34.27 83.89
C ARG H 113 28.82 34.37 84.64
N SER H 114 29.74 35.18 84.14
CA SER H 114 31.05 35.31 84.78
C SER H 114 30.93 35.94 86.15
N ILE H 115 30.25 37.09 86.25
CA ILE H 115 30.18 37.81 87.50
C ILE H 115 29.43 37.02 88.57
N LEU H 116 28.70 35.97 88.18
CA LEU H 116 28.00 35.15 89.16
C LEU H 116 28.62 33.78 89.39
N HIS H 117 29.46 33.29 88.47
CA HIS H 117 29.98 31.94 88.62
C HIS H 117 30.74 31.77 89.94
N ARG H 118 31.26 32.87 90.49
CA ARG H 118 32.02 32.77 91.72
C ARG H 118 31.14 32.42 92.93
N THR H 119 29.89 32.87 92.94
CA THR H 119 29.04 32.75 94.11
C THR H 119 27.78 31.93 93.88
N HIS H 120 27.04 32.20 92.80
CA HIS H 120 25.75 31.56 92.56
C HIS H 120 25.80 30.67 91.32
N SER H 121 26.87 29.88 91.17
CA SER H 121 26.97 28.98 90.03
C SER H 121 26.04 27.79 90.16
N ASP H 122 25.62 27.45 91.37
CA ASP H 122 24.74 26.30 91.56
C ASP H 122 23.36 26.54 90.95
N GLN H 123 22.85 27.77 91.06
CA GLN H 123 21.48 28.08 90.71
C GLN H 123 21.30 28.43 89.23
N PHE H 124 22.18 27.93 88.37
CA PHE H 124 22.10 28.21 86.94
C PHE H 124 21.38 27.08 86.23
N LEU H 125 20.32 27.40 85.49
CA LEU H 125 19.73 26.41 84.60
C LEU H 125 20.47 26.37 83.27
N VAL H 126 20.42 27.48 82.54
CA VAL H 126 21.11 27.62 81.27
C VAL H 126 21.66 29.03 81.20
N THR H 127 22.66 29.20 80.34
CA THR H 127 23.24 30.49 80.08
C THR H 127 23.39 30.65 78.58
N PHE H 128 23.22 31.86 78.10
CA PHE H 128 23.27 32.15 76.68
C PHE H 128 24.36 33.16 76.41
N LYS H 129 25.14 32.93 75.36
CA LYS H 129 26.22 33.79 74.96
C LYS H 129 25.99 34.27 73.53
N GLU H 130 26.94 35.04 73.03
CA GLU H 130 26.80 35.65 71.71
C GLU H 130 25.55 36.51 71.64
N VAL H 131 25.23 37.18 72.73
CA VAL H 131 24.15 38.15 72.80
C VAL H 131 24.77 39.54 72.86
N GLY H 132 24.30 40.44 72.00
CA GLY H 132 24.84 41.76 71.88
C GLY H 132 25.90 41.92 70.82
N ARG H 133 26.50 40.83 70.37
CA ARG H 133 27.45 40.91 69.26
C ARG H 133 26.75 41.35 67.99
N ARG H 134 25.52 40.87 67.77
CA ARG H 134 24.68 41.26 66.66
C ARG H 134 23.31 41.61 67.21
N PRO H 135 22.64 42.64 66.69
CA PRO H 135 21.42 43.15 67.34
C PRO H 135 20.46 42.02 67.67
N PRO H 136 19.60 42.21 68.67
CA PRO H 136 18.66 41.17 69.07
C PRO H 136 17.38 41.21 68.25
N THR H 137 16.85 40.04 67.95
CA THR H 137 15.68 39.89 67.11
C THR H 137 14.71 38.91 67.76
N PHE H 138 13.47 38.92 67.27
CA PHE H 138 12.46 38.05 67.87
C PHE H 138 12.90 36.60 67.88
N GLY H 139 13.69 36.18 66.89
CA GLY H 139 14.19 34.83 66.90
C GLY H 139 15.01 34.52 68.14
N ASP H 140 15.84 35.47 68.57
CA ASP H 140 16.67 35.25 69.73
C ASP H 140 15.81 35.06 70.98
N ALA H 141 14.81 35.92 71.15
CA ALA H 141 13.94 35.81 72.32
C ALA H 141 13.15 34.51 72.28
N SER H 142 12.70 34.11 71.10
CA SER H 142 11.98 32.84 70.99
C SER H 142 12.88 31.68 71.34
N VAL H 143 14.15 31.73 70.93
CA VAL H 143 15.08 30.68 71.29
C VAL H 143 15.24 30.59 72.79
N ILE H 144 15.37 31.75 73.45
CA ILE H 144 15.49 31.74 74.91
C ILE H 144 14.23 31.17 75.54
N ALA H 145 13.06 31.57 75.03
CA ALA H 145 11.81 31.07 75.60
C ALA H 145 11.71 29.57 75.46
N LEU H 146 12.08 29.03 74.29
CA LEU H 146 12.08 27.58 74.12
C LEU H 146 13.03 26.91 75.09
N GLU H 147 14.28 27.39 75.15
CA GLU H 147 15.23 26.76 76.04
C GLU H 147 14.81 26.87 77.49
N LEU H 148 13.91 27.79 77.80
CA LEU H 148 13.29 27.80 79.12
C LEU H 148 12.23 26.70 79.23
N LEU H 149 11.21 26.77 78.40
CA LEU H 149 10.09 25.84 78.52
C LEU H 149 10.55 24.40 78.37
N ASN H 150 11.46 24.14 77.44
CA ASN H 150 12.01 22.81 77.23
C ASN H 150 13.00 22.41 78.30
N SER H 151 13.16 23.21 79.34
CA SER H 151 13.98 22.82 80.48
C SER H 151 13.14 22.07 81.49
N GLY H 152 13.83 21.36 82.39
CA GLY H 152 13.16 20.58 83.40
C GLY H 152 12.66 21.36 84.58
N TYR H 153 12.72 22.69 84.53
CA TYR H 153 12.33 23.55 85.65
C TYR H 153 10.98 24.18 85.33
N GLU H 154 9.92 23.66 85.95
CA GLU H 154 8.60 24.26 85.85
C GLU H 154 8.49 25.28 86.99
N PHE H 155 8.92 26.49 86.71
CA PHE H 155 8.97 27.54 87.73
C PHE H 155 7.56 27.91 88.19
N ASP H 156 7.42 28.18 89.48
CA ASP H 156 6.16 28.64 90.01
C ASP H 156 5.99 30.15 89.90
N GLU H 157 7.04 30.86 89.52
CA GLU H 157 6.97 32.28 89.23
C GLU H 157 8.34 32.71 88.72
N GLY H 158 8.35 33.81 87.97
CA GLY H 158 9.58 34.28 87.35
C GLY H 158 9.69 35.78 87.45
N SER H 159 10.89 36.26 87.18
CA SER H 159 11.18 37.68 87.21
C SER H 159 12.34 37.97 86.28
N ILE H 160 12.14 38.83 85.31
CA ILE H 160 13.21 39.24 84.41
C ILE H 160 13.80 40.53 84.94
N ILE H 161 15.11 40.70 84.73
CA ILE H 161 15.84 41.88 85.20
C ILE H 161 16.65 42.42 84.03
N PHE H 162 16.47 43.71 83.76
CA PHE H 162 17.11 44.34 82.62
C PHE H 162 17.24 45.82 82.90
N ASN H 163 17.89 46.53 82.00
CA ASN H 163 18.11 47.97 82.13
C ASN H 163 17.26 48.68 81.08
N ARG H 164 16.19 49.33 81.53
CA ARG H 164 15.33 50.02 80.57
C ARG H 164 15.95 51.37 80.21
N PHE H 165 15.94 51.68 78.92
CA PHE H 165 16.54 52.90 78.42
C PHE H 165 15.60 54.08 78.63
N ARG H 166 16.16 55.20 79.05
CA ARG H 166 15.39 56.43 79.22
C ARG H 166 15.97 57.61 78.47
N SER H 167 17.28 57.71 78.37
CA SER H 167 17.94 58.75 77.59
C SER H 167 19.35 58.28 77.30
N VAL H 168 20.01 58.97 76.37
CA VAL H 168 21.36 58.60 76.00
C VAL H 168 22.24 58.44 77.24
N ILE H 169 21.92 59.16 78.31
CA ILE H 169 22.74 59.18 79.52
C ILE H 169 22.02 58.59 80.71
N SER H 170 20.77 58.14 80.57
CA SER H 170 19.96 57.69 81.68
C SER H 170 19.38 56.33 81.38
N TYR H 171 19.72 55.33 82.19
CA TYR H 171 19.12 54.02 82.12
C TYR H 171 18.83 53.55 83.53
N LYS H 172 17.66 52.96 83.74
CA LYS H 172 17.25 52.50 85.06
C LYS H 172 17.04 50.99 85.02
N THR H 173 17.69 50.28 85.94
CA THR H 173 17.50 48.85 86.02
C THR H 173 16.06 48.54 86.42
N GLU H 174 15.53 47.46 85.86
CA GLU H 174 14.12 47.12 86.03
C GLU H 174 13.98 45.66 86.41
N GLU H 175 12.75 45.32 86.82
CA GLU H 175 12.38 43.95 87.13
C GLU H 175 10.90 43.81 86.86
N LYS H 176 10.55 42.83 86.02
CA LYS H 176 9.17 42.60 85.67
C LYS H 176 8.80 41.17 85.97
N PRO H 177 7.52 40.91 86.28
CA PRO H 177 7.13 39.56 86.70
C PRO H 177 6.80 38.65 85.53
N ILE H 178 7.23 37.41 85.65
CA ILE H 178 6.87 36.34 84.73
C ILE H 178 6.00 35.35 85.51
N PHE H 179 4.81 35.08 84.99
CA PHE H 179 3.85 34.21 85.66
C PHE H 179 3.77 32.87 84.99
N SER H 180 3.40 31.86 85.77
CA SER H 180 3.22 30.52 85.25
C SER H 180 1.75 30.26 84.95
N LEU H 181 1.49 29.18 84.23
CA LEU H 181 0.11 28.85 83.89
C LEU H 181 -0.73 28.61 85.14
N ASP H 182 -0.15 27.92 86.13
CA ASP H 182 -0.92 27.62 87.34
C ASP H 182 -1.34 28.89 88.07
N THR H 183 -0.41 29.84 88.25
CA THR H 183 -0.75 31.06 88.95
C THR H 183 -1.82 31.83 88.22
N ILE H 184 -1.69 31.96 86.90
CA ILE H 184 -2.63 32.76 86.13
C ILE H 184 -3.98 32.06 86.02
N SER H 185 -4.00 30.74 85.96
CA SER H 185 -5.24 29.99 85.79
C SER H 185 -5.89 29.62 87.12
N SER H 186 -5.42 30.20 88.22
CA SER H 186 -5.97 29.90 89.54
C SER H 186 -6.16 31.17 90.34
N ALA H 187 -6.53 32.26 89.69
CA ALA H 187 -6.78 33.52 90.35
C ALA H 187 -8.23 33.93 90.12
N GLU H 188 -8.93 34.22 91.22
CA GLU H 188 -10.28 34.74 91.10
C GLU H 188 -10.31 36.14 90.53
N SER H 189 -9.15 36.79 90.41
CA SER H 189 -9.12 38.14 89.87
C SER H 189 -9.60 38.16 88.43
N MET H 190 -9.18 37.19 87.63
CA MET H 190 -9.42 37.20 86.19
C MET H 190 -10.42 36.14 85.76
N SER H 191 -11.36 35.80 86.63
CA SER H 191 -12.41 34.88 86.21
C SER H 191 -13.22 35.46 85.08
N ILE H 192 -13.31 36.79 85.01
CA ILE H 192 -14.23 37.43 84.08
C ILE H 192 -13.91 37.05 82.64
N TYR H 193 -12.62 36.92 82.32
CA TYR H 193 -12.22 36.69 80.94
C TYR H 193 -12.95 35.50 80.37
N ASP H 194 -13.79 35.76 79.37
CA ASP H 194 -14.60 34.73 78.76
C ASP H 194 -13.83 33.98 77.70
N ASP H 195 -14.21 32.72 77.51
CA ASP H 195 -13.81 31.90 76.40
C ASP H 195 -12.41 31.36 76.57
N ILE H 196 -11.80 31.48 77.75
CA ILE H 196 -10.43 31.01 77.95
C ILE H 196 -10.49 29.57 78.42
N ASP H 197 -10.25 28.66 77.49
CA ASP H 197 -10.02 27.27 77.85
C ASP H 197 -8.83 27.19 78.80
N ALA H 198 -8.63 26.00 79.35
CA ALA H 198 -7.40 25.73 80.10
C ALA H 198 -6.19 25.62 79.19
N ASP H 199 -6.40 25.59 77.87
CA ASP H 199 -5.30 25.40 76.94
C ASP H 199 -4.97 26.64 76.13
N VAL H 200 -5.93 27.54 75.90
CA VAL H 200 -5.57 28.80 75.27
C VAL H 200 -4.63 29.57 76.17
N LEU H 201 -4.66 29.32 77.47
CA LEU H 201 -3.76 30.00 78.39
C LEU H 201 -2.35 29.46 78.31
N ARG H 202 -2.16 28.16 78.10
CA ARG H 202 -0.80 27.69 77.86
C ARG H 202 -0.20 28.39 76.66
N ASN H 203 -0.96 28.50 75.58
CA ASN H 203 -0.45 29.21 74.41
C ASN H 203 -0.16 30.66 74.75
N TYR H 204 -1.09 31.33 75.43
CA TYR H 204 -0.93 32.73 75.70
C TYR H 204 0.31 32.99 76.55
N GLN H 205 0.55 32.14 77.54
CA GLN H 205 1.70 32.34 78.41
C GLN H 205 3.00 31.96 77.72
N GLU H 206 3.00 30.86 76.98
CA GLU H 206 4.20 30.50 76.24
C GLU H 206 4.56 31.58 75.23
N TYR H 207 3.59 32.40 74.83
CA TYR H 207 3.89 33.52 73.95
C TYR H 207 4.28 34.78 74.70
N SER H 208 3.60 35.09 75.81
CA SER H 208 3.95 36.28 76.57
C SER H 208 5.34 36.17 77.17
N LEU H 209 5.80 34.96 77.46
CA LEU H 209 7.17 34.81 77.95
C LEU H 209 8.17 35.26 76.90
N ALA H 210 8.06 34.73 75.69
CA ALA H 210 8.95 35.16 74.62
C ALA H 210 8.79 36.65 74.37
N ASN H 211 7.57 37.15 74.51
CA ASN H 211 7.34 38.55 74.20
C ASN H 211 8.00 39.48 75.21
N ILE H 212 7.91 39.17 76.50
CA ILE H 212 8.58 39.98 77.50
C ILE H 212 10.10 39.85 77.35
N ILE H 213 10.58 38.66 77.06
CA ILE H 213 12.02 38.51 76.89
C ILE H 213 12.51 39.36 75.73
N TYR H 214 11.77 39.37 74.62
CA TYR H 214 12.17 40.19 73.48
C TYR H 214 12.16 41.67 73.83
N TYR H 215 11.13 42.11 74.56
CA TYR H 215 11.07 43.50 74.96
C TYR H 215 12.29 43.86 75.81
N SER H 216 12.63 42.99 76.76
CA SER H 216 13.79 43.26 77.60
C SER H 216 15.07 43.29 76.78
N LEU H 217 15.20 42.39 75.81
CA LEU H 217 16.38 42.40 74.97
C LEU H 217 16.53 43.72 74.25
N LYS H 218 15.44 44.24 73.69
CA LYS H 218 15.53 45.50 72.96
C LYS H 218 15.91 46.64 73.89
N GLU H 219 15.25 46.73 75.04
CA GLU H 219 15.57 47.80 75.97
C GLU H 219 17.02 47.71 76.44
N SER H 220 17.47 46.51 76.76
CA SER H 220 18.82 46.33 77.27
C SER H 220 19.86 46.65 76.22
N THR H 221 19.64 46.24 74.98
CA THR H 221 20.58 46.61 73.93
C THR H 221 20.68 48.11 73.76
N THR H 222 19.54 48.80 73.74
CA THR H 222 19.61 50.25 73.58
C THR H 222 20.38 50.88 74.74
N SER H 223 20.05 50.48 75.97
CA SER H 223 20.71 51.09 77.12
C SER H 223 22.19 50.79 77.12
N GLU H 224 22.57 49.57 76.76
CA GLU H 224 23.97 49.20 76.74
C GLU H 224 24.74 50.00 75.71
N GLN H 225 24.19 50.15 74.50
CA GLN H 225 24.91 50.91 73.49
C GLN H 225 25.05 52.37 73.90
N SER H 226 24.00 52.96 74.46
CA SER H 226 24.12 54.33 74.92
C SER H 226 25.17 54.45 76.03
N ALA H 227 25.18 53.50 76.95
CA ALA H 227 26.16 53.54 78.03
C ALA H 227 27.58 53.41 77.49
N ARG H 228 27.77 52.52 76.50
CA ARG H 228 29.10 52.37 75.93
C ARG H 228 29.55 53.64 75.22
N MET H 229 28.64 54.29 74.49
CA MET H 229 28.98 55.55 73.86
C MET H 229 29.43 56.57 74.90
N THR H 230 28.68 56.68 75.99
CA THR H 230 29.07 57.65 77.02
C THR H 230 30.38 57.26 77.68
N ALA H 231 30.58 55.97 77.95
CA ALA H 231 31.80 55.55 78.62
C ALA H 231 33.03 55.83 77.77
N MET H 232 32.95 55.56 76.47
CA MET H 232 34.11 55.85 75.63
C MET H 232 34.26 57.34 75.34
N ASP H 233 33.19 58.12 75.39
CA ASP H 233 33.36 59.57 75.37
C ASP H 233 34.13 60.03 76.60
N ASN H 234 33.81 59.49 77.77
CA ASN H 234 34.55 59.83 78.97
C ASN H 234 36.01 59.39 78.86
N ALA H 235 36.24 58.20 78.32
CA ALA H 235 37.61 57.73 78.17
C ALA H 235 38.40 58.61 77.23
N SER H 236 37.77 59.04 76.13
CA SER H 236 38.46 59.93 75.20
C SER H 236 38.78 61.27 75.86
N LYS H 237 37.83 61.80 76.64
CA LYS H 237 38.11 63.08 77.31
C LYS H 237 39.23 62.93 78.33
N ASN H 238 39.23 61.84 79.11
CA ASN H 238 40.31 61.62 80.06
C ASN H 238 41.65 61.51 79.34
N ALA H 239 41.70 60.76 78.26
CA ALA H 239 42.94 60.62 77.52
C ALA H 239 43.39 61.94 76.92
N SER H 240 42.46 62.76 76.45
CA SER H 240 42.85 64.04 75.88
C SER H 240 43.41 64.98 76.95
N GLU H 241 42.84 64.96 78.15
CA GLU H 241 43.45 65.72 79.23
C GLU H 241 44.84 65.19 79.55
N MET H 242 44.98 63.88 79.65
CA MET H 242 46.29 63.32 79.94
C MET H 242 47.30 63.74 78.89
N ILE H 243 46.89 63.79 77.63
CA ILE H 243 47.81 64.17 76.56
C ILE H 243 48.15 65.64 76.65
N ASP H 244 47.18 66.50 76.95
CA ASP H 244 47.50 67.91 77.08
C ASP H 244 48.40 68.20 78.28
N LYS H 245 48.47 67.30 79.24
CA LYS H 245 49.46 67.48 80.31
C LYS H 245 50.82 66.88 79.93
N LEU H 246 50.82 65.71 79.29
CA LEU H 246 52.08 65.09 78.93
C LEU H 246 52.80 65.86 77.85
N THR H 247 52.09 66.57 76.98
CA THR H 247 52.79 67.39 75.99
C THR H 247 53.54 68.53 76.67
N LEU H 248 52.94 69.15 77.67
CA LEU H 248 53.64 70.19 78.41
C LEU H 248 54.88 69.61 79.07
N THR H 249 54.73 68.45 79.72
CA THR H 249 55.89 67.82 80.34
C THR H 249 56.96 67.52 79.31
N PHE H 250 56.57 67.06 78.14
CA PHE H 250 57.52 66.65 77.11
C PHE H 250 58.26 67.86 76.55
N ASN H 251 57.56 68.97 76.33
CA ASN H 251 58.22 70.18 75.85
C ASN H 251 59.22 70.67 76.89
N ARG H 252 58.82 70.70 78.16
CA ARG H 252 59.77 71.07 79.20
C ARG H 252 60.99 70.18 79.16
N THR H 253 60.79 68.87 79.01
CA THR H 253 61.92 67.96 79.08
C THR H 253 62.83 68.09 77.87
N ARG H 254 62.28 68.28 76.67
CA ARG H 254 63.16 68.40 75.51
C ARG H 254 63.94 69.71 75.56
N GLN H 255 63.32 70.80 76.02
CA GLN H 255 64.08 72.02 76.19
C GLN H 255 65.18 71.84 77.22
N ALA H 256 64.88 71.15 78.32
CA ALA H 256 65.90 70.90 79.32
C ALA H 256 67.03 70.07 78.77
N VAL H 257 66.72 69.11 77.90
CA VAL H 257 67.77 68.28 77.31
C VAL H 257 68.65 69.11 76.39
N ILE H 258 68.05 69.96 75.57
CA ILE H 258 68.85 70.83 74.70
C ILE H 258 69.77 71.71 75.54
N THR H 259 69.24 72.29 76.60
CA THR H 259 70.06 73.15 77.45
C THR H 259 71.19 72.37 78.10
N LYS H 260 70.92 71.17 78.60
CA LYS H 260 71.97 70.39 79.25
C LYS H 260 73.08 70.07 78.25
N GLU H 261 72.72 69.69 77.03
CA GLU H 261 73.75 69.37 76.05
C GLU H 261 74.58 70.60 75.70
N LEU H 262 73.94 71.76 75.52
CA LEU H 262 74.71 72.98 75.30
C LEU H 262 75.65 73.27 76.45
N ILE H 263 75.18 73.12 77.69
CA ILE H 263 76.03 73.48 78.81
C ILE H 263 77.21 72.52 78.88
N GLU H 264 76.98 71.25 78.59
CA GLU H 264 78.11 70.30 78.55
C GLU H 264 79.12 70.71 77.50
N ILE H 265 78.65 71.05 76.29
CA ILE H 265 79.57 71.40 75.22
C ILE H 265 80.34 72.67 75.56
N ILE H 266 79.66 73.66 76.14
CA ILE H 266 80.30 74.94 76.43
C ILE H 266 81.30 74.79 77.56
N SER H 267 80.97 73.99 78.57
CA SER H 267 81.95 73.72 79.62
C SER H 267 83.16 72.99 79.07
N GLY H 268 82.94 72.04 78.17
CA GLY H 268 84.06 71.36 77.55
C GLY H 268 84.92 72.28 76.71
N ALA H 269 84.29 73.20 75.99
CA ALA H 269 85.04 74.08 75.09
C ALA H 269 85.82 75.12 75.88
N ALA H 270 85.22 75.66 76.94
CA ALA H 270 85.88 76.72 77.70
C ALA H 270 86.89 76.21 78.71
N ALA H 271 86.97 74.89 78.92
CA ALA H 271 87.87 74.32 79.90
C ALA H 271 89.17 73.83 79.30
N LEU H 272 89.44 74.18 78.05
CA LEU H 272 90.67 73.78 77.37
C LEU H 272 91.29 74.97 76.66
N MET I 16 -13.41 52.40 72.21
CA MET I 16 -12.41 51.34 72.10
C MET I 16 -11.04 51.92 71.81
N SER I 17 -10.00 51.27 72.31
CA SER I 17 -8.62 51.72 72.16
C SER I 17 -7.80 50.57 71.60
N PHE I 18 -7.64 50.55 70.29
CA PHE I 18 -6.99 49.45 69.58
C PHE I 18 -5.48 49.66 69.53
N THR I 19 -4.76 48.56 69.37
CA THR I 19 -3.30 48.62 69.26
C THR I 19 -2.83 47.36 68.53
N PHE I 20 -2.39 47.53 67.29
CA PHE I 20 -1.99 46.41 66.43
C PHE I 20 -0.54 46.60 66.06
N ALA I 21 0.32 45.78 66.65
CA ALA I 21 1.76 45.96 66.55
C ALA I 21 2.43 44.64 66.21
N SER I 22 3.56 44.75 65.53
CA SER I 22 4.42 43.63 65.20
C SER I 22 5.82 43.93 65.72
N PRO I 23 6.61 42.92 66.02
CA PRO I 23 7.92 43.17 66.63
C PRO I 23 8.70 44.27 65.94
N THR I 24 8.44 44.49 64.66
CA THR I 24 9.21 45.43 63.85
C THR I 24 8.43 46.66 63.44
N GLN I 25 7.15 46.77 63.78
CA GLN I 25 6.42 47.98 63.46
C GLN I 25 5.08 47.98 64.17
N VAL I 26 4.42 49.14 64.12
CA VAL I 26 3.16 49.38 64.82
C VAL I 26 2.20 50.01 63.82
N PHE I 27 1.06 49.36 63.60
CA PHE I 27 0.07 49.84 62.65
C PHE I 27 -0.92 50.80 63.29
N PHE I 28 -1.43 50.45 64.46
CA PHE I 28 -2.31 51.33 65.23
C PHE I 28 -1.77 51.39 66.65
N ASN I 29 -1.57 52.59 67.14
CA ASN I 29 -1.09 52.80 68.51
C ASN I 29 -2.19 53.51 69.28
N SER I 30 -2.93 52.73 70.08
CA SER I 30 -4.01 53.27 70.89
C SER I 30 -4.96 54.10 70.04
N ALA I 31 -5.07 53.78 68.76
CA ALA I 31 -6.04 54.44 67.91
C ALA I 31 -7.44 53.91 68.21
N ASN I 32 -8.43 54.56 67.62
CA ASN I 32 -9.82 54.18 67.79
C ASN I 32 -10.38 53.73 66.45
N VAL I 33 -11.16 52.64 66.47
CA VAL I 33 -11.77 52.08 65.27
C VAL I 33 -13.13 51.52 65.65
N ARG I 34 -13.95 51.25 64.63
CA ARG I 34 -15.29 50.75 64.88
C ARG I 34 -15.29 49.24 65.12
N GLN I 35 -14.90 48.47 64.11
CA GLN I 35 -14.84 47.02 64.20
C GLN I 35 -13.41 46.54 64.12
N VAL I 36 -13.20 45.32 64.58
CA VAL I 36 -12.02 44.55 64.21
C VAL I 36 -12.51 43.15 63.95
N ASP I 37 -11.87 42.45 63.02
CA ASP I 37 -12.30 41.10 62.64
C ASP I 37 -11.09 40.20 62.65
N VAL I 38 -10.87 39.54 63.78
CA VAL I 38 -9.62 38.83 64.02
C VAL I 38 -9.84 37.34 63.79
N PRO I 39 -8.87 36.61 63.23
CA PRO I 39 -8.86 35.16 63.38
C PRO I 39 -8.37 34.80 64.77
N THR I 40 -8.64 33.56 65.16
CA THR I 40 -8.20 33.07 66.45
C THR I 40 -8.04 31.58 66.37
N GLN I 41 -7.35 31.02 67.36
CA GLN I 41 -7.16 29.58 67.37
C GLN I 41 -8.48 28.84 67.45
N THR I 42 -9.54 29.51 67.91
CA THR I 42 -10.84 28.90 68.11
C THR I 42 -11.90 29.60 67.28
N GLY I 43 -11.57 29.95 66.04
CA GLY I 43 -12.54 30.54 65.13
C GLY I 43 -12.57 32.05 65.19
N ALA I 44 -12.70 32.68 64.02
CA ALA I 44 -12.64 34.13 63.94
C ALA I 44 -13.74 34.75 64.79
N PHE I 45 -13.66 36.06 64.94
CA PHE I 45 -14.77 36.81 65.52
C PHE I 45 -14.53 38.30 65.34
N GLY I 46 -15.44 39.09 65.86
CA GLY I 46 -15.43 40.52 65.64
C GLY I 46 -15.53 41.32 66.90
N ILE I 47 -14.60 42.23 67.10
CA ILE I 47 -14.49 43.02 68.32
C ILE I 47 -15.07 44.39 68.07
N LEU I 48 -15.66 44.94 69.11
CA LEU I 48 -16.54 46.10 68.98
C LEU I 48 -16.58 46.81 70.32
N ALA I 49 -17.18 47.99 70.32
CA ALA I 49 -17.01 48.98 71.39
C ALA I 49 -16.90 48.41 72.80
N ALA I 50 -17.72 47.45 73.18
CA ALA I 50 -17.74 46.98 74.57
C ALA I 50 -17.66 45.47 74.67
N HIS I 51 -17.02 44.82 73.70
CA HIS I 51 -16.94 43.37 73.68
C HIS I 51 -16.55 42.83 75.04
N VAL I 52 -16.96 41.59 75.31
CA VAL I 52 -16.70 40.94 76.60
C VAL I 52 -15.24 40.54 76.64
N PRO I 53 -14.58 40.54 77.80
CA PRO I 53 -13.14 40.27 77.82
C PRO I 53 -12.79 38.87 77.31
N THR I 54 -11.68 38.77 76.57
CA THR I 54 -11.24 37.51 76.00
C THR I 54 -9.72 37.52 75.85
N LEU I 55 -9.15 36.32 75.69
CA LEU I 55 -7.70 36.11 75.66
C LEU I 55 -7.31 35.16 74.53
N GLN I 56 -7.78 35.40 73.33
CA GLN I 56 -7.49 34.47 72.26
C GLN I 56 -6.09 34.65 71.69
N VAL I 57 -5.53 33.55 71.20
CA VAL I 57 -4.32 33.57 70.42
C VAL I 57 -4.71 33.45 68.95
N LEU I 58 -3.82 33.90 68.07
CA LEU I 58 -4.17 34.01 66.66
C LEU I 58 -3.82 32.74 65.92
N ARG I 59 -4.18 32.73 64.63
CA ARG I 59 -4.07 31.61 63.76
C ARG I 59 -3.83 32.23 62.40
N PRO I 60 -2.91 31.72 61.60
CA PRO I 60 -2.53 32.42 60.39
C PRO I 60 -3.75 32.84 59.59
N GLY I 61 -3.98 34.12 59.50
CA GLY I 61 -5.19 34.61 58.88
C GLY I 61 -5.03 36.04 58.50
N LEU I 62 -6.17 36.70 58.29
CA LEU I 62 -6.14 38.12 57.98
C LEU I 62 -7.12 38.87 58.86
N VAL I 63 -6.75 40.10 59.20
CA VAL I 63 -7.52 40.98 60.06
C VAL I 63 -7.99 42.16 59.23
N VAL I 64 -9.27 42.48 59.31
CA VAL I 64 -9.82 43.65 58.64
C VAL I 64 -10.32 44.61 59.70
N VAL I 65 -9.89 45.86 59.61
CA VAL I 65 -10.16 46.88 60.60
C VAL I 65 -11.01 47.96 59.97
N HIS I 66 -12.19 48.20 60.53
CA HIS I 66 -13.12 49.19 60.01
C HIS I 66 -12.87 50.51 60.72
N ALA I 67 -12.04 51.36 60.12
CA ALA I 67 -11.78 52.67 60.68
C ALA I 67 -13.09 53.37 60.94
N GLU I 68 -13.09 54.43 61.74
CA GLU I 68 -14.36 55.02 62.16
C GLU I 68 -15.16 55.57 60.99
N ASP I 69 -14.52 55.80 59.84
CA ASP I 69 -15.26 56.09 58.62
C ASP I 69 -15.75 54.77 58.04
N GLY I 70 -16.22 54.79 56.79
CA GLY I 70 -16.57 53.54 56.12
C GLY I 70 -15.37 52.72 55.73
N THR I 71 -14.21 53.34 55.61
CA THR I 71 -13.01 52.65 55.15
C THR I 71 -12.77 51.37 55.94
N THR I 72 -12.06 50.43 55.33
CA THR I 72 -11.73 49.17 55.97
C THR I 72 -10.39 48.70 55.43
N SER I 73 -9.40 48.61 56.32
CA SER I 73 -8.06 48.17 55.95
C SER I 73 -7.93 46.67 56.20
N LYS I 74 -7.00 46.04 55.50
CA LYS I 74 -6.77 44.61 55.64
C LYS I 74 -5.30 44.34 55.91
N TYR I 75 -5.03 43.28 56.67
CA TYR I 75 -3.68 42.86 56.99
C TYR I 75 -3.67 41.35 57.11
N PHE I 76 -2.49 40.76 57.06
CA PHE I 76 -2.33 39.32 57.26
C PHE I 76 -1.41 39.11 58.45
N VAL I 77 -1.88 38.35 59.42
CA VAL I 77 -1.13 38.07 60.65
C VAL I 77 -0.82 36.58 60.67
N SER I 78 0.46 36.26 60.87
CA SER I 78 0.88 34.87 60.88
C SER I 78 0.57 34.19 62.19
N SER I 79 0.64 34.92 63.30
CA SER I 79 0.43 34.34 64.62
C SER I 79 0.53 35.47 65.63
N GLY I 80 0.18 35.17 66.87
CA GLY I 80 0.30 36.16 67.91
C GLY I 80 -0.70 35.99 69.03
N SER I 81 -1.31 37.08 69.46
CA SER I 81 -2.31 37.00 70.51
C SER I 81 -3.14 38.27 70.51
N VAL I 82 -4.44 38.10 70.77
CA VAL I 82 -5.38 39.19 70.87
C VAL I 82 -5.94 39.18 72.28
N THR I 83 -5.91 40.34 72.92
CA THR I 83 -6.45 40.52 74.26
C THR I 83 -7.49 41.62 74.21
N VAL I 84 -8.61 41.41 74.90
CA VAL I 84 -9.70 42.36 74.94
C VAL I 84 -9.91 42.71 76.41
N ASN I 85 -9.25 43.78 76.86
CA ASN I 85 -9.26 44.10 78.28
C ASN I 85 -10.67 44.44 78.73
N ALA I 86 -10.83 44.58 80.04
CA ALA I 86 -12.14 44.83 80.61
C ALA I 86 -12.69 46.19 80.16
N ASP I 87 -11.83 47.20 80.08
CA ASP I 87 -12.26 48.57 79.81
C ASP I 87 -12.30 48.88 78.32
N SER I 88 -12.54 47.88 77.49
CA SER I 88 -12.64 48.00 76.04
C SER I 88 -11.29 48.19 75.40
N SER I 89 -10.20 48.21 76.17
CA SER I 89 -8.87 48.31 75.57
C SER I 89 -8.49 47.00 74.90
N VAL I 90 -8.05 47.07 73.66
CA VAL I 90 -7.72 45.90 72.87
C VAL I 90 -6.24 45.94 72.53
N GLN I 91 -5.63 44.77 72.42
CA GLN I 91 -4.23 44.65 72.00
C GLN I 91 -4.12 43.47 71.07
N LEU I 92 -3.68 43.70 69.85
CA LEU I 92 -3.54 42.65 68.85
C LEU I 92 -2.07 42.60 68.46
N LEU I 93 -1.31 41.72 69.11
CA LEU I 93 0.12 41.58 68.82
C LEU I 93 0.30 40.44 67.85
N ALA I 94 1.05 40.68 66.78
CA ALA I 94 1.27 39.71 65.74
C ALA I 94 2.77 39.52 65.54
N GLU I 95 3.21 38.27 65.50
CA GLU I 95 4.64 38.02 65.32
C GLU I 95 5.12 38.46 63.94
N GLU I 96 4.26 38.32 62.93
CA GLU I 96 4.64 38.69 61.56
C GLU I 96 3.37 39.17 60.85
N ALA I 97 3.17 40.49 60.82
CA ALA I 97 1.97 41.08 60.25
C ALA I 97 2.37 41.93 59.05
N VAL I 98 1.77 41.62 57.90
CA VAL I 98 2.11 42.28 56.64
C VAL I 98 0.83 42.69 55.94
N THR I 99 0.83 43.89 55.37
CA THR I 99 -0.30 44.29 54.55
C THR I 99 -0.36 43.39 53.31
N LEU I 100 -1.56 43.29 52.74
CA LEU I 100 -1.85 42.20 51.81
C LEU I 100 -0.94 42.26 50.59
N ASP I 101 -0.76 43.45 50.02
CA ASP I 101 -0.02 43.55 48.76
C ASP I 101 1.41 43.04 48.88
N MET I 102 1.93 42.90 50.09
CA MET I 102 3.30 42.42 50.28
C MET I 102 3.44 40.93 50.07
N LEU I 103 2.46 40.25 49.47
CA LEU I 103 2.47 38.81 49.36
C LEU I 103 2.22 38.40 47.91
N ASP I 104 2.77 37.25 47.52
CA ASP I 104 2.63 36.72 46.17
C ASP I 104 1.84 35.41 46.21
N LEU I 105 0.69 35.40 45.52
CA LEU I 105 -0.13 34.20 45.49
C LEU I 105 0.57 33.06 44.76
N GLY I 106 1.29 33.37 43.68
CA GLY I 106 1.96 32.32 42.95
C GLY I 106 2.97 31.59 43.81
N ALA I 107 3.90 32.33 44.41
CA ALA I 107 4.87 31.71 45.31
C ALA I 107 4.19 31.03 46.48
N ALA I 108 3.09 31.63 46.98
CA ALA I 108 2.38 31.03 48.10
C ALA I 108 1.87 29.64 47.75
N LYS I 109 1.14 29.52 46.64
CA LYS I 109 0.60 28.22 46.26
C LYS I 109 1.71 27.26 45.86
N ALA I 110 2.78 27.77 45.26
CA ALA I 110 3.91 26.89 44.96
C ALA I 110 4.47 26.28 46.23
N ASN I 111 4.68 27.10 47.25
CA ASN I 111 5.17 26.58 48.53
C ASN I 111 4.18 25.61 49.14
N LEU I 112 2.89 25.92 49.05
CA LEU I 112 1.88 25.02 49.58
C LEU I 112 1.96 23.66 48.91
N GLU I 113 2.12 23.65 47.59
CA GLU I 113 2.14 22.39 46.88
C GLU I 113 3.41 21.61 47.17
N LYS I 114 4.55 22.29 47.22
CA LYS I 114 5.77 21.66 47.69
C LYS I 114 5.53 21.01 49.04
N ALA I 115 4.92 21.75 49.96
CA ALA I 115 4.67 21.26 51.31
C ALA I 115 3.87 19.96 51.25
N GLN I 116 2.65 20.03 50.73
CA GLN I 116 1.82 18.84 50.72
C GLN I 116 2.51 17.69 50.01
N SER I 117 3.28 17.98 48.96
CA SER I 117 3.99 16.93 48.25
C SER I 117 5.00 16.23 49.16
N GLU I 118 5.73 16.99 49.94
CA GLU I 118 6.73 16.41 50.84
C GLU I 118 6.15 15.99 52.19
N LEU I 119 4.86 16.21 52.42
CA LEU I 119 4.26 15.79 53.68
C LEU I 119 4.48 14.31 53.94
N LEU I 120 4.14 13.48 52.96
CA LEU I 120 4.12 12.04 53.18
C LEU I 120 5.47 11.53 53.69
N GLY I 121 6.56 12.19 53.33
CA GLY I 121 7.86 11.82 53.83
C GLY I 121 8.17 12.46 55.16
N ALA I 122 7.56 11.95 56.23
CA ALA I 122 7.78 12.50 57.56
C ALA I 122 7.46 11.43 58.59
N ALA I 123 8.44 11.09 59.44
CA ALA I 123 8.28 9.99 60.38
C ALA I 123 7.81 10.46 61.75
N ASP I 124 8.59 11.30 62.42
CA ASP I 124 8.25 11.73 63.77
C ASP I 124 6.99 12.59 63.74
N GLU I 125 6.06 12.29 64.63
CA GLU I 125 4.79 13.01 64.65
C GLU I 125 5.03 14.51 64.73
N ALA I 126 6.08 14.92 65.45
CA ALA I 126 6.43 16.34 65.50
C ALA I 126 6.73 16.87 64.10
N THR I 127 7.45 16.08 63.29
CA THR I 127 7.70 16.50 61.93
C THR I 127 6.41 16.63 61.15
N ARG I 128 5.48 15.69 61.34
CA ARG I 128 4.18 15.82 60.71
C ARG I 128 3.55 17.15 61.09
N ALA I 129 3.62 17.50 62.37
CA ALA I 129 3.03 18.75 62.84
C ALA I 129 3.71 19.94 62.19
N GLU I 130 5.03 19.89 62.05
CA GLU I 130 5.76 21.00 61.45
C GLU I 130 5.29 21.23 60.02
N ILE I 131 5.30 20.19 59.19
CA ILE I 131 4.83 20.35 57.82
C ILE I 131 3.36 20.76 57.82
N GLN I 132 2.57 20.22 58.73
CA GLN I 132 1.15 20.53 58.73
C GLN I 132 0.91 22.00 59.02
N ILE I 133 1.67 22.57 59.97
CA ILE I 133 1.50 23.99 60.27
C ILE I 133 1.91 24.83 59.07
N ARG I 134 3.02 24.47 58.43
CA ARG I 134 3.36 25.18 57.20
C ARG I 134 2.21 25.14 56.21
N ILE I 135 1.56 23.98 56.09
CA ILE I 135 0.48 23.82 55.13
C ILE I 135 -0.71 24.70 55.51
N GLU I 136 -1.07 24.73 56.79
CA GLU I 136 -2.21 25.54 57.21
C GLU I 136 -1.96 27.02 56.96
N ALA I 137 -0.77 27.49 57.31
CA ALA I 137 -0.44 28.88 57.05
C ALA I 137 -0.51 29.18 55.56
N ASN I 138 0.11 28.33 54.75
CA ASN I 138 0.12 28.56 53.31
C ASN I 138 -1.28 28.54 52.73
N GLU I 139 -2.12 27.63 53.21
CA GLU I 139 -3.46 27.52 52.65
C GLU I 139 -4.32 28.73 53.01
N ALA I 140 -4.29 29.14 54.28
CA ALA I 140 -5.05 30.33 54.65
C ALA I 140 -4.53 31.54 53.90
N LEU I 141 -3.23 31.62 53.70
CA LEU I 141 -2.66 32.71 52.91
C LEU I 141 -3.19 32.68 51.50
N VAL I 142 -3.22 31.50 50.87
CA VAL I 142 -3.72 31.38 49.52
C VAL I 142 -5.16 31.86 49.44
N LYS I 143 -5.99 31.40 50.37
CA LYS I 143 -7.36 31.90 50.43
C LYS I 143 -7.38 33.41 50.57
N ALA I 144 -6.37 33.98 51.25
CA ALA I 144 -6.39 35.41 51.51
C ALA I 144 -6.22 36.23 50.24
N LEU I 145 -5.44 35.73 49.28
CA LEU I 145 -5.07 36.52 48.10
C LEU I 145 -5.92 36.20 46.88
N GLU I 146 -7.20 35.93 47.08
CA GLU I 146 -8.11 35.75 45.96
C GLU I 146 -9.38 36.56 46.19
N VAL J 1 -6.39 21.32 72.36
CA VAL J 1 -5.14 20.54 72.30
C VAL J 1 -4.90 20.15 70.84
N ALA J 2 -4.53 21.14 70.03
CA ALA J 2 -4.39 20.96 68.60
C ALA J 2 -3.23 20.03 68.27
N TYR J 3 -3.18 19.60 67.01
CA TYR J 3 -2.33 18.48 66.63
C TYR J 3 -0.87 18.69 67.02
N TRP J 4 -0.40 19.94 67.02
CA TRP J 4 0.98 20.17 67.41
C TRP J 4 1.17 20.06 68.92
N ARG J 5 0.13 20.35 69.69
CA ARG J 5 0.27 20.26 71.14
C ARG J 5 0.53 18.83 71.59
N GLN J 6 -0.18 17.86 71.02
CA GLN J 6 0.14 16.47 71.32
C GLN J 6 1.45 16.03 70.68
N ALA J 7 1.79 16.64 69.54
CA ALA J 7 3.03 16.28 68.87
C ALA J 7 4.24 16.61 69.71
N GLY J 8 4.09 17.43 70.74
CA GLY J 8 5.20 17.85 71.57
C GLY J 8 5.71 19.25 71.30
N LEU J 9 5.11 19.97 70.35
CA LEU J 9 5.53 21.32 70.07
C LEU J 9 4.92 22.29 71.07
N SER J 10 5.50 23.48 71.13
CA SER J 10 4.97 24.58 71.93
C SER J 10 4.42 25.65 70.99
N TYR J 11 3.64 26.57 71.57
CA TYR J 11 3.10 27.63 70.73
C TYR J 11 4.19 28.52 70.17
N ILE J 12 5.38 28.50 70.76
CA ILE J 12 6.48 29.28 70.20
C ILE J 12 6.96 28.68 68.90
N ARG J 13 7.12 27.36 68.85
CA ARG J 13 7.48 26.74 67.57
C ARG J 13 6.38 26.96 66.54
N TYR J 14 5.13 26.85 66.96
CA TYR J 14 4.03 27.08 66.03
C TYR J 14 4.11 28.48 65.44
N SER J 15 4.34 29.48 66.29
CA SER J 15 4.42 30.84 65.79
C SER J 15 5.65 31.02 64.91
N GLN J 16 6.77 30.41 65.29
CA GLN J 16 7.97 30.46 64.44
C GLN J 16 7.65 29.96 63.04
N ILE J 17 7.02 28.79 62.97
CA ILE J 17 6.78 28.14 61.69
C ILE J 17 5.81 28.96 60.86
N CYS J 18 4.71 29.40 61.47
CA CYS J 18 3.75 30.19 60.71
C CYS J 18 4.37 31.47 60.21
N ALA J 19 5.18 32.13 61.05
CA ALA J 19 5.81 33.36 60.63
C ALA J 19 6.80 33.13 59.49
N LYS J 20 7.60 32.06 59.58
CA LYS J 20 8.54 31.76 58.52
C LYS J 20 7.81 31.48 57.22
N ALA J 21 6.72 30.72 57.28
CA ALA J 21 5.94 30.44 56.09
C ALA J 21 5.37 31.72 55.49
N VAL J 22 4.88 32.62 56.33
CA VAL J 22 4.37 33.87 55.80
C VAL J 22 5.48 34.68 55.19
N ARG J 23 6.68 34.62 55.76
CA ARG J 23 7.80 35.37 55.18
C ARG J 23 8.21 34.80 53.83
N ASP J 24 8.12 33.48 53.67
CA ASP J 24 8.49 32.85 52.40
C ASP J 24 7.47 33.11 51.30
N ALA J 25 6.36 33.76 51.61
CA ALA J 25 5.40 34.20 50.61
C ALA J 25 5.61 35.64 50.19
N LEU J 26 6.73 36.24 50.60
CA LEU J 26 6.95 37.66 50.37
C LEU J 26 7.48 37.91 48.97
N LYS J 27 7.21 39.12 48.47
CA LYS J 27 7.82 39.58 47.23
C LYS J 27 9.31 39.76 47.44
N THR J 28 10.11 39.27 46.49
CA THR J 28 11.55 39.47 46.58
C THR J 28 11.90 40.93 46.79
N GLU J 29 11.04 41.84 46.33
CA GLU J 29 11.25 43.24 46.63
C GLU J 29 11.25 43.49 48.14
N PHE J 30 10.48 42.71 48.89
CA PHE J 30 10.40 42.87 50.34
C PHE J 30 11.20 41.84 51.12
N LYS J 31 11.53 40.70 50.52
CA LYS J 31 12.28 39.68 51.23
C LYS J 31 13.60 40.20 51.77
N ALA J 32 14.16 41.23 51.15
CA ALA J 32 15.42 41.80 51.63
C ALA J 32 15.29 42.32 53.05
N ASN J 33 14.28 43.16 53.30
CA ASN J 33 14.06 43.66 54.65
C ASN J 33 13.72 42.51 55.60
N ALA J 34 12.89 41.58 55.16
CA ALA J 34 12.43 40.51 56.05
C ALA J 34 13.58 39.64 56.51
N MET J 35 14.51 39.29 55.60
CA MET J 35 15.58 38.38 55.97
C MET J 35 16.43 38.95 57.10
N LYS J 36 16.78 40.23 57.00
CA LYS J 36 17.41 40.90 58.12
C LYS J 36 16.35 41.20 59.17
N THR J 37 16.72 41.03 60.44
CA THR J 37 15.78 41.08 61.55
C THR J 37 14.85 39.87 61.58
N SER J 38 15.32 38.73 61.09
CA SER J 38 14.55 37.50 61.14
C SER J 38 15.32 36.32 61.71
N GLY J 39 16.64 36.31 61.59
CA GLY J 39 17.42 35.20 62.09
C GLY J 39 17.66 35.31 63.59
N SER J 40 17.96 34.17 64.19
CA SER J 40 18.36 34.08 65.59
C SER J 40 19.83 33.70 65.67
N THR J 41 20.56 34.40 66.52
CA THR J 41 22.01 34.23 66.61
C THR J 41 22.51 33.85 67.99
N ILE J 42 21.65 33.91 69.02
CA ILE J 42 22.10 33.55 70.36
C ILE J 42 22.33 32.05 70.42
N LYS J 43 23.50 31.65 70.91
CA LYS J 43 23.80 30.25 71.15
C LYS J 43 23.58 29.94 72.63
N ILE J 44 23.80 28.69 72.98
CA ILE J 44 23.60 28.20 74.33
C ILE J 44 24.92 27.67 74.87
N VAL J 45 25.15 27.88 76.16
CA VAL J 45 26.24 27.24 76.88
C VAL J 45 25.63 26.52 78.07
N LYS J 46 25.81 25.21 78.12
CA LYS J 46 25.18 24.41 79.16
C LYS J 46 26.00 24.45 80.44
N VAL J 47 25.36 24.08 81.55
CA VAL J 47 26.02 24.05 82.83
C VAL J 47 26.72 22.71 83.04
N VAL K 8 55.30 67.02 66.30
CA VAL K 8 54.95 66.05 67.33
C VAL K 8 53.86 65.14 66.79
N ARG K 9 54.06 63.82 66.92
CA ARG K 9 53.14 62.85 66.36
C ARG K 9 53.27 61.55 67.16
N SER K 10 52.59 60.49 66.68
CA SER K 10 52.58 59.20 67.34
C SER K 10 53.01 58.12 66.37
N SER K 11 52.82 56.85 66.74
CA SER K 11 53.23 55.72 65.92
C SER K 11 52.18 54.63 66.03
N ALA K 12 52.48 53.49 65.40
CA ALA K 12 51.60 52.33 65.40
C ALA K 12 52.23 51.22 66.21
N GLY K 13 51.40 50.49 66.96
CA GLY K 13 51.91 49.46 67.84
C GLY K 13 52.75 50.01 68.97
N ALA K 14 52.30 51.10 69.59
CA ALA K 14 53.04 51.76 70.64
C ALA K 14 52.44 51.59 72.03
N VAL K 15 51.23 51.04 72.13
CA VAL K 15 50.65 50.79 73.45
C VAL K 15 51.36 49.67 74.18
N ARG K 16 52.20 48.90 73.48
CA ARG K 16 53.01 47.86 74.09
C ARG K 16 54.40 48.34 74.46
N ASP K 17 54.97 49.25 73.67
CA ASP K 17 56.32 49.70 73.94
C ASP K 17 56.40 50.46 75.27
N ALA K 18 55.38 51.26 75.57
CA ALA K 18 55.39 52.01 76.81
C ALA K 18 55.50 51.11 78.03
N GLY K 19 55.07 49.86 77.93
CA GLY K 19 55.12 48.97 79.07
C GLY K 19 54.35 49.46 80.26
N GLY K 20 53.40 50.35 80.06
CA GLY K 20 52.61 50.86 81.16
C GLY K 20 51.61 49.84 81.63
N ALA K 21 50.47 50.29 82.15
CA ALA K 21 49.44 49.34 82.55
C ALA K 21 48.84 48.63 81.35
N PHE K 22 48.46 49.41 80.32
CA PHE K 22 47.87 48.80 79.13
C PHE K 22 48.85 47.90 78.42
N GLY K 23 50.12 48.27 78.39
CA GLY K 23 51.12 47.44 77.72
C GLY K 23 51.20 46.04 78.26
N LYS K 24 50.86 45.83 79.53
CA LYS K 24 50.86 44.50 80.12
C LYS K 24 49.47 43.86 80.15
N ARG K 25 48.43 44.65 80.34
CA ARG K 25 47.08 44.13 80.22
C ARG K 25 46.83 43.56 78.84
N GLU K 26 47.48 44.14 77.81
CA GLU K 26 47.30 43.62 76.46
C GLU K 26 47.92 42.25 76.31
N GLN K 27 49.15 42.07 76.82
CA GLN K 27 49.73 40.75 76.87
C GLN K 27 48.81 39.79 77.59
N ALA K 28 48.23 40.24 78.70
CA ALA K 28 47.33 39.42 79.49
C ALA K 28 46.15 38.93 78.64
N GLU K 29 45.50 39.86 77.94
CA GLU K 29 44.32 39.51 77.16
C GLU K 29 44.67 38.54 76.04
N GLU K 30 45.73 38.85 75.32
CA GLU K 30 46.15 37.98 74.23
C GLU K 30 46.50 36.59 74.76
N GLU K 31 47.07 36.53 75.96
CA GLU K 31 47.52 35.23 76.47
C GLU K 31 46.35 34.37 76.94
N ARG K 32 45.36 34.94 77.65
CA ARG K 32 44.08 34.24 77.73
C ARG K 32 43.62 33.69 76.39
N TYR K 33 43.40 34.55 75.42
CA TYR K 33 42.73 34.04 74.23
C TYR K 33 43.51 32.87 73.66
N PHE K 34 44.82 33.00 73.53
CA PHE K 34 45.57 31.97 72.83
C PHE K 34 45.92 30.78 73.71
N ARG K 35 45.95 30.92 75.03
CA ARG K 35 46.06 29.74 75.88
C ARG K 35 44.80 28.88 75.79
N ALA K 36 43.63 29.52 75.84
CA ALA K 36 42.40 28.75 75.70
C ALA K 36 42.31 28.10 74.32
N ARG K 37 42.67 28.86 73.27
CA ARG K 37 42.66 28.27 71.93
C ARG K 37 43.64 27.12 71.82
N ALA K 38 44.82 27.24 72.44
CA ALA K 38 45.78 26.15 72.41
C ALA K 38 45.22 24.93 73.14
N LYS K 39 44.53 25.14 74.25
CA LYS K 39 43.94 24.01 74.95
C LYS K 39 42.94 23.27 74.08
N GLU K 40 42.00 24.00 73.50
CA GLU K 40 40.99 23.34 72.68
C GLU K 40 41.62 22.70 71.45
N GLN K 41 42.66 23.33 70.88
CA GLN K 41 43.31 22.76 69.71
C GLN K 41 44.07 21.50 70.06
N LEU K 42 44.70 21.46 71.23
CA LEU K 42 45.36 20.24 71.67
C LEU K 42 44.35 19.13 71.89
N ALA K 43 43.21 19.45 72.51
CA ALA K 43 42.19 18.43 72.68
C ALA K 43 41.71 17.90 71.34
N ALA K 44 41.48 18.79 70.38
CA ALA K 44 41.02 18.37 69.06
C ALA K 44 42.06 17.51 68.35
N LEU K 45 43.34 17.88 68.45
CA LEU K 45 44.38 17.08 67.82
C LEU K 45 44.48 15.71 68.46
N LYS K 46 44.35 15.64 69.79
CA LYS K 46 44.28 14.36 70.46
C LYS K 46 43.15 13.55 69.85
N LYS K 47 41.92 14.04 70.02
CA LYS K 47 40.75 13.39 69.44
C LYS K 47 41.03 12.87 68.04
N HIS K 48 41.68 13.68 67.20
CA HIS K 48 41.93 13.28 65.82
C HIS K 48 42.84 12.06 65.76
N HIS K 49 43.99 12.13 66.43
CA HIS K 49 44.91 10.98 66.38
C HIS K 49 44.29 9.74 67.01
N GLU K 50 43.58 9.91 68.12
CA GLU K 50 42.93 8.76 68.75
C GLU K 50 41.89 8.13 67.82
N ASN K 51 41.12 8.96 67.12
CA ASN K 51 40.20 8.43 66.12
C ASN K 51 40.94 7.68 65.02
N GLU K 52 42.08 8.23 64.59
CA GLU K 52 42.85 7.59 63.53
C GLU K 52 43.43 6.26 63.94
N ILE K 53 43.39 5.91 65.23
CA ILE K 53 43.76 4.56 65.64
C ILE K 53 42.84 3.54 64.99
N SER K 54 41.60 3.95 64.69
CA SER K 54 40.64 3.07 64.04
C SER K 54 40.88 3.03 62.53
N ASP L 1 -76.01 17.39 79.44
CA ASP L 1 -75.75 17.70 78.00
C ASP L 1 -74.34 17.27 77.62
N ILE L 2 -74.22 16.64 76.45
CA ILE L 2 -72.90 16.24 75.95
C ILE L 2 -72.03 17.46 75.74
N ASP L 3 -72.60 18.66 75.73
CA ASP L 3 -71.80 19.87 75.65
C ASP L 3 -70.78 19.92 76.77
N THR L 4 -71.17 19.49 77.98
CA THR L 4 -70.23 19.51 79.09
C THR L 4 -69.09 18.54 78.88
N ALA L 5 -69.36 17.34 78.35
CA ALA L 5 -68.29 16.39 78.09
C ALA L 5 -67.34 16.91 77.03
N ALA L 6 -67.90 17.46 75.94
CA ALA L 6 -67.06 18.05 74.92
C ALA L 6 -66.24 19.19 75.49
N LYS L 7 -66.84 20.00 76.35
CA LYS L 7 -66.13 21.09 76.99
C LYS L 7 -64.99 20.56 77.85
N PHE L 8 -65.21 19.45 78.53
CA PHE L 8 -64.15 18.84 79.33
C PHE L 8 -62.99 18.44 78.44
N ILE L 9 -63.28 17.78 77.32
CA ILE L 9 -62.20 17.43 76.40
C ILE L 9 -61.48 18.68 75.93
N GLY L 10 -62.24 19.69 75.55
CA GLY L 10 -61.63 20.89 74.98
C GLY L 10 -60.75 21.63 75.98
N ALA L 11 -61.19 21.70 77.24
CA ALA L 11 -60.41 22.40 78.24
C ALA L 11 -59.17 21.60 78.64
N GLY L 12 -59.33 20.29 78.87
CA GLY L 12 -58.20 19.48 79.22
C GLY L 12 -57.18 19.36 78.10
N ALA L 13 -57.61 19.63 76.86
CA ALA L 13 -56.64 19.67 75.76
C ALA L 13 -56.03 21.05 75.64
N ALA L 14 -56.85 22.06 75.33
CA ALA L 14 -56.35 23.40 75.06
C ALA L 14 -55.20 23.77 76.00
N THR L 15 -55.40 23.56 77.29
CA THR L 15 -54.44 24.04 78.28
C THR L 15 -53.06 23.43 78.03
N VAL L 16 -53.01 22.31 77.31
CA VAL L 16 -51.71 21.71 77.00
C VAL L 16 -50.76 22.73 76.40
N GLY L 17 -51.29 23.83 75.85
CA GLY L 17 -50.43 24.84 75.24
C GLY L 17 -49.44 25.46 76.21
N VAL L 18 -49.78 25.50 77.50
CA VAL L 18 -48.90 26.09 78.49
C VAL L 18 -47.59 25.32 78.63
N ALA L 19 -47.51 24.10 78.07
CA ALA L 19 -46.23 23.42 78.02
C ALA L 19 -45.21 24.26 77.27
N GLY L 20 -45.65 24.95 76.22
CA GLY L 20 -44.77 25.88 75.55
C GLY L 20 -44.28 26.97 76.48
N SER L 21 -45.16 27.45 77.36
CA SER L 21 -44.73 28.46 78.34
C SER L 21 -43.70 27.87 79.30
N GLY L 22 -43.90 26.62 79.71
CA GLY L 22 -42.91 26.00 80.59
C GLY L 22 -41.55 25.94 79.95
N ALA L 23 -41.50 25.44 78.71
CA ALA L 23 -40.20 25.37 78.02
C ALA L 23 -39.63 26.76 77.79
N GLY L 24 -40.49 27.73 77.49
CA GLY L 24 -40.01 29.08 77.22
C GLY L 24 -39.37 29.71 78.43
N ILE L 25 -40.01 29.62 79.59
CA ILE L 25 -39.40 30.17 80.79
C ILE L 25 -38.15 29.40 81.16
N GLY L 26 -38.18 28.07 81.00
CA GLY L 26 -36.99 27.30 81.30
C GLY L 26 -35.80 27.77 80.48
N THR L 27 -35.99 27.97 79.18
CA THR L 27 -34.88 28.39 78.34
C THR L 27 -34.52 29.85 78.54
N VAL L 28 -35.50 30.72 78.82
CA VAL L 28 -35.16 32.11 79.10
C VAL L 28 -34.26 32.20 80.32
N PHE L 29 -34.58 31.47 81.37
CA PHE L 29 -33.71 31.58 82.53
C PHE L 29 -32.44 30.76 82.41
N GLY L 30 -32.44 29.70 81.60
CA GLY L 30 -31.19 29.08 81.25
C GLY L 30 -30.26 30.07 80.58
N SER L 31 -30.79 30.85 79.65
CA SER L 31 -29.96 31.85 78.99
C SER L 31 -29.59 32.98 79.94
N LEU L 32 -30.46 33.35 80.86
CA LEU L 32 -30.08 34.39 81.82
C LEU L 32 -28.91 33.92 82.68
N ILE L 33 -28.95 32.68 83.14
CA ILE L 33 -27.83 32.17 83.91
C ILE L 33 -26.57 32.11 83.06
N ILE L 34 -26.68 31.63 81.82
CA ILE L 34 -25.50 31.52 80.98
C ILE L 34 -24.90 32.89 80.76
N GLY L 35 -25.70 33.84 80.34
CA GLY L 35 -25.23 35.17 80.03
C GLY L 35 -25.00 36.06 81.21
N TYR L 36 -25.29 35.60 82.42
CA TYR L 36 -24.84 36.28 83.61
C TYR L 36 -23.55 35.70 84.15
N ALA L 37 -23.33 34.40 84.01
CA ALA L 37 -22.04 33.83 84.36
C ALA L 37 -20.98 34.15 83.33
N ARG L 38 -21.37 34.48 82.10
CA ARG L 38 -20.42 34.86 81.08
C ARG L 38 -20.05 36.33 81.13
N ASN L 39 -20.80 37.13 81.87
CA ASN L 39 -20.55 38.55 81.91
C ASN L 39 -21.24 39.15 83.11
N PRO L 40 -20.69 38.98 84.32
CA PRO L 40 -21.39 39.47 85.51
C PRO L 40 -21.60 40.97 85.51
N SER L 41 -20.82 41.72 84.75
CA SER L 41 -20.83 43.17 84.84
C SER L 41 -22.10 43.80 84.32
N LEU L 42 -22.97 43.05 83.67
CA LEU L 42 -24.18 43.64 83.13
C LEU L 42 -25.33 43.45 84.10
N M3L L 43 -25.83 42.22 84.21
CA M3L L 43 -26.91 41.88 85.10
CB M3L L 43 -26.42 41.84 86.54
C M3L L 43 -28.11 42.82 85.05
O M3L L 43 -29.23 42.46 84.73
N GLN L 44 -27.86 44.08 85.38
CA GLN L 44 -28.92 45.08 85.54
C GLN L 44 -29.60 45.35 84.22
N GLN L 45 -29.07 44.75 83.15
CA GLN L 45 -29.71 44.76 81.83
C GLN L 45 -30.07 43.37 81.38
N LEU L 46 -29.24 42.38 81.67
CA LEU L 46 -29.67 41.00 81.52
C LEU L 46 -30.98 40.80 82.25
N PHE L 47 -31.12 41.36 83.43
CA PHE L 47 -32.34 41.14 84.20
C PHE L 47 -33.53 41.87 83.58
N SER L 48 -33.32 43.08 83.06
CA SER L 48 -34.42 43.75 82.37
C SER L 48 -34.91 42.90 81.21
N TYR L 49 -33.99 42.45 80.37
CA TYR L 49 -34.41 41.62 79.24
C TYR L 49 -35.04 40.33 79.71
N ALA L 50 -34.58 39.78 80.83
CA ALA L 50 -35.15 38.54 81.32
C ALA L 50 -36.59 38.73 81.77
N ILE L 51 -36.87 39.80 82.52
CA ILE L 51 -38.25 40.02 82.94
C ILE L 51 -39.10 40.34 81.73
N LEU L 52 -38.55 41.05 80.76
CA LEU L 52 -39.34 41.37 79.58
C LEU L 52 -39.72 40.11 78.84
N GLY L 53 -38.75 39.22 78.61
CA GLY L 53 -39.06 37.98 77.92
C GLY L 53 -39.99 37.09 78.73
N PHE L 54 -39.79 37.03 80.04
CA PHE L 54 -40.69 36.27 80.88
C PHE L 54 -42.11 36.79 80.80
N ALA L 55 -42.29 38.09 80.97
CA ALA L 55 -43.63 38.63 80.89
C ALA L 55 -44.23 38.38 79.53
N LEU L 56 -43.44 38.54 78.47
CA LEU L 56 -43.98 38.40 77.13
C LEU L 56 -44.26 36.96 76.75
N SER L 57 -43.68 35.99 77.44
CA SER L 57 -44.01 34.59 77.20
C SER L 57 -45.12 34.08 78.11
N GLU L 58 -45.06 34.41 79.39
CA GLU L 58 -46.17 34.12 80.28
C GLU L 58 -47.45 34.84 79.86
N ALA L 59 -47.34 35.93 79.09
CA ALA L 59 -48.55 36.56 78.58
C ALA L 59 -49.28 35.62 77.63
N MET L 60 -48.56 35.00 76.70
CA MET L 60 -49.22 34.08 75.79
C MET L 60 -49.57 32.78 76.50
N GLY L 61 -48.80 32.40 77.51
CA GLY L 61 -49.18 31.25 78.32
C GLY L 61 -50.52 31.46 79.02
N LEU L 62 -50.67 32.62 79.67
CA LEU L 62 -51.93 32.93 80.31
C LEU L 62 -53.02 33.17 79.28
N PHE L 63 -52.66 33.54 78.05
CA PHE L 63 -53.67 33.62 77.01
C PHE L 63 -54.21 32.24 76.66
N CYS L 64 -53.33 31.26 76.52
CA CYS L 64 -53.79 29.89 76.35
C CYS L 64 -54.70 29.49 77.50
N LEU L 65 -54.28 29.77 78.73
CA LEU L 65 -55.10 29.45 79.90
C LEU L 65 -56.43 30.17 79.87
N MET L 66 -56.42 31.45 79.50
CA MET L 66 -57.65 32.22 79.46
C MET L 66 -58.62 31.65 78.43
N VAL L 67 -58.10 31.26 77.26
CA VAL L 67 -58.95 30.66 76.24
C VAL L 67 -59.51 29.34 76.75
N ALA L 68 -58.68 28.55 77.43
CA ALA L 68 -59.17 27.27 77.95
C ALA L 68 -60.30 27.50 78.94
N PHE L 69 -60.15 28.44 79.86
CA PHE L 69 -61.22 28.67 80.82
C PHE L 69 -62.45 29.25 80.14
N LEU L 70 -62.28 30.17 79.18
CA LEU L 70 -63.44 30.75 78.53
C LEU L 70 -64.22 29.69 77.78
N ILE L 71 -63.54 28.84 77.02
CA ILE L 71 -64.26 27.78 76.33
C ILE L 71 -64.92 26.88 77.35
N LEU L 72 -64.27 26.62 78.48
CA LEU L 72 -64.90 25.88 79.55
C LEU L 72 -65.90 26.73 80.34
N PHE L 73 -65.75 28.05 80.32
CA PHE L 73 -66.58 28.95 81.12
C PHE L 73 -67.03 30.14 80.28
N ALA L 74 -67.54 29.87 79.09
CA ALA L 74 -68.09 30.91 78.24
C ALA L 74 -69.03 31.83 79.03
N ASP M 1 -70.77 6.05 83.01
CA ASP M 1 -71.34 7.37 82.62
C ASP M 1 -70.49 8.03 81.57
N ILE M 2 -71.12 8.87 80.74
CA ILE M 2 -70.37 9.60 79.73
C ILE M 2 -69.48 10.66 80.36
N ASP M 3 -69.99 11.38 81.36
CA ASP M 3 -69.18 12.41 82.01
C ASP M 3 -68.05 11.81 82.83
N THR M 4 -68.18 10.56 83.29
CA THR M 4 -67.06 9.91 83.94
C THR M 4 -65.94 9.65 82.94
N ALA M 5 -66.27 9.07 81.78
CA ALA M 5 -65.27 8.88 80.75
C ALA M 5 -64.72 10.21 80.27
N ALA M 6 -65.60 11.20 80.08
CA ALA M 6 -65.14 12.50 79.63
C ALA M 6 -64.18 13.13 80.62
N LYS M 7 -64.49 13.03 81.91
CA LYS M 7 -63.60 13.58 82.92
C LYS M 7 -62.27 12.85 82.96
N PHE M 8 -62.29 11.52 82.79
CA PHE M 8 -61.04 10.79 82.78
C PHE M 8 -60.17 11.22 81.61
N ILE M 9 -60.76 11.42 80.43
CA ILE M 9 -59.98 11.88 79.30
C ILE M 9 -59.51 13.31 79.52
N GLY M 10 -60.35 14.15 80.15
CA GLY M 10 -59.91 15.50 80.44
C GLY M 10 -58.71 15.54 81.36
N ALA M 11 -58.74 14.73 82.41
CA ALA M 11 -57.58 14.63 83.30
C ALA M 11 -56.37 14.10 82.55
N GLY M 12 -56.56 13.10 81.70
CA GLY M 12 -55.46 12.60 80.91
C GLY M 12 -54.85 13.68 80.03
N ALA M 13 -55.69 14.56 79.49
CA ALA M 13 -55.20 15.64 78.66
C ALA M 13 -54.47 16.69 79.48
N ALA M 14 -54.98 16.98 80.68
CA ALA M 14 -54.35 18.02 81.50
C ALA M 14 -52.92 17.63 81.85
N THR M 15 -52.70 16.36 82.18
CA THR M 15 -51.38 15.92 82.61
C THR M 15 -50.35 15.93 81.48
N VAL M 16 -50.75 16.12 80.23
CA VAL M 16 -49.77 16.19 79.16
C VAL M 16 -48.91 17.44 79.32
N GLY M 17 -49.47 18.50 79.88
CA GLY M 17 -48.72 19.75 80.01
C GLY M 17 -47.47 19.62 80.86
N VAL M 18 -47.52 18.76 81.88
CA VAL M 18 -46.43 18.70 82.84
C VAL M 18 -45.12 18.32 82.16
N ALA M 19 -45.20 17.69 80.98
CA ALA M 19 -43.98 17.32 80.28
C ALA M 19 -43.18 18.56 79.89
N GLY M 20 -43.86 19.60 79.46
CA GLY M 20 -43.18 20.84 79.11
C GLY M 20 -42.41 21.38 80.30
N SER M 21 -43.03 21.36 81.48
CA SER M 21 -42.32 21.82 82.67
C SER M 21 -41.13 20.94 82.99
N GLY M 22 -41.26 19.63 82.76
CA GLY M 22 -40.12 18.76 82.96
C GLY M 22 -38.96 19.16 82.08
N ALA M 23 -39.27 19.42 80.82
CA ALA M 23 -38.23 19.87 79.89
C ALA M 23 -37.63 21.20 80.35
N GLY M 24 -38.48 22.10 80.82
CA GLY M 24 -37.99 23.40 81.27
C GLY M 24 -37.02 23.28 82.43
N ILE M 25 -37.36 22.44 83.40
CA ILE M 25 -36.45 22.24 84.54
C ILE M 25 -35.16 21.59 84.07
N GLY M 26 -35.27 20.66 83.12
CA GLY M 26 -34.06 20.06 82.59
C GLY M 26 -33.15 21.14 82.03
N THR M 27 -33.74 22.05 81.25
CA THR M 27 -32.96 23.11 80.64
C THR M 27 -32.35 24.05 81.68
N VAL M 28 -33.12 24.45 82.69
CA VAL M 28 -32.60 25.42 83.65
C VAL M 28 -31.44 24.81 84.43
N PHE M 29 -31.57 23.53 84.82
CA PHE M 29 -30.46 22.94 85.55
C PHE M 29 -29.28 22.64 84.65
N GLY M 30 -29.51 22.36 83.37
CA GLY M 30 -28.39 22.23 82.47
C GLY M 30 -27.64 23.54 82.34
N SER M 31 -28.41 24.62 82.22
CA SER M 31 -27.80 25.94 82.15
C SER M 31 -27.03 26.25 83.42
N LEU M 32 -27.55 25.83 84.57
CA LEU M 32 -26.81 26.06 85.80
C LEU M 32 -25.50 25.29 85.81
N ILE M 33 -25.51 24.05 85.35
CA ILE M 33 -24.23 23.33 85.26
C ILE M 33 -23.26 24.16 84.43
N ILE M 34 -23.70 24.62 83.26
CA ILE M 34 -22.80 25.40 82.40
C ILE M 34 -22.30 26.64 83.14
N GLY M 35 -23.24 27.41 83.71
CA GLY M 35 -22.85 28.66 84.34
C GLY M 35 -21.89 28.46 85.48
N TYR M 36 -22.29 27.67 86.47
CA TYR M 36 -21.35 27.28 87.50
C TYR M 36 -20.00 26.96 86.88
N ALA M 37 -20.01 26.15 85.85
CA ALA M 37 -18.73 25.75 85.30
C ALA M 37 -17.96 26.91 84.72
N ARG M 38 -18.61 28.00 84.37
CA ARG M 38 -17.92 29.09 83.69
C ARG M 38 -17.44 30.17 84.64
N ASN M 39 -18.14 30.38 85.75
CA ASN M 39 -17.77 31.41 86.72
C ASN M 39 -18.02 30.87 88.11
N PRO M 40 -17.24 29.87 88.53
CA PRO M 40 -17.51 29.21 89.81
C PRO M 40 -17.52 30.15 90.99
N SER M 41 -16.73 31.23 90.94
CA SER M 41 -16.74 32.19 92.02
C SER M 41 -18.14 32.75 92.28
N LEU M 42 -19.00 32.79 91.27
CA LEU M 42 -20.34 33.33 91.46
C LEU M 42 -21.33 32.30 91.95
N M3L M 43 -20.85 31.13 92.35
CA M3L M 43 -21.69 30.07 92.83
CB M3L M 43 -20.89 29.24 93.85
C M3L M 43 -23.02 30.33 93.54
O M3L M 43 -23.82 29.43 93.76
N GLN M 44 -23.30 31.58 93.88
CA GLN M 44 -24.26 31.86 94.95
C GLN M 44 -25.40 32.71 94.41
N GLN M 45 -25.23 33.20 93.18
CA GLN M 45 -26.31 33.83 92.46
C GLN M 45 -26.83 32.96 91.35
N LEU M 46 -26.00 32.05 90.84
CA LEU M 46 -26.50 31.00 89.98
C LEU M 46 -27.63 30.24 90.65
N PHE M 47 -27.48 29.89 91.93
CA PHE M 47 -28.60 29.25 92.62
C PHE M 47 -29.76 30.22 92.85
N SER M 48 -29.49 31.47 93.14
CA SER M 48 -30.61 32.39 93.30
C SER M 48 -31.48 32.38 92.05
N TYR M 49 -30.87 32.57 90.89
CA TYR M 49 -31.63 32.64 89.65
C TYR M 49 -32.14 31.29 89.19
N ALA M 50 -31.43 30.20 89.49
CA ALA M 50 -31.94 28.88 89.15
C ALA M 50 -33.13 28.51 90.00
N ILE M 51 -33.11 28.84 91.29
CA ILE M 51 -34.28 28.67 92.13
C ILE M 51 -35.43 29.52 91.61
N LEU M 52 -35.15 30.77 91.23
CA LEU M 52 -36.23 31.60 90.72
C LEU M 52 -36.84 30.98 89.47
N GLY M 53 -36.01 30.51 88.55
CA GLY M 53 -36.53 29.90 87.34
C GLY M 53 -37.26 28.61 87.61
N PHE M 54 -36.70 27.76 88.45
CA PHE M 54 -37.36 26.53 88.85
C PHE M 54 -38.74 26.79 89.42
N ALA M 55 -38.83 27.67 90.41
CA ALA M 55 -40.13 27.94 91.02
C ALA M 55 -41.07 28.52 89.99
N LEU M 56 -40.58 29.41 89.13
CA LEU M 56 -41.47 30.08 88.21
C LEU M 56 -41.88 29.22 87.04
N SER M 57 -41.22 28.08 86.83
CA SER M 57 -41.67 27.06 85.88
C SER M 57 -42.62 26.06 86.53
N GLU M 58 -42.30 25.62 87.74
CA GLU M 58 -43.25 24.81 88.48
C GLU M 58 -44.56 25.54 88.70
N ALA M 59 -44.55 26.87 88.67
CA ALA M 59 -45.82 27.58 88.69
C ALA M 59 -46.72 27.09 87.55
N MET M 60 -46.18 27.01 86.33
CA MET M 60 -47.00 26.61 85.20
C MET M 60 -47.31 25.12 85.26
N GLY M 61 -46.35 24.31 85.67
CA GLY M 61 -46.62 22.88 85.83
C GLY M 61 -47.74 22.61 86.82
N LEU M 62 -47.74 23.33 87.93
CA LEU M 62 -48.80 23.17 88.92
C LEU M 62 -50.09 23.80 88.45
N PHE M 63 -50.05 24.78 87.55
CA PHE M 63 -51.30 25.19 86.90
C PHE M 63 -51.87 24.05 86.06
N CYS M 64 -51.01 23.30 85.37
CA CYS M 64 -51.48 22.12 84.64
C CYS M 64 -52.15 21.12 85.58
N LEU M 65 -51.48 20.76 86.67
CA LEU M 65 -52.14 19.83 87.59
C LEU M 65 -53.35 20.46 88.28
N MET M 66 -53.38 21.78 88.43
CA MET M 66 -54.57 22.42 88.98
C MET M 66 -55.76 22.20 88.06
N VAL M 67 -55.57 22.42 86.75
CA VAL M 67 -56.68 22.16 85.85
C VAL M 67 -57.04 20.68 85.87
N ALA M 68 -56.04 19.81 85.99
CA ALA M 68 -56.32 18.38 86.05
C ALA M 68 -57.27 18.07 87.21
N PHE M 69 -56.94 18.56 88.41
CA PHE M 69 -57.76 18.23 89.57
C PHE M 69 -59.09 18.99 89.59
N LEU M 70 -59.14 20.19 89.02
CA LEU M 70 -60.43 20.86 88.88
C LEU M 70 -61.34 20.06 87.97
N ILE M 71 -60.79 19.48 86.92
CA ILE M 71 -61.55 18.59 86.05
C ILE M 71 -61.99 17.35 86.81
N LEU M 72 -61.08 16.75 87.57
CA LEU M 72 -61.36 15.43 88.13
C LEU M 72 -62.21 15.50 89.39
N PHE M 73 -61.69 16.13 90.44
CA PHE M 73 -62.31 16.10 91.76
C PHE M 73 -63.20 17.31 92.02
N ALA M 74 -63.78 17.89 90.98
CA ALA M 74 -64.66 19.05 91.15
C ALA M 74 -65.28 19.46 89.82
N ASP N 1 -67.75 -1.50 79.77
CA ASP N 1 -68.47 -0.27 80.18
C ASP N 1 -67.63 0.96 79.89
N ILE N 2 -68.28 2.05 79.49
CA ILE N 2 -67.55 3.24 79.07
C ILE N 2 -66.59 3.66 80.16
N ASP N 3 -66.92 3.39 81.42
CA ASP N 3 -66.04 3.79 82.51
C ASP N 3 -64.71 3.06 82.43
N THR N 4 -64.74 1.73 82.53
CA THR N 4 -63.51 0.96 82.58
C THR N 4 -62.78 0.90 81.25
N ALA N 5 -63.28 1.61 80.23
CA ALA N 5 -62.59 1.74 78.95
C ALA N 5 -61.96 3.13 78.80
N ALA N 6 -62.75 4.17 79.03
CA ALA N 6 -62.18 5.50 79.08
C ALA N 6 -61.10 5.60 80.14
N LYS N 7 -61.14 4.75 81.16
CA LYS N 7 -60.05 4.77 82.13
C LYS N 7 -58.73 4.35 81.49
N PHE N 8 -58.75 3.30 80.67
CA PHE N 8 -57.55 2.93 79.94
C PHE N 8 -57.14 4.05 78.98
N ILE N 9 -58.11 4.66 78.31
CA ILE N 9 -57.78 5.74 77.39
C ILE N 9 -57.06 6.85 78.13
N GLY N 10 -57.57 7.21 79.30
CA GLY N 10 -56.95 8.28 80.07
C GLY N 10 -55.56 7.92 80.55
N ALA N 11 -55.38 6.71 81.07
CA ALA N 11 -54.05 6.31 81.51
C ALA N 11 -53.05 6.35 80.36
N GLY N 12 -53.51 5.97 79.16
CA GLY N 12 -52.65 6.09 78.00
C GLY N 12 -52.32 7.53 77.67
N ALA N 13 -53.31 8.42 77.73
CA ALA N 13 -53.06 9.83 77.48
C ALA N 13 -52.26 10.49 78.59
N ALA N 14 -52.10 9.81 79.73
CA ALA N 14 -51.38 10.35 80.87
C ALA N 14 -49.92 9.94 80.91
N THR N 15 -49.63 8.65 80.67
CA THR N 15 -48.25 8.22 80.82
C THR N 15 -47.31 8.90 79.84
N VAL N 16 -47.84 9.55 78.80
CA VAL N 16 -46.99 10.26 77.85
C VAL N 16 -46.19 11.37 78.53
N GLY N 17 -46.61 11.81 79.71
CA GLY N 17 -45.97 12.96 80.32
C GLY N 17 -44.48 12.79 80.54
N VAL N 18 -44.02 11.55 80.71
CA VAL N 18 -42.61 11.32 81.02
C VAL N 18 -41.74 11.56 79.79
N ALA N 19 -42.36 11.90 78.66
CA ALA N 19 -41.58 12.46 77.57
C ALA N 19 -40.84 13.69 78.06
N GLY N 20 -41.50 14.50 78.89
CA GLY N 20 -40.84 15.64 79.48
C GLY N 20 -39.60 15.26 80.26
N SER N 21 -39.73 14.23 81.11
CA SER N 21 -38.57 13.82 81.89
C SER N 21 -37.46 13.28 81.00
N GLY N 22 -37.82 12.54 79.96
CA GLY N 22 -36.79 12.05 79.06
C GLY N 22 -36.00 13.19 78.44
N ALA N 23 -36.71 14.20 77.92
CA ALA N 23 -36.03 15.34 77.34
C ALA N 23 -35.20 16.07 78.38
N GLY N 24 -35.75 16.21 79.60
CA GLY N 24 -35.03 16.92 80.63
C GLY N 24 -33.73 16.23 81.00
N ILE N 25 -33.76 14.92 81.12
CA ILE N 25 -32.55 14.20 81.50
C ILE N 25 -31.53 14.25 80.39
N GLY N 26 -31.99 14.15 79.15
CA GLY N 26 -31.05 14.31 78.04
C GLY N 26 -30.35 15.65 78.10
N THR N 27 -31.12 16.73 78.31
CA THR N 27 -30.54 18.05 78.38
C THR N 27 -29.56 18.15 79.55
N VAL N 28 -29.95 17.63 80.71
CA VAL N 28 -29.12 17.76 81.90
C VAL N 28 -27.79 17.06 81.68
N PHE N 29 -27.81 15.86 81.14
CA PHE N 29 -26.54 15.17 80.99
C PHE N 29 -25.70 15.72 79.85
N GLY N 30 -26.31 16.29 78.81
CA GLY N 30 -25.51 16.99 77.83
C GLY N 30 -24.80 18.19 78.44
N SER N 31 -25.52 18.96 79.26
CA SER N 31 -24.88 20.08 79.93
C SER N 31 -23.75 19.60 80.83
N LEU N 32 -23.98 18.53 81.58
CA LEU N 32 -22.89 17.96 82.36
C LEU N 32 -21.71 17.65 81.48
N ILE N 33 -21.92 16.95 80.37
CA ILE N 33 -20.82 16.53 79.53
C ILE N 33 -19.98 17.72 79.15
N ILE N 34 -20.61 18.78 78.64
CA ILE N 34 -19.80 19.87 78.11
C ILE N 34 -19.17 20.68 79.23
N GLY N 35 -19.92 20.96 80.30
CA GLY N 35 -19.37 21.73 81.38
C GLY N 35 -18.27 21.00 82.12
N TYR N 36 -18.25 19.67 82.02
CA TYR N 36 -17.11 18.92 82.50
C TYR N 36 -15.96 18.94 81.51
N ALA N 37 -16.27 18.85 80.22
CA ALA N 37 -15.21 18.77 79.22
C ALA N 37 -14.49 20.09 79.29
N ARG N 38 -15.22 21.20 79.46
CA ARG N 38 -14.61 22.57 79.48
C ARG N 38 -13.56 22.64 80.59
N ASN N 39 -13.95 22.53 81.86
CA ASN N 39 -13.06 22.54 83.03
C ASN N 39 -13.25 21.30 83.90
N PRO N 40 -12.44 20.26 83.69
CA PRO N 40 -12.70 18.99 84.38
C PRO N 40 -12.62 19.07 85.89
N SER N 41 -11.70 19.89 86.43
CA SER N 41 -11.39 19.80 87.86
C SER N 41 -12.63 19.92 88.72
N LEU N 42 -13.61 20.71 88.30
CA LEU N 42 -14.80 20.93 89.11
C LEU N 42 -15.78 19.79 88.94
N M3L N 43 -15.30 18.57 89.09
CA M3L N 43 -16.10 17.42 88.80
CB M3L N 43 -15.24 16.15 88.70
C M3L N 43 -17.23 17.16 89.81
O M3L N 43 -18.42 17.26 89.54
N GLN N 44 -16.82 16.84 91.03
CA GLN N 44 -17.75 16.38 92.05
C GLN N 44 -18.92 17.35 92.20
N GLN N 45 -18.66 18.65 92.08
CA GLN N 45 -19.74 19.61 92.19
C GLN N 45 -20.63 19.59 90.95
N LEU N 46 -20.03 19.56 89.76
CA LEU N 46 -20.85 19.42 88.55
C LEU N 46 -21.69 18.17 88.62
N PHE N 47 -21.09 17.06 89.08
CA PHE N 47 -21.84 15.83 89.22
C PHE N 47 -22.93 15.98 90.27
N SER N 48 -22.66 16.70 91.36
CA SER N 48 -23.69 16.89 92.37
C SER N 48 -24.89 17.61 91.77
N TYR N 49 -24.64 18.67 90.99
CA TYR N 49 -25.75 19.38 90.39
C TYR N 49 -26.44 18.54 89.33
N ALA N 50 -25.70 17.68 88.65
CA ALA N 50 -26.33 16.79 87.68
C ALA N 50 -27.29 15.84 88.37
N ILE N 51 -26.87 15.24 89.47
CA ILE N 51 -27.75 14.32 90.17
C ILE N 51 -28.94 15.08 90.77
N LEU N 52 -28.73 16.30 91.23
CA LEU N 52 -29.86 17.10 91.68
C LEU N 52 -30.87 17.27 90.55
N GLY N 53 -30.41 17.73 89.39
CA GLY N 53 -31.31 18.00 88.30
C GLY N 53 -32.02 16.75 87.82
N PHE N 54 -31.28 15.64 87.73
CA PHE N 54 -31.89 14.35 87.46
C PHE N 54 -33.00 14.05 88.46
N ALA N 55 -32.61 13.82 89.72
CA ALA N 55 -33.59 13.49 90.74
C ALA N 55 -34.84 14.31 90.53
N LEU N 56 -34.69 15.62 90.33
CA LEU N 56 -35.88 16.46 90.36
C LEU N 56 -36.72 16.29 89.09
N SER N 57 -36.10 16.33 87.91
CA SER N 57 -36.89 16.21 86.69
C SER N 57 -37.54 14.83 86.58
N GLU N 58 -36.79 13.77 86.85
CA GLU N 58 -37.41 12.45 86.86
C GLU N 58 -38.45 12.34 87.97
N ALA N 59 -38.35 13.14 89.02
CA ALA N 59 -39.39 13.14 90.04
C ALA N 59 -40.68 13.72 89.50
N MET N 60 -40.60 14.82 88.75
CA MET N 60 -41.82 15.31 88.11
C MET N 60 -42.39 14.28 87.15
N GLY N 61 -41.51 13.62 86.39
CA GLY N 61 -41.98 12.52 85.55
C GLY N 61 -42.67 11.44 86.35
N LEU N 62 -42.11 11.09 87.51
CA LEU N 62 -42.72 10.08 88.34
C LEU N 62 -44.05 10.54 88.91
N PHE N 63 -44.21 11.84 89.13
CA PHE N 63 -45.52 12.34 89.52
C PHE N 63 -46.54 12.08 88.42
N CYS N 64 -46.15 12.33 87.17
CA CYS N 64 -47.03 11.95 86.06
C CYS N 64 -47.35 10.45 86.09
N LEU N 65 -46.31 9.64 86.23
CA LEU N 65 -46.50 8.19 86.21
C LEU N 65 -47.39 7.74 87.36
N MET N 66 -47.30 8.41 88.51
CA MET N 66 -48.12 8.07 89.66
C MET N 66 -49.56 8.49 89.45
N VAL N 67 -49.80 9.62 88.78
CA VAL N 67 -51.18 9.93 88.40
C VAL N 67 -51.75 8.80 87.56
N ALA N 68 -50.96 8.31 86.61
CA ALA N 68 -51.43 7.18 85.81
C ALA N 68 -51.72 5.97 86.69
N PHE N 69 -50.78 5.59 87.53
CA PHE N 69 -50.92 4.38 88.34
C PHE N 69 -51.84 4.55 89.54
N LEU N 70 -52.42 5.73 89.72
CA LEU N 70 -53.49 5.91 90.69
C LEU N 70 -54.87 5.92 90.03
N ILE N 71 -55.00 6.54 88.86
CA ILE N 71 -56.24 6.39 88.13
C ILE N 71 -56.46 4.93 87.73
N LEU N 72 -55.40 4.27 87.28
CA LEU N 72 -55.52 2.89 86.82
C LEU N 72 -55.94 1.95 87.94
N PHE N 73 -55.10 1.78 88.95
CA PHE N 73 -55.29 0.69 89.90
C PHE N 73 -56.30 1.04 90.97
N ALA N 74 -56.00 2.04 91.78
CA ALA N 74 -56.77 2.31 92.99
C ALA N 74 -57.94 3.24 92.76
N MET N 75 -58.20 3.66 91.53
CA MET N 75 -59.33 4.54 91.26
C MET N 75 -59.54 4.74 89.77
N ASP O 1 -66.66 -4.55 71.37
CA ASP O 1 -66.17 -4.56 72.77
C ASP O 1 -65.21 -3.40 73.02
N ILE O 2 -65.70 -2.37 73.70
CA ILE O 2 -64.90 -1.16 73.94
C ILE O 2 -63.62 -1.51 74.68
N ASP O 3 -63.57 -2.69 75.32
CA ASP O 3 -62.31 -3.15 75.86
C ASP O 3 -61.23 -3.10 74.81
N THR O 4 -61.52 -3.60 73.61
CA THR O 4 -60.53 -3.62 72.55
C THR O 4 -60.12 -2.21 72.15
N ALA O 5 -61.10 -1.33 71.97
CA ALA O 5 -60.79 0.04 71.54
C ALA O 5 -59.98 0.77 72.60
N ALA O 6 -60.35 0.60 73.86
CA ALA O 6 -59.63 1.25 74.94
C ALA O 6 -58.20 0.75 75.00
N LYS O 7 -58.00 -0.57 74.93
CA LYS O 7 -56.64 -1.08 74.97
C LYS O 7 -55.83 -0.58 73.80
N PHE O 8 -56.41 -0.57 72.60
CA PHE O 8 -55.67 -0.13 71.43
C PHE O 8 -55.29 1.34 71.52
N ILE O 9 -56.20 2.19 71.98
CA ILE O 9 -55.86 3.62 72.01
C ILE O 9 -54.98 3.95 73.21
N GLY O 10 -55.13 3.25 74.32
CA GLY O 10 -54.17 3.40 75.40
C GLY O 10 -52.76 3.08 74.95
N ALA O 11 -52.60 1.96 74.24
CA ALA O 11 -51.27 1.62 73.74
C ALA O 11 -50.82 2.59 72.65
N GLY O 12 -51.77 3.13 71.88
CA GLY O 12 -51.41 4.04 70.80
C GLY O 12 -50.99 5.41 71.30
N ALA O 13 -51.47 5.80 72.48
CA ALA O 13 -50.99 7.03 73.10
C ALA O 13 -49.72 6.76 73.89
N ALA O 14 -49.78 5.85 74.85
CA ALA O 14 -48.67 5.59 75.75
C ALA O 14 -47.37 5.32 75.00
N THR O 15 -47.44 5.08 73.70
CA THR O 15 -46.21 4.93 72.94
C THR O 15 -45.61 6.27 72.55
N VAL O 16 -46.43 7.32 72.38
CA VAL O 16 -45.87 8.62 72.07
C VAL O 16 -44.98 9.12 73.20
N GLY O 17 -45.06 8.49 74.36
CA GLY O 17 -44.17 8.81 75.46
C GLY O 17 -42.78 8.27 75.28
N VAL O 18 -42.37 8.02 74.03
CA VAL O 18 -40.98 7.74 73.71
C VAL O 18 -40.36 8.83 72.85
N ALA O 19 -41.15 9.73 72.29
CA ALA O 19 -40.57 10.90 71.64
C ALA O 19 -39.67 11.68 72.59
N GLY O 20 -40.04 11.72 73.87
CA GLY O 20 -39.20 12.40 74.83
C GLY O 20 -37.81 11.78 74.92
N SER O 21 -37.74 10.47 75.11
CA SER O 21 -36.44 9.82 75.16
C SER O 21 -35.73 9.93 73.83
N GLY O 22 -36.46 10.00 72.73
CA GLY O 22 -35.82 10.21 71.45
C GLY O 22 -35.03 11.49 71.46
N ALA O 23 -35.71 12.59 71.78
CA ALA O 23 -35.01 13.87 71.83
C ALA O 23 -33.93 13.88 72.90
N GLY O 24 -34.14 13.15 73.99
CA GLY O 24 -33.13 13.11 75.04
C GLY O 24 -31.84 12.46 74.57
N ILE O 25 -31.95 11.32 73.89
CA ILE O 25 -30.76 10.70 73.34
C ILE O 25 -30.12 11.61 72.31
N GLY O 26 -30.95 12.24 71.47
CA GLY O 26 -30.39 13.18 70.52
C GLY O 26 -29.53 14.22 71.19
N THR O 27 -30.06 14.87 72.22
CA THR O 27 -29.32 15.95 72.85
C THR O 27 -28.10 15.43 73.59
N VAL O 28 -28.19 14.26 74.21
CA VAL O 28 -27.03 13.73 74.91
C VAL O 28 -25.89 13.46 73.94
N PHE O 29 -26.18 12.86 72.81
CA PHE O 29 -25.08 12.56 71.90
C PHE O 29 -24.58 13.82 71.20
N GLY O 30 -25.45 14.79 70.95
CA GLY O 30 -24.96 16.08 70.47
C GLY O 30 -24.02 16.74 71.46
N SER O 31 -24.38 16.69 72.74
CA SER O 31 -23.53 17.28 73.75
C SER O 31 -22.22 16.53 73.86
N LEU O 32 -22.25 15.22 73.65
CA LEU O 32 -20.99 14.49 73.60
C LEU O 32 -20.14 14.98 72.44
N ILE O 33 -20.75 15.22 71.28
CA ILE O 33 -19.98 15.76 70.17
C ILE O 33 -19.29 17.04 70.59
N ILE O 34 -20.07 17.98 71.15
CA ILE O 34 -19.51 19.28 71.50
C ILE O 34 -18.38 19.11 72.52
N GLY O 35 -18.65 18.38 73.60
CA GLY O 35 -17.65 18.24 74.63
C GLY O 35 -16.38 17.60 74.12
N TYR O 36 -16.51 16.49 73.39
CA TYR O 36 -15.32 15.80 72.90
C TYR O 36 -14.55 16.69 71.94
N ALA O 37 -15.25 17.45 71.10
CA ALA O 37 -14.54 18.34 70.19
C ALA O 37 -13.75 19.39 70.94
N ARG O 38 -14.32 19.93 72.02
CA ARG O 38 -13.60 20.92 72.81
C ARG O 38 -12.34 20.36 73.45
N ASN O 39 -12.41 19.15 73.96
CA ASN O 39 -11.36 18.58 74.80
C ASN O 39 -11.12 17.14 74.35
N PRO O 40 -10.40 16.94 73.25
CA PRO O 40 -10.22 15.58 72.75
C PRO O 40 -9.49 14.68 73.72
N SER O 41 -8.80 15.25 74.71
CA SER O 41 -8.01 14.44 75.63
C SER O 41 -8.88 13.48 76.42
N LEU O 42 -10.06 13.92 76.83
CA LEU O 42 -10.82 13.21 77.83
C LEU O 42 -11.83 12.22 77.31
N M3L O 43 -11.75 11.81 76.05
CA M3L O 43 -12.73 10.89 75.48
CB M3L O 43 -12.12 10.23 74.24
C M3L O 43 -13.23 9.76 76.39
O M3L O 43 -14.31 9.20 76.25
N GLN O 44 -12.43 9.45 77.39
CA GLN O 44 -12.49 8.19 78.10
C GLN O 44 -13.36 8.42 79.32
N GLN O 45 -13.81 9.66 79.47
CA GLN O 45 -14.65 10.08 80.56
C GLN O 45 -15.95 10.68 80.04
N LEU O 46 -15.85 11.57 79.06
CA LEU O 46 -17.03 12.02 78.35
C LEU O 46 -17.83 10.83 77.84
N PHE O 47 -17.15 9.82 77.34
CA PHE O 47 -17.87 8.68 76.77
C PHE O 47 -18.57 7.88 77.86
N SER O 48 -17.93 7.67 79.00
CA SER O 48 -18.59 6.93 80.08
C SER O 48 -19.81 7.68 80.56
N TYR O 49 -19.69 9.00 80.71
CA TYR O 49 -20.85 9.78 81.08
C TYR O 49 -21.93 9.70 80.02
N ALA O 50 -21.55 9.72 78.75
CA ALA O 50 -22.52 9.66 77.68
C ALA O 50 -23.29 8.35 77.71
N ILE O 51 -22.58 7.24 77.94
CA ILE O 51 -23.26 5.94 78.07
C ILE O 51 -24.21 5.95 79.25
N LEU O 52 -23.76 6.49 80.38
CA LEU O 52 -24.64 6.57 81.54
C LEU O 52 -25.93 7.30 81.18
N GLY O 53 -25.79 8.47 80.55
CA GLY O 53 -26.97 9.25 80.21
C GLY O 53 -27.86 8.55 79.21
N PHE O 54 -27.25 7.93 78.20
CA PHE O 54 -28.04 7.22 77.21
C PHE O 54 -28.87 6.13 77.84
N ALA O 55 -28.24 5.30 78.68
CA ALA O 55 -28.99 4.25 79.35
C ALA O 55 -30.07 4.85 80.25
N LEU O 56 -29.73 5.90 80.98
CA LEU O 56 -30.64 6.43 81.99
C LEU O 56 -31.79 7.21 81.39
N SER O 57 -31.75 7.51 80.08
CA SER O 57 -32.92 8.05 79.40
C SER O 57 -33.64 7.01 78.56
N GLU O 58 -32.90 6.09 77.94
CA GLU O 58 -33.52 4.95 77.29
C GLU O 58 -34.39 4.19 78.29
N ALA O 59 -34.03 4.22 79.57
CA ALA O 59 -34.84 3.51 80.56
C ALA O 59 -36.19 4.19 80.76
N MET O 60 -36.21 5.51 80.88
CA MET O 60 -37.50 6.18 80.98
C MET O 60 -38.32 6.04 79.71
N GLY O 61 -37.69 5.82 78.57
CA GLY O 61 -38.45 5.41 77.39
C GLY O 61 -39.01 4.00 77.53
N LEU O 62 -38.19 3.09 78.07
CA LEU O 62 -38.65 1.72 78.29
C LEU O 62 -39.84 1.68 79.22
N PHE O 63 -39.95 2.62 80.15
CA PHE O 63 -41.11 2.61 81.03
C PHE O 63 -42.39 2.83 80.25
N CYS O 64 -42.41 3.78 79.33
CA CYS O 64 -43.60 3.95 78.52
C CYS O 64 -43.86 2.73 77.65
N LEU O 65 -42.81 2.17 77.04
CA LEU O 65 -43.05 1.00 76.20
C LEU O 65 -43.59 -0.16 77.03
N MET O 66 -43.10 -0.34 78.25
CA MET O 66 -43.58 -1.46 79.06
C MET O 66 -44.98 -1.20 79.60
N VAL O 67 -45.34 0.05 79.89
CA VAL O 67 -46.75 0.32 80.17
C VAL O 67 -47.60 -0.10 78.99
N ALA O 68 -47.17 0.23 77.79
CA ALA O 68 -47.90 -0.21 76.59
C ALA O 68 -48.05 -1.72 76.58
N PHE O 69 -46.95 -2.44 76.81
CA PHE O 69 -46.99 -3.89 76.69
C PHE O 69 -47.79 -4.55 77.82
N LEU O 70 -47.77 -3.99 79.02
CA LEU O 70 -48.59 -4.51 80.10
C LEU O 70 -50.04 -4.11 80.00
N ILE O 71 -50.40 -3.14 79.15
CA ILE O 71 -51.80 -2.99 78.80
C ILE O 71 -52.19 -3.94 77.67
N LEU O 72 -51.33 -4.16 76.69
CA LEU O 72 -51.72 -5.01 75.57
C LEU O 72 -51.67 -6.49 75.92
N PHE O 73 -50.47 -7.02 76.18
CA PHE O 73 -50.29 -8.44 76.44
C PHE O 73 -51.14 -8.85 77.64
N ALA O 74 -50.80 -8.32 78.81
CA ALA O 74 -51.64 -8.48 79.98
C ALA O 74 -52.63 -7.32 80.00
N MET O 75 -53.30 -7.12 81.14
CA MET O 75 -54.24 -6.03 81.28
C MET O 75 -54.63 -5.83 82.73
N ASP P 1 -67.70 -0.92 61.88
CA ASP P 1 -66.88 -1.56 62.94
C ASP P 1 -66.12 -0.52 63.75
N ILE P 2 -65.98 -0.80 65.04
CA ILE P 2 -65.15 0.02 65.92
C ILE P 2 -63.74 -0.54 66.03
N ASP P 3 -63.61 -1.86 66.19
CA ASP P 3 -62.29 -2.45 66.31
C ASP P 3 -61.38 -1.98 65.19
N THR P 4 -61.89 -1.94 63.96
CA THR P 4 -61.12 -1.33 62.88
C THR P 4 -60.95 0.17 63.12
N ALA P 5 -61.99 0.84 63.62
CA ALA P 5 -61.85 2.24 63.96
C ALA P 5 -60.82 2.44 65.07
N ALA P 6 -60.81 1.53 66.05
CA ALA P 6 -59.78 1.58 67.07
C ALA P 6 -58.40 1.41 66.46
N LYS P 7 -58.26 0.47 65.53
CA LYS P 7 -56.98 0.30 64.86
C LYS P 7 -56.54 1.60 64.22
N PHE P 8 -57.43 2.25 63.47
CA PHE P 8 -57.04 3.45 62.76
C PHE P 8 -56.66 4.55 63.73
N ILE P 9 -57.45 4.77 64.77
CA ILE P 9 -57.13 5.82 65.71
C ILE P 9 -55.79 5.55 66.39
N GLY P 10 -55.56 4.30 66.81
CA GLY P 10 -54.33 3.98 67.49
C GLY P 10 -53.11 4.14 66.59
N ALA P 11 -53.21 3.67 65.35
CA ALA P 11 -52.10 3.83 64.43
C ALA P 11 -51.82 5.30 64.15
N GLY P 12 -52.87 6.12 64.07
CA GLY P 12 -52.65 7.54 63.89
C GLY P 12 -52.00 8.17 65.10
N ALA P 13 -52.33 7.70 66.29
CA ALA P 13 -51.85 8.34 67.51
C ALA P 13 -50.54 7.77 68.03
N ALA P 14 -50.04 6.69 67.44
CA ALA P 14 -48.72 6.20 67.81
C ALA P 14 -47.62 6.80 66.96
N THR P 15 -47.94 7.20 65.73
CA THR P 15 -46.92 7.75 64.86
C THR P 15 -46.35 9.04 65.43
N VAL P 16 -47.15 9.82 66.15
CA VAL P 16 -46.66 11.08 66.69
C VAL P 16 -45.41 10.89 67.52
N GLY P 17 -45.18 9.68 68.04
CA GLY P 17 -43.95 9.41 68.75
C GLY P 17 -42.70 9.61 67.91
N VAL P 18 -42.86 9.83 66.60
CA VAL P 18 -41.71 10.00 65.71
C VAL P 18 -41.14 11.41 65.75
N ALA P 19 -41.95 12.41 66.08
CA ALA P 19 -41.44 13.77 66.15
C ALA P 19 -40.27 13.87 67.12
N GLY P 20 -40.27 13.05 68.17
CA GLY P 20 -39.16 13.06 69.08
C GLY P 20 -37.85 12.74 68.38
N SER P 21 -37.87 11.72 67.52
CA SER P 21 -36.66 11.38 66.80
C SER P 21 -36.33 12.41 65.74
N GLY P 22 -37.33 13.05 65.14
CA GLY P 22 -37.02 14.15 64.25
C GLY P 22 -36.23 15.23 64.95
N ALA P 23 -36.71 15.64 66.12
CA ALA P 23 -35.99 16.64 66.89
C ALA P 23 -34.61 16.15 67.29
N GLY P 24 -34.51 14.88 67.69
CA GLY P 24 -33.22 14.35 68.09
C GLY P 24 -32.21 14.37 66.97
N ILE P 25 -32.62 13.99 65.76
CA ILE P 25 -31.70 14.02 64.64
C ILE P 25 -31.28 15.44 64.33
N GLY P 26 -32.23 16.38 64.38
CA GLY P 26 -31.86 17.77 64.20
C GLY P 26 -30.82 18.20 65.20
N THR P 27 -31.02 17.85 66.47
CA THR P 27 -30.07 18.23 67.51
C THR P 27 -28.70 17.64 67.25
N VAL P 28 -28.65 16.36 66.90
CA VAL P 28 -27.35 15.71 66.72
C VAL P 28 -26.60 16.36 65.58
N PHE P 29 -27.27 16.61 64.46
CA PHE P 29 -26.51 17.17 63.34
C PHE P 29 -26.20 18.64 63.54
N GLY P 30 -27.03 19.39 64.25
CA GLY P 30 -26.62 20.74 64.61
C GLY P 30 -25.40 20.74 65.50
N SER P 31 -25.41 19.87 66.51
CA SER P 31 -24.25 19.77 67.38
C SER P 31 -23.01 19.40 66.60
N LEU P 32 -23.16 18.54 65.59
CA LEU P 32 -21.99 18.18 64.80
C LEU P 32 -21.50 19.37 63.98
N ILE P 33 -22.41 20.12 63.36
CA ILE P 33 -21.98 21.35 62.70
C ILE P 33 -21.12 22.18 63.64
N ILE P 34 -21.65 22.47 64.82
CA ILE P 34 -20.91 23.29 65.77
C ILE P 34 -19.56 22.68 66.08
N GLY P 35 -19.57 21.45 66.57
CA GLY P 35 -18.33 20.83 67.00
C GLY P 35 -17.28 20.82 65.91
N TYR P 36 -17.68 20.47 64.69
CA TYR P 36 -16.75 20.50 63.57
C TYR P 36 -16.23 21.92 63.36
N ALA P 37 -17.10 22.92 63.47
CA ALA P 37 -16.62 24.29 63.42
C ALA P 37 -15.43 24.70 64.27
N ARG P 38 -15.32 24.17 65.50
CA ARG P 38 -14.06 24.37 66.25
C ARG P 38 -12.80 23.61 65.85
N ASN P 39 -13.01 22.40 65.38
CA ASN P 39 -11.99 21.36 65.51
C ASN P 39 -11.96 20.48 64.27
N PRO P 40 -11.84 21.08 63.08
CA PRO P 40 -11.95 20.29 61.84
C PRO P 40 -10.95 19.16 61.78
N SER P 41 -9.95 19.15 62.67
CA SER P 41 -8.98 18.07 62.78
C SER P 41 -9.54 16.85 63.49
N LEU P 42 -10.85 16.75 63.64
CA LEU P 42 -11.44 15.60 64.30
C LEU P 42 -12.41 14.85 63.42
N M3L P 43 -12.83 15.45 62.31
CA M3L P 43 -13.87 14.91 61.46
CB M3L P 43 -13.71 15.50 60.06
C M3L P 43 -14.06 13.41 61.21
O M3L P 43 -14.75 13.00 60.28
N GLN P 44 -13.44 12.56 62.03
CA GLN P 44 -13.45 11.12 61.80
C GLN P 44 -13.66 10.44 63.13
N GLN P 45 -13.96 11.25 64.15
CA GLN P 45 -14.67 10.82 65.32
C GLN P 45 -16.03 11.48 65.42
N LEU P 46 -16.11 12.76 65.00
CA LEU P 46 -17.39 13.50 64.99
C LEU P 46 -18.30 12.66 64.11
N PHE P 47 -17.77 12.08 63.03
CA PHE P 47 -18.54 11.17 62.12
C PHE P 47 -18.92 9.89 62.87
N SER P 48 -18.03 9.33 63.71
CA SER P 48 -18.28 8.06 64.46
C SER P 48 -19.37 8.25 65.52
N TYR P 49 -19.32 9.30 66.34
CA TYR P 49 -20.31 9.59 67.35
C TYR P 49 -21.63 10.07 66.75
N ALA P 50 -21.59 10.71 65.59
CA ALA P 50 -22.81 11.24 65.01
C ALA P 50 -23.68 10.15 64.42
N ILE P 51 -23.09 9.19 63.72
CA ILE P 51 -23.88 8.06 63.26
C ILE P 51 -24.31 7.22 64.44
N LEU P 52 -23.50 7.13 65.48
CA LEU P 52 -24.00 6.43 66.67
C LEU P 52 -25.23 7.13 67.22
N GLY P 53 -25.18 8.45 67.34
CA GLY P 53 -26.32 9.18 67.85
C GLY P 53 -27.53 9.09 66.94
N PHE P 54 -27.31 9.17 65.63
CA PHE P 54 -28.41 9.02 64.69
C PHE P 54 -29.04 7.65 64.81
N ALA P 55 -28.21 6.61 64.91
CA ALA P 55 -28.74 5.26 65.05
C ALA P 55 -29.59 5.15 66.30
N LEU P 56 -29.10 5.67 67.40
CA LEU P 56 -29.81 5.48 68.66
C LEU P 56 -30.92 6.51 68.88
N SER P 57 -31.08 7.47 67.98
CA SER P 57 -32.30 8.26 67.93
C SER P 57 -33.31 7.64 66.98
N GLU P 58 -32.84 7.16 65.84
CA GLU P 58 -33.71 6.55 64.85
C GLU P 58 -34.32 5.25 65.33
N ALA P 59 -33.57 4.45 66.09
CA ALA P 59 -34.12 3.19 66.59
C ALA P 59 -35.35 3.44 67.46
N MET P 60 -35.20 4.31 68.45
CA MET P 60 -36.29 4.62 69.37
C MET P 60 -37.20 5.71 68.84
N GLY P 61 -37.00 6.13 67.59
CA GLY P 61 -38.04 6.84 66.88
C GLY P 61 -38.83 5.95 65.95
N LEU P 62 -38.25 4.83 65.53
CA LEU P 62 -38.94 3.93 64.62
C LEU P 62 -39.61 2.79 65.34
N PHE P 63 -39.27 2.52 66.60
CA PHE P 63 -40.04 1.54 67.36
C PHE P 63 -41.51 1.92 67.39
N CYS P 64 -41.81 3.22 67.53
CA CYS P 64 -43.21 3.62 67.52
C CYS P 64 -43.85 3.37 66.16
N LEU P 65 -43.11 3.55 65.07
CA LEU P 65 -43.66 3.18 63.76
C LEU P 65 -43.90 1.68 63.69
N MET P 66 -42.99 0.88 64.23
CA MET P 66 -43.20 -0.56 64.26
C MET P 66 -44.49 -0.88 65.01
N VAL P 67 -44.71 -0.22 66.14
CA VAL P 67 -45.91 -0.47 66.91
C VAL P 67 -47.15 -0.03 66.13
N ALA P 68 -47.05 1.09 65.41
CA ALA P 68 -48.20 1.53 64.62
C ALA P 68 -48.55 0.49 63.57
N PHE P 69 -47.55 -0.04 62.88
CA PHE P 69 -47.85 -1.05 61.86
C PHE P 69 -48.33 -2.34 62.50
N LEU P 70 -47.81 -2.68 63.67
CA LEU P 70 -48.36 -3.82 64.41
C LEU P 70 -49.85 -3.64 64.63
N ILE P 71 -50.24 -2.47 65.14
CA ILE P 71 -51.65 -2.22 65.41
C ILE P 71 -52.46 -2.30 64.12
N LEU P 72 -51.97 -1.67 63.07
CA LEU P 72 -52.70 -1.68 61.80
C LEU P 72 -52.92 -3.09 61.29
N PHE P 73 -51.85 -3.84 61.08
CA PHE P 73 -51.97 -5.13 60.40
C PHE P 73 -52.06 -6.29 61.38
N ALA P 74 -51.03 -6.49 62.20
CA ALA P 74 -50.95 -7.67 63.03
C ALA P 74 -51.73 -7.52 64.33
N MET P 75 -52.40 -6.40 64.53
CA MET P 75 -53.20 -6.20 65.73
C MET P 75 -52.30 -6.24 66.95
N ASP Q 1 -70.91 6.62 58.48
CA ASP Q 1 -70.24 5.37 58.98
C ASP Q 1 -69.13 5.73 59.96
N ILE Q 2 -68.93 4.86 60.95
CA ILE Q 2 -67.86 5.08 61.91
C ILE Q 2 -66.51 5.07 61.21
N ASP Q 3 -66.34 4.16 60.25
CA ASP Q 3 -65.00 3.90 59.73
C ASP Q 3 -64.41 5.11 59.03
N THR Q 4 -65.22 5.84 58.27
CA THR Q 4 -64.69 7.04 57.62
C THR Q 4 -64.30 8.08 58.67
N ALA Q 5 -65.06 8.18 59.75
CA ALA Q 5 -64.69 9.10 60.82
C ALA Q 5 -63.35 8.71 61.43
N ALA Q 6 -63.16 7.41 61.67
CA ALA Q 6 -61.88 6.95 62.22
C ALA Q 6 -60.74 7.25 61.26
N LYS Q 7 -60.97 7.06 59.96
CA LYS Q 7 -59.96 7.41 58.99
C LYS Q 7 -59.60 8.88 59.08
N PHE Q 8 -60.63 9.74 59.15
CA PHE Q 8 -60.39 11.17 59.26
C PHE Q 8 -59.55 11.49 60.49
N ILE Q 9 -59.94 10.95 61.64
CA ILE Q 9 -59.24 11.27 62.88
C ILE Q 9 -57.81 10.78 62.83
N GLY Q 10 -57.61 9.55 62.37
CA GLY Q 10 -56.26 9.00 62.32
C GLY Q 10 -55.36 9.80 61.40
N ALA Q 11 -55.86 10.17 60.23
CA ALA Q 11 -55.07 10.99 59.33
C ALA Q 11 -54.75 12.33 59.97
N GLY Q 12 -55.73 12.92 60.64
CA GLY Q 12 -55.50 14.20 61.28
C GLY Q 12 -54.48 14.14 62.40
N ALA Q 13 -54.46 13.05 63.15
CA ALA Q 13 -53.47 12.92 64.22
C ALA Q 13 -52.10 12.66 63.65
N ALA Q 14 -51.99 11.74 62.70
CA ALA Q 14 -50.68 11.34 62.22
C ALA Q 14 -49.92 12.48 61.57
N THR Q 15 -50.59 13.56 61.18
CA THR Q 15 -49.90 14.71 60.62
C THR Q 15 -49.45 15.69 61.68
N VAL Q 16 -49.36 15.25 62.93
CA VAL Q 16 -48.66 16.04 63.95
C VAL Q 16 -47.17 15.74 63.92
N GLY Q 17 -46.82 14.49 63.67
CA GLY Q 17 -45.43 14.06 63.69
C GLY Q 17 -44.51 15.03 62.99
N VAL Q 18 -45.01 15.68 61.93
CA VAL Q 18 -44.18 16.61 61.18
C VAL Q 18 -43.74 17.79 62.02
N ALA Q 19 -44.32 17.99 63.20
CA ALA Q 19 -43.80 19.02 64.10
C ALA Q 19 -42.36 18.75 64.47
N GLY Q 20 -42.03 17.48 64.71
CA GLY Q 20 -40.65 17.13 64.96
C GLY Q 20 -39.74 17.52 63.81
N SER Q 21 -40.20 17.31 62.59
CA SER Q 21 -39.41 17.70 61.43
C SER Q 21 -39.22 19.21 61.37
N GLY Q 22 -40.27 19.98 61.63
CA GLY Q 22 -40.11 21.42 61.62
C GLY Q 22 -39.08 21.89 62.63
N ALA Q 23 -39.20 21.41 63.87
CA ALA Q 23 -38.26 21.83 64.89
C ALA Q 23 -36.84 21.36 64.57
N GLY Q 24 -36.69 20.13 64.11
CA GLY Q 24 -35.36 19.62 63.81
C GLY Q 24 -34.69 20.36 62.67
N ILE Q 25 -35.44 20.71 61.64
CA ILE Q 25 -34.86 21.49 60.56
C ILE Q 25 -34.45 22.86 61.06
N GLY Q 26 -35.29 23.47 61.89
CA GLY Q 26 -34.89 24.74 62.48
C GLY Q 26 -33.58 24.63 63.23
N THR Q 27 -33.44 23.58 64.04
CA THR Q 27 -32.22 23.39 64.80
C THR Q 27 -31.02 23.22 63.88
N VAL Q 28 -31.14 22.39 62.86
CA VAL Q 28 -29.99 22.15 61.98
C VAL Q 28 -29.55 23.44 61.32
N PHE Q 29 -30.50 24.21 60.79
CA PHE Q 29 -30.07 25.40 60.07
C PHE Q 29 -29.61 26.49 61.03
N GLY Q 30 -30.18 26.55 62.23
CA GLY Q 30 -29.65 27.49 63.21
C GLY Q 30 -28.22 27.17 63.58
N SER Q 31 -27.93 25.88 63.76
CA SER Q 31 -26.55 25.50 64.04
C SER Q 31 -25.65 25.80 62.85
N LEU Q 32 -26.12 25.68 61.62
CA LEU Q 32 -25.27 26.09 60.51
C LEU Q 32 -25.03 27.59 60.54
N ILE Q 33 -26.04 28.39 60.86
CA ILE Q 33 -25.80 29.83 60.98
C ILE Q 33 -24.70 30.10 61.99
N ILE Q 34 -24.78 29.47 63.16
CA ILE Q 34 -23.78 29.70 64.19
C ILE Q 34 -22.41 29.27 63.68
N GLY Q 35 -22.31 28.05 63.15
CA GLY Q 35 -21.02 27.50 62.84
C GLY Q 35 -20.42 28.01 61.55
N TYR Q 36 -21.18 28.75 60.75
CA TYR Q 36 -20.58 29.47 59.64
C TYR Q 36 -20.21 30.90 60.01
N ALA Q 37 -21.03 31.58 60.83
CA ALA Q 37 -20.59 32.86 61.38
C ALA Q 37 -19.35 32.67 62.23
N ARG Q 38 -19.15 31.43 62.66
CA ARG Q 38 -18.04 31.02 63.49
C ARG Q 38 -16.71 31.08 62.77
N ASN Q 39 -16.68 30.63 61.51
CA ASN Q 39 -15.50 30.04 60.88
C ASN Q 39 -15.72 30.03 59.38
N PRO Q 40 -15.76 31.17 58.78
CA PRO Q 40 -16.20 31.26 57.39
C PRO Q 40 -15.32 30.48 56.43
N SER Q 41 -14.25 29.85 56.91
CA SER Q 41 -13.32 29.18 56.01
C SER Q 41 -13.82 27.83 55.55
N LEU Q 42 -14.86 27.29 56.18
CA LEU Q 42 -15.33 25.95 55.86
C LEU Q 42 -16.68 25.96 55.16
N M3L Q 43 -17.16 27.16 54.82
CA M3L Q 43 -18.45 27.35 54.21
CB M3L Q 43 -18.44 28.51 53.23
C M3L Q 43 -19.03 26.16 53.45
O M3L Q 43 -20.13 25.67 53.73
N GLN Q 44 -18.29 25.69 52.48
CA GLN Q 44 -18.72 24.57 51.67
C GLN Q 44 -19.13 23.42 52.57
N GLN Q 45 -18.14 22.71 53.10
CA GLN Q 45 -18.39 21.50 53.88
C GLN Q 45 -19.59 21.63 54.79
N LEU Q 46 -19.76 22.82 55.38
CA LEU Q 46 -20.85 23.01 56.32
C LEU Q 46 -22.21 22.80 55.66
N PHE Q 47 -22.44 23.22 54.44
CA PHE Q 47 -23.68 22.87 53.77
C PHE Q 47 -23.64 21.39 53.66
N SER Q 48 -22.73 20.78 53.07
CA SER Q 48 -22.86 19.34 52.95
C SER Q 48 -23.48 18.76 54.20
N TYR Q 49 -22.90 19.08 55.37
CA TYR Q 49 -23.39 18.55 56.67
C TYR Q 49 -24.81 19.07 56.98
N ALA Q 50 -25.17 20.32 56.66
CA ALA Q 50 -26.51 20.82 56.94
C ALA Q 50 -27.54 20.13 56.06
N ILE Q 51 -27.23 19.95 54.79
CA ILE Q 51 -28.19 19.28 53.92
C ILE Q 51 -28.34 17.83 54.30
N LEU Q 52 -27.27 17.18 54.74
CA LEU Q 52 -27.42 15.82 55.24
C LEU Q 52 -28.41 15.77 56.41
N GLY Q 53 -28.23 16.66 57.37
CA GLY Q 53 -29.12 16.67 58.52
C GLY Q 53 -30.54 17.03 58.17
N PHE Q 54 -30.71 18.03 57.32
CA PHE Q 54 -32.04 18.37 56.81
C PHE Q 54 -32.66 17.16 56.13
N ALA Q 55 -31.85 16.42 55.38
CA ALA Q 55 -32.36 15.22 54.73
C ALA Q 55 -32.94 14.26 55.73
N LEU Q 56 -32.19 13.98 56.79
CA LEU Q 56 -32.68 12.95 57.72
C LEU Q 56 -33.90 13.42 58.51
N SER Q 57 -33.90 14.67 58.97
CA SER Q 57 -35.08 15.18 59.67
C SER Q 57 -36.29 15.20 58.73
N GLU Q 58 -36.06 15.63 57.50
CA GLU Q 58 -37.09 15.58 56.47
C GLU Q 58 -37.63 14.17 56.30
N ALA Q 59 -36.74 13.19 56.23
CA ALA Q 59 -37.16 11.81 56.10
C ALA Q 59 -38.13 11.43 57.20
N MET Q 60 -37.80 11.82 58.43
CA MET Q 60 -38.65 11.42 59.54
C MET Q 60 -40.04 12.07 59.42
N GLY Q 61 -40.06 13.38 59.19
CA GLY Q 61 -41.35 14.06 59.07
C GLY Q 61 -42.19 13.49 57.95
N LEU Q 62 -41.56 13.18 56.81
CA LEU Q 62 -42.30 12.65 55.68
C LEU Q 62 -42.70 11.21 55.88
N PHE Q 63 -41.96 10.43 56.65
CA PHE Q 63 -42.48 9.12 57.05
C PHE Q 63 -43.80 9.29 57.79
N CYS Q 64 -43.81 10.20 58.76
CA CYS Q 64 -45.06 10.45 59.48
C CYS Q 64 -46.19 10.78 58.52
N LEU Q 65 -45.97 11.75 57.64
CA LEU Q 65 -47.08 12.17 56.81
C LEU Q 65 -47.40 11.16 55.71
N MET Q 66 -46.44 10.32 55.32
CA MET Q 66 -46.77 9.27 54.37
C MET Q 66 -47.71 8.25 54.99
N VAL Q 67 -47.46 7.87 56.25
CA VAL Q 67 -48.44 7.02 56.93
C VAL Q 67 -49.77 7.76 57.03
N ALA Q 68 -49.73 9.06 57.27
CA ALA Q 68 -50.97 9.82 57.40
C ALA Q 68 -51.81 9.73 56.12
N PHE Q 69 -51.17 9.89 54.96
CA PHE Q 69 -51.93 9.79 53.72
C PHE Q 69 -52.32 8.35 53.43
N LEU Q 70 -51.42 7.39 53.67
CA LEU Q 70 -51.74 5.99 53.45
C LEU Q 70 -53.02 5.61 54.18
N ILE Q 71 -53.09 5.90 55.47
CA ILE Q 71 -54.30 5.56 56.22
C ILE Q 71 -55.49 6.30 55.67
N LEU Q 72 -55.31 7.57 55.31
CA LEU Q 72 -56.43 8.38 54.83
C LEU Q 72 -57.06 7.79 53.59
N PHE Q 73 -56.35 6.95 52.85
CA PHE Q 73 -56.90 6.34 51.64
C PHE Q 73 -56.51 4.88 51.54
N ALA Q 74 -56.55 4.18 52.67
CA ALA Q 74 -56.28 2.74 52.71
C ALA Q 74 -56.32 2.23 54.14
N ASP R 1 -75.05 13.65 63.09
CA ASP R 1 -74.02 12.93 62.30
C ASP R 1 -72.65 13.13 62.91
N ILE R 2 -71.75 12.17 62.66
CA ILE R 2 -70.37 12.29 63.10
C ILE R 2 -69.40 12.53 61.96
N ASP R 3 -69.86 12.54 60.71
CA ASP R 3 -68.96 12.78 59.59
C ASP R 3 -68.32 14.15 59.70
N THR R 4 -69.14 15.21 59.64
CA THR R 4 -68.61 16.57 59.72
C THR R 4 -68.02 16.87 61.10
N ALA R 5 -68.57 16.26 62.15
CA ALA R 5 -67.99 16.43 63.48
C ALA R 5 -66.54 15.95 63.52
N ALA R 6 -66.31 14.72 63.07
CA ALA R 6 -64.95 14.21 63.00
C ALA R 6 -64.11 15.02 62.04
N LYS R 7 -64.71 15.58 60.99
CA LYS R 7 -63.95 16.46 60.12
C LYS R 7 -63.40 17.65 60.91
N PHE R 8 -64.24 18.28 61.72
CA PHE R 8 -63.78 19.42 62.51
C PHE R 8 -62.71 19.02 63.49
N ILE R 9 -62.91 17.89 64.18
CA ILE R 9 -61.93 17.47 65.18
C ILE R 9 -60.59 17.16 64.51
N GLY R 10 -60.61 16.45 63.39
CA GLY R 10 -59.37 16.12 62.71
C GLY R 10 -58.65 17.33 62.17
N ALA R 11 -59.41 18.28 61.60
CA ALA R 11 -58.77 19.51 61.13
C ALA R 11 -58.14 20.26 62.28
N GLY R 12 -58.83 20.34 63.41
CA GLY R 12 -58.28 21.04 64.57
C GLY R 12 -57.10 20.34 65.20
N ALA R 13 -56.98 19.03 65.00
CA ALA R 13 -55.80 18.33 65.50
C ALA R 13 -54.64 18.46 64.52
N ALA R 14 -54.91 18.43 63.22
CA ALA R 14 -53.84 18.54 62.25
C ALA R 14 -53.22 19.93 62.26
N THR R 15 -54.04 20.97 62.48
CA THR R 15 -53.50 22.32 62.45
C THR R 15 -52.40 22.53 63.49
N VAL R 16 -52.34 21.68 64.52
CA VAL R 16 -51.31 21.80 65.54
C VAL R 16 -49.91 21.58 64.99
N GLY R 17 -49.79 21.08 63.76
CA GLY R 17 -48.48 20.80 63.21
C GLY R 17 -47.61 22.03 63.01
N VAL R 18 -48.17 23.24 63.16
CA VAL R 18 -47.35 24.45 63.07
C VAL R 18 -46.67 24.79 64.39
N ALA R 19 -46.92 24.03 65.45
CA ALA R 19 -46.08 24.16 66.63
C ALA R 19 -44.61 23.94 66.28
N GLY R 20 -44.34 22.92 65.47
CA GLY R 20 -42.98 22.68 65.05
C GLY R 20 -42.40 23.83 64.26
N SER R 21 -43.19 24.39 63.35
CA SER R 21 -42.68 25.49 62.54
C SER R 21 -42.40 26.71 63.39
N GLY R 22 -43.25 26.97 64.40
CA GLY R 22 -42.99 28.07 65.30
C GLY R 22 -41.70 27.90 66.09
N ALA R 23 -41.50 26.71 66.66
CA ALA R 23 -40.27 26.46 67.40
C ALA R 23 -39.06 26.54 66.48
N GLY R 24 -39.18 26.03 65.27
CA GLY R 24 -38.06 26.05 64.33
C GLY R 24 -37.68 27.46 63.93
N ILE R 25 -38.66 28.31 63.66
CA ILE R 25 -38.35 29.69 63.32
C ILE R 25 -37.72 30.39 64.51
N GLY R 26 -38.19 30.08 65.73
CA GLY R 26 -37.55 30.63 66.89
C GLY R 26 -36.08 30.27 66.95
N THR R 27 -35.77 29.00 66.76
CA THR R 27 -34.36 28.57 66.82
C THR R 27 -33.54 29.21 65.71
N VAL R 28 -34.09 29.29 64.50
CA VAL R 28 -33.34 29.83 63.38
C VAL R 28 -33.02 31.31 63.61
N PHE R 29 -34.03 32.08 64.01
CA PHE R 29 -33.79 33.51 64.21
C PHE R 29 -33.10 33.82 65.53
N GLY R 30 -32.91 32.83 66.40
CA GLY R 30 -32.04 33.02 67.54
C GLY R 30 -30.60 32.75 67.18
N SER R 31 -30.37 31.65 66.46
CA SER R 31 -29.02 31.38 65.99
C SER R 31 -28.53 32.47 65.06
N LEU R 32 -29.43 33.10 64.31
CA LEU R 32 -29.01 34.25 63.52
C LEU R 32 -28.47 35.37 64.40
N ILE R 33 -29.16 35.66 65.51
CA ILE R 33 -28.71 36.71 66.41
C ILE R 33 -27.33 36.35 66.95
N ILE R 34 -27.16 35.11 67.39
CA ILE R 34 -25.88 34.73 67.97
C ILE R 34 -24.77 34.83 66.94
N GLY R 35 -24.99 34.25 65.75
CA GLY R 35 -23.96 34.26 64.73
C GLY R 35 -23.61 35.65 64.26
N TYR R 36 -24.61 36.53 64.15
CA TYR R 36 -24.34 37.92 63.82
C TYR R 36 -23.55 38.59 64.93
N ALA R 37 -23.88 38.30 66.19
CA ALA R 37 -23.14 38.90 67.30
C ALA R 37 -21.69 38.49 67.28
N ARG R 38 -21.39 37.29 66.79
CA ARG R 38 -20.01 36.84 66.77
C ARG R 38 -19.20 37.48 65.65
N ASN R 39 -19.82 37.68 64.49
CA ASN R 39 -19.10 38.09 63.28
C ASN R 39 -20.05 38.89 62.40
N PRO R 40 -20.28 40.15 62.73
CA PRO R 40 -21.20 40.98 61.96
C PRO R 40 -20.65 41.49 60.64
N SER R 41 -19.51 40.96 60.18
CA SER R 41 -18.95 41.34 58.89
C SER R 41 -19.44 40.45 57.76
N LEU R 42 -20.38 39.55 58.01
CA LEU R 42 -20.97 38.71 56.98
C LEU R 42 -22.49 38.60 57.19
N M3L R 43 -23.07 39.75 57.52
CA M3L R 43 -24.48 39.91 57.75
CB M3L R 43 -24.79 41.38 58.05
C M3L R 43 -25.41 39.49 56.62
O M3L R 43 -26.47 38.89 56.82
N GLN R 44 -25.02 39.82 55.40
CA GLN R 44 -25.86 39.52 54.25
C GLN R 44 -25.99 38.01 54.07
N GLN R 45 -24.86 37.31 54.15
CA GLN R 45 -24.90 35.86 54.02
C GLN R 45 -25.64 35.22 55.19
N LEU R 46 -25.47 35.77 56.40
CA LEU R 46 -26.24 35.24 57.52
C LEU R 46 -27.73 35.39 57.28
N PHE R 47 -28.16 36.55 56.82
CA PHE R 47 -29.59 36.76 56.58
C PHE R 47 -30.10 35.85 55.47
N SER R 48 -29.26 35.61 54.45
CA SER R 48 -29.64 34.65 53.42
C SER R 48 -30.04 33.26 53.88
N TYR R 49 -29.20 32.62 54.69
CA TYR R 49 -29.57 31.30 55.21
C TYR R 49 -30.66 31.29 56.32
N ALA R 50 -30.78 32.44 56.96
CA ALA R 50 -31.81 32.60 57.99
C ALA R 50 -33.10 32.51 57.18
N ILE R 51 -33.17 33.23 56.06
CA ILE R 51 -34.36 33.15 55.22
C ILE R 51 -34.50 31.74 54.65
N LEU R 52 -33.38 31.13 54.27
CA LEU R 52 -33.46 29.76 53.75
C LEU R 52 -34.05 28.83 54.80
N GLY R 53 -33.53 28.87 56.02
CA GLY R 53 -34.00 27.97 57.06
C GLY R 53 -35.44 28.25 57.45
N PHE R 54 -35.81 29.52 57.54
CA PHE R 54 -37.20 29.85 57.84
C PHE R 54 -38.13 29.33 56.77
N ALA R 55 -37.76 29.46 55.50
CA ALA R 55 -38.60 28.92 54.44
C ALA R 55 -38.70 27.41 54.53
N LEU R 56 -37.58 26.74 54.79
CA LEU R 56 -37.60 25.28 54.83
C LEU R 56 -38.36 24.74 56.04
N SER R 57 -38.56 25.55 57.08
CA SER R 57 -39.41 25.11 58.18
C SER R 57 -40.87 25.49 57.97
N GLU R 58 -41.14 26.69 57.46
CA GLU R 58 -42.51 27.05 57.14
C GLU R 58 -43.10 26.13 56.08
N ALA R 59 -42.28 25.59 55.18
CA ALA R 59 -42.83 24.70 54.17
C ALA R 59 -43.31 23.43 54.85
N MET R 60 -42.51 22.90 55.76
CA MET R 60 -42.89 21.66 56.41
C MET R 60 -43.93 21.83 57.54
N GLY R 61 -44.22 23.08 57.91
CA GLY R 61 -45.53 23.37 58.49
C GLY R 61 -46.81 23.50 57.68
N LEU R 62 -46.71 24.09 56.50
CA LEU R 62 -47.87 24.10 55.60
C LEU R 62 -48.20 22.71 55.01
N PHE R 63 -47.32 21.75 55.30
CA PHE R 63 -47.62 20.37 54.95
C PHE R 63 -48.80 20.04 55.85
N CYS R 64 -48.69 20.35 57.15
CA CYS R 64 -49.82 20.06 58.04
C CYS R 64 -50.97 21.00 57.77
N LEU R 65 -50.71 22.23 57.33
CA LEU R 65 -51.82 23.06 56.85
C LEU R 65 -52.62 22.50 55.68
N MET R 66 -51.94 21.93 54.69
CA MET R 66 -52.66 21.29 53.59
C MET R 66 -53.47 20.07 54.02
N VAL R 67 -52.91 19.30 54.95
CA VAL R 67 -53.63 18.12 55.43
C VAL R 67 -54.86 18.65 56.13
N ALA R 68 -54.70 19.72 56.93
CA ALA R 68 -55.85 20.29 57.61
C ALA R 68 -56.90 20.77 56.63
N PHE R 69 -56.48 21.54 55.61
CA PHE R 69 -57.45 22.05 54.65
C PHE R 69 -58.04 20.93 53.80
N LEU R 70 -57.25 19.91 53.49
CA LEU R 70 -57.78 18.76 52.78
C LEU R 70 -58.90 18.10 53.57
N ILE R 71 -58.64 17.77 54.83
CA ILE R 71 -59.69 17.15 55.64
C ILE R 71 -60.84 18.12 55.86
N LEU R 72 -60.57 19.42 55.80
CA LEU R 72 -61.62 20.40 56.06
C LEU R 72 -62.60 20.49 54.91
N PHE R 73 -62.10 20.50 53.67
CA PHE R 73 -62.95 20.73 52.51
C PHE R 73 -63.09 19.47 51.65
N ALA R 74 -62.00 18.88 51.21
CA ALA R 74 -62.03 17.57 50.58
C ALA R 74 -61.94 16.51 51.67
N MET R 75 -61.69 15.27 51.29
CA MET R 75 -61.62 14.19 52.27
C MET R 75 -60.54 13.19 51.89
N ASP S 1 -75.62 18.02 71.55
CA ASP S 1 -75.25 18.01 70.10
C ASP S 1 -73.88 17.37 69.91
N ILE S 2 -73.69 16.72 68.76
CA ILE S 2 -72.42 16.12 68.41
C ILE S 2 -71.56 17.06 67.59
N ASP S 3 -72.16 17.78 66.64
CA ASP S 3 -71.36 18.67 65.81
C ASP S 3 -70.71 19.77 66.63
N THR S 4 -71.45 20.37 67.57
CA THR S 4 -70.84 21.39 68.42
C THR S 4 -69.86 20.78 69.41
N ALA S 5 -70.08 19.51 69.79
CA ALA S 5 -69.09 18.83 70.62
C ALA S 5 -67.76 18.72 69.89
N ALA S 6 -67.79 18.28 68.63
CA ALA S 6 -66.58 18.25 67.83
C ALA S 6 -66.07 19.66 67.57
N LYS S 7 -66.97 20.63 67.51
CA LYS S 7 -66.57 22.02 67.35
C LYS S 7 -65.64 22.43 68.49
N PHE S 8 -66.07 22.19 69.73
CA PHE S 8 -65.25 22.55 70.88
C PHE S 8 -64.01 21.67 70.97
N ILE S 9 -64.12 20.40 70.58
CA ILE S 9 -62.94 19.54 70.61
C ILE S 9 -61.88 20.05 69.66
N GLY S 10 -62.28 20.40 68.43
CA GLY S 10 -61.34 20.95 67.48
C GLY S 10 -60.76 22.26 67.95
N ALA S 11 -61.58 23.11 68.56
CA ALA S 11 -61.09 24.38 69.07
C ALA S 11 -60.03 24.15 70.15
N GLY S 12 -60.30 23.25 71.09
CA GLY S 12 -59.36 22.98 72.16
C GLY S 12 -58.16 22.17 71.72
N ALA S 13 -58.22 21.56 70.54
CA ALA S 13 -57.05 20.90 69.99
C ALA S 13 -56.16 21.88 69.27
N ALA S 14 -56.69 22.59 68.27
CA ALA S 14 -55.89 23.49 67.47
C ALA S 14 -55.22 24.57 68.31
N THR S 15 -55.82 24.97 69.43
CA THR S 15 -55.20 25.97 70.28
C THR S 15 -53.94 25.47 70.95
N VAL S 16 -53.50 24.25 70.67
CA VAL S 16 -52.17 23.82 71.06
C VAL S 16 -51.09 24.36 70.15
N GLY S 17 -51.47 24.97 69.03
CA GLY S 17 -50.52 25.63 68.15
C GLY S 17 -49.84 26.83 68.76
N VAL S 18 -50.15 27.16 70.02
CA VAL S 18 -49.49 28.27 70.71
C VAL S 18 -48.28 27.83 71.50
N ALA S 19 -48.17 26.53 71.84
CA ALA S 19 -46.99 26.06 72.55
C ALA S 19 -45.75 26.18 71.67
N GLY S 20 -45.91 26.00 70.37
CA GLY S 20 -44.80 26.27 69.47
C GLY S 20 -44.35 27.70 69.56
N SER S 21 -45.30 28.63 69.66
CA SER S 21 -44.95 30.02 69.87
C SER S 21 -44.22 30.22 71.19
N GLY S 22 -44.67 29.54 72.24
CA GLY S 22 -43.97 29.63 73.52
C GLY S 22 -42.52 29.21 73.41
N ALA S 23 -42.27 28.03 72.82
CA ALA S 23 -40.91 27.58 72.63
C ALA S 23 -40.11 28.59 71.81
N GLY S 24 -40.67 29.04 70.69
CA GLY S 24 -39.93 29.92 69.81
C GLY S 24 -39.57 31.24 70.47
N ILE S 25 -40.54 31.86 71.14
CA ILE S 25 -40.29 33.15 71.76
C ILE S 25 -39.29 33.00 72.91
N GLY S 26 -39.45 31.97 73.73
CA GLY S 26 -38.47 31.76 74.76
C GLY S 26 -37.08 31.65 74.20
N THR S 27 -36.94 30.88 73.12
CA THR S 27 -35.61 30.72 72.54
C THR S 27 -35.09 32.03 71.98
N VAL S 28 -35.94 32.81 71.32
CA VAL S 28 -35.45 34.03 70.69
C VAL S 28 -34.99 35.03 71.74
N PHE S 29 -35.73 35.17 72.84
CA PHE S 29 -35.25 36.14 73.81
C PHE S 29 -34.13 35.59 74.71
N GLY S 30 -34.04 34.29 74.91
CA GLY S 30 -32.82 33.77 75.53
C GLY S 30 -31.60 34.00 74.67
N SER S 31 -31.76 33.81 73.36
CA SER S 31 -30.65 34.08 72.45
C SER S 31 -30.32 35.56 72.42
N LEU S 32 -31.31 36.43 72.54
CA LEU S 32 -31.00 37.85 72.68
C LEU S 32 -30.18 38.09 73.95
N ILE S 33 -30.62 37.51 75.07
CA ILE S 33 -29.83 37.64 76.30
C ILE S 33 -28.37 37.32 76.04
N ILE S 34 -28.10 36.11 75.53
CA ILE S 34 -26.70 35.70 75.37
C ILE S 34 -25.98 36.57 74.34
N GLY S 35 -26.57 36.74 73.16
CA GLY S 35 -25.89 37.46 72.11
C GLY S 35 -25.66 38.91 72.46
N TYR S 36 -26.40 39.44 73.41
CA TYR S 36 -26.12 40.78 73.89
C TYR S 36 -25.10 40.75 75.00
N ALA S 37 -25.14 39.76 75.88
CA ALA S 37 -24.09 39.62 76.87
C ALA S 37 -22.74 39.66 76.20
N ARG S 38 -22.60 38.91 75.11
CA ARG S 38 -21.28 38.84 74.48
C ARG S 38 -20.87 40.18 73.89
N ASN S 39 -21.78 40.91 73.25
CA ASN S 39 -21.43 42.07 72.46
C ASN S 39 -22.35 43.25 72.78
N PRO S 40 -22.23 43.81 73.96
CA PRO S 40 -23.23 44.80 74.41
C PRO S 40 -23.27 46.07 73.59
N SER S 41 -22.47 46.19 72.53
CA SER S 41 -22.51 47.36 71.69
C SER S 41 -23.36 47.16 70.45
N LEU S 42 -24.27 46.21 70.48
CA LEU S 42 -25.11 45.93 69.31
C LEU S 42 -26.58 45.97 69.68
N M3L S 43 -26.91 46.38 70.89
CA M3L S 43 -28.28 46.28 71.34
CB M3L S 43 -28.42 46.65 72.81
C M3L S 43 -29.30 47.13 70.58
O M3L S 43 -30.17 47.78 71.13
N GLN S 44 -29.18 47.11 69.26
CA GLN S 44 -30.03 47.91 68.41
C GLN S 44 -30.09 47.27 67.05
N GLN S 45 -29.40 46.14 66.90
CA GLN S 45 -29.54 45.29 65.74
C GLN S 45 -29.81 43.89 66.24
N LEU S 46 -29.21 43.53 67.38
CA LEU S 46 -29.68 42.38 68.11
C LEU S 46 -31.15 42.54 68.46
N PHE S 47 -31.52 43.71 68.97
CA PHE S 47 -32.91 43.92 69.37
C PHE S 47 -33.81 43.99 68.16
N SER S 48 -33.35 44.59 67.07
CA SER S 48 -34.15 44.63 65.85
C SER S 48 -34.42 43.23 65.34
N TYR S 49 -33.37 42.42 65.21
CA TYR S 49 -33.57 41.04 64.77
C TYR S 49 -34.45 40.28 65.76
N ALA S 50 -34.36 40.60 67.05
CA ALA S 50 -35.18 39.90 68.02
C ALA S 50 -36.65 40.25 67.85
N ILE S 51 -36.94 41.53 67.59
CA ILE S 51 -38.32 41.93 67.32
C ILE S 51 -38.82 41.26 66.06
N LEU S 52 -37.99 41.22 65.02
CA LEU S 52 -38.41 40.55 63.79
C LEU S 52 -38.73 39.10 64.06
N GLY S 53 -37.87 38.39 64.79
CA GLY S 53 -38.13 36.98 65.05
C GLY S 53 -39.34 36.75 65.93
N PHE S 54 -39.49 37.56 66.99
CA PHE S 54 -40.67 37.47 67.83
C PHE S 54 -41.94 37.67 67.00
N ALA S 55 -41.96 38.71 66.18
CA ALA S 55 -43.12 38.94 65.34
C ALA S 55 -43.35 37.75 64.42
N LEU S 56 -42.29 37.23 63.82
CA LEU S 56 -42.48 36.22 62.80
C LEU S 56 -42.72 34.84 63.37
N SER S 57 -42.63 34.66 64.69
CA SER S 57 -43.03 33.41 65.33
C SER S 57 -44.41 33.53 65.97
N GLU S 58 -44.61 34.57 66.79
CA GLU S 58 -45.95 34.84 67.28
C GLU S 58 -46.92 35.07 66.13
N ALA S 59 -46.43 35.42 64.96
CA ALA S 59 -47.30 35.52 63.80
C ALA S 59 -48.02 34.21 63.57
N MET S 60 -47.26 33.15 63.28
CA MET S 60 -47.95 31.91 63.00
C MET S 60 -48.53 31.28 64.27
N GLY S 61 -48.09 31.71 65.44
CA GLY S 61 -48.81 31.36 66.66
C GLY S 61 -50.23 31.89 66.67
N LEU S 62 -50.38 33.21 66.63
CA LEU S 62 -51.71 33.81 66.56
C LEU S 62 -52.46 33.37 65.31
N PHE S 63 -51.74 32.90 64.30
CA PHE S 63 -52.37 32.43 63.09
C PHE S 63 -53.04 31.07 63.31
N CYS S 64 -52.37 30.18 64.03
CA CYS S 64 -53.04 28.96 64.49
C CYS S 64 -54.21 29.31 65.40
N LEU S 65 -54.03 30.28 66.29
CA LEU S 65 -55.12 30.65 67.18
C LEU S 65 -56.32 31.17 66.41
N MET S 66 -56.10 31.97 65.36
CA MET S 66 -57.21 32.50 64.57
C MET S 66 -57.85 31.43 63.72
N VAL S 67 -57.09 30.45 63.23
CA VAL S 67 -57.72 29.31 62.58
C VAL S 67 -58.65 28.59 63.54
N ALA S 68 -58.18 28.40 64.78
CA ALA S 68 -59.04 27.78 65.79
C ALA S 68 -60.27 28.63 66.05
N PHE S 69 -60.09 29.95 66.11
CA PHE S 69 -61.23 30.84 66.34
C PHE S 69 -62.24 30.74 65.20
N LEU S 70 -61.76 30.67 63.97
CA LEU S 70 -62.66 30.55 62.83
C LEU S 70 -63.43 29.24 62.88
N ILE S 71 -62.72 28.11 63.01
CA ILE S 71 -63.42 26.83 63.07
C ILE S 71 -64.42 26.84 64.21
N LEU S 72 -64.06 27.47 65.33
CA LEU S 72 -64.95 27.51 66.48
C LEU S 72 -66.25 28.25 66.16
N PHE S 73 -66.14 29.53 65.81
CA PHE S 73 -67.34 30.36 65.70
C PHE S 73 -67.89 30.43 64.27
N ALA S 74 -67.11 30.96 63.34
CA ALA S 74 -67.62 31.35 62.02
C ALA S 74 -67.23 30.36 60.93
N MET S 75 -67.23 29.07 61.24
CA MET S 75 -66.95 28.07 60.20
C MET S 75 -68.07 28.06 59.18
N PHE T 1 93.38 105.65 73.24
CA PHE T 1 94.65 105.97 73.94
C PHE T 1 95.58 106.76 73.05
N ALA T 2 96.74 107.12 73.59
CA ALA T 2 97.72 107.87 72.82
C ALA T 2 98.08 107.10 71.55
N LYS T 3 98.10 107.81 70.42
CA LYS T 3 98.51 107.20 69.17
C LYS T 3 99.92 106.63 69.32
N LEU T 4 100.12 105.43 68.79
CA LEU T 4 101.42 104.79 68.82
C LEU T 4 101.83 104.42 67.40
N VAL T 5 103.12 104.53 67.14
CA VAL T 5 103.68 104.27 65.81
C VAL T 5 103.90 102.76 65.67
N ARG T 6 103.30 102.18 64.64
CA ARG T 6 103.37 100.74 64.46
C ARG T 6 104.75 100.33 63.93
N PRO T 7 105.18 99.12 64.22
CA PRO T 7 106.44 98.64 63.68
C PRO T 7 106.30 98.30 62.21
N PRO T 8 107.39 97.92 61.55
CA PRO T 8 107.29 97.54 60.13
C PRO T 8 106.77 96.13 59.96
N VAL T 9 107.16 95.26 60.89
CA VAL T 9 106.71 93.87 60.92
C VAL T 9 105.88 93.68 62.16
N GLN T 10 104.93 92.76 62.09
CA GLN T 10 104.03 92.46 63.20
C GLN T 10 104.44 91.12 63.81
N ILE T 11 104.73 91.12 65.10
CA ILE T 11 104.98 89.90 65.85
C ILE T 11 103.88 89.76 66.88
N TYR T 12 103.51 88.53 67.17
CA TYR T 12 102.30 88.24 67.92
C TYR T 12 102.61 87.37 69.13
N GLY T 13 101.75 87.47 70.14
CA GLY T 13 101.97 86.82 71.40
C GLY T 13 102.41 87.82 72.45
N ILE T 14 102.92 87.27 73.56
CA ILE T 14 103.41 88.13 74.64
C ILE T 14 104.60 88.95 74.13
N GLU T 15 105.59 88.27 73.55
CA GLU T 15 106.73 88.99 73.02
C GLU T 15 106.28 90.01 71.98
N GLY T 16 105.25 89.70 71.21
CA GLY T 16 104.77 90.67 70.24
C GLY T 16 104.31 91.94 70.90
N ARG T 17 103.49 91.82 71.96
CA ARG T 17 102.97 92.99 72.63
C ARG T 17 104.10 93.81 73.24
N TYR T 18 105.00 93.15 73.97
CA TYR T 18 106.06 93.89 74.63
C TYR T 18 107.00 94.54 73.63
N ALA T 19 107.38 93.81 72.58
CA ALA T 19 108.27 94.37 71.57
C ALA T 19 107.62 95.53 70.85
N THR T 20 106.33 95.43 70.53
CA THR T 20 105.65 96.54 69.87
C THR T 20 105.62 97.76 70.77
N ALA T 21 105.31 97.55 72.06
CA ALA T 21 105.30 98.66 72.99
C ALA T 21 106.65 99.35 73.03
N LEU T 22 107.72 98.55 73.21
CA LEU T 22 109.06 99.12 73.30
C LEU T 22 109.45 99.83 72.02
N TYR T 23 109.16 99.23 70.87
CA TYR T 23 109.53 99.85 69.60
C TYR T 23 108.81 101.17 69.41
N SER T 24 107.51 101.22 69.69
CA SER T 24 106.80 102.47 69.51
C SER T 24 107.27 103.53 70.50
N ALA T 25 107.56 103.14 71.74
CA ALA T 25 108.06 104.10 72.70
C ALA T 25 109.44 104.61 72.33
N ALA T 26 110.27 103.75 71.73
CA ALA T 26 111.61 104.17 71.34
C ALA T 26 111.59 105.05 70.10
N SER T 27 110.73 104.74 69.14
CA SER T 27 110.61 105.59 67.96
C SER T 27 110.41 107.04 68.37
N LYS T 28 109.47 107.28 69.28
CA LYS T 28 109.48 108.54 70.02
C LYS T 28 110.73 108.57 70.88
N GLN T 29 111.41 109.72 70.88
CA GLN T 29 112.72 109.90 71.49
C GLN T 29 113.83 109.34 70.62
N ASN T 30 113.52 108.64 69.54
CA ASN T 30 114.51 108.31 68.50
C ASN T 30 115.67 107.49 69.06
N LYS T 31 115.43 106.73 70.11
CA LYS T 31 116.48 105.97 70.77
C LYS T 31 116.55 104.52 70.30
N LEU T 32 116.19 104.24 69.05
CA LEU T 32 116.10 102.86 68.59
C LEU T 32 117.45 102.16 68.65
N GLU T 33 118.49 102.79 68.12
CA GLU T 33 119.78 102.12 68.03
C GLU T 33 120.35 101.82 69.41
N GLN T 34 120.39 102.82 70.29
CA GLN T 34 120.91 102.56 71.62
C GLN T 34 119.99 101.63 72.40
N VAL T 35 118.70 101.66 72.12
CA VAL T 35 117.78 100.72 72.76
C VAL T 35 118.14 99.29 72.36
N GLU T 36 118.46 99.07 71.09
CA GLU T 36 118.85 97.74 70.65
C GLU T 36 120.19 97.34 71.29
N LYS T 37 121.12 98.27 71.41
CA LYS T 37 122.37 97.97 72.07
C LYS T 37 122.12 97.52 73.51
N GLU T 38 121.31 98.26 74.25
CA GLU T 38 121.02 97.90 75.63
C GLU T 38 120.26 96.59 75.71
N LEU T 39 119.40 96.31 74.74
CA LEU T 39 118.69 95.03 74.73
C LEU T 39 119.68 93.89 74.59
N LEU T 40 120.62 94.01 73.67
CA LEU T 40 121.64 92.98 73.54
C LEU T 40 122.41 92.82 74.85
N ARG T 41 122.72 93.93 75.50
CA ARG T 41 123.45 93.84 76.77
C ARG T 41 122.66 93.06 77.81
N VAL T 42 121.40 93.44 78.02
CA VAL T 42 120.59 92.73 79.01
C VAL T 42 120.46 91.26 78.62
N GLY T 43 120.55 90.96 77.33
CA GLY T 43 120.60 89.57 76.91
C GLY T 43 121.57 88.78 77.76
N GLN T 44 122.85 89.13 77.69
CA GLN T 44 123.85 88.42 78.48
C GLN T 44 123.65 88.65 79.97
N ILE T 45 123.38 89.89 80.37
CA ILE T 45 123.28 90.18 81.80
C ILE T 45 122.23 89.31 82.47
N LEU T 46 121.25 88.81 81.70
CA LEU T 46 120.24 87.91 82.21
C LEU T 46 120.60 86.44 82.04
N LYS T 47 121.80 86.15 81.56
CA LYS T 47 122.25 84.78 81.39
C LYS T 47 123.33 84.38 82.40
N GLU T 48 123.74 85.29 83.28
CA GLU T 48 124.68 84.92 84.31
C GLU T 48 124.04 83.89 85.25
N PRO T 49 124.79 82.92 85.76
CA PRO T 49 124.16 81.82 86.51
C PRO T 49 123.32 82.29 87.68
N LYS T 50 123.81 83.27 88.45
CA LYS T 50 123.04 83.74 89.60
C LYS T 50 121.80 84.50 89.16
N MET T 51 121.96 85.41 88.20
CA MET T 51 120.80 86.16 87.71
C MET T 51 119.81 85.24 87.02
N ALA T 52 120.31 84.32 86.19
CA ALA T 52 119.42 83.39 85.50
C ALA T 52 118.82 82.35 86.45
N ALA T 53 119.35 82.22 87.66
CA ALA T 53 118.82 81.26 88.61
C ALA T 53 117.82 81.90 89.57
N SER T 54 118.05 83.14 89.97
CA SER T 54 117.12 83.83 90.86
C SER T 54 115.91 84.38 90.13
N LEU T 55 115.93 84.42 88.81
CA LEU T 55 114.81 84.89 88.01
C LEU T 55 114.02 83.76 87.38
N LEU T 56 114.18 82.55 87.90
CA LEU T 56 113.35 81.42 87.53
C LEU T 56 112.63 80.85 88.75
N ASN T 57 113.28 80.86 89.90
CA ASN T 57 112.62 80.46 91.12
C ASN T 57 111.38 81.32 91.32
N PRO T 58 110.19 80.73 91.50
CA PRO T 58 108.99 81.53 91.76
C PRO T 58 108.78 81.89 93.23
N TYR T 59 109.68 81.47 94.12
CA TYR T 59 109.55 81.75 95.54
C TYR T 59 110.38 82.95 95.98
N VAL T 60 110.94 83.68 95.03
CA VAL T 60 111.58 84.96 95.31
C VAL T 60 110.50 86.02 95.18
N LYS T 61 110.13 86.66 96.29
CA LYS T 61 109.08 87.67 96.27
C LYS T 61 109.24 88.56 95.07
N ARG T 62 108.11 88.92 94.45
CA ARG T 62 108.18 89.70 93.21
C ARG T 62 108.94 90.99 93.42
N SER T 63 108.65 91.70 94.51
CA SER T 63 109.36 92.94 94.78
C SER T 63 110.86 92.73 94.91
N VAL T 64 111.28 91.58 95.42
CA VAL T 64 112.71 91.28 95.50
C VAL T 64 113.32 91.25 94.11
N LYS T 65 112.66 90.56 93.18
CA LYS T 65 113.17 90.52 91.81
C LYS T 65 113.18 91.91 91.19
N VAL T 66 112.12 92.68 91.42
CA VAL T 66 112.05 94.02 90.84
C VAL T 66 113.20 94.87 91.34
N LYS T 67 113.49 94.81 92.65
CA LYS T 67 114.56 95.63 93.20
C LYS T 67 115.93 95.16 92.71
N SER T 68 116.12 93.84 92.60
CA SER T 68 117.39 93.35 92.09
C SER T 68 117.60 93.80 90.65
N LEU T 69 116.55 93.74 89.83
CA LEU T 69 116.65 94.23 88.46
C LEU T 69 116.96 95.72 88.44
N SER T 70 116.32 96.49 89.33
CA SER T 70 116.60 97.92 89.38
C SER T 70 118.06 98.19 89.70
N ASP T 71 118.60 97.47 90.69
CA ASP T 71 119.99 97.66 91.05
C ASP T 71 120.91 97.29 89.89
N MET T 72 120.66 96.15 89.26
CA MET T 72 121.49 95.74 88.14
C MET T 72 121.44 96.77 87.01
N THR T 73 120.25 97.31 86.75
CA THR T 73 120.12 98.29 85.68
C THR T 73 120.82 99.60 86.04
N ALA T 74 120.83 99.97 87.32
CA ALA T 74 121.63 101.12 87.74
C ALA T 74 123.10 100.87 87.48
N LYS T 75 123.59 99.68 87.84
CA LYS T 75 125.00 99.37 87.62
C LYS T 75 125.34 99.40 86.13
N GLU T 76 124.48 98.84 85.30
CA GLU T 76 124.71 98.81 83.86
C GLU T 76 124.38 100.13 83.18
N LYS T 77 123.71 101.04 83.88
CA LYS T 77 123.42 102.38 83.37
C LYS T 77 122.70 102.32 82.03
N PHE T 78 121.49 101.77 82.09
CA PHE T 78 120.64 101.67 80.91
C PHE T 78 119.85 102.95 80.71
N SER T 79 119.32 103.09 79.49
CA SER T 79 118.44 104.21 79.21
C SER T 79 117.15 104.07 80.02
N PRO T 80 116.45 105.18 80.25
CA PRO T 80 115.17 105.05 80.98
C PRO T 80 114.20 104.08 80.32
N LEU T 81 114.17 104.03 78.99
CA LEU T 81 113.25 103.13 78.30
C LEU T 81 113.58 101.68 78.61
N THR T 82 114.84 101.29 78.49
CA THR T 82 115.19 99.89 78.70
C THR T 82 115.04 99.49 80.15
N SER T 83 115.41 100.37 81.08
CA SER T 83 115.21 100.06 82.48
C SER T 83 113.72 99.91 82.80
N ASN T 84 112.90 100.80 82.25
CA ASN T 84 111.47 100.71 82.48
C ASN T 84 110.90 99.42 81.90
N LEU T 85 111.39 99.02 80.72
CA LEU T 85 110.92 97.77 80.13
C LEU T 85 111.32 96.58 80.98
N ILE T 86 112.54 96.57 81.51
CA ILE T 86 112.96 95.47 82.37
C ILE T 86 112.08 95.43 83.62
N ASN T 87 111.84 96.59 84.23
CA ASN T 87 110.90 96.66 85.33
C ASN T 87 109.56 96.03 84.95
N LEU T 88 108.91 96.60 83.94
CA LEU T 88 107.65 96.13 83.39
C LEU T 88 107.61 94.62 83.30
N LEU T 89 108.57 94.03 82.59
CA LEU T 89 108.63 92.58 82.53
C LEU T 89 108.74 91.98 83.92
N ALA T 90 109.43 92.64 84.84
CA ALA T 90 109.67 92.05 86.15
C ALA T 90 108.37 91.94 86.94
N GLU T 91 107.61 93.03 87.06
CA GLU T 91 106.41 92.98 87.90
C GLU T 91 105.25 92.26 87.23
N ASN T 92 105.15 92.32 85.90
CA ASN T 92 104.14 91.53 85.23
C ASN T 92 104.43 90.03 85.31
N GLY T 93 105.62 89.65 85.77
CA GLY T 93 105.97 88.26 85.90
C GLY T 93 106.37 87.59 84.60
N ARG T 94 106.49 88.35 83.52
CA ARG T 94 106.76 87.80 82.21
C ARG T 94 108.22 87.91 81.82
N LEU T 95 109.13 87.97 82.78
CA LEU T 95 110.54 88.05 82.44
C LEU T 95 111.10 86.69 82.04
N THR T 96 110.39 85.60 82.36
CA THR T 96 110.86 84.28 81.94
C THR T 96 110.98 84.18 80.43
N ASN T 97 110.27 85.03 79.69
CA ASN T 97 110.35 85.07 78.23
C ASN T 97 110.92 86.40 77.76
N THR T 98 111.88 86.93 78.51
CA THR T 98 112.63 88.09 78.01
C THR T 98 113.37 87.80 76.73
N PRO T 99 114.07 86.67 76.56
CA PRO T 99 114.75 86.42 75.28
C PRO T 99 113.82 86.45 74.09
N ALA T 100 112.56 86.03 74.27
CA ALA T 100 111.61 86.15 73.18
C ALA T 100 111.38 87.61 72.80
N VAL T 101 111.31 88.50 73.79
CA VAL T 101 111.08 89.91 73.51
C VAL T 101 112.21 90.46 72.65
N ILE T 102 113.43 90.46 73.19
CA ILE T 102 114.54 91.10 72.49
C ILE T 102 114.69 90.53 71.09
N SER T 103 114.61 89.20 70.96
CA SER T 103 114.70 88.58 69.65
C SER T 103 113.68 89.21 68.71
N ALA T 104 112.42 89.24 69.14
CA ALA T 104 111.38 89.88 68.33
C ALA T 104 111.77 91.31 67.99
N PHE T 105 112.24 92.06 69.00
CA PHE T 105 112.62 93.44 68.74
C PHE T 105 113.70 93.50 67.67
N SER T 106 114.67 92.59 67.70
CA SER T 106 115.67 92.57 66.65
C SER T 106 115.00 92.43 65.30
N THR T 107 114.10 91.47 65.16
CA THR T 107 113.39 91.30 63.90
C THR T 107 112.62 92.56 63.54
N MET T 108 112.16 93.31 64.52
CA MET T 108 111.48 94.56 64.23
C MET T 108 112.46 95.66 63.85
N MET T 109 113.65 95.66 64.43
CA MET T 109 114.62 96.69 64.08
C MET T 109 115.27 96.38 62.74
N SER T 110 115.56 95.11 62.48
CA SER T 110 116.16 94.75 61.19
C SER T 110 115.33 95.29 60.04
N VAL T 111 114.04 94.97 60.04
CA VAL T 111 113.18 95.41 58.95
C VAL T 111 113.11 96.93 58.91
N HIS T 112 113.31 97.58 60.05
CA HIS T 112 113.34 99.05 60.04
C HIS T 112 114.51 99.55 59.21
N ARG T 113 115.68 98.93 59.35
CA ARG T 113 116.82 99.31 58.55
C ARG T 113 116.84 98.61 57.20
N GLY T 114 115.86 97.76 56.94
CA GLY T 114 115.67 97.20 55.62
C GLY T 114 116.73 96.19 55.23
N GLU T 115 116.80 95.08 55.97
CA GLU T 115 117.70 93.98 55.65
C GLU T 115 116.84 92.73 55.50
N VAL T 116 116.34 92.53 54.29
CA VAL T 116 115.41 91.41 54.07
C VAL T 116 116.15 90.10 54.25
N PRO T 117 115.58 89.12 54.95
CA PRO T 117 116.20 87.81 55.02
C PRO T 117 116.18 87.13 53.66
N CYS T 118 117.11 86.19 53.51
CA CYS T 118 117.18 85.38 52.30
C CYS T 118 117.68 84.00 52.68
N THR T 119 117.74 83.10 51.70
CA THR T 119 118.28 81.79 51.95
C THR T 119 118.46 81.06 50.64
N VAL T 120 119.59 80.39 50.47
CA VAL T 120 119.90 79.63 49.27
C VAL T 120 120.33 78.25 49.73
N THR T 121 119.44 77.27 49.57
CA THR T 121 119.76 75.88 49.85
C THR T 121 120.23 75.23 48.55
N THR T 122 121.46 74.71 48.57
CA THR T 122 122.12 74.21 47.37
C THR T 122 122.11 72.68 47.35
N ALA T 123 122.22 72.14 46.13
CA ALA T 123 122.27 70.69 45.98
C ALA T 123 123.45 70.10 46.74
N SER T 124 124.58 70.80 46.75
CA SER T 124 125.75 70.36 47.49
C SER T 124 126.63 71.58 47.72
N ALA T 125 127.89 71.35 48.09
CA ALA T 125 128.82 72.45 48.31
C ALA T 125 128.76 73.43 47.16
N LEU T 126 129.08 74.69 47.46
CA LEU T 126 128.99 75.75 46.47
C LEU T 126 130.23 76.62 46.51
N ASP T 127 130.69 77.02 45.34
CA ASP T 127 131.81 77.95 45.23
C ASP T 127 131.41 79.32 45.79
N GLU T 128 132.40 80.20 45.92
CA GLU T 128 132.11 81.59 46.29
C GLU T 128 131.75 82.43 45.08
N ALA T 129 132.50 82.31 43.98
CA ALA T 129 132.16 83.07 42.78
C ALA T 129 130.70 82.84 42.41
N THR T 130 130.24 81.60 42.53
CA THR T 130 128.82 81.33 42.39
C THR T 130 128.02 82.12 43.41
N LEU T 131 128.49 82.18 44.65
CA LEU T 131 127.81 82.97 45.66
C LEU T 131 127.82 84.45 45.30
N THR T 132 128.92 84.92 44.72
CA THR T 132 129.00 86.31 44.30
C THR T 132 127.91 86.62 43.27
N GLU T 133 127.83 85.80 42.22
CA GLU T 133 126.81 86.03 41.20
C GLU T 133 125.41 85.90 41.80
N LEU T 134 125.22 84.94 42.70
CA LEU T 134 123.91 84.78 43.35
C LEU T 134 123.51 86.04 44.08
N LYS T 135 124.40 86.60 44.90
CA LYS T 135 124.07 87.83 45.60
C LYS T 135 123.79 88.95 44.62
N THR T 136 124.63 89.09 43.59
CA THR T 136 124.47 90.18 42.66
C THR T 136 123.12 90.10 41.95
N VAL T 137 122.62 88.90 41.70
CA VAL T 137 121.35 88.76 41.02
C VAL T 137 120.17 88.88 41.97
N LEU T 138 120.31 88.35 43.19
CA LEU T 138 119.23 88.44 44.17
C LEU T 138 118.97 89.89 44.55
N LYS T 139 120.03 90.70 44.63
CA LYS T 139 119.83 92.13 44.82
C LYS T 139 118.87 92.71 43.79
N SER T 140 118.68 92.02 42.66
CA SER T 140 117.72 92.48 41.66
C SER T 140 116.28 92.35 42.13
N PHE T 141 116.01 91.54 43.16
CA PHE T 141 114.66 91.32 43.64
C PHE T 141 114.24 92.31 44.72
N LEU T 142 115.19 92.90 45.45
CA LEU T 142 114.84 93.81 46.52
C LEU T 142 114.17 95.07 45.97
N SER T 143 113.73 95.94 46.86
CA SER T 143 113.25 97.26 46.47
C SER T 143 114.43 98.22 46.46
N LYS T 144 114.15 99.52 46.36
CA LYS T 144 115.19 100.53 46.25
C LYS T 144 115.63 100.93 47.65
N GLY T 145 116.78 100.42 48.07
CA GLY T 145 117.34 100.75 49.36
C GLY T 145 117.57 99.55 50.25
N GLN T 146 116.76 98.51 50.07
CA GLN T 146 116.83 97.34 50.93
C GLN T 146 118.24 96.73 50.85
N VAL T 147 118.50 95.82 51.79
CA VAL T 147 119.76 95.09 51.87
C VAL T 147 119.43 93.60 51.97
N LEU T 148 120.39 92.77 51.62
CA LEU T 148 120.23 91.33 51.61
C LEU T 148 120.95 90.72 52.81
N LYS T 149 120.25 89.84 53.53
CA LYS T 149 120.86 89.06 54.60
C LYS T 149 120.74 87.59 54.18
N LEU T 150 121.74 87.09 53.48
CA LEU T 150 121.70 85.78 52.85
C LEU T 150 122.42 84.77 53.73
N GLU T 151 121.74 83.66 54.03
CA GLU T 151 122.29 82.56 54.82
C GLU T 151 122.33 81.33 53.93
N VAL T 152 123.49 81.08 53.31
CA VAL T 152 123.62 79.92 52.44
C VAL T 152 123.49 78.64 53.27
N LYS T 153 123.08 77.57 52.60
CA LYS T 153 122.99 76.26 53.22
C LYS T 153 123.27 75.21 52.17
N ILE T 154 123.97 74.15 52.59
CA ILE T 154 124.24 73.01 51.73
C ILE T 154 123.22 71.93 52.04
N ASP T 155 122.76 71.23 51.01
CA ASP T 155 121.76 70.19 51.17
C ASP T 155 121.95 69.15 50.08
N PRO T 156 122.60 68.02 50.39
CA PRO T 156 122.62 66.90 49.44
C PRO T 156 121.32 66.13 49.38
N SER T 157 120.41 66.33 50.34
CA SER T 157 119.14 65.62 50.32
C SER T 157 118.37 65.94 49.04
N ILE T 158 118.35 67.20 48.65
CA ILE T 158 117.84 67.52 47.32
C ILE T 158 118.81 66.98 46.27
N MET T 159 118.28 66.74 45.08
CA MET T 159 119.10 66.14 44.03
C MET T 159 120.00 67.18 43.37
N GLY T 160 119.40 68.20 42.77
CA GLY T 160 120.16 69.23 42.10
C GLY T 160 119.53 70.59 42.28
N GLY T 161 119.92 71.55 41.45
CA GLY T 161 119.26 72.84 41.49
C GLY T 161 119.41 73.51 42.84
N MET T 162 118.42 74.32 43.20
CA MET T 162 118.51 75.00 44.49
C MET T 162 117.16 75.59 44.87
N ILE T 163 117.04 75.95 46.14
CA ILE T 163 115.86 76.58 46.70
C ILE T 163 116.25 77.97 47.18
N VAL T 164 115.50 78.98 46.77
CA VAL T 164 115.81 80.35 47.13
C VAL T 164 114.59 80.95 47.82
N ARG T 165 114.78 81.39 49.06
CA ARG T 165 113.79 82.15 49.81
C ARG T 165 114.23 83.60 49.89
N ILE T 166 113.28 84.49 49.64
CA ILE T 166 113.51 85.93 49.75
C ILE T 166 112.31 86.51 50.49
N GLY T 167 112.46 86.81 51.77
CA GLY T 167 111.33 87.18 52.58
C GLY T 167 110.34 86.03 52.67
N GLU T 168 109.19 86.18 52.03
CA GLU T 168 108.28 85.05 51.85
C GLU T 168 108.45 84.38 50.49
N LYS T 169 108.75 85.17 49.47
CA LYS T 169 108.83 84.64 48.11
C LYS T 169 109.75 83.43 48.09
N TYR T 170 109.34 82.39 47.36
CA TYR T 170 109.99 81.11 47.44
C TYR T 170 110.03 80.50 46.05
N VAL T 171 111.22 80.35 45.50
CA VAL T 171 111.41 79.77 44.18
C VAL T 171 112.19 78.49 44.35
N ASP T 172 111.61 77.38 43.89
CA ASP T 172 112.16 76.05 44.04
C ASP T 172 112.54 75.55 42.65
N MET T 173 113.85 75.44 42.41
CA MET T 173 114.37 74.87 41.18
C MET T 173 115.34 73.76 41.50
N SER T 174 114.90 72.84 42.37
CA SER T 174 115.68 71.66 42.70
C SER T 174 115.28 70.53 41.78
N ALA T 175 116.28 69.81 41.28
CA ALA T 175 116.00 68.69 40.39
C ALA T 175 115.05 67.69 41.04
N LYS T 176 115.13 67.54 42.36
CA LYS T 176 114.24 66.62 43.06
C LYS T 176 112.78 66.95 42.75
N THR T 177 112.35 68.15 43.12
CA THR T 177 110.95 68.54 42.92
C THR T 177 110.57 68.45 41.45
N LYS T 178 111.51 68.72 40.54
CA LYS T 178 111.22 68.51 39.13
C LYS T 178 110.91 67.04 38.86
N ILE T 179 111.66 66.14 39.49
CA ILE T 179 111.43 64.71 39.28
C ILE T 179 110.04 64.33 39.77
N GLN T 180 109.68 64.77 40.98
CA GLN T 180 108.33 64.47 41.45
C GLN T 180 107.27 65.09 40.55
N LYS T 181 107.51 66.30 40.06
CA LYS T 181 106.53 66.95 39.20
C LYS T 181 106.32 66.16 37.91
N LEU T 182 107.43 65.74 37.27
CA LEU T 182 107.29 64.96 36.05
C LEU T 182 106.63 63.63 36.31
N SER T 183 107.00 62.95 37.40
CA SER T 183 106.37 61.67 37.69
C SER T 183 104.87 61.84 37.93
N ARG T 184 104.49 62.92 38.61
CA ARG T 184 103.08 63.18 38.90
C ARG T 184 102.32 63.48 37.62
N ALA T 185 102.82 64.42 36.80
CA ALA T 185 102.14 64.77 35.57
C ALA T 185 102.16 63.61 34.58
N MET T 186 103.04 62.65 34.81
CA MET T 186 103.15 61.45 34.00
C MET T 186 102.28 60.31 34.50
N ARG T 187 101.94 60.28 35.78
CA ARG T 187 101.10 59.22 36.31
C ARG T 187 99.63 59.55 36.09
N MET U 1 -65.78 16.87 44.55
CA MET U 1 -64.43 17.41 44.85
C MET U 1 -63.58 16.38 45.59
N ASN U 2 -64.13 15.18 45.74
CA ASN U 2 -63.40 14.10 46.41
C ASN U 2 -62.11 13.78 45.67
N GLU U 3 -62.18 13.71 44.34
CA GLU U 3 -61.07 13.25 43.53
C GLU U 3 -60.45 14.35 42.68
N ASN U 4 -61.19 15.41 42.37
CA ASN U 4 -60.71 16.39 41.40
C ASN U 4 -59.45 17.09 41.88
N LEU U 5 -58.99 16.78 43.09
CA LEU U 5 -57.70 17.25 43.57
C LEU U 5 -56.58 16.27 43.30
N PHE U 6 -56.85 14.96 43.36
CA PHE U 6 -55.83 13.98 43.03
C PHE U 6 -55.67 13.74 41.55
N THR U 7 -56.56 14.30 40.72
CA THR U 7 -56.55 13.97 39.30
C THR U 7 -55.17 14.19 38.69
N SER U 8 -54.56 15.33 38.99
CA SER U 8 -53.30 15.68 38.34
C SER U 8 -52.17 14.73 38.71
N PHE U 9 -52.41 13.71 39.54
CA PHE U 9 -51.43 12.68 39.79
C PHE U 9 -51.75 11.37 39.09
N ILE U 10 -52.91 11.27 38.43
CA ILE U 10 -53.24 10.08 37.67
C ILE U 10 -52.33 9.99 36.45
N THR U 11 -51.75 8.82 36.24
CA THR U 11 -50.83 8.65 35.13
C THR U 11 -51.51 9.03 33.83
N PRO U 12 -50.88 9.80 32.95
CA PRO U 12 -51.55 10.19 31.71
C PRO U 12 -51.53 9.06 30.69
N VAL U 13 -52.68 8.76 30.13
CA VAL U 13 -52.77 7.92 28.94
C VAL U 13 -53.92 8.43 28.08
N ILE U 14 -53.58 9.04 26.95
CA ILE U 14 -54.61 9.63 26.11
C ILE U 14 -55.52 8.56 25.55
N LEU U 15 -54.95 7.47 25.08
CA LEU U 15 -55.70 6.26 24.75
C LEU U 15 -54.97 5.11 25.43
N GLY U 16 -55.28 3.88 25.08
CA GLY U 16 -54.63 2.77 25.75
C GLY U 16 -53.15 2.71 25.40
N LEU U 17 -52.43 3.79 25.65
CA LEU U 17 -51.03 3.90 25.32
C LEU U 17 -50.30 4.60 26.45
N PRO U 18 -49.00 4.37 26.58
CA PRO U 18 -48.22 5.08 27.60
C PRO U 18 -47.74 6.44 27.11
N LEU U 19 -48.65 7.41 27.15
CA LEU U 19 -48.24 8.78 26.86
C LEU U 19 -47.15 9.22 27.83
N VAL U 20 -47.24 8.78 29.09
CA VAL U 20 -46.33 9.27 30.12
C VAL U 20 -44.91 9.29 29.64
N THR U 21 -44.52 8.34 28.79
CA THR U 21 -43.13 8.23 28.41
C THR U 21 -42.63 9.54 27.82
N LEU U 22 -43.38 10.12 26.91
CA LEU U 22 -42.96 11.40 26.35
C LEU U 22 -42.66 12.39 27.46
N ILE U 23 -43.57 12.52 28.41
CA ILE U 23 -43.33 13.43 29.52
C ILE U 23 -42.03 13.07 30.21
N VAL U 24 -41.89 11.80 30.57
CA VAL U 24 -40.72 11.36 31.31
C VAL U 24 -39.45 11.65 30.55
N LEU U 25 -39.53 11.81 29.23
CA LEU U 25 -38.37 12.12 28.41
C LEU U 25 -38.22 13.60 28.13
N PHE U 26 -39.32 14.34 28.11
CA PHE U 26 -39.24 15.72 27.67
C PHE U 26 -38.17 16.52 28.39
N PRO U 27 -37.97 16.37 29.70
CA PRO U 27 -36.84 17.08 30.32
C PRO U 27 -35.55 16.89 29.57
N SER U 28 -35.34 15.71 28.99
CA SER U 28 -34.11 15.45 28.27
C SER U 28 -33.75 16.60 27.35
N LEU U 29 -34.61 16.91 26.41
CA LEU U 29 -34.24 17.84 25.36
C LEU U 29 -34.19 19.27 25.84
N LEU U 30 -34.19 19.50 27.15
CA LEU U 30 -33.84 20.79 27.69
C LEU U 30 -32.35 20.94 27.93
N PHE U 31 -31.55 19.94 27.58
CA PHE U 31 -30.11 19.98 27.81
C PHE U 31 -29.39 19.70 26.50
N PRO U 32 -29.43 20.62 25.59
CA PRO U 32 -28.75 20.40 24.31
C PRO U 32 -27.26 20.18 24.51
N THR U 33 -26.55 19.85 23.44
CA THR U 33 -25.13 19.57 23.53
C THR U 33 -24.47 19.98 22.23
N SER U 34 -23.17 20.20 22.27
CA SER U 34 -22.44 20.69 21.11
C SER U 34 -20.97 20.32 21.24
N ASN U 35 -20.17 20.76 20.28
CA ASN U 35 -18.75 20.51 20.26
C ASN U 35 -17.93 21.78 20.16
N ARG U 36 -18.56 22.92 19.93
CA ARG U 36 -17.83 24.16 19.78
C ARG U 36 -17.10 24.50 21.08
N LEU U 37 -15.83 24.85 20.97
CA LEU U 37 -15.12 25.36 22.14
C LEU U 37 -15.76 26.62 22.67
N VAL U 38 -16.54 27.31 21.84
CA VAL U 38 -17.34 28.46 22.27
C VAL U 38 -18.78 28.12 21.89
N SER U 39 -19.50 27.51 22.82
CA SER U 39 -20.80 26.94 22.53
C SER U 39 -21.90 27.98 22.77
N ASN U 40 -23.14 27.54 22.60
CA ASN U 40 -24.28 28.39 22.92
C ASN U 40 -24.21 28.80 24.38
N ARG U 41 -24.99 29.82 24.73
CA ARG U 41 -25.10 30.20 26.13
C ARG U 41 -25.57 29.02 26.98
N PHE U 42 -26.62 28.31 26.52
CA PHE U 42 -27.15 27.21 27.30
C PHE U 42 -26.08 26.17 27.60
N VAL U 43 -25.39 25.73 26.56
CA VAL U 43 -24.39 24.69 26.77
C VAL U 43 -23.29 25.22 27.68
N THR U 44 -22.92 26.49 27.55
CA THR U 44 -21.88 27.03 28.41
C THR U 44 -22.31 27.00 29.87
N LEU U 45 -23.53 27.46 30.15
CA LEU U 45 -24.00 27.49 31.52
C LEU U 45 -24.10 26.09 32.08
N GLN U 46 -24.56 25.14 31.28
CA GLN U 46 -24.65 23.79 31.79
C GLN U 46 -23.28 23.16 31.95
N GLN U 47 -22.31 23.56 31.14
CA GLN U 47 -20.93 23.18 31.42
C GLN U 47 -20.51 23.68 32.79
N TRP U 48 -20.79 24.94 33.08
CA TRP U 48 -20.38 25.50 34.36
C TRP U 48 -21.07 24.78 35.51
N MET U 49 -22.37 24.53 35.37
CA MET U 49 -23.10 23.82 36.43
C MET U 49 -22.56 22.42 36.63
N LEU U 50 -22.27 21.71 35.55
CA LEU U 50 -21.71 20.38 35.68
C LEU U 50 -20.38 20.42 36.40
N GLN U 51 -19.49 21.33 35.99
CA GLN U 51 -18.22 21.44 36.71
C GLN U 51 -18.47 21.67 38.18
N LEU U 52 -19.28 22.68 38.50
CA LEU U 52 -19.46 23.08 39.88
C LEU U 52 -19.98 21.91 40.71
N VAL U 53 -21.07 21.30 40.27
CA VAL U 53 -21.69 20.26 41.07
C VAL U 53 -20.82 19.01 41.13
N SER U 54 -20.27 18.58 39.98
CA SER U 54 -19.43 17.40 39.99
C SER U 54 -18.27 17.57 40.96
N LYS U 55 -17.53 18.67 40.83
CA LYS U 55 -16.46 18.93 41.79
C LYS U 55 -17.01 18.85 43.22
N GLN U 56 -17.96 19.74 43.53
CA GLN U 56 -18.44 19.87 44.91
C GLN U 56 -18.79 18.53 45.51
N MET U 57 -19.67 17.77 44.84
CA MET U 57 -20.11 16.51 45.39
C MET U 57 -19.02 15.46 45.36
N MET U 58 -18.57 15.09 44.17
CA MET U 58 -17.75 13.90 44.06
C MET U 58 -16.38 14.06 44.69
N SER U 59 -15.98 15.28 45.07
CA SER U 59 -14.67 15.49 45.66
C SER U 59 -14.33 14.43 46.70
N ILE U 60 -15.27 14.11 47.58
CA ILE U 60 -14.97 13.25 48.71
C ILE U 60 -14.53 11.87 48.24
N HIS U 61 -15.21 11.34 47.22
CA HIS U 61 -15.03 9.94 46.86
C HIS U 61 -13.65 9.70 46.26
N ASN U 62 -13.15 8.49 46.46
CA ASN U 62 -11.93 8.05 45.80
C ASN U 62 -12.24 7.58 44.39
N SER U 63 -11.23 7.05 43.70
CA SER U 63 -11.39 6.69 42.31
C SER U 63 -12.58 5.79 42.10
N LYS U 64 -12.67 4.71 42.88
CA LYS U 64 -13.76 3.76 42.69
C LYS U 64 -15.10 4.47 42.83
N GLY U 65 -15.25 5.29 43.87
CA GLY U 65 -16.46 6.07 44.00
C GLY U 65 -16.66 7.03 42.86
N GLN U 66 -15.57 7.65 42.39
CA GLN U 66 -15.69 8.59 41.29
C GLN U 66 -16.10 7.92 39.99
N THR U 67 -16.03 6.60 39.92
CA THR U 67 -16.53 5.92 38.73
C THR U 67 -18.02 6.13 38.53
N TRP U 68 -18.73 6.60 39.57
CA TRP U 68 -20.17 6.83 39.51
C TRP U 68 -20.51 8.28 39.25
N THR U 69 -19.54 9.09 38.84
CA THR U 69 -19.82 10.50 38.61
C THR U 69 -20.90 10.69 37.56
N LEU U 70 -20.83 9.91 36.49
CA LEU U 70 -21.85 10.04 35.45
C LEU U 70 -23.22 9.74 35.99
N MET U 71 -23.39 8.61 36.68
CA MET U 71 -24.65 8.34 37.34
C MET U 71 -25.11 9.56 38.10
N LEU U 72 -24.34 9.97 39.10
CA LEU U 72 -24.84 10.98 40.03
C LEU U 72 -25.19 12.28 39.31
N MET U 73 -24.36 12.72 38.37
CA MET U 73 -24.70 13.95 37.66
C MET U 73 -25.98 13.78 36.86
N SER U 74 -26.10 12.68 36.14
CA SER U 74 -27.32 12.46 35.37
C SER U 74 -28.52 12.41 36.30
N LEU U 75 -28.36 11.79 37.46
CA LEU U 75 -29.47 11.64 38.38
C LEU U 75 -29.93 12.99 38.88
N ILE U 76 -28.99 13.83 39.31
CA ILE U 76 -29.37 15.13 39.83
C ILE U 76 -30.00 15.97 38.74
N LEU U 77 -29.41 15.99 37.55
CA LEU U 77 -30.03 16.76 36.48
C LEU U 77 -31.44 16.25 36.20
N PHE U 78 -31.61 14.94 36.13
CA PHE U 78 -32.92 14.40 35.81
C PHE U 78 -33.94 14.82 36.85
N ILE U 79 -33.64 14.61 38.12
CA ILE U 79 -34.64 14.89 39.16
C ILE U 79 -34.92 16.38 39.22
N GLY U 80 -33.87 17.21 39.23
CA GLY U 80 -34.10 18.63 39.30
C GLY U 80 -34.94 19.13 38.14
N SER U 81 -34.62 18.67 36.93
CA SER U 81 -35.38 19.12 35.77
C SER U 81 -36.82 18.63 35.83
N THR U 82 -37.04 17.36 36.18
CA THR U 82 -38.41 16.88 36.24
C THR U 82 -39.22 17.71 37.22
N ASN U 83 -38.66 17.99 38.39
CA ASN U 83 -39.39 18.78 39.36
C ASN U 83 -39.69 20.17 38.82
N LEU U 84 -38.67 20.86 38.31
CA LEU U 84 -38.89 22.22 37.84
C LEU U 84 -39.97 22.26 36.77
N LEU U 85 -39.91 21.36 35.78
CA LEU U 85 -40.97 21.31 34.79
C LEU U 85 -42.31 21.00 35.44
N GLY U 86 -42.33 20.06 36.37
CA GLY U 86 -43.56 19.72 37.02
C GLY U 86 -44.23 20.92 37.64
N LEU U 87 -43.45 21.90 38.07
CA LEU U 87 -44.07 23.07 38.66
C LEU U 87 -44.91 23.87 37.68
N LEU U 88 -44.82 23.62 36.38
CA LEU U 88 -45.58 24.39 35.41
C LEU U 88 -47.07 24.14 35.58
N PRO U 89 -47.90 25.04 35.08
CA PRO U 89 -49.32 25.06 35.49
C PRO U 89 -50.03 23.72 35.57
N HIS U 90 -50.15 22.99 34.47
CA HIS U 90 -50.86 21.72 34.49
C HIS U 90 -49.93 20.54 34.36
N SER U 91 -48.62 20.79 34.35
CA SER U 91 -47.67 19.72 34.11
C SER U 91 -47.90 18.57 35.06
N PHE U 92 -47.69 17.37 34.56
CA PHE U 92 -47.73 16.15 35.36
C PHE U 92 -46.32 15.83 35.83
N THR U 93 -46.05 16.03 37.12
CA THR U 93 -44.71 15.87 37.64
C THR U 93 -44.46 14.41 37.91
N PRO U 94 -43.74 13.69 37.06
CA PRO U 94 -43.74 12.23 37.17
C PRO U 94 -43.13 11.73 38.45
N THR U 95 -42.30 12.52 39.13
CA THR U 95 -41.65 12.04 40.36
C THR U 95 -42.63 11.79 41.48
N THR U 96 -43.87 12.26 41.35
CA THR U 96 -44.90 12.05 42.36
C THR U 96 -45.46 10.64 42.36
N GLN U 97 -44.88 9.69 41.62
CA GLN U 97 -45.31 8.31 41.66
C GLN U 97 -44.25 7.44 42.31
N LEU U 98 -44.64 6.76 43.38
CA LEU U 98 -43.68 5.98 44.15
C LEU U 98 -43.07 4.88 43.30
N SER U 99 -43.75 4.41 42.27
CA SER U 99 -43.11 3.49 41.34
C SER U 99 -41.87 4.16 40.75
N MET U 100 -42.01 5.42 40.39
CA MET U 100 -40.94 6.16 39.76
C MET U 100 -39.75 6.33 40.71
N ASN U 101 -40.00 6.85 41.91
CA ASN U 101 -38.91 7.05 42.85
C ASN U 101 -38.29 5.73 43.25
N LEU U 102 -39.10 4.68 43.39
CA LEU U 102 -38.54 3.37 43.67
C LEU U 102 -37.62 2.94 42.54
N GLY U 103 -38.04 3.18 41.31
CA GLY U 103 -37.20 2.88 40.17
C GLY U 103 -35.84 3.53 40.29
N MET U 104 -35.82 4.82 40.63
CA MET U 104 -34.54 5.48 40.85
C MET U 104 -33.79 4.84 42.00
N ALA U 105 -34.50 4.56 43.10
CA ALA U 105 -33.85 4.38 44.38
C ALA U 105 -33.27 2.98 44.56
N ILE U 106 -34.13 1.97 44.54
CA ILE U 106 -33.67 0.69 45.05
C ILE U 106 -32.55 0.15 44.17
N PRO U 107 -32.50 0.42 42.87
CA PRO U 107 -31.34 -0.06 42.11
C PRO U 107 -30.06 0.64 42.50
N LEU U 108 -30.10 1.96 42.71
CA LEU U 108 -28.87 2.67 43.03
C LEU U 108 -28.34 2.26 44.39
N TRP U 109 -29.20 2.29 45.41
CA TRP U 109 -28.75 1.87 46.74
C TRP U 109 -28.34 0.41 46.75
N ALA U 110 -29.09 -0.43 46.03
CA ALA U 110 -28.71 -1.83 45.93
C ALA U 110 -27.34 -1.96 45.29
N GLY U 111 -27.07 -1.18 44.26
CA GLY U 111 -25.76 -1.22 43.65
C GLY U 111 -24.67 -0.79 44.60
N ALA U 112 -24.93 0.25 45.39
CA ALA U 112 -23.94 0.69 46.37
C ALA U 112 -23.64 -0.42 47.38
N VAL U 113 -24.68 -1.06 47.91
CA VAL U 113 -24.48 -2.06 48.94
C VAL U 113 -23.80 -3.30 48.35
N ILE U 114 -24.30 -3.78 47.22
CA ILE U 114 -23.70 -4.95 46.61
C ILE U 114 -22.28 -4.66 46.16
N THR U 115 -21.97 -3.40 45.85
CA THR U 115 -20.59 -3.03 45.57
C THR U 115 -19.74 -3.15 46.83
N GLY U 116 -20.21 -2.53 47.92
CA GLY U 116 -19.49 -2.61 49.17
C GLY U 116 -19.34 -4.02 49.69
N PHE U 117 -20.13 -4.95 49.18
CA PHE U 117 -19.96 -6.37 49.50
C PHE U 117 -19.01 -7.05 48.53
N ARG U 118 -19.23 -6.89 47.23
CA ARG U 118 -18.37 -7.52 46.23
C ARG U 118 -16.92 -7.11 46.41
N ASN U 119 -16.64 -5.83 46.22
CA ASN U 119 -15.24 -5.39 46.24
C ASN U 119 -14.61 -5.63 47.60
N LYS U 120 -15.35 -5.33 48.66
CA LYS U 120 -14.87 -5.44 50.02
C LYS U 120 -15.92 -6.16 50.85
N THR U 121 -15.48 -6.84 51.90
CA THR U 121 -16.41 -7.68 52.66
C THR U 121 -16.29 -7.45 54.16
N LYS U 122 -15.17 -6.91 54.62
CA LYS U 122 -14.95 -6.83 56.05
C LYS U 122 -15.65 -5.61 56.67
N ALA U 123 -15.23 -4.41 56.30
CA ALA U 123 -15.81 -3.23 56.90
C ALA U 123 -17.29 -3.14 56.64
N SER U 124 -17.75 -3.64 55.49
CA SER U 124 -19.17 -3.62 55.21
C SER U 124 -19.96 -4.37 56.26
N LEU U 125 -19.43 -5.51 56.71
CA LEU U 125 -20.09 -6.23 57.79
C LEU U 125 -19.87 -5.55 59.13
N ALA U 126 -18.66 -5.03 59.36
CA ALA U 126 -18.34 -4.48 60.67
C ALA U 126 -19.14 -3.23 60.97
N HIS U 127 -19.58 -2.51 59.95
CA HIS U 127 -20.27 -1.25 60.20
C HIS U 127 -21.55 -1.43 60.99
N PHE U 128 -22.10 -2.63 61.04
CA PHE U 128 -23.28 -2.84 61.85
C PHE U 128 -22.97 -2.90 63.32
N LEU U 129 -21.75 -2.57 63.72
CA LEU U 129 -21.37 -2.46 65.11
C LEU U 129 -20.55 -1.17 65.28
N PRO U 130 -21.15 -0.10 65.80
CA PRO U 130 -20.41 1.15 65.93
C PRO U 130 -19.19 0.97 66.84
N GLN U 131 -18.14 1.72 66.52
CA GLN U 131 -16.84 1.48 67.13
C GLN U 131 -16.89 1.67 68.63
N GLY U 132 -16.14 0.83 69.35
CA GLY U 132 -15.94 1.02 70.77
C GLY U 132 -17.22 1.03 71.57
N THR U 133 -18.09 0.08 71.33
CA THR U 133 -19.36 0.05 72.05
C THR U 133 -19.28 -0.85 73.27
N PRO U 134 -19.97 -0.52 74.36
CA PRO U 134 -19.94 -1.39 75.54
C PRO U 134 -20.60 -2.74 75.28
N THR U 135 -20.07 -3.76 75.94
CA THR U 135 -20.56 -5.12 75.71
C THR U 135 -22.03 -5.30 76.08
N PRO U 136 -22.51 -4.85 77.25
CA PRO U 136 -23.78 -5.38 77.76
C PRO U 136 -25.00 -5.06 76.90
N LEU U 137 -24.80 -4.40 75.76
CA LEU U 137 -25.90 -4.09 74.86
C LEU U 137 -25.60 -4.36 73.40
N ILE U 138 -24.41 -4.83 73.06
CA ILE U 138 -23.97 -4.98 71.68
C ILE U 138 -25.09 -5.60 70.83
N PRO U 139 -25.61 -6.77 71.19
CA PRO U 139 -26.67 -7.35 70.33
C PRO U 139 -27.85 -6.42 70.16
N MET U 140 -28.38 -5.91 71.27
CA MET U 140 -29.55 -5.03 71.18
C MET U 140 -29.28 -3.84 70.26
N LEU U 141 -28.02 -3.41 70.16
CA LEU U 141 -27.68 -2.30 69.28
C LEU U 141 -27.51 -2.76 67.84
N VAL U 142 -26.94 -3.94 67.62
CA VAL U 142 -26.62 -4.35 66.26
C VAL U 142 -27.89 -4.43 65.42
N ILE U 143 -28.97 -4.99 65.99
CA ILE U 143 -30.23 -5.09 65.28
C ILE U 143 -30.66 -3.73 64.74
N ILE U 144 -30.27 -2.65 65.41
CA ILE U 144 -30.64 -1.33 64.94
C ILE U 144 -29.94 -1.03 63.62
N GLU U 145 -28.63 -1.24 63.57
CA GLU U 145 -27.88 -0.86 62.39
C GLU U 145 -28.48 -1.50 61.15
N THR U 146 -28.68 -2.82 61.17
CA THR U 146 -29.27 -3.48 60.01
C THR U 146 -30.59 -2.82 59.64
N ILE U 147 -31.44 -2.55 60.63
CA ILE U 147 -32.68 -1.86 60.33
C ILE U 147 -32.38 -0.53 59.67
N SER U 148 -31.50 0.26 60.29
CA SER U 148 -31.15 1.54 59.74
C SER U 148 -30.56 1.42 58.36
N LEU U 149 -30.05 0.24 57.99
CA LEU U 149 -29.65 0.03 56.61
C LEU U 149 -30.88 -0.04 55.70
N PHE U 150 -31.75 -1.00 55.95
CA PHE U 150 -32.82 -1.28 55.00
C PHE U 150 -33.80 -0.13 54.90
N ILE U 151 -33.94 0.67 55.96
CA ILE U 151 -34.84 1.80 55.88
C ILE U 151 -34.36 2.83 54.87
N GLN U 152 -33.05 2.88 54.60
CA GLN U 152 -32.52 3.93 53.74
C GLN U 152 -33.14 3.90 52.35
N PRO U 153 -33.08 2.82 51.60
CA PRO U 153 -33.61 2.86 50.23
C PRO U 153 -35.05 3.33 50.18
N MET U 154 -35.94 2.62 50.86
CA MET U 154 -37.34 3.05 50.87
C MET U 154 -37.45 4.52 51.25
N ALA U 155 -36.78 4.92 52.32
CA ALA U 155 -36.77 6.31 52.72
C ALA U 155 -36.52 7.20 51.51
N LEU U 156 -35.37 7.01 50.87
CA LEU U 156 -35.04 7.80 49.68
C LEU U 156 -36.26 7.97 48.80
N ALA U 157 -36.85 6.87 48.37
CA ALA U 157 -38.00 6.95 47.49
C ALA U 157 -38.99 7.92 48.08
N VAL U 158 -39.56 7.56 49.23
CA VAL U 158 -40.66 8.35 49.75
C VAL U 158 -40.25 9.80 49.84
N ARG U 159 -38.98 10.04 50.17
CA ARG U 159 -38.50 11.40 50.32
C ARG U 159 -39.05 12.26 49.20
N LEU U 160 -38.62 11.97 47.97
CA LEU U 160 -39.07 12.76 46.84
C LEU U 160 -40.57 12.84 46.85
N THR U 161 -41.22 11.67 46.72
CA THR U 161 -42.66 11.63 46.66
C THR U 161 -43.22 12.57 47.70
N ALA U 162 -42.89 12.31 48.96
CA ALA U 162 -43.59 12.97 50.05
C ALA U 162 -43.55 14.48 49.87
N ASN U 163 -42.40 15.01 49.50
CA ASN U 163 -42.34 16.43 49.26
C ASN U 163 -43.14 16.77 48.02
N ILE U 164 -42.69 16.26 46.88
CA ILE U 164 -43.14 16.79 45.60
C ILE U 164 -44.65 16.78 45.54
N THR U 165 -45.24 15.59 45.63
CA THR U 165 -46.68 15.49 45.50
C THR U 165 -47.34 16.49 46.43
N ALA U 166 -46.94 16.46 47.70
CA ALA U 166 -47.52 17.37 48.66
C ALA U 166 -47.47 18.79 48.10
N GLY U 167 -46.27 19.29 47.84
CA GLY U 167 -46.13 20.62 47.32
C GLY U 167 -47.19 20.90 46.28
N HIS U 168 -47.23 20.09 45.22
CA HIS U 168 -48.18 20.38 44.15
C HIS U 168 -49.59 20.43 44.70
N LEU U 169 -50.02 19.34 45.35
CA LEU U 169 -51.38 19.25 45.96
C LEU U 169 -51.64 20.49 46.82
N LEU U 170 -50.68 20.91 47.65
CA LEU U 170 -50.84 22.08 48.57
C LEU U 170 -51.05 23.34 47.73
N ILE U 171 -50.31 23.51 46.64
CA ILE U 171 -50.44 24.69 45.73
C ILE U 171 -51.86 24.68 45.15
N HIS U 172 -52.35 23.51 44.73
CA HIS U 172 -53.71 23.34 44.14
C HIS U 172 -54.77 23.67 45.21
N LEU U 173 -54.55 23.26 46.46
CA LEU U 173 -55.52 23.45 47.56
C LEU U 173 -55.74 24.95 47.78
N ILE U 174 -54.68 25.76 47.84
CA ILE U 174 -54.85 27.20 48.06
C ILE U 174 -55.57 27.82 46.88
N GLY U 175 -55.26 27.37 45.68
CA GLY U 175 -55.97 27.85 44.52
C GLY U 175 -57.45 27.88 44.81
N GLY U 176 -58.02 26.72 45.09
CA GLY U 176 -59.44 26.65 45.38
C GLY U 176 -59.85 27.78 46.28
N ALA U 177 -59.17 27.88 47.43
CA ALA U 177 -59.52 28.91 48.40
C ALA U 177 -59.68 30.26 47.72
N THR U 178 -58.61 30.76 47.13
CA THR U 178 -58.69 32.11 46.57
C THR U 178 -59.80 32.18 45.54
N LEU U 179 -59.94 31.14 44.71
CA LEU U 179 -61.02 31.14 43.73
C LEU U 179 -62.36 31.33 44.42
N ALA U 180 -62.64 30.51 45.42
CA ALA U 180 -63.89 30.65 46.16
C ALA U 180 -64.00 32.05 46.75
N LEU U 181 -62.90 32.57 47.29
CA LEU U 181 -62.95 33.86 47.95
C LEU U 181 -63.19 35.00 46.98
N MET U 182 -63.15 34.75 45.67
CA MET U 182 -63.56 35.79 44.74
C MET U 182 -65.04 36.13 44.89
N SER U 183 -65.81 35.29 45.58
CA SER U 183 -67.19 35.59 45.91
C SER U 183 -67.35 36.29 47.25
N ILE U 184 -66.25 36.60 47.93
CA ILE U 184 -66.26 37.22 49.24
C ILE U 184 -65.29 38.39 49.21
N SER U 185 -65.12 39.07 50.35
CA SER U 185 -64.26 40.23 50.44
C SER U 185 -62.94 40.00 49.73
N THR U 186 -62.68 40.81 48.71
CA THR U 186 -61.52 40.58 47.87
C THR U 186 -60.20 40.72 48.61
N THR U 187 -60.20 41.39 49.76
CA THR U 187 -58.96 41.52 50.51
C THR U 187 -58.44 40.16 50.95
N THR U 188 -59.34 39.30 51.43
CA THR U 188 -58.92 37.95 51.80
C THR U 188 -58.39 37.19 50.59
N ALA U 189 -59.05 37.34 49.45
CA ALA U 189 -58.58 36.67 48.24
C ALA U 189 -57.18 37.13 47.87
N LEU U 190 -56.94 38.44 47.93
CA LEU U 190 -55.62 38.95 47.60
C LEU U 190 -54.57 38.46 48.58
N ILE U 191 -54.93 38.43 49.87
CA ILE U 191 -54.01 37.86 50.87
C ILE U 191 -53.63 36.45 50.45
N THR U 192 -54.63 35.58 50.34
CA THR U 192 -54.37 34.19 49.97
C THR U 192 -53.56 34.10 48.70
N PHE U 193 -53.78 35.02 47.76
CA PHE U 193 -52.97 35.02 46.54
C PHE U 193 -51.51 35.28 46.86
N THR U 194 -51.24 36.22 47.77
CA THR U 194 -49.86 36.49 48.16
C THR U 194 -49.23 35.27 48.83
N ILE U 195 -49.96 34.63 49.73
CA ILE U 195 -49.45 33.41 50.33
C ILE U 195 -49.16 32.38 49.24
N LEU U 196 -50.02 32.31 48.22
CA LEU U 196 -49.78 31.37 47.14
C LEU U 196 -48.49 31.70 46.40
N ILE U 197 -48.22 33.00 46.18
CA ILE U 197 -46.97 33.39 45.58
C ILE U 197 -45.80 32.88 46.41
N LEU U 198 -45.87 33.08 47.72
CA LEU U 198 -44.80 32.59 48.58
C LEU U 198 -44.67 31.08 48.49
N LEU U 199 -45.80 30.37 48.41
CA LEU U 199 -45.74 28.92 48.26
C LEU U 199 -45.02 28.54 46.98
N THR U 200 -45.28 29.25 45.89
CA THR U 200 -44.59 28.93 44.64
C THR U 200 -43.10 29.15 44.80
N ILE U 201 -42.70 30.22 45.48
CA ILE U 201 -41.28 30.44 45.75
C ILE U 201 -40.71 29.22 46.46
N LEU U 202 -41.40 28.79 47.51
CA LEU U 202 -40.90 27.69 48.31
C LEU U 202 -40.89 26.39 47.53
N GLU U 203 -41.83 26.21 46.60
CA GLU U 203 -41.87 24.99 45.81
C GLU U 203 -40.69 24.93 44.85
N PHE U 204 -40.41 26.03 44.17
CA PHE U 204 -39.20 26.05 43.37
C PHE U 204 -37.97 25.78 44.23
N ALA U 205 -37.95 26.28 45.46
CA ALA U 205 -36.81 26.00 46.31
C ALA U 205 -36.69 24.50 46.59
N VAL U 206 -37.78 23.89 47.06
CA VAL U 206 -37.71 22.50 47.50
C VAL U 206 -37.45 21.58 46.33
N ALA U 207 -37.86 21.97 45.12
CA ALA U 207 -37.55 21.13 43.96
C ALA U 207 -36.05 20.89 43.84
N MET U 208 -35.29 21.98 43.71
CA MET U 208 -33.84 21.84 43.58
C MET U 208 -33.24 21.23 44.82
N ILE U 209 -33.70 21.66 46.01
CA ILE U 209 -33.11 21.10 47.23
C ILE U 209 -33.31 19.61 47.27
N GLN U 210 -34.47 19.12 46.83
CA GLN U 210 -34.76 17.70 46.89
C GLN U 210 -33.91 16.94 45.88
N ALA U 211 -33.79 17.45 44.66
CA ALA U 211 -32.87 16.80 43.74
C ALA U 211 -31.50 16.67 44.37
N TYR U 212 -30.99 17.77 44.91
CA TYR U 212 -29.64 17.79 45.45
C TYR U 212 -29.50 16.82 46.60
N VAL U 213 -30.47 16.80 47.50
CA VAL U 213 -30.35 15.98 48.70
C VAL U 213 -30.46 14.51 48.35
N PHE U 214 -31.37 14.16 47.43
CA PHE U 214 -31.45 12.79 46.98
C PHE U 214 -30.10 12.32 46.45
N THR U 215 -29.55 13.06 45.50
CA THR U 215 -28.28 12.64 44.94
C THR U 215 -27.18 12.62 45.99
N LEU U 216 -27.21 13.56 46.93
CA LEU U 216 -26.19 13.61 47.96
C LEU U 216 -26.25 12.38 48.86
N LEU U 217 -27.46 11.98 49.26
CA LEU U 217 -27.58 10.77 50.06
C LEU U 217 -27.04 9.58 49.32
N VAL U 218 -27.41 9.44 48.04
CA VAL U 218 -26.88 8.29 47.31
C VAL U 218 -25.38 8.36 47.26
N SER U 219 -24.83 9.56 47.04
CA SER U 219 -23.40 9.71 46.93
C SER U 219 -22.69 9.29 48.20
N LEU U 220 -23.20 9.71 49.35
CA LEU U 220 -22.51 9.40 50.59
C LEU U 220 -22.75 7.97 51.03
N TYR U 221 -23.87 7.36 50.64
CA TYR U 221 -23.98 5.91 50.77
C TYR U 221 -22.85 5.23 50.01
N LEU U 222 -22.64 5.65 48.76
CA LEU U 222 -21.57 5.06 47.97
C LEU U 222 -20.23 5.28 48.64
N HIS U 223 -20.01 6.47 49.20
CA HIS U 223 -18.76 6.74 49.89
C HIS U 223 -18.58 5.81 51.08
N ASP U 224 -19.67 5.56 51.82
CA ASP U 224 -19.59 4.62 52.92
C ASP U 224 -19.21 3.24 52.42
N ASN U 225 -19.76 2.83 51.30
CA ASN U 225 -19.49 1.51 50.74
C ASN U 225 -18.48 1.55 49.60
N THR U 226 -17.76 2.66 49.43
CA THR U 226 -16.77 2.77 48.37
C THR U 226 -15.84 1.57 48.36
N PRO V 1 -13.73 22.99 12.34
CA PRO V 1 -14.46 22.73 11.09
C PRO V 1 -15.86 23.33 11.08
N VAL V 2 -16.56 23.24 12.20
CA VAL V 2 -17.97 23.67 12.22
C VAL V 2 -18.04 25.16 11.89
N PRO V 3 -19.02 25.61 11.12
CA PRO V 3 -19.12 27.03 10.82
C PRO V 3 -19.29 27.86 12.08
N PRO V 4 -19.18 29.18 11.99
CA PRO V 4 -19.44 30.01 13.16
C PRO V 4 -20.93 30.05 13.48
N LEU V 5 -21.22 30.31 14.74
CA LEU V 5 -22.60 30.36 15.20
C LEU V 5 -23.33 31.54 14.57
N PRO V 6 -24.63 31.41 14.33
CA PRO V 6 -25.42 32.60 14.02
C PRO V 6 -25.25 33.66 15.08
N GLU V 7 -25.76 34.86 14.85
CA GLU V 7 -25.56 35.92 15.82
C GLU V 7 -26.72 36.07 16.78
N HIS V 8 -27.95 36.09 16.27
CA HIS V 8 -29.14 36.07 17.11
C HIS V 8 -30.17 35.15 16.48
N GLY V 9 -30.95 34.48 17.33
CA GLY V 9 -32.04 33.68 16.86
C GLY V 9 -33.22 34.53 16.47
N GLY V 10 -34.24 33.87 15.95
CA GLY V 10 -35.42 34.58 15.49
C GLY V 10 -35.98 35.50 16.55
N LYS V 11 -36.16 36.77 16.20
CA LYS V 11 -36.70 37.72 17.15
C LYS V 11 -38.10 37.31 17.56
N VAL V 12 -38.42 37.51 18.83
CA VAL V 12 -39.68 37.06 19.42
C VAL V 12 -40.31 38.23 20.13
N ARG V 13 -41.63 38.22 20.20
CA ARG V 13 -42.39 39.26 20.87
C ARG V 13 -42.97 38.70 22.15
N PHE V 14 -42.85 39.46 23.23
CA PHE V 14 -43.19 38.99 24.57
C PHE V 14 -42.36 37.78 24.95
N GLY V 15 -41.27 37.53 24.25
CA GLY V 15 -40.56 36.29 24.44
C GLY V 15 -41.44 35.08 24.23
N LEU V 16 -42.54 35.23 23.50
CA LEU V 16 -43.52 34.17 23.37
C LEU V 16 -44.08 34.01 21.97
N ILE V 17 -43.81 34.90 21.02
CA ILE V 17 -44.30 34.73 19.65
C ILE V 17 -43.24 35.18 18.66
N PRO V 18 -42.90 34.37 17.66
CA PRO V 18 -41.92 34.81 16.67
C PRO V 18 -42.43 36.01 15.89
N GLU V 19 -41.49 36.85 15.47
CA GLU V 19 -41.86 38.09 14.79
C GLU V 19 -42.54 37.82 13.46
N GLU V 20 -42.06 36.81 12.73
CA GLU V 20 -42.58 36.60 11.38
C GLU V 20 -44.08 36.39 11.38
N PHE V 21 -44.67 35.91 12.47
CA PHE V 21 -46.13 35.88 12.56
C PHE V 21 -46.69 37.30 12.44
N PHE V 22 -46.11 38.24 13.20
CA PHE V 22 -46.55 39.62 13.09
C PHE V 22 -46.37 40.13 11.68
N GLN V 23 -45.28 39.72 11.02
CA GLN V 23 -45.08 40.12 9.64
C GLN V 23 -46.19 39.60 8.74
N PHE V 24 -46.59 38.34 8.92
CA PHE V 24 -47.72 37.81 8.15
C PHE V 24 -48.96 38.64 8.37
N LEU V 25 -49.20 39.05 9.61
CA LEU V 25 -50.39 39.85 9.86
C LEU V 25 -50.30 41.22 9.19
N TYR V 26 -49.13 41.84 9.23
CA TYR V 26 -49.03 43.25 8.87
C TYR V 26 -49.66 43.59 7.52
N PRO V 27 -49.46 42.81 6.46
CA PRO V 27 -50.07 43.19 5.18
C PRO V 27 -51.57 43.43 5.27
N LYS V 28 -52.29 42.60 6.01
CA LYS V 28 -53.75 42.66 6.02
C LYS V 28 -54.31 43.46 7.19
N THR V 29 -53.52 43.64 8.26
CA THR V 29 -54.00 44.37 9.42
C THR V 29 -52.99 45.36 9.98
N GLY V 30 -51.75 45.35 9.52
CA GLY V 30 -50.78 46.30 10.01
C GLY V 30 -50.20 45.92 11.36
N VAL V 31 -50.56 46.69 12.38
CA VAL V 31 -49.91 46.60 13.69
C VAL V 31 -50.86 46.07 14.76
N THR V 32 -52.10 46.53 14.77
CA THR V 32 -53.01 46.14 15.85
C THR V 32 -53.43 44.69 15.73
N GLY V 33 -53.66 44.22 14.51
CA GLY V 33 -54.22 42.91 14.28
C GLY V 33 -53.71 41.81 15.20
N PRO V 34 -52.39 41.68 15.36
CA PRO V 34 -51.88 40.65 16.26
C PRO V 34 -52.42 40.75 17.67
N TYR V 35 -52.31 41.95 18.25
CA TYR V 35 -52.75 42.13 19.62
C TYR V 35 -54.24 41.85 19.75
N VAL V 36 -55.02 42.32 18.79
CA VAL V 36 -56.46 42.08 18.83
C VAL V 36 -56.74 40.60 18.75
N LEU V 37 -56.05 39.88 17.85
CA LEU V 37 -56.29 38.46 17.73
C LEU V 37 -55.98 37.75 19.04
N GLY V 38 -54.84 38.07 19.64
CA GLY V 38 -54.53 37.47 20.93
C GLY V 38 -55.63 37.71 21.94
N THR V 39 -55.86 39.00 22.27
CA THR V 39 -56.81 39.32 23.33
C THR V 39 -58.17 38.71 23.06
N GLY V 40 -58.65 38.80 21.82
CA GLY V 40 -59.96 38.26 21.54
C GLY V 40 -59.98 36.74 21.57
N LEU V 41 -58.83 36.09 21.32
CA LEU V 41 -58.78 34.66 21.51
C LEU V 41 -58.95 34.29 22.97
N ILE V 42 -58.28 35.03 23.85
CA ILE V 42 -58.56 34.85 25.28
C ILE V 42 -60.04 35.07 25.55
N LEU V 43 -60.63 36.11 24.95
CA LEU V 43 -62.04 36.38 25.19
C LEU V 43 -62.91 35.23 24.72
N TYR V 44 -62.62 34.68 23.55
CA TYR V 44 -63.42 33.57 23.04
C TYR V 44 -63.28 32.35 23.95
N LEU V 45 -62.05 32.03 24.35
CA LEU V 45 -61.83 30.84 25.16
C LEU V 45 -62.54 30.97 26.50
N LEU V 46 -62.45 32.14 27.12
CA LEU V 46 -63.13 32.33 28.39
C LEU V 46 -64.64 32.31 28.21
N SER V 47 -65.16 33.17 27.34
CA SER V 47 -66.59 33.26 27.11
C SER V 47 -67.15 31.90 26.72
N LYS V 48 -66.76 31.40 25.55
CA LYS V 48 -67.17 30.06 25.19
C LYS V 48 -66.65 29.04 26.20
N GLU V 49 -65.76 29.46 27.09
CA GLU V 49 -65.48 28.71 28.30
C GLU V 49 -64.78 27.39 27.97
N ILE V 50 -63.71 27.49 27.20
CA ILE V 50 -62.82 26.36 26.97
C ILE V 50 -61.71 26.33 27.99
N TYR V 51 -61.11 27.49 28.27
CA TYR V 51 -60.14 27.61 29.34
C TYR V 51 -60.88 27.98 30.62
N VAL V 52 -61.03 27.01 31.51
CA VAL V 52 -61.90 27.13 32.67
C VAL V 52 -61.07 27.62 33.85
N ILE V 53 -61.52 28.69 34.49
CA ILE V 53 -60.79 29.22 35.64
C ILE V 53 -60.84 28.19 36.75
N THR V 54 -59.68 27.70 37.16
CA THR V 54 -59.57 26.67 38.18
C THR V 54 -58.34 26.93 39.02
N PRO V 55 -58.26 26.32 40.19
CA PRO V 55 -57.07 26.50 41.04
C PRO V 55 -55.78 26.46 40.24
N GLU V 56 -55.71 25.54 39.27
CA GLU V 56 -54.54 25.51 38.41
C GLU V 56 -54.30 26.86 37.75
N THR V 57 -55.37 27.61 37.48
CA THR V 57 -55.19 28.92 36.88
C THR V 57 -54.44 29.86 37.80
N PHE V 58 -54.76 29.86 39.09
CA PHE V 58 -54.08 30.76 40.00
C PHE V 58 -52.65 30.29 40.26
N SER V 59 -52.44 28.99 40.38
CA SER V 59 -51.08 28.50 40.45
C SER V 59 -50.29 28.91 39.23
N ALA V 60 -50.93 28.88 38.06
CA ALA V 60 -50.26 29.24 36.82
C ALA V 60 -49.89 30.71 36.80
N ILE V 61 -50.83 31.58 37.15
CA ILE V 61 -50.54 33.00 37.13
C ILE V 61 -49.40 33.31 38.10
N SER V 62 -49.44 32.68 39.28
CA SER V 62 -48.36 32.91 40.24
C SER V 62 -47.02 32.45 39.70
N THR V 63 -46.97 31.22 39.17
CA THR V 63 -45.70 30.68 38.69
C THR V 63 -45.15 31.53 37.54
N ILE V 64 -46.01 31.88 36.58
CA ILE V 64 -45.55 32.66 35.45
C ILE V 64 -45.09 34.03 35.91
N GLY V 65 -45.82 34.62 36.86
CA GLY V 65 -45.36 35.88 37.41
C GLY V 65 -43.97 35.75 38.01
N PHE V 66 -43.74 34.68 38.76
CA PHE V 66 -42.43 34.53 39.38
C PHE V 66 -41.35 34.35 38.32
N LEU V 67 -41.62 33.53 37.29
CA LEU V 67 -40.60 33.33 36.27
C LEU V 67 -40.30 34.63 35.54
N VAL V 68 -41.33 35.38 35.15
CA VAL V 68 -41.09 36.60 34.42
C VAL V 68 -40.32 37.59 35.29
N TYR V 69 -40.65 37.64 36.59
CA TYR V 69 -39.90 38.51 37.47
C TYR V 69 -38.44 38.10 37.54
N ILE V 70 -38.18 36.81 37.73
CA ILE V 70 -36.81 36.34 37.88
C ILE V 70 -36.01 36.64 36.63
N VAL V 71 -36.59 36.36 35.46
CA VAL V 71 -35.86 36.63 34.22
C VAL V 71 -35.63 38.13 34.08
N LYS V 72 -36.68 38.94 34.22
CA LYS V 72 -36.51 40.37 34.08
C LYS V 72 -35.45 40.91 35.02
N LYS V 73 -35.23 40.22 36.15
CA LYS V 73 -34.30 40.72 37.14
C LYS V 73 -32.87 40.22 36.95
N TYR V 74 -32.69 38.98 36.48
CA TYR V 74 -31.36 38.37 36.45
C TYR V 74 -30.93 37.89 35.07
N GLY V 75 -31.70 38.18 34.03
CA GLY V 75 -31.33 37.72 32.71
C GLY V 75 -30.02 38.32 32.24
N ALA V 76 -29.84 39.62 32.46
CA ALA V 76 -28.58 40.24 32.12
C ALA V 76 -27.48 39.49 32.85
N SER V 77 -27.50 39.56 34.19
CA SER V 77 -26.47 38.93 35.00
C SER V 77 -26.07 37.57 34.44
N VAL V 78 -27.05 36.69 34.23
CA VAL V 78 -26.72 35.34 33.78
C VAL V 78 -26.11 35.36 32.38
N GLY V 79 -26.66 36.16 31.48
CA GLY V 79 -26.15 36.16 30.12
C GLY V 79 -24.71 36.63 30.05
N GLU V 80 -24.43 37.78 30.66
CA GLU V 80 -23.06 38.27 30.64
C GLU V 80 -22.13 37.35 31.43
N PHE V 81 -22.65 36.66 32.44
CA PHE V 81 -21.81 35.71 33.15
C PHE V 81 -21.38 34.58 32.22
N ALA V 82 -22.33 34.02 31.47
CA ALA V 82 -21.98 32.96 30.54
C ALA V 82 -20.99 33.46 29.49
N ASP V 83 -21.23 34.66 28.98
CA ASP V 83 -20.32 35.21 27.98
C ASP V 83 -18.93 35.42 28.58
N LYS V 84 -18.87 35.82 29.84
CA LYS V 84 -17.60 35.95 30.53
C LYS V 84 -16.89 34.61 30.59
N LEU V 85 -17.62 33.55 30.91
CA LEU V 85 -17.00 32.24 30.92
C LEU V 85 -16.37 31.92 29.56
N ASN V 86 -17.15 32.13 28.50
CA ASN V 86 -16.65 31.83 27.16
C ASN V 86 -15.38 32.61 26.87
N GLU V 87 -15.43 33.92 27.07
CA GLU V 87 -14.28 34.75 26.69
C GLU V 87 -13.09 34.45 27.57
N GLN V 88 -13.31 34.11 28.84
CA GLN V 88 -12.19 33.75 29.69
C GLN V 88 -11.47 32.53 29.13
N LYS V 89 -12.22 31.48 28.79
CA LYS V 89 -11.53 30.30 28.27
C LYS V 89 -10.87 30.58 26.93
N ILE V 90 -11.51 31.42 26.10
CA ILE V 90 -10.89 31.79 24.83
C ILE V 90 -9.57 32.48 25.07
N ALA V 91 -9.54 33.42 26.01
CA ALA V 91 -8.31 34.13 26.33
C ALA V 91 -7.25 33.17 26.82
N GLN V 92 -7.63 32.23 27.68
CA GLN V 92 -6.65 31.25 28.16
C GLN V 92 -6.05 30.48 27.00
N LEU V 93 -6.89 30.02 26.09
CA LEU V 93 -6.40 29.24 24.96
C LEU V 93 -5.46 30.07 24.10
N GLU V 94 -5.88 31.28 23.73
CA GLU V 94 -5.05 32.07 22.84
C GLU V 94 -3.74 32.43 23.50
N GLU V 95 -3.75 32.74 24.80
CA GLU V 95 -2.50 33.15 25.43
C GLU V 95 -1.55 31.97 25.57
N VAL V 96 -2.06 30.77 25.85
CA VAL V 96 -1.16 29.63 25.87
C VAL V 96 -0.58 29.41 24.49
N LYS V 97 -1.37 29.65 23.44
CA LYS V 97 -0.82 29.60 22.10
C LYS V 97 0.30 30.60 21.92
N GLN V 98 0.10 31.82 22.41
CA GLN V 98 1.13 32.85 22.29
C GLN V 98 2.41 32.40 22.98
N ALA V 99 2.28 31.86 24.19
CA ALA V 99 3.47 31.39 24.90
C ALA V 99 4.16 30.29 24.12
N SER V 100 3.37 29.38 23.54
CA SER V 100 3.96 28.30 22.76
C SER V 100 4.77 28.85 21.59
N ILE V 101 4.18 29.77 20.83
CA ILE V 101 4.88 30.29 19.66
C ILE V 101 6.13 31.05 20.10
N LYS V 102 6.05 31.78 21.21
CA LYS V 102 7.24 32.45 21.71
C LYS V 102 8.33 31.43 22.04
N GLN V 103 7.95 30.32 22.65
CA GLN V 103 8.92 29.27 22.92
C GLN V 103 9.55 28.77 21.62
N ILE V 104 8.74 28.63 20.58
CA ILE V 104 9.27 28.18 19.30
C ILE V 104 10.29 29.16 18.76
N GLN V 105 9.97 30.46 18.81
CA GLN V 105 10.92 31.45 18.34
C GLN V 105 12.19 31.44 19.16
N ASP V 106 12.08 31.21 20.46
CA ASP V 106 13.26 31.10 21.28
C ASP V 106 14.14 29.95 20.80
N ALA V 107 13.53 28.80 20.54
CA ALA V 107 14.32 27.68 20.02
C ALA V 107 14.99 28.07 18.70
N ILE V 108 14.23 28.73 17.83
CA ILE V 108 14.75 29.09 16.50
C ILE V 108 15.98 29.98 16.65
N ASP V 109 15.86 31.04 17.44
CA ASP V 109 16.96 31.98 17.55
C ASP V 109 18.14 31.36 18.28
N MET V 110 17.90 30.48 19.25
CA MET V 110 19.00 29.81 19.91
C MET V 110 19.77 28.95 18.92
N GLU V 111 19.06 28.23 18.06
CA GLU V 111 19.73 27.45 17.03
C GLU V 111 20.51 28.36 16.08
N LYS V 112 19.93 29.49 15.68
CA LYS V 112 20.65 30.43 14.84
C LYS V 112 21.92 30.90 15.53
N SER V 113 21.84 31.15 16.83
CA SER V 113 23.02 31.57 17.58
C SER V 113 24.09 30.50 17.54
N GLN V 114 23.71 29.23 17.70
CA GLN V 114 24.68 28.16 17.58
C GLN V 114 25.31 28.15 16.20
N GLN V 115 24.49 28.34 15.16
CA GLN V 115 25.02 28.35 13.80
C GLN V 115 26.05 29.45 13.63
N ALA V 116 25.75 30.65 14.12
CA ALA V 116 26.72 31.73 14.02
C ALA V 116 27.98 31.41 14.82
N LEU V 117 27.81 30.86 16.03
CA LEU V 117 28.97 30.49 16.84
C LEU V 117 29.86 29.50 16.10
N VAL V 118 29.27 28.68 15.24
CA VAL V 118 30.07 27.73 14.48
C VAL V 118 31.12 28.46 13.65
N GLN V 119 30.77 29.62 13.09
CA GLN V 119 31.68 30.32 12.19
C GLN V 119 33.05 30.50 12.83
N LYS V 120 33.08 31.02 14.05
CA LYS V 120 34.34 31.27 14.73
C LYS V 120 34.90 30.04 15.42
N ARG V 121 34.42 28.84 15.06
CA ARG V 121 34.87 27.64 15.75
C ARG V 121 36.34 27.34 15.50
N HIS V 122 36.97 28.03 14.54
CA HIS V 122 38.36 27.78 14.18
C HIS V 122 39.35 28.67 14.90
N TYR V 123 38.90 29.81 15.44
CA TYR V 123 39.84 30.79 15.96
C TYR V 123 40.82 30.17 16.95
N LEU V 124 40.34 29.22 17.75
CA LEU V 124 41.21 28.59 18.74
C LEU V 124 42.49 28.08 18.11
N PHE V 125 42.36 27.33 17.02
CA PHE V 125 43.55 26.76 16.40
C PHE V 125 44.38 27.84 15.71
N ASP V 126 43.73 28.90 15.21
CA ASP V 126 44.49 30.02 14.70
C ASP V 126 45.43 30.56 15.77
N VAL V 127 44.88 30.74 16.98
CA VAL V 127 45.67 31.23 18.10
C VAL V 127 46.80 30.27 18.41
N GLN V 128 46.48 28.98 18.46
CA GLN V 128 47.50 27.97 18.75
C GLN V 128 48.65 28.08 17.75
N ARG V 129 48.30 28.19 16.48
CA ARG V 129 49.32 28.24 15.43
C ARG V 129 50.17 29.48 15.57
N ASN V 130 49.52 30.63 15.78
CA ASN V 130 50.26 31.87 15.95
C ASN V 130 51.25 31.74 17.10
N ASN V 131 50.78 31.22 18.24
CA ASN V 131 51.64 31.14 19.41
C ASN V 131 52.83 30.22 19.15
N ILE V 132 52.58 29.02 18.62
CA ILE V 132 53.68 28.09 18.46
C ILE V 132 54.68 28.62 17.43
N ALA V 133 54.19 29.16 16.32
CA ALA V 133 55.08 29.67 15.30
C ALA V 133 55.93 30.81 15.84
N MET V 134 55.30 31.75 16.56
CA MET V 134 56.07 32.86 17.07
C MET V 134 57.04 32.41 18.15
N ALA V 135 56.71 31.34 18.89
CA ALA V 135 57.66 30.78 19.84
C ALA V 135 58.88 30.22 19.13
N LEU V 136 58.66 29.52 18.02
CA LEU V 136 59.80 29.06 17.23
C LEU V 136 60.64 30.25 16.77
N GLU V 137 59.97 31.33 16.35
CA GLU V 137 60.69 32.53 15.97
C GLU V 137 61.48 33.10 17.15
N VAL V 138 60.89 33.02 18.35
CA VAL V 138 61.58 33.48 19.55
C VAL V 138 62.88 32.71 19.72
N THR V 139 62.80 31.39 19.61
CA THR V 139 64.00 30.57 19.76
C THR V 139 65.04 30.96 18.70
N TYR V 140 64.60 31.10 17.45
CA TYR V 140 65.46 31.58 16.38
C TYR V 140 66.22 32.85 16.79
N ARG V 141 65.45 33.89 17.11
CA ARG V 141 66.03 35.20 17.37
C ARG V 141 66.96 35.16 18.57
N GLU V 142 66.53 34.49 19.65
CA GLU V 142 67.36 34.44 20.85
C GLU V 142 68.65 33.67 20.59
N ARG V 143 68.59 32.63 19.75
CA ARG V 143 69.81 31.93 19.38
C ARG V 143 70.76 32.88 18.67
N LEU V 144 70.24 33.67 17.73
CA LEU V 144 71.09 34.64 17.05
C LEU V 144 71.75 35.59 18.03
N HIS V 145 70.93 36.18 18.91
CA HIS V 145 71.47 37.16 19.85
C HIS V 145 72.47 36.50 20.79
N ARG V 146 72.23 35.26 21.17
CA ARG V 146 73.11 34.59 22.11
C ARG V 146 74.46 34.28 21.48
N VAL V 147 74.47 33.83 20.22
CA VAL V 147 75.74 33.59 19.55
C VAL V 147 76.52 34.90 19.42
N TYR V 148 75.83 35.97 19.04
CA TYR V 148 76.49 37.27 18.96
C TYR V 148 77.10 37.63 20.31
N ARG V 149 76.34 37.44 21.38
CA ARG V 149 76.83 37.72 22.72
C ARG V 149 78.09 36.94 23.02
N GLU V 150 78.05 35.63 22.76
CA GLU V 150 79.19 34.80 23.14
C GLU V 150 80.44 35.23 22.38
N VAL V 151 80.31 35.48 21.08
CA VAL V 151 81.50 35.85 20.30
C VAL V 151 82.07 37.16 20.81
N LYS V 152 81.20 38.14 21.05
CA LYS V 152 81.69 39.43 21.53
C LYS V 152 82.37 39.28 22.87
N ASN V 153 81.78 38.48 23.78
CA ASN V 153 82.39 38.25 25.09
C ASN V 153 83.75 37.59 24.95
N ARG V 154 83.83 36.58 24.09
CA ARG V 154 85.07 35.83 23.95
C ARG V 154 86.18 36.75 23.47
N LEU V 155 85.89 37.61 22.50
CA LEU V 155 86.92 38.53 22.03
C LEU V 155 87.21 39.61 23.06
N ASP V 156 86.21 40.00 23.85
CA ASP V 156 86.44 40.95 24.92
C ASP V 156 87.44 40.44 25.92
N TYR V 157 87.39 39.13 26.20
CA TYR V 157 88.44 38.51 27.01
C TYR V 157 89.83 38.97 26.58
N HIS V 158 90.14 38.78 25.29
CA HIS V 158 91.49 39.08 24.83
C HIS V 158 91.74 40.58 24.78
N ILE V 159 90.72 41.38 24.49
CA ILE V 159 90.91 42.83 24.55
C ILE V 159 91.32 43.23 25.96
N SER V 160 90.63 42.70 26.97
CA SER V 160 90.96 43.00 28.35
C SER V 160 92.36 42.52 28.69
N VAL V 161 92.74 41.35 28.17
CA VAL V 161 94.09 40.85 28.39
C VAL V 161 95.11 41.85 27.85
N GLN V 162 94.85 42.40 26.66
CA GLN V 162 95.76 43.40 26.11
C GLN V 162 95.80 44.64 26.98
N ASN V 163 94.63 45.10 27.46
CA ASN V 163 94.59 46.33 28.24
C ASN V 163 95.36 46.17 29.55
N MET V 164 95.11 45.07 30.25
CA MET V 164 95.86 44.79 31.47
C MET V 164 97.35 44.66 31.20
N MET V 165 97.71 43.94 30.13
CA MET V 165 99.12 43.86 29.75
C MET V 165 99.73 45.25 29.64
N ARG V 166 99.05 46.13 28.90
CA ARG V 166 99.60 47.45 28.64
C ARG V 166 99.75 48.24 29.94
N GLN V 167 98.70 48.25 30.76
CA GLN V 167 98.78 49.06 31.98
C GLN V 167 99.84 48.54 32.94
N LYS V 168 99.94 47.22 33.11
CA LYS V 168 100.91 46.68 34.04
C LYS V 168 102.33 46.92 33.54
N GLU V 169 102.57 46.75 32.24
CA GLU V 169 103.90 47.03 31.73
C GLU V 169 104.17 48.52 31.83
N GLN V 170 103.16 49.36 31.66
CA GLN V 170 103.33 50.79 31.83
C GLN V 170 103.86 51.11 33.22
N GLU V 171 103.16 50.63 34.25
CA GLU V 171 103.59 50.95 35.60
C GLU V 171 104.98 50.39 35.87
N HIS V 172 105.29 49.21 35.34
CA HIS V 172 106.63 48.67 35.54
C HIS V 172 107.67 49.54 34.88
N MET V 173 107.40 50.00 33.66
CA MET V 173 108.35 50.86 32.97
C MET V 173 108.59 52.10 33.79
N ILE V 174 107.53 52.67 34.36
CA ILE V 174 107.68 53.85 35.22
C ILE V 174 108.61 53.51 36.39
N ASN V 175 108.20 52.55 37.21
CA ASN V 175 109.03 52.13 38.34
C ASN V 175 110.50 52.11 37.95
N TRP V 176 110.81 51.37 36.89
CA TRP V 176 112.19 51.21 36.46
C TRP V 176 112.80 52.56 36.11
N VAL V 177 112.05 53.40 35.39
CA VAL V 177 112.60 54.63 34.84
C VAL V 177 112.95 55.61 35.95
N GLU V 178 112.04 55.81 36.90
CA GLU V 178 112.36 56.72 37.99
C GLU V 178 113.45 56.14 38.90
N LYS V 179 113.49 54.82 39.07
CA LYS V 179 114.59 54.25 39.83
C LYS V 179 115.93 54.55 39.16
N ARG V 180 115.99 54.43 37.84
CA ARG V 180 117.20 54.80 37.12
C ARG V 180 117.45 56.31 37.20
N VAL V 181 116.40 57.11 37.25
CA VAL V 181 116.57 58.56 37.41
C VAL V 181 117.31 58.87 38.69
N VAL V 182 116.82 58.30 39.80
CA VAL V 182 117.47 58.56 41.08
C VAL V 182 118.86 57.95 41.11
N GLN V 183 119.05 56.82 40.45
CA GLN V 183 120.38 56.22 40.36
C GLN V 183 121.36 57.13 39.63
N SER V 184 120.92 57.74 38.53
CA SER V 184 121.80 58.42 37.60
C SER V 184 122.04 59.88 37.98
N ILE V 185 121.05 60.56 38.56
CA ILE V 185 121.19 61.96 38.88
C ILE V 185 122.40 62.23 39.75
N SER V 186 122.99 61.19 40.36
CA SER V 186 124.25 61.35 41.06
C SER V 186 125.38 61.76 40.13
N ALA V 187 125.20 61.60 38.82
CA ALA V 187 126.23 61.97 37.86
C ALA V 187 126.61 63.44 38.02
N GLN V 188 127.80 63.78 37.52
CA GLN V 188 128.40 65.09 37.75
C GLN V 188 127.81 66.09 36.77
N GLN V 189 126.91 66.94 37.26
CA GLN V 189 126.41 68.07 36.48
C GLN V 189 126.25 69.31 37.36
N GLU V 190 126.91 69.33 38.52
CA GLU V 190 126.65 70.38 39.51
C GLU V 190 126.84 71.76 38.92
N LYS V 191 128.06 72.09 38.51
CA LYS V 191 128.34 73.44 38.01
C LYS V 191 127.42 73.80 36.85
N GLU V 192 127.17 72.85 35.95
CA GLU V 192 126.27 73.12 34.83
C GLU V 192 124.87 73.45 35.34
N THR V 193 124.38 72.66 36.30
CA THR V 193 123.05 72.91 36.86
C THR V 193 122.97 74.27 37.52
N ILE V 194 124.00 74.63 38.28
CA ILE V 194 124.01 75.94 38.93
C ILE V 194 124.01 77.04 37.88
N ALA V 195 124.77 76.86 36.81
CA ALA V 195 124.81 77.87 35.75
C ALA V 195 123.44 78.08 35.15
N LYS V 196 122.76 76.98 34.79
CA LYS V 196 121.43 77.12 34.19
C LYS V 196 120.45 77.73 35.18
N CYS V 197 120.50 77.31 36.45
CA CYS V 197 119.55 77.83 37.42
C CYS V 197 119.78 79.31 37.67
N ILE V 198 121.05 79.74 37.73
CA ILE V 198 121.33 81.15 37.96
C ILE V 198 120.91 81.98 36.76
N ALA V 199 121.11 81.45 35.55
CA ALA V 199 120.58 82.14 34.37
C ALA V 199 119.07 82.23 34.44
N ASP V 200 118.42 81.20 34.99
CA ASP V 200 116.97 81.21 35.10
C ASP V 200 116.50 82.24 36.10
N LEU V 201 117.19 82.37 37.23
CA LEU V 201 116.90 83.46 38.16
C LEU V 201 117.12 84.80 37.50
N LYS V 202 118.16 84.91 36.67
CA LYS V 202 118.40 86.15 35.93
C LYS V 202 117.20 86.48 35.07
N LEU V 203 116.69 85.50 34.33
CA LEU V 203 115.51 85.72 33.50
C LEU V 203 114.29 86.07 34.33
N LEU V 204 114.13 85.39 35.47
CA LEU V 204 112.98 85.64 36.34
C LEU V 204 113.01 87.06 36.88
N SER V 205 114.19 87.53 37.28
CA SER V 205 114.33 88.92 37.73
C SER V 205 114.10 89.88 36.57
N LYS V 206 114.65 89.57 35.40
CA LYS V 206 114.50 90.45 34.24
C LYS V 206 113.03 90.65 33.91
N LYS V 207 112.24 89.57 33.93
CA LYS V 207 110.80 89.69 33.78
C LYS V 207 110.12 90.24 35.02
N ALA V 208 110.81 90.22 36.17
CA ALA V 208 110.19 90.69 37.40
C ALA V 208 109.84 92.16 37.31
N GLN V 209 110.73 92.96 36.74
CA GLN V 209 110.51 94.39 36.60
C GLN V 209 110.66 94.81 35.14
N LEU W 5 56.00 34.65 10.63
CA LEU W 5 55.82 35.83 11.47
C LEU W 5 54.48 36.51 11.20
N ALA W 6 53.55 35.77 10.61
CA ALA W 6 52.23 36.29 10.27
C ALA W 6 51.33 36.12 11.48
N LEU W 7 51.01 37.23 12.15
CA LEU W 7 50.15 37.23 13.32
C LEU W 7 48.84 37.92 12.96
N LYS W 8 47.73 37.28 13.28
CA LYS W 8 46.42 37.68 12.77
C LYS W 8 45.54 38.23 13.88
N THR W 9 44.49 38.94 13.47
CA THR W 9 43.61 39.64 14.38
C THR W 9 42.70 38.66 15.12
N ILE W 10 42.25 39.08 16.29
CA ILE W 10 41.43 38.24 17.16
C ILE W 10 40.45 39.12 17.91
N ASP W 11 39.22 38.62 18.07
CA ASP W 11 38.23 39.21 18.97
C ASP W 11 38.10 38.25 20.14
N TRP W 12 38.95 38.46 21.15
CA TRP W 12 39.11 37.47 22.20
C TRP W 12 37.81 37.18 22.94
N VAL W 13 36.87 38.12 22.96
CA VAL W 13 35.60 37.87 23.64
C VAL W 13 34.85 36.72 22.98
N ALA W 14 34.77 36.74 21.65
CA ALA W 14 34.17 35.62 20.94
C ALA W 14 34.96 34.36 21.17
N PHE W 15 36.29 34.45 21.10
CA PHE W 15 37.14 33.30 21.34
C PHE W 15 36.78 32.63 22.65
N GLY W 16 36.58 33.42 23.71
CA GLY W 16 36.26 32.85 25.00
C GLY W 16 35.05 31.97 25.00
N GLU W 17 34.13 32.17 24.04
CA GLU W 17 32.94 31.35 23.93
C GLU W 17 33.23 30.00 23.30
N ILE W 18 34.48 29.71 22.97
CA ILE W 18 34.82 28.59 22.10
C ILE W 18 34.81 27.28 22.88
N ILE W 19 35.66 27.19 23.90
CA ILE W 19 36.04 25.91 24.47
C ILE W 19 34.94 25.41 25.40
N PRO W 20 34.73 24.10 25.51
CA PRO W 20 33.91 23.59 26.61
C PRO W 20 34.53 23.97 27.95
N ARG W 21 33.73 23.87 29.00
CA ARG W 21 34.22 24.24 30.32
C ARG W 21 35.41 23.39 30.74
N ASN W 22 35.58 22.21 30.16
CA ASN W 22 36.62 21.30 30.62
C ASN W 22 38.01 21.85 30.32
N GLN W 23 38.24 22.26 29.07
CA GLN W 23 39.57 22.68 28.66
C GLN W 23 39.76 24.19 28.76
N LYS W 24 38.78 24.90 29.31
CA LYS W 24 38.93 26.35 29.44
C LYS W 24 40.18 26.71 30.21
N ALA W 25 40.56 25.91 31.21
CA ALA W 25 41.75 26.23 31.98
C ALA W 25 42.99 26.26 31.10
N VAL W 26 43.22 25.19 30.34
CA VAL W 26 44.37 25.17 29.46
C VAL W 26 44.22 26.22 28.37
N ALA W 27 42.99 26.51 27.97
CA ALA W 27 42.78 27.56 26.97
C ALA W 27 43.32 28.90 27.47
N ASN W 28 42.94 29.28 28.68
CA ASN W 28 43.45 30.53 29.25
C ASN W 28 44.95 30.45 29.52
N SER W 29 45.44 29.27 29.89
CA SER W 29 46.87 29.11 30.11
C SER W 29 47.65 29.40 28.83
N LEU W 30 47.20 28.84 27.72
CA LEU W 30 47.87 29.09 26.45
C LEU W 30 47.64 30.52 25.96
N LYS W 31 46.51 31.12 26.33
CA LYS W 31 46.31 32.53 26.06
C LYS W 31 47.39 33.36 26.76
N SER W 32 47.64 33.04 28.03
CA SER W 32 48.70 33.72 28.76
C SER W 32 50.05 33.45 28.13
N TRP W 33 50.30 32.22 27.70
CA TRP W 33 51.49 31.93 26.90
C TRP W 33 51.59 32.92 25.76
N ASN W 34 50.50 33.11 25.02
CA ASN W 34 50.50 34.00 23.88
C ASN W 34 50.92 35.40 24.29
N GLU W 35 50.25 35.96 25.29
CA GLU W 35 50.54 37.35 25.65
C GLU W 35 51.97 37.50 26.16
N THR W 36 52.41 36.59 27.02
CA THR W 36 53.74 36.69 27.59
C THR W 36 54.80 36.59 26.51
N LEU W 37 54.63 35.64 25.59
CA LEU W 37 55.62 35.50 24.51
C LEU W 37 55.57 36.69 23.57
N THR W 38 54.38 37.23 23.32
CA THR W 38 54.28 38.42 22.49
C THR W 38 55.08 39.56 23.08
N SER W 39 54.87 39.84 24.37
CA SER W 39 55.63 40.88 25.03
C SER W 39 57.13 40.57 24.97
N ARG W 40 57.48 39.32 25.24
CA ARG W 40 58.88 38.95 25.29
C ARG W 40 59.56 39.20 23.95
N LEU W 41 58.87 38.88 22.86
CA LEU W 41 59.37 39.23 21.54
C LEU W 41 59.47 40.74 21.37
N ALA W 42 58.47 41.46 21.85
CA ALA W 42 58.55 42.91 21.78
C ALA W 42 59.82 43.43 22.43
N THR W 43 60.32 42.73 23.45
CA THR W 43 61.51 43.17 24.16
C THR W 43 62.75 43.22 23.27
N LEU W 44 63.21 42.06 22.80
CA LEU W 44 64.48 41.99 22.10
C LEU W 44 64.38 42.52 20.68
N PRO W 45 65.48 42.96 20.10
CA PRO W 45 65.46 43.53 18.75
C PRO W 45 65.43 42.43 17.69
N GLU W 46 65.34 42.87 16.43
CA GLU W 46 65.20 41.95 15.33
C GLU W 46 66.47 41.15 15.05
N LYS W 47 67.64 41.75 15.27
CA LYS W 47 68.89 41.18 14.78
C LYS W 47 70.05 41.52 15.71
N PRO W 48 70.96 40.60 15.99
CA PRO W 48 72.17 40.94 16.74
C PRO W 48 73.12 41.74 15.88
N PRO W 49 73.57 42.91 16.33
CA PRO W 49 74.27 43.82 15.43
C PRO W 49 75.58 43.25 14.90
N ALA W 50 76.24 44.00 14.03
CA ALA W 50 77.51 43.58 13.43
C ALA W 50 78.64 43.71 14.43
N ILE W 51 79.59 42.79 14.36
CA ILE W 51 80.77 42.82 15.20
C ILE W 51 81.83 43.66 14.51
N ASP W 52 82.37 44.65 15.24
CA ASP W 52 83.34 45.59 14.68
C ASP W 52 84.66 44.86 14.49
N TRP W 53 84.72 44.05 13.43
CA TRP W 53 85.93 43.30 13.15
C TRP W 53 87.11 44.24 12.90
N ALA W 54 86.86 45.35 12.22
CA ALA W 54 87.93 46.31 11.95
C ALA W 54 88.48 46.87 13.26
N TYR W 55 87.61 47.36 14.13
CA TYR W 55 88.08 47.92 15.40
C TYR W 55 88.79 46.86 16.22
N TYR W 56 88.22 45.66 16.28
CA TYR W 56 88.85 44.59 17.06
C TYR W 56 90.25 44.32 16.55
N LYS W 57 90.38 44.09 15.25
CA LYS W 57 91.71 43.87 14.67
C LYS W 57 92.64 45.02 15.01
N ALA W 58 92.12 46.25 14.97
CA ALA W 58 92.95 47.40 15.31
C ALA W 58 93.48 47.29 16.74
N ASN W 59 92.57 47.28 17.72
CA ASN W 59 93.01 47.14 19.11
C ASN W 59 93.62 45.78 19.37
N VAL W 60 93.00 44.72 18.86
CA VAL W 60 93.47 43.37 19.15
C VAL W 60 94.74 43.11 18.37
N ALA W 61 95.89 43.26 19.03
CA ALA W 61 97.17 42.99 18.39
C ALA W 61 97.36 41.52 18.07
N LYS W 62 96.50 40.64 18.57
CA LYS W 62 96.65 39.21 18.32
C LYS W 62 96.80 38.97 16.82
N ALA W 63 97.68 38.04 16.47
CA ALA W 63 98.15 37.89 15.10
C ALA W 63 97.01 37.74 14.11
N GLY W 64 96.26 36.64 14.20
CA GLY W 64 95.22 36.37 13.23
C GLY W 64 93.93 35.91 13.86
N LEU W 65 93.95 35.70 15.19
CA LEU W 65 92.77 35.21 15.86
C LEU W 65 91.58 36.11 15.59
N VAL W 66 91.80 37.41 15.45
CA VAL W 66 90.73 38.36 15.18
C VAL W 66 89.98 37.96 13.92
N ASP W 67 90.68 38.01 12.79
CA ASP W 67 90.03 37.69 11.54
C ASP W 67 89.74 36.20 11.44
N ASP W 68 90.54 35.37 12.10
CA ASP W 68 90.21 33.96 12.21
C ASP W 68 88.77 33.78 12.67
N PHE W 69 88.46 34.28 13.86
CA PHE W 69 87.10 34.17 14.38
C PHE W 69 86.12 34.94 13.52
N GLU W 70 86.53 36.08 12.97
CA GLU W 70 85.65 36.79 12.05
C GLU W 70 85.13 35.86 10.97
N LYS W 71 86.05 35.27 10.21
CA LYS W 71 85.66 34.38 9.13
C LYS W 71 84.85 33.21 9.65
N LYS W 72 85.32 32.57 10.71
CA LYS W 72 84.62 31.39 11.21
C LYS W 72 83.19 31.71 11.60
N PHE W 73 83.01 32.73 12.43
CA PHE W 73 81.69 33.30 12.70
C PHE W 73 80.86 33.45 11.43
N ASN W 74 81.36 34.27 10.50
CA ASN W 74 80.58 34.54 9.30
C ASN W 74 80.19 33.25 8.59
N ALA W 75 81.02 32.21 8.72
CA ALA W 75 80.69 30.92 8.14
C ALA W 75 79.61 30.21 8.94
N LEU W 76 79.70 30.25 10.26
CA LEU W 76 78.76 29.51 11.10
C LEU W 76 77.33 29.98 10.86
N LYS W 77 76.40 29.03 10.83
CA LYS W 77 74.99 29.30 10.59
C LYS W 77 74.16 28.64 11.67
N VAL W 78 73.13 29.35 12.14
CA VAL W 78 72.33 28.92 13.27
C VAL W 78 71.39 27.78 12.86
N PRO W 79 71.13 26.82 13.74
CA PRO W 79 70.03 25.87 13.52
C PRO W 79 68.68 26.55 13.73
N ILE W 80 67.96 26.77 12.65
CA ILE W 80 66.59 27.27 12.76
C ILE W 80 65.70 26.14 13.28
N PRO W 81 64.85 26.39 14.27
CA PRO W 81 63.96 25.32 14.74
C PRO W 81 62.98 24.91 13.65
N GLU W 82 62.50 23.67 13.75
CA GLU W 82 61.69 23.06 12.71
C GLU W 82 60.27 22.82 13.20
N ASP W 83 59.31 23.03 12.31
CA ASP W 83 57.90 22.85 12.66
C ASP W 83 57.61 21.41 13.03
N LYS W 84 57.37 21.16 14.31
CA LYS W 84 57.00 19.84 14.79
C LYS W 84 55.66 19.84 15.51
N TYR W 85 55.39 20.86 16.34
CA TYR W 85 54.03 21.06 16.82
C TYR W 85 53.05 21.23 15.66
N THR W 86 53.55 21.67 14.50
CA THR W 86 52.68 22.09 13.41
C THR W 86 52.00 20.88 12.79
N ALA W 87 51.14 20.20 13.54
CA ALA W 87 50.56 18.95 13.08
C ALA W 87 49.06 18.80 13.32
N GLN W 88 48.49 19.52 14.29
CA GLN W 88 47.12 19.27 14.71
C GLN W 88 46.09 19.93 13.79
N VAL W 89 46.45 20.20 12.54
CA VAL W 89 45.60 21.03 11.69
C VAL W 89 44.29 20.32 11.40
N ASP W 90 44.33 19.00 11.24
CA ASP W 90 43.10 18.26 11.04
C ASP W 90 42.11 18.55 12.15
N ALA W 91 42.60 18.80 13.36
CA ALA W 91 41.74 19.25 14.45
C ALA W 91 40.75 20.26 13.91
N GLU W 92 41.26 21.38 13.41
CA GLU W 92 40.40 22.37 12.77
C GLU W 92 39.37 21.69 11.90
N GLU W 93 39.85 21.00 10.87
CA GLU W 93 38.94 20.36 9.92
C GLU W 93 38.01 19.38 10.63
N LYS W 94 38.54 18.53 11.50
CA LYS W 94 37.61 17.61 12.16
C LYS W 94 36.69 18.39 13.10
N GLU W 95 37.20 19.42 13.77
CA GLU W 95 36.31 20.32 14.47
C GLU W 95 35.31 20.91 13.49
N ASP W 96 35.79 21.34 12.32
CA ASP W 96 34.91 21.81 11.26
C ASP W 96 33.82 20.77 10.98
N VAL W 97 34.20 19.49 10.96
CA VAL W 97 33.19 18.45 10.75
C VAL W 97 32.17 18.48 11.87
N LYS W 98 32.63 18.51 13.11
CA LYS W 98 31.71 18.44 14.24
C LYS W 98 30.72 19.60 14.18
N SER W 99 31.19 20.78 13.82
CA SER W 99 30.33 21.95 13.74
C SER W 99 29.64 22.08 12.39
N CYS W 100 30.35 21.83 11.29
CA CYS W 100 29.83 22.13 9.96
C CYS W 100 29.19 20.92 9.29
N ALA W 101 29.50 19.71 9.74
CA ALA W 101 28.86 18.53 9.18
C ALA W 101 28.03 17.84 10.25
N GLU W 102 28.66 17.45 11.36
CA GLU W 102 27.96 16.70 12.38
C GLU W 102 26.99 17.56 13.17
N PHE W 103 27.08 18.88 13.07
CA PHE W 103 26.16 19.77 13.72
C PHE W 103 25.35 20.61 12.76
N LEU W 104 25.87 20.89 11.57
CA LEU W 104 25.13 21.71 10.62
C LEU W 104 23.82 21.04 10.21
N THR W 105 23.91 19.78 9.76
CA THR W 105 22.71 19.13 9.24
C THR W 105 21.72 18.79 10.35
N GLN W 106 22.21 18.37 11.52
CA GLN W 106 21.31 18.06 12.61
C GLN W 106 20.56 19.30 13.06
N SER W 107 21.28 20.41 13.24
CA SER W 107 20.61 21.66 13.56
C SER W 107 19.65 22.06 12.45
N LYS W 108 20.08 21.88 11.20
CA LYS W 108 19.23 22.23 10.07
C LYS W 108 17.90 21.50 10.14
N THR W 109 17.95 20.19 10.34
CA THR W 109 16.72 19.40 10.40
C THR W 109 15.88 19.80 11.61
N ARG W 110 16.52 20.02 12.76
CA ARG W 110 15.79 20.54 13.90
C ARG W 110 15.03 21.80 13.51
N ILE W 111 15.67 22.69 12.76
CA ILE W 111 14.99 23.88 12.29
C ILE W 111 13.82 23.50 11.41
N GLN W 112 14.08 22.89 10.26
CA GLN W 112 13.01 22.59 9.33
C GLN W 112 11.81 22.04 10.08
N GLU W 113 12.06 21.16 11.05
CA GLU W 113 11.01 20.72 11.94
C GLU W 113 10.31 21.92 12.55
N TYR W 114 11.05 22.72 13.32
CA TYR W 114 10.43 23.79 14.10
C TYR W 114 9.69 24.76 13.21
N GLU W 115 10.31 25.15 12.10
CA GLU W 115 9.62 25.90 11.05
C GLU W 115 8.26 25.29 10.77
N LYS W 116 8.27 24.00 10.43
CA LYS W 116 7.04 23.33 10.03
C LYS W 116 5.98 23.42 11.11
N GLU W 117 6.35 23.13 12.36
CA GLU W 117 5.37 23.24 13.43
C GLU W 117 4.86 24.66 13.56
N LEU W 118 5.75 25.64 13.48
CA LEU W 118 5.31 27.04 13.60
C LEU W 118 4.27 27.36 12.54
N GLU W 119 4.64 27.23 11.27
CA GLU W 119 3.68 27.50 10.22
C GLU W 119 2.43 26.66 10.41
N LYS W 120 2.57 25.49 11.04
CA LYS W 120 1.40 24.72 11.44
C LYS W 120 0.63 25.36 12.59
N MET W 121 1.05 26.53 13.06
CA MET W 121 0.32 27.22 14.11
C MET W 121 -0.61 28.28 13.53
N ARG W 122 -0.15 29.03 12.52
CA ARG W 122 -0.98 30.07 11.93
C ARG W 122 -2.18 29.49 11.20
N ASN W 123 -2.10 28.23 10.78
CA ASN W 123 -3.21 27.61 10.07
C ASN W 123 -4.33 27.17 10.99
N ILE W 124 -4.17 27.28 12.30
CA ILE W 124 -5.22 26.85 13.22
C ILE W 124 -6.43 27.75 13.04
N ILE W 125 -7.59 27.14 12.89
CA ILE W 125 -8.82 27.90 12.67
C ILE W 125 -9.11 28.73 13.91
N PRO W 126 -9.84 29.82 13.81
CA PRO W 126 -10.19 30.58 15.02
C PRO W 126 -10.95 29.70 15.98
N PHE W 127 -10.75 29.94 17.27
CA PHE W 127 -11.31 29.07 18.29
C PHE W 127 -12.81 28.93 18.13
N ASP W 128 -13.50 30.02 17.79
CA ASP W 128 -14.93 29.94 17.57
C ASP W 128 -15.26 28.81 16.61
N GLN W 129 -14.43 28.64 15.57
CA GLN W 129 -14.64 27.57 14.61
C GLN W 129 -14.26 26.20 15.17
N MET W 130 -13.43 26.15 16.22
CA MET W 130 -12.81 24.91 16.59
C MET W 130 -13.82 23.99 17.28
N THR W 131 -13.32 22.83 17.70
CA THR W 131 -14.12 21.80 18.35
C THR W 131 -13.17 20.92 19.13
N ILE W 132 -13.65 20.38 20.25
CA ILE W 132 -12.80 19.73 21.24
C ILE W 132 -11.74 18.87 20.57
N GLU W 133 -12.13 18.08 19.56
CA GLU W 133 -11.13 17.29 18.84
C GLU W 133 -10.05 18.16 18.24
N ASP W 134 -10.41 19.37 17.79
CA ASP W 134 -9.39 20.27 17.26
C ASP W 134 -8.29 20.50 18.28
N LEU W 135 -8.66 20.85 19.51
CA LEU W 135 -7.67 20.99 20.56
C LEU W 135 -6.94 19.67 20.79
N ASN W 136 -7.71 18.58 20.82
CA ASN W 136 -7.12 17.28 21.13
C ASN W 136 -5.93 16.99 20.23
N GLU W 137 -6.12 17.14 18.91
CA GLU W 137 -5.03 16.86 17.98
C GLU W 137 -4.01 17.98 17.93
N VAL W 138 -4.44 19.24 18.10
CA VAL W 138 -3.48 20.33 18.12
C VAL W 138 -2.61 20.26 19.37
N PHE W 139 -3.22 20.06 20.53
CA PHE W 139 -2.52 19.95 21.80
C PHE W 139 -2.86 18.60 22.40
N PRO W 140 -2.05 17.58 22.16
CA PRO W 140 -2.36 16.26 22.72
C PRO W 140 -2.41 16.31 24.25
N GLU W 141 -1.79 17.34 24.82
CA GLU W 141 -1.84 17.51 26.26
C GLU W 141 -3.25 17.86 26.75
N THR W 142 -4.15 18.28 25.87
CA THR W 142 -5.55 18.46 26.22
C THR W 142 -6.36 17.19 26.01
N LYS W 143 -5.74 16.10 25.57
CA LYS W 143 -6.45 14.83 25.50
C LYS W 143 -6.95 14.44 26.87
N LEU W 144 -7.88 13.49 26.88
CA LEU W 144 -8.44 12.96 28.12
C LEU W 144 -8.09 11.50 28.34
N ASP W 145 -7.19 10.94 27.52
CA ASP W 145 -6.60 9.62 27.73
C ASP W 145 -7.58 8.64 28.37
N LYS W 146 -8.72 8.42 27.72
CA LYS W 146 -9.74 7.57 28.30
C LYS W 146 -9.20 6.19 28.63
N LYS W 147 -8.16 5.76 27.93
CA LYS W 147 -7.58 4.44 28.21
C LYS W 147 -7.13 4.34 29.66
N LYS W 148 -6.77 5.47 30.27
CA LYS W 148 -6.47 5.46 31.70
C LYS W 148 -7.68 5.83 32.55
N TYR W 149 -8.60 6.61 32.00
CA TYR W 149 -9.82 7.01 32.71
C TYR W 149 -11.01 6.74 31.80
N PRO W 150 -11.34 5.48 31.57
CA PRO W 150 -12.41 5.16 30.62
C PRO W 150 -13.74 5.74 31.02
N TYR W 151 -13.95 6.03 32.29
CA TYR W 151 -15.22 6.56 32.76
C TYR W 151 -15.22 8.08 32.68
N TRP W 152 -16.42 8.63 32.62
CA TRP W 152 -16.57 10.07 32.61
C TRP W 152 -16.08 10.65 33.93
N PRO W 153 -15.54 11.87 33.93
CA PRO W 153 -15.19 12.72 32.80
C PRO W 153 -13.80 12.43 32.26
N HIS W 154 -13.24 11.31 32.68
CA HIS W 154 -11.96 10.79 32.22
C HIS W 154 -10.78 11.51 32.82
N ARG W 155 -10.99 12.42 33.77
CA ARG W 155 -9.91 13.02 34.52
C ARG W 155 -10.30 13.04 35.99
N PRO W 156 -9.34 12.88 36.90
CA PRO W 156 -9.68 13.02 38.31
C PRO W 156 -10.38 14.34 38.55
N ILE W 157 -11.56 14.27 39.16
CA ILE W 157 -12.40 15.45 39.30
C ILE W 157 -11.63 16.57 39.98
N GLU W 158 -10.89 16.25 41.04
CA GLU W 158 -10.10 17.26 41.72
C GLU W 158 -9.12 17.91 40.75
N THR W 159 -8.74 17.20 39.70
CA THR W 159 -7.90 17.80 38.66
C THR W 159 -8.74 18.79 37.85
N PRO X 2 -45.17 52.87 11.45
CA PRO X 2 -45.67 52.81 10.06
C PRO X 2 -47.14 52.39 10.00
N PRO X 3 -48.02 53.11 10.69
CA PRO X 3 -49.43 52.72 10.73
C PRO X 3 -49.97 52.40 9.34
N VAL X 4 -51.03 51.60 9.27
CA VAL X 4 -51.54 51.06 8.02
C VAL X 4 -53.04 51.31 7.95
N GLN X 5 -53.52 51.62 6.75
CA GLN X 5 -54.94 51.78 6.48
C GLN X 5 -55.51 50.41 6.12
N VAL X 6 -56.28 49.82 7.03
CA VAL X 6 -56.77 48.47 6.82
C VAL X 6 -57.83 48.48 5.72
N SER X 7 -58.01 47.33 5.09
CA SER X 7 -59.02 47.18 4.05
C SER X 7 -60.39 47.48 4.63
N PRO X 8 -61.16 48.40 4.04
CA PRO X 8 -62.48 48.70 4.62
C PRO X 8 -63.38 47.48 4.67
N LEU X 9 -63.19 46.52 3.77
CA LEU X 9 -63.96 45.28 3.84
C LEU X 9 -63.81 44.65 5.22
N ILE X 10 -62.57 44.42 5.64
CA ILE X 10 -62.32 43.77 6.91
C ILE X 10 -62.90 44.59 8.04
N LYS X 11 -62.80 45.91 7.92
CA LYS X 11 -63.18 46.78 9.03
C LYS X 11 -64.70 46.79 9.22
N LEU X 12 -65.42 46.91 8.11
CA LEU X 12 -66.87 46.84 8.19
C LEU X 12 -67.34 45.46 8.64
N GLY X 13 -66.68 44.40 8.18
CA GLY X 13 -66.99 43.08 8.69
C GLY X 13 -66.79 43.02 10.20
N ARG X 14 -65.72 43.62 10.69
CA ARG X 14 -65.45 43.65 12.11
C ARG X 14 -66.61 44.29 12.88
N TYR X 15 -67.00 45.49 12.48
CA TYR X 15 -68.01 46.20 13.26
C TYR X 15 -69.39 45.56 13.11
N SER X 16 -69.71 45.08 11.91
CA SER X 16 -70.96 44.37 11.71
C SER X 16 -71.02 43.13 12.58
N ALA X 17 -69.92 42.38 12.67
CA ALA X 17 -69.89 41.21 13.52
C ALA X 17 -70.06 41.61 14.98
N LEU X 18 -69.45 42.72 15.40
CA LEU X 18 -69.63 43.16 16.78
C LEU X 18 -71.10 43.41 17.07
N PHE X 19 -71.81 44.06 16.16
CA PHE X 19 -73.21 44.38 16.45
C PHE X 19 -74.10 43.15 16.32
N LEU X 20 -73.79 42.24 15.40
CA LEU X 20 -74.45 40.95 15.42
C LEU X 20 -74.24 40.26 16.75
N GLY X 21 -73.05 40.40 17.34
CA GLY X 21 -72.82 39.87 18.66
C GLY X 21 -73.68 40.55 19.71
N MET X 22 -73.79 41.87 19.64
CA MET X 22 -74.74 42.59 20.49
C MET X 22 -76.07 41.86 20.50
N ALA X 23 -76.64 41.73 19.29
CA ALA X 23 -77.99 41.19 19.17
C ALA X 23 -78.04 39.76 19.71
N TYR X 24 -77.11 38.92 19.29
CA TYR X 24 -77.14 37.52 19.69
C TYR X 24 -77.05 37.38 21.20
N GLY X 25 -76.12 38.10 21.81
CA GLY X 25 -75.94 37.98 23.24
C GLY X 25 -77.17 38.41 24.00
N ALA X 26 -77.72 39.59 23.65
CA ALA X 26 -78.92 40.04 24.35
C ALA X 26 -80.05 39.05 24.18
N LYS X 27 -80.27 38.62 22.93
CA LYS X 27 -81.38 37.71 22.65
C LYS X 27 -81.24 36.43 23.46
N ARG X 28 -80.05 35.83 23.45
CA ARG X 28 -79.90 34.55 24.12
C ARG X 28 -80.00 34.71 25.62
N TYR X 29 -79.44 35.78 26.17
CA TYR X 29 -79.56 36.01 27.60
C TYR X 29 -81.02 36.06 28.01
N ASN X 30 -81.81 36.86 27.30
CA ASN X 30 -83.23 36.96 27.61
C ASN X 30 -83.91 35.61 27.44
N TYR X 31 -83.69 34.96 26.29
CA TYR X 31 -84.29 33.67 26.02
C TYR X 31 -83.99 32.66 27.10
N LEU X 32 -82.81 32.73 27.70
CA LEU X 32 -82.31 31.62 28.49
C LEU X 32 -82.50 31.81 29.99
N LYS X 33 -82.54 33.05 30.47
CA LYS X 33 -82.81 33.26 31.89
C LYS X 33 -84.06 32.52 32.36
N PRO X 34 -85.18 32.55 31.65
CA PRO X 34 -86.35 31.77 32.08
C PRO X 34 -86.00 30.31 32.33
N ARG X 35 -85.45 29.67 31.31
CA ARG X 35 -85.14 28.25 31.40
C ARG X 35 -84.29 27.97 32.63
N ALA X 36 -83.31 28.82 32.88
CA ALA X 36 -82.49 28.67 34.07
C ALA X 36 -83.34 28.71 35.32
N GLU X 37 -84.31 29.63 35.38
CA GLU X 37 -85.07 29.77 36.62
C GLU X 37 -85.93 28.54 36.87
N GLU X 38 -86.70 28.07 35.88
CA GLU X 38 -87.53 26.92 36.21
C GLU X 38 -86.65 25.72 36.50
N GLU X 39 -85.52 25.60 35.81
CA GLU X 39 -84.68 24.44 36.06
C GLU X 39 -84.11 24.45 37.46
N ARG X 40 -83.59 25.60 37.93
CA ARG X 40 -83.08 25.61 39.29
C ARG X 40 -84.20 25.41 40.31
N ARG X 41 -85.38 25.98 40.06
CA ARG X 41 -86.47 25.80 41.00
C ARG X 41 -86.89 24.33 41.08
N LEU X 42 -87.01 23.68 39.93
CA LEU X 42 -87.37 22.26 39.91
C LEU X 42 -86.31 21.43 40.61
N ALA X 43 -85.05 21.72 40.35
CA ALA X 43 -83.99 20.98 41.03
C ALA X 43 -84.06 21.20 42.53
N ALA X 44 -84.31 22.43 42.97
CA ALA X 44 -84.37 22.72 44.39
C ALA X 44 -85.51 21.96 45.07
N GLU X 45 -86.70 22.01 44.47
CA GLU X 45 -87.82 21.28 45.08
C GLU X 45 -87.56 19.79 45.09
N GLU X 46 -87.02 19.25 43.99
CA GLU X 46 -86.74 17.83 43.95
C GLU X 46 -85.74 17.44 45.03
N LYS X 47 -84.68 18.23 45.20
CA LYS X 47 -83.68 17.91 46.19
C LYS X 47 -84.24 17.99 47.60
N LYS X 48 -85.05 19.01 47.90
CA LYS X 48 -85.62 19.10 49.23
C LYS X 48 -86.52 17.90 49.52
N LYS X 49 -87.34 17.50 48.54
CA LYS X 49 -88.21 16.35 48.73
C LYS X 49 -87.40 15.07 48.93
N ARG X 50 -86.40 14.85 48.08
CA ARG X 50 -85.57 13.66 48.19
C ARG X 50 -84.86 13.64 49.53
N ASP X 51 -84.34 14.80 49.97
CA ASP X 51 -83.60 14.87 51.21
C ASP X 51 -84.49 14.60 52.41
N GLU X 52 -85.72 15.13 52.39
CA GLU X 52 -86.63 14.84 53.49
C GLU X 52 -87.00 13.37 53.52
N GLN X 53 -87.15 12.75 52.35
CA GLN X 53 -87.41 11.31 52.32
C GLN X 53 -86.22 10.53 52.86
N LYS X 54 -84.99 10.92 52.50
CA LYS X 54 -83.82 10.32 53.13
C LYS X 54 -83.88 10.48 54.64
N ARG X 55 -84.24 11.68 55.10
CA ARG X 55 -84.27 11.95 56.54
C ARG X 55 -85.23 11.03 57.25
N ILE X 56 -86.45 10.87 56.70
CA ILE X 56 -87.40 9.97 57.33
C ILE X 56 -86.90 8.52 57.26
N GLU X 57 -86.23 8.17 56.17
CA GLU X 57 -85.59 6.85 56.07
C GLU X 57 -84.49 6.71 57.12
N PRO Y 5 -39.02 24.06 -10.41
CA PRO Y 5 -38.74 22.88 -11.24
C PRO Y 5 -39.01 21.56 -10.49
N LEU Y 6 -38.24 21.28 -9.45
CA LEU Y 6 -38.51 20.11 -8.63
C LEU Y 6 -39.88 20.24 -7.98
N LYS Y 7 -40.47 19.10 -7.64
CA LYS Y 7 -41.75 19.10 -6.94
C LYS Y 7 -41.64 18.70 -5.47
N GLU Y 8 -40.59 17.98 -5.09
CA GLU Y 8 -40.32 17.73 -3.68
C GLU Y 8 -39.80 19.03 -3.06
N LYS Y 9 -40.72 19.98 -2.92
CA LYS Y 9 -40.42 21.30 -2.42
C LYS Y 9 -41.16 21.53 -1.10
N LYS Y 10 -40.88 22.68 -0.48
CA LYS Y 10 -41.45 22.96 0.83
C LYS Y 10 -42.96 23.15 0.73
N LEU Y 11 -43.68 22.47 1.62
CA LEU Y 11 -45.13 22.46 1.55
C LEU Y 11 -45.72 23.86 1.65
N LEU Y 12 -45.12 24.71 2.48
CA LEU Y 12 -45.71 26.01 2.76
C LEU Y 12 -45.91 26.81 1.49
N GLU Y 13 -45.36 26.35 0.36
CA GLU Y 13 -45.59 27.00 -0.91
C GLU Y 13 -46.11 26.07 -2.00
N VAL Y 14 -46.21 24.76 -1.75
CA VAL Y 14 -46.78 23.84 -2.70
C VAL Y 14 -48.12 24.37 -3.17
N LYS Y 15 -48.47 24.09 -4.42
CA LYS Y 15 -49.67 24.64 -5.03
C LYS Y 15 -50.87 23.80 -4.62
N LEU Y 16 -51.86 24.46 -4.01
CA LEU Y 16 -53.01 23.74 -3.47
C LEU Y 16 -53.64 22.85 -4.51
N GLY Y 17 -53.70 23.31 -5.76
CA GLY Y 17 -54.36 22.52 -6.79
C GLY Y 17 -53.79 21.13 -6.91
N GLU Y 18 -52.47 21.03 -6.91
CA GLU Y 18 -51.77 19.76 -7.02
C GLU Y 18 -51.30 19.22 -5.68
N LEU Y 19 -51.72 19.86 -4.58
CA LEU Y 19 -51.23 19.46 -3.27
C LEU Y 19 -51.35 17.96 -3.02
N PRO Y 20 -52.47 17.30 -3.32
CA PRO Y 20 -52.53 15.85 -3.09
C PRO Y 20 -51.42 15.10 -3.80
N SER Y 21 -50.99 15.60 -4.96
CA SER Y 21 -49.82 15.02 -5.60
C SER Y 21 -48.62 15.08 -4.67
N TRP Y 22 -48.31 16.26 -4.14
CA TRP Y 22 -47.21 16.37 -3.20
C TRP Y 22 -47.40 15.38 -2.06
N ILE Y 23 -48.60 15.34 -1.49
CA ILE Y 23 -48.86 14.49 -0.34
C ILE Y 23 -48.47 13.05 -0.65
N LEU Y 24 -49.06 12.49 -1.69
CA LEU Y 24 -48.78 11.09 -2.02
C LEU Y 24 -47.31 10.91 -2.39
N MET Y 25 -46.66 11.94 -2.93
CA MET Y 25 -45.25 11.82 -3.29
C MET Y 25 -44.37 11.68 -2.06
N ARG Y 26 -44.53 12.57 -1.09
CA ARG Y 26 -43.56 12.63 0.00
C ARG Y 26 -43.52 11.32 0.76
N ASP Y 27 -42.31 10.84 1.01
CA ASP Y 27 -42.11 9.56 1.68
C ASP Y 27 -43.00 9.46 2.92
N PHE Y 28 -43.41 8.24 3.23
CA PHE Y 28 -44.27 7.98 4.37
C PHE Y 28 -43.81 6.78 5.19
N THR Y 29 -42.65 6.23 4.89
CA THR Y 29 -42.10 5.17 5.72
C THR Y 29 -41.69 5.75 7.07
N PRO Y 30 -41.69 4.93 8.14
CA PRO Y 30 -41.36 5.49 9.46
C PRO Y 30 -40.04 6.22 9.51
N SER Y 31 -39.03 5.70 8.80
CA SER Y 31 -37.77 6.42 8.70
C SER Y 31 -37.99 7.84 8.20
N GLY Y 32 -38.91 8.00 7.25
CA GLY Y 32 -39.25 9.34 6.79
C GLY Y 32 -39.80 10.20 7.90
N ILE Y 33 -40.60 9.62 8.78
CA ILE Y 33 -41.15 10.36 9.91
C ILE Y 33 -40.03 10.78 10.85
N ALA Y 34 -39.11 9.88 11.14
CA ALA Y 34 -37.98 10.23 12.00
C ALA Y 34 -37.18 11.36 11.38
N GLY Y 35 -36.94 11.29 10.07
CA GLY Y 35 -36.24 12.36 9.41
C GLY Y 35 -36.98 13.68 9.52
N ALA Y 36 -38.30 13.64 9.37
CA ALA Y 36 -39.09 14.86 9.50
C ALA Y 36 -38.93 15.46 10.89
N PHE Y 37 -39.02 14.63 11.92
CA PHE Y 37 -38.90 15.13 13.28
C PHE Y 37 -37.53 15.71 13.53
N GLN Y 38 -36.48 15.02 13.10
CA GLN Y 38 -35.15 15.55 13.31
C GLN Y 38 -34.98 16.89 12.59
N ARG Y 39 -35.47 16.96 11.36
CA ARG Y 39 -35.36 18.21 10.61
C ARG Y 39 -36.05 19.34 11.34
N GLY Y 40 -37.27 19.10 11.83
CA GLY Y 40 -37.98 20.15 12.53
C GLY Y 40 -37.27 20.56 13.80
N TYR Y 41 -36.82 19.58 14.58
CA TYR Y 41 -36.13 19.90 15.81
C TYR Y 41 -34.94 20.79 15.54
N TYR Y 42 -34.08 20.38 14.61
CA TYR Y 42 -32.89 21.18 14.36
C TYR Y 42 -33.26 22.53 13.76
N ARG Y 43 -34.32 22.59 12.96
CA ARG Y 43 -34.76 23.88 12.45
C ARG Y 43 -35.00 24.84 13.59
N TYR Y 44 -35.83 24.42 14.55
CA TYR Y 44 -36.13 25.31 15.67
C TYR Y 44 -34.89 25.59 16.50
N TYR Y 45 -34.10 24.54 16.78
CA TYR Y 45 -32.96 24.66 17.65
C TYR Y 45 -31.98 25.69 17.12
N ASN Y 46 -31.63 25.58 15.84
CA ASN Y 46 -30.73 26.55 15.23
C ASN Y 46 -31.41 27.88 14.99
N LYS Y 47 -32.73 27.91 14.93
CA LYS Y 47 -33.42 29.17 14.72
C LYS Y 47 -33.35 30.05 15.95
N TYR Y 48 -33.59 29.48 17.12
CA TYR Y 48 -33.78 30.29 18.33
C TYR Y 48 -32.79 30.04 19.44
N VAL Y 49 -31.98 28.99 19.38
CA VAL Y 49 -31.16 28.57 20.50
C VAL Y 49 -29.67 28.71 20.18
N ASN Y 50 -29.25 28.18 19.03
CA ASN Y 50 -27.83 28.01 18.76
C ASN Y 50 -27.19 29.30 18.24
N VAL Y 51 -27.18 30.32 19.09
CA VAL Y 51 -26.60 31.62 18.76
C VAL Y 51 -25.76 32.09 19.93
N LYS Y 52 -24.92 33.09 19.69
CA LYS Y 52 -24.06 33.57 20.77
C LYS Y 52 -24.88 34.13 21.92
N LYS Y 53 -25.96 34.86 21.62
CA LYS Y 53 -26.77 35.49 22.66
C LYS Y 53 -28.24 35.25 22.35
N GLY Y 54 -28.78 34.17 22.92
CA GLY Y 54 -30.19 33.86 22.75
C GLY Y 54 -30.98 34.11 24.02
N SER Y 55 -32.00 34.95 23.94
CA SER Y 55 -32.82 35.24 25.10
C SER Y 55 -33.60 34.01 25.51
N ILE Y 56 -34.43 34.17 26.54
CA ILE Y 56 -35.24 33.08 27.06
C ILE Y 56 -36.27 32.67 26.00
N ALA Y 57 -36.31 33.40 24.89
CA ALA Y 57 -37.05 32.90 23.74
C ALA Y 57 -36.73 31.43 23.47
N GLY Y 58 -35.51 31.01 23.80
CA GLY Y 58 -35.14 29.62 23.56
C GLY Y 58 -36.03 28.66 24.33
N LEU Y 59 -36.25 28.93 25.62
CA LEU Y 59 -37.07 28.07 26.46
C LEU Y 59 -38.54 28.46 26.41
N SER Y 60 -38.85 29.73 26.66
CA SER Y 60 -40.23 30.17 26.70
C SER Y 60 -41.03 29.47 25.61
N MET Y 61 -40.49 29.38 24.40
CA MET Y 61 -41.16 28.63 23.34
C MET Y 61 -41.58 27.25 23.81
N VAL Y 62 -40.60 26.41 24.16
CA VAL Y 62 -40.91 25.00 24.39
C VAL Y 62 -41.73 24.84 25.66
N LEU Y 63 -41.46 25.66 26.67
CA LEU Y 63 -42.27 25.58 27.88
C LEU Y 63 -43.72 25.96 27.62
N ALA Y 64 -43.96 26.99 26.80
CA ALA Y 64 -45.34 27.30 26.44
C ALA Y 64 -45.99 26.16 25.69
N ALA Y 65 -45.24 25.55 24.77
CA ALA Y 65 -45.78 24.40 24.06
C ALA Y 65 -46.10 23.28 25.04
N TYR Y 66 -45.23 23.07 26.02
CA TYR Y 66 -45.42 22.01 27.01
C TYR Y 66 -46.69 22.27 27.82
N VAL Y 67 -46.88 23.50 28.27
CA VAL Y 67 -48.07 23.83 29.02
C VAL Y 67 -49.30 23.62 28.17
N PHE Y 68 -49.25 24.05 26.91
CA PHE Y 68 -50.40 23.91 26.04
C PHE Y 68 -50.75 22.44 25.86
N LEU Y 69 -49.74 21.61 25.60
CA LEU Y 69 -49.99 20.18 25.42
C LEU Y 69 -50.59 19.58 26.68
N ASN Y 70 -50.04 19.93 27.85
CA ASN Y 70 -50.56 19.35 29.07
C ASN Y 70 -51.99 19.77 29.30
N TYR Y 71 -52.31 21.04 29.05
CA TYR Y 71 -53.69 21.46 29.21
C TYR Y 71 -54.60 20.67 28.29
N CYS Y 72 -54.24 20.59 27.01
CA CYS Y 72 -55.06 19.83 26.08
C CYS Y 72 -55.28 18.43 26.59
N ARG Y 73 -54.19 17.73 26.93
CA ARG Y 73 -54.30 16.37 27.42
C ARG Y 73 -55.17 16.29 28.65
N SER Y 74 -55.27 17.38 29.42
CA SER Y 74 -56.04 17.39 30.65
C SER Y 74 -57.38 18.09 30.50
N TYR Y 75 -57.98 18.04 29.31
CA TYR Y 75 -59.22 18.75 29.08
C TYR Y 75 -60.43 17.91 29.44
N LYS Y 76 -60.61 16.77 28.78
CA LYS Y 76 -61.78 15.96 29.03
C LYS Y 76 -61.90 15.64 30.51
N GLU Y 77 -60.79 15.57 31.20
CA GLU Y 77 -60.75 15.26 32.62
C GLU Y 77 -60.96 16.49 33.48
N LEU Y 78 -61.19 17.65 32.87
CA LEU Y 78 -61.63 18.80 33.65
C LEU Y 78 -62.74 19.57 32.95
N LYS Y 79 -63.48 18.93 32.04
CA LYS Y 79 -64.72 19.54 31.58
C LYS Y 79 -65.73 19.67 32.71
N HIS Y 80 -65.53 18.94 33.80
CA HIS Y 80 -66.50 18.86 34.88
C HIS Y 80 -66.34 19.96 35.90
N GLU Y 81 -65.74 21.08 35.52
CA GLU Y 81 -65.54 22.21 36.42
C GLU Y 81 -65.98 23.52 35.79
N ARG Y 82 -66.94 23.45 34.88
CA ARG Y 82 -67.46 24.66 34.27
C ARG Y 82 -68.10 25.54 35.32
N LEU Y 83 -67.77 26.83 35.29
CA LEU Y 83 -68.37 27.79 36.21
C LEU Y 83 -69.71 28.32 35.71
N ARG Y 84 -70.32 27.64 34.75
CA ARG Y 84 -71.62 28.03 34.23
C ARG Y 84 -72.16 26.90 33.39
N LYS Y 85 -73.39 26.46 33.66
CA LYS Y 85 -73.92 25.30 32.95
C LYS Y 85 -74.23 25.61 31.50
N TYR Y 86 -74.67 26.83 31.21
CA TYR Y 86 -75.13 27.20 29.88
C TYR Y 86 -74.23 28.28 29.31
N HIS Y 87 -73.73 28.06 28.11
CA HIS Y 87 -72.79 28.98 27.48
C HIS Y 87 -72.74 28.72 25.99
N THR Z 20 -46.89 58.73 36.45
CA THR Z 20 -46.82 57.35 36.01
C THR Z 20 -46.39 57.26 34.54
N TYR Z 21 -45.55 56.28 34.23
CA TYR Z 21 -45.11 56.10 32.85
C TYR Z 21 -46.22 55.60 31.95
N SER Z 22 -47.37 55.25 32.51
CA SER Z 22 -48.51 54.84 31.69
C SER Z 22 -48.92 55.94 30.73
N LYS Z 23 -48.62 57.20 31.05
CA LYS Z 23 -49.10 58.30 30.22
C LYS Z 23 -48.57 58.23 28.80
N PRO Z 24 -47.25 58.26 28.55
CA PRO Z 24 -46.77 58.13 27.17
C PRO Z 24 -47.17 56.82 26.53
N ARG Z 25 -47.22 55.74 27.31
CA ARG Z 25 -47.65 54.46 26.77
C ARG Z 25 -49.03 54.57 26.15
N LEU Z 26 -50.03 54.87 26.98
CA LEU Z 26 -51.38 55.01 26.48
C LEU Z 26 -51.46 56.06 25.39
N ALA Z 27 -50.60 57.08 25.44
CA ALA Z 27 -50.56 58.05 24.35
C ALA Z 27 -50.27 57.35 23.03
N THR Z 28 -49.23 56.54 22.99
CA THR Z 28 -48.89 55.82 21.77
C THR Z 28 -50.00 54.86 21.38
N PHE Z 29 -50.56 54.14 22.36
CA PHE Z 29 -51.59 53.16 22.02
C PHE Z 29 -52.80 53.85 21.39
N TRP Z 30 -53.22 54.98 21.94
CA TRP Z 30 -54.34 55.70 21.36
C TRP Z 30 -53.96 56.30 20.02
N TYR Z 31 -52.71 56.76 19.88
CA TYR Z 31 -52.23 57.18 18.57
C TYR Z 31 -52.48 56.12 17.52
N TYR Z 32 -52.18 54.87 17.86
CA TYR Z 32 -52.43 53.79 16.90
C TYR Z 32 -53.92 53.55 16.73
N ALA Z 33 -54.64 53.43 17.84
CA ALA Z 33 -56.05 53.05 17.77
C ALA Z 33 -56.84 54.02 16.91
N LYS Z 34 -56.61 55.32 17.11
CA LYS Z 34 -57.44 56.34 16.47
C LYS Z 34 -57.36 56.27 14.95
N VAL Z 35 -56.34 55.64 14.39
CA VAL Z 35 -56.20 55.52 12.95
C VAL Z 35 -56.43 54.10 12.46
N GLU Z 36 -56.17 53.08 13.28
CA GLU Z 36 -56.44 51.71 12.86
C GLU Z 36 -57.82 51.24 13.30
N LEU Z 37 -58.07 51.24 14.62
CA LEU Z 37 -59.29 50.65 15.15
C LEU Z 37 -60.53 51.50 14.88
N VAL Z 38 -60.35 52.79 14.63
CA VAL Z 38 -61.45 53.76 14.55
C VAL Z 38 -62.62 53.20 13.74
N PRO Z 39 -63.85 53.58 14.02
CA PRO Z 39 -64.98 53.09 13.21
C PRO Z 39 -64.93 53.61 11.79
N PRO Z 40 -65.49 52.88 10.83
CA PRO Z 40 -65.35 53.27 9.42
C PRO Z 40 -66.24 54.44 9.03
N THR Z 41 -66.27 54.76 7.75
CA THR Z 41 -67.04 55.86 7.19
C THR Z 41 -67.94 55.34 6.08
N PRO Z 42 -69.05 56.03 5.79
CA PRO Z 42 -69.97 55.53 4.76
C PRO Z 42 -69.32 55.39 3.39
N ALA Z 43 -68.38 56.27 3.06
CA ALA Z 43 -67.70 56.16 1.77
C ALA Z 43 -67.05 54.79 1.61
N GLU Z 44 -66.65 54.16 2.72
CA GLU Z 44 -66.11 52.82 2.64
C GLU Z 44 -67.14 51.84 2.10
N ILE Z 45 -68.41 52.05 2.47
CA ILE Z 45 -69.45 51.06 2.16
C ILE Z 45 -69.47 50.68 0.69
N PRO Z 46 -69.53 51.62 -0.26
CA PRO Z 46 -69.55 51.23 -1.67
C PRO Z 46 -68.31 50.41 -2.04
N THR Z 47 -67.14 50.96 -1.73
CA THR Z 47 -65.89 50.27 -2.00
C THR Z 47 -65.91 48.88 -1.37
N ALA Z 48 -66.30 48.82 -0.11
CA ALA Z 48 -66.36 47.53 0.57
C ALA Z 48 -67.22 46.54 -0.21
N ILE Z 49 -68.44 46.95 -0.56
CA ILE Z 49 -69.36 46.01 -1.17
C ILE Z 49 -68.85 45.57 -2.54
N GLN Z 50 -68.23 46.48 -3.29
CA GLN Z 50 -67.63 46.04 -4.55
C GLN Z 50 -66.55 45.01 -4.28
N SER Z 51 -65.75 45.22 -3.25
CA SER Z 51 -64.72 44.25 -2.91
C SER Z 51 -65.34 42.89 -2.60
N LEU Z 52 -66.42 42.90 -1.83
CA LEU Z 52 -67.12 41.64 -1.53
C LEU Z 52 -67.59 40.98 -2.80
N LYS Z 53 -68.20 41.77 -3.70
CA LYS Z 53 -68.71 41.21 -4.93
C LYS Z 53 -67.59 40.56 -5.73
N LYS Z 54 -66.45 41.22 -5.81
CA LYS Z 54 -65.33 40.67 -6.57
C LYS Z 54 -64.83 39.38 -5.93
N ILE Z 55 -64.71 39.37 -4.60
CA ILE Z 55 -64.29 38.16 -3.92
C ILE Z 55 -65.25 37.03 -4.22
N ILE Z 56 -66.55 37.33 -4.21
CA ILE Z 56 -67.54 36.29 -4.39
C ILE Z 56 -67.52 35.77 -5.82
N ASN Z 57 -67.37 36.68 -6.78
CA ASN Z 57 -67.26 36.25 -8.18
C ASN Z 57 -66.06 35.36 -8.37
N SER Z 58 -64.94 35.70 -7.73
CA SER Z 58 -63.76 34.86 -7.79
C SER Z 58 -64.05 33.48 -7.19
N ALA Z 59 -64.64 33.45 -6.00
CA ALA Z 59 -64.85 32.19 -5.30
C ALA Z 59 -65.80 31.29 -6.09
N LYS Z 60 -66.97 31.82 -6.45
CA LYS Z 60 -67.91 31.01 -7.22
C LYS Z 60 -67.30 30.60 -8.55
N THR Z 61 -66.47 31.46 -9.13
CA THR Z 61 -65.81 31.14 -10.38
C THR Z 61 -64.87 29.95 -10.25
N GLY Z 62 -64.50 29.55 -9.04
CA GLY Z 62 -63.47 28.56 -8.86
C GLY Z 62 -62.08 29.10 -9.11
N SER Z 63 -61.93 30.41 -9.18
CA SER Z 63 -60.66 31.05 -9.52
C SER Z 63 -59.75 31.21 -8.31
N PHE Z 64 -60.20 30.84 -7.11
CA PHE Z 64 -59.34 30.91 -5.94
C PHE Z 64 -58.37 29.74 -5.86
N LYS Z 65 -58.31 28.90 -6.90
CA LYS Z 65 -57.31 27.84 -6.94
C LYS Z 65 -55.93 28.43 -7.18
N GLN Z 66 -55.87 29.73 -7.44
CA GLN Z 66 -54.63 30.43 -7.75
C GLN Z 66 -54.00 31.07 -6.52
N LEU Z 67 -54.24 30.50 -5.34
CA LEU Z 67 -53.66 30.99 -4.09
C LEU Z 67 -52.86 29.88 -3.44
N THR Z 68 -51.62 30.19 -3.05
CA THR Z 68 -50.80 29.24 -2.33
C THR Z 68 -51.28 29.10 -0.90
N VAL Z 69 -50.82 28.05 -0.23
CA VAL Z 69 -51.29 27.75 1.10
C VAL Z 69 -51.06 28.94 2.03
N LYS Z 70 -49.91 29.59 1.89
CA LYS Z 70 -49.62 30.72 2.77
C LYS Z 70 -50.72 31.77 2.72
N GLU Z 71 -51.09 32.19 1.51
CA GLU Z 71 -52.10 33.24 1.41
C GLU Z 71 -53.46 32.73 1.88
N ALA Z 72 -53.76 31.46 1.62
CA ALA Z 72 -54.99 30.88 2.14
C ALA Z 72 -55.05 31.02 3.65
N LEU Z 73 -53.95 30.68 4.32
CA LEU Z 73 -53.90 30.78 5.77
C LEU Z 73 -54.04 32.23 6.20
N LEU Z 74 -53.41 33.15 5.48
CA LEU Z 74 -53.55 34.56 5.81
C LEU Z 74 -55.02 34.97 5.80
N ASN Z 75 -55.72 34.61 4.72
CA ASN Z 75 -57.13 34.96 4.62
C ASN Z 75 -57.94 34.29 5.72
N GLY Z 76 -57.65 33.02 6.00
CA GLY Z 76 -58.39 32.34 7.06
C GLY Z 76 -58.18 32.98 8.40
N LEU Z 77 -56.94 33.35 8.71
CA LEU Z 77 -56.65 33.99 9.99
C LEU Z 77 -57.35 35.33 10.10
N VAL Z 78 -57.34 36.14 9.04
CA VAL Z 78 -58.03 37.42 9.12
C VAL Z 78 -59.52 37.21 9.26
N ALA Z 79 -60.06 36.18 8.61
CA ALA Z 79 -61.48 35.88 8.76
C ALA Z 79 -61.81 35.51 10.20
N THR Z 80 -61.00 34.66 10.80
CA THR Z 80 -61.21 34.31 12.20
C THR Z 80 -61.11 35.55 13.07
N GLU Z 81 -60.12 36.39 12.80
CA GLU Z 81 -59.94 37.61 13.58
C GLU Z 81 -61.21 38.46 13.53
N VAL Z 82 -61.70 38.75 12.33
CA VAL Z 82 -62.86 39.63 12.22
C VAL Z 82 -64.06 38.98 12.89
N TRP Z 83 -64.31 37.71 12.60
CA TRP Z 83 -65.50 37.05 13.13
C TRP Z 83 -65.47 37.03 14.65
N MET Z 84 -64.32 36.73 15.21
CA MET Z 84 -64.12 36.67 16.66
C MET Z 84 -64.48 37.98 17.36
N TRP Z 85 -64.56 39.08 16.63
CA TRP Z 85 -65.24 40.24 17.19
C TRP Z 85 -66.70 39.92 17.52
N PHE Z 86 -67.26 38.91 16.85
CA PHE Z 86 -68.62 38.49 17.19
C PHE Z 86 -68.69 38.05 18.64
N TYR Z 87 -67.75 37.21 19.06
CA TYR Z 87 -67.73 36.81 20.46
C TYR Z 87 -67.40 37.97 21.37
N VAL Z 88 -66.55 38.89 20.92
CA VAL Z 88 -66.31 40.08 21.73
C VAL Z 88 -67.62 40.82 22.00
N GLY Z 89 -68.40 41.03 20.95
CA GLY Z 89 -69.68 41.69 21.13
C GLY Z 89 -70.62 40.90 22.00
N GLU Z 90 -70.70 39.59 21.78
CA GLU Z 90 -71.50 38.75 22.66
C GLU Z 90 -71.14 39.02 24.10
N ILE Z 91 -69.84 39.06 24.40
CA ILE Z 91 -69.40 39.36 25.76
C ILE Z 91 -69.97 40.69 26.23
N ILE Z 92 -69.58 41.77 25.57
CA ILE Z 92 -69.92 43.08 26.12
C ILE Z 92 -71.43 43.27 26.17
N GLY Z 93 -72.18 42.54 25.37
CA GLY Z 93 -73.63 42.54 25.50
C GLY Z 93 -74.08 41.66 26.64
N LYS Z 94 -73.78 40.37 26.55
CA LYS Z 94 -74.07 39.44 27.64
C LYS Z 94 -73.07 39.75 28.74
N ARG Z 95 -73.43 40.73 29.56
CA ARG Z 95 -72.50 41.38 30.48
C ARG Z 95 -71.56 40.38 31.14
N GLY Z 96 -72.07 39.19 31.44
CA GLY Z 96 -71.21 38.16 32.00
C GLY Z 96 -70.10 37.79 31.03
N ILE Z 97 -68.88 37.67 31.57
CA ILE Z 97 -67.73 37.33 30.74
C ILE Z 97 -67.73 35.87 30.33
N ILE Z 98 -68.71 35.09 30.78
CA ILE Z 98 -68.74 33.67 30.55
C ILE Z 98 -69.95 33.29 29.71
N ASP AA 5 114.72 72.94 24.04
CA ASP AA 5 113.99 71.94 24.80
C ASP AA 5 114.93 70.96 25.50
N PRO AA 6 116.05 70.60 24.86
CA PRO AA 6 117.07 69.81 25.57
C PRO AA 6 117.79 70.60 26.66
N VAL AA 7 117.50 71.89 26.83
CA VAL AA 7 118.21 72.69 27.82
C VAL AA 7 118.04 72.09 29.21
N GLN AA 8 116.84 71.59 29.51
CA GLN AA 8 116.60 70.96 30.80
C GLN AA 8 117.15 69.55 30.75
N LYS AA 9 118.21 69.29 31.52
CA LYS AA 9 118.84 67.98 31.52
C LYS AA 9 117.87 66.90 32.00
N LEU AA 10 116.81 67.27 32.71
CA LEU AA 10 115.83 66.31 33.15
C LEU AA 10 115.17 65.62 31.96
N PHE AA 11 114.81 66.39 30.94
CA PHE AA 11 114.16 65.79 29.78
C PHE AA 11 115.06 64.75 29.13
N VAL AA 12 116.33 65.10 28.89
CA VAL AA 12 117.23 64.15 28.24
C VAL AA 12 117.46 62.94 29.14
N ASP AA 13 117.59 63.16 30.44
CA ASP AA 13 117.78 62.06 31.37
C ASP AA 13 116.64 61.05 31.23
N LYS AA 14 115.41 61.54 31.35
CA LYS AA 14 114.26 60.65 31.19
C LYS AA 14 114.26 60.02 29.81
N ILE AA 15 114.59 60.81 28.80
CA ILE AA 15 114.49 60.34 27.42
C ILE AA 15 115.42 59.16 27.19
N ARG AA 16 116.66 59.25 27.63
CA ARG AA 16 117.58 58.18 27.30
C ARG AA 16 117.49 57.01 28.26
N GLU AA 17 117.03 57.22 29.51
CA GLU AA 17 116.60 56.06 30.28
C GLU AA 17 115.52 55.31 29.53
N TYR AA 18 114.51 56.06 29.06
CA TYR AA 18 113.47 55.49 28.23
C TYR AA 18 114.02 54.73 27.05
N ARG AA 19 114.97 55.32 26.33
CA ARG AA 19 115.51 54.66 25.15
C ARG AA 19 116.16 53.35 25.53
N THR AA 20 117.19 53.40 26.38
CA THR AA 20 117.84 52.19 26.87
C THR AA 20 116.79 51.16 27.24
N LYS AA 21 115.70 51.60 27.85
CA LYS AA 21 114.64 50.68 28.22
C LYS AA 21 114.03 50.03 26.98
N ARG AA 22 113.71 50.83 25.97
CA ARG AA 22 113.08 50.29 24.77
C ARG AA 22 114.01 49.30 24.09
N GLN AA 23 115.31 49.61 24.05
CA GLN AA 23 116.29 48.68 23.51
C GLN AA 23 116.30 47.39 24.32
N THR AA 24 116.25 47.49 25.64
CA THR AA 24 116.16 46.32 26.48
C THR AA 24 114.83 45.59 26.32
N SER AA 25 113.87 46.23 25.66
CA SER AA 25 112.52 45.69 25.53
C SER AA 25 112.50 44.38 24.75
N GLY AA 26 113.66 43.85 24.37
CA GLY AA 26 113.75 42.48 23.92
C GLY AA 26 113.09 41.55 24.92
N GLY AA 27 113.05 41.98 26.17
CA GLY AA 27 112.21 41.39 27.19
C GLY AA 27 111.83 42.44 28.21
N PRO AA 28 110.80 42.17 29.03
CA PRO AA 28 110.45 43.14 30.06
C PRO AA 28 111.51 43.16 31.16
N VAL AA 29 112.35 44.18 31.16
CA VAL AA 29 113.57 44.13 31.96
C VAL AA 29 113.20 44.19 33.43
N ASP AA 30 113.89 43.37 34.23
CA ASP AA 30 113.74 43.43 35.68
C ASP AA 30 112.29 43.21 36.07
N ALA AA 31 111.60 42.34 35.33
CA ALA AA 31 110.22 42.04 35.67
C ALA AA 31 110.11 41.56 37.11
N GLY AA 32 110.90 40.57 37.49
CA GLY AA 32 110.88 40.05 38.83
C GLY AA 32 109.76 39.04 39.02
N PRO AA 33 110.05 37.91 39.68
CA PRO AA 33 109.04 36.85 39.76
C PRO AA 33 107.75 37.28 40.42
N GLU AA 34 107.80 38.32 41.26
CA GLU AA 34 106.56 38.87 41.81
C GLU AA 34 105.67 39.43 40.72
N TYR AA 35 106.28 40.02 39.68
CA TYR AA 35 105.53 40.38 38.49
C TYR AA 35 104.76 39.19 37.96
N GLN AA 36 105.43 38.05 37.79
CA GLN AA 36 104.76 36.86 37.27
C GLN AA 36 103.66 36.39 38.21
N GLN AA 37 103.90 36.45 39.52
CA GLN AA 37 102.88 36.03 40.47
C GLN AA 37 101.63 36.89 40.36
N ASP AA 38 101.81 38.21 40.29
CA ASP AA 38 100.67 39.09 40.12
C ASP AA 38 99.93 38.74 38.83
N LEU AA 39 100.68 38.55 37.75
CA LEU AA 39 100.07 38.13 36.49
C LEU AA 39 99.24 36.88 36.70
N ASP AA 40 99.81 35.89 37.37
CA ASP AA 40 99.12 34.64 37.58
C ASP AA 40 97.77 34.88 38.23
N ARG AA 41 97.81 35.51 39.41
CA ARG AA 41 96.59 35.70 40.19
C ARG AA 41 95.52 36.42 39.39
N GLU AA 42 95.89 37.58 38.83
CA GLU AA 42 94.89 38.39 38.15
C GLU AA 42 94.40 37.71 36.87
N LEU AA 43 95.27 36.99 36.17
CA LEU AA 43 94.81 36.27 34.98
C LEU AA 43 93.80 35.19 35.34
N PHE AA 44 94.06 34.40 36.38
CA PHE AA 44 93.01 33.49 36.79
C PHE AA 44 91.73 34.25 37.04
N LYS AA 45 91.75 35.18 38.00
CA LYS AA 45 90.51 35.86 38.37
C LYS AA 45 89.76 36.38 37.14
N LEU AA 46 90.50 36.96 36.20
CA LEU AA 46 89.88 37.42 34.96
C LEU AA 46 89.22 36.27 34.23
N LYS AA 47 89.90 35.13 34.14
CA LYS AA 47 89.35 34.00 33.41
C LYS AA 47 88.07 33.50 34.06
N GLN AA 48 88.09 33.30 35.38
CA GLN AA 48 86.86 32.86 36.05
C GLN AA 48 85.74 33.86 35.82
N MET AA 49 86.03 35.15 35.87
CA MET AA 49 85.00 36.13 35.54
C MET AA 49 84.51 35.92 34.12
N TYR AA 50 85.39 35.46 33.23
CA TYR AA 50 85.05 35.17 31.85
C TYR AA 50 84.61 33.73 31.62
N GLY AA 51 84.60 32.90 32.66
CA GLY AA 51 84.19 31.51 32.52
C GLY AA 51 85.37 30.59 32.31
N LYS AA 52 85.03 29.33 32.06
CA LYS AA 52 86.01 28.26 31.90
C LYS AA 52 86.10 27.73 30.48
N ALA AA 53 85.28 28.23 29.56
CA ALA AA 53 85.28 27.71 28.19
C ALA AA 53 86.63 27.95 27.53
N ASP AA 54 87.05 26.99 26.71
CA ASP AA 54 88.29 27.12 25.96
C ASP AA 54 88.25 28.37 25.11
N MET AA 55 89.25 29.23 25.27
CA MET AA 55 89.22 30.54 24.63
C MET AA 55 89.90 30.48 23.26
N ASN AA 56 89.52 29.49 22.47
CA ASN AA 56 90.15 29.26 21.18
C ASN AA 56 89.18 28.99 20.04
N THR AA 57 87.95 28.54 20.32
CA THR AA 57 87.03 28.14 19.27
C THR AA 57 85.66 28.80 19.42
N PHE AA 58 84.69 28.32 18.66
CA PHE AA 58 83.30 28.75 18.76
C PHE AA 58 82.52 27.66 19.50
N PRO AA 59 82.45 27.72 20.83
CA PRO AA 59 81.76 26.64 21.57
C PRO AA 59 80.39 26.34 20.99
N ASN AA 60 80.22 25.10 20.54
CA ASN AA 60 79.00 24.70 19.87
C ASN AA 60 77.85 24.60 20.87
N PHE AA 61 76.63 24.72 20.37
CA PHE AA 61 75.44 24.79 21.21
C PHE AA 61 74.45 23.68 20.93
N THR AA 62 74.10 23.45 19.67
CA THR AA 62 73.09 22.45 19.33
C THR AA 62 71.77 22.78 20.05
N PHE AA 63 71.21 23.91 19.67
CA PHE AA 63 70.13 24.52 20.44
C PHE AA 63 68.93 23.60 20.50
N GLU AA 64 68.22 23.66 21.62
CA GLU AA 64 67.12 22.75 21.92
C GLU AA 64 65.79 23.42 21.61
N ASP AA 65 64.93 22.71 20.85
CA ASP AA 65 63.60 23.16 20.48
C ASP AA 65 62.57 22.62 21.47
N PRO AA 66 61.43 23.31 21.65
CA PRO AA 66 60.41 22.96 22.65
C PRO AA 66 60.26 21.46 22.91
N LEU BA 2 -32.50 -1.66 12.41
CA LEU BA 2 -32.43 -0.41 13.17
C LEU BA 2 -31.25 -0.43 14.12
N GLN BA 3 -30.20 -1.15 13.73
CA GLN BA 3 -29.02 -1.27 14.58
C GLN BA 3 -28.31 0.05 14.76
N SER BA 4 -28.65 1.07 13.97
CA SER BA 4 -27.91 2.32 13.98
C SER BA 4 -27.92 2.95 15.37
N LEU BA 5 -29.09 3.00 16.00
CA LEU BA 5 -29.16 3.60 17.33
C LEU BA 5 -28.29 2.84 18.32
N ILE BA 6 -28.36 1.51 18.28
CA ILE BA 6 -27.57 0.72 19.21
C ILE BA 6 -26.10 0.97 18.98
N LYS BA 7 -25.69 1.11 17.72
CA LYS BA 7 -24.31 1.43 17.41
C LYS BA 7 -23.92 2.79 17.98
N LYS BA 8 -24.82 3.77 17.88
CA LYS BA 8 -24.54 5.09 18.42
C LYS BA 8 -24.60 5.10 19.95
N VAL BA 9 -25.13 4.06 20.58
CA VAL BA 9 -25.37 4.07 22.02
C VAL BA 9 -24.63 2.92 22.68
N TRP BA 10 -24.95 1.69 22.28
CA TRP BA 10 -24.37 0.52 22.94
C TRP BA 10 -22.85 0.59 22.95
N ILE BA 11 -22.27 1.18 21.93
CA ILE BA 11 -20.82 1.20 21.77
C ILE BA 11 -20.21 2.21 22.74
N PRO BA 12 -20.66 3.46 22.77
CA PRO BA 12 -20.09 4.42 23.73
C PRO BA 12 -20.30 4.03 25.19
N MET BA 13 -21.28 3.16 25.48
CA MET BA 13 -21.66 2.86 26.85
C MET BA 13 -21.05 1.56 27.36
N LYS BA 14 -20.25 0.88 26.55
CA LYS BA 14 -19.78 -0.47 26.89
C LYS BA 14 -19.13 -0.56 28.26
N PRO BA 15 -18.20 0.34 28.65
CA PRO BA 15 -17.64 0.21 30.01
C PRO BA 15 -18.68 0.33 31.08
N TYR BA 16 -19.82 0.97 30.77
CA TYR BA 16 -20.91 1.04 31.72
C TYR BA 16 -21.75 -0.23 31.66
N TYR BA 17 -22.33 -0.52 30.49
CA TYR BA 17 -23.28 -1.61 30.35
C TYR BA 17 -22.62 -2.98 30.26
N THR BA 18 -21.33 -3.08 30.55
CA THR BA 18 -20.68 -4.38 30.50
C THR BA 18 -19.91 -4.68 31.78
N GLN BA 19 -19.29 -3.67 32.38
CA GLN BA 19 -18.53 -3.86 33.60
C GLN BA 19 -19.00 -3.01 34.76
N ALA BA 20 -19.16 -1.70 34.55
CA ALA BA 20 -19.44 -0.82 35.67
C ALA BA 20 -20.87 -0.93 36.18
N TYR BA 21 -21.74 -1.58 35.43
CA TYR BA 21 -23.15 -1.76 35.80
C TYR BA 21 -23.53 -3.21 36.06
N GLN BA 22 -22.59 -4.06 36.44
CA GLN BA 22 -23.00 -5.37 36.93
C GLN BA 22 -23.87 -5.22 38.17
N GLU BA 23 -23.43 -4.38 39.11
CA GLU BA 23 -24.21 -4.18 40.33
C GLU BA 23 -25.58 -3.59 40.00
N ILE BA 24 -25.62 -2.64 39.08
CA ILE BA 24 -26.90 -2.01 38.76
C ILE BA 24 -27.85 -3.00 38.11
N TRP BA 25 -27.34 -3.92 37.29
CA TRP BA 25 -28.24 -4.89 36.70
C TRP BA 25 -28.70 -5.92 37.72
N VAL BA 26 -27.85 -6.29 38.67
CA VAL BA 26 -28.34 -7.14 39.75
C VAL BA 26 -29.46 -6.43 40.50
N GLY BA 27 -29.26 -5.15 40.79
CA GLY BA 27 -30.31 -4.38 41.43
C GLY BA 27 -31.56 -4.32 40.59
N THR BA 28 -31.40 -4.22 39.27
CA THR BA 28 -32.56 -4.19 38.39
C THR BA 28 -33.33 -5.50 38.44
N GLY BA 29 -32.62 -6.63 38.46
CA GLY BA 29 -33.30 -7.91 38.61
C GLY BA 29 -34.03 -7.98 39.93
N LEU BA 30 -33.40 -7.48 40.99
CA LEU BA 30 -34.07 -7.46 42.29
C LEU BA 30 -35.33 -6.61 42.24
N MET BA 31 -35.27 -5.47 41.55
CA MET BA 31 -36.47 -4.68 41.37
C MET BA 31 -37.53 -5.46 40.60
N ALA BA 32 -37.13 -6.15 39.55
CA ALA BA 32 -38.10 -6.94 38.79
C ALA BA 32 -38.83 -7.87 39.74
N TYR BA 33 -38.09 -8.60 40.56
CA TYR BA 33 -38.72 -9.51 41.50
C TYR BA 33 -39.62 -8.77 42.47
N ILE BA 34 -39.16 -7.63 43.00
CA ILE BA 34 -39.91 -6.95 44.05
C ILE BA 34 -41.22 -6.41 43.49
N VAL BA 35 -41.16 -5.74 42.34
CA VAL BA 35 -42.38 -5.20 41.75
C VAL BA 35 -43.29 -6.34 41.32
N TYR BA 36 -42.72 -7.47 40.88
CA TYR BA 36 -43.55 -8.63 40.58
C TYR BA 36 -44.31 -9.08 41.81
N LYS BA 37 -43.62 -9.16 42.94
CA LYS BA 37 -44.30 -9.58 44.17
C LYS BA 37 -45.38 -8.58 44.57
N ILE BA 38 -45.10 -7.29 44.45
CA ILE BA 38 -46.09 -6.29 44.82
C ILE BA 38 -47.31 -6.40 43.93
N ARG BA 39 -47.10 -6.54 42.62
CA ARG BA 39 -48.24 -6.70 41.73
C ARG BA 39 -49.01 -7.97 42.04
N SER BA 40 -48.29 -9.06 42.34
CA SER BA 40 -48.97 -10.30 42.67
C SER BA 40 -49.85 -10.12 43.90
N ALA BA 41 -49.32 -9.46 44.93
CA ALA BA 41 -50.10 -9.24 46.14
C ALA BA 41 -51.32 -8.38 45.84
N ASP BA 42 -51.15 -7.33 45.06
CA ASP BA 42 -52.30 -6.48 44.73
C ASP BA 42 -53.33 -7.25 43.93
N LYS BA 43 -52.88 -8.09 42.98
CA LYS BA 43 -53.81 -8.91 42.22
C LYS BA 43 -54.58 -9.84 43.14
N ARG BA 44 -53.87 -10.48 44.06
CA ARG BA 44 -54.55 -11.37 45.01
C ARG BA 44 -55.61 -10.62 45.80
N SER BA 45 -55.23 -9.49 46.38
CA SER BA 45 -56.17 -8.75 47.23
C SER BA 45 -57.38 -8.28 46.42
N LYS BA 46 -57.15 -7.75 45.23
CA LYS BA 46 -58.27 -7.28 44.42
C LYS BA 46 -59.09 -8.42 43.83
N ALA BA 47 -58.54 -9.63 43.78
CA ALA BA 47 -59.31 -10.76 43.30
C ALA BA 47 -60.48 -11.05 44.22
N LEU BA 48 -60.26 -10.96 45.53
CA LEU BA 48 -61.33 -11.23 46.49
C LEU BA 48 -62.51 -10.28 46.29
N LYS BA 49 -62.30 -9.14 45.66
CA LYS BA 49 -63.38 -8.19 45.40
C LYS BA 49 -63.77 -8.21 43.92
N THR CA 12 -7.07 -11.75 74.62
CA THR CA 12 -7.54 -12.97 75.26
C THR CA 12 -8.31 -13.82 74.25
N GLY CA 13 -9.36 -14.50 74.71
CA GLY CA 13 -10.15 -15.33 73.83
C GLY CA 13 -11.37 -14.60 73.31
N ILE CA 14 -12.55 -14.95 73.84
CA ILE CA 14 -13.78 -14.34 73.36
C ILE CA 14 -13.71 -12.83 73.48
N LYS CA 15 -13.26 -12.34 74.64
CA LYS CA 15 -13.18 -10.90 74.86
C LYS CA 15 -12.28 -10.22 73.84
N LYS CA 16 -11.35 -10.96 73.24
CA LYS CA 16 -10.54 -10.46 72.14
C LYS CA 16 -10.91 -11.08 70.81
N TYR CA 17 -11.57 -12.24 70.81
CA TYR CA 17 -12.13 -12.78 69.58
C TYR CA 17 -13.40 -12.08 69.18
N PHE CA 18 -14.20 -11.65 70.17
CA PHE CA 18 -15.44 -10.91 69.93
C PHE CA 18 -15.32 -9.47 70.37
N ASN CA 19 -14.11 -8.93 70.43
CA ASN CA 19 -13.92 -7.56 70.87
C ASN CA 19 -14.75 -6.62 70.02
N SER CA 20 -15.37 -5.63 70.67
CA SER CA 20 -16.15 -4.63 69.95
C SER CA 20 -15.28 -3.61 69.24
N TYR CA 21 -14.10 -3.31 69.81
CA TYR CA 21 -13.23 -2.34 69.20
C TYR CA 21 -12.59 -2.88 67.93
N THR CA 22 -12.12 -4.12 67.98
CA THR CA 22 -11.34 -4.69 66.90
C THR CA 22 -12.18 -4.92 65.65
N LEU CA 23 -11.59 -4.64 64.50
CA LEU CA 23 -12.34 -4.71 63.24
C LEU CA 23 -12.90 -6.11 63.03
N THR CA 24 -12.07 -7.13 63.15
CA THR CA 24 -12.56 -8.49 62.99
C THR CA 24 -13.56 -8.83 64.09
N GLY CA 25 -13.31 -8.35 65.31
CA GLY CA 25 -14.25 -8.59 66.39
C GLY CA 25 -15.64 -8.03 66.07
N ARG CA 26 -15.69 -6.89 65.39
CA ARG CA 26 -16.98 -6.33 65.01
C ARG CA 26 -17.72 -7.26 64.07
N MET CA 27 -17.01 -7.80 63.06
CA MET CA 27 -17.62 -8.79 62.19
C MET CA 27 -18.12 -9.97 63.00
N ASN CA 28 -17.31 -10.46 63.93
CA ASN CA 28 -17.68 -11.65 64.67
C ASN CA 28 -18.94 -11.40 65.49
N CYS CA 29 -19.03 -10.23 66.12
CA CYS CA 29 -20.21 -9.90 66.91
C CYS CA 29 -21.45 -9.76 66.03
N VAL CA 30 -21.30 -9.09 64.88
CA VAL CA 30 -22.45 -8.96 63.99
C VAL CA 30 -22.91 -10.32 63.51
N LEU CA 31 -21.95 -11.18 63.14
CA LEU CA 31 -22.31 -12.52 62.67
C LEU CA 31 -22.95 -13.31 63.78
N ALA CA 32 -22.48 -13.16 65.01
CA ALA CA 32 -23.11 -13.85 66.14
C ALA CA 32 -24.55 -13.40 66.32
N THR CA 33 -24.80 -12.10 66.22
CA THR CA 33 -26.16 -11.61 66.36
C THR CA 33 -27.05 -12.19 65.25
N TYR CA 34 -26.55 -12.16 64.02
CA TYR CA 34 -27.32 -12.70 62.91
C TYR CA 34 -27.58 -14.19 63.08
N GLY CA 35 -26.56 -14.93 63.55
CA GLY CA 35 -26.75 -16.35 63.78
C GLY CA 35 -27.77 -16.62 64.86
N SER CA 36 -27.76 -15.83 65.94
CA SER CA 36 -28.77 -15.99 66.97
C SER CA 36 -30.16 -15.71 66.41
N ILE CA 37 -30.29 -14.68 65.57
CA ILE CA 37 -31.59 -14.35 65.00
C ILE CA 37 -32.09 -15.49 64.13
N ALA CA 38 -31.22 -16.02 63.26
CA ALA CA 38 -31.62 -17.16 62.43
C ALA CA 38 -31.95 -18.37 63.27
N LEU CA 39 -31.14 -18.63 64.30
CA LEU CA 39 -31.40 -19.72 65.22
C LEU CA 39 -32.80 -19.63 65.78
N ILE CA 40 -33.15 -18.46 66.33
CA ILE CA 40 -34.43 -18.34 67.02
C ILE CA 40 -35.60 -18.39 66.03
N VAL CA 41 -35.43 -17.78 64.85
CA VAL CA 41 -36.52 -17.81 63.89
C VAL CA 41 -36.80 -19.24 63.44
N LEU CA 42 -35.74 -20.01 63.16
CA LEU CA 42 -35.94 -21.42 62.80
C LEU CA 42 -36.47 -22.21 63.99
N TYR CA 43 -36.04 -21.86 65.20
CA TYR CA 43 -36.49 -22.57 66.39
C TYR CA 43 -38.00 -22.44 66.56
N PHE CA 44 -38.51 -21.22 66.49
CA PHE CA 44 -39.93 -20.98 66.71
C PHE CA 44 -40.78 -21.20 65.46
N LYS CA 45 -40.16 -21.29 64.28
CA LYS CA 45 -40.94 -21.51 63.07
C LYS CA 45 -41.61 -22.88 63.08
N LEU CA 46 -40.90 -23.90 63.54
CA LEU CA 46 -41.41 -25.26 63.52
C LEU CA 46 -42.31 -25.58 64.71
N ARG CA 47 -42.34 -24.74 65.73
CA ARG CA 47 -43.17 -25.00 66.91
C ARG CA 47 -44.63 -24.73 66.59
N MET DA 1 -61.77 -26.54 32.73
CA MET DA 1 -61.30 -27.26 31.53
C MET DA 1 -59.82 -27.02 31.35
N PRO DA 2 -58.99 -28.06 31.52
CA PRO DA 2 -57.54 -27.81 31.64
C PRO DA 2 -56.98 -27.00 30.48
N GLN DA 3 -57.44 -27.25 29.25
CA GLN DA 3 -56.93 -26.47 28.13
C GLN DA 3 -57.36 -25.02 28.22
N LEU DA 4 -58.43 -24.73 28.97
CA LEU DA 4 -58.92 -23.38 29.13
C LEU DA 4 -58.50 -22.73 30.44
N ASP DA 5 -57.65 -23.40 31.21
CA ASP DA 5 -57.08 -22.81 32.42
C ASP DA 5 -56.05 -21.78 31.99
N THR DA 6 -56.54 -20.66 31.46
CA THR DA 6 -55.69 -19.68 30.82
C THR DA 6 -54.50 -19.25 31.67
N SER DA 7 -54.51 -19.56 32.98
CA SER DA 7 -53.39 -19.23 33.84
C SER DA 7 -52.05 -19.43 33.16
N THR DA 8 -51.87 -20.59 32.53
CA THR DA 8 -50.57 -21.01 32.03
C THR DA 8 -50.32 -20.62 30.58
N TRP DA 9 -51.29 -20.03 29.90
CA TRP DA 9 -51.15 -19.87 28.46
C TRP DA 9 -49.80 -19.25 28.13
N LEU DA 10 -49.43 -18.18 28.83
CA LEU DA 10 -48.19 -17.50 28.48
C LEU DA 10 -47.02 -18.49 28.44
N THR DA 11 -46.84 -19.27 29.51
CA THR DA 11 -45.66 -20.11 29.56
C THR DA 11 -45.61 -21.07 28.39
N MET DA 12 -46.76 -21.44 27.84
CA MET DA 12 -46.73 -22.31 26.67
C MET DA 12 -46.23 -21.55 25.45
N ILE DA 13 -46.77 -20.36 25.22
CA ILE DA 13 -46.45 -19.66 23.97
C ILE DA 13 -44.96 -19.52 23.83
N LEU DA 14 -44.30 -19.04 24.89
CA LEU DA 14 -42.84 -18.90 24.81
C LEU DA 14 -42.19 -20.24 24.52
N SER DA 15 -42.52 -21.27 25.29
CA SER DA 15 -41.89 -22.55 25.05
C SER DA 15 -42.16 -23.04 23.64
N MET DA 16 -43.19 -22.52 22.99
CA MET DA 16 -43.37 -22.83 21.58
C MET DA 16 -42.41 -22.01 20.73
N PHE DA 17 -42.51 -20.68 20.83
CA PHE DA 17 -41.64 -19.82 20.02
C PHE DA 17 -40.21 -20.30 20.08
N LEU DA 18 -39.66 -20.37 21.29
CA LEU DA 18 -38.28 -20.78 21.45
C LEU DA 18 -38.00 -22.05 20.68
N THR DA 19 -38.86 -23.06 20.83
CA THR DA 19 -38.60 -24.33 20.17
C THR DA 19 -38.77 -24.23 18.67
N LEU DA 20 -39.73 -23.44 18.21
CA LEU DA 20 -40.07 -23.44 16.80
C LEU DA 20 -39.52 -22.26 16.03
N PHE DA 21 -38.89 -21.32 16.71
CA PHE DA 21 -38.25 -20.21 16.01
C PHE DA 21 -36.78 -20.05 16.32
N ILE DA 22 -36.26 -20.68 17.37
CA ILE DA 22 -34.88 -20.55 17.75
C ILE DA 22 -34.14 -21.87 17.59
N ILE DA 23 -34.79 -22.99 17.86
CA ILE DA 23 -34.11 -24.27 17.85
C ILE DA 23 -34.33 -24.96 16.52
N PHE DA 24 -35.58 -25.33 16.22
CA PHE DA 24 -35.82 -26.16 15.05
C PHE DA 24 -35.36 -25.45 13.79
N GLN DA 25 -35.53 -24.14 13.73
CA GLN DA 25 -34.99 -23.39 12.60
C GLN DA 25 -33.53 -23.73 12.38
N LEU DA 26 -32.73 -23.66 13.44
CA LEU DA 26 -31.32 -24.03 13.31
C LEU DA 26 -31.19 -25.47 12.88
N LYS DA 27 -31.69 -26.40 13.70
CA LYS DA 27 -31.39 -27.80 13.47
C LYS DA 27 -31.75 -28.23 12.06
N VAL DA 28 -32.75 -27.60 11.46
CA VAL DA 28 -33.02 -27.85 10.05
C VAL DA 28 -32.37 -26.82 9.15
N SER DA 29 -31.86 -25.73 9.70
CA SER DA 29 -31.01 -24.83 8.94
C SER DA 29 -29.59 -25.32 8.89
N LYS DA 30 -29.38 -26.61 9.13
CA LYS DA 30 -28.03 -27.13 9.28
C LYS DA 30 -27.79 -28.36 8.44
N HIS DA 31 -28.76 -28.80 7.64
CA HIS DA 31 -28.51 -29.78 6.61
C HIS DA 31 -28.09 -29.06 5.33
N ASN DA 32 -27.61 -29.81 4.35
CA ASN DA 32 -27.04 -29.19 3.15
C ASN DA 32 -27.84 -29.47 1.88
N PHE DA 33 -28.02 -30.73 1.50
CA PHE DA 33 -28.54 -31.02 0.17
C PHE DA 33 -27.69 -30.35 -0.90
N TYR DA 34 -26.38 -30.41 -0.72
CA TYR DA 34 -25.43 -29.84 -1.67
C TYR DA 34 -25.87 -30.13 -3.10
N HIS DA 35 -25.69 -29.16 -3.98
CA HIS DA 35 -25.90 -29.42 -5.39
C HIS DA 35 -25.05 -30.61 -5.79
N ASN DA 36 -25.66 -31.71 -6.17
CA ASN DA 36 -24.88 -32.84 -6.61
C ASN DA 36 -24.13 -32.45 -7.88
N PRO DA 37 -22.87 -32.84 -8.03
CA PRO DA 37 -22.13 -32.45 -9.23
C PRO DA 37 -22.81 -32.95 -10.49
N GLU DA 38 -22.69 -32.16 -11.56
CA GLU DA 38 -23.29 -32.51 -12.83
C GLU DA 38 -22.53 -33.65 -13.49
N VAL EA 23 -30.13 -53.46 -155.35
CA VAL EA 23 -30.83 -53.42 -154.07
C VAL EA 23 -30.25 -52.31 -153.21
N ASP EA 24 -31.11 -51.67 -152.42
CA ASP EA 24 -30.70 -50.56 -151.57
C ASP EA 24 -30.53 -51.07 -150.14
N LEU EA 25 -29.36 -50.80 -149.57
CA LEU EA 25 -29.07 -51.16 -148.19
C LEU EA 25 -28.65 -49.94 -147.39
N GLU EA 26 -29.18 -48.77 -147.75
CA GLU EA 26 -29.01 -47.56 -146.96
C GLU EA 26 -30.34 -46.97 -146.53
N GLU EA 27 -31.27 -46.82 -147.45
CA GLU EA 27 -32.62 -46.38 -147.14
C GLU EA 27 -33.57 -47.54 -146.92
N THR EA 28 -33.11 -48.77 -147.10
CA THR EA 28 -33.96 -49.94 -147.02
C THR EA 28 -33.13 -51.09 -146.47
N GLY EA 29 -33.78 -52.02 -145.80
CA GLY EA 29 -33.12 -53.19 -145.26
C GLY EA 29 -34.08 -54.35 -145.26
N ARG EA 30 -33.62 -55.49 -144.77
CA ARG EA 30 -34.44 -56.69 -144.77
C ARG EA 30 -34.26 -57.44 -143.46
N VAL EA 31 -35.36 -57.95 -142.94
CA VAL EA 31 -35.38 -58.54 -141.60
C VAL EA 31 -34.54 -59.81 -141.60
N LEU EA 32 -33.48 -59.83 -140.78
CA LEU EA 32 -32.76 -61.07 -140.55
C LEU EA 32 -33.55 -62.01 -139.65
N SER EA 33 -34.17 -61.46 -138.63
CA SER EA 33 -34.82 -62.28 -137.61
C SER EA 33 -35.98 -61.53 -137.01
N ILE EA 34 -36.84 -62.27 -136.31
CA ILE EA 34 -37.97 -61.71 -135.61
C ILE EA 34 -38.28 -62.65 -134.46
N GLY EA 35 -39.04 -62.17 -133.49
CA GLY EA 35 -39.46 -63.02 -132.40
C GLY EA 35 -39.57 -62.26 -131.10
N ASP EA 36 -40.70 -62.43 -130.42
CA ASP EA 36 -40.96 -61.72 -129.18
C ASP EA 36 -40.98 -60.21 -129.38
N GLY EA 37 -41.22 -59.77 -130.61
CA GLY EA 37 -41.41 -58.36 -130.90
C GLY EA 37 -40.15 -57.58 -131.18
N ILE EA 38 -39.01 -58.22 -131.37
CA ILE EA 38 -37.75 -57.54 -131.58
C ILE EA 38 -37.20 -58.01 -132.92
N ALA EA 39 -37.53 -57.29 -133.98
CA ALA EA 39 -36.97 -57.60 -135.28
C ALA EA 39 -35.49 -57.26 -135.31
N ARG EA 40 -34.71 -58.09 -135.98
CA ARG EA 40 -33.31 -57.81 -136.24
C ARG EA 40 -33.20 -57.62 -137.74
N VAL EA 41 -32.93 -56.40 -138.14
CA VAL EA 41 -32.93 -55.99 -139.53
C VAL EA 41 -31.50 -55.91 -140.03
N HIS EA 42 -31.31 -56.18 -141.31
CA HIS EA 42 -30.01 -56.07 -141.96
C HIS EA 42 -30.12 -55.07 -143.09
N GLY EA 43 -29.20 -54.10 -143.09
CA GLY EA 43 -29.32 -52.97 -143.98
C GLY EA 43 -29.62 -51.73 -143.17
N LEU EA 44 -30.39 -50.80 -143.72
CA LEU EA 44 -30.72 -49.57 -143.02
C LEU EA 44 -29.46 -48.92 -142.47
N ARG EA 45 -28.48 -48.73 -143.33
CA ARG EA 45 -27.20 -48.19 -142.89
C ARG EA 45 -27.32 -46.73 -142.48
N ASN EA 46 -28.29 -46.00 -143.02
CA ASN EA 46 -28.45 -44.59 -142.73
C ASN EA 46 -29.52 -44.33 -141.68
N VAL EA 47 -30.03 -45.37 -141.04
CA VAL EA 47 -31.07 -45.20 -140.04
C VAL EA 47 -30.48 -44.57 -138.80
N GLN EA 48 -31.16 -43.58 -138.25
CA GLN EA 48 -30.74 -42.93 -137.03
C GLN EA 48 -31.26 -43.71 -135.83
N ALA EA 49 -30.61 -43.51 -134.68
CA ALA EA 49 -31.08 -44.14 -133.46
C ALA EA 49 -32.42 -43.55 -133.07
N GLU EA 50 -33.31 -44.39 -132.57
CA GLU EA 50 -34.64 -43.96 -132.13
C GLU EA 50 -35.42 -43.33 -133.27
N GLU EA 51 -35.39 -43.97 -134.44
CA GLU EA 51 -36.09 -43.52 -135.62
C GLU EA 51 -37.17 -44.53 -135.99
N MET EA 52 -38.22 -44.05 -136.64
CA MET EA 52 -39.39 -44.86 -136.93
C MET EA 52 -39.25 -45.47 -138.33
N VAL EA 53 -38.99 -46.76 -138.39
CA VAL EA 53 -38.99 -47.48 -139.64
C VAL EA 53 -40.35 -48.11 -139.84
N GLU EA 54 -40.62 -48.57 -141.06
CA GLU EA 54 -41.90 -49.16 -141.42
C GLU EA 54 -41.66 -50.49 -142.09
N PHE EA 55 -42.36 -51.51 -141.62
CA PHE EA 55 -42.24 -52.84 -142.20
C PHE EA 55 -43.17 -52.99 -143.39
N SER EA 56 -42.88 -53.97 -144.23
CA SER EA 56 -43.68 -54.18 -145.43
C SER EA 56 -45.13 -54.47 -145.11
N SER EA 57 -45.42 -54.93 -143.89
CA SER EA 57 -46.76 -55.35 -143.49
C SER EA 57 -47.57 -54.22 -142.86
N GLY EA 58 -47.29 -52.98 -143.23
CA GLY EA 58 -48.01 -51.87 -142.64
C GLY EA 58 -47.73 -51.65 -141.17
N LEU EA 59 -46.72 -52.32 -140.63
CA LEU EA 59 -46.36 -52.20 -139.22
C LEU EA 59 -45.22 -51.22 -139.07
N LYS EA 60 -45.31 -50.36 -138.06
CA LYS EA 60 -44.23 -49.45 -137.72
C LYS EA 60 -43.30 -50.09 -136.71
N GLY EA 61 -42.16 -49.46 -136.50
CA GLY EA 61 -41.21 -49.92 -135.51
C GLY EA 61 -40.22 -48.83 -135.20
N MET EA 62 -39.56 -48.96 -134.07
CA MET EA 62 -38.61 -47.97 -133.59
C MET EA 62 -37.25 -48.63 -133.50
N SER EA 63 -36.26 -48.04 -134.15
CA SER EA 63 -34.93 -48.62 -134.23
C SER EA 63 -34.14 -48.20 -132.99
N LEU EA 64 -33.91 -49.13 -132.07
CA LEU EA 64 -33.25 -48.82 -130.81
C LEU EA 64 -31.79 -49.22 -130.80
N ASN EA 65 -31.48 -50.46 -131.14
CA ASN EA 65 -30.10 -50.94 -131.16
C ASN EA 65 -29.53 -50.77 -132.56
N LEU EA 66 -28.52 -49.94 -132.69
CA LEU EA 66 -27.74 -49.86 -133.91
C LEU EA 66 -26.42 -50.54 -133.63
N GLU EA 67 -26.24 -51.73 -134.17
CA GLU EA 67 -25.02 -52.49 -134.02
C GLU EA 67 -24.29 -52.57 -135.34
N PRO EA 68 -23.03 -52.98 -135.34
CA PRO EA 68 -22.26 -52.97 -136.59
C PRO EA 68 -22.88 -53.83 -137.67
N ASP EA 69 -23.56 -54.90 -137.30
CA ASP EA 69 -24.01 -55.89 -138.26
C ASP EA 69 -25.50 -55.87 -138.54
N ASN EA 70 -26.29 -55.22 -137.69
CA ASN EA 70 -27.74 -55.29 -137.82
C ASN EA 70 -28.35 -54.13 -137.04
N VAL EA 71 -29.67 -54.13 -136.94
CA VAL EA 71 -30.43 -53.10 -136.24
C VAL EA 71 -31.52 -53.77 -135.44
N GLY EA 72 -31.71 -53.33 -134.20
CA GLY EA 72 -32.75 -53.90 -133.38
C GLY EA 72 -33.99 -53.03 -133.38
N VAL EA 73 -35.02 -53.46 -134.09
CA VAL EA 73 -36.24 -52.67 -134.24
C VAL EA 73 -37.29 -53.26 -133.32
N VAL EA 74 -37.87 -52.43 -132.47
CA VAL EA 74 -38.98 -52.84 -131.63
C VAL EA 74 -40.26 -52.55 -132.39
N VAL EA 75 -41.10 -53.56 -132.54
CA VAL EA 75 -42.27 -53.48 -133.41
C VAL EA 75 -43.45 -52.93 -132.63
N PHE EA 76 -44.10 -51.90 -133.18
CA PHE EA 76 -45.31 -51.34 -132.59
C PHE EA 76 -46.51 -52.19 -133.01
N GLY EA 77 -46.59 -53.37 -132.46
CA GLY EA 77 -47.69 -54.24 -132.76
C GLY EA 77 -47.27 -55.69 -132.68
N ASN EA 78 -47.98 -56.52 -133.44
CA ASN EA 78 -47.82 -57.95 -133.38
C ASN EA 78 -46.78 -58.41 -134.39
N ASP EA 79 -45.86 -59.27 -133.93
CA ASP EA 79 -44.84 -59.80 -134.81
C ASP EA 79 -45.34 -60.98 -135.64
N LYS EA 80 -46.60 -61.38 -135.48
CA LYS EA 80 -47.16 -62.40 -136.35
C LYS EA 80 -47.05 -62.00 -137.81
N LEU EA 81 -47.11 -60.70 -138.09
CA LEU EA 81 -47.11 -60.19 -139.46
C LEU EA 81 -45.72 -59.87 -139.98
N ILE EA 82 -44.68 -60.12 -139.19
CA ILE EA 82 -43.31 -59.78 -139.58
C ILE EA 82 -42.53 -61.06 -139.82
N LYS EA 83 -42.58 -61.58 -141.04
CA LYS EA 83 -41.80 -62.78 -141.35
C LYS EA 83 -40.34 -62.40 -141.56
N GLU EA 84 -39.48 -63.40 -141.57
CA GLU EA 84 -38.10 -63.17 -141.92
C GLU EA 84 -37.99 -62.87 -143.41
N GLY EA 85 -37.05 -62.01 -143.76
CA GLY EA 85 -36.89 -61.59 -145.13
C GLY EA 85 -37.77 -60.44 -145.54
N ASP EA 86 -38.67 -59.98 -144.69
CA ASP EA 86 -39.47 -58.79 -144.99
C ASP EA 86 -38.55 -57.64 -145.36
N ILE EA 87 -39.11 -56.58 -145.91
CA ILE EA 87 -38.36 -55.39 -146.29
C ILE EA 87 -38.82 -54.24 -145.41
N VAL EA 88 -37.86 -53.55 -144.81
CA VAL EA 88 -38.11 -52.46 -143.88
C VAL EA 88 -37.56 -51.18 -144.49
N LYS EA 89 -38.38 -50.13 -144.49
CA LYS EA 89 -38.00 -48.85 -145.08
C LYS EA 89 -38.05 -47.77 -144.02
N ARG EA 90 -37.01 -46.96 -143.93
CA ARG EA 90 -36.95 -45.96 -142.88
C ARG EA 90 -37.78 -44.74 -143.26
N THR EA 91 -38.59 -44.26 -142.33
CA THR EA 91 -39.43 -43.09 -142.58
C THR EA 91 -38.66 -41.79 -142.48
N GLY EA 92 -37.44 -41.80 -141.96
CA GLY EA 92 -36.61 -40.63 -141.96
C GLY EA 92 -36.84 -39.65 -140.84
N ALA EA 93 -37.74 -39.97 -139.89
CA ALA EA 93 -38.08 -39.02 -138.83
C ALA EA 93 -38.10 -39.74 -137.49
N ILE EA 94 -37.74 -38.99 -136.45
CA ILE EA 94 -37.92 -39.49 -135.10
C ILE EA 94 -39.41 -39.53 -134.78
N VAL EA 95 -39.77 -40.34 -133.78
CA VAL EA 95 -41.17 -40.47 -133.43
C VAL EA 95 -41.75 -39.10 -133.12
N ASP EA 96 -42.93 -38.83 -133.63
CA ASP EA 96 -43.61 -37.57 -133.37
C ASP EA 96 -45.10 -37.82 -133.21
N VAL EA 97 -45.74 -36.94 -132.46
CA VAL EA 97 -47.16 -37.08 -132.13
C VAL EA 97 -47.89 -35.79 -132.48
N PRO EA 98 -49.16 -35.86 -132.83
CA PRO EA 98 -49.93 -34.64 -133.02
C PRO EA 98 -50.15 -33.91 -131.70
N VAL EA 99 -50.49 -32.64 -131.80
CA VAL EA 99 -50.79 -31.84 -130.63
C VAL EA 99 -51.87 -30.84 -130.98
N GLY EA 100 -52.22 -29.99 -130.04
CA GLY EA 100 -53.19 -28.95 -130.27
C GLY EA 100 -54.43 -29.12 -129.40
N GLU EA 101 -55.30 -28.13 -129.50
CA GLU EA 101 -56.59 -28.22 -128.84
C GLU EA 101 -57.57 -29.08 -129.63
N GLU EA 102 -57.15 -29.64 -130.75
CA GLU EA 102 -57.97 -30.58 -131.48
C GLU EA 102 -58.03 -31.95 -130.79
N LEU EA 103 -57.10 -32.22 -129.88
CA LEU EA 103 -57.12 -33.49 -129.17
C LEU EA 103 -58.09 -33.47 -128.01
N LEU EA 104 -58.38 -32.30 -127.45
CA LEU EA 104 -59.16 -32.22 -126.23
C LEU EA 104 -60.49 -32.95 -126.39
N GLY EA 105 -60.79 -33.79 -125.42
CA GLY EA 105 -62.00 -34.58 -125.44
C GLY EA 105 -61.92 -35.86 -126.24
N ARG EA 106 -60.79 -36.14 -126.84
CA ARG EA 106 -60.60 -37.36 -127.62
C ARG EA 106 -59.91 -38.41 -126.78
N VAL EA 107 -59.89 -39.63 -127.30
CA VAL EA 107 -59.12 -40.73 -126.73
C VAL EA 107 -58.16 -41.18 -127.81
N VAL EA 108 -56.89 -40.91 -127.63
CA VAL EA 108 -55.86 -41.25 -128.61
C VAL EA 108 -55.03 -42.38 -128.04
N ASP EA 109 -54.33 -43.07 -128.91
CA ASP EA 109 -53.42 -44.11 -128.49
C ASP EA 109 -52.00 -43.54 -128.43
N ALA EA 110 -51.02 -44.40 -128.19
CA ALA EA 110 -49.67 -43.94 -127.87
C ALA EA 110 -49.02 -43.14 -129.00
N LEU EA 111 -49.68 -43.01 -130.14
CA LEU EA 111 -49.10 -42.30 -131.28
C LEU EA 111 -50.04 -41.25 -131.86
N GLY EA 112 -51.13 -40.93 -131.18
CA GLY EA 112 -52.06 -39.93 -131.66
C GLY EA 112 -53.22 -40.47 -132.47
N ASN EA 113 -53.21 -41.74 -132.83
CA ASN EA 113 -54.34 -42.31 -133.53
C ASN EA 113 -55.54 -42.37 -132.62
N ALA EA 114 -56.68 -41.90 -133.08
CA ALA EA 114 -57.88 -41.97 -132.28
C ALA EA 114 -58.30 -43.42 -132.11
N ILE EA 115 -58.83 -43.74 -130.94
CA ILE EA 115 -59.35 -45.08 -130.70
C ILE EA 115 -60.75 -45.00 -130.12
N ASP EA 116 -61.36 -43.82 -130.15
CA ASP EA 116 -62.73 -43.66 -129.72
C ASP EA 116 -63.72 -43.70 -130.87
N GLY EA 117 -63.24 -43.87 -132.10
CA GLY EA 117 -64.14 -43.96 -133.23
C GLY EA 117 -65.03 -42.74 -133.36
N LYS EA 118 -64.45 -41.55 -133.26
CA LYS EA 118 -65.16 -40.31 -133.53
C LYS EA 118 -64.64 -39.61 -134.77
N GLY EA 119 -63.76 -40.26 -135.53
CA GLY EA 119 -63.25 -39.69 -136.75
C GLY EA 119 -61.79 -39.33 -136.64
N PRO EA 120 -61.25 -38.68 -137.68
CA PRO EA 120 -59.83 -38.33 -137.66
C PRO EA 120 -59.56 -37.17 -136.73
N ILE EA 121 -58.34 -37.16 -136.18
CA ILE EA 121 -58.04 -36.20 -135.13
C ILE EA 121 -57.96 -34.79 -135.69
N GLY EA 122 -57.38 -34.64 -136.87
CA GLY EA 122 -57.35 -33.34 -137.53
C GLY EA 122 -56.54 -32.28 -136.82
N SER EA 123 -55.32 -32.63 -136.40
CA SER EA 123 -54.42 -31.69 -135.74
C SER EA 123 -53.35 -31.24 -136.72
N LYS EA 124 -53.16 -29.93 -136.81
CA LYS EA 124 -52.18 -29.38 -137.75
C LYS EA 124 -50.76 -29.62 -137.29
N ALA EA 125 -50.49 -29.38 -136.01
CA ALA EA 125 -49.13 -29.36 -135.52
C ALA EA 125 -48.62 -30.77 -135.22
N ARG EA 126 -47.35 -30.85 -134.87
CA ARG EA 126 -46.73 -32.09 -134.43
C ARG EA 126 -45.57 -31.75 -133.52
N ARG EA 127 -45.16 -32.71 -132.71
CA ARG EA 127 -44.02 -32.52 -131.82
C ARG EA 127 -43.26 -33.82 -131.73
N ARG EA 128 -42.01 -33.73 -131.30
CA ARG EA 128 -41.20 -34.92 -131.10
C ARG EA 128 -41.38 -35.42 -129.67
N VAL EA 129 -41.57 -36.72 -129.52
CA VAL EA 129 -41.82 -37.27 -128.19
C VAL EA 129 -40.60 -37.08 -127.30
N GLY EA 130 -39.41 -37.21 -127.87
CA GLY EA 130 -38.20 -37.20 -127.08
C GLY EA 130 -37.50 -35.86 -127.00
N LEU EA 131 -38.26 -34.77 -126.91
CA LEU EA 131 -37.64 -33.47 -126.78
C LEU EA 131 -37.10 -33.30 -125.36
N LYS EA 132 -36.24 -32.30 -125.19
CA LYS EA 132 -35.60 -32.09 -123.91
C LYS EA 132 -36.39 -31.09 -123.07
N ALA EA 133 -36.16 -31.14 -121.76
CA ALA EA 133 -36.86 -30.30 -120.82
C ALA EA 133 -36.32 -28.87 -120.88
N PRO EA 134 -37.08 -27.91 -120.36
CA PRO EA 134 -36.56 -26.55 -120.25
C PRO EA 134 -35.39 -26.47 -119.28
N GLY EA 135 -34.50 -25.53 -119.54
CA GLY EA 135 -33.27 -25.45 -118.79
C GLY EA 135 -33.46 -24.89 -117.39
N ILE EA 136 -32.44 -24.20 -116.90
CA ILE EA 136 -32.47 -23.64 -115.57
C ILE EA 136 -33.07 -22.24 -115.53
N ILE EA 137 -32.86 -21.45 -116.57
CA ILE EA 137 -33.30 -20.06 -116.60
C ILE EA 137 -34.77 -19.95 -116.98
N PRO EA 138 -35.27 -20.73 -117.95
CA PRO EA 138 -36.66 -20.56 -118.35
C PRO EA 138 -37.65 -20.73 -117.20
N ARG EA 139 -37.36 -21.57 -116.22
CA ARG EA 139 -38.33 -21.84 -115.19
C ARG EA 139 -38.46 -20.64 -114.24
N ILE EA 140 -39.48 -20.71 -113.39
CA ILE EA 140 -39.65 -19.79 -112.28
C ILE EA 140 -40.29 -20.58 -111.15
N SER EA 141 -40.03 -20.15 -109.92
CA SER EA 141 -40.47 -20.93 -108.77
C SER EA 141 -41.97 -21.15 -108.79
N VAL EA 142 -42.39 -22.36 -108.39
CA VAL EA 142 -43.81 -22.71 -108.39
C VAL EA 142 -44.52 -21.88 -107.33
N ARG EA 143 -45.54 -21.15 -107.75
CA ARG EA 143 -46.26 -20.27 -106.84
C ARG EA 143 -47.77 -20.34 -106.95
N GLU EA 144 -48.33 -20.77 -108.06
CA GLU EA 144 -49.79 -20.86 -108.13
C GLU EA 144 -50.27 -22.13 -107.46
N PRO EA 145 -51.48 -22.13 -106.92
CA PRO EA 145 -52.04 -23.38 -106.38
C PRO EA 145 -52.80 -24.15 -107.43
N MET EA 146 -52.51 -25.44 -107.54
CA MET EA 146 -53.25 -26.35 -108.41
C MET EA 146 -54.28 -27.03 -107.53
N GLN EA 147 -55.54 -26.63 -107.66
CA GLN EA 147 -56.58 -27.09 -106.76
C GLN EA 147 -56.99 -28.50 -107.13
N THR EA 148 -56.79 -29.44 -106.22
CA THR EA 148 -57.22 -30.80 -106.43
C THR EA 148 -58.63 -31.06 -105.91
N GLY EA 149 -59.22 -30.14 -105.20
CA GLY EA 149 -60.57 -30.36 -104.71
C GLY EA 149 -60.69 -31.40 -103.64
N ILE EA 150 -59.57 -31.85 -103.08
CA ILE EA 150 -59.57 -32.82 -101.98
C ILE EA 150 -59.01 -32.11 -100.77
N LYS EA 151 -59.78 -32.11 -99.67
CA LYS EA 151 -59.38 -31.35 -98.50
C LYS EA 151 -58.00 -31.75 -98.01
N ALA EA 152 -57.76 -33.06 -97.86
CA ALA EA 152 -56.49 -33.52 -97.34
C ALA EA 152 -55.34 -33.02 -98.21
N VAL EA 153 -55.43 -33.23 -99.52
CA VAL EA 153 -54.37 -32.81 -100.42
C VAL EA 153 -54.23 -31.30 -100.40
N ASP EA 154 -55.35 -30.58 -100.56
CA ASP EA 154 -55.28 -29.14 -100.74
C ASP EA 154 -54.81 -28.41 -99.49
N SER EA 155 -54.96 -29.00 -98.31
CA SER EA 155 -54.55 -28.34 -97.08
C SER EA 155 -53.21 -28.84 -96.55
N LEU EA 156 -53.02 -30.16 -96.49
CA LEU EA 156 -51.87 -30.72 -95.82
C LEU EA 156 -50.72 -31.08 -96.75
N VAL EA 157 -51.00 -31.46 -97.98
CA VAL EA 157 -49.93 -31.77 -98.94
C VAL EA 157 -50.24 -31.02 -100.23
N PRO EA 158 -50.14 -29.71 -100.25
CA PRO EA 158 -50.57 -28.93 -101.42
C PRO EA 158 -49.70 -29.16 -102.63
N ILE EA 159 -50.28 -28.89 -103.79
CA ILE EA 159 -49.66 -29.12 -105.09
C ILE EA 159 -49.74 -27.82 -105.87
N GLY EA 160 -48.58 -27.28 -106.27
CA GLY EA 160 -48.53 -26.09 -107.08
C GLY EA 160 -48.56 -26.43 -108.55
N ARG EA 161 -48.50 -25.39 -109.37
CA ARG EA 161 -48.46 -25.55 -110.82
C ARG EA 161 -47.02 -25.55 -111.28
N GLY EA 162 -46.63 -26.60 -111.99
CA GLY EA 162 -45.24 -26.86 -112.28
C GLY EA 162 -44.59 -27.83 -111.35
N GLN EA 163 -45.33 -28.46 -110.47
CA GLN EA 163 -44.81 -29.41 -109.52
C GLN EA 163 -44.79 -30.80 -110.14
N ARG EA 164 -44.19 -31.75 -109.44
CA ARG EA 164 -44.28 -33.17 -109.78
C ARG EA 164 -44.55 -33.90 -108.48
N GLU EA 165 -45.81 -34.23 -108.23
CA GLU EA 165 -46.23 -34.80 -106.96
C GLU EA 165 -46.60 -36.26 -107.19
N LEU EA 166 -45.73 -37.16 -106.76
CA LEU EA 166 -45.98 -38.58 -106.90
C LEU EA 166 -47.18 -38.99 -106.06
N ILE EA 167 -48.00 -39.88 -106.60
CA ILE EA 167 -49.08 -40.53 -105.84
C ILE EA 167 -48.69 -42.00 -105.73
N ILE EA 168 -48.22 -42.40 -104.57
CA ILE EA 168 -47.60 -43.71 -104.39
C ILE EA 168 -48.44 -44.49 -103.41
N GLY EA 169 -48.81 -45.71 -103.78
CA GLY EA 169 -49.67 -46.48 -102.92
C GLY EA 169 -49.65 -47.95 -103.24
N ASP EA 170 -50.52 -48.68 -102.56
CA ASP EA 170 -50.66 -50.11 -102.76
C ASP EA 170 -51.74 -50.37 -103.81
N ARG EA 171 -52.22 -51.60 -103.91
CA ARG EA 171 -53.37 -51.89 -104.75
C ARG EA 171 -54.65 -51.39 -104.11
N GLN EA 172 -55.59 -51.01 -104.96
CA GLN EA 172 -56.92 -50.56 -104.55
C GLN EA 172 -56.87 -49.78 -103.24
N THR EA 173 -56.11 -48.68 -103.26
CA THR EA 173 -56.11 -47.74 -102.16
C THR EA 173 -56.71 -46.39 -102.51
N GLY EA 174 -56.88 -46.10 -103.80
CA GLY EA 174 -57.56 -44.88 -104.20
C GLY EA 174 -56.71 -43.88 -104.94
N LYS EA 175 -55.72 -44.34 -105.70
CA LYS EA 175 -54.86 -43.41 -106.41
C LYS EA 175 -55.55 -42.87 -107.65
N THR EA 176 -56.03 -43.76 -108.51
CA THR EA 176 -56.77 -43.31 -109.67
C THR EA 176 -57.93 -42.41 -109.28
N SER EA 177 -58.50 -42.62 -108.09
CA SER EA 177 -59.58 -41.74 -107.66
C SER EA 177 -59.07 -40.35 -107.30
N ILE EA 178 -57.89 -40.24 -106.70
CA ILE EA 178 -57.31 -38.92 -106.48
C ILE EA 178 -57.12 -38.22 -107.81
N ALA EA 179 -56.57 -38.94 -108.78
CA ALA EA 179 -56.35 -38.34 -110.09
C ALA EA 179 -57.67 -37.88 -110.72
N ILE EA 180 -58.70 -38.71 -110.66
CA ILE EA 180 -59.95 -38.34 -111.32
C ILE EA 180 -60.67 -37.24 -110.58
N ASP EA 181 -60.58 -37.20 -109.25
CA ASP EA 181 -61.14 -36.06 -108.53
C ASP EA 181 -60.45 -34.77 -108.94
N THR EA 182 -59.12 -34.81 -109.07
CA THR EA 182 -58.40 -33.64 -109.55
C THR EA 182 -58.90 -33.21 -110.91
N ILE EA 183 -59.06 -34.17 -111.82
CA ILE EA 183 -59.48 -33.83 -113.18
C ILE EA 183 -60.87 -33.24 -113.16
N ILE EA 184 -61.78 -33.83 -112.38
CA ILE EA 184 -63.15 -33.37 -112.35
C ILE EA 184 -63.27 -31.99 -111.73
N ASN EA 185 -62.42 -31.69 -110.74
CA ASN EA 185 -62.56 -30.42 -110.03
C ASN EA 185 -62.33 -29.25 -110.97
N GLN EA 186 -61.37 -29.35 -111.88
CA GLN EA 186 -61.04 -28.22 -112.74
C GLN EA 186 -62.21 -27.74 -113.56
N LYS EA 187 -63.34 -28.43 -113.53
CA LYS EA 187 -64.48 -28.01 -114.33
C LYS EA 187 -64.98 -26.65 -113.91
N ARG EA 188 -64.91 -26.33 -112.62
CA ARG EA 188 -65.38 -25.03 -112.15
C ARG EA 188 -64.53 -23.90 -112.74
N PHE EA 189 -63.22 -24.12 -112.86
CA PHE EA 189 -62.35 -23.10 -113.44
C PHE EA 189 -62.53 -23.04 -114.95
N ASN EA 190 -62.63 -24.19 -115.60
CA ASN EA 190 -62.72 -24.19 -117.06
C ASN EA 190 -64.06 -23.68 -117.56
N ASP EA 191 -65.09 -23.66 -116.72
CA ASP EA 191 -66.39 -23.13 -117.11
C ASP EA 191 -66.53 -21.66 -116.79
N GLY EA 192 -65.54 -21.04 -116.15
CA GLY EA 192 -65.55 -19.63 -115.86
C GLY EA 192 -64.98 -18.81 -117.01
N THR EA 193 -64.69 -17.55 -116.70
CA THR EA 193 -64.12 -16.63 -117.68
C THR EA 193 -62.68 -16.24 -117.38
N ASP EA 194 -62.21 -16.42 -116.15
CA ASP EA 194 -60.80 -16.23 -115.86
C ASP EA 194 -59.98 -17.19 -116.71
N GLU EA 195 -58.92 -16.67 -117.34
CA GLU EA 195 -58.16 -17.45 -118.31
C GLU EA 195 -56.88 -18.03 -117.76
N LYS EA 196 -56.30 -17.44 -116.72
CA LYS EA 196 -55.08 -17.96 -116.14
C LYS EA 196 -55.36 -18.96 -115.03
N LYS EA 197 -56.62 -19.30 -114.78
CA LYS EA 197 -56.97 -20.39 -113.91
C LYS EA 197 -57.43 -21.63 -114.66
N LYS EA 198 -57.72 -21.51 -115.95
CA LYS EA 198 -58.07 -22.67 -116.75
C LYS EA 198 -56.91 -23.64 -116.77
N LEU EA 199 -57.22 -24.92 -116.56
CA LEU EA 199 -56.23 -25.99 -116.52
C LEU EA 199 -56.72 -27.14 -117.36
N TYR EA 200 -55.90 -27.61 -118.30
CA TYR EA 200 -56.26 -28.69 -119.20
C TYR EA 200 -55.60 -29.97 -118.75
N CYS EA 201 -56.36 -31.04 -118.66
CA CYS EA 201 -55.88 -32.29 -118.10
C CYS EA 201 -55.57 -33.29 -119.19
N ILE EA 202 -54.54 -34.09 -118.95
CA ILE EA 202 -54.17 -35.22 -119.80
C ILE EA 202 -54.04 -36.43 -118.88
N TYR EA 203 -54.62 -37.55 -119.29
CA TYR EA 203 -54.62 -38.76 -118.46
C TYR EA 203 -54.00 -39.88 -119.27
N VAL EA 204 -52.72 -40.17 -119.04
CA VAL EA 204 -52.05 -41.26 -119.70
C VAL EA 204 -52.30 -42.53 -118.90
N ALA EA 205 -52.94 -43.50 -119.52
CA ALA EA 205 -53.32 -44.76 -118.89
C ALA EA 205 -52.46 -45.86 -119.49
N ILE EA 206 -51.48 -46.32 -118.72
CA ILE EA 206 -50.48 -47.27 -119.18
C ILE EA 206 -50.84 -48.63 -118.62
N GLY EA 207 -50.87 -49.64 -119.49
CA GLY EA 207 -51.07 -51.00 -119.04
C GLY EA 207 -52.35 -51.22 -118.26
N GLN EA 208 -53.47 -50.73 -118.75
CA GLN EA 208 -54.76 -50.89 -118.10
C GLN EA 208 -55.73 -51.59 -119.04
N LYS EA 209 -56.40 -52.60 -118.50
CA LYS EA 209 -57.55 -53.21 -119.16
C LYS EA 209 -58.40 -52.17 -119.85
N ARG EA 210 -58.75 -52.43 -121.11
CA ARG EA 210 -59.48 -51.42 -121.90
C ARG EA 210 -60.79 -51.04 -121.24
N SER EA 211 -61.50 -52.01 -120.67
CA SER EA 211 -62.78 -51.68 -120.05
C SER EA 211 -62.61 -50.71 -118.90
N THR EA 212 -61.46 -50.75 -118.21
CA THR EA 212 -61.20 -49.74 -117.19
C THR EA 212 -61.15 -48.35 -117.80
N VAL EA 213 -60.44 -48.19 -118.90
CA VAL EA 213 -60.37 -46.89 -119.54
C VAL EA 213 -61.72 -46.47 -120.08
N ALA EA 214 -62.53 -47.42 -120.56
CA ALA EA 214 -63.85 -47.08 -121.06
C ALA EA 214 -64.75 -46.59 -119.94
N GLN EA 215 -64.73 -47.27 -118.79
CA GLN EA 215 -65.51 -46.79 -117.66
C GLN EA 215 -64.99 -45.47 -117.15
N LEU EA 216 -63.68 -45.25 -117.23
CA LEU EA 216 -63.12 -43.96 -116.82
C LEU EA 216 -63.56 -42.84 -117.74
N VAL EA 217 -63.58 -43.09 -119.05
CA VAL EA 217 -64.04 -42.07 -119.99
C VAL EA 217 -65.52 -41.79 -119.76
N LYS EA 218 -66.30 -42.83 -119.49
CA LYS EA 218 -67.71 -42.60 -119.15
C LYS EA 218 -67.83 -41.77 -117.89
N ARG EA 219 -67.02 -42.06 -116.87
CA ARG EA 219 -67.09 -41.30 -115.64
C ARG EA 219 -66.75 -39.84 -115.87
N LEU EA 220 -65.72 -39.57 -116.68
CA LEU EA 220 -65.38 -38.20 -116.97
C LEU EA 220 -66.48 -37.52 -117.77
N THR EA 221 -67.11 -38.23 -118.69
CA THR EA 221 -68.23 -37.63 -119.42
C THR EA 221 -69.37 -37.28 -118.48
N ASP EA 222 -69.66 -38.16 -117.52
CA ASP EA 222 -70.74 -37.90 -116.59
C ASP EA 222 -70.56 -36.55 -115.91
N ALA EA 223 -69.37 -36.31 -115.36
CA ALA EA 223 -69.04 -35.04 -114.75
C ALA EA 223 -68.74 -33.96 -115.77
N ASP EA 224 -68.94 -34.25 -117.05
CA ASP EA 224 -68.74 -33.29 -118.12
C ASP EA 224 -67.31 -32.77 -118.16
N ALA EA 225 -66.37 -33.52 -117.60
CA ALA EA 225 -64.97 -33.14 -117.56
C ALA EA 225 -64.19 -33.67 -118.73
N MET EA 226 -64.85 -34.00 -119.83
CA MET EA 226 -64.20 -34.57 -121.00
C MET EA 226 -64.17 -33.60 -122.16
N LYS EA 227 -64.42 -32.32 -121.93
CA LYS EA 227 -64.24 -31.31 -122.95
C LYS EA 227 -62.91 -30.59 -122.82
N TYR EA 228 -62.11 -30.95 -121.83
CA TYR EA 228 -60.77 -30.41 -121.69
C TYR EA 228 -59.80 -31.49 -121.24
N THR EA 229 -60.10 -32.75 -121.54
CA THR EA 229 -59.25 -33.86 -121.16
C THR EA 229 -58.82 -34.62 -122.41
N ILE EA 230 -57.58 -35.09 -122.40
CA ILE EA 230 -57.04 -35.95 -123.44
C ILE EA 230 -56.65 -37.25 -122.77
N VAL EA 231 -57.33 -38.33 -123.12
CA VAL EA 231 -57.01 -39.64 -122.55
C VAL EA 231 -56.10 -40.35 -123.55
N VAL EA 232 -54.85 -40.55 -123.17
CA VAL EA 232 -53.92 -41.32 -123.98
C VAL EA 232 -53.94 -42.74 -123.46
N SER EA 233 -54.19 -43.69 -124.35
CA SER EA 233 -54.49 -45.06 -123.98
C SER EA 233 -53.40 -45.98 -124.51
N ALA EA 234 -52.68 -46.62 -123.59
CA ALA EA 234 -51.71 -47.67 -123.92
C ALA EA 234 -52.06 -48.84 -123.01
N THR EA 235 -52.96 -49.69 -123.46
CA THR EA 235 -53.56 -50.69 -122.61
C THR EA 235 -52.74 -51.98 -122.62
N ALA EA 236 -53.23 -52.99 -121.91
CA ALA EA 236 -52.43 -54.18 -121.65
C ALA EA 236 -52.10 -54.92 -122.94
N SER EA 237 -53.06 -54.99 -123.86
CA SER EA 237 -52.83 -55.73 -125.10
C SER EA 237 -51.77 -55.06 -125.96
N ASP EA 238 -51.58 -53.76 -125.81
CA ASP EA 238 -50.67 -53.03 -126.69
C ASP EA 238 -49.25 -53.52 -126.52
N ALA EA 239 -48.52 -53.57 -127.64
CA ALA EA 239 -47.14 -54.01 -127.62
C ALA EA 239 -46.32 -53.21 -126.63
N ALA EA 240 -45.21 -53.76 -126.17
CA ALA EA 240 -44.41 -53.07 -125.16
C ALA EA 240 -44.00 -51.68 -125.60
N PRO EA 241 -43.58 -51.43 -126.84
CA PRO EA 241 -43.16 -50.07 -127.20
C PRO EA 241 -44.25 -49.05 -127.03
N LEU EA 242 -45.51 -49.40 -127.27
CA LEU EA 242 -46.58 -48.42 -127.09
C LEU EA 242 -46.73 -48.04 -125.63
N GLN EA 243 -46.60 -48.99 -124.72
CA GLN EA 243 -46.69 -48.66 -123.30
C GLN EA 243 -45.46 -47.92 -122.83
N TYR EA 244 -44.30 -48.19 -123.42
CA TYR EA 244 -43.10 -47.43 -123.09
C TYR EA 244 -43.17 -46.02 -123.65
N LEU EA 245 -43.93 -45.81 -124.70
CA LEU EA 245 -43.97 -44.54 -125.40
C LEU EA 245 -45.16 -43.67 -125.03
N ALA EA 246 -46.18 -44.23 -124.41
CA ALA EA 246 -47.36 -43.43 -124.10
C ALA EA 246 -47.05 -42.24 -123.22
N PRO EA 247 -46.28 -42.37 -122.13
CA PRO EA 247 -46.01 -41.20 -121.30
C PRO EA 247 -45.38 -40.06 -122.07
N TYR EA 248 -44.50 -40.37 -123.02
CA TYR EA 248 -43.86 -39.31 -123.78
C TYR EA 248 -44.82 -38.66 -124.75
N SER EA 249 -45.71 -39.44 -125.36
CA SER EA 249 -46.76 -38.84 -126.17
C SER EA 249 -47.59 -37.88 -125.34
N GLY EA 250 -48.05 -38.31 -124.18
CA GLY EA 250 -48.83 -37.42 -123.34
C GLY EA 250 -48.05 -36.20 -122.92
N CYS EA 251 -46.80 -36.38 -122.54
CA CYS EA 251 -46.02 -35.25 -122.09
C CYS EA 251 -45.77 -34.25 -123.20
N SER EA 252 -45.71 -34.71 -124.45
CA SER EA 252 -45.59 -33.78 -125.56
C SER EA 252 -46.88 -33.02 -125.81
N MET EA 253 -48.00 -33.74 -125.80
CA MET EA 253 -49.29 -33.05 -125.92
C MET EA 253 -49.49 -32.07 -124.79
N GLY EA 254 -48.81 -32.25 -123.66
CA GLY EA 254 -48.88 -31.30 -122.56
C GLY EA 254 -47.87 -30.18 -122.67
N GLU EA 255 -46.69 -30.48 -123.20
CA GLU EA 255 -45.73 -29.42 -123.46
C GLU EA 255 -46.29 -28.43 -124.47
N TYR EA 256 -47.15 -28.90 -125.38
CA TYR EA 256 -47.76 -27.95 -126.29
C TYR EA 256 -48.55 -26.89 -125.54
N PHE EA 257 -49.32 -27.29 -124.53
CA PHE EA 257 -50.07 -26.30 -123.75
C PHE EA 257 -49.15 -25.50 -122.85
N ARG EA 258 -48.07 -26.10 -122.36
CA ARG EA 258 -47.13 -25.35 -121.54
C ARG EA 258 -46.49 -24.23 -122.33
N ASP EA 259 -46.12 -24.50 -123.57
CA ASP EA 259 -45.36 -23.54 -124.37
C ASP EA 259 -46.26 -22.53 -125.08
N ASN EA 260 -47.53 -22.44 -124.70
CA ASN EA 260 -48.45 -21.50 -125.31
C ASN EA 260 -49.22 -20.73 -124.25
N GLY EA 261 -48.60 -20.47 -123.10
CA GLY EA 261 -49.24 -19.68 -122.08
C GLY EA 261 -50.40 -20.36 -121.40
N LYS EA 262 -50.64 -21.64 -121.66
CA LYS EA 262 -51.71 -22.39 -121.02
C LYS EA 262 -51.11 -23.30 -119.96
N HIS EA 263 -51.99 -23.80 -119.09
CA HIS EA 263 -51.61 -24.64 -117.97
C HIS EA 263 -52.14 -26.04 -118.18
N ALA EA 264 -51.30 -27.04 -117.97
CA ALA EA 264 -51.66 -28.42 -118.20
C ALA EA 264 -51.44 -29.23 -116.94
N LEU EA 265 -52.01 -30.44 -116.92
CA LEU EA 265 -51.85 -31.35 -115.80
C LEU EA 265 -51.85 -32.75 -116.37
N ILE EA 266 -50.70 -33.40 -116.39
CA ILE EA 266 -50.58 -34.72 -116.97
C ILE EA 266 -50.50 -35.74 -115.85
N ILE EA 267 -51.24 -36.83 -115.98
CA ILE EA 267 -51.34 -37.86 -114.98
C ILE EA 267 -50.89 -39.17 -115.61
N TYR EA 268 -49.71 -39.64 -115.25
CA TYR EA 268 -49.25 -40.94 -115.71
C TYR EA 268 -49.77 -42.00 -114.74
N ASP EA 269 -50.32 -43.07 -115.28
CA ASP EA 269 -51.03 -44.03 -114.42
C ASP EA 269 -50.91 -45.43 -115.02
N ASP EA 270 -49.92 -46.22 -114.58
CA ASP EA 270 -48.85 -45.88 -113.64
C ASP EA 270 -47.57 -45.59 -114.38
N LEU EA 271 -46.54 -45.20 -113.64
CA LEU EA 271 -45.19 -45.16 -114.17
C LEU EA 271 -44.40 -46.42 -113.84
N SER EA 272 -44.96 -47.34 -113.07
CA SER EA 272 -44.30 -48.61 -112.87
C SER EA 272 -44.47 -49.53 -114.07
N LYS EA 273 -45.59 -49.41 -114.77
CA LYS EA 273 -45.84 -50.26 -115.93
C LYS EA 273 -45.07 -49.80 -117.16
N GLN EA 274 -44.81 -48.51 -117.28
CA GLN EA 274 -43.86 -48.07 -118.29
C GLN EA 274 -42.50 -48.68 -118.04
N ALA EA 275 -42.08 -48.75 -116.77
CA ALA EA 275 -40.80 -49.37 -116.45
C ALA EA 275 -40.80 -50.85 -116.79
N VAL EA 276 -41.91 -51.53 -116.54
CA VAL EA 276 -41.97 -52.96 -116.88
C VAL EA 276 -41.89 -53.14 -118.39
N ALA EA 277 -42.60 -52.33 -119.17
CA ALA EA 277 -42.54 -52.44 -120.61
C ALA EA 277 -41.13 -52.17 -121.12
N TYR EA 278 -40.49 -51.14 -120.58
CA TYR EA 278 -39.11 -50.84 -120.97
C TYR EA 278 -38.19 -51.99 -120.62
N ARG EA 279 -38.38 -52.60 -119.45
CA ARG EA 279 -37.56 -53.74 -119.07
C ARG EA 279 -37.73 -54.89 -120.05
N GLN EA 280 -38.96 -55.17 -120.46
CA GLN EA 280 -39.17 -56.22 -121.45
C GLN EA 280 -38.41 -55.90 -122.73
N MET EA 281 -38.55 -54.68 -123.22
CA MET EA 281 -37.84 -54.30 -124.44
C MET EA 281 -36.36 -54.53 -124.30
N SER EA 282 -35.76 -54.07 -123.20
CA SER EA 282 -34.33 -54.20 -123.02
C SER EA 282 -33.91 -55.67 -122.93
N LEU EA 283 -34.55 -56.44 -122.05
CA LEU EA 283 -34.15 -57.82 -121.89
C LEU EA 283 -34.30 -58.61 -123.17
N LEU EA 284 -35.20 -58.19 -124.07
CA LEU EA 284 -35.29 -58.85 -125.36
C LEU EA 284 -34.27 -58.33 -126.35
N LEU EA 285 -33.81 -57.10 -126.19
CA LEU EA 285 -32.68 -56.60 -126.97
C LEU EA 285 -31.36 -57.05 -126.41
N ARG EA 286 -31.36 -57.76 -125.28
CA ARG EA 286 -30.16 -58.29 -124.65
C ARG EA 286 -29.22 -57.16 -124.23
N ARG EA 287 -29.69 -56.35 -123.38
CA ARG EA 287 -28.86 -55.37 -122.72
C ARG EA 287 -28.59 -55.81 -121.28
N PRO EA 288 -27.46 -55.42 -120.70
CA PRO EA 288 -27.10 -55.93 -119.38
C PRO EA 288 -28.22 -55.72 -118.37
N PRO EA 289 -28.64 -56.76 -117.67
CA PRO EA 289 -29.85 -56.65 -116.84
C PRO EA 289 -29.83 -55.56 -115.79
N GLY EA 290 -28.95 -55.64 -114.80
CA GLY EA 290 -29.03 -54.74 -113.67
C GLY EA 290 -30.00 -55.22 -112.60
N ARG EA 291 -30.31 -54.32 -111.67
CA ARG EA 291 -31.08 -54.71 -110.49
C ARG EA 291 -32.53 -55.01 -110.84
N GLU EA 292 -33.05 -56.09 -110.27
CA GLU EA 292 -34.41 -56.57 -110.56
C GLU EA 292 -34.63 -56.77 -112.05
N ALA EA 293 -33.56 -56.93 -112.81
CA ALA EA 293 -33.59 -57.06 -114.27
C ALA EA 293 -33.92 -55.76 -114.97
N TYR EA 294 -34.03 -54.66 -114.24
CA TYR EA 294 -34.27 -53.38 -114.88
C TYR EA 294 -32.99 -52.89 -115.53
N PRO EA 295 -33.03 -52.41 -116.76
CA PRO EA 295 -31.80 -51.92 -117.39
C PRO EA 295 -31.20 -50.77 -116.59
N GLY EA 296 -30.10 -50.21 -117.05
CA GLY EA 296 -29.51 -49.09 -116.37
C GLY EA 296 -30.18 -47.75 -116.62
N ASP EA 297 -31.18 -47.70 -117.49
CA ASP EA 297 -31.83 -46.45 -117.86
C ASP EA 297 -33.21 -46.27 -117.25
N VAL EA 298 -33.60 -47.10 -116.29
CA VAL EA 298 -34.90 -46.88 -115.67
C VAL EA 298 -34.90 -45.67 -114.76
N PHE EA 299 -33.74 -45.05 -114.53
CA PHE EA 299 -33.74 -43.73 -113.93
C PHE EA 299 -33.76 -42.68 -115.02
N TYR EA 300 -32.82 -42.74 -115.95
CA TYR EA 300 -32.82 -41.82 -117.07
C TYR EA 300 -34.18 -41.81 -117.74
N LEU EA 301 -34.79 -42.98 -117.90
CA LEU EA 301 -36.09 -43.09 -118.54
C LEU EA 301 -37.12 -42.19 -117.86
N HIS EA 302 -37.23 -42.29 -116.53
CA HIS EA 302 -38.26 -41.54 -115.82
C HIS EA 302 -37.83 -40.12 -115.52
N SER EA 303 -36.55 -39.90 -115.26
CA SER EA 303 -36.08 -38.55 -114.97
C SER EA 303 -36.27 -37.65 -116.18
N ARG EA 304 -35.89 -38.14 -117.37
CA ARG EA 304 -36.02 -37.30 -118.54
C ARG EA 304 -37.47 -37.19 -119.01
N LEU EA 305 -38.39 -37.82 -118.32
CA LEU EA 305 -39.82 -37.63 -118.52
C LEU EA 305 -40.42 -36.67 -117.51
N LEU EA 306 -40.14 -36.86 -116.23
CA LEU EA 306 -40.69 -36.02 -115.20
C LEU EA 306 -40.02 -34.67 -115.12
N GLU EA 307 -38.87 -34.49 -115.76
CA GLU EA 307 -38.24 -33.18 -115.72
C GLU EA 307 -38.83 -32.22 -116.73
N ARG EA 308 -39.88 -32.61 -117.44
CA ARG EA 308 -40.56 -31.74 -118.39
C ARG EA 308 -41.77 -31.05 -117.79
N ALA EA 309 -42.04 -31.27 -116.51
CA ALA EA 309 -43.08 -30.55 -115.79
C ALA EA 309 -42.46 -29.28 -115.22
N ALA EA 310 -42.75 -28.14 -115.85
CA ALA EA 310 -42.06 -26.90 -115.54
C ALA EA 310 -43.09 -25.81 -115.28
N LYS EA 311 -42.59 -24.60 -115.04
CA LYS EA 311 -43.43 -23.42 -114.88
C LYS EA 311 -42.66 -22.27 -115.53
N MET EA 312 -42.90 -22.05 -116.81
CA MET EA 312 -42.11 -21.08 -117.56
C MET EA 312 -42.34 -19.68 -117.01
N ASN EA 313 -41.29 -18.86 -117.06
CA ASN EA 313 -41.42 -17.47 -116.67
C ASN EA 313 -42.10 -16.70 -117.79
N ASP EA 314 -42.49 -15.46 -117.48
CA ASP EA 314 -43.31 -14.70 -118.41
C ASP EA 314 -42.63 -14.51 -119.76
N ALA EA 315 -41.30 -14.47 -119.78
CA ALA EA 315 -40.61 -14.33 -121.05
C ALA EA 315 -40.86 -15.50 -122.00
N PHE EA 316 -41.27 -16.64 -121.45
CA PHE EA 316 -41.50 -17.85 -122.26
C PHE EA 316 -42.98 -18.18 -122.38
N GLY EA 317 -43.87 -17.28 -121.97
CA GLY EA 317 -45.31 -17.47 -122.07
C GLY EA 317 -46.00 -17.52 -120.74
N GLY EA 318 -45.32 -18.02 -119.71
CA GLY EA 318 -45.93 -18.15 -118.40
C GLY EA 318 -46.71 -19.43 -118.20
N GLY EA 319 -46.82 -20.27 -119.22
CA GLY EA 319 -47.52 -21.52 -119.09
C GLY EA 319 -46.87 -22.42 -118.07
N SER EA 320 -47.44 -23.59 -117.85
CA SER EA 320 -46.94 -24.50 -116.84
C SER EA 320 -47.41 -25.89 -117.20
N LEU EA 321 -46.84 -26.89 -116.53
CA LEU EA 321 -47.23 -28.28 -116.77
C LEU EA 321 -46.97 -29.07 -115.50
N THR EA 322 -48.03 -29.38 -114.77
CA THR EA 322 -47.92 -30.21 -113.58
C THR EA 322 -47.89 -31.67 -113.99
N ALA EA 323 -47.41 -32.51 -113.08
CA ALA EA 323 -47.37 -33.95 -113.31
C ALA EA 323 -47.71 -34.68 -112.04
N LEU EA 324 -48.50 -35.75 -112.15
CA LEU EA 324 -48.91 -36.55 -110.99
C LEU EA 324 -48.66 -38.00 -111.29
N PRO EA 325 -47.40 -38.42 -111.36
CA PRO EA 325 -47.12 -39.83 -111.62
C PRO EA 325 -47.71 -40.70 -110.54
N VAL EA 326 -48.28 -41.83 -110.93
CA VAL EA 326 -48.87 -42.78 -110.01
C VAL EA 326 -47.96 -44.00 -109.96
N ILE EA 327 -47.63 -44.45 -108.76
CA ILE EA 327 -46.79 -45.63 -108.56
C ILE EA 327 -47.52 -46.58 -107.63
N GLU EA 328 -47.46 -47.87 -107.96
CA GLU EA 328 -47.94 -48.93 -107.09
C GLU EA 328 -46.75 -49.55 -106.37
N THR EA 329 -46.86 -49.70 -105.07
CA THR EA 329 -45.81 -50.31 -104.27
C THR EA 329 -46.33 -51.64 -103.73
N GLN EA 330 -45.52 -52.68 -103.85
CA GLN EA 330 -45.93 -54.00 -103.40
C GLN EA 330 -45.66 -54.12 -101.90
N ALA EA 331 -46.73 -54.22 -101.12
CA ALA EA 331 -46.64 -54.40 -99.67
C ALA EA 331 -46.09 -53.15 -99.00
N GLY EA 332 -46.46 -51.98 -99.51
CA GLY EA 332 -45.96 -50.75 -98.92
C GLY EA 332 -44.45 -50.65 -98.93
N ASP EA 333 -43.80 -51.41 -99.80
CA ASP EA 333 -42.34 -51.39 -99.93
C ASP EA 333 -41.97 -50.24 -100.86
N VAL EA 334 -41.56 -49.12 -100.27
CA VAL EA 334 -41.16 -47.94 -101.02
C VAL EA 334 -39.65 -47.84 -101.15
N SER EA 335 -38.93 -48.90 -100.80
CA SER EA 335 -37.50 -48.97 -101.05
C SER EA 335 -37.16 -49.83 -102.26
N ALA EA 336 -38.16 -50.26 -103.01
CA ALA EA 336 -37.93 -51.04 -104.21
C ALA EA 336 -37.15 -50.19 -105.20
N TYR EA 337 -36.89 -50.71 -106.39
CA TYR EA 337 -36.06 -49.97 -107.32
C TYR EA 337 -36.81 -48.77 -107.89
N ILE EA 338 -37.89 -49.03 -108.61
CA ILE EA 338 -38.59 -47.96 -109.33
C ILE EA 338 -39.23 -46.98 -108.34
N PRO EA 339 -39.87 -47.44 -107.27
CA PRO EA 339 -40.43 -46.47 -106.33
C PRO EA 339 -39.42 -45.48 -105.81
N THR EA 340 -38.19 -45.94 -105.51
CA THR EA 340 -37.17 -45.00 -105.05
C THR EA 340 -36.63 -44.16 -106.20
N ASN EA 341 -36.54 -44.73 -107.39
CA ASN EA 341 -36.11 -43.91 -108.53
C ASN EA 341 -37.05 -42.74 -108.72
N VAL EA 342 -38.36 -42.97 -108.63
CA VAL EA 342 -39.32 -41.91 -108.87
C VAL EA 342 -39.59 -41.07 -107.63
N ILE EA 343 -39.19 -41.55 -106.45
CA ILE EA 343 -39.30 -40.72 -105.24
C ILE EA 343 -38.17 -39.71 -105.15
N SER EA 344 -37.01 -40.01 -105.73
CA SER EA 344 -35.89 -39.08 -105.70
C SER EA 344 -35.92 -38.09 -106.85
N ILE EA 345 -36.93 -38.16 -107.71
CA ILE EA 345 -37.05 -37.25 -108.84
C ILE EA 345 -38.11 -36.20 -108.61
N THR EA 346 -39.09 -36.44 -107.75
CA THR EA 346 -40.29 -35.63 -107.66
C THR EA 346 -40.25 -34.72 -106.45
N ASP EA 347 -41.18 -33.76 -106.43
CA ASP EA 347 -41.23 -32.73 -105.41
C ASP EA 347 -42.23 -33.04 -104.30
N GLY EA 348 -42.40 -34.30 -103.96
CA GLY EA 348 -43.31 -34.66 -102.91
C GLY EA 348 -43.79 -36.09 -103.10
N GLN EA 349 -44.86 -36.42 -102.39
CA GLN EA 349 -45.49 -37.72 -102.52
C GLN EA 349 -46.73 -37.75 -101.65
N ILE EA 350 -47.73 -38.51 -102.08
CA ILE EA 350 -49.00 -38.61 -101.38
C ILE EA 350 -49.22 -40.08 -101.09
N PHE EA 351 -48.77 -40.56 -99.94
CA PHE EA 351 -48.97 -41.96 -99.60
C PHE EA 351 -50.43 -42.27 -99.35
N LEU EA 352 -50.84 -43.47 -99.77
CA LEU EA 352 -52.21 -43.92 -99.68
C LEU EA 352 -52.15 -45.32 -99.07
N GLU EA 353 -52.19 -45.39 -97.75
CA GLU EA 353 -52.10 -46.66 -97.04
C GLU EA 353 -53.48 -47.31 -96.97
N THR EA 354 -53.52 -48.63 -97.10
CA THR EA 354 -54.79 -49.35 -97.07
C THR EA 354 -55.33 -49.51 -95.65
N GLU EA 355 -54.44 -49.65 -94.66
CA GLU EA 355 -54.88 -49.73 -93.28
C GLU EA 355 -55.81 -48.56 -92.95
N LEU EA 356 -55.42 -47.35 -93.37
CA LEU EA 356 -56.29 -46.21 -93.17
C LEU EA 356 -57.53 -46.30 -94.05
N PHE EA 357 -57.39 -46.89 -95.23
CA PHE EA 357 -58.54 -46.96 -96.12
C PHE EA 357 -59.68 -47.72 -95.48
N TYR EA 358 -59.39 -48.82 -94.79
CA TYR EA 358 -60.46 -49.65 -94.29
C TYR EA 358 -61.03 -49.20 -92.96
N LYS EA 359 -60.36 -48.31 -92.24
CA LYS EA 359 -60.89 -47.79 -90.98
C LYS EA 359 -61.54 -46.43 -91.16
N GLY EA 360 -62.12 -46.18 -92.31
CA GLY EA 360 -62.95 -45.02 -92.54
C GLY EA 360 -62.24 -43.85 -93.18
N ILE EA 361 -60.92 -43.78 -93.10
CA ILE EA 361 -60.20 -42.63 -93.61
C ILE EA 361 -60.09 -42.73 -95.13
N ARG EA 362 -61.02 -42.12 -95.86
CA ARG EA 362 -61.00 -42.16 -97.32
C ARG EA 362 -61.23 -40.75 -97.84
N PRO EA 363 -60.31 -40.18 -98.65
CA PRO EA 363 -59.08 -40.73 -99.20
C PRO EA 363 -58.08 -41.13 -98.13
N ALA EA 364 -57.41 -42.26 -98.33
CA ALA EA 364 -56.56 -42.82 -97.29
C ALA EA 364 -55.19 -42.17 -97.32
N ILE EA 365 -55.14 -40.85 -97.38
CA ILE EA 365 -53.89 -40.13 -97.52
C ILE EA 365 -53.21 -40.12 -96.17
N ASN EA 366 -52.25 -41.03 -95.96
CA ASN EA 366 -51.42 -40.99 -94.79
C ASN EA 366 -50.68 -39.65 -94.76
N VAL EA 367 -51.02 -38.79 -93.79
CA VAL EA 367 -50.47 -37.44 -93.77
C VAL EA 367 -49.18 -37.35 -92.98
N GLY EA 368 -48.68 -38.46 -92.47
CA GLY EA 368 -47.37 -38.44 -91.85
C GLY EA 368 -46.29 -38.61 -92.88
N LEU EA 369 -46.49 -39.56 -93.79
CA LEU EA 369 -45.49 -39.85 -94.81
C LEU EA 369 -45.62 -38.93 -96.00
N SER EA 370 -46.81 -38.42 -96.28
CA SER EA 370 -46.99 -37.50 -97.40
C SER EA 370 -46.20 -36.23 -97.15
N VAL EA 371 -45.71 -35.63 -98.23
CA VAL EA 371 -44.92 -34.40 -98.14
C VAL EA 371 -45.14 -33.61 -99.43
N SER EA 372 -44.65 -32.37 -99.43
CA SER EA 372 -44.63 -31.56 -100.65
C SER EA 372 -43.48 -30.58 -100.49
N ARG EA 373 -42.34 -30.88 -101.11
CA ARG EA 373 -41.17 -30.04 -100.93
C ARG EA 373 -41.43 -28.62 -101.38
N VAL EA 374 -42.41 -28.40 -102.26
CA VAL EA 374 -42.86 -27.05 -102.55
C VAL EA 374 -43.49 -26.42 -101.31
N GLY EA 375 -44.33 -27.17 -100.63
CA GLY EA 375 -44.87 -26.72 -99.36
C GLY EA 375 -46.03 -25.77 -99.52
N SER EA 376 -46.17 -24.87 -98.54
CA SER EA 376 -47.23 -23.88 -98.54
C SER EA 376 -46.94 -22.71 -99.45
N ALA EA 377 -45.86 -22.74 -100.21
CA ALA EA 377 -45.63 -21.71 -101.21
C ALA EA 377 -46.67 -21.74 -102.31
N ALA EA 378 -47.43 -22.82 -102.41
CA ALA EA 378 -48.45 -23.00 -103.45
C ALA EA 378 -49.82 -23.20 -102.83
N GLN EA 379 -50.15 -22.36 -101.85
CA GLN EA 379 -51.44 -22.40 -101.18
C GLN EA 379 -52.04 -21.00 -101.18
N THR EA 380 -53.35 -20.92 -101.44
CA THR EA 380 -54.01 -19.64 -101.36
C THR EA 380 -53.93 -19.09 -99.96
N ARG EA 381 -53.89 -17.77 -99.85
CA ARG EA 381 -53.64 -17.14 -98.55
C ARG EA 381 -54.64 -17.59 -97.50
N ALA EA 382 -55.89 -17.85 -97.89
CA ALA EA 382 -56.87 -18.34 -96.93
C ALA EA 382 -56.53 -19.74 -96.47
N MET EA 383 -56.28 -20.64 -97.41
CA MET EA 383 -55.94 -22.00 -97.05
C MET EA 383 -54.62 -22.04 -96.31
N LYS EA 384 -53.69 -21.15 -96.61
CA LYS EA 384 -52.51 -21.02 -95.78
C LYS EA 384 -52.90 -20.65 -94.36
N GLN EA 385 -53.73 -19.62 -94.22
CA GLN EA 385 -54.14 -19.13 -92.91
C GLN EA 385 -54.68 -20.26 -92.05
N VAL EA 386 -55.44 -21.16 -92.65
CA VAL EA 386 -56.11 -22.21 -91.87
C VAL EA 386 -55.27 -23.48 -91.77
N ALA EA 387 -54.81 -24.01 -92.90
CA ALA EA 387 -54.04 -25.23 -92.88
C ALA EA 387 -52.73 -25.08 -92.13
N GLY EA 388 -52.20 -23.85 -91.99
CA GLY EA 388 -50.97 -23.71 -91.23
C GLY EA 388 -51.13 -24.23 -89.82
N THR EA 389 -52.27 -23.95 -89.18
CA THR EA 389 -52.52 -24.46 -87.85
C THR EA 389 -53.11 -25.85 -87.85
N MET EA 390 -53.86 -26.22 -88.90
CA MET EA 390 -54.36 -27.59 -88.95
C MET EA 390 -53.22 -28.59 -89.03
N LYS EA 391 -52.17 -28.25 -89.77
CA LYS EA 391 -51.03 -29.16 -89.88
C LYS EA 391 -50.41 -29.41 -88.52
N LEU EA 392 -50.23 -28.36 -87.72
CA LEU EA 392 -49.66 -28.52 -86.39
C LEU EA 392 -50.60 -29.31 -85.49
N GLU EA 393 -51.91 -29.05 -85.57
CA GLU EA 393 -52.83 -29.79 -84.72
C GLU EA 393 -52.76 -31.28 -85.02
N LEU EA 394 -52.73 -31.65 -86.29
CA LEU EA 394 -52.63 -33.06 -86.63
C LEU EA 394 -51.27 -33.62 -86.28
N ALA EA 395 -50.20 -32.84 -86.40
CA ALA EA 395 -48.89 -33.31 -86.01
C ALA EA 395 -48.86 -33.66 -84.53
N GLN EA 396 -49.46 -32.80 -83.69
CA GLN EA 396 -49.55 -33.09 -82.27
C GLN EA 396 -50.42 -34.31 -82.01
N TYR EA 397 -51.52 -34.46 -82.74
CA TYR EA 397 -52.38 -35.61 -82.54
C TYR EA 397 -51.66 -36.91 -82.89
N ARG EA 398 -50.86 -36.89 -83.95
CA ARG EA 398 -50.24 -38.11 -84.44
C ARG EA 398 -49.24 -38.69 -83.47
N GLU EA 399 -48.72 -37.88 -82.55
CA GLU EA 399 -47.72 -38.37 -81.59
C GLU EA 399 -48.33 -38.77 -80.25
N VAL EA 400 -49.64 -38.68 -80.10
CA VAL EA 400 -50.33 -39.27 -78.95
C VAL EA 400 -51.50 -40.11 -79.46
N ALA EA 401 -51.39 -40.60 -80.68
CA ALA EA 401 -52.48 -41.41 -81.22
C ALA EA 401 -52.60 -42.73 -80.48
N ALA EA 402 -51.48 -43.28 -80.00
CA ALA EA 402 -51.52 -44.59 -79.37
C ALA EA 402 -52.48 -44.61 -78.18
N PHE EA 403 -52.44 -43.55 -77.37
CA PHE EA 403 -53.31 -43.52 -76.19
C PHE EA 403 -54.77 -43.65 -76.57
N ALA EA 404 -55.14 -43.24 -77.77
CA ALA EA 404 -56.53 -43.11 -78.17
C ALA EA 404 -57.39 -44.22 -77.60
N GLN EA 405 -56.86 -45.44 -77.59
CA GLN EA 405 -57.61 -46.56 -77.02
C GLN EA 405 -57.83 -46.36 -75.52
N PHE EA 406 -56.76 -46.09 -74.78
CA PHE EA 406 -56.90 -45.87 -73.35
C PHE EA 406 -57.74 -44.63 -73.08
N GLY EA 407 -57.41 -43.52 -73.72
CA GLY EA 407 -58.31 -42.39 -73.77
C GLY EA 407 -58.46 -41.69 -72.44
N SER EA 408 -58.94 -42.43 -71.45
CA SER EA 408 -59.00 -41.94 -70.08
C SER EA 408 -57.62 -42.13 -69.45
N ASP EA 409 -57.55 -41.98 -68.14
CA ASP EA 409 -56.33 -42.22 -67.38
C ASP EA 409 -55.21 -41.25 -67.74
N LEU EA 410 -55.51 -40.24 -68.54
CA LEU EA 410 -54.53 -39.27 -69.00
C LEU EA 410 -55.06 -37.86 -68.74
N ASP EA 411 -54.12 -36.92 -68.64
CA ASP EA 411 -54.47 -35.56 -68.25
C ASP EA 411 -55.40 -34.94 -69.26
N ALA EA 412 -55.86 -33.71 -69.00
CA ALA EA 412 -56.68 -33.00 -69.96
C ALA EA 412 -55.86 -32.54 -71.16
N ALA EA 413 -54.55 -32.46 -71.05
CA ALA EA 413 -53.73 -32.00 -72.16
C ALA EA 413 -53.80 -32.97 -73.33
N THR EA 414 -53.35 -34.20 -73.14
CA THR EA 414 -53.42 -35.17 -74.22
C THR EA 414 -54.86 -35.53 -74.54
N GLN EA 415 -55.75 -35.48 -73.57
CA GLN EA 415 -57.15 -35.75 -73.86
C GLN EA 415 -57.69 -34.75 -74.87
N GLN EA 416 -57.41 -33.46 -74.65
CA GLN EA 416 -57.87 -32.45 -75.60
C GLN EA 416 -57.11 -32.56 -76.92
N LEU EA 417 -55.84 -32.93 -76.87
CA LEU EA 417 -55.10 -33.13 -78.11
C LEU EA 417 -55.78 -34.15 -78.99
N LEU EA 418 -56.07 -35.33 -78.44
CA LEU EA 418 -56.65 -36.40 -79.24
C LEU EA 418 -58.16 -36.31 -79.33
N SER EA 419 -58.78 -35.31 -78.71
CA SER EA 419 -60.17 -34.99 -79.04
C SER EA 419 -60.26 -33.98 -80.16
N ARG EA 420 -59.26 -33.11 -80.31
CA ARG EA 420 -59.20 -32.24 -81.48
C ARG EA 420 -58.74 -33.02 -82.71
N GLY EA 421 -57.79 -33.93 -82.53
CA GLY EA 421 -57.28 -34.68 -83.66
C GLY EA 421 -58.35 -35.53 -84.32
N VAL EA 422 -59.21 -36.15 -83.53
CA VAL EA 422 -60.25 -37.00 -84.10
C VAL EA 422 -61.19 -36.18 -84.96
N ARG EA 423 -61.60 -35.01 -84.47
CA ARG EA 423 -62.49 -34.17 -85.25
C ARG EA 423 -61.81 -33.72 -86.54
N LEU EA 424 -60.57 -33.26 -86.42
CA LEU EA 424 -59.85 -32.83 -87.61
C LEU EA 424 -59.76 -33.95 -88.63
N THR EA 425 -59.43 -35.16 -88.17
CA THR EA 425 -59.37 -36.31 -89.06
C THR EA 425 -60.71 -36.52 -89.76
N GLU EA 426 -61.79 -36.51 -89.00
CA GLU EA 426 -63.09 -36.79 -89.61
C GLU EA 426 -63.55 -35.67 -90.52
N LEU EA 427 -62.92 -34.50 -90.47
CA LEU EA 427 -63.23 -33.49 -91.48
C LEU EA 427 -62.62 -33.83 -92.83
N LEU EA 428 -61.50 -34.55 -92.84
CA LEU EA 428 -60.78 -34.81 -94.08
C LEU EA 428 -61.35 -35.97 -94.87
N LYS EA 429 -62.35 -36.67 -94.36
CA LYS EA 429 -63.01 -37.70 -95.14
C LYS EA 429 -63.77 -37.06 -96.29
N GLN EA 430 -63.82 -37.74 -97.41
CA GLN EA 430 -64.46 -37.21 -98.60
C GLN EA 430 -64.96 -38.37 -99.44
N GLY EA 431 -65.81 -38.05 -100.40
CA GLY EA 431 -66.49 -39.07 -101.19
C GLY EA 431 -66.03 -39.07 -102.63
N GLN EA 432 -66.18 -40.24 -103.27
CA GLN EA 432 -65.95 -40.37 -104.70
C GLN EA 432 -66.46 -39.17 -105.46
N TYR EA 433 -65.63 -38.66 -106.36
CA TYR EA 433 -66.06 -37.74 -107.40
C TYR EA 433 -66.98 -36.65 -106.85
N SER EA 434 -66.44 -35.89 -105.92
CA SER EA 434 -67.17 -34.76 -105.37
C SER EA 434 -66.17 -33.79 -104.79
N PRO EA 435 -65.30 -33.21 -105.61
CA PRO EA 435 -64.34 -32.23 -105.10
C PRO EA 435 -65.02 -30.96 -104.66
N MET EA 436 -64.38 -30.28 -103.71
CA MET EA 436 -64.94 -29.10 -103.08
C MET EA 436 -64.17 -27.86 -103.51
N ALA EA 437 -64.89 -26.76 -103.68
CA ALA EA 437 -64.24 -25.49 -103.99
C ALA EA 437 -63.36 -25.05 -102.82
N ILE EA 438 -62.30 -24.32 -103.14
CA ILE EA 438 -61.31 -23.99 -102.13
C ILE EA 438 -61.95 -23.24 -100.98
N GLU EA 439 -62.85 -22.30 -101.26
CA GLU EA 439 -63.46 -21.53 -100.20
C GLU EA 439 -64.27 -22.41 -99.26
N GLU EA 440 -64.90 -23.45 -99.80
CA GLU EA 440 -65.69 -24.35 -98.98
C GLU EA 440 -64.79 -25.21 -98.09
N GLN EA 441 -63.67 -25.68 -98.63
CA GLN EA 441 -62.71 -26.38 -97.79
C GLN EA 441 -62.20 -25.48 -96.68
N VAL EA 442 -61.93 -24.22 -97.01
CA VAL EA 442 -61.45 -23.28 -96.01
C VAL EA 442 -62.50 -23.07 -94.93
N ALA EA 443 -63.77 -22.94 -95.33
CA ALA EA 443 -64.82 -22.74 -94.35
C ALA EA 443 -64.94 -23.95 -93.42
N VAL EA 444 -64.92 -25.15 -93.98
CA VAL EA 444 -65.06 -26.35 -93.16
C VAL EA 444 -63.89 -26.48 -92.20
N ILE EA 445 -62.67 -26.32 -92.71
CA ILE EA 445 -61.52 -26.47 -91.83
C ILE EA 445 -61.50 -25.35 -90.81
N TYR EA 446 -61.99 -24.17 -91.16
CA TYR EA 446 -62.08 -23.07 -90.19
C TYR EA 446 -62.99 -23.45 -89.04
N ALA EA 447 -64.21 -23.89 -89.37
CA ALA EA 447 -65.12 -24.35 -88.33
C ALA EA 447 -64.44 -25.40 -87.46
N GLY EA 448 -63.80 -26.38 -88.09
CA GLY EA 448 -63.27 -27.51 -87.34
C GLY EA 448 -62.11 -27.14 -86.44
N VAL EA 449 -61.21 -26.28 -86.92
CA VAL EA 449 -59.96 -26.04 -86.21
C VAL EA 449 -60.05 -24.86 -85.26
N ARG EA 450 -60.83 -23.83 -85.59
CA ARG EA 450 -61.00 -22.72 -84.66
C ARG EA 450 -61.63 -23.19 -83.36
N GLY EA 451 -62.33 -24.33 -83.38
CA GLY EA 451 -62.79 -24.95 -82.16
C GLY EA 451 -64.30 -25.09 -82.06
N TYR EA 452 -65.03 -24.78 -83.12
CA TYR EA 452 -66.48 -24.84 -83.09
C TYR EA 452 -67.00 -26.24 -83.29
N LEU EA 453 -66.20 -27.27 -83.00
CA LEU EA 453 -66.65 -28.64 -83.14
C LEU EA 453 -66.22 -29.54 -82.00
N ASP EA 454 -65.38 -29.08 -81.07
CA ASP EA 454 -64.87 -29.96 -80.04
C ASP EA 454 -65.98 -30.45 -79.10
N LYS EA 455 -67.15 -29.83 -79.15
CA LYS EA 455 -68.29 -30.22 -78.32
C LYS EA 455 -69.28 -31.09 -79.09
N LEU EA 456 -68.78 -31.94 -79.98
CA LEU EA 456 -69.63 -32.72 -80.87
C LEU EA 456 -69.13 -34.16 -80.91
N GLU EA 457 -70.05 -35.10 -80.89
CA GLU EA 457 -69.68 -36.50 -80.94
C GLU EA 457 -69.03 -36.80 -82.28
N PRO EA 458 -67.86 -37.46 -82.31
CA PRO EA 458 -67.16 -37.60 -83.58
C PRO EA 458 -67.99 -38.20 -84.69
N SER EA 459 -68.82 -39.20 -84.37
CA SER EA 459 -69.57 -39.87 -85.43
C SER EA 459 -70.46 -38.92 -86.20
N LYS EA 460 -70.92 -37.85 -85.57
CA LYS EA 460 -71.81 -36.91 -86.24
C LYS EA 460 -71.06 -35.86 -87.04
N ILE EA 461 -69.74 -35.72 -86.85
CA ILE EA 461 -69.01 -34.65 -87.50
C ILE EA 461 -69.34 -34.61 -88.99
N THR EA 462 -69.18 -35.75 -89.66
CA THR EA 462 -69.42 -35.77 -91.10
C THR EA 462 -70.77 -35.16 -91.43
N LYS EA 463 -71.82 -35.62 -90.76
CA LYS EA 463 -73.14 -35.07 -91.03
C LYS EA 463 -73.12 -33.55 -90.94
N PHE EA 464 -72.61 -33.03 -89.82
CA PHE EA 464 -72.49 -31.59 -89.66
C PHE EA 464 -71.86 -30.99 -90.90
N GLU EA 465 -70.70 -31.49 -91.29
CA GLU EA 465 -70.05 -31.01 -92.51
C GLU EA 465 -71.04 -31.01 -93.66
N ASN EA 466 -71.55 -32.19 -94.02
CA ASN EA 466 -72.42 -32.28 -95.18
C ASN EA 466 -73.63 -31.38 -95.05
N ALA EA 467 -74.03 -31.04 -93.83
CA ALA EA 467 -75.09 -30.06 -93.66
C ALA EA 467 -74.52 -28.64 -93.74
N PHE EA 468 -73.53 -28.35 -92.90
CA PHE EA 468 -73.02 -26.98 -92.81
C PHE EA 468 -72.65 -26.48 -94.19
N LEU EA 469 -71.84 -27.26 -94.92
CA LEU EA 469 -71.49 -26.93 -96.29
C LEU EA 469 -72.70 -26.43 -97.05
N SER EA 470 -73.71 -27.29 -97.19
CA SER EA 470 -74.88 -26.92 -97.99
C SER EA 470 -75.47 -25.62 -97.48
N HIS EA 471 -75.63 -25.50 -96.16
CA HIS EA 471 -76.19 -24.28 -95.60
C HIS EA 471 -75.40 -23.07 -96.09
N VAL EA 472 -74.08 -23.11 -95.94
CA VAL EA 472 -73.27 -21.96 -96.36
C VAL EA 472 -73.41 -21.74 -97.86
N ILE EA 473 -73.52 -22.82 -98.63
CA ILE EA 473 -73.66 -22.65 -100.07
C ILE EA 473 -74.95 -21.93 -100.39
N SER EA 474 -76.00 -22.16 -99.62
CA SER EA 474 -77.32 -21.62 -99.95
C SER EA 474 -77.40 -20.14 -99.60
N GLN EA 475 -77.17 -19.81 -98.33
CA GLN EA 475 -77.44 -18.47 -97.84
C GLN EA 475 -76.29 -17.51 -98.07
N HIS EA 476 -75.09 -17.87 -97.66
CA HIS EA 476 -73.97 -16.93 -97.54
C HIS EA 476 -73.06 -16.94 -98.75
N GLN EA 477 -73.62 -17.09 -99.96
CA GLN EA 477 -72.79 -17.14 -101.15
C GLN EA 477 -71.89 -15.90 -101.26
N ALA EA 478 -72.34 -14.75 -100.76
CA ALA EA 478 -71.53 -13.54 -100.88
C ALA EA 478 -70.22 -13.68 -100.12
N LEU EA 479 -70.26 -14.27 -98.93
CA LEU EA 479 -69.03 -14.46 -98.16
C LEU EA 479 -68.07 -15.36 -98.89
N LEU EA 480 -68.59 -16.45 -99.47
CA LEU EA 480 -67.72 -17.35 -100.22
C LEU EA 480 -67.13 -16.64 -101.43
N GLY EA 481 -67.92 -15.82 -102.11
CA GLY EA 481 -67.39 -15.05 -103.22
C GLY EA 481 -66.27 -14.13 -102.78
N LYS EA 482 -66.44 -13.48 -101.63
CA LYS EA 482 -65.40 -12.58 -101.14
C LYS EA 482 -64.14 -13.34 -100.78
N ILE EA 483 -64.27 -14.52 -100.15
CA ILE EA 483 -63.09 -15.32 -99.84
C ILE EA 483 -62.41 -15.75 -101.12
N ARG EA 484 -63.19 -16.18 -102.11
CA ARG EA 484 -62.62 -16.65 -103.37
C ARG EA 484 -61.86 -15.54 -104.08
N THR EA 485 -62.43 -14.33 -104.12
CA THR EA 485 -61.82 -13.26 -104.88
C THR EA 485 -60.64 -12.66 -104.12
N ASP EA 486 -60.88 -12.18 -102.89
CA ASP EA 486 -59.77 -11.65 -102.10
C ASP EA 486 -58.70 -12.70 -101.89
N GLY EA 487 -59.06 -13.99 -101.94
CA GLY EA 487 -58.08 -15.02 -101.68
C GLY EA 487 -57.54 -14.98 -100.27
N LYS EA 488 -58.19 -14.25 -99.37
CA LYS EA 488 -57.73 -14.13 -97.99
C LYS EA 488 -58.94 -14.01 -97.09
N ILE EA 489 -58.75 -14.37 -95.82
CA ILE EA 489 -59.79 -14.25 -94.82
C ILE EA 489 -59.56 -12.92 -94.11
N SER EA 490 -60.14 -11.85 -94.65
CA SER EA 490 -60.04 -10.56 -94.00
C SER EA 490 -60.78 -10.60 -92.67
N GLU EA 491 -60.29 -9.81 -91.71
CA GLU EA 491 -60.86 -9.86 -90.37
C GLU EA 491 -62.36 -9.63 -90.40
N GLU EA 492 -62.84 -8.83 -91.34
CA GLU EA 492 -64.29 -8.69 -91.53
C GLU EA 492 -64.90 -10.02 -91.93
N SER EA 493 -64.32 -10.67 -92.94
CA SER EA 493 -64.79 -11.99 -93.35
C SER EA 493 -64.58 -13.00 -92.23
N ASP EA 494 -63.48 -12.90 -91.51
CA ASP EA 494 -63.24 -13.80 -90.39
C ASP EA 494 -64.36 -13.70 -89.37
N ALA EA 495 -64.74 -12.48 -89.00
CA ALA EA 495 -65.80 -12.29 -88.03
C ALA EA 495 -67.13 -12.81 -88.56
N LYS EA 496 -67.43 -12.51 -89.82
CA LYS EA 496 -68.69 -12.96 -90.39
C LYS EA 496 -68.76 -14.48 -90.40
N LEU EA 497 -67.65 -15.14 -90.73
CA LEU EA 497 -67.61 -16.59 -90.74
C LEU EA 497 -67.77 -17.16 -89.35
N LYS EA 498 -67.12 -16.55 -88.35
CA LYS EA 498 -67.32 -17.01 -86.99
C LYS EA 498 -68.78 -16.92 -86.60
N GLU EA 499 -69.43 -15.81 -86.95
CA GLU EA 499 -70.85 -15.66 -86.64
C GLU EA 499 -71.67 -16.74 -87.31
N ILE EA 500 -71.40 -17.01 -88.59
CA ILE EA 500 -72.16 -18.03 -89.31
C ILE EA 500 -72.00 -19.38 -88.64
N VAL EA 501 -70.76 -19.74 -88.31
CA VAL EA 501 -70.51 -21.04 -87.70
C VAL EA 501 -71.22 -21.14 -86.36
N THR EA 502 -71.11 -20.10 -85.53
CA THR EA 502 -71.74 -20.14 -84.22
C THR EA 502 -73.25 -20.29 -84.35
N ASN EA 503 -73.86 -19.51 -85.25
CA ASN EA 503 -75.31 -19.57 -85.41
C ASN EA 503 -75.74 -20.94 -85.88
N PHE EA 504 -75.06 -21.50 -86.89
CA PHE EA 504 -75.45 -22.82 -87.37
C PHE EA 504 -75.26 -23.88 -86.29
N LEU EA 505 -74.07 -23.92 -85.70
CA LEU EA 505 -73.78 -24.92 -84.68
C LEU EA 505 -74.77 -24.83 -83.53
N ALA EA 506 -75.29 -23.63 -83.25
CA ALA EA 506 -76.30 -23.51 -82.20
C ALA EA 506 -77.53 -24.33 -82.54
N GLY EA 507 -78.05 -24.16 -83.75
CA GLY EA 507 -79.21 -24.91 -84.20
C GLY EA 507 -78.87 -26.18 -84.96
N PHE EA 508 -78.34 -27.19 -84.27
CA PHE EA 508 -78.01 -28.46 -84.92
C PHE EA 508 -78.59 -29.63 -84.15
N SER FA 9 24.17 -28.72 -109.35
CA SER FA 9 23.98 -28.58 -110.79
C SER FA 9 24.75 -29.65 -111.54
N SER FA 10 26.08 -29.54 -111.56
CA SER FA 10 26.89 -30.56 -112.22
C SER FA 10 26.64 -31.93 -111.63
N ILE FA 11 26.15 -31.98 -110.39
CA ILE FA 11 25.71 -33.25 -109.83
C ILE FA 11 24.65 -33.88 -110.72
N LEU FA 12 23.78 -33.05 -111.32
CA LEU FA 12 22.80 -33.58 -112.25
C LEU FA 12 23.48 -34.15 -113.49
N GLU FA 13 24.54 -33.50 -113.96
CA GLU FA 13 25.25 -34.05 -115.11
C GLU FA 13 25.87 -35.40 -114.78
N GLU FA 14 26.43 -35.53 -113.57
CA GLU FA 14 26.88 -36.85 -113.15
C GLU FA 14 25.72 -37.83 -113.11
N ARG FA 15 24.57 -37.37 -112.62
CA ARG FA 15 23.35 -38.17 -112.65
C ARG FA 15 23.07 -38.67 -114.07
N ILE FA 16 23.35 -37.86 -115.08
CA ILE FA 16 23.21 -38.32 -116.47
C ILE FA 16 24.13 -39.51 -116.72
N LEU FA 17 25.41 -39.35 -116.36
CA LEU FA 17 26.36 -40.42 -116.58
C LEU FA 17 26.10 -41.57 -115.63
N GLY FA 18 26.46 -42.77 -116.06
CA GLY FA 18 26.22 -43.97 -115.28
C GLY FA 18 24.82 -44.53 -115.42
N ALA FA 19 23.94 -43.87 -116.18
CA ALA FA 19 22.62 -44.42 -116.44
C ALA FA 19 22.73 -45.53 -117.47
N ASP FA 20 22.11 -46.67 -117.17
CA ASP FA 20 22.17 -47.82 -118.07
C ASP FA 20 21.40 -47.51 -119.34
N THR FA 21 22.11 -47.47 -120.47
CA THR FA 21 21.51 -47.26 -121.77
C THR FA 21 21.73 -48.40 -122.73
N SER FA 22 22.49 -49.42 -122.32
CA SER FA 22 22.72 -50.57 -123.18
C SER FA 22 21.39 -51.22 -123.55
N VAL FA 23 21.20 -51.45 -124.83
CA VAL FA 23 19.98 -52.09 -125.34
C VAL FA 23 20.15 -53.60 -125.25
N ASP FA 24 19.01 -54.30 -125.17
CA ASP FA 24 19.01 -55.74 -125.00
C ASP FA 24 17.98 -56.36 -125.93
N LEU FA 25 18.22 -57.62 -126.28
CA LEU FA 25 17.26 -58.40 -127.06
C LEU FA 25 16.23 -58.97 -126.10
N GLU FA 26 14.98 -58.55 -126.27
CA GLU FA 26 13.93 -58.86 -125.31
C GLU FA 26 12.65 -59.23 -126.02
N GLU FA 27 11.97 -60.25 -125.50
CA GLU FA 27 10.69 -60.66 -126.05
C GLU FA 27 9.65 -59.58 -125.82
N THR FA 28 8.63 -59.55 -126.67
CA THR FA 28 7.67 -58.47 -126.64
C THR FA 28 6.32 -58.95 -127.13
N GLY FA 29 5.28 -58.24 -126.71
CA GLY FA 29 3.93 -58.49 -127.17
C GLY FA 29 3.22 -57.17 -127.41
N ARG FA 30 2.07 -57.26 -128.06
CA ARG FA 30 1.31 -56.08 -128.44
C ARG FA 30 -0.06 -56.15 -127.77
N VAL FA 31 -0.44 -55.07 -127.10
CA VAL FA 31 -1.73 -55.03 -126.42
C VAL FA 31 -2.85 -55.12 -127.44
N LEU FA 32 -3.88 -55.90 -127.13
CA LEU FA 32 -5.05 -56.03 -127.99
C LEU FA 32 -6.23 -55.20 -127.51
N SER FA 33 -6.50 -55.20 -126.21
CA SER FA 33 -7.68 -54.52 -125.69
C SER FA 33 -7.44 -54.26 -124.21
N ILE FA 34 -7.56 -53.00 -123.80
CA ILE FA 34 -7.40 -52.59 -122.42
C ILE FA 34 -8.70 -51.96 -121.96
N GLY FA 35 -9.23 -52.45 -120.86
CA GLY FA 35 -10.47 -51.94 -120.33
C GLY FA 35 -10.94 -52.81 -119.20
N ASP FA 36 -11.45 -52.20 -118.13
CA ASP FA 36 -11.78 -52.88 -116.88
C ASP FA 36 -10.54 -53.28 -116.09
N GLY FA 37 -9.38 -52.72 -116.43
CA GLY FA 37 -8.16 -52.98 -115.69
C GLY FA 37 -7.43 -54.25 -116.06
N ILE FA 38 -7.91 -55.00 -117.05
CA ILE FA 38 -7.25 -56.21 -117.52
C ILE FA 38 -6.92 -55.99 -118.98
N ALA FA 39 -5.64 -55.99 -119.31
CA ALA FA 39 -5.21 -55.87 -120.69
C ALA FA 39 -5.11 -57.25 -121.31
N ARG FA 40 -5.40 -57.33 -122.59
CA ARG FA 40 -5.20 -58.55 -123.37
C ARG FA 40 -4.01 -58.36 -124.29
N VAL FA 41 -2.92 -59.04 -124.00
CA VAL FA 41 -1.67 -58.88 -124.72
C VAL FA 41 -1.53 -60.02 -125.70
N HIS FA 42 -1.10 -59.72 -126.91
CA HIS FA 42 -0.91 -60.71 -127.95
C HIS FA 42 0.57 -60.95 -128.14
N GLY FA 43 0.96 -62.21 -128.17
CA GLY FA 43 2.37 -62.56 -128.25
C GLY FA 43 2.87 -63.04 -126.92
N LEU FA 44 4.08 -62.68 -126.53
CA LEU FA 44 4.65 -63.11 -125.28
C LEU FA 44 4.60 -64.63 -125.18
N ARG FA 45 5.18 -65.29 -126.17
CA ARG FA 45 5.08 -66.74 -126.24
C ARG FA 45 5.76 -67.41 -125.06
N ASN FA 46 6.92 -66.91 -124.64
CA ASN FA 46 7.69 -67.54 -123.58
C ASN FA 46 7.49 -66.85 -122.23
N VAL FA 47 6.29 -66.35 -121.98
CA VAL FA 47 6.01 -65.63 -120.74
C VAL FA 47 5.52 -66.62 -119.70
N GLN FA 48 6.14 -66.58 -118.52
CA GLN FA 48 5.72 -67.43 -117.42
C GLN FA 48 4.42 -66.93 -116.83
N ALA FA 49 3.75 -67.80 -116.10
CA ALA FA 49 2.54 -67.40 -115.38
C ALA FA 49 2.93 -66.68 -114.10
N GLU FA 50 2.17 -65.65 -113.76
CA GLU FA 50 2.47 -64.75 -112.64
C GLU FA 50 3.76 -63.98 -112.86
N GLU FA 51 4.22 -63.89 -114.11
CA GLU FA 51 5.38 -63.06 -114.42
C GLU FA 51 5.00 -61.59 -114.37
N MET FA 52 6.01 -60.74 -114.35
CA MET FA 52 5.83 -59.29 -114.28
C MET FA 52 6.25 -58.67 -115.60
N VAL FA 53 5.30 -58.35 -116.43
CA VAL FA 53 5.56 -57.68 -117.69
C VAL FA 53 5.52 -56.17 -117.46
N GLU FA 54 6.09 -55.41 -118.39
CA GLU FA 54 6.22 -53.97 -118.27
C GLU FA 54 5.69 -53.33 -119.55
N PHE FA 55 4.77 -52.39 -119.41
CA PHE FA 55 4.20 -51.74 -120.57
C PHE FA 55 5.13 -50.63 -121.05
N SER FA 56 4.83 -50.09 -122.23
CA SER FA 56 5.69 -49.06 -122.79
C SER FA 56 5.65 -47.77 -121.99
N SER FA 57 4.63 -47.57 -121.17
CA SER FA 57 4.44 -46.34 -120.43
C SER FA 57 5.07 -46.38 -119.04
N GLY FA 58 5.94 -47.36 -118.77
CA GLY FA 58 6.54 -47.50 -117.47
C GLY FA 58 5.71 -48.24 -116.46
N LEU FA 59 4.46 -48.56 -116.76
CA LEU FA 59 3.63 -49.33 -115.86
C LEU FA 59 4.18 -50.74 -115.72
N LYS FA 60 3.57 -51.51 -114.82
CA LYS FA 60 3.89 -52.91 -114.66
C LYS FA 60 2.58 -53.68 -114.60
N GLY FA 61 2.64 -54.95 -114.99
CA GLY FA 61 1.47 -55.80 -114.93
C GLY FA 61 1.89 -57.20 -114.58
N MET FA 62 0.95 -57.95 -114.04
CA MET FA 62 1.18 -59.34 -113.69
C MET FA 62 0.48 -60.22 -114.71
N SER FA 63 1.22 -61.16 -115.28
CA SER FA 63 0.65 -62.07 -116.26
C SER FA 63 -0.24 -63.10 -115.59
N LEU FA 64 -1.54 -62.86 -115.58
CA LEU FA 64 -2.49 -63.66 -114.81
C LEU FA 64 -2.94 -64.90 -115.57
N ASN FA 65 -3.51 -64.72 -116.75
CA ASN FA 65 -4.03 -65.81 -117.56
C ASN FA 65 -3.11 -66.06 -118.75
N LEU FA 66 -2.72 -67.31 -118.94
CA LEU FA 66 -2.04 -67.71 -120.16
C LEU FA 66 -3.05 -68.47 -121.00
N GLU FA 67 -3.82 -67.75 -121.78
CA GLU FA 67 -4.73 -68.38 -122.70
C GLU FA 67 -3.97 -68.72 -123.99
N PRO FA 68 -4.51 -69.63 -124.79
CA PRO FA 68 -3.73 -70.11 -125.94
C PRO FA 68 -3.35 -69.00 -126.91
N ASP FA 69 -4.23 -68.03 -127.12
CA ASP FA 69 -4.01 -67.01 -128.13
C ASP FA 69 -3.64 -65.66 -127.57
N ASN FA 70 -3.75 -65.44 -126.27
CA ASN FA 70 -3.39 -64.17 -125.68
C ASN FA 70 -3.08 -64.37 -124.22
N VAL FA 71 -2.65 -63.29 -123.58
CA VAL FA 71 -2.26 -63.28 -122.19
C VAL FA 71 -3.07 -62.21 -121.49
N GLY FA 72 -3.77 -62.58 -120.45
CA GLY FA 72 -4.43 -61.58 -119.63
C GLY FA 72 -3.43 -61.01 -118.67
N VAL FA 73 -3.28 -59.69 -118.65
CA VAL FA 73 -2.29 -59.02 -117.84
C VAL FA 73 -3.02 -58.02 -116.97
N VAL FA 74 -2.93 -58.18 -115.66
CA VAL FA 74 -3.56 -57.23 -114.74
C VAL FA 74 -2.59 -56.08 -114.52
N VAL FA 75 -3.05 -54.88 -114.80
CA VAL FA 75 -2.19 -53.70 -114.79
C VAL FA 75 -2.11 -53.16 -113.38
N PHE FA 76 -0.89 -52.86 -112.93
CA PHE FA 76 -0.64 -52.35 -111.59
C PHE FA 76 -0.67 -50.84 -111.52
N GLY FA 77 -1.47 -50.19 -112.33
CA GLY FA 77 -1.57 -48.75 -112.32
C GLY FA 77 -2.92 -48.33 -112.84
N ASN FA 78 -2.98 -47.13 -113.40
CA ASN FA 78 -4.19 -46.64 -114.02
C ASN FA 78 -4.20 -47.07 -115.48
N ASP FA 79 -5.17 -47.90 -115.84
CA ASP FA 79 -5.26 -48.40 -117.20
C ASP FA 79 -5.57 -47.33 -118.23
N LYS FA 80 -5.63 -46.05 -117.84
CA LYS FA 80 -5.75 -44.98 -118.82
C LYS FA 80 -4.43 -44.65 -119.48
N LEU FA 81 -3.32 -45.14 -118.95
CA LEU FA 81 -2.00 -44.93 -119.52
C LEU FA 81 -1.60 -46.05 -120.48
N ILE FA 82 -2.55 -46.87 -120.89
CA ILE FA 82 -2.30 -48.01 -121.76
C ILE FA 82 -3.24 -47.91 -122.94
N LYS FA 83 -2.70 -47.86 -124.15
CA LYS FA 83 -3.50 -47.82 -125.35
C LYS FA 83 -3.74 -49.23 -125.85
N GLU FA 84 -4.25 -49.35 -127.06
CA GLU FA 84 -4.24 -50.59 -127.81
C GLU FA 84 -3.17 -50.48 -128.87
N GLY FA 85 -2.34 -51.49 -128.99
CA GLY FA 85 -1.16 -51.42 -129.82
C GLY FA 85 0.11 -51.11 -129.08
N ASP FA 86 0.02 -50.82 -127.78
CA ASP FA 86 1.20 -50.59 -126.98
C ASP FA 86 2.11 -51.82 -127.05
N ILE FA 87 3.29 -51.69 -126.44
CA ILE FA 87 4.28 -52.75 -126.43
C ILE FA 87 4.47 -53.20 -124.98
N VAL FA 88 4.47 -54.50 -124.77
CA VAL FA 88 4.62 -55.09 -123.45
C VAL FA 88 5.87 -55.96 -123.46
N LYS FA 89 6.82 -55.65 -122.58
CA LYS FA 89 8.09 -56.36 -122.51
C LYS FA 89 8.11 -57.22 -121.27
N ARG FA 90 8.35 -58.50 -121.43
CA ARG FA 90 8.41 -59.40 -120.28
C ARG FA 90 9.74 -59.21 -119.58
N THR FA 91 9.70 -59.01 -118.27
CA THR FA 91 10.92 -58.82 -117.49
C THR FA 91 11.46 -60.13 -116.93
N GLY FA 92 10.84 -61.26 -117.24
CA GLY FA 92 11.44 -62.55 -116.93
C GLY FA 92 11.68 -62.81 -115.46
N ALA FA 93 10.72 -62.47 -114.61
CA ALA FA 93 10.83 -62.79 -113.19
C ALA FA 93 9.45 -62.70 -112.56
N ILE FA 94 9.07 -63.74 -111.84
CA ILE FA 94 7.79 -63.75 -111.15
C ILE FA 94 7.72 -62.49 -110.31
N VAL FA 95 6.51 -62.01 -110.00
CA VAL FA 95 6.35 -60.70 -109.40
C VAL FA 95 7.24 -60.60 -108.18
N ASP FA 96 8.17 -59.66 -108.20
CA ASP FA 96 9.20 -59.53 -107.19
C ASP FA 96 9.08 -58.20 -106.47
N VAL FA 97 9.56 -58.17 -105.23
CA VAL FA 97 9.65 -56.91 -104.49
C VAL FA 97 11.00 -56.85 -103.79
N PRO FA 98 11.51 -55.64 -103.58
CA PRO FA 98 12.80 -55.49 -102.91
C PRO FA 98 12.66 -55.65 -101.41
N VAL FA 99 13.63 -56.33 -100.81
CA VAL FA 99 13.62 -56.58 -99.39
C VAL FA 99 14.99 -56.26 -98.82
N GLY FA 100 15.04 -56.07 -97.51
CA GLY FA 100 16.28 -55.76 -96.85
C GLY FA 100 16.10 -54.72 -95.77
N GLU FA 101 17.13 -54.46 -95.00
CA GLU FA 101 17.07 -53.38 -94.02
C GLU FA 101 17.17 -52.01 -94.67
N GLU FA 102 17.44 -51.95 -95.96
CA GLU FA 102 17.47 -50.65 -96.64
C GLU FA 102 16.09 -50.01 -96.68
N LEU FA 103 15.03 -50.77 -96.46
CA LEU FA 103 13.69 -50.22 -96.51
C LEU FA 103 13.24 -49.60 -95.20
N LEU FA 104 13.87 -49.96 -94.09
CA LEU FA 104 13.38 -49.49 -92.80
C LEU FA 104 13.36 -47.98 -92.77
N GLY FA 105 12.25 -47.42 -92.32
CA GLY FA 105 12.06 -45.99 -92.30
C GLY FA 105 11.64 -45.39 -93.62
N ARG FA 106 11.28 -46.22 -94.60
CA ARG FA 106 10.90 -45.76 -95.92
C ARG FA 106 9.44 -46.09 -96.18
N VAL FA 107 8.75 -45.18 -96.84
CA VAL FA 107 7.35 -45.39 -97.23
C VAL FA 107 7.38 -45.79 -98.70
N VAL FA 108 7.43 -47.08 -98.93
CA VAL FA 108 7.41 -47.64 -100.28
C VAL FA 108 5.97 -47.98 -100.62
N ASP FA 109 5.63 -47.91 -101.90
CA ASP FA 109 4.29 -48.27 -102.33
C ASP FA 109 4.22 -49.79 -102.48
N ALA FA 110 3.16 -50.29 -103.12
CA ALA FA 110 2.93 -51.72 -103.16
C ALA FA 110 4.00 -52.48 -103.92
N LEU FA 111 4.86 -51.81 -104.67
CA LEU FA 111 5.86 -52.48 -105.49
C LEU FA 111 7.28 -52.09 -105.09
N GLY FA 112 7.47 -51.41 -103.97
CA GLY FA 112 8.79 -51.03 -103.56
C GLY FA 112 9.31 -49.75 -104.19
N ASN FA 113 8.48 -49.02 -104.92
CA ASN FA 113 8.88 -47.73 -105.46
C ASN FA 113 8.65 -46.66 -104.40
N ALA FA 114 9.73 -46.14 -103.83
CA ALA FA 114 9.60 -45.19 -102.75
C ALA FA 114 8.73 -44.02 -103.15
N ILE FA 115 7.65 -43.81 -102.41
CA ILE FA 115 6.78 -42.66 -102.62
C ILE FA 115 7.11 -41.61 -101.58
N ASP FA 116 8.34 -41.65 -101.08
CA ASP FA 116 8.76 -40.86 -99.95
C ASP FA 116 9.59 -39.64 -100.32
N GLY FA 117 10.06 -39.56 -101.56
CA GLY FA 117 11.17 -38.67 -101.85
C GLY FA 117 12.43 -39.34 -101.40
N LYS FA 118 13.22 -38.66 -100.57
CA LYS FA 118 14.33 -39.27 -99.85
C LYS FA 118 15.08 -40.29 -100.69
N GLY FA 119 15.31 -39.97 -101.96
CA GLY FA 119 16.08 -40.84 -102.81
C GLY FA 119 15.40 -42.16 -103.07
N PRO FA 120 16.10 -43.08 -103.73
CA PRO FA 120 15.52 -44.39 -104.02
C PRO FA 120 15.89 -45.43 -102.96
N ILE FA 121 15.24 -46.58 -103.05
CA ILE FA 121 15.52 -47.69 -102.15
C ILE FA 121 16.77 -48.39 -102.62
N GLY FA 122 17.74 -48.53 -101.74
CA GLY FA 122 19.00 -49.15 -102.11
C GLY FA 122 19.03 -50.63 -101.86
N SER FA 123 17.94 -51.32 -102.17
CA SER FA 123 17.84 -52.74 -101.87
C SER FA 123 18.73 -53.55 -102.80
N LYS FA 124 19.27 -54.65 -102.28
CA LYS FA 124 20.13 -55.54 -103.04
C LYS FA 124 19.57 -56.95 -103.15
N ALA FA 125 18.37 -57.20 -102.62
CA ALA FA 125 17.77 -58.53 -102.67
C ALA FA 125 16.30 -58.40 -102.99
N ARG FA 126 15.75 -59.41 -103.67
CA ARG FA 126 14.37 -59.41 -104.09
C ARG FA 126 13.71 -60.72 -103.69
N ARG FA 127 12.45 -60.63 -103.26
CA ARG FA 127 11.65 -61.80 -102.94
C ARG FA 127 10.47 -61.88 -103.89
N ARG FA 128 9.79 -63.02 -103.86
CA ARG FA 128 8.59 -63.23 -104.63
C ARG FA 128 7.37 -63.01 -103.74
N VAL FA 129 6.46 -62.15 -104.19
CA VAL FA 129 5.25 -61.93 -103.42
C VAL FA 129 4.42 -63.21 -103.33
N GLY FA 130 4.57 -64.11 -104.29
CA GLY FA 130 3.75 -65.32 -104.33
C GLY FA 130 4.46 -66.53 -103.79
N LEU FA 131 5.20 -66.36 -102.70
CA LEU FA 131 5.89 -67.47 -102.09
C LEU FA 131 4.90 -68.37 -101.37
N LYS FA 132 5.44 -69.37 -100.69
CA LYS FA 132 4.67 -70.40 -100.03
C LYS FA 132 4.97 -70.35 -98.54
N ALA FA 133 3.96 -70.62 -97.72
CA ALA FA 133 4.14 -70.56 -96.29
C ALA FA 133 5.06 -71.68 -95.83
N PRO FA 134 5.71 -71.52 -94.68
CA PRO FA 134 6.50 -72.62 -94.13
C PRO FA 134 5.63 -73.82 -93.80
N GLY FA 135 6.22 -75.01 -93.88
CA GLY FA 135 5.46 -76.22 -93.71
C GLY FA 135 5.10 -76.49 -92.27
N ILE FA 136 5.20 -77.74 -91.85
CA ILE FA 136 4.83 -78.13 -90.51
C ILE FA 136 6.06 -78.38 -89.63
N ILE FA 137 7.20 -78.72 -90.21
CA ILE FA 137 8.41 -79.02 -89.46
C ILE FA 137 9.10 -77.73 -89.05
N PRO FA 138 9.29 -76.77 -89.96
CA PRO FA 138 10.00 -75.55 -89.55
C PRO FA 138 9.36 -74.85 -88.37
N ARG FA 139 8.02 -74.80 -88.33
CA ARG FA 139 7.36 -74.06 -87.28
C ARG FA 139 7.62 -74.68 -85.92
N ILE FA 140 7.60 -73.83 -84.89
CA ILE FA 140 7.68 -74.27 -83.51
C ILE FA 140 6.66 -73.46 -82.72
N SER FA 141 6.22 -74.02 -81.60
CA SER FA 141 5.21 -73.36 -80.80
C SER FA 141 5.63 -71.93 -80.46
N VAL FA 142 4.66 -71.09 -80.22
CA VAL FA 142 4.91 -69.69 -79.89
C VAL FA 142 5.40 -69.61 -78.45
N ARG FA 143 6.57 -68.99 -78.26
CA ARG FA 143 7.21 -68.98 -76.95
C ARG FA 143 7.46 -67.57 -76.41
N GLU FA 144 7.87 -66.67 -77.24
CA GLU FA 144 8.29 -65.35 -76.80
C GLU FA 144 7.11 -64.39 -76.80
N PRO FA 145 7.11 -63.37 -75.94
CA PRO FA 145 5.99 -62.45 -75.88
C PRO FA 145 6.20 -61.24 -76.78
N MET FA 146 5.11 -60.81 -77.41
CA MET FA 146 5.09 -59.59 -78.19
C MET FA 146 4.41 -58.54 -77.33
N GLN FA 147 5.19 -57.57 -76.85
CA GLN FA 147 4.67 -56.58 -75.91
C GLN FA 147 3.95 -55.48 -76.67
N THR FA 148 2.63 -55.41 -76.50
CA THR FA 148 1.85 -54.37 -77.15
C THR FA 148 1.86 -53.06 -76.39
N GLY FA 149 2.30 -53.03 -75.15
CA GLY FA 149 2.28 -51.81 -74.39
C GLY FA 149 0.90 -51.32 -74.02
N ILE FA 150 -0.13 -52.11 -74.27
CA ILE FA 150 -1.50 -51.76 -73.93
C ILE FA 150 -1.94 -52.69 -72.81
N LYS FA 151 -2.41 -52.10 -71.71
CA LYS FA 151 -2.67 -52.90 -70.52
C LYS FA 151 -3.66 -54.02 -70.81
N ALA FA 152 -4.78 -53.69 -71.44
CA ALA FA 152 -5.81 -54.69 -71.69
C ALA FA 152 -5.31 -55.81 -72.59
N VAL FA 153 -4.58 -55.45 -73.65
CA VAL FA 153 -4.11 -56.46 -74.59
C VAL FA 153 -3.00 -57.30 -73.98
N ASP FA 154 -2.11 -56.66 -73.21
CA ASP FA 154 -0.95 -57.36 -72.67
C ASP FA 154 -1.32 -58.24 -71.49
N SER FA 155 -2.38 -57.90 -70.76
CA SER FA 155 -2.76 -58.66 -69.59
C SER FA 155 -3.77 -59.74 -69.91
N LEU FA 156 -4.93 -59.35 -70.46
CA LEU FA 156 -6.02 -60.29 -70.68
C LEU FA 156 -5.80 -61.14 -71.92
N VAL FA 157 -5.66 -60.50 -73.08
CA VAL FA 157 -5.55 -61.23 -74.34
C VAL FA 157 -4.13 -61.05 -74.88
N PRO FA 158 -3.13 -61.66 -74.26
CA PRO FA 158 -1.76 -61.44 -74.69
C PRO FA 158 -1.53 -61.92 -76.10
N ILE FA 159 -0.37 -61.57 -76.64
CA ILE FA 159 0.05 -61.97 -77.97
C ILE FA 159 1.46 -62.54 -77.87
N GLY FA 160 1.79 -63.45 -78.78
CA GLY FA 160 3.11 -64.03 -78.84
C GLY FA 160 3.81 -63.66 -80.14
N ARG FA 161 5.03 -64.15 -80.28
CA ARG FA 161 5.84 -63.88 -81.46
C ARG FA 161 5.74 -65.08 -82.38
N GLY FA 162 5.11 -64.89 -83.53
CA GLY FA 162 4.69 -65.97 -84.38
C GLY FA 162 3.19 -66.11 -84.44
N GLN FA 163 2.49 -65.65 -83.42
CA GLN FA 163 1.05 -65.63 -83.45
C GLN FA 163 0.57 -64.63 -84.48
N ARG FA 164 -0.65 -64.86 -84.97
CA ARG FA 164 -1.31 -63.92 -85.87
C ARG FA 164 -2.67 -63.59 -85.29
N GLU FA 165 -2.69 -62.58 -84.43
CA GLU FA 165 -3.90 -62.05 -83.84
C GLU FA 165 -4.72 -61.35 -84.90
N LEU FA 166 -5.97 -61.08 -84.57
CA LEU FA 166 -6.86 -60.30 -85.41
C LEU FA 166 -7.39 -59.16 -84.58
N ILE FA 167 -7.60 -58.01 -85.19
CA ILE FA 167 -8.24 -56.87 -84.53
C ILE FA 167 -9.48 -56.57 -85.32
N ILE FA 168 -10.65 -56.74 -84.71
CA ILE FA 168 -11.90 -56.68 -85.46
C ILE FA 168 -12.85 -55.75 -84.74
N GLY FA 169 -13.45 -54.83 -85.48
CA GLY FA 169 -14.32 -53.84 -84.88
C GLY FA 169 -14.86 -52.91 -85.93
N ASP FA 170 -15.67 -51.96 -85.49
CA ASP FA 170 -16.44 -51.13 -86.40
C ASP FA 170 -15.61 -49.94 -86.88
N ARG FA 171 -16.27 -48.97 -87.50
CA ARG FA 171 -15.63 -47.73 -87.87
C ARG FA 171 -15.26 -46.93 -86.64
N GLN FA 172 -14.03 -46.45 -86.58
CA GLN FA 172 -13.59 -45.56 -85.50
C GLN FA 172 -13.88 -46.18 -84.14
N THR FA 173 -13.19 -47.28 -83.86
CA THR FA 173 -13.17 -47.84 -82.52
C THR FA 173 -11.75 -48.05 -82.01
N GLY FA 174 -10.75 -47.58 -82.74
CA GLY FA 174 -9.40 -47.61 -82.23
C GLY FA 174 -8.62 -48.83 -82.63
N LYS FA 175 -8.80 -49.29 -83.87
CA LYS FA 175 -7.98 -50.38 -84.37
C LYS FA 175 -6.62 -49.86 -84.82
N THR FA 176 -6.61 -48.83 -85.65
CA THR FA 176 -5.35 -48.23 -86.05
C THR FA 176 -4.58 -47.72 -84.85
N SER FA 177 -5.28 -47.25 -83.82
CA SER FA 177 -4.57 -46.75 -82.65
C SER FA 177 -3.86 -47.86 -81.90
N ILE FA 178 -4.50 -49.02 -81.77
CA ILE FA 178 -3.83 -50.17 -81.16
C ILE FA 178 -2.63 -50.57 -82.00
N ALA FA 179 -2.79 -50.59 -83.31
CA ALA FA 179 -1.67 -50.93 -84.18
C ALA FA 179 -0.50 -49.97 -83.97
N ILE FA 180 -0.80 -48.67 -83.94
CA ILE FA 180 0.27 -47.68 -83.84
C ILE FA 180 0.93 -47.73 -82.47
N ASP FA 181 0.15 -47.98 -81.41
CA ASP FA 181 0.75 -48.10 -80.10
C ASP FA 181 1.65 -49.32 -80.03
N THR FA 182 1.23 -50.43 -80.64
CA THR FA 182 2.12 -51.59 -80.70
C THR FA 182 3.41 -51.26 -81.43
N ILE FA 183 3.32 -50.52 -82.53
CA ILE FA 183 4.52 -50.17 -83.27
C ILE FA 183 5.43 -49.29 -82.42
N ILE FA 184 4.84 -48.28 -81.76
CA ILE FA 184 5.64 -47.33 -81.01
C ILE FA 184 6.31 -48.00 -79.83
N ASN FA 185 5.60 -48.88 -79.14
CA ASN FA 185 6.13 -49.46 -77.92
C ASN FA 185 7.41 -50.23 -78.17
N GLN FA 186 7.62 -50.73 -79.38
CA GLN FA 186 8.82 -51.51 -79.63
C GLN FA 186 10.07 -50.67 -79.61
N LYS FA 187 9.97 -49.36 -79.35
CA LYS FA 187 11.15 -48.52 -79.40
C LYS FA 187 12.18 -48.93 -78.36
N ARG FA 188 11.73 -49.26 -77.15
CA ARG FA 188 12.67 -49.59 -76.10
C ARG FA 188 13.47 -50.84 -76.43
N PHE FA 189 12.81 -51.86 -76.96
CA PHE FA 189 13.53 -53.08 -77.33
C PHE FA 189 14.50 -52.81 -78.46
N ASN FA 190 14.11 -51.99 -79.42
CA ASN FA 190 14.95 -51.70 -80.57
C ASN FA 190 16.07 -50.73 -80.26
N ASP FA 191 16.32 -50.44 -78.98
CA ASP FA 191 17.49 -49.71 -78.57
C ASP FA 191 18.40 -50.50 -77.64
N GLY FA 192 17.90 -51.55 -77.01
CA GLY FA 192 18.69 -52.33 -76.08
C GLY FA 192 19.85 -53.03 -76.74
N THR FA 193 20.47 -53.97 -76.03
CA THR FA 193 21.71 -54.59 -76.49
C THR FA 193 21.47 -55.87 -77.28
N ASP FA 194 20.50 -56.68 -76.87
CA ASP FA 194 20.32 -58.00 -77.46
C ASP FA 194 19.45 -57.90 -78.70
N GLU FA 195 19.94 -58.47 -79.80
CA GLU FA 195 19.18 -58.50 -81.04
C GLU FA 195 18.04 -59.49 -80.98
N LYS FA 196 17.91 -60.25 -79.89
CA LYS FA 196 16.86 -61.25 -79.79
C LYS FA 196 15.52 -60.64 -79.41
N LYS FA 197 15.49 -59.43 -78.88
CA LYS FA 197 14.26 -58.76 -78.52
C LYS FA 197 13.88 -57.62 -79.47
N LYS FA 198 14.71 -57.33 -80.45
CA LYS FA 198 14.38 -56.29 -81.41
C LYS FA 198 13.29 -56.76 -82.34
N LEU FA 199 12.26 -55.94 -82.51
CA LEU FA 199 11.15 -56.20 -83.42
C LEU FA 199 11.16 -55.14 -84.50
N TYR FA 200 11.12 -55.56 -85.76
CA TYR FA 200 11.11 -54.64 -86.90
C TYR FA 200 9.69 -54.57 -87.42
N CYS FA 201 8.94 -53.57 -86.99
CA CYS FA 201 7.55 -53.47 -87.37
C CYS FA 201 7.40 -53.12 -88.85
N ILE FA 202 6.28 -53.54 -89.43
CA ILE FA 202 5.86 -53.16 -90.76
C ILE FA 202 4.41 -52.74 -90.66
N TYR FA 203 3.95 -51.90 -91.56
CA TYR FA 203 2.58 -51.42 -91.52
C TYR FA 203 2.06 -51.27 -92.95
N VAL FA 204 1.13 -52.13 -93.33
CA VAL FA 204 0.54 -52.09 -94.66
C VAL FA 204 -0.77 -51.33 -94.57
N ALA FA 205 -0.88 -50.24 -95.30
CA ALA FA 205 -2.11 -49.46 -95.37
C ALA FA 205 -2.79 -49.78 -96.69
N ILE FA 206 -3.98 -50.36 -96.60
CA ILE FA 206 -4.71 -50.84 -97.77
C ILE FA 206 -6.01 -50.06 -97.87
N GLY FA 207 -6.20 -49.37 -98.99
CA GLY FA 207 -7.46 -48.68 -99.21
C GLY FA 207 -7.75 -47.63 -98.16
N GLN FA 208 -6.73 -46.92 -97.70
CA GLN FA 208 -6.87 -45.90 -96.68
C GLN FA 208 -6.59 -44.53 -97.28
N LYS FA 209 -7.23 -43.51 -96.70
CA LYS FA 209 -7.01 -42.16 -97.19
C LYS FA 209 -5.53 -41.84 -97.12
N ARG FA 210 -5.02 -41.20 -98.18
CA ARG FA 210 -3.59 -40.91 -98.23
C ARG FA 210 -3.18 -39.95 -97.13
N SER FA 211 -4.05 -38.99 -96.81
CA SER FA 211 -3.73 -38.05 -95.75
C SER FA 211 -3.58 -38.77 -94.41
N THR FA 212 -4.40 -39.79 -94.17
CA THR FA 212 -4.27 -40.57 -92.94
C THR FA 212 -2.89 -41.20 -92.84
N VAL FA 213 -2.42 -41.81 -93.92
CA VAL FA 213 -1.10 -42.43 -93.86
C VAL FA 213 -0.02 -41.38 -93.71
N ALA FA 214 -0.20 -40.21 -94.32
CA ALA FA 214 0.80 -39.16 -94.15
C ALA FA 214 0.91 -38.73 -92.70
N GLN FA 215 -0.23 -38.52 -92.05
CA GLN FA 215 -0.20 -38.13 -90.65
C GLN FA 215 0.33 -39.25 -89.77
N LEU FA 216 0.02 -40.50 -90.12
CA LEU FA 216 0.54 -41.63 -89.38
C LEU FA 216 2.06 -41.70 -89.47
N VAL FA 217 2.61 -41.47 -90.65
CA VAL FA 217 4.06 -41.45 -90.80
C VAL FA 217 4.65 -40.28 -90.01
N LYS FA 218 3.97 -39.13 -90.01
CA LYS FA 218 4.45 -38.01 -89.22
C LYS FA 218 4.48 -38.36 -87.74
N ARG FA 219 3.42 -39.01 -87.25
CA ARG FA 219 3.38 -39.42 -85.85
C ARG FA 219 4.49 -40.41 -85.54
N LEU FA 220 4.66 -41.42 -86.39
CA LEU FA 220 5.71 -42.39 -86.16
C LEU FA 220 7.08 -41.75 -86.18
N THR FA 221 7.25 -40.68 -86.95
CA THR FA 221 8.53 -39.99 -86.95
C THR FA 221 8.71 -39.14 -85.70
N ASP FA 222 7.63 -38.56 -85.17
CA ASP FA 222 7.73 -37.82 -83.92
C ASP FA 222 8.21 -38.73 -82.80
N ALA FA 223 7.63 -39.91 -82.70
CA ALA FA 223 8.00 -40.86 -81.66
C ALA FA 223 9.27 -41.63 -81.99
N ASP FA 224 10.04 -41.18 -82.98
CA ASP FA 224 11.29 -41.83 -83.32
C ASP FA 224 11.09 -43.28 -83.71
N ALA FA 225 9.89 -43.60 -84.20
CA ALA FA 225 9.49 -44.97 -84.48
C ALA FA 225 9.69 -45.37 -85.93
N MET FA 226 10.28 -44.52 -86.74
CA MET FA 226 10.54 -44.88 -88.13
C MET FA 226 11.91 -45.49 -88.34
N LYS FA 227 12.71 -45.62 -87.29
CA LYS FA 227 14.01 -46.25 -87.46
C LYS FA 227 13.87 -47.70 -87.87
N TYR FA 228 12.72 -48.32 -87.59
CA TYR FA 228 12.51 -49.74 -87.88
C TYR FA 228 11.22 -50.03 -88.61
N THR FA 229 10.32 -49.07 -88.78
CA THR FA 229 9.04 -49.31 -89.41
C THR FA 229 9.16 -49.14 -90.93
N ILE FA 230 8.42 -49.98 -91.66
CA ILE FA 230 8.23 -49.83 -93.09
C ILE FA 230 6.75 -49.65 -93.33
N VAL FA 231 6.38 -48.61 -94.06
CA VAL FA 231 4.98 -48.36 -94.39
C VAL FA 231 4.78 -48.67 -95.87
N VAL FA 232 3.88 -49.60 -96.16
CA VAL FA 232 3.61 -50.01 -97.53
C VAL FA 232 2.21 -49.56 -97.91
N SER FA 233 2.09 -48.38 -98.48
CA SER FA 233 0.81 -47.72 -98.65
C SER FA 233 0.27 -48.00 -100.04
N ALA FA 234 -0.90 -48.63 -100.10
CA ALA FA 234 -1.71 -48.75 -101.30
C ALA FA 234 -3.04 -48.10 -100.95
N THR FA 235 -3.11 -46.79 -101.08
CA THR FA 235 -4.17 -45.99 -100.48
C THR FA 235 -5.43 -46.13 -101.31
N ALA FA 236 -6.44 -45.30 -100.98
CA ALA FA 236 -7.76 -45.48 -101.57
C ALA FA 236 -7.74 -45.25 -103.07
N SER FA 237 -6.99 -44.25 -103.53
CA SER FA 237 -7.01 -43.91 -104.95
C SER FA 237 -6.34 -44.97 -105.81
N ASP FA 238 -5.36 -45.69 -105.26
CA ASP FA 238 -4.57 -46.62 -106.06
C ASP FA 238 -5.45 -47.72 -106.63
N ALA FA 239 -5.09 -48.16 -107.83
CA ALA FA 239 -5.92 -49.11 -108.56
C ALA FA 239 -6.09 -50.38 -107.74
N ALA FA 240 -7.20 -51.08 -107.97
CA ALA FA 240 -7.49 -52.28 -107.22
C ALA FA 240 -6.37 -53.30 -107.25
N PRO FA 241 -5.72 -53.59 -108.39
CA PRO FA 241 -4.66 -54.60 -108.39
C PRO FA 241 -3.46 -54.20 -107.56
N LEU FA 242 -3.43 -53.00 -107.01
CA LEU FA 242 -2.39 -52.61 -106.07
C LEU FA 242 -2.82 -52.81 -104.64
N GLN FA 243 -4.08 -52.52 -104.31
CA GLN FA 243 -4.57 -52.84 -102.98
C GLN FA 243 -4.60 -54.34 -102.76
N TYR FA 244 -4.83 -55.11 -103.82
CA TYR FA 244 -4.80 -56.56 -103.70
C TYR FA 244 -3.39 -57.06 -103.46
N LEU FA 245 -2.39 -56.39 -104.02
CA LEU FA 245 -1.02 -56.85 -103.95
C LEU FA 245 -0.27 -56.33 -102.74
N ALA FA 246 -0.67 -55.21 -102.18
CA ALA FA 246 0.12 -54.61 -101.10
C ALA FA 246 0.34 -55.56 -99.94
N PRO FA 247 -0.66 -56.28 -99.44
CA PRO FA 247 -0.39 -57.19 -98.33
C PRO FA 247 0.69 -58.20 -98.64
N TYR FA 248 0.75 -58.69 -99.87
CA TYR FA 248 1.76 -59.69 -100.21
C TYR FA 248 3.13 -59.06 -100.27
N SER FA 249 3.24 -57.84 -100.76
CA SER FA 249 4.51 -57.13 -100.70
C SER FA 249 4.98 -56.98 -99.26
N GLY FA 250 4.10 -56.50 -98.39
CA GLY FA 250 4.49 -56.35 -97.00
C GLY FA 250 4.88 -57.67 -96.36
N CYS FA 251 4.10 -58.71 -96.61
CA CYS FA 251 4.40 -60.01 -96.04
C CYS FA 251 5.73 -60.52 -96.53
N SER FA 252 6.14 -60.17 -97.75
CA SER FA 252 7.46 -60.57 -98.21
C SER FA 252 8.56 -59.77 -97.51
N MET FA 253 8.36 -58.47 -97.35
CA MET FA 253 9.34 -57.67 -96.63
C MET FA 253 9.49 -58.17 -95.20
N GLY FA 254 8.47 -58.83 -94.67
CA GLY FA 254 8.56 -59.41 -93.33
C GLY FA 254 9.15 -60.80 -93.33
N GLU FA 255 8.82 -61.58 -94.35
CA GLU FA 255 9.40 -62.91 -94.48
C GLU FA 255 10.91 -62.84 -94.62
N TYR FA 256 11.42 -61.75 -95.19
CA TYR FA 256 12.87 -61.61 -95.27
C TYR FA 256 13.50 -61.67 -93.88
N PHE FA 257 13.02 -60.83 -92.96
CA PHE FA 257 13.50 -60.91 -91.59
C PHE FA 257 13.27 -62.29 -91.01
N ARG FA 258 12.04 -62.80 -91.12
CA ARG FA 258 11.72 -64.08 -90.52
C ARG FA 258 12.70 -65.16 -90.96
N ASP FA 259 13.11 -65.14 -92.20
CA ASP FA 259 14.03 -66.14 -92.73
C ASP FA 259 15.48 -65.81 -92.51
N ASN FA 260 15.80 -64.60 -92.04
CA ASN FA 260 17.17 -64.26 -91.67
C ASN FA 260 17.35 -64.14 -90.17
N GLY FA 261 16.58 -64.88 -89.39
CA GLY FA 261 16.83 -64.99 -87.97
C GLY FA 261 16.35 -63.83 -87.13
N LYS FA 262 15.64 -62.87 -87.71
CA LYS FA 262 15.17 -61.71 -86.98
C LYS FA 262 13.68 -61.85 -86.71
N HIS FA 263 13.10 -60.83 -86.08
CA HIS FA 263 11.71 -60.84 -85.68
C HIS FA 263 11.00 -59.66 -86.31
N ALA FA 264 9.85 -59.92 -86.93
CA ALA FA 264 9.11 -58.88 -87.62
C ALA FA 264 7.66 -58.89 -87.16
N LEU FA 265 7.00 -57.77 -87.38
CA LEU FA 265 5.60 -57.59 -87.06
C LEU FA 265 4.95 -56.87 -88.23
N ILE FA 266 3.90 -57.44 -88.80
CA ILE FA 266 3.25 -56.87 -89.97
C ILE FA 266 1.78 -56.62 -89.63
N ILE FA 267 1.30 -55.43 -89.95
CA ILE FA 267 -0.03 -54.99 -89.60
C ILE FA 267 -0.76 -54.67 -90.89
N TYR FA 268 -1.63 -55.55 -91.35
CA TYR FA 268 -2.45 -55.26 -92.51
C TYR FA 268 -3.67 -54.46 -92.05
N ASP FA 269 -3.93 -53.34 -92.70
CA ASP FA 269 -4.89 -52.38 -92.18
C ASP FA 269 -5.55 -51.65 -93.36
N ASP FA 270 -6.71 -52.13 -93.84
CA ASP FA 270 -7.48 -53.27 -93.36
C ASP FA 270 -7.33 -54.44 -94.32
N LEU FA 271 -7.73 -55.64 -93.88
CA LEU FA 271 -7.88 -56.75 -94.81
C LEU FA 271 -9.30 -56.85 -95.34
N SER FA 272 -10.23 -56.05 -94.83
CA SER FA 272 -11.55 -55.99 -95.42
C SER FA 272 -11.59 -55.12 -96.66
N LYS FA 273 -10.55 -54.31 -96.89
CA LYS FA 273 -10.44 -53.47 -98.06
C LYS FA 273 -9.47 -54.02 -99.08
N GLN FA 274 -8.86 -55.17 -98.80
CA GLN FA 274 -8.20 -55.95 -99.84
C GLN FA 274 -9.18 -56.90 -100.48
N ALA FA 275 -10.05 -57.52 -99.69
CA ALA FA 275 -11.04 -58.42 -100.26
C ALA FA 275 -12.00 -57.67 -101.17
N VAL FA 276 -12.22 -56.39 -100.91
CA VAL FA 276 -13.06 -55.60 -101.80
C VAL FA 276 -12.34 -55.33 -103.12
N ALA FA 277 -11.04 -55.05 -103.06
CA ALA FA 277 -10.27 -54.90 -104.29
C ALA FA 277 -10.23 -56.20 -105.06
N TYR FA 278 -10.12 -57.32 -104.37
CA TYR FA 278 -10.13 -58.60 -105.05
C TYR FA 278 -11.49 -58.90 -105.66
N ARG FA 279 -12.56 -58.53 -104.96
CA ARG FA 279 -13.88 -58.70 -105.56
C ARG FA 279 -14.02 -57.86 -106.81
N GLN FA 280 -13.52 -56.63 -106.79
CA GLN FA 280 -13.53 -55.83 -108.02
C GLN FA 280 -12.78 -56.54 -109.12
N MET FA 281 -11.56 -56.98 -108.84
CA MET FA 281 -10.75 -57.64 -109.86
C MET FA 281 -11.48 -58.83 -110.44
N SER FA 282 -12.04 -59.68 -109.58
CA SER FA 282 -12.73 -60.87 -110.06
C SER FA 282 -13.93 -60.51 -110.90
N LEU FA 283 -14.83 -59.69 -110.37
CA LEU FA 283 -16.03 -59.35 -111.12
C LEU FA 283 -15.70 -58.72 -112.46
N LEU FA 284 -14.60 -57.97 -112.54
CA LEU FA 284 -14.19 -57.44 -113.83
C LEU FA 284 -13.55 -58.49 -114.71
N LEU FA 285 -13.06 -59.58 -114.13
CA LEU FA 285 -12.64 -60.73 -114.91
C LEU FA 285 -13.81 -61.64 -115.30
N ARG FA 286 -15.02 -61.31 -114.85
CA ARG FA 286 -16.25 -62.04 -115.13
C ARG FA 286 -16.37 -63.33 -114.31
N ARG FA 287 -15.55 -63.51 -113.29
CA ARG FA 287 -15.62 -64.74 -112.52
C ARG FA 287 -16.96 -64.82 -111.78
N PRO FA 288 -17.46 -66.03 -111.52
CA PRO FA 288 -18.81 -66.19 -110.98
C PRO FA 288 -18.88 -65.75 -109.54
N PRO FA 289 -19.61 -64.68 -109.23
CA PRO FA 289 -19.69 -64.22 -107.85
C PRO FA 289 -20.38 -65.22 -106.95
N GLY FA 290 -20.07 -65.15 -105.67
CA GLY FA 290 -20.62 -66.09 -104.71
C GLY FA 290 -21.49 -65.45 -103.66
N ARG FA 291 -21.07 -65.56 -102.41
CA ARG FA 291 -21.84 -65.05 -101.27
C ARG FA 291 -21.43 -63.62 -100.98
N GLU FA 292 -22.36 -62.69 -101.17
CA GLU FA 292 -22.10 -61.25 -101.08
C GLU FA 292 -21.34 -60.72 -102.29
N ALA FA 293 -21.34 -61.47 -103.38
CA ALA FA 293 -20.65 -61.16 -104.62
C ALA FA 293 -19.16 -61.46 -104.51
N TYR FA 294 -18.68 -61.94 -103.38
CA TYR FA 294 -17.27 -62.30 -103.28
C TYR FA 294 -17.01 -63.57 -104.09
N PRO FA 295 -15.86 -63.68 -104.75
CA PRO FA 295 -15.53 -64.94 -105.40
C PRO FA 295 -15.27 -66.02 -104.37
N GLY FA 296 -15.47 -67.27 -104.79
CA GLY FA 296 -15.16 -68.37 -103.90
C GLY FA 296 -13.71 -68.39 -103.45
N ASP FA 297 -12.84 -67.76 -104.21
CA ASP FA 297 -11.41 -67.67 -103.92
C ASP FA 297 -11.10 -66.77 -102.73
N VAL FA 298 -12.05 -65.97 -102.26
CA VAL FA 298 -11.75 -64.92 -101.30
C VAL FA 298 -11.23 -65.48 -99.98
N PHE FA 299 -11.28 -66.79 -99.79
CA PHE FA 299 -10.66 -67.38 -98.60
C PHE FA 299 -9.18 -67.65 -98.85
N TYR FA 300 -8.88 -68.43 -99.88
CA TYR FA 300 -7.49 -68.70 -100.23
C TYR FA 300 -6.69 -67.42 -100.29
N LEU FA 301 -7.32 -66.31 -100.67
CA LEU FA 301 -6.63 -65.02 -100.71
C LEU FA 301 -6.07 -64.65 -99.35
N HIS FA 302 -6.84 -64.81 -98.30
CA HIS FA 302 -6.38 -64.45 -96.96
C HIS FA 302 -5.65 -65.58 -96.28
N SER FA 303 -6.05 -66.82 -96.52
CA SER FA 303 -5.38 -67.94 -95.90
C SER FA 303 -3.92 -68.00 -96.35
N ARG FA 304 -3.68 -67.86 -97.65
CA ARG FA 304 -2.30 -67.94 -98.11
C ARG FA 304 -1.49 -66.77 -97.60
N LEU FA 305 -2.12 -65.63 -97.38
CA LEU FA 305 -1.39 -64.45 -96.90
C LEU FA 305 -1.05 -64.57 -95.43
N LEU FA 306 -1.98 -65.03 -94.61
CA LEU FA 306 -1.80 -65.10 -93.17
C LEU FA 306 -1.15 -66.38 -92.71
N GLU FA 307 -1.00 -67.38 -93.58
CA GLU FA 307 -0.28 -68.57 -93.17
C GLU FA 307 1.22 -68.37 -93.16
N ARG FA 308 1.71 -67.23 -93.61
CA ARG FA 308 3.13 -66.94 -93.58
C ARG FA 308 3.58 -66.34 -92.25
N ALA FA 309 2.66 -65.89 -91.42
CA ALA FA 309 3.02 -65.38 -90.11
C ALA FA 309 3.42 -66.52 -89.20
N ALA FA 310 4.58 -67.12 -89.46
CA ALA FA 310 5.00 -68.33 -88.78
C ALA FA 310 5.98 -68.00 -87.66
N LYS FA 311 6.57 -69.04 -87.07
CA LYS FA 311 7.60 -68.87 -86.05
C LYS FA 311 8.59 -70.03 -86.23
N MET FA 312 9.64 -69.78 -87.00
CA MET FA 312 10.56 -70.83 -87.37
C MET FA 312 11.33 -71.33 -86.15
N ASN FA 313 11.62 -72.62 -86.13
CA ASN FA 313 12.36 -73.21 -85.03
C ASN FA 313 13.84 -72.88 -85.15
N ASP FA 314 14.60 -73.24 -84.12
CA ASP FA 314 15.99 -72.82 -84.06
C ASP FA 314 16.82 -73.43 -85.18
N ALA FA 315 16.40 -74.57 -85.72
CA ALA FA 315 17.10 -75.16 -86.84
C ALA FA 315 16.82 -74.44 -88.15
N PHE FA 316 16.01 -73.37 -88.13
CA PHE FA 316 15.67 -72.60 -89.32
C PHE FA 316 15.92 -71.12 -89.08
N GLY FA 317 16.86 -70.79 -88.21
CA GLY FA 317 17.18 -69.40 -87.94
C GLY FA 317 16.60 -68.92 -86.64
N GLY FA 318 15.36 -69.27 -86.37
CA GLY FA 318 14.69 -68.85 -85.16
C GLY FA 318 13.92 -67.57 -85.26
N GLY FA 319 13.82 -66.98 -86.45
CA GLY FA 319 13.09 -65.74 -86.62
C GLY FA 319 11.61 -65.93 -86.35
N SER FA 320 10.84 -64.91 -86.71
CA SER FA 320 9.41 -64.96 -86.51
C SER FA 320 8.78 -63.78 -87.21
N LEU FA 321 7.49 -63.91 -87.50
CA LEU FA 321 6.73 -62.86 -88.18
C LEU FA 321 5.32 -62.83 -87.59
N THR FA 322 5.10 -61.94 -86.63
CA THR FA 322 3.76 -61.74 -86.11
C THR FA 322 2.93 -60.97 -87.13
N ALA FA 323 1.63 -61.23 -87.14
CA ALA FA 323 0.70 -60.54 -88.02
C ALA FA 323 -0.49 -60.05 -87.24
N LEU FA 324 -0.96 -58.85 -87.56
CA LEU FA 324 -2.11 -58.24 -86.88
C LEU FA 324 -3.11 -57.73 -87.91
N PRO FA 325 -3.76 -58.62 -88.64
CA PRO FA 325 -4.78 -58.18 -89.58
C PRO FA 325 -5.84 -57.35 -88.90
N VAL FA 326 -6.33 -56.33 -89.59
CA VAL FA 326 -7.37 -55.45 -89.07
C VAL FA 326 -8.57 -55.59 -89.98
N ILE FA 327 -9.65 -56.11 -89.45
CA ILE FA 327 -10.90 -56.29 -90.17
C ILE FA 327 -11.89 -55.25 -89.65
N GLU FA 328 -12.79 -54.83 -90.53
CA GLU FA 328 -13.79 -53.81 -90.19
C GLU FA 328 -15.16 -54.34 -90.51
N THR FA 329 -16.04 -54.36 -89.50
CA THR FA 329 -17.32 -55.04 -89.60
C THR FA 329 -18.45 -54.02 -89.60
N GLN FA 330 -19.33 -54.09 -90.58
CA GLN FA 330 -20.45 -53.19 -90.64
C GLN FA 330 -21.45 -53.53 -89.54
N ALA FA 331 -21.87 -52.53 -88.78
CA ALA FA 331 -22.85 -52.72 -87.73
C ALA FA 331 -22.41 -53.79 -86.74
N GLY FA 332 -21.09 -54.00 -86.65
CA GLY FA 332 -20.58 -54.98 -85.70
C GLY FA 332 -21.15 -56.36 -85.90
N ASP FA 333 -21.26 -56.82 -87.15
CA ASP FA 333 -21.73 -58.17 -87.44
C ASP FA 333 -20.50 -59.08 -87.54
N VAL FA 334 -20.18 -59.75 -86.43
CA VAL FA 334 -19.05 -60.65 -86.39
C VAL FA 334 -19.26 -61.90 -87.23
N SER FA 335 -20.50 -62.15 -87.65
CA SER FA 335 -20.84 -63.36 -88.39
C SER FA 335 -21.03 -63.10 -89.88
N ALA FA 336 -20.48 -62.01 -90.39
CA ALA FA 336 -20.54 -61.74 -91.82
C ALA FA 336 -19.59 -62.71 -92.51
N TYR FA 337 -19.40 -62.53 -93.82
CA TYR FA 337 -18.64 -63.49 -94.57
C TYR FA 337 -17.15 -63.34 -94.32
N ILE FA 338 -16.59 -62.17 -94.62
CA ILE FA 338 -15.14 -61.98 -94.45
C ILE FA 338 -14.73 -62.08 -92.98
N PRO FA 339 -15.44 -61.50 -92.03
CA PRO FA 339 -15.04 -61.68 -90.63
C PRO FA 339 -14.92 -63.12 -90.21
N THR FA 340 -15.82 -64.00 -90.65
CA THR FA 340 -15.68 -65.40 -90.32
C THR FA 340 -14.61 -66.09 -91.14
N ASN FA 341 -14.42 -65.66 -92.38
CA ASN FA 341 -13.31 -66.21 -93.16
C ASN FA 341 -12.00 -65.99 -92.43
N VAL FA 342 -11.85 -64.84 -91.79
CA VAL FA 342 -10.58 -64.55 -91.13
C VAL FA 342 -10.54 -65.06 -89.70
N ILE FA 343 -11.68 -65.14 -89.02
CA ILE FA 343 -11.72 -65.66 -87.67
C ILE FA 343 -11.33 -67.13 -87.66
N SER FA 344 -11.43 -67.81 -88.79
CA SER FA 344 -11.04 -69.20 -88.91
C SER FA 344 -9.67 -69.38 -89.54
N ILE FA 345 -8.93 -68.29 -89.71
CA ILE FA 345 -7.56 -68.34 -90.20
C ILE FA 345 -6.55 -67.93 -89.15
N THR FA 346 -6.98 -67.18 -88.13
CA THR FA 346 -6.07 -66.55 -87.19
C THR FA 346 -6.06 -67.31 -85.87
N ASP FA 347 -5.15 -66.89 -85.00
CA ASP FA 347 -4.90 -67.54 -83.73
C ASP FA 347 -5.48 -66.79 -82.55
N GLY FA 348 -6.45 -65.91 -82.79
CA GLY FA 348 -7.00 -65.11 -81.71
C GLY FA 348 -7.88 -64.03 -82.27
N GLN FA 349 -8.19 -63.06 -81.43
CA GLN FA 349 -9.00 -61.94 -81.87
C GLN FA 349 -9.19 -60.92 -80.76
N ILE FA 350 -9.32 -59.67 -81.13
CA ILE FA 350 -9.52 -58.57 -80.21
C ILE FA 350 -10.74 -57.82 -80.72
N PHE FA 351 -11.87 -58.01 -80.06
CA PHE FA 351 -13.10 -57.39 -80.49
C PHE FA 351 -13.19 -56.01 -79.88
N LEU FA 352 -13.35 -55.00 -80.71
CA LEU FA 352 -13.40 -53.62 -80.26
C LEU FA 352 -14.85 -53.16 -80.38
N GLU FA 353 -15.57 -53.22 -79.28
CA GLU FA 353 -16.97 -52.80 -79.28
C GLU FA 353 -17.08 -51.32 -79.61
N THR FA 354 -18.18 -50.97 -80.28
CA THR FA 354 -18.45 -49.58 -80.61
C THR FA 354 -19.31 -48.89 -79.58
N GLU FA 355 -19.84 -49.62 -78.60
CA GLU FA 355 -20.57 -49.01 -77.50
C GLU FA 355 -19.72 -48.86 -76.25
N LEU FA 356 -18.79 -49.78 -76.01
CA LEU FA 356 -17.77 -49.51 -75.01
C LEU FA 356 -16.95 -48.29 -75.39
N PHE FA 357 -16.62 -48.16 -76.66
CA PHE FA 357 -15.87 -47.01 -77.13
C PHE FA 357 -16.66 -45.72 -76.90
N TYR FA 358 -17.96 -45.74 -77.20
CA TYR FA 358 -18.78 -44.55 -77.01
C TYR FA 358 -19.01 -44.21 -75.55
N LYS FA 359 -18.68 -45.11 -74.63
CA LYS FA 359 -18.75 -44.83 -73.21
C LYS FA 359 -17.46 -44.24 -72.69
N GLY FA 360 -16.50 -43.94 -73.55
CA GLY FA 360 -15.22 -43.45 -73.11
C GLY FA 360 -14.27 -44.51 -72.62
N ILE FA 361 -14.68 -45.78 -72.62
CA ILE FA 361 -13.79 -46.87 -72.22
C ILE FA 361 -12.88 -47.21 -73.38
N ARG FA 362 -11.72 -46.58 -73.43
CA ARG FA 362 -10.81 -46.76 -74.54
C ARG FA 362 -9.45 -47.22 -74.03
N PRO FA 363 -8.81 -48.22 -74.65
CA PRO FA 363 -9.27 -48.94 -75.83
C PRO FA 363 -10.42 -49.85 -75.50
N ALA FA 364 -11.29 -50.12 -76.49
CA ALA FA 364 -12.61 -50.68 -76.24
C ALA FA 364 -12.63 -52.19 -76.32
N ILE FA 365 -11.52 -52.86 -76.02
CA ILE FA 365 -11.49 -54.31 -76.13
C ILE FA 365 -12.67 -54.90 -75.38
N ASN FA 366 -13.40 -55.78 -76.04
CA ASN FA 366 -14.52 -56.49 -75.44
C ASN FA 366 -13.96 -57.79 -74.87
N VAL FA 367 -13.51 -57.74 -73.62
CA VAL FA 367 -12.75 -58.85 -73.05
C VAL FA 367 -13.60 -60.10 -72.96
N GLY FA 368 -14.92 -59.97 -73.03
CA GLY FA 368 -15.76 -61.17 -73.03
C GLY FA 368 -15.50 -62.04 -74.24
N LEU FA 369 -15.39 -61.43 -75.42
CA LEU FA 369 -15.22 -62.18 -76.66
C LEU FA 369 -13.79 -62.30 -77.11
N SER FA 370 -12.92 -61.35 -76.76
CA SER FA 370 -11.53 -61.44 -77.17
C SER FA 370 -10.88 -62.67 -76.58
N VAL FA 371 -9.96 -63.27 -77.33
CA VAL FA 371 -9.27 -64.47 -76.89
C VAL FA 371 -7.96 -64.55 -77.64
N SER FA 372 -6.99 -65.28 -77.09
CA SER FA 372 -5.72 -65.52 -77.75
C SER FA 372 -5.36 -66.98 -77.56
N ARG FA 373 -5.39 -67.75 -78.64
CA ARG FA 373 -5.26 -69.20 -78.57
C ARG FA 373 -3.83 -69.66 -78.40
N VAL FA 374 -2.93 -68.78 -77.97
CA VAL FA 374 -1.66 -69.22 -77.41
C VAL FA 374 -1.62 -68.67 -76.00
N GLY FA 375 -2.28 -67.53 -75.79
CA GLY FA 375 -2.59 -67.03 -74.47
C GLY FA 375 -1.48 -67.13 -73.45
N SER FA 376 -1.73 -67.90 -72.39
CA SER FA 376 -0.83 -67.90 -71.24
C SER FA 376 0.59 -68.24 -71.66
N ALA FA 377 0.75 -69.11 -72.66
CA ALA FA 377 2.07 -69.33 -73.20
C ALA FA 377 2.61 -68.02 -73.75
N ALA FA 378 3.91 -67.83 -73.65
CA ALA FA 378 4.54 -66.62 -74.14
C ALA FA 378 3.96 -65.39 -73.46
N GLN FA 379 3.89 -65.45 -72.14
CA GLN FA 379 3.52 -64.31 -71.32
C GLN FA 379 4.52 -64.21 -70.18
N THR FA 380 4.97 -62.99 -69.90
CA THR FA 380 5.91 -62.80 -68.79
C THR FA 380 5.32 -63.36 -67.51
N ARG FA 381 6.12 -64.09 -66.76
CA ARG FA 381 5.60 -64.77 -65.58
C ARG FA 381 4.99 -63.78 -64.61
N ALA FA 382 5.61 -62.62 -64.43
CA ALA FA 382 5.07 -61.62 -63.52
C ALA FA 382 3.69 -61.20 -63.94
N MET FA 383 3.52 -60.89 -65.23
CA MET FA 383 2.20 -60.51 -65.73
C MET FA 383 1.22 -61.65 -65.56
N LYS FA 384 1.68 -62.89 -65.70
CA LYS FA 384 0.80 -64.02 -65.48
C LYS FA 384 0.28 -64.04 -64.05
N GLN FA 385 1.18 -63.92 -63.07
CA GLN FA 385 0.77 -63.88 -61.68
C GLN FA 385 -0.28 -62.80 -61.47
N VAL FA 386 0.02 -61.58 -61.91
CA VAL FA 386 -0.86 -60.46 -61.61
C VAL FA 386 -2.18 -60.59 -62.35
N ALA FA 387 -2.17 -61.08 -63.59
CA ALA FA 387 -3.32 -60.95 -64.47
C ALA FA 387 -4.23 -62.17 -64.51
N GLY FA 388 -3.78 -63.34 -64.06
CA GLY FA 388 -4.71 -64.45 -63.93
C GLY FA 388 -5.82 -64.10 -62.95
N THR FA 389 -5.47 -63.49 -61.82
CA THR FA 389 -6.45 -63.05 -60.87
C THR FA 389 -7.40 -62.05 -61.49
N MET FA 390 -6.86 -61.11 -62.28
CA MET FA 390 -7.72 -60.12 -62.92
C MET FA 390 -8.68 -60.78 -63.90
N LYS FA 391 -8.21 -61.77 -64.63
CA LYS FA 391 -9.08 -62.47 -65.56
C LYS FA 391 -10.24 -63.14 -64.83
N LEU FA 392 -9.93 -63.83 -63.73
CA LEU FA 392 -11.02 -64.44 -62.95
C LEU FA 392 -11.97 -63.40 -62.37
N GLU FA 393 -11.42 -62.32 -61.84
CA GLU FA 393 -12.26 -61.29 -61.21
C GLU FA 393 -13.15 -60.61 -62.23
N LEU FA 394 -12.59 -60.31 -63.42
CA LEU FA 394 -13.40 -59.72 -64.47
C LEU FA 394 -14.47 -60.70 -64.94
N ALA FA 395 -14.13 -61.99 -65.02
CA ALA FA 395 -15.14 -62.98 -65.36
C ALA FA 395 -16.30 -62.92 -64.39
N GLN FA 396 -15.99 -62.94 -63.09
CA GLN FA 396 -17.06 -62.89 -62.09
C GLN FA 396 -17.86 -61.61 -62.19
N TYR FA 397 -17.18 -60.48 -62.41
CA TYR FA 397 -17.90 -59.22 -62.52
C TYR FA 397 -18.85 -59.22 -63.71
N ARG FA 398 -18.40 -59.75 -64.84
CA ARG FA 398 -19.27 -59.82 -66.01
C ARG FA 398 -20.46 -60.73 -65.76
N GLU FA 399 -20.23 -61.81 -65.01
CA GLU FA 399 -21.32 -62.77 -64.76
C GLU FA 399 -22.51 -62.13 -64.07
N VAL FA 400 -22.32 -60.99 -63.40
CA VAL FA 400 -23.34 -60.43 -62.52
C VAL FA 400 -23.74 -59.01 -62.88
N ALA FA 401 -23.12 -58.40 -63.87
CA ALA FA 401 -23.32 -56.97 -64.12
C ALA FA 401 -24.63 -56.67 -64.83
N ALA FA 402 -25.55 -57.63 -64.93
CA ALA FA 402 -26.80 -57.44 -65.65
C ALA FA 402 -27.88 -56.76 -64.82
N PHE FA 403 -27.54 -56.22 -63.64
CA PHE FA 403 -28.52 -55.62 -62.77
C PHE FA 403 -27.84 -54.77 -61.70
N ALA FA 404 -28.21 -53.49 -61.60
CA ALA FA 404 -27.60 -52.60 -60.64
C ALA FA 404 -28.60 -51.55 -60.15
N LEU FA 410 -26.43 -57.16 -54.16
CA LEU FA 410 -27.26 -57.24 -52.96
C LEU FA 410 -26.43 -57.57 -51.73
N ASP FA 411 -25.84 -58.76 -51.71
CA ASP FA 411 -25.12 -59.23 -50.54
C ASP FA 411 -23.71 -58.64 -50.53
N ALA FA 412 -22.87 -59.12 -49.61
CA ALA FA 412 -21.51 -58.59 -49.50
C ALA FA 412 -20.64 -59.07 -50.66
N ALA FA 413 -20.71 -60.35 -50.99
CA ALA FA 413 -19.89 -60.87 -52.08
C ALA FA 413 -20.28 -60.28 -53.41
N THR FA 414 -21.59 -60.17 -53.68
CA THR FA 414 -22.03 -59.61 -54.96
C THR FA 414 -21.58 -58.18 -55.12
N GLN FA 415 -21.83 -57.34 -54.12
CA GLN FA 415 -21.39 -55.96 -54.21
C GLN FA 415 -19.87 -55.88 -54.28
N GLN FA 416 -19.17 -56.78 -53.61
CA GLN FA 416 -17.71 -56.78 -53.71
C GLN FA 416 -17.27 -57.07 -55.14
N LEU FA 417 -17.93 -58.03 -55.80
CA LEU FA 417 -17.60 -58.34 -57.18
C LEU FA 417 -17.86 -57.14 -58.07
N LEU FA 418 -19.02 -56.49 -57.89
CA LEU FA 418 -19.34 -55.32 -58.70
C LEU FA 418 -18.29 -54.23 -58.52
N SER FA 419 -17.92 -53.94 -57.27
CA SER FA 419 -16.99 -52.85 -57.02
C SER FA 419 -15.60 -53.17 -57.56
N ARG FA 420 -15.11 -54.39 -57.34
CA ARG FA 420 -13.79 -54.74 -57.85
C ARG FA 420 -13.78 -54.72 -59.36
N GLY FA 421 -14.84 -55.22 -60.00
CA GLY FA 421 -14.89 -55.19 -61.45
C GLY FA 421 -14.89 -53.78 -62.00
N VAL FA 422 -15.66 -52.88 -61.39
CA VAL FA 422 -15.68 -51.51 -61.86
C VAL FA 422 -14.31 -50.87 -61.70
N ARG FA 423 -13.66 -51.12 -60.57
CA ARG FA 423 -12.32 -50.58 -60.39
C ARG FA 423 -11.38 -51.08 -61.47
N LEU FA 424 -11.43 -52.38 -61.77
CA LEU FA 424 -10.53 -52.93 -62.78
C LEU FA 424 -10.81 -52.36 -64.16
N THR FA 425 -12.10 -52.21 -64.50
CA THR FA 425 -12.43 -51.58 -65.78
C THR FA 425 -11.85 -50.18 -65.86
N GLU FA 426 -12.03 -49.38 -64.80
CA GLU FA 426 -11.44 -48.06 -64.82
C GLU FA 426 -9.92 -48.12 -64.91
N LEU FA 427 -9.33 -49.19 -64.39
CA LEU FA 427 -7.88 -49.31 -64.39
C LEU FA 427 -7.35 -49.65 -65.77
N LEU FA 428 -8.13 -50.36 -66.58
CA LEU FA 428 -7.63 -50.82 -67.86
C LEU FA 428 -7.73 -49.78 -68.97
N LYS FA 429 -8.41 -48.67 -68.74
CA LYS FA 429 -8.40 -47.61 -69.73
C LYS FA 429 -6.98 -47.13 -69.99
N GLN FA 430 -6.79 -46.44 -71.09
CA GLN FA 430 -5.46 -45.99 -71.48
C GLN FA 430 -5.59 -44.83 -72.43
N GLY FA 431 -4.48 -44.13 -72.62
CA GLY FA 431 -4.45 -42.99 -73.52
C GLY FA 431 -3.71 -43.30 -74.81
N GLN FA 432 -3.95 -42.50 -75.84
CA GLN FA 432 -3.31 -42.73 -77.12
C GLN FA 432 -1.80 -42.49 -77.03
N TYR FA 433 -1.05 -43.25 -77.82
CA TYR FA 433 0.38 -43.06 -77.94
C TYR FA 433 1.04 -43.01 -76.57
N SER FA 434 0.55 -43.83 -75.66
CA SER FA 434 1.07 -43.93 -74.31
C SER FA 434 1.26 -45.39 -73.93
N PRO FA 435 2.16 -46.09 -74.62
CA PRO FA 435 2.48 -47.46 -74.22
C PRO FA 435 3.21 -47.50 -72.88
N MET FA 436 3.03 -48.59 -72.16
CA MET FA 436 3.62 -48.77 -70.83
C MET FA 436 4.49 -50.01 -70.81
N ALA FA 437 5.68 -49.88 -70.24
CA ALA FA 437 6.54 -51.03 -70.07
C ALA FA 437 5.79 -52.13 -69.34
N ILE FA 438 6.31 -53.35 -69.43
CA ILE FA 438 5.62 -54.48 -68.80
C ILE FA 438 5.58 -54.30 -67.30
N GLU FA 439 6.69 -53.86 -66.70
CA GLU FA 439 6.74 -53.72 -65.25
C GLU FA 439 5.72 -52.70 -64.76
N GLU FA 440 5.52 -51.62 -65.52
CA GLU FA 440 4.53 -50.62 -65.13
C GLU FA 440 3.12 -51.20 -65.13
N GLN FA 441 2.78 -51.98 -66.16
CA GLN FA 441 1.49 -52.64 -66.18
C GLN FA 441 1.36 -53.60 -65.01
N VAL FA 442 2.42 -54.36 -64.72
CA VAL FA 442 2.40 -55.27 -63.58
C VAL FA 442 2.08 -54.50 -62.31
N ALA FA 443 2.78 -53.38 -62.09
CA ALA FA 443 2.59 -52.63 -60.86
C ALA FA 443 1.17 -52.11 -60.75
N VAL FA 444 0.63 -51.54 -61.84
CA VAL FA 444 -0.71 -50.97 -61.77
C VAL FA 444 -1.74 -52.05 -61.51
N ILE FA 445 -1.68 -53.14 -62.28
CA ILE FA 445 -2.69 -54.18 -62.11
C ILE FA 445 -2.52 -54.84 -60.75
N TYR FA 446 -1.31 -54.89 -60.22
CA TYR FA 446 -1.12 -55.39 -58.86
C TYR FA 446 -1.86 -54.52 -57.86
N ALA FA 447 -1.63 -53.21 -57.92
CA ALA FA 447 -2.33 -52.31 -57.03
C ALA FA 447 -3.83 -52.37 -57.23
N GLY FA 448 -4.29 -52.83 -58.39
CA GLY FA 448 -5.72 -52.92 -58.64
C GLY FA 448 -6.37 -54.19 -58.13
N VAL FA 449 -5.72 -55.34 -58.32
CA VAL FA 449 -6.38 -56.62 -58.07
C VAL FA 449 -6.26 -57.04 -56.62
N ARG FA 450 -5.08 -56.90 -56.00
CA ARG FA 450 -4.91 -57.34 -54.63
C ARG FA 450 -5.83 -56.60 -53.68
N GLY FA 451 -6.37 -55.46 -54.09
CA GLY FA 451 -7.43 -54.80 -53.36
C GLY FA 451 -7.05 -53.49 -52.71
N TYR FA 452 -6.00 -52.82 -53.17
CA TYR FA 452 -5.61 -51.53 -52.62
C TYR FA 452 -6.30 -50.37 -53.32
N LEU FA 453 -7.51 -50.59 -53.83
CA LEU FA 453 -8.26 -49.52 -54.44
C LEU FA 453 -9.76 -49.58 -54.16
N ASP FA 454 -10.23 -50.53 -53.35
CA ASP FA 454 -11.66 -50.74 -53.21
C ASP FA 454 -12.36 -49.60 -52.50
N LYS FA 455 -11.62 -48.73 -51.82
CA LYS FA 455 -12.22 -47.59 -51.14
C LYS FA 455 -12.24 -46.34 -52.00
N LEU FA 456 -11.24 -46.15 -52.85
CA LEU FA 456 -11.19 -44.97 -53.70
C LEU FA 456 -12.38 -44.98 -54.66
N GLU FA 457 -12.92 -43.79 -54.92
CA GLU FA 457 -14.07 -43.70 -55.82
C GLU FA 457 -13.66 -44.18 -57.21
N PRO FA 458 -14.55 -44.85 -57.94
CA PRO FA 458 -14.18 -45.29 -59.29
C PRO FA 458 -13.80 -44.14 -60.19
N SER FA 459 -14.49 -43.01 -60.08
CA SER FA 459 -14.22 -41.88 -60.96
C SER FA 459 -12.78 -41.41 -60.84
N LYS FA 460 -12.16 -41.58 -59.68
CA LYS FA 460 -10.79 -41.13 -59.47
C LYS FA 460 -9.75 -42.16 -59.88
N ILE FA 461 -10.16 -43.39 -60.20
CA ILE FA 461 -9.20 -44.46 -60.41
C ILE FA 461 -8.21 -44.09 -61.50
N THR FA 462 -8.66 -43.38 -62.52
CA THR FA 462 -7.74 -42.96 -63.58
C THR FA 462 -6.69 -42.01 -63.01
N LYS FA 463 -7.14 -40.96 -62.34
CA LYS FA 463 -6.19 -39.96 -61.83
C LYS FA 463 -5.15 -40.64 -60.96
N PHE FA 464 -5.62 -41.41 -59.97
CA PHE FA 464 -4.71 -42.21 -59.16
C PHE FA 464 -3.65 -42.86 -60.02
N GLU FA 465 -4.08 -43.67 -60.98
CA GLU FA 465 -3.15 -44.36 -61.86
C GLU FA 465 -2.03 -43.42 -62.27
N ASN FA 466 -2.40 -42.32 -62.94
CA ASN FA 466 -1.39 -41.38 -63.41
C ASN FA 466 -0.41 -41.05 -62.30
N ALA FA 467 -0.91 -40.46 -61.22
CA ALA FA 467 -0.03 -40.05 -60.14
C ALA FA 467 0.85 -41.21 -59.69
N PHE FA 468 0.24 -42.38 -59.51
CA PHE FA 468 1.01 -43.53 -59.04
C PHE FA 468 2.19 -43.77 -59.95
N LEU FA 469 1.95 -43.84 -61.26
CA LEU FA 469 3.06 -44.05 -62.19
C LEU FA 469 4.16 -43.03 -61.94
N SER FA 470 3.79 -41.75 -61.87
CA SER FA 470 4.79 -40.72 -61.65
C SER FA 470 5.67 -41.05 -60.47
N HIS FA 471 5.06 -41.47 -59.36
CA HIS FA 471 5.86 -41.82 -58.20
C HIS FA 471 6.75 -43.02 -58.49
N VAL FA 472 6.15 -44.10 -59.02
CA VAL FA 472 6.88 -45.35 -59.16
C VAL FA 472 8.06 -45.16 -60.11
N ILE FA 473 7.83 -44.50 -61.24
CA ILE FA 473 8.91 -44.29 -62.19
C ILE FA 473 9.97 -43.37 -61.64
N SER FA 474 9.64 -42.57 -60.62
CA SER FA 474 10.58 -41.59 -60.12
C SER FA 474 11.50 -42.16 -59.04
N GLN FA 475 10.93 -42.80 -58.02
CA GLN FA 475 11.73 -43.22 -56.88
C GLN FA 475 12.22 -44.66 -57.00
N HIS FA 476 11.32 -45.60 -57.30
CA HIS FA 476 11.60 -47.03 -57.15
C HIS FA 476 11.97 -47.68 -58.47
N GLN FA 477 12.73 -47.00 -59.32
CA GLN FA 477 13.17 -47.61 -60.57
C GLN FA 477 13.95 -48.90 -60.31
N ALA FA 478 14.55 -49.03 -59.14
CA ALA FA 478 15.29 -50.25 -58.82
C ALA FA 478 14.36 -51.46 -58.78
N LEU FA 479 13.19 -51.32 -58.17
CA LEU FA 479 12.26 -52.44 -58.12
C LEU FA 479 11.78 -52.83 -59.51
N LEU FA 480 11.46 -51.84 -60.34
CA LEU FA 480 10.99 -52.12 -61.69
C LEU FA 480 12.09 -52.78 -62.52
N GLY FA 481 13.33 -52.34 -62.36
CA GLY FA 481 14.42 -53.04 -63.00
C GLY FA 481 14.57 -54.46 -62.52
N LYS FA 482 14.34 -54.68 -61.22
CA LYS FA 482 14.39 -56.04 -60.70
C LYS FA 482 13.31 -56.91 -61.32
N ILE FA 483 12.11 -56.36 -61.48
CA ILE FA 483 11.02 -57.11 -62.11
C ILE FA 483 11.35 -57.41 -63.57
N ARG FA 484 11.87 -56.40 -64.29
CA ARG FA 484 12.16 -56.58 -65.70
C ARG FA 484 13.25 -57.62 -65.91
N THR FA 485 14.37 -57.50 -65.19
CA THR FA 485 15.45 -58.45 -65.35
C THR FA 485 14.99 -59.85 -64.98
N ASP FA 486 14.62 -60.06 -63.73
CA ASP FA 486 14.00 -61.30 -63.29
C ASP FA 486 12.52 -61.19 -63.62
N GLY FA 487 12.11 -61.74 -64.77
CA GLY FA 487 10.75 -61.58 -65.21
C GLY FA 487 9.81 -62.37 -64.34
N LYS FA 488 9.68 -61.94 -63.09
CA LYS FA 488 8.83 -62.61 -62.10
C LYS FA 488 8.81 -61.77 -60.84
N ILE FA 489 7.69 -61.81 -60.14
CA ILE FA 489 7.53 -61.08 -58.88
C ILE FA 489 7.86 -62.05 -57.76
N SER FA 490 9.07 -61.93 -57.23
CA SER FA 490 9.45 -62.74 -56.07
C SER FA 490 8.74 -62.22 -54.83
N GLU FA 491 8.85 -62.99 -53.75
CA GLU FA 491 8.14 -62.62 -52.53
C GLU FA 491 8.65 -61.30 -51.98
N GLU FA 492 9.97 -61.10 -51.94
CA GLU FA 492 10.50 -59.83 -51.48
C GLU FA 492 10.08 -58.69 -52.40
N SER FA 493 10.09 -58.93 -53.70
CA SER FA 493 9.61 -57.91 -54.63
C SER FA 493 8.14 -57.64 -54.39
N ASP FA 494 7.35 -58.69 -54.13
CA ASP FA 494 5.95 -58.48 -53.84
C ASP FA 494 5.77 -57.62 -52.59
N ALA FA 495 6.55 -57.87 -51.55
CA ALA FA 495 6.43 -57.10 -50.33
C ALA FA 495 6.82 -55.64 -50.56
N LYS FA 496 7.90 -55.41 -51.28
CA LYS FA 496 8.31 -54.04 -51.56
C LYS FA 496 7.23 -53.31 -52.36
N LEU FA 497 6.66 -53.98 -53.36
CA LEU FA 497 5.60 -53.36 -54.13
C LEU FA 497 4.38 -53.08 -53.26
N LYS FA 498 4.06 -54.01 -52.37
CA LYS FA 498 2.92 -53.83 -51.47
C LYS FA 498 3.11 -52.59 -50.60
N GLU FA 499 4.29 -52.45 -50.00
CA GLU FA 499 4.49 -51.29 -49.13
C GLU FA 499 4.52 -50.02 -49.95
N ILE FA 500 5.07 -50.06 -51.16
CA ILE FA 500 5.06 -48.86 -52.00
C ILE FA 500 3.63 -48.42 -52.27
N VAL FA 501 2.77 -49.37 -52.67
CA VAL FA 501 1.40 -49.03 -52.99
C VAL FA 501 0.68 -48.48 -51.77
N THR FA 502 0.86 -49.15 -50.62
CA THR FA 502 0.19 -48.68 -49.41
C THR FA 502 0.64 -47.27 -49.05
N ASN FA 503 1.96 -47.03 -49.09
CA ASN FA 503 2.47 -45.71 -48.74
C ASN FA 503 1.92 -44.65 -49.67
N PHE FA 504 1.96 -44.90 -50.97
CA PHE FA 504 1.47 -43.90 -51.92
C PHE FA 504 -0.02 -43.64 -51.70
N LEU FA 505 -0.81 -44.69 -51.55
CA LEU FA 505 -2.24 -44.51 -51.33
C LEU FA 505 -2.51 -43.76 -50.04
N ALA FA 506 -1.60 -43.88 -49.06
CA ALA FA 506 -1.78 -43.15 -47.81
C ALA FA 506 -1.96 -41.67 -48.07
N GLY FA 507 -1.19 -41.11 -49.00
CA GLY FA 507 -1.28 -39.70 -49.31
C GLY FA 507 -2.50 -39.37 -50.15
N PHE FA 508 -3.68 -39.67 -49.63
CA PHE FA 508 -4.93 -39.40 -50.33
C PHE FA 508 -6.03 -39.01 -49.34
N LYS GA 2 -20.07 -67.45 -132.60
CA LYS GA 2 -20.95 -68.60 -132.83
C LYS GA 2 -20.15 -69.77 -133.40
N THR GA 3 -19.28 -70.34 -132.58
CA THR GA 3 -18.42 -71.44 -132.98
C THR GA 3 -19.11 -72.75 -132.65
N GLY GA 4 -19.44 -73.52 -133.68
CA GLY GA 4 -20.08 -74.80 -133.46
C GLY GA 4 -19.19 -75.73 -132.66
N THR GA 5 -19.82 -76.61 -131.89
CA THR GA 5 -19.05 -77.56 -131.10
C THR GA 5 -18.26 -78.51 -132.00
N ALA GA 6 -18.91 -79.02 -133.04
CA ALA GA 6 -18.28 -79.96 -133.95
C ALA GA 6 -17.47 -79.29 -135.03
N GLU GA 7 -17.12 -78.01 -134.84
CA GLU GA 7 -16.23 -77.30 -135.75
C GLU GA 7 -14.78 -77.41 -135.32
N VAL GA 8 -14.43 -78.48 -134.63
CA VAL GA 8 -13.05 -78.77 -134.28
C VAL GA 8 -12.27 -79.01 -135.55
N SER GA 9 -10.94 -79.08 -135.46
CA SER GA 9 -10.14 -79.39 -136.63
C SER GA 9 -10.19 -80.87 -136.98
N SER GA 10 -10.29 -81.74 -135.98
CA SER GA 10 -10.29 -83.18 -136.24
C SER GA 10 -11.47 -83.60 -137.10
N ILE GA 11 -12.52 -82.79 -137.16
CA ILE GA 11 -13.71 -83.08 -137.95
C ILE GA 11 -13.66 -82.39 -139.30
N LEU GA 12 -13.29 -81.11 -139.31
CA LEU GA 12 -13.16 -80.39 -140.57
C LEU GA 12 -12.10 -81.01 -141.44
N GLU GA 13 -11.12 -81.69 -140.84
CA GLU GA 13 -10.12 -82.37 -141.65
C GLU GA 13 -10.73 -83.58 -142.35
N GLU GA 14 -11.49 -84.39 -141.61
CA GLU GA 14 -12.20 -85.49 -142.25
C GLU GA 14 -13.04 -84.97 -143.40
N ARG GA 15 -13.77 -83.89 -143.17
CA ARG GA 15 -14.61 -83.34 -144.22
C ARG GA 15 -13.77 -82.89 -145.41
N ILE GA 16 -12.65 -82.22 -145.15
CA ILE GA 16 -11.87 -81.60 -146.22
C ILE GA 16 -11.32 -82.66 -147.17
N LEU GA 17 -10.67 -83.68 -146.63
CA LEU GA 17 -10.05 -84.69 -147.48
C LEU GA 17 -11.00 -85.83 -147.81
N GLY GA 18 -12.31 -85.58 -147.79
CA GLY GA 18 -13.26 -86.50 -148.37
C GLY GA 18 -13.17 -87.91 -147.82
N ALA GA 19 -13.03 -88.06 -146.50
CA ALA GA 19 -12.94 -89.37 -145.88
C ALA GA 19 -14.12 -89.67 -144.96
N ASP GA 20 -15.04 -88.72 -144.78
CA ASP GA 20 -16.14 -88.95 -143.84
C ASP GA 20 -17.03 -90.11 -144.29
N THR GA 21 -17.07 -90.39 -145.60
CA THR GA 21 -17.93 -91.43 -146.11
C THR GA 21 -17.54 -92.81 -145.62
N SER GA 22 -16.31 -92.99 -145.15
CA SER GA 22 -15.84 -94.32 -144.75
C SER GA 22 -16.46 -94.76 -143.43
N VAL GA 23 -16.81 -93.82 -142.56
CA VAL GA 23 -17.34 -94.14 -141.24
C VAL GA 23 -18.86 -93.99 -141.26
N ASP GA 24 -19.51 -94.68 -140.33
CA ASP GA 24 -20.96 -94.59 -140.19
C ASP GA 24 -21.30 -93.43 -139.27
N LEU GA 25 -22.02 -92.44 -139.79
CA LEU GA 25 -22.47 -91.30 -139.02
C LEU GA 25 -23.99 -91.26 -138.98
N GLU GA 26 -24.61 -92.43 -138.90
CA GLU GA 26 -26.05 -92.53 -138.75
C GLU GA 26 -26.45 -93.31 -137.51
N GLU GA 27 -25.86 -94.47 -137.29
CA GLU GA 27 -26.13 -95.31 -136.14
C GLU GA 27 -24.88 -95.44 -135.28
N THR GA 28 -24.10 -94.38 -135.20
CA THR GA 28 -22.81 -94.42 -134.54
C THR GA 28 -22.24 -93.02 -134.49
N GLY GA 29 -21.36 -92.78 -133.53
CA GLY GA 29 -20.77 -91.47 -133.36
C GLY GA 29 -19.49 -91.59 -132.59
N ARG GA 30 -18.80 -90.47 -132.50
CA ARG GA 30 -17.52 -90.40 -131.80
C ARG GA 30 -17.57 -89.29 -130.77
N VAL GA 31 -17.06 -89.58 -129.58
CA VAL GA 31 -17.12 -88.63 -128.47
C VAL GA 31 -16.19 -87.47 -128.77
N LEU GA 32 -16.76 -86.30 -129.06
CA LEU GA 32 -15.95 -85.10 -129.23
C LEU GA 32 -15.26 -84.72 -127.92
N SER GA 33 -16.01 -84.73 -126.82
CA SER GA 33 -15.51 -84.17 -125.57
C SER GA 33 -16.29 -84.76 -124.42
N ILE GA 34 -15.63 -85.52 -123.56
CA ILE GA 34 -16.21 -86.02 -122.33
C ILE GA 34 -15.69 -85.18 -121.18
N GLY GA 35 -16.57 -84.80 -120.27
CA GLY GA 35 -16.13 -84.06 -119.10
C GLY GA 35 -17.23 -83.80 -118.11
N ASP GA 36 -16.97 -84.12 -116.85
CA ASP GA 36 -17.90 -83.90 -115.74
C ASP GA 36 -19.15 -84.76 -115.85
N GLY GA 37 -19.11 -85.83 -116.62
CA GLY GA 37 -20.24 -86.74 -116.73
C GLY GA 37 -21.16 -86.46 -117.87
N ILE GA 38 -20.77 -85.63 -118.82
CA ILE GA 38 -21.57 -85.34 -120.00
C ILE GA 38 -20.67 -85.52 -121.21
N ALA GA 39 -21.13 -86.29 -122.19
CA ALA GA 39 -20.41 -86.46 -123.42
C ALA GA 39 -21.06 -85.64 -124.52
N ARG GA 40 -20.26 -85.05 -125.37
CA ARG GA 40 -20.74 -84.53 -126.64
C ARG GA 40 -20.34 -85.55 -127.69
N VAL GA 41 -21.26 -85.92 -128.56
CA VAL GA 41 -21.03 -86.97 -129.53
C VAL GA 41 -21.27 -86.40 -130.91
N HIS GA 42 -20.34 -86.65 -131.83
CA HIS GA 42 -20.49 -86.25 -133.23
C HIS GA 42 -20.90 -87.46 -134.04
N GLY GA 43 -22.02 -87.34 -134.75
CA GLY GA 43 -22.60 -88.46 -135.45
C GLY GA 43 -24.00 -88.74 -134.94
N LEU GA 44 -24.38 -90.00 -134.99
CA LEU GA 44 -25.70 -90.41 -134.54
C LEU GA 44 -26.78 -89.52 -135.15
N ARG GA 45 -26.74 -89.36 -136.47
CA ARG GA 45 -27.74 -88.51 -137.09
C ARG GA 45 -29.14 -89.10 -136.98
N ASN GA 46 -29.27 -90.38 -136.62
CA ASN GA 46 -30.56 -91.05 -136.53
C ASN GA 46 -30.91 -91.44 -135.11
N VAL GA 47 -30.32 -90.78 -134.11
CA VAL GA 47 -30.59 -91.09 -132.71
C VAL GA 47 -31.79 -90.28 -132.27
N GLN GA 48 -32.74 -90.95 -131.63
CA GLN GA 48 -33.94 -90.30 -131.16
C GLN GA 48 -33.67 -89.49 -129.91
N ALA GA 49 -34.52 -88.50 -129.67
CA ALA GA 49 -34.42 -87.76 -128.43
C ALA GA 49 -34.78 -88.65 -127.25
N GLU GA 50 -34.03 -88.51 -126.17
CA GLU GA 50 -34.16 -89.33 -124.97
C GLU GA 50 -34.03 -90.81 -125.27
N GLU GA 51 -33.38 -91.17 -126.36
CA GLU GA 51 -33.02 -92.55 -126.63
C GLU GA 51 -31.76 -92.92 -125.87
N MET GA 52 -31.67 -94.20 -125.53
CA MET GA 52 -30.47 -94.74 -124.90
C MET GA 52 -29.43 -95.06 -125.95
N VAL GA 53 -28.16 -94.83 -125.61
CA VAL GA 53 -27.03 -95.16 -126.45
C VAL GA 53 -26.03 -95.90 -125.59
N GLU GA 54 -25.11 -96.60 -126.24
CA GLU GA 54 -24.18 -97.50 -125.55
C GLU GA 54 -22.77 -97.16 -125.97
N PHE GA 55 -21.92 -96.85 -125.00
CA PHE GA 55 -20.54 -96.50 -125.29
C PHE GA 55 -19.71 -97.75 -125.53
N SER GA 56 -18.48 -97.55 -125.99
CA SER GA 56 -17.61 -98.66 -126.34
C SER GA 56 -16.92 -99.28 -125.14
N SER GA 57 -17.46 -99.09 -123.93
CA SER GA 57 -16.90 -99.70 -122.74
C SER GA 57 -17.99 -100.30 -121.87
N GLY GA 58 -19.19 -100.49 -122.41
CA GLY GA 58 -20.31 -101.04 -121.67
C GLY GA 58 -21.13 -100.00 -120.95
N LEU GA 59 -20.60 -98.80 -120.76
CA LEU GA 59 -21.37 -97.72 -120.17
C LEU GA 59 -22.50 -97.31 -121.10
N LYS GA 60 -23.63 -96.95 -120.51
CA LYS GA 60 -24.79 -96.50 -121.26
C LYS GA 60 -24.99 -95.01 -121.01
N GLY GA 61 -25.75 -94.39 -121.90
CA GLY GA 61 -26.05 -92.97 -121.76
C GLY GA 61 -27.41 -92.72 -122.38
N MET GA 62 -27.91 -91.51 -122.20
CA MET GA 62 -29.24 -91.15 -122.64
C MET GA 62 -29.15 -89.83 -123.39
N SER GA 63 -29.32 -89.87 -124.70
CA SER GA 63 -29.09 -88.70 -125.54
C SER GA 63 -30.17 -87.67 -125.26
N LEU GA 64 -29.84 -86.66 -124.46
CA LEU GA 64 -30.79 -85.63 -124.08
C LEU GA 64 -30.84 -84.52 -125.13
N ASN GA 65 -29.71 -83.89 -125.40
CA ASN GA 65 -29.68 -82.74 -126.28
C ASN GA 65 -29.44 -83.20 -127.70
N LEU GA 66 -30.29 -82.79 -128.63
CA LEU GA 66 -30.08 -83.06 -130.05
C LEU GA 66 -29.82 -81.72 -130.71
N GLU GA 67 -28.60 -81.30 -130.68
CA GLU GA 67 -28.20 -80.04 -131.27
C GLU GA 67 -27.85 -80.24 -132.73
N PRO GA 68 -27.77 -79.16 -133.50
CA PRO GA 68 -27.65 -79.32 -134.95
C PRO GA 68 -26.46 -80.15 -135.38
N ASP GA 69 -25.34 -80.06 -134.66
CA ASP GA 69 -24.11 -80.70 -135.10
C ASP GA 69 -23.57 -81.75 -134.15
N ASN GA 70 -24.00 -81.76 -132.89
CA ASN GA 70 -23.55 -82.76 -131.94
C ASN GA 70 -24.74 -83.18 -131.08
N VAL GA 71 -24.51 -84.15 -130.21
CA VAL GA 71 -25.53 -84.72 -129.36
C VAL GA 71 -25.03 -84.70 -127.93
N GLY GA 72 -25.78 -84.09 -127.04
CA GLY GA 72 -25.43 -84.07 -125.64
C GLY GA 72 -25.97 -85.30 -124.95
N VAL GA 73 -25.08 -86.23 -124.63
CA VAL GA 73 -25.37 -87.51 -124.00
C VAL GA 73 -24.98 -87.43 -122.54
N VAL GA 74 -25.73 -88.10 -121.68
CA VAL GA 74 -25.46 -88.14 -120.25
C VAL GA 74 -25.11 -89.58 -119.90
N VAL GA 75 -24.00 -89.77 -119.21
CA VAL GA 75 -23.51 -91.10 -118.91
C VAL GA 75 -24.16 -91.61 -117.64
N PHE GA 76 -24.73 -92.81 -117.69
CA PHE GA 76 -25.27 -93.48 -116.51
C PHE GA 76 -24.17 -94.21 -115.76
N GLY GA 77 -23.15 -93.46 -115.38
CA GLY GA 77 -21.99 -94.02 -114.73
C GLY GA 77 -20.91 -92.99 -114.60
N ASN GA 78 -19.72 -93.44 -114.23
CA ASN GA 78 -18.57 -92.56 -114.11
C ASN GA 78 -17.82 -92.51 -115.43
N ASP GA 79 -17.60 -91.29 -115.93
CA ASP GA 79 -16.95 -91.11 -117.22
C ASP GA 79 -15.45 -91.31 -117.16
N LYS GA 80 -14.93 -91.93 -116.11
CA LYS GA 80 -13.51 -92.21 -116.03
C LYS GA 80 -13.03 -93.07 -117.19
N LEU GA 81 -13.93 -93.83 -117.82
CA LEU GA 81 -13.55 -94.81 -118.83
C LEU GA 81 -13.77 -94.33 -120.25
N ILE GA 82 -14.54 -93.28 -120.45
CA ILE GA 82 -14.77 -92.74 -121.79
C ILE GA 82 -13.64 -91.81 -122.16
N LYS GA 83 -13.24 -91.84 -123.42
CA LYS GA 83 -12.17 -91.00 -123.92
C LYS GA 83 -12.62 -90.33 -125.21
N GLU GA 84 -12.11 -89.13 -125.46
CA GLU GA 84 -12.30 -88.50 -126.75
C GLU GA 84 -12.05 -89.49 -127.87
N GLY GA 85 -13.01 -89.61 -128.77
CA GLY GA 85 -12.88 -90.52 -129.88
C GLY GA 85 -13.51 -91.88 -129.67
N ASP GA 86 -14.04 -92.17 -128.49
CA ASP GA 86 -14.72 -93.43 -128.29
C ASP GA 86 -15.93 -93.53 -129.20
N ILE GA 87 -16.29 -94.76 -129.55
CA ILE GA 87 -17.40 -95.00 -130.46
C ILE GA 87 -18.66 -95.22 -129.64
N VAL GA 88 -19.66 -94.38 -129.87
CA VAL GA 88 -20.96 -94.49 -129.24
C VAL GA 88 -21.91 -95.09 -130.27
N LYS GA 89 -22.56 -96.19 -129.92
CA LYS GA 89 -23.46 -96.88 -130.83
C LYS GA 89 -24.85 -96.90 -130.24
N ARG GA 90 -25.85 -96.66 -131.07
CA ARG GA 90 -27.22 -96.58 -130.60
C ARG GA 90 -27.63 -97.89 -129.91
N THR GA 91 -28.75 -97.80 -129.19
CA THR GA 91 -29.46 -98.97 -128.72
C THR GA 91 -30.81 -99.15 -129.39
N GLY GA 92 -31.36 -98.09 -129.97
CA GLY GA 92 -32.52 -98.16 -130.80
C GLY GA 92 -33.83 -97.84 -130.10
N ALA GA 93 -33.86 -97.91 -128.77
CA ALA GA 93 -35.10 -97.80 -128.03
C ALA GA 93 -35.00 -96.70 -126.99
N ILE GA 94 -36.09 -95.94 -126.84
CA ILE GA 94 -36.18 -95.00 -125.75
C ILE GA 94 -35.84 -95.71 -124.47
N VAL GA 95 -35.16 -95.00 -123.56
CA VAL GA 95 -34.73 -95.63 -122.32
C VAL GA 95 -35.91 -96.28 -121.65
N ASP GA 96 -35.77 -97.56 -121.32
CA ASP GA 96 -36.84 -98.31 -120.68
C ASP GA 96 -36.25 -99.22 -119.62
N VAL GA 97 -37.09 -99.63 -118.69
CA VAL GA 97 -36.67 -100.43 -117.55
C VAL GA 97 -37.49 -101.71 -117.49
N PRO GA 98 -36.93 -102.81 -117.00
CA PRO GA 98 -37.73 -104.02 -116.85
C PRO GA 98 -38.79 -103.85 -115.78
N VAL GA 99 -39.83 -104.66 -115.88
CA VAL GA 99 -40.93 -104.64 -114.93
C VAL GA 99 -41.43 -106.06 -114.77
N GLY GA 100 -42.27 -106.27 -113.79
CA GLY GA 100 -42.89 -107.56 -113.57
C GLY GA 100 -42.99 -107.84 -112.09
N GLU GA 101 -43.42 -109.04 -111.77
CA GLU GA 101 -43.41 -109.51 -110.40
C GLU GA 101 -42.09 -110.16 -110.02
N GLU GA 102 -41.16 -110.29 -110.97
CA GLU GA 102 -39.86 -110.81 -110.63
C GLU GA 102 -39.07 -109.84 -109.77
N LEU GA 103 -39.26 -108.54 -109.99
CA LEU GA 103 -38.52 -107.57 -109.20
C LEU GA 103 -38.89 -107.63 -107.73
N LEU GA 104 -40.10 -108.06 -107.42
CA LEU GA 104 -40.55 -108.10 -106.03
C LEU GA 104 -39.49 -108.73 -105.16
N GLY GA 105 -39.08 -108.01 -104.12
CA GLY GA 105 -38.11 -108.51 -103.19
C GLY GA 105 -36.68 -108.37 -103.63
N ARG GA 106 -36.39 -107.56 -104.63
CA ARG GA 106 -35.05 -107.35 -105.13
C ARG GA 106 -34.65 -105.90 -104.91
N VAL GA 107 -33.40 -105.68 -104.54
CA VAL GA 107 -32.84 -104.32 -104.44
C VAL GA 107 -32.28 -104.02 -105.82
N VAL GA 108 -33.16 -103.56 -106.69
CA VAL GA 108 -32.76 -103.27 -108.06
C VAL GA 108 -32.17 -101.87 -108.12
N ASP GA 109 -31.46 -101.60 -109.20
CA ASP GA 109 -30.82 -100.32 -109.43
C ASP GA 109 -31.73 -99.43 -110.27
N ALA GA 110 -31.34 -98.16 -110.40
CA ALA GA 110 -32.17 -97.22 -111.13
C ALA GA 110 -32.47 -97.71 -112.53
N LEU GA 111 -31.59 -98.50 -113.13
CA LEU GA 111 -31.76 -98.97 -114.50
C LEU GA 111 -32.30 -100.38 -114.60
N GLY GA 112 -32.61 -101.02 -113.48
CA GLY GA 112 -33.13 -102.36 -113.52
C GLY GA 112 -32.10 -103.46 -113.39
N ASN GA 113 -30.92 -103.17 -112.86
CA ASN GA 113 -29.87 -104.17 -112.66
C ASN GA 113 -29.80 -104.50 -111.18
N ALA GA 114 -29.92 -105.78 -110.84
CA ALA GA 114 -29.89 -106.18 -109.45
C ALA GA 114 -28.58 -105.79 -108.81
N ILE GA 115 -28.64 -105.19 -107.62
CA ILE GA 115 -27.46 -104.86 -106.84
C ILE GA 115 -27.50 -105.51 -105.46
N ASP GA 116 -28.36 -106.49 -105.27
CA ASP GA 116 -28.36 -107.26 -104.03
C ASP GA 116 -27.51 -108.51 -104.14
N GLY GA 117 -27.01 -108.83 -105.34
CA GLY GA 117 -26.15 -109.99 -105.50
C GLY GA 117 -26.86 -111.33 -105.42
N LYS GA 118 -28.18 -111.36 -105.63
CA LYS GA 118 -28.93 -112.60 -105.61
C LYS GA 118 -29.19 -113.15 -106.99
N GLY GA 119 -28.60 -112.55 -108.03
CA GLY GA 119 -28.73 -113.05 -109.37
C GLY GA 119 -29.57 -112.14 -110.25
N PRO GA 120 -29.56 -112.40 -111.55
CA PRO GA 120 -30.24 -111.50 -112.48
C PRO GA 120 -31.75 -111.48 -112.26
N ILE GA 121 -32.34 -110.34 -112.58
CA ILE GA 121 -33.80 -110.20 -112.57
C ILE GA 121 -34.35 -110.93 -113.78
N GLY GA 122 -35.26 -111.86 -113.55
CA GLY GA 122 -35.79 -112.65 -114.65
C GLY GA 122 -37.01 -112.03 -115.29
N SER GA 123 -37.02 -110.71 -115.42
CA SER GA 123 -38.22 -110.03 -115.89
C SER GA 123 -38.45 -110.34 -117.36
N LYS GA 124 -39.67 -110.06 -117.80
CA LYS GA 124 -40.12 -110.36 -119.15
C LYS GA 124 -40.44 -109.12 -119.97
N ALA GA 125 -41.15 -108.16 -119.40
CA ALA GA 125 -41.58 -106.97 -120.11
C ALA GA 125 -40.78 -105.77 -119.67
N ARG GA 126 -40.70 -104.78 -120.55
CA ARG GA 126 -40.01 -103.53 -120.28
C ARG GA 126 -40.93 -102.37 -120.62
N ARG GA 127 -40.85 -101.32 -119.81
CA ARG GA 127 -41.66 -100.13 -120.00
C ARG GA 127 -40.76 -98.93 -120.16
N ARG GA 128 -41.14 -98.02 -121.06
CA ARG GA 128 -40.43 -96.76 -121.14
C ARG GA 128 -40.64 -95.99 -119.85
N VAL GA 129 -39.56 -95.38 -119.34
CA VAL GA 129 -39.69 -94.60 -118.13
C VAL GA 129 -40.59 -93.39 -118.39
N GLY GA 130 -40.44 -92.74 -119.53
CA GLY GA 130 -41.15 -91.52 -119.80
C GLY GA 130 -42.46 -91.71 -120.53
N LEU GA 131 -43.46 -92.24 -119.84
CA LEU GA 131 -44.78 -92.48 -120.42
C LEU GA 131 -45.78 -91.48 -119.85
N LYS GA 132 -46.83 -91.21 -120.63
CA LYS GA 132 -47.86 -90.29 -120.21
C LYS GA 132 -48.74 -90.92 -119.14
N ALA GA 133 -49.19 -90.10 -118.20
CA ALA GA 133 -50.08 -90.57 -117.17
C ALA GA 133 -51.48 -90.79 -117.73
N PRO GA 134 -52.30 -91.58 -117.03
CA PRO GA 134 -53.67 -91.79 -117.52
C PRO GA 134 -54.39 -90.49 -117.81
N GLY GA 135 -55.52 -90.56 -118.50
CA GLY GA 135 -56.26 -89.39 -118.89
C GLY GA 135 -57.36 -89.05 -117.91
N ILE GA 136 -58.31 -88.26 -118.39
CA ILE GA 136 -59.47 -87.93 -117.58
C ILE GA 136 -60.39 -89.14 -117.44
N ILE GA 137 -60.45 -89.97 -118.47
CA ILE GA 137 -61.48 -91.02 -118.54
C ILE GA 137 -61.06 -92.26 -117.76
N PRO GA 138 -59.84 -92.76 -117.90
CA PRO GA 138 -59.48 -94.00 -117.19
C PRO GA 138 -59.71 -93.95 -115.69
N ARG GA 139 -59.46 -92.82 -115.04
CA ARG GA 139 -59.48 -92.77 -113.59
C ARG GA 139 -60.92 -92.80 -113.07
N ILE GA 140 -61.03 -93.04 -111.76
CA ILE GA 140 -62.25 -92.80 -111.00
C ILE GA 140 -61.87 -92.22 -109.65
N SER GA 141 -62.87 -91.86 -108.87
CA SER GA 141 -62.64 -91.23 -107.59
C SER GA 141 -62.03 -92.21 -106.60
N VAL GA 142 -61.10 -91.72 -105.79
CA VAL GA 142 -60.40 -92.57 -104.82
C VAL GA 142 -61.40 -93.00 -103.76
N ARG GA 143 -61.54 -94.30 -103.58
CA ARG GA 143 -62.58 -94.85 -102.73
C ARG GA 143 -62.07 -95.81 -101.68
N GLU GA 144 -61.08 -96.62 -102.01
CA GLU GA 144 -60.59 -97.61 -101.06
C GLU GA 144 -59.58 -96.98 -100.11
N PRO GA 145 -59.45 -97.51 -98.90
CA PRO GA 145 -58.46 -96.98 -97.97
C PRO GA 145 -57.13 -97.71 -98.06
N MET GA 146 -56.05 -96.95 -97.96
CA MET GA 146 -54.72 -97.50 -97.81
C MET GA 146 -54.36 -97.33 -96.34
N GLN GA 147 -54.30 -98.45 -95.62
CA GLN GA 147 -54.07 -98.40 -94.19
C GLN GA 147 -52.61 -98.14 -93.94
N THR GA 148 -52.30 -96.95 -93.44
CA THR GA 148 -50.91 -96.62 -93.13
C THR GA 148 -50.42 -97.39 -91.92
N GLY GA 149 -51.30 -97.67 -90.97
CA GLY GA 149 -50.90 -98.30 -89.74
C GLY GA 149 -50.38 -97.35 -88.70
N ILE GA 150 -50.57 -96.05 -88.87
CA ILE GA 150 -50.12 -95.03 -87.95
C ILE GA 150 -51.35 -94.29 -87.46
N LYS GA 151 -51.57 -94.28 -86.15
CA LYS GA 151 -52.83 -93.81 -85.61
C LYS GA 151 -53.20 -92.44 -86.18
N ALA GA 152 -52.27 -91.49 -86.10
CA ALA GA 152 -52.58 -90.13 -86.49
C ALA GA 152 -52.95 -90.05 -87.97
N VAL GA 153 -52.18 -90.72 -88.82
CA VAL GA 153 -52.41 -90.62 -90.26
C VAL GA 153 -53.75 -91.26 -90.61
N ASP GA 154 -53.99 -92.47 -90.13
CA ASP GA 154 -55.24 -93.15 -90.45
C ASP GA 154 -56.45 -92.47 -89.83
N SER GA 155 -56.25 -91.67 -88.78
CA SER GA 155 -57.37 -91.06 -88.10
C SER GA 155 -57.72 -89.70 -88.67
N LEU GA 156 -56.74 -88.80 -88.74
CA LEU GA 156 -57.00 -87.42 -89.10
C LEU GA 156 -56.48 -87.05 -90.47
N VAL GA 157 -55.64 -87.87 -91.09
CA VAL GA 157 -55.13 -87.60 -92.42
C VAL GA 157 -55.31 -88.86 -93.25
N PRO GA 158 -56.52 -89.32 -93.47
CA PRO GA 158 -56.71 -90.59 -94.17
C PRO GA 158 -56.15 -90.52 -95.58
N ILE GA 159 -55.56 -91.63 -96.03
CA ILE GA 159 -54.97 -91.74 -97.35
C ILE GA 159 -55.68 -92.85 -98.09
N GLY GA 160 -56.21 -92.55 -99.27
CA GLY GA 160 -56.86 -93.54 -100.10
C GLY GA 160 -55.88 -94.19 -101.04
N ARG GA 161 -56.39 -95.18 -101.77
CA ARG GA 161 -55.59 -95.86 -102.79
C ARG GA 161 -55.76 -95.14 -104.11
N GLY GA 162 -54.66 -94.67 -104.67
CA GLY GA 162 -54.68 -93.82 -105.83
C GLY GA 162 -54.45 -92.36 -105.54
N GLN GA 163 -54.02 -92.03 -104.34
CA GLN GA 163 -53.89 -90.66 -103.88
C GLN GA 163 -52.43 -90.34 -103.66
N ARG GA 164 -52.04 -89.13 -104.00
CA ARG GA 164 -50.64 -88.70 -103.90
C ARG GA 164 -50.50 -87.83 -102.66
N GLU GA 165 -50.04 -88.42 -101.58
CA GLU GA 165 -49.76 -87.66 -100.36
C GLU GA 165 -48.41 -86.98 -100.51
N LEU GA 166 -47.91 -86.38 -99.44
CA LEU GA 166 -46.60 -85.74 -99.46
C LEU GA 166 -46.14 -85.63 -98.02
N ILE GA 167 -45.12 -86.38 -97.64
CA ILE GA 167 -44.58 -86.32 -96.29
C ILE GA 167 -43.50 -85.26 -96.30
N ILE GA 168 -43.82 -84.06 -95.80
CA ILE GA 168 -42.91 -82.92 -95.87
C ILE GA 168 -42.52 -82.52 -94.46
N GLY GA 169 -41.22 -82.35 -94.23
CA GLY GA 169 -40.78 -81.87 -92.95
C GLY GA 169 -39.27 -81.73 -92.93
N ASP GA 170 -38.77 -81.11 -91.87
CA ASP GA 170 -37.35 -80.86 -91.75
C ASP GA 170 -36.58 -82.18 -91.73
N ARG GA 171 -35.26 -82.05 -91.81
CA ARG GA 171 -34.40 -83.23 -91.74
C ARG GA 171 -34.48 -83.85 -90.36
N GLN GA 172 -34.49 -85.18 -90.33
CA GLN GA 172 -34.55 -85.96 -89.09
C GLN GA 172 -35.78 -85.57 -88.28
N THR GA 173 -36.94 -85.80 -88.88
CA THR GA 173 -38.21 -85.71 -88.17
C THR GA 173 -39.08 -86.95 -88.30
N GLY GA 174 -38.69 -87.92 -89.12
CA GLY GA 174 -39.40 -89.17 -89.15
C GLY GA 174 -40.21 -89.40 -90.40
N LYS GA 175 -39.73 -88.94 -91.56
CA LYS GA 175 -40.45 -89.16 -92.80
C LYS GA 175 -40.24 -90.59 -93.30
N THR GA 176 -38.99 -91.02 -93.41
CA THR GA 176 -38.73 -92.40 -93.76
C THR GA 176 -39.41 -93.35 -92.80
N SER GA 177 -39.60 -92.94 -91.54
CA SER GA 177 -40.30 -93.80 -90.60
C SER GA 177 -41.75 -93.96 -90.97
N ILE GA 178 -42.41 -92.87 -91.39
CA ILE GA 178 -43.77 -93.01 -91.90
C ILE GA 178 -43.79 -93.97 -93.08
N ALA GA 179 -42.83 -93.82 -93.99
CA ALA GA 179 -42.80 -94.65 -95.17
C ALA GA 179 -42.64 -96.13 -94.81
N ILE GA 180 -41.74 -96.44 -93.89
CA ILE GA 180 -41.48 -97.83 -93.56
C ILE GA 180 -42.58 -98.42 -92.71
N ASP GA 181 -43.22 -97.64 -91.84
CA ASP GA 181 -44.41 -98.14 -91.18
C ASP GA 181 -45.47 -98.50 -92.20
N THR GA 182 -45.67 -97.64 -93.21
CA THR GA 182 -46.64 -97.96 -94.24
C THR GA 182 -46.28 -99.24 -94.98
N ILE GA 183 -45.01 -99.42 -95.32
CA ILE GA 183 -44.62 -100.63 -96.05
C ILE GA 183 -44.85 -101.86 -95.18
N ILE GA 184 -44.46 -101.79 -93.92
CA ILE GA 184 -44.57 -102.98 -93.07
C ILE GA 184 -46.02 -103.31 -92.79
N ASN GA 185 -46.88 -102.29 -92.70
CA ASN GA 185 -48.25 -102.55 -92.31
C ASN GA 185 -48.94 -103.49 -93.28
N GLN GA 186 -48.70 -103.31 -94.58
CA GLN GA 186 -49.44 -104.07 -95.57
C GLN GA 186 -49.16 -105.56 -95.46
N LYS GA 187 -48.30 -105.96 -94.53
CA LYS GA 187 -47.98 -107.37 -94.38
C LYS GA 187 -49.23 -108.18 -94.07
N ARG GA 188 -50.10 -107.67 -93.21
CA ARG GA 188 -51.29 -108.42 -92.84
C ARG GA 188 -52.20 -108.65 -94.04
N PHE GA 189 -52.37 -107.63 -94.88
CA PHE GA 189 -53.20 -107.80 -96.06
C PHE GA 189 -52.55 -108.72 -97.07
N ASN GA 190 -51.25 -108.58 -97.29
CA ASN GA 190 -50.59 -109.39 -98.31
C ASN GA 190 -50.58 -110.85 -97.92
N ASP GA 191 -50.42 -111.16 -96.63
CA ASP GA 191 -50.50 -112.54 -96.15
C ASP GA 191 -51.98 -112.87 -95.90
N GLY GA 192 -52.71 -113.00 -96.99
CA GLY GA 192 -54.15 -113.22 -96.90
C GLY GA 192 -54.68 -113.65 -98.25
N THR GA 193 -56.00 -113.83 -98.29
CA THR GA 193 -56.68 -114.32 -99.47
C THR GA 193 -57.53 -113.25 -100.16
N ASP GA 194 -57.72 -112.10 -99.53
CA ASP GA 194 -58.46 -110.98 -100.15
C ASP GA 194 -57.54 -110.35 -101.18
N GLU GA 195 -57.55 -110.94 -102.38
CA GLU GA 195 -56.63 -110.51 -103.43
C GLU GA 195 -56.86 -109.06 -103.84
N LYS GA 196 -58.01 -108.49 -103.51
CA LYS GA 196 -58.28 -107.11 -103.85
C LYS GA 196 -57.74 -106.14 -102.82
N LYS GA 197 -57.11 -106.62 -101.76
CA LYS GA 197 -56.51 -105.75 -100.75
C LYS GA 197 -55.00 -105.86 -100.69
N LYS GA 198 -54.40 -106.76 -101.48
CA LYS GA 198 -52.96 -106.84 -101.52
C LYS GA 198 -52.38 -105.56 -102.10
N LEU GA 199 -51.36 -105.02 -101.45
CA LEU GA 199 -50.67 -103.82 -101.90
C LEU GA 199 -49.20 -104.16 -102.05
N TYR GA 200 -48.62 -103.83 -103.21
CA TYR GA 200 -47.21 -104.09 -103.47
C TYR GA 200 -46.43 -102.81 -103.38
N CYS GA 201 -45.36 -102.82 -102.59
CA CYS GA 201 -44.66 -101.60 -102.25
C CYS GA 201 -43.38 -101.44 -103.05
N ILE GA 202 -43.03 -100.19 -103.34
CA ILE GA 202 -41.82 -99.82 -104.03
C ILE GA 202 -41.19 -98.68 -103.25
N TYR GA 203 -39.92 -98.79 -102.92
CA TYR GA 203 -39.21 -97.75 -102.21
C TYR GA 203 -38.09 -97.25 -103.11
N VAL GA 204 -38.19 -96.00 -103.55
CA VAL GA 204 -37.16 -95.38 -104.35
C VAL GA 204 -36.30 -94.53 -103.44
N ALA GA 205 -35.03 -94.91 -103.32
CA ALA GA 205 -34.07 -94.25 -102.45
C ALA GA 205 -33.15 -93.42 -103.32
N ILE GA 206 -33.32 -92.11 -103.29
CA ILE GA 206 -32.62 -91.19 -104.17
C ILE GA 206 -31.63 -90.40 -103.34
N GLY GA 207 -30.36 -90.47 -103.69
CA GLY GA 207 -29.36 -89.70 -103.00
C GLY GA 207 -29.25 -89.96 -101.52
N GLN GA 208 -29.24 -91.23 -101.12
CA GLN GA 208 -29.03 -91.63 -99.74
C GLN GA 208 -27.86 -92.59 -99.66
N LYS GA 209 -27.02 -92.41 -98.64
CA LYS GA 209 -25.86 -93.27 -98.52
C LYS GA 209 -26.29 -94.72 -98.43
N ARG GA 210 -25.48 -95.61 -99.01
CA ARG GA 210 -25.86 -97.01 -99.11
C ARG GA 210 -26.05 -97.66 -97.74
N SER GA 211 -25.38 -97.15 -96.70
CA SER GA 211 -25.61 -97.71 -95.38
C SER GA 211 -27.06 -97.56 -94.98
N THR GA 212 -27.66 -96.42 -95.29
CA THR GA 212 -29.07 -96.21 -94.97
C THR GA 212 -29.95 -97.22 -95.69
N VAL GA 213 -29.73 -97.41 -96.98
CA VAL GA 213 -30.56 -98.34 -97.74
C VAL GA 213 -30.34 -99.76 -97.25
N ALA GA 214 -29.12 -100.12 -96.88
CA ALA GA 214 -28.87 -101.46 -96.38
C ALA GA 214 -29.58 -101.69 -95.05
N GLN GA 215 -29.54 -100.70 -94.15
CA GLN GA 215 -30.27 -100.86 -92.90
C GLN GA 215 -31.77 -100.94 -93.15
N LEU GA 216 -32.27 -100.16 -94.10
CA LEU GA 216 -33.70 -100.22 -94.42
C LEU GA 216 -34.08 -101.59 -94.96
N VAL GA 217 -33.28 -102.14 -95.86
CA VAL GA 217 -33.57 -103.47 -96.40
C VAL GA 217 -33.50 -104.51 -95.30
N LYS GA 218 -32.56 -104.36 -94.37
CA LYS GA 218 -32.51 -105.29 -93.25
C LYS GA 218 -33.78 -105.17 -92.40
N ARG GA 219 -34.24 -103.95 -92.17
CA ARG GA 219 -35.46 -103.75 -91.41
C ARG GA 219 -36.65 -104.40 -92.11
N LEU GA 220 -36.71 -104.26 -93.43
CA LEU GA 220 -37.81 -104.87 -94.17
C LEU GA 220 -37.74 -106.38 -94.14
N THR GA 221 -36.55 -106.95 -94.28
CA THR GA 221 -36.42 -108.40 -94.20
C THR GA 221 -36.77 -108.91 -92.81
N ASP GA 222 -36.42 -108.13 -91.78
CA ASP GA 222 -36.73 -108.54 -90.42
C ASP GA 222 -38.22 -108.78 -90.25
N ALA GA 223 -39.04 -107.83 -90.67
CA ALA GA 223 -40.49 -107.99 -90.67
C ALA GA 223 -40.97 -108.80 -91.87
N ASP GA 224 -40.06 -109.49 -92.55
CA ASP GA 224 -40.38 -110.28 -93.73
C ASP GA 224 -41.32 -109.51 -94.66
N ALA GA 225 -41.14 -108.20 -94.70
CA ALA GA 225 -41.87 -107.34 -95.61
C ALA GA 225 -41.12 -107.11 -96.91
N MET GA 226 -40.32 -108.07 -97.33
CA MET GA 226 -39.56 -107.97 -98.56
C MET GA 226 -40.12 -108.83 -99.68
N LYS GA 227 -40.93 -109.83 -99.36
CA LYS GA 227 -41.48 -110.67 -100.41
C LYS GA 227 -42.41 -109.91 -101.33
N TYR GA 228 -42.83 -108.70 -100.96
CA TYR GA 228 -43.73 -107.89 -101.76
C TYR GA 228 -43.21 -106.47 -101.90
N THR GA 229 -41.91 -106.27 -101.83
CA THR GA 229 -41.32 -104.95 -101.90
C THR GA 229 -40.22 -104.91 -102.93
N ILE GA 230 -40.16 -103.83 -103.69
CA ILE GA 230 -39.03 -103.53 -104.56
C ILE GA 230 -38.31 -102.33 -103.98
N VAL GA 231 -37.01 -102.24 -104.24
CA VAL GA 231 -36.23 -101.11 -103.73
C VAL GA 231 -35.34 -100.59 -104.83
N VAL GA 232 -35.71 -99.47 -105.44
CA VAL GA 232 -34.95 -98.87 -106.52
C VAL GA 232 -33.98 -97.89 -105.88
N SER GA 233 -32.70 -98.24 -105.87
CA SER GA 233 -31.70 -97.56 -105.07
C SER GA 233 -30.73 -96.82 -105.96
N ALA GA 234 -30.87 -95.50 -106.04
CA ALA GA 234 -29.92 -94.63 -106.70
C ALA GA 234 -29.29 -93.78 -105.60
N THR GA 235 -28.21 -94.28 -105.02
CA THR GA 235 -27.63 -93.68 -103.83
C THR GA 235 -26.71 -92.52 -104.23
N ALA GA 236 -26.08 -91.92 -103.22
CA ALA GA 236 -25.37 -90.67 -103.43
C ALA GA 236 -24.21 -90.83 -104.41
N SER GA 237 -23.49 -91.93 -104.32
CA SER GA 237 -22.32 -92.10 -105.18
C SER GA 237 -22.69 -92.27 -106.64
N ASP GA 238 -23.96 -92.47 -106.96
CA ASP GA 238 -24.37 -92.78 -108.31
C ASP GA 238 -24.50 -91.52 -109.15
N ALA GA 239 -24.09 -91.61 -110.41
CA ALA GA 239 -24.07 -90.45 -111.28
C ALA GA 239 -25.40 -89.72 -111.22
N ALA GA 240 -25.36 -88.42 -111.50
CA ALA GA 240 -26.58 -87.62 -111.45
C ALA GA 240 -27.69 -88.19 -112.33
N PRO GA 241 -27.44 -88.64 -113.56
CA PRO GA 241 -28.54 -89.17 -114.36
C PRO GA 241 -29.24 -90.34 -113.72
N LEU GA 242 -28.53 -91.20 -113.00
CA LEU GA 242 -29.21 -92.29 -112.33
C LEU GA 242 -30.16 -91.77 -111.25
N GLN GA 243 -29.72 -90.78 -110.48
CA GLN GA 243 -30.59 -90.25 -109.44
C GLN GA 243 -31.76 -89.49 -110.04
N TYR GA 244 -31.60 -88.95 -111.24
CA TYR GA 244 -32.70 -88.28 -111.90
C TYR GA 244 -33.69 -89.27 -112.50
N LEU GA 245 -33.21 -90.44 -112.93
CA LEU GA 245 -34.09 -91.44 -113.54
C LEU GA 245 -34.69 -92.40 -112.55
N ALA GA 246 -34.15 -92.52 -111.34
CA ALA GA 246 -34.66 -93.53 -110.43
C ALA GA 246 -36.15 -93.37 -110.16
N PRO GA 247 -36.67 -92.17 -109.89
CA PRO GA 247 -38.11 -92.06 -109.66
C PRO GA 247 -38.94 -92.55 -110.82
N TYR GA 248 -38.50 -92.34 -112.05
CA TYR GA 248 -39.28 -92.78 -113.19
C TYR GA 248 -39.21 -94.28 -113.37
N SER GA 249 -38.05 -94.88 -113.06
CA SER GA 249 -37.97 -96.34 -113.05
C SER GA 249 -38.94 -96.92 -112.03
N GLY GA 250 -38.96 -96.36 -110.83
CA GLY GA 250 -39.90 -96.85 -109.83
C GLY GA 250 -41.33 -96.64 -110.26
N CYS GA 251 -41.64 -95.47 -110.82
CA CYS GA 251 -43.01 -95.19 -111.22
C CYS GA 251 -43.46 -96.13 -112.31
N SER GA 252 -42.56 -96.53 -113.21
CA SER GA 252 -42.97 -97.47 -114.25
C SER GA 252 -43.13 -98.87 -113.69
N MET GA 253 -42.24 -99.28 -112.78
CA MET GA 253 -42.44 -100.56 -112.11
C MET GA 253 -43.79 -100.60 -111.42
N GLY GA 254 -44.27 -99.47 -110.92
CA GLY GA 254 -45.58 -99.43 -110.31
C GLY GA 254 -46.72 -99.31 -111.30
N GLU GA 255 -46.50 -98.61 -112.40
CA GLU GA 255 -47.51 -98.55 -113.46
C GLU GA 255 -47.77 -99.93 -114.02
N TYR GA 256 -46.78 -100.83 -113.93
CA TYR GA 256 -47.06 -102.22 -114.28
C TYR GA 256 -48.20 -102.78 -113.43
N PHE GA 257 -48.00 -102.83 -112.12
CA PHE GA 257 -49.04 -103.35 -111.24
C PHE GA 257 -50.34 -102.60 -111.39
N ARG GA 258 -50.28 -101.31 -111.69
CA ARG GA 258 -51.51 -100.56 -111.87
C ARG GA 258 -52.26 -101.04 -113.11
N ASP GA 259 -51.55 -101.30 -114.20
CA ASP GA 259 -52.21 -101.66 -115.44
C ASP GA 259 -52.66 -103.11 -115.46
N ASN GA 260 -52.42 -103.88 -114.41
CA ASN GA 260 -52.84 -105.27 -114.34
C ASN GA 260 -53.77 -105.50 -113.15
N GLY GA 261 -54.58 -104.51 -112.80
CA GLY GA 261 -55.59 -104.71 -111.79
C GLY GA 261 -55.07 -104.91 -110.40
N LYS GA 262 -53.77 -104.75 -110.17
CA LYS GA 262 -53.20 -104.84 -108.84
C LYS GA 262 -52.99 -103.44 -108.29
N HIS GA 263 -52.76 -103.37 -106.98
CA HIS GA 263 -52.60 -102.11 -106.28
C HIS GA 263 -51.16 -101.96 -105.82
N ALA GA 264 -50.54 -100.85 -106.18
CA ALA GA 264 -49.16 -100.60 -105.82
C ALA GA 264 -49.06 -99.31 -105.01
N LEU GA 265 -48.02 -99.24 -104.20
CA LEU GA 265 -47.63 -98.04 -103.46
C LEU GA 265 -46.18 -97.75 -103.80
N ILE GA 266 -45.86 -96.49 -104.05
CA ILE GA 266 -44.49 -96.10 -104.39
C ILE GA 266 -44.10 -94.91 -103.55
N ILE GA 267 -42.88 -94.94 -103.04
CA ILE GA 267 -42.41 -93.96 -102.06
C ILE GA 267 -41.10 -93.39 -102.57
N TYR GA 268 -41.11 -92.17 -103.08
CA TYR GA 268 -39.91 -91.49 -103.51
C TYR GA 268 -39.29 -90.78 -102.31
N ASP GA 269 -37.99 -90.98 -102.09
CA ASP GA 269 -37.36 -90.49 -100.86
C ASP GA 269 -35.91 -90.14 -101.16
N ASP GA 270 -35.57 -88.86 -101.35
CA ASP GA 270 -36.47 -87.71 -101.40
C ASP GA 270 -36.64 -87.27 -102.83
N LEU GA 271 -37.62 -86.42 -103.09
CA LEU GA 271 -37.73 -85.77 -104.38
C LEU GA 271 -36.87 -84.52 -104.47
N SER GA 272 -36.53 -83.92 -103.33
CA SER GA 272 -35.65 -82.77 -103.31
C SER GA 272 -34.24 -83.13 -103.75
N LYS GA 273 -33.91 -84.41 -103.84
CA LYS GA 273 -32.61 -84.83 -104.37
C LYS GA 273 -32.68 -85.23 -105.83
N GLN GA 274 -33.84 -85.70 -106.29
CA GLN GA 274 -34.02 -85.80 -107.73
C GLN GA 274 -33.94 -84.44 -108.37
N ALA GA 275 -34.49 -83.42 -107.71
CA ALA GA 275 -34.39 -82.07 -108.26
C ALA GA 275 -32.94 -81.61 -108.34
N VAL GA 276 -32.14 -81.92 -107.33
CA VAL GA 276 -30.74 -81.54 -107.34
C VAL GA 276 -29.99 -82.26 -108.45
N ALA GA 277 -30.25 -83.55 -108.62
CA ALA GA 277 -29.61 -84.28 -109.71
C ALA GA 277 -29.99 -83.68 -111.05
N TYR GA 278 -31.26 -83.33 -111.22
CA TYR GA 278 -31.68 -82.72 -112.46
C TYR GA 278 -30.98 -81.39 -112.69
N ARG GA 279 -30.85 -80.59 -111.65
CA ARG GA 279 -30.14 -79.32 -111.80
C ARG GA 279 -28.72 -79.54 -112.25
N GLN GA 280 -28.02 -80.50 -111.63
CA GLN GA 280 -26.66 -80.76 -112.05
C GLN GA 280 -26.61 -81.14 -113.52
N MET GA 281 -27.48 -82.06 -113.93
CA MET GA 281 -27.52 -82.48 -115.33
C MET GA 281 -27.70 -81.28 -116.26
N SER GA 282 -28.72 -80.47 -115.99
CA SER GA 282 -29.01 -79.36 -116.88
C SER GA 282 -27.85 -78.38 -116.93
N LEU GA 283 -27.28 -78.04 -115.78
CA LEU GA 283 -26.18 -77.08 -115.78
C LEU GA 283 -24.97 -77.61 -116.51
N LEU GA 284 -24.77 -78.93 -116.51
CA LEU GA 284 -23.64 -79.49 -117.22
C LEU GA 284 -23.90 -79.66 -118.71
N LEU GA 285 -25.15 -79.53 -119.16
CA LEU GA 285 -25.47 -79.43 -120.57
C LEU GA 285 -25.55 -77.99 -121.04
N ARG GA 286 -25.11 -77.04 -120.21
CA ARG GA 286 -25.10 -75.62 -120.53
C ARG GA 286 -26.50 -75.07 -120.74
N ARG GA 287 -27.51 -75.71 -120.18
CA ARG GA 287 -28.85 -75.14 -120.24
C ARG GA 287 -28.94 -73.98 -119.24
N PRO GA 288 -29.57 -72.88 -119.62
CA PRO GA 288 -29.61 -71.73 -118.72
C PRO GA 288 -30.31 -72.08 -117.42
N PRO GA 289 -29.84 -71.54 -116.30
CA PRO GA 289 -30.49 -71.81 -115.01
C PRO GA 289 -31.77 -70.99 -114.85
N GLY GA 290 -32.35 -71.11 -113.66
CA GLY GA 290 -33.53 -70.36 -113.29
C GLY GA 290 -33.46 -69.91 -111.85
N ARG GA 291 -34.48 -70.23 -111.06
CA ARG GA 291 -34.44 -69.91 -109.64
C ARG GA 291 -33.47 -70.83 -108.92
N GLU GA 292 -32.64 -70.27 -108.07
CA GLU GA 292 -31.67 -71.03 -107.30
C GLU GA 292 -30.84 -71.95 -108.19
N ALA GA 293 -30.73 -71.63 -109.47
CA ALA GA 293 -30.04 -72.39 -110.49
C ALA GA 293 -30.84 -73.61 -110.94
N TYR GA 294 -31.98 -73.89 -110.35
CA TYR GA 294 -32.79 -75.00 -110.83
C TYR GA 294 -33.22 -74.72 -112.26
N PRO GA 295 -33.22 -75.72 -113.14
CA PRO GA 295 -33.62 -75.48 -114.52
C PRO GA 295 -35.03 -74.90 -114.56
N GLY GA 296 -35.34 -74.25 -115.68
CA GLY GA 296 -36.59 -73.54 -115.77
C GLY GA 296 -37.80 -74.42 -115.57
N ASP GA 297 -37.67 -75.71 -115.87
CA ASP GA 297 -38.80 -76.63 -115.91
C ASP GA 297 -38.71 -77.69 -114.82
N VAL GA 298 -38.33 -77.29 -113.61
CA VAL GA 298 -38.28 -78.24 -112.51
C VAL GA 298 -39.64 -78.50 -111.90
N PHE GA 299 -40.67 -77.76 -112.29
CA PHE GA 299 -42.01 -78.12 -111.88
C PHE GA 299 -42.53 -79.28 -112.71
N TYR GA 300 -42.43 -79.16 -114.03
CA TYR GA 300 -42.85 -80.24 -114.90
C TYR GA 300 -42.16 -81.54 -114.53
N LEU GA 301 -40.92 -81.46 -114.08
CA LEU GA 301 -40.18 -82.67 -113.72
C LEU GA 301 -40.93 -83.51 -112.72
N HIS GA 302 -41.51 -82.87 -111.71
CA HIS GA 302 -42.23 -83.59 -110.67
C HIS GA 302 -43.70 -83.78 -111.01
N SER GA 303 -44.30 -82.84 -111.73
CA SER GA 303 -45.69 -83.00 -112.09
C SER GA 303 -45.88 -84.22 -112.97
N ARG GA 304 -45.01 -84.40 -113.97
CA ARG GA 304 -45.17 -85.53 -114.87
C ARG GA 304 -44.89 -86.85 -114.18
N LEU GA 305 -44.25 -86.82 -113.02
CA LEU GA 305 -43.98 -88.03 -112.24
C LEU GA 305 -45.12 -88.35 -111.31
N LEU GA 306 -45.62 -87.36 -110.59
CA LEU GA 306 -46.70 -87.59 -109.64
C LEU GA 306 -48.04 -87.77 -110.32
N GLU GA 307 -48.22 -87.25 -111.53
CA GLU GA 307 -49.49 -87.44 -112.20
C GLU GA 307 -49.74 -88.89 -112.59
N ARG GA 308 -48.73 -89.74 -112.52
CA ARG GA 308 -48.91 -91.15 -112.85
C ARG GA 308 -49.54 -91.95 -111.73
N ALA GA 309 -49.62 -91.41 -110.53
CA ALA GA 309 -50.30 -92.06 -109.42
C ALA GA 309 -51.79 -91.87 -109.61
N ALA GA 310 -52.47 -92.91 -110.08
CA ALA GA 310 -53.87 -92.83 -110.47
C ALA GA 310 -54.63 -94.01 -109.90
N LYS GA 311 -55.94 -94.01 -110.14
CA LYS GA 311 -56.83 -95.08 -109.68
C LYS GA 311 -57.71 -95.44 -110.87
N MET GA 312 -57.36 -96.51 -111.58
CA MET GA 312 -58.03 -96.81 -112.83
C MET GA 312 -59.46 -97.29 -112.58
N ASN GA 313 -60.34 -97.01 -113.52
CA ASN GA 313 -61.72 -97.48 -113.43
C ASN GA 313 -61.74 -98.99 -113.63
N ASP GA 314 -62.93 -99.56 -113.57
CA ASP GA 314 -63.07 -101.01 -113.69
C ASP GA 314 -62.97 -101.48 -115.13
N ALA GA 315 -63.14 -100.61 -116.10
CA ALA GA 315 -62.92 -100.97 -117.50
C ALA GA 315 -61.44 -101.02 -117.84
N PHE GA 316 -60.57 -100.49 -116.97
CA PHE GA 316 -59.13 -100.54 -117.18
C PHE GA 316 -58.44 -101.44 -116.16
N GLY GA 317 -59.18 -102.34 -115.54
CA GLY GA 317 -58.63 -103.30 -114.62
C GLY GA 317 -58.87 -102.99 -113.15
N GLY GA 318 -59.11 -101.74 -112.81
CA GLY GA 318 -59.32 -101.37 -111.43
C GLY GA 318 -58.05 -101.27 -110.62
N GLY GA 319 -56.90 -101.22 -111.27
CA GLY GA 319 -55.64 -101.14 -110.57
C GLY GA 319 -55.52 -99.86 -109.78
N SER GA 320 -54.31 -99.52 -109.37
CA SER GA 320 -54.12 -98.37 -108.49
C SER GA 320 -52.64 -98.19 -108.24
N LEU GA 321 -52.22 -96.93 -108.10
CA LEU GA 321 -50.84 -96.61 -107.76
C LEU GA 321 -50.87 -95.41 -106.83
N THR GA 322 -50.65 -95.66 -105.55
CA THR GA 322 -50.50 -94.58 -104.58
C THR GA 322 -49.06 -94.09 -104.62
N ALA GA 323 -48.88 -92.80 -104.43
CA ALA GA 323 -47.55 -92.21 -104.37
C ALA GA 323 -47.41 -91.47 -103.06
N LEU GA 324 -46.24 -91.57 -102.45
CA LEU GA 324 -45.94 -90.89 -101.18
C LEU GA 324 -44.61 -90.18 -101.30
N PRO GA 325 -44.53 -89.13 -102.10
CA PRO GA 325 -43.29 -88.39 -102.21
C PRO GA 325 -42.86 -87.84 -100.86
N VAL GA 326 -41.55 -87.78 -100.64
CA VAL GA 326 -41.00 -87.25 -99.41
C VAL GA 326 -40.14 -86.06 -99.78
N ILE GA 327 -40.49 -84.89 -99.25
CA ILE GA 327 -39.73 -83.67 -99.44
C ILE GA 327 -39.07 -83.31 -98.12
N GLU GA 328 -37.98 -82.57 -98.19
CA GLU GA 328 -37.24 -82.12 -97.03
C GLU GA 328 -37.10 -80.62 -97.09
N THR GA 329 -37.82 -79.92 -96.22
CA THR GA 329 -37.68 -78.48 -96.07
C THR GA 329 -36.41 -78.18 -95.29
N GLN GA 330 -35.98 -76.93 -95.32
CA GLN GA 330 -34.70 -76.58 -94.73
C GLN GA 330 -34.81 -76.21 -93.25
N ALA GA 331 -35.58 -75.18 -92.94
CA ALA GA 331 -35.80 -74.76 -91.57
C ALA GA 331 -37.28 -74.62 -91.30
N GLY GA 332 -38.04 -75.64 -91.68
CA GLY GA 332 -39.48 -75.48 -91.72
C GLY GA 332 -39.94 -74.54 -92.80
N ASP GA 333 -39.02 -74.05 -93.63
CA ASP GA 333 -39.36 -73.12 -94.70
C ASP GA 333 -40.08 -73.89 -95.80
N VAL GA 334 -41.32 -74.30 -95.51
CA VAL GA 334 -42.14 -74.98 -96.48
C VAL GA 334 -42.48 -74.09 -97.66
N SER GA 335 -42.13 -72.80 -97.61
CA SER GA 335 -42.37 -71.87 -98.70
C SER GA 335 -41.16 -71.70 -99.60
N ALA GA 336 -40.31 -72.71 -99.69
CA ALA GA 336 -39.15 -72.65 -100.57
C ALA GA 336 -39.61 -72.88 -102.00
N TYR GA 337 -38.67 -73.14 -102.90
CA TYR GA 337 -39.03 -73.27 -104.31
C TYR GA 337 -39.58 -74.66 -104.61
N ILE GA 338 -38.84 -75.71 -104.29
CA ILE GA 338 -39.24 -77.06 -104.66
C ILE GA 338 -40.33 -77.58 -103.73
N PRO GA 339 -40.26 -77.34 -102.42
CA PRO GA 339 -41.41 -77.69 -101.59
C PRO GA 339 -42.69 -77.03 -102.05
N THR GA 340 -42.64 -75.79 -102.49
CA THR GA 340 -43.83 -75.14 -103.02
C THR GA 340 -44.24 -75.73 -104.36
N ASN GA 341 -43.27 -76.13 -105.17
CA ASN GA 341 -43.60 -76.78 -106.44
C ASN GA 341 -44.39 -78.05 -106.19
N VAL GA 342 -43.99 -78.83 -105.20
CA VAL GA 342 -44.62 -80.13 -105.00
C VAL GA 342 -45.88 -80.03 -104.15
N ILE GA 343 -45.99 -79.01 -103.30
CA ILE GA 343 -47.15 -78.93 -102.43
C ILE GA 343 -48.41 -78.70 -103.24
N SER GA 344 -48.28 -78.08 -104.41
CA SER GA 344 -49.43 -77.82 -105.27
C SER GA 344 -49.63 -78.91 -106.30
N ILE GA 345 -48.74 -79.88 -106.38
CA ILE GA 345 -48.93 -80.99 -107.31
C ILE GA 345 -49.66 -82.15 -106.65
N THR GA 346 -49.51 -82.31 -105.36
CA THR GA 346 -50.10 -83.43 -104.65
C THR GA 346 -51.48 -83.02 -104.13
N ASP GA 347 -52.19 -83.98 -103.54
CA ASP GA 347 -53.50 -83.76 -102.96
C ASP GA 347 -53.45 -84.27 -101.54
N GLY GA 348 -53.00 -83.41 -100.63
CA GLY GA 348 -52.80 -83.78 -99.26
C GLY GA 348 -51.36 -83.57 -98.87
N GLN GA 349 -51.09 -83.52 -97.58
CA GLN GA 349 -49.72 -83.36 -97.11
C GLN GA 349 -49.63 -83.60 -95.63
N ILE GA 350 -48.63 -84.36 -95.22
CA ILE GA 350 -48.37 -84.66 -93.82
C ILE GA 350 -47.21 -83.80 -93.38
N PHE GA 351 -47.46 -82.89 -92.45
CA PHE GA 351 -46.47 -81.91 -92.04
C PHE GA 351 -45.77 -82.41 -90.79
N LEU GA 352 -44.52 -82.84 -90.95
CA LEU GA 352 -43.71 -83.27 -89.82
C LEU GA 352 -43.01 -82.04 -89.27
N GLU GA 353 -43.40 -81.60 -88.09
CA GLU GA 353 -42.77 -80.45 -87.44
C GLU GA 353 -41.70 -80.92 -86.48
N THR GA 354 -40.56 -80.24 -86.51
CA THR GA 354 -39.41 -80.69 -85.73
C THR GA 354 -39.45 -80.22 -84.29
N GLU GA 355 -40.48 -79.48 -83.88
CA GLU GA 355 -40.66 -79.12 -82.50
C GLU GA 355 -41.82 -79.84 -81.84
N LEU GA 356 -42.81 -80.29 -82.61
CA LEU GA 356 -43.68 -81.36 -82.13
C LEU GA 356 -42.87 -82.61 -81.84
N PHE GA 357 -41.72 -82.75 -82.50
CA PHE GA 357 -40.94 -83.97 -82.36
C PHE GA 357 -40.17 -84.01 -81.05
N TYR GA 358 -39.80 -82.86 -80.51
CA TYR GA 358 -39.14 -82.82 -79.22
C TYR GA 358 -40.13 -82.67 -78.09
N LYS GA 359 -41.14 -81.83 -78.25
CA LYS GA 359 -42.16 -81.67 -77.23
C LYS GA 359 -42.80 -83.00 -76.84
N GLY GA 360 -42.52 -84.07 -77.57
CA GLY GA 360 -42.99 -85.37 -77.15
C GLY GA 360 -43.76 -86.09 -78.23
N ILE GA 361 -44.42 -85.33 -79.10
CA ILE GA 361 -45.28 -85.94 -80.11
C ILE GA 361 -44.41 -86.65 -81.12
N ARG GA 362 -44.45 -87.99 -81.12
CA ARG GA 362 -43.90 -88.78 -82.20
C ARG GA 362 -44.95 -89.80 -82.63
N PRO GA 363 -45.28 -89.90 -83.93
CA PRO GA 363 -44.79 -89.14 -85.07
C PRO GA 363 -45.19 -87.68 -85.01
N ALA GA 364 -44.37 -86.81 -85.56
CA ALA GA 364 -44.53 -85.39 -85.38
C ALA GA 364 -45.65 -84.81 -86.15
N ILE GA 365 -46.54 -85.59 -86.74
CA ILE GA 365 -47.56 -85.06 -87.64
C ILE GA 365 -48.21 -83.83 -87.02
N ASN GA 366 -48.18 -82.73 -87.75
CA ASN GA 366 -48.73 -81.47 -87.26
C ASN GA 366 -50.16 -81.36 -87.76
N VAL GA 367 -51.07 -82.01 -87.04
CA VAL GA 367 -52.47 -81.96 -87.42
C VAL GA 367 -52.90 -80.50 -87.45
N GLY GA 368 -53.89 -80.20 -88.28
CA GLY GA 368 -54.30 -78.82 -88.46
C GLY GA 368 -53.64 -78.23 -89.68
N LEU GA 369 -52.35 -78.52 -89.85
CA LEU GA 369 -51.66 -78.19 -91.09
C LEU GA 369 -51.57 -79.37 -92.04
N SER GA 370 -51.77 -80.59 -91.56
CA SER GA 370 -51.86 -81.74 -92.43
C SER GA 370 -53.27 -81.86 -92.98
N VAL GA 371 -53.39 -82.01 -94.30
CA VAL GA 371 -54.67 -82.10 -94.96
C VAL GA 371 -54.65 -83.31 -95.87
N SER GA 372 -55.84 -83.77 -96.22
CA SER GA 372 -56.00 -84.85 -97.20
C SER GA 372 -57.19 -84.48 -98.07
N ARG GA 373 -56.90 -83.89 -99.24
CA ARG GA 373 -57.97 -83.39 -100.09
C ARG GA 373 -58.96 -84.48 -100.45
N VAL GA 374 -58.50 -85.73 -100.53
CA VAL GA 374 -59.45 -86.83 -100.69
C VAL GA 374 -60.37 -86.93 -99.49
N GLY GA 375 -59.81 -86.82 -98.30
CA GLY GA 375 -60.63 -86.68 -97.11
C GLY GA 375 -61.38 -87.95 -96.74
N SER GA 376 -62.40 -87.77 -95.91
CA SER GA 376 -63.14 -88.89 -95.36
C SER GA 376 -63.65 -89.84 -96.43
N ALA GA 377 -63.67 -89.41 -97.69
CA ALA GA 377 -64.14 -90.30 -98.74
C ALA GA 377 -63.32 -91.58 -98.82
N ALA GA 378 -62.10 -91.58 -98.29
CA ALA GA 378 -61.19 -92.70 -98.39
C ALA GA 378 -60.89 -93.29 -97.02
N GLN GA 379 -61.92 -93.46 -96.20
CA GLN GA 379 -61.77 -93.94 -94.85
C GLN GA 379 -62.75 -95.07 -94.61
N THR GA 380 -62.49 -95.82 -93.54
CA THR GA 380 -63.37 -96.92 -93.16
C THR GA 380 -64.50 -96.38 -92.30
N ARG GA 381 -65.65 -97.05 -92.37
CA ARG GA 381 -66.83 -96.53 -91.69
C ARG GA 381 -66.62 -96.41 -90.19
N ALA GA 382 -66.01 -97.42 -89.57
CA ALA GA 382 -65.73 -97.35 -88.14
C ALA GA 382 -64.79 -96.20 -87.82
N MET GA 383 -63.71 -96.09 -88.61
CA MET GA 383 -62.79 -95.00 -88.41
C MET GA 383 -63.45 -93.67 -88.69
N LYS GA 384 -64.33 -93.60 -89.70
CA LYS GA 384 -65.10 -92.38 -89.90
C LYS GA 384 -65.83 -92.01 -88.63
N GLN GA 385 -66.51 -92.99 -88.02
CA GLN GA 385 -67.32 -92.72 -86.85
C GLN GA 385 -66.49 -92.13 -85.73
N VAL GA 386 -65.38 -92.79 -85.37
CA VAL GA 386 -64.60 -92.30 -84.25
C VAL GA 386 -63.88 -91.00 -84.60
N ALA GA 387 -63.29 -90.93 -85.80
CA ALA GA 387 -62.54 -89.75 -86.19
C ALA GA 387 -63.41 -88.52 -86.27
N GLY GA 388 -64.68 -88.67 -86.61
CA GLY GA 388 -65.55 -87.49 -86.66
C GLY GA 388 -65.53 -86.74 -85.36
N THR GA 389 -65.64 -87.45 -84.24
CA THR GA 389 -65.58 -86.81 -82.94
C THR GA 389 -64.15 -86.43 -82.57
N MET GA 390 -63.19 -87.31 -82.85
CA MET GA 390 -61.83 -87.08 -82.37
C MET GA 390 -61.22 -85.85 -83.01
N LYS GA 391 -61.37 -85.71 -84.33
CA LYS GA 391 -60.81 -84.56 -85.02
C LYS GA 391 -61.41 -83.27 -84.49
N LEU GA 392 -62.72 -83.26 -84.25
CA LEU GA 392 -63.37 -82.06 -83.75
C LEU GA 392 -62.88 -81.72 -82.36
N GLU GA 393 -62.77 -82.71 -81.49
CA GLU GA 393 -62.30 -82.44 -80.13
C GLU GA 393 -60.88 -81.91 -80.15
N LEU GA 394 -60.02 -82.48 -80.98
CA LEU GA 394 -58.66 -81.96 -81.11
C LEU GA 394 -58.66 -80.55 -81.67
N ALA GA 395 -59.55 -80.28 -82.63
CA ALA GA 395 -59.62 -78.95 -83.22
C ALA GA 395 -59.98 -77.91 -82.18
N GLN GA 396 -60.91 -78.24 -81.29
CA GLN GA 396 -61.27 -77.32 -80.21
C GLN GA 396 -60.14 -77.18 -79.22
N TYR GA 397 -59.51 -78.30 -78.83
CA TYR GA 397 -58.44 -78.24 -77.85
C TYR GA 397 -57.24 -77.48 -78.38
N ARG GA 398 -57.08 -77.41 -79.69
CA ARG GA 398 -55.89 -76.75 -80.25
C ARG GA 398 -55.96 -75.25 -80.15
N GLU GA 399 -57.13 -74.67 -79.90
CA GLU GA 399 -57.26 -73.22 -79.76
C GLU GA 399 -57.34 -72.78 -78.31
N VAL GA 400 -57.30 -73.71 -77.36
CA VAL GA 400 -57.25 -73.36 -75.94
C VAL GA 400 -56.08 -74.09 -75.29
N ALA GA 401 -55.04 -74.38 -76.08
CA ALA GA 401 -53.91 -75.12 -75.55
C ALA GA 401 -53.00 -74.27 -74.69
N ALA GA 402 -52.91 -72.96 -74.97
CA ALA GA 402 -51.99 -72.09 -74.24
C ALA GA 402 -52.68 -71.55 -72.98
N PHE GA 403 -52.82 -72.44 -72.01
CA PHE GA 403 -53.41 -72.09 -70.73
C PHE GA 403 -52.40 -72.38 -69.62
N ASP GA 411 -61.71 -72.60 -65.23
CA ASP GA 411 -63.06 -73.06 -65.55
C ASP GA 411 -63.18 -74.58 -65.36
N ALA GA 412 -64.37 -75.10 -65.59
CA ALA GA 412 -64.65 -76.53 -65.46
C ALA GA 412 -64.87 -77.21 -66.80
N ALA GA 413 -65.76 -76.66 -67.64
CA ALA GA 413 -65.98 -77.26 -68.95
C ALA GA 413 -64.72 -77.22 -69.79
N THR GA 414 -64.07 -76.06 -69.85
CA THR GA 414 -62.85 -75.96 -70.64
C THR GA 414 -61.72 -76.76 -70.02
N GLN GA 415 -61.69 -76.88 -68.69
CA GLN GA 415 -60.68 -77.73 -68.08
C GLN GA 415 -60.89 -79.18 -68.51
N GLN GA 416 -62.15 -79.62 -68.56
CA GLN GA 416 -62.43 -80.95 -69.07
C GLN GA 416 -62.01 -81.08 -70.51
N LEU GA 417 -62.22 -80.03 -71.30
CA LEU GA 417 -61.83 -80.05 -72.70
C LEU GA 417 -60.34 -80.22 -72.86
N LEU GA 418 -59.54 -79.46 -72.11
CA LEU GA 418 -58.10 -79.61 -72.17
C LEU GA 418 -57.66 -80.99 -71.69
N SER GA 419 -58.27 -81.49 -70.63
CA SER GA 419 -57.92 -82.83 -70.18
C SER GA 419 -58.14 -83.84 -71.29
N ARG GA 420 -59.31 -83.79 -71.93
CA ARG GA 420 -59.61 -84.73 -72.99
C ARG GA 420 -58.65 -84.57 -74.15
N GLY GA 421 -58.32 -83.33 -74.51
CA GLY GA 421 -57.39 -83.10 -75.60
C GLY GA 421 -56.02 -83.69 -75.31
N VAL GA 422 -55.52 -83.52 -74.09
CA VAL GA 422 -54.23 -84.10 -73.75
C VAL GA 422 -54.33 -85.63 -73.78
N ARG GA 423 -55.46 -86.17 -73.35
CA ARG GA 423 -55.65 -87.61 -73.42
C ARG GA 423 -55.54 -88.11 -74.86
N LEU GA 424 -56.24 -87.44 -75.78
CA LEU GA 424 -56.18 -87.83 -77.18
C LEU GA 424 -54.76 -87.70 -77.72
N THR GA 425 -54.10 -86.59 -77.40
CA THR GA 425 -52.75 -86.37 -77.93
C THR GA 425 -51.80 -87.45 -77.45
N GLU GA 426 -51.90 -87.84 -76.19
CA GLU GA 426 -51.08 -88.95 -75.72
C GLU GA 426 -51.50 -90.27 -76.34
N LEU GA 427 -52.75 -90.37 -76.79
CA LEU GA 427 -53.18 -91.55 -77.53
C LEU GA 427 -52.66 -91.59 -78.95
N LEU GA 428 -52.36 -90.45 -79.55
CA LEU GA 428 -51.88 -90.43 -80.93
C LEU GA 428 -50.40 -90.75 -81.06
N LYS GA 429 -49.65 -90.71 -79.98
CA LYS GA 429 -48.25 -91.13 -80.03
C LYS GA 429 -48.17 -92.59 -80.44
N GLN GA 430 -46.99 -93.01 -80.87
CA GLN GA 430 -46.82 -94.35 -81.39
C GLN GA 430 -45.36 -94.74 -81.27
N GLY GA 431 -45.10 -96.02 -81.41
CA GLY GA 431 -43.74 -96.52 -81.35
C GLY GA 431 -43.03 -96.27 -82.65
N GLN GA 432 -42.32 -97.27 -83.15
CA GLN GA 432 -41.61 -97.15 -84.41
C GLN GA 432 -41.44 -98.53 -85.01
N TYR GA 433 -41.76 -98.66 -86.30
CA TYR GA 433 -41.77 -99.95 -86.97
C TYR GA 433 -42.76 -100.91 -86.32
N SER GA 434 -43.82 -100.35 -85.72
CA SER GA 434 -44.87 -101.15 -85.08
C SER GA 434 -46.22 -100.59 -85.48
N PRO GA 435 -46.65 -100.83 -86.71
CA PRO GA 435 -47.98 -100.40 -87.14
C PRO GA 435 -49.07 -101.26 -86.51
N MET GA 436 -50.29 -100.74 -86.52
CA MET GA 436 -51.43 -101.44 -85.94
C MET GA 436 -52.53 -101.66 -86.96
N ALA GA 437 -53.27 -102.76 -86.79
CA ALA GA 437 -54.44 -103.01 -87.60
C ALA GA 437 -55.47 -101.92 -87.37
N ILE GA 438 -56.33 -101.72 -88.36
CA ILE GA 438 -57.33 -100.66 -88.25
C ILE GA 438 -58.27 -100.93 -87.08
N GLU GA 439 -58.59 -102.20 -86.84
CA GLU GA 439 -59.50 -102.54 -85.75
C GLU GA 439 -58.95 -102.07 -84.41
N GLU GA 440 -57.67 -102.30 -84.16
CA GLU GA 440 -57.08 -101.86 -82.89
C GLU GA 440 -57.04 -100.34 -82.80
N GLN GA 441 -56.73 -99.67 -83.91
CA GLN GA 441 -56.73 -98.22 -83.91
C GLN GA 441 -58.10 -97.67 -83.52
N VAL GA 442 -59.15 -98.20 -84.14
CA VAL GA 442 -60.49 -97.72 -83.82
C VAL GA 442 -60.87 -98.08 -82.40
N ALA GA 443 -60.45 -99.27 -81.92
CA ALA GA 443 -60.76 -99.65 -80.55
C ALA GA 443 -60.18 -98.64 -79.56
N VAL GA 444 -58.89 -98.34 -79.68
CA VAL GA 444 -58.27 -97.43 -78.72
C VAL GA 444 -58.80 -96.01 -78.90
N ILE GA 445 -59.03 -95.57 -80.13
CA ILE GA 445 -59.58 -94.24 -80.33
C ILE GA 445 -60.95 -94.12 -79.69
N TYR GA 446 -61.79 -95.15 -79.86
CA TYR GA 446 -63.10 -95.16 -79.21
C TYR GA 446 -62.95 -95.09 -77.71
N ALA GA 447 -62.08 -95.94 -77.16
CA ALA GA 447 -61.86 -95.93 -75.71
C ALA GA 447 -61.49 -94.55 -75.23
N GLY GA 448 -60.65 -93.83 -75.98
CA GLY GA 448 -60.19 -92.54 -75.52
C GLY GA 448 -61.16 -91.41 -75.78
N VAL GA 449 -62.02 -91.54 -76.78
CA VAL GA 449 -62.88 -90.44 -77.18
C VAL GA 449 -64.26 -90.51 -76.56
N ARG GA 450 -64.70 -91.68 -76.11
CA ARG GA 450 -65.97 -91.73 -75.39
C ARG GA 450 -65.83 -91.17 -73.98
N GLY GA 451 -64.62 -91.19 -73.42
CA GLY GA 451 -64.38 -90.60 -72.12
C GLY GA 451 -63.87 -91.60 -71.11
N TYR GA 452 -63.60 -92.83 -71.55
CA TYR GA 452 -63.12 -93.86 -70.64
C TYR GA 452 -61.67 -93.66 -70.25
N LEU GA 453 -61.12 -92.46 -70.47
CA LEU GA 453 -59.79 -92.13 -69.97
C LEU GA 453 -59.76 -90.72 -69.40
N ASP GA 454 -60.92 -90.13 -69.12
CA ASP GA 454 -60.96 -88.77 -68.62
C ASP GA 454 -60.42 -88.64 -67.21
N LYS GA 455 -60.16 -89.76 -66.52
CA LYS GA 455 -59.62 -89.73 -65.18
C LYS GA 455 -58.21 -90.28 -65.08
N LEU GA 456 -57.83 -91.22 -65.94
CA LEU GA 456 -56.51 -91.82 -65.85
C LEU GA 456 -55.45 -90.76 -66.09
N GLU GA 457 -54.29 -90.93 -65.46
CA GLU GA 457 -53.24 -89.94 -65.52
C GLU GA 457 -52.68 -89.84 -66.94
N PRO GA 458 -52.18 -88.66 -67.34
CA PRO GA 458 -51.61 -88.55 -68.69
C PRO GA 458 -50.46 -89.51 -68.93
N SER GA 459 -49.44 -89.46 -68.08
CA SER GA 459 -48.26 -90.28 -68.27
C SER GA 459 -48.55 -91.77 -68.26
N LYS GA 460 -49.77 -92.17 -67.89
CA LYS GA 460 -50.14 -93.57 -67.89
C LYS GA 460 -50.87 -94.00 -69.16
N ILE GA 461 -51.49 -93.07 -69.89
CA ILE GA 461 -52.15 -93.47 -71.11
C ILE GA 461 -51.16 -94.15 -72.04
N THR GA 462 -49.94 -93.61 -72.14
CA THR GA 462 -48.94 -94.20 -73.03
C THR GA 462 -48.81 -95.68 -72.77
N LYS GA 463 -48.86 -96.10 -71.51
CA LYS GA 463 -48.80 -97.52 -71.20
C LYS GA 463 -50.18 -98.16 -71.27
N PHE GA 464 -51.21 -97.47 -70.77
CA PHE GA 464 -52.55 -98.06 -70.79
C PHE GA 464 -52.88 -98.60 -72.16
N GLU GA 465 -52.85 -97.72 -73.17
CA GLU GA 465 -53.06 -98.13 -74.55
C GLU GA 465 -52.36 -99.45 -74.81
N ASN GA 466 -51.05 -99.46 -74.65
CA ASN GA 466 -50.30 -100.69 -74.90
C ASN GA 466 -50.95 -101.86 -74.21
N ALA GA 467 -51.02 -101.82 -72.88
CA ALA GA 467 -51.64 -102.91 -72.15
C ALA GA 467 -53.02 -103.21 -72.71
N PHE GA 468 -53.85 -102.19 -72.85
CA PHE GA 468 -55.21 -102.41 -73.34
C PHE GA 468 -55.18 -103.22 -74.63
N LEU GA 469 -54.34 -102.82 -75.58
CA LEU GA 469 -54.31 -103.55 -76.84
C LEU GA 469 -54.05 -105.02 -76.60
N SER GA 470 -52.98 -105.33 -75.85
CA SER GA 470 -52.69 -106.74 -75.59
C SER GA 470 -53.93 -107.45 -75.08
N HIS GA 471 -54.61 -106.84 -74.09
CA HIS GA 471 -55.77 -107.49 -73.52
C HIS GA 471 -56.75 -107.89 -74.60
N VAL GA 472 -57.14 -106.93 -75.45
CA VAL GA 472 -58.11 -107.28 -76.49
C VAL GA 472 -57.52 -108.32 -77.42
N ILE GA 473 -56.28 -108.13 -77.86
CA ILE GA 473 -55.70 -109.08 -78.80
C ILE GA 473 -55.57 -110.45 -78.17
N SER GA 474 -55.68 -110.54 -76.85
CA SER GA 474 -55.58 -111.82 -76.17
C SER GA 474 -56.92 -112.34 -75.67
N GLN GA 475 -57.96 -111.51 -75.65
CA GLN GA 475 -59.24 -111.93 -75.06
C GLN GA 475 -60.43 -111.78 -75.98
N HIS GA 476 -60.51 -110.72 -76.77
CA HIS GA 476 -61.72 -110.40 -77.53
C HIS GA 476 -61.39 -110.21 -79.00
N GLN GA 477 -60.60 -111.13 -79.54
CA GLN GA 477 -60.28 -111.07 -80.96
C GLN GA 477 -61.51 -111.23 -81.82
N ALA GA 478 -62.54 -111.91 -81.31
CA ALA GA 478 -63.77 -112.05 -82.08
C ALA GA 478 -64.41 -110.70 -82.35
N LEU GA 479 -64.39 -109.81 -81.37
CA LEU GA 479 -64.93 -108.47 -81.56
C LEU GA 479 -64.16 -107.72 -82.65
N LEU GA 480 -62.83 -107.78 -82.59
CA LEU GA 480 -62.03 -107.09 -83.59
C LEU GA 480 -62.27 -107.65 -84.98
N GLY GA 481 -62.35 -108.98 -85.10
CA GLY GA 481 -62.66 -109.57 -86.37
C GLY GA 481 -64.01 -109.14 -86.89
N LYS GA 482 -65.00 -109.04 -86.00
CA LYS GA 482 -66.33 -108.60 -86.41
C LYS GA 482 -66.29 -107.15 -86.90
N ILE GA 483 -65.59 -106.28 -86.18
CA ILE GA 483 -65.51 -104.88 -86.59
C ILE GA 483 -64.81 -104.78 -87.93
N ARG GA 484 -63.73 -105.54 -88.12
CA ARG GA 484 -62.95 -105.45 -89.34
C ARG GA 484 -63.76 -105.96 -90.53
N THR GA 485 -64.35 -107.15 -90.41
CA THR GA 485 -65.12 -107.69 -91.53
C THR GA 485 -66.34 -106.81 -91.83
N ASP GA 486 -67.13 -106.51 -90.81
CA ASP GA 486 -68.31 -105.68 -91.00
C ASP GA 486 -67.93 -104.29 -91.51
N GLY GA 487 -66.70 -103.87 -91.31
CA GLY GA 487 -66.27 -102.53 -91.69
C GLY GA 487 -66.71 -101.47 -90.71
N LYS GA 488 -67.98 -101.48 -90.32
CA LYS GA 488 -68.55 -100.49 -89.42
C LYS GA 488 -68.69 -101.08 -88.03
N ILE GA 489 -68.89 -100.19 -87.06
CA ILE GA 489 -69.05 -100.57 -85.66
C ILE GA 489 -70.54 -100.72 -85.39
N SER GA 490 -70.99 -101.96 -85.26
CA SER GA 490 -72.41 -102.21 -85.04
C SER GA 490 -72.78 -101.98 -83.58
N GLU GA 491 -74.08 -101.81 -83.34
CA GLU GA 491 -74.54 -101.45 -82.00
C GLU GA 491 -74.17 -102.53 -80.99
N GLU GA 492 -74.35 -103.80 -81.35
CA GLU GA 492 -73.89 -104.87 -80.48
C GLU GA 492 -72.37 -104.82 -80.32
N SER GA 493 -71.66 -104.52 -81.41
CA SER GA 493 -70.22 -104.36 -81.31
C SER GA 493 -69.86 -103.16 -80.43
N ASP GA 494 -70.64 -102.08 -80.55
CA ASP GA 494 -70.39 -100.92 -79.71
C ASP GA 494 -70.58 -101.27 -78.24
N ALA GA 495 -71.63 -102.03 -77.92
CA ALA GA 495 -71.87 -102.43 -76.54
C ALA GA 495 -70.75 -103.35 -76.04
N LYS GA 496 -70.31 -104.27 -76.88
CA LYS GA 496 -69.20 -105.14 -76.49
C LYS GA 496 -67.96 -104.34 -76.19
N LEU GA 497 -67.66 -103.34 -77.03
CA LEU GA 497 -66.52 -102.48 -76.79
C LEU GA 497 -66.70 -101.69 -75.50
N LYS GA 498 -67.90 -101.19 -75.25
CA LYS GA 498 -68.15 -100.46 -74.00
C LYS GA 498 -67.86 -101.33 -72.80
N GLU GA 499 -68.40 -102.56 -72.81
CA GLU GA 499 -68.14 -103.49 -71.72
C GLU GA 499 -66.65 -103.71 -71.55
N ILE GA 500 -65.95 -104.01 -72.65
CA ILE GA 500 -64.53 -104.36 -72.56
C ILE GA 500 -63.73 -103.18 -72.01
N VAL GA 501 -64.03 -101.97 -72.50
CA VAL GA 501 -63.27 -100.81 -72.08
C VAL GA 501 -63.47 -100.56 -70.60
N THR GA 502 -64.73 -100.60 -70.14
CA THR GA 502 -64.98 -100.36 -68.73
C THR GA 502 -64.33 -101.43 -67.87
N ASN GA 503 -64.42 -102.69 -68.30
CA ASN GA 503 -63.83 -103.77 -67.52
C ASN GA 503 -62.32 -103.60 -67.39
N PHE GA 504 -61.64 -103.35 -68.50
CA PHE GA 504 -60.19 -103.18 -68.42
C PHE GA 504 -59.84 -101.95 -67.61
N LEU GA 505 -60.60 -100.87 -67.75
CA LEU GA 505 -60.34 -99.66 -66.98
C LEU GA 505 -60.42 -99.94 -65.49
N ALA GA 506 -61.47 -100.64 -65.07
CA ALA GA 506 -61.65 -100.89 -63.64
C ALA GA 506 -60.50 -101.73 -63.09
N GLY GA 507 -60.05 -102.73 -63.84
CA GLY GA 507 -59.02 -103.62 -63.38
C GLY GA 507 -57.62 -103.21 -63.78
N PHE GA 508 -57.45 -101.96 -64.20
CA PHE GA 508 -56.15 -101.43 -64.59
C PHE GA 508 -55.55 -100.50 -63.54
N GLU GA 509 -56.37 -99.63 -62.95
CA GLU GA 509 -55.89 -98.68 -61.96
C GLU GA 509 -54.70 -97.89 -62.48
N THR HA 13 -45.53 -75.90 -147.66
CA THR HA 13 -44.11 -76.02 -147.35
C THR HA 13 -43.83 -77.31 -146.60
N THR HA 14 -42.54 -77.60 -146.38
CA THR HA 14 -42.15 -78.78 -145.62
C THR HA 14 -40.72 -78.60 -145.17
N GLY HA 15 -40.52 -78.53 -143.85
CA GLY HA 15 -39.19 -78.42 -143.28
C GLY HA 15 -38.75 -79.72 -142.65
N ARG HA 16 -37.56 -79.68 -142.06
CA ARG HA 16 -37.02 -80.84 -141.37
C ARG HA 16 -36.49 -80.40 -140.01
N ILE HA 17 -36.84 -81.15 -138.98
CA ILE HA 17 -36.31 -80.85 -137.65
C ILE HA 17 -34.81 -80.80 -137.69
N VAL HA 18 -34.22 -79.86 -136.98
CA VAL HA 18 -32.77 -79.73 -136.96
C VAL HA 18 -32.24 -79.81 -135.55
N ALA HA 19 -33.06 -79.46 -134.55
CA ALA HA 19 -32.58 -79.57 -133.18
C ALA HA 19 -33.74 -79.79 -132.24
N VAL HA 20 -33.49 -80.55 -131.17
CA VAL HA 20 -34.48 -80.82 -130.14
C VAL HA 20 -33.81 -80.59 -128.80
N ILE HA 21 -34.37 -79.70 -127.99
CA ILE HA 21 -33.83 -79.42 -126.67
C ILE HA 21 -35.03 -79.23 -125.75
N GLY HA 22 -35.26 -80.17 -124.86
CA GLY HA 22 -36.44 -80.08 -124.01
C GLY HA 22 -37.68 -80.07 -124.86
N ALA HA 23 -38.54 -79.08 -124.64
CA ALA HA 23 -39.77 -78.93 -125.39
C ALA HA 23 -39.62 -77.94 -126.53
N VAL HA 24 -38.39 -77.58 -126.89
CA VAL HA 24 -38.14 -76.57 -127.90
C VAL HA 24 -37.46 -77.24 -129.07
N VAL HA 25 -38.10 -77.17 -130.23
CA VAL HA 25 -37.63 -77.84 -131.45
C VAL HA 25 -37.35 -76.79 -132.49
N ASP HA 26 -36.14 -76.79 -133.03
CA ASP HA 26 -35.76 -75.91 -134.13
C ASP HA 26 -35.90 -76.67 -135.43
N VAL HA 27 -36.63 -76.09 -136.37
CA VAL HA 27 -37.02 -76.71 -137.63
C VAL HA 27 -36.52 -75.86 -138.78
N GLN HA 28 -35.93 -76.50 -139.78
CA GLN HA 28 -35.36 -75.80 -140.93
C GLN HA 28 -36.21 -76.02 -142.15
N PHE HA 29 -36.45 -74.96 -142.92
CA PHE HA 29 -37.29 -75.00 -144.10
C PHE HA 29 -36.51 -74.56 -145.32
N ASP HA 30 -36.91 -75.07 -146.48
CA ASP HA 30 -36.35 -74.65 -147.75
C ASP HA 30 -37.37 -73.97 -148.66
N GLU HA 31 -38.64 -74.32 -148.54
CA GLU HA 31 -39.69 -73.58 -149.24
C GLU HA 31 -39.92 -72.27 -148.47
N GLY HA 32 -41.03 -71.61 -148.71
CA GLY HA 32 -41.39 -70.47 -147.91
C GLY HA 32 -41.33 -70.77 -146.43
N LEU HA 33 -41.29 -69.72 -145.60
CA LEU HA 33 -41.13 -69.87 -144.18
C LEU HA 33 -42.47 -69.65 -143.46
N PRO HA 34 -42.83 -70.44 -142.46
CA PRO HA 34 -44.13 -70.29 -141.85
C PRO HA 34 -44.16 -69.14 -140.86
N PRO HA 35 -45.11 -68.22 -140.98
CA PRO HA 35 -45.13 -67.08 -140.04
C PRO HA 35 -45.28 -67.56 -138.62
N ILE HA 36 -45.04 -66.65 -137.69
CA ILE HA 36 -45.08 -67.01 -136.28
C ILE HA 36 -46.51 -67.35 -135.88
N LEU HA 37 -46.63 -68.22 -134.89
CA LEU HA 37 -47.87 -68.75 -134.34
C LEU HA 37 -48.46 -69.86 -135.21
N ASN HA 38 -47.90 -70.16 -136.36
CA ASN HA 38 -48.44 -71.24 -137.18
C ASN HA 38 -48.23 -72.57 -136.48
N ALA HA 39 -49.01 -73.56 -136.91
CA ALA HA 39 -48.95 -74.90 -136.38
C ALA HA 39 -48.34 -75.81 -137.42
N LEU HA 40 -47.34 -76.59 -137.01
CA LEU HA 40 -46.62 -77.48 -137.89
C LEU HA 40 -46.83 -78.91 -137.39
N GLU HA 41 -47.20 -79.81 -138.28
CA GLU HA 41 -47.45 -81.20 -137.91
C GLU HA 41 -46.20 -82.02 -138.20
N VAL HA 42 -45.72 -82.73 -137.18
CA VAL HA 42 -44.55 -83.57 -137.33
C VAL HA 42 -44.96 -84.88 -137.97
N GLN HA 43 -44.31 -85.24 -139.07
CA GLN HA 43 -44.66 -86.43 -139.83
C GLN HA 43 -43.93 -87.64 -139.27
N GLY HA 44 -44.67 -88.71 -139.02
CA GLY HA 44 -44.10 -89.95 -138.55
C GLY HA 44 -44.32 -90.23 -137.08
N ARG HA 45 -45.41 -89.74 -136.50
CA ARG HA 45 -45.70 -89.92 -135.09
C ARG HA 45 -46.95 -90.78 -134.94
N GLU HA 46 -46.96 -91.63 -133.91
CA GLU HA 46 -48.16 -92.42 -133.65
C GLU HA 46 -49.33 -91.52 -133.30
N THR HA 47 -49.09 -90.49 -132.50
CA THR HA 47 -50.13 -89.54 -132.13
C THR HA 47 -49.72 -88.14 -132.56
N ARG HA 48 -50.72 -87.36 -132.96
CA ARG HA 48 -50.49 -86.04 -133.54
C ARG HA 48 -49.64 -85.17 -132.62
N LEU HA 49 -48.44 -84.84 -133.07
CA LEU HA 49 -47.61 -83.83 -132.41
C LEU HA 49 -47.65 -82.56 -133.23
N VAL HA 50 -48.04 -81.46 -132.59
CA VAL HA 50 -48.15 -80.16 -133.23
C VAL HA 50 -47.15 -79.22 -132.58
N LEU HA 51 -46.33 -78.58 -133.40
CA LEU HA 51 -45.34 -77.61 -132.94
C LEU HA 51 -45.86 -76.23 -133.31
N GLU HA 52 -45.89 -75.33 -132.34
CA GLU HA 52 -46.27 -73.96 -132.61
C GLU HA 52 -45.02 -73.11 -132.78
N VAL HA 53 -44.94 -72.41 -133.91
CA VAL HA 53 -43.79 -71.57 -134.20
C VAL HA 53 -43.74 -70.41 -133.22
N ALA HA 54 -42.53 -70.01 -132.83
CA ALA HA 54 -42.37 -68.95 -131.86
C ALA HA 54 -41.26 -67.97 -132.21
N GLN HA 55 -40.40 -68.27 -133.17
CA GLN HA 55 -39.30 -67.38 -133.49
C GLN HA 55 -38.82 -67.68 -134.91
N HIS HA 56 -38.14 -66.70 -135.49
CA HIS HA 56 -37.44 -66.86 -136.75
C HIS HA 56 -35.99 -66.51 -136.47
N LEU HA 57 -35.13 -67.52 -136.46
CA LEU HA 57 -33.74 -67.31 -136.09
C LEU HA 57 -32.86 -66.96 -137.27
N GLY HA 58 -33.41 -66.82 -138.46
CA GLY HA 58 -32.61 -66.58 -139.64
C GLY HA 58 -32.06 -67.86 -140.21
N GLU HA 59 -31.70 -67.80 -141.49
CA GLU HA 59 -31.27 -68.97 -142.24
C GLU HA 59 -32.41 -69.95 -142.46
N SER HA 60 -33.63 -69.43 -142.56
CA SER HA 60 -34.81 -70.27 -142.77
C SER HA 60 -34.94 -71.33 -141.69
N THR HA 61 -34.63 -70.94 -140.45
CA THR HA 61 -34.87 -71.76 -139.28
C THR HA 61 -35.96 -71.10 -138.45
N VAL HA 62 -36.78 -71.90 -137.79
CA VAL HA 62 -37.79 -71.42 -136.87
C VAL HA 62 -37.68 -72.21 -135.59
N ARG HA 63 -37.71 -71.52 -134.46
CA ARG HA 63 -37.82 -72.18 -133.18
C ARG HA 63 -39.29 -72.41 -132.88
N THR HA 64 -39.60 -73.52 -132.22
CA THR HA 64 -40.97 -73.92 -132.02
C THR HA 64 -41.10 -74.56 -130.65
N ILE HA 65 -42.32 -74.52 -130.12
CA ILE HA 65 -42.65 -75.16 -128.85
C ILE HA 65 -43.58 -76.32 -129.17
N ALA HA 66 -43.23 -77.51 -128.68
CA ALA HA 66 -43.99 -78.70 -128.99
C ALA HA 66 -45.18 -78.82 -128.05
N MET HA 67 -46.38 -78.94 -128.62
CA MET HA 67 -47.59 -79.06 -127.80
C MET HA 67 -47.69 -80.42 -127.12
N ASP HA 68 -46.83 -81.37 -127.45
CA ASP HA 68 -46.87 -82.68 -126.82
C ASP HA 68 -45.46 -83.22 -126.72
N GLY HA 69 -45.27 -84.16 -125.81
CA GLY HA 69 -43.95 -84.69 -125.52
C GLY HA 69 -43.10 -84.91 -126.75
N THR HA 70 -41.84 -84.47 -126.70
CA THR HA 70 -40.91 -84.60 -127.81
C THR HA 70 -40.05 -85.84 -127.72
N GLU HA 71 -40.50 -86.87 -127.02
CA GLU HA 71 -39.78 -88.12 -126.99
C GLU HA 71 -39.79 -88.76 -128.37
N GLY HA 72 -38.68 -89.37 -128.74
CA GLY HA 72 -38.63 -90.11 -129.97
C GLY HA 72 -38.49 -89.28 -131.24
N LEU HA 73 -38.30 -87.98 -131.12
CA LEU HA 73 -38.03 -87.18 -132.30
C LEU HA 73 -36.60 -87.42 -132.77
N VAL HA 74 -36.40 -87.38 -134.08
CA VAL HA 74 -35.10 -87.61 -134.68
C VAL HA 74 -34.72 -86.38 -135.51
N ARG HA 75 -33.49 -85.93 -135.37
CA ARG HA 75 -33.01 -84.86 -136.23
C ARG HA 75 -33.21 -85.24 -137.68
N GLY HA 76 -33.90 -84.39 -138.42
CA GLY HA 76 -34.16 -84.64 -139.82
C GLY HA 76 -35.57 -85.09 -140.14
N GLN HA 77 -36.40 -85.38 -139.14
CA GLN HA 77 -37.78 -85.73 -139.46
C GLN HA 77 -38.42 -84.64 -140.29
N LYS HA 78 -39.51 -84.95 -140.97
CA LYS HA 78 -40.19 -84.00 -141.82
C LYS HA 78 -41.37 -83.38 -141.08
N VAL HA 79 -41.59 -82.10 -141.34
CA VAL HA 79 -42.60 -81.31 -140.64
C VAL HA 79 -43.35 -80.50 -141.68
N LEU HA 80 -44.68 -80.60 -141.69
CA LEU HA 80 -45.51 -79.94 -142.68
C LEU HA 80 -46.19 -78.73 -142.03
N ASP HA 81 -46.05 -77.58 -142.66
CA ASP HA 81 -46.71 -76.37 -142.18
C ASP HA 81 -48.19 -76.44 -142.49
N SER HA 82 -49.03 -76.45 -141.45
CA SER HA 82 -50.46 -76.51 -141.67
C SER HA 82 -50.97 -75.29 -142.41
N GLY HA 83 -50.31 -74.15 -142.23
CA GLY HA 83 -50.66 -72.94 -142.93
C GLY HA 83 -51.46 -71.94 -142.13
N ALA HA 84 -51.90 -72.30 -140.93
CA ALA HA 84 -52.66 -71.38 -140.09
C ALA HA 84 -52.46 -71.80 -138.65
N PRO HA 85 -52.66 -70.88 -137.70
CA PRO HA 85 -52.45 -71.23 -136.29
C PRO HA 85 -53.30 -72.42 -135.89
N ILE HA 86 -53.07 -72.89 -134.67
CA ILE HA 86 -53.81 -74.04 -134.17
C ILE HA 86 -55.29 -73.73 -134.34
N ARG HA 87 -55.98 -74.52 -135.15
CA ARG HA 87 -57.40 -74.38 -135.37
C ARG HA 87 -58.14 -75.46 -134.59
N ILE HA 88 -59.22 -75.07 -133.93
CA ILE HA 88 -59.95 -75.97 -133.04
C ILE HA 88 -61.41 -76.00 -133.49
N PRO HA 89 -62.13 -77.09 -133.26
CA PRO HA 89 -63.57 -77.08 -133.51
C PRO HA 89 -64.27 -76.14 -132.57
N VAL HA 90 -65.35 -75.53 -133.06
CA VAL HA 90 -66.23 -74.72 -132.24
C VAL HA 90 -67.65 -74.94 -132.72
N GLY HA 91 -68.60 -74.30 -132.06
CA GLY HA 91 -69.99 -74.49 -132.34
C GLY HA 91 -70.69 -75.10 -131.14
N PRO HA 92 -72.00 -75.31 -131.24
CA PRO HA 92 -72.73 -75.94 -130.15
C PRO HA 92 -72.54 -77.45 -130.08
N GLU HA 93 -71.61 -78.01 -130.83
CA GLU HA 93 -71.31 -79.44 -130.74
C GLU HA 93 -70.24 -79.74 -129.70
N THR HA 94 -69.34 -78.80 -129.44
CA THR HA 94 -68.34 -79.00 -128.40
C THR HA 94 -68.95 -79.03 -127.03
N LEU HA 95 -70.20 -78.61 -126.86
CA LEU HA 95 -70.84 -78.69 -125.56
C LEU HA 95 -70.90 -80.14 -125.11
N GLY HA 96 -70.51 -80.37 -123.86
CA GLY HA 96 -70.53 -81.69 -123.31
C GLY HA 96 -69.33 -82.55 -123.63
N ARG HA 97 -68.38 -82.04 -124.40
CA ARG HA 97 -67.21 -82.80 -124.77
C ARG HA 97 -66.02 -82.41 -123.90
N ILE HA 98 -64.86 -82.95 -124.21
CA ILE HA 98 -63.60 -82.54 -123.61
C ILE HA 98 -62.57 -82.45 -124.73
N MET HA 99 -61.72 -81.45 -124.68
CA MET HA 99 -60.84 -81.15 -125.80
C MET HA 99 -59.40 -81.02 -125.34
N ASN HA 100 -58.48 -81.30 -126.24
CA ASN HA 100 -57.07 -81.08 -126.02
C ASN HA 100 -56.77 -79.59 -126.07
N VAL HA 101 -55.49 -79.23 -125.99
CA VAL HA 101 -55.06 -77.91 -126.39
C VAL HA 101 -55.26 -77.71 -127.89
N ILE HA 102 -55.04 -78.78 -128.67
CA ILE HA 102 -55.16 -78.71 -130.12
C ILE HA 102 -56.56 -79.05 -130.61
N GLY HA 103 -57.51 -79.24 -129.72
CA GLY HA 103 -58.89 -79.38 -130.08
C GLY HA 103 -59.37 -80.80 -130.23
N GLU HA 104 -58.49 -81.76 -130.39
CA GLU HA 104 -58.92 -83.13 -130.58
C GLU HA 104 -59.52 -83.67 -129.28
N PRO HA 105 -60.63 -84.40 -129.35
CA PRO HA 105 -61.34 -84.78 -128.12
C PRO HA 105 -60.54 -85.77 -127.30
N ILE HA 106 -60.76 -85.74 -125.99
CA ILE HA 106 -60.06 -86.64 -125.07
C ILE HA 106 -61.04 -87.32 -124.12
N ASP HA 107 -62.30 -87.41 -124.50
CA ASP HA 107 -63.29 -88.12 -123.70
C ASP HA 107 -63.78 -89.40 -124.36
N GLU HA 108 -63.15 -89.82 -125.44
CA GLU HA 108 -63.42 -91.11 -126.07
C GLU HA 108 -64.90 -91.25 -126.40
N ARG HA 109 -65.36 -90.41 -127.32
CA ARG HA 109 -66.71 -90.52 -127.84
C ARG HA 109 -66.79 -90.15 -129.32
N GLY HA 110 -65.68 -90.28 -130.05
CA GLY HA 110 -65.67 -89.97 -131.46
C GLY HA 110 -65.35 -88.51 -131.71
N PRO HA 111 -65.13 -88.16 -132.97
CA PRO HA 111 -64.68 -86.80 -133.29
C PRO HA 111 -65.74 -85.77 -132.99
N ILE HA 112 -65.27 -84.54 -132.71
CA ILE HA 112 -66.16 -83.39 -132.57
C ILE HA 112 -66.48 -82.92 -133.98
N LYS HA 113 -67.66 -83.26 -134.46
CA LYS HA 113 -68.06 -82.94 -135.83
C LYS HA 113 -68.77 -81.60 -135.82
N THR HA 114 -68.05 -80.55 -136.23
CA THR HA 114 -68.57 -79.20 -136.31
C THR HA 114 -68.39 -78.69 -137.73
N LYS HA 115 -69.08 -77.59 -138.02
CA LYS HA 115 -68.84 -76.84 -139.24
C LYS HA 115 -67.80 -75.75 -139.05
N GLN HA 116 -67.67 -75.24 -137.83
CA GLN HA 116 -66.87 -74.07 -137.53
C GLN HA 116 -65.54 -74.47 -136.92
N PHE HA 117 -64.47 -73.92 -137.45
CA PHE HA 117 -63.15 -73.98 -136.85
C PHE HA 117 -62.71 -72.57 -136.53
N ALA HA 118 -61.96 -72.42 -135.45
CA ALA HA 118 -61.46 -71.12 -135.04
C ALA HA 118 -59.98 -71.22 -134.70
N ALA HA 119 -59.23 -70.18 -135.02
CA ALA HA 119 -57.82 -70.11 -134.68
C ALA HA 119 -57.69 -69.54 -133.29
N ILE HA 120 -56.89 -70.20 -132.45
CA ILE HA 120 -56.85 -69.83 -131.04
C ILE HA 120 -56.18 -68.49 -130.80
N HIS HA 121 -55.48 -67.94 -131.79
CA HIS HA 121 -54.83 -66.64 -131.68
C HIS HA 121 -55.63 -65.61 -132.45
N ALA HA 122 -56.10 -64.58 -131.76
CA ALA HA 122 -56.87 -63.53 -132.39
C ALA HA 122 -56.77 -62.27 -131.56
N GLU HA 123 -56.87 -61.13 -132.22
CA GLU HA 123 -56.73 -59.85 -131.53
C GLU HA 123 -57.92 -59.62 -130.60
N ALA HA 124 -57.74 -58.71 -129.66
CA ALA HA 124 -58.73 -58.40 -128.66
C ALA HA 124 -59.72 -57.36 -129.15
N PRO HA 125 -60.88 -57.25 -128.52
CA PRO HA 125 -61.84 -56.21 -128.92
C PRO HA 125 -61.26 -54.82 -128.81
N GLU HA 126 -61.55 -53.99 -129.80
CA GLU HA 126 -61.03 -52.63 -129.79
C GLU HA 126 -61.73 -51.80 -128.73
N PHE HA 127 -61.14 -50.66 -128.39
CA PHE HA 127 -61.68 -49.84 -127.33
C PHE HA 127 -63.09 -49.39 -127.63
N VAL HA 128 -63.43 -49.25 -128.91
CA VAL HA 128 -64.77 -48.80 -129.29
C VAL HA 128 -65.82 -49.88 -129.17
N GLU HA 129 -65.44 -51.07 -128.69
CA GLU HA 129 -66.35 -52.21 -128.64
C GLU HA 129 -66.70 -52.63 -127.22
N MET HA 130 -66.25 -51.89 -126.22
CA MET HA 130 -66.43 -52.31 -124.83
C MET HA 130 -67.77 -51.88 -124.29
N SER HA 131 -68.23 -52.58 -123.26
CA SER HA 131 -69.43 -52.23 -122.53
C SER HA 131 -69.07 -51.51 -121.25
N VAL HA 132 -70.03 -50.77 -120.70
CA VAL HA 132 -69.78 -49.97 -119.52
C VAL HA 132 -70.91 -50.12 -118.52
N GLU HA 133 -71.72 -51.16 -118.66
CA GLU HA 133 -72.77 -51.43 -117.69
C GLU HA 133 -72.29 -52.42 -116.64
N GLN HA 134 -72.82 -52.28 -115.43
CA GLN HA 134 -72.44 -53.12 -114.31
C GLN HA 134 -73.66 -53.38 -113.46
N GLU HA 135 -74.01 -54.66 -113.30
CA GLU HA 135 -75.14 -55.04 -112.45
C GLU HA 135 -74.73 -56.22 -111.58
N ILE HA 136 -74.90 -56.07 -110.27
CA ILE HA 136 -74.46 -57.07 -109.32
C ILE HA 136 -74.97 -58.44 -109.73
N LEU HA 137 -74.19 -59.48 -109.45
CA LEU HA 137 -74.51 -60.86 -109.80
C LEU HA 137 -74.59 -61.65 -108.52
N VAL HA 138 -75.81 -61.85 -107.99
CA VAL HA 138 -75.95 -62.51 -106.70
C VAL HA 138 -75.48 -63.95 -106.83
N THR HA 139 -74.59 -64.34 -105.93
CA THR HA 139 -73.98 -65.66 -105.95
C THR HA 139 -74.46 -66.57 -104.82
N GLY HA 140 -75.11 -66.02 -103.79
CA GLY HA 140 -75.54 -66.84 -102.68
C GLY HA 140 -74.49 -67.06 -101.62
N ILE HA 141 -73.36 -66.37 -101.69
CA ILE HA 141 -72.30 -66.47 -100.69
C ILE HA 141 -72.27 -65.16 -99.93
N LYS HA 142 -72.34 -65.23 -98.60
CA LYS HA 142 -72.49 -64.02 -97.81
C LYS HA 142 -71.31 -63.08 -98.02
N VAL HA 143 -70.09 -63.58 -97.85
CA VAL HA 143 -68.93 -62.69 -97.87
C VAL HA 143 -68.76 -62.08 -99.27
N VAL HA 144 -68.85 -62.92 -100.29
CA VAL HA 144 -68.65 -62.44 -101.66
C VAL HA 144 -69.70 -61.41 -102.03
N ASP HA 145 -70.96 -61.69 -101.69
CA ASP HA 145 -72.04 -60.77 -102.04
C ASP HA 145 -71.99 -59.50 -101.22
N LEU HA 146 -71.47 -59.57 -100.00
CA LEU HA 146 -71.56 -58.42 -99.11
C LEU HA 146 -70.40 -57.46 -99.34
N LEU HA 147 -69.17 -57.97 -99.35
CA LEU HA 147 -68.00 -57.11 -99.38
C LEU HA 147 -67.44 -56.87 -100.77
N ALA HA 148 -67.48 -57.87 -101.64
CA ALA HA 148 -66.92 -57.77 -102.98
C ALA HA 148 -67.92 -58.31 -103.99
N PRO HA 149 -69.07 -57.67 -104.14
CA PRO HA 149 -70.08 -58.22 -105.03
C PRO HA 149 -69.54 -58.40 -106.44
N TYR HA 150 -69.85 -59.54 -107.03
CA TYR HA 150 -69.46 -59.81 -108.40
C TYR HA 150 -70.31 -58.99 -109.36
N ALA HA 151 -70.06 -59.11 -110.65
CA ALA HA 151 -70.81 -58.34 -111.63
C ALA HA 151 -71.01 -59.17 -112.89
N LYS HA 152 -72.19 -59.05 -113.49
CA LYS HA 152 -72.45 -59.75 -114.73
C LYS HA 152 -71.61 -59.15 -115.84
N GLY HA 153 -70.91 -60.02 -116.57
CA GLY HA 153 -70.02 -59.57 -117.61
C GLY HA 153 -68.63 -59.20 -117.14
N GLY HA 154 -68.39 -59.22 -115.84
CA GLY HA 154 -67.10 -58.81 -115.32
C GLY HA 154 -66.15 -59.97 -115.14
N LYS HA 155 -64.86 -59.64 -115.04
CA LYS HA 155 -63.82 -60.61 -114.77
C LYS HA 155 -63.62 -60.71 -113.27
N ILE HA 156 -63.49 -61.92 -112.76
CA ILE HA 156 -63.46 -62.20 -111.34
C ILE HA 156 -62.27 -63.08 -111.05
N GLY HA 157 -61.61 -62.83 -109.94
CA GLY HA 157 -60.41 -63.57 -109.58
C GLY HA 157 -60.51 -64.12 -108.18
N LEU HA 158 -59.93 -65.30 -107.99
CA LEU HA 158 -59.86 -65.96 -106.68
C LEU HA 158 -58.38 -66.19 -106.39
N PHE HA 159 -57.78 -65.31 -105.62
CA PHE HA 159 -56.35 -65.41 -105.35
C PHE HA 159 -56.15 -66.26 -104.12
N GLY HA 160 -55.48 -67.38 -104.28
CA GLY HA 160 -55.30 -68.30 -103.16
C GLY HA 160 -53.89 -68.82 -103.10
N GLY HA 161 -53.48 -69.19 -101.90
CA GLY HA 161 -52.25 -69.93 -101.75
C GLY HA 161 -52.50 -71.34 -102.21
N ALA HA 162 -51.91 -72.32 -101.56
CA ALA HA 162 -52.20 -73.72 -101.84
C ALA HA 162 -53.14 -74.24 -100.77
N GLY HA 163 -54.20 -74.93 -101.20
CA GLY HA 163 -55.09 -75.59 -100.27
C GLY HA 163 -55.91 -74.67 -99.40
N VAL HA 164 -56.41 -73.56 -99.94
CA VAL HA 164 -57.21 -72.63 -99.17
C VAL HA 164 -58.68 -72.66 -99.54
N GLY HA 165 -59.04 -73.09 -100.75
CA GLY HA 165 -60.43 -73.13 -101.12
C GLY HA 165 -60.73 -72.59 -102.51
N LYS HA 166 -59.70 -72.37 -103.33
CA LYS HA 166 -59.94 -71.91 -104.69
C LYS HA 166 -60.81 -72.88 -105.45
N THR HA 167 -60.45 -74.16 -105.43
CA THR HA 167 -61.17 -75.13 -106.25
C THR HA 167 -62.53 -75.44 -105.67
N VAL HA 168 -62.63 -75.60 -104.36
CA VAL HA 168 -63.95 -75.82 -103.76
C VAL HA 168 -64.84 -74.63 -104.03
N LEU HA 169 -64.29 -73.41 -103.91
CA LEU HA 169 -65.09 -72.22 -104.16
C LEU HA 169 -65.52 -72.14 -105.62
N ILE HA 170 -64.65 -72.49 -106.55
CA ILE HA 170 -65.03 -72.38 -107.95
C ILE HA 170 -66.03 -73.48 -108.31
N MET HA 171 -65.94 -74.64 -107.67
CA MET HA 171 -66.97 -75.67 -107.86
C MET HA 171 -68.29 -75.20 -107.29
N GLU HA 172 -68.26 -74.52 -106.15
CA GLU HA 172 -69.49 -73.94 -105.62
C GLU HA 172 -70.09 -72.93 -106.57
N LEU HA 173 -69.25 -72.08 -107.15
CA LEU HA 173 -69.75 -71.09 -108.10
C LEU HA 173 -70.31 -71.76 -109.34
N ILE HA 174 -69.65 -72.80 -109.84
CA ILE HA 174 -70.21 -73.56 -110.96
C ILE HA 174 -71.59 -74.07 -110.59
N ASN HA 175 -71.66 -74.87 -109.53
CA ASN HA 175 -72.92 -75.46 -109.12
C ASN HA 175 -74.01 -74.39 -109.01
N ASN HA 176 -73.72 -73.28 -108.34
CA ASN HA 176 -74.71 -72.24 -108.16
C ASN HA 176 -75.13 -71.63 -109.49
N VAL HA 177 -74.19 -70.97 -110.18
CA VAL HA 177 -74.54 -70.11 -111.31
C VAL HA 177 -74.76 -70.93 -112.57
N ALA HA 178 -73.81 -71.78 -112.94
CA ALA HA 178 -73.93 -72.49 -114.21
C ALA HA 178 -75.22 -73.27 -114.31
N LYS HA 179 -75.72 -73.79 -113.18
CA LYS HA 179 -76.98 -74.54 -113.22
C LYS HA 179 -78.15 -73.63 -113.49
N ALA HA 180 -78.12 -72.42 -112.93
CA ALA HA 180 -79.21 -71.45 -113.06
C ALA HA 180 -78.94 -70.41 -114.14
N HIS HA 181 -78.26 -70.80 -115.21
CA HIS HA 181 -77.84 -69.86 -116.25
C HIS HA 181 -78.58 -70.13 -117.54
N GLY HA 182 -79.11 -69.08 -118.15
CA GLY HA 182 -79.76 -69.24 -119.43
C GLY HA 182 -78.80 -69.61 -120.55
N GLY HA 183 -77.60 -69.04 -120.52
CA GLY HA 183 -76.62 -69.23 -121.57
C GLY HA 183 -75.78 -70.48 -121.37
N TYR HA 184 -74.68 -70.52 -122.09
CA TYR HA 184 -73.78 -71.66 -122.08
C TYR HA 184 -72.72 -71.46 -120.99
N SER HA 185 -71.68 -72.29 -121.03
CA SER HA 185 -70.62 -72.23 -120.04
C SER HA 185 -69.39 -72.91 -120.62
N VAL HA 186 -68.24 -72.63 -120.03
CA VAL HA 186 -66.99 -73.24 -120.46
C VAL HA 186 -66.09 -73.34 -119.25
N PHE HA 187 -65.38 -74.45 -119.12
CA PHE HA 187 -64.45 -74.64 -118.00
C PHE HA 187 -63.11 -75.07 -118.58
N ALA HA 188 -62.19 -74.13 -118.71
CA ALA HA 188 -60.85 -74.43 -119.20
C ALA HA 188 -59.95 -74.69 -118.02
N GLY HA 189 -59.55 -75.95 -117.85
CA GLY HA 189 -58.65 -76.30 -116.78
C GLY HA 189 -57.22 -76.27 -117.25
N VAL HA 190 -56.45 -75.29 -116.80
CA VAL HA 190 -55.09 -75.08 -117.26
C VAL HA 190 -54.14 -75.63 -116.21
N GLY HA 191 -53.59 -76.80 -116.47
CA GLY HA 191 -52.46 -77.26 -115.67
C GLY HA 191 -52.76 -77.49 -114.21
N GLU HA 192 -53.90 -78.11 -113.89
CA GLU HA 192 -54.20 -78.53 -112.53
C GLU HA 192 -54.55 -80.01 -112.54
N ARG HA 193 -54.59 -80.58 -111.33
CA ARG HA 193 -54.63 -82.03 -111.16
C ARG HA 193 -55.62 -82.68 -112.12
N THR HA 194 -55.27 -83.86 -112.62
CA THR HA 194 -56.20 -84.61 -113.45
C THR HA 194 -57.28 -85.27 -112.63
N ARG HA 195 -56.97 -85.64 -111.39
CA ARG HA 195 -58.00 -86.13 -110.48
C ARG HA 195 -59.16 -85.14 -110.44
N GLU HA 196 -58.85 -83.85 -110.36
CA GLU HA 196 -59.90 -82.84 -110.29
C GLU HA 196 -60.68 -82.75 -111.59
N GLY HA 197 -60.01 -82.88 -112.73
CA GLY HA 197 -60.71 -82.83 -113.99
C GLY HA 197 -61.71 -83.96 -114.11
N ASN HA 198 -61.29 -85.17 -113.75
CA ASN HA 198 -62.21 -86.30 -113.76
C ASN HA 198 -63.34 -86.09 -112.77
N ASP HA 199 -63.03 -85.59 -111.58
CA ASP HA 199 -64.07 -85.36 -110.59
C ASP HA 199 -65.11 -84.40 -111.11
N LEU HA 200 -64.67 -83.31 -111.73
CA LEU HA 200 -65.62 -82.34 -112.28
C LEU HA 200 -66.46 -82.96 -113.38
N TYR HA 201 -65.82 -83.71 -114.28
CA TYR HA 201 -66.56 -84.31 -115.38
C TYR HA 201 -67.67 -85.21 -114.85
N HIS HA 202 -67.35 -86.06 -113.88
CA HIS HA 202 -68.36 -86.96 -113.35
C HIS HA 202 -69.41 -86.21 -112.56
N GLU HA 203 -69.01 -85.17 -111.83
CA GLU HA 203 -70.00 -84.38 -111.10
C GLU HA 203 -71.00 -83.76 -112.06
N MET HA 204 -70.53 -83.21 -113.17
CA MET HA 204 -71.45 -82.63 -114.13
C MET HA 204 -72.34 -83.69 -114.76
N ILE HA 205 -71.76 -84.81 -115.19
CA ILE HA 205 -72.57 -85.85 -115.81
C ILE HA 205 -73.67 -86.30 -114.86
N GLU HA 206 -73.34 -86.48 -113.58
CA GLU HA 206 -74.30 -86.94 -112.61
C GLU HA 206 -75.25 -85.84 -112.15
N SER HA 207 -74.94 -84.58 -112.44
CA SER HA 207 -75.80 -83.46 -112.07
C SER HA 207 -76.61 -82.94 -113.24
N GLY HA 208 -76.55 -83.60 -114.41
CA GLY HA 208 -77.34 -83.22 -115.54
C GLY HA 208 -76.78 -82.09 -116.39
N VAL HA 209 -75.76 -81.39 -115.91
CA VAL HA 209 -75.21 -80.28 -116.68
C VAL HA 209 -74.65 -80.77 -118.00
N ILE HA 210 -73.95 -81.88 -117.98
CA ILE HA 210 -73.53 -82.57 -119.20
C ILE HA 210 -74.51 -83.70 -119.43
N ASN HA 211 -74.71 -84.03 -120.70
CA ASN HA 211 -75.65 -85.08 -121.09
C ASN HA 211 -75.01 -85.91 -122.19
N LEU HA 212 -74.78 -87.19 -121.91
CA LEU HA 212 -74.08 -88.03 -122.87
C LEU HA 212 -74.97 -88.45 -124.01
N LYS HA 213 -76.26 -88.68 -123.77
CA LYS HA 213 -77.12 -89.23 -124.80
C LYS HA 213 -77.51 -88.17 -125.83
N ASP HA 214 -78.21 -87.14 -125.38
CA ASP HA 214 -78.80 -86.14 -126.27
C ASP HA 214 -77.96 -84.87 -126.29
N ALA HA 215 -78.44 -83.89 -127.04
CA ALA HA 215 -77.76 -82.60 -127.18
C ALA HA 215 -78.43 -81.58 -126.27
N THR HA 216 -78.14 -81.69 -124.97
CA THR HA 216 -78.68 -80.76 -123.99
C THR HA 216 -77.62 -80.38 -122.97
N SER HA 217 -76.37 -80.34 -123.37
CA SER HA 217 -75.27 -80.01 -122.47
C SER HA 217 -75.00 -78.52 -122.53
N LYS HA 218 -74.62 -77.96 -121.38
CA LYS HA 218 -74.36 -76.52 -121.28
C LYS HA 218 -72.93 -76.21 -120.90
N VAL HA 219 -72.01 -77.16 -121.00
CA VAL HA 219 -70.63 -76.96 -120.59
C VAL HA 219 -69.72 -77.58 -121.64
N ALA HA 220 -68.63 -76.89 -121.96
CA ALA HA 220 -67.66 -77.32 -122.95
C ALA HA 220 -66.30 -77.39 -122.29
N LEU HA 221 -66.02 -78.50 -121.62
CA LEU HA 221 -64.78 -78.65 -120.88
C LEU HA 221 -63.59 -78.60 -121.83
N VAL HA 222 -62.48 -78.05 -121.33
CA VAL HA 222 -61.20 -78.07 -122.03
C VAL HA 222 -60.12 -78.30 -120.98
N TYR HA 223 -59.17 -79.17 -121.26
CA TYR HA 223 -58.23 -79.61 -120.24
C TYR HA 223 -56.80 -79.63 -120.74
N GLY HA 224 -55.91 -79.02 -119.95
CA GLY HA 224 -54.49 -78.99 -120.20
C GLY HA 224 -53.72 -79.38 -118.96
N GLN HA 225 -54.19 -80.41 -118.27
CA GLN HA 225 -53.78 -80.71 -116.90
C GLN HA 225 -52.26 -80.83 -116.78
N MET HA 226 -51.77 -80.91 -115.54
CA MET HA 226 -50.38 -80.65 -115.24
C MET HA 226 -49.43 -81.74 -115.73
N ASN HA 227 -49.90 -82.76 -116.44
CA ASN HA 227 -48.99 -83.71 -117.06
C ASN HA 227 -48.62 -83.31 -118.48
N GLU HA 228 -49.23 -82.27 -119.02
CA GLU HA 228 -48.94 -81.81 -120.37
C GLU HA 228 -47.65 -80.99 -120.39
N PRO HA 229 -46.77 -81.20 -121.36
CA PRO HA 229 -45.54 -80.42 -121.42
C PRO HA 229 -45.83 -78.94 -121.55
N PRO HA 230 -44.90 -78.08 -121.16
CA PRO HA 230 -45.24 -76.67 -121.00
C PRO HA 230 -45.84 -76.04 -122.25
N GLY HA 231 -45.44 -76.47 -123.43
CA GLY HA 231 -46.03 -75.90 -124.62
C GLY HA 231 -47.53 -76.02 -124.66
N ALA HA 232 -48.07 -77.03 -123.98
CA ALA HA 232 -49.50 -77.27 -123.97
C ALA HA 232 -50.21 -76.52 -122.85
N ARG HA 233 -49.63 -76.47 -121.66
CA ARG HA 233 -50.25 -75.74 -120.57
C ARG HA 233 -50.31 -74.25 -120.85
N ALA HA 234 -49.43 -73.74 -121.69
CA ALA HA 234 -49.39 -72.31 -122.01
C ALA HA 234 -50.38 -71.92 -123.09
N ARG HA 235 -51.13 -72.86 -123.64
CA ARG HA 235 -52.04 -72.58 -124.74
C ARG HA 235 -53.46 -73.04 -124.53
N VAL HA 236 -53.71 -74.00 -123.64
CA VAL HA 236 -55.08 -74.46 -123.46
C VAL HA 236 -55.97 -73.33 -122.97
N ALA HA 237 -55.39 -72.35 -122.27
CA ALA HA 237 -56.17 -71.19 -121.89
C ALA HA 237 -56.72 -70.48 -123.12
N LEU HA 238 -55.89 -70.33 -124.15
CA LEU HA 238 -56.38 -69.73 -125.39
C LEU HA 238 -57.43 -70.58 -126.06
N THR HA 239 -57.37 -71.90 -125.91
CA THR HA 239 -58.37 -72.76 -126.54
C THR HA 239 -59.74 -72.61 -125.87
N GLY HA 240 -59.77 -72.69 -124.55
CA GLY HA 240 -61.02 -72.42 -123.85
C GLY HA 240 -61.51 -71.02 -124.15
N LEU HA 241 -60.61 -70.07 -124.23
CA LEU HA 241 -60.97 -68.71 -124.54
C LEU HA 241 -61.55 -68.60 -125.94
N THR HA 242 -61.07 -69.39 -126.88
CA THR HA 242 -61.64 -69.37 -128.23
C THR HA 242 -63.04 -69.93 -128.24
N VAL HA 243 -63.28 -71.01 -127.52
CA VAL HA 243 -64.63 -71.54 -127.47
C VAL HA 243 -65.58 -70.50 -126.88
N ALA HA 244 -65.16 -69.85 -125.79
CA ALA HA 244 -65.99 -68.83 -125.19
C ALA HA 244 -66.16 -67.64 -126.13
N GLU HA 245 -65.11 -67.27 -126.86
CA GLU HA 245 -65.22 -66.20 -127.84
C GLU HA 245 -66.31 -66.50 -128.84
N TYR HA 246 -66.32 -67.71 -129.38
CA TYR HA 246 -67.36 -68.07 -130.33
C TYR HA 246 -68.74 -67.94 -129.69
N PHE HA 247 -68.93 -68.55 -128.53
CA PHE HA 247 -70.25 -68.48 -127.93
C PHE HA 247 -70.67 -67.05 -127.66
N ARG HA 248 -69.70 -66.17 -127.42
CA ARG HA 248 -70.02 -64.77 -127.16
C ARG HA 248 -70.42 -64.05 -128.43
N ASP HA 249 -69.71 -64.30 -129.53
CA ASP HA 249 -69.90 -63.55 -130.76
C ASP HA 249 -70.95 -64.18 -131.67
N GLN HA 250 -70.69 -65.41 -132.13
CA GLN HA 250 -71.55 -66.02 -133.14
C GLN HA 250 -72.92 -66.37 -132.57
N GLU HA 251 -72.95 -67.01 -131.41
CA GLU HA 251 -74.24 -67.30 -130.81
C GLU HA 251 -74.95 -66.03 -130.33
N GLY HA 252 -74.20 -64.95 -130.10
CA GLY HA 252 -74.82 -63.74 -129.61
C GLY HA 252 -75.55 -63.94 -128.30
N GLN HA 253 -74.90 -64.63 -127.36
CA GLN HA 253 -75.54 -64.99 -126.10
C GLN HA 253 -74.54 -64.82 -124.97
N ASP HA 254 -75.07 -64.74 -123.75
CA ASP HA 254 -74.23 -64.65 -122.57
C ASP HA 254 -73.45 -65.94 -122.36
N VAL HA 255 -72.28 -65.83 -121.76
CA VAL HA 255 -71.40 -66.98 -121.54
C VAL HA 255 -70.76 -66.87 -120.17
N LEU HA 256 -70.41 -68.01 -119.61
CA LEU HA 256 -69.55 -68.11 -118.44
C LEU HA 256 -68.24 -68.76 -118.84
N LEU HA 257 -67.18 -68.43 -118.14
CA LEU HA 257 -65.87 -69.00 -118.47
C LEU HA 257 -65.10 -69.13 -117.17
N PHE HA 258 -65.05 -70.34 -116.63
CA PHE HA 258 -64.25 -70.62 -115.45
C PHE HA 258 -62.89 -71.13 -115.88
N ILE HA 259 -61.83 -70.54 -115.35
CA ILE HA 259 -60.47 -70.97 -115.63
C ILE HA 259 -59.81 -71.34 -114.32
N ASP HA 260 -59.10 -72.46 -114.30
CA ASP HA 260 -58.50 -72.98 -113.08
C ASP HA 260 -57.36 -73.91 -113.50
N ASN HA 261 -56.11 -73.47 -113.38
CA ASN HA 261 -55.62 -72.23 -112.80
C ASN HA 261 -55.17 -71.29 -113.91
N ILE HA 262 -55.08 -69.98 -113.63
CA ILE HA 262 -54.51 -69.07 -114.60
C ILE HA 262 -53.07 -68.72 -114.26
N PHE HA 263 -52.53 -69.27 -113.18
CA PHE HA 263 -51.11 -69.12 -112.93
C PHE HA 263 -50.30 -70.02 -113.84
N ARG HA 264 -50.78 -71.24 -114.08
CA ARG HA 264 -50.03 -72.18 -114.89
C ARG HA 264 -49.82 -71.66 -116.30
N PHE HA 265 -50.70 -70.79 -116.77
CA PHE HA 265 -50.48 -70.17 -118.07
C PHE HA 265 -49.22 -69.33 -118.07
N THR HA 266 -48.87 -68.74 -116.93
CA THR HA 266 -47.63 -67.99 -116.81
C THR HA 266 -46.45 -68.89 -116.50
N GLN HA 267 -46.68 -69.88 -115.65
CA GLN HA 267 -45.61 -70.78 -115.27
C GLN HA 267 -45.05 -71.52 -116.48
N ALA HA 268 -45.93 -71.99 -117.38
CA ALA HA 268 -45.44 -72.71 -118.55
C ALA HA 268 -44.59 -71.82 -119.45
N GLY HA 269 -45.02 -70.58 -119.66
CA GLY HA 269 -44.21 -69.66 -120.41
C GLY HA 269 -42.84 -69.47 -119.79
N SER HA 270 -42.81 -69.34 -118.46
CA SER HA 270 -41.53 -69.24 -117.77
C SER HA 270 -40.68 -70.47 -118.01
N GLU HA 271 -41.31 -71.65 -118.02
CA GLU HA 271 -40.56 -72.89 -118.20
C GLU HA 271 -39.87 -72.91 -119.55
N VAL HA 272 -40.56 -72.50 -120.61
CA VAL HA 272 -39.95 -72.55 -121.94
C VAL HA 272 -39.05 -71.34 -122.22
N SER HA 273 -39.19 -70.25 -121.47
CA SER HA 273 -38.52 -69.01 -121.83
C SER HA 273 -37.02 -69.19 -121.97
N ALA HA 274 -36.38 -69.77 -120.95
CA ALA HA 274 -34.93 -69.85 -120.97
C ALA HA 274 -34.43 -70.55 -122.24
N LEU HA 275 -35.03 -71.68 -122.58
CA LEU HA 275 -34.64 -72.40 -123.79
C LEU HA 275 -34.95 -71.59 -125.03
N LEU HA 276 -35.95 -70.73 -124.97
CA LEU HA 276 -36.22 -69.88 -126.12
C LEU HA 276 -35.15 -68.82 -126.32
N GLY HA 277 -34.22 -68.66 -125.39
CA GLY HA 277 -33.10 -67.78 -125.57
C GLY HA 277 -33.33 -66.37 -125.05
N ARG HA 278 -34.02 -66.26 -123.93
CA ARG HA 278 -34.36 -64.96 -123.34
C ARG HA 278 -33.74 -64.82 -121.96
N ILE HA 279 -33.19 -63.65 -121.69
CA ILE HA 279 -32.65 -63.38 -120.36
C ILE HA 279 -33.80 -63.39 -119.36
N PRO HA 280 -33.66 -64.01 -118.19
CA PRO HA 280 -34.79 -64.05 -117.25
C PRO HA 280 -35.03 -62.70 -116.60
N SER HA 281 -36.25 -62.50 -116.16
CA SER HA 281 -36.67 -61.26 -115.54
C SER HA 281 -36.53 -61.38 -114.02
N ALA HA 282 -37.23 -60.51 -113.29
CA ALA HA 282 -37.09 -60.37 -111.85
C ALA HA 282 -36.95 -61.68 -111.10
N VAL HA 283 -38.00 -62.50 -111.08
CA VAL HA 283 -38.06 -63.64 -110.17
C VAL HA 283 -37.98 -64.92 -110.98
N GLY HA 284 -37.21 -64.89 -112.07
CA GLY HA 284 -37.12 -66.02 -112.94
C GLY HA 284 -38.21 -66.08 -113.98
N TYR HA 285 -39.15 -65.14 -113.95
CA TYR HA 285 -40.20 -65.13 -114.95
C TYR HA 285 -39.66 -64.66 -116.27
N GLN HA 286 -40.40 -64.97 -117.33
CA GLN HA 286 -40.00 -64.51 -118.64
C GLN HA 286 -40.05 -63.00 -118.69
N PRO HA 287 -39.23 -62.35 -119.52
CA PRO HA 287 -39.31 -60.89 -119.62
C PRO HA 287 -40.64 -60.42 -120.15
N THR HA 288 -41.37 -61.28 -120.86
CA THR HA 288 -42.62 -60.90 -121.52
C THR HA 288 -43.83 -61.26 -120.68
N LEU HA 289 -43.69 -61.39 -119.37
CA LEU HA 289 -44.80 -61.86 -118.55
C LEU HA 289 -46.01 -60.95 -118.72
N ALA HA 290 -45.81 -59.65 -118.56
CA ALA HA 290 -46.93 -58.72 -118.55
C ALA HA 290 -47.69 -58.77 -119.87
N THR HA 291 -46.98 -58.75 -120.98
CA THR HA 291 -47.66 -58.72 -122.27
C THR HA 291 -48.21 -60.09 -122.64
N ASP HA 292 -47.47 -61.15 -122.35
CA ASP HA 292 -48.01 -62.49 -122.60
C ASP HA 292 -49.29 -62.72 -121.81
N MET HA 293 -49.50 -61.99 -120.73
CA MET HA 293 -50.74 -62.12 -120.00
C MET HA 293 -51.79 -61.11 -120.44
N GLY HA 294 -51.39 -59.92 -120.87
CA GLY HA 294 -52.36 -58.98 -121.37
C GLY HA 294 -52.99 -59.44 -122.67
N THR HA 295 -52.20 -60.02 -123.57
CA THR HA 295 -52.75 -60.47 -124.84
C THR HA 295 -53.79 -61.56 -124.65
N MET HA 296 -53.80 -62.21 -123.49
CA MET HA 296 -54.81 -63.21 -123.18
C MET HA 296 -55.97 -62.60 -122.41
N GLN HA 297 -55.68 -61.93 -121.31
CA GLN HA 297 -56.72 -61.36 -120.46
C GLN HA 297 -57.50 -60.26 -121.14
N GLU HA 298 -57.03 -59.76 -122.28
CA GLU HA 298 -57.74 -58.72 -122.99
C GLU HA 298 -58.76 -59.27 -123.97
N ARG HA 299 -58.77 -60.58 -124.20
CA ARG HA 299 -59.80 -61.21 -125.00
C ARG HA 299 -60.96 -61.71 -124.17
N ILE HA 300 -60.75 -61.91 -122.86
CA ILE HA 300 -61.82 -62.31 -121.96
C ILE HA 300 -62.55 -61.05 -121.54
N THR HA 301 -63.51 -60.59 -122.34
CA THR HA 301 -64.20 -59.37 -122.00
C THR HA 301 -65.60 -59.39 -122.57
N THR HA 302 -66.51 -58.73 -121.86
CA THR HA 302 -67.78 -58.34 -122.43
C THR HA 302 -67.54 -57.35 -123.55
N THR HA 303 -68.45 -57.34 -124.52
CA THR HA 303 -68.43 -56.38 -125.58
C THR HA 303 -69.86 -56.02 -125.92
N LYS HA 304 -70.04 -55.10 -126.86
CA LYS HA 304 -71.38 -54.74 -127.28
C LYS HA 304 -72.10 -55.90 -127.95
N LYS HA 305 -71.35 -56.91 -128.40
CA LYS HA 305 -71.89 -58.04 -129.14
C LYS HA 305 -71.83 -59.34 -128.36
N GLY HA 306 -71.98 -59.27 -127.04
CA GLY HA 306 -71.91 -60.47 -126.24
C GLY HA 306 -71.64 -60.11 -124.78
N SER HA 307 -71.25 -61.13 -124.03
CA SER HA 307 -70.98 -60.96 -122.61
C SER HA 307 -70.37 -62.21 -122.02
N ILE HA 308 -69.24 -62.09 -121.33
CA ILE HA 308 -68.56 -63.21 -120.69
C ILE HA 308 -68.39 -62.90 -119.22
N THR HA 309 -68.88 -63.77 -118.36
CA THR HA 309 -68.74 -63.61 -116.91
C THR HA 309 -67.61 -64.50 -116.40
N SER HA 310 -66.40 -64.13 -116.78
CA SER HA 310 -65.24 -64.97 -116.52
C SER HA 310 -64.89 -65.00 -115.04
N VAL HA 311 -64.65 -66.20 -114.52
CA VAL HA 311 -64.12 -66.41 -113.18
C VAL HA 311 -62.81 -67.16 -113.32
N GLN HA 312 -61.81 -66.78 -112.54
CA GLN HA 312 -60.50 -67.38 -112.69
C GLN HA 312 -59.88 -67.63 -111.32
N ALA HA 313 -59.45 -68.85 -111.09
CA ALA HA 313 -58.66 -69.14 -109.91
C ALA HA 313 -57.21 -68.81 -110.21
N ILE HA 314 -56.50 -68.29 -109.21
CA ILE HA 314 -55.14 -67.81 -109.40
C ILE HA 314 -54.29 -68.27 -108.23
N TYR HA 315 -53.35 -69.15 -108.50
CA TYR HA 315 -52.38 -69.53 -107.50
C TYR HA 315 -51.53 -68.33 -107.12
N VAL HA 316 -51.21 -68.23 -105.85
CA VAL HA 316 -50.35 -67.16 -105.35
C VAL HA 316 -49.11 -67.81 -104.73
N PRO HA 317 -48.02 -67.93 -105.46
CA PRO HA 317 -46.91 -68.78 -105.00
C PRO HA 317 -46.43 -68.46 -103.60
N ALA HA 318 -46.66 -69.37 -102.67
CA ALA HA 318 -46.25 -69.21 -101.27
C ALA HA 318 -47.01 -68.10 -100.59
N ASP HA 319 -48.27 -67.89 -100.97
CA ASP HA 319 -49.11 -66.88 -100.33
C ASP HA 319 -48.49 -65.50 -100.41
N ASP HA 320 -47.72 -65.25 -101.47
CA ASP HA 320 -47.00 -64.00 -101.65
C ASP HA 320 -47.74 -63.18 -102.69
N LEU HA 321 -48.63 -62.30 -102.23
CA LEU HA 321 -49.42 -61.51 -103.17
C LEU HA 321 -48.59 -60.46 -103.88
N THR HA 322 -47.33 -60.27 -103.48
CA THR HA 322 -46.42 -59.36 -104.14
C THR HA 322 -45.60 -60.05 -105.21
N ASP HA 323 -45.85 -61.32 -105.47
CA ASP HA 323 -45.15 -62.02 -106.54
C ASP HA 323 -45.49 -61.36 -107.86
N PRO HA 324 -44.59 -61.39 -108.84
CA PRO HA 324 -44.90 -60.75 -110.13
C PRO HA 324 -46.16 -61.28 -110.78
N ALA HA 325 -46.45 -62.57 -110.67
CA ALA HA 325 -47.59 -63.12 -111.41
C ALA HA 325 -48.91 -62.63 -110.86
N PRO HA 326 -49.29 -62.92 -109.62
CA PRO HA 326 -50.52 -62.32 -109.08
C PRO HA 326 -50.49 -60.80 -109.06
N ALA HA 327 -49.34 -60.21 -108.78
CA ALA HA 327 -49.27 -58.76 -108.78
C ALA HA 327 -49.68 -58.20 -110.12
N THR HA 328 -49.27 -58.86 -111.20
CA THR HA 328 -49.64 -58.39 -112.52
C THR HA 328 -51.09 -58.72 -112.86
N THR HA 329 -51.61 -59.83 -112.35
CA THR HA 329 -52.98 -60.18 -112.68
C THR HA 329 -53.97 -59.25 -112.00
N PHE HA 330 -53.61 -58.69 -110.85
CA PHE HA 330 -54.57 -57.88 -110.11
C PHE HA 330 -55.17 -56.78 -110.97
N ALA HA 331 -54.43 -56.28 -111.95
CA ALA HA 331 -54.90 -55.16 -112.74
C ALA HA 331 -55.89 -55.56 -113.83
N HIS HA 332 -56.11 -56.85 -114.04
CA HIS HA 332 -56.93 -57.34 -115.14
C HIS HA 332 -58.27 -57.87 -114.67
N LEU HA 333 -58.67 -57.59 -113.43
CA LEU HA 333 -59.90 -58.13 -112.87
C LEU HA 333 -60.80 -57.00 -112.41
N ASP HA 334 -62.10 -57.19 -112.57
CA ASP HA 334 -63.08 -56.28 -112.01
C ASP HA 334 -63.47 -56.61 -110.59
N ALA HA 335 -62.99 -57.72 -110.04
CA ALA HA 335 -63.32 -58.09 -108.68
C ALA HA 335 -62.44 -59.23 -108.21
N THR HA 336 -61.84 -59.08 -107.04
CA THR HA 336 -60.90 -60.06 -106.52
C THR HA 336 -61.38 -60.50 -105.15
N THR HA 337 -61.32 -61.81 -104.88
CA THR HA 337 -61.69 -62.33 -103.57
C THR HA 337 -60.50 -63.10 -103.05
N VAL HA 338 -59.64 -62.44 -102.29
CA VAL HA 338 -58.37 -63.01 -101.88
C VAL HA 338 -58.64 -64.02 -100.76
N LEU HA 339 -58.70 -65.29 -101.10
CA LEU HA 339 -58.75 -66.31 -100.08
C LEU HA 339 -57.47 -66.26 -99.26
N SER HA 340 -57.57 -66.52 -97.97
CA SER HA 340 -56.45 -66.37 -97.07
C SER HA 340 -56.24 -67.65 -96.28
N ARG HA 341 -54.98 -67.99 -96.04
CA ARG HA 341 -54.67 -69.17 -95.25
C ARG HA 341 -54.91 -68.94 -93.78
N ALA HA 342 -54.66 -67.73 -93.29
CA ALA HA 342 -54.86 -67.45 -91.88
C ALA HA 342 -56.31 -67.62 -91.47
N ILE HA 343 -57.23 -67.14 -92.30
CA ILE HA 343 -58.64 -67.32 -91.97
C ILE HA 343 -59.04 -68.78 -92.07
N ALA HA 344 -58.53 -69.48 -93.08
CA ALA HA 344 -58.85 -70.90 -93.19
C ALA HA 344 -58.33 -71.69 -91.99
N GLU HA 345 -57.26 -71.23 -91.36
CA GLU HA 345 -56.80 -71.89 -90.14
C GLU HA 345 -57.78 -71.74 -89.00
N LEU HA 346 -58.47 -70.59 -88.92
CA LEU HA 346 -59.51 -70.44 -87.92
C LEU HA 346 -60.73 -71.30 -88.19
N GLY HA 347 -60.76 -72.01 -89.32
CA GLY HA 347 -61.88 -72.83 -89.67
C GLY HA 347 -62.97 -72.11 -90.44
N ILE HA 348 -62.85 -70.81 -90.64
CA ILE HA 348 -63.85 -70.08 -91.41
C ILE HA 348 -63.70 -70.50 -92.87
N TYR HA 349 -64.78 -71.02 -93.45
CA TYR HA 349 -64.77 -71.45 -94.83
C TYR HA 349 -66.05 -70.96 -95.49
N PRO HA 350 -65.96 -70.22 -96.62
CA PRO HA 350 -64.78 -69.91 -97.42
C PRO HA 350 -63.85 -68.97 -96.68
N ALA HA 351 -62.56 -69.06 -96.99
CA ALA HA 351 -61.55 -68.31 -96.28
C ALA HA 351 -61.43 -66.88 -96.75
N VAL HA 352 -62.37 -66.41 -97.58
CA VAL HA 352 -62.23 -65.10 -98.19
C VAL HA 352 -61.82 -64.06 -97.15
N ASP HA 353 -60.86 -63.23 -97.53
CA ASP HA 353 -60.30 -62.23 -96.63
C ASP HA 353 -61.11 -60.95 -96.77
N PRO HA 354 -61.90 -60.57 -95.77
CA PRO HA 354 -62.80 -59.42 -95.97
C PRO HA 354 -62.07 -58.12 -96.20
N LEU HA 355 -60.87 -57.96 -95.64
CA LEU HA 355 -60.11 -56.72 -95.76
C LEU HA 355 -59.11 -56.76 -96.89
N ASP HA 356 -59.26 -57.68 -97.83
CA ASP HA 356 -58.42 -57.70 -99.01
C ASP HA 356 -59.19 -57.96 -100.28
N SER HA 357 -60.42 -58.45 -100.21
CA SER HA 357 -61.27 -58.59 -101.36
C SER HA 357 -61.89 -57.24 -101.70
N THR HA 358 -61.80 -56.85 -102.96
CA THR HA 358 -62.31 -55.58 -103.42
C THR HA 358 -63.26 -55.81 -104.58
N SER HA 359 -63.78 -54.72 -105.13
CA SER HA 359 -64.67 -54.81 -106.28
C SER HA 359 -64.77 -53.43 -106.90
N ARG HA 360 -65.32 -53.38 -108.11
CA ARG HA 360 -65.52 -52.12 -108.80
C ARG HA 360 -66.95 -51.62 -108.74
N ILE HA 361 -67.91 -52.49 -108.38
CA ILE HA 361 -69.29 -52.07 -108.25
C ILE HA 361 -69.67 -51.78 -106.82
N MET HA 362 -68.74 -51.91 -105.89
CA MET HA 362 -69.00 -51.58 -104.48
C MET HA 362 -69.03 -50.06 -104.35
N ASP HA 363 -70.12 -49.48 -104.84
CA ASP HA 363 -70.35 -48.05 -104.77
C ASP HA 363 -71.78 -47.79 -104.32
N PRO HA 364 -72.03 -46.68 -103.66
CA PRO HA 364 -73.40 -46.38 -103.23
C PRO HA 364 -74.36 -46.19 -104.37
N ASN HA 365 -73.87 -45.94 -105.58
CA ASN HA 365 -74.75 -45.77 -106.72
C ASN HA 365 -75.11 -47.10 -107.39
N ILE HA 366 -74.21 -48.06 -107.39
CA ILE HA 366 -74.45 -49.29 -108.14
C ILE HA 366 -75.14 -50.35 -107.30
N VAL HA 367 -74.83 -50.43 -106.02
CA VAL HA 367 -75.42 -51.46 -105.15
C VAL HA 367 -76.39 -50.89 -104.14
N GLY HA 368 -76.47 -49.58 -104.00
CA GLY HA 368 -77.42 -48.97 -103.10
C GLY HA 368 -76.77 -48.47 -101.83
N SER HA 369 -77.42 -47.49 -101.20
CA SER HA 369 -76.83 -46.86 -100.04
C SER HA 369 -76.67 -47.83 -98.88
N GLU HA 370 -77.73 -48.60 -98.58
CA GLU HA 370 -77.68 -49.42 -97.38
C GLU HA 370 -76.68 -50.56 -97.52
N HIS HA 371 -76.64 -51.20 -98.69
CA HIS HA 371 -75.64 -52.24 -98.93
C HIS HA 371 -74.24 -51.69 -98.70
N TYR HA 372 -73.98 -50.51 -99.25
CA TYR HA 372 -72.65 -49.92 -99.13
C TYR HA 372 -72.33 -49.59 -97.67
N ASP HA 373 -73.27 -48.99 -96.96
CA ASP HA 373 -73.02 -48.65 -95.57
C ASP HA 373 -72.74 -49.89 -94.74
N VAL HA 374 -73.46 -50.98 -94.99
CA VAL HA 374 -73.24 -52.20 -94.22
C VAL HA 374 -71.90 -52.81 -94.56
N ALA HA 375 -71.54 -52.85 -95.85
CA ALA HA 375 -70.25 -53.42 -96.22
C ALA HA 375 -69.11 -52.66 -95.58
N ARG HA 376 -69.18 -51.33 -95.64
CA ARG HA 376 -68.13 -50.53 -95.02
C ARG HA 376 -68.14 -50.68 -93.51
N GLY HA 377 -69.31 -50.85 -92.89
CA GLY HA 377 -69.33 -51.07 -91.45
C GLY HA 377 -68.68 -52.38 -91.06
N VAL HA 378 -68.94 -53.43 -91.82
CA VAL HA 378 -68.28 -54.70 -91.56
C VAL HA 378 -66.78 -54.55 -91.66
N GLN HA 379 -66.31 -53.92 -92.73
CA GLN HA 379 -64.88 -53.77 -92.90
C GLN HA 379 -64.27 -52.96 -91.78
N LYS HA 380 -64.92 -51.86 -91.38
CA LYS HA 380 -64.35 -51.01 -90.35
C LYS HA 380 -64.31 -51.72 -89.01
N ILE HA 381 -65.35 -52.48 -88.67
CA ILE HA 381 -65.32 -53.16 -87.38
C ILE HA 381 -64.26 -54.24 -87.37
N LEU HA 382 -64.09 -54.96 -88.48
CA LEU HA 382 -63.04 -55.97 -88.53
C LEU HA 382 -61.67 -55.33 -88.40
N GLN HA 383 -61.45 -54.18 -89.05
CA GLN HA 383 -60.16 -53.50 -88.94
C GLN HA 383 -59.91 -53.02 -87.52
N ASP HA 384 -60.93 -52.48 -86.86
CA ASP HA 384 -60.79 -52.08 -85.47
C ASP HA 384 -60.40 -53.27 -84.60
N TYR HA 385 -61.03 -54.41 -84.85
CA TYR HA 385 -60.69 -55.63 -84.11
C TYR HA 385 -59.25 -56.03 -84.35
N LYS HA 386 -58.78 -55.90 -85.58
CA LYS HA 386 -57.39 -56.20 -85.87
C LYS HA 386 -56.47 -55.32 -85.05
N SER HA 387 -56.79 -54.03 -84.96
CA SER HA 387 -55.97 -53.14 -84.14
C SER HA 387 -56.02 -53.54 -82.68
N LEU HA 388 -57.18 -53.91 -82.17
CA LEU HA 388 -57.33 -54.24 -80.75
C LEU HA 388 -56.57 -55.49 -80.37
N GLN HA 389 -56.46 -56.44 -81.29
CA GLN HA 389 -55.75 -57.67 -80.96
C GLN HA 389 -54.34 -57.39 -80.47
N ASP HA 390 -53.71 -56.33 -80.99
CA ASP HA 390 -52.37 -56.01 -80.54
C ASP HA 390 -52.34 -55.69 -79.05
N ILE HA 391 -53.32 -54.92 -78.58
CA ILE HA 391 -53.41 -54.59 -77.16
C ILE HA 391 -53.75 -55.83 -76.35
N ILE HA 392 -54.72 -56.62 -76.81
CA ILE HA 392 -55.03 -57.86 -76.15
C ILE HA 392 -53.80 -58.74 -76.00
N ALA HA 393 -52.79 -58.53 -76.84
CA ALA HA 393 -51.54 -59.28 -76.68
C ALA HA 393 -50.99 -59.14 -75.27
N ILE HA 394 -50.93 -57.92 -74.77
CA ILE HA 394 -50.26 -57.63 -73.52
C ILE HA 394 -51.25 -57.56 -72.38
N LEU HA 395 -52.31 -56.76 -72.52
CA LEU HA 395 -53.17 -56.51 -71.37
C LEU HA 395 -53.83 -57.80 -70.90
N GLY HA 396 -54.25 -58.63 -71.84
CA GLY HA 396 -55.35 -59.54 -71.61
C GLY HA 396 -56.65 -58.85 -71.99
N MET HA 397 -57.72 -59.64 -72.00
CA MET HA 397 -59.01 -59.10 -72.45
C MET HA 397 -59.89 -58.61 -71.32
N ASP HA 398 -59.59 -58.96 -70.08
CA ASP HA 398 -60.36 -58.40 -68.97
C ASP HA 398 -60.13 -56.91 -68.83
N GLU HA 399 -58.95 -56.42 -69.23
CA GLU HA 399 -58.60 -55.03 -69.06
C GLU HA 399 -59.24 -54.12 -70.10
N LEU HA 400 -59.72 -54.67 -71.21
CA LEU HA 400 -60.29 -53.84 -72.26
C LEU HA 400 -61.50 -53.07 -71.73
N SER HA 401 -61.67 -51.85 -72.23
CA SER HA 401 -62.79 -51.03 -71.83
C SER HA 401 -64.09 -51.71 -72.23
N GLU HA 402 -65.22 -51.10 -71.90
CA GLU HA 402 -66.50 -51.71 -72.20
C GLU HA 402 -67.06 -51.29 -73.56
N GLU HA 403 -66.45 -50.32 -74.23
CA GLU HA 403 -66.83 -50.02 -75.60
C GLU HA 403 -66.04 -50.85 -76.60
N ASP HA 404 -64.99 -51.54 -76.15
CA ASP HA 404 -64.13 -52.34 -77.01
C ASP HA 404 -64.37 -53.83 -76.85
N LYS HA 405 -64.60 -54.31 -75.63
CA LYS HA 405 -65.07 -55.68 -75.47
C LYS HA 405 -66.30 -55.92 -76.33
N LEU HA 406 -67.16 -54.93 -76.44
CA LEU HA 406 -68.27 -55.02 -77.38
C LEU HA 406 -67.76 -55.08 -78.82
N THR HA 407 -66.78 -54.25 -79.15
CA THR HA 407 -66.22 -54.29 -80.50
C THR HA 407 -65.63 -55.65 -80.82
N VAL HA 408 -64.85 -56.20 -79.89
CA VAL HA 408 -64.24 -57.50 -80.14
C VAL HA 408 -65.31 -58.57 -80.28
N SER HA 409 -66.32 -58.56 -79.40
CA SER HA 409 -67.36 -59.58 -79.46
C SER HA 409 -68.11 -59.50 -80.77
N ARG HA 410 -68.48 -58.29 -81.18
CA ARG HA 410 -69.18 -58.12 -82.44
C ARG HA 410 -68.33 -58.55 -83.62
N ALA HA 411 -67.04 -58.22 -83.59
CA ALA HA 411 -66.16 -58.59 -84.69
C ALA HA 411 -66.03 -60.09 -84.80
N ARG HA 412 -65.91 -60.79 -83.68
CA ARG HA 412 -65.88 -62.24 -83.72
C ARG HA 412 -67.18 -62.80 -84.27
N LYS HA 413 -68.31 -62.23 -83.86
CA LYS HA 413 -69.59 -62.69 -84.39
C LYS HA 413 -69.65 -62.50 -85.90
N ILE HA 414 -69.15 -61.38 -86.40
CA ILE HA 414 -69.19 -61.13 -87.83
C ILE HA 414 -68.25 -62.06 -88.58
N GLN HA 415 -67.06 -62.30 -88.02
CA GLN HA 415 -66.15 -63.26 -88.63
C GLN HA 415 -66.84 -64.60 -88.79
N ARG HA 416 -67.46 -65.09 -87.73
CA ARG HA 416 -68.15 -66.38 -87.83
C ARG HA 416 -69.27 -66.31 -88.84
N PHE HA 417 -70.06 -65.25 -88.82
CA PHE HA 417 -71.21 -65.17 -89.71
C PHE HA 417 -70.82 -65.11 -91.17
N LEU HA 418 -69.60 -64.66 -91.47
CA LEU HA 418 -69.18 -64.63 -92.87
C LEU HA 418 -68.96 -66.03 -93.42
N SER HA 419 -68.72 -67.01 -92.56
CA SER HA 419 -68.59 -68.38 -93.00
C SER HA 419 -69.94 -68.94 -93.44
N GLN HA 420 -69.88 -69.97 -94.27
CA GLN HA 420 -71.10 -70.55 -94.83
C GLN HA 420 -70.80 -71.96 -95.27
N PRO HA 421 -71.78 -72.86 -95.22
CA PRO HA 421 -71.56 -74.20 -95.76
C PRO HA 421 -72.01 -74.33 -97.19
N PHE HA 422 -71.13 -74.81 -98.07
CA PHE HA 422 -71.46 -74.97 -99.48
C PHE HA 422 -72.03 -76.36 -99.73
N GLN HA 423 -72.73 -76.48 -100.85
CA GLN HA 423 -73.32 -77.75 -101.24
C GLN HA 423 -72.28 -78.74 -101.75
N VAL HA 424 -71.12 -78.25 -102.22
CA VAL HA 424 -70.07 -79.13 -102.69
C VAL HA 424 -69.10 -79.51 -101.58
N ALA HA 425 -69.27 -78.99 -100.37
CA ALA HA 425 -68.43 -79.32 -99.24
C ALA HA 425 -69.11 -80.25 -98.26
N GLU HA 426 -70.26 -80.82 -98.64
CA GLU HA 426 -70.94 -81.75 -97.74
C GLU HA 426 -70.03 -82.92 -97.38
N VAL HA 427 -69.07 -83.23 -98.24
CA VAL HA 427 -68.17 -84.36 -97.97
C VAL HA 427 -67.27 -84.03 -96.79
N PHE HA 428 -66.81 -82.79 -96.68
CA PHE HA 428 -65.95 -82.41 -95.57
C PHE HA 428 -66.77 -82.12 -94.32
N THR HA 429 -67.59 -81.07 -94.36
CA THR HA 429 -68.26 -80.58 -93.17
C THR HA 429 -69.42 -81.47 -92.74
N GLY HA 430 -70.05 -82.15 -93.70
CA GLY HA 430 -71.26 -82.90 -93.43
C GLY HA 430 -72.52 -82.07 -93.42
N HIS HA 431 -72.42 -80.77 -93.13
CA HIS HA 431 -73.59 -79.90 -93.09
C HIS HA 431 -74.27 -79.86 -94.45
N LEU HA 432 -75.35 -79.10 -94.55
CA LEU HA 432 -76.11 -78.96 -95.78
C LEU HA 432 -75.80 -77.63 -96.43
N GLY HA 433 -75.49 -77.65 -97.72
CA GLY HA 433 -75.18 -76.42 -98.41
C GLY HA 433 -76.36 -75.47 -98.43
N LYS HA 434 -76.07 -74.18 -98.34
CA LYS HA 434 -77.08 -73.14 -98.28
C LYS HA 434 -76.79 -72.04 -99.28
N LEU HA 435 -77.84 -71.38 -99.74
CA LEU HA 435 -77.75 -70.15 -100.52
C LEU HA 435 -78.43 -69.05 -99.74
N VAL HA 436 -77.76 -67.92 -99.57
CA VAL HA 436 -78.31 -66.81 -98.81
C VAL HA 436 -78.56 -65.64 -99.76
N PRO HA 437 -79.81 -65.40 -100.18
CA PRO HA 437 -80.07 -64.28 -101.07
C PRO HA 437 -79.49 -62.99 -100.52
N LEU HA 438 -79.40 -61.95 -101.34
CA LEU HA 438 -78.73 -60.73 -100.92
C LEU HA 438 -79.42 -60.10 -99.72
N LYS HA 439 -80.75 -60.06 -99.74
CA LYS HA 439 -81.47 -59.37 -98.68
C LYS HA 439 -81.19 -60.00 -97.33
N GLU HA 440 -81.13 -61.33 -97.27
CA GLU HA 440 -80.85 -61.98 -96.01
C GLU HA 440 -79.48 -61.58 -95.47
N THR HA 441 -78.47 -61.53 -96.33
CA THR HA 441 -77.13 -61.16 -95.85
C THR HA 441 -77.12 -59.73 -95.34
N ILE HA 442 -77.69 -58.80 -96.11
CA ILE HA 442 -77.64 -57.41 -95.69
C ILE HA 442 -78.38 -57.23 -94.38
N LYS HA 443 -79.56 -57.84 -94.26
CA LYS HA 443 -80.34 -57.71 -93.03
C LYS HA 443 -79.60 -58.32 -91.84
N GLY HA 444 -79.02 -59.51 -92.03
CA GLY HA 444 -78.33 -60.16 -90.94
C GLY HA 444 -77.14 -59.36 -90.45
N PHE HA 445 -76.38 -58.78 -91.38
CA PHE HA 445 -75.22 -58.01 -90.96
C PHE HA 445 -75.63 -56.68 -90.35
N GLN HA 446 -76.67 -56.04 -90.89
CA GLN HA 446 -77.23 -54.88 -90.22
C GLN HA 446 -77.53 -55.19 -88.78
N GLN HA 447 -78.23 -56.30 -88.53
CA GLN HA 447 -78.64 -56.62 -87.17
C GLN HA 447 -77.43 -56.93 -86.29
N ILE HA 448 -76.48 -57.71 -86.79
CA ILE HA 448 -75.30 -58.02 -85.98
C ILE HA 448 -74.57 -56.74 -85.61
N LEU HA 449 -74.45 -55.80 -86.54
CA LEU HA 449 -73.77 -54.55 -86.22
C LEU HA 449 -74.56 -53.73 -85.21
N ALA HA 450 -75.88 -53.65 -85.39
CA ALA HA 450 -76.69 -52.80 -84.51
C ALA HA 450 -76.66 -53.26 -83.08
N GLY HA 451 -76.36 -54.52 -82.82
CA GLY HA 451 -76.36 -55.06 -81.47
C GLY HA 451 -77.56 -55.92 -81.13
N GLU HA 452 -78.39 -56.25 -82.11
CA GLU HA 452 -79.56 -57.07 -81.84
C GLU HA 452 -79.22 -58.47 -81.55
N TYR HA 453 -77.96 -58.86 -81.39
CA TYR HA 453 -77.64 -60.24 -81.09
C TYR HA 453 -76.50 -60.34 -80.08
N ASP HA 454 -76.37 -59.36 -79.20
CA ASP HA 454 -75.36 -59.46 -78.16
C ASP HA 454 -75.65 -60.58 -77.17
N HIS HA 455 -76.86 -61.12 -77.17
CA HIS HA 455 -77.23 -62.14 -76.20
C HIS HA 455 -77.00 -63.56 -76.69
N LEU HA 456 -76.62 -63.74 -77.96
CA LEU HA 456 -76.32 -65.07 -78.45
C LEU HA 456 -74.83 -65.34 -78.42
N PRO HA 457 -74.39 -66.55 -78.13
CA PRO HA 457 -72.95 -66.84 -78.20
C PRO HA 457 -72.46 -66.74 -79.63
N GLU HA 458 -71.17 -66.44 -79.78
CA GLU HA 458 -70.61 -66.28 -81.12
C GLU HA 458 -70.68 -67.58 -81.90
N GLN HA 459 -70.41 -68.72 -81.25
CA GLN HA 459 -70.47 -70.00 -81.92
C GLN HA 459 -71.85 -70.30 -82.49
N ALA HA 460 -72.86 -69.50 -82.14
CA ALA HA 460 -74.16 -69.68 -82.74
C ALA HA 460 -74.17 -69.35 -84.22
N PHE HA 461 -73.23 -68.53 -84.68
CA PHE HA 461 -73.20 -68.08 -86.06
C PHE HA 461 -72.31 -68.93 -86.95
N TYR HA 462 -71.64 -69.93 -86.40
CA TYR HA 462 -70.62 -70.63 -87.15
C TYR HA 462 -71.26 -71.56 -88.17
N MET HA 463 -71.01 -71.31 -89.45
CA MET HA 463 -71.46 -72.17 -90.53
C MET HA 463 -72.98 -72.28 -90.52
N VAL HA 464 -73.63 -71.14 -90.75
CA VAL HA 464 -75.07 -71.08 -90.91
C VAL HA 464 -75.39 -70.15 -92.06
N GLY HA 465 -76.59 -70.30 -92.58
CA GLY HA 465 -77.04 -69.46 -93.67
C GLY HA 465 -77.60 -68.16 -93.13
N PRO HA 466 -78.87 -67.87 -93.41
CA PRO HA 466 -79.44 -66.61 -92.94
C PRO HA 466 -79.34 -66.48 -91.44
N ILE HA 467 -79.67 -65.29 -90.94
CA ILE HA 467 -79.51 -65.01 -89.52
C ILE HA 467 -80.50 -65.82 -88.68
N GLU HA 468 -81.72 -66.01 -89.18
CA GLU HA 468 -82.69 -66.78 -88.42
C GLU HA 468 -82.17 -68.16 -88.09
N GLU HA 469 -81.37 -68.75 -88.97
CA GLU HA 469 -80.78 -70.04 -88.68
C GLU HA 469 -79.77 -69.95 -87.55
N ALA HA 470 -79.05 -68.83 -87.46
CA ALA HA 470 -78.17 -68.62 -86.31
C ALA HA 470 -78.97 -68.54 -85.02
N VAL HA 471 -80.13 -67.88 -85.05
CA VAL HA 471 -80.98 -67.83 -83.86
C VAL HA 471 -81.43 -69.23 -83.47
N ALA HA 472 -81.89 -70.00 -84.46
CA ALA HA 472 -82.36 -71.35 -84.17
C ALA HA 472 -81.23 -72.22 -83.61
N LYS HA 473 -80.03 -72.09 -84.17
CA LYS HA 473 -78.91 -72.86 -83.68
C LYS HA 473 -78.54 -72.45 -82.26
N ALA HA 474 -78.60 -71.17 -81.96
CA ALA HA 474 -78.35 -70.74 -80.59
C ALA HA 474 -79.36 -71.36 -79.64
N ASP HA 475 -80.62 -71.37 -80.04
CA ASP HA 475 -81.65 -71.98 -79.20
C ASP HA 475 -81.36 -73.47 -78.99
N LYS HA 476 -80.96 -74.17 -80.06
CA LYS HA 476 -80.68 -75.60 -79.93
C LYS HA 476 -79.49 -75.85 -79.01
N LEU HA 477 -78.42 -75.05 -79.13
CA LEU HA 477 -77.31 -75.17 -78.20
C LEU HA 477 -77.76 -74.95 -76.77
N ALA HA 478 -78.58 -73.92 -76.54
CA ALA HA 478 -79.06 -73.67 -75.19
C ALA HA 478 -79.84 -74.86 -74.66
N GLU HA 479 -80.78 -75.36 -75.45
CA GLU HA 479 -81.60 -76.48 -75.01
C GLU HA 479 -80.74 -77.69 -74.68
N GLU HA 480 -79.88 -78.10 -75.61
CA GLU HA 480 -79.04 -79.26 -75.36
C GLU HA 480 -78.00 -79.00 -74.29
N HIS HA 481 -77.81 -77.76 -73.86
CA HIS HA 481 -76.78 -77.43 -72.88
C HIS HA 481 -76.79 -78.38 -71.70
N THR IA 13 -7.78 -37.06 -134.82
CA THR IA 13 -8.17 -37.92 -135.93
C THR IA 13 -9.65 -38.26 -135.82
N THR IA 14 -10.28 -38.55 -136.96
CA THR IA 14 -11.71 -38.77 -137.02
C THR IA 14 -12.02 -40.26 -137.14
N GLY IA 15 -12.86 -40.76 -136.23
CA GLY IA 15 -13.42 -42.09 -136.33
C GLY IA 15 -14.86 -42.04 -136.78
N ARG IA 16 -15.48 -43.21 -136.85
CA ARG IA 16 -16.84 -43.35 -137.32
C ARG IA 16 -17.65 -44.12 -136.31
N ILE IA 17 -18.75 -43.53 -135.86
CA ILE IA 17 -19.67 -44.26 -134.99
C ILE IA 17 -20.05 -45.55 -135.69
N VAL IA 18 -19.73 -46.68 -135.06
CA VAL IA 18 -20.12 -47.98 -135.60
C VAL IA 18 -21.34 -48.53 -134.89
N ALA IA 19 -21.49 -48.31 -133.59
CA ALA IA 19 -22.64 -48.84 -132.88
C ALA IA 19 -23.20 -47.80 -131.93
N VAL IA 20 -24.52 -47.85 -131.72
CA VAL IA 20 -25.18 -46.94 -130.82
C VAL IA 20 -26.25 -47.68 -130.04
N ILE IA 21 -25.94 -48.08 -128.81
CA ILE IA 21 -26.84 -48.87 -128.00
C ILE IA 21 -27.16 -48.04 -126.77
N GLY IA 22 -28.34 -47.44 -126.75
CA GLY IA 22 -28.71 -46.60 -125.63
C GLY IA 22 -27.76 -45.44 -125.52
N ALA IA 23 -27.15 -45.29 -124.34
CA ALA IA 23 -26.20 -44.23 -124.08
C ALA IA 23 -24.76 -44.65 -124.31
N VAL IA 24 -24.54 -45.81 -124.92
CA VAL IA 24 -23.20 -46.35 -125.13
C VAL IA 24 -22.93 -46.36 -126.62
N VAL IA 25 -21.90 -45.65 -127.05
CA VAL IA 25 -21.58 -45.48 -128.45
C VAL IA 25 -20.20 -46.10 -128.70
N ASP IA 26 -20.12 -46.94 -129.72
CA ASP IA 26 -18.87 -47.59 -130.09
C ASP IA 26 -18.35 -46.95 -131.36
N VAL IA 27 -17.17 -46.36 -131.27
CA VAL IA 27 -16.56 -45.60 -132.36
C VAL IA 27 -15.38 -46.40 -132.89
N GLN IA 28 -15.07 -46.20 -134.16
CA GLN IA 28 -14.01 -46.98 -134.81
C GLN IA 28 -13.01 -46.04 -135.45
N PHE IA 29 -11.84 -45.93 -134.86
CA PHE IA 29 -10.75 -45.16 -135.45
C PHE IA 29 -9.95 -46.04 -136.39
N ASP IA 30 -9.11 -45.39 -137.18
CA ASP IA 30 -8.43 -46.07 -138.28
C ASP IA 30 -6.94 -45.80 -138.27
N GLU IA 31 -6.53 -44.64 -137.77
CA GLU IA 31 -5.13 -44.29 -137.66
C GLU IA 31 -4.59 -44.59 -136.27
N GLY IA 32 -5.19 -44.00 -135.24
CA GLY IA 32 -4.75 -44.23 -133.88
C GLY IA 32 -5.83 -43.95 -132.87
N LEU IA 33 -5.99 -44.84 -131.90
CA LEU IA 33 -7.05 -44.71 -130.93
C LEU IA 33 -6.75 -43.61 -129.94
N PRO IA 34 -7.76 -43.08 -129.26
CA PRO IA 34 -7.52 -42.14 -128.19
C PRO IA 34 -7.40 -42.86 -126.87
N PRO IA 35 -6.43 -42.50 -126.02
CA PRO IA 35 -6.32 -43.17 -124.72
C PRO IA 35 -7.64 -43.08 -123.96
N ILE IA 36 -7.82 -44.01 -123.02
CA ILE IA 36 -9.06 -44.04 -122.27
C ILE IA 36 -9.24 -42.73 -121.53
N LEU IA 37 -10.50 -42.33 -121.37
CA LEU IA 37 -10.96 -41.12 -120.71
C LEU IA 37 -10.88 -39.88 -121.59
N ASN IA 38 -10.35 -39.98 -122.81
CA ASN IA 38 -10.38 -38.83 -123.70
C ASN IA 38 -11.81 -38.43 -124.02
N ALA IA 39 -11.95 -37.22 -124.56
CA ALA IA 39 -13.24 -36.68 -124.97
C ALA IA 39 -13.28 -36.63 -126.49
N LEU IA 40 -14.37 -37.11 -127.06
CA LEU IA 40 -14.58 -37.12 -128.50
C LEU IA 40 -15.80 -36.25 -128.80
N GLU IA 41 -15.73 -35.47 -129.86
CA GLU IA 41 -16.84 -34.59 -130.25
C GLU IA 41 -17.49 -35.17 -131.50
N VAL IA 42 -18.77 -35.49 -131.40
CA VAL IA 42 -19.51 -35.98 -132.56
C VAL IA 42 -19.83 -34.81 -133.46
N GLN IA 43 -19.53 -34.95 -134.75
CA GLN IA 43 -19.75 -33.89 -135.72
C GLN IA 43 -21.11 -34.06 -136.36
N GLY IA 44 -21.95 -33.05 -136.26
CA GLY IA 44 -23.24 -33.08 -136.94
C GLY IA 44 -24.41 -32.80 -136.04
N ARG IA 45 -24.15 -32.41 -134.79
CA ARG IA 45 -25.19 -32.17 -133.81
C ARG IA 45 -25.40 -30.67 -133.65
N GLU IA 46 -26.67 -30.28 -133.48
CA GLU IA 46 -26.96 -28.89 -133.18
C GLU IA 46 -26.36 -28.49 -131.83
N THR IA 47 -26.54 -29.32 -130.83
CA THR IA 47 -25.87 -29.16 -129.54
C THR IA 47 -24.50 -29.82 -129.63
N ARG IA 48 -23.73 -29.82 -128.55
CA ARG IA 48 -22.39 -30.40 -128.58
C ARG IA 48 -22.42 -31.66 -127.73
N LEU IA 49 -22.36 -32.81 -128.39
CA LEU IA 49 -22.34 -34.12 -127.76
C LEU IA 49 -20.90 -34.54 -127.58
N VAL IA 50 -20.53 -34.91 -126.37
CA VAL IA 50 -19.17 -35.32 -126.04
C VAL IA 50 -19.25 -36.75 -125.53
N LEU IA 51 -18.46 -37.62 -126.13
CA LEU IA 51 -18.35 -39.01 -125.70
C LEU IA 51 -17.06 -39.20 -124.94
N GLU IA 52 -17.12 -39.81 -123.78
CA GLU IA 52 -15.94 -40.12 -123.01
C GLU IA 52 -15.56 -41.57 -123.24
N VAL IA 53 -14.31 -41.81 -123.64
CA VAL IA 53 -13.85 -43.16 -123.93
C VAL IA 53 -13.84 -43.98 -122.65
N ALA IA 54 -14.15 -45.26 -122.77
CA ALA IA 54 -14.22 -46.15 -121.62
C ALA IA 54 -13.52 -47.48 -121.80
N GLN IA 55 -13.31 -47.95 -123.02
CA GLN IA 55 -12.68 -49.24 -123.24
C GLN IA 55 -12.02 -49.23 -124.60
N HIS IA 56 -11.13 -50.18 -124.82
CA HIS IA 56 -10.47 -50.38 -126.11
C HIS IA 56 -10.82 -51.78 -126.57
N LEU IA 57 -11.94 -51.90 -127.29
CA LEU IA 57 -12.47 -53.23 -127.58
C LEU IA 57 -11.57 -54.03 -128.50
N GLY IA 58 -10.67 -53.40 -129.23
CA GLY IA 58 -9.86 -54.10 -130.19
C GLY IA 58 -10.47 -54.02 -131.58
N GLU IA 59 -9.60 -54.19 -132.58
CA GLU IA 59 -9.94 -53.85 -133.96
C GLU IA 59 -10.13 -52.35 -134.12
N SER IA 60 -9.38 -51.57 -133.37
CA SER IA 60 -9.41 -50.12 -133.43
C SER IA 60 -10.77 -49.54 -133.05
N THR IA 61 -11.56 -50.28 -132.30
CA THR IA 61 -12.83 -49.79 -131.79
C THR IA 61 -12.68 -49.41 -130.33
N VAL IA 62 -13.39 -48.36 -129.93
CA VAL IA 62 -13.42 -47.92 -128.55
C VAL IA 62 -14.88 -47.76 -128.14
N ARG IA 63 -15.24 -48.31 -126.99
CA ARG IA 63 -16.56 -48.13 -126.43
C ARG IA 63 -16.57 -46.92 -125.53
N THR IA 64 -17.60 -46.09 -125.65
CA THR IA 64 -17.62 -44.79 -125.03
C THR IA 64 -18.99 -44.53 -124.45
N ILE IA 65 -19.05 -43.65 -123.45
CA ILE IA 65 -20.30 -43.25 -122.81
C ILE IA 65 -20.60 -41.82 -123.18
N ALA IA 66 -21.83 -41.56 -123.61
CA ALA IA 66 -22.21 -40.24 -124.09
C ALA IA 66 -22.58 -39.32 -122.94
N MET IA 67 -22.27 -38.04 -123.09
CA MET IA 67 -22.62 -37.04 -122.10
C MET IA 67 -23.98 -36.41 -122.36
N ASP IA 68 -24.62 -36.70 -123.49
CA ASP IA 68 -25.92 -36.14 -123.84
C ASP IA 68 -26.75 -37.23 -124.49
N GLY IA 69 -27.97 -36.89 -124.87
CA GLY IA 69 -28.82 -37.82 -125.57
C GLY IA 69 -28.20 -38.27 -126.86
N THR IA 70 -28.21 -39.58 -127.11
CA THR IA 70 -27.70 -40.14 -128.36
C THR IA 70 -28.83 -40.46 -129.32
N GLU IA 71 -29.86 -39.63 -129.35
CA GLU IA 71 -30.89 -39.76 -130.39
C GLU IA 71 -30.39 -39.12 -131.68
N GLY IA 72 -30.62 -39.81 -132.79
CA GLY IA 72 -30.25 -39.26 -134.08
C GLY IA 72 -28.84 -39.55 -134.54
N LEU IA 73 -28.09 -40.40 -133.82
CA LEU IA 73 -26.74 -40.74 -134.25
C LEU IA 73 -26.80 -41.79 -135.34
N VAL IA 74 -26.29 -41.45 -136.52
CA VAL IA 74 -26.24 -42.41 -137.61
C VAL IA 74 -25.00 -43.28 -137.46
N ARG IA 75 -25.05 -44.47 -138.05
CA ARG IA 75 -23.92 -45.39 -138.04
C ARG IA 75 -22.94 -44.97 -139.13
N GLY IA 76 -21.99 -44.12 -138.77
CA GLY IA 76 -21.03 -43.63 -139.73
C GLY IA 76 -20.67 -42.18 -139.48
N GLN IA 77 -21.42 -41.51 -138.61
CA GLN IA 77 -21.13 -40.13 -138.28
C GLN IA 77 -19.66 -39.98 -137.93
N LYS IA 78 -19.09 -38.83 -138.28
CA LYS IA 78 -17.69 -38.56 -138.00
C LYS IA 78 -17.53 -38.06 -136.58
N VAL IA 79 -16.52 -38.58 -135.89
CA VAL IA 79 -16.26 -38.26 -134.48
C VAL IA 79 -14.82 -37.80 -134.37
N LEU IA 80 -14.63 -36.56 -133.95
CA LEU IA 80 -13.30 -35.97 -133.87
C LEU IA 80 -12.72 -36.13 -132.47
N ASP IA 81 -11.51 -36.66 -132.40
CA ASP IA 81 -10.86 -36.88 -131.12
C ASP IA 81 -10.28 -35.56 -130.61
N SER IA 82 -10.81 -35.08 -129.49
CA SER IA 82 -10.39 -33.78 -128.99
C SER IA 82 -8.91 -33.76 -128.69
N GLY IA 83 -8.39 -34.79 -128.03
CA GLY IA 83 -6.98 -34.90 -127.71
C GLY IA 83 -6.65 -34.84 -126.24
N ALA IA 84 -7.64 -34.72 -125.35
CA ALA IA 84 -7.40 -34.72 -123.91
C ALA IA 84 -8.74 -34.87 -123.22
N PRO IA 85 -8.74 -35.29 -121.96
CA PRO IA 85 -10.02 -35.49 -121.27
C PRO IA 85 -10.89 -34.24 -121.34
N ILE IA 86 -12.14 -34.34 -120.88
CA ILE IA 86 -13.01 -33.17 -120.90
C ILE IA 86 -12.27 -32.03 -120.23
N ARG IA 87 -12.22 -30.88 -120.91
CA ARG IA 87 -11.51 -29.71 -120.42
C ARG IA 87 -12.50 -28.58 -120.23
N ILE IA 88 -12.39 -27.90 -119.10
CA ILE IA 88 -13.36 -26.88 -118.70
C ILE IA 88 -12.59 -25.61 -118.36
N PRO IA 89 -13.26 -24.46 -118.39
CA PRO IA 89 -12.60 -23.22 -117.96
C PRO IA 89 -12.57 -23.12 -116.45
N VAL IA 90 -11.40 -22.83 -115.90
CA VAL IA 90 -11.23 -22.82 -114.45
C VAL IA 90 -10.63 -21.51 -113.97
N GLY IA 91 -10.90 -20.42 -114.67
CA GLY IA 91 -10.45 -19.15 -114.21
C GLY IA 91 -11.21 -18.70 -112.97
N PRO IA 92 -10.87 -17.52 -112.46
CA PRO IA 92 -11.73 -16.88 -111.46
C PRO IA 92 -12.97 -16.22 -112.05
N GLU IA 93 -13.17 -16.33 -113.36
CA GLU IA 93 -14.38 -15.84 -114.00
C GLU IA 93 -15.51 -16.84 -113.96
N THR IA 94 -15.27 -18.05 -113.46
CA THR IA 94 -16.37 -19.00 -113.28
C THR IA 94 -17.29 -18.54 -112.17
N LEU IA 95 -16.77 -17.87 -111.15
CA LEU IA 95 -17.56 -17.53 -109.98
C LEU IA 95 -18.85 -16.82 -110.38
N GLY IA 96 -19.96 -17.28 -109.83
CA GLY IA 96 -21.24 -16.73 -110.16
C GLY IA 96 -21.85 -17.25 -111.44
N ARG IA 97 -21.16 -18.14 -112.14
CA ARG IA 97 -21.63 -18.68 -113.41
C ARG IA 97 -21.99 -20.13 -113.23
N ILE IA 98 -23.15 -20.53 -113.74
CA ILE IA 98 -23.51 -21.93 -113.79
C ILE IA 98 -22.88 -22.56 -115.03
N MET IA 99 -22.36 -23.76 -114.88
CA MET IA 99 -21.82 -24.50 -116.00
C MET IA 99 -22.16 -25.97 -115.81
N ASN IA 100 -22.21 -26.70 -116.92
CA ASN IA 100 -22.52 -28.11 -116.87
C ASN IA 100 -21.25 -28.92 -117.04
N VAL IA 101 -21.40 -30.24 -117.16
CA VAL IA 101 -20.24 -31.12 -117.06
C VAL IA 101 -19.21 -30.79 -118.12
N ILE IA 102 -19.66 -30.63 -119.38
CA ILE IA 102 -18.72 -30.41 -120.46
C ILE IA 102 -18.20 -28.99 -120.50
N GLY IA 103 -18.58 -28.15 -119.54
CA GLY IA 103 -18.04 -26.83 -119.41
C GLY IA 103 -18.88 -25.70 -119.98
N GLU IA 104 -19.95 -26.00 -120.71
CA GLU IA 104 -20.75 -24.94 -121.28
C GLU IA 104 -21.51 -24.21 -120.18
N PRO IA 105 -21.80 -22.92 -120.36
CA PRO IA 105 -22.62 -22.20 -119.39
C PRO IA 105 -24.10 -22.44 -119.65
N ILE IA 106 -24.81 -22.88 -118.62
CA ILE IA 106 -26.22 -23.22 -118.75
C ILE IA 106 -27.11 -22.15 -118.15
N ASP IA 107 -26.58 -20.95 -117.91
CA ASP IA 107 -27.39 -19.84 -117.43
C ASP IA 107 -27.65 -18.81 -118.52
N GLU IA 108 -27.39 -19.15 -119.78
CA GLU IA 108 -27.63 -18.27 -120.92
C GLU IA 108 -27.30 -16.83 -120.57
N ARG IA 109 -26.05 -16.64 -120.16
CA ARG IA 109 -25.54 -15.33 -119.76
C ARG IA 109 -24.26 -14.97 -120.50
N GLY IA 110 -23.89 -15.73 -121.53
CA GLY IA 110 -22.71 -15.45 -122.30
C GLY IA 110 -21.59 -16.40 -121.95
N PRO IA 111 -20.60 -16.53 -122.84
CA PRO IA 111 -19.57 -17.54 -122.64
C PRO IA 111 -18.73 -17.24 -121.41
N ILE IA 112 -18.21 -18.31 -120.80
CA ILE IA 112 -17.32 -18.16 -119.66
C ILE IA 112 -15.93 -17.87 -120.20
N LYS IA 113 -15.46 -16.65 -120.00
CA LYS IA 113 -14.18 -16.21 -120.52
C LYS IA 113 -13.09 -16.48 -119.50
N THR IA 114 -12.16 -17.36 -119.85
CA THR IA 114 -11.04 -17.69 -118.97
C THR IA 114 -9.81 -17.92 -119.82
N LYS IA 115 -8.65 -17.72 -119.22
CA LYS IA 115 -7.38 -17.99 -119.88
C LYS IA 115 -6.83 -19.37 -119.53
N GLN IA 116 -7.49 -20.10 -118.64
CA GLN IA 116 -7.03 -21.39 -118.15
C GLN IA 116 -8.05 -22.45 -118.50
N PHE IA 117 -7.56 -23.64 -118.83
CA PHE IA 117 -8.41 -24.80 -119.05
C PHE IA 117 -7.85 -25.98 -118.30
N ALA IA 118 -8.72 -26.73 -117.64
CA ALA IA 118 -8.30 -27.85 -116.80
C ALA IA 118 -9.02 -29.11 -117.24
N ALA IA 119 -8.29 -30.22 -117.24
CA ALA IA 119 -8.85 -31.51 -117.60
C ALA IA 119 -9.39 -32.18 -116.35
N ILE IA 120 -10.62 -32.69 -116.42
CA ILE IA 120 -11.33 -33.04 -115.20
C ILE IA 120 -10.87 -34.35 -114.59
N HIS IA 121 -10.11 -35.15 -115.33
CA HIS IA 121 -9.59 -36.43 -114.84
C HIS IA 121 -8.15 -36.21 -114.42
N ALA IA 122 -7.96 -35.83 -113.16
CA ALA IA 122 -6.64 -35.66 -112.57
C ALA IA 122 -6.38 -36.82 -111.63
N GLU IA 123 -5.30 -36.72 -110.87
CA GLU IA 123 -4.92 -37.74 -109.90
C GLU IA 123 -4.70 -37.10 -108.54
N ALA IA 124 -4.85 -37.91 -107.51
CA ALA IA 124 -4.73 -37.40 -106.16
C ALA IA 124 -3.33 -36.84 -105.93
N PRO IA 125 -3.19 -35.79 -105.13
CA PRO IA 125 -1.85 -35.29 -104.84
C PRO IA 125 -0.98 -36.37 -104.22
N GLU IA 126 0.28 -36.40 -104.64
CA GLU IA 126 1.16 -37.49 -104.24
C GLU IA 126 1.35 -37.47 -102.73
N PHE IA 127 2.05 -38.50 -102.23
CA PHE IA 127 2.22 -38.64 -100.80
C PHE IA 127 3.04 -37.50 -100.23
N VAL IA 128 4.06 -37.06 -100.97
CA VAL IA 128 4.94 -36.01 -100.46
C VAL IA 128 4.18 -34.70 -100.31
N GLU IA 129 3.24 -34.41 -101.20
CA GLU IA 129 2.51 -33.15 -101.15
C GLU IA 129 1.54 -33.07 -99.99
N MET IA 130 1.26 -34.19 -99.34
CA MET IA 130 0.24 -34.18 -98.30
C MET IA 130 0.70 -33.37 -97.10
N SER IA 131 -0.22 -32.62 -96.52
CA SER IA 131 0.04 -31.91 -95.28
C SER IA 131 -0.21 -32.84 -94.10
N VAL IA 132 0.62 -32.71 -93.07
CA VAL IA 132 0.63 -33.66 -91.99
C VAL IA 132 -0.02 -33.14 -90.71
N GLU IA 133 -0.07 -31.82 -90.52
CA GLU IA 133 -0.74 -31.26 -89.36
C GLU IA 133 -2.22 -31.08 -89.67
N GLN IA 134 -3.06 -31.46 -88.72
CA GLN IA 134 -4.51 -31.46 -88.91
C GLN IA 134 -5.07 -30.18 -88.31
N GLU IA 135 -5.48 -29.25 -89.17
CA GLU IA 135 -5.98 -27.96 -88.73
C GLU IA 135 -7.48 -28.04 -88.49
N ILE IA 136 -8.12 -26.89 -88.27
CA ILE IA 136 -9.55 -26.81 -88.01
C ILE IA 136 -10.14 -25.62 -88.74
N LEU IA 137 -10.79 -25.87 -89.88
CA LEU IA 137 -11.48 -24.81 -90.58
C LEU IA 137 -12.49 -24.16 -89.65
N VAL IA 138 -12.47 -22.84 -89.59
CA VAL IA 138 -13.35 -22.09 -88.70
C VAL IA 138 -14.49 -21.55 -89.56
N THR IA 139 -15.65 -22.18 -89.45
CA THR IA 139 -16.80 -21.77 -90.24
C THR IA 139 -17.52 -20.57 -89.66
N GLY IA 140 -17.23 -20.20 -88.41
CA GLY IA 140 -17.93 -19.09 -87.79
C GLY IA 140 -19.29 -19.44 -87.24
N ILE IA 141 -19.68 -20.70 -87.28
CA ILE IA 141 -20.95 -21.15 -86.72
C ILE IA 141 -20.66 -21.83 -85.40
N LYS IA 142 -21.32 -21.38 -84.34
CA LYS IA 142 -20.95 -21.82 -83.00
C LYS IA 142 -21.10 -23.33 -82.85
N VAL IA 143 -22.28 -23.86 -83.18
CA VAL IA 143 -22.52 -25.28 -82.96
C VAL IA 143 -21.58 -26.12 -83.80
N VAL IA 144 -21.38 -25.73 -85.05
CA VAL IA 144 -20.51 -26.50 -85.94
C VAL IA 144 -19.08 -26.45 -85.44
N ASP IA 145 -18.65 -25.32 -84.92
CA ASP IA 145 -17.26 -25.12 -84.53
C ASP IA 145 -16.96 -25.58 -83.12
N LEU IA 146 -17.96 -25.94 -82.32
CA LEU IA 146 -17.72 -26.39 -80.97
C LEU IA 146 -17.86 -27.90 -80.82
N LEU IA 147 -19.01 -28.46 -81.18
CA LEU IA 147 -19.27 -29.87 -80.93
C LEU IA 147 -18.76 -30.76 -82.04
N ALA IA 148 -18.84 -30.32 -83.29
CA ALA IA 148 -18.41 -31.09 -84.46
C ALA IA 148 -17.54 -30.21 -85.33
N PRO IA 149 -16.34 -29.85 -84.88
CA PRO IA 149 -15.51 -28.96 -85.66
C PRO IA 149 -15.17 -29.54 -87.01
N TYR IA 150 -15.12 -28.67 -88.01
CA TYR IA 150 -14.72 -29.06 -89.36
C TYR IA 150 -13.21 -28.97 -89.49
N ALA IA 151 -12.65 -29.83 -90.33
CA ALA IA 151 -11.21 -29.90 -90.53
C ALA IA 151 -10.87 -29.44 -91.94
N LYS IA 152 -9.82 -28.64 -92.06
CA LYS IA 152 -9.31 -28.28 -93.37
C LYS IA 152 -9.00 -29.55 -94.15
N GLY IA 153 -9.36 -29.56 -95.42
CA GLY IA 153 -9.07 -30.72 -96.23
C GLY IA 153 -9.72 -31.97 -95.70
N GLY IA 154 -10.95 -31.87 -95.22
CA GLY IA 154 -11.67 -33.01 -94.71
C GLY IA 154 -13.05 -33.07 -95.34
N LYS IA 155 -13.61 -34.27 -95.31
CA LYS IA 155 -14.94 -34.51 -95.85
C LYS IA 155 -15.95 -34.47 -94.71
N ILE IA 156 -17.11 -33.90 -94.99
CA ILE IA 156 -18.10 -33.61 -93.96
C ILE IA 156 -19.45 -34.06 -94.49
N GLY IA 157 -20.02 -35.09 -93.85
CA GLY IA 157 -21.37 -35.47 -94.18
C GLY IA 157 -22.38 -34.48 -93.66
N LEU IA 158 -23.50 -34.36 -94.37
CA LEU IA 158 -24.56 -33.44 -94.00
C LEU IA 158 -25.89 -34.19 -94.12
N PHE IA 159 -26.40 -34.68 -92.99
CA PHE IA 159 -27.67 -35.38 -92.97
C PHE IA 159 -28.80 -34.40 -92.73
N GLY IA 160 -30.02 -34.87 -93.00
CA GLY IA 160 -31.18 -34.01 -92.92
C GLY IA 160 -31.64 -33.60 -94.30
N GLY IA 161 -32.93 -33.73 -94.57
CA GLY IA 161 -33.43 -33.59 -95.93
C GLY IA 161 -33.86 -32.18 -96.27
N ALA IA 162 -35.17 -31.95 -96.27
CA ALA IA 162 -35.73 -30.64 -96.59
C ALA IA 162 -36.40 -30.04 -95.37
N GLY IA 163 -36.65 -28.74 -95.45
CA GLY IA 163 -37.36 -28.02 -94.41
C GLY IA 163 -36.57 -27.76 -93.15
N VAL IA 164 -35.29 -28.08 -93.12
CA VAL IA 164 -34.49 -27.99 -91.91
C VAL IA 164 -33.45 -26.88 -91.96
N GLY IA 165 -33.18 -26.32 -93.13
CA GLY IA 165 -32.20 -25.25 -93.22
C GLY IA 165 -30.92 -25.66 -93.92
N LYS IA 166 -31.01 -26.64 -94.81
CA LYS IA 166 -29.82 -27.10 -95.50
C LYS IA 166 -29.29 -26.03 -96.43
N THR IA 167 -30.16 -25.42 -97.23
CA THR IA 167 -29.70 -24.40 -98.18
C THR IA 167 -29.22 -23.15 -97.45
N VAL IA 168 -29.93 -22.74 -96.41
CA VAL IA 168 -29.50 -21.57 -95.66
C VAL IA 168 -28.17 -21.84 -94.97
N LEU IA 169 -27.98 -23.05 -94.47
CA LEU IA 169 -26.70 -23.40 -93.86
C LEU IA 169 -25.59 -23.40 -94.89
N ILE IA 170 -25.87 -23.92 -96.08
CA ILE IA 170 -24.86 -23.90 -97.15
C ILE IA 170 -24.49 -22.48 -97.49
N MET IA 171 -25.48 -21.61 -97.63
CA MET IA 171 -25.19 -20.21 -97.96
C MET IA 171 -24.39 -19.55 -96.86
N GLU IA 172 -24.72 -19.82 -95.60
CA GLU IA 172 -23.99 -19.23 -94.50
C GLU IA 172 -22.54 -19.71 -94.48
N LEU IA 173 -22.32 -21.00 -94.71
CA LEU IA 173 -20.94 -21.49 -94.77
C LEU IA 173 -20.19 -20.82 -95.90
N ILE IA 174 -20.82 -20.70 -97.06
CA ILE IA 174 -20.17 -20.04 -98.20
C ILE IA 174 -19.76 -18.63 -97.82
N ASN IA 175 -20.69 -17.87 -97.24
CA ASN IA 175 -20.43 -16.49 -96.90
C ASN IA 175 -19.32 -16.38 -95.87
N ASN IA 176 -19.42 -17.16 -94.80
CA ASN IA 176 -18.44 -17.05 -93.72
C ASN IA 176 -17.06 -17.45 -94.18
N VAL IA 177 -16.95 -18.48 -95.00
CA VAL IA 177 -15.63 -18.88 -95.47
C VAL IA 177 -15.06 -17.85 -96.43
N ALA IA 178 -15.90 -17.28 -97.29
CA ALA IA 178 -15.40 -16.26 -98.19
C ALA IA 178 -15.02 -14.98 -97.45
N LYS IA 179 -15.60 -14.75 -96.28
CA LYS IA 179 -15.41 -13.51 -95.55
C LYS IA 179 -14.26 -13.59 -94.55
N ALA IA 180 -14.19 -14.68 -93.80
CA ALA IA 180 -13.17 -14.85 -92.77
C ALA IA 180 -11.95 -15.62 -93.24
N HIS IA 181 -11.90 -16.02 -94.51
CA HIS IA 181 -10.72 -16.70 -95.04
C HIS IA 181 -10.33 -16.23 -96.43
N GLY IA 182 -11.18 -15.52 -97.16
CA GLY IA 182 -10.85 -15.11 -98.50
C GLY IA 182 -10.92 -16.23 -99.52
N GLY IA 183 -11.46 -17.39 -99.15
CA GLY IA 183 -11.51 -18.54 -100.04
C GLY IA 183 -12.89 -18.70 -100.65
N TYR IA 184 -12.91 -18.96 -101.95
CA TYR IA 184 -14.15 -19.06 -102.70
C TYR IA 184 -14.80 -20.41 -102.42
N SER IA 185 -15.83 -20.75 -103.18
CA SER IA 185 -16.56 -21.98 -102.97
C SER IA 185 -17.08 -22.49 -104.29
N VAL IA 186 -17.25 -23.80 -104.37
CA VAL IA 186 -17.81 -24.47 -105.54
C VAL IA 186 -19.00 -25.28 -105.07
N PHE IA 187 -20.04 -25.34 -105.89
CA PHE IA 187 -21.22 -26.13 -105.58
C PHE IA 187 -21.49 -27.06 -106.75
N ALA IA 188 -21.16 -28.33 -106.60
CA ALA IA 188 -21.37 -29.33 -107.63
C ALA IA 188 -22.67 -30.05 -107.33
N GLY IA 189 -23.74 -29.61 -107.97
CA GLY IA 189 -25.04 -30.22 -107.82
C GLY IA 189 -25.16 -31.45 -108.70
N VAL IA 190 -24.63 -32.57 -108.22
CA VAL IA 190 -24.79 -33.84 -108.90
C VAL IA 190 -26.26 -34.23 -108.86
N GLY IA 191 -26.79 -34.69 -109.99
CA GLY IA 191 -28.16 -35.17 -109.98
C GLY IA 191 -29.07 -34.11 -109.37
N GLU IA 192 -29.06 -32.92 -109.94
CA GLU IA 192 -29.76 -31.77 -109.38
C GLU IA 192 -31.09 -31.61 -110.08
N ARG IA 193 -32.18 -31.64 -109.31
CA ARG IA 193 -33.47 -31.31 -109.88
C ARG IA 193 -33.40 -29.92 -110.50
N THR IA 194 -33.98 -29.78 -111.69
CA THR IA 194 -33.94 -28.48 -112.35
C THR IA 194 -34.68 -27.44 -111.54
N ARG IA 195 -35.83 -27.81 -110.97
CA ARG IA 195 -36.57 -26.87 -110.13
C ARG IA 195 -35.72 -26.44 -108.94
N GLU IA 196 -35.10 -27.40 -108.26
CA GLU IA 196 -34.29 -27.06 -107.10
C GLU IA 196 -33.03 -26.31 -107.50
N GLY IA 197 -32.46 -26.64 -108.65
CA GLY IA 197 -31.30 -25.89 -109.10
C GLY IA 197 -31.61 -24.43 -109.37
N ASN IA 198 -32.73 -24.17 -110.03
CA ASN IA 198 -33.14 -22.79 -110.26
C ASN IA 198 -33.46 -22.08 -108.95
N ASP IA 199 -34.12 -22.77 -108.03
CA ASP IA 199 -34.41 -22.16 -106.74
C ASP IA 199 -33.14 -21.82 -105.98
N LEU IA 200 -32.16 -22.71 -106.01
CA LEU IA 200 -30.89 -22.43 -105.35
C LEU IA 200 -30.19 -21.25 -106.00
N TYR IA 201 -30.19 -21.20 -107.33
CA TYR IA 201 -29.57 -20.08 -108.02
C TYR IA 201 -30.19 -18.76 -107.59
N HIS IA 202 -31.52 -18.72 -107.54
CA HIS IA 202 -32.18 -17.46 -107.20
C HIS IA 202 -32.04 -17.13 -105.72
N GLU IA 203 -32.02 -18.13 -104.84
CA GLU IA 203 -31.75 -17.87 -103.44
C GLU IA 203 -30.37 -17.28 -103.26
N MET IA 204 -29.39 -17.82 -103.96
CA MET IA 204 -28.04 -17.28 -103.86
C MET IA 204 -27.98 -15.86 -104.39
N ILE IA 205 -28.60 -15.59 -105.53
CA ILE IA 205 -28.60 -14.24 -106.06
C ILE IA 205 -29.22 -13.27 -105.06
N GLU IA 206 -30.35 -13.66 -104.48
CA GLU IA 206 -30.99 -12.83 -103.47
C GLU IA 206 -30.07 -12.61 -102.26
N SER IA 207 -29.40 -13.66 -101.80
CA SER IA 207 -28.61 -13.60 -100.58
C SER IA 207 -27.22 -13.05 -100.80
N GLY IA 208 -26.83 -12.72 -102.03
CA GLY IA 208 -25.61 -12.00 -102.30
C GLY IA 208 -24.38 -12.84 -102.54
N VAL IA 209 -24.43 -14.15 -102.29
CA VAL IA 209 -23.26 -14.98 -102.55
C VAL IA 209 -22.94 -15.00 -104.03
N ILE IA 210 -23.97 -15.01 -104.86
CA ILE IA 210 -23.84 -14.77 -106.29
C ILE IA 210 -24.30 -13.35 -106.57
N ASN IA 211 -23.58 -12.65 -107.42
CA ASN IA 211 -23.96 -11.29 -107.80
C ASN IA 211 -23.80 -11.17 -109.30
N LEU IA 212 -24.84 -10.72 -109.97
CA LEU IA 212 -24.85 -10.68 -111.43
C LEU IA 212 -24.30 -9.40 -112.02
N LYS IA 213 -23.86 -8.47 -111.20
CA LYS IA 213 -23.44 -7.17 -111.70
C LYS IA 213 -22.00 -6.81 -111.42
N ASP IA 214 -21.53 -6.95 -110.17
CA ASP IA 214 -20.29 -6.33 -109.74
C ASP IA 214 -19.12 -7.31 -109.71
N ALA IA 215 -19.29 -8.52 -110.23
CA ALA IA 215 -18.19 -9.46 -110.37
C ALA IA 215 -17.46 -9.67 -109.05
N THR IA 216 -18.23 -9.90 -108.00
CA THR IA 216 -17.70 -10.28 -106.69
C THR IA 216 -18.47 -11.45 -106.12
N SER IA 217 -18.82 -12.41 -106.98
CA SER IA 217 -19.49 -13.62 -106.53
C SER IA 217 -18.50 -14.54 -105.83
N LYS IA 218 -19.00 -15.28 -104.85
CA LYS IA 218 -18.17 -16.16 -104.03
C LYS IA 218 -18.43 -17.63 -104.32
N VAL IA 219 -19.24 -17.95 -105.31
CA VAL IA 219 -19.63 -19.34 -105.59
C VAL IA 219 -19.49 -19.60 -107.07
N ALA IA 220 -19.03 -20.79 -107.41
CA ALA IA 220 -19.06 -21.30 -108.76
C ALA IA 220 -20.01 -22.49 -108.78
N LEU IA 221 -21.12 -22.37 -109.50
CA LEU IA 221 -22.12 -23.41 -109.54
C LEU IA 221 -21.88 -24.32 -110.73
N VAL IA 222 -21.89 -25.62 -110.50
CA VAL IA 222 -21.83 -26.62 -111.55
C VAL IA 222 -23.02 -27.52 -111.35
N TYR IA 223 -23.77 -27.80 -112.41
CA TYR IA 223 -25.02 -28.52 -112.30
C TYR IA 223 -25.02 -29.70 -113.25
N GLY IA 224 -25.11 -30.91 -112.71
CA GLY IA 224 -25.35 -32.07 -113.53
C GLY IA 224 -26.80 -32.46 -113.37
N GLN IA 225 -27.62 -32.12 -114.35
CA GLN IA 225 -29.06 -32.22 -114.18
C GLN IA 225 -29.47 -33.67 -114.00
N MET IA 226 -30.71 -33.85 -113.54
CA MET IA 226 -31.22 -35.19 -113.32
C MET IA 226 -31.76 -35.83 -114.59
N ASN IA 227 -31.86 -35.08 -115.68
CA ASN IA 227 -32.33 -35.61 -116.95
C ASN IA 227 -31.20 -35.83 -117.95
N GLU IA 228 -29.97 -35.82 -117.49
CA GLU IA 228 -28.84 -36.12 -118.35
C GLU IA 228 -28.45 -37.59 -118.24
N PRO IA 229 -27.95 -38.19 -119.31
CA PRO IA 229 -27.60 -39.60 -119.25
C PRO IA 229 -26.65 -39.87 -118.09
N PRO IA 230 -26.62 -41.09 -117.58
CA PRO IA 230 -25.77 -41.36 -116.42
C PRO IA 230 -24.34 -40.97 -116.64
N GLY IA 231 -23.84 -41.07 -117.86
CA GLY IA 231 -22.47 -40.71 -118.12
C GLY IA 231 -22.12 -39.30 -117.75
N ALA IA 232 -23.13 -38.41 -117.63
CA ALA IA 232 -22.91 -37.04 -117.24
C ALA IA 232 -23.06 -36.81 -115.76
N ARG IA 233 -24.03 -37.43 -115.11
CA ARG IA 233 -24.18 -37.27 -113.68
C ARG IA 233 -23.04 -37.90 -112.90
N ALA IA 234 -22.28 -38.81 -113.51
CA ALA IA 234 -21.16 -39.44 -112.83
C ALA IA 234 -19.88 -38.63 -112.94
N ARG IA 235 -19.85 -37.59 -113.76
CA ARG IA 235 -18.64 -36.80 -113.95
C ARG IA 235 -18.76 -35.38 -113.45
N VAL IA 236 -19.96 -34.91 -113.09
CA VAL IA 236 -20.08 -33.53 -112.66
C VAL IA 236 -19.30 -33.29 -111.38
N ALA IA 237 -19.25 -34.28 -110.49
CA ALA IA 237 -18.44 -34.12 -109.29
C ALA IA 237 -17.00 -33.84 -109.65
N LEU IA 238 -16.51 -34.43 -110.73
CA LEU IA 238 -15.14 -34.17 -111.15
C LEU IA 238 -15.00 -32.78 -111.74
N THR IA 239 -16.04 -32.24 -112.38
CA THR IA 239 -15.97 -30.86 -112.82
C THR IA 239 -15.89 -29.90 -111.63
N GLY IA 240 -16.69 -30.16 -110.61
CA GLY IA 240 -16.57 -29.37 -109.39
C GLY IA 240 -15.19 -29.46 -108.79
N LEU IA 241 -14.65 -30.68 -108.68
CA LEU IA 241 -13.30 -30.81 -108.15
C LEU IA 241 -12.29 -30.12 -109.03
N THR IA 242 -12.51 -30.07 -110.33
CA THR IA 242 -11.54 -29.39 -111.18
C THR IA 242 -11.51 -27.90 -110.90
N VAL IA 243 -12.68 -27.28 -110.81
CA VAL IA 243 -12.71 -25.86 -110.51
C VAL IA 243 -12.08 -25.59 -109.14
N ALA IA 244 -12.46 -26.38 -108.15
CA ALA IA 244 -11.94 -26.15 -106.81
C ALA IA 244 -10.44 -26.43 -106.75
N GLU IA 245 -9.97 -27.42 -107.50
CA GLU IA 245 -8.54 -27.70 -107.51
C GLU IA 245 -7.77 -26.54 -108.11
N TYR IA 246 -8.34 -25.89 -109.13
CA TYR IA 246 -7.72 -24.66 -109.61
C TYR IA 246 -7.63 -23.65 -108.48
N PHE IA 247 -8.73 -23.40 -107.79
CA PHE IA 247 -8.69 -22.39 -106.74
C PHE IA 247 -7.70 -22.76 -105.65
N ARG IA 248 -7.42 -24.04 -105.47
CA ARG IA 248 -6.48 -24.43 -104.42
C ARG IA 248 -5.03 -24.30 -104.89
N ASP IA 249 -4.72 -24.85 -106.06
CA ASP IA 249 -3.32 -24.89 -106.49
C ASP IA 249 -2.91 -23.59 -107.15
N GLN IA 250 -3.59 -23.20 -108.23
CA GLN IA 250 -3.17 -22.04 -108.99
C GLN IA 250 -3.50 -20.72 -108.30
N GLU IA 251 -4.24 -20.75 -107.20
CA GLU IA 251 -4.49 -19.55 -106.43
C GLU IA 251 -4.21 -19.74 -104.94
N GLY IA 252 -3.69 -20.89 -104.52
CA GLY IA 252 -3.22 -21.08 -103.17
C GLY IA 252 -4.16 -20.54 -102.11
N GLN IA 253 -5.33 -21.16 -101.95
CA GLN IA 253 -6.24 -20.75 -100.90
C GLN IA 253 -7.11 -21.93 -100.50
N ASP IA 254 -7.74 -21.81 -99.34
CA ASP IA 254 -8.72 -22.79 -98.92
C ASP IA 254 -9.99 -22.63 -99.74
N VAL IA 255 -10.69 -23.74 -99.94
CA VAL IA 255 -11.89 -23.77 -100.77
C VAL IA 255 -12.94 -24.60 -100.07
N LEU IA 256 -14.20 -24.26 -100.31
CA LEU IA 256 -15.32 -25.10 -99.93
C LEU IA 256 -15.87 -25.78 -101.17
N LEU IA 257 -16.32 -27.01 -101.02
CA LEU IA 257 -16.84 -27.77 -102.15
C LEU IA 257 -18.08 -28.50 -101.68
N PHE IA 258 -19.25 -28.01 -102.06
CA PHE IA 258 -20.49 -28.65 -101.68
C PHE IA 258 -20.88 -29.64 -102.75
N ILE IA 259 -21.26 -30.83 -102.33
CA ILE IA 259 -21.66 -31.89 -103.24
C ILE IA 259 -23.04 -32.33 -102.78
N ASP IA 260 -24.07 -31.89 -103.51
CA ASP IA 260 -25.43 -32.30 -103.26
C ASP IA 260 -25.95 -32.91 -104.56
N ASN IA 261 -26.16 -34.23 -104.61
CA ASN IA 261 -26.05 -35.19 -103.51
C ASN IA 261 -24.87 -36.10 -103.75
N ILE IA 262 -24.38 -36.78 -102.72
CA ILE IA 262 -23.30 -37.72 -102.93
C ILE IA 262 -23.80 -39.12 -103.22
N PHE IA 263 -25.03 -39.45 -102.82
CA PHE IA 263 -25.58 -40.75 -103.20
C PHE IA 263 -25.80 -40.82 -104.70
N ARG IA 264 -26.33 -39.75 -105.29
CA ARG IA 264 -26.58 -39.75 -106.72
C ARG IA 264 -25.29 -39.91 -107.51
N PHE IA 265 -24.14 -39.56 -106.94
CA PHE IA 265 -22.88 -39.81 -107.60
C PHE IA 265 -22.62 -41.32 -107.72
N THR IA 266 -22.77 -42.04 -106.62
CA THR IA 266 -22.57 -43.48 -106.66
C THR IA 266 -23.60 -44.16 -107.54
N GLN IA 267 -24.85 -43.69 -107.48
CA GLN IA 267 -25.87 -44.27 -108.35
C GLN IA 267 -25.54 -44.05 -109.82
N ALA IA 268 -25.11 -42.85 -110.19
CA ALA IA 268 -24.76 -42.61 -111.58
C ALA IA 268 -23.62 -43.51 -112.01
N GLY IA 269 -22.61 -43.66 -111.16
CA GLY IA 269 -21.54 -44.60 -111.50
C GLY IA 269 -22.06 -46.00 -111.69
N SER IA 270 -23.00 -46.41 -110.86
CA SER IA 270 -23.57 -47.75 -110.97
C SER IA 270 -24.28 -47.93 -112.31
N GLU IA 271 -25.07 -46.95 -112.72
CA GLU IA 271 -25.74 -47.07 -114.01
C GLU IA 271 -24.74 -47.12 -115.15
N VAL IA 272 -23.70 -46.29 -115.10
CA VAL IA 272 -22.72 -46.32 -116.18
C VAL IA 272 -22.06 -47.69 -116.27
N SER IA 273 -21.67 -48.25 -115.12
CA SER IA 273 -21.03 -49.56 -115.14
C SER IA 273 -21.98 -50.63 -115.66
N ALA IA 274 -23.26 -50.56 -115.28
CA ALA IA 274 -24.21 -51.52 -115.82
C ALA IA 274 -24.31 -51.38 -117.34
N LEU IA 275 -24.38 -50.15 -117.82
CA LEU IA 275 -24.48 -49.94 -119.26
C LEU IA 275 -23.30 -50.56 -119.98
N LEU IA 276 -22.09 -50.36 -119.46
CA LEU IA 276 -20.92 -50.93 -120.10
C LEU IA 276 -20.95 -52.46 -120.08
N GLY IA 277 -21.68 -53.05 -119.15
CA GLY IA 277 -21.83 -54.49 -119.11
C GLY IA 277 -20.94 -55.17 -118.11
N ARG IA 278 -20.83 -54.59 -116.92
CA ARG IA 278 -20.00 -55.15 -115.85
C ARG IA 278 -20.88 -55.82 -114.82
N ILE IA 279 -20.41 -56.95 -114.31
CA ILE IA 279 -21.17 -57.73 -113.33
C ILE IA 279 -21.43 -56.85 -112.12
N PRO IA 280 -22.69 -56.65 -111.71
CA PRO IA 280 -22.92 -55.81 -110.54
C PRO IA 280 -22.33 -56.43 -109.28
N SER IA 281 -21.95 -55.57 -108.35
CA SER IA 281 -21.34 -55.96 -107.10
C SER IA 281 -22.39 -56.41 -106.11
N ALA IA 282 -22.06 -56.36 -104.82
CA ALA IA 282 -22.92 -56.89 -103.76
C ALA IA 282 -24.40 -56.61 -104.00
N VAL IA 283 -24.81 -55.35 -103.96
CA VAL IA 283 -26.23 -55.02 -103.93
C VAL IA 283 -26.63 -54.30 -105.21
N GLY IA 284 -25.99 -54.66 -106.31
CA GLY IA 284 -26.23 -54.01 -107.57
C GLY IA 284 -25.33 -52.85 -107.86
N TYR IA 285 -24.51 -52.42 -106.91
CA TYR IA 285 -23.57 -51.36 -107.16
C TYR IA 285 -22.43 -51.86 -108.01
N GLN IA 286 -21.74 -50.93 -108.66
CA GLN IA 286 -20.71 -51.34 -109.58
C GLN IA 286 -19.61 -52.08 -108.84
N PRO IA 287 -18.86 -52.96 -109.52
CA PRO IA 287 -17.72 -53.59 -108.85
C PRO IA 287 -16.69 -52.58 -108.39
N THR IA 288 -16.55 -51.48 -109.10
CA THR IA 288 -15.53 -50.47 -108.81
C THR IA 288 -16.02 -49.39 -107.87
N LEU IA 289 -16.94 -49.70 -106.97
CA LEU IA 289 -17.52 -48.68 -106.12
C LEU IA 289 -16.46 -48.06 -105.22
N ALA IA 290 -15.61 -48.89 -104.62
CA ALA IA 290 -14.62 -48.39 -103.69
C ALA IA 290 -13.66 -47.43 -104.37
N THR IA 291 -13.12 -47.81 -105.52
CA THR IA 291 -12.15 -46.95 -106.18
C THR IA 291 -12.81 -45.81 -106.94
N ASP IA 292 -14.05 -45.99 -107.40
CA ASP IA 292 -14.78 -44.85 -107.95
C ASP IA 292 -14.96 -43.77 -106.89
N MET IA 293 -15.29 -44.16 -105.67
CA MET IA 293 -15.37 -43.19 -104.59
C MET IA 293 -14.00 -42.66 -104.23
N GLY IA 294 -12.98 -43.51 -104.25
CA GLY IA 294 -11.66 -43.09 -103.83
C GLY IA 294 -11.04 -42.06 -104.76
N THR IA 295 -11.12 -42.28 -106.07
CA THR IA 295 -10.49 -41.33 -106.98
C THR IA 295 -11.06 -39.94 -106.81
N MET IA 296 -12.35 -39.84 -106.53
CA MET IA 296 -12.98 -38.55 -106.32
C MET IA 296 -12.65 -37.99 -104.94
N GLN IA 297 -12.94 -38.74 -103.89
CA GLN IA 297 -12.74 -38.25 -102.53
C GLN IA 297 -11.28 -38.00 -102.22
N GLU IA 298 -10.36 -38.60 -102.95
CA GLU IA 298 -8.94 -38.49 -102.63
C GLU IA 298 -8.31 -37.26 -103.25
N ARG IA 299 -9.04 -36.50 -104.05
CA ARG IA 299 -8.59 -35.20 -104.52
C ARG IA 299 -9.08 -34.07 -103.65
N ILE IA 300 -9.90 -34.36 -102.66
CA ILE IA 300 -10.35 -33.38 -101.67
C ILE IA 300 -9.42 -33.55 -100.47
N THR IA 301 -8.30 -32.85 -100.48
CA THR IA 301 -7.36 -32.93 -99.38
C THR IA 301 -6.64 -31.60 -99.25
N THR IA 302 -5.86 -31.48 -98.18
CA THR IA 302 -5.11 -30.27 -97.88
C THR IA 302 -3.66 -30.51 -98.24
N THR IA 303 -3.28 -30.10 -99.44
CA THR IA 303 -1.90 -30.24 -99.88
C THR IA 303 -1.07 -29.10 -99.31
N LYS IA 304 0.12 -28.89 -99.84
CA LYS IA 304 1.00 -27.85 -99.34
C LYS IA 304 0.70 -26.47 -99.93
N LYS IA 305 -0.20 -26.39 -100.91
CA LYS IA 305 -0.60 -25.11 -101.49
C LYS IA 305 -1.90 -24.59 -100.90
N GLY IA 306 -2.84 -25.47 -100.61
CA GLY IA 306 -4.11 -25.06 -100.07
C GLY IA 306 -4.88 -26.27 -99.61
N SER IA 307 -6.20 -26.12 -99.55
CA SER IA 307 -7.05 -27.20 -99.08
C SER IA 307 -8.41 -27.07 -99.72
N ILE IA 308 -9.06 -28.22 -99.93
CA ILE IA 308 -10.46 -28.28 -100.33
C ILE IA 308 -11.21 -28.97 -99.21
N THR IA 309 -12.18 -28.28 -98.62
CA THR IA 309 -13.03 -28.86 -97.61
C THR IA 309 -14.37 -29.16 -98.25
N SER IA 310 -14.77 -30.41 -98.25
CA SER IA 310 -15.96 -30.84 -98.96
C SER IA 310 -17.09 -31.09 -97.99
N VAL IA 311 -18.23 -30.48 -98.25
CA VAL IA 311 -19.46 -30.72 -97.50
C VAL IA 311 -20.37 -31.52 -98.42
N GLN IA 312 -20.62 -32.76 -98.07
CA GLN IA 312 -21.27 -33.72 -98.96
C GLN IA 312 -22.62 -34.09 -98.37
N ALA IA 313 -23.70 -33.61 -98.96
CA ALA IA 313 -25.01 -34.07 -98.54
C ALA IA 313 -25.11 -35.55 -98.79
N ILE IA 314 -25.62 -36.28 -97.80
CA ILE IA 314 -25.64 -37.74 -97.84
C ILE IA 314 -27.06 -38.22 -97.71
N TYR IA 315 -27.45 -39.14 -98.58
CA TYR IA 315 -28.73 -39.84 -98.49
C TYR IA 315 -28.43 -41.30 -98.19
N VAL IA 316 -29.14 -41.86 -97.22
CA VAL IA 316 -28.92 -43.22 -96.75
C VAL IA 316 -30.07 -44.09 -97.28
N PRO IA 317 -29.82 -45.02 -98.20
CA PRO IA 317 -30.93 -45.75 -98.81
C PRO IA 317 -31.56 -46.74 -97.86
N ALA IA 318 -32.88 -46.71 -97.78
CA ALA IA 318 -33.66 -47.63 -96.95
C ALA IA 318 -33.36 -47.45 -95.47
N ASP IA 319 -32.85 -46.28 -95.08
CA ASP IA 319 -32.46 -46.03 -93.70
C ASP IA 319 -31.47 -47.08 -93.22
N ASP IA 320 -30.59 -47.49 -94.13
CA ASP IA 320 -29.65 -48.58 -93.91
C ASP IA 320 -28.25 -48.01 -93.97
N LEU IA 321 -27.59 -47.89 -92.82
CA LEU IA 321 -26.27 -47.29 -92.77
C LEU IA 321 -25.17 -48.26 -93.17
N THR IA 322 -25.51 -49.53 -93.37
CA THR IA 322 -24.57 -50.53 -93.83
C THR IA 322 -24.69 -50.80 -95.32
N ASP IA 323 -25.57 -50.09 -96.02
CA ASP IA 323 -25.70 -50.25 -97.45
C ASP IA 323 -24.37 -49.94 -98.10
N PRO IA 324 -24.01 -50.63 -99.18
CA PRO IA 324 -22.68 -50.41 -99.77
C PRO IA 324 -22.41 -48.96 -100.11
N ALA IA 325 -23.41 -48.18 -100.51
CA ALA IA 325 -23.15 -46.79 -100.85
C ALA IA 325 -22.73 -45.97 -99.63
N PRO IA 326 -23.58 -45.79 -98.62
CA PRO IA 326 -23.11 -45.09 -97.41
C PRO IA 326 -21.97 -45.79 -96.72
N ALA IA 327 -21.89 -47.12 -96.78
CA ALA IA 327 -20.75 -47.80 -96.16
C ALA IA 327 -19.45 -47.36 -96.80
N THR IA 328 -19.42 -47.23 -98.12
CA THR IA 328 -18.22 -46.77 -98.79
C THR IA 328 -17.98 -45.29 -98.57
N THR IA 329 -19.06 -44.50 -98.50
CA THR IA 329 -18.90 -43.07 -98.31
C THR IA 329 -18.33 -42.74 -96.94
N PHE IA 330 -18.83 -43.41 -95.90
CA PHE IA 330 -18.45 -43.09 -94.53
C PHE IA 330 -17.01 -43.44 -94.22
N ALA IA 331 -16.34 -44.24 -95.05
CA ALA IA 331 -14.93 -44.49 -94.86
C ALA IA 331 -14.10 -43.25 -95.14
N HIS IA 332 -14.68 -42.22 -95.74
CA HIS IA 332 -13.96 -41.01 -96.11
C HIS IA 332 -14.41 -39.78 -95.33
N LEU IA 333 -15.60 -39.80 -94.75
CA LEU IA 333 -16.09 -38.65 -94.00
C LEU IA 333 -15.19 -38.35 -92.81
N ASP IA 334 -14.75 -37.10 -92.72
CA ASP IA 334 -13.99 -36.64 -91.57
C ASP IA 334 -14.85 -35.99 -90.51
N ALA IA 335 -16.14 -35.77 -90.78
CA ALA IA 335 -17.04 -35.23 -89.77
C ALA IA 335 -18.46 -35.44 -90.24
N THR IA 336 -19.39 -35.16 -89.34
CA THR IA 336 -20.81 -35.34 -89.61
C THR IA 336 -21.60 -34.20 -88.99
N THR IA 337 -22.55 -33.68 -89.74
CA THR IA 337 -23.47 -32.66 -89.24
C THR IA 337 -24.89 -33.15 -89.51
N VAL IA 338 -25.68 -33.29 -88.45
CA VAL IA 338 -27.01 -33.88 -88.57
C VAL IA 338 -28.06 -32.82 -88.34
N LEU IA 339 -28.53 -32.19 -89.42
CA LEU IA 339 -29.67 -31.30 -89.31
C LEU IA 339 -30.91 -32.13 -88.98
N SER IA 340 -31.64 -31.71 -87.96
CA SER IA 340 -32.79 -32.47 -87.47
C SER IA 340 -34.01 -31.56 -87.43
N ARG IA 341 -35.15 -32.11 -87.84
CA ARG IA 341 -36.39 -31.34 -87.79
C ARG IA 341 -36.76 -31.01 -86.36
N ALA IA 342 -36.58 -31.95 -85.45
CA ALA IA 342 -36.99 -31.77 -84.06
C ALA IA 342 -36.36 -30.54 -83.42
N ILE IA 343 -35.40 -29.90 -84.06
CA ILE IA 343 -34.79 -28.68 -83.53
C ILE IA 343 -35.17 -27.45 -84.34
N ALA IA 344 -35.71 -27.61 -85.55
CA ALA IA 344 -36.34 -26.50 -86.22
C ALA IA 344 -37.70 -26.17 -85.63
N GLU IA 345 -38.39 -27.19 -85.11
CA GLU IA 345 -39.66 -26.95 -84.43
C GLU IA 345 -39.47 -26.10 -83.19
N LEU IA 346 -38.42 -26.41 -82.40
CA LEU IA 346 -38.11 -25.66 -81.20
C LEU IA 346 -37.62 -24.25 -81.49
N GLY IA 347 -37.49 -23.87 -82.76
CA GLY IA 347 -37.10 -22.52 -83.11
C GLY IA 347 -35.62 -22.26 -83.08
N ILE IA 348 -34.80 -23.24 -82.72
CA ILE IA 348 -33.36 -23.07 -82.72
C ILE IA 348 -32.85 -23.26 -84.15
N TYR IA 349 -32.07 -22.29 -84.63
CA TYR IA 349 -31.46 -22.39 -85.94
C TYR IA 349 -30.00 -21.99 -85.86
N PRO IA 350 -29.09 -22.69 -86.55
CA PRO IA 350 -29.33 -23.80 -87.47
C PRO IA 350 -29.78 -25.04 -86.72
N ALA IA 351 -30.48 -25.93 -87.39
CA ALA IA 351 -31.05 -27.08 -86.73
C ALA IA 351 -30.02 -28.09 -86.28
N VAL IA 352 -28.72 -27.81 -86.44
CA VAL IA 352 -27.70 -28.82 -86.20
C VAL IA 352 -27.97 -29.51 -84.89
N ASP IA 353 -27.99 -30.83 -84.93
CA ASP IA 353 -28.26 -31.64 -83.75
C ASP IA 353 -26.98 -31.79 -82.95
N PRO IA 354 -26.91 -31.21 -81.75
CA PRO IA 354 -25.61 -31.18 -81.05
C PRO IA 354 -25.09 -32.55 -80.65
N LEU IA 355 -25.94 -33.56 -80.58
CA LEU IA 355 -25.53 -34.87 -80.11
C LEU IA 355 -25.27 -35.86 -81.23
N ASP IA 356 -26.12 -35.89 -82.26
CA ASP IA 356 -25.85 -36.76 -83.41
C ASP IA 356 -24.61 -36.31 -84.15
N SER IA 357 -24.41 -35.01 -84.29
CA SER IA 357 -23.22 -34.49 -84.94
C SER IA 357 -21.97 -35.02 -84.23
N THR IA 358 -21.01 -35.49 -85.01
CA THR IA 358 -19.76 -36.00 -84.49
C THR IA 358 -18.61 -35.40 -85.28
N SER IA 359 -17.40 -35.85 -84.98
CA SER IA 359 -16.22 -35.35 -85.69
C SER IA 359 -15.03 -36.22 -85.33
N ARG IA 360 -14.11 -36.36 -86.29
CA ARG IA 360 -12.91 -37.14 -86.05
C ARG IA 360 -11.90 -36.37 -85.22
N ILE IA 361 -11.90 -35.05 -85.30
CA ILE IA 361 -10.90 -34.24 -84.65
C ILE IA 361 -11.38 -33.72 -83.30
N MET IA 362 -12.34 -34.39 -82.68
CA MET IA 362 -12.67 -34.12 -81.28
C MET IA 362 -11.68 -34.87 -80.40
N ASP IA 363 -10.41 -34.53 -80.58
CA ASP IA 363 -9.31 -35.18 -79.91
C ASP IA 363 -8.48 -34.08 -79.24
N PRO IA 364 -8.17 -34.20 -77.95
CA PRO IA 364 -7.43 -33.12 -77.30
C PRO IA 364 -6.15 -32.76 -78.02
N ASN IA 365 -5.51 -33.71 -78.68
CA ASN IA 365 -4.30 -33.42 -79.43
C ASN IA 365 -4.57 -32.47 -80.59
N ILE IA 366 -5.68 -32.67 -81.29
CA ILE IA 366 -5.95 -31.92 -82.51
C ILE IA 366 -6.50 -30.54 -82.19
N VAL IA 367 -7.61 -30.49 -81.44
CA VAL IA 367 -8.27 -29.22 -81.19
C VAL IA 367 -7.78 -28.53 -79.93
N GLY IA 368 -7.12 -29.24 -79.04
CA GLY IA 368 -6.60 -28.66 -77.82
C GLY IA 368 -7.36 -29.14 -76.60
N SER IA 369 -6.74 -28.95 -75.43
CA SER IA 369 -7.32 -29.44 -74.20
C SER IA 369 -8.52 -28.63 -73.77
N GLU IA 370 -8.43 -27.30 -73.82
CA GLU IA 370 -9.54 -26.48 -73.38
C GLU IA 370 -10.76 -26.64 -74.28
N HIS IA 371 -10.54 -26.62 -75.60
CA HIS IA 371 -11.63 -26.82 -76.54
C HIS IA 371 -12.26 -28.19 -76.32
N TYR IA 372 -11.44 -29.23 -76.19
CA TYR IA 372 -11.99 -30.55 -76.00
C TYR IA 372 -12.80 -30.63 -74.72
N ASP IA 373 -12.28 -30.06 -73.64
CA ASP IA 373 -12.97 -30.14 -72.36
C ASP IA 373 -14.29 -29.39 -72.39
N VAL IA 374 -14.32 -28.22 -73.05
CA VAL IA 374 -15.58 -27.49 -73.16
C VAL IA 374 -16.59 -28.29 -73.97
N ALA IA 375 -16.16 -28.85 -75.09
CA ALA IA 375 -17.08 -29.61 -75.93
C ALA IA 375 -17.61 -30.82 -75.18
N ARG IA 376 -16.73 -31.52 -74.47
CA ARG IA 376 -17.16 -32.66 -73.67
C ARG IA 376 -18.14 -32.23 -72.59
N GLY IA 377 -17.88 -31.11 -71.94
CA GLY IA 377 -18.80 -30.65 -70.92
C GLY IA 377 -20.17 -30.34 -71.48
N VAL IA 378 -20.22 -29.67 -72.62
CA VAL IA 378 -21.51 -29.34 -73.22
C VAL IA 378 -22.24 -30.62 -73.61
N GLN IA 379 -21.52 -31.58 -74.20
CA GLN IA 379 -22.15 -32.83 -74.57
C GLN IA 379 -22.69 -33.54 -73.33
N LYS IA 380 -21.90 -33.60 -72.27
CA LYS IA 380 -22.34 -34.30 -71.06
C LYS IA 380 -23.59 -33.65 -70.48
N ILE IA 381 -23.60 -32.32 -70.39
CA ILE IA 381 -24.76 -31.66 -69.81
C ILE IA 381 -25.98 -31.84 -70.68
N LEU IA 382 -25.79 -31.82 -72.01
CA LEU IA 382 -26.94 -32.01 -72.90
C LEU IA 382 -27.48 -33.43 -72.83
N GLN IA 383 -26.60 -34.42 -72.73
CA GLN IA 383 -27.07 -35.79 -72.51
C GLN IA 383 -27.84 -35.90 -71.21
N ASP IA 384 -27.32 -35.28 -70.15
CA ASP IA 384 -28.00 -35.33 -68.87
C ASP IA 384 -29.38 -34.70 -68.95
N TYR IA 385 -29.48 -33.56 -69.62
CA TYR IA 385 -30.79 -32.93 -69.78
C TYR IA 385 -31.71 -33.80 -70.62
N LYS IA 386 -31.19 -34.45 -71.66
CA LYS IA 386 -32.02 -35.35 -72.45
C LYS IA 386 -32.57 -36.47 -71.58
N SER IA 387 -31.72 -37.04 -70.72
CA SER IA 387 -32.17 -38.11 -69.84
C SER IA 387 -33.19 -37.61 -68.84
N LEU IA 388 -32.98 -36.43 -68.28
CA LEU IA 388 -33.90 -35.89 -67.28
C LEU IA 388 -35.20 -35.41 -67.89
N GLN IA 389 -35.25 -35.15 -69.20
CA GLN IA 389 -36.49 -34.71 -69.79
C GLN IA 389 -37.57 -35.77 -69.64
N ASP IA 390 -37.21 -37.05 -69.75
CA ASP IA 390 -38.19 -38.11 -69.56
C ASP IA 390 -38.72 -38.11 -68.13
N ILE IA 391 -37.83 -37.98 -67.14
CA ILE IA 391 -38.27 -37.98 -65.76
C ILE IA 391 -39.18 -36.79 -65.49
N ILE IA 392 -38.81 -35.62 -66.03
CA ILE IA 392 -39.67 -34.45 -65.89
C ILE IA 392 -41.02 -34.71 -66.54
N ALA IA 393 -41.03 -35.43 -67.65
CA ALA IA 393 -42.26 -35.75 -68.34
C ALA IA 393 -43.06 -36.82 -67.64
N ILE IA 394 -42.48 -37.53 -66.67
CA ILE IA 394 -43.19 -38.62 -66.01
C ILE IA 394 -43.44 -38.32 -64.54
N LEU IA 395 -42.38 -38.24 -63.75
CA LEU IA 395 -42.53 -38.06 -62.31
C LEU IA 395 -42.83 -36.62 -61.92
N GLY IA 396 -42.80 -35.70 -62.87
CA GLY IA 396 -43.05 -34.30 -62.58
C GLY IA 396 -41.78 -33.54 -62.24
N MET IA 397 -41.84 -32.23 -62.42
CA MET IA 397 -40.66 -31.39 -62.21
C MET IA 397 -40.38 -31.14 -60.73
N ASP IA 398 -41.40 -31.16 -59.89
CA ASP IA 398 -41.25 -30.77 -58.49
C ASP IA 398 -40.38 -31.73 -57.70
N GLU IA 399 -40.08 -32.91 -58.24
CA GLU IA 399 -39.33 -33.94 -57.53
C GLU IA 399 -37.89 -34.06 -58.01
N LEU IA 400 -37.33 -32.96 -58.51
CA LEU IA 400 -35.94 -32.90 -58.95
C LEU IA 400 -35.10 -32.14 -57.93
N SER IA 401 -33.92 -32.66 -57.63
CA SER IA 401 -33.03 -32.00 -56.69
C SER IA 401 -32.65 -30.62 -57.20
N GLU IA 402 -31.98 -29.86 -56.32
CA GLU IA 402 -31.48 -28.56 -56.73
C GLU IA 402 -30.46 -28.70 -57.85
N GLU IA 403 -29.58 -29.69 -57.75
CA GLU IA 403 -28.58 -29.87 -58.81
C GLU IA 403 -29.24 -30.23 -60.13
N ASP IA 404 -30.28 -31.08 -60.09
CA ASP IA 404 -30.98 -31.43 -61.32
C ASP IA 404 -31.62 -30.21 -61.96
N LYS IA 405 -32.28 -29.37 -61.16
CA LYS IA 405 -32.90 -28.17 -61.71
C LYS IA 405 -31.85 -27.22 -62.25
N LEU IA 406 -30.70 -27.12 -61.57
CA LEU IA 406 -29.64 -26.28 -62.08
C LEU IA 406 -29.12 -26.79 -63.41
N THR IA 407 -28.96 -28.10 -63.56
CA THR IA 407 -28.52 -28.64 -64.84
C THR IA 407 -29.57 -28.42 -65.91
N VAL IA 408 -30.84 -28.50 -65.55
CA VAL IA 408 -31.88 -28.22 -66.54
C VAL IA 408 -31.79 -26.77 -67.01
N SER IA 409 -31.58 -25.84 -66.08
CA SER IA 409 -31.43 -24.44 -66.46
C SER IA 409 -30.22 -24.26 -67.36
N ARG IA 410 -29.09 -24.85 -66.98
CA ARG IA 410 -27.89 -24.73 -67.79
C ARG IA 410 -28.11 -25.32 -69.17
N ALA IA 411 -28.76 -26.47 -69.25
CA ALA IA 411 -28.96 -27.13 -70.54
C ALA IA 411 -29.87 -26.30 -71.43
N ARG IA 412 -30.93 -25.73 -70.88
CA ARG IA 412 -31.80 -24.89 -71.70
C ARG IA 412 -31.05 -23.65 -72.17
N LYS IA 413 -30.24 -23.05 -71.31
CA LYS IA 413 -29.48 -21.89 -71.73
C LYS IA 413 -28.46 -22.24 -72.80
N ILE IA 414 -27.79 -23.39 -72.68
CA ILE IA 414 -26.84 -23.81 -73.69
C ILE IA 414 -27.55 -24.08 -75.01
N GLN IA 415 -28.67 -24.81 -74.95
CA GLN IA 415 -29.45 -25.03 -76.16
C GLN IA 415 -29.74 -23.72 -76.87
N ARG IA 416 -30.26 -22.74 -76.13
CA ARG IA 416 -30.57 -21.47 -76.78
C ARG IA 416 -29.32 -20.77 -77.26
N PHE IA 417 -28.18 -20.99 -76.60
CA PHE IA 417 -26.97 -20.31 -77.00
C PHE IA 417 -26.41 -20.87 -78.29
N LEU IA 418 -26.64 -22.15 -78.56
CA LEU IA 418 -26.15 -22.73 -79.80
C LEU IA 418 -26.78 -22.08 -81.02
N SER IA 419 -28.00 -21.58 -80.89
CA SER IA 419 -28.65 -20.87 -81.99
C SER IA 419 -27.90 -19.59 -82.31
N GLN IA 420 -27.84 -19.25 -83.59
CA GLN IA 420 -27.10 -18.11 -84.07
C GLN IA 420 -27.87 -17.45 -85.20
N PRO IA 421 -27.70 -16.14 -85.40
CA PRO IA 421 -28.31 -15.50 -86.57
C PRO IA 421 -27.36 -15.46 -87.76
N PHE IA 422 -27.88 -15.83 -88.92
CA PHE IA 422 -27.09 -15.94 -90.12
C PHE IA 422 -27.26 -14.70 -90.98
N GLN IA 423 -26.14 -14.19 -91.50
CA GLN IA 423 -26.20 -13.01 -92.34
C GLN IA 423 -27.04 -13.23 -93.59
N VAL IA 424 -27.23 -14.49 -94.00
CA VAL IA 424 -28.03 -14.78 -95.19
C VAL IA 424 -29.48 -15.06 -94.86
N ALA IA 425 -29.83 -15.28 -93.60
CA ALA IA 425 -31.20 -15.47 -93.17
C ALA IA 425 -31.72 -14.24 -92.42
N GLU IA 426 -31.20 -13.07 -92.76
CA GLU IA 426 -31.69 -11.85 -92.13
C GLU IA 426 -33.15 -11.61 -92.47
N VAL IA 427 -33.55 -11.86 -93.72
CA VAL IA 427 -34.91 -11.57 -94.12
C VAL IA 427 -35.90 -12.41 -93.33
N PHE IA 428 -35.47 -13.56 -92.82
CA PHE IA 428 -36.34 -14.38 -91.99
C PHE IA 428 -36.37 -13.84 -90.56
N THR IA 429 -35.22 -13.86 -89.90
CA THR IA 429 -35.15 -13.43 -88.50
C THR IA 429 -35.20 -11.92 -88.36
N GLY IA 430 -34.68 -11.19 -89.35
CA GLY IA 430 -34.48 -9.76 -89.22
C GLY IA 430 -33.27 -9.37 -88.42
N HIS IA 431 -32.78 -10.25 -87.55
CA HIS IA 431 -31.61 -9.93 -86.74
C HIS IA 431 -30.38 -9.85 -87.63
N LEU IA 432 -29.54 -8.86 -87.38
CA LEU IA 432 -28.30 -8.74 -88.13
C LEU IA 432 -27.41 -9.95 -87.88
N GLY IA 433 -26.82 -10.47 -88.95
CA GLY IA 433 -26.04 -11.68 -88.83
C GLY IA 433 -24.76 -11.49 -88.04
N LYS IA 434 -24.30 -12.57 -87.42
CA LYS IA 434 -23.08 -12.56 -86.63
C LYS IA 434 -22.17 -13.69 -87.07
N LEU IA 435 -20.88 -13.48 -86.91
CA LEU IA 435 -19.85 -14.48 -87.19
C LEU IA 435 -19.03 -14.62 -85.92
N VAL IA 436 -19.31 -15.65 -85.13
CA VAL IA 436 -18.65 -15.84 -83.84
C VAL IA 436 -17.31 -16.51 -84.05
N PRO IA 437 -16.19 -15.86 -83.73
CA PRO IA 437 -14.90 -16.55 -83.84
C PRO IA 437 -14.77 -17.65 -82.81
N LEU IA 438 -13.85 -18.57 -83.07
CA LEU IA 438 -13.76 -19.78 -82.27
C LEU IA 438 -13.55 -19.45 -80.79
N LYS IA 439 -12.57 -18.60 -80.49
CA LYS IA 439 -12.20 -18.37 -79.10
C LYS IA 439 -13.37 -17.79 -78.32
N GLU IA 440 -14.14 -16.90 -78.96
CA GLU IA 440 -15.29 -16.32 -78.27
C GLU IA 440 -16.34 -17.38 -77.96
N THR IA 441 -16.53 -18.34 -78.86
CA THR IA 441 -17.46 -19.43 -78.59
C THR IA 441 -16.98 -20.26 -77.41
N ILE IA 442 -15.70 -20.61 -77.38
CA ILE IA 442 -15.18 -21.39 -76.27
C ILE IA 442 -15.35 -20.63 -74.97
N LYS IA 443 -15.04 -19.33 -74.98
CA LYS IA 443 -15.18 -18.52 -73.78
C LYS IA 443 -16.62 -18.51 -73.31
N GLY IA 444 -17.56 -18.28 -74.24
CA GLY IA 444 -18.96 -18.22 -73.86
C GLY IA 444 -19.44 -19.50 -73.23
N PHE IA 445 -19.05 -20.64 -73.81
CA PHE IA 445 -19.53 -21.89 -73.25
C PHE IA 445 -18.81 -22.25 -71.96
N GLN IA 446 -17.54 -21.91 -71.84
CA GLN IA 446 -16.86 -22.07 -70.55
C GLN IA 446 -17.61 -21.31 -69.47
N GLN IA 447 -17.94 -20.04 -69.74
CA GLN IA 447 -18.62 -19.23 -68.74
C GLN IA 447 -19.98 -19.79 -68.41
N ILE IA 448 -20.75 -20.20 -69.42
CA ILE IA 448 -22.08 -20.72 -69.16
C ILE IA 448 -22.00 -21.98 -68.31
N LEU IA 449 -21.05 -22.86 -68.61
CA LEU IA 449 -20.95 -24.10 -67.88
C LEU IA 449 -20.48 -23.87 -66.45
N ALA IA 450 -19.50 -23.00 -66.26
CA ALA IA 450 -18.98 -22.74 -64.92
C ALA IA 450 -20.03 -22.12 -64.01
N GLY IA 451 -21.12 -21.60 -64.57
CA GLY IA 451 -22.19 -21.03 -63.79
C GLY IA 451 -22.17 -19.52 -63.69
N GLU IA 452 -21.26 -18.84 -64.40
CA GLU IA 452 -21.18 -17.40 -64.28
C GLU IA 452 -22.50 -16.73 -64.62
N TYR IA 453 -23.32 -17.37 -65.45
CA TYR IA 453 -24.54 -16.76 -65.96
C TYR IA 453 -25.78 -17.53 -65.50
N ASP IA 454 -25.73 -18.06 -64.29
CA ASP IA 454 -26.94 -18.64 -63.70
C ASP IA 454 -27.99 -17.59 -63.40
N HIS IA 455 -27.64 -16.31 -63.47
CA HIS IA 455 -28.50 -15.20 -63.06
C HIS IA 455 -28.98 -14.40 -64.25
N LEU IA 456 -29.28 -15.08 -65.36
CA LEU IA 456 -29.83 -14.45 -66.55
C LEU IA 456 -30.98 -15.29 -67.08
N PRO IA 457 -31.91 -14.67 -67.80
CA PRO IA 457 -33.07 -15.42 -68.30
C PRO IA 457 -32.75 -16.17 -69.59
N GLU IA 458 -33.48 -17.26 -69.80
CA GLU IA 458 -33.22 -18.12 -70.95
C GLU IA 458 -33.23 -17.32 -72.24
N GLN IA 459 -34.27 -16.51 -72.45
CA GLN IA 459 -34.41 -15.82 -73.72
C GLN IA 459 -33.30 -14.81 -73.96
N ALA IA 460 -32.50 -14.50 -72.93
CA ALA IA 460 -31.35 -13.64 -73.15
C ALA IA 460 -30.32 -14.28 -74.06
N PHE IA 461 -30.41 -15.59 -74.27
CA PHE IA 461 -29.43 -16.32 -75.06
C PHE IA 461 -29.94 -16.69 -76.46
N TYR IA 462 -31.23 -16.61 -76.70
CA TYR IA 462 -31.78 -17.04 -77.97
C TYR IA 462 -31.34 -16.09 -79.08
N MET IA 463 -30.62 -16.63 -80.06
CA MET IA 463 -30.25 -15.89 -81.27
C MET IA 463 -29.37 -14.69 -80.93
N VAL IA 464 -28.21 -14.99 -80.36
CA VAL IA 464 -27.20 -13.98 -80.06
C VAL IA 464 -25.86 -14.51 -80.50
N GLY IA 465 -24.92 -13.60 -80.72
CA GLY IA 465 -23.61 -13.95 -81.19
C GLY IA 465 -22.72 -14.29 -80.00
N PRO IA 466 -21.67 -13.52 -79.78
CA PRO IA 466 -20.82 -13.79 -78.60
C PRO IA 466 -21.63 -13.83 -77.32
N ILE IA 467 -21.02 -14.23 -76.21
CA ILE IA 467 -21.73 -14.24 -74.94
C ILE IA 467 -21.97 -12.82 -74.46
N GLU IA 468 -20.99 -11.93 -74.62
CA GLU IA 468 -21.17 -10.55 -74.18
C GLU IA 468 -22.40 -9.94 -74.82
N GLU IA 469 -22.71 -10.30 -76.05
CA GLU IA 469 -23.97 -9.87 -76.65
C GLU IA 469 -25.16 -10.44 -75.92
N ALA IA 470 -25.04 -11.66 -75.40
CA ALA IA 470 -26.13 -12.21 -74.60
C ALA IA 470 -26.32 -11.40 -73.32
N VAL IA 471 -25.22 -10.99 -72.70
CA VAL IA 471 -25.33 -10.15 -71.50
C VAL IA 471 -26.00 -8.83 -71.85
N ALA IA 472 -25.61 -8.22 -72.97
CA ALA IA 472 -26.24 -6.98 -73.39
C ALA IA 472 -27.74 -7.18 -73.58
N LYS IA 473 -28.14 -8.27 -74.22
CA LYS IA 473 -29.55 -8.55 -74.39
C LYS IA 473 -30.24 -8.72 -73.05
N ALA IA 474 -29.58 -9.39 -72.10
CA ALA IA 474 -30.17 -9.59 -70.79
C ALA IA 474 -30.44 -8.26 -70.11
N ASP IA 475 -29.49 -7.33 -70.20
CA ASP IA 475 -29.72 -6.00 -69.64
C ASP IA 475 -30.88 -5.32 -70.35
N LYS IA 476 -30.83 -5.25 -71.68
CA LYS IA 476 -31.82 -4.48 -72.43
C LYS IA 476 -33.22 -5.06 -72.33
N LEU IA 477 -33.36 -6.32 -71.92
CA LEU IA 477 -34.67 -6.89 -71.75
C LEU IA 477 -35.24 -6.66 -70.36
N ALA IA 478 -34.52 -5.94 -69.50
CA ALA IA 478 -35.04 -5.51 -68.20
C ALA IA 478 -34.89 -4.01 -68.02
N GLU IA 479 -35.02 -3.27 -69.13
CA GLU IA 479 -34.91 -1.81 -69.09
C GLU IA 479 -35.94 -1.20 -70.04
N THR JA 13 3.21 -91.04 -122.69
CA THR JA 13 2.98 -90.05 -123.74
C THR JA 13 3.72 -88.76 -123.40
N THR JA 14 3.52 -87.72 -124.20
CA THR JA 14 4.17 -86.44 -123.95
C THR JA 14 3.38 -85.34 -124.64
N GLY JA 15 2.66 -84.54 -123.85
CA GLY JA 15 1.96 -83.38 -124.35
C GLY JA 15 2.70 -82.11 -123.99
N ARG JA 16 2.06 -80.99 -124.31
CA ARG JA 16 2.64 -79.69 -124.04
C ARG JA 16 1.56 -78.75 -123.52
N ILE JA 17 1.92 -77.96 -122.51
CA ILE JA 17 0.97 -77.03 -121.92
C ILE JA 17 0.53 -76.02 -122.97
N VAL JA 18 -0.78 -75.76 -123.02
CA VAL JA 18 -1.32 -74.76 -123.95
C VAL JA 18 -2.07 -73.65 -123.24
N ALA JA 19 -2.44 -73.80 -121.98
CA ALA JA 19 -3.01 -72.67 -121.24
C ALA JA 19 -2.81 -72.90 -119.77
N VAL JA 20 -2.71 -71.80 -119.02
CA VAL JA 20 -2.55 -71.88 -117.58
C VAL JA 20 -3.33 -70.77 -116.89
N ILE JA 21 -4.52 -71.08 -116.40
CA ILE JA 21 -5.38 -70.09 -115.77
C ILE JA 21 -5.55 -70.49 -114.31
N GLY JA 22 -5.02 -69.70 -113.40
CA GLY JA 22 -5.10 -70.07 -112.01
C GLY JA 22 -4.50 -71.44 -111.80
N ALA JA 23 -5.29 -72.34 -111.23
CA ALA JA 23 -4.85 -73.70 -110.95
C ALA JA 23 -5.30 -74.70 -111.99
N VAL JA 24 -5.81 -74.24 -113.13
CA VAL JA 24 -6.31 -75.11 -114.18
C VAL JA 24 -5.40 -74.97 -115.39
N VAL JA 25 -4.80 -76.07 -115.80
CA VAL JA 25 -3.82 -76.09 -116.88
C VAL JA 25 -4.41 -76.91 -118.02
N ASP JA 26 -4.54 -76.31 -119.19
CA ASP JA 26 -4.95 -77.04 -120.38
C ASP JA 26 -3.71 -77.52 -121.11
N VAL JA 27 -3.64 -78.82 -121.36
CA VAL JA 27 -2.50 -79.50 -121.94
C VAL JA 27 -2.94 -80.15 -123.24
N GLN JA 28 -1.99 -80.31 -124.16
CA GLN JA 28 -2.28 -80.87 -125.47
C GLN JA 28 -1.36 -82.04 -125.75
N PHE JA 29 -1.94 -83.16 -126.17
CA PHE JA 29 -1.17 -84.33 -126.56
C PHE JA 29 -1.36 -84.59 -128.04
N ASP JA 30 -0.30 -85.03 -128.70
CA ASP JA 30 -0.40 -85.42 -130.09
C ASP JA 30 -0.59 -86.91 -130.30
N GLU JA 31 -0.11 -87.74 -129.37
CA GLU JA 31 -0.47 -89.15 -129.37
C GLU JA 31 -1.70 -89.34 -128.47
N GLY JA 32 -1.99 -90.58 -128.08
CA GLY JA 32 -3.21 -90.84 -127.33
C GLY JA 32 -3.28 -90.03 -126.05
N LEU JA 33 -4.47 -89.53 -125.75
CA LEU JA 33 -4.68 -88.77 -124.53
C LEU JA 33 -4.63 -89.69 -123.32
N PRO JA 34 -4.45 -89.12 -122.13
CA PRO JA 34 -4.58 -89.89 -120.92
C PRO JA 34 -6.02 -89.93 -120.46
N PRO JA 35 -6.53 -91.06 -119.98
CA PRO JA 35 -7.91 -91.09 -119.50
C PRO JA 35 -8.10 -90.16 -118.32
N ILE JA 36 -9.34 -89.69 -118.16
CA ILE JA 36 -9.68 -88.78 -117.08
C ILE JA 36 -9.20 -89.37 -115.77
N LEU JA 37 -8.85 -88.50 -114.82
CA LEU JA 37 -8.39 -88.80 -113.47
C LEU JA 37 -6.93 -89.25 -113.45
N ASN JA 38 -6.24 -89.32 -114.58
CA ASN JA 38 -4.83 -89.66 -114.55
C ASN JA 38 -4.02 -88.51 -113.95
N ALA JA 39 -2.74 -88.80 -113.71
CA ALA JA 39 -1.80 -87.81 -113.22
C ALA JA 39 -0.70 -87.61 -114.24
N LEU JA 40 -0.21 -86.38 -114.33
CA LEU JA 40 0.77 -85.97 -115.32
C LEU JA 40 1.86 -85.21 -114.59
N GLU JA 41 3.10 -85.39 -115.02
CA GLU JA 41 4.23 -84.69 -114.42
C GLU JA 41 4.69 -83.58 -115.35
N VAL JA 42 4.74 -82.36 -114.85
CA VAL JA 42 5.23 -81.23 -115.63
C VAL JA 42 6.76 -81.34 -115.66
N GLN JA 43 7.30 -81.80 -116.78
CA GLN JA 43 8.74 -81.97 -116.87
C GLN JA 43 9.43 -80.62 -116.94
N GLY JA 44 10.44 -80.43 -116.12
CA GLY JA 44 11.20 -79.20 -116.14
C GLY JA 44 10.85 -78.26 -115.00
N ARG JA 45 10.70 -78.81 -113.81
CA ARG JA 45 10.35 -78.03 -112.64
C ARG JA 45 11.37 -78.26 -111.54
N GLU JA 46 11.48 -77.27 -110.65
CA GLU JA 46 12.36 -77.37 -109.50
C GLU JA 46 11.80 -78.30 -108.42
N THR JA 47 10.55 -78.72 -108.57
CA THR JA 47 9.92 -79.63 -107.63
C THR JA 47 9.00 -80.54 -108.44
N ARG JA 48 8.13 -81.27 -107.75
CA ARG JA 48 7.20 -82.19 -108.40
C ARG JA 48 5.83 -81.55 -108.44
N LEU JA 49 5.39 -81.17 -109.64
CA LEU JA 49 4.07 -80.60 -109.87
C LEU JA 49 3.26 -81.61 -110.64
N VAL JA 50 2.25 -82.19 -109.99
CA VAL JA 50 1.40 -83.21 -110.59
C VAL JA 50 0.10 -82.56 -111.03
N LEU JA 51 -0.26 -82.75 -112.29
CA LEU JA 51 -1.50 -82.25 -112.86
C LEU JA 51 -2.45 -83.41 -113.04
N GLU JA 52 -3.62 -83.34 -112.44
CA GLU JA 52 -4.57 -84.45 -112.52
C GLU JA 52 -5.63 -84.13 -113.57
N VAL JA 53 -5.79 -85.02 -114.54
CA VAL JA 53 -6.71 -84.76 -115.63
C VAL JA 53 -8.13 -84.71 -115.12
N ALA JA 54 -8.97 -83.88 -115.75
CA ALA JA 54 -10.36 -83.75 -115.33
C ALA JA 54 -11.34 -83.66 -116.49
N GLN JA 55 -10.93 -83.28 -117.68
CA GLN JA 55 -11.83 -83.10 -118.80
C GLN JA 55 -11.10 -83.46 -120.08
N HIS JA 56 -11.85 -83.60 -121.16
CA HIS JA 56 -11.32 -83.90 -122.48
C HIS JA 56 -11.91 -82.88 -123.43
N LEU JA 57 -11.27 -81.73 -123.57
CA LEU JA 57 -11.90 -80.63 -124.28
C LEU JA 57 -12.12 -80.91 -125.76
N GLY JA 58 -11.40 -81.88 -126.33
CA GLY JA 58 -11.41 -82.06 -127.75
C GLY JA 58 -10.24 -81.36 -128.42
N GLU JA 59 -9.84 -81.88 -129.58
CA GLU JA 59 -8.60 -81.51 -130.23
C GLU JA 59 -7.40 -82.13 -129.53
N SER JA 60 -7.56 -83.34 -129.02
CA SER JA 60 -6.51 -84.01 -128.27
C SER JA 60 -6.00 -83.12 -127.15
N THR JA 61 -6.90 -82.36 -126.56
CA THR JA 61 -6.61 -81.45 -125.45
C THR JA 61 -7.32 -81.95 -124.20
N VAL JA 62 -6.64 -81.84 -123.07
CA VAL JA 62 -7.24 -82.18 -121.78
C VAL JA 62 -7.08 -80.98 -120.87
N ARG JA 63 -7.94 -80.91 -119.87
CA ARG JA 63 -7.91 -79.84 -118.89
C ARG JA 63 -7.64 -80.48 -117.54
N THR JA 64 -6.62 -80.00 -116.85
CA THR JA 64 -6.09 -80.65 -115.67
C THR JA 64 -6.08 -79.68 -114.52
N ILE JA 65 -6.13 -80.20 -113.31
CA ILE JA 65 -6.09 -79.41 -112.09
C ILE JA 65 -4.73 -79.66 -111.45
N ALA JA 66 -3.99 -78.59 -111.20
CA ALA JA 66 -2.63 -78.71 -110.69
C ALA JA 66 -2.66 -78.91 -109.18
N MET JA 67 -1.83 -79.85 -108.70
CA MET JA 67 -1.73 -80.16 -107.29
C MET JA 67 -0.55 -79.45 -106.64
N ASP JA 68 -0.26 -78.23 -107.06
CA ASP JA 68 0.85 -77.44 -106.54
C ASP JA 68 0.80 -76.09 -107.22
N GLY JA 69 1.64 -75.17 -106.76
CA GLY JA 69 1.68 -73.87 -107.36
C GLY JA 69 2.03 -73.93 -108.83
N THR JA 70 1.23 -73.30 -109.68
CA THR JA 70 1.47 -73.25 -111.11
C THR JA 70 2.11 -71.93 -111.53
N GLU JA 71 2.94 -71.34 -110.68
CA GLU JA 71 3.65 -70.13 -111.04
C GLU JA 71 4.97 -70.50 -111.70
N GLY JA 72 5.23 -69.92 -112.85
CA GLY JA 72 6.40 -70.27 -113.62
C GLY JA 72 6.15 -71.26 -114.73
N LEU JA 73 4.90 -71.54 -115.07
CA LEU JA 73 4.57 -72.45 -116.15
C LEU JA 73 4.51 -71.67 -117.46
N VAL JA 74 5.37 -72.02 -118.39
CA VAL JA 74 5.43 -71.36 -119.68
C VAL JA 74 4.54 -72.10 -120.65
N ARG JA 75 3.71 -71.36 -121.37
CA ARG JA 75 2.92 -71.95 -122.43
C ARG JA 75 3.84 -72.71 -123.37
N GLY JA 76 3.73 -74.04 -123.39
CA GLY JA 76 4.56 -74.85 -124.24
C GLY JA 76 5.54 -75.75 -123.52
N GLN JA 77 5.48 -75.84 -122.19
CA GLN JA 77 6.34 -76.80 -121.51
C GLN JA 77 5.96 -78.21 -121.92
N LYS JA 78 6.68 -79.20 -121.41
CA LYS JA 78 6.42 -80.59 -121.72
C LYS JA 78 5.79 -81.24 -120.50
N VAL JA 79 4.72 -82.00 -120.72
CA VAL JA 79 4.01 -82.70 -119.67
C VAL JA 79 4.02 -84.18 -120.02
N LEU JA 80 4.39 -85.01 -119.07
CA LEU JA 80 4.64 -86.43 -119.32
C LEU JA 80 3.59 -87.23 -118.57
N ASP JA 81 2.86 -88.07 -119.29
CA ASP JA 81 1.80 -88.85 -118.67
C ASP JA 81 2.36 -89.94 -117.78
N SER JA 82 1.70 -90.15 -116.64
CA SER JA 82 2.11 -91.21 -115.71
C SER JA 82 1.51 -92.56 -116.05
N GLY JA 83 0.27 -92.58 -116.54
CA GLY JA 83 -0.40 -93.79 -116.92
C GLY JA 83 -1.38 -94.32 -115.89
N ALA JA 84 -1.26 -93.89 -114.65
CA ALA JA 84 -2.17 -94.29 -113.58
C ALA JA 84 -2.51 -93.07 -112.75
N PRO JA 85 -3.63 -93.09 -112.05
CA PRO JA 85 -4.00 -91.93 -111.24
C PRO JA 85 -2.98 -91.66 -110.15
N ILE JA 86 -3.15 -90.60 -109.37
CA ILE JA 86 -2.23 -90.35 -108.28
C ILE JA 86 -2.20 -91.56 -107.38
N ARG JA 87 -1.00 -92.10 -107.15
CA ARG JA 87 -0.83 -93.29 -106.32
C ARG JA 87 0.06 -92.94 -105.14
N ILE JA 88 -0.41 -93.25 -103.94
CA ILE JA 88 0.27 -92.87 -102.72
C ILE JA 88 0.77 -94.12 -102.03
N PRO JA 89 1.85 -94.06 -101.25
CA PRO JA 89 2.31 -95.25 -100.53
C PRO JA 89 1.35 -95.58 -99.40
N VAL JA 90 0.90 -96.83 -99.32
CA VAL JA 90 0.06 -97.23 -98.21
C VAL JA 90 0.66 -98.48 -97.60
N GLY JA 91 0.30 -98.72 -96.34
CA GLY JA 91 0.82 -99.83 -95.59
C GLY JA 91 1.13 -99.41 -94.18
N PRO JA 92 1.68 -100.33 -93.38
CA PRO JA 92 2.02 -100.01 -92.00
C PRO JA 92 3.22 -99.10 -91.87
N GLU JA 93 3.86 -98.71 -92.97
CA GLU JA 93 5.01 -97.83 -92.92
C GLU JA 93 4.61 -96.36 -92.97
N THR JA 94 3.34 -96.05 -93.21
CA THR JA 94 2.85 -94.69 -93.16
C THR JA 94 2.44 -94.27 -91.76
N LEU JA 95 2.50 -95.16 -90.78
CA LEU JA 95 2.09 -94.80 -89.45
C LEU JA 95 3.14 -93.93 -88.80
N GLY JA 96 2.73 -92.77 -88.31
CA GLY JA 96 3.64 -91.83 -87.71
C GLY JA 96 4.30 -90.89 -88.68
N ARG JA 97 4.11 -91.08 -89.97
CA ARG JA 97 4.64 -90.19 -90.97
C ARG JA 97 3.64 -89.07 -91.24
N ILE JA 98 4.04 -88.12 -92.07
CA ILE JA 98 3.16 -87.07 -92.56
C ILE JA 98 3.26 -87.06 -94.07
N MET JA 99 2.15 -86.79 -94.73
CA MET JA 99 2.05 -86.92 -96.17
C MET JA 99 1.28 -85.74 -96.71
N ASN JA 100 1.67 -85.27 -97.88
CA ASN JA 100 0.90 -84.26 -98.58
C ASN JA 100 -0.08 -84.99 -99.50
N VAL JA 101 -0.76 -84.25 -100.38
CA VAL JA 101 -1.79 -84.87 -101.20
C VAL JA 101 -1.20 -85.94 -102.10
N ILE JA 102 -0.05 -85.66 -102.72
CA ILE JA 102 0.51 -86.58 -103.71
C ILE JA 102 1.32 -87.65 -103.00
N GLY JA 103 1.23 -87.70 -101.69
CA GLY JA 103 1.80 -88.79 -100.93
C GLY JA 103 3.26 -88.65 -100.59
N GLU JA 104 3.90 -87.55 -100.94
CA GLU JA 104 5.29 -87.35 -100.53
C GLU JA 104 5.35 -87.12 -99.03
N PRO JA 105 6.41 -87.59 -98.37
CA PRO JA 105 6.57 -87.28 -96.95
C PRO JA 105 7.00 -85.85 -96.73
N ILE JA 106 6.41 -85.20 -95.73
CA ILE JA 106 6.74 -83.81 -95.44
C ILE JA 106 7.15 -83.66 -93.98
N ASP JA 107 7.73 -84.70 -93.40
CA ASP JA 107 8.23 -84.66 -92.04
C ASP JA 107 9.74 -84.73 -91.96
N GLU JA 108 10.43 -84.86 -93.09
CA GLU JA 108 11.89 -84.87 -93.13
C GLU JA 108 12.45 -86.03 -92.31
N ARG JA 109 12.06 -87.25 -92.69
CA ARG JA 109 12.63 -88.45 -92.10
C ARG JA 109 12.90 -89.51 -93.15
N GLY JA 110 13.05 -89.13 -94.41
CA GLY JA 110 13.32 -90.08 -95.46
C GLY JA 110 12.06 -90.61 -96.09
N PRO JA 111 12.19 -91.34 -97.19
CA PRO JA 111 11.01 -91.76 -97.95
C PRO JA 111 10.19 -92.76 -97.17
N ILE JA 112 8.90 -92.84 -97.54
CA ILE JA 112 8.00 -93.83 -96.97
C ILE JA 112 8.26 -95.14 -97.71
N LYS JA 113 9.01 -96.04 -97.10
CA LYS JA 113 9.46 -97.26 -97.77
C LYS JA 113 8.43 -98.36 -97.59
N THR JA 114 7.39 -98.31 -98.42
CA THR JA 114 6.37 -99.34 -98.44
C THR JA 114 6.57 -100.27 -99.62
N LYS JA 115 5.80 -101.35 -99.62
CA LYS JA 115 5.81 -102.30 -100.72
C LYS JA 115 4.75 -102.00 -101.76
N GLN JA 116 3.74 -101.22 -101.39
CA GLN JA 116 2.49 -101.18 -102.12
C GLN JA 116 1.84 -99.80 -102.08
N PHE JA 117 1.41 -99.38 -103.26
CA PHE JA 117 0.80 -98.08 -103.49
C PHE JA 117 -0.68 -98.26 -103.78
N ALA JA 118 -1.46 -97.24 -103.49
CA ALA JA 118 -2.88 -97.25 -103.76
C ALA JA 118 -3.26 -96.01 -104.53
N ALA JA 119 -4.16 -96.17 -105.50
CA ALA JA 119 -4.67 -95.03 -106.25
C ALA JA 119 -5.74 -94.34 -105.44
N ILE JA 120 -5.68 -93.00 -105.40
CA ILE JA 120 -6.56 -92.27 -104.50
C ILE JA 120 -7.98 -92.17 -105.02
N HIS JA 121 -8.25 -92.64 -106.23
CA HIS JA 121 -9.57 -92.51 -106.84
C HIS JA 121 -10.23 -93.87 -107.02
N ALA JA 122 -10.21 -94.70 -105.99
CA ALA JA 122 -10.90 -95.97 -106.04
C ALA JA 122 -12.41 -95.76 -106.01
N GLU JA 123 -13.15 -96.85 -106.09
CA GLU JA 123 -14.61 -96.82 -106.13
C GLU JA 123 -15.19 -97.16 -104.77
N ALA JA 124 -16.42 -96.70 -104.56
CA ALA JA 124 -17.08 -96.91 -103.29
C ALA JA 124 -17.42 -98.39 -103.09
N PRO JA 125 -17.56 -98.84 -101.85
CA PRO JA 125 -17.96 -100.22 -101.61
C PRO JA 125 -19.35 -100.48 -102.19
N GLU JA 126 -19.55 -101.69 -102.68
CA GLU JA 126 -20.82 -102.03 -103.30
C GLU JA 126 -21.87 -102.34 -102.25
N PHE JA 127 -23.13 -102.30 -102.67
CA PHE JA 127 -24.24 -102.45 -101.74
C PHE JA 127 -24.21 -103.80 -101.04
N VAL JA 128 -23.54 -104.79 -101.59
CA VAL JA 128 -23.56 -106.15 -101.05
C VAL JA 128 -22.41 -106.32 -100.08
N GLU JA 129 -21.81 -105.20 -99.64
CA GLU JA 129 -20.73 -105.23 -98.67
C GLU JA 129 -21.02 -104.40 -97.44
N MET JA 130 -22.03 -103.55 -97.45
CA MET JA 130 -22.29 -102.68 -96.32
C MET JA 130 -22.61 -103.50 -95.09
N SER JA 131 -22.03 -103.10 -93.97
CA SER JA 131 -22.40 -103.65 -92.67
C SER JA 131 -23.58 -102.86 -92.11
N VAL JA 132 -24.25 -103.47 -91.14
CA VAL JA 132 -25.47 -102.91 -90.59
C VAL JA 132 -25.48 -102.87 -89.08
N GLU JA 133 -24.56 -103.55 -88.39
CA GLU JA 133 -24.56 -103.57 -86.94
C GLU JA 133 -24.34 -102.17 -86.40
N GLN JA 134 -25.12 -101.81 -85.38
CA GLN JA 134 -25.04 -100.49 -84.75
C GLN JA 134 -24.77 -100.65 -83.27
N GLU JA 135 -23.78 -99.93 -82.77
CA GLU JA 135 -23.38 -100.03 -81.37
C GLU JA 135 -22.92 -98.66 -80.90
N ILE JA 136 -23.30 -98.31 -79.67
CA ILE JA 136 -23.00 -96.99 -79.16
C ILE JA 136 -21.51 -96.88 -78.86
N LEU JA 137 -20.95 -95.70 -79.14
CA LEU JA 137 -19.56 -95.37 -78.81
C LEU JA 137 -19.59 -94.32 -77.72
N VAL JA 138 -18.98 -94.63 -76.58
CA VAL JA 138 -18.99 -93.75 -75.43
C VAL JA 138 -17.77 -92.85 -75.47
N THR JA 139 -18.00 -91.55 -75.40
CA THR JA 139 -16.96 -90.55 -75.58
C THR JA 139 -16.59 -89.81 -74.31
N GLY JA 140 -17.40 -89.92 -73.26
CA GLY JA 140 -17.13 -89.18 -72.05
C GLY JA 140 -17.63 -87.76 -72.05
N ILE JA 141 -18.31 -87.33 -73.11
CA ILE JA 141 -18.89 -86.00 -73.18
C ILE JA 141 -20.36 -86.10 -72.83
N LYS JA 142 -20.81 -85.28 -71.89
CA LYS JA 142 -22.16 -85.45 -71.37
C LYS JA 142 -23.21 -85.29 -72.46
N VAL JA 143 -23.16 -84.18 -73.20
CA VAL JA 143 -24.22 -83.91 -74.15
C VAL JA 143 -24.16 -84.89 -75.32
N VAL JA 144 -22.97 -85.18 -75.81
CA VAL JA 144 -22.84 -86.13 -76.91
C VAL JA 144 -23.36 -87.50 -76.51
N ASP JA 145 -22.99 -87.94 -75.30
CA ASP JA 145 -23.42 -89.26 -74.84
C ASP JA 145 -24.92 -89.31 -74.62
N LEU JA 146 -25.50 -88.23 -74.13
CA LEU JA 146 -26.90 -88.28 -73.75
C LEU JA 146 -27.82 -88.11 -74.94
N LEU JA 147 -27.64 -87.05 -75.72
CA LEU JA 147 -28.61 -86.70 -76.74
C LEU JA 147 -28.28 -87.24 -78.12
N ALA JA 148 -27.00 -87.34 -78.47
CA ALA JA 148 -26.59 -87.80 -79.80
C ALA JA 148 -25.53 -88.87 -79.66
N PRO JA 149 -25.87 -90.01 -79.07
CA PRO JA 149 -24.87 -91.04 -78.84
C PRO JA 149 -24.22 -91.46 -80.15
N TYR JA 150 -22.90 -91.35 -80.19
CA TYR JA 150 -22.16 -91.72 -81.38
C TYR JA 150 -22.21 -93.23 -81.60
N ALA JA 151 -22.21 -93.63 -82.86
CA ALA JA 151 -22.27 -95.02 -83.23
C ALA JA 151 -20.88 -95.49 -83.66
N LYS JA 152 -20.47 -96.64 -83.14
CA LYS JA 152 -19.15 -97.18 -83.43
C LYS JA 152 -19.18 -97.81 -84.82
N GLY JA 153 -18.42 -97.24 -85.74
CA GLY JA 153 -18.41 -97.71 -87.10
C GLY JA 153 -19.21 -96.88 -88.07
N GLY JA 154 -19.63 -95.68 -87.68
CA GLY JA 154 -20.42 -94.84 -88.55
C GLY JA 154 -19.88 -93.43 -88.58
N LYS JA 155 -20.26 -92.72 -89.65
CA LYS JA 155 -19.83 -91.34 -89.83
C LYS JA 155 -20.41 -90.46 -88.74
N ILE JA 156 -19.68 -89.40 -88.41
CA ILE JA 156 -20.07 -88.45 -87.37
C ILE JA 156 -19.70 -87.07 -87.86
N GLY JA 157 -20.55 -86.09 -87.60
CA GLY JA 157 -20.32 -84.75 -88.09
C GLY JA 157 -20.39 -83.73 -86.98
N LEU JA 158 -19.47 -82.77 -87.03
CA LEU JA 158 -19.41 -81.67 -86.08
C LEU JA 158 -19.65 -80.38 -86.86
N PHE JA 159 -20.87 -79.87 -86.82
CA PHE JA 159 -21.21 -78.70 -87.62
C PHE JA 159 -20.98 -77.45 -86.80
N GLY JA 160 -20.16 -76.55 -87.30
CA GLY JA 160 -19.83 -75.37 -86.52
C GLY JA 160 -19.51 -74.18 -87.38
N GLY JA 161 -19.80 -73.00 -86.86
CA GLY JA 161 -19.37 -71.78 -87.49
C GLY JA 161 -17.89 -71.62 -87.27
N ALA JA 162 -17.39 -70.39 -87.24
CA ALA JA 162 -15.98 -70.12 -87.06
C ALA JA 162 -15.74 -69.70 -85.62
N GLY JA 163 -14.93 -70.47 -84.92
CA GLY JA 163 -14.60 -70.14 -83.55
C GLY JA 163 -15.60 -70.62 -82.52
N VAL JA 164 -16.14 -71.83 -82.69
CA VAL JA 164 -17.16 -72.33 -81.77
C VAL JA 164 -16.74 -73.60 -81.03
N GLY JA 165 -15.78 -74.37 -81.54
CA GLY JA 165 -15.32 -75.52 -80.79
C GLY JA 165 -15.06 -76.75 -81.62
N LYS JA 166 -15.24 -76.68 -82.93
CA LYS JA 166 -15.07 -77.87 -83.75
C LYS JA 166 -13.74 -78.54 -83.50
N THR JA 167 -12.67 -77.75 -83.44
CA THR JA 167 -11.34 -78.35 -83.31
C THR JA 167 -11.03 -78.74 -81.88
N VAL JA 168 -11.42 -77.93 -80.89
CA VAL JA 168 -11.24 -78.38 -79.52
C VAL JA 168 -12.03 -79.66 -79.29
N LEU JA 169 -13.22 -79.74 -79.87
CA LEU JA 169 -14.03 -80.94 -79.71
C LEU JA 169 -13.40 -82.13 -80.42
N ILE JA 170 -12.86 -81.93 -81.62
CA ILE JA 170 -12.30 -83.06 -82.32
C ILE JA 170 -10.99 -83.48 -81.67
N MET JA 171 -10.31 -82.57 -80.98
CA MET JA 171 -9.12 -82.94 -80.23
C MET JA 171 -9.49 -83.69 -78.95
N GLU JA 172 -10.57 -83.29 -78.31
CA GLU JA 172 -11.06 -84.06 -77.18
C GLU JA 172 -11.46 -85.46 -77.60
N LEU JA 173 -12.13 -85.58 -78.74
CA LEU JA 173 -12.48 -86.90 -79.25
C LEU JA 173 -11.22 -87.69 -79.57
N ILE JA 174 -10.26 -87.07 -80.24
CA ILE JA 174 -8.98 -87.75 -80.48
C ILE JA 174 -8.47 -88.33 -79.19
N ASN JA 175 -8.28 -87.49 -78.20
CA ASN JA 175 -7.73 -87.96 -76.93
C ASN JA 175 -8.57 -89.10 -76.40
N ASN JA 176 -9.80 -88.82 -75.99
CA ASN JA 176 -10.66 -89.82 -75.35
C ASN JA 176 -10.66 -91.12 -76.14
N VAL JA 177 -11.18 -91.08 -77.37
CA VAL JA 177 -11.37 -92.29 -78.14
C VAL JA 177 -10.02 -92.93 -78.48
N ALA JA 178 -9.19 -92.23 -79.26
CA ALA JA 178 -8.01 -92.87 -79.82
C ALA JA 178 -7.09 -93.39 -78.73
N LYS JA 179 -6.72 -92.55 -77.76
CA LYS JA 179 -5.70 -93.00 -76.81
C LYS JA 179 -6.13 -94.29 -76.13
N ALA JA 180 -7.44 -94.51 -75.99
CA ALA JA 180 -7.99 -95.73 -75.40
C ALA JA 180 -8.43 -96.71 -76.48
N HIS JA 181 -7.69 -96.78 -77.58
CA HIS JA 181 -8.07 -97.57 -78.74
C HIS JA 181 -7.03 -98.65 -78.98
N GLY JA 182 -7.42 -99.63 -79.80
CA GLY JA 182 -6.51 -100.69 -80.18
C GLY JA 182 -6.08 -100.59 -81.63
N GLY JA 183 -6.98 -100.14 -82.48
CA GLY JA 183 -6.72 -100.08 -83.90
C GLY JA 183 -5.91 -98.86 -84.29
N TYR JA 184 -5.76 -98.69 -85.59
CA TYR JA 184 -4.97 -97.60 -86.14
C TYR JA 184 -5.79 -96.32 -86.13
N SER JA 185 -5.27 -95.29 -86.78
CA SER JA 185 -5.97 -94.01 -86.85
C SER JA 185 -5.35 -93.19 -87.97
N VAL JA 186 -6.15 -92.32 -88.56
CA VAL JA 186 -5.70 -91.46 -89.64
C VAL JA 186 -6.28 -90.09 -89.39
N PHE JA 187 -5.45 -89.06 -89.42
CA PHE JA 187 -5.90 -87.69 -89.29
C PHE JA 187 -5.61 -86.99 -90.60
N ALA JA 188 -6.67 -86.62 -91.31
CA ALA JA 188 -6.55 -85.97 -92.61
C ALA JA 188 -6.95 -84.52 -92.43
N GLY JA 189 -5.99 -83.68 -92.09
CA GLY JA 189 -6.27 -82.27 -91.95
C GLY JA 189 -6.32 -81.59 -93.29
N VAL JA 190 -7.51 -81.27 -93.77
CA VAL JA 190 -7.70 -80.66 -95.07
C VAL JA 190 -8.05 -79.20 -94.87
N GLY JA 191 -7.27 -78.32 -95.47
CA GLY JA 191 -7.58 -76.91 -95.47
C GLY JA 191 -7.72 -76.28 -94.11
N GLU JA 192 -6.78 -76.54 -93.20
CA GLU JA 192 -6.89 -76.03 -91.85
C GLU JA 192 -5.53 -75.49 -91.42
N ARG JA 193 -5.48 -74.79 -90.28
CA ARG JA 193 -4.27 -74.07 -89.89
C ARG JA 193 -3.05 -74.98 -89.94
N THR JA 194 -1.92 -74.41 -90.36
CA THR JA 194 -0.67 -75.17 -90.37
C THR JA 194 -0.08 -75.30 -88.99
N ARG JA 195 -0.14 -74.24 -88.19
CA ARG JA 195 0.39 -74.32 -86.84
C ARG JA 195 -0.39 -75.32 -86.00
N GLU JA 196 -1.69 -75.46 -86.24
CA GLU JA 196 -2.46 -76.48 -85.53
C GLU JA 196 -1.98 -77.87 -85.91
N GLY JA 197 -1.68 -78.10 -87.18
CA GLY JA 197 -1.14 -79.39 -87.57
C GLY JA 197 0.19 -79.66 -86.92
N ASN JA 198 1.05 -78.64 -86.82
CA ASN JA 198 2.33 -78.81 -86.14
C ASN JA 198 2.13 -79.12 -84.66
N ASP JA 199 1.21 -78.41 -84.01
CA ASP JA 199 0.98 -78.65 -82.58
C ASP JA 199 0.43 -80.04 -82.36
N LEU JA 200 -0.45 -80.51 -83.25
CA LEU JA 200 -0.95 -81.87 -83.14
C LEU JA 200 0.17 -82.88 -83.33
N TYR JA 201 1.04 -82.66 -84.30
CA TYR JA 201 2.17 -83.56 -84.48
C TYR JA 201 3.00 -83.65 -83.22
N HIS JA 202 3.42 -82.50 -82.70
CA HIS JA 202 4.28 -82.47 -81.53
C HIS JA 202 3.55 -82.85 -80.25
N GLU JA 203 2.22 -82.90 -80.27
CA GLU JA 203 1.44 -83.37 -79.14
C GLU JA 203 1.26 -84.87 -79.16
N MET JA 204 1.17 -85.47 -80.34
CA MET JA 204 1.19 -86.93 -80.40
C MET JA 204 2.57 -87.52 -80.23
N ILE JA 205 3.63 -86.79 -80.59
CA ILE JA 205 4.96 -87.32 -80.33
C ILE JA 205 5.19 -87.50 -78.84
N GLU JA 206 4.76 -86.52 -78.04
CA GLU JA 206 4.96 -86.58 -76.60
C GLU JA 206 4.00 -87.55 -75.92
N SER JA 207 2.94 -87.96 -76.59
CA SER JA 207 2.02 -88.93 -76.04
C SER JA 207 2.38 -90.36 -76.42
N GLY JA 208 3.46 -90.56 -77.16
CA GLY JA 208 3.82 -91.89 -77.60
C GLY JA 208 2.95 -92.45 -78.69
N VAL JA 209 1.94 -91.70 -79.14
CA VAL JA 209 1.07 -92.20 -80.20
C VAL JA 209 1.85 -92.28 -81.51
N ILE JA 210 2.71 -91.30 -81.76
CA ILE JA 210 3.66 -91.34 -82.86
C ILE JA 210 5.03 -91.63 -82.28
N ASN JA 211 5.74 -92.59 -82.86
CA ASN JA 211 7.07 -92.98 -82.40
C ASN JA 211 8.07 -92.75 -83.52
N LEU JA 212 9.12 -91.98 -83.23
CA LEU JA 212 10.10 -91.59 -84.23
C LEU JA 212 11.30 -92.53 -84.29
N LYS JA 213 11.31 -93.58 -83.48
CA LYS JA 213 12.46 -94.47 -83.40
C LYS JA 213 12.06 -95.93 -83.38
N ASP JA 214 10.81 -96.26 -83.68
CA ASP JA 214 10.31 -97.61 -83.58
C ASP JA 214 9.25 -97.81 -84.65
N ALA JA 215 8.47 -98.89 -84.50
CA ALA JA 215 7.37 -99.18 -85.41
C ALA JA 215 6.04 -99.29 -84.67
N THR JA 216 5.95 -98.68 -83.48
CA THR JA 216 4.76 -98.77 -82.65
C THR JA 216 3.85 -97.56 -82.80
N SER JA 217 3.98 -96.81 -83.89
CA SER JA 217 3.08 -95.70 -84.14
C SER JA 217 1.71 -96.21 -84.48
N LYS JA 218 0.69 -95.45 -84.08
CA LYS JA 218 -0.70 -95.83 -84.34
C LYS JA 218 -1.41 -94.86 -85.27
N VAL JA 219 -0.86 -93.69 -85.54
CA VAL JA 219 -1.56 -92.63 -86.25
C VAL JA 219 -0.79 -92.30 -87.52
N ALA JA 220 -1.51 -92.26 -88.64
CA ALA JA 220 -1.01 -91.66 -89.86
C ALA JA 220 -1.58 -90.25 -89.97
N LEU JA 221 -0.81 -89.36 -90.59
CA LEU JA 221 -1.20 -87.97 -90.73
C LEU JA 221 -1.10 -87.57 -92.19
N VAL JA 222 -2.11 -86.90 -92.70
CA VAL JA 222 -2.11 -86.35 -94.05
C VAL JA 222 -2.56 -84.91 -93.95
N TYR JA 223 -1.91 -84.02 -94.68
CA TYR JA 223 -2.13 -82.59 -94.49
C TYR JA 223 -2.22 -81.87 -95.83
N GLY JA 224 -3.27 -81.08 -95.97
CA GLY JA 224 -3.50 -80.23 -97.12
C GLY JA 224 -3.80 -78.81 -96.68
N GLN JA 225 -3.05 -78.34 -95.70
CA GLN JA 225 -3.43 -77.17 -94.93
C GLN JA 225 -3.68 -75.97 -95.82
N MET JA 226 -4.18 -74.90 -95.21
CA MET JA 226 -4.85 -73.83 -95.94
C MET JA 226 -3.92 -72.99 -96.78
N ASN JA 227 -2.61 -73.15 -96.67
CA ASN JA 227 -1.73 -72.43 -97.58
C ASN JA 227 -1.65 -73.06 -98.96
N GLU JA 228 -2.24 -74.23 -99.15
CA GLU JA 228 -2.10 -74.98 -100.38
C GLU JA 228 -3.09 -74.49 -101.44
N PRO JA 229 -2.73 -74.57 -102.72
CA PRO JA 229 -3.61 -74.12 -103.77
C PRO JA 229 -4.92 -74.89 -103.76
N PRO JA 230 -5.93 -74.43 -104.48
CA PRO JA 230 -7.21 -75.15 -104.48
C PRO JA 230 -7.07 -76.59 -104.96
N GLY JA 231 -6.16 -76.87 -105.88
CA GLY JA 231 -6.04 -78.23 -106.38
C GLY JA 231 -5.69 -79.22 -105.30
N ALA JA 232 -4.77 -78.84 -104.41
CA ALA JA 232 -4.36 -79.75 -103.35
C ALA JA 232 -5.45 -79.93 -102.31
N ARG JA 233 -6.09 -78.85 -101.90
CA ARG JA 233 -7.11 -78.96 -100.86
C ARG JA 233 -8.26 -79.87 -101.30
N ALA JA 234 -8.57 -79.90 -102.58
CA ALA JA 234 -9.69 -80.68 -103.08
C ALA JA 234 -9.38 -82.17 -103.17
N ARG JA 235 -8.15 -82.59 -102.94
CA ARG JA 235 -7.78 -83.98 -103.11
C ARG JA 235 -7.10 -84.60 -101.90
N VAL JA 236 -6.65 -83.82 -100.93
CA VAL JA 236 -6.02 -84.42 -99.76
C VAL JA 236 -7.03 -85.29 -99.03
N ALA JA 237 -8.31 -84.93 -99.10
CA ALA JA 237 -9.32 -85.76 -98.46
C ALA JA 237 -9.29 -87.16 -99.03
N LEU JA 238 -9.15 -87.28 -100.35
CA LEU JA 238 -9.07 -88.59 -100.98
C LEU JA 238 -7.82 -89.34 -100.54
N THR JA 239 -6.71 -88.65 -100.33
CA THR JA 239 -5.52 -89.31 -99.82
C THR JA 239 -5.77 -89.89 -98.43
N GLY JA 240 -6.42 -89.13 -97.56
CA GLY JA 240 -6.77 -89.68 -96.26
C GLY JA 240 -7.71 -90.87 -96.38
N LEU JA 241 -8.74 -90.74 -97.22
CA LEU JA 241 -9.64 -91.88 -97.44
C LEU JA 241 -8.87 -93.10 -97.91
N THR JA 242 -7.85 -92.92 -98.75
CA THR JA 242 -7.12 -94.09 -99.23
C THR JA 242 -6.28 -94.71 -98.13
N VAL JA 243 -5.57 -93.88 -97.37
CA VAL JA 243 -4.74 -94.42 -96.31
C VAL JA 243 -5.60 -95.14 -95.29
N ALA JA 244 -6.86 -94.72 -95.11
CA ALA JA 244 -7.72 -95.40 -94.16
C ALA JA 244 -8.41 -96.60 -94.78
N GLU JA 245 -8.78 -96.51 -96.06
CA GLU JA 245 -9.37 -97.65 -96.74
C GLU JA 245 -8.44 -98.83 -96.71
N TYR JA 246 -7.14 -98.57 -96.86
CA TYR JA 246 -6.19 -99.68 -96.81
C TYR JA 246 -6.27 -100.39 -95.46
N PHE JA 247 -6.12 -99.65 -94.37
CA PHE JA 247 -6.15 -100.29 -93.08
C PHE JA 247 -7.47 -100.98 -92.83
N ARG JA 248 -8.55 -100.49 -93.45
CA ARG JA 248 -9.83 -101.18 -93.32
C ARG JA 248 -9.81 -102.52 -94.03
N ASP JA 249 -9.30 -102.56 -95.26
CA ASP JA 249 -9.42 -103.76 -96.08
C ASP JA 249 -8.22 -104.70 -95.93
N GLN JA 250 -7.03 -104.23 -96.31
CA GLN JA 250 -5.86 -105.10 -96.30
C GLN JA 250 -5.32 -105.36 -94.91
N GLU JA 251 -6.05 -104.99 -93.86
CA GLU JA 251 -5.72 -105.40 -92.51
C GLU JA 251 -6.89 -105.94 -91.74
N GLY JA 252 -8.13 -105.65 -92.13
CA GLY JA 252 -9.27 -106.11 -91.38
C GLY JA 252 -9.20 -105.62 -89.95
N GLN JA 253 -8.89 -104.35 -89.77
CA GLN JA 253 -8.76 -103.75 -88.45
C GLN JA 253 -9.64 -102.51 -88.36
N ASP JA 254 -10.09 -102.20 -87.16
CA ASP JA 254 -10.91 -101.02 -86.94
C ASP JA 254 -10.05 -99.77 -87.10
N VAL JA 255 -10.53 -98.82 -87.87
CA VAL JA 255 -9.81 -97.58 -88.12
C VAL JA 255 -10.63 -96.42 -87.58
N LEU JA 256 -9.94 -95.37 -87.17
CA LEU JA 256 -10.54 -94.09 -86.83
C LEU JA 256 -10.01 -93.06 -87.81
N LEU JA 257 -10.90 -92.30 -88.42
CA LEU JA 257 -10.52 -91.35 -89.45
C LEU JA 257 -11.09 -89.99 -89.06
N PHE JA 258 -10.24 -89.10 -88.58
CA PHE JA 258 -10.65 -87.74 -88.27
C PHE JA 258 -10.33 -86.85 -89.45
N ILE JA 259 -11.28 -86.03 -89.86
CA ILE JA 259 -11.10 -85.08 -90.94
C ILE JA 259 -11.50 -83.71 -90.44
N ASP JA 260 -10.66 -82.72 -90.70
CA ASP JA 260 -10.90 -81.36 -90.23
C ASP JA 260 -10.11 -80.46 -91.17
N ASN JA 261 -10.77 -79.70 -92.04
CA ASN JA 261 -12.20 -79.41 -92.09
C ASN JA 261 -12.77 -79.91 -93.40
N ILE JA 262 -13.79 -80.77 -93.39
CA ILE JA 262 -14.21 -81.38 -94.65
C ILE JA 262 -14.86 -80.36 -95.57
N PHE JA 263 -15.33 -79.23 -95.05
CA PHE JA 263 -15.94 -78.22 -95.90
C PHE JA 263 -14.94 -77.65 -96.89
N ARG JA 264 -13.65 -77.70 -96.55
CA ARG JA 264 -12.65 -77.15 -97.44
C ARG JA 264 -12.54 -77.99 -98.72
N PHE JA 265 -12.89 -79.26 -98.64
CA PHE JA 265 -12.96 -80.09 -99.83
C PHE JA 265 -13.89 -79.46 -100.87
N THR JA 266 -15.13 -79.18 -100.47
CA THR JA 266 -16.10 -78.66 -101.43
C THR JA 266 -15.79 -77.21 -101.78
N GLN JA 267 -15.31 -76.44 -100.81
CA GLN JA 267 -14.96 -75.05 -101.09
C GLN JA 267 -13.85 -74.97 -102.13
N ALA JA 268 -12.81 -75.79 -101.99
CA ALA JA 268 -11.75 -75.83 -102.98
C ALA JA 268 -12.28 -76.31 -104.31
N GLY JA 269 -13.15 -77.33 -104.29
CA GLY JA 269 -13.73 -77.77 -105.54
C GLY JA 269 -14.49 -76.69 -106.26
N SER JA 270 -15.07 -75.74 -105.53
CA SER JA 270 -15.76 -74.62 -106.17
C SER JA 270 -14.83 -73.51 -106.58
N GLU JA 271 -13.72 -73.30 -105.88
CA GLU JA 271 -12.74 -72.32 -106.31
C GLU JA 271 -12.14 -72.70 -107.65
N VAL JA 272 -12.11 -73.98 -107.99
CA VAL JA 272 -11.47 -74.48 -109.19
C VAL JA 272 -12.51 -75.12 -110.09
N SER JA 273 -13.74 -74.63 -110.00
CA SER JA 273 -14.81 -75.03 -110.89
C SER JA 273 -15.37 -73.91 -111.71
N ALA JA 274 -15.06 -72.66 -111.38
CA ALA JA 274 -15.35 -71.57 -112.29
C ALA JA 274 -14.42 -71.61 -113.49
N LEU JA 275 -13.19 -72.04 -113.28
CA LEU JA 275 -12.20 -72.08 -114.34
C LEU JA 275 -12.45 -73.22 -115.30
N LEU JA 276 -12.99 -74.33 -114.82
CA LEU JA 276 -13.32 -75.45 -115.69
C LEU JA 276 -14.46 -75.14 -116.63
N GLY JA 277 -14.98 -73.91 -116.62
CA GLY JA 277 -16.01 -73.50 -117.56
C GLY JA 277 -17.37 -74.09 -117.29
N ARG JA 278 -17.76 -74.20 -116.03
CA ARG JA 278 -19.07 -74.70 -115.64
C ARG JA 278 -19.98 -73.55 -115.24
N ILE JA 279 -21.28 -73.78 -115.36
CA ILE JA 279 -22.25 -72.77 -114.97
C ILE JA 279 -22.41 -72.84 -113.46
N PRO JA 280 -22.18 -71.76 -112.73
CA PRO JA 280 -22.19 -71.84 -111.27
C PRO JA 280 -23.58 -72.19 -110.75
N SER JA 281 -23.61 -73.04 -109.73
CA SER JA 281 -24.86 -73.46 -109.12
C SER JA 281 -25.36 -72.42 -108.14
N ALA JA 282 -26.21 -72.83 -107.21
CA ALA JA 282 -26.96 -71.91 -106.36
C ALA JA 282 -26.15 -70.71 -105.88
N VAL JA 283 -25.15 -70.93 -105.04
CA VAL JA 283 -24.53 -69.83 -104.32
C VAL JA 283 -23.10 -69.67 -104.83
N GLY JA 284 -22.91 -69.89 -106.12
CA GLY JA 284 -21.59 -69.93 -106.69
C GLY JA 284 -20.93 -71.27 -106.60
N TYR JA 285 -21.54 -72.22 -105.92
CA TYR JA 285 -20.96 -73.54 -105.79
C TYR JA 285 -20.98 -74.25 -107.12
N GLN JA 286 -20.13 -75.25 -107.25
CA GLN JA 286 -20.05 -75.98 -108.50
C GLN JA 286 -21.38 -76.67 -108.76
N PRO JA 287 -21.73 -76.91 -110.02
CA PRO JA 287 -22.95 -77.67 -110.30
C PRO JA 287 -22.89 -79.08 -109.78
N THR JA 288 -21.69 -79.62 -109.56
CA THR JA 288 -21.49 -81.00 -109.16
C THR JA 288 -21.25 -81.16 -107.67
N LEU JA 289 -21.81 -80.28 -106.84
CA LEU JA 289 -21.52 -80.29 -105.43
C LEU JA 289 -21.94 -81.59 -104.78
N ALA JA 290 -23.20 -81.96 -104.97
CA ALA JA 290 -23.74 -83.13 -104.30
C ALA JA 290 -23.05 -84.41 -104.75
N THR JA 291 -22.80 -84.55 -106.05
CA THR JA 291 -22.18 -85.77 -106.54
C THR JA 291 -20.71 -85.85 -106.13
N ASP JA 292 -20.00 -84.73 -106.17
CA ASP JA 292 -18.60 -84.73 -105.73
C ASP JA 292 -18.50 -85.10 -104.26
N MET JA 293 -19.41 -84.57 -103.43
CA MET JA 293 -19.41 -84.97 -102.03
C MET JA 293 -19.77 -86.43 -101.87
N GLY JA 294 -20.74 -86.91 -102.64
CA GLY JA 294 -21.17 -88.29 -102.49
C GLY JA 294 -20.10 -89.28 -102.85
N THR JA 295 -19.40 -89.05 -103.95
CA THR JA 295 -18.39 -90.01 -104.38
C THR JA 295 -17.24 -90.10 -103.39
N MET JA 296 -17.08 -89.10 -102.53
CA MET JA 296 -16.06 -89.11 -101.50
C MET JA 296 -16.56 -89.73 -100.22
N GLN JA 297 -17.69 -89.24 -99.69
CA GLN JA 297 -18.22 -89.74 -98.45
C GLN JA 297 -18.79 -91.14 -98.57
N GLU JA 298 -18.93 -91.66 -99.78
CA GLU JA 298 -19.43 -93.02 -99.91
C GLU JA 298 -18.34 -94.06 -99.81
N ARG JA 299 -17.09 -93.65 -99.73
CA ARG JA 299 -16.00 -94.56 -99.47
C ARG JA 299 -15.63 -94.62 -97.99
N ILE JA 300 -16.17 -93.69 -97.19
CA ILE JA 300 -15.94 -93.70 -95.74
C ILE JA 300 -17.11 -94.48 -95.15
N THR JA 301 -16.98 -95.80 -95.16
CA THR JA 301 -18.04 -96.63 -94.63
C THR JA 301 -17.45 -97.83 -93.92
N THR JA 302 -18.17 -98.32 -92.93
CA THR JA 302 -17.87 -99.62 -92.36
C THR JA 302 -18.50 -100.68 -93.23
N THR JA 303 -17.70 -101.68 -93.61
CA THR JA 303 -18.18 -102.75 -94.45
C THR JA 303 -17.90 -104.07 -93.77
N LYS JA 304 -18.09 -105.18 -94.47
CA LYS JA 304 -17.91 -106.48 -93.87
C LYS JA 304 -16.44 -106.87 -93.74
N LYS JA 305 -15.53 -106.11 -94.33
CA LYS JA 305 -14.11 -106.41 -94.23
C LYS JA 305 -13.41 -105.64 -93.13
N GLY JA 306 -13.91 -104.45 -92.79
CA GLY JA 306 -13.32 -103.64 -91.75
C GLY JA 306 -14.35 -102.74 -91.10
N SER JA 307 -13.91 -101.66 -90.46
CA SER JA 307 -14.84 -100.76 -89.79
C SER JA 307 -14.15 -99.42 -89.59
N ILE JA 308 -14.58 -98.40 -90.31
CA ILE JA 308 -14.03 -97.07 -90.19
C ILE JA 308 -15.00 -96.23 -89.39
N THR JA 309 -14.49 -95.60 -88.33
CA THR JA 309 -15.26 -94.62 -87.56
C THR JA 309 -14.74 -93.25 -87.96
N SER JA 310 -15.57 -92.51 -88.68
CA SER JA 310 -15.16 -91.24 -89.23
C SER JA 310 -15.73 -90.11 -88.38
N VAL JA 311 -14.89 -89.15 -88.02
CA VAL JA 311 -15.32 -87.94 -87.35
C VAL JA 311 -14.92 -86.78 -88.22
N GLN JA 312 -15.90 -86.08 -88.77
CA GLN JA 312 -15.69 -85.04 -89.76
C GLN JA 312 -16.13 -83.71 -89.18
N ALA JA 313 -15.31 -82.69 -89.30
CA ALA JA 313 -15.67 -81.37 -88.81
C ALA JA 313 -16.12 -80.54 -90.00
N ILE JA 314 -17.39 -80.13 -90.01
CA ILE JA 314 -17.96 -79.40 -91.13
C ILE JA 314 -18.10 -77.93 -90.72
N TYR JA 315 -17.40 -77.07 -91.44
CA TYR JA 315 -17.58 -75.65 -91.30
C TYR JA 315 -18.94 -75.26 -91.86
N VAL JA 316 -19.58 -74.26 -91.25
CA VAL JA 316 -20.87 -73.76 -91.68
C VAL JA 316 -20.68 -72.29 -92.06
N PRO JA 317 -20.57 -71.97 -93.35
CA PRO JA 317 -20.14 -70.63 -93.73
C PRO JA 317 -21.13 -69.56 -93.29
N ALA JA 318 -20.59 -68.45 -92.79
CA ALA JA 318 -21.38 -67.33 -92.32
C ALA JA 318 -22.51 -67.80 -91.41
N ASP JA 319 -22.28 -68.89 -90.68
CA ASP JA 319 -23.25 -69.43 -89.73
C ASP JA 319 -24.62 -69.59 -90.39
N ASP JA 320 -24.61 -70.22 -91.56
CA ASP JA 320 -25.83 -70.50 -92.31
C ASP JA 320 -25.93 -72.01 -92.48
N LEU JA 321 -26.82 -72.64 -91.73
CA LEU JA 321 -26.98 -74.09 -91.83
C LEU JA 321 -27.77 -74.52 -93.06
N THR JA 322 -28.42 -73.59 -93.74
CA THR JA 322 -29.10 -73.86 -94.99
C THR JA 322 -28.20 -73.63 -96.19
N ASP JA 323 -26.93 -73.32 -95.96
CA ASP JA 323 -25.98 -73.21 -97.05
C ASP JA 323 -25.92 -74.54 -97.79
N PRO JA 324 -25.68 -74.52 -99.10
CA PRO JA 324 -25.67 -75.80 -99.84
C PRO JA 324 -24.67 -76.80 -99.33
N ALA JA 325 -23.51 -76.38 -98.84
CA ALA JA 325 -22.49 -77.36 -98.44
C ALA JA 325 -22.90 -78.14 -97.20
N PRO JA 326 -23.11 -77.52 -96.04
CA PRO JA 326 -23.64 -78.29 -94.91
C PRO JA 326 -25.00 -78.88 -95.16
N ALA JA 327 -25.87 -78.17 -95.87
CA ALA JA 327 -27.18 -78.73 -96.14
C ALA JA 327 -27.06 -80.04 -96.89
N THR JA 328 -26.09 -80.15 -97.79
CA THR JA 328 -25.91 -81.38 -98.53
C THR JA 328 -25.24 -82.45 -97.67
N THR JA 329 -24.28 -82.05 -96.84
CA THR JA 329 -23.58 -83.06 -96.06
C THR JA 329 -24.43 -83.62 -94.93
N PHE JA 330 -25.52 -82.97 -94.56
CA PHE JA 330 -26.33 -83.52 -93.47
C PHE JA 330 -26.85 -84.91 -93.78
N ALA JA 331 -26.91 -85.30 -95.04
CA ALA JA 331 -27.52 -86.57 -95.42
C ALA JA 331 -26.54 -87.72 -95.47
N HIS JA 332 -25.28 -87.49 -95.12
CA HIS JA 332 -24.25 -88.52 -95.19
C HIS JA 332 -23.80 -88.98 -93.83
N LEU JA 333 -24.32 -88.42 -92.75
CA LEU JA 333 -23.79 -88.66 -91.42
C LEU JA 333 -24.78 -89.48 -90.61
N ASP JA 334 -24.26 -90.39 -89.79
CA ASP JA 334 -25.10 -91.04 -88.81
C ASP JA 334 -25.52 -90.06 -87.72
N ALA JA 335 -24.55 -89.53 -86.99
CA ALA JA 335 -24.80 -88.63 -85.88
C ALA JA 335 -24.21 -87.27 -86.20
N THR JA 336 -25.04 -86.24 -86.10
CA THR JA 336 -24.58 -84.87 -86.25
C THR JA 336 -24.49 -84.22 -84.88
N THR JA 337 -23.70 -83.16 -84.80
CA THR JA 337 -23.48 -82.44 -83.55
C THR JA 337 -23.34 -80.97 -83.93
N VAL JA 338 -24.42 -80.21 -83.82
CA VAL JA 338 -24.45 -78.84 -84.31
C VAL JA 338 -23.98 -77.94 -83.19
N LEU JA 339 -22.73 -77.51 -83.26
CA LEU JA 339 -22.21 -76.49 -82.36
C LEU JA 339 -22.72 -75.14 -82.80
N SER JA 340 -23.23 -74.34 -81.86
CA SER JA 340 -23.88 -73.09 -82.18
C SER JA 340 -23.22 -71.94 -81.45
N ARG JA 341 -23.07 -70.81 -82.14
CA ARG JA 341 -22.42 -69.65 -81.55
C ARG JA 341 -23.26 -69.04 -80.45
N ALA JA 342 -24.58 -69.17 -80.53
CA ALA JA 342 -25.44 -68.59 -79.50
C ALA JA 342 -25.13 -69.18 -78.14
N ILE JA 343 -24.94 -70.49 -78.07
CA ILE JA 343 -24.61 -71.12 -76.80
C ILE JA 343 -23.21 -70.74 -76.36
N ALA JA 344 -22.24 -70.79 -77.28
CA ALA JA 344 -20.88 -70.48 -76.91
C ALA JA 344 -20.76 -69.08 -76.35
N GLU JA 345 -21.57 -68.14 -76.83
CA GLU JA 345 -21.54 -66.79 -76.28
C GLU JA 345 -22.06 -66.76 -74.85
N LEU JA 346 -22.78 -67.79 -74.42
CA LEU JA 346 -23.19 -67.93 -73.02
C LEU JA 346 -22.10 -68.55 -72.16
N GLY JA 347 -20.98 -68.94 -72.75
CA GLY JA 347 -19.90 -69.55 -72.01
C GLY JA 347 -20.01 -71.05 -71.87
N ILE JA 348 -21.13 -71.64 -72.28
CA ILE JA 348 -21.27 -73.09 -72.21
C ILE JA 348 -20.33 -73.73 -73.21
N TYR JA 349 -19.66 -74.80 -72.80
CA TYR JA 349 -18.76 -75.48 -73.69
C TYR JA 349 -18.74 -76.95 -73.32
N PRO JA 350 -18.83 -77.88 -74.28
CA PRO JA 350 -18.91 -77.68 -75.73
C PRO JA 350 -20.22 -77.05 -76.10
N ALA JA 351 -20.23 -76.24 -77.15
CA ALA JA 351 -21.40 -75.43 -77.44
C ALA JA 351 -22.53 -76.21 -78.06
N VAL JA 352 -22.45 -77.53 -78.06
CA VAL JA 352 -23.40 -78.38 -78.78
C VAL JA 352 -24.81 -77.86 -78.58
N ASP JA 353 -25.58 -77.83 -79.66
CA ASP JA 353 -26.99 -77.43 -79.59
C ASP JA 353 -27.81 -78.68 -79.31
N PRO JA 354 -28.45 -78.81 -78.15
CA PRO JA 354 -29.12 -80.07 -77.84
C PRO JA 354 -30.26 -80.40 -78.77
N LEU JA 355 -30.91 -79.40 -79.35
CA LEU JA 355 -32.09 -79.62 -80.16
C LEU JA 355 -31.81 -79.67 -81.65
N ASP JA 356 -30.54 -79.59 -82.05
CA ASP JA 356 -30.12 -79.85 -83.42
C ASP JA 356 -29.25 -81.09 -83.55
N SER JA 357 -28.59 -81.51 -82.49
CA SER JA 357 -27.84 -82.75 -82.52
C SER JA 357 -28.80 -83.93 -82.66
N THR JA 358 -28.43 -84.90 -83.47
CA THR JA 358 -29.25 -86.07 -83.70
C THR JA 358 -28.37 -87.29 -83.79
N SER JA 359 -28.98 -88.46 -83.71
CA SER JA 359 -28.28 -89.71 -83.94
C SER JA 359 -29.24 -90.73 -84.49
N ARG JA 360 -28.69 -91.74 -85.13
CA ARG JA 360 -29.50 -92.83 -85.67
C ARG JA 360 -29.63 -93.99 -84.71
N ILE JA 361 -28.93 -93.94 -83.58
CA ILE JA 361 -29.05 -94.97 -82.56
C ILE JA 361 -29.77 -94.44 -81.34
N MET JA 362 -30.55 -93.38 -81.47
CA MET JA 362 -31.44 -92.95 -80.41
C MET JA 362 -32.72 -93.78 -80.53
N ASP JA 363 -32.58 -95.06 -80.22
CA ASP JA 363 -33.66 -96.01 -80.30
C ASP JA 363 -33.79 -96.66 -78.94
N PRO JA 364 -35.01 -96.83 -78.41
CA PRO JA 364 -35.14 -97.52 -77.12
C PRO JA 364 -34.68 -98.96 -77.17
N ASN JA 365 -34.57 -99.55 -78.35
CA ASN JA 365 -34.07 -100.91 -78.48
C ASN JA 365 -32.55 -100.98 -78.62
N ILE JA 366 -31.88 -99.85 -78.73
CA ILE JA 366 -30.43 -99.80 -78.90
C ILE JA 366 -29.75 -99.27 -77.64
N VAL JA 367 -30.23 -98.16 -77.12
CA VAL JA 367 -29.64 -97.53 -75.93
C VAL JA 367 -30.45 -97.83 -74.68
N GLY JA 368 -31.38 -98.77 -74.74
CA GLY JA 368 -32.19 -99.08 -73.59
C GLY JA 368 -33.32 -98.08 -73.43
N SER JA 369 -34.07 -98.25 -72.34
CA SER JA 369 -35.24 -97.42 -72.10
C SER JA 369 -34.97 -96.27 -71.15
N GLU JA 370 -34.15 -96.47 -70.11
CA GLU JA 370 -33.83 -95.36 -69.22
C GLU JA 370 -33.03 -94.28 -69.95
N HIS JA 371 -32.04 -94.69 -70.75
CA HIS JA 371 -31.25 -93.73 -71.51
C HIS JA 371 -32.14 -92.95 -72.47
N TYR JA 372 -32.96 -93.65 -73.24
CA TYR JA 372 -33.81 -92.99 -74.21
C TYR JA 372 -34.80 -92.07 -73.53
N ASP JA 373 -35.39 -92.51 -72.42
CA ASP JA 373 -36.38 -91.69 -71.74
C ASP JA 373 -35.76 -90.45 -71.14
N VAL JA 374 -34.57 -90.57 -70.56
CA VAL JA 374 -33.90 -89.41 -70.00
C VAL JA 374 -33.55 -88.42 -71.10
N ALA JA 375 -33.00 -88.91 -72.20
CA ALA JA 375 -32.64 -88.03 -73.29
C ALA JA 375 -33.86 -87.29 -73.83
N ARG JA 376 -34.96 -88.01 -74.00
CA ARG JA 376 -36.15 -87.36 -74.53
C ARG JA 376 -36.77 -86.40 -73.53
N GLY JA 377 -36.69 -86.69 -72.23
CA GLY JA 377 -37.18 -85.73 -71.25
C GLY JA 377 -36.36 -84.45 -71.26
N VAL JA 378 -35.05 -84.59 -71.37
CA VAL JA 378 -34.18 -83.42 -71.47
C VAL JA 378 -34.57 -82.59 -72.69
N GLN JA 379 -34.74 -83.25 -73.83
CA GLN JA 379 -35.08 -82.50 -75.03
C GLN JA 379 -36.44 -81.84 -74.91
N LYS JA 380 -37.41 -82.54 -74.34
CA LYS JA 380 -38.73 -81.96 -74.18
C LYS JA 380 -38.68 -80.70 -73.33
N ILE JA 381 -37.96 -80.75 -72.23
CA ILE JA 381 -37.92 -79.59 -71.33
C ILE JA 381 -37.14 -78.45 -71.95
N LEU JA 382 -36.04 -78.75 -72.63
CA LEU JA 382 -35.30 -77.68 -73.31
C LEU JA 382 -36.14 -77.03 -74.39
N GLN JA 383 -36.92 -77.84 -75.12
CA GLN JA 383 -37.79 -77.28 -76.14
C GLN JA 383 -38.87 -76.40 -75.54
N ASP JA 384 -39.44 -76.82 -74.41
CA ASP JA 384 -40.44 -75.97 -73.75
C ASP JA 384 -39.83 -74.64 -73.34
N TYR JA 385 -38.63 -74.67 -72.78
CA TYR JA 385 -37.99 -73.42 -72.39
C TYR JA 385 -37.71 -72.55 -73.59
N LYS JA 386 -37.30 -73.15 -74.70
CA LYS JA 386 -37.06 -72.37 -75.91
C LYS JA 386 -38.34 -71.70 -76.37
N SER JA 387 -39.46 -72.40 -76.30
CA SER JA 387 -40.74 -71.79 -76.67
C SER JA 387 -41.07 -70.62 -75.75
N LEU JA 388 -40.77 -70.75 -74.46
CA LEU JA 388 -41.05 -69.67 -73.52
C LEU JA 388 -40.16 -68.46 -73.76
N GLN JA 389 -38.96 -68.66 -74.30
CA GLN JA 389 -37.99 -67.58 -74.38
C GLN JA 389 -38.55 -66.33 -75.07
N ASP JA 390 -39.46 -66.52 -76.02
CA ASP JA 390 -39.99 -65.36 -76.75
C ASP JA 390 -40.72 -64.40 -75.82
N ILE JA 391 -41.57 -64.92 -74.94
CA ILE JA 391 -42.23 -64.09 -73.95
C ILE JA 391 -41.23 -63.63 -72.89
N ILE JA 392 -40.38 -64.53 -72.43
CA ILE JA 392 -39.46 -64.19 -71.33
C ILE JA 392 -38.63 -62.99 -71.71
N ALA JA 393 -38.23 -62.87 -72.98
CA ALA JA 393 -37.34 -61.81 -73.38
C ALA JA 393 -37.98 -60.43 -73.30
N ILE JA 394 -39.29 -60.35 -73.10
CA ILE JA 394 -39.97 -59.06 -73.03
C ILE JA 394 -40.72 -58.92 -71.71
N LEU JA 395 -41.70 -59.77 -71.48
CA LEU JA 395 -42.50 -59.68 -70.27
C LEU JA 395 -41.81 -60.29 -69.05
N GLY JA 396 -40.51 -60.58 -69.14
CA GLY JA 396 -39.78 -61.08 -67.99
C GLY JA 396 -40.33 -62.39 -67.47
N MET JA 397 -39.63 -63.00 -66.51
CA MET JA 397 -40.11 -64.24 -65.92
C MET JA 397 -41.19 -64.02 -64.87
N ASP JA 398 -41.52 -62.78 -64.54
CA ASP JA 398 -42.56 -62.49 -63.59
C ASP JA 398 -43.95 -62.62 -64.19
N GLU JA 399 -44.06 -63.07 -65.43
CA GLU JA 399 -45.34 -63.20 -66.10
C GLU JA 399 -45.61 -64.62 -66.55
N LEU JA 400 -45.04 -65.59 -65.85
CA LEU JA 400 -45.19 -67.00 -66.18
C LEU JA 400 -45.89 -67.72 -65.04
N SER JA 401 -46.67 -68.74 -65.37
CA SER JA 401 -47.27 -69.57 -64.36
C SER JA 401 -46.19 -70.18 -63.48
N GLU JA 402 -46.62 -70.83 -62.40
CA GLU JA 402 -45.65 -71.45 -61.50
C GLU JA 402 -45.00 -72.67 -62.14
N GLU JA 403 -45.79 -73.47 -62.86
CA GLU JA 403 -45.20 -74.60 -63.58
C GLU JA 403 -44.20 -74.12 -64.62
N ASP JA 404 -44.49 -72.99 -65.28
CA ASP JA 404 -43.54 -72.45 -66.24
C ASP JA 404 -42.28 -71.97 -65.56
N LYS JA 405 -42.39 -71.30 -64.41
CA LYS JA 405 -41.18 -70.88 -63.70
C LYS JA 405 -40.35 -72.09 -63.32
N LEU JA 406 -40.99 -73.14 -62.84
CA LEU JA 406 -40.25 -74.35 -62.49
C LEU JA 406 -39.60 -74.97 -63.71
N THR JA 407 -40.29 -75.00 -64.84
CA THR JA 407 -39.70 -75.52 -66.06
C THR JA 407 -38.49 -74.71 -66.47
N VAL JA 408 -38.58 -73.39 -66.39
CA VAL JA 408 -37.45 -72.56 -66.78
C VAL JA 408 -36.26 -72.82 -65.87
N SER JA 409 -36.52 -72.97 -64.57
CA SER JA 409 -35.43 -73.27 -63.65
C SER JA 409 -34.75 -74.58 -64.01
N ARG JA 410 -35.54 -75.64 -64.26
CA ARG JA 410 -34.96 -76.91 -64.65
C ARG JA 410 -34.19 -76.78 -65.96
N ALA JA 411 -34.75 -76.04 -66.92
CA ALA JA 411 -34.12 -75.93 -68.23
C ALA JA 411 -32.77 -75.24 -68.12
N ARG JA 412 -32.69 -74.19 -67.31
CA ARG JA 412 -31.40 -73.53 -67.12
C ARG JA 412 -30.42 -74.44 -66.41
N LYS JA 413 -30.88 -75.17 -65.40
CA LYS JA 413 -30.00 -76.13 -64.74
C LYS JA 413 -29.46 -77.15 -65.74
N ILE JA 414 -30.31 -77.64 -66.63
CA ILE JA 414 -29.88 -78.66 -67.59
C ILE JA 414 -28.94 -78.07 -68.62
N GLN JA 415 -29.26 -76.89 -69.15
CA GLN JA 415 -28.36 -76.23 -70.09
C GLN JA 415 -26.98 -76.11 -69.50
N ARG JA 416 -26.89 -75.71 -68.23
CA ARG JA 416 -25.59 -75.59 -67.60
C ARG JA 416 -24.94 -76.95 -67.43
N PHE JA 417 -25.71 -77.94 -66.93
CA PHE JA 417 -25.13 -79.23 -66.63
C PHE JA 417 -24.56 -79.91 -67.86
N LEU JA 418 -25.11 -79.61 -69.04
CA LEU JA 418 -24.58 -80.17 -70.27
C LEU JA 418 -23.15 -79.70 -70.54
N SER JA 419 -22.79 -78.52 -70.05
CA SER JA 419 -21.45 -78.01 -70.23
C SER JA 419 -20.46 -78.85 -69.44
N GLN JA 420 -19.28 -79.06 -70.01
CA GLN JA 420 -18.28 -79.91 -69.41
C GLN JA 420 -16.91 -79.29 -69.63
N PRO JA 421 -15.97 -79.53 -68.71
CA PRO JA 421 -14.60 -79.07 -68.97
C PRO JA 421 -13.76 -80.16 -69.61
N PHE JA 422 -13.13 -79.85 -70.74
CA PHE JA 422 -12.34 -80.84 -71.46
C PHE JA 422 -10.91 -80.85 -70.98
N GLN JA 423 -10.23 -81.98 -71.21
CA GLN JA 423 -8.82 -82.06 -70.86
C GLN JA 423 -8.00 -81.10 -71.71
N VAL JA 424 -8.28 -81.02 -73.01
CA VAL JA 424 -7.49 -80.20 -73.91
C VAL JA 424 -7.73 -78.71 -73.71
N ALA JA 425 -8.73 -78.34 -72.91
CA ALA JA 425 -9.04 -76.95 -72.64
C ALA JA 425 -8.57 -76.52 -71.25
N GLU JA 426 -7.65 -77.27 -70.64
CA GLU JA 426 -7.09 -76.83 -69.38
C GLU JA 426 -6.36 -75.51 -69.54
N VAL JA 427 -5.56 -75.39 -70.61
CA VAL JA 427 -4.80 -74.17 -70.82
C VAL JA 427 -5.72 -72.97 -70.98
N PHE JA 428 -6.86 -73.16 -71.63
CA PHE JA 428 -7.85 -72.10 -71.71
C PHE JA 428 -8.46 -71.87 -70.33
N THR JA 429 -9.16 -72.88 -69.82
CA THR JA 429 -9.98 -72.69 -68.63
C THR JA 429 -9.18 -72.82 -67.35
N GLY JA 430 -8.22 -73.73 -67.30
CA GLY JA 430 -7.51 -74.06 -66.08
C GLY JA 430 -8.17 -75.14 -65.27
N HIS JA 431 -9.47 -75.37 -65.46
CA HIS JA 431 -10.16 -76.44 -64.77
C HIS JA 431 -9.65 -77.79 -65.24
N LEU JA 432 -9.73 -78.78 -64.35
CA LEU JA 432 -9.29 -80.12 -64.67
C LEU JA 432 -10.28 -80.82 -65.60
N GLY JA 433 -9.76 -81.50 -66.61
CA GLY JA 433 -10.63 -82.15 -67.58
C GLY JA 433 -11.26 -83.40 -67.01
N LYS JA 434 -12.51 -83.65 -67.41
CA LYS JA 434 -13.32 -84.72 -66.84
C LYS JA 434 -13.84 -85.63 -67.94
N LEU JA 435 -13.83 -86.94 -67.67
CA LEU JA 435 -14.60 -87.91 -68.43
C LEU JA 435 -15.75 -88.36 -67.55
N VAL JA 436 -16.97 -88.18 -68.02
CA VAL JA 436 -18.16 -88.57 -67.28
C VAL JA 436 -18.67 -89.88 -67.87
N PRO JA 437 -18.59 -91.00 -67.14
CA PRO JA 437 -19.13 -92.24 -67.67
C PRO JA 437 -20.61 -92.10 -68.00
N LEU JA 438 -21.08 -92.98 -68.88
CA LEU JA 438 -22.44 -92.85 -69.38
C LEU JA 438 -23.46 -93.00 -68.26
N LYS JA 439 -23.25 -93.96 -67.37
CA LYS JA 439 -24.20 -94.19 -66.30
C LYS JA 439 -24.30 -92.97 -65.39
N GLU JA 440 -23.17 -92.33 -65.10
CA GLU JA 440 -23.19 -91.12 -64.30
C GLU JA 440 -23.97 -90.02 -64.98
N THR JA 441 -23.82 -89.88 -66.30
CA THR JA 441 -24.57 -88.87 -67.03
C THR JA 441 -26.07 -89.12 -66.93
N ILE JA 442 -26.48 -90.36 -67.21
CA ILE JA 442 -27.91 -90.68 -67.15
C ILE JA 442 -28.44 -90.41 -65.76
N LYS JA 443 -27.70 -90.84 -64.74
CA LYS JA 443 -28.15 -90.65 -63.37
C LYS JA 443 -28.31 -89.17 -63.05
N GLY JA 444 -27.31 -88.37 -63.40
CA GLY JA 444 -27.38 -86.95 -63.07
C GLY JA 444 -28.55 -86.27 -63.74
N PHE JA 445 -28.78 -86.57 -65.02
CA PHE JA 445 -29.89 -85.91 -65.70
C PHE JA 445 -31.22 -86.42 -65.20
N GLN JA 446 -31.31 -87.70 -64.87
CA GLN JA 446 -32.53 -88.24 -64.28
C GLN JA 446 -32.85 -87.52 -62.98
N GLN JA 447 -31.84 -87.29 -62.16
CA GLN JA 447 -32.06 -86.59 -60.90
C GLN JA 447 -32.49 -85.15 -61.15
N ILE JA 448 -31.82 -84.44 -62.05
CA ILE JA 448 -32.20 -83.05 -62.30
C ILE JA 448 -33.64 -82.97 -62.79
N LEU JA 449 -34.06 -83.95 -63.60
CA LEU JA 449 -35.43 -83.92 -64.10
C LEU JA 449 -36.44 -84.28 -63.02
N ALA JA 450 -36.09 -85.24 -62.15
CA ALA JA 450 -37.01 -85.62 -61.09
C ALA JA 450 -37.30 -84.43 -60.18
N GLY JA 451 -36.28 -83.66 -59.85
CA GLY JA 451 -36.44 -82.47 -59.02
C GLY JA 451 -35.63 -82.56 -57.75
N GLU JA 452 -34.69 -83.49 -57.71
CA GLU JA 452 -33.89 -83.68 -56.50
C GLU JA 452 -32.98 -82.49 -56.22
N TYR JA 453 -32.84 -81.56 -57.17
CA TYR JA 453 -31.90 -80.46 -57.02
C TYR JA 453 -32.55 -79.12 -57.30
N ASP JA 454 -33.84 -78.98 -56.99
CA ASP JA 454 -34.49 -77.70 -57.19
C ASP JA 454 -34.04 -76.64 -56.19
N HIS JA 455 -33.27 -77.02 -55.18
CA HIS JA 455 -32.82 -76.07 -54.18
C HIS JA 455 -31.47 -75.44 -54.50
N LEU JA 456 -30.67 -76.08 -55.34
CA LEU JA 456 -29.38 -75.53 -55.70
C LEU JA 456 -29.54 -74.39 -56.71
N PRO JA 457 -28.52 -73.53 -56.83
CA PRO JA 457 -28.56 -72.50 -57.86
C PRO JA 457 -28.01 -73.00 -59.19
N GLU JA 458 -28.33 -72.27 -60.25
CA GLU JA 458 -27.90 -72.68 -61.59
C GLU JA 458 -26.39 -72.85 -61.64
N GLN JA 459 -25.66 -71.88 -61.10
CA GLN JA 459 -24.21 -71.86 -61.27
C GLN JA 459 -23.55 -73.07 -60.62
N ALA JA 460 -24.26 -73.78 -59.76
CA ALA JA 460 -23.70 -74.98 -59.15
C ALA JA 460 -23.45 -76.07 -60.19
N PHE JA 461 -24.06 -75.96 -61.37
CA PHE JA 461 -23.92 -76.96 -62.42
C PHE JA 461 -22.96 -76.55 -63.52
N TYR JA 462 -22.48 -75.31 -63.51
CA TYR JA 462 -21.71 -74.80 -64.62
C TYR JA 462 -20.31 -75.39 -64.63
N MET JA 463 -20.00 -76.17 -65.67
CA MET JA 463 -18.66 -76.72 -65.87
C MET JA 463 -18.26 -77.66 -64.74
N VAL JA 464 -19.03 -78.74 -64.60
CA VAL JA 464 -18.74 -79.78 -63.63
C VAL JA 464 -18.87 -81.13 -64.31
N GLY JA 465 -18.23 -82.13 -63.72
CA GLY JA 465 -18.35 -83.48 -64.19
C GLY JA 465 -19.63 -84.09 -63.66
N PRO JA 466 -19.57 -85.28 -63.10
CA PRO JA 466 -20.80 -85.91 -62.60
C PRO JA 466 -21.45 -85.05 -61.54
N ILE JA 467 -22.72 -85.34 -61.26
CA ILE JA 467 -23.52 -84.46 -60.43
C ILE JA 467 -23.00 -84.37 -59.01
N GLU JA 468 -22.16 -85.31 -58.58
CA GLU JA 468 -21.52 -85.18 -57.28
C GLU JA 468 -20.75 -83.88 -57.19
N GLU JA 469 -20.00 -83.55 -58.24
CA GLU JA 469 -19.27 -82.29 -58.24
C GLU JA 469 -20.23 -81.11 -58.23
N ALA JA 470 -21.40 -81.25 -58.85
CA ALA JA 470 -22.38 -80.17 -58.81
C ALA JA 470 -22.83 -79.93 -57.38
N VAL JA 471 -23.13 -80.99 -56.63
CA VAL JA 471 -23.53 -80.83 -55.25
C VAL JA 471 -22.41 -80.22 -54.43
N ALA JA 472 -21.18 -80.68 -54.66
CA ALA JA 472 -20.04 -80.13 -53.92
C ALA JA 472 -19.88 -78.64 -54.20
N LYS JA 473 -20.00 -78.24 -55.46
CA LYS JA 473 -19.86 -76.83 -55.80
C LYS JA 473 -20.98 -76.00 -55.19
N ALA JA 474 -22.19 -76.55 -55.13
CA ALA JA 474 -23.28 -75.84 -54.48
C ALA JA 474 -22.97 -75.65 -53.00
N ASP JA 475 -22.42 -76.68 -52.35
CA ASP JA 475 -22.01 -76.53 -50.95
C ASP JA 475 -20.95 -75.46 -50.79
N LYS JA 476 -19.96 -75.45 -51.68
CA LYS JA 476 -18.92 -74.43 -51.61
C LYS JA 476 -19.51 -73.04 -51.75
N LEU JA 477 -20.43 -72.87 -52.69
CA LEU JA 477 -21.07 -71.56 -52.88
C LEU JA 477 -21.91 -71.16 -51.69
N ALA JA 478 -22.51 -72.11 -50.99
CA ALA JA 478 -23.40 -71.79 -49.87
C ALA JA 478 -22.67 -71.19 -48.69
N GLU JA 479 -21.34 -71.22 -48.67
CA GLU JA 479 -20.57 -70.70 -47.54
C GLU JA 479 -19.84 -69.41 -47.89
N ALA KA 1 -33.89 -66.20 -90.92
CA ALA KA 1 -34.99 -66.86 -91.69
C ALA KA 1 -35.23 -66.09 -92.97
N THR KA 2 -36.22 -66.53 -93.75
CA THR KA 2 -36.58 -65.84 -94.97
C THR KA 2 -36.88 -64.38 -94.67
N LEU KA 3 -36.87 -63.53 -95.69
CA LEU KA 3 -37.11 -62.11 -95.48
C LEU KA 3 -38.51 -61.87 -94.94
N LYS KA 4 -39.50 -62.62 -95.42
CA LYS KA 4 -40.87 -62.41 -94.95
C LYS KA 4 -41.00 -62.69 -93.47
N ASP KA 5 -40.34 -63.75 -92.99
CA ASP KA 5 -40.42 -64.07 -91.58
C ASP KA 5 -39.88 -62.95 -90.72
N ILE KA 6 -38.71 -62.43 -91.07
CA ILE KA 6 -38.11 -61.36 -90.28
C ILE KA 6 -38.95 -60.11 -90.37
N THR KA 7 -39.53 -59.83 -91.53
CA THR KA 7 -40.41 -58.67 -91.65
C THR KA 7 -41.59 -58.78 -90.70
N ARG KA 8 -42.23 -59.95 -90.68
CA ARG KA 8 -43.40 -60.12 -89.82
C ARG KA 8 -43.02 -60.02 -88.36
N ARG KA 9 -41.92 -60.67 -87.97
CA ARG KA 9 -41.49 -60.59 -86.59
C ARG KA 9 -41.20 -59.15 -86.18
N LEU KA 10 -40.50 -58.41 -87.03
CA LEU KA 10 -40.15 -57.04 -86.71
C LEU KA 10 -41.39 -56.18 -86.57
N LYS KA 11 -42.37 -56.36 -87.45
CA LYS KA 11 -43.59 -55.59 -87.32
C LYS KA 11 -44.30 -55.88 -86.00
N SER KA 12 -44.39 -57.17 -85.63
CA SER KA 12 -45.06 -57.49 -84.38
C SER KA 12 -44.33 -56.90 -83.19
N ILE KA 13 -43.01 -56.97 -83.17
CA ILE KA 13 -42.26 -56.44 -82.03
C ILE KA 13 -42.40 -54.92 -81.98
N LYS KA 14 -42.47 -54.25 -83.12
CA LYS KA 14 -42.72 -52.82 -83.09
C LYS KA 14 -44.07 -52.52 -82.46
N ASN KA 15 -45.09 -53.29 -82.84
CA ASN KA 15 -46.40 -53.12 -82.22
C ASN KA 15 -46.31 -53.26 -80.71
N ILE KA 16 -45.64 -54.32 -80.25
CA ILE KA 16 -45.56 -54.57 -78.81
C ILE KA 16 -44.83 -53.45 -78.11
N GLN KA 17 -43.75 -52.96 -78.71
CA GLN KA 17 -43.01 -51.87 -78.09
C GLN KA 17 -43.87 -50.63 -77.95
N LYS KA 18 -44.64 -50.30 -78.99
CA LYS KA 18 -45.52 -49.13 -78.87
C LYS KA 18 -46.56 -49.33 -77.78
N ILE KA 19 -47.14 -50.53 -77.71
CA ILE KA 19 -48.16 -50.78 -76.71
C ILE KA 19 -47.60 -50.61 -75.31
N THR KA 20 -46.42 -51.17 -75.06
CA THR KA 20 -45.85 -51.06 -73.72
C THR KA 20 -45.44 -49.63 -73.42
N LYS KA 21 -44.99 -48.87 -74.42
CA LYS KA 21 -44.66 -47.47 -74.18
C LYS KA 21 -45.89 -46.70 -73.71
N SER KA 22 -47.01 -46.86 -74.43
CA SER KA 22 -48.23 -46.19 -74.01
C SER KA 22 -48.69 -46.68 -72.65
N MET KA 23 -48.50 -47.96 -72.37
CA MET KA 23 -48.87 -48.51 -71.08
C MET KA 23 -48.08 -47.87 -69.95
N LYS KA 24 -46.77 -47.69 -70.16
CA LYS KA 24 -45.96 -47.03 -69.17
C LYS KA 24 -46.42 -45.60 -68.96
N MET KA 25 -46.81 -44.91 -70.02
CA MET KA 25 -47.33 -43.56 -69.87
C MET KA 25 -48.56 -43.57 -68.96
N VAL KA 26 -49.51 -44.45 -69.24
CA VAL KA 26 -50.74 -44.50 -68.48
C VAL KA 26 -50.47 -44.85 -67.02
N ALA KA 27 -49.62 -45.86 -66.80
CA ALA KA 27 -49.32 -46.27 -65.44
C ALA KA 27 -48.63 -45.15 -64.68
N ALA KA 28 -47.80 -44.36 -65.37
CA ALA KA 28 -47.21 -43.21 -64.71
C ALA KA 28 -48.27 -42.21 -64.29
N ALA KA 29 -49.25 -41.96 -65.15
CA ALA KA 29 -50.32 -41.04 -64.76
C ALA KA 29 -51.04 -41.54 -63.51
N LYS KA 30 -51.47 -42.80 -63.55
CA LYS KA 30 -52.21 -43.34 -62.41
C LYS KA 30 -51.38 -43.36 -61.15
N TYR KA 31 -50.08 -43.65 -61.28
CA TYR KA 31 -49.23 -43.67 -60.11
C TYR KA 31 -49.05 -42.28 -59.53
N ALA KA 32 -48.88 -41.27 -60.38
CA ALA KA 32 -48.77 -39.92 -59.86
C ALA KA 32 -50.02 -39.56 -59.05
N ARG KA 33 -51.19 -39.87 -59.60
CA ARG KA 33 -52.43 -39.60 -58.88
C ARG KA 33 -52.48 -40.36 -57.56
N ALA KA 34 -52.14 -41.65 -57.58
CA ALA KA 34 -52.26 -42.45 -56.37
C ALA KA 34 -51.26 -42.00 -55.31
N GLU KA 35 -50.04 -41.67 -55.71
CA GLU KA 35 -49.07 -41.19 -54.75
C GLU KA 35 -49.44 -39.81 -54.23
N ARG KA 36 -50.21 -39.04 -55.00
CA ARG KA 36 -50.76 -37.80 -54.48
C ARG KA 36 -51.82 -38.08 -53.42
N GLU KA 37 -52.66 -39.08 -53.66
CA GLU KA 37 -53.74 -39.40 -52.72
C GLU KA 37 -53.26 -40.15 -51.50
N LEU KA 38 -52.08 -40.75 -51.55
CA LEU KA 38 -51.58 -41.54 -50.44
C LEU KA 38 -50.99 -40.68 -49.33
N LYS KA 39 -50.75 -39.39 -49.57
CA LYS KA 39 -50.24 -38.54 -48.49
C LYS KA 39 -51.19 -38.50 -47.30
N PRO KA 40 -52.41 -37.98 -47.43
CA PRO KA 40 -53.32 -38.01 -46.28
C PRO KA 40 -53.64 -39.40 -45.77
N ALA KA 41 -53.77 -40.38 -46.66
CA ALA KA 41 -54.11 -41.72 -46.18
C ALA KA 41 -52.99 -42.30 -45.33
N ARG KA 42 -51.75 -41.89 -45.57
CA ARG KA 42 -50.66 -42.40 -44.75
C ARG KA 42 -50.77 -41.91 -43.32
N VAL KA 43 -50.98 -40.61 -43.12
CA VAL KA 43 -51.11 -40.10 -41.77
C VAL KA 43 -52.38 -40.63 -41.11
N TYR KA 44 -53.46 -40.75 -41.88
CA TYR KA 44 -54.69 -41.31 -41.35
C TYR KA 44 -54.47 -42.74 -40.84
N GLY KA 45 -53.87 -43.60 -41.65
CA GLY KA 45 -53.64 -44.96 -41.21
C GLY KA 45 -52.67 -45.05 -40.06
N VAL KA 46 -51.62 -44.22 -40.07
CA VAL KA 46 -50.68 -44.24 -38.96
C VAL KA 46 -51.37 -43.82 -37.67
N GLY KA 47 -52.21 -42.79 -37.74
CA GLY KA 47 -53.01 -42.44 -36.59
C GLY KA 47 -53.86 -43.59 -36.12
N SER KA 48 -54.49 -44.30 -37.05
CA SER KA 48 -55.32 -45.44 -36.67
C SER KA 48 -54.51 -46.47 -35.90
N LEU KA 49 -53.29 -46.74 -36.35
CA LEU KA 49 -52.45 -47.73 -35.69
C LEU KA 49 -51.91 -47.23 -34.35
N ALA KA 50 -51.87 -45.91 -34.17
CA ALA KA 50 -51.33 -45.32 -32.96
C ALA KA 50 -51.66 -46.10 -31.69
N LEU KA 51 -52.95 -46.39 -31.46
CA LEU KA 51 -53.33 -47.01 -30.20
C LEU KA 51 -52.56 -48.30 -29.98
N TYR KA 52 -52.75 -49.28 -30.86
CA TYR KA 52 -52.11 -50.58 -30.68
C TYR KA 52 -50.60 -50.45 -30.70
N GLU KA 53 -50.06 -49.36 -31.25
CA GLU KA 53 -48.62 -49.15 -31.18
C GLU KA 53 -48.20 -48.77 -29.77
N LYS KA 54 -48.71 -47.66 -29.25
CA LYS KA 54 -48.21 -47.07 -28.01
C LYS KA 54 -48.90 -47.61 -26.76
N ALA KA 55 -49.80 -48.57 -26.89
CA ALA KA 55 -50.25 -49.36 -25.75
C ALA KA 55 -50.31 -50.80 -26.21
N ASP KA 56 -49.15 -51.46 -26.22
CA ASP KA 56 -49.00 -52.73 -26.91
C ASP KA 56 -49.98 -53.77 -26.37
N ILE KA 57 -50.66 -54.46 -27.29
CA ILE KA 57 -51.64 -55.48 -26.95
C ILE KA 57 -51.19 -56.77 -27.61
N LYS KA 58 -50.47 -57.60 -26.87
CA LYS KA 58 -50.14 -58.94 -27.36
C LYS KA 58 -51.30 -59.87 -27.08
N THR KA 59 -51.64 -60.69 -28.06
CA THR KA 59 -52.78 -61.58 -27.89
C THR KA 59 -52.41 -62.76 -27.00
N PRO KA 60 -53.33 -63.25 -26.17
CA PRO KA 60 -53.07 -64.49 -25.44
C PRO KA 60 -52.78 -65.62 -26.41
N GLU KA 61 -51.61 -66.23 -26.26
CA GLU KA 61 -51.10 -67.17 -27.24
C GLU KA 61 -51.85 -68.50 -27.25
N ASP KA 62 -52.93 -68.63 -26.48
CA ASP KA 62 -53.69 -69.85 -26.37
C ASP KA 62 -55.04 -69.74 -27.07
N LYS KA 63 -55.03 -69.14 -28.27
CA LYS KA 63 -56.21 -69.04 -29.10
C LYS KA 63 -56.20 -70.14 -30.16
N LYS KA 64 -57.26 -70.18 -30.95
CA LYS KA 64 -57.42 -71.19 -31.98
C LYS KA 64 -57.71 -70.62 -33.36
N LYS KA 65 -58.29 -69.42 -33.44
CA LYS KA 65 -58.67 -68.80 -34.70
C LYS KA 65 -57.60 -67.81 -35.14
N HIS KA 66 -57.58 -67.56 -36.46
CA HIS KA 66 -56.82 -66.47 -37.05
C HIS KA 66 -57.48 -66.04 -38.33
N LEU KA 67 -56.90 -65.02 -38.94
CA LEU KA 67 -57.35 -64.49 -40.21
C LEU KA 67 -56.13 -63.93 -40.92
N ILE KA 68 -56.07 -64.09 -42.23
CA ILE KA 68 -55.01 -63.53 -43.04
C ILE KA 68 -55.68 -62.82 -44.20
N ILE KA 69 -55.59 -61.50 -44.22
CA ILE KA 69 -56.15 -60.71 -45.30
C ILE KA 69 -54.98 -60.28 -46.18
N GLY KA 70 -54.91 -60.85 -47.39
CA GLY KA 70 -53.94 -60.41 -48.36
C GLY KA 70 -54.57 -59.36 -49.26
N VAL KA 71 -53.80 -58.32 -49.58
CA VAL KA 71 -54.29 -57.21 -50.38
C VAL KA 71 -53.50 -57.17 -51.68
N SER KA 72 -54.22 -57.06 -52.78
CA SER KA 72 -53.63 -56.96 -54.12
C SER KA 72 -54.74 -56.50 -55.05
N SER KA 73 -54.48 -56.56 -56.35
CA SER KA 73 -55.42 -56.09 -57.35
C SER KA 73 -55.77 -57.22 -58.31
N ASP KA 74 -56.60 -56.89 -59.29
CA ASP KA 74 -56.99 -57.86 -60.30
C ASP KA 74 -55.98 -57.94 -61.42
N ARG KA 75 -55.36 -56.82 -61.77
CA ARG KA 75 -54.56 -56.72 -62.98
C ARG KA 75 -53.14 -57.21 -62.74
N GLY KA 76 -52.55 -57.75 -63.79
CA GLY KA 76 -51.20 -58.26 -63.77
C GLY KA 76 -50.21 -57.28 -64.37
N LEU KA 77 -49.13 -57.82 -64.92
CA LEU KA 77 -48.10 -57.02 -65.57
C LEU KA 77 -47.43 -56.06 -64.61
N CYS KA 78 -47.40 -56.40 -63.33
CA CYS KA 78 -46.89 -55.49 -62.32
C CYS KA 78 -45.79 -56.12 -61.50
N GLY KA 79 -44.81 -56.74 -62.16
CA GLY KA 79 -43.71 -57.31 -61.41
C GLY KA 79 -44.18 -58.42 -60.51
N ALA KA 80 -43.53 -58.55 -59.35
CA ALA KA 80 -43.82 -59.61 -58.40
C ALA KA 80 -44.67 -59.12 -57.24
N ILE KA 81 -45.59 -58.19 -57.49
CA ILE KA 81 -46.45 -57.67 -56.45
C ILE KA 81 -47.32 -58.81 -55.91
N HIS KA 82 -48.18 -59.35 -56.76
CA HIS KA 82 -49.05 -60.43 -56.32
C HIS KA 82 -48.25 -61.62 -55.86
N SER KA 83 -47.13 -61.90 -56.53
CA SER KA 83 -46.29 -63.02 -56.14
C SER KA 83 -45.80 -62.86 -54.70
N SER KA 84 -45.26 -61.69 -54.37
CA SER KA 84 -44.73 -61.48 -53.03
C SER KA 84 -45.84 -61.55 -51.99
N VAL KA 85 -46.99 -60.93 -52.28
CA VAL KA 85 -48.07 -60.93 -51.29
C VAL KA 85 -48.56 -62.35 -51.05
N ALA KA 86 -48.76 -63.12 -52.11
CA ALA KA 86 -49.24 -64.49 -51.93
C ALA KA 86 -48.19 -65.35 -51.24
N LYS KA 87 -46.92 -65.13 -51.55
CA LYS KA 87 -45.87 -65.88 -50.88
C LYS KA 87 -45.91 -65.62 -49.38
N GLN KA 88 -46.04 -64.36 -48.98
CA GLN KA 88 -46.14 -64.05 -47.56
C GLN KA 88 -47.38 -64.68 -46.94
N MET KA 89 -48.50 -64.60 -47.64
CA MET KA 89 -49.73 -65.18 -47.12
C MET KA 89 -49.55 -66.66 -46.84
N LYS KA 90 -49.01 -67.41 -47.80
CA LYS KA 90 -48.88 -68.84 -47.62
C LYS KA 90 -47.82 -69.17 -46.57
N SER KA 91 -46.73 -68.40 -46.53
CA SER KA 91 -45.73 -68.59 -45.49
C SER KA 91 -46.36 -68.49 -44.11
N GLU KA 92 -47.10 -67.40 -43.87
CA GLU KA 92 -47.73 -67.23 -42.57
C GLU KA 92 -48.78 -68.29 -42.30
N ALA KA 93 -49.56 -68.65 -43.32
CA ALA KA 93 -50.60 -69.64 -43.12
C ALA KA 93 -50.01 -70.97 -42.70
N ALA KA 94 -48.93 -71.40 -43.38
CA ALA KA 94 -48.30 -72.67 -43.02
C ALA KA 94 -47.66 -72.59 -41.63
N ASN KA 95 -46.97 -71.49 -41.33
CA ASN KA 95 -46.37 -71.35 -40.02
C ASN KA 95 -47.42 -71.43 -38.92
N LEU KA 96 -48.56 -70.76 -39.12
CA LEU KA 96 -49.62 -70.82 -38.12
C LEU KA 96 -50.22 -72.21 -38.03
N ALA KA 97 -50.53 -72.82 -39.18
CA ALA KA 97 -51.12 -74.15 -39.18
C ALA KA 97 -50.20 -75.17 -38.54
N ALA KA 98 -48.90 -74.89 -38.49
CA ALA KA 98 -48.00 -75.76 -37.74
C ALA KA 98 -48.43 -75.87 -36.28
N ALA KA 99 -48.94 -74.78 -35.73
CA ALA KA 99 -49.38 -74.74 -34.34
C ALA KA 99 -50.83 -75.18 -34.16
N GLY KA 100 -51.48 -75.64 -35.22
CA GLY KA 100 -52.83 -76.14 -35.11
C GLY KA 100 -53.92 -75.08 -35.13
N LYS KA 101 -53.55 -73.82 -35.32
CA LYS KA 101 -54.55 -72.75 -35.39
C LYS KA 101 -55.36 -72.90 -36.67
N GLU KA 102 -56.67 -72.69 -36.57
CA GLU KA 102 -57.54 -72.83 -37.73
C GLU KA 102 -57.56 -71.50 -38.48
N VAL KA 103 -56.71 -71.39 -39.50
CA VAL KA 103 -56.55 -70.16 -40.23
C VAL KA 103 -57.67 -70.01 -41.27
N LYS KA 104 -57.92 -68.77 -41.66
CA LYS KA 104 -58.78 -68.45 -42.79
C LYS KA 104 -58.15 -67.31 -43.56
N ILE KA 105 -58.49 -67.22 -44.83
CA ILE KA 105 -57.83 -66.30 -45.75
C ILE KA 105 -58.89 -65.48 -46.48
N ILE KA 106 -58.68 -64.18 -46.53
CA ILE KA 106 -59.47 -63.26 -47.34
C ILE KA 106 -58.52 -62.59 -48.30
N GLY KA 107 -58.79 -62.71 -49.60
CA GLY KA 107 -58.02 -62.07 -50.64
C GLY KA 107 -58.80 -60.90 -51.20
N VAL KA 108 -58.16 -59.75 -51.26
CA VAL KA 108 -58.71 -58.57 -51.90
C VAL KA 108 -58.06 -58.46 -53.26
N GLY KA 109 -58.79 -58.88 -54.30
CA GLY KA 109 -58.25 -58.93 -55.64
C GLY KA 109 -58.28 -60.33 -56.19
N ASP KA 110 -58.58 -60.47 -57.49
CA ASP KA 110 -58.69 -61.80 -58.07
C ASP KA 110 -57.34 -62.50 -58.16
N LYS KA 111 -56.26 -61.76 -58.38
CA LYS KA 111 -54.97 -62.41 -58.53
C LYS KA 111 -54.58 -63.19 -57.29
N ILE KA 112 -54.81 -62.60 -56.12
CA ILE KA 112 -54.49 -63.28 -54.88
C ILE KA 112 -55.34 -64.53 -54.73
N ARG KA 113 -56.63 -64.43 -55.06
CA ARG KA 113 -57.48 -65.60 -54.98
C ARG KA 113 -56.95 -66.73 -55.86
N SER KA 114 -56.56 -66.40 -57.09
CA SER KA 114 -56.12 -67.42 -58.03
C SER KA 114 -54.80 -68.04 -57.58
N ILE KA 115 -53.83 -67.22 -57.18
CA ILE KA 115 -52.52 -67.77 -56.85
C ILE KA 115 -52.62 -68.75 -55.70
N LEU KA 116 -53.62 -68.60 -54.84
CA LEU KA 116 -53.75 -69.45 -53.66
C LEU KA 116 -54.93 -70.42 -53.75
N HIS KA 117 -55.51 -70.58 -54.93
CA HIS KA 117 -56.64 -71.48 -55.06
C HIS KA 117 -56.22 -72.92 -55.33
N ARG KA 118 -54.93 -73.17 -55.53
CA ARG KA 118 -54.46 -74.56 -55.59
C ARG KA 118 -54.30 -75.13 -54.19
N THR KA 119 -53.45 -74.53 -53.38
CA THR KA 119 -53.30 -74.86 -51.98
C THR KA 119 -53.85 -73.72 -51.16
N HIS KA 120 -54.55 -74.04 -50.07
CA HIS KA 120 -55.38 -73.10 -49.34
C HIS KA 120 -56.68 -72.82 -50.08
N SER KA 121 -57.11 -73.74 -50.93
CA SER KA 121 -58.34 -73.53 -51.69
C SER KA 121 -59.54 -73.48 -50.75
N ASP KA 122 -59.57 -74.35 -49.74
CA ASP KA 122 -60.71 -74.42 -48.83
C ASP KA 122 -60.70 -73.30 -47.80
N GLN KA 123 -59.52 -72.88 -47.35
CA GLN KA 123 -59.44 -71.92 -46.26
C GLN KA 123 -60.05 -70.58 -46.62
N PHE KA 124 -60.30 -70.32 -47.89
CA PHE KA 124 -60.83 -69.02 -48.29
C PHE KA 124 -62.17 -68.79 -47.58
N LEU KA 125 -62.32 -67.60 -47.03
CA LEU KA 125 -63.55 -67.19 -46.38
C LEU KA 125 -64.40 -66.27 -47.24
N VAL KA 126 -63.76 -65.34 -47.94
CA VAL KA 126 -64.42 -64.53 -48.94
C VAL KA 126 -63.34 -63.78 -49.70
N THR KA 127 -63.64 -63.39 -50.93
CA THR KA 127 -62.70 -62.64 -51.74
C THR KA 127 -63.45 -61.59 -52.54
N PHE KA 128 -62.73 -60.59 -53.00
CA PHE KA 128 -63.32 -59.43 -53.64
C PHE KA 128 -62.63 -59.18 -54.98
N LYS KA 129 -63.41 -58.72 -55.96
CA LYS KA 129 -62.86 -58.37 -57.26
C LYS KA 129 -63.06 -56.89 -57.56
N GLU KA 130 -62.63 -56.46 -58.73
CA GLU KA 130 -62.75 -55.05 -59.14
C GLU KA 130 -61.91 -54.15 -58.25
N VAL KA 131 -60.68 -54.57 -57.99
CA VAL KA 131 -59.72 -53.78 -57.22
C VAL KA 131 -58.69 -53.21 -58.17
N GLY KA 132 -58.39 -51.94 -58.02
CA GLY KA 132 -57.36 -51.29 -58.81
C GLY KA 132 -57.85 -50.70 -60.12
N ARG KA 133 -59.04 -51.07 -60.58
CA ARG KA 133 -59.59 -50.44 -61.77
C ARG KA 133 -59.77 -48.95 -61.53
N ARG KA 134 -60.27 -48.58 -60.36
CA ARG KA 134 -60.38 -47.21 -59.90
C ARG KA 134 -59.67 -47.10 -58.56
N PRO KA 135 -59.22 -45.91 -58.18
CA PRO KA 135 -58.57 -45.75 -56.89
C PRO KA 135 -59.48 -46.19 -55.77
N PRO KA 136 -58.97 -46.93 -54.79
CA PRO KA 136 -59.83 -47.34 -53.68
C PRO KA 136 -60.24 -46.15 -52.83
N THR KA 137 -61.40 -46.29 -52.18
CA THR KA 137 -61.94 -45.25 -51.31
C THR KA 137 -62.30 -45.87 -49.98
N PHE KA 138 -62.65 -45.04 -49.01
CA PHE KA 138 -63.08 -45.57 -47.73
C PHE KA 138 -64.34 -46.40 -47.86
N GLY KA 139 -65.16 -46.13 -48.89
CA GLY KA 139 -66.31 -46.99 -49.12
C GLY KA 139 -65.89 -48.43 -49.35
N ASP KA 140 -64.81 -48.62 -50.10
CA ASP KA 140 -64.32 -49.97 -50.37
C ASP KA 140 -63.85 -50.65 -49.10
N ALA KA 141 -63.13 -49.92 -48.25
CA ALA KA 141 -62.66 -50.51 -47.01
C ALA KA 141 -63.83 -50.85 -46.10
N SER KA 142 -64.83 -49.98 -46.04
CA SER KA 142 -65.99 -50.27 -45.21
C SER KA 142 -66.73 -51.48 -45.73
N VAL KA 143 -66.81 -51.64 -47.05
CA VAL KA 143 -67.43 -52.84 -47.61
C VAL KA 143 -66.66 -54.09 -47.22
N ILE KA 144 -65.34 -54.05 -47.29
CA ILE KA 144 -64.56 -55.23 -46.90
C ILE KA 144 -64.77 -55.53 -45.43
N ALA KA 145 -64.74 -54.49 -44.58
CA ALA KA 145 -64.89 -54.71 -43.16
C ALA KA 145 -66.26 -55.29 -42.83
N LEU KA 146 -67.31 -54.79 -43.49
CA LEU KA 146 -68.64 -55.33 -43.28
C LEU KA 146 -68.70 -56.79 -43.68
N GLU KA 147 -68.26 -57.10 -44.90
CA GLU KA 147 -68.33 -58.47 -45.36
C GLU KA 147 -67.45 -59.38 -44.50
N LEU KA 148 -66.53 -58.81 -43.74
CA LEU KA 148 -65.78 -59.64 -42.80
C LEU KA 148 -66.57 -59.89 -41.53
N LEU KA 149 -67.07 -58.83 -40.91
CA LEU KA 149 -67.77 -58.97 -39.64
C LEU KA 149 -69.01 -59.82 -39.78
N ASN KA 150 -69.78 -59.62 -40.85
CA ASN KA 150 -71.02 -60.37 -41.02
C ASN KA 150 -70.76 -61.86 -41.16
N SER KA 151 -69.71 -62.24 -41.90
CA SER KA 151 -69.40 -63.64 -42.06
C SER KA 151 -69.23 -64.29 -40.69
N GLY KA 152 -69.90 -65.41 -40.47
CA GLY KA 152 -69.91 -66.02 -39.16
C GLY KA 152 -68.57 -66.59 -38.78
N TYR KA 153 -67.54 -65.75 -38.75
CA TYR KA 153 -66.20 -66.16 -38.34
C TYR KA 153 -65.71 -65.20 -37.28
N GLU KA 154 -65.71 -65.64 -36.03
CA GLU KA 154 -65.27 -64.80 -34.91
C GLU KA 154 -63.78 -65.03 -34.69
N PHE KA 155 -62.97 -64.44 -35.56
CA PHE KA 155 -61.54 -64.62 -35.46
C PHE KA 155 -61.01 -64.01 -34.17
N ASP KA 156 -60.02 -64.66 -33.58
CA ASP KA 156 -59.41 -64.18 -32.35
C ASP KA 156 -58.17 -63.34 -32.59
N GLU KA 157 -57.53 -63.52 -33.74
CA GLU KA 157 -56.37 -62.72 -34.13
C GLU KA 157 -56.45 -62.55 -35.64
N GLY KA 158 -55.62 -61.66 -36.16
CA GLY KA 158 -55.58 -61.47 -37.60
C GLY KA 158 -54.33 -60.75 -38.01
N SER KA 159 -53.99 -60.91 -39.29
CA SER KA 159 -52.92 -60.15 -39.91
C SER KA 159 -53.38 -59.72 -41.29
N ILE KA 160 -52.87 -58.57 -41.73
CA ILE KA 160 -53.13 -58.05 -43.06
C ILE KA 160 -51.80 -57.84 -43.75
N ILE KA 161 -51.65 -58.43 -44.93
CA ILE KA 161 -50.42 -58.38 -45.71
C ILE KA 161 -50.66 -57.49 -46.93
N PHE KA 162 -49.74 -56.56 -47.16
CA PHE KA 162 -49.86 -55.63 -48.27
C PHE KA 162 -48.46 -55.18 -48.65
N ASN KA 163 -48.37 -54.27 -49.62
CA ASN KA 163 -47.08 -53.86 -50.16
C ASN KA 163 -46.87 -52.38 -49.84
N ARG KA 164 -46.18 -52.12 -48.73
CA ARG KA 164 -45.84 -50.76 -48.38
C ARG KA 164 -44.98 -50.13 -49.47
N PHE KA 165 -45.34 -48.92 -49.88
CA PHE KA 165 -44.68 -48.24 -50.97
C PHE KA 165 -43.51 -47.44 -50.43
N ARG KA 166 -42.31 -48.02 -50.48
CA ARG KA 166 -41.13 -47.30 -50.03
C ARG KA 166 -40.80 -46.17 -50.98
N SER KA 167 -40.54 -46.49 -52.25
CA SER KA 167 -40.19 -45.48 -53.25
C SER KA 167 -40.58 -46.01 -54.61
N VAL KA 168 -40.59 -45.11 -55.60
CA VAL KA 168 -41.08 -45.42 -56.94
C VAL KA 168 -40.33 -46.60 -57.53
N ILE KA 169 -39.24 -47.01 -56.91
CA ILE KA 169 -38.49 -48.18 -57.34
C ILE KA 169 -38.74 -49.39 -56.43
N SER KA 170 -38.96 -49.19 -55.14
CA SER KA 170 -38.97 -50.28 -54.19
C SER KA 170 -40.25 -50.27 -53.36
N TYR KA 171 -40.64 -51.46 -52.94
CA TYR KA 171 -41.76 -51.68 -52.05
C TYR KA 171 -41.42 -52.86 -51.16
N LYS KA 172 -42.01 -52.90 -49.97
CA LYS KA 172 -41.75 -53.96 -49.01
C LYS KA 172 -43.06 -54.62 -48.63
N THR KA 173 -43.10 -55.94 -48.69
CA THR KA 173 -44.30 -56.68 -48.32
C THR KA 173 -44.42 -56.66 -46.81
N GLU KA 174 -45.23 -55.74 -46.29
CA GLU KA 174 -45.40 -55.57 -44.87
C GLU KA 174 -46.63 -56.31 -44.38
N GLU KA 175 -46.63 -56.59 -43.08
CA GLU KA 175 -47.74 -57.24 -42.41
C GLU KA 175 -48.07 -56.47 -41.15
N LYS KA 176 -49.36 -56.19 -40.94
CA LYS KA 176 -49.82 -55.48 -39.77
C LYS KA 176 -50.79 -56.36 -39.01
N PRO KA 177 -50.62 -56.56 -37.71
CA PRO KA 177 -51.58 -57.35 -36.95
C PRO KA 177 -52.86 -56.58 -36.69
N ILE KA 178 -53.91 -57.34 -36.40
CA ILE KA 178 -55.21 -56.79 -36.05
C ILE KA 178 -55.84 -57.72 -35.04
N PHE KA 179 -56.41 -57.17 -33.98
CA PHE KA 179 -56.86 -57.94 -32.83
C PHE KA 179 -58.38 -58.00 -32.80
N SER KA 180 -58.91 -58.59 -31.73
CA SER KA 180 -60.34 -58.72 -31.52
C SER KA 180 -60.68 -58.25 -30.12
N LEU KA 181 -61.91 -57.75 -29.94
CA LEU KA 181 -62.27 -57.11 -28.68
C LEU KA 181 -62.07 -58.06 -27.51
N ASP KA 182 -62.17 -59.36 -27.74
CA ASP KA 182 -61.86 -60.31 -26.66
C ASP KA 182 -60.43 -60.14 -26.19
N THR KA 183 -59.51 -59.91 -27.12
CA THR KA 183 -58.12 -59.68 -26.75
C THR KA 183 -57.93 -58.27 -26.19
N ILE KA 184 -58.61 -57.29 -26.77
CA ILE KA 184 -58.42 -55.91 -26.34
C ILE KA 184 -58.83 -55.77 -24.87
N SER KA 185 -59.98 -56.35 -24.52
CA SER KA 185 -60.51 -56.17 -23.18
C SER KA 185 -59.56 -56.70 -22.13
N SER KA 186 -59.03 -57.91 -22.35
CA SER KA 186 -58.23 -58.60 -21.33
C SER KA 186 -56.75 -58.29 -21.43
N ALA KA 187 -56.39 -57.11 -21.92
CA ALA KA 187 -54.99 -56.71 -22.00
C ALA KA 187 -54.70 -55.71 -20.88
N GLU KA 188 -53.67 -56.01 -20.10
CA GLU KA 188 -53.31 -55.15 -18.97
C GLU KA 188 -53.05 -53.72 -19.42
N SER KA 189 -52.46 -53.55 -20.61
CA SER KA 189 -52.14 -52.21 -21.07
C SER KA 189 -53.37 -51.34 -21.20
N MET KA 190 -54.54 -51.94 -21.31
CA MET KA 190 -55.78 -51.19 -21.47
C MET KA 190 -56.35 -50.69 -20.15
N SER KA 191 -55.77 -51.08 -19.01
CA SER KA 191 -56.33 -50.63 -17.75
C SER KA 191 -56.26 -49.12 -17.61
N ILE KA 192 -55.37 -48.47 -18.33
CA ILE KA 192 -55.15 -47.04 -18.13
C ILE KA 192 -56.10 -46.22 -18.98
N TYR KA 193 -57.01 -46.87 -19.67
CA TYR KA 193 -57.92 -46.21 -20.59
C TYR KA 193 -59.29 -46.12 -19.95
N ASP KA 194 -59.78 -44.91 -19.73
CA ASP KA 194 -61.06 -44.74 -19.05
C ASP KA 194 -62.21 -44.63 -20.03
N ASP KA 195 -63.42 -44.67 -19.46
CA ASP KA 195 -64.64 -44.69 -20.25
C ASP KA 195 -64.52 -45.74 -21.35
N ILE KA 196 -64.20 -46.95 -20.95
CA ILE KA 196 -64.07 -48.09 -21.86
C ILE KA 196 -64.89 -49.22 -21.26
N ASP KA 197 -66.18 -49.26 -21.61
CA ASP KA 197 -66.93 -50.47 -21.37
C ASP KA 197 -66.75 -51.39 -22.57
N ALA KA 198 -67.37 -52.56 -22.53
CA ALA KA 198 -67.23 -53.52 -23.62
C ALA KA 198 -68.10 -53.18 -24.80
N ASP KA 199 -68.51 -51.93 -24.95
CA ASP KA 199 -69.28 -51.50 -26.11
C ASP KA 199 -68.55 -50.45 -26.92
N VAL KA 200 -68.14 -49.33 -26.32
CA VAL KA 200 -67.34 -48.39 -27.11
C VAL KA 200 -66.09 -49.09 -27.60
N LEU KA 201 -65.61 -50.08 -26.85
CA LEU KA 201 -64.40 -50.75 -27.23
C LEU KA 201 -64.55 -51.45 -28.57
N ARG KA 202 -65.70 -52.05 -28.83
CA ARG KA 202 -65.79 -52.83 -30.05
C ARG KA 202 -66.53 -52.11 -31.19
N ASN KA 203 -67.28 -51.05 -30.90
CA ASN KA 203 -67.49 -50.05 -31.94
C ASN KA 203 -66.16 -49.54 -32.46
N TYR KA 204 -65.26 -49.21 -31.54
CA TYR KA 204 -63.94 -48.72 -31.91
C TYR KA 204 -63.15 -49.78 -32.66
N GLN KA 205 -63.29 -51.04 -32.27
CA GLN KA 205 -62.59 -52.09 -33.00
C GLN KA 205 -63.11 -52.23 -34.43
N GLU KA 206 -64.42 -52.14 -34.63
CA GLU KA 206 -64.93 -52.16 -36.00
C GLU KA 206 -64.35 -51.01 -36.81
N TYR KA 207 -64.34 -49.81 -36.24
CA TYR KA 207 -63.80 -48.69 -36.99
C TYR KA 207 -62.31 -48.88 -37.27
N SER KA 208 -61.57 -49.39 -36.29
CA SER KA 208 -60.14 -49.59 -36.48
C SER KA 208 -59.88 -50.60 -37.59
N LEU KA 209 -60.68 -51.64 -37.66
CA LEU KA 209 -60.55 -52.60 -38.74
C LEU KA 209 -60.76 -51.92 -40.09
N ALA KA 210 -61.82 -51.13 -40.22
CA ALA KA 210 -62.02 -50.45 -41.48
C ALA KA 210 -60.84 -49.56 -41.82
N ASN KA 211 -60.27 -48.90 -40.80
CA ASN KA 211 -59.17 -47.99 -41.05
C ASN KA 211 -57.97 -48.73 -41.60
N ILE KA 212 -57.62 -49.84 -40.98
CA ILE KA 212 -56.42 -50.56 -41.39
C ILE KA 212 -56.61 -51.12 -42.79
N ILE KA 213 -57.81 -51.60 -43.11
CA ILE KA 213 -58.05 -52.09 -44.45
C ILE KA 213 -57.89 -50.97 -45.47
N TYR KA 214 -58.45 -49.80 -45.18
CA TYR KA 214 -58.32 -48.69 -46.13
C TYR KA 214 -56.87 -48.29 -46.31
N TYR KA 215 -56.11 -48.23 -45.23
CA TYR KA 215 -54.71 -47.87 -45.33
C TYR KA 215 -53.96 -48.85 -46.20
N SER KA 216 -54.20 -50.14 -45.99
CA SER KA 216 -53.53 -51.14 -46.80
C SER KA 216 -53.91 -51.04 -48.26
N LEU KA 217 -55.19 -50.77 -48.55
CA LEU KA 217 -55.58 -50.57 -49.94
C LEU KA 217 -54.80 -49.44 -50.57
N LYS KA 218 -54.69 -48.31 -49.89
CA LYS KA 218 -54.01 -47.18 -50.49
C LYS KA 218 -52.52 -47.48 -50.71
N GLU KA 219 -51.87 -48.06 -49.71
CA GLU KA 219 -50.47 -48.42 -49.89
C GLU KA 219 -50.29 -49.37 -51.07
N SER KA 220 -51.11 -50.42 -51.12
CA SER KA 220 -50.94 -51.41 -52.17
C SER KA 220 -51.23 -50.83 -53.54
N THR KA 221 -52.21 -49.94 -53.65
CA THR KA 221 -52.49 -49.35 -54.95
C THR KA 221 -51.33 -48.51 -55.43
N THR KA 222 -50.76 -47.69 -54.55
CA THR KA 222 -49.60 -46.92 -54.98
C THR KA 222 -48.45 -47.84 -55.39
N SER KA 223 -48.21 -48.88 -54.61
CA SER KA 223 -47.11 -49.78 -54.93
C SER KA 223 -47.35 -50.49 -56.25
N GLU KA 224 -48.58 -50.94 -56.49
CA GLU KA 224 -48.89 -51.63 -57.73
C GLU KA 224 -48.71 -50.73 -58.93
N GLN KA 225 -49.16 -49.48 -58.85
CA GLN KA 225 -48.99 -48.59 -59.98
C GLN KA 225 -47.52 -48.28 -60.23
N SER KA 226 -46.72 -48.09 -59.19
CA SER KA 226 -45.30 -47.88 -59.42
C SER KA 226 -44.67 -49.11 -60.05
N ALA KA 227 -45.08 -50.30 -59.61
CA ALA KA 227 -44.53 -51.52 -60.17
C ALA KA 227 -44.90 -51.69 -61.63
N ARG KA 228 -46.14 -51.35 -62.00
CA ARG KA 228 -46.53 -51.43 -63.39
C ARG KA 228 -45.76 -50.43 -64.23
N MET KA 229 -45.56 -49.22 -63.72
CA MET KA 229 -44.70 -48.27 -64.43
C MET KA 229 -43.34 -48.88 -64.71
N THR KA 230 -42.69 -49.41 -63.67
CA THR KA 230 -41.36 -49.98 -63.86
C THR KA 230 -41.38 -51.17 -64.81
N ALA KA 231 -42.36 -52.05 -64.67
CA ALA KA 231 -42.40 -53.25 -65.49
C ALA KA 231 -42.60 -52.90 -66.95
N MET KA 232 -43.50 -51.97 -67.25
CA MET KA 232 -43.72 -51.61 -68.63
C MET KA 232 -42.56 -50.82 -69.20
N ASP KA 233 -41.88 -50.02 -68.38
CA ASP KA 233 -40.66 -49.38 -68.85
C ASP KA 233 -39.61 -50.42 -69.22
N ASN KA 234 -39.42 -51.43 -68.38
CA ASN KA 234 -38.45 -52.47 -68.68
C ASN KA 234 -38.86 -53.25 -69.93
N ALA KA 235 -40.15 -53.53 -70.08
CA ALA KA 235 -40.60 -54.25 -71.25
C ALA KA 235 -40.38 -53.45 -72.52
N SER KA 236 -40.66 -52.14 -72.48
CA SER KA 236 -40.39 -51.32 -73.65
C SER KA 236 -38.90 -51.27 -73.97
N LYS KA 237 -38.05 -51.19 -72.96
CA LYS KA 237 -36.62 -51.18 -73.22
C LYS KA 237 -36.17 -52.51 -73.81
N ASN KA 238 -36.69 -53.63 -73.31
CA ASN KA 238 -36.34 -54.93 -73.88
C ASN KA 238 -36.81 -55.02 -75.32
N ALA KA 239 -38.01 -54.54 -75.62
CA ALA KA 239 -38.52 -54.60 -76.97
C ALA KA 239 -37.65 -53.77 -77.91
N SER KA 240 -37.24 -52.58 -77.49
CA SER KA 240 -36.38 -51.77 -78.34
C SER KA 240 -35.02 -52.42 -78.53
N GLU KA 241 -34.45 -52.99 -77.47
CA GLU KA 241 -33.16 -53.64 -77.61
C GLU KA 241 -33.26 -54.85 -78.54
N MET KA 242 -34.43 -55.47 -78.62
CA MET KA 242 -34.64 -56.56 -79.56
C MET KA 242 -34.84 -56.06 -80.99
N ILE KA 243 -35.53 -54.94 -81.13
CA ILE KA 243 -35.74 -54.35 -82.46
C ILE KA 243 -34.42 -53.91 -83.05
N ASP KA 244 -33.45 -53.53 -82.23
CA ASP KA 244 -32.15 -53.19 -82.78
C ASP KA 244 -31.57 -54.36 -83.58
N LYS KA 245 -31.48 -55.54 -82.94
CA LYS KA 245 -30.92 -56.70 -83.60
C LYS KA 245 -31.80 -57.15 -84.76
N LEU KA 246 -33.12 -57.08 -84.60
CA LEU KA 246 -33.98 -57.50 -85.69
C LEU KA 246 -33.84 -56.58 -86.89
N THR KA 247 -33.66 -55.28 -86.67
CA THR KA 247 -33.47 -54.38 -87.80
C THR KA 247 -32.15 -54.66 -88.49
N LEU KA 248 -31.08 -54.89 -87.73
CA LEU KA 248 -29.82 -55.22 -88.37
C LEU KA 248 -29.95 -56.48 -89.22
N THR KA 249 -30.58 -57.51 -88.67
CA THR KA 249 -30.76 -58.74 -89.43
C THR KA 249 -31.62 -58.51 -90.65
N PHE KA 250 -32.65 -57.68 -90.54
CA PHE KA 250 -33.51 -57.43 -91.68
C PHE KA 250 -32.75 -56.75 -92.79
N ASN KA 251 -31.91 -55.78 -92.46
CA ASN KA 251 -31.14 -55.11 -93.50
C ASN KA 251 -30.15 -56.07 -94.15
N ARG KA 252 -29.48 -56.90 -93.35
CA ARG KA 252 -28.58 -57.89 -93.94
C ARG KA 252 -29.33 -58.81 -94.89
N THR KA 253 -30.51 -59.29 -94.47
CA THR KA 253 -31.24 -60.24 -95.30
C THR KA 253 -31.77 -59.57 -96.56
N ARG KA 254 -32.18 -58.31 -96.47
CA ARG KA 254 -32.64 -57.60 -97.64
C ARG KA 254 -31.53 -57.46 -98.67
N GLN KA 255 -30.34 -57.09 -98.22
CA GLN KA 255 -29.22 -56.99 -99.15
C GLN KA 255 -28.87 -58.35 -99.74
N ALA KA 256 -28.92 -59.40 -98.92
CA ALA KA 256 -28.64 -60.74 -99.43
C ALA KA 256 -29.63 -61.14 -100.50
N VAL KA 257 -30.91 -60.82 -100.30
CA VAL KA 257 -31.92 -61.15 -101.29
C VAL KA 257 -31.66 -60.41 -102.59
N ILE KA 258 -31.33 -59.12 -102.49
CA ILE KA 258 -31.08 -58.35 -103.72
C ILE KA 258 -29.90 -58.94 -104.46
N THR KA 259 -28.81 -59.21 -103.75
CA THR KA 259 -27.63 -59.77 -104.39
C THR KA 259 -27.92 -61.11 -105.02
N LYS KA 260 -28.66 -61.97 -104.32
CA LYS KA 260 -28.93 -63.31 -104.84
C LYS KA 260 -29.76 -63.25 -106.11
N GLU KA 261 -30.83 -62.44 -106.10
CA GLU KA 261 -31.65 -62.31 -107.30
C GLU KA 261 -30.83 -61.76 -108.45
N LEU KA 262 -29.99 -60.77 -108.19
CA LEU KA 262 -29.17 -60.20 -109.24
C LEU KA 262 -28.19 -61.21 -109.81
N ILE KA 263 -27.57 -62.00 -108.95
CA ILE KA 263 -26.62 -63.00 -109.42
C ILE KA 263 -27.33 -64.04 -110.26
N GLU KA 264 -28.53 -64.45 -109.85
CA GLU KA 264 -29.28 -65.38 -110.67
C GLU KA 264 -29.56 -64.80 -112.05
N ILE KA 265 -29.98 -63.54 -112.11
CA ILE KA 265 -30.28 -62.94 -113.41
C ILE KA 265 -29.05 -62.91 -114.29
N ILE KA 266 -27.91 -62.45 -113.75
CA ILE KA 266 -26.73 -62.31 -114.60
C ILE KA 266 -26.15 -63.66 -114.96
N SER KA 267 -26.28 -64.66 -114.09
CA SER KA 267 -25.83 -65.99 -114.44
C SER KA 267 -26.69 -66.61 -115.52
N GLY KA 268 -27.99 -66.32 -115.52
CA GLY KA 268 -28.82 -66.73 -116.64
C GLY KA 268 -28.43 -66.00 -117.92
N ALA KA 269 -28.18 -64.70 -117.83
CA ALA KA 269 -27.83 -63.92 -119.01
C ALA KA 269 -26.54 -64.42 -119.63
N ALA KA 270 -25.53 -64.70 -118.80
CA ALA KA 270 -24.27 -65.18 -119.32
C ALA KA 270 -24.43 -66.56 -119.97
N ALA KA 271 -25.19 -67.45 -119.33
CA ALA KA 271 -25.38 -68.80 -119.84
C ALA KA 271 -26.01 -68.83 -121.22
N LEU KA 272 -26.46 -67.70 -121.73
CA LEU KA 272 -27.06 -67.63 -123.05
C LEU KA 272 -26.74 -66.33 -123.74
N GLN LA 15 -47.66 -30.24 -23.12
CA GLN LA 15 -48.32 -29.83 -24.34
C GLN LA 15 -48.99 -31.03 -25.01
N MET LA 16 -49.83 -30.76 -26.00
CA MET LA 16 -50.64 -31.78 -26.64
C MET LA 16 -50.25 -31.90 -28.10
N SER LA 17 -50.14 -33.13 -28.58
CA SER LA 17 -49.86 -33.42 -29.98
C SER LA 17 -51.15 -33.89 -30.64
N PHE LA 18 -51.75 -33.01 -31.43
CA PHE LA 18 -53.07 -33.25 -32.00
C PHE LA 18 -52.95 -33.73 -33.44
N THR LA 19 -53.73 -34.75 -33.79
CA THR LA 19 -53.71 -35.34 -35.13
C THR LA 19 -55.14 -35.53 -35.60
N PHE LA 20 -55.64 -34.63 -36.41
CA PHE LA 20 -57.02 -34.64 -36.87
C PHE LA 20 -57.00 -34.97 -38.36
N ALA LA 21 -57.71 -36.01 -38.75
CA ALA LA 21 -57.58 -36.48 -40.13
C ALA LA 21 -58.87 -37.11 -40.62
N SER LA 22 -59.13 -36.90 -41.89
CA SER LA 22 -60.14 -37.59 -42.66
C SER LA 22 -59.46 -38.50 -43.65
N PRO LA 23 -60.11 -39.55 -44.13
CA PRO LA 23 -59.43 -40.41 -45.11
C PRO LA 23 -58.89 -39.63 -46.28
N THR LA 24 -59.64 -38.62 -46.73
CA THR LA 24 -59.26 -37.89 -47.92
C THR LA 24 -58.23 -36.83 -47.62
N GLN LA 25 -58.45 -36.04 -46.58
CA GLN LA 25 -57.59 -34.91 -46.27
C GLN LA 25 -57.13 -34.98 -44.82
N VAL LA 26 -56.25 -34.05 -44.48
CA VAL LA 26 -55.69 -33.93 -43.14
C VAL LA 26 -55.78 -32.48 -42.72
N PHE LA 27 -56.17 -32.26 -41.47
CA PHE LA 27 -56.35 -30.91 -40.94
C PHE LA 27 -55.24 -30.51 -39.98
N PHE LA 28 -54.97 -31.32 -38.98
CA PHE LA 28 -53.87 -31.10 -38.07
C PHE LA 28 -53.05 -32.38 -38.02
N ASN LA 29 -51.73 -32.23 -37.91
CA ASN LA 29 -50.83 -33.38 -37.97
C ASN LA 29 -49.75 -33.15 -36.92
N SER LA 30 -49.87 -33.84 -35.79
CA SER LA 30 -48.97 -33.62 -34.66
C SER LA 30 -48.82 -32.14 -34.36
N ALA LA 31 -49.94 -31.42 -34.45
CA ALA LA 31 -49.95 -29.99 -34.18
C ALA LA 31 -49.76 -29.77 -32.69
N ASN LA 32 -49.95 -28.53 -32.24
CA ASN LA 32 -49.90 -28.19 -30.82
C ASN LA 32 -51.06 -27.25 -30.53
N VAL LA 33 -52.22 -27.82 -30.24
CA VAL LA 33 -53.40 -27.05 -29.92
C VAL LA 33 -53.56 -27.05 -28.40
N ARG LA 34 -54.30 -26.09 -27.88
CA ARG LA 34 -54.50 -25.99 -26.44
C ARG LA 34 -55.62 -26.91 -25.99
N GLN LA 35 -56.81 -26.73 -26.54
CA GLN LA 35 -57.99 -27.46 -26.13
C GLN LA 35 -58.78 -27.83 -27.38
N VAL LA 36 -59.35 -29.02 -27.38
CA VAL LA 36 -60.19 -29.45 -28.50
C VAL LA 36 -61.47 -30.10 -27.96
N ASP LA 37 -62.62 -29.61 -28.41
CA ASP LA 37 -63.91 -30.10 -27.93
C ASP LA 37 -64.49 -31.06 -28.95
N VAL LA 38 -64.71 -32.31 -28.56
CA VAL LA 38 -65.18 -33.32 -29.49
C VAL LA 38 -66.51 -33.90 -29.03
N PRO LA 39 -67.41 -34.27 -29.94
CA PRO LA 39 -68.61 -35.03 -29.55
C PRO LA 39 -68.26 -36.48 -29.30
N THR LA 40 -69.25 -37.34 -29.09
CA THR LA 40 -68.93 -38.71 -28.73
C THR LA 40 -70.25 -39.46 -28.53
N GLN LA 41 -70.18 -40.79 -28.50
CA GLN LA 41 -71.37 -41.55 -28.12
C GLN LA 41 -71.67 -41.38 -26.64
N THR LA 42 -70.67 -41.55 -25.79
CA THR LA 42 -70.90 -41.35 -24.36
C THR LA 42 -71.12 -39.89 -24.00
N GLY LA 43 -70.89 -38.96 -24.92
CA GLY LA 43 -71.27 -37.59 -24.69
C GLY LA 43 -70.12 -36.61 -24.80
N ALA LA 44 -70.43 -35.40 -25.24
CA ALA LA 44 -69.41 -34.39 -25.54
C ALA LA 44 -68.32 -34.36 -24.49
N PHE LA 45 -67.11 -33.99 -24.86
CA PHE LA 45 -66.13 -33.62 -23.85
C PHE LA 45 -64.99 -32.84 -24.49
N GLY LA 46 -64.24 -32.16 -23.64
CA GLY LA 46 -63.10 -31.36 -24.07
C GLY LA 46 -61.81 -32.04 -23.65
N ILE LA 47 -60.81 -31.97 -24.51
CA ILE LA 47 -59.49 -32.56 -24.29
C ILE LA 47 -58.49 -31.44 -24.10
N LEU LA 48 -57.70 -31.56 -23.04
CA LEU LA 48 -56.69 -30.60 -22.61
C LEU LA 48 -55.34 -31.31 -22.55
N ALA LA 49 -54.31 -30.58 -22.15
CA ALA LA 49 -52.94 -31.00 -22.39
C ALA LA 49 -52.57 -32.30 -21.68
N ALA LA 50 -53.34 -32.73 -20.68
CA ALA LA 50 -52.98 -33.97 -20.00
C ALA LA 50 -54.20 -34.82 -19.66
N HIS LA 51 -55.28 -34.67 -20.41
CA HIS LA 51 -56.50 -35.43 -20.21
C HIS LA 51 -56.19 -36.89 -19.92
N VAL LA 52 -57.04 -37.57 -19.18
CA VAL LA 52 -56.79 -38.98 -18.86
C VAL LA 52 -57.05 -39.82 -20.11
N PRO LA 53 -56.30 -40.90 -20.35
CA PRO LA 53 -56.45 -41.64 -21.60
C PRO LA 53 -57.86 -42.18 -21.81
N THR LA 54 -58.31 -42.16 -23.06
CA THR LA 54 -59.62 -42.70 -23.40
C THR LA 54 -59.65 -43.11 -24.85
N LEU LA 55 -60.60 -43.98 -25.18
CA LEU LA 55 -61.00 -44.25 -26.55
C LEU LA 55 -62.48 -43.92 -26.67
N GLN LA 56 -62.87 -43.34 -27.79
CA GLN LA 56 -64.28 -43.08 -28.01
C GLN LA 56 -64.55 -43.09 -29.50
N VAL LA 57 -65.83 -43.21 -29.86
CA VAL LA 57 -66.26 -43.10 -31.23
C VAL LA 57 -67.22 -41.94 -31.32
N LEU LA 58 -67.08 -41.14 -32.37
CA LEU LA 58 -67.77 -39.87 -32.47
C LEU LA 58 -69.23 -40.04 -32.87
N ARG LA 59 -70.02 -39.05 -32.53
CA ARG LA 59 -71.34 -38.80 -33.04
C ARG LA 59 -71.27 -37.68 -34.06
N PRO LA 60 -72.26 -37.54 -34.91
CA PRO LA 60 -72.22 -36.45 -35.88
C PRO LA 60 -72.38 -35.11 -35.18
N GLY LA 61 -71.29 -34.39 -35.01
CA GLY LA 61 -71.31 -33.16 -34.26
C GLY LA 61 -70.29 -32.22 -34.84
N LEU LA 62 -69.84 -31.21 -34.10
CA LEU LA 62 -68.81 -30.34 -34.63
C LEU LA 62 -67.68 -30.23 -33.61
N VAL LA 63 -66.52 -30.75 -33.98
CA VAL LA 63 -65.33 -30.56 -33.19
C VAL LA 63 -64.93 -29.10 -33.27
N VAL LA 64 -64.50 -28.54 -32.14
CA VAL LA 64 -63.94 -27.20 -32.08
C VAL LA 64 -62.53 -27.30 -31.56
N VAL LA 65 -61.59 -26.65 -32.24
CA VAL LA 65 -60.19 -26.69 -31.88
C VAL LA 65 -59.76 -25.27 -31.53
N HIS LA 66 -59.12 -25.11 -30.37
CA HIS LA 66 -58.52 -23.84 -30.00
C HIS LA 66 -57.01 -23.99 -30.10
N ALA LA 67 -56.40 -23.16 -30.94
CA ALA LA 67 -54.96 -23.24 -31.13
C ALA LA 67 -54.25 -22.64 -29.91
N GLU LA 68 -52.92 -22.70 -29.94
CA GLU LA 68 -52.15 -22.11 -28.85
C GLU LA 68 -52.52 -20.64 -28.66
N ASP LA 69 -52.58 -19.89 -29.75
CA ASP LA 69 -53.22 -18.58 -29.67
C ASP LA 69 -54.73 -18.76 -29.78
N GLY LA 70 -55.46 -17.76 -29.28
CA GLY LA 70 -56.88 -17.89 -29.08
C GLY LA 70 -57.74 -17.75 -30.32
N THR LA 71 -57.77 -18.79 -31.16
CA THR LA 71 -58.66 -18.83 -32.30
C THR LA 71 -59.35 -20.18 -32.39
N THR LA 72 -60.64 -20.15 -32.71
CA THR LA 72 -61.49 -21.34 -32.75
C THR LA 72 -61.72 -21.76 -34.20
N SER LA 73 -61.45 -23.03 -34.48
CA SER LA 73 -61.78 -23.62 -35.77
C SER LA 73 -62.80 -24.72 -35.55
N LYS LA 74 -63.92 -24.64 -36.25
CA LYS LA 74 -65.03 -25.58 -36.08
C LYS LA 74 -65.14 -26.44 -37.32
N TYR LA 75 -65.07 -27.76 -37.13
CA TYR LA 75 -65.25 -28.71 -38.21
C TYR LA 75 -66.36 -29.67 -37.86
N PHE LA 76 -67.37 -29.77 -38.70
CA PHE LA 76 -68.40 -30.77 -38.51
C PHE LA 76 -67.85 -32.13 -38.92
N VAL LA 77 -67.87 -33.10 -38.02
CA VAL LA 77 -67.45 -34.46 -38.31
C VAL LA 77 -68.66 -35.35 -38.20
N SER LA 78 -68.70 -36.37 -39.04
CA SER LA 78 -69.84 -37.25 -39.13
C SER LA 78 -69.70 -38.47 -38.23
N SER LA 79 -68.49 -39.01 -38.11
CA SER LA 79 -68.30 -40.23 -37.36
C SER LA 79 -66.82 -40.54 -37.37
N GLY LA 80 -66.40 -41.43 -36.50
CA GLY LA 80 -65.03 -41.82 -36.49
C GLY LA 80 -64.63 -42.31 -35.10
N SER LA 81 -63.43 -41.90 -34.69
CA SER LA 81 -62.93 -42.29 -33.39
C SER LA 81 -61.99 -41.20 -32.89
N VAL LA 82 -61.78 -41.20 -31.58
CA VAL LA 82 -60.88 -40.26 -30.93
C VAL LA 82 -60.14 -41.01 -29.84
N THR LA 83 -58.83 -40.94 -29.86
CA THR LA 83 -57.98 -41.60 -28.91
C THR LA 83 -57.17 -40.55 -28.18
N VAL LA 84 -57.17 -40.61 -26.86
CA VAL LA 84 -56.30 -39.79 -26.03
C VAL LA 84 -55.38 -40.74 -25.31
N ASN LA 85 -54.09 -40.58 -25.49
CA ASN LA 85 -53.13 -41.59 -25.09
C ASN LA 85 -52.40 -41.19 -23.83
N ALA LA 86 -51.52 -42.08 -23.38
CA ALA LA 86 -50.75 -41.80 -22.17
C ALA LA 86 -49.87 -40.57 -22.36
N ASP LA 87 -49.24 -40.44 -23.53
CA ASP LA 87 -48.28 -39.38 -23.80
C ASP LA 87 -48.95 -38.09 -24.24
N SER LA 88 -50.23 -37.92 -23.94
CA SER LA 88 -50.95 -36.69 -24.32
C SER LA 88 -50.85 -36.46 -25.82
N SER LA 89 -51.23 -37.47 -26.59
CA SER LA 89 -51.28 -37.38 -28.04
C SER LA 89 -52.68 -37.75 -28.47
N VAL LA 90 -53.42 -36.78 -28.99
CA VAL LA 90 -54.79 -37.00 -29.40
C VAL LA 90 -54.79 -37.36 -30.87
N GLN LA 91 -55.52 -38.42 -31.22
CA GLN LA 91 -55.76 -38.79 -32.61
C GLN LA 91 -57.26 -38.79 -32.86
N LEU LA 92 -57.72 -37.87 -33.68
CA LEU LA 92 -59.13 -37.71 -33.98
C LEU LA 92 -59.33 -38.02 -35.47
N LEU LA 93 -59.84 -39.21 -35.77
CA LEU LA 93 -60.06 -39.63 -37.13
C LEU LA 93 -61.54 -39.56 -37.43
N ALA LA 94 -61.90 -38.91 -38.52
CA ALA LA 94 -63.30 -38.74 -38.88
C ALA LA 94 -63.51 -39.27 -40.29
N GLU LA 95 -64.57 -40.04 -40.50
CA GLU LA 95 -64.81 -40.53 -41.85
C GLU LA 95 -65.21 -39.42 -42.79
N GLU LA 96 -65.68 -38.29 -42.29
CA GLU LA 96 -66.08 -37.18 -43.15
C GLU LA 96 -66.06 -35.92 -42.31
N ALA LA 97 -65.08 -35.06 -42.54
CA ALA LA 97 -64.93 -33.81 -41.81
C ALA LA 97 -65.00 -32.65 -42.78
N VAL LA 98 -65.78 -31.63 -42.44
CA VAL LA 98 -65.99 -30.50 -43.34
C VAL LA 98 -66.13 -29.23 -42.52
N THR LA 99 -65.55 -28.15 -43.00
CA THR LA 99 -65.73 -26.87 -42.34
C THR LA 99 -67.16 -26.37 -42.54
N LEU LA 100 -67.66 -25.64 -41.54
CA LEU LA 100 -69.08 -25.29 -41.53
C LEU LA 100 -69.49 -24.55 -42.78
N ASP LA 101 -68.58 -23.80 -43.39
CA ASP LA 101 -68.93 -23.03 -44.58
C ASP LA 101 -69.25 -23.92 -45.77
N MET LA 102 -68.96 -25.21 -45.70
CA MET LA 102 -69.19 -26.13 -46.79
C MET LA 102 -70.56 -26.79 -46.73
N LEU LA 103 -71.50 -26.20 -46.01
CA LEU LA 103 -72.82 -26.78 -45.84
C LEU LA 103 -73.90 -25.76 -46.13
N ASP LA 104 -75.08 -26.25 -46.49
CA ASP LA 104 -76.22 -25.40 -46.83
C ASP LA 104 -77.41 -25.82 -45.98
N LEU LA 105 -78.04 -24.84 -45.34
CA LEU LA 105 -79.20 -25.12 -44.50
C LEU LA 105 -80.30 -25.79 -45.29
N GLY LA 106 -80.88 -25.07 -46.25
CA GLY LA 106 -82.04 -25.56 -46.98
C GLY LA 106 -81.97 -27.04 -47.27
N ALA LA 107 -80.86 -27.49 -47.83
CA ALA LA 107 -80.69 -28.90 -48.13
C ALA LA 107 -80.83 -29.74 -46.87
N ALA LA 108 -80.08 -29.39 -45.82
CA ALA LA 108 -80.10 -30.20 -44.61
C ALA LA 108 -81.49 -30.23 -43.97
N LYS LA 109 -82.15 -29.08 -43.92
CA LYS LA 109 -83.48 -29.03 -43.31
C LYS LA 109 -84.46 -29.86 -44.12
N ALA LA 110 -84.40 -29.76 -45.44
CA ALA LA 110 -85.29 -30.57 -46.27
C ALA LA 110 -85.02 -32.05 -46.07
N ASN LA 111 -83.75 -32.43 -45.94
CA ASN LA 111 -83.42 -33.83 -45.72
C ASN LA 111 -83.92 -34.30 -44.35
N LEU LA 112 -83.81 -33.45 -43.34
CA LEU LA 112 -84.31 -33.81 -42.02
C LEU LA 112 -85.81 -34.04 -42.06
N GLU LA 113 -86.53 -33.13 -42.73
CA GLU LA 113 -87.97 -33.28 -42.84
C GLU LA 113 -88.34 -34.51 -43.63
N LYS LA 114 -87.60 -34.80 -44.70
CA LYS LA 114 -87.84 -36.01 -45.48
C LYS LA 114 -87.64 -37.25 -44.62
N ALA LA 115 -86.55 -37.28 -43.86
CA ALA LA 115 -86.27 -38.43 -43.00
C ALA LA 115 -87.39 -38.62 -41.98
N GLN LA 116 -87.84 -37.53 -41.36
CA GLN LA 116 -88.97 -37.66 -40.45
C GLN LA 116 -90.20 -38.18 -41.17
N SER LA 117 -90.39 -37.75 -42.42
CA SER LA 117 -91.54 -38.20 -43.18
C SER LA 117 -91.49 -39.70 -43.42
N GLU LA 118 -90.30 -40.23 -43.69
CA GLU LA 118 -90.16 -41.68 -43.81
C GLU LA 118 -90.12 -42.38 -42.46
N LEU LA 119 -89.98 -41.65 -41.36
CA LEU LA 119 -89.93 -42.30 -40.06
C LEU LA 119 -91.26 -42.98 -39.74
N LEU LA 120 -92.37 -42.43 -40.20
CA LEU LA 120 -93.67 -43.06 -40.00
C LEU LA 120 -93.71 -44.43 -40.66
N GLY LA 121 -93.14 -44.54 -41.86
CA GLY LA 121 -93.07 -45.79 -42.58
C GLY LA 121 -92.04 -46.73 -41.99
N ALA LA 122 -92.34 -47.28 -40.81
CA ALA LA 122 -91.39 -48.12 -40.10
C ALA LA 122 -91.26 -49.47 -40.80
N ALA LA 123 -90.56 -49.49 -41.93
CA ALA LA 123 -90.51 -50.71 -42.74
C ALA LA 123 -90.03 -51.89 -41.91
N ASP LA 124 -89.06 -51.68 -41.03
CA ASP LA 124 -88.53 -52.75 -40.19
C ASP LA 124 -87.56 -52.14 -39.18
N GLU LA 125 -87.18 -52.94 -38.20
CA GLU LA 125 -86.23 -52.48 -37.19
C GLU LA 125 -84.96 -51.97 -37.83
N ALA LA 126 -84.43 -52.70 -38.82
CA ALA LA 126 -83.26 -52.22 -39.53
C ALA LA 126 -83.54 -50.89 -40.21
N THR LA 127 -84.49 -50.88 -41.15
CA THR LA 127 -84.81 -49.66 -41.88
C THR LA 127 -85.18 -48.54 -40.93
N ARG LA 128 -85.87 -48.87 -39.83
CA ARG LA 128 -86.14 -47.87 -38.80
C ARG LA 128 -84.84 -47.31 -38.24
N ALA LA 129 -83.86 -48.17 -38.01
CA ALA LA 129 -82.58 -47.71 -37.49
C ALA LA 129 -81.91 -46.75 -38.47
N GLU LA 130 -81.89 -47.11 -39.75
CA GLU LA 130 -81.26 -46.23 -40.72
C GLU LA 130 -81.97 -44.89 -40.77
N ILE LA 131 -83.30 -44.89 -40.73
CA ILE LA 131 -84.00 -43.62 -40.73
C ILE LA 131 -83.64 -42.80 -39.49
N GLN LA 132 -83.57 -43.46 -38.34
CA GLN LA 132 -83.24 -42.74 -37.11
C GLN LA 132 -81.85 -42.12 -37.19
N ILE LA 133 -80.88 -42.88 -37.73
CA ILE LA 133 -79.53 -42.36 -37.84
C ILE LA 133 -79.50 -41.17 -38.78
N ARG LA 134 -80.17 -41.27 -39.92
CA ARG LA 134 -80.26 -40.12 -40.81
C ARG LA 134 -80.88 -38.93 -40.10
N ILE LA 135 -81.92 -39.19 -39.31
CA ILE LA 135 -82.62 -38.09 -38.65
C ILE LA 135 -81.70 -37.37 -37.68
N GLU LA 136 -80.98 -38.12 -36.84
CA GLU LA 136 -80.14 -37.44 -35.86
C GLU LA 136 -78.95 -36.78 -36.55
N ALA LA 137 -78.40 -37.40 -37.59
CA ALA LA 137 -77.32 -36.77 -38.32
C ALA LA 137 -77.75 -35.42 -38.89
N ASN LA 138 -78.90 -35.39 -39.56
CA ASN LA 138 -79.41 -34.13 -40.07
C ASN LA 138 -79.80 -33.17 -38.95
N GLU LA 139 -80.26 -33.70 -37.82
CA GLU LA 139 -80.61 -32.84 -36.71
C GLU LA 139 -79.39 -32.07 -36.22
N ALA LA 140 -78.29 -32.78 -35.99
CA ALA LA 140 -77.06 -32.10 -35.59
C ALA LA 140 -76.57 -31.18 -36.69
N LEU LA 141 -76.73 -31.59 -37.95
CA LEU LA 141 -76.35 -30.71 -39.05
C LEU LA 141 -77.04 -29.36 -38.93
N VAL LA 142 -78.37 -29.38 -38.82
CA VAL LA 142 -79.10 -28.12 -38.78
C VAL LA 142 -78.76 -27.35 -37.52
N LYS LA 143 -78.72 -28.04 -36.38
CA LYS LA 143 -78.55 -27.32 -35.12
C LYS LA 143 -77.14 -26.80 -34.93
N ALA LA 144 -76.18 -27.27 -35.73
CA ALA LA 144 -74.89 -26.61 -35.78
C ALA LA 144 -74.85 -25.51 -36.83
N LEU LA 145 -75.58 -25.67 -37.93
CA LEU LA 145 -75.60 -24.63 -38.96
C LEU LA 145 -76.43 -23.43 -38.54
N GLU LA 146 -77.53 -23.65 -37.84
CA GLU LA 146 -78.48 -22.58 -37.55
C GLU LA 146 -77.97 -21.71 -36.40
N VAL MA 1 -74.83 -50.85 -25.36
CA VAL MA 1 -75.57 -50.95 -26.64
C VAL MA 1 -76.14 -49.60 -27.02
N ALA MA 2 -76.55 -49.48 -28.28
CA ALA MA 2 -77.20 -48.30 -28.81
C ALA MA 2 -78.39 -48.73 -29.64
N TYR MA 3 -79.26 -47.78 -29.95
CA TYR MA 3 -80.50 -48.16 -30.62
C TYR MA 3 -80.26 -48.72 -32.01
N TRP MA 4 -79.30 -48.18 -32.75
CA TRP MA 4 -79.01 -48.72 -34.07
C TRP MA 4 -78.43 -50.12 -33.97
N ARG MA 5 -77.59 -50.36 -32.97
CA ARG MA 5 -77.04 -51.69 -32.83
C ARG MA 5 -78.11 -52.70 -32.47
N GLN MA 6 -79.27 -52.24 -31.99
CA GLN MA 6 -80.35 -53.16 -31.67
C GLN MA 6 -80.82 -53.92 -32.92
N ALA MA 7 -80.95 -53.22 -34.04
CA ALA MA 7 -81.23 -53.89 -35.29
C ALA MA 7 -80.09 -54.80 -35.72
N GLY MA 8 -78.93 -54.68 -35.09
CA GLY MA 8 -77.78 -55.48 -35.41
C GLY MA 8 -76.74 -54.79 -36.26
N LEU MA 9 -76.93 -53.51 -36.57
CA LEU MA 9 -75.93 -52.81 -37.36
C LEU MA 9 -74.57 -52.86 -36.68
N SER MA 10 -73.57 -52.41 -37.40
CA SER MA 10 -72.23 -52.24 -36.89
C SER MA 10 -71.85 -50.77 -36.98
N TYR MA 11 -70.84 -50.36 -36.21
CA TYR MA 11 -70.47 -48.96 -36.28
C TYR MA 11 -70.03 -48.57 -37.68
N ILE MA 12 -69.56 -49.52 -38.48
CA ILE MA 12 -69.20 -49.21 -39.86
C ILE MA 12 -70.41 -48.68 -40.60
N ARG MA 13 -71.55 -49.37 -40.48
CA ARG MA 13 -72.76 -48.91 -41.13
C ARG MA 13 -73.22 -47.56 -40.58
N TYR MA 14 -73.10 -47.37 -39.28
CA TYR MA 14 -73.49 -46.09 -38.70
C TYR MA 14 -72.68 -44.97 -39.30
N SER MA 15 -71.37 -45.16 -39.40
CA SER MA 15 -70.53 -44.14 -40.00
C SER MA 15 -70.86 -43.96 -41.47
N GLN MA 16 -71.18 -45.05 -42.18
CA GLN MA 16 -71.57 -44.93 -43.57
C GLN MA 16 -72.78 -44.02 -43.72
N ILE MA 17 -73.80 -44.25 -42.89
CA ILE MA 17 -75.02 -43.46 -42.99
C ILE MA 17 -74.77 -42.02 -42.63
N CYS MA 18 -74.01 -41.78 -41.55
CA CYS MA 18 -73.74 -40.41 -41.14
C CYS MA 18 -72.94 -39.66 -42.22
N ALA MA 19 -71.91 -40.32 -42.76
CA ALA MA 19 -71.12 -39.68 -43.79
C ALA MA 19 -71.93 -39.45 -45.05
N LYS MA 20 -72.80 -40.39 -45.40
CA LYS MA 20 -73.68 -40.18 -46.54
C LYS MA 20 -74.57 -38.98 -46.32
N ALA MA 21 -75.10 -38.82 -45.11
CA ALA MA 21 -75.93 -37.66 -44.83
C ALA MA 21 -75.15 -36.38 -45.00
N VAL MA 22 -73.97 -36.29 -44.39
CA VAL MA 22 -73.20 -35.05 -44.51
C VAL MA 22 -72.87 -34.79 -45.97
N ARG MA 23 -72.51 -35.83 -46.72
CA ARG MA 23 -72.24 -35.64 -48.13
C ARG MA 23 -73.45 -35.08 -48.85
N ASP MA 24 -74.62 -35.65 -48.58
CA ASP MA 24 -75.86 -35.17 -49.19
C ASP MA 24 -76.14 -33.73 -48.81
N ALA MA 25 -75.65 -33.27 -47.67
CA ALA MA 25 -75.94 -31.93 -47.18
C ALA MA 25 -74.83 -30.94 -47.48
N LEU MA 26 -74.15 -31.08 -48.61
CA LEU MA 26 -73.08 -30.18 -49.00
C LEU MA 26 -73.58 -29.14 -50.00
N LYS MA 27 -72.75 -28.12 -50.22
CA LYS MA 27 -73.05 -27.13 -51.23
C LYS MA 27 -73.08 -27.76 -52.61
N THR MA 28 -73.83 -27.13 -53.52
CA THR MA 28 -73.87 -27.63 -54.89
C THR MA 28 -72.48 -27.68 -55.49
N GLU MA 29 -71.61 -26.76 -55.10
CA GLU MA 29 -70.24 -26.76 -55.60
C GLU MA 29 -69.49 -28.00 -55.15
N PHE MA 30 -69.50 -28.26 -53.84
CA PHE MA 30 -68.67 -29.30 -53.26
C PHE MA 30 -69.22 -30.70 -53.49
N LYS MA 31 -70.46 -30.84 -53.96
CA LYS MA 31 -70.95 -32.17 -54.32
C LYS MA 31 -70.07 -32.78 -55.39
N ALA MA 32 -69.77 -32.03 -56.44
CA ALA MA 32 -68.95 -32.55 -57.53
C ALA MA 32 -67.55 -32.92 -57.06
N ASN MA 33 -67.09 -32.33 -55.96
CA ASN MA 33 -65.76 -32.60 -55.44
C ASN MA 33 -65.73 -33.65 -54.37
N ALA MA 34 -66.89 -34.02 -53.82
CA ALA MA 34 -66.97 -35.03 -52.78
C ALA MA 34 -67.70 -36.28 -53.21
N MET MA 35 -68.49 -36.22 -54.28
CA MET MA 35 -69.19 -37.42 -54.73
C MET MA 35 -68.22 -38.50 -55.15
N LYS MA 36 -67.15 -38.11 -55.85
CA LYS MA 36 -66.07 -39.05 -56.08
C LYS MA 36 -65.33 -39.27 -54.77
N THR MA 37 -64.39 -40.22 -54.79
CA THR MA 37 -63.62 -40.57 -53.60
C THR MA 37 -64.53 -40.95 -52.44
N SER MA 38 -65.78 -41.25 -52.72
CA SER MA 38 -66.74 -41.65 -51.69
C SER MA 38 -67.40 -42.98 -52.00
N GLY MA 39 -67.72 -43.24 -53.26
CA GLY MA 39 -68.40 -44.46 -53.61
C GLY MA 39 -67.50 -45.67 -53.49
N SER MA 40 -68.10 -46.84 -53.65
CA SER MA 40 -67.39 -48.10 -53.61
C SER MA 40 -67.66 -48.88 -54.89
N THR MA 41 -66.65 -49.61 -55.33
CA THR MA 41 -66.77 -50.47 -56.50
C THR MA 41 -66.48 -51.92 -56.22
N ILE MA 42 -65.87 -52.25 -55.08
CA ILE MA 42 -65.58 -53.64 -54.73
C ILE MA 42 -66.86 -54.44 -54.82
N LYS MA 43 -66.73 -55.73 -55.09
CA LYS MA 43 -67.87 -56.63 -55.07
C LYS MA 43 -67.40 -58.01 -54.66
N ILE MA 44 -68.31 -58.75 -54.04
CA ILE MA 44 -67.96 -59.99 -53.34
C ILE MA 44 -68.18 -61.15 -54.31
N VAL MA 45 -67.58 -62.29 -53.95
CA VAL MA 45 -67.77 -63.53 -54.71
C VAL MA 45 -68.12 -64.64 -53.72
N LYS MA 46 -69.14 -65.42 -54.07
CA LYS MA 46 -69.54 -66.54 -53.22
C LYS MA 46 -68.38 -67.49 -53.03
N VAL MA 47 -68.25 -68.03 -51.83
CA VAL MA 47 -67.24 -69.05 -51.55
C VAL MA 47 -67.90 -70.40 -51.34
N VAL NA 8 -38.87 -50.36 -93.08
CA VAL NA 8 -40.00 -51.10 -92.55
C VAL NA 8 -40.77 -50.27 -91.55
N ARG NA 9 -42.05 -50.57 -91.42
CA ARG NA 9 -42.95 -49.86 -90.52
C ARG NA 9 -43.78 -50.90 -89.78
N SER NA 10 -44.74 -50.42 -88.99
CA SER NA 10 -45.62 -51.28 -88.21
C SER NA 10 -47.04 -51.18 -88.75
N SER NA 11 -47.69 -52.33 -88.89
CA SER NA 11 -49.07 -52.40 -89.34
C SER NA 11 -49.97 -52.51 -88.12
N ALA NA 12 -51.24 -52.82 -88.36
CA ALA NA 12 -52.19 -53.10 -87.30
C ALA NA 12 -52.48 -54.59 -87.28
N GLY NA 13 -52.54 -55.16 -86.08
CA GLY NA 13 -52.79 -56.58 -85.98
C GLY NA 13 -51.66 -57.41 -86.57
N ALA NA 14 -50.42 -57.02 -86.29
CA ALA NA 14 -49.27 -57.77 -86.75
C ALA NA 14 -48.85 -58.83 -85.76
N VAL NA 15 -49.29 -58.74 -84.51
CA VAL NA 15 -48.93 -59.77 -83.54
C VAL NA 15 -49.55 -61.11 -83.93
N ARG NA 16 -50.81 -61.09 -84.35
CA ARG NA 16 -51.42 -62.32 -84.84
C ARG NA 16 -50.74 -62.82 -86.09
N ASP NA 17 -50.39 -61.91 -87.01
CA ASP NA 17 -49.77 -62.33 -88.26
C ASP NA 17 -48.43 -63.00 -88.01
N ALA NA 18 -47.60 -62.42 -87.15
CA ALA NA 18 -46.29 -63.00 -86.90
C ALA NA 18 -46.40 -64.47 -86.52
N GLY NA 19 -47.44 -64.83 -85.77
CA GLY NA 19 -47.62 -66.20 -85.36
C GLY NA 19 -46.69 -66.64 -84.25
N GLY NA 20 -45.95 -65.72 -83.64
CA GLY NA 20 -44.98 -66.10 -82.64
C GLY NA 20 -45.64 -66.63 -81.40
N ALA NA 21 -44.94 -66.59 -80.26
CA ALA NA 21 -45.58 -66.97 -79.01
C ALA NA 21 -46.69 -65.99 -78.67
N PHE NA 22 -46.50 -64.71 -78.96
CA PHE NA 22 -47.48 -63.71 -78.59
C PHE NA 22 -48.79 -63.91 -79.36
N GLY NA 23 -48.71 -64.30 -80.62
CA GLY NA 23 -49.93 -64.56 -81.37
C GLY NA 23 -50.73 -65.70 -80.80
N LYS NA 24 -50.06 -66.80 -80.47
CA LYS NA 24 -50.77 -67.91 -79.84
C LYS NA 24 -51.37 -67.46 -78.53
N ARG NA 25 -50.65 -66.64 -77.79
CA ARG NA 25 -51.16 -66.15 -76.51
C ARG NA 25 -52.42 -65.31 -76.70
N GLU NA 26 -52.43 -64.43 -77.71
CA GLU NA 26 -53.67 -63.80 -78.17
C GLU NA 26 -54.80 -64.79 -78.33
N GLN NA 27 -54.60 -65.74 -79.22
CA GLN NA 27 -55.73 -66.56 -79.63
C GLN NA 27 -56.26 -67.35 -78.45
N ALA NA 28 -55.35 -67.86 -77.62
CA ALA NA 28 -55.76 -68.62 -76.45
C ALA NA 28 -56.51 -67.75 -75.46
N GLU NA 29 -55.98 -66.57 -75.14
CA GLU NA 29 -56.62 -65.76 -74.13
C GLU NA 29 -58.01 -65.32 -74.59
N GLU NA 30 -58.11 -64.92 -75.85
CA GLU NA 30 -59.40 -64.50 -76.39
C GLU NA 30 -60.40 -65.64 -76.37
N GLU NA 31 -59.95 -66.84 -76.74
CA GLU NA 31 -60.85 -67.99 -76.71
C GLU NA 31 -61.30 -68.27 -75.28
N ARG NA 32 -60.39 -68.15 -74.31
CA ARG NA 32 -60.79 -68.33 -72.92
C ARG NA 32 -61.91 -67.38 -72.54
N TYR NA 33 -61.69 -66.09 -72.76
CA TYR NA 33 -62.66 -65.10 -72.32
C TYR NA 33 -64.01 -65.35 -72.98
N PHE NA 34 -64.02 -65.61 -74.28
CA PHE NA 34 -65.31 -65.76 -74.93
C PHE NA 34 -65.94 -67.11 -74.69
N ARG NA 35 -65.17 -68.13 -74.31
CA ARG NA 35 -65.79 -69.36 -73.81
C ARG NA 35 -66.54 -69.08 -72.52
N ALA NA 36 -65.93 -68.32 -71.61
CA ALA NA 36 -66.61 -67.96 -70.38
C ALA NA 36 -67.91 -67.22 -70.67
N ARG NA 37 -67.82 -66.20 -71.53
CA ARG NA 37 -69.01 -65.42 -71.83
C ARG NA 37 -70.06 -66.25 -72.55
N ALA NA 38 -69.66 -67.18 -73.41
CA ALA NA 38 -70.63 -68.01 -74.09
C ALA NA 38 -71.33 -68.94 -73.11
N LYS NA 39 -70.60 -69.47 -72.13
CA LYS NA 39 -71.25 -70.28 -71.11
C LYS NA 39 -72.30 -69.47 -70.35
N GLU NA 40 -71.95 -68.24 -69.97
CA GLU NA 40 -72.92 -67.41 -69.27
C GLU NA 40 -74.11 -67.09 -70.15
N GLN NA 41 -73.89 -66.82 -71.42
CA GLN NA 41 -75.00 -66.47 -72.31
C GLN NA 41 -75.89 -67.68 -72.58
N LEU NA 42 -75.31 -68.87 -72.70
CA LEU NA 42 -76.13 -70.07 -72.86
C LEU NA 42 -76.96 -70.33 -71.62
N ALA NA 43 -76.36 -70.16 -70.43
CA ALA NA 43 -77.14 -70.30 -69.21
C ALA NA 43 -78.29 -69.31 -69.19
N ALA NA 44 -78.01 -68.05 -69.54
CA ALA NA 44 -79.05 -67.03 -69.54
C ALA NA 44 -80.12 -67.36 -70.56
N LEU NA 45 -79.74 -67.94 -71.69
CA LEU NA 45 -80.74 -68.29 -72.69
C LEU NA 45 -81.65 -69.40 -72.20
N LYS NA 46 -81.07 -70.42 -71.55
CA LYS NA 46 -81.91 -71.47 -70.98
C LYS NA 46 -82.84 -70.92 -69.91
N LYS NA 47 -82.31 -70.08 -69.01
CA LYS NA 47 -83.13 -69.53 -67.94
C LYS NA 47 -84.23 -68.65 -68.51
N HIS NA 48 -83.94 -67.86 -69.53
CA HIS NA 48 -84.97 -67.07 -70.17
C HIS NA 48 -86.03 -67.96 -70.81
N HIS NA 49 -85.59 -69.07 -71.41
CA HIS NA 49 -86.55 -69.99 -72.00
C HIS NA 49 -87.52 -70.50 -70.94
N GLU NA 50 -86.98 -70.92 -69.78
CA GLU NA 50 -87.85 -71.41 -68.72
C GLU NA 50 -88.74 -70.30 -68.18
N ASN NA 51 -88.21 -69.10 -68.01
CA ASN NA 51 -89.01 -67.98 -67.52
C ASN NA 51 -90.03 -67.51 -68.55
N GLU NA 52 -89.89 -67.92 -69.81
CA GLU NA 52 -90.82 -67.51 -70.85
C GLU NA 52 -91.82 -68.58 -71.23
N ILE NA 53 -91.61 -69.84 -70.85
CA ILE NA 53 -92.68 -70.82 -71.09
C ILE NA 53 -93.95 -70.41 -70.36
N SER NA 54 -93.81 -69.75 -69.22
CA SER NA 54 -94.96 -69.27 -68.46
C SER NA 54 -95.60 -68.08 -69.14
N ASP OA 1 -80.39 -30.67 39.74
CA ASP OA 1 -80.84 -29.33 39.28
C ASP OA 1 -80.97 -29.28 37.77
N ILE OA 2 -81.89 -28.41 37.30
CA ILE OA 2 -82.15 -28.30 35.87
C ILE OA 2 -80.89 -27.90 35.11
N ASP OA 3 -79.99 -27.13 35.72
CA ASP OA 3 -78.73 -26.82 35.04
C ASP OA 3 -77.86 -28.06 34.91
N THR OA 4 -77.76 -28.85 35.99
CA THR OA 4 -76.99 -30.08 35.94
C THR OA 4 -77.65 -31.16 35.11
N ALA OA 5 -78.79 -30.87 34.48
CA ALA OA 5 -79.35 -31.72 33.45
C ALA OA 5 -79.29 -31.09 32.07
N ALA OA 6 -79.36 -29.77 31.99
CA ALA OA 6 -79.13 -29.10 30.72
C ALA OA 6 -77.73 -29.38 30.22
N LYS OA 7 -76.74 -29.36 31.11
CA LYS OA 7 -75.40 -29.77 30.70
C LYS OA 7 -75.51 -31.03 29.85
N PHE OA 8 -76.02 -32.09 30.47
CA PHE OA 8 -75.95 -33.41 29.84
C PHE OA 8 -76.79 -33.48 28.59
N ILE OA 9 -78.02 -32.98 28.63
CA ILE OA 9 -78.90 -33.16 27.50
C ILE OA 9 -78.43 -32.30 26.33
N GLY OA 10 -77.95 -31.09 26.60
CA GLY OA 10 -77.39 -30.29 25.53
C GLY OA 10 -76.14 -30.91 24.93
N ALA OA 11 -75.28 -31.47 25.77
CA ALA OA 11 -74.09 -32.13 25.26
C ALA OA 11 -74.47 -33.30 24.36
N GLY OA 12 -75.38 -34.15 24.82
CA GLY OA 12 -75.76 -35.29 24.01
C GLY OA 12 -76.38 -34.87 22.69
N ALA OA 13 -77.11 -33.76 22.68
CA ALA OA 13 -77.77 -33.26 21.49
C ALA OA 13 -76.97 -32.16 20.81
N ALA OA 14 -75.68 -32.07 21.08
CA ALA OA 14 -74.77 -31.23 20.31
C ALA OA 14 -73.64 -32.03 19.69
N THR OA 15 -73.43 -33.26 20.13
CA THR OA 15 -72.48 -34.17 19.52
C THR OA 15 -73.09 -34.95 18.38
N VAL OA 16 -74.37 -34.76 18.08
CA VAL OA 16 -74.94 -35.32 16.87
C VAL OA 16 -74.40 -34.66 15.62
N GLY OA 17 -73.96 -33.41 15.71
CA GLY OA 17 -73.40 -32.74 14.56
C GLY OA 17 -72.15 -33.38 14.01
N VAL OA 18 -71.50 -34.23 14.79
CA VAL OA 18 -70.38 -35.02 14.28
C VAL OA 18 -70.83 -36.02 13.22
N ALA OA 19 -72.05 -36.55 13.34
CA ALA OA 19 -72.52 -37.51 12.33
C ALA OA 19 -72.35 -36.95 10.94
N GLY OA 20 -72.79 -35.72 10.70
CA GLY OA 20 -72.58 -35.12 9.40
C GLY OA 20 -71.16 -35.31 8.91
N SER OA 21 -70.18 -34.85 9.69
CA SER OA 21 -68.80 -34.96 9.24
C SER OA 21 -68.45 -36.40 8.91
N GLY OA 22 -68.91 -37.37 9.70
CA GLY OA 22 -68.66 -38.75 9.36
C GLY OA 22 -68.96 -39.01 7.90
N ALA OA 23 -70.19 -38.72 7.47
CA ALA OA 23 -70.52 -38.94 6.07
C ALA OA 23 -69.54 -38.23 5.16
N GLY OA 24 -69.26 -36.95 5.44
CA GLY OA 24 -68.34 -36.22 4.59
C GLY OA 24 -67.04 -36.98 4.41
N ILE OA 25 -66.48 -37.49 5.50
CA ILE OA 25 -65.25 -38.25 5.39
C ILE OA 25 -65.42 -39.35 4.36
N GLY OA 26 -66.39 -40.23 4.57
CA GLY OA 26 -66.62 -41.28 3.61
C GLY OA 26 -66.56 -40.77 2.19
N THR OA 27 -67.32 -39.71 1.90
CA THR OA 27 -67.40 -39.26 0.52
C THR OA 27 -66.02 -38.95 -0.03
N VAL OA 28 -65.21 -38.21 0.71
CA VAL OA 28 -63.88 -37.91 0.20
C VAL OA 28 -63.13 -39.22 -0.06
N PHE OA 29 -63.07 -40.11 0.91
CA PHE OA 29 -62.36 -41.36 0.70
C PHE OA 29 -63.16 -42.32 -0.13
N GLY OA 30 -64.39 -41.98 -0.49
CA GLY OA 30 -65.05 -42.71 -1.54
C GLY OA 30 -64.46 -42.24 -2.84
N SER OA 31 -64.49 -40.92 -3.05
CA SER OA 31 -64.09 -40.40 -4.34
C SER OA 31 -62.64 -40.73 -4.65
N LEU OA 32 -61.76 -40.62 -3.66
CA LEU OA 32 -60.36 -40.99 -3.89
C LEU OA 32 -60.28 -42.34 -4.57
N ILE OA 33 -60.99 -43.35 -4.06
CA ILE OA 33 -60.95 -44.65 -4.69
C ILE OA 33 -61.23 -44.50 -6.18
N ILE OA 34 -62.40 -43.98 -6.52
CA ILE OA 34 -62.70 -43.77 -7.94
C ILE OA 34 -61.60 -42.92 -8.56
N GLY OA 35 -61.28 -41.80 -7.93
CA GLY OA 35 -60.32 -40.90 -8.51
C GLY OA 35 -59.00 -41.58 -8.78
N TYR OA 36 -58.65 -42.56 -7.95
CA TYR OA 36 -57.37 -43.25 -8.14
C TYR OA 36 -57.52 -44.46 -9.04
N ALA OA 37 -58.70 -45.06 -9.08
CA ALA OA 37 -58.89 -46.17 -9.99
C ALA OA 37 -58.85 -45.69 -11.44
N ARG OA 38 -59.41 -44.51 -11.70
CA ARG OA 38 -59.52 -44.04 -13.08
C ARG OA 38 -58.19 -43.61 -13.64
N ASN OA 39 -57.41 -42.87 -12.87
CA ASN OA 39 -56.17 -42.27 -13.34
C ASN OA 39 -55.06 -42.62 -12.36
N PRO OA 40 -54.64 -43.88 -12.34
CA PRO OA 40 -53.61 -44.28 -11.36
C PRO OA 40 -52.29 -43.58 -11.54
N SER OA 41 -52.02 -42.99 -12.71
CA SER OA 41 -50.72 -42.38 -12.93
C SER OA 41 -50.45 -41.29 -11.90
N LEU OA 42 -51.44 -40.47 -11.59
CA LEU OA 42 -51.25 -39.37 -10.66
C LEU OA 42 -51.79 -39.71 -9.28
N M3L OA 43 -51.51 -40.93 -8.83
CA M3L OA 43 -51.94 -41.39 -7.53
CB M3L OA 43 -51.42 -42.79 -7.25
C M3L OA 43 -51.50 -40.53 -6.36
O M3L OA 43 -52.22 -40.32 -5.38
N GLN OA 44 -50.28 -40.04 -6.44
CA GLN OA 44 -49.73 -39.25 -5.36
C GLN OA 44 -50.55 -37.99 -5.15
N GLN OA 45 -50.66 -37.19 -6.20
CA GLN OA 45 -51.33 -35.91 -6.07
C GLN OA 45 -52.74 -36.07 -5.50
N LEU OA 46 -53.39 -37.20 -5.75
CA LEU OA 46 -54.75 -37.39 -5.25
C LEU OA 46 -54.79 -37.34 -3.73
N PHE OA 47 -53.84 -37.99 -3.05
CA PHE OA 47 -53.76 -37.77 -1.62
C PHE OA 47 -53.74 -36.29 -1.27
N SER OA 48 -52.86 -35.53 -1.93
CA SER OA 48 -52.74 -34.13 -1.57
C SER OA 48 -54.07 -33.41 -1.56
N TYR OA 49 -55.10 -34.00 -2.15
CA TYR OA 49 -56.45 -33.49 -2.02
C TYR OA 49 -57.27 -34.28 -1.02
N ALA OA 50 -57.32 -35.61 -1.17
CA ALA OA 50 -58.07 -36.43 -0.25
C ALA OA 50 -57.78 -36.04 1.19
N ILE OA 51 -56.54 -36.23 1.62
CA ILE OA 51 -56.16 -35.87 2.97
C ILE OA 51 -56.65 -34.46 3.27
N LEU OA 52 -56.27 -33.50 2.43
CA LEU OA 52 -56.75 -32.15 2.65
C LEU OA 52 -58.25 -32.18 2.92
N GLY OA 53 -59.02 -32.58 1.92
CA GLY OA 53 -60.46 -32.68 2.10
C GLY OA 53 -60.75 -33.33 3.42
N PHE OA 54 -60.29 -34.57 3.60
CA PHE OA 54 -60.49 -35.23 4.88
C PHE OA 54 -60.31 -34.31 6.06
N ALA OA 55 -59.08 -33.89 6.29
CA ALA OA 55 -58.81 -33.18 7.51
C ALA OA 55 -59.63 -31.92 7.56
N LEU OA 56 -59.73 -31.24 6.43
CA LEU OA 56 -60.51 -30.03 6.38
C LEU OA 56 -61.96 -30.30 6.78
N SER OA 57 -62.56 -31.35 6.22
CA SER OA 57 -63.90 -31.75 6.63
C SER OA 57 -63.95 -32.03 8.12
N GLU OA 58 -62.96 -32.75 8.63
CA GLU OA 58 -62.85 -33.08 10.04
C GLU OA 58 -63.30 -31.89 10.85
N ALA OA 59 -62.93 -30.69 10.39
CA ALA OA 59 -63.21 -29.47 11.12
C ALA OA 59 -64.59 -29.54 11.78
N MET OA 60 -65.63 -29.66 10.97
CA MET OA 60 -66.97 -29.47 11.52
C MET OA 60 -67.23 -30.48 12.62
N GLY OA 61 -66.93 -31.75 12.35
CA GLY OA 61 -67.12 -32.74 13.38
C GLY OA 61 -66.55 -32.18 14.66
N LEU OA 62 -65.25 -31.94 14.66
CA LEU OA 62 -64.59 -31.52 15.87
C LEU OA 62 -65.25 -30.26 16.42
N PHE OA 63 -65.53 -29.29 15.53
CA PHE OA 63 -66.21 -28.07 15.96
C PHE OA 63 -67.38 -28.40 16.86
N CYS OA 64 -68.36 -29.13 16.34
CA CYS OA 64 -69.53 -29.41 17.17
C CYS OA 64 -69.12 -30.22 18.39
N LEU OA 65 -68.26 -31.21 18.19
CA LEU OA 65 -67.77 -31.96 19.35
C LEU OA 65 -67.15 -31.02 20.36
N MET OA 66 -66.37 -30.05 19.88
CA MET OA 66 -65.84 -29.03 20.76
C MET OA 66 -66.95 -28.48 21.65
N VAL OA 67 -67.99 -27.91 21.03
CA VAL OA 67 -69.04 -27.30 21.82
C VAL OA 67 -69.59 -28.29 22.81
N ALA OA 68 -69.72 -29.56 22.41
CA ALA OA 68 -70.19 -30.57 23.35
C ALA OA 68 -69.46 -30.43 24.68
N PHE OA 69 -68.15 -30.61 24.67
CA PHE OA 69 -67.41 -30.54 25.92
C PHE OA 69 -67.55 -29.16 26.54
N LEU OA 70 -67.53 -28.12 25.73
CA LEU OA 70 -67.73 -26.78 26.24
C LEU OA 70 -69.05 -26.67 27.00
N ILE OA 71 -70.12 -27.23 26.42
CA ILE OA 71 -71.40 -27.25 27.13
C ILE OA 71 -71.30 -28.12 28.36
N LEU OA 72 -70.56 -29.21 28.28
CA LEU OA 72 -70.55 -30.17 29.36
C LEU OA 72 -69.59 -29.77 30.48
N PHE OA 73 -68.71 -28.80 30.23
CA PHE OA 73 -67.71 -28.38 31.20
C PHE OA 73 -67.61 -26.86 31.21
N ALA OA 74 -68.76 -26.19 31.14
CA ALA OA 74 -68.83 -24.74 31.22
C ALA OA 74 -70.24 -24.29 30.87
N ASP PA 1 -84.78 -38.89 40.21
CA ASP PA 1 -83.69 -37.88 40.13
C ASP PA 1 -83.59 -37.31 38.72
N ILE PA 2 -83.91 -36.02 38.58
CA ILE PA 2 -83.85 -35.39 37.28
C ILE PA 2 -82.44 -35.48 36.70
N ASP PA 3 -81.43 -35.31 37.56
CA ASP PA 3 -80.05 -35.29 37.10
C ASP PA 3 -79.48 -36.67 36.85
N THR PA 4 -80.20 -37.73 37.20
CA THR PA 4 -79.81 -39.08 36.86
C THR PA 4 -80.71 -39.70 35.81
N ALA PA 5 -81.81 -39.03 35.46
CA ALA PA 5 -82.65 -39.43 34.34
C ALA PA 5 -82.29 -38.68 33.07
N ALA PA 6 -82.05 -37.37 33.17
CA ALA PA 6 -81.65 -36.59 31.99
C ALA PA 6 -80.40 -37.17 31.35
N LYS PA 7 -79.56 -37.82 32.15
CA LYS PA 7 -78.39 -38.47 31.57
C LYS PA 7 -78.78 -39.48 30.51
N PHE PA 8 -79.87 -40.21 30.73
CA PHE PA 8 -80.26 -41.22 29.76
C PHE PA 8 -80.65 -40.60 28.43
N ILE PA 9 -81.46 -39.54 28.46
CA ILE PA 9 -81.86 -38.91 27.22
C ILE PA 9 -80.67 -38.26 26.54
N GLY PA 10 -79.75 -37.69 27.32
CA GLY PA 10 -78.53 -37.16 26.72
C GLY PA 10 -77.71 -38.26 26.06
N ALA PA 11 -77.64 -39.43 26.68
CA ALA PA 11 -76.90 -40.53 26.10
C ALA PA 11 -77.51 -40.96 24.78
N GLY PA 12 -78.83 -40.99 24.69
CA GLY PA 12 -79.45 -41.32 23.42
C GLY PA 12 -79.18 -40.27 22.36
N ALA PA 13 -79.36 -39.00 22.72
CA ALA PA 13 -79.08 -37.94 21.78
C ALA PA 13 -77.64 -37.93 21.32
N ALA PA 14 -76.73 -38.53 22.10
CA ALA PA 14 -75.36 -38.66 21.65
C ALA PA 14 -75.14 -39.89 20.79
N THR PA 15 -75.77 -41.02 21.14
CA THR PA 15 -75.60 -42.21 20.34
C THR PA 15 -76.18 -42.04 18.94
N VAL PA 16 -77.03 -41.05 18.73
CA VAL PA 16 -77.49 -40.77 17.38
C VAL PA 16 -76.33 -40.42 16.45
N GLY PA 17 -75.14 -40.16 16.99
CA GLY PA 17 -74.02 -39.75 16.16
C GLY PA 17 -73.51 -40.81 15.23
N VAL PA 18 -73.75 -42.09 15.54
CA VAL PA 18 -73.24 -43.17 14.70
C VAL PA 18 -73.93 -43.23 13.35
N ALA PA 19 -75.01 -42.48 13.15
CA ALA PA 19 -75.67 -42.49 11.85
C ALA PA 19 -74.74 -42.00 10.75
N GLY PA 20 -74.04 -40.90 11.02
CA GLY PA 20 -73.12 -40.39 10.03
C GLY PA 20 -72.03 -41.37 9.69
N SER PA 21 -71.50 -42.05 10.71
CA SER PA 21 -70.48 -43.05 10.45
C SER PA 21 -71.03 -44.21 9.64
N GLY PA 22 -72.29 -44.58 9.88
CA GLY PA 22 -72.91 -45.59 9.04
C GLY PA 22 -73.00 -45.15 7.59
N ALA PA 23 -73.44 -43.92 7.35
CA ALA PA 23 -73.51 -43.43 5.98
C ALA PA 23 -72.13 -43.41 5.34
N GLY PA 24 -71.12 -42.98 6.09
CA GLY PA 24 -69.78 -42.91 5.55
C GLY PA 24 -69.22 -44.27 5.19
N ILE PA 25 -69.41 -45.27 6.05
CA ILE PA 25 -68.98 -46.61 5.68
C ILE PA 25 -69.70 -47.08 4.43
N GLY PA 26 -71.01 -46.81 4.35
CA GLY PA 26 -71.72 -47.21 3.16
C GLY PA 26 -71.11 -46.64 1.91
N THR PA 27 -70.81 -45.33 1.92
CA THR PA 27 -70.31 -44.73 0.69
C THR PA 27 -68.86 -45.13 0.41
N VAL PA 28 -68.05 -45.33 1.44
CA VAL PA 28 -66.69 -45.83 1.20
C VAL PA 28 -66.74 -47.16 0.48
N PHE PA 29 -67.59 -48.08 0.93
CA PHE PA 29 -67.60 -49.37 0.27
C PHE PA 29 -68.33 -49.31 -1.07
N GLY PA 30 -69.25 -48.39 -1.25
CA GLY PA 30 -69.78 -48.19 -2.59
C GLY PA 30 -68.71 -47.75 -3.56
N SER PA 31 -67.86 -46.81 -3.13
CA SER PA 31 -66.75 -46.39 -3.97
C SER PA 31 -65.77 -47.53 -4.22
N LEU PA 32 -65.56 -48.38 -3.23
CA LEU PA 32 -64.71 -49.55 -3.47
C LEU PA 32 -65.30 -50.40 -4.58
N ILE PA 33 -66.60 -50.65 -4.54
CA ILE PA 33 -67.23 -51.49 -5.56
C ILE PA 33 -67.04 -50.85 -6.94
N ILE PA 34 -67.32 -49.55 -7.05
CA ILE PA 34 -67.20 -48.89 -8.34
C ILE PA 34 -65.75 -48.91 -8.82
N GLY PA 35 -64.81 -48.59 -7.94
CA GLY PA 35 -63.43 -48.56 -8.36
C GLY PA 35 -62.93 -49.92 -8.82
N TYR PA 36 -63.30 -50.97 -8.10
CA TYR PA 36 -62.88 -52.30 -8.52
C TYR PA 36 -63.58 -52.72 -9.79
N ALA PA 37 -64.76 -52.18 -10.07
CA ALA PA 37 -65.38 -52.49 -11.35
C ALA PA 37 -64.73 -51.73 -12.50
N ARG PA 38 -64.16 -50.55 -12.22
CA ARG PA 38 -63.52 -49.77 -13.26
C ARG PA 38 -62.08 -50.19 -13.55
N ASN PA 39 -61.48 -50.98 -12.68
CA ASN PA 39 -60.06 -51.24 -12.77
C ASN PA 39 -59.67 -52.44 -11.92
N PRO PA 40 -60.24 -53.62 -12.19
CA PRO PA 40 -60.07 -54.76 -11.27
C PRO PA 40 -58.65 -55.25 -11.12
N SER PA 41 -57.66 -54.61 -11.73
CA SER PA 41 -56.28 -55.04 -11.58
C SER PA 41 -55.59 -54.44 -10.36
N LEU PA 42 -56.22 -53.50 -9.67
CA LEU PA 42 -55.60 -52.82 -8.55
C LEU PA 42 -56.13 -53.30 -7.22
N M3L PA 43 -56.95 -54.33 -7.23
CA M3L PA 43 -57.61 -54.83 -6.05
CB M3L PA 43 -57.89 -56.32 -6.20
C M3L PA 43 -56.96 -54.70 -4.66
O M3L PA 43 -57.60 -54.87 -3.63
N GLN PA 44 -55.68 -54.38 -4.62
CA GLN PA 44 -54.88 -54.68 -3.46
C GLN PA 44 -54.43 -53.38 -2.83
N GLN PA 45 -54.72 -52.28 -3.51
CA GLN PA 45 -54.57 -50.94 -2.95
C GLN PA 45 -55.91 -50.27 -2.75
N LEU PA 46 -56.85 -50.46 -3.68
CA LEU PA 46 -58.20 -50.00 -3.46
C LEU PA 46 -58.72 -50.47 -2.12
N PHE PA 47 -58.48 -51.73 -1.78
CA PHE PA 47 -58.89 -52.22 -0.48
C PHE PA 47 -58.15 -51.50 0.64
N SER PA 48 -56.87 -51.22 0.44
CA SER PA 48 -56.13 -50.50 1.47
C SER PA 48 -56.70 -49.11 1.67
N TYR PA 49 -56.99 -48.41 0.58
CA TYR PA 49 -57.57 -47.08 0.68
C TYR PA 49 -58.92 -47.15 1.38
N ALA PA 50 -59.73 -48.16 1.04
CA ALA PA 50 -60.98 -48.36 1.74
C ALA PA 50 -60.74 -48.49 3.22
N ILE PA 51 -60.01 -49.54 3.62
CA ILE PA 51 -59.75 -49.76 5.04
C ILE PA 51 -59.34 -48.46 5.71
N LEU PA 52 -58.55 -47.63 5.04
CA LEU PA 52 -58.19 -46.35 5.64
C LEU PA 52 -59.42 -45.48 5.86
N GLY PA 53 -60.24 -45.31 4.83
CA GLY PA 53 -61.42 -44.46 4.98
C GLY PA 53 -62.40 -45.01 5.99
N PHE PA 54 -62.60 -46.32 5.97
CA PHE PA 54 -63.32 -47.02 7.03
C PHE PA 54 -62.81 -46.68 8.42
N ALA PA 55 -61.51 -46.83 8.62
CA ALA PA 55 -60.97 -46.56 9.94
C ALA PA 55 -61.31 -45.14 10.35
N LEU PA 56 -61.07 -44.19 9.45
CA LEU PA 56 -61.28 -42.80 9.84
C LEU PA 56 -62.74 -42.54 10.18
N SER PA 57 -63.67 -43.03 9.35
CA SER PA 57 -65.08 -42.73 9.56
C SER PA 57 -65.63 -43.43 10.80
N GLU PA 58 -65.30 -44.71 10.96
CA GLU PA 58 -65.73 -45.42 12.16
C GLU PA 58 -65.10 -44.82 13.41
N ALA PA 59 -63.89 -44.29 13.30
CA ALA PA 59 -63.30 -43.62 14.46
C ALA PA 59 -64.10 -42.40 14.83
N MET PA 60 -64.50 -41.62 13.84
CA MET PA 60 -65.28 -40.44 14.21
C MET PA 60 -66.70 -40.80 14.64
N GLY PA 61 -67.17 -42.00 14.34
CA GLY PA 61 -68.37 -42.49 15.00
C GLY PA 61 -68.08 -42.80 16.46
N LEU PA 62 -66.93 -43.41 16.71
CA LEU PA 62 -66.56 -43.73 18.09
C LEU PA 62 -66.40 -42.48 18.93
N PHE PA 63 -66.11 -41.34 18.31
CA PHE PA 63 -66.10 -40.11 19.09
C PHE PA 63 -67.45 -39.89 19.76
N CYS PA 64 -68.53 -39.92 18.99
CA CYS PA 64 -69.85 -39.74 19.56
C CYS PA 64 -70.16 -40.83 20.55
N LEU PA 65 -69.72 -42.05 20.27
CA LEU PA 65 -69.98 -43.14 21.20
C LEU PA 65 -69.30 -42.90 22.54
N MET PA 66 -68.05 -42.43 22.52
CA MET PA 66 -67.37 -42.18 23.79
C MET PA 66 -68.05 -41.04 24.52
N VAL PA 67 -68.53 -40.02 23.80
CA VAL PA 67 -69.27 -38.97 24.50
C VAL PA 67 -70.48 -39.57 25.18
N ALA PA 68 -71.21 -40.44 24.50
CA ALA PA 68 -72.39 -41.03 25.10
C ALA PA 68 -72.05 -41.83 26.36
N PHE PA 69 -71.10 -42.75 26.24
CA PHE PA 69 -70.81 -43.62 27.38
C PHE PA 69 -70.02 -42.90 28.45
N LEU PA 70 -69.52 -41.71 28.17
CA LEU PA 70 -69.06 -40.82 29.22
C LEU PA 70 -70.22 -40.15 29.92
N ILE PA 71 -71.27 -39.83 29.16
CA ILE PA 71 -72.46 -39.24 29.76
C ILE PA 71 -73.10 -40.21 30.74
N LEU PA 72 -73.34 -41.45 30.31
CA LEU PA 72 -74.04 -42.39 31.18
C LEU PA 72 -73.27 -42.64 32.47
N PHE PA 73 -72.00 -43.01 32.36
CA PHE PA 73 -71.25 -43.51 33.50
C PHE PA 73 -70.39 -42.42 34.13
N ALA PA 74 -69.43 -41.88 33.37
CA ALA PA 74 -68.48 -40.95 33.93
C ALA PA 74 -69.04 -39.55 34.13
N MET PA 75 -70.22 -39.26 33.59
CA MET PA 75 -70.82 -37.94 33.74
C MET PA 75 -69.89 -36.86 33.20
N ASP QA 1 -93.51 -40.89 36.81
CA ASP QA 1 -92.12 -41.21 37.26
C ASP QA 1 -91.11 -40.74 36.23
N ILE QA 2 -90.32 -39.74 36.60
CA ILE QA 2 -89.37 -39.15 35.66
C ILE QA 2 -88.36 -40.19 35.19
N ASP QA 3 -88.04 -41.16 36.05
CA ASP QA 3 -86.99 -42.12 35.69
C ASP QA 3 -87.38 -42.90 34.45
N THR QA 4 -88.46 -43.68 34.53
CA THR QA 4 -88.90 -44.44 33.36
C THR QA 4 -89.24 -43.52 32.20
N ALA QA 5 -89.70 -42.30 32.49
CA ALA QA 5 -90.05 -41.38 31.40
C ALA QA 5 -88.81 -41.02 30.58
N ALA QA 6 -87.77 -40.55 31.24
CA ALA QA 6 -86.54 -40.23 30.52
C ALA QA 6 -85.95 -41.48 29.90
N LYS QA 7 -86.13 -42.64 30.54
CA LYS QA 7 -85.70 -43.89 29.92
C LYS QA 7 -86.35 -44.06 28.55
N PHE QA 8 -87.67 -43.88 28.49
CA PHE QA 8 -88.37 -44.06 27.23
C PHE QA 8 -87.92 -43.04 26.20
N ILE QA 9 -87.79 -41.77 26.61
CA ILE QA 9 -87.40 -40.76 25.63
C ILE QA 9 -86.00 -41.04 25.11
N GLY QA 10 -85.07 -41.41 25.99
CA GLY QA 10 -83.72 -41.71 25.55
C GLY QA 10 -83.68 -42.88 24.61
N ALA QA 11 -84.43 -43.95 24.93
CA ALA QA 11 -84.49 -45.08 24.02
C ALA QA 11 -85.04 -44.64 22.67
N GLY QA 12 -86.08 -43.83 22.67
CA GLY QA 12 -86.68 -43.41 21.42
C GLY QA 12 -85.73 -42.56 20.59
N ALA QA 13 -84.90 -41.75 21.23
CA ALA QA 13 -83.99 -40.89 20.48
C ALA QA 13 -82.72 -41.62 20.06
N ALA QA 14 -82.36 -42.69 20.75
CA ALA QA 14 -81.16 -43.44 20.40
C ALA QA 14 -81.43 -44.52 19.38
N THR QA 15 -82.66 -44.65 18.90
CA THR QA 15 -82.96 -45.56 17.80
C THR QA 15 -83.16 -44.84 16.48
N VAL QA 16 -82.87 -43.53 16.43
CA VAL QA 16 -82.83 -42.81 15.17
C VAL QA 16 -81.48 -42.93 14.50
N GLY QA 17 -80.52 -43.55 15.16
CA GLY QA 17 -79.20 -43.75 14.60
C GLY QA 17 -79.10 -44.83 13.56
N VAL QA 18 -80.17 -45.60 13.35
CA VAL QA 18 -80.20 -46.54 12.23
C VAL QA 18 -80.59 -45.86 10.92
N ALA QA 19 -80.80 -44.55 10.93
CA ALA QA 19 -80.90 -43.83 9.67
C ALA QA 19 -79.60 -43.91 8.91
N GLY QA 20 -78.48 -43.82 9.63
CA GLY QA 20 -77.19 -44.00 9.00
C GLY QA 20 -77.08 -45.35 8.30
N SER QA 21 -77.53 -46.42 8.98
CA SER QA 21 -77.47 -47.74 8.38
C SER QA 21 -78.33 -47.82 7.13
N GLY QA 22 -79.53 -47.23 7.18
CA GLY QA 22 -80.36 -47.24 6.00
C GLY QA 22 -79.71 -46.56 4.83
N ALA QA 23 -79.16 -45.35 5.05
CA ALA QA 23 -78.50 -44.66 3.95
C ALA QA 23 -77.29 -45.43 3.46
N GLY QA 24 -76.56 -46.06 4.37
CA GLY QA 24 -75.37 -46.80 3.97
C GLY QA 24 -75.69 -48.00 3.10
N ILE QA 25 -76.70 -48.77 3.47
CA ILE QA 25 -77.11 -49.88 2.62
C ILE QA 25 -77.57 -49.36 1.28
N GLY QA 26 -78.33 -48.26 1.28
CA GLY QA 26 -78.75 -47.70 0.02
C GLY QA 26 -77.56 -47.40 -0.88
N THR QA 27 -76.53 -46.77 -0.32
CA THR QA 27 -75.40 -46.39 -1.15
C THR QA 27 -74.62 -47.60 -1.62
N VAL QA 28 -74.44 -48.58 -0.75
CA VAL QA 28 -73.68 -49.76 -1.15
C VAL QA 28 -74.36 -50.44 -2.32
N PHE QA 29 -75.69 -50.59 -2.25
CA PHE QA 29 -76.35 -51.32 -3.31
C PHE QA 29 -76.54 -50.48 -4.57
N GLY QA 30 -76.62 -49.17 -4.44
CA GLY QA 30 -76.55 -48.34 -5.63
C GLY QA 30 -75.21 -48.47 -6.32
N SER QA 31 -74.13 -48.49 -5.55
CA SER QA 31 -72.81 -48.67 -6.14
C SER QA 31 -72.68 -50.02 -6.81
N LEU QA 32 -73.21 -51.08 -6.20
CA LEU QA 32 -73.16 -52.38 -6.86
C LEU QA 32 -73.94 -52.34 -8.16
N ILE QA 33 -75.15 -51.79 -8.14
CA ILE QA 33 -75.90 -51.63 -9.38
C ILE QA 33 -75.01 -51.02 -10.44
N ILE QA 34 -74.43 -49.86 -10.15
CA ILE QA 34 -73.62 -49.16 -11.16
C ILE QA 34 -72.45 -50.01 -11.62
N GLY QA 35 -71.54 -50.31 -10.70
CA GLY QA 35 -70.36 -51.08 -11.01
C GLY QA 35 -70.73 -52.26 -11.88
N TYR QA 36 -71.57 -53.15 -11.37
CA TYR QA 36 -71.94 -54.33 -12.14
C TYR QA 36 -72.53 -53.97 -13.49
N ALA QA 37 -73.18 -52.82 -13.61
CA ALA QA 37 -73.67 -52.44 -14.93
C ALA QA 37 -72.52 -52.14 -15.86
N ARG QA 38 -71.40 -51.67 -15.31
CA ARG QA 38 -70.25 -51.35 -16.16
C ARG QA 38 -69.38 -52.56 -16.48
N ASN QA 39 -69.29 -53.55 -15.59
CA ASN QA 39 -68.42 -54.71 -15.78
C ASN QA 39 -69.19 -55.96 -15.43
N PRO QA 40 -70.18 -56.34 -16.23
CA PRO QA 40 -71.01 -57.48 -15.86
C PRO QA 40 -70.25 -58.74 -15.61
N SER QA 41 -69.01 -58.83 -16.07
CA SER QA 41 -68.21 -60.02 -15.82
C SER QA 41 -67.97 -60.24 -14.34
N LEU QA 42 -67.60 -59.19 -13.63
CA LEU QA 42 -67.10 -59.31 -12.27
C LEU QA 42 -68.22 -59.45 -11.26
N M3L QA 43 -69.13 -60.37 -11.52
CA M3L QA 43 -70.31 -60.44 -10.70
CB M3L QA 43 -71.45 -61.12 -11.45
C M3L QA 43 -70.14 -61.17 -9.39
O M3L QA 43 -70.87 -60.97 -8.43
N GLN QA 44 -69.16 -62.05 -9.32
CA GLN QA 44 -68.94 -62.76 -8.08
C GLN QA 44 -68.21 -61.87 -7.10
N GLN QA 45 -67.02 -61.42 -7.47
CA GLN QA 45 -66.26 -60.60 -6.54
C GLN QA 45 -67.02 -59.36 -6.13
N LEU QA 46 -67.69 -58.71 -7.07
CA LEU QA 46 -68.45 -57.50 -6.74
C LEU QA 46 -69.46 -57.80 -5.66
N PHE QA 47 -70.22 -58.87 -5.80
CA PHE QA 47 -71.18 -59.20 -4.77
C PHE QA 47 -70.48 -59.51 -3.46
N SER QA 48 -69.28 -60.09 -3.53
CA SER QA 48 -68.57 -60.44 -2.31
C SER QA 48 -68.00 -59.22 -1.61
N TYR QA 49 -67.87 -58.07 -2.28
CA TYR QA 49 -67.56 -56.83 -1.59
C TYR QA 49 -68.81 -56.08 -1.14
N ALA QA 50 -69.89 -56.15 -1.91
CA ALA QA 50 -71.12 -55.49 -1.52
C ALA QA 50 -71.70 -56.13 -0.27
N ILE QA 51 -71.63 -57.46 -0.15
CA ILE QA 51 -72.11 -58.09 1.07
C ILE QA 51 -71.29 -57.63 2.26
N LEU QA 52 -69.98 -57.50 2.07
CA LEU QA 52 -69.13 -57.08 3.18
C LEU QA 52 -69.51 -55.68 3.65
N GLY QA 53 -69.61 -54.73 2.73
CA GLY QA 53 -70.02 -53.39 3.11
C GLY QA 53 -71.40 -53.36 3.73
N PHE QA 54 -72.35 -54.07 3.12
CA PHE QA 54 -73.65 -54.26 3.73
C PHE QA 54 -73.54 -54.67 5.18
N ALA QA 55 -72.92 -55.83 5.42
CA ALA QA 55 -72.89 -56.39 6.76
C ALA QA 55 -72.20 -55.45 7.72
N LEU QA 56 -71.31 -54.61 7.24
CA LEU QA 56 -70.59 -53.76 8.18
C LEU QA 56 -71.44 -52.54 8.56
N SER QA 57 -72.14 -51.95 7.60
CA SER QA 57 -73.14 -50.94 7.96
C SER QA 57 -74.21 -51.53 8.86
N GLU QA 58 -74.59 -52.78 8.61
CA GLU QA 58 -75.51 -53.47 9.50
C GLU QA 58 -74.94 -53.59 10.89
N ALA QA 59 -73.66 -53.91 10.99
CA ALA QA 59 -73.02 -53.99 12.29
C ALA QA 59 -73.21 -52.70 13.05
N MET QA 60 -72.97 -51.56 12.40
CA MET QA 60 -73.06 -50.30 13.12
C MET QA 60 -74.50 -49.94 13.48
N GLY QA 61 -75.43 -50.17 12.55
CA GLY QA 61 -76.84 -49.91 12.86
C GLY QA 61 -77.35 -50.80 13.98
N LEU QA 62 -77.08 -52.10 13.89
CA LEU QA 62 -77.44 -53.01 14.98
C LEU QA 62 -76.77 -52.59 16.28
N PHE QA 63 -75.58 -52.02 16.22
CA PHE QA 63 -74.97 -51.54 17.46
C PHE QA 63 -75.80 -50.44 18.08
N CYS QA 64 -76.23 -49.48 17.27
CA CYS QA 64 -77.06 -48.41 17.79
C CYS QA 64 -78.36 -48.96 18.37
N LEU QA 65 -78.99 -49.89 17.65
CA LEU QA 65 -80.24 -50.45 18.15
C LEU QA 65 -80.02 -51.26 19.42
N MET QA 66 -78.87 -51.89 19.55
CA MET QA 66 -78.54 -52.60 20.79
C MET QA 66 -78.43 -51.62 21.95
N VAL QA 67 -77.79 -50.48 21.73
CA VAL QA 67 -77.69 -49.48 22.80
C VAL QA 67 -79.09 -49.00 23.20
N ALA QA 68 -79.95 -48.76 22.21
CA ALA QA 68 -81.31 -48.33 22.53
C ALA QA 68 -82.04 -49.40 23.33
N PHE QA 69 -81.94 -50.66 22.92
CA PHE QA 69 -82.58 -51.74 23.68
C PHE QA 69 -82.04 -51.80 25.09
N LEU QA 70 -80.72 -51.71 25.26
CA LEU QA 70 -80.16 -51.76 26.62
C LEU QA 70 -80.73 -50.64 27.47
N ILE QA 71 -80.64 -49.39 27.00
CA ILE QA 71 -81.10 -48.29 27.83
C ILE QA 71 -82.57 -48.50 28.18
N LEU QA 72 -83.37 -48.95 27.22
CA LEU QA 72 -84.77 -49.24 27.50
C LEU QA 72 -84.93 -50.39 28.48
N PHE QA 73 -83.92 -51.26 28.62
CA PHE QA 73 -84.02 -52.41 29.52
C PHE QA 73 -82.87 -52.43 30.54
N ALA QA 74 -82.29 -51.28 30.83
CA ALA QA 74 -81.22 -51.17 31.83
C ALA QA 74 -80.67 -49.75 31.85
N ASP RA 1 -98.51 -39.66 34.76
CA ASP RA 1 -98.82 -38.93 33.51
C ASP RA 1 -97.56 -38.62 32.73
N ILE RA 2 -96.50 -38.20 33.43
CA ILE RA 2 -95.25 -37.91 32.75
C ILE RA 2 -94.77 -39.14 32.00
N ASP RA 3 -95.14 -40.33 32.48
CA ASP RA 3 -94.74 -41.55 31.79
C ASP RA 3 -95.40 -41.65 30.42
N THR RA 4 -96.67 -41.29 30.32
CA THR RA 4 -97.33 -41.27 29.01
C THR RA 4 -96.69 -40.23 28.10
N ALA RA 5 -96.34 -39.07 28.66
CA ALA RA 5 -95.66 -38.05 27.87
C ALA RA 5 -94.35 -38.57 27.31
N ALA RA 6 -93.57 -39.26 28.14
CA ALA RA 6 -92.33 -39.82 27.66
C ALA RA 6 -92.57 -40.88 26.61
N LYS RA 7 -93.61 -41.70 26.79
CA LYS RA 7 -93.98 -42.63 25.72
C LYS RA 7 -94.12 -41.89 24.41
N PHE RA 8 -94.87 -40.79 24.42
CA PHE RA 8 -95.17 -40.10 23.17
C PHE RA 8 -93.90 -39.52 22.55
N ILE RA 9 -93.06 -38.87 23.35
CA ILE RA 9 -91.85 -38.28 22.79
C ILE RA 9 -90.93 -39.37 22.26
N GLY RA 10 -90.77 -40.44 23.02
CA GLY RA 10 -89.89 -41.51 22.59
C GLY RA 10 -90.33 -42.12 21.28
N ALA RA 11 -91.63 -42.37 21.11
CA ALA RA 11 -92.09 -42.89 19.83
C ALA RA 11 -91.93 -41.88 18.71
N GLY RA 12 -92.30 -40.62 18.96
CA GLY RA 12 -92.19 -39.62 17.92
C GLY RA 12 -90.78 -39.24 17.56
N ALA RA 13 -89.81 -39.62 18.38
CA ALA RA 13 -88.41 -39.47 18.01
C ALA RA 13 -87.83 -40.73 17.38
N ALA RA 14 -88.28 -41.91 17.81
CA ALA RA 14 -87.85 -43.13 17.14
C ALA RA 14 -88.31 -43.13 15.70
N THR RA 15 -89.52 -42.71 15.44
CA THR RA 15 -90.00 -42.71 14.06
C THR RA 15 -89.34 -41.67 13.22
N VAL RA 16 -88.29 -41.00 13.69
CA VAL RA 16 -87.47 -40.18 12.80
C VAL RA 16 -86.41 -41.01 12.10
N GLY RA 17 -86.14 -42.21 12.58
CA GLY RA 17 -85.14 -43.04 11.97
C GLY RA 17 -85.48 -43.57 10.62
N VAL RA 18 -86.72 -43.38 10.15
CA VAL RA 18 -87.11 -43.86 8.84
C VAL RA 18 -86.89 -42.81 7.76
N ALA RA 19 -86.14 -41.75 8.07
CA ALA RA 19 -85.64 -40.87 7.01
C ALA RA 19 -84.44 -41.49 6.31
N GLY RA 20 -83.61 -42.19 7.07
CA GLY RA 20 -82.48 -42.86 6.45
C GLY RA 20 -82.92 -43.87 5.40
N SER RA 21 -84.03 -44.56 5.67
CA SER RA 21 -84.58 -45.46 4.68
C SER RA 21 -85.08 -44.71 3.45
N GLY RA 22 -85.65 -43.53 3.65
CA GLY RA 22 -86.05 -42.73 2.51
C GLY RA 22 -84.87 -42.38 1.61
N ALA RA 23 -83.80 -41.88 2.21
CA ALA RA 23 -82.63 -41.52 1.40
C ALA RA 23 -81.99 -42.75 0.78
N GLY RA 24 -81.93 -43.85 1.52
CA GLY RA 24 -81.33 -45.06 0.98
C GLY RA 24 -82.08 -45.60 -0.22
N ILE RA 25 -83.41 -45.60 -0.15
CA ILE RA 25 -84.17 -46.05 -1.30
C ILE RA 25 -84.02 -45.09 -2.46
N GLY RA 26 -83.98 -43.80 -2.17
CA GLY RA 26 -83.72 -42.85 -3.24
C GLY RA 26 -82.43 -43.16 -3.97
N THR RA 27 -81.37 -43.42 -3.21
CA THR RA 27 -80.08 -43.70 -3.83
C THR RA 27 -80.10 -45.00 -4.63
N VAL RA 28 -80.69 -46.07 -4.08
CA VAL RA 28 -80.67 -47.32 -4.82
C VAL RA 28 -81.40 -47.16 -6.13
N PHE RA 29 -82.52 -46.44 -6.13
CA PHE RA 29 -83.25 -46.31 -7.39
C PHE RA 29 -82.58 -45.33 -8.35
N GLY RA 30 -81.90 -44.32 -7.85
CA GLY RA 30 -81.13 -43.49 -8.76
C GLY RA 30 -80.01 -44.27 -9.42
N SER RA 31 -79.36 -45.14 -8.65
CA SER RA 31 -78.35 -46.01 -9.24
C SER RA 31 -78.98 -46.93 -10.27
N LEU RA 32 -80.17 -47.46 -10.01
CA LEU RA 32 -80.78 -48.30 -11.03
C LEU RA 32 -81.04 -47.50 -12.30
N ILE RA 33 -81.53 -46.27 -12.18
CA ILE RA 33 -81.77 -45.46 -13.36
C ILE RA 33 -80.48 -45.27 -14.14
N ILE RA 34 -79.41 -44.88 -13.47
CA ILE RA 34 -78.14 -44.64 -14.16
C ILE RA 34 -77.60 -45.93 -14.73
N GLY RA 35 -77.32 -46.90 -13.85
CA GLY RA 35 -76.71 -48.15 -14.23
C GLY RA 35 -77.53 -48.98 -15.19
N TYR RA 36 -78.78 -48.62 -15.42
CA TYR RA 36 -79.50 -49.19 -16.55
C TYR RA 36 -79.42 -48.33 -17.78
N ALA RA 37 -79.39 -47.01 -17.63
CA ALA RA 37 -79.39 -46.14 -18.79
C ALA RA 37 -78.12 -46.26 -19.62
N ARG RA 38 -77.07 -46.89 -19.09
CA ARG RA 38 -75.83 -47.07 -19.82
C ARG RA 38 -75.45 -48.54 -19.95
N ASN RA 39 -76.40 -49.42 -19.75
CA ASN RA 39 -76.22 -50.82 -20.11
C ASN RA 39 -77.61 -51.43 -20.17
N PRO RA 40 -78.47 -50.96 -21.06
CA PRO RA 40 -79.88 -51.34 -20.99
C PRO RA 40 -80.12 -52.82 -21.17
N SER RA 41 -79.16 -53.55 -21.71
CA SER RA 41 -79.38 -54.95 -22.02
C SER RA 41 -79.26 -55.85 -20.80
N LEU RA 42 -79.22 -55.30 -19.59
CA LEU RA 42 -79.23 -56.11 -18.39
C LEU RA 42 -80.48 -55.92 -17.55
N M3L RA 43 -81.42 -55.10 -17.99
CA M3L RA 43 -82.55 -54.73 -17.19
CB M3L RA 43 -83.61 -54.10 -18.11
C M3L RA 43 -83.30 -55.79 -16.36
O M3L RA 43 -84.38 -55.55 -15.83
N GLN RA 44 -82.71 -56.97 -16.22
CA GLN RA 44 -83.39 -58.10 -15.60
C GLN RA 44 -82.50 -58.60 -14.49
N GLN RA 45 -81.38 -57.96 -14.33
CA GLN RA 45 -80.40 -58.28 -13.31
C GLN RA 45 -80.07 -57.07 -12.47
N LEU RA 46 -80.02 -55.89 -13.08
CA LEU RA 46 -80.00 -54.66 -12.32
C LEU RA 46 -81.25 -54.55 -11.46
N PHE RA 47 -82.41 -54.91 -12.02
CA PHE RA 47 -83.64 -54.78 -11.26
C PHE RA 47 -83.69 -55.78 -10.10
N SER RA 48 -83.14 -56.96 -10.28
CA SER RA 48 -83.09 -57.91 -9.18
C SER RA 48 -82.28 -57.34 -8.02
N TYR RA 49 -81.11 -56.78 -8.31
CA TYR RA 49 -80.32 -56.15 -7.27
C TYR RA 49 -81.04 -54.94 -6.69
N ALA RA 50 -81.86 -54.27 -7.49
CA ALA RA 50 -82.59 -53.13 -6.97
C ALA RA 50 -83.63 -53.58 -5.94
N ILE RA 51 -84.37 -54.63 -6.23
CA ILE RA 51 -85.36 -55.07 -5.26
C ILE RA 51 -84.67 -55.66 -4.04
N LEU RA 52 -83.54 -56.32 -4.23
CA LEU RA 52 -82.79 -56.78 -3.07
C LEU RA 52 -82.34 -55.62 -2.20
N GLY RA 53 -81.86 -54.54 -2.82
CA GLY RA 53 -81.44 -53.38 -2.05
C GLY RA 53 -82.61 -52.70 -1.37
N PHE RA 54 -83.74 -52.60 -2.05
CA PHE RA 54 -84.97 -52.17 -1.41
C PHE RA 54 -85.27 -52.98 -0.17
N ALA RA 55 -85.27 -54.30 -0.27
CA ALA RA 55 -85.61 -55.10 0.89
C ALA RA 55 -84.62 -54.83 2.03
N LEU RA 56 -83.33 -54.81 1.72
CA LEU RA 56 -82.33 -54.68 2.77
C LEU RA 56 -82.29 -53.28 3.35
N SER RA 57 -82.78 -52.27 2.65
CA SER RA 57 -82.84 -50.91 3.17
C SER RA 57 -84.17 -50.57 3.79
N GLU RA 58 -85.22 -51.29 3.42
CA GLU RA 58 -86.51 -51.15 4.06
C GLU RA 58 -86.60 -51.91 5.37
N ALA RA 59 -85.80 -52.95 5.53
CA ALA RA 59 -85.75 -53.59 6.84
C ALA RA 59 -85.45 -52.55 7.91
N MET RA 60 -84.60 -51.57 7.61
CA MET RA 60 -84.23 -50.58 8.62
C MET RA 60 -85.41 -49.69 8.97
N GLY RA 61 -86.12 -49.19 7.97
CA GLY RA 61 -87.27 -48.35 8.25
C GLY RA 61 -88.36 -49.10 9.00
N LEU RA 62 -88.61 -50.34 8.61
CA LEU RA 62 -89.63 -51.11 9.31
C LEU RA 62 -89.17 -51.51 10.70
N PHE RA 63 -87.87 -51.62 10.94
CA PHE RA 63 -87.42 -51.82 12.32
C PHE RA 63 -87.62 -50.56 13.15
N CYS RA 64 -87.41 -49.39 12.54
CA CYS RA 64 -87.70 -48.15 13.24
C CYS RA 64 -89.17 -48.08 13.65
N LEU RA 65 -90.07 -48.32 12.69
CA LEU RA 65 -91.48 -48.25 13.03
C LEU RA 65 -91.90 -49.39 13.95
N MET RA 66 -91.27 -50.55 13.85
CA MET RA 66 -91.55 -51.63 14.77
C MET RA 66 -91.22 -51.21 16.20
N VAL RA 67 -90.04 -50.63 16.41
CA VAL RA 67 -89.68 -50.21 17.75
C VAL RA 67 -90.59 -49.07 18.20
N ALA RA 68 -90.98 -48.20 17.29
CA ALA RA 68 -91.91 -47.14 17.67
C ALA RA 68 -93.19 -47.73 18.22
N PHE RA 69 -93.79 -48.67 17.48
CA PHE RA 69 -95.05 -49.24 17.94
C PHE RA 69 -94.86 -50.06 19.21
N LEU RA 70 -93.68 -50.64 19.40
CA LEU RA 70 -93.44 -51.36 20.64
C LEU RA 70 -93.36 -50.40 21.82
N ILE RA 71 -92.75 -49.24 21.63
CA ILE RA 71 -92.69 -48.24 22.70
C ILE RA 71 -94.07 -47.71 22.99
N LEU RA 72 -94.79 -47.30 21.95
CA LEU RA 72 -96.07 -46.64 22.19
C LEU RA 72 -97.08 -47.59 22.82
N PHE RA 73 -97.15 -48.83 22.34
CA PHE RA 73 -98.14 -49.78 22.82
C PHE RA 73 -97.57 -50.77 23.81
N ALA RA 74 -96.47 -50.43 24.47
CA ALA RA 74 -95.86 -51.30 25.46
C ALA RA 74 -94.61 -50.63 26.04
N ASP SA 1 -102.02 -28.79 30.03
CA ASP SA 1 -101.90 -30.27 30.14
C ASP SA 1 -100.55 -30.74 29.63
N ILE SA 2 -99.87 -31.60 30.38
CA ILE SA 2 -98.61 -32.14 29.90
C ILE SA 2 -98.84 -32.97 28.65
N ASP SA 3 -99.86 -33.82 28.65
CA ASP SA 3 -100.02 -34.77 27.55
C ASP SA 3 -100.19 -34.05 26.23
N THR SA 4 -100.89 -32.92 26.22
CA THR SA 4 -100.99 -32.16 24.98
C THR SA 4 -99.60 -31.71 24.52
N ALA SA 5 -98.78 -31.24 25.46
CA ALA SA 5 -97.44 -30.82 25.09
C ALA SA 5 -96.61 -31.98 24.56
N ALA SA 6 -96.72 -33.15 25.19
CA ALA SA 6 -95.98 -34.31 24.72
C ALA SA 6 -96.45 -34.70 23.33
N LYS SA 7 -97.75 -34.62 23.08
CA LYS SA 7 -98.25 -34.91 21.74
C LYS SA 7 -97.64 -33.96 20.72
N PHE SA 8 -97.60 -32.68 21.05
CA PHE SA 8 -97.08 -31.71 20.09
C PHE SA 8 -95.59 -31.92 19.85
N ILE SA 9 -94.82 -32.20 20.89
CA ILE SA 9 -93.40 -32.49 20.70
C ILE SA 9 -93.23 -33.72 19.84
N GLY SA 10 -94.03 -34.75 20.10
CA GLY SA 10 -93.92 -35.98 19.34
C GLY SA 10 -94.17 -35.76 17.87
N ALA SA 11 -95.22 -35.03 17.53
CA ALA SA 11 -95.50 -34.76 16.12
C ALA SA 11 -94.40 -33.91 15.51
N GLY SA 12 -93.91 -32.91 16.25
CA GLY SA 12 -92.86 -32.06 15.72
C GLY SA 12 -91.61 -32.86 15.37
N ALA SA 13 -91.27 -33.84 16.20
CA ALA SA 13 -90.15 -34.71 15.88
C ALA SA 13 -90.48 -35.65 14.73
N ALA SA 14 -91.62 -36.34 14.82
CA ALA SA 14 -91.93 -37.37 13.83
C ALA SA 14 -92.02 -36.79 12.43
N THR SA 15 -92.38 -35.52 12.30
CA THR SA 15 -92.48 -34.93 10.99
C THR SA 15 -91.16 -34.44 10.44
N VAL SA 16 -90.04 -34.67 11.13
CA VAL SA 16 -88.74 -34.39 10.53
C VAL SA 16 -88.28 -35.54 9.66
N GLY SA 17 -88.97 -36.67 9.69
CA GLY SA 17 -88.60 -37.78 8.82
C GLY SA 17 -88.67 -37.39 7.35
N VAL SA 18 -89.65 -36.58 6.97
CA VAL SA 18 -89.82 -36.21 5.57
C VAL SA 18 -88.63 -35.45 4.99
N ALA SA 19 -87.67 -35.05 5.83
CA ALA SA 19 -86.41 -34.59 5.28
C ALA SA 19 -85.72 -35.70 4.51
N GLY SA 20 -85.77 -36.93 5.03
CA GLY SA 20 -85.22 -38.05 4.31
C GLY SA 20 -85.87 -38.25 2.96
N SER SA 21 -87.19 -38.15 2.91
CA SER SA 21 -87.88 -38.29 1.63
C SER SA 21 -87.51 -37.17 0.67
N GLY SA 22 -87.38 -35.94 1.16
CA GLY SA 22 -86.95 -34.86 0.28
C GLY SA 22 -85.60 -35.15 -0.35
N ALA SA 23 -84.65 -35.63 0.46
CA ALA SA 23 -83.35 -35.99 -0.09
C ALA SA 23 -83.46 -37.13 -1.08
N GLY SA 24 -84.31 -38.11 -0.80
CA GLY SA 24 -84.45 -39.23 -1.70
C GLY SA 24 -84.98 -38.83 -3.05
N ILE SA 25 -85.99 -37.98 -3.07
CA ILE SA 25 -86.52 -37.51 -4.34
C ILE SA 25 -85.48 -36.68 -5.08
N GLY SA 26 -84.68 -35.91 -4.35
CA GLY SA 26 -83.62 -35.19 -5.01
C GLY SA 26 -82.68 -36.12 -5.75
N THR SA 27 -82.26 -37.20 -5.09
CA THR SA 27 -81.36 -38.14 -5.75
C THR SA 27 -82.03 -38.81 -6.94
N VAL SA 28 -83.30 -39.21 -6.80
CA VAL SA 28 -83.94 -39.89 -7.92
C VAL SA 28 -84.02 -38.98 -9.13
N PHE SA 29 -84.38 -37.72 -8.94
CA PHE SA 29 -84.49 -36.85 -10.10
C PHE SA 29 -83.15 -36.22 -10.50
N GLY SA 30 -82.07 -36.51 -9.79
CA GLY SA 30 -80.76 -36.24 -10.34
C GLY SA 30 -80.31 -37.40 -11.21
N SER SA 31 -80.54 -38.61 -10.71
CA SER SA 31 -80.19 -39.79 -11.47
C SER SA 31 -80.97 -39.85 -12.77
N LEU SA 32 -82.22 -39.41 -12.76
CA LEU SA 32 -82.98 -39.38 -14.00
C LEU SA 32 -82.29 -38.52 -15.03
N ILE SA 33 -81.85 -37.32 -14.66
CA ILE SA 33 -81.21 -36.43 -15.61
C ILE SA 33 -79.93 -37.06 -16.14
N ILE SA 34 -79.10 -37.58 -15.24
CA ILE SA 34 -77.81 -38.08 -15.68
C ILE SA 34 -78.00 -39.26 -16.62
N GLY SA 35 -78.86 -40.19 -16.25
CA GLY SA 35 -79.12 -41.32 -17.13
C GLY SA 35 -79.71 -40.89 -18.45
N TYR SA 36 -80.65 -39.95 -18.43
CA TYR SA 36 -81.24 -39.47 -19.66
C TYR SA 36 -80.17 -38.91 -20.59
N ALA SA 37 -79.33 -38.02 -20.09
CA ALA SA 37 -78.29 -37.46 -20.94
C ALA SA 37 -77.39 -38.56 -21.47
N ARG SA 38 -77.03 -39.52 -20.62
CA ARG SA 38 -76.21 -40.65 -21.07
C ARG SA 38 -76.89 -41.42 -22.18
N ASN SA 39 -78.22 -41.42 -22.24
CA ASN SA 39 -78.90 -42.32 -23.15
C ASN SA 39 -80.29 -41.82 -23.51
N PRO SA 40 -80.41 -40.70 -24.22
CA PRO SA 40 -81.73 -40.08 -24.42
C PRO SA 40 -82.72 -40.97 -25.13
N SER SA 41 -82.27 -42.04 -25.78
CA SER SA 41 -83.19 -42.88 -26.53
C SER SA 41 -84.18 -43.62 -25.64
N LEU SA 42 -83.98 -43.61 -24.33
CA LEU SA 42 -84.77 -44.44 -23.45
C LEU SA 42 -85.81 -43.70 -22.63
N M3L SA 43 -86.07 -42.44 -22.94
CA M3L SA 43 -86.85 -41.60 -22.05
CB M3L SA 43 -87.03 -40.21 -22.68
C M3L SA 43 -88.24 -42.06 -21.60
O M3L SA 43 -89.01 -41.29 -21.06
N GLN SA 44 -88.57 -43.34 -21.78
CA GLN SA 44 -89.94 -43.80 -21.58
C GLN SA 44 -89.89 -44.94 -20.61
N GLN SA 45 -88.68 -45.41 -20.32
CA GLN SA 45 -88.41 -46.33 -19.24
C GLN SA 45 -87.63 -45.70 -18.12
N LEU SA 46 -86.96 -44.59 -18.40
CA LEU SA 46 -86.36 -43.81 -17.31
C LEU SA 46 -87.44 -43.19 -16.44
N PHE SA 47 -88.54 -42.68 -17.03
CA PHE SA 47 -89.70 -42.36 -16.20
C PHE SA 47 -90.24 -43.58 -15.50
N SER SA 48 -90.39 -44.69 -16.20
CA SER SA 48 -91.01 -45.85 -15.56
C SER SA 48 -90.38 -46.08 -14.20
N TYR SA 49 -89.06 -46.30 -14.20
CA TYR SA 49 -88.34 -46.54 -12.96
C TYR SA 49 -88.33 -45.30 -12.07
N ALA SA 50 -88.25 -44.11 -12.65
CA ALA SA 50 -88.20 -42.90 -11.82
C ALA SA 50 -89.48 -42.72 -11.04
N ILE SA 51 -90.62 -42.97 -11.67
CA ILE SA 51 -91.92 -42.89 -10.99
C ILE SA 51 -92.00 -43.95 -9.92
N LEU SA 52 -91.61 -45.19 -10.24
CA LEU SA 52 -91.62 -46.19 -9.17
C LEU SA 52 -90.76 -45.73 -8.01
N GLY SA 53 -89.59 -45.18 -8.29
CA GLY SA 53 -88.70 -44.77 -7.21
C GLY SA 53 -89.28 -43.63 -6.39
N PHE SA 54 -89.83 -42.62 -7.06
CA PHE SA 54 -90.43 -41.52 -6.32
C PHE SA 54 -91.58 -42.00 -5.46
N ALA SA 55 -92.45 -42.84 -6.01
CA ALA SA 55 -93.60 -43.30 -5.25
C ALA SA 55 -93.15 -44.12 -4.05
N LEU SA 56 -92.26 -45.06 -4.30
CA LEU SA 56 -91.81 -45.99 -3.27
C LEU SA 56 -90.81 -45.39 -2.30
N SER SA 57 -90.35 -44.15 -2.53
CA SER SA 57 -89.64 -43.38 -1.52
C SER SA 57 -90.50 -42.29 -0.93
N GLU SA 58 -91.64 -42.00 -1.55
CA GLU SA 58 -92.67 -41.19 -0.92
C GLU SA 58 -93.36 -41.97 0.17
N ALA SA 59 -93.38 -43.29 0.02
CA ALA SA 59 -93.98 -44.14 1.04
C ALA SA 59 -93.41 -43.82 2.42
N MET SA 60 -92.11 -43.56 2.50
CA MET SA 60 -91.50 -43.31 3.81
C MET SA 60 -92.01 -42.03 4.44
N GLY SA 61 -92.00 -40.93 3.67
CA GLY SA 61 -92.49 -39.68 4.21
C GLY SA 61 -93.97 -39.75 4.57
N LEU SA 62 -94.73 -40.51 3.80
CA LEU SA 62 -96.13 -40.67 4.14
C LEU SA 62 -96.31 -41.45 5.43
N PHE SA 63 -95.50 -42.49 5.67
CA PHE SA 63 -95.54 -43.13 6.98
C PHE SA 63 -95.17 -42.14 8.08
N CYS SA 64 -94.17 -41.30 7.83
CA CYS SA 64 -93.78 -40.32 8.85
C CYS SA 64 -94.96 -39.43 9.22
N LEU SA 65 -95.60 -38.83 8.22
CA LEU SA 65 -96.73 -37.95 8.52
C LEU SA 65 -97.90 -38.73 9.10
N MET SA 66 -98.07 -39.98 8.69
CA MET SA 66 -99.16 -40.80 9.22
C MET SA 66 -98.99 -41.02 10.72
N VAL SA 67 -97.77 -41.37 11.15
CA VAL SA 67 -97.57 -41.58 12.59
C VAL SA 67 -97.66 -40.25 13.32
N ALA SA 68 -97.17 -39.17 12.71
CA ALA SA 68 -97.32 -37.87 13.34
C ALA SA 68 -98.79 -37.57 13.64
N PHE SA 69 -99.65 -37.72 12.65
CA PHE SA 69 -101.06 -37.44 12.86
C PHE SA 69 -101.67 -38.43 13.83
N LEU SA 70 -101.41 -39.72 13.64
CA LEU SA 70 -101.99 -40.73 14.52
C LEU SA 70 -101.64 -40.44 15.97
N ILE SA 71 -100.45 -39.88 16.22
CA ILE SA 71 -100.13 -39.41 17.56
C ILE SA 71 -100.98 -38.21 17.91
N LEU SA 72 -101.03 -37.20 17.04
CA LEU SA 72 -101.74 -35.98 17.39
C LEU SA 72 -103.21 -36.23 17.63
N PHE SA 73 -103.88 -36.91 16.70
CA PHE SA 73 -105.33 -37.04 16.77
C PHE SA 73 -105.75 -38.32 17.48
N ALA SA 74 -105.44 -39.48 16.90
CA ALA SA 74 -105.78 -40.74 17.53
C ALA SA 74 -104.82 -41.01 18.68
N ASP TA 1 -96.66 -20.99 29.70
CA ASP TA 1 -97.89 -21.76 29.36
C ASP TA 1 -97.49 -23.00 28.57
N ILE TA 2 -97.57 -24.16 29.22
CA ILE TA 2 -97.11 -25.40 28.61
C ILE TA 2 -97.67 -25.55 27.21
N ASP TA 3 -98.88 -25.06 26.97
CA ASP TA 3 -99.44 -25.10 25.62
C ASP TA 3 -98.56 -24.31 24.65
N THR TA 4 -98.22 -23.09 25.01
CA THR TA 4 -97.36 -22.28 24.14
C THR TA 4 -95.96 -22.86 24.05
N ALA TA 5 -95.46 -23.41 25.15
CA ALA TA 5 -94.17 -24.08 25.08
C ALA TA 5 -94.19 -25.15 23.99
N ALA TA 6 -95.17 -26.03 24.05
CA ALA TA 6 -95.26 -27.08 23.05
C ALA TA 6 -95.43 -26.50 21.65
N LYS TA 7 -96.26 -25.47 21.50
CA LYS TA 7 -96.34 -24.77 20.22
C LYS TA 7 -94.92 -24.52 19.70
N PHE TA 8 -94.14 -23.79 20.48
CA PHE TA 8 -92.83 -23.36 19.99
C PHE TA 8 -91.92 -24.54 19.70
N ILE TA 9 -91.91 -25.53 20.58
CA ILE TA 9 -90.95 -26.63 20.41
C ILE TA 9 -91.31 -27.47 19.21
N GLY TA 10 -92.58 -27.84 19.08
CA GLY TA 10 -93.00 -28.58 17.92
C GLY TA 10 -92.70 -27.82 16.65
N ALA TA 11 -92.93 -26.51 16.65
CA ALA TA 11 -92.62 -25.72 15.46
C ALA TA 11 -91.14 -25.79 15.13
N GLY TA 12 -90.29 -25.63 16.14
CA GLY TA 12 -88.86 -25.64 15.88
C GLY TA 12 -88.40 -26.99 15.36
N ALA TA 13 -88.93 -28.06 15.92
CA ALA TA 13 -88.51 -29.40 15.53
C ALA TA 13 -89.24 -29.91 14.31
N ALA TA 14 -90.18 -29.14 13.77
CA ALA TA 14 -90.79 -29.51 12.49
C ALA TA 14 -90.32 -28.64 11.33
N THR TA 15 -89.70 -27.50 11.60
CA THR TA 15 -89.03 -26.79 10.50
C THR TA 15 -87.63 -27.32 10.21
N VAL TA 16 -87.11 -28.23 11.05
CA VAL TA 16 -85.91 -28.96 10.69
C VAL TA 16 -86.14 -29.92 9.54
N GLY TA 17 -87.39 -30.11 9.13
CA GLY TA 17 -87.66 -30.98 8.00
C GLY TA 17 -87.50 -30.26 6.68
N VAL TA 18 -86.87 -29.09 6.70
CA VAL TA 18 -86.52 -28.38 5.48
C VAL TA 18 -85.10 -28.67 5.02
N ALA TA 19 -84.27 -29.25 5.88
CA ALA TA 19 -82.95 -29.69 5.43
C ALA TA 19 -83.09 -30.71 4.32
N GLY TA 20 -84.12 -31.55 4.40
CA GLY TA 20 -84.33 -32.51 3.33
C GLY TA 20 -84.54 -31.84 1.99
N SER TA 21 -85.38 -30.81 1.95
CA SER TA 21 -85.59 -30.14 0.68
C SER TA 21 -84.35 -29.41 0.22
N GLY TA 22 -83.60 -28.81 1.16
CA GLY TA 22 -82.34 -28.21 0.78
C GLY TA 22 -81.42 -29.18 0.08
N ALA TA 23 -81.19 -30.33 0.71
CA ALA TA 23 -80.32 -31.33 0.11
C ALA TA 23 -80.87 -31.82 -1.23
N GLY TA 24 -82.18 -32.05 -1.29
CA GLY TA 24 -82.75 -32.58 -2.51
C GLY TA 24 -82.57 -31.66 -3.69
N ILE TA 25 -82.92 -30.38 -3.53
CA ILE TA 25 -82.82 -29.50 -4.69
C ILE TA 25 -81.35 -29.22 -5.00
N GLY TA 26 -80.48 -29.23 -3.99
CA GLY TA 26 -79.07 -29.13 -4.29
C GLY TA 26 -78.62 -30.25 -5.20
N THR TA 27 -79.02 -31.48 -4.87
CA THR TA 27 -78.65 -32.62 -5.71
C THR TA 27 -79.26 -32.51 -7.10
N VAL TA 28 -80.50 -32.04 -7.19
CA VAL TA 28 -81.13 -31.94 -8.50
C VAL TA 28 -80.37 -30.97 -9.38
N PHE TA 29 -79.99 -29.81 -8.83
CA PHE TA 29 -79.25 -28.88 -9.68
C PHE TA 29 -77.83 -29.34 -9.93
N GLY TA 30 -77.23 -30.07 -9.00
CA GLY TA 30 -75.96 -30.69 -9.29
C GLY TA 30 -76.06 -31.61 -10.48
N SER TA 31 -77.09 -32.44 -10.52
CA SER TA 31 -77.24 -33.35 -11.64
C SER TA 31 -77.56 -32.62 -12.92
N LEU TA 32 -78.34 -31.55 -12.86
CA LEU TA 32 -78.59 -30.78 -14.08
C LEU TA 32 -77.29 -30.24 -14.63
N ILE TA 33 -76.40 -29.75 -13.76
CA ILE TA 33 -75.12 -29.25 -14.23
C ILE TA 33 -74.26 -30.38 -14.78
N ILE TA 34 -74.30 -31.56 -14.14
CA ILE TA 34 -73.50 -32.69 -14.63
C ILE TA 34 -73.98 -33.10 -16.01
N GLY TA 35 -75.27 -33.32 -16.17
CA GLY TA 35 -75.81 -33.87 -17.38
C GLY TA 35 -76.05 -32.87 -18.47
N TYR TA 36 -75.95 -31.58 -18.17
CA TYR TA 36 -75.91 -30.58 -19.23
C TYR TA 36 -74.50 -30.36 -19.75
N ALA TA 37 -73.48 -30.85 -19.07
CA ALA TA 37 -72.11 -30.78 -19.55
C ALA TA 37 -71.75 -31.96 -20.43
N ARG TA 38 -72.63 -32.95 -20.54
CA ARG TA 38 -72.45 -34.08 -21.42
C ARG TA 38 -73.48 -34.15 -22.52
N ASN TA 39 -74.39 -33.17 -22.60
CA ASN TA 39 -75.34 -33.09 -23.70
C ASN TA 39 -75.87 -31.68 -23.79
N PRO TA 40 -75.00 -30.71 -24.09
CA PRO TA 40 -75.47 -29.34 -24.19
C PRO TA 40 -76.58 -29.18 -25.20
N SER TA 41 -76.78 -30.15 -26.08
CA SER TA 41 -77.90 -30.06 -27.00
C SER TA 41 -79.23 -30.09 -26.26
N LEU TA 42 -79.35 -30.94 -25.25
CA LEU TA 42 -80.64 -31.15 -24.61
C LEU TA 42 -80.92 -30.14 -23.50
N M3L TA 43 -80.10 -29.10 -23.42
CA M3L TA 43 -80.33 -28.01 -22.51
CB M3L TA 43 -79.78 -26.70 -23.05
C M3L TA 43 -81.77 -27.72 -22.17
O M3L TA 43 -82.21 -27.56 -21.05
N GLN TA 44 -82.55 -27.62 -23.24
CA GLN TA 44 -83.95 -27.31 -23.13
C GLN TA 44 -84.65 -28.37 -22.30
N GLN TA 45 -84.66 -29.60 -22.80
CA GLN TA 45 -85.57 -30.59 -22.25
C GLN TA 45 -85.05 -31.19 -20.95
N LEU TA 46 -83.76 -31.06 -20.64
CA LEU TA 46 -83.31 -31.32 -19.27
C LEU TA 46 -83.97 -30.37 -18.29
N PHE TA 47 -84.02 -29.08 -18.64
CA PHE TA 47 -84.50 -28.11 -17.67
C PHE TA 47 -85.88 -28.48 -17.16
N SER TA 48 -86.78 -28.89 -18.05
CA SER TA 48 -88.10 -29.28 -17.61
C SER TA 48 -88.01 -30.33 -16.51
N TYR TA 49 -87.27 -31.40 -16.76
CA TYR TA 49 -87.07 -32.41 -15.72
C TYR TA 49 -86.63 -31.75 -14.43
N ALA TA 50 -85.62 -30.88 -14.51
CA ALA TA 50 -85.13 -30.23 -13.32
C ALA TA 50 -86.26 -29.57 -12.55
N ILE TA 51 -87.04 -28.73 -13.22
CA ILE TA 51 -88.09 -28.04 -12.47
C ILE TA 51 -89.04 -29.04 -11.85
N LEU TA 52 -89.42 -30.08 -12.59
CA LEU TA 52 -90.26 -31.07 -11.95
C LEU TA 52 -89.61 -31.58 -10.69
N GLY TA 53 -88.37 -32.04 -10.80
CA GLY TA 53 -87.68 -32.56 -9.64
C GLY TA 53 -87.51 -31.53 -8.55
N PHE TA 54 -87.40 -30.27 -8.92
CA PHE TA 54 -87.35 -29.22 -7.90
C PHE TA 54 -88.70 -29.09 -7.22
N ALA TA 55 -89.77 -29.03 -8.00
CA ALA TA 55 -91.10 -28.97 -7.41
C ALA TA 55 -91.27 -30.09 -6.40
N LEU TA 56 -91.19 -31.31 -6.87
CA LEU TA 56 -91.38 -32.49 -6.04
C LEU TA 56 -90.30 -32.68 -5.05
N SER TA 57 -89.39 -31.73 -4.88
CA SER TA 57 -88.51 -31.73 -3.73
C SER TA 57 -88.77 -30.60 -2.76
N GLU TA 58 -89.24 -29.45 -3.24
CA GLU TA 58 -89.66 -28.41 -2.30
C GLU TA 58 -90.92 -28.83 -1.58
N ALA TA 59 -91.78 -29.60 -2.24
CA ALA TA 59 -93.03 -30.03 -1.64
C ALA TA 59 -92.82 -30.44 -0.21
N MET TA 60 -91.89 -31.37 0.03
CA MET TA 60 -91.67 -31.85 1.40
C MET TA 60 -91.42 -30.69 2.34
N GLY TA 61 -90.46 -29.83 2.01
CA GLY TA 61 -90.22 -28.67 2.85
C GLY TA 61 -91.50 -27.94 3.16
N LEU TA 62 -92.30 -27.66 2.14
CA LEU TA 62 -93.55 -26.96 2.36
C LEU TA 62 -94.41 -27.70 3.37
N PHE TA 63 -94.62 -29.01 3.16
CA PHE TA 63 -95.37 -29.77 4.15
C PHE TA 63 -94.79 -29.55 5.53
N CYS TA 64 -93.46 -29.65 5.66
CA CYS TA 64 -92.85 -29.40 6.94
C CYS TA 64 -93.28 -28.04 7.49
N LEU TA 65 -93.10 -26.99 6.69
CA LEU TA 65 -93.53 -25.68 7.16
C LEU TA 65 -95.03 -25.70 7.49
N MET TA 66 -95.84 -26.30 6.62
CA MET TA 66 -97.26 -26.35 6.91
C MET TA 66 -97.51 -26.99 8.26
N VAL TA 67 -96.76 -28.05 8.59
CA VAL TA 67 -96.97 -28.68 9.89
C VAL TA 67 -96.69 -27.69 11.00
N ALA TA 68 -95.59 -26.94 10.88
CA ALA TA 68 -95.33 -25.91 11.88
C ALA TA 68 -96.52 -24.98 12.01
N PHE TA 69 -97.12 -24.63 10.87
CA PHE TA 69 -98.31 -23.79 10.89
C PHE TA 69 -99.36 -24.37 11.84
N LEU TA 70 -99.66 -25.66 11.68
CA LEU TA 70 -100.61 -26.28 12.59
C LEU TA 70 -100.14 -26.15 14.04
N ILE TA 71 -98.88 -26.50 14.30
CA ILE TA 71 -98.36 -26.41 15.66
C ILE TA 71 -98.07 -24.98 16.07
N LEU TA 72 -98.37 -24.01 15.22
CA LEU TA 72 -98.45 -22.63 15.67
C LEU TA 72 -99.89 -22.16 15.85
N PHE TA 73 -100.85 -22.81 15.19
CA PHE TA 73 -102.22 -22.35 15.21
C PHE TA 73 -103.24 -23.45 15.48
N ALA TA 74 -102.81 -24.67 15.77
CA ALA TA 74 -103.75 -25.77 15.99
C ALA TA 74 -103.04 -27.01 16.52
N ASP UA 1 -89.60 -17.60 32.08
CA ASP UA 1 -90.60 -18.62 32.51
C ASP UA 1 -90.40 -19.88 31.71
N ILE UA 2 -91.42 -20.75 31.69
CA ILE UA 2 -91.41 -21.84 30.73
C ILE UA 2 -91.52 -21.29 29.32
N ASP UA 3 -92.25 -20.20 29.14
CA ASP UA 3 -92.51 -19.69 27.80
C ASP UA 3 -91.21 -19.35 27.07
N THR UA 4 -90.40 -18.48 27.67
CA THR UA 4 -89.16 -18.07 26.99
C THR UA 4 -88.17 -19.22 26.91
N ALA UA 5 -88.16 -20.10 27.90
CA ALA UA 5 -87.30 -21.28 27.84
C ALA UA 5 -87.62 -22.10 26.60
N ALA UA 6 -88.90 -22.46 26.43
CA ALA UA 6 -89.28 -23.19 25.23
C ALA UA 6 -89.01 -22.37 23.97
N LYS UA 7 -89.07 -21.05 24.08
CA LYS UA 7 -88.74 -20.22 22.93
C LYS UA 7 -87.29 -20.47 22.49
N PHE UA 8 -86.37 -20.47 23.45
CA PHE UA 8 -84.98 -20.75 23.13
C PHE UA 8 -84.83 -22.14 22.54
N ILE UA 9 -85.50 -23.12 23.15
CA ILE UA 9 -85.41 -24.49 22.64
C ILE UA 9 -85.79 -24.49 21.16
N GLY UA 10 -86.90 -23.82 20.84
CA GLY UA 10 -87.42 -23.86 19.49
C GLY UA 10 -86.50 -23.19 18.50
N ALA UA 11 -85.92 -22.05 18.88
CA ALA UA 11 -84.97 -21.41 17.99
C ALA UA 11 -83.79 -22.34 17.70
N GLY UA 12 -83.27 -22.97 18.75
CA GLY UA 12 -82.13 -23.85 18.56
C GLY UA 12 -82.46 -25.05 17.70
N ALA UA 13 -83.65 -25.61 17.86
CA ALA UA 13 -84.01 -26.78 17.09
C ALA UA 13 -84.58 -26.43 15.72
N ALA UA 14 -84.76 -25.16 15.41
CA ALA UA 14 -85.12 -24.76 14.06
C ALA UA 14 -83.95 -24.27 13.24
N THR UA 15 -82.89 -23.77 13.88
CA THR UA 15 -81.76 -23.33 13.07
C THR UA 15 -81.07 -24.50 12.39
N VAL UA 16 -81.19 -25.69 12.95
CA VAL UA 16 -80.68 -26.91 12.33
C VAL UA 16 -81.19 -27.07 10.91
N GLY UA 17 -82.24 -26.36 10.55
CA GLY UA 17 -82.78 -26.49 9.22
C GLY UA 17 -81.88 -25.92 8.15
N VAL UA 18 -80.69 -25.45 8.55
CA VAL UA 18 -79.70 -24.96 7.60
C VAL UA 18 -78.66 -26.02 7.24
N ALA UA 19 -78.62 -27.14 7.95
CA ALA UA 19 -77.70 -28.21 7.58
C ALA UA 19 -78.00 -28.72 6.19
N GLY UA 20 -79.26 -28.92 5.87
CA GLY UA 20 -79.61 -29.38 4.54
C GLY UA 20 -79.18 -28.40 3.46
N SER UA 21 -79.34 -27.11 3.71
CA SER UA 21 -78.88 -26.14 2.74
C SER UA 21 -77.37 -26.22 2.58
N GLY UA 22 -76.65 -26.45 3.67
CA GLY UA 22 -75.21 -26.61 3.56
C GLY UA 22 -74.83 -27.78 2.68
N ALA UA 23 -75.45 -28.93 2.91
CA ALA UA 23 -75.15 -30.11 2.10
C ALA UA 23 -75.55 -29.90 0.65
N GLY UA 24 -76.68 -29.23 0.42
CA GLY UA 24 -77.12 -28.99 -0.93
C GLY UA 24 -76.17 -28.12 -1.71
N ILE UA 25 -75.69 -27.04 -1.09
CA ILE UA 25 -74.70 -26.22 -1.78
C ILE UA 25 -73.43 -27.01 -2.00
N GLY UA 26 -73.05 -27.85 -1.04
CA GLY UA 26 -71.88 -28.68 -1.26
C GLY UA 26 -72.02 -29.51 -2.51
N THR UA 27 -73.17 -30.17 -2.67
CA THR UA 27 -73.31 -31.05 -3.82
C THR UA 27 -73.41 -30.25 -5.12
N VAL UA 28 -74.07 -29.09 -5.11
CA VAL UA 28 -74.17 -28.34 -6.36
C VAL UA 28 -72.80 -27.86 -6.79
N PHE UA 29 -71.97 -27.42 -5.86
CA PHE UA 29 -70.66 -26.95 -6.29
C PHE UA 29 -69.73 -28.10 -6.64
N GLY UA 30 -69.90 -29.26 -6.01
CA GLY UA 30 -69.15 -30.41 -6.46
C GLY UA 30 -69.53 -30.81 -7.87
N SER UA 31 -70.81 -30.74 -8.20
CA SER UA 31 -71.24 -31.05 -9.56
C SER UA 31 -70.76 -30.00 -10.53
N LEU UA 32 -70.66 -28.73 -10.13
CA LEU UA 32 -70.05 -27.75 -11.02
C LEU UA 32 -68.60 -28.11 -11.30
N ILE UA 33 -67.86 -28.51 -10.28
CA ILE UA 33 -66.46 -28.88 -10.51
C ILE UA 33 -66.38 -30.05 -11.48
N ILE UA 34 -67.18 -31.08 -11.27
CA ILE UA 34 -67.11 -32.24 -12.16
C ILE UA 34 -67.52 -31.86 -13.57
N GLY UA 35 -68.63 -31.14 -13.72
CA GLY UA 35 -69.14 -30.82 -15.02
C GLY UA 35 -68.40 -29.70 -15.72
N TYR UA 36 -67.42 -29.10 -15.06
CA TYR UA 36 -66.52 -28.20 -15.75
C TYR UA 36 -65.17 -28.83 -16.01
N ALA UA 37 -64.81 -29.85 -15.26
CA ALA UA 37 -63.65 -30.67 -15.61
C ALA UA 37 -63.96 -31.64 -16.72
N ARG UA 38 -65.05 -31.46 -17.43
CA ARG UA 38 -65.47 -32.43 -18.41
C ARG UA 38 -66.06 -31.77 -19.64
N ASN UA 39 -66.12 -30.46 -19.70
CA ASN UA 39 -66.54 -29.72 -20.86
C ASN UA 39 -66.20 -28.26 -20.62
N PRO UA 40 -64.94 -27.91 -20.40
CA PRO UA 40 -64.62 -26.57 -19.93
C PRO UA 40 -65.08 -25.48 -20.85
N SER UA 41 -65.38 -25.80 -22.11
CA SER UA 41 -65.73 -24.77 -23.08
C SER UA 41 -67.01 -24.05 -22.73
N LEU UA 42 -67.82 -24.59 -21.84
CA LEU UA 42 -69.06 -23.93 -21.46
C LEU UA 42 -68.76 -22.89 -20.39
N M3L UA 43 -68.86 -23.28 -19.13
CA M3L UA 43 -68.49 -22.41 -18.05
CB M3L UA 43 -67.04 -21.92 -18.19
C M3L UA 43 -69.35 -21.17 -17.88
O M3L UA 43 -69.86 -20.82 -16.83
N GLN UA 44 -69.50 -20.46 -18.99
CA GLN UA 44 -70.27 -19.24 -18.98
C GLN UA 44 -71.74 -19.58 -18.85
N GLN UA 45 -72.06 -20.87 -18.98
CA GLN UA 45 -73.39 -21.37 -18.72
C GLN UA 45 -73.42 -22.44 -17.66
N LEU UA 46 -72.27 -22.93 -17.20
CA LEU UA 46 -72.26 -23.81 -16.06
C LEU UA 46 -72.27 -23.01 -14.77
N PHE UA 47 -71.50 -21.92 -14.74
CA PHE UA 47 -71.55 -21.06 -13.56
C PHE UA 47 -72.92 -20.44 -13.39
N SER UA 48 -73.64 -20.21 -14.49
CA SER UA 48 -74.98 -19.65 -14.37
C SER UA 48 -75.89 -20.60 -13.62
N TYR UA 49 -75.95 -21.87 -14.03
CA TYR UA 49 -76.76 -22.81 -13.28
C TYR UA 49 -76.22 -23.04 -11.89
N ALA UA 50 -74.91 -22.90 -11.70
CA ALA UA 50 -74.37 -23.06 -10.35
C ALA UA 50 -74.90 -21.97 -9.42
N ILE UA 51 -74.85 -20.71 -9.86
CA ILE UA 51 -75.36 -19.64 -9.03
C ILE UA 51 -76.86 -19.77 -8.86
N LEU UA 52 -77.57 -20.25 -9.87
CA LEU UA 52 -79.01 -20.39 -9.71
C LEU UA 52 -79.35 -21.47 -8.69
N GLY UA 53 -78.65 -22.59 -8.73
CA GLY UA 53 -78.86 -23.63 -7.73
C GLY UA 53 -78.44 -23.18 -6.35
N PHE UA 54 -77.38 -22.38 -6.27
CA PHE UA 54 -77.07 -21.72 -5.01
C PHE UA 54 -78.18 -20.82 -4.52
N ALA UA 55 -78.75 -19.99 -5.39
CA ALA UA 55 -79.81 -19.12 -4.91
C ALA UA 55 -80.96 -19.93 -4.38
N LEU UA 56 -81.37 -20.96 -5.12
CA LEU UA 56 -82.47 -21.79 -4.64
C LEU UA 56 -82.15 -22.46 -3.32
N SER UA 57 -81.04 -23.17 -3.21
CA SER UA 57 -80.77 -23.88 -1.96
C SER UA 57 -80.24 -22.97 -0.86
N GLU UA 58 -79.93 -21.72 -1.18
CA GLU UA 58 -79.71 -20.68 -0.20
C GLU UA 58 -81.02 -20.24 0.41
N ALA UA 59 -82.04 -20.11 -0.42
CA ALA UA 59 -83.32 -19.61 0.03
C ALA UA 59 -83.87 -20.44 1.19
N MET UA 60 -83.62 -21.74 1.23
CA MET UA 60 -84.23 -22.50 2.31
C MET UA 60 -83.44 -22.46 3.61
N GLY UA 61 -82.11 -22.41 3.57
CA GLY UA 61 -81.39 -22.08 4.79
C GLY UA 61 -81.82 -20.73 5.31
N LEU UA 62 -82.05 -19.77 4.41
CA LEU UA 62 -82.60 -18.49 4.81
C LEU UA 62 -83.97 -18.65 5.44
N PHE UA 63 -84.81 -19.52 4.89
CA PHE UA 63 -86.14 -19.70 5.45
C PHE UA 63 -86.07 -20.26 6.85
N CYS UA 64 -85.17 -21.21 7.09
CA CYS UA 64 -85.03 -21.76 8.43
C CYS UA 64 -84.54 -20.69 9.41
N LEU UA 65 -83.58 -19.86 8.98
CA LEU UA 65 -83.15 -18.79 9.87
C LEU UA 65 -84.26 -17.78 10.11
N MET UA 66 -85.06 -17.49 9.08
CA MET UA 66 -86.16 -16.55 9.25
C MET UA 66 -87.18 -17.09 10.26
N VAL UA 67 -87.52 -18.37 10.16
CA VAL UA 67 -88.42 -18.93 11.16
C VAL UA 67 -87.79 -18.87 12.55
N ALA UA 68 -86.51 -19.19 12.65
CA ALA UA 68 -85.88 -19.16 13.98
C ALA UA 68 -85.93 -17.77 14.57
N PHE UA 69 -85.60 -16.75 13.78
CA PHE UA 69 -85.64 -15.40 14.31
C PHE UA 69 -87.06 -15.00 14.69
N LEU UA 70 -88.03 -15.31 13.84
CA LEU UA 70 -89.39 -14.91 14.15
C LEU UA 70 -89.89 -15.57 15.42
N ILE UA 71 -89.61 -16.86 15.59
CA ILE UA 71 -90.05 -17.54 16.80
C ILE UA 71 -89.35 -16.96 18.01
N LEU UA 72 -88.07 -16.61 17.86
CA LEU UA 72 -87.33 -16.14 19.03
C LEU UA 72 -87.56 -14.68 19.35
N PHE UA 73 -88.22 -13.93 18.47
CA PHE UA 73 -88.47 -12.51 18.70
C PHE UA 73 -89.86 -12.11 18.26
N ALA UA 74 -90.81 -13.02 18.37
CA ALA UA 74 -92.22 -12.74 18.09
C ALA UA 74 -93.08 -13.92 18.52
N ASP VA 1 -82.48 -21.94 37.32
CA ASP VA 1 -83.57 -21.21 36.62
C ASP VA 1 -83.74 -21.74 35.22
N ILE VA 2 -84.97 -22.16 34.90
CA ILE VA 2 -85.22 -22.84 33.64
C ILE VA 2 -84.74 -22.03 32.46
N ASP VA 3 -84.61 -20.71 32.60
CA ASP VA 3 -84.14 -19.92 31.47
C ASP VA 3 -82.72 -20.31 31.07
N THR VA 4 -81.84 -20.50 32.06
CA THR VA 4 -80.46 -20.84 31.74
C THR VA 4 -80.33 -22.24 31.15
N ALA VA 5 -81.01 -23.22 31.75
CA ALA VA 5 -81.03 -24.55 31.18
C ALA VA 5 -81.57 -24.53 29.76
N ALA VA 6 -82.59 -23.71 29.52
CA ALA VA 6 -83.14 -23.58 28.18
C ALA VA 6 -82.11 -23.06 27.21
N LYS VA 7 -81.38 -22.02 27.61
CA LYS VA 7 -80.32 -21.50 26.75
C LYS VA 7 -79.33 -22.60 26.39
N PHE VA 8 -78.87 -23.35 27.39
CA PHE VA 8 -77.85 -24.37 27.14
C PHE VA 8 -78.36 -25.43 26.19
N ILE VA 9 -79.55 -25.97 26.44
CA ILE VA 9 -80.04 -27.04 25.57
C ILE VA 9 -80.35 -26.51 24.17
N GLY VA 10 -80.86 -25.28 24.07
CA GLY VA 10 -81.12 -24.73 22.75
C GLY VA 10 -79.86 -24.56 21.93
N ALA VA 11 -78.81 -24.03 22.54
CA ALA VA 11 -77.54 -23.91 21.82
C ALA VA 11 -76.96 -25.27 21.48
N GLY VA 12 -77.04 -26.22 22.41
CA GLY VA 12 -76.54 -27.55 22.11
C GLY VA 12 -77.21 -28.16 20.91
N ALA VA 13 -78.53 -27.98 20.79
CA ALA VA 13 -79.22 -28.48 19.61
C ALA VA 13 -78.83 -27.69 18.37
N ALA VA 14 -78.81 -26.36 18.47
CA ALA VA 14 -78.48 -25.55 17.31
C ALA VA 14 -77.13 -25.93 16.74
N THR VA 15 -76.22 -26.43 17.58
CA THR VA 15 -74.93 -26.87 17.08
C THR VA 15 -75.06 -27.81 15.91
N VAL VA 16 -75.99 -28.75 15.98
CA VAL VA 16 -76.04 -29.82 14.99
C VAL VA 16 -76.15 -29.30 13.57
N GLY VA 17 -76.38 -28.00 13.39
CA GLY VA 17 -76.48 -27.47 12.05
C GLY VA 17 -75.25 -27.76 11.20
N VAL VA 18 -74.07 -27.83 11.82
CA VAL VA 18 -72.85 -27.95 11.03
C VAL VA 18 -72.67 -29.33 10.43
N ALA VA 19 -73.51 -30.30 10.77
CA ALA VA 19 -73.46 -31.57 10.06
C ALA VA 19 -73.60 -31.35 8.57
N GLY VA 20 -74.50 -30.43 8.19
CA GLY VA 20 -74.71 -30.16 6.79
C GLY VA 20 -73.46 -29.61 6.12
N SER VA 21 -72.78 -28.68 6.78
CA SER VA 21 -71.58 -28.12 6.18
C SER VA 21 -70.47 -29.18 6.10
N GLY VA 22 -70.36 -30.05 7.10
CA GLY VA 22 -69.38 -31.11 7.02
C GLY VA 22 -69.62 -32.01 5.82
N ALA VA 23 -70.87 -32.44 5.62
CA ALA VA 23 -71.16 -33.27 4.47
C ALA VA 23 -70.90 -32.52 3.16
N GLY VA 24 -71.29 -31.25 3.09
CA GLY VA 24 -71.10 -30.50 1.86
C GLY VA 24 -69.65 -30.36 1.51
N ILE VA 25 -68.79 -30.17 2.51
CA ILE VA 25 -67.37 -30.03 2.26
C ILE VA 25 -66.79 -31.35 1.78
N GLY VA 26 -67.18 -32.45 2.39
CA GLY VA 26 -66.75 -33.74 1.88
C GLY VA 26 -67.13 -33.90 0.43
N THR VA 27 -68.35 -33.51 0.08
CA THR VA 27 -68.79 -33.66 -1.30
C THR VA 27 -67.97 -32.81 -2.26
N VAL VA 28 -67.72 -31.56 -1.90
CA VAL VA 28 -66.96 -30.70 -2.81
C VAL VA 28 -65.56 -31.25 -3.01
N PHE VA 29 -64.93 -31.73 -1.95
CA PHE VA 29 -63.56 -32.22 -2.12
C PHE VA 29 -63.49 -33.66 -2.58
N GLY VA 30 -64.63 -34.30 -2.82
CA GLY VA 30 -64.62 -35.51 -3.62
C GLY VA 30 -64.80 -35.17 -5.08
N SER VA 31 -65.64 -34.18 -5.35
CA SER VA 31 -65.79 -33.72 -6.72
C SER VA 31 -64.47 -33.18 -7.26
N LEU VA 32 -63.71 -32.45 -6.43
CA LEU VA 32 -62.43 -31.95 -6.90
C LEU VA 32 -61.49 -33.10 -7.25
N ILE VA 33 -61.46 -34.15 -6.44
CA ILE VA 33 -60.60 -35.28 -6.74
C ILE VA 33 -61.00 -35.92 -8.06
N ILE VA 34 -62.30 -36.12 -8.29
CA ILE VA 34 -62.69 -36.80 -9.53
C ILE VA 34 -62.46 -35.90 -10.73
N GLY VA 35 -62.97 -34.67 -10.68
CA GLY VA 35 -62.78 -33.75 -11.77
C GLY VA 35 -61.35 -33.36 -12.01
N TYR VA 36 -60.46 -33.72 -11.10
CA TYR VA 36 -59.04 -33.59 -11.35
C TYR VA 36 -58.45 -34.85 -11.94
N ALA VA 37 -58.86 -36.02 -11.46
CA ALA VA 37 -58.38 -37.25 -12.07
C ALA VA 37 -58.70 -37.28 -13.54
N ARG VA 38 -59.77 -36.60 -13.97
CA ARG VA 38 -60.08 -36.60 -15.39
C ARG VA 38 -59.23 -35.62 -16.18
N ASN VA 39 -59.17 -34.36 -15.76
CA ASN VA 39 -58.57 -33.30 -16.58
C ASN VA 39 -57.51 -32.55 -15.78
N PRO VA 40 -56.34 -33.15 -15.57
CA PRO VA 40 -55.36 -32.54 -14.66
C PRO VA 40 -54.98 -31.12 -15.03
N SER VA 41 -54.97 -30.78 -16.31
CA SER VA 41 -54.49 -29.47 -16.71
C SER VA 41 -55.39 -28.33 -16.26
N LEU VA 42 -56.46 -28.60 -15.52
CA LEU VA 42 -57.34 -27.54 -15.06
C LEU VA 42 -57.13 -27.22 -13.59
N M3L VA 43 -56.22 -27.95 -12.97
CA M3L VA 43 -55.96 -27.84 -11.56
CB M3L VA 43 -54.54 -28.30 -11.24
C M3L VA 43 -56.13 -26.47 -10.96
O M3L VA 43 -56.91 -26.22 -10.04
N GLN VA 44 -55.39 -25.52 -11.48
CA GLN VA 44 -55.38 -24.17 -10.94
C GLN VA 44 -56.64 -23.40 -11.27
N GLN VA 45 -57.63 -24.08 -11.83
CA GLN VA 45 -58.94 -23.49 -12.05
C GLN VA 45 -60.07 -24.32 -11.47
N LEU VA 46 -59.90 -25.64 -11.37
CA LEU VA 46 -60.82 -26.42 -10.55
C LEU VA 46 -60.70 -26.02 -9.10
N PHE VA 47 -59.47 -25.84 -8.62
CA PHE VA 47 -59.28 -25.54 -7.22
C PHE VA 47 -59.90 -24.21 -6.84
N SER VA 48 -59.94 -23.24 -7.75
CA SER VA 48 -60.62 -21.99 -7.44
C SER VA 48 -62.08 -22.24 -7.13
N TYR VA 49 -62.74 -23.06 -7.96
CA TYR VA 49 -64.14 -23.39 -7.69
C TYR VA 49 -64.28 -24.22 -6.42
N ALA VA 50 -63.35 -25.14 -6.18
CA ALA VA 50 -63.44 -25.94 -4.95
C ALA VA 50 -63.38 -25.05 -3.73
N ILE VA 51 -62.46 -24.08 -3.73
CA ILE VA 51 -62.36 -23.18 -2.60
C ILE VA 51 -63.56 -22.25 -2.52
N LEU VA 52 -64.06 -21.79 -3.66
CA LEU VA 52 -65.29 -21.01 -3.64
C LEU VA 52 -66.40 -21.79 -2.96
N GLY VA 53 -66.67 -23.01 -3.44
CA GLY VA 53 -67.75 -23.79 -2.90
C GLY VA 53 -67.53 -24.15 -1.46
N PHE VA 54 -66.29 -24.47 -1.11
CA PHE VA 54 -65.94 -24.56 0.30
C PHE VA 54 -66.29 -23.38 1.17
N ALA VA 55 -65.72 -22.21 0.89
CA ALA VA 55 -65.99 -21.08 1.78
C ALA VA 55 -67.48 -20.81 1.84
N LEU VA 56 -68.13 -20.90 0.71
CA LEU VA 56 -69.49 -20.44 0.60
C LEU VA 56 -70.50 -21.53 0.94
N SER VA 57 -70.03 -22.72 1.33
CA SER VA 57 -70.83 -23.68 2.08
C SER VA 57 -70.41 -23.77 3.53
N GLU VA 58 -69.21 -23.31 3.86
CA GLU VA 58 -68.85 -23.02 5.24
C GLU VA 58 -69.84 -22.05 5.84
N ALA VA 59 -70.12 -20.98 5.11
CA ALA VA 59 -71.06 -19.97 5.59
C ALA VA 59 -72.23 -20.59 6.35
N MET VA 60 -72.74 -21.73 5.89
CA MET VA 60 -73.90 -22.33 6.55
C MET VA 60 -73.56 -22.85 7.94
N GLY VA 61 -72.53 -23.69 8.04
CA GLY VA 61 -72.14 -24.20 9.33
C GLY VA 61 -71.79 -23.07 10.28
N LEU VA 62 -71.17 -22.02 9.74
CA LEU VA 62 -70.80 -20.89 10.58
C LEU VA 62 -72.02 -20.12 11.05
N PHE VA 63 -73.04 -19.98 10.20
CA PHE VA 63 -74.27 -19.34 10.66
C PHE VA 63 -74.90 -20.13 11.79
N CYS VA 64 -74.98 -21.46 11.63
CA CYS VA 64 -75.58 -22.28 12.68
C CYS VA 64 -74.80 -22.15 13.98
N LEU VA 65 -73.48 -22.24 13.91
CA LEU VA 65 -72.67 -22.19 15.13
C LEU VA 65 -72.71 -20.80 15.74
N MET VA 66 -72.77 -19.76 14.91
CA MET VA 66 -72.88 -18.41 15.40
C MET VA 66 -74.19 -18.17 16.12
N VAL VA 67 -75.29 -18.71 15.60
CA VAL VA 67 -76.56 -18.53 16.31
C VAL VA 67 -76.57 -19.35 17.60
N ALA VA 68 -75.94 -20.53 17.59
CA ALA VA 68 -75.80 -21.27 18.84
C ALA VA 68 -75.06 -20.43 19.87
N PHE VA 69 -73.96 -19.80 19.48
CA PHE VA 69 -73.24 -18.96 20.42
C PHE VA 69 -74.03 -17.73 20.81
N LEU VA 70 -74.82 -17.16 19.90
CA LEU VA 70 -75.65 -16.02 20.26
C LEU VA 70 -76.64 -16.40 21.35
N ILE VA 71 -77.34 -17.53 21.18
CA ILE VA 71 -78.23 -18.00 22.23
C ILE VA 71 -77.45 -18.20 23.52
N LEU VA 72 -76.29 -18.87 23.42
CA LEU VA 72 -75.54 -19.17 24.62
C LEU VA 72 -75.09 -17.90 25.34
N PHE VA 73 -74.91 -16.80 24.61
CA PHE VA 73 -74.36 -15.57 25.18
C PHE VA 73 -75.24 -14.36 24.92
N ALA VA 74 -76.53 -14.54 24.67
CA ALA VA 74 -77.44 -13.42 24.47
C ALA VA 74 -78.87 -13.89 24.26
N PHE WA 1 -10.40 -90.61 -133.12
CA PHE WA 1 -10.25 -89.63 -134.23
C PHE WA 1 -8.89 -89.79 -134.92
N ALA WA 2 -8.76 -89.17 -136.09
CA ALA WA 2 -7.49 -89.22 -136.80
C ALA WA 2 -6.45 -88.36 -136.09
N LYS WA 3 -5.19 -88.57 -136.46
CA LYS WA 3 -4.08 -87.81 -135.88
C LYS WA 3 -3.66 -86.74 -136.88
N LEU WA 4 -4.38 -85.62 -136.85
CA LEU WA 4 -4.03 -84.51 -137.73
C LEU WA 4 -2.64 -84.00 -137.40
N VAL WA 5 -1.82 -83.82 -138.44
CA VAL WA 5 -0.45 -83.38 -138.23
C VAL WA 5 -0.44 -81.90 -137.86
N ARG WA 6 0.22 -81.57 -136.76
CA ARG WA 6 0.18 -80.22 -136.26
C ARG WA 6 0.93 -79.28 -137.19
N PRO WA 7 0.35 -78.16 -137.59
CA PRO WA 7 1.08 -77.21 -138.41
C PRO WA 7 2.22 -76.60 -137.62
N PRO WA 8 3.23 -76.05 -138.30
CA PRO WA 8 4.38 -75.50 -137.57
C PRO WA 8 3.98 -74.37 -136.64
N VAL WA 9 3.31 -73.35 -137.15
CA VAL WA 9 2.82 -72.23 -136.35
C VAL WA 9 1.37 -72.50 -136.02
N GLN WA 10 0.98 -72.20 -134.77
CA GLN WA 10 -0.38 -72.40 -134.33
C GLN WA 10 -1.16 -71.10 -134.47
N ILE WA 11 -2.31 -71.18 -135.12
CA ILE WA 11 -3.22 -70.04 -135.21
C ILE WA 11 -4.48 -70.41 -134.44
N TYR WA 12 -5.23 -69.38 -134.05
CA TYR WA 12 -6.39 -69.57 -133.19
C TYR WA 12 -7.57 -68.79 -133.75
N GLY WA 13 -8.75 -69.13 -133.24
CA GLY WA 13 -9.99 -68.63 -133.81
C GLY WA 13 -10.50 -69.53 -134.91
N ILE WA 14 -11.66 -69.19 -135.42
CA ILE WA 14 -12.25 -69.97 -136.50
C ILE WA 14 -11.35 -69.96 -137.72
N GLU WA 15 -10.78 -68.79 -138.03
CA GLU WA 15 -9.88 -68.69 -139.18
C GLU WA 15 -8.74 -69.69 -139.06
N GLY WA 16 -8.04 -69.67 -137.93
CA GLY WA 16 -6.88 -70.53 -137.77
C GLY WA 16 -7.25 -71.97 -137.61
N ARG WA 17 -8.50 -72.23 -137.26
CA ARG WA 17 -8.94 -73.58 -137.02
C ARG WA 17 -9.29 -74.28 -138.33
N TYR WA 18 -9.98 -73.56 -139.22
CA TYR WA 18 -10.10 -74.03 -140.61
C TYR WA 18 -8.74 -74.14 -141.27
N ALA WA 19 -7.86 -73.17 -141.03
CA ALA WA 19 -6.53 -73.22 -141.64
C ALA WA 19 -5.74 -74.43 -141.17
N THR WA 20 -5.83 -74.76 -139.88
CA THR WA 20 -5.15 -75.96 -139.39
C THR WA 20 -5.75 -77.20 -140.02
N ALA WA 21 -7.07 -77.26 -140.14
CA ALA WA 21 -7.68 -78.40 -140.81
C ALA WA 21 -7.12 -78.56 -142.22
N LEU WA 22 -7.08 -77.47 -142.98
CA LEU WA 22 -6.60 -77.55 -144.35
C LEU WA 22 -5.13 -77.92 -144.42
N TYR WA 23 -4.32 -77.36 -143.52
CA TYR WA 23 -2.90 -77.69 -143.54
C TYR WA 23 -2.68 -79.16 -143.24
N SER WA 24 -3.41 -79.70 -142.28
CA SER WA 24 -3.23 -81.12 -141.98
C SER WA 24 -3.74 -81.99 -143.12
N ALA WA 25 -4.80 -81.55 -143.79
CA ALA WA 25 -5.28 -82.30 -144.95
C ALA WA 25 -4.21 -82.33 -146.05
N ALA WA 26 -3.66 -81.17 -146.40
CA ALA WA 26 -2.72 -81.10 -147.50
C ALA WA 26 -1.39 -81.74 -147.15
N SER WA 27 -0.92 -81.56 -145.92
CA SER WA 27 0.37 -82.13 -145.54
C SER WA 27 0.40 -83.63 -145.82
N LYS WA 28 -0.62 -84.34 -145.38
CA LYS WA 28 -0.85 -85.67 -145.92
C LYS WA 28 -1.14 -85.53 -147.41
N GLN WA 29 -0.52 -86.36 -148.22
CA GLN WA 29 -0.48 -86.29 -149.67
C GLN WA 29 0.52 -85.27 -150.17
N ASN WA 30 1.14 -84.47 -149.30
CA ASN WA 30 2.23 -83.58 -149.68
C ASN WA 30 1.82 -82.65 -150.82
N LYS WA 31 0.70 -81.97 -150.65
CA LYS WA 31 0.15 -81.08 -151.66
C LYS WA 31 0.13 -79.64 -151.18
N LEU WA 32 1.13 -79.24 -150.39
CA LEU WA 32 1.10 -77.91 -149.78
C LEU WA 32 1.23 -76.81 -150.82
N GLU WA 33 2.21 -76.93 -151.71
CA GLU WA 33 2.47 -75.84 -152.66
C GLU WA 33 1.29 -75.62 -153.60
N GLN WA 34 0.77 -76.70 -154.18
CA GLN WA 34 -0.35 -76.54 -155.11
C GLN WA 34 -1.60 -76.08 -154.37
N VAL WA 35 -1.82 -76.58 -153.15
CA VAL WA 35 -2.95 -76.13 -152.35
C VAL WA 35 -2.86 -74.64 -152.10
N GLU WA 36 -1.67 -74.15 -151.76
CA GLU WA 36 -1.49 -72.73 -151.58
C GLU WA 36 -1.79 -71.98 -152.87
N LYS WA 37 -1.39 -72.55 -154.01
CA LYS WA 37 -1.69 -71.92 -155.28
C LYS WA 37 -3.19 -71.76 -155.47
N GLU WA 38 -3.95 -72.83 -155.29
CA GLU WA 38 -5.40 -72.71 -155.49
C GLU WA 38 -6.00 -71.77 -154.46
N LEU WA 39 -5.43 -71.69 -153.26
CA LEU WA 39 -5.95 -70.76 -152.27
C LEU WA 39 -5.74 -69.33 -152.71
N LEU WA 40 -4.53 -68.99 -153.14
CA LEU WA 40 -4.27 -67.64 -153.60
C LEU WA 40 -4.99 -67.34 -154.91
N ARG WA 41 -5.51 -68.36 -155.60
CA ARG WA 41 -6.34 -68.11 -156.76
C ARG WA 41 -7.80 -67.83 -156.37
N VAL WA 42 -8.34 -68.60 -155.42
CA VAL WA 42 -9.67 -68.28 -154.90
C VAL WA 42 -9.64 -66.92 -154.23
N GLY WA 43 -8.48 -66.51 -153.72
CA GLY WA 43 -8.37 -65.17 -153.17
C GLY WA 43 -8.73 -64.12 -154.19
N GLN WA 44 -8.27 -64.28 -155.42
CA GLN WA 44 -8.66 -63.36 -156.49
C GLN WA 44 -10.10 -63.61 -156.92
N ILE WA 45 -10.52 -64.87 -156.99
CA ILE WA 45 -11.85 -65.19 -157.50
C ILE WA 45 -12.92 -64.55 -156.64
N LEU WA 46 -12.85 -64.75 -155.32
CA LEU WA 46 -13.91 -64.29 -154.44
C LEU WA 46 -14.00 -62.77 -154.38
N LYS WA 47 -12.93 -62.06 -154.75
CA LYS WA 47 -13.00 -60.61 -154.80
C LYS WA 47 -13.82 -60.10 -155.99
N GLU WA 48 -14.26 -60.98 -156.87
CA GLU WA 48 -15.03 -60.55 -158.03
C GLU WA 48 -16.28 -59.82 -157.57
N PRO WA 49 -16.58 -58.63 -158.09
CA PRO WA 49 -17.72 -57.87 -157.57
C PRO WA 49 -19.02 -58.65 -157.56
N LYS WA 50 -19.31 -59.44 -158.59
CA LYS WA 50 -20.56 -60.20 -158.59
C LYS WA 50 -20.57 -61.23 -157.47
N MET WA 51 -19.52 -62.04 -157.38
CA MET WA 51 -19.45 -63.04 -156.33
C MET WA 51 -19.31 -62.38 -154.96
N ALA WA 52 -18.54 -61.30 -154.88
CA ALA WA 52 -18.38 -60.62 -153.60
C ALA WA 52 -19.71 -60.13 -153.07
N ALA WA 53 -20.53 -59.55 -153.93
CA ALA WA 53 -21.83 -59.05 -153.50
C ALA WA 53 -22.82 -60.19 -153.27
N SER WA 54 -22.71 -61.28 -154.02
CA SER WA 54 -23.65 -62.38 -153.86
C SER WA 54 -23.41 -63.14 -152.57
N LEU WA 55 -22.15 -63.33 -152.19
CA LEU WA 55 -21.84 -64.14 -151.02
C LEU WA 55 -22.02 -63.41 -149.70
N LEU WA 56 -22.23 -62.10 -149.72
CA LEU WA 56 -22.47 -61.36 -148.49
C LEU WA 56 -23.94 -61.18 -148.19
N ASN WA 57 -24.81 -61.33 -149.17
CA ASN WA 57 -26.25 -61.25 -148.93
C ASN WA 57 -26.69 -62.48 -148.16
N PRO WA 58 -27.33 -62.33 -146.99
CA PRO WA 58 -27.81 -63.50 -146.26
C PRO WA 58 -29.17 -64.01 -146.72
N TYR WA 59 -29.76 -63.41 -147.75
CA TYR WA 59 -31.10 -63.73 -148.20
C TYR WA 59 -31.11 -64.63 -149.42
N VAL WA 60 -29.99 -65.26 -149.74
CA VAL WA 60 -29.92 -66.28 -150.76
C VAL WA 60 -29.67 -67.61 -150.07
N LYS WA 61 -30.51 -68.60 -150.37
CA LYS WA 61 -30.40 -69.89 -149.71
C LYS WA 61 -28.95 -70.36 -149.69
N ARG WA 62 -28.51 -70.85 -148.53
CA ARG WA 62 -27.14 -71.33 -148.42
C ARG WA 62 -26.84 -72.38 -149.47
N SER WA 63 -27.83 -73.19 -149.84
CA SER WA 63 -27.63 -74.13 -150.92
C SER WA 63 -27.26 -73.41 -152.22
N VAL WA 64 -27.81 -72.22 -152.44
CA VAL WA 64 -27.40 -71.45 -153.61
C VAL WA 64 -25.92 -71.09 -153.51
N LYS WA 65 -25.47 -70.68 -152.33
CA LYS WA 65 -24.05 -70.40 -152.13
C LYS WA 65 -23.22 -71.62 -152.50
N VAL WA 66 -23.60 -72.79 -151.97
CA VAL WA 66 -22.81 -73.99 -152.20
C VAL WA 66 -22.80 -74.35 -153.67
N LYS WA 67 -23.94 -74.23 -154.34
CA LYS WA 67 -24.02 -74.57 -155.76
C LYS WA 67 -23.13 -73.65 -156.58
N SER WA 68 -23.20 -72.34 -156.30
CA SER WA 68 -22.37 -71.39 -157.02
C SER WA 68 -20.89 -71.66 -156.79
N LEU WA 69 -20.52 -71.98 -155.55
CA LEU WA 69 -19.12 -72.24 -155.25
C LEU WA 69 -18.65 -73.54 -155.89
N SER WA 70 -19.52 -74.55 -155.94
CA SER WA 70 -19.15 -75.78 -156.65
C SER WA 70 -18.94 -75.50 -158.12
N ASP WA 71 -19.79 -74.66 -158.72
CA ASP WA 71 -19.58 -74.27 -160.12
C ASP WA 71 -18.23 -73.59 -160.29
N MET WA 72 -17.96 -72.57 -159.47
CA MET WA 72 -16.75 -71.79 -159.63
C MET WA 72 -15.49 -72.55 -159.25
N THR WA 73 -15.61 -73.66 -158.52
CA THR WA 73 -14.44 -74.47 -158.23
C THR WA 73 -14.28 -75.63 -159.21
N ALA WA 74 -15.35 -76.03 -159.89
CA ALA WA 74 -15.22 -76.99 -160.98
C ALA WA 74 -14.67 -76.33 -162.24
N LYS WA 75 -15.01 -75.06 -162.46
CA LYS WA 75 -14.48 -74.37 -163.64
C LYS WA 75 -12.96 -74.26 -163.58
N GLU WA 76 -12.41 -73.97 -162.41
CA GLU WA 76 -10.98 -73.78 -162.26
C GLU WA 76 -10.23 -75.08 -161.99
N LYS WA 77 -10.93 -76.21 -161.92
CA LYS WA 77 -10.28 -77.51 -161.73
C LYS WA 77 -9.37 -77.48 -160.50
N PHE WA 78 -9.87 -76.90 -159.43
CA PHE WA 78 -9.10 -76.87 -158.18
C PHE WA 78 -8.92 -78.28 -157.65
N SER WA 79 -7.81 -78.48 -156.96
CA SER WA 79 -7.56 -79.76 -156.30
C SER WA 79 -8.78 -80.13 -155.48
N PRO WA 80 -9.01 -81.42 -155.22
CA PRO WA 80 -10.17 -81.79 -154.40
C PRO WA 80 -10.14 -81.18 -153.02
N LEU WA 81 -8.95 -80.94 -152.47
CA LEU WA 81 -8.85 -80.36 -151.13
C LEU WA 81 -9.45 -78.96 -151.10
N THR WA 82 -9.11 -78.12 -152.06
CA THR WA 82 -9.62 -76.75 -152.05
C THR WA 82 -11.11 -76.70 -152.30
N SER WA 83 -11.60 -77.52 -153.24
CA SER WA 83 -13.03 -77.56 -153.47
C SER WA 83 -13.77 -78.01 -152.23
N ASN WA 84 -13.25 -79.03 -151.55
CA ASN WA 84 -13.88 -79.50 -150.32
C ASN WA 84 -13.86 -78.42 -149.25
N LEU WA 85 -12.74 -77.70 -149.13
CA LEU WA 85 -12.65 -76.65 -148.12
C LEU WA 85 -13.68 -75.56 -148.40
N ILE WA 86 -13.82 -75.16 -149.66
CA ILE WA 86 -14.75 -74.08 -149.96
C ILE WA 86 -16.19 -74.55 -149.75
N ASN WA 87 -16.50 -75.79 -150.11
CA ASN WA 87 -17.83 -76.32 -149.83
C ASN WA 87 -18.09 -76.37 -148.34
N LEU WA 88 -17.06 -76.75 -147.56
CA LEU WA 88 -17.19 -76.78 -146.11
C LEU WA 88 -17.49 -75.40 -145.56
N LEU WA 89 -16.76 -74.40 -146.03
CA LEU WA 89 -17.00 -73.04 -145.56
C LEU WA 89 -18.39 -72.58 -145.93
N ALA WA 90 -18.86 -72.91 -147.13
CA ALA WA 90 -20.20 -72.52 -147.53
C ALA WA 90 -21.24 -73.21 -146.67
N GLU WA 91 -21.06 -74.50 -146.39
CA GLU WA 91 -22.00 -75.22 -145.55
C GLU WA 91 -22.06 -74.60 -144.16
N ASN WA 92 -20.91 -74.35 -143.55
CA ASN WA 92 -20.87 -73.83 -142.19
C ASN WA 92 -21.20 -72.35 -142.12
N GLY WA 93 -21.12 -71.62 -143.23
CA GLY WA 93 -21.42 -70.22 -143.24
C GLY WA 93 -20.29 -69.32 -142.85
N ARG WA 94 -19.04 -69.78 -142.95
CA ARG WA 94 -17.89 -68.98 -142.59
C ARG WA 94 -17.19 -68.35 -143.79
N LEU WA 95 -17.69 -68.56 -145.00
CA LEU WA 95 -16.98 -68.02 -146.15
C LEU WA 95 -16.92 -66.51 -146.09
N THR WA 96 -17.79 -65.88 -145.29
CA THR WA 96 -17.70 -64.44 -145.10
C THR WA 96 -16.34 -64.03 -144.55
N ASN WA 97 -15.65 -64.93 -143.86
CA ASN WA 97 -14.30 -64.69 -143.37
C ASN WA 97 -13.30 -65.61 -144.03
N THR WA 98 -13.48 -65.87 -145.33
CA THR WA 98 -12.47 -66.61 -146.08
C THR WA 98 -11.14 -65.89 -146.14
N PRO WA 99 -11.07 -64.59 -146.45
CA PRO WA 99 -9.75 -63.95 -146.55
C PRO WA 99 -8.93 -64.09 -145.29
N ALA WA 100 -9.56 -64.12 -144.12
CA ALA WA 100 -8.82 -64.44 -142.91
C ALA WA 100 -8.29 -65.85 -142.95
N VAL WA 101 -9.07 -66.78 -143.51
CA VAL WA 101 -8.65 -68.18 -143.57
C VAL WA 101 -7.42 -68.31 -144.46
N ILE WA 102 -7.56 -67.97 -145.74
CA ILE WA 102 -6.46 -68.17 -146.68
C ILE WA 102 -5.23 -67.42 -146.21
N SER WA 103 -5.42 -66.18 -145.76
CA SER WA 103 -4.30 -65.42 -145.21
C SER WA 103 -3.59 -66.21 -144.12
N ALA WA 104 -4.35 -66.72 -143.15
CA ALA WA 104 -3.75 -67.53 -142.11
C ALA WA 104 -2.90 -68.64 -142.73
N PHE WA 105 -3.47 -69.35 -143.70
CA PHE WA 105 -2.73 -70.43 -144.32
C PHE WA 105 -1.41 -69.92 -144.87
N SER WA 106 -1.43 -68.79 -145.56
CA SER WA 106 -0.18 -68.23 -146.07
C SER WA 106 0.83 -68.12 -144.95
N THR WA 107 0.44 -67.50 -143.84
CA THR WA 107 1.32 -67.43 -142.69
C THR WA 107 1.78 -68.82 -142.30
N MET WA 108 0.83 -69.74 -142.14
CA MET WA 108 1.15 -71.08 -141.71
C MET WA 108 2.05 -71.78 -142.72
N MET WA 109 2.11 -71.30 -143.95
CA MET WA 109 3.03 -71.86 -144.93
C MET WA 109 4.41 -71.20 -144.85
N SER WA 110 4.46 -69.89 -144.60
CA SER WA 110 5.75 -69.22 -144.48
C SER WA 110 6.58 -69.87 -143.38
N VAL WA 111 6.01 -69.99 -142.18
CA VAL WA 111 6.72 -70.59 -141.08
C VAL WA 111 7.17 -72.00 -141.42
N HIS WA 112 6.54 -72.63 -142.41
CA HIS WA 112 6.97 -73.97 -142.81
C HIS WA 112 8.33 -73.93 -143.46
N ARG WA 113 8.53 -72.99 -144.39
CA ARG WA 113 9.75 -72.96 -145.18
C ARG WA 113 10.80 -72.03 -144.60
N GLY WA 114 10.55 -71.43 -143.45
CA GLY WA 114 11.57 -70.67 -142.76
C GLY WA 114 11.58 -69.18 -143.01
N GLU WA 115 10.52 -68.62 -143.58
CA GLU WA 115 10.46 -67.18 -143.85
C GLU WA 115 10.19 -66.42 -142.55
N VAL WA 116 11.11 -66.55 -141.61
CA VAL WA 116 11.03 -65.85 -140.33
C VAL WA 116 10.89 -64.36 -140.61
N PRO WA 117 9.73 -63.76 -140.35
CA PRO WA 117 9.53 -62.36 -140.72
C PRO WA 117 10.34 -61.43 -139.84
N CYS WA 118 10.55 -60.22 -140.34
CA CYS WA 118 11.24 -59.18 -139.58
C CYS WA 118 10.61 -57.85 -139.94
N THR WA 119 11.08 -56.80 -139.26
CA THR WA 119 10.54 -55.47 -139.52
C THR WA 119 11.52 -54.43 -138.99
N VAL WA 120 11.73 -53.38 -139.76
CA VAL WA 120 12.64 -52.30 -139.40
C VAL WA 120 11.91 -50.98 -139.56
N THR WA 121 11.94 -50.16 -138.51
CA THR WA 121 11.28 -48.86 -138.52
C THR WA 121 12.32 -47.77 -138.28
N THR WA 122 12.35 -46.79 -139.18
CA THR WA 122 13.33 -45.71 -139.13
C THR WA 122 12.62 -44.39 -139.35
N ALA WA 123 13.33 -43.30 -139.07
CA ALA WA 123 12.81 -41.96 -139.31
C ALA WA 123 12.99 -41.50 -140.75
N SER WA 124 13.76 -42.22 -141.55
CA SER WA 124 13.97 -41.87 -142.95
C SER WA 124 14.32 -43.14 -143.72
N ALA WA 125 14.43 -43.01 -145.04
CA ALA WA 125 14.78 -44.14 -145.89
C ALA WA 125 16.18 -44.63 -145.54
N LEU WA 126 16.62 -45.70 -146.20
CA LEU WA 126 17.92 -46.30 -145.93
C LEU WA 126 18.66 -46.52 -147.24
N ASP WA 127 19.94 -46.16 -147.25
CA ASP WA 127 20.77 -46.37 -148.43
C ASP WA 127 20.97 -47.86 -148.66
N GLU WA 128 20.90 -48.28 -149.93
CA GLU WA 128 20.89 -49.69 -150.25
C GLU WA 128 22.11 -50.41 -149.69
N ALA WA 129 23.25 -49.72 -149.62
CA ALA WA 129 24.41 -50.33 -148.97
C ALA WA 129 24.13 -50.58 -147.50
N THR WA 130 23.58 -49.57 -146.81
CA THR WA 130 23.26 -49.73 -145.41
C THR WA 130 22.19 -50.80 -145.20
N LEU WA 131 21.16 -50.80 -146.06
CA LEU WA 131 20.11 -51.79 -145.94
C LEU WA 131 20.66 -53.19 -146.17
N THR WA 132 21.58 -53.33 -147.12
CA THR WA 132 22.14 -54.65 -147.41
C THR WA 132 23.01 -55.16 -146.27
N GLU WA 133 23.85 -54.29 -145.70
CA GLU WA 133 24.63 -54.72 -144.54
C GLU WA 133 23.71 -55.04 -143.37
N LEU WA 134 22.61 -54.29 -143.23
CA LEU WA 134 21.62 -54.60 -142.21
C LEU WA 134 21.04 -55.99 -142.41
N LYS WA 135 20.68 -56.32 -143.65
CA LYS WA 135 20.18 -57.66 -143.94
C LYS WA 135 21.22 -58.71 -143.59
N THR WA 136 22.48 -58.45 -143.93
CA THR WA 136 23.53 -59.42 -143.67
C THR WA 136 23.67 -59.67 -142.18
N VAL WA 137 23.62 -58.62 -141.36
CA VAL WA 137 23.74 -58.82 -139.92
C VAL WA 137 22.51 -59.52 -139.38
N LEU WA 138 21.31 -59.12 -139.81
CA LEU WA 138 20.10 -59.75 -139.31
C LEU WA 138 20.08 -61.23 -139.63
N LYS WA 139 20.62 -61.62 -140.79
CA LYS WA 139 20.69 -63.03 -141.13
C LYS WA 139 21.43 -63.81 -140.06
N SER WA 140 22.37 -63.18 -139.36
CA SER WA 140 23.12 -63.87 -138.33
C SER WA 140 22.25 -64.27 -137.15
N PHE WA 141 21.12 -63.60 -136.94
CA PHE WA 141 20.27 -63.91 -135.80
C PHE WA 141 19.59 -65.26 -135.96
N LEU WA 142 19.31 -65.67 -137.20
CA LEU WA 142 18.44 -66.80 -137.46
C LEU WA 142 19.18 -68.11 -137.19
N SER WA 143 18.60 -69.21 -137.65
CA SER WA 143 19.20 -70.53 -137.55
C SER WA 143 19.41 -71.06 -138.96
N LYS WA 144 19.92 -72.29 -139.05
CA LYS WA 144 20.11 -72.92 -140.34
C LYS WA 144 18.77 -73.34 -140.93
N GLY WA 145 18.61 -73.10 -142.22
CA GLY WA 145 17.37 -73.39 -142.91
C GLY WA 145 16.50 -72.16 -143.03
N GLN WA 146 16.43 -71.36 -141.97
CA GLN WA 146 15.62 -70.17 -142.00
C GLN WA 146 16.24 -69.12 -142.91
N VAL WA 147 15.38 -68.29 -143.50
CA VAL WA 147 15.81 -67.21 -144.39
C VAL WA 147 15.06 -65.95 -143.99
N LEU WA 148 15.79 -64.85 -143.89
CA LEU WA 148 15.18 -63.59 -143.48
C LEU WA 148 14.10 -63.17 -144.47
N LYS WA 149 13.05 -62.53 -143.96
CA LYS WA 149 12.01 -61.92 -144.78
C LYS WA 149 11.84 -60.49 -144.27
N LEU WA 150 12.70 -59.59 -144.72
CA LEU WA 150 12.74 -58.24 -144.18
C LEU WA 150 11.54 -57.44 -144.66
N GLU WA 151 11.14 -56.45 -143.86
CA GLU WA 151 10.10 -55.51 -144.24
C GLU WA 151 10.46 -54.13 -143.71
N VAL WA 152 10.91 -53.26 -144.60
CA VAL WA 152 11.23 -51.89 -144.21
C VAL WA 152 9.94 -51.13 -143.91
N LYS WA 153 10.06 -50.14 -143.03
CA LYS WA 153 8.96 -49.26 -142.69
C LYS WA 153 9.56 -47.92 -142.28
N ILE WA 154 8.75 -46.87 -142.37
CA ILE WA 154 9.18 -45.51 -142.04
C ILE WA 154 8.12 -44.89 -141.14
N ASP WA 155 8.59 -44.27 -140.05
CA ASP WA 155 7.73 -43.49 -139.18
C ASP WA 155 8.51 -42.25 -138.72
N PRO WA 156 7.84 -41.12 -138.53
CA PRO WA 156 8.53 -39.94 -138.01
C PRO WA 156 8.49 -39.82 -136.49
N SER WA 157 7.63 -40.59 -135.82
CA SER WA 157 7.50 -40.49 -134.38
C SER WA 157 8.82 -40.80 -133.69
N ILE WA 158 9.51 -41.83 -134.13
CA ILE WA 158 10.84 -42.12 -133.62
C ILE WA 158 11.84 -41.24 -134.37
N MET WA 159 12.70 -40.57 -133.62
CA MET WA 159 13.58 -39.58 -134.22
C MET WA 159 14.81 -40.22 -134.83
N GLY WA 160 15.62 -40.88 -134.00
CA GLY WA 160 16.89 -41.41 -134.47
C GLY WA 160 16.96 -42.92 -134.39
N GLY WA 161 18.10 -43.48 -134.73
CA GLY WA 161 18.27 -44.92 -134.66
C GLY WA 161 17.19 -45.63 -135.45
N MET WA 162 16.67 -46.72 -134.90
CA MET WA 162 15.56 -47.44 -135.51
C MET WA 162 15.04 -48.45 -134.50
N ILE WA 163 14.02 -49.19 -134.92
CA ILE WA 163 13.42 -50.27 -134.15
C ILE WA 163 13.44 -51.51 -135.01
N VAL WA 164 13.87 -52.63 -134.43
CA VAL WA 164 14.01 -53.88 -135.16
C VAL WA 164 13.18 -54.94 -134.46
N ARG WA 165 12.43 -55.71 -135.25
CA ARG WA 165 11.66 -56.85 -134.78
C ARG WA 165 12.06 -58.08 -135.57
N ILE WA 166 12.44 -59.14 -134.86
CA ILE WA 166 12.83 -60.41 -135.47
C ILE WA 166 11.91 -61.45 -134.87
N GLY WA 167 10.80 -61.74 -135.54
CA GLY WA 167 9.84 -62.66 -134.99
C GLY WA 167 9.37 -62.19 -133.63
N GLU WA 168 9.83 -62.86 -132.58
CA GLU WA 168 9.50 -62.46 -131.22
C GLU WA 168 10.45 -61.40 -130.68
N LYS WA 169 11.74 -61.53 -130.96
CA LYS WA 169 12.71 -60.60 -130.41
C LYS WA 169 12.47 -59.20 -130.93
N TYR WA 170 12.87 -58.21 -130.15
CA TYR WA 170 12.53 -56.83 -130.43
C TYR WA 170 13.55 -55.94 -129.74
N VAL WA 171 14.24 -55.10 -130.52
CA VAL WA 171 15.21 -54.16 -129.98
C VAL WA 171 14.85 -52.77 -130.44
N ASP WA 172 14.72 -51.85 -129.50
CA ASP WA 172 14.31 -50.47 -129.76
C ASP WA 172 15.53 -49.59 -129.55
N MET WA 173 16.18 -49.22 -130.64
CA MET WA 173 17.32 -48.31 -130.61
C MET WA 173 16.92 -46.89 -130.99
N SER WA 174 15.63 -46.60 -131.05
CA SER WA 174 15.15 -45.26 -131.36
C SER WA 174 15.82 -44.22 -130.49
N ALA WA 175 15.88 -42.98 -130.97
CA ALA WA 175 16.32 -41.88 -130.11
C ALA WA 175 15.23 -41.50 -129.13
N LYS WA 176 13.97 -41.75 -129.48
CA LYS WA 176 12.88 -41.45 -128.56
C LYS WA 176 13.04 -42.22 -127.25
N THR WA 177 13.25 -43.53 -127.35
CA THR WA 177 13.39 -44.34 -126.14
C THR WA 177 14.62 -43.94 -125.36
N LYS WA 178 15.73 -43.67 -126.03
CA LYS WA 178 16.92 -43.26 -125.32
C LYS WA 178 16.71 -41.95 -124.59
N ILE WA 179 16.06 -40.98 -125.24
CA ILE WA 179 15.78 -39.71 -124.60
C ILE WA 179 14.90 -39.92 -123.39
N GLN WA 180 13.86 -40.73 -123.52
CA GLN WA 180 12.99 -40.99 -122.39
C GLN WA 180 13.75 -41.65 -121.25
N LYS WA 181 14.59 -42.64 -121.57
CA LYS WA 181 15.33 -43.34 -120.53
C LYS WA 181 16.26 -42.39 -119.80
N LEU WA 182 16.97 -41.54 -120.54
CA LEU WA 182 17.84 -40.55 -119.90
C LEU WA 182 17.04 -39.62 -119.01
N SER WA 183 15.92 -39.11 -119.52
CA SER WA 183 15.13 -38.15 -118.75
C SER WA 183 14.60 -38.77 -117.47
N ARG WA 184 14.08 -39.99 -117.55
CA ARG WA 184 13.56 -40.64 -116.35
C ARG WA 184 14.69 -40.94 -115.37
N ALA WA 185 15.78 -41.54 -115.86
CA ALA WA 185 16.85 -41.92 -114.95
C ALA WA 185 17.43 -40.70 -114.25
N MET WA 186 17.63 -39.61 -114.98
CA MET WA 186 18.20 -38.43 -114.35
C MET WA 186 17.20 -37.76 -113.41
N ARG WA 187 15.93 -37.69 -113.81
CA ARG WA 187 14.92 -37.14 -112.92
C ARG WA 187 14.80 -37.97 -111.64
N GLU WA 188 14.77 -39.29 -111.78
CA GLU WA 188 14.68 -40.19 -110.64
C GLU WA 188 16.07 -40.59 -110.16
N MET XA 1 -64.82 -40.02 38.45
CA MET XA 1 -64.27 -40.34 37.10
C MET XA 1 -64.59 -39.20 36.16
N ASN XA 2 -64.51 -37.98 36.69
CA ASN XA 2 -64.70 -36.76 35.91
C ASN XA 2 -63.39 -36.01 35.67
N GLU XA 3 -62.59 -35.81 36.72
CA GLU XA 3 -61.26 -35.28 36.57
C GLU XA 3 -60.20 -36.38 36.49
N ASN XA 4 -60.61 -37.63 36.62
CA ASN XA 4 -59.72 -38.76 36.43
C ASN XA 4 -59.44 -39.03 34.97
N LEU XA 5 -59.86 -38.14 34.08
CA LEU XA 5 -59.67 -38.30 32.65
C LEU XA 5 -58.98 -37.09 32.04
N PHE XA 6 -59.21 -35.91 32.60
CA PHE XA 6 -58.54 -34.70 32.16
C PHE XA 6 -57.24 -34.45 32.90
N THR XA 7 -56.86 -35.32 33.83
CA THR XA 7 -55.66 -35.07 34.60
C THR XA 7 -54.44 -34.95 33.70
N SER XA 8 -54.31 -35.85 32.73
CA SER XA 8 -53.12 -35.89 31.91
C SER XA 8 -53.00 -34.71 30.98
N PHE XA 9 -54.03 -33.88 30.85
CA PHE XA 9 -53.93 -32.69 30.01
C PHE XA 9 -53.56 -31.46 30.81
N ILE XA 10 -53.49 -31.56 32.13
CA ILE XA 10 -53.11 -30.42 32.96
C ILE XA 10 -51.67 -30.05 32.66
N THR XA 11 -51.41 -28.77 32.45
CA THR XA 11 -50.06 -28.34 32.17
C THR XA 11 -49.14 -28.77 33.30
N PRO XA 12 -47.93 -29.24 33.02
CA PRO XA 12 -47.07 -29.72 34.09
C PRO XA 12 -46.26 -28.59 34.70
N VAL XA 13 -46.25 -28.53 36.02
CA VAL XA 13 -45.32 -27.67 36.74
C VAL XA 13 -44.93 -28.37 38.03
N ILE XA 14 -43.69 -28.83 38.12
CA ILE XA 14 -43.26 -29.56 39.30
C ILE XA 14 -43.27 -28.65 40.51
N LEU XA 15 -42.85 -27.40 40.33
CA LEU XA 15 -43.00 -26.36 41.35
C LEU XA 15 -43.41 -25.10 40.62
N GLY XA 16 -43.36 -23.97 41.30
CA GLY XA 16 -43.82 -22.74 40.68
C GLY XA 16 -42.89 -22.32 39.56
N LEU XA 17 -42.72 -23.19 38.58
CA LEU XA 17 -41.75 -23.00 37.51
C LEU XA 17 -42.23 -23.73 36.27
N PRO XA 18 -41.83 -23.28 35.09
CA PRO XA 18 -42.30 -23.90 33.84
C PRO XA 18 -41.52 -25.13 33.42
N LEU XA 19 -41.85 -26.26 34.02
CA LEU XA 19 -41.31 -27.52 33.53
C LEU XA 19 -41.69 -27.75 32.09
N VAL XA 20 -42.89 -27.32 31.70
CA VAL XA 20 -43.43 -27.66 30.39
C VAL XA 20 -42.43 -27.40 29.29
N THR XA 21 -41.58 -26.38 29.46
CA THR XA 21 -40.67 -26.03 28.38
C THR XA 21 -39.82 -27.21 27.98
N LEU XA 22 -39.24 -27.92 28.93
CA LEU XA 22 -38.49 -29.11 28.58
C LEU XA 22 -39.34 -30.07 27.78
N ILE XA 23 -40.56 -30.34 28.27
CA ILE XA 23 -41.47 -31.18 27.50
C ILE XA 23 -41.66 -30.60 26.11
N VAL XA 24 -41.90 -29.28 26.04
CA VAL XA 24 -42.17 -28.67 24.75
C VAL XA 24 -40.94 -28.68 23.87
N LEU XA 25 -39.78 -28.93 24.44
CA LEU XA 25 -38.52 -28.75 23.72
C LEU XA 25 -37.74 -30.03 23.54
N PHE XA 26 -38.04 -31.07 24.30
CA PHE XA 26 -37.37 -32.35 24.12
C PHE XA 26 -37.34 -32.81 22.68
N PRO XA 27 -38.44 -32.76 21.92
CA PRO XA 27 -38.37 -33.19 20.52
C PRO XA 27 -37.14 -32.71 19.80
N SER XA 28 -36.69 -31.48 20.05
CA SER XA 28 -35.56 -30.95 19.32
C SER XA 28 -34.39 -31.91 19.32
N LEU XA 29 -33.94 -32.31 20.50
CA LEU XA 29 -32.69 -33.05 20.56
C LEU XA 29 -32.83 -34.41 19.92
N LEU XA 30 -34.02 -34.76 19.46
CA LEU XA 30 -34.17 -36.01 18.73
C LEU XA 30 -33.75 -35.90 17.28
N PHE XA 31 -33.35 -34.72 16.82
CA PHE XA 31 -33.01 -34.48 15.42
C PHE XA 31 -31.55 -34.06 15.32
N PRO XA 32 -30.63 -34.94 15.60
CA PRO XA 32 -29.22 -34.58 15.56
C PRO XA 32 -28.84 -33.91 14.26
N THR XA 33 -27.67 -33.29 14.21
CA THR XA 33 -27.13 -32.67 13.03
C THR XA 33 -25.71 -33.20 12.82
N SER XA 34 -25.08 -32.79 11.72
CA SER XA 34 -23.72 -33.24 11.44
C SER XA 34 -23.22 -32.53 10.19
N ASN XA 35 -21.96 -32.82 9.84
CA ASN XA 35 -21.35 -32.26 8.64
C ASN XA 35 -20.63 -33.32 7.83
N ARG XA 36 -21.04 -34.57 7.94
CA ARG XA 36 -20.33 -35.68 7.32
C ARG XA 36 -21.05 -36.08 6.03
N LEU XA 37 -20.27 -36.26 4.97
CA LEU XA 37 -20.86 -36.69 3.71
C LEU XA 37 -21.59 -38.02 3.89
N VAL XA 38 -21.19 -38.80 4.88
CA VAL XA 38 -21.88 -40.04 5.23
C VAL XA 38 -22.00 -40.06 6.74
N SER XA 39 -23.16 -39.66 7.25
CA SER XA 39 -23.40 -39.64 8.68
C SER XA 39 -24.06 -40.93 9.10
N ASN XA 40 -24.36 -41.06 10.39
CA ASN XA 40 -25.03 -42.24 10.88
C ASN XA 40 -26.36 -42.45 10.18
N ARG XA 41 -26.93 -43.65 10.36
CA ARG XA 41 -28.21 -43.94 9.74
C ARG XA 41 -29.25 -42.91 10.12
N PHE XA 42 -29.19 -42.43 11.35
CA PHE XA 42 -30.23 -41.58 11.91
C PHE XA 42 -30.33 -40.28 11.13
N VAL XA 43 -29.22 -39.55 11.05
CA VAL XA 43 -29.25 -38.29 10.33
C VAL XA 43 -29.46 -38.51 8.85
N THR XA 44 -28.98 -39.62 8.30
CA THR XA 44 -29.24 -39.87 6.89
C THR XA 44 -30.73 -40.00 6.63
N LEU XA 45 -31.43 -40.76 7.47
CA LEU XA 45 -32.86 -40.92 7.29
C LEU XA 45 -33.56 -39.58 7.43
N GLN XA 46 -33.18 -38.78 8.43
CA GLN XA 46 -33.86 -37.51 8.58
C GLN XA 46 -33.58 -36.60 7.39
N GLN XA 47 -32.35 -36.65 6.88
CA GLN XA 47 -32.03 -35.92 5.66
C GLN XA 47 -32.98 -36.31 4.55
N TRP XA 48 -33.13 -37.61 4.31
CA TRP XA 48 -33.96 -38.08 3.21
C TRP XA 48 -35.40 -37.67 3.41
N MET XA 49 -35.93 -37.87 4.63
CA MET XA 49 -37.31 -37.52 4.88
C MET XA 49 -37.55 -36.04 4.64
N LEU XA 50 -36.66 -35.20 5.16
CA LEU XA 50 -36.86 -33.77 5.01
C LEU XA 50 -36.79 -33.37 3.55
N GLN XA 51 -35.82 -33.91 2.81
CA GLN XA 51 -35.70 -33.58 1.40
C GLN XA 51 -36.96 -33.99 0.65
N LEU XA 52 -37.42 -35.21 0.89
CA LEU XA 52 -38.59 -35.73 0.21
C LEU XA 52 -39.82 -34.89 0.51
N VAL XA 53 -40.03 -34.57 1.78
CA VAL XA 53 -41.21 -33.80 2.15
C VAL XA 53 -41.14 -32.41 1.55
N SER XA 54 -39.97 -31.78 1.58
CA SER XA 54 -39.87 -30.46 0.99
C SER XA 54 -40.19 -30.49 -0.49
N LYS XA 55 -39.63 -31.48 -1.20
CA LYS XA 55 -39.94 -31.60 -2.62
C LYS XA 55 -41.43 -31.77 -2.84
N GLN XA 56 -42.06 -32.65 -2.06
CA GLN XA 56 -43.49 -32.91 -2.24
C GLN XA 56 -44.31 -31.65 -1.99
N MET XA 57 -43.96 -30.90 -0.96
CA MET XA 57 -44.80 -29.81 -0.48
C MET XA 57 -44.49 -28.48 -1.17
N MET XA 58 -43.30 -27.96 -0.95
CA MET XA 58 -43.06 -26.55 -1.24
C MET XA 58 -42.84 -26.30 -2.72
N SER XA 59 -43.01 -27.32 -3.56
CA SER XA 59 -42.70 -27.15 -4.97
C SER XA 59 -43.55 -26.07 -5.61
N ILE XA 60 -44.85 -26.05 -5.30
CA ILE XA 60 -45.78 -25.20 -6.04
C ILE XA 60 -45.54 -23.72 -5.84
N HIS XA 61 -44.79 -23.33 -4.82
CA HIS XA 61 -44.79 -21.92 -4.45
C HIS XA 61 -43.83 -21.12 -5.32
N ASN XA 62 -43.97 -19.80 -5.24
CA ASN XA 62 -43.08 -18.86 -5.87
C ASN XA 62 -41.90 -18.59 -4.94
N SER XA 63 -41.02 -17.67 -5.34
CA SER XA 63 -39.91 -17.25 -4.50
C SER XA 63 -40.26 -17.15 -3.03
N LYS XA 64 -41.37 -16.47 -2.71
CA LYS XA 64 -41.68 -16.22 -1.31
C LYS XA 64 -41.89 -17.51 -0.56
N GLY XA 65 -42.65 -18.44 -1.15
CA GLY XA 65 -42.81 -19.73 -0.51
C GLY XA 65 -41.48 -20.44 -0.34
N GLN XA 66 -40.59 -20.31 -1.33
CA GLN XA 66 -39.25 -20.84 -1.14
C GLN XA 66 -38.63 -20.25 0.11
N THR XA 67 -38.83 -18.96 0.34
CA THR XA 67 -38.33 -18.34 1.56
C THR XA 67 -38.90 -19.05 2.78
N TRP XA 68 -40.21 -19.22 2.80
CA TRP XA 68 -40.87 -19.78 3.98
C TRP XA 68 -40.56 -21.26 4.18
N THR XA 69 -40.00 -21.92 3.18
CA THR XA 69 -39.66 -23.34 3.26
C THR XA 69 -39.16 -23.71 4.65
N LEU XA 70 -38.30 -22.87 5.21
CA LEU XA 70 -37.64 -23.25 6.46
C LEU XA 70 -38.65 -23.39 7.58
N MET XA 71 -39.47 -22.37 7.81
CA MET XA 71 -40.42 -22.49 8.91
C MET XA 71 -41.50 -23.49 8.59
N LEU XA 72 -41.82 -23.71 7.32
CA LEU XA 72 -42.78 -24.77 7.00
C LEU XA 72 -42.24 -26.13 7.42
N MET XA 73 -41.01 -26.44 7.04
CA MET XA 73 -40.42 -27.72 7.40
C MET XA 73 -40.28 -27.85 8.91
N SER XA 74 -39.79 -26.81 9.55
CA SER XA 74 -39.66 -26.85 11.00
C SER XA 74 -41.01 -27.06 11.64
N LEU XA 75 -42.04 -26.43 11.11
CA LEU XA 75 -43.37 -26.55 11.69
C LEU XA 75 -43.87 -27.98 11.59
N ILE XA 76 -43.78 -28.58 10.41
CA ILE XA 76 -44.25 -29.94 10.25
C ILE XA 76 -43.48 -30.87 11.17
N LEU XA 77 -42.16 -30.73 11.21
CA LEU XA 77 -41.38 -31.63 12.05
C LEU XA 77 -41.74 -31.44 13.52
N PHE XA 78 -41.88 -30.20 13.95
CA PHE XA 78 -42.24 -29.94 15.33
C PHE XA 78 -43.55 -30.61 15.69
N ILE XA 79 -44.59 -30.39 14.88
CA ILE XA 79 -45.89 -30.90 15.23
C ILE XA 79 -45.88 -32.43 15.20
N GLY XA 80 -45.34 -33.01 14.13
CA GLY XA 80 -45.31 -34.45 14.04
C GLY XA 80 -44.57 -35.08 15.21
N SER XA 81 -43.40 -34.54 15.53
CA SER XA 81 -42.62 -35.08 16.63
C SER XA 81 -43.33 -34.92 17.97
N THR XA 82 -43.88 -33.74 18.24
CA THR XA 82 -44.53 -33.53 19.53
C THR XA 82 -45.67 -34.50 19.70
N ASN XA 83 -46.57 -34.54 18.73
CA ASN XA 83 -47.76 -35.34 18.90
C ASN XA 83 -47.54 -36.80 18.56
N LEU XA 84 -46.33 -37.19 18.17
CA LEU XA 84 -45.96 -38.60 18.19
C LEU XA 84 -45.43 -39.00 19.55
N LEU XA 85 -44.51 -38.21 20.11
CA LEU XA 85 -44.09 -38.48 21.48
C LEU XA 85 -45.27 -38.49 22.42
N GLY XA 86 -46.28 -37.67 22.14
CA GLY XA 86 -47.43 -37.64 23.01
C GLY XA 86 -48.06 -39.00 23.19
N LEU XA 87 -47.97 -39.86 22.18
CA LEU XA 87 -48.60 -41.17 22.29
C LEU XA 87 -47.95 -42.04 23.34
N LEU XA 88 -46.74 -41.70 23.79
CA LEU XA 88 -46.10 -42.51 24.80
C LEU XA 88 -46.93 -42.46 26.09
N PRO XA 89 -46.84 -43.48 26.92
CA PRO XA 89 -47.82 -43.65 27.98
C PRO XA 89 -48.22 -42.40 28.74
N HIS XA 90 -47.28 -41.72 29.39
CA HIS XA 90 -47.62 -40.61 30.26
C HIS XA 90 -47.24 -39.27 29.67
N SER XA 91 -46.83 -39.25 28.41
CA SER XA 91 -46.42 -38.00 27.80
C SER XA 91 -47.53 -36.98 27.90
N PHE XA 92 -47.16 -35.76 28.27
CA PHE XA 92 -48.06 -34.62 28.18
C PHE XA 92 -47.87 -34.02 26.79
N THR XA 93 -48.83 -34.27 25.91
CA THR XA 93 -48.70 -33.86 24.52
C THR XA 93 -48.99 -32.38 24.37
N PRO XA 94 -47.98 -31.55 24.22
CA PRO XA 94 -48.22 -30.10 24.30
C PRO XA 94 -49.14 -29.57 23.22
N THR XA 95 -49.32 -30.27 22.11
CA THR XA 95 -50.21 -29.75 21.07
C THR XA 95 -51.68 -29.80 21.48
N THR XA 96 -52.03 -30.52 22.54
CA THR XA 96 -53.42 -30.53 22.98
C THR XA 96 -53.85 -29.14 23.42
N GLN XA 97 -52.98 -28.42 24.12
CA GLN XA 97 -53.35 -27.09 24.60
C GLN XA 97 -53.73 -26.21 23.43
N LEU XA 98 -54.85 -25.49 23.57
CA LEU XA 98 -55.13 -24.45 22.57
C LEU XA 98 -54.11 -23.35 22.64
N SER XA 99 -53.42 -23.22 23.77
CA SER XA 99 -52.49 -22.12 23.94
C SER XA 99 -51.47 -22.10 22.80
N MET XA 100 -50.67 -23.16 22.70
CA MET XA 100 -49.63 -23.15 21.70
C MET XA 100 -50.20 -23.35 20.30
N ASN XA 101 -51.31 -24.07 20.17
CA ASN XA 101 -51.92 -24.19 18.85
C ASN XA 101 -52.25 -22.82 18.29
N LEU XA 102 -52.91 -21.96 19.09
CA LEU XA 102 -53.15 -20.60 18.65
C LEU XA 102 -51.84 -19.85 18.45
N GLY XA 103 -50.93 -19.99 19.42
CA GLY XA 103 -49.65 -19.31 19.31
C GLY XA 103 -48.94 -19.63 18.02
N MET XA 104 -49.21 -20.79 17.45
CA MET XA 104 -48.53 -21.29 16.27
C MET XA 104 -49.35 -21.06 15.02
N ALA XA 105 -50.66 -20.89 15.17
CA ALA XA 105 -51.56 -20.77 14.04
C ALA XA 105 -51.78 -19.32 13.65
N ILE XA 106 -52.18 -18.48 14.59
CA ILE XA 106 -52.63 -17.15 14.21
C ILE XA 106 -51.46 -16.29 13.74
N PRO XA 107 -50.23 -16.46 14.23
CA PRO XA 107 -49.17 -15.59 13.73
C PRO XA 107 -48.72 -16.02 12.35
N LEU XA 108 -48.69 -17.32 12.09
CA LEU XA 108 -48.32 -17.77 10.75
C LEU XA 108 -49.31 -17.29 9.71
N TRP XA 109 -50.60 -17.53 9.95
CA TRP XA 109 -51.61 -17.06 9.02
C TRP XA 109 -51.61 -15.55 8.94
N ALA XA 110 -51.38 -14.87 10.06
CA ALA XA 110 -51.30 -13.42 10.02
C ALA XA 110 -50.16 -12.96 9.13
N GLY XA 111 -49.02 -13.61 9.24
CA GLY XA 111 -47.90 -13.26 8.37
C GLY XA 111 -48.23 -13.51 6.92
N ALA XA 112 -48.92 -14.62 6.63
CA ALA XA 112 -49.30 -14.90 5.25
C ALA XA 112 -50.18 -13.79 4.71
N VAL XA 113 -51.21 -13.41 5.47
CA VAL XA 113 -52.14 -12.39 5.00
C VAL XA 113 -51.43 -11.06 4.85
N ILE XA 114 -50.58 -10.70 5.81
CA ILE XA 114 -49.89 -9.43 5.73
C ILE XA 114 -48.94 -9.42 4.56
N THR XA 115 -48.33 -10.55 4.24
CA THR XA 115 -47.50 -10.62 3.03
C THR XA 115 -48.35 -10.38 1.80
N GLY XA 116 -49.48 -11.08 1.70
CA GLY XA 116 -50.35 -10.89 0.56
C GLY XA 116 -50.80 -9.44 0.42
N PHE XA 117 -50.95 -8.74 1.54
CA PHE XA 117 -51.36 -7.34 1.49
C PHE XA 117 -50.19 -6.44 1.11
N ARG XA 118 -49.17 -6.39 1.96
CA ARG XA 118 -48.09 -5.44 1.76
C ARG XA 118 -47.32 -5.72 0.47
N ASN XA 119 -47.50 -6.88 -0.13
CA ASN XA 119 -46.87 -7.17 -1.42
C ASN XA 119 -47.80 -6.77 -2.57
N LYS XA 120 -48.99 -7.38 -2.64
CA LYS XA 120 -49.95 -7.12 -3.71
C LYS XA 120 -51.32 -6.95 -3.07
N THR XA 121 -51.67 -5.69 -2.77
CA THR XA 121 -52.98 -5.41 -2.20
C THR XA 121 -54.09 -5.68 -3.20
N LYS XA 122 -53.84 -5.43 -4.48
CA LYS XA 122 -54.88 -5.46 -5.48
C LYS XA 122 -55.56 -6.82 -5.51
N ALA XA 123 -54.83 -7.85 -5.95
CA ALA XA 123 -55.44 -9.16 -6.10
C ALA XA 123 -55.87 -9.73 -4.76
N SER XA 124 -55.09 -9.47 -3.72
CA SER XA 124 -55.46 -9.98 -2.40
C SER XA 124 -56.85 -9.49 -2.01
N LEU XA 125 -57.10 -8.20 -2.20
CA LEU XA 125 -58.44 -7.69 -1.93
C LEU XA 125 -59.46 -8.26 -2.90
N ALA XA 126 -59.11 -8.34 -4.18
CA ALA XA 126 -60.09 -8.74 -5.17
C ALA XA 126 -60.57 -10.17 -4.94
N HIS XA 127 -59.75 -10.99 -4.29
CA HIS XA 127 -60.14 -12.38 -4.08
C HIS XA 127 -61.45 -12.50 -3.32
N PHE XA 128 -61.83 -11.47 -2.56
CA PHE XA 128 -63.02 -11.57 -1.72
C PHE XA 128 -64.32 -11.63 -2.51
N LEU XA 129 -64.28 -11.70 -3.84
CA LEU XA 129 -65.47 -12.10 -4.57
C LEU XA 129 -65.01 -12.80 -5.84
N PRO XA 130 -65.44 -14.04 -6.08
CA PRO XA 130 -64.94 -14.78 -7.23
C PRO XA 130 -65.35 -14.15 -8.55
N GLN XA 131 -64.56 -14.47 -9.58
CA GLN XA 131 -64.79 -13.92 -10.90
C GLN XA 131 -66.19 -14.27 -11.39
N GLY XA 132 -66.83 -13.30 -12.03
CA GLY XA 132 -68.16 -13.53 -12.58
C GLY XA 132 -69.22 -13.79 -11.53
N THR XA 133 -69.09 -13.17 -10.38
CA THR XA 133 -70.12 -13.29 -9.36
C THR XA 133 -71.30 -12.38 -9.73
N PRO XA 134 -72.54 -12.89 -9.72
CA PRO XA 134 -73.67 -12.05 -10.07
C PRO XA 134 -73.74 -10.82 -9.18
N THR XA 135 -74.06 -9.69 -9.80
CA THR XA 135 -74.09 -8.42 -9.07
C THR XA 135 -75.10 -8.41 -7.93
N PRO XA 136 -76.35 -8.86 -8.11
CA PRO XA 136 -77.36 -8.59 -7.08
C PRO XA 136 -77.02 -9.15 -5.70
N LEU XA 137 -76.23 -10.21 -5.63
CA LEU XA 137 -76.00 -10.91 -4.37
C LEU XA 137 -74.55 -10.84 -3.91
N ILE XA 138 -73.79 -9.86 -4.38
CA ILE XA 138 -72.38 -9.75 -4.04
C ILE XA 138 -72.22 -9.70 -2.52
N PRO XA 139 -72.73 -8.67 -1.85
CA PRO XA 139 -72.41 -8.54 -0.41
C PRO XA 139 -72.74 -9.77 0.40
N MET XA 140 -73.89 -10.40 0.14
CA MET XA 140 -74.22 -11.67 0.78
C MET XA 140 -73.17 -12.74 0.49
N LEU XA 141 -72.21 -12.45 -0.38
CA LEU XA 141 -71.08 -13.33 -0.64
C LEU XA 141 -69.78 -12.79 -0.09
N VAL XA 142 -69.54 -11.49 -0.19
CA VAL XA 142 -68.29 -10.94 0.31
C VAL XA 142 -68.22 -11.06 1.82
N ILE XA 143 -69.35 -10.89 2.51
CA ILE XA 143 -69.35 -11.10 3.95
C ILE XA 143 -68.94 -12.53 4.26
N ILE XA 144 -69.45 -13.48 3.46
CA ILE XA 144 -69.11 -14.88 3.67
C ILE XA 144 -67.61 -15.07 3.49
N GLU XA 145 -67.05 -14.47 2.44
CA GLU XA 145 -65.62 -14.62 2.21
C GLU XA 145 -64.81 -14.08 3.37
N THR XA 146 -65.20 -12.91 3.87
CA THR XA 146 -64.45 -12.32 4.97
C THR XA 146 -64.52 -13.20 6.20
N ILE XA 147 -65.70 -13.71 6.53
CA ILE XA 147 -65.81 -14.51 7.74
C ILE XA 147 -65.04 -15.81 7.59
N SER XA 148 -65.02 -16.39 6.38
CA SER XA 148 -64.20 -17.58 6.18
C SER XA 148 -62.73 -17.26 6.36
N LEU XA 149 -62.28 -16.14 5.80
CA LEU XA 149 -60.90 -15.74 6.01
C LEU XA 149 -60.59 -15.68 7.48
N PHE XA 150 -61.45 -15.02 8.25
CA PHE XA 150 -61.15 -14.79 9.65
C PHE XA 150 -61.30 -16.05 10.48
N ILE XA 151 -62.08 -17.03 10.03
CA ILE XA 151 -62.20 -18.26 10.79
C ILE XA 151 -61.08 -19.24 10.45
N GLN XA 152 -60.38 -19.03 9.33
CA GLN XA 152 -59.25 -19.88 8.98
C GLN XA 152 -58.39 -20.23 10.19
N PRO XA 153 -57.78 -19.26 10.88
CA PRO XA 153 -56.88 -19.63 11.99
C PRO XA 153 -57.59 -20.37 13.11
N MET XA 154 -58.79 -19.94 13.48
CA MET XA 154 -59.52 -20.67 14.50
C MET XA 154 -59.75 -22.10 14.07
N ALA XA 155 -60.06 -22.30 12.79
CA ALA XA 155 -60.18 -23.65 12.27
C ALA XA 155 -58.89 -24.38 12.59
N LEU XA 156 -57.77 -23.95 12.00
CA LEU XA 156 -56.49 -24.63 12.23
C LEU XA 156 -56.34 -25.06 13.68
N ALA XA 157 -56.40 -24.08 14.57
CA ALA XA 157 -56.10 -24.36 15.97
C ALA XA 157 -57.03 -25.41 16.54
N VAL XA 158 -58.34 -25.22 16.38
CA VAL XA 158 -59.27 -26.13 17.02
C VAL XA 158 -59.24 -27.49 16.35
N ARG XA 159 -59.10 -27.53 15.04
CA ARG XA 159 -58.93 -28.79 14.34
C ARG XA 159 -57.86 -29.62 15.02
N LEU XA 160 -56.65 -29.06 15.12
CA LEU XA 160 -55.55 -29.82 15.69
C LEU XA 160 -55.82 -30.19 17.14
N THR XA 161 -56.22 -29.22 17.94
CA THR XA 161 -56.44 -29.47 19.36
C THR XA 161 -57.47 -30.56 19.57
N ALA XA 162 -58.62 -30.43 18.93
CA ALA XA 162 -59.69 -31.39 19.12
C ALA XA 162 -59.26 -32.77 18.66
N ASN XA 163 -58.66 -32.88 17.47
CA ASN XA 163 -58.18 -34.17 17.04
C ASN XA 163 -57.38 -34.84 18.14
N ILE XA 164 -56.28 -34.20 18.55
CA ILE XA 164 -55.35 -34.88 19.45
C ILE XA 164 -56.01 -35.17 20.78
N THR XA 165 -56.66 -34.17 21.37
CA THR XA 165 -57.19 -34.36 22.71
C THR XA 165 -58.31 -35.40 22.72
N ALA XA 166 -59.19 -35.36 21.71
CA ALA XA 166 -60.24 -36.36 21.63
C ALA XA 166 -59.65 -37.75 21.51
N GLY XA 167 -58.61 -37.91 20.70
CA GLY XA 167 -58.01 -39.22 20.58
C GLY XA 167 -57.48 -39.72 21.91
N HIS XA 168 -56.74 -38.86 22.61
CA HIS XA 168 -56.16 -39.30 23.89
C HIS XA 168 -57.26 -39.64 24.87
N LEU XA 169 -58.29 -38.80 24.95
CA LEU XA 169 -59.36 -39.04 25.89
C LEU XA 169 -60.09 -40.34 25.59
N LEU XA 170 -60.30 -40.61 24.31
CA LEU XA 170 -60.97 -41.85 23.93
C LEU XA 170 -60.14 -43.04 24.34
N ILE XA 171 -58.82 -42.97 24.12
CA ILE XA 171 -57.96 -44.06 24.58
C ILE XA 171 -58.12 -44.24 26.08
N HIS XA 172 -58.13 -43.15 26.82
CA HIS XA 172 -58.24 -43.26 28.27
C HIS XA 172 -59.54 -43.95 28.66
N LEU XA 173 -60.63 -43.57 28.02
CA LEU XA 173 -61.92 -44.16 28.37
C LEU XA 173 -61.95 -45.65 28.06
N ILE XA 174 -61.40 -46.04 26.92
CA ILE XA 174 -61.38 -47.47 26.59
C ILE XA 174 -60.50 -48.22 27.57
N GLY XA 175 -59.39 -47.61 27.98
CA GLY XA 175 -58.58 -48.23 29.01
C GLY XA 175 -59.36 -48.46 30.28
N GLY XA 176 -60.14 -47.46 30.70
CA GLY XA 176 -60.95 -47.63 31.89
C GLY XA 176 -61.96 -48.73 31.74
N ALA XA 177 -62.59 -48.82 30.56
CA ALA XA 177 -63.57 -49.87 30.32
C ALA XA 177 -62.92 -51.24 30.46
N THR XA 178 -61.79 -51.45 29.80
CA THR XA 178 -61.15 -52.76 29.87
C THR XA 178 -60.66 -53.06 31.29
N LEU XA 179 -60.18 -52.04 31.99
CA LEU XA 179 -59.75 -52.24 33.36
C LEU XA 179 -60.90 -52.71 34.24
N ALA XA 180 -62.07 -52.09 34.07
CA ALA XA 180 -63.23 -52.53 34.83
C ALA XA 180 -63.61 -53.96 34.45
N LEU XA 181 -63.68 -54.24 33.14
CA LEU XA 181 -64.07 -55.56 32.69
C LEU XA 181 -63.10 -56.64 33.15
N MET XA 182 -61.88 -56.28 33.49
CA MET XA 182 -60.96 -57.25 34.07
C MET XA 182 -61.65 -58.07 35.16
N SER XA 183 -62.59 -57.47 35.88
CA SER XA 183 -63.30 -58.13 36.97
C SER XA 183 -64.46 -58.99 36.48
N ILE XA 184 -64.75 -58.98 35.19
CA ILE XA 184 -65.89 -59.67 34.62
C ILE XA 184 -65.36 -60.61 33.53
N SER XA 185 -66.27 -61.37 32.90
CA SER XA 185 -65.89 -62.30 31.85
C SER XA 185 -64.79 -61.73 30.97
N THR XA 186 -63.72 -62.51 30.81
CA THR XA 186 -62.52 -62.01 30.15
C THR XA 186 -62.74 -61.74 28.67
N THR XA 187 -63.63 -62.51 28.03
CA THR XA 187 -63.77 -62.40 26.58
C THR XA 187 -64.05 -60.96 26.17
N THR XA 188 -64.97 -60.30 26.87
CA THR XA 188 -65.25 -58.91 26.56
C THR XA 188 -64.01 -58.04 26.81
N ALA XA 189 -63.22 -58.38 27.82
CA ALA XA 189 -61.99 -57.63 28.04
C ALA XA 189 -61.07 -57.75 26.83
N LEU XA 190 -60.95 -58.95 26.28
CA LEU XA 190 -60.12 -59.12 25.10
C LEU XA 190 -60.68 -58.34 23.92
N ILE XA 191 -62.00 -58.31 23.78
CA ILE XA 191 -62.61 -57.57 22.67
C ILE XA 191 -62.26 -56.09 22.78
N THR XA 192 -62.48 -55.50 23.96
CA THR XA 192 -62.14 -54.10 24.13
C THR XA 192 -60.65 -53.87 23.97
N PHE XA 193 -59.83 -54.85 24.34
CA PHE XA 193 -58.40 -54.71 24.14
C PHE XA 193 -58.06 -54.62 22.65
N THR XA 194 -58.69 -55.46 21.84
CA THR XA 194 -58.46 -55.37 20.40
C THR XA 194 -58.92 -54.04 19.86
N ILE XA 195 -60.06 -53.56 20.34
CA ILE XA 195 -60.49 -52.21 19.94
C ILE XA 195 -59.42 -51.20 20.29
N LEU XA 196 -58.81 -51.35 21.47
CA LEU XA 196 -57.76 -50.43 21.89
C LEU XA 196 -56.55 -50.51 20.96
N ILE XA 197 -56.19 -51.72 20.55
CA ILE XA 197 -55.07 -51.88 19.62
C ILE XA 197 -55.35 -51.09 18.34
N LEU XA 198 -56.53 -51.30 17.76
CA LEU XA 198 -56.87 -50.59 16.53
C LEU XA 198 -56.87 -49.09 16.78
N LEU XA 199 -57.38 -48.68 17.93
CA LEU XA 199 -57.40 -47.26 18.26
C LEU XA 199 -56.00 -46.70 18.27
N THR XA 200 -55.05 -47.41 18.87
CA THR XA 200 -53.68 -46.90 18.95
C THR XA 200 -53.07 -46.78 17.57
N ILE XA 201 -53.28 -47.78 16.72
CA ILE XA 201 -52.78 -47.68 15.35
C ILE XA 201 -53.34 -46.42 14.70
N LEU XA 202 -54.66 -46.25 14.79
CA LEU XA 202 -55.28 -45.07 14.20
C LEU XA 202 -54.75 -43.80 14.84
N GLU XA 203 -54.34 -43.87 16.09
CA GLU XA 203 -53.90 -42.67 16.80
C GLU XA 203 -52.57 -42.19 16.24
N PHE XA 204 -51.64 -43.13 16.04
CA PHE XA 204 -50.41 -42.75 15.35
C PHE XA 204 -50.73 -42.20 13.97
N ALA XA 205 -51.66 -42.84 13.27
CA ALA XA 205 -52.01 -42.39 11.92
C ALA XA 205 -52.50 -40.94 11.96
N VAL XA 206 -53.45 -40.64 12.83
CA VAL XA 206 -54.03 -39.30 12.86
C VAL XA 206 -53.04 -38.29 13.37
N ALA XA 207 -52.12 -38.68 14.25
CA ALA XA 207 -51.07 -37.76 14.65
C ALA XA 207 -50.26 -37.30 13.44
N MET XA 208 -49.76 -38.27 12.67
CA MET XA 208 -49.00 -37.91 11.48
C MET XA 208 -49.84 -37.08 10.53
N ILE XA 209 -51.08 -37.51 10.30
CA ILE XA 209 -51.93 -36.83 9.33
C ILE XA 209 -52.21 -35.41 9.78
N GLN XA 210 -52.38 -35.20 11.09
CA GLN XA 210 -52.68 -33.88 11.59
C GLN XA 210 -51.50 -32.95 11.41
N ALA XA 211 -50.29 -33.42 11.71
CA ALA XA 211 -49.14 -32.59 11.42
C ALA XA 211 -49.11 -32.21 9.95
N TYR XA 212 -49.24 -33.22 9.09
CA TYR XA 212 -49.23 -32.99 7.65
C TYR XA 212 -50.27 -31.97 7.24
N VAL XA 213 -51.48 -32.09 7.77
CA VAL XA 213 -52.58 -31.22 7.34
C VAL XA 213 -52.33 -29.80 7.81
N PHE XA 214 -51.89 -29.64 9.05
CA PHE XA 214 -51.64 -28.29 9.54
C PHE XA 214 -50.65 -27.59 8.62
N THR XA 215 -49.54 -28.26 8.34
CA THR XA 215 -48.54 -27.66 7.46
C THR XA 215 -49.12 -27.39 6.09
N LEU XA 216 -49.87 -28.36 5.55
CA LEU XA 216 -50.39 -28.21 4.20
C LEU XA 216 -51.34 -27.04 4.11
N LEU XA 217 -52.21 -26.89 5.11
CA LEU XA 217 -53.16 -25.78 5.10
C LEU XA 217 -52.43 -24.45 5.14
N VAL XA 218 -51.41 -24.34 5.99
CA VAL XA 218 -50.68 -23.08 6.03
C VAL XA 218 -50.05 -22.80 4.68
N SER XA 219 -49.46 -23.81 4.06
CA SER XA 219 -48.85 -23.61 2.76
C SER XA 219 -49.89 -23.18 1.73
N LEU XA 220 -51.09 -23.77 1.79
CA LEU XA 220 -52.13 -23.37 0.86
C LEU XA 220 -52.48 -21.90 1.04
N TYR XA 221 -52.65 -21.46 2.28
CA TYR XA 221 -52.97 -20.06 2.49
C TYR XA 221 -51.87 -19.16 1.96
N LEU XA 222 -50.62 -19.53 2.25
CA LEU XA 222 -49.50 -18.72 1.80
C LEU XA 222 -49.50 -18.62 0.28
N HIS XA 223 -49.70 -19.74 -0.40
CA HIS XA 223 -49.76 -19.70 -1.85
C HIS XA 223 -50.91 -18.84 -2.33
N ASP XA 224 -52.07 -19.01 -1.70
CA ASP XA 224 -53.26 -18.29 -2.14
C ASP XA 224 -53.09 -16.79 -2.04
N ASN XA 225 -52.29 -16.32 -1.09
CA ASN XA 225 -52.04 -14.90 -0.95
C ASN XA 225 -50.54 -14.64 -0.85
N THR XA 226 -49.78 -15.28 -1.72
CA THR XA 226 -48.34 -15.09 -1.78
C THR XA 226 -48.01 -13.63 -2.02
N PRO YA 1 -10.85 -34.51 7.91
CA PRO YA 1 -10.68 -33.87 9.21
C PRO YA 1 -11.33 -34.65 10.34
N VAL YA 2 -12.63 -34.88 10.24
CA VAL YA 2 -13.32 -35.63 11.29
C VAL YA 2 -12.74 -37.04 11.35
N PRO YA 3 -12.69 -37.68 12.51
CA PRO YA 3 -12.26 -39.07 12.57
C PRO YA 3 -13.19 -39.96 11.76
N PRO YA 4 -12.90 -41.25 11.66
CA PRO YA 4 -13.82 -42.14 10.97
C PRO YA 4 -15.02 -42.44 11.85
N LEU YA 5 -16.16 -42.61 11.22
CA LEU YA 5 -17.36 -42.95 11.95
C LEU YA 5 -17.20 -44.34 12.54
N PRO YA 6 -17.33 -44.53 13.85
CA PRO YA 6 -17.31 -45.89 14.38
C PRO YA 6 -18.29 -46.79 13.66
N GLU YA 7 -18.20 -48.10 13.89
CA GLU YA 7 -19.03 -49.05 13.18
C GLU YA 7 -20.08 -49.71 14.05
N HIS YA 8 -19.95 -49.63 15.37
CA HIS YA 8 -20.92 -50.19 16.29
C HIS YA 8 -21.09 -49.25 17.47
N GLY YA 9 -22.25 -49.34 18.11
CA GLY YA 9 -22.49 -48.69 19.38
C GLY YA 9 -22.73 -49.74 20.44
N GLY YA 10 -22.43 -49.38 21.68
CA GLY YA 10 -22.55 -50.32 22.78
C GLY YA 10 -23.77 -51.20 22.66
N LYS YA 11 -23.56 -52.52 22.61
CA LYS YA 11 -24.65 -53.44 22.46
C LYS YA 11 -25.67 -53.25 23.58
N VAL YA 12 -26.88 -53.72 23.32
CA VAL YA 12 -27.99 -53.50 24.23
C VAL YA 12 -28.86 -54.75 24.25
N ARG YA 13 -29.34 -55.10 25.43
CA ARG YA 13 -30.25 -56.22 25.59
C ARG YA 13 -31.67 -55.68 25.55
N PHE YA 14 -32.50 -56.26 24.69
CA PHE YA 14 -33.87 -55.81 24.45
C PHE YA 14 -33.92 -54.41 23.86
N GLY YA 15 -32.77 -53.85 23.47
CA GLY YA 15 -32.77 -52.44 23.12
C GLY YA 15 -33.17 -51.56 24.27
N LEU YA 16 -33.01 -52.03 25.49
CA LEU YA 16 -33.41 -51.28 26.66
C LEU YA 16 -32.29 -51.14 27.69
N ILE YA 17 -31.45 -52.15 27.85
CA ILE YA 17 -30.35 -52.08 28.80
C ILE YA 17 -29.04 -52.42 28.08
N PRO YA 18 -28.01 -51.59 28.19
CA PRO YA 18 -26.74 -51.93 27.54
C PRO YA 18 -26.17 -53.21 28.12
N GLU YA 19 -25.50 -53.98 27.25
CA GLU YA 19 -24.94 -55.25 27.71
C GLU YA 19 -23.92 -55.06 28.82
N GLU YA 20 -23.27 -53.91 28.89
CA GLU YA 20 -22.28 -53.70 29.95
C GLU YA 20 -22.88 -54.02 31.30
N PHE YA 21 -24.15 -53.65 31.50
CA PHE YA 21 -24.79 -53.91 32.78
C PHE YA 21 -24.67 -55.37 33.16
N PHE YA 22 -25.00 -56.27 32.24
CA PHE YA 22 -24.91 -57.69 32.54
C PHE YA 22 -23.51 -58.07 33.00
N GLN YA 23 -22.49 -57.48 32.39
CA GLN YA 23 -21.13 -57.75 32.84
C GLN YA 23 -21.00 -57.44 34.32
N PHE YA 24 -21.48 -56.28 34.76
CA PHE YA 24 -21.37 -55.92 36.16
C PHE YA 24 -21.99 -56.97 37.07
N LEU YA 25 -22.93 -57.76 36.56
CA LEU YA 25 -23.56 -58.76 37.40
C LEU YA 25 -22.93 -60.14 37.25
N TYR YA 26 -22.18 -60.38 36.17
CA TYR YA 26 -21.61 -61.71 36.01
C TYR YA 26 -20.68 -62.07 37.15
N PRO YA 27 -19.76 -61.21 37.57
CA PRO YA 27 -18.87 -61.61 38.67
C PRO YA 27 -19.61 -62.03 39.92
N LYS YA 28 -20.69 -61.33 40.26
CA LYS YA 28 -21.36 -61.55 41.54
C LYS YA 28 -22.55 -62.48 41.46
N THR YA 29 -23.22 -62.56 40.32
CA THR YA 29 -24.37 -63.45 40.20
C THR YA 29 -24.36 -64.21 38.89
N GLY YA 30 -23.27 -64.16 38.12
CA GLY YA 30 -23.26 -64.85 36.85
C GLY YA 30 -24.35 -64.35 35.95
N VAL YA 31 -25.05 -65.27 35.32
CA VAL YA 31 -25.99 -64.92 34.27
C VAL YA 31 -27.40 -64.67 34.80
N THR YA 32 -27.78 -65.31 35.90
CA THR YA 32 -29.14 -65.18 36.40
C THR YA 32 -29.39 -63.85 37.09
N GLY YA 33 -28.34 -63.15 37.49
CA GLY YA 33 -28.48 -61.91 38.24
C GLY YA 33 -29.47 -60.95 37.62
N PRO YA 34 -29.13 -60.40 36.46
CA PRO YA 34 -29.95 -59.30 35.93
C PRO YA 34 -31.40 -59.67 35.73
N TYR YA 35 -31.69 -60.89 35.28
CA TYR YA 35 -33.07 -61.31 35.12
C TYR YA 35 -33.75 -61.35 36.48
N VAL YA 36 -33.03 -61.82 37.51
CA VAL YA 36 -33.59 -61.81 38.85
C VAL YA 36 -33.91 -60.39 39.28
N LEU YA 37 -32.99 -59.46 39.03
CA LEU YA 37 -33.24 -58.08 39.43
C LEU YA 37 -34.47 -57.53 38.73
N GLY YA 38 -34.59 -57.78 37.43
CA GLY YA 38 -35.73 -57.25 36.71
C GLY YA 38 -37.05 -57.81 37.25
N THR YA 39 -37.14 -59.14 37.33
CA THR YA 39 -38.37 -59.74 37.81
C THR YA 39 -38.67 -59.31 39.24
N GLY YA 40 -37.65 -59.26 40.08
CA GLY YA 40 -37.82 -58.73 41.41
C GLY YA 40 -38.44 -57.36 41.33
N LEU YA 41 -37.72 -56.39 40.78
CA LEU YA 41 -38.19 -55.01 40.83
C LEU YA 41 -39.61 -54.90 40.33
N ILE YA 42 -39.95 -55.64 39.28
CA ILE YA 42 -41.33 -55.63 38.82
C ILE YA 42 -42.26 -56.07 39.95
N LEU YA 43 -41.93 -57.20 40.58
CA LEU YA 43 -42.79 -57.73 41.62
C LEU YA 43 -42.87 -56.79 42.79
N TYR YA 44 -41.75 -56.20 43.18
CA TYR YA 44 -41.73 -55.28 44.31
C TYR YA 44 -42.58 -54.06 44.02
N LEU YA 45 -42.45 -53.48 42.83
CA LEU YA 45 -43.23 -52.30 42.51
C LEU YA 45 -44.71 -52.62 42.46
N LEU YA 46 -45.07 -53.76 41.88
CA LEU YA 46 -46.48 -54.14 41.87
C LEU YA 46 -46.99 -54.31 43.30
N SER YA 47 -46.30 -55.12 44.11
CA SER YA 47 -46.76 -55.41 45.45
C SER YA 47 -46.82 -54.14 46.29
N LYS YA 48 -45.68 -53.53 46.56
CA LYS YA 48 -45.69 -52.24 47.21
C LYS YA 48 -46.46 -51.22 46.39
N GLU YA 49 -46.85 -51.56 45.16
CA GLU YA 49 -47.86 -50.81 44.45
C GLU YA 49 -47.42 -49.38 44.21
N ILE YA 50 -46.12 -49.17 44.03
CA ILE YA 50 -45.64 -47.86 43.63
C ILE YA 50 -46.07 -47.55 42.20
N TYR YA 51 -46.06 -48.56 41.34
CA TYR YA 51 -46.58 -48.44 39.99
C TYR YA 51 -47.98 -49.03 39.97
N VAL YA 52 -48.98 -48.17 39.80
CA VAL YA 52 -50.37 -48.52 39.99
C VAL YA 52 -51.00 -48.81 38.65
N ILE YA 53 -51.66 -49.96 38.52
CA ILE YA 53 -52.37 -50.27 37.30
C ILE YA 53 -53.48 -49.25 37.10
N THR YA 54 -53.55 -48.69 35.89
CA THR YA 54 -54.59 -47.73 35.56
C THR YA 54 -55.03 -48.00 34.13
N PRO YA 55 -56.03 -47.28 33.63
CA PRO YA 55 -56.29 -47.36 32.19
C PRO YA 55 -55.08 -47.04 31.37
N GLU YA 56 -54.32 -46.06 31.85
CA GLU YA 56 -53.13 -45.63 31.14
C GLU YA 56 -52.12 -46.76 31.01
N THR YA 57 -52.13 -47.70 31.97
CA THR YA 57 -51.27 -48.87 31.82
C THR YA 57 -51.67 -49.71 30.62
N PHE YA 58 -52.98 -49.92 30.42
CA PHE YA 58 -53.41 -50.67 29.25
C PHE YA 58 -53.05 -49.93 27.97
N SER YA 59 -53.23 -48.61 27.97
CA SER YA 59 -52.78 -47.84 26.81
C SER YA 59 -51.29 -48.02 26.58
N ALA YA 60 -50.50 -47.99 27.64
CA ALA YA 60 -49.05 -48.11 27.51
C ALA YA 60 -48.67 -49.45 26.92
N ILE YA 61 -49.25 -50.53 27.45
CA ILE YA 61 -48.92 -51.85 26.94
C ILE YA 61 -49.32 -51.94 25.48
N SER YA 62 -50.48 -51.41 25.11
CA SER YA 62 -50.89 -51.46 23.72
C SER YA 62 -49.91 -50.70 22.83
N THR YA 63 -49.54 -49.49 23.23
CA THR YA 63 -48.64 -48.70 22.39
C THR YA 63 -47.28 -49.36 22.26
N ILE YA 64 -46.72 -49.85 23.37
CA ILE YA 64 -45.42 -50.47 23.31
C ILE YA 64 -45.48 -51.75 22.49
N GLY YA 65 -46.56 -52.51 22.62
CA GLY YA 65 -46.71 -53.68 21.78
C GLY YA 65 -46.72 -53.30 20.31
N PHE YA 66 -47.47 -52.27 19.96
CA PHE YA 66 -47.52 -51.85 18.56
C PHE YA 66 -46.15 -51.43 18.08
N LEU YA 67 -45.41 -50.67 18.90
CA LEU YA 67 -44.12 -50.18 18.46
C LEU YA 67 -43.12 -51.32 18.31
N VAL YA 68 -43.09 -52.25 19.27
CA VAL YA 68 -42.17 -53.37 19.15
C VAL YA 68 -42.55 -54.22 17.95
N TYR YA 69 -43.84 -54.34 17.67
CA TYR YA 69 -44.25 -55.06 16.47
C TYR YA 69 -43.73 -54.40 15.21
N ILE YA 70 -43.97 -53.10 15.07
CA ILE YA 70 -43.58 -52.44 13.83
C ILE YA 70 -42.07 -52.43 13.67
N VAL YA 71 -41.33 -52.27 14.76
CA VAL YA 71 -39.87 -52.30 14.64
C VAL YA 71 -39.43 -53.71 14.27
N LYS YA 72 -39.95 -54.72 14.94
CA LYS YA 72 -39.60 -56.09 14.59
C LYS YA 72 -39.88 -56.37 13.13
N LYS YA 73 -40.90 -55.73 12.56
CA LYS YA 73 -41.24 -56.00 11.18
C LYS YA 73 -40.42 -55.20 10.19
N TYR YA 74 -40.09 -53.94 10.48
CA TYR YA 74 -39.52 -53.05 9.47
C TYR YA 74 -38.15 -52.50 9.81
N GLY YA 75 -37.52 -52.96 10.89
CA GLY YA 75 -36.21 -52.44 11.24
C GLY YA 75 -35.16 -52.77 10.20
N ALA YA 76 -35.14 -54.02 9.76
CA ALA YA 76 -34.19 -54.40 8.72
C ALA YA 76 -34.42 -53.57 7.45
N SER YA 77 -35.69 -53.39 7.08
CA SER YA 77 -35.99 -52.66 5.85
C SER YA 77 -35.51 -51.22 5.95
N VAL YA 78 -35.78 -50.56 7.07
CA VAL YA 78 -35.38 -49.16 7.18
C VAL YA 78 -33.87 -49.05 7.26
N GLY YA 79 -33.21 -49.96 7.97
CA GLY YA 79 -31.76 -49.94 7.97
C GLY YA 79 -31.19 -50.08 6.59
N GLU YA 80 -31.72 -51.03 5.82
CA GLU YA 80 -31.26 -51.24 4.46
C GLU YA 80 -31.49 -49.99 3.62
N PHE YA 81 -32.64 -49.37 3.78
CA PHE YA 81 -32.92 -48.17 2.98
C PHE YA 81 -31.95 -47.05 3.33
N ALA YA 82 -31.67 -46.86 4.61
CA ALA YA 82 -30.70 -45.83 5.00
C ALA YA 82 -29.35 -46.13 4.38
N ASP YA 83 -28.92 -47.38 4.44
CA ASP YA 83 -27.69 -47.77 3.76
C ASP YA 83 -27.77 -47.35 2.30
N LYS YA 84 -28.74 -47.92 1.58
CA LYS YA 84 -28.91 -47.65 0.15
C LYS YA 84 -28.70 -46.18 -0.12
N LEU YA 85 -29.31 -45.32 0.70
CA LEU YA 85 -29.06 -43.89 0.53
C LEU YA 85 -27.58 -43.58 0.64
N ASN YA 86 -26.93 -44.10 1.68
CA ASN YA 86 -25.54 -43.75 1.91
C ASN YA 86 -24.66 -44.16 0.74
N GLU YA 87 -24.71 -45.43 0.36
CA GLU YA 87 -23.82 -45.86 -0.71
C GLU YA 87 -24.23 -45.28 -2.06
N GLN YA 88 -25.52 -45.00 -2.27
CA GLN YA 88 -25.86 -44.30 -3.51
C GLN YA 88 -25.16 -42.95 -3.59
N LYS YA 89 -25.26 -42.15 -2.53
CA LYS YA 89 -24.65 -40.82 -2.63
C LYS YA 89 -23.13 -40.93 -2.70
N ILE YA 90 -22.54 -41.83 -1.92
CA ILE YA 90 -21.08 -41.96 -1.96
C ILE YA 90 -20.62 -42.45 -3.32
N ALA YA 91 -21.36 -43.40 -3.91
CA ALA YA 91 -21.01 -43.92 -5.22
C ALA YA 91 -21.12 -42.83 -6.26
N GLN YA 92 -22.18 -42.04 -6.20
CA GLN YA 92 -22.31 -40.94 -7.15
C GLN YA 92 -21.13 -40.01 -7.04
N LEU YA 93 -20.71 -39.69 -5.81
CA LEU YA 93 -19.60 -38.77 -5.65
C LEU YA 93 -18.31 -39.36 -6.20
N GLU YA 94 -17.97 -40.58 -5.79
CA GLU YA 94 -16.73 -41.16 -6.27
C GLU YA 94 -16.76 -41.30 -7.79
N GLU YA 95 -17.94 -41.52 -8.37
CA GLU YA 95 -18.01 -41.66 -9.81
C GLU YA 95 -17.76 -40.33 -10.50
N VAL YA 96 -18.33 -39.24 -9.98
CA VAL YA 96 -18.00 -37.96 -10.58
C VAL YA 96 -16.51 -37.70 -10.42
N LYS YA 97 -15.91 -38.21 -9.34
CA LYS YA 97 -14.46 -38.08 -9.19
C LYS YA 97 -13.74 -38.80 -10.32
N GLN YA 98 -14.14 -40.04 -10.60
CA GLN YA 98 -13.52 -40.79 -11.68
C GLN YA 98 -13.67 -40.05 -12.99
N ALA YA 99 -14.88 -39.56 -13.28
CA ALA YA 99 -15.11 -38.85 -14.52
C ALA YA 99 -14.25 -37.61 -14.60
N SER YA 100 -14.10 -36.89 -13.50
CA SER YA 100 -13.30 -35.68 -13.51
C SER YA 100 -11.84 -35.98 -13.79
N ILE YA 101 -11.29 -37.02 -13.15
CA ILE YA 101 -9.89 -37.33 -13.39
C ILE YA 101 -9.71 -37.82 -14.83
N LYS YA 102 -10.69 -38.56 -15.35
CA LYS YA 102 -10.64 -38.93 -16.75
C LYS YA 102 -10.58 -37.69 -17.62
N GLN YA 103 -11.42 -36.71 -17.32
CA GLN YA 103 -11.45 -35.49 -18.12
C GLN YA 103 -10.10 -34.79 -18.09
N ILE YA 104 -9.51 -34.69 -16.89
CA ILE YA 104 -8.27 -33.94 -16.78
C ILE YA 104 -7.14 -34.67 -17.48
N GLN YA 105 -7.12 -36.00 -17.37
CA GLN YA 105 -6.12 -36.80 -18.06
C GLN YA 105 -6.25 -36.61 -19.56
N ASP YA 106 -7.47 -36.61 -20.08
CA ASP YA 106 -7.67 -36.38 -21.50
C ASP YA 106 -7.19 -34.99 -21.89
N ALA YA 107 -7.43 -34.00 -21.04
CA ALA YA 107 -6.95 -32.66 -21.34
C ALA YA 107 -5.43 -32.66 -21.46
N ILE YA 108 -4.76 -33.34 -20.54
CA ILE YA 108 -3.30 -33.42 -20.59
C ILE YA 108 -2.87 -34.04 -21.90
N ASP YA 109 -3.50 -35.15 -22.27
CA ASP YA 109 -3.09 -35.86 -23.47
C ASP YA 109 -3.32 -35.01 -24.71
N MET YA 110 -4.44 -34.30 -24.76
CA MET YA 110 -4.71 -33.41 -25.87
C MET YA 110 -3.63 -32.33 -25.96
N GLU YA 111 -3.22 -31.80 -24.81
CA GLU YA 111 -2.15 -30.81 -24.82
C GLU YA 111 -0.86 -31.40 -25.38
N LYS YA 112 -0.51 -32.61 -24.96
CA LYS YA 112 0.71 -33.23 -25.50
C LYS YA 112 0.60 -33.40 -27.01
N SER YA 113 -0.54 -33.88 -27.47
CA SER YA 113 -0.68 -34.14 -28.91
C SER YA 113 -0.59 -32.85 -29.70
N GLN YA 114 -1.27 -31.79 -29.27
CA GLN YA 114 -1.18 -30.56 -30.03
C GLN YA 114 0.21 -29.95 -29.92
N GLN YA 115 0.95 -30.24 -28.84
CA GLN YA 115 2.33 -29.82 -28.77
C GLN YA 115 3.16 -30.50 -29.85
N ALA YA 116 2.96 -31.80 -30.04
CA ALA YA 116 3.67 -32.49 -31.12
C ALA YA 116 3.28 -31.91 -32.48
N LEU YA 117 2.00 -31.60 -32.66
CA LEU YA 117 1.58 -30.96 -33.90
C LEU YA 117 2.35 -29.67 -34.13
N VAL YA 118 2.44 -28.85 -33.09
CA VAL YA 118 3.20 -27.61 -33.19
C VAL YA 118 4.63 -27.92 -33.59
N GLN YA 119 5.20 -28.97 -33.01
CA GLN YA 119 6.55 -29.37 -33.39
C GLN YA 119 6.66 -29.60 -34.89
N LYS YA 120 5.72 -30.34 -35.45
CA LYS YA 120 5.79 -30.68 -36.87
C LYS YA 120 5.33 -29.55 -37.78
N ARG YA 121 4.85 -28.46 -37.21
CA ARG YA 121 4.32 -27.32 -37.97
C ARG YA 121 5.05 -26.98 -39.27
N HIS YA 122 6.38 -27.05 -39.30
CA HIS YA 122 7.14 -26.38 -40.36
C HIS YA 122 6.80 -26.85 -41.77
N TYR YA 123 6.19 -28.02 -41.89
CA TYR YA 123 6.03 -28.64 -43.21
C TYR YA 123 5.36 -27.70 -44.19
N LEU YA 124 4.36 -26.95 -43.74
CA LEU YA 124 3.62 -26.07 -44.66
C LEU YA 124 4.54 -25.05 -45.31
N PHE YA 125 5.27 -24.31 -44.48
CA PHE YA 125 6.18 -23.31 -45.01
C PHE YA 125 7.21 -23.97 -45.91
N ASP YA 126 7.66 -25.17 -45.54
CA ASP YA 126 8.68 -25.82 -46.35
C ASP YA 126 8.12 -26.18 -47.73
N VAL YA 127 6.88 -26.65 -47.78
CA VAL YA 127 6.25 -26.93 -49.06
C VAL YA 127 6.17 -25.67 -49.89
N GLN YA 128 5.78 -24.56 -49.25
CA GLN YA 128 5.69 -23.30 -49.98
C GLN YA 128 7.03 -22.95 -50.62
N ARG YA 129 8.12 -23.08 -49.84
CA ARG YA 129 9.42 -22.74 -50.40
C ARG YA 129 9.79 -23.67 -51.54
N ASN YA 130 9.48 -24.95 -51.41
CA ASN YA 130 9.80 -25.91 -52.44
C ASN YA 130 9.13 -25.50 -53.74
N ASN YA 131 7.86 -25.15 -53.61
CA ASN YA 131 7.07 -24.72 -54.75
C ASN YA 131 7.77 -23.56 -55.43
N ILE YA 132 8.04 -22.50 -54.67
CA ILE YA 132 8.65 -21.31 -55.25
C ILE YA 132 9.94 -21.68 -55.97
N ALA YA 133 10.78 -22.45 -55.28
CA ALA YA 133 12.11 -22.72 -55.80
C ALA YA 133 12.05 -23.41 -57.14
N MET YA 134 11.37 -24.56 -57.20
CA MET YA 134 11.47 -25.27 -58.46
C MET YA 134 10.54 -24.70 -59.51
N ALA YA 135 9.57 -23.86 -59.10
CA ALA YA 135 8.87 -23.03 -60.07
C ALA YA 135 9.86 -22.17 -60.83
N LEU YA 136 10.69 -21.44 -60.10
CA LEU YA 136 11.71 -20.62 -60.75
C LEU YA 136 12.62 -21.49 -61.61
N GLU YA 137 13.00 -22.66 -61.09
CA GLU YA 137 13.94 -23.52 -61.82
C GLU YA 137 13.38 -23.95 -63.17
N VAL YA 138 12.12 -24.35 -63.22
CA VAL YA 138 11.64 -24.87 -64.49
C VAL YA 138 11.25 -23.71 -65.40
N THR YA 139 10.99 -22.54 -64.82
CA THR YA 139 10.99 -21.32 -65.63
C THR YA 139 12.34 -21.13 -66.31
N TYR YA 140 13.41 -21.27 -65.55
CA TYR YA 140 14.76 -21.26 -66.09
C TYR YA 140 14.84 -22.15 -67.33
N ARG YA 141 14.52 -23.43 -67.13
CA ARG YA 141 14.76 -24.44 -68.16
C ARG YA 141 13.88 -24.19 -69.38
N GLU YA 142 12.65 -23.73 -69.18
CA GLU YA 142 11.82 -23.41 -70.33
C GLU YA 142 12.33 -22.19 -71.08
N ARG YA 143 12.93 -21.22 -70.38
CA ARG YA 143 13.51 -20.09 -71.11
C ARG YA 143 14.65 -20.57 -71.98
N LEU YA 144 15.48 -21.46 -71.44
CA LEU YA 144 16.53 -22.06 -72.26
C LEU YA 144 15.95 -22.71 -73.50
N HIS YA 145 14.95 -23.58 -73.30
CA HIS YA 145 14.30 -24.22 -74.44
C HIS YA 145 13.82 -23.18 -75.43
N ARG YA 146 13.25 -22.09 -74.93
CA ARG YA 146 12.67 -21.08 -75.80
C ARG YA 146 13.74 -20.49 -76.70
N VAL YA 147 14.84 -20.04 -76.12
CA VAL YA 147 15.88 -19.42 -76.94
C VAL YA 147 16.43 -20.43 -77.94
N TYR YA 148 16.71 -21.64 -77.49
CA TYR YA 148 17.31 -22.63 -78.38
C TYR YA 148 16.37 -22.93 -79.53
N ARG YA 149 15.09 -23.14 -79.24
CA ARG YA 149 14.11 -23.46 -80.28
C ARG YA 149 13.95 -22.29 -81.23
N GLU YA 150 13.90 -21.06 -80.71
CA GLU YA 150 13.71 -19.91 -81.58
C GLU YA 150 14.87 -19.77 -82.56
N VAL YA 151 16.10 -19.90 -82.06
CA VAL YA 151 17.23 -19.77 -82.97
C VAL YA 151 17.21 -20.91 -83.97
N LYS YA 152 16.78 -22.10 -83.54
CA LYS YA 152 16.65 -23.22 -84.47
C LYS YA 152 15.70 -22.87 -85.60
N ASN YA 153 14.54 -22.33 -85.27
CA ASN YA 153 13.57 -21.97 -86.29
C ASN YA 153 14.12 -20.88 -87.22
N ARG YA 154 14.77 -19.87 -86.62
CA ARG YA 154 15.29 -18.77 -87.41
C ARG YA 154 16.30 -19.27 -88.43
N LEU YA 155 17.18 -20.17 -88.01
CA LEU YA 155 18.17 -20.69 -88.94
C LEU YA 155 17.53 -21.65 -89.94
N ASP YA 156 16.46 -22.34 -89.54
CA ASP YA 156 15.86 -23.33 -90.44
C ASP YA 156 15.09 -22.68 -91.58
N TYR YA 157 14.52 -21.48 -91.35
CA TYR YA 157 13.78 -20.95 -92.50
C TYR YA 157 14.71 -20.43 -93.58
N HIS YA 158 16.01 -20.65 -93.44
CA HIS YA 158 16.97 -20.42 -94.51
C HIS YA 158 17.30 -21.68 -95.27
N ILE YA 159 17.44 -22.81 -94.58
CA ILE YA 159 17.56 -24.09 -95.28
C ILE YA 159 16.33 -24.34 -96.11
N SER YA 160 15.16 -23.96 -95.60
CA SER YA 160 13.96 -24.10 -96.41
C SER YA 160 14.11 -23.39 -97.75
N VAL YA 161 14.53 -22.13 -97.71
CA VAL YA 161 14.70 -21.36 -98.93
C VAL YA 161 15.76 -22.01 -99.82
N GLN YA 162 16.87 -22.41 -99.23
CA GLN YA 162 17.95 -22.99 -100.03
C GLN YA 162 17.46 -24.22 -100.77
N ASN YA 163 16.82 -25.13 -100.06
CA ASN YA 163 16.36 -26.37 -100.67
C ASN YA 163 15.33 -26.08 -101.77
N MET YA 164 14.37 -25.20 -101.48
CA MET YA 164 13.35 -24.88 -102.46
C MET YA 164 13.98 -24.32 -103.72
N MET YA 165 14.88 -23.36 -103.56
CA MET YA 165 15.54 -22.75 -104.71
C MET YA 165 16.30 -23.79 -105.51
N ARG YA 166 17.07 -24.63 -104.82
CA ARG YA 166 17.83 -25.66 -105.52
C ARG YA 166 16.93 -26.52 -106.38
N GLN YA 167 15.87 -27.07 -105.78
CA GLN YA 167 15.03 -27.98 -106.54
C GLN YA 167 14.35 -27.26 -107.70
N LYS YA 168 13.84 -26.05 -107.46
CA LYS YA 168 13.11 -25.37 -108.52
C LYS YA 168 14.03 -25.07 -109.70
N GLU YA 169 15.21 -24.53 -109.41
CA GLU YA 169 16.19 -24.33 -110.46
C GLU YA 169 16.49 -25.63 -111.17
N GLN YA 170 16.52 -26.75 -110.43
CA GLN YA 170 16.80 -28.03 -111.07
C GLN YA 170 15.76 -28.36 -112.13
N GLU YA 171 14.48 -28.30 -111.75
CA GLU YA 171 13.46 -28.67 -112.72
C GLU YA 171 13.48 -27.72 -113.91
N HIS YA 172 13.62 -26.42 -113.65
CA HIS YA 172 13.68 -25.49 -114.77
C HIS YA 172 14.85 -25.81 -115.68
N MET YA 173 16.01 -26.14 -115.09
CA MET YA 173 17.18 -26.49 -115.88
C MET YA 173 16.90 -27.68 -116.76
N ILE YA 174 16.24 -28.69 -116.21
CA ILE YA 174 16.01 -29.90 -117.01
C ILE YA 174 15.04 -29.60 -118.14
N ASN YA 175 14.05 -28.75 -117.89
CA ASN YA 175 13.15 -28.36 -118.98
C ASN YA 175 13.91 -27.66 -120.09
N TRP YA 176 14.79 -26.73 -119.72
CA TRP YA 176 15.59 -26.06 -120.74
C TRP YA 176 16.46 -27.06 -121.49
N VAL YA 177 17.02 -28.03 -120.78
CA VAL YA 177 17.92 -28.98 -121.40
C VAL YA 177 17.17 -29.89 -122.37
N GLU YA 178 15.96 -30.31 -122.01
CA GLU YA 178 15.20 -31.13 -122.94
C GLU YA 178 14.79 -30.32 -124.16
N LYS YA 179 14.48 -29.03 -123.96
CA LYS YA 179 14.26 -28.17 -125.11
C LYS YA 179 15.48 -28.19 -126.03
N ARG YA 180 16.67 -28.04 -125.43
CA ARG YA 180 17.89 -28.01 -126.24
C ARG YA 180 18.11 -29.33 -126.97
N VAL YA 181 17.86 -30.46 -126.30
CA VAL YA 181 18.14 -31.75 -126.93
C VAL YA 181 17.15 -32.03 -128.05
N VAL YA 182 15.87 -31.72 -127.83
CA VAL YA 182 14.89 -31.92 -128.90
C VAL YA 182 15.22 -31.02 -130.07
N GLN YA 183 15.73 -29.81 -129.80
CA GLN YA 183 16.16 -28.94 -130.88
C GLN YA 183 17.32 -29.55 -131.64
N SER YA 184 18.37 -29.95 -130.93
CA SER YA 184 19.59 -30.40 -131.57
C SER YA 184 19.46 -31.78 -132.19
N ILE YA 185 18.36 -32.50 -131.91
CA ILE YA 185 18.21 -33.83 -132.48
C ILE YA 185 18.25 -33.81 -134.00
N SER YA 186 17.90 -32.68 -134.61
CA SER YA 186 17.96 -32.56 -136.07
C SER YA 186 19.39 -32.57 -136.59
N ALA YA 187 20.38 -32.42 -135.73
CA ALA YA 187 21.76 -32.37 -136.18
C ALA YA 187 22.14 -33.65 -136.92
N GLN YA 188 22.92 -33.48 -137.99
CA GLN YA 188 23.28 -34.59 -138.88
C GLN YA 188 24.33 -35.46 -138.21
N GLN YA 189 23.86 -36.50 -137.52
CA GLN YA 189 24.72 -37.57 -137.03
C GLN YA 189 24.13 -38.93 -137.39
N GLU YA 190 23.21 -38.96 -138.35
CA GLU YA 190 22.44 -40.15 -138.60
C GLU YA 190 23.32 -41.30 -139.05
N LYS YA 191 24.30 -41.02 -139.90
CA LYS YA 191 25.09 -42.08 -140.50
C LYS YA 191 25.92 -42.82 -139.46
N GLU YA 192 26.64 -42.07 -138.63
CA GLU YA 192 27.43 -42.71 -137.58
C GLU YA 192 26.51 -43.43 -136.58
N THR YA 193 25.35 -42.85 -136.32
CA THR YA 193 24.38 -43.50 -135.44
C THR YA 193 23.99 -44.88 -135.99
N ILE YA 194 23.64 -44.92 -137.27
CA ILE YA 194 23.25 -46.19 -137.89
C ILE YA 194 24.42 -47.16 -137.85
N ALA YA 195 25.63 -46.67 -138.13
CA ALA YA 195 26.79 -47.55 -138.11
C ALA YA 195 26.98 -48.18 -136.73
N LYS YA 196 26.94 -47.36 -135.68
CA LYS YA 196 27.17 -47.89 -134.35
C LYS YA 196 26.07 -48.84 -133.93
N CYS YA 197 24.81 -48.53 -134.27
CA CYS YA 197 23.74 -49.43 -133.89
C CYS YA 197 23.82 -50.73 -134.67
N ILE YA 198 24.29 -50.68 -135.92
CA ILE YA 198 24.49 -51.91 -136.68
C ILE YA 198 25.56 -52.76 -136.00
N ALA YA 199 26.65 -52.14 -135.58
CA ALA YA 199 27.66 -52.88 -134.82
C ALA YA 199 27.05 -53.49 -133.57
N ASP YA 200 26.19 -52.73 -132.90
CA ASP YA 200 25.54 -53.24 -131.70
C ASP YA 200 24.64 -54.43 -132.01
N LEU YA 201 23.91 -54.38 -133.12
CA LEU YA 201 23.16 -55.55 -133.56
C LEU YA 201 24.08 -56.74 -133.75
N LYS YA 202 25.26 -56.51 -134.32
CA LYS YA 202 26.21 -57.60 -134.49
C LYS YA 202 26.59 -58.19 -133.14
N LEU YA 203 26.84 -57.33 -132.14
CA LEU YA 203 27.17 -57.84 -130.81
C LEU YA 203 26.02 -58.64 -130.22
N LEU YA 204 24.80 -58.11 -130.35
CA LEU YA 204 23.64 -58.81 -129.82
C LEU YA 204 23.51 -60.18 -130.45
N SER YA 205 23.64 -60.26 -131.78
CA SER YA 205 23.55 -61.54 -132.46
C SER YA 205 24.63 -62.48 -131.98
N LYS YA 206 25.85 -61.97 -131.83
CA LYS YA 206 26.94 -62.81 -131.32
C LYS YA 206 26.58 -63.42 -129.98
N LYS YA 207 25.96 -62.62 -129.10
CA LYS YA 207 25.51 -63.18 -127.82
C LYS YA 207 24.28 -64.07 -127.96
N ALA YA 208 23.50 -63.92 -129.04
CA ALA YA 208 22.28 -64.70 -129.18
C ALA YA 208 22.59 -66.18 -129.33
N GLN YA 209 23.61 -66.51 -130.12
CA GLN YA 209 23.96 -67.91 -130.36
C GLN YA 209 24.58 -68.53 -129.12
N LEU ZA 5 18.53 -26.77 -57.13
CA LEU ZA 5 18.25 -28.06 -57.73
C LEU ZA 5 17.73 -29.04 -56.67
N ALA ZA 6 18.05 -28.79 -55.41
CA ALA ZA 6 17.70 -29.68 -54.31
C ALA ZA 6 16.40 -29.23 -53.67
N LEU ZA 7 15.45 -30.15 -53.57
CA LEU ZA 7 14.13 -29.89 -52.99
C LEU ZA 7 13.89 -30.84 -51.83
N LYS ZA 8 13.32 -30.31 -50.75
CA LYS ZA 8 13.06 -31.14 -49.58
C LYS ZA 8 11.87 -32.06 -49.84
N THR ZA 9 11.83 -33.15 -49.08
CA THR ZA 9 10.83 -34.19 -49.25
C THR ZA 9 9.69 -34.00 -48.26
N ILE ZA 10 8.48 -34.36 -48.69
CA ILE ZA 10 7.26 -34.07 -47.95
C ILE ZA 10 6.50 -35.36 -47.70
N ASP ZA 11 5.95 -35.49 -46.49
CA ASP ZA 11 5.08 -36.62 -46.11
C ASP ZA 11 3.68 -36.04 -45.86
N TRP ZA 12 2.86 -36.04 -46.90
CA TRP ZA 12 1.61 -35.28 -46.86
C TRP ZA 12 0.69 -35.80 -45.77
N VAL ZA 13 0.80 -37.07 -45.40
CA VAL ZA 13 -0.12 -37.64 -44.43
C VAL ZA 13 -0.06 -36.86 -43.12
N ALA ZA 14 1.14 -36.58 -42.65
CA ALA ZA 14 1.28 -35.75 -41.46
C ALA ZA 14 1.02 -34.28 -41.77
N PHE ZA 15 1.56 -33.79 -42.88
CA PHE ZA 15 1.44 -32.38 -43.19
C PHE ZA 15 -0.01 -31.93 -43.25
N GLY ZA 16 -0.91 -32.84 -43.58
CA GLY ZA 16 -2.32 -32.45 -43.69
C GLY ZA 16 -2.87 -31.93 -42.38
N GLU ZA 17 -2.42 -32.50 -41.26
CA GLU ZA 17 -3.00 -32.23 -39.95
C GLU ZA 17 -2.56 -30.90 -39.36
N ILE ZA 18 -1.99 -30.00 -40.14
CA ILE ZA 18 -1.41 -28.79 -39.61
C ILE ZA 18 -2.20 -27.53 -39.97
N ILE ZA 19 -3.04 -27.57 -41.00
CA ILE ZA 19 -3.63 -26.35 -41.52
C ILE ZA 19 -4.85 -25.93 -40.70
N PRO ZA 20 -4.86 -24.72 -40.13
CA PRO ZA 20 -6.11 -24.18 -39.61
C PRO ZA 20 -7.15 -24.07 -40.71
N ARG ZA 21 -8.40 -24.30 -40.35
CA ARG ZA 21 -9.47 -24.33 -41.34
C ARG ZA 21 -9.59 -23.00 -42.06
N ASN ZA 22 -9.23 -21.90 -41.39
CA ASN ZA 22 -9.37 -20.59 -42.01
C ASN ZA 22 -8.54 -20.48 -43.29
N GLN ZA 23 -7.31 -20.96 -43.25
CA GLN ZA 23 -6.40 -20.91 -44.39
C GLN ZA 23 -6.24 -22.29 -45.03
N LYS ZA 24 -7.34 -23.04 -45.16
CA LYS ZA 24 -7.26 -24.44 -45.59
C LYS ZA 24 -7.35 -24.58 -47.10
N ALA ZA 25 -8.46 -24.11 -47.68
CA ALA ZA 25 -8.66 -24.28 -49.12
C ALA ZA 25 -7.52 -23.65 -49.91
N VAL ZA 26 -6.99 -22.54 -49.42
CA VAL ZA 26 -5.81 -21.94 -50.06
C VAL ZA 26 -4.67 -22.94 -50.07
N ALA ZA 27 -4.50 -23.66 -48.96
CA ALA ZA 27 -3.42 -24.64 -48.89
C ALA ZA 27 -3.66 -25.79 -49.85
N ASN ZA 28 -4.91 -26.20 -50.02
CA ASN ZA 28 -5.21 -27.25 -50.99
C ASN ZA 28 -4.90 -26.78 -52.41
N SER ZA 29 -5.24 -25.52 -52.71
CA SER ZA 29 -4.89 -24.95 -54.00
C SER ZA 29 -3.38 -24.94 -54.18
N LEU ZA 30 -2.65 -24.60 -53.11
CA LEU ZA 30 -1.20 -24.64 -53.15
C LEU ZA 30 -0.68 -26.03 -53.46
N LYS ZA 31 -1.24 -27.03 -52.79
CA LYS ZA 31 -0.89 -28.40 -53.11
C LYS ZA 31 -1.07 -28.66 -54.59
N SER ZA 32 -2.21 -28.23 -55.13
CA SER ZA 32 -2.51 -28.44 -56.54
C SER ZA 32 -1.46 -27.79 -57.43
N TRP ZA 33 -1.12 -26.53 -57.14
CA TRP ZA 33 -0.01 -25.87 -57.82
C TRP ZA 33 1.21 -26.77 -57.80
N ASN ZA 34 1.50 -27.33 -56.64
CA ASN ZA 34 2.68 -28.16 -56.47
C ASN ZA 34 2.67 -29.32 -57.44
N GLU ZA 35 1.58 -30.09 -57.47
CA GLU ZA 35 1.60 -31.27 -58.35
C GLU ZA 35 1.68 -30.84 -59.81
N THR ZA 36 0.89 -29.82 -60.19
CA THR ZA 36 0.94 -29.36 -61.57
C THR ZA 36 2.37 -29.05 -61.96
N LEU ZA 37 3.05 -28.28 -61.11
CA LEU ZA 37 4.35 -27.75 -61.49
C LEU ZA 37 5.43 -28.82 -61.33
N THR ZA 38 5.19 -29.81 -60.48
CA THR ZA 38 6.08 -30.96 -60.40
C THR ZA 38 6.05 -31.74 -61.70
N SER ZA 39 4.85 -31.99 -62.22
CA SER ZA 39 4.74 -32.66 -63.51
C SER ZA 39 5.36 -31.82 -64.61
N ARG ZA 40 5.14 -30.51 -64.57
CA ARG ZA 40 5.62 -29.64 -65.64
C ARG ZA 40 7.12 -29.43 -65.54
N LEU ZA 41 7.72 -29.76 -64.39
CA LEU ZA 41 9.14 -30.03 -64.35
C LEU ZA 41 9.45 -31.36 -65.03
N ALA ZA 42 8.84 -32.44 -64.55
CA ALA ZA 42 9.25 -33.77 -64.98
C ALA ZA 42 9.23 -33.91 -66.49
N THR ZA 43 8.26 -33.25 -67.14
CA THR ZA 43 8.08 -33.46 -68.58
C THR ZA 43 9.33 -33.04 -69.35
N LEU ZA 44 9.64 -31.75 -69.34
CA LEU ZA 44 10.64 -31.22 -70.26
C LEU ZA 44 12.04 -31.71 -69.87
N PRO ZA 45 12.87 -32.13 -70.83
CA PRO ZA 45 14.21 -32.62 -70.49
C PRO ZA 45 15.01 -31.61 -69.68
N GLU ZA 46 16.15 -32.08 -69.16
CA GLU ZA 46 16.96 -31.25 -68.27
C GLU ZA 46 17.56 -30.05 -68.99
N LYS ZA 47 17.98 -30.21 -70.25
CA LYS ZA 47 18.75 -29.17 -70.90
C LYS ZA 47 18.50 -29.21 -72.41
N PRO ZA 48 18.17 -28.08 -73.04
CA PRO ZA 48 17.93 -28.11 -74.49
C PRO ZA 48 19.16 -28.56 -75.23
N PRO ZA 49 19.02 -29.37 -76.28
CA PRO ZA 49 20.19 -29.80 -77.04
C PRO ZA 49 20.88 -28.64 -77.71
N ALA ZA 50 22.02 -28.95 -78.33
CA ALA ZA 50 22.78 -28.00 -79.12
C ALA ZA 50 22.35 -28.12 -80.58
N ILE ZA 51 23.15 -27.56 -81.49
CA ILE ZA 51 22.85 -27.59 -82.92
C ILE ZA 51 24.09 -28.08 -83.66
N ASP ZA 52 23.85 -28.81 -84.76
CA ASP ZA 52 24.94 -29.35 -85.57
C ASP ZA 52 25.62 -28.22 -86.33
N TRP ZA 53 26.32 -27.35 -85.61
CA TRP ZA 53 26.75 -26.08 -86.17
C TRP ZA 53 27.56 -26.28 -87.45
N ALA ZA 54 28.61 -27.12 -87.40
CA ALA ZA 54 29.49 -27.26 -88.56
C ALA ZA 54 28.78 -27.98 -89.70
N TYR ZA 55 28.12 -29.10 -89.40
CA TYR ZA 55 27.37 -29.81 -90.43
C TYR ZA 55 26.25 -28.93 -90.96
N TYR ZA 56 25.52 -28.28 -90.06
CA TYR ZA 56 24.46 -27.37 -90.49
C TYR ZA 56 25.01 -26.34 -91.47
N LYS ZA 57 26.08 -25.66 -91.07
CA LYS ZA 57 26.69 -24.66 -91.92
C LYS ZA 57 27.03 -25.24 -93.29
N ALA ZA 58 27.62 -26.44 -93.30
CA ALA ZA 58 27.85 -27.12 -94.56
C ALA ZA 58 26.56 -27.26 -95.35
N ASN ZA 59 25.43 -27.38 -94.65
CA ASN ZA 59 24.14 -27.46 -95.33
C ASN ZA 59 23.61 -26.10 -95.77
N VAL ZA 60 24.22 -25.00 -95.33
CA VAL ZA 60 23.73 -23.67 -95.64
C VAL ZA 60 24.57 -23.07 -96.75
N ALA ZA 61 23.97 -22.16 -97.51
CA ALA ZA 61 24.69 -21.40 -98.53
C ALA ZA 61 25.34 -20.17 -97.92
N LYS ZA 62 24.60 -19.41 -97.12
CA LYS ZA 62 25.13 -18.23 -96.43
C LYS ZA 62 25.82 -18.68 -95.14
N ALA ZA 63 26.89 -19.46 -95.32
CA ALA ZA 63 27.54 -20.11 -94.18
C ALA ZA 63 28.07 -19.09 -93.19
N GLY ZA 64 28.66 -18.01 -93.68
CA GLY ZA 64 29.20 -17.00 -92.78
C GLY ZA 64 28.13 -16.46 -91.84
N LEU ZA 65 26.91 -16.30 -92.33
CA LEU ZA 65 25.82 -15.92 -91.46
C LEU ZA 65 25.58 -16.99 -90.40
N VAL ZA 66 25.72 -18.26 -90.78
CA VAL ZA 66 25.53 -19.33 -89.80
C VAL ZA 66 26.55 -19.22 -88.69
N ASP ZA 67 27.81 -18.98 -89.05
CA ASP ZA 67 28.84 -18.83 -88.03
C ASP ZA 67 28.60 -17.60 -87.17
N ASP ZA 68 28.17 -16.51 -87.80
CA ASP ZA 68 27.79 -15.32 -87.05
C ASP ZA 68 26.72 -15.65 -86.01
N PHE ZA 69 25.65 -16.31 -86.43
CA PHE ZA 69 24.57 -16.64 -85.52
C PHE ZA 69 25.04 -17.56 -84.42
N GLU ZA 70 25.82 -18.59 -84.76
CA GLU ZA 70 26.32 -19.49 -83.74
C GLU ZA 70 27.13 -18.74 -82.70
N LYS ZA 71 28.02 -17.87 -83.16
CA LYS ZA 71 28.86 -17.11 -82.23
C LYS ZA 71 28.00 -16.26 -81.33
N LYS ZA 72 27.08 -15.49 -81.90
CA LYS ZA 72 26.25 -14.62 -81.09
C LYS ZA 72 25.44 -15.42 -80.08
N PHE ZA 73 24.87 -16.54 -80.53
CA PHE ZA 73 24.17 -17.45 -79.62
C PHE ZA 73 25.06 -17.84 -78.46
N ASN ZA 74 26.29 -18.25 -78.77
CA ASN ZA 74 27.25 -18.56 -77.70
C ASN ZA 74 27.44 -17.37 -76.79
N ALA ZA 75 27.38 -16.17 -77.33
CA ALA ZA 75 27.55 -14.97 -76.51
C ALA ZA 75 26.37 -14.79 -75.57
N LEU ZA 76 25.15 -14.88 -76.10
CA LEU ZA 76 23.98 -14.66 -75.28
C LEU ZA 76 23.84 -15.77 -74.25
N LYS ZA 77 23.63 -15.38 -72.99
CA LYS ZA 77 23.35 -16.31 -71.92
C LYS ZA 77 22.05 -15.87 -71.28
N VAL ZA 78 21.13 -16.82 -71.10
CA VAL ZA 78 19.81 -16.45 -70.58
C VAL ZA 78 19.96 -15.82 -69.21
N PRO ZA 79 19.44 -14.61 -68.99
CA PRO ZA 79 19.51 -14.04 -67.63
C PRO ZA 79 19.00 -15.03 -66.59
N ILE ZA 80 19.82 -15.25 -65.58
CA ILE ZA 80 19.50 -16.12 -64.44
C ILE ZA 80 18.41 -15.47 -63.58
N PRO ZA 81 17.16 -15.93 -63.63
CA PRO ZA 81 16.14 -15.28 -62.78
C PRO ZA 81 16.37 -15.56 -61.31
N GLU ZA 82 15.78 -14.70 -60.48
CA GLU ZA 82 16.18 -14.50 -59.10
C GLU ZA 82 15.08 -14.91 -58.12
N ASP ZA 83 15.46 -14.99 -56.85
CA ASP ZA 83 14.55 -15.25 -55.75
C ASP ZA 83 14.07 -13.95 -55.14
N LYS ZA 84 12.83 -13.94 -54.65
CA LYS ZA 84 12.29 -12.82 -53.90
C LYS ZA 84 11.53 -13.30 -52.67
N TYR ZA 85 11.71 -14.56 -52.30
CA TYR ZA 85 10.81 -15.20 -51.35
C TYR ZA 85 11.54 -15.90 -50.22
N THR ZA 86 12.64 -15.29 -49.75
CA THR ZA 86 13.09 -15.56 -48.40
C THR ZA 86 12.07 -15.04 -47.39
N ALA ZA 87 11.13 -14.21 -47.84
CA ALA ZA 87 10.04 -13.79 -46.97
C ALA ZA 87 9.30 -14.99 -46.42
N GLN ZA 88 9.34 -16.11 -47.14
CA GLN ZA 88 8.79 -17.33 -46.57
C GLN ZA 88 9.66 -17.84 -45.43
N VAL ZA 89 10.97 -17.55 -45.47
CA VAL ZA 89 11.84 -17.84 -44.34
C VAL ZA 89 11.45 -16.90 -43.21
N ASP ZA 90 11.06 -15.68 -43.56
CA ASP ZA 90 10.56 -14.76 -42.56
C ASP ZA 90 9.32 -15.34 -41.88
N ALA ZA 91 8.43 -15.93 -42.67
CA ALA ZA 91 7.28 -16.61 -42.10
C ALA ZA 91 7.71 -17.78 -41.23
N GLU ZA 92 8.67 -18.58 -41.70
CA GLU ZA 92 9.26 -19.58 -40.83
C GLU ZA 92 9.49 -19.01 -39.45
N GLU ZA 93 10.32 -17.97 -39.39
CA GLU ZA 93 10.76 -17.45 -38.09
C GLU ZA 93 9.60 -16.87 -37.30
N LYS ZA 94 8.72 -16.12 -37.96
CA LYS ZA 94 7.63 -15.46 -37.26
C LYS ZA 94 6.69 -16.48 -36.65
N GLU ZA 95 6.16 -17.39 -37.47
CA GLU ZA 95 5.31 -18.43 -36.92
C GLU ZA 95 6.07 -19.29 -35.94
N ASP ZA 96 7.39 -19.41 -36.07
CA ASP ZA 96 8.19 -20.11 -35.09
C ASP ZA 96 8.02 -19.49 -33.72
N VAL ZA 97 8.33 -18.19 -33.63
CA VAL ZA 97 8.20 -17.53 -32.33
C VAL ZA 97 6.76 -17.59 -31.86
N LYS ZA 98 5.80 -17.37 -32.76
CA LYS ZA 98 4.40 -17.37 -32.37
C LYS ZA 98 4.01 -18.71 -31.75
N SER ZA 99 4.06 -19.77 -32.54
CA SER ZA 99 3.65 -21.07 -32.03
C SER ZA 99 4.48 -21.44 -30.80
N CYS ZA 100 5.81 -21.43 -30.93
CA CYS ZA 100 6.66 -21.79 -29.81
C CYS ZA 100 6.23 -21.03 -28.58
N ALA ZA 101 6.43 -19.70 -28.54
CA ALA ZA 101 6.11 -19.00 -27.32
C ALA ZA 101 4.69 -19.29 -26.89
N GLU ZA 102 3.69 -18.79 -27.62
CA GLU ZA 102 2.34 -18.87 -27.07
C GLU ZA 102 1.90 -20.31 -26.85
N PHE ZA 103 1.74 -21.08 -27.93
CA PHE ZA 103 1.18 -22.41 -27.76
C PHE ZA 103 2.07 -23.26 -26.87
N LEU ZA 104 3.37 -23.34 -27.17
CA LEU ZA 104 4.22 -24.30 -26.49
C LEU ZA 104 4.54 -23.93 -25.06
N THR ZA 105 4.39 -22.67 -24.62
CA THR ZA 105 4.59 -22.38 -23.21
C THR ZA 105 3.28 -22.31 -22.44
N GLN ZA 106 2.21 -21.82 -23.05
CA GLN ZA 106 0.91 -22.03 -22.45
C GLN ZA 106 0.68 -23.51 -22.21
N SER ZA 107 1.24 -24.35 -23.08
CA SER ZA 107 1.16 -25.78 -22.88
C SER ZA 107 1.86 -26.20 -21.60
N LYS ZA 108 3.12 -25.80 -21.43
CA LYS ZA 108 3.85 -26.23 -20.23
C LYS ZA 108 3.15 -25.75 -18.97
N THR ZA 109 2.73 -24.49 -18.94
CA THR ZA 109 2.08 -23.96 -17.74
C THR ZA 109 0.75 -24.65 -17.49
N ARG ZA 110 -0.10 -24.74 -18.52
CA ARG ZA 110 -1.39 -25.41 -18.36
C ARG ZA 110 -1.20 -26.84 -17.90
N ILE ZA 111 -0.16 -27.50 -18.41
CA ILE ZA 111 0.17 -28.84 -17.94
C ILE ZA 111 0.52 -28.82 -16.47
N GLN ZA 112 1.26 -27.82 -16.02
CA GLN ZA 112 1.55 -27.72 -14.60
C GLN ZA 112 0.27 -27.62 -13.80
N GLU ZA 113 -0.66 -26.77 -14.24
CA GLU ZA 113 -1.95 -26.71 -13.57
C GLU ZA 113 -2.61 -28.08 -13.56
N TYR ZA 114 -2.98 -28.60 -14.73
CA TYR ZA 114 -3.71 -29.86 -14.76
C TYR ZA 114 -2.98 -30.93 -13.97
N GLU ZA 115 -1.66 -30.85 -13.90
CA GLU ZA 115 -0.91 -31.78 -13.07
C GLU ZA 115 -1.26 -31.58 -11.60
N LYS ZA 116 -1.30 -30.34 -11.13
CA LYS ZA 116 -1.59 -30.14 -9.71
C LYS ZA 116 -3.03 -30.53 -9.40
N GLU ZA 117 -3.96 -30.23 -10.32
CA GLU ZA 117 -5.31 -30.73 -10.11
C GLU ZA 117 -5.33 -32.25 -10.03
N LEU ZA 118 -4.58 -32.92 -10.89
CA LEU ZA 118 -4.54 -34.38 -10.82
C LEU ZA 118 -3.97 -34.85 -9.49
N GLU ZA 119 -2.94 -34.17 -9.01
CA GLU ZA 119 -2.40 -34.52 -7.70
C GLU ZA 119 -3.49 -34.40 -6.65
N LYS ZA 120 -4.20 -33.28 -6.64
CA LYS ZA 120 -5.26 -33.08 -5.68
C LYS ZA 120 -6.29 -34.20 -5.75
N MET ZA 121 -6.80 -34.45 -6.96
CA MET ZA 121 -7.88 -35.41 -7.12
C MET ZA 121 -7.44 -36.83 -6.86
N ARG ZA 122 -6.14 -37.12 -6.92
CA ARG ZA 122 -5.68 -38.46 -6.59
C ARG ZA 122 -5.67 -38.68 -5.09
N ASN ZA 123 -5.39 -37.64 -4.32
CA ASN ZA 123 -5.26 -37.73 -2.88
C ASN ZA 123 -6.38 -36.96 -2.18
N ILE ZA 124 -7.60 -37.12 -2.67
CA ILE ZA 124 -8.77 -36.62 -1.95
C ILE ZA 124 -9.07 -37.57 -0.81
N ILE ZA 125 -9.24 -37.02 0.38
CA ILE ZA 125 -9.46 -37.88 1.56
C ILE ZA 125 -10.70 -38.74 1.30
N PRO ZA 126 -10.69 -40.03 1.64
CA PRO ZA 126 -11.87 -40.85 1.36
C PRO ZA 126 -13.10 -40.25 2.01
N PHE ZA 127 -14.21 -40.29 1.27
CA PHE ZA 127 -15.39 -39.54 1.70
C PHE ZA 127 -15.85 -39.97 3.08
N ASP ZA 128 -15.79 -41.27 3.35
CA ASP ZA 128 -16.12 -41.76 4.69
C ASP ZA 128 -15.40 -40.95 5.76
N GLN ZA 129 -14.28 -40.33 5.40
CA GLN ZA 129 -13.43 -39.64 6.35
C GLN ZA 129 -13.55 -38.12 6.15
N MET ZA 130 -14.68 -37.67 5.63
CA MET ZA 130 -14.76 -36.38 4.96
C MET ZA 130 -16.02 -35.62 5.38
N THR ZA 131 -15.88 -34.29 5.53
CA THR ZA 131 -16.98 -33.43 5.90
C THR ZA 131 -17.37 -32.52 4.74
N ILE ZA 132 -18.54 -31.89 4.87
CA ILE ZA 132 -19.10 -31.15 3.76
C ILE ZA 132 -18.21 -29.97 3.39
N GLU ZA 133 -17.57 -29.33 4.37
CA GLU ZA 133 -16.62 -28.28 4.04
C GLU ZA 133 -15.55 -28.81 3.10
N ASP ZA 134 -15.13 -30.05 3.32
CA ASP ZA 134 -14.14 -30.65 2.44
C ASP ZA 134 -14.63 -30.66 1.01
N LEU ZA 135 -15.86 -31.12 0.80
CA LEU ZA 135 -16.39 -31.21 -0.55
C LEU ZA 135 -16.55 -29.83 -1.15
N ASN ZA 136 -17.05 -28.88 -0.37
CA ASN ZA 136 -17.21 -27.52 -0.88
C ASN ZA 136 -15.88 -26.93 -1.30
N GLU ZA 137 -14.79 -27.32 -0.63
CA GLU ZA 137 -13.48 -26.91 -1.09
C GLU ZA 137 -13.01 -27.73 -2.29
N VAL ZA 138 -13.49 -28.96 -2.43
CA VAL ZA 138 -13.00 -29.85 -3.47
C VAL ZA 138 -13.70 -29.57 -4.79
N PHE ZA 139 -15.02 -29.73 -4.82
CA PHE ZA 139 -15.80 -29.35 -5.99
C PHE ZA 139 -16.56 -28.07 -5.66
N PRO ZA 140 -15.92 -26.92 -5.75
CA PRO ZA 140 -16.62 -25.68 -5.36
C PRO ZA 140 -17.95 -25.49 -6.06
N GLU ZA 141 -18.16 -26.23 -7.15
CA GLU ZA 141 -19.40 -26.11 -7.90
C GLU ZA 141 -20.60 -26.70 -7.17
N THR ZA 142 -20.40 -27.38 -6.04
CA THR ZA 142 -21.50 -27.82 -5.20
C THR ZA 142 -21.76 -26.89 -4.03
N LYS ZA 143 -21.13 -25.72 -4.00
CA LYS ZA 143 -21.44 -24.75 -2.96
C LYS ZA 143 -22.90 -24.37 -3.03
N LEU ZA 144 -23.54 -24.25 -1.87
CA LEU ZA 144 -24.97 -23.96 -1.83
C LEU ZA 144 -25.29 -22.51 -2.12
N ASP ZA 145 -24.29 -21.64 -2.23
CA ASP ZA 145 -24.50 -20.25 -2.61
C ASP ZA 145 -25.44 -19.56 -1.60
N LYS ZA 146 -24.94 -19.43 -0.39
CA LYS ZA 146 -25.73 -18.83 0.65
C LYS ZA 146 -25.93 -17.35 0.46
N LYS ZA 147 -25.56 -16.73 -0.66
CA LYS ZA 147 -25.86 -15.33 -0.90
C LYS ZA 147 -26.91 -15.10 -1.96
N LYS ZA 148 -26.88 -15.84 -3.07
CA LYS ZA 148 -27.92 -15.69 -4.07
C LYS ZA 148 -29.22 -16.36 -3.63
N TYR ZA 149 -29.12 -17.38 -2.80
CA TYR ZA 149 -30.29 -18.03 -2.20
C TYR ZA 149 -30.08 -18.05 -0.69
N PRO ZA 150 -30.05 -16.88 -0.06
CA PRO ZA 150 -29.65 -16.84 1.35
C PRO ZA 150 -30.52 -17.70 2.23
N TYR ZA 151 -31.82 -17.77 1.95
CA TYR ZA 151 -32.70 -18.54 2.78
C TYR ZA 151 -32.59 -20.03 2.45
N TRP ZA 152 -32.99 -20.84 3.40
CA TRP ZA 152 -32.93 -22.27 3.23
C TRP ZA 152 -33.81 -22.70 2.06
N PRO ZA 153 -33.46 -23.79 1.37
CA PRO ZA 153 -32.27 -24.62 1.44
C PRO ZA 153 -31.20 -24.13 0.49
N HIS ZA 154 -31.35 -22.91 0.00
CA HIS ZA 154 -30.39 -22.22 -0.83
C HIS ZA 154 -30.32 -22.78 -2.24
N ARG ZA 155 -31.07 -23.82 -2.56
CA ARG ZA 155 -31.18 -24.32 -3.91
C ARG ZA 155 -32.66 -24.45 -4.23
N PRO ZA 156 -33.14 -23.91 -5.34
CA PRO ZA 156 -34.56 -24.05 -5.64
C PRO ZA 156 -34.94 -25.52 -5.66
N ILE ZA 157 -36.12 -25.82 -5.10
CA ILE ZA 157 -36.49 -27.19 -4.79
C ILE ZA 157 -36.45 -28.08 -6.02
N GLU ZA 158 -36.50 -27.50 -7.21
CA GLU ZA 158 -36.47 -28.29 -8.43
C GLU ZA 158 -35.10 -28.94 -8.62
N PRO AB 2 -21.51 -70.52 30.78
CA PRO AB 2 -20.43 -70.47 31.77
C PRO AB 2 -20.95 -70.10 33.15
N PRO AB 3 -21.68 -71.02 33.78
CA PRO AB 3 -22.29 -70.70 35.07
C PRO AB 3 -21.24 -70.33 36.11
N VAL AB 4 -21.69 -69.64 37.15
CA VAL AB 4 -20.80 -69.08 38.17
C VAL AB 4 -21.22 -69.61 39.53
N GLN AB 5 -20.25 -69.76 40.43
CA GLN AB 5 -20.51 -70.10 41.82
C GLN AB 5 -20.62 -68.80 42.61
N VAL AB 6 -21.84 -68.43 42.99
CA VAL AB 6 -22.07 -67.16 43.65
C VAL AB 6 -21.44 -67.18 45.04
N SER AB 7 -21.12 -65.99 45.55
CA SER AB 7 -20.58 -65.89 46.89
C SER AB 7 -21.57 -66.48 47.89
N PRO AB 8 -21.16 -67.42 48.73
CA PRO AB 8 -22.14 -68.05 49.62
C PRO AB 8 -22.82 -67.06 50.54
N LEU AB 9 -22.12 -66.01 50.95
CA LEU AB 9 -22.70 -65.05 51.86
C LEU AB 9 -23.95 -64.42 51.27
N ILE AB 10 -23.87 -63.99 50.01
CA ILE AB 10 -25.04 -63.46 49.34
C ILE AB 10 -26.14 -64.50 49.31
N LYS AB 11 -25.78 -65.75 49.08
CA LYS AB 11 -26.77 -66.81 48.99
C LYS AB 11 -27.54 -66.99 50.29
N LEU AB 12 -26.82 -66.98 51.41
CA LEU AB 12 -27.48 -67.18 52.68
C LEU AB 12 -28.27 -65.97 53.10
N GLY AB 13 -27.74 -64.77 52.86
CA GLY AB 13 -28.55 -63.57 53.08
C GLY AB 13 -29.82 -63.64 52.27
N ARG AB 14 -29.73 -64.11 51.04
CA ARG AB 14 -30.88 -64.27 50.16
C ARG AB 14 -31.94 -65.16 50.78
N TYR AB 15 -31.54 -66.37 51.20
CA TYR AB 15 -32.55 -67.31 51.67
C TYR AB 15 -33.09 -66.91 53.04
N SER AB 16 -32.23 -66.34 53.89
CA SER AB 16 -32.71 -65.79 55.14
C SER AB 16 -33.73 -64.69 54.89
N ALA AB 17 -33.50 -63.88 53.86
CA ALA AB 17 -34.48 -62.86 53.51
C ALA AB 17 -35.78 -63.50 53.06
N LEU AB 18 -35.70 -64.58 52.29
CA LEU AB 18 -36.92 -65.28 51.92
C LEU AB 18 -37.73 -65.66 53.15
N PHE AB 19 -37.09 -66.31 54.12
CA PHE AB 19 -37.87 -66.80 55.25
C PHE AB 19 -38.29 -65.66 56.18
N LEU AB 20 -37.47 -64.62 56.28
CA LEU AB 20 -37.90 -63.44 57.02
C LEU AB 20 -39.14 -62.83 56.38
N GLY AB 21 -39.18 -62.82 55.05
CA GLY AB 21 -40.37 -62.38 54.36
C GLY AB 21 -41.55 -63.30 54.61
N MET AB 22 -41.31 -64.60 54.64
CA MET AB 22 -42.36 -65.52 55.07
C MET AB 22 -43.00 -65.02 56.35
N ALA AB 23 -42.16 -64.88 57.38
CA ALA AB 23 -42.67 -64.50 58.69
C ALA AB 23 -43.37 -63.15 58.65
N TYR AB 24 -42.75 -62.17 58.00
CA TYR AB 24 -43.31 -60.82 57.99
C TYR AB 24 -44.67 -60.82 57.30
N GLY AB 25 -44.77 -61.48 56.15
CA GLY AB 25 -46.03 -61.49 55.43
C GLY AB 25 -47.13 -62.16 56.22
N ALA AB 26 -46.82 -63.34 56.78
CA ALA AB 26 -47.83 -64.03 57.57
C ALA AB 26 -48.28 -63.17 58.75
N LYS AB 27 -47.31 -62.60 59.47
CA LYS AB 27 -47.64 -61.80 60.65
C LYS AB 27 -48.48 -60.61 60.27
N ARG AB 28 -48.10 -59.90 59.21
CA ARG AB 28 -48.82 -58.69 58.86
C ARG AB 28 -50.21 -59.00 58.35
N TYR AB 29 -50.36 -60.08 57.58
CA TYR AB 29 -51.69 -60.47 57.13
C TYR AB 29 -52.59 -60.79 58.32
N ASN AB 30 -52.07 -61.56 59.27
CA ASN AB 30 -52.86 -61.88 60.45
C ASN AB 30 -53.22 -60.61 61.21
N TYR AB 31 -52.24 -59.71 61.35
CA TYR AB 31 -52.46 -58.47 62.08
C TYR AB 31 -53.51 -57.60 61.41
N LEU AB 32 -53.51 -57.55 60.08
CA LEU AB 32 -54.33 -56.59 59.35
C LEU AB 32 -55.73 -57.08 59.05
N LYS AB 33 -55.91 -58.36 58.76
CA LYS AB 33 -57.25 -58.84 58.41
C LYS AB 33 -58.31 -58.36 59.40
N PRO AB 34 -58.10 -58.44 60.70
CA PRO AB 34 -59.08 -57.86 61.63
C PRO AB 34 -59.36 -56.42 61.31
N ARG AB 35 -58.35 -55.56 61.43
CA ARG AB 35 -58.59 -54.13 61.30
C ARG AB 35 -59.34 -53.86 60.01
N ALA AB 36 -59.01 -54.59 58.95
CA ALA AB 36 -59.76 -54.49 57.72
C ALA AB 36 -61.24 -54.76 57.95
N GLU AB 37 -61.56 -55.88 58.59
CA GLU AB 37 -62.98 -56.25 58.70
C GLU AB 37 -63.74 -55.27 59.59
N GLU AB 38 -63.18 -54.89 60.73
CA GLU AB 38 -63.89 -53.91 61.56
C GLU AB 38 -64.06 -52.59 60.82
N GLU AB 39 -63.02 -52.11 60.15
CA GLU AB 39 -63.17 -50.84 59.45
C GLU AB 39 -64.22 -50.95 58.35
N ARG AB 40 -64.24 -52.08 57.63
CA ARG AB 40 -65.24 -52.26 56.59
C ARG AB 40 -66.64 -52.25 57.17
N ARG AB 41 -66.85 -52.95 58.27
CA ARG AB 41 -68.17 -52.98 58.89
C ARG AB 41 -68.58 -51.60 59.35
N LEU AB 42 -67.67 -50.86 59.99
CA LEU AB 42 -67.97 -49.52 60.44
C LEU AB 42 -68.35 -48.63 59.28
N ALA AB 43 -67.57 -48.68 58.20
CA ALA AB 43 -67.88 -47.88 57.03
C ALA AB 43 -69.25 -48.24 56.47
N ALA AB 44 -69.56 -49.54 56.41
CA ALA AB 44 -70.83 -49.97 55.84
C ALA AB 44 -72.00 -49.44 56.66
N GLU AB 45 -71.94 -49.60 57.97
CA GLU AB 45 -73.07 -49.16 58.80
C GLU AB 45 -73.23 -47.65 58.74
N GLU AB 46 -72.12 -46.90 58.81
CA GLU AB 46 -72.26 -45.46 58.82
C GLU AB 46 -72.70 -44.97 57.44
N LYS AB 47 -72.29 -45.68 56.39
CA LYS AB 47 -72.75 -45.40 55.04
C LYS AB 47 -74.25 -45.58 54.92
N LYS AB 48 -74.78 -46.69 55.41
CA LYS AB 48 -76.22 -46.92 55.31
C LYS AB 48 -76.99 -45.86 56.09
N LYS AB 49 -76.49 -45.47 57.27
CA LYS AB 49 -77.23 -44.47 58.03
C LYS AB 49 -77.22 -43.12 57.30
N ARG AB 50 -76.09 -42.72 56.72
CA ARG AB 50 -76.12 -41.45 55.98
C ARG AB 50 -77.00 -41.57 54.75
N ASP AB 51 -77.05 -42.76 54.14
CA ASP AB 51 -77.94 -42.97 53.00
C ASP AB 51 -79.39 -42.74 53.40
N GLU AB 52 -79.78 -43.28 54.55
CA GLU AB 52 -81.14 -43.07 55.04
C GLU AB 52 -81.37 -41.60 55.33
N GLN AB 53 -80.38 -40.92 55.88
CA GLN AB 53 -80.50 -39.48 56.14
C GLN AB 53 -80.75 -38.72 54.84
N LYS AB 54 -79.98 -39.05 53.79
CA LYS AB 54 -80.17 -38.36 52.52
C LYS AB 54 -81.52 -38.68 51.90
N ARG AB 55 -81.98 -39.92 52.02
CA ARG AB 55 -83.25 -40.29 51.42
C ARG AB 55 -84.42 -39.60 52.12
N ILE AB 56 -84.39 -39.56 53.45
CA ILE AB 56 -85.45 -38.84 54.17
C ILE AB 56 -85.40 -37.35 53.87
N GLU AB 57 -84.19 -36.80 53.71
CA GLU AB 57 -84.04 -35.39 53.34
C GLU AB 57 -84.39 -35.16 51.88
N PRO BB 5 -1.93 -38.51 38.60
CA PRO BB 5 -1.38 -37.31 39.23
C PRO BB 5 -2.32 -36.12 39.18
N LEU BB 6 -2.79 -35.77 37.98
CA LEU BB 6 -3.72 -34.66 37.85
C LEU BB 6 -4.95 -34.92 38.71
N LYS BB 7 -5.40 -33.88 39.41
CA LYS BB 7 -6.58 -34.02 40.25
C LYS BB 7 -7.86 -34.05 39.42
N GLU BB 8 -7.88 -33.39 38.27
CA GLU BB 8 -9.08 -33.34 37.44
C GLU BB 8 -9.27 -34.66 36.70
N LYS BB 9 -9.41 -35.74 37.44
CA LYS BB 9 -9.79 -37.03 36.87
C LYS BB 9 -11.26 -37.28 37.15
N LYS BB 10 -11.93 -37.94 36.22
CA LYS BB 10 -13.37 -38.00 36.28
C LYS BB 10 -13.83 -38.81 37.49
N LEU BB 11 -15.09 -38.62 37.86
CA LEU BB 11 -15.57 -39.04 39.16
C LEU BB 11 -15.90 -40.52 39.24
N LEU BB 12 -16.04 -41.22 38.12
CA LEU BB 12 -16.48 -42.61 38.17
C LEU BB 12 -15.43 -43.53 38.76
N GLU BB 13 -14.21 -43.02 38.98
CA GLU BB 13 -13.12 -43.82 39.53
C GLU BB 13 -12.45 -43.20 40.74
N VAL BB 14 -12.66 -41.92 41.00
CA VAL BB 14 -12.05 -41.23 42.12
C VAL BB 14 -12.31 -42.00 43.40
N LYS BB 15 -11.36 -41.96 44.32
CA LYS BB 15 -11.54 -42.60 45.62
C LYS BB 15 -12.45 -41.74 46.49
N LEU BB 16 -13.42 -42.38 47.14
CA LEU BB 16 -14.45 -41.64 47.85
C LEU BB 16 -13.84 -40.66 48.83
N GLY BB 17 -12.73 -41.02 49.47
CA GLY BB 17 -12.08 -40.10 50.38
C GLY BB 17 -11.73 -38.80 49.69
N GLU BB 18 -11.16 -38.88 48.49
CA GLU BB 18 -10.80 -37.68 47.75
C GLU BB 18 -12.04 -36.90 47.30
N LEU BB 19 -13.20 -37.54 47.27
CA LEU BB 19 -14.32 -36.99 46.53
C LEU BB 19 -14.68 -35.58 46.94
N PRO BB 20 -14.86 -35.26 48.23
CA PRO BB 20 -15.28 -33.90 48.59
C PRO BB 20 -14.30 -32.85 48.11
N SER BB 21 -13.00 -33.16 48.14
CA SER BB 21 -12.02 -32.24 47.62
C SER BB 21 -12.29 -31.93 46.14
N TRP BB 22 -12.47 -32.97 45.34
CA TRP BB 22 -12.75 -32.76 43.93
C TRP BB 22 -14.03 -31.96 43.74
N ILE BB 23 -15.07 -32.31 44.49
CA ILE BB 23 -16.34 -31.61 44.36
C ILE BB 23 -16.14 -30.13 44.60
N LEU BB 24 -15.47 -29.79 45.70
CA LEU BB 24 -15.21 -28.38 45.98
C LEU BB 24 -14.42 -27.74 44.85
N MET BB 25 -13.41 -28.44 44.35
CA MET BB 25 -12.57 -27.87 43.31
C MET BB 25 -13.31 -27.78 41.97
N ARG BB 26 -14.10 -28.79 41.66
CA ARG BB 26 -14.75 -28.84 40.35
C ARG BB 26 -15.66 -27.63 40.17
N ASP BB 27 -15.37 -26.85 39.13
CA ASP BB 27 -16.03 -25.56 38.97
C ASP BB 27 -17.53 -25.73 38.83
N PHE BB 28 -18.27 -24.78 39.40
CA PHE BB 28 -19.73 -24.78 39.33
C PHE BB 28 -20.28 -23.49 38.75
N THR BB 29 -19.44 -22.76 38.01
CA THR BB 29 -19.96 -21.62 37.28
C THR BB 29 -20.95 -22.11 36.22
N PRO BB 30 -21.92 -21.28 35.84
CA PRO BB 30 -22.93 -21.76 34.87
C PRO BB 30 -22.30 -22.33 33.61
N SER BB 31 -21.21 -21.74 33.15
CA SER BB 31 -20.46 -22.36 32.07
C SER BB 31 -20.05 -23.78 32.44
N GLY BB 32 -19.75 -24.02 33.72
CA GLY BB 32 -19.32 -25.34 34.11
C GLY BB 32 -20.41 -26.38 33.93
N ILE BB 33 -21.62 -26.06 34.39
CA ILE BB 33 -22.71 -27.02 34.25
C ILE BB 33 -23.11 -27.15 32.79
N ALA BB 34 -23.07 -26.05 32.03
CA ALA BB 34 -23.36 -26.13 30.61
C ALA BB 34 -22.40 -27.09 29.93
N GLY BB 35 -21.10 -26.94 30.22
CA GLY BB 35 -20.14 -27.88 29.67
C GLY BB 35 -20.41 -29.30 30.11
N ALA BB 36 -20.84 -29.49 31.35
CA ALA BB 36 -21.16 -30.83 31.82
C ALA BB 36 -22.25 -31.46 30.96
N PHE BB 37 -23.33 -30.74 30.76
CA PHE BB 37 -24.40 -31.25 29.89
C PHE BB 37 -23.90 -31.51 28.48
N GLN BB 38 -23.19 -30.55 27.89
CA GLN BB 38 -22.77 -30.76 26.52
C GLN BB 38 -21.92 -32.01 26.41
N ARG BB 39 -20.97 -32.18 27.32
CA ARG BB 39 -20.10 -33.33 27.26
C ARG BB 39 -20.88 -34.62 27.43
N GLY BB 40 -21.83 -34.66 28.38
CA GLY BB 40 -22.60 -35.87 28.58
C GLY BB 40 -23.43 -36.22 27.37
N TYR BB 41 -24.09 -35.22 26.79
CA TYR BB 41 -24.91 -35.46 25.61
C TYR BB 41 -24.06 -36.00 24.49
N TYR BB 42 -22.93 -35.36 24.20
CA TYR BB 42 -22.09 -35.87 23.12
C TYR BB 42 -21.57 -37.26 23.45
N ARG BB 43 -21.35 -37.56 24.72
CA ARG BB 43 -20.89 -38.89 25.06
C ARG BB 43 -21.92 -39.93 24.66
N TYR BB 44 -23.16 -39.74 25.08
CA TYR BB 44 -24.19 -40.71 24.72
C TYR BB 44 -24.37 -40.77 23.21
N TYR BB 45 -24.46 -39.60 22.58
CA TYR BB 45 -24.63 -39.53 21.14
C TYR BB 45 -23.58 -40.34 20.43
N ASN BB 46 -22.30 -40.13 20.78
CA ASN BB 46 -21.22 -40.80 20.09
C ASN BB 46 -21.17 -42.27 20.44
N LYS BB 47 -21.59 -42.66 21.63
CA LYS BB 47 -21.49 -44.07 21.95
C LYS BB 47 -22.57 -44.89 21.27
N TYR BB 48 -23.81 -44.39 21.21
CA TYR BB 48 -24.91 -45.21 20.74
C TYR BB 48 -25.54 -44.77 19.43
N VAL BB 49 -25.31 -43.55 18.99
CA VAL BB 49 -26.01 -43.00 17.84
C VAL BB 49 -25.07 -42.73 16.68
N ASN BB 50 -23.90 -42.18 16.95
CA ASN BB 50 -23.01 -41.71 15.88
C ASN BB 50 -22.16 -42.84 15.36
N VAL BB 51 -22.81 -43.88 14.87
CA VAL BB 51 -22.14 -45.06 14.35
C VAL BB 51 -22.82 -45.48 13.06
N LYS BB 52 -22.02 -45.92 12.09
CA LYS BB 52 -22.56 -46.10 10.74
C LYS BB 52 -23.75 -47.04 10.69
N LYS BB 53 -23.89 -47.96 11.64
CA LYS BB 53 -25.03 -48.86 11.57
C LYS BB 53 -25.67 -49.08 12.95
N GLY BB 54 -25.78 -48.03 13.74
CA GLY BB 54 -26.39 -48.15 15.05
C GLY BB 54 -27.80 -48.67 15.00
N SER BB 55 -28.11 -49.68 15.81
CA SER BB 55 -29.42 -50.29 15.83
C SER BB 55 -30.42 -49.31 16.44
N ILE BB 56 -31.65 -49.77 16.64
CA ILE BB 56 -32.69 -48.88 17.12
C ILE BB 56 -32.48 -48.45 18.56
N ALA BB 57 -31.70 -49.19 19.34
CA ALA BB 57 -31.56 -48.87 20.75
C ALA BB 57 -31.20 -47.41 20.94
N GLY BB 58 -30.34 -46.87 20.07
CA GLY BB 58 -29.90 -45.50 20.19
C GLY BB 58 -31.03 -44.54 20.47
N LEU BB 59 -32.23 -44.89 20.04
CA LEU BB 59 -33.43 -44.11 20.32
C LEU BB 59 -34.19 -44.62 21.54
N SER BB 60 -34.50 -45.91 21.58
CA SER BB 60 -35.34 -46.40 22.65
C SER BB 60 -34.82 -45.95 24.00
N MET BB 61 -33.50 -46.02 24.21
CA MET BB 61 -32.93 -45.58 25.46
C MET BB 61 -33.59 -44.28 25.88
N VAL BB 62 -33.40 -43.24 25.09
CA VAL BB 62 -33.87 -41.92 25.51
C VAL BB 62 -35.37 -41.96 25.75
N LEU BB 63 -36.12 -42.57 24.83
CA LEU BB 63 -37.56 -42.61 25.02
C LEU BB 63 -37.90 -43.27 26.35
N ALA BB 64 -37.29 -44.43 26.62
CA ALA BB 64 -37.49 -45.04 27.93
C ALA BB 64 -37.32 -43.99 29.01
N ALA BB 65 -36.15 -43.36 29.05
CA ALA BB 65 -35.93 -42.34 30.05
C ALA BB 65 -37.05 -41.32 30.01
N TYR BB 66 -37.33 -40.79 28.84
CA TYR BB 66 -38.43 -39.84 28.70
C TYR BB 66 -39.67 -40.36 29.41
N VAL BB 67 -40.15 -41.53 28.99
CA VAL BB 67 -41.37 -42.06 29.58
C VAL BB 67 -41.22 -42.11 31.09
N PHE BB 68 -40.11 -42.67 31.55
CA PHE BB 68 -39.88 -42.77 32.98
C PHE BB 68 -40.06 -41.42 33.64
N LEU BB 69 -39.37 -40.40 33.13
CA LEU BB 69 -39.50 -39.08 33.73
C LEU BB 69 -40.95 -38.69 33.87
N ASN BB 70 -41.73 -38.85 32.80
CA ASN BB 70 -43.11 -38.42 32.86
C ASN BB 70 -43.84 -39.12 34.00
N TYR BB 71 -43.62 -40.42 34.15
CA TYR BB 71 -44.27 -41.11 35.25
C TYR BB 71 -43.96 -40.43 36.57
N CYS BB 72 -42.68 -40.16 36.82
CA CYS BB 72 -42.34 -39.44 38.04
C CYS BB 72 -43.12 -38.14 38.10
N ARG BB 73 -43.09 -37.36 37.02
CA ARG BB 73 -43.79 -36.10 37.01
C ARG BB 73 -45.26 -36.26 37.36
N SER BB 74 -45.83 -37.41 37.04
CA SER BB 74 -47.25 -37.63 37.25
C SER BB 74 -47.59 -38.21 38.62
N TYR BB 75 -46.59 -38.67 39.38
CA TYR BB 75 -46.89 -39.47 40.55
C TYR BB 75 -47.90 -38.79 41.45
N LYS BB 76 -47.66 -37.52 41.79
CA LYS BB 76 -48.56 -36.83 42.70
C LYS BB 76 -49.99 -36.91 42.18
N GLU BB 77 -50.20 -36.51 40.93
CA GLU BB 77 -51.55 -36.57 40.38
C GLU BB 77 -52.05 -38.01 40.34
N LEU BB 78 -51.16 -38.93 40.01
CA LEU BB 78 -51.50 -40.34 40.00
C LEU BB 78 -51.40 -40.96 41.38
N LYS BB 79 -50.91 -40.21 42.37
CA LYS BB 79 -50.82 -40.74 43.72
C LYS BB 79 -52.19 -41.19 44.22
N HIS BB 80 -53.20 -40.33 44.03
CA HIS BB 80 -54.50 -40.57 44.63
C HIS BB 80 -55.13 -41.85 44.11
N GLU BB 81 -55.06 -42.06 42.80
CA GLU BB 81 -55.55 -43.30 42.22
C GLU BB 81 -54.75 -44.44 42.83
N ARG BB 82 -55.44 -45.39 43.45
CA ARG BB 82 -54.85 -46.59 43.98
C ARG BB 82 -55.78 -47.75 43.69
N LEU BB 83 -55.47 -48.91 44.24
CA LEU BB 83 -56.32 -50.08 44.08
C LEU BB 83 -56.52 -50.88 45.34
N ARG BB 84 -55.74 -50.64 46.39
CA ARG BB 84 -55.85 -51.46 47.59
C ARG BB 84 -55.10 -50.81 48.73
N LYS BB 85 -55.79 -50.52 49.83
CA LYS BB 85 -55.17 -49.76 50.91
C LYS BB 85 -54.09 -50.55 51.62
N TYR BB 86 -54.28 -51.86 51.77
CA TYR BB 86 -53.35 -52.68 52.56
C TYR BB 86 -52.25 -53.27 51.67
N HIS BB 87 -51.63 -52.40 50.89
CA HIS BB 87 -50.51 -52.84 50.06
C HIS BB 87 -49.30 -53.08 50.94
N THR CB 20 -44.43 -76.63 21.78
CA THR CB 20 -43.85 -75.31 21.59
C THR CB 20 -42.33 -75.34 21.76
N TYR CB 21 -41.69 -74.23 21.47
CA TYR CB 21 -40.25 -74.07 21.66
C TYR CB 21 -39.87 -73.87 23.12
N SER CB 22 -40.81 -74.05 24.04
CA SER CB 22 -40.50 -73.93 25.45
C SER CB 22 -39.48 -74.96 25.90
N LYS CB 23 -39.34 -76.06 25.18
CA LYS CB 23 -38.48 -77.15 25.63
C LYS CB 23 -37.05 -76.71 25.86
N PRO CB 24 -36.32 -76.25 24.84
CA PRO CB 24 -34.93 -75.83 25.10
C PRO CB 24 -34.82 -74.69 26.07
N ARG CB 25 -35.77 -73.75 26.04
CA ARG CB 25 -35.69 -72.59 26.92
C ARG CB 25 -35.77 -73.02 28.37
N LEU CB 26 -36.79 -73.80 28.71
CA LEU CB 26 -36.91 -74.27 30.09
C LEU CB 26 -35.78 -75.21 30.45
N ALA CB 27 -35.27 -75.99 29.49
CA ALA CB 27 -34.13 -76.85 29.79
C ALA CB 27 -32.93 -76.03 30.22
N THR CB 28 -32.60 -74.99 29.46
CA THR CB 28 -31.49 -74.12 29.81
C THR CB 28 -31.74 -73.43 31.14
N PHE CB 29 -32.97 -72.96 31.34
CA PHE CB 29 -33.28 -72.26 32.58
C PHE CB 29 -33.07 -73.16 33.79
N TRP CB 30 -33.57 -74.39 33.71
CA TRP CB 30 -33.38 -75.34 34.80
C TRP CB 30 -31.90 -75.65 34.97
N TYR CB 31 -31.19 -75.84 33.86
CA TYR CB 31 -29.76 -76.09 33.92
C TYR CB 31 -29.06 -75.02 34.74
N TYR CB 32 -29.37 -73.76 34.46
CA TYR CB 32 -28.78 -72.67 35.22
C TYR CB 32 -29.22 -72.72 36.67
N ALA CB 33 -30.52 -72.53 36.91
CA ALA CB 33 -31.02 -72.44 38.28
C ALA CB 33 -30.47 -73.56 39.15
N LYS CB 34 -30.19 -74.71 38.54
CA LYS CB 34 -29.71 -75.85 39.31
C LYS CB 34 -28.36 -75.59 39.96
N VAL CB 35 -27.60 -74.61 39.47
CA VAL CB 35 -26.23 -74.45 39.93
C VAL CB 35 -26.01 -73.08 40.57
N GLU CB 36 -26.79 -72.08 40.17
CA GLU CB 36 -26.65 -70.76 40.80
C GLU CB 36 -27.59 -70.58 41.99
N LEU CB 37 -28.90 -70.63 41.74
CA LEU CB 37 -29.89 -70.25 42.73
C LEU CB 37 -30.23 -71.40 43.68
N VAL CB 38 -29.61 -72.56 43.51
CA VAL CB 38 -29.85 -73.71 44.37
C VAL CB 38 -29.79 -73.25 45.82
N PRO CB 39 -30.52 -73.87 46.75
CA PRO CB 39 -30.40 -73.49 48.15
C PRO CB 39 -29.00 -73.75 48.68
N PRO CB 40 -28.59 -73.08 49.74
CA PRO CB 40 -27.24 -73.23 50.25
C PRO CB 40 -27.08 -74.56 50.99
N THR CB 41 -25.92 -74.76 51.59
CA THR CB 41 -25.56 -76.02 52.21
C THR CB 41 -25.12 -75.81 53.65
N PRO CB 42 -25.27 -76.83 54.50
CA PRO CB 42 -24.80 -76.68 55.89
C PRO CB 42 -23.33 -76.33 55.99
N ALA CB 43 -22.49 -76.94 55.16
CA ALA CB 43 -21.08 -76.59 55.17
C ALA CB 43 -20.87 -75.17 54.67
N GLU CB 44 -21.73 -74.71 53.76
CA GLU CB 44 -21.63 -73.34 53.27
C GLU CB 44 -21.82 -72.33 54.40
N ILE CB 45 -22.62 -72.69 55.39
CA ILE CB 45 -23.04 -71.75 56.43
C ILE CB 45 -21.81 -71.18 57.12
N PRO CB 46 -21.00 -72.00 57.79
CA PRO CB 46 -19.89 -71.43 58.56
C PRO CB 46 -18.98 -70.55 57.72
N THR CB 47 -18.69 -70.98 56.49
CA THR CB 47 -17.78 -70.23 55.63
C THR CB 47 -18.32 -68.84 55.36
N ALA CB 48 -19.56 -68.76 54.89
CA ALA CB 48 -20.19 -67.47 54.69
C ALA CB 48 -20.21 -66.67 55.99
N ILE CB 49 -20.30 -67.35 57.12
CA ILE CB 49 -20.37 -66.64 58.39
C ILE CB 49 -19.03 -65.94 58.67
N GLN CB 50 -17.93 -66.66 58.49
CA GLN CB 50 -16.65 -65.98 58.69
C GLN CB 50 -16.43 -64.91 57.63
N SER CB 51 -16.96 -65.12 56.43
CA SER CB 51 -16.88 -64.09 55.41
C SER CB 51 -17.59 -62.82 55.87
N LEU CB 52 -18.77 -62.98 56.44
CA LEU CB 52 -19.48 -61.83 57.01
C LEU CB 52 -18.68 -61.21 58.14
N LYS CB 53 -18.02 -62.04 58.94
CA LYS CB 53 -17.18 -61.50 60.00
C LYS CB 53 -16.13 -60.57 59.42
N LYS CB 54 -15.45 -61.03 58.36
CA LYS CB 54 -14.44 -60.20 57.72
C LYS CB 54 -15.05 -58.93 57.16
N ILE CB 55 -16.22 -59.05 56.55
CA ILE CB 55 -16.88 -57.87 56.00
C ILE CB 55 -17.16 -56.86 57.09
N ILE CB 56 -17.62 -57.33 58.24
CA ILE CB 56 -17.89 -56.44 59.36
C ILE CB 56 -16.61 -55.79 59.84
N ASN CB 57 -15.54 -56.57 59.96
CA ASN CB 57 -14.26 -56.00 60.36
C ASN CB 57 -13.85 -54.89 59.42
N SER CB 58 -14.02 -55.12 58.12
CA SER CB 58 -13.70 -54.11 57.12
C SER CB 58 -14.55 -52.86 57.32
N ALA CB 59 -15.87 -53.06 57.47
CA ALA CB 59 -16.78 -51.92 57.54
C ALA CB 59 -16.50 -51.07 58.77
N LYS CB 60 -16.47 -51.70 59.95
CA LYS CB 60 -16.27 -50.95 61.18
C LYS CB 60 -14.90 -50.31 61.22
N THR CB 61 -13.90 -50.98 60.68
CA THR CB 61 -12.54 -50.44 60.72
C THR CB 61 -12.40 -49.13 59.98
N GLY CB 62 -13.36 -48.80 59.11
CA GLY CB 62 -13.21 -47.65 58.24
C GLY CB 62 -12.46 -47.94 56.97
N SER CB 63 -12.13 -49.22 56.71
CA SER CB 63 -11.41 -49.58 55.50
C SER CB 63 -12.22 -49.31 54.24
N PHE CB 64 -13.54 -49.24 54.35
CA PHE CB 64 -14.35 -48.93 53.18
C PHE CB 64 -13.97 -47.58 52.59
N LYS CB 65 -13.34 -46.71 53.38
CA LYS CB 65 -12.89 -45.42 52.88
C LYS CB 65 -11.84 -45.57 51.79
N GLN CB 66 -11.46 -46.80 51.49
CA GLN CB 66 -10.49 -47.06 50.42
C GLN CB 66 -11.11 -47.92 49.32
N LEU CB 67 -12.29 -47.54 48.85
CA LEU CB 67 -12.95 -48.24 47.76
C LEU CB 67 -13.31 -47.26 46.64
N THR CB 68 -13.31 -47.78 45.42
CA THR CB 68 -13.78 -47.00 44.29
C THR CB 68 -15.29 -46.96 44.27
N VAL CB 69 -15.83 -45.96 43.58
CA VAL CB 69 -17.28 -45.81 43.52
C VAL CB 69 -17.90 -47.01 42.83
N LYS CB 70 -17.27 -47.51 41.77
CA LYS CB 70 -17.87 -48.57 40.97
C LYS CB 70 -18.15 -49.81 41.80
N GLU CB 71 -17.14 -50.30 42.50
CA GLU CB 71 -17.31 -51.51 43.30
C GLU CB 71 -18.34 -51.30 44.39
N ALA CB 72 -18.36 -50.12 45.01
CA ALA CB 72 -19.36 -49.84 46.01
C ALA CB 72 -20.76 -49.91 45.43
N LEU CB 73 -20.94 -49.33 44.24
CA LEU CB 73 -22.24 -49.41 43.58
C LEU CB 73 -22.61 -50.85 43.30
N LEU CB 74 -21.65 -51.65 42.84
CA LEU CB 74 -21.92 -53.05 42.56
C LEU CB 74 -22.39 -53.76 43.82
N ASN CB 75 -21.69 -53.54 44.93
CA ASN CB 75 -22.07 -54.21 46.17
C ASN CB 75 -23.45 -53.77 46.62
N GLY CB 76 -23.74 -52.47 46.53
CA GLY CB 76 -25.05 -52.00 46.94
C GLY CB 76 -26.16 -52.58 46.07
N LEU CB 77 -25.90 -52.66 44.77
CA LEU CB 77 -26.88 -53.25 43.87
C LEU CB 77 -27.12 -54.71 44.21
N VAL CB 78 -26.05 -55.45 44.51
CA VAL CB 78 -26.21 -56.83 44.94
C VAL CB 78 -27.02 -56.88 46.22
N ALA CB 79 -26.81 -55.91 47.11
CA ALA CB 79 -27.58 -55.86 48.34
C ALA CB 79 -29.06 -55.70 48.05
N THR CB 80 -29.40 -54.80 47.12
CA THR CB 80 -30.80 -54.62 46.76
C THR CB 80 -31.38 -55.90 46.18
N GLU CB 81 -30.67 -56.49 45.22
CA GLU CB 81 -31.05 -57.79 44.68
C GLU CB 81 -31.40 -58.76 45.79
N VAL CB 82 -30.42 -59.09 46.61
CA VAL CB 82 -30.64 -60.10 47.64
C VAL CB 82 -31.80 -59.72 48.52
N TRP CB 83 -31.82 -58.47 48.99
CA TRP CB 83 -32.83 -58.05 49.95
C TRP CB 83 -34.23 -58.28 49.42
N MET CB 84 -34.50 -57.79 48.23
CA MET CB 84 -35.90 -57.68 47.85
C MET CB 84 -36.54 -59.02 47.54
N TRP CB 85 -35.78 -60.12 47.56
CA TRP CB 85 -36.54 -61.36 47.71
C TRP CB 85 -37.22 -61.42 49.06
N PHE CB 86 -36.87 -60.55 50.00
CA PHE CB 86 -37.74 -60.34 51.14
C PHE CB 86 -39.15 -60.01 50.68
N TYR CB 87 -39.29 -59.07 49.75
CA TYR CB 87 -40.60 -58.76 49.22
C TYR CB 87 -41.19 -59.95 48.50
N VAL CB 88 -40.35 -60.68 47.76
CA VAL CB 88 -40.84 -61.87 47.07
C VAL CB 88 -41.45 -62.85 48.06
N GLY CB 89 -40.77 -63.10 49.17
CA GLY CB 89 -41.29 -63.99 50.18
C GLY CB 89 -42.55 -63.45 50.81
N GLU CB 90 -42.59 -62.16 51.10
CA GLU CB 90 -43.81 -61.55 51.59
C GLU CB 90 -44.96 -61.91 50.65
N ILE CB 91 -44.72 -61.82 49.35
CA ILE CB 91 -45.78 -62.16 48.39
C ILE CB 91 -46.19 -63.60 48.55
N ILE CB 92 -45.26 -64.53 48.32
CA ILE CB 92 -45.70 -65.92 48.26
C ILE CB 92 -46.31 -66.34 49.59
N GLY CB 93 -45.98 -65.65 50.68
CA GLY CB 93 -46.72 -65.83 51.91
C GLY CB 93 -48.07 -65.14 51.86
N LYS CB 94 -48.07 -63.86 51.51
CA LYS CB 94 -49.31 -63.13 51.28
C LYS CB 94 -49.95 -63.68 50.01
N ARG CB 95 -50.82 -64.67 50.16
CA ARG CB 95 -51.33 -65.45 49.03
C ARG CB 95 -51.64 -64.58 47.82
N GLY CB 96 -52.10 -63.35 48.04
CA GLY CB 96 -52.44 -62.46 46.96
C GLY CB 96 -51.21 -61.91 46.26
N ILE CB 97 -51.47 -61.01 45.31
CA ILE CB 97 -50.41 -60.38 44.54
C ILE CB 97 -50.08 -58.98 45.06
N ILE CB 98 -50.91 -58.41 45.91
CA ILE CB 98 -50.66 -57.08 46.44
C ILE CB 98 -50.96 -57.06 47.93
N ASP DB 5 33.11 -44.64 -124.29
CA ASP DB 5 32.20 -43.86 -123.44
C ASP DB 5 31.64 -42.65 -124.20
N PRO DB 6 32.46 -41.98 -125.00
CA PRO DB 6 31.93 -40.87 -125.81
C PRO DB 6 31.19 -41.30 -127.05
N VAL DB 7 31.29 -42.58 -127.46
CA VAL DB 7 30.71 -43.01 -128.73
C VAL DB 7 29.19 -42.80 -128.72
N GLN DB 8 28.53 -43.18 -127.64
CA GLN DB 8 27.11 -42.95 -127.51
C GLN DB 8 26.80 -41.47 -127.70
N LYS DB 9 26.11 -41.15 -128.79
CA LYS DB 9 25.91 -39.75 -129.13
C LYS DB 9 25.11 -39.02 -128.05
N LEU DB 10 24.11 -39.69 -127.48
CA LEU DB 10 23.22 -38.98 -126.56
C LEU DB 10 23.96 -38.51 -125.32
N PHE DB 11 24.87 -39.33 -124.79
CA PHE DB 11 25.61 -38.92 -123.61
C PHE DB 11 26.42 -37.66 -123.87
N VAL DB 12 27.18 -37.64 -124.98
CA VAL DB 12 27.96 -36.46 -125.30
C VAL DB 12 27.06 -35.28 -125.59
N ASP DB 13 25.91 -35.52 -126.21
CA ASP DB 13 24.98 -34.43 -126.49
C ASP DB 13 24.51 -33.77 -125.21
N LYS DB 14 24.03 -34.57 -124.25
CA LYS DB 14 23.61 -34.01 -122.98
C LYS DB 14 24.78 -33.33 -122.29
N ILE DB 15 25.97 -33.92 -122.38
CA ILE DB 15 27.14 -33.32 -121.73
C ILE DB 15 27.37 -31.92 -122.28
N ARG DB 16 27.41 -31.79 -123.60
CA ARG DB 16 27.74 -30.49 -124.19
C ARG DB 16 26.64 -29.48 -123.92
N GLU DB 17 25.37 -29.92 -123.98
CA GLU DB 17 24.28 -28.99 -123.73
C GLU DB 17 24.32 -28.48 -122.30
N TYR DB 18 24.60 -29.36 -121.34
CA TYR DB 18 24.75 -28.90 -119.97
C TYR DB 18 25.96 -28.00 -119.80
N ARG DB 19 27.05 -28.28 -120.51
CA ARG DB 19 28.19 -27.38 -120.47
C ARG DB 19 27.76 -25.98 -120.88
N THR DB 20 27.08 -25.89 -122.01
CA THR DB 20 26.56 -24.60 -122.47
C THR DB 20 25.69 -23.97 -121.40
N LYS DB 21 24.86 -24.78 -120.74
CA LYS DB 21 24.07 -24.26 -119.63
C LYS DB 21 24.96 -23.64 -118.56
N ARG DB 22 26.04 -24.34 -118.22
CA ARG DB 22 26.92 -23.85 -117.18
C ARG DB 22 27.53 -22.51 -117.55
N GLN DB 23 28.03 -22.39 -118.78
CA GLN DB 23 28.63 -21.11 -119.15
C GLN DB 23 27.58 -20.02 -119.20
N THR DB 24 26.42 -20.30 -119.78
CA THR DB 24 25.36 -19.30 -119.81
C THR DB 24 24.87 -18.95 -118.41
N SER DB 25 25.15 -19.80 -117.44
CA SER DB 25 24.79 -19.53 -116.06
C SER DB 25 25.64 -18.47 -115.42
N GLY DB 26 26.47 -17.72 -116.15
CA GLY DB 26 27.10 -16.55 -115.58
C GLY DB 26 26.06 -15.78 -114.79
N GLY DB 27 24.85 -15.73 -115.34
CA GLY DB 27 23.66 -15.44 -114.57
C GLY DB 27 22.63 -16.51 -114.86
N PRO DB 28 21.70 -16.76 -113.93
CA PRO DB 28 20.66 -17.76 -114.19
C PRO DB 28 19.93 -17.44 -115.48
N VAL DB 29 19.70 -18.48 -116.28
CA VAL DB 29 19.25 -18.33 -117.66
C VAL DB 29 17.78 -18.72 -117.75
N ASP DB 30 17.00 -17.90 -118.45
CA ASP DB 30 15.61 -18.21 -118.78
C ASP DB 30 14.75 -18.35 -117.52
N ALA DB 31 14.74 -17.28 -116.72
CA ALA DB 31 13.83 -17.22 -115.59
C ALA DB 31 12.38 -17.20 -116.08
N GLY DB 32 11.99 -16.13 -116.76
CA GLY DB 32 10.62 -15.94 -117.19
C GLY DB 32 9.76 -15.48 -116.04
N PRO DB 33 8.86 -14.51 -116.28
CA PRO DB 33 8.12 -13.93 -115.15
C PRO DB 33 7.41 -14.96 -114.30
N GLU DB 34 6.82 -15.98 -114.93
CA GLU DB 34 6.25 -17.11 -114.22
C GLU DB 34 7.17 -17.56 -113.10
N TYR DB 35 8.48 -17.59 -113.39
CA TYR DB 35 9.46 -17.93 -112.37
C TYR DB 35 9.32 -16.99 -111.18
N GLN DB 36 9.25 -15.69 -111.44
CA GLN DB 36 9.18 -14.71 -110.36
C GLN DB 36 7.89 -14.86 -109.57
N GLN DB 37 6.75 -15.05 -110.23
CA GLN DB 37 5.50 -15.18 -109.50
C GLN DB 37 5.49 -16.45 -108.66
N ASP DB 38 6.04 -17.54 -109.18
CA ASP DB 38 6.13 -18.77 -108.40
C ASP DB 38 6.99 -18.56 -107.18
N LEU DB 39 8.15 -17.90 -107.37
CA LEU DB 39 8.98 -17.53 -106.24
C LEU DB 39 8.18 -16.74 -105.23
N ASP DB 40 7.44 -15.74 -105.71
CA ASP DB 40 6.68 -14.89 -104.81
C ASP DB 40 5.75 -15.73 -103.95
N ARG DB 41 4.93 -16.57 -104.59
CA ARG DB 41 3.92 -17.30 -103.83
C ARG DB 41 4.57 -18.30 -102.87
N GLU DB 42 5.60 -19.01 -103.32
CA GLU DB 42 6.18 -20.04 -102.46
C GLU DB 42 6.92 -19.41 -101.29
N LEU DB 43 7.67 -18.33 -101.53
CA LEU DB 43 8.28 -17.62 -100.42
C LEU DB 43 7.22 -17.07 -99.48
N PHE DB 44 6.10 -16.62 -100.02
CA PHE DB 44 5.04 -16.05 -99.18
C PHE DB 44 4.51 -17.10 -98.23
N LYS DB 45 4.16 -18.28 -98.76
CA LYS DB 45 3.68 -19.34 -97.89
C LYS DB 45 4.75 -19.76 -96.90
N LEU DB 46 6.02 -19.81 -97.34
CA LEU DB 46 7.09 -20.21 -96.44
C LEU DB 46 7.20 -19.26 -95.25
N LYS DB 47 7.30 -17.96 -95.53
CA LYS DB 47 7.44 -16.98 -94.46
C LYS DB 47 6.19 -16.95 -93.60
N GLN DB 48 5.01 -17.06 -94.21
CA GLN DB 48 3.78 -17.04 -93.46
C GLN DB 48 3.73 -18.22 -92.49
N MET DB 49 4.19 -19.39 -92.92
CA MET DB 49 4.33 -20.51 -92.01
C MET DB 49 5.35 -20.20 -90.92
N TYR DB 50 6.45 -19.54 -91.28
CA TYR DB 50 7.48 -19.25 -90.30
C TYR DB 50 7.14 -18.01 -89.47
N GLY DB 51 6.99 -16.86 -90.13
CA GLY DB 51 6.67 -15.64 -89.42
C GLY DB 51 7.03 -14.44 -90.28
N LYS DB 52 6.99 -13.27 -89.63
CA LYS DB 52 7.30 -12.01 -90.28
C LYS DB 52 8.66 -11.45 -89.83
N ALA DB 53 9.49 -12.27 -89.19
CA ALA DB 53 10.80 -11.81 -88.75
C ALA DB 53 11.66 -11.46 -89.96
N ASP DB 54 12.78 -10.80 -89.68
CA ASP DB 54 13.69 -10.40 -90.74
C ASP DB 54 14.35 -11.63 -91.36
N MET DB 55 15.11 -11.38 -92.42
CA MET DB 55 15.90 -12.43 -93.04
C MET DB 55 16.88 -13.02 -92.04
N ASN DB 56 17.59 -12.16 -91.29
CA ASN DB 56 18.69 -12.62 -90.47
C ASN DB 56 18.80 -11.91 -89.13
N THR DB 57 17.68 -11.49 -88.54
CA THR DB 57 17.74 -10.76 -87.27
C THR DB 57 17.83 -11.73 -86.10
N PHE DB 58 18.87 -11.58 -85.29
CA PHE DB 58 19.07 -12.40 -84.10
C PHE DB 58 18.29 -11.80 -82.94
N PRO DB 59 17.09 -12.31 -82.64
CA PRO DB 59 16.21 -11.61 -81.70
C PRO DB 59 16.43 -12.04 -80.26
N ASN DB 60 15.61 -11.49 -79.37
CA ASN DB 60 15.59 -11.91 -77.97
C ASN DB 60 14.16 -11.83 -77.46
N PHE DB 61 13.89 -12.55 -76.36
CA PHE DB 61 12.56 -12.59 -75.78
C PHE DB 61 12.34 -11.55 -74.69
N THR DB 62 13.39 -11.07 -74.04
CA THR DB 62 13.26 -10.11 -72.93
C THR DB 62 12.42 -10.71 -71.80
N PHE DB 63 13.02 -11.72 -71.17
CA PHE DB 63 12.30 -12.57 -70.23
C PHE DB 63 11.70 -11.76 -69.07
N GLU DB 64 10.89 -12.46 -68.29
CA GLU DB 64 10.20 -11.89 -67.13
C GLU DB 64 10.06 -12.99 -66.08
N ASP DB 65 9.42 -12.65 -64.96
CA ASP DB 65 9.22 -13.55 -63.84
C ASP DB 65 7.77 -13.55 -63.41
N PRO DB 66 7.33 -14.61 -62.70
CA PRO DB 66 5.93 -14.72 -62.26
C PRO DB 66 5.47 -13.54 -61.40
N LEU EB 2 -22.76 -15.28 28.28
CA LEU EB 2 -23.91 -15.74 27.50
C LEU EB 2 -23.92 -15.05 26.15
N GLN EB 3 -23.29 -13.87 26.07
CA GLN EB 3 -23.28 -13.13 24.82
C GLN EB 3 -22.70 -13.98 23.69
N SER EB 4 -21.87 -14.95 24.03
CA SER EB 4 -21.35 -15.86 23.01
C SER EB 4 -22.48 -16.61 22.33
N LEU EB 5 -23.45 -17.09 23.11
CA LEU EB 5 -24.58 -17.80 22.53
C LEU EB 5 -25.33 -16.91 21.56
N ILE EB 6 -25.54 -15.65 21.93
CA ILE EB 6 -26.24 -14.74 21.02
C ILE EB 6 -25.40 -14.49 19.78
N LYS EB 7 -24.09 -14.38 19.93
CA LYS EB 7 -23.25 -14.22 18.75
C LYS EB 7 -23.34 -15.45 17.85
N LYS EB 8 -23.60 -16.61 18.43
CA LYS EB 8 -23.77 -17.81 17.62
C LYS EB 8 -25.13 -17.87 16.95
N VAL EB 9 -26.17 -17.36 17.61
CA VAL EB 9 -27.53 -17.48 17.11
C VAL EB 9 -27.89 -16.33 16.18
N TRP EB 10 -27.82 -15.11 16.68
CA TRP EB 10 -28.29 -13.97 15.91
C TRP EB 10 -27.57 -13.83 14.58
N ILE EB 11 -26.37 -14.41 14.45
CA ILE EB 11 -25.62 -14.29 13.20
C ILE EB 11 -26.36 -15.06 12.12
N PRO EB 12 -26.51 -16.38 12.22
CA PRO EB 12 -27.20 -17.12 11.15
C PRO EB 12 -28.61 -16.63 10.90
N MET EB 13 -29.34 -16.22 11.93
CA MET EB 13 -30.73 -15.80 11.79
C MET EB 13 -30.86 -14.33 11.47
N LYS EB 14 -29.77 -13.64 11.17
CA LYS EB 14 -29.85 -12.25 10.78
C LYS EB 14 -30.96 -12.02 9.77
N PRO EB 15 -30.89 -12.67 8.60
CA PRO EB 15 -31.89 -12.36 7.57
C PRO EB 15 -33.31 -12.62 8.00
N TYR EB 16 -33.54 -13.70 8.74
CA TYR EB 16 -34.90 -14.06 9.13
C TYR EB 16 -35.47 -13.02 10.08
N TYR EB 17 -34.73 -12.68 11.13
CA TYR EB 17 -35.25 -11.85 12.20
C TYR EB 17 -35.08 -10.36 11.94
N THR EB 18 -34.36 -9.96 10.89
CA THR EB 18 -34.06 -8.56 10.67
C THR EB 18 -34.81 -7.99 9.49
N GLN EB 19 -34.67 -8.60 8.31
CA GLN EB 19 -35.27 -8.08 7.09
C GLN EB 19 -36.27 -9.03 6.46
N ALA EB 20 -36.07 -10.34 6.60
CA ALA EB 20 -36.93 -11.28 5.90
C ALA EB 20 -38.35 -11.24 6.45
N TYR EB 21 -38.50 -11.57 7.74
CA TYR EB 21 -39.80 -11.95 8.26
C TYR EB 21 -40.28 -11.04 9.38
N GLN EB 22 -40.17 -9.73 9.17
CA GLN EB 22 -40.85 -8.80 10.06
C GLN EB 22 -42.35 -9.03 10.08
N GLU EB 23 -42.90 -9.65 9.04
CA GLU EB 23 -44.34 -9.88 9.00
C GLU EB 23 -44.77 -10.81 10.12
N ILE EB 24 -44.02 -11.89 10.35
CA ILE EB 24 -44.36 -12.77 11.45
C ILE EB 24 -44.23 -12.04 12.77
N TRP EB 25 -43.37 -11.03 12.86
CA TRP EB 25 -43.26 -10.26 14.09
C TRP EB 25 -44.49 -9.38 14.30
N VAL EB 26 -45.02 -8.79 13.24
CA VAL EB 26 -46.30 -8.09 13.38
C VAL EB 26 -47.37 -9.08 13.82
N GLY EB 27 -47.37 -10.26 13.23
CA GLY EB 27 -48.30 -11.29 13.67
C GLY EB 27 -48.12 -11.60 15.14
N THR EB 28 -46.88 -11.62 15.61
CA THR EB 28 -46.65 -11.90 17.02
C THR EB 28 -47.14 -10.76 17.90
N GLY EB 29 -47.04 -9.52 17.42
CA GLY EB 29 -47.65 -8.43 18.15
C GLY EB 29 -49.14 -8.63 18.30
N LEU EB 30 -49.79 -9.04 17.22
CA LEU EB 30 -51.21 -9.35 17.29
C LEU EB 30 -51.48 -10.50 18.25
N MET EB 31 -50.60 -11.51 18.25
CA MET EB 31 -50.65 -12.56 19.24
C MET EB 31 -50.69 -11.99 20.64
N ALA EB 32 -49.74 -11.12 20.93
CA ALA EB 32 -49.63 -10.60 22.29
C ALA EB 32 -50.89 -9.86 22.67
N TYR EB 33 -51.40 -9.03 21.77
CA TYR EB 33 -52.61 -8.28 22.10
C TYR EB 33 -53.78 -9.22 22.35
N ILE EB 34 -53.94 -10.23 21.49
CA ILE EB 34 -55.09 -11.12 21.64
C ILE EB 34 -55.01 -11.90 22.94
N VAL EB 35 -53.85 -12.47 23.23
CA VAL EB 35 -53.74 -13.26 24.45
C VAL EB 35 -53.82 -12.35 25.67
N TYR EB 36 -53.39 -11.09 25.55
CA TYR EB 36 -53.56 -10.17 26.66
C TYR EB 36 -55.04 -9.86 26.88
N LYS EB 37 -55.80 -9.77 25.80
CA LYS EB 37 -57.24 -9.56 25.95
C LYS EB 37 -57.88 -10.75 26.63
N ILE EB 38 -57.49 -11.97 26.26
CA ILE EB 38 -58.04 -13.14 26.93
C ILE EB 38 -57.61 -13.17 28.40
N ARG EB 39 -56.34 -12.86 28.66
CA ARG EB 39 -55.88 -12.63 30.02
C ARG EB 39 -56.84 -11.76 30.78
N SER EB 40 -57.05 -10.54 30.29
CA SER EB 40 -57.88 -9.59 31.02
C SER EB 40 -59.29 -10.13 31.20
N ALA EB 41 -59.86 -10.73 30.16
CA ALA EB 41 -61.24 -11.19 30.25
C ALA EB 41 -61.38 -12.27 31.30
N ASP EB 42 -60.48 -13.26 31.29
CA ASP EB 42 -60.62 -14.35 32.26
C ASP EB 42 -60.31 -13.89 33.66
N LYS EB 43 -59.33 -13.00 33.83
CA LYS EB 43 -59.07 -12.47 35.17
C LYS EB 43 -60.28 -11.71 35.68
N ARG EB 44 -60.89 -10.91 34.81
CA ARG EB 44 -62.12 -10.22 35.18
C ARG EB 44 -63.18 -11.22 35.64
N SER EB 45 -63.44 -12.23 34.81
CA SER EB 45 -64.48 -13.19 35.15
C SER EB 45 -64.19 -13.89 36.47
N LYS EB 46 -62.92 -14.23 36.71
CA LYS EB 46 -62.57 -14.82 38.00
C LYS EB 46 -62.84 -13.83 39.13
N ALA EB 47 -62.54 -12.56 38.91
CA ALA EB 47 -62.83 -11.55 39.92
C ALA EB 47 -64.32 -11.46 40.23
N LEU EB 48 -65.16 -11.72 39.24
CA LEU EB 48 -66.60 -11.77 39.45
C LEU EB 48 -67.06 -13.12 40.01
N LYS EB 49 -66.16 -13.87 40.64
CA LYS EB 49 -66.53 -15.09 41.37
C LYS EB 49 -65.98 -15.05 42.78
N THR FB 12 -68.35 1.47 -20.00
CA THR FB 12 -69.38 2.27 -19.34
C THR FB 12 -68.92 2.69 -17.95
N GLY FB 13 -69.85 3.22 -17.16
CA GLY FB 13 -69.50 3.78 -15.87
C GLY FB 13 -69.53 2.78 -14.75
N ILE FB 14 -70.48 2.94 -13.82
CA ILE FB 14 -70.51 2.11 -12.63
C ILE FB 14 -70.56 0.63 -13.00
N LYS FB 15 -71.21 0.29 -14.10
CA LYS FB 15 -71.26 -1.11 -14.52
C LYS FB 15 -69.85 -1.66 -14.73
N LYS FB 16 -69.04 -0.97 -15.53
CA LYS FB 16 -67.64 -1.35 -15.69
C LYS FB 16 -66.82 -0.95 -14.48
N TYR FB 17 -67.12 0.21 -13.89
CA TYR FB 17 -66.34 0.69 -12.76
C TYR FB 17 -66.42 -0.31 -11.61
N PHE FB 18 -67.60 -0.87 -11.36
CA PHE FB 18 -67.83 -1.84 -10.30
C PHE FB 18 -68.07 -3.24 -10.84
N ASN FB 19 -67.59 -3.54 -12.05
CA ASN FB 19 -67.87 -4.82 -12.66
C ASN FB 19 -67.34 -5.95 -11.77
N SER FB 20 -68.14 -7.01 -11.64
CA SER FB 20 -67.74 -8.14 -10.81
C SER FB 20 -66.63 -8.94 -11.46
N TYR FB 21 -66.57 -8.97 -12.78
CA TYR FB 21 -65.48 -9.65 -13.46
C TYR FB 21 -64.18 -8.87 -13.31
N THR FB 22 -64.22 -7.57 -13.55
CA THR FB 22 -63.00 -6.77 -13.63
C THR FB 22 -62.28 -6.73 -12.28
N LEU FB 23 -60.98 -7.01 -12.30
CA LEU FB 23 -60.18 -7.00 -11.08
C LEU FB 23 -60.44 -5.74 -10.28
N THR FB 24 -60.14 -4.59 -10.88
CA THR FB 24 -60.40 -3.33 -10.18
C THR FB 24 -61.84 -3.25 -9.73
N GLY FB 25 -62.77 -3.70 -10.58
CA GLY FB 25 -64.17 -3.72 -10.18
C GLY FB 25 -64.41 -4.60 -8.98
N ARG FB 26 -63.73 -5.76 -8.93
CA ARG FB 26 -63.83 -6.62 -7.77
C ARG FB 26 -63.39 -5.87 -6.51
N MET FB 27 -62.24 -5.21 -6.58
CA MET FB 27 -61.76 -4.48 -5.43
C MET FB 27 -62.76 -3.41 -5.02
N ASN FB 28 -63.32 -2.70 -6.01
CA ASN FB 28 -64.23 -1.60 -5.70
C ASN FB 28 -65.49 -2.13 -5.03
N CYS FB 29 -66.00 -3.27 -5.51
CA CYS FB 29 -67.17 -3.86 -4.89
C CYS FB 29 -66.87 -4.27 -3.46
N VAL FB 30 -65.70 -4.88 -3.22
CA VAL FB 30 -65.34 -5.27 -1.87
C VAL FB 30 -65.27 -4.04 -0.98
N LEU FB 31 -64.63 -2.98 -1.46
CA LEU FB 31 -64.48 -1.78 -0.65
C LEU FB 31 -65.83 -1.15 -0.39
N ALA FB 32 -66.73 -1.15 -1.37
CA ALA FB 32 -68.07 -0.61 -1.16
C ALA FB 32 -68.80 -1.40 -0.09
N THR FB 33 -68.70 -2.72 -0.13
CA THR FB 33 -69.35 -3.53 0.89
C THR FB 33 -68.79 -3.21 2.27
N TYR FB 34 -67.46 -3.10 2.37
CA TYR FB 34 -66.86 -2.77 3.65
C TYR FB 34 -67.33 -1.41 4.14
N GLY FB 35 -67.38 -0.43 3.24
CA GLY FB 35 -67.82 0.90 3.63
C GLY FB 35 -69.26 0.91 4.10
N SER FB 36 -70.13 0.18 3.41
CA SER FB 36 -71.52 0.10 3.84
C SER FB 36 -71.62 -0.56 5.21
N ILE FB 37 -70.83 -1.61 5.44
CA ILE FB 37 -70.86 -2.28 6.74
C ILE FB 37 -70.43 -1.33 7.84
N ALA FB 38 -69.34 -0.59 7.61
CA ALA FB 38 -68.89 0.37 8.61
C ALA FB 38 -69.93 1.45 8.83
N LEU FB 39 -70.54 1.92 7.75
CA LEU FB 39 -71.62 2.89 7.85
C LEU FB 39 -72.71 2.39 8.79
N ILE FB 40 -73.19 1.18 8.55
CA ILE FB 40 -74.32 0.67 9.34
C ILE FB 40 -73.92 0.45 10.78
N VAL FB 41 -72.74 -0.12 11.02
CA VAL FB 41 -72.35 -0.42 12.39
C VAL FB 41 -72.18 0.87 13.19
N LEU FB 42 -71.56 1.89 12.59
CA LEU FB 42 -71.46 3.18 13.29
C LEU FB 42 -72.84 3.82 13.46
N TYR FB 43 -73.69 3.72 12.44
CA TYR FB 43 -75.02 4.29 12.52
C TYR FB 43 -75.77 3.76 13.72
N PHE FB 44 -75.74 2.45 13.92
CA PHE FB 44 -76.48 1.82 15.00
C PHE FB 44 -75.69 1.69 16.29
N LYS FB 45 -74.41 2.07 16.29
CA LYS FB 45 -73.67 2.12 17.55
C LYS FB 45 -74.21 3.22 18.47
N LEU FB 46 -74.58 4.36 17.88
CA LEU FB 46 -75.03 5.50 18.66
C LEU FB 46 -76.52 5.44 19.01
N ARG FB 47 -77.26 4.51 18.43
CA ARG FB 47 -78.69 4.39 18.73
C ARG FB 47 -78.88 3.72 20.08
C1 CDL GB . -26.70 14.94 19.65
O1 CDL GB . -27.27 14.47 20.84
CA2 CDL GB . -26.58 13.80 18.65
OA2 CDL GB . -27.82 13.16 18.53
PA1 CDL GB . -28.62 13.24 17.09
OA3 CDL GB . -28.59 14.65 16.56
OA4 CDL GB . -27.93 12.33 16.10
OA5 CDL GB . -30.18 12.76 17.30
CA3 CDL GB . -30.50 11.42 17.04
CA4 CDL GB . -30.88 10.72 18.35
OA6 CDL GB . -32.14 11.15 18.74
CA5 CDL GB . -33.20 10.48 18.12
OA7 CDL GB . -33.04 9.97 17.06
C11 CDL GB . -34.56 10.41 18.80
C12 CDL GB . -35.56 11.27 18.02
C13 CDL GB . -36.57 10.40 17.28
C14 CDL GB . -37.85 11.20 17.06
C15 CDL GB . -38.82 10.95 18.21
C16 CDL GB . -39.57 12.25 18.54
C17 CDL GB . -40.94 11.92 19.14
C18 CDL GB . -41.68 13.22 19.45
C19 CDL GB . -43.18 12.98 19.44
C20 CDL GB . -43.89 14.29 19.76
C21 CDL GB . -45.40 14.08 19.80
C22 CDL GB . -46.10 15.43 19.94
CA6 CDL GB . -29.86 11.08 19.43
OA8 CDL GB . -30.28 10.54 20.64
CA7 CDL GB . -30.20 9.15 20.68
OA9 CDL GB . -29.15 8.62 20.76
C31 CDL GB . -31.48 8.31 20.61
C32 CDL GB . -31.23 6.95 21.29
C33 CDL GB . -32.54 6.45 21.89
C34 CDL GB . -32.52 4.93 21.97
C35 CDL GB . -33.92 4.44 22.34
C36 CDL GB . -34.01 2.93 22.17
C37 CDL GB . -33.13 2.23 23.21
C38 CDL GB . -33.58 0.77 23.36
C39 CDL GB . -32.66 0.04 24.34
C40 CDL GB . -31.27 -0.13 23.72
C41 CDL GB . -30.50 -1.21 24.47
C42 CDL GB . -29.02 -0.85 24.48
CB2 CDL GB . -27.58 16.04 19.05
OB2 CDL GB . -27.79 17.06 19.98
PB2 CDL GB . -28.85 16.76 21.20
OB3 CDL GB . -28.16 15.89 22.20
OB4 CDL GB . -29.28 18.06 21.84
OB5 CDL GB . -30.17 15.97 20.60
CB3 CDL GB . -31.12 15.53 21.54
CB4 CDL GB . -32.02 14.48 20.91
OB6 CDL GB . -33.19 15.10 20.50
CB5 CDL GB . -33.10 15.66 19.22
OB7 CDL GB . -32.05 16.03 18.81
C51 CDL GB . -34.36 15.81 18.34
C52 CDL GB . -35.10 14.47 18.30
C53 CDL GB . -36.41 14.61 19.09
C54 CDL GB . -37.43 15.44 18.29
C55 CDL GB . -38.27 16.26 19.29
C56 CDL GB . -39.65 16.55 18.71
C57 CDL GB . -39.64 17.94 18.03
C58 CDL GB . -41.08 18.33 17.71
C59 CDL GB . -41.15 19.19 16.43
C60 CDL GB . -42.47 19.97 16.42
C61 CDL GB . -43.66 19.03 16.19
C62 CDL GB . -44.95 19.70 16.65
C63 CDL GB . -45.10 19.55 18.18
C64 CDL GB . -46.50 20.00 18.61
C65 CDL GB . -46.62 21.52 18.51
C66 CDL GB . -47.81 22.01 19.34
C67 CDL GB . -47.86 23.53 19.35
CB6 CDL GB . -32.35 13.39 21.93
OB8 CDL GB . -33.34 13.85 22.82
CB7 CDL GB . -34.56 13.16 22.78
OB9 CDL GB . -34.59 12.00 22.55
C71 CDL GB . -35.87 13.91 23.05
C72 CDL GB . -37.05 12.93 23.02
C73 CDL GB . -38.25 13.55 23.75
C74 CDL GB . -39.47 13.55 22.84
C75 CDL GB . -40.75 13.73 23.68
C76 CDL GB . -41.24 15.18 23.58
C77 CDL GB . -42.77 15.20 23.60
C78 CDL GB . -43.28 15.94 24.84
C79 CDL GB . -44.68 15.41 25.22
C80 CDL GB . -45.49 16.55 25.87
C81 CDL GB . -46.73 15.96 26.54
C1 CDL HB . -34.27 39.48 28.95
O1 CDL HB . -33.32 39.39 29.98
CA2 CDL HB . -34.50 38.10 28.34
OA2 CDL HB . -33.43 37.77 27.51
PA1 CDL HB . -31.96 37.48 28.19
OA3 CDL HB . -30.90 38.25 27.46
OA4 CDL HB . -31.99 37.89 29.63
OA5 CDL HB . -31.62 35.88 28.10
CA3 CDL HB . -30.31 35.52 28.41
CA4 CDL HB . -30.33 34.36 29.39
OA6 CDL HB . -30.71 33.20 28.72
CA5 CDL HB . -29.62 32.47 28.27
OA7 CDL HB . -28.73 33.02 27.73
C11 CDL HB . -29.56 30.97 28.47
C12 CDL HB . -30.43 30.57 29.66
C13 CDL HB . -29.70 29.55 30.52
C14 CDL HB . -30.70 28.54 31.05
C15 CDL HB . -29.95 27.45 31.83
C16 CDL HB . -30.36 26.08 31.32
C17 CDL HB . -31.72 25.72 31.87
C18 CDL HB . -32.12 24.33 31.40
C19 CDL HB . -32.90 23.61 32.48
C20 CDL HB . -34.25 24.30 32.70
C21 CDL HB . -35.11 23.43 33.61
C22 CDL HB . -36.58 23.72 33.38
C23 CDL HB . -36.94 25.12 33.88
C24 CDL HB . -38.44 25.20 34.12
C25 CDL HB . -38.80 26.58 34.63
CA6 CDL HB . -31.34 34.64 30.50
OA8 CDL HB . -31.26 33.60 31.45
CA7 CDL HB . -32.28 33.60 32.40
OA9 CDL HB . -33.22 34.30 32.27
C31 CDL HB . -32.18 32.70 33.63
C32 CDL HB . -32.50 31.26 33.23
C33 CDL HB . -32.52 30.38 34.48
C34 CDL HB . -32.76 28.92 34.11
C35 CDL HB . -33.03 28.09 35.36
C36 CDL HB . -31.71 27.77 36.05
C37 CDL HB . -31.96 27.22 37.45
C38 CDL HB . -30.62 27.04 38.14
C39 CDL HB . -30.82 26.65 39.61
C40 CDL HB . -29.53 26.89 40.37
C41 CDL HB . -28.50 25.83 39.99
C42 CDL HB . -27.24 26.03 40.81
C43 CDL HB . -26.20 24.96 40.45
CB2 CDL HB . -35.58 40.00 29.53
OB2 CDL HB . -36.46 40.28 28.47
PB2 CDL HB . -37.10 41.80 28.37
OB3 CDL HB . -37.00 42.49 29.70
OB4 CDL HB . -36.33 42.60 27.35
OB5 CDL HB . -38.68 41.69 27.92
CB3 CDL HB . -39.18 40.45 27.52
CB4 CDL HB . -39.47 39.60 28.76
OB6 CDL HB . -39.28 38.26 28.45
CB5 CDL HB . -39.46 37.40 29.55
OB7 CDL HB . -39.46 37.85 30.64
C51 CDL HB . -39.66 35.90 29.34
C52 CDL HB . -41.03 35.47 29.89
C53 CDL HB . -41.33 34.05 29.40
C54 CDL HB . -42.17 33.31 30.44
C55 CDL HB . -42.66 31.99 29.83
C56 CDL HB . -42.71 30.88 30.90
C57 CDL HB . -41.44 30.03 30.84
C58 CDL HB . -40.22 30.88 31.26
C59 CDL HB . -39.00 29.95 31.42
C60 CDL HB . -37.87 30.69 32.17
C61 CDL HB . -36.87 29.67 32.70
C62 CDL HB . -36.14 30.23 33.94
C63 CDL HB . -36.25 29.23 35.10
C64 CDL HB . -35.91 29.95 36.41
C65 CDL HB . -35.90 28.95 37.58
C66 CDL HB . -35.56 29.68 38.87
C67 CDL HB . -34.95 28.69 39.87
CB6 CDL HB . -40.91 39.83 29.20
OB8 CDL HB . -41.73 38.85 28.62
CB7 CDL HB . -43.11 39.14 28.70
OB9 CDL HB . -43.47 40.22 28.99
C71 CDL HB . -44.14 38.05 28.39
C72 CDL HB . -44.93 37.74 29.66
C73 CDL HB . -46.19 36.93 29.32
C74 CDL HB . -45.88 35.42 29.42
C75 CDL HB . -47.18 34.63 29.22
C76 CDL HB . -48.39 35.53 29.50
C1 CDL IB . -39.85 29.89 8.40
O1 CDL IB . -39.70 28.52 8.22
CA2 CDL IB . -38.55 30.50 8.94
OA2 CDL IB . -37.60 29.48 9.05
PA1 CDL IB . -37.73 28.44 10.32
OA3 CDL IB . -38.16 27.09 9.80
OA4 CDL IB . -36.39 28.32 11.00
OA5 CDL IB . -38.84 29.03 11.37
CA3 CDL IB . -40.18 28.62 11.23
CA4 CDL IB . -40.60 27.87 12.49
OA6 CDL IB . -40.47 28.71 13.59
CA5 CDL IB . -40.94 28.16 14.78
OA7 CDL IB . -40.38 27.25 15.28
C11 CDL IB . -42.19 28.75 15.44
C12 CDL IB . -42.61 27.86 16.60
C13 CDL IB . -43.41 28.69 17.59
C14 CDL IB . -44.13 27.76 18.56
C15 CDL IB . -44.95 28.60 19.53
C16 CDL IB . -46.16 27.80 19.98
C17 CDL IB . -46.96 28.63 20.99
C18 CDL IB . -48.32 27.98 21.20
C19 CDL IB . -49.17 28.90 22.07
C20 CDL IB . -49.98 28.08 23.07
C21 CDL IB . -50.48 29.00 24.18
C22 CDL IB . -49.81 28.62 25.51
C23 CDL IB . -50.42 29.46 26.62
C24 CDL IB . -49.37 30.38 27.22
C25 CDL IB . -48.45 29.61 28.15
C26 CDL IB . -47.68 30.58 29.03
C27 CDL IB . -46.40 29.92 29.53
CA6 CDL IB . -39.72 26.65 12.68
OA8 CDL IB . -40.42 25.68 13.40
CA7 CDL IB . -39.67 24.55 13.69
OA9 CDL IB . -38.49 24.63 13.75
C31 CDL IB . -40.36 23.21 13.94
C32 CDL IB . -41.70 23.46 14.61
C33 CDL IB . -41.48 24.00 16.03
C34 CDL IB . -42.69 23.65 16.91
C35 CDL IB . -42.76 24.58 18.12
C36 CDL IB . -41.69 24.21 19.14
C37 CDL IB . -42.15 23.01 19.93
C38 CDL IB . -40.94 22.27 20.51
C39 CDL IB . -40.20 21.51 19.41
C40 CDL IB . -38.72 21.88 19.43
C41 CDL IB . -38.10 21.37 20.72
C42 CDL IB . -36.58 21.50 20.67
C43 CDL IB . -36.11 22.37 21.83
C44 CDL IB . -34.59 22.38 21.87
C45 CDL IB . -34.11 22.90 23.22
C46 CDL IB . -34.46 24.38 23.35
CB2 CDL IB . -40.19 30.54 7.05
OB2 CDL IB . -41.56 30.37 6.80
PB2 CDL IB . -42.55 31.69 6.79
OB3 CDL IB . -41.76 32.97 7.00
OB4 CDL IB . -43.26 31.75 5.47
OB5 CDL IB . -43.63 31.54 8.02
CB3 CDL IB . -43.21 30.85 9.17
CB4 CDL IB . -44.27 30.98 10.26
OB6 CDL IB . -45.25 31.91 9.89
CB5 CDL IB . -46.31 31.39 9.15
OB7 CDL IB . -46.13 30.97 8.06
C51 CDL IB . -47.73 31.35 9.74
C52 CDL IB . -48.40 30.02 9.38
C53 CDL IB . -48.76 29.25 10.66
C54 CDL IB . -49.97 29.90 11.35
C55 CDL IB . -50.74 28.83 12.13
C56 CDL IB . -51.44 29.47 13.34
CB6 CDL IB . -43.58 31.45 11.55
OB8 CDL IB . -44.35 31.06 12.66
CB7 CDL IB . -45.54 31.80 12.79
OB9 CDL IB . -45.64 32.86 12.28
C71 CDL IB . -46.70 31.21 13.61
C72 CDL IB . -46.28 31.04 15.08
C73 CDL IB . -47.39 30.29 15.83
C74 CDL IB . -47.63 30.94 17.20
C75 CDL IB . -49.09 30.72 17.61
C76 CDL IB . -49.56 31.90 18.49
C77 CDL IB . -51.07 31.83 18.68
O1 LHG JB . -39.90 20.11 6.57
C1 LHG JB . -40.64 20.27 5.36
C2 LHG JB . -41.44 21.56 5.44
O2 LHG JB . -42.60 21.50 4.65
C3 LHG JB . -40.68 22.76 4.95
O3 LHG JB . -41.41 23.76 5.62
P LHG JB . -42.60 24.53 4.88
O4 LHG JB . -42.21 25.97 4.80
O5 LHG JB . -43.11 23.55 3.89
O6 LHG JB . -43.61 24.53 6.19
C4 LHG JB . -43.14 25.00 7.41
C5 LHG JB . -44.42 25.38 8.16
C6 LHG JB . -45.29 24.18 8.45
O7 LHG JB . -44.00 25.92 9.39
C7 LHG JB . -44.90 26.76 9.93
O9 LHG JB . -46.05 26.84 9.55
C8 LHG JB . -44.38 27.33 11.18
C9 LHG JB . -44.32 26.25 12.22
C10 LHG JB . -45.45 26.42 13.18
O8 LHG JB . -46.63 24.67 8.30
C23 LHG JB . -47.63 23.75 8.40
O10 LHG JB . -47.35 22.59 8.63
C24 LHG JB . -49.06 24.21 8.62
C11 LHG JB . -45.47 25.07 13.86
C12 LHG JB . -46.27 25.17 15.12
C13 LHG JB . -47.73 25.07 14.75
C14 LHG JB . -48.61 25.45 15.91
C15 LHG JB . -48.55 26.96 16.03
C16 LHG JB . -49.95 27.50 16.25
C17 LHG JB . -50.50 27.07 17.61
C18 LHG JB . -51.97 27.38 17.52
C19 LHG JB . -52.79 26.33 16.80
C20 LHG JB . -52.90 25.24 17.83
C25 LHG JB . -50.08 23.12 8.81
C26 LHG JB . -51.46 23.54 9.30
C27 LHG JB . -52.37 22.45 8.80
C28 LHG JB . -53.72 22.35 9.47
C29 LHG JB . -54.40 23.68 9.23
C30 LHG JB . -54.42 24.65 10.40
O1 LHG KB . -70.71 20.80 20.67
C1 LHG KB . -70.33 19.55 21.25
C2 LHG KB . -69.82 19.81 22.65
O2 LHG KB . -70.89 19.83 23.58
C3 LHG KB . -69.11 21.13 22.81
O3 LHG KB . -68.03 20.71 23.60
P LHG KB . -66.89 21.75 24.08
O4 LHG KB . -67.56 23.02 24.45
O5 LHG KB . -65.89 20.89 24.75
O6 LHG KB . -66.34 22.08 22.54
C4 LHG KB . -65.83 21.06 21.74
C5 LHG KB . -64.38 20.91 22.20
C6 LHG KB . -64.07 19.48 22.61
O7 LHG KB . -63.57 21.23 21.10
C7 LHG KB . -63.46 22.57 20.89
O9 LHG KB . -64.12 23.39 21.48
C8 LHG KB . -62.57 22.84 19.74
C9 LHG KB . -61.82 24.14 19.97
C10 LHG KB . -60.34 23.91 19.79
O8 LHG KB . -62.80 19.58 23.28
C23 LHG KB . -61.69 19.15 22.61
O10 LHG KB . -61.81 18.28 21.75
C24 LHG KB . -60.29 19.54 23.08
C11 LHG KB . -59.81 25.31 19.63
C12 LHG KB . -58.31 25.25 19.61
C13 LHG KB . -57.77 26.65 19.57
C14 LHG KB . -56.42 26.74 20.23
C15 LHG KB . -55.96 28.17 20.11
C16 LHG KB . -55.15 28.53 21.33
C17 LHG KB . -53.99 29.43 20.94
C18 LHG KB . -53.82 30.36 22.12
C19 LHG KB . -52.64 31.29 21.95
C20 LHG KB . -52.87 32.37 23.00
C21 LHG KB . -51.90 33.48 22.77
C22 LHG KB . -51.81 34.31 24.04
C25 LHG KB . -60.04 21.02 23.28
C26 LHG KB . -58.71 21.37 23.93
C27 LHG KB . -58.58 22.86 23.79
C28 LHG KB . -57.23 23.43 24.15
C29 LHG KB . -57.41 24.92 24.38
C30 LHG KB . -56.14 25.71 24.57
C31 LHG KB . -55.94 26.37 25.91
C32 LHG KB . -54.50 26.65 26.29
C33 LHG KB . -54.52 27.61 27.45
C34 LHG KB . -53.58 27.30 28.58
C35 LHG KB . -53.13 28.58 29.28
C36 LHG KB . -52.55 28.19 30.63
C37 LHG KB . -51.55 29.25 31.01
C38 LHG KB . -52.16 30.55 31.48
C1 CDL LB . -24.80 -28.12 16.65
O1 CDL LB . -26.12 -27.72 16.82
CA2 CDL LB . -23.86 -26.98 17.06
OA2 CDL LB . -24.27 -26.46 18.29
PA1 CDL LB . -23.31 -26.67 19.61
OA3 CDL LB . -22.53 -27.96 19.49
OA4 CDL LB . -22.35 -25.52 19.71
OA5 CDL LB . -24.22 -26.74 20.99
CA3 CDL LB . -24.46 -25.55 21.69
CA4 CDL LB . -25.94 -25.21 21.63
OA6 CDL LB . -26.64 -26.02 22.52
CA5 CDL LB . -26.65 -25.57 23.85
OA7 CDL LB . -25.66 -25.16 24.34
C11 CDL LB . -27.93 -25.61 24.67
C12 CDL LB . -27.78 -26.61 25.80
C13 CDL LB . -27.82 -25.90 27.15
C14 CDL LB . -28.11 -26.92 28.25
C15 CDL LB . -29.60 -26.93 28.59
C16 CDL LB . -30.03 -28.34 28.98
C17 CDL LB . -31.07 -28.28 30.10
C18 CDL LB . -31.79 -29.62 30.17
C19 CDL LB . -32.16 -29.99 31.59
C20 CDL LB . -32.53 -31.47 31.62
C21 CDL LB . -32.81 -31.92 33.05
C22 CDL LB . -32.70 -33.45 33.12
CA6 CDL LB . -26.46 -25.44 20.21
OA8 CDL LB . -27.83 -25.19 20.18
CA7 CDL LB . -28.14 -23.83 20.19
OA9 CDL LB . -28.03 -23.20 19.20
C31 CDL LB . -28.62 -23.17 21.48
C32 CDL LB . -29.41 -21.90 21.17
C33 CDL LB . -30.47 -21.72 22.24
C34 CDL LB . -30.90 -20.26 22.31
C35 CDL LB . -31.96 -20.10 23.39
C36 CDL LB . -31.93 -18.68 23.96
C37 CDL LB . -32.40 -17.68 22.90
C38 CDL LB . -32.81 -16.36 23.58
C39 CDL LB . -33.42 -15.42 22.56
C40 CDL LB . -32.37 -15.00 21.53
C41 CDL LB . -32.91 -13.85 20.68
C42 CDL LB . -32.00 -13.65 19.47
CB2 CDL LB . -24.51 -29.34 17.52
OB2 CDL LB . -25.34 -30.40 17.17
PB2 CDL LB . -26.90 -30.35 17.71
OB3 CDL LB . -27.52 -29.06 17.25
OB4 CDL LB . -27.66 -31.52 17.14
OB5 CDL LB . -26.93 -30.43 19.35
CB3 CDL LB . -28.19 -30.36 19.96
CB4 CDL LB . -28.14 -29.34 21.09
OB6 CDL LB . -28.32 -30.03 22.30
CB5 CDL LB . -27.12 -30.48 22.88
OB7 CDL LB . -26.12 -30.48 22.27
C51 CDL LB . -27.15 -30.99 24.33
C52 CDL LB . -27.48 -29.82 25.24
C53 CDL LB . -28.73 -30.13 26.08
C54 CDL LB . -28.44 -31.29 27.05
C55 CDL LB . -29.27 -32.52 26.66
C56 CDL LB . -29.50 -33.41 27.88
C57 CDL LB . -28.38 -34.47 27.94
C58 CDL LB . -28.19 -34.91 29.40
C59 CDL LB . -27.28 -36.15 29.49
C60 CDL LB . -27.98 -37.23 30.31
C61 CDL LB . -28.14 -36.79 31.77
C62 CDL LB . -29.16 -37.70 32.48
C63 CDL LB . -30.59 -37.27 32.11
C64 CDL LB . -31.59 -37.85 33.12
C65 CDL LB . -31.51 -39.39 33.09
C66 CDL LB . -32.70 -39.97 33.86
C67 CDL LB . -32.63 -41.49 33.88
CB6 CDL LB . -29.24 -28.30 20.91
OB8 CDL LB . -30.49 -28.88 21.17
CB7 CDL LB . -31.14 -28.48 22.36
OB9 CDL LB . -31.06 -27.37 22.75
C71 CDL LB . -31.94 -29.52 23.15
C72 CDL LB . -32.18 -29.06 24.59
C73 CDL LB . -33.04 -30.13 25.30
C74 CDL LB . -33.49 -29.64 26.67
C75 CDL LB . -34.72 -30.44 27.12
C76 CDL LB . -34.33 -31.88 27.49
C77 CDL LB . -34.96 -32.33 28.81
C78 CDL LB . -36.20 -33.19 28.55
C79 CDL LB . -37.09 -33.22 29.79
C80 CDL LB . -37.79 -34.57 29.92
C81 CDL LB . -39.03 -34.41 30.79
C1 CDL MB . -33.39 -53.87 14.49
O1 CDL MB . -33.88 -53.50 13.24
CA2 CDL MB . -33.14 -52.61 15.33
OA2 CDL MB . -31.99 -51.97 14.88
PA1 CDL MB . -31.94 -51.48 13.31
OA3 CDL MB . -30.90 -52.26 12.58
OA4 CDL MB . -33.29 -51.72 12.69
OA5 CDL MB . -31.60 -49.88 13.20
CA3 CDL MB . -31.94 -49.24 12.02
CA4 CDL MB . -33.09 -48.29 12.29
OA6 CDL MB . -32.71 -47.42 13.32
CA5 CDL MB . -32.05 -46.28 12.86
OA7 CDL MB . -31.48 -46.30 11.83
C11 CDL MB . -32.07 -45.02 13.70
C12 CDL MB . -33.53 -44.63 13.95
C13 CDL MB . -34.00 -43.72 12.83
C14 CDL MB . -35.51 -43.52 12.94
C15 CDL MB . -35.88 -42.20 12.29
C16 CDL MB . -35.69 -41.06 13.29
C17 CDL MB . -37.01 -40.82 14.02
C18 CDL MB . -36.85 -39.62 14.95
C19 CDL MB . -38.23 -39.01 15.23
C20 CDL MB . -39.02 -39.92 16.16
C21 CDL MB . -40.11 -39.11 16.85
C22 CDL MB . -40.52 -39.81 18.15
C23 CDL MB . -41.18 -41.15 17.85
C24 CDL MB . -41.88 -41.64 19.10
C25 CDL MB . -42.56 -42.97 18.80
CA6 CDL MB . -34.31 -49.07 12.74
OA8 CDL MB . -35.39 -48.19 12.91
CA7 CDL MB . -36.63 -48.83 12.90
OA9 CDL MB . -36.67 -50.00 13.03
C31 CDL MB . -37.92 -48.05 12.69
C32 CDL MB . -37.72 -46.58 13.06
C33 CDL MB . -38.93 -45.78 12.57
C34 CDL MB . -38.93 -44.38 13.19
C35 CDL MB . -40.31 -43.73 13.02
C36 CDL MB . -40.31 -42.78 11.82
C37 CDL MB . -41.73 -42.33 11.52
C38 CDL MB . -41.78 -41.70 10.13
C39 CDL MB . -43.23 -41.50 9.69
C40 CDL MB . -43.31 -41.50 8.17
C41 CDL MB . -42.43 -40.39 7.60
C42 CDL MB . -42.95 -39.98 6.23
C43 CDL MB . -41.97 -39.01 5.59
CB2 CDL MB . -34.46 -54.73 15.16
OB2 CDL MB . -33.89 -55.93 15.58
PB2 CDL MB . -34.77 -56.89 16.59
OB3 CDL MB . -36.19 -56.37 16.63
OB4 CDL MB . -34.79 -58.31 16.08
OB5 CDL MB . -34.12 -56.84 18.10
CB3 CDL MB . -34.16 -55.64 18.81
CB4 CDL MB . -35.52 -55.51 19.49
OB6 CDL MB . -35.59 -54.32 20.20
CB5 CDL MB . -36.90 -53.83 20.33
OB7 CDL MB . -37.80 -54.60 20.31
C51 CDL MB . -37.18 -52.34 20.51
C52 CDL MB . -38.32 -52.16 21.52
C53 CDL MB . -38.09 -50.89 22.35
C54 CDL MB . -39.42 -50.42 22.95
C55 CDL MB . -39.16 -49.21 23.86
C56 CDL MB . -40.26 -48.14 23.66
C57 CDL MB . -39.80 -47.10 22.63
C58 CDL MB . -39.66 -47.72 21.23
C59 CDL MB . -39.31 -46.61 20.22
C60 CDL MB . -39.38 -47.14 18.78
C61 CDL MB . -39.17 -45.98 17.82
C62 CDL MB . -39.80 -46.30 16.45
C63 CDL MB . -40.86 -45.25 16.11
C64 CDL MB . -41.85 -45.85 15.10
C65 CDL MB . -42.99 -44.87 14.81
C66 CDL MB . -44.20 -45.66 14.31
C67 CDL MB . -44.98 -44.80 13.32
CB6 CDL MB . -35.72 -56.68 20.45
OB8 CDL MB . -36.07 -56.18 21.72
CB7 CDL MB . -37.32 -56.59 22.22
OB9 CDL MB . -37.80 -57.62 21.89
C71 CDL MB . -38.06 -55.71 23.22
C72 CDL MB . -38.80 -56.60 24.22
C73 CDL MB . -39.75 -55.77 25.10
C74 CDL MB . -39.02 -54.54 25.66
C75 CDL MB . -39.66 -54.10 26.99
C76 CDL MB . -41.19 -54.12 26.87
C1 CDL NB . -18.87 -45.65 31.06
O1 CDL NB . -19.14 -44.32 31.41
CA2 CDL NB . -18.26 -45.69 29.66
OA2 CDL NB . -19.28 -45.55 28.69
PA1 CDL NB . -19.96 -44.07 28.53
OA3 CDL NB . -19.82 -43.31 29.82
OA4 CDL NB . -19.27 -43.32 27.43
OA5 CDL NB . -21.57 -44.25 28.18
CA3 CDL NB . -22.35 -45.02 29.05
CA4 CDL NB . -23.73 -44.39 29.20
OA6 CDL NB . -24.71 -45.30 28.81
CA5 CDL NB . -25.99 -44.95 29.24
OA7 CDL NB . -26.19 -43.88 29.69
C11 CDL NB . -27.13 -45.95 29.12
C12 CDL NB . -28.45 -45.20 29.27
C13 CDL NB . -29.59 -46.15 29.58
C14 CDL NB . -30.86 -45.33 29.77
C15 CDL NB . -31.67 -45.85 30.97
C16 CDL NB . -32.67 -46.88 30.48
C17 CDL NB . -33.38 -47.51 31.68
C18 CDL NB . -34.40 -46.53 32.24
C19 CDL NB . -35.12 -47.19 33.42
C20 CDL NB . -36.60 -46.81 33.39
C21 CDL NB . -37.37 -47.79 32.50
C22 CDL NB . -38.70 -47.16 32.08
C23 CDL NB . -39.79 -48.23 32.03
C24 CDL NB . -39.64 -49.07 30.77
C25 CDL NB . -40.14 -48.28 29.56
C26 CDL NB . -40.50 -49.25 28.44
C27 CDL NB . -40.51 -48.51 27.11
CA6 CDL NB . -23.81 -43.15 28.31
OA8 CDL NB . -22.95 -42.18 28.83
CA7 CDL NB . -23.24 -40.89 28.42
OA9 CDL NB . -22.91 -40.54 27.34
C31 CDL NB . -24.00 -39.94 29.34
C32 CDL NB . -25.12 -40.67 30.07
C33 CDL NB . -26.39 -40.64 29.22
C34 CDL NB . -27.61 -41.00 30.07
C35 CDL NB . -28.59 -41.87 29.28
C36 CDL NB . -29.21 -41.11 28.10
C37 CDL NB . -30.31 -40.17 28.59
C38 CDL NB . -30.67 -39.20 27.46
C39 CDL NB . -29.56 -38.17 27.30
C40 CDL NB . -29.02 -38.20 25.87
C41 CDL NB . -29.99 -37.48 24.95
C42 CDL NB . -29.38 -37.34 23.56
C43 CDL NB . -30.07 -38.28 22.58
C44 CDL NB . -29.29 -38.33 21.28
C45 CDL NB . -30.22 -38.09 20.09
C46 CDL NB . -30.94 -39.39 19.76
CB2 CDL NB . -17.87 -46.23 32.07
OB2 CDL NB . -18.57 -46.82 33.13
PB2 CDL NB . -18.69 -48.46 33.21
OB3 CDL NB . -18.21 -49.09 31.93
OB4 CDL NB . -17.83 -48.95 34.35
OB5 CDL NB . -20.26 -48.86 33.46
CB3 CDL NB . -21.23 -48.16 32.73
CB4 CDL NB . -22.53 -48.05 33.55
OB6 CDL NB . -22.76 -49.26 34.20
CB5 CDL NB . -22.40 -49.23 35.56
OB7 CDL NB . -21.26 -49.18 35.86
C51 CDL NB . -23.48 -49.25 36.64
C52 CDL NB . -23.47 -47.92 37.39
C53 CDL NB . -24.82 -47.21 37.23
C54 CDL NB . -25.90 -47.93 38.05
C55 CDL NB . -26.87 -46.87 38.63
C56 CDL NB . -28.17 -47.57 39.08
CB6 CDL NB . -23.69 -47.69 32.62
OB8 CDL NB . -24.79 -47.26 33.40
CB7 CDL NB . -25.89 -48.13 33.45
OB9 CDL NB . -25.73 -49.31 33.42
C71 CDL NB . -27.31 -47.58 33.55
C72 CDL NB . -28.33 -48.73 33.45
C73 CDL NB . -29.70 -48.27 33.94
C74 CDL NB . -30.68 -49.46 33.89
C75 CDL NB . -31.78 -49.28 34.94
C76 CDL NB . -32.67 -50.53 34.98
C77 CDL NB . -32.10 -51.53 35.99
O1 LHG OB . -42.58 -44.50 53.92
C1 LHG OB . -43.26 -43.26 54.03
C2 LHG OB . -44.47 -43.28 53.14
O2 LHG OB . -45.58 -43.86 53.78
C3 LHG OB . -44.27 -44.07 51.86
O3 LHG OB . -44.87 -43.18 50.95
P LHG OB . -44.92 -43.52 49.37
O4 LHG OB . -45.48 -44.89 49.22
O5 LHG OB . -45.26 -42.21 48.74
O6 LHG OB . -43.28 -43.76 49.20
C4 LHG OB . -42.41 -42.67 49.29
C5 LHG OB . -42.36 -42.13 47.87
C6 LHG OB . -42.62 -40.64 47.81
O7 LHG OB . -41.05 -42.35 47.40
C7 LHG OB . -40.79 -43.66 47.13
O9 LHG OB . -41.62 -44.54 47.26
C8 LHG OB . -39.34 -43.87 46.91
C9 LHG OB . -39.13 -44.90 45.82
C10 LHG OB . -38.37 -44.27 44.67
O8 LHG OB . -42.75 -40.35 46.42
C23 LHG OB . -41.60 -40.07 45.72
O10 LHG OB . -40.54 -40.02 46.30
C24 LHG OB . -41.63 -39.98 44.18
C11 LHG OB . -37.85 -45.49 43.94
C12 LHG OB . -37.22 -45.06 42.66
C13 LHG OB . -36.71 -46.29 41.93
C14 LHG OB . -36.74 -46.09 40.44
C15 LHG OB . -36.23 -47.37 39.82
C16 LHG OB . -37.04 -47.68 38.58
C17 LHG OB . -36.23 -48.48 37.58
C18 LHG OB . -37.22 -49.46 37.02
C19 LHG OB . -36.68 -50.24 35.85
C20 LHG OB . -37.68 -51.37 35.70
C21 LHG OB . -37.21 -52.29 34.61
C22 LHG OB . -38.14 -53.48 34.55
C25 LHG OB . -41.81 -41.30 43.45
C26 LHG OB . -41.15 -41.40 42.07
C27 LHG OB . -41.33 -42.86 41.69
C28 LHG OB . -41.17 -43.17 40.22
C29 LHG OB . -41.56 -44.63 40.05
C30 LHG OB . -40.89 -45.38 38.92
C31 LHG OB . -41.81 -46.13 37.99
C32 LHG OB . -41.11 -46.78 36.80
C33 LHG OB . -42.12 -47.64 36.06
C34 LHG OB . -42.77 -46.99 34.86
C35 LHG OB . -43.18 -48.02 33.82
C36 LHG OB . -44.16 -47.36 32.88
C37 LHG OB . -44.03 -48.01 31.54
C38 LHG OB . -44.60 -49.41 31.46
O1 LHG PB . -18.07 -36.16 31.27
C1 LHG PB . -17.20 -37.15 31.83
C2 LHG PB . -17.48 -38.46 31.16
O2 LHG PB . -18.88 -38.71 31.16
C3 LHG PB . -16.82 -39.68 31.80
O3 LHG PB . -17.86 -40.10 32.67
P LHG PB . -18.10 -41.66 33.05
O4 LHG PB . -18.57 -42.35 31.82
O5 LHG PB . -17.06 -41.99 34.06
O6 LHG PB . -19.52 -41.39 33.87
C4 LHG PB . -20.72 -41.88 33.37
C5 LHG PB . -21.66 -41.85 34.57
C6 LHG PB . -21.95 -40.43 35.02
O7 LHG PB . -22.85 -42.43 34.15
C7 LHG PB . -23.25 -43.45 34.96
O9 LHG PB . -23.10 -43.42 36.16
C8 LHG PB . -23.53 -44.65 34.16
C9 LHG PB . -24.53 -44.31 33.08
C10 LHG PB . -25.91 -44.11 33.69
O8 LHG PB . -21.46 -40.38 36.37
C23 LHG PB . -22.36 -40.05 37.35
O10 LHG PB . -22.43 -38.90 37.72
C24 LHG PB . -23.02 -41.14 38.19
C11 LHG PB . -26.08 -42.61 33.81
C12 LHG PB . -27.54 -42.27 33.69
C13 LHG PB . -28.24 -42.65 34.97
C14 LHG PB . -29.58 -43.29 34.70
C15 LHG PB . -29.38 -44.79 34.70
C16 LHG PB . -29.72 -45.32 36.07
C17 LHG PB . -31.23 -45.44 36.22
C18 LHG PB . -31.42 -45.89 37.65
C19 LHG PB . -32.78 -45.53 38.22
C20 LHG PB . -33.72 -46.28 37.31
C25 LHG PB . -23.65 -40.68 39.48
C26 LHG PB . -24.76 -41.56 40.06
C27 LHG PB . -24.78 -41.18 41.53
C28 LHG PB . -26.09 -41.39 42.25
C29 LHG PB . -26.42 -42.88 42.10
C30 LHG PB . -27.29 -43.47 43.19
#